data_9RP1
#
_entry.id   9RP1
#
_cell.length_a   53.380
_cell.length_b   56.460
_cell.length_c   56.930
_cell.angle_alpha   91.82
_cell.angle_beta   101.66
_cell.angle_gamma   115.93
#
_symmetry.space_group_name_H-M   'P 1'
#
loop_
_entity.id
_entity.type
_entity.pdbx_description
1 polymer 'Cyclooctat-9-en-7-ol synthase'
2 non-polymer 4-AMINO-1-HYDROXYBUTANE-1,1-DIYLDIPHOSPHONATE
3 non-polymer 'MAGNESIUM ION'
4 water water
#
_entity_poly.entity_id   1
_entity_poly.type   'polypeptide(L)'
_entity_poly.pdbx_seq_one_letter_code
;MTTGLSTAGAQDIGRSSVRPYLEECTRRFQEMFDRHVVTRPTKVELTDAELREVIDDCNAAVAPLGKTVSDERWISYVGV
VLWSQSPRHIKDMEAFKAVCVLNCVTFVWDDMDPALHDFGLFLPQLRKICEKYYGPEDAEVAYEAARAFVTSDHMFRDSP
IKAALCTTSPEQYFRFRVTDIGVDFWMKMSYPIYRHPEFTEHAKTSLAARMTTRGLTIVNDFYSYDREVSLGQITNCFRL
CDVSDETAFKEFFQARLDDMIEDIECIKAFDQLTQDVFLDLIYGNFVWTTSNKRYKTAVNDVNSRIQAAALEHHHHHH
;
_entity_poly.pdbx_strand_id   A,B
#
loop_
_chem_comp.id
_chem_comp.type
_chem_comp.name
_chem_comp.formula
AHD non-polymer 4-AMINO-1-HYDROXYBUTANE-1,1-DIYLDIPHOSPHONATE 'C4 H9 N O7 P2 -4'
MG non-polymer 'MAGNESIUM ION' 'Mg 2'
#
# COMPACT_ATOMS: atom_id res chain seq x y z
N SER A 16 -15.58 -25.55 -1.38
CA SER A 16 -16.81 -26.34 -1.26
C SER A 16 -18.00 -25.43 -0.90
N SER A 17 -18.39 -25.44 0.37
CA SER A 17 -19.38 -24.51 0.89
C SER A 17 -19.09 -24.30 2.37
N VAL A 18 -19.28 -23.08 2.84
CA VAL A 18 -19.16 -22.80 4.26
C VAL A 18 -20.52 -22.78 4.96
N ARG A 19 -21.62 -23.07 4.24
CA ARG A 19 -22.94 -23.05 4.86
C ARG A 19 -23.04 -23.88 6.14
N PRO A 20 -22.40 -25.05 6.27
CA PRO A 20 -22.37 -25.73 7.58
C PRO A 20 -21.95 -24.84 8.74
N TYR A 21 -21.24 -23.74 8.46
CA TYR A 21 -20.73 -22.86 9.49
C TYR A 21 -21.41 -21.50 9.54
N LEU A 22 -22.43 -21.27 8.71
CA LEU A 22 -22.87 -19.90 8.47
C LEU A 22 -23.48 -19.27 9.72
N GLU A 23 -24.31 -20.02 10.44
CA GLU A 23 -24.98 -19.44 11.60
C GLU A 23 -23.98 -19.17 12.72
N GLU A 24 -23.12 -20.14 13.01
CA GLU A 24 -22.20 -20.00 14.14
C GLU A 24 -21.21 -18.88 13.91
N CYS A 25 -20.65 -18.79 12.69
CA CYS A 25 -19.62 -17.80 12.43
C CYS A 25 -20.19 -16.38 12.45
N THR A 26 -21.42 -16.20 11.96
CA THR A 26 -22.05 -14.88 12.03
C THR A 26 -22.16 -14.43 13.47
N ARG A 27 -22.59 -15.33 14.34
CA ARG A 27 -22.63 -15.04 15.77
C ARG A 27 -21.28 -14.61 16.29
N ARG A 28 -20.22 -15.26 15.79
CA ARG A 28 -18.87 -14.99 16.27
C ARG A 28 -18.36 -13.63 15.79
N PHE A 29 -18.59 -13.32 14.52
CA PHE A 29 -18.32 -11.98 13.99
C PHE A 29 -19.02 -10.91 14.83
N GLN A 30 -20.34 -11.03 14.96
CA GLN A 30 -21.13 -10.04 15.71
C GLN A 30 -20.59 -9.88 17.12
N GLU A 31 -20.33 -11.01 17.78
CA GLU A 31 -19.73 -10.94 19.11
C GLU A 31 -18.48 -10.08 19.10
N MET A 32 -17.56 -10.34 18.16
CA MET A 32 -16.33 -9.58 18.09
C MET A 32 -16.59 -8.09 17.88
N PHE A 33 -17.53 -7.75 17.00
CA PHE A 33 -17.84 -6.35 16.76
C PHE A 33 -18.46 -5.69 17.99
N ASP A 34 -19.48 -6.31 18.58
CA ASP A 34 -20.06 -5.76 19.80
C ASP A 34 -18.98 -5.49 20.84
N ARG A 35 -17.96 -6.35 20.92
CA ARG A 35 -16.99 -6.24 22.00
C ARG A 35 -15.88 -5.24 21.68
N HIS A 36 -15.31 -5.29 20.47
CA HIS A 36 -14.14 -4.50 20.14
C HIS A 36 -14.44 -3.17 19.43
N VAL A 37 -15.60 -3.04 18.77
CA VAL A 37 -15.97 -1.80 18.08
C VAL A 37 -17.11 -1.08 18.79
N VAL A 38 -18.16 -1.83 19.17
CA VAL A 38 -19.28 -1.40 20.02
C VAL A 38 -20.23 -0.48 19.26
N THR A 39 -19.80 0.76 19.02
CA THR A 39 -20.56 1.74 18.25
C THR A 39 -21.00 1.23 16.89
N ARG A 40 -22.31 1.01 16.73
CA ARG A 40 -22.89 0.41 15.53
C ARG A 40 -22.97 1.40 14.36
N PRO A 41 -22.96 0.90 13.13
CA PRO A 41 -23.25 1.77 11.98
C PRO A 41 -24.74 2.09 11.86
N THR A 42 -25.07 3.03 10.95
CA THR A 42 -26.45 3.39 10.63
C THR A 42 -26.59 3.64 9.13
N LYS A 43 -27.70 3.20 8.53
CA LYS A 43 -27.92 3.30 7.08
C LYS A 43 -28.31 4.72 6.68
N VAL A 44 -27.87 5.13 5.50
CA VAL A 44 -27.96 6.52 5.06
C VAL A 44 -29.25 6.74 4.29
N GLU A 45 -29.83 7.93 4.45
CA GLU A 45 -31.06 8.35 3.80
C GLU A 45 -30.76 9.25 2.61
N LEU A 46 -31.08 8.76 1.42
CA LEU A 46 -30.99 9.61 0.24
C LEU A 46 -32.32 10.31 0.02
N THR A 47 -32.29 11.61 -0.26
CA THR A 47 -33.51 12.24 -0.73
C THR A 47 -33.81 11.76 -2.14
N ASP A 48 -35.05 11.96 -2.56
CA ASP A 48 -35.53 11.35 -3.79
C ASP A 48 -34.90 11.98 -5.02
N ALA A 49 -34.55 13.27 -4.94
CA ALA A 49 -33.67 13.86 -5.95
C ALA A 49 -32.31 13.17 -5.95
N GLU A 50 -31.76 12.92 -4.77
CA GLU A 50 -30.41 12.40 -4.66
C GLU A 50 -30.32 10.97 -5.18
N LEU A 51 -31.32 10.16 -4.87
CA LEU A 51 -31.31 8.77 -5.29
C LEU A 51 -31.34 8.65 -6.80
N ARG A 52 -32.26 9.38 -7.47
CA ARG A 52 -32.40 9.18 -8.91
C ARG A 52 -31.24 9.78 -9.68
N GLU A 53 -30.50 10.72 -9.08
CA GLU A 53 -29.20 11.04 -9.66
C GLU A 53 -28.36 9.76 -9.76
N VAL A 54 -28.17 9.08 -8.63
CA VAL A 54 -27.25 7.93 -8.55
C VAL A 54 -27.59 6.89 -9.61
N ILE A 55 -28.86 6.49 -9.67
CA ILE A 55 -29.22 5.35 -10.51
C ILE A 55 -29.22 5.74 -11.98
N ASP A 56 -29.62 6.97 -12.31
CA ASP A 56 -29.44 7.43 -13.69
C ASP A 56 -27.98 7.36 -14.11
N ASP A 57 -27.08 7.72 -13.21
CA ASP A 57 -25.66 7.72 -13.50
C ASP A 57 -25.11 6.30 -13.65
N CYS A 58 -25.54 5.37 -12.80
CA CYS A 58 -25.15 3.97 -12.96
C CYS A 58 -25.61 3.42 -14.31
N ASN A 59 -26.87 3.65 -14.66
CA ASN A 59 -27.38 3.07 -15.89
C ASN A 59 -26.65 3.61 -17.11
N ALA A 60 -26.30 4.90 -17.08
CA ALA A 60 -25.56 5.47 -18.21
C ALA A 60 -24.13 4.93 -18.29
N ALA A 61 -23.49 4.60 -17.15
CA ALA A 61 -22.11 4.12 -17.18
C ALA A 61 -22.03 2.72 -17.79
N VAL A 62 -22.97 1.84 -17.45
CA VAL A 62 -22.91 0.47 -17.93
C VAL A 62 -23.49 0.37 -19.34
N ALA A 63 -24.43 1.27 -19.66
CA ALA A 63 -25.10 1.29 -20.97
C ALA A 63 -24.17 0.98 -22.14
N PRO A 64 -23.08 1.72 -22.39
CA PRO A 64 -22.26 1.43 -23.57
C PRO A 64 -21.64 0.04 -23.58
N LEU A 65 -21.66 -0.67 -22.45
CA LEU A 65 -21.13 -2.02 -22.38
C LEU A 65 -22.12 -3.09 -22.83
N GLY A 66 -23.39 -2.74 -23.04
CA GLY A 66 -24.38 -3.67 -23.54
C GLY A 66 -25.18 -4.42 -22.49
N LYS A 67 -24.93 -4.19 -21.20
CA LYS A 67 -25.60 -4.91 -20.13
C LYS A 67 -26.67 -4.04 -19.49
N THR A 68 -27.91 -4.56 -19.47
CA THR A 68 -28.95 -4.01 -18.63
C THR A 68 -28.69 -4.43 -17.19
N VAL A 69 -29.22 -3.66 -16.24
CA VAL A 69 -29.10 -3.97 -14.82
C VAL A 69 -30.43 -3.68 -14.14
N SER A 70 -31.01 -4.70 -13.51
CA SER A 70 -32.30 -4.54 -12.86
C SER A 70 -32.22 -3.51 -11.74
N ASP A 71 -33.36 -2.85 -11.49
CA ASP A 71 -33.45 -1.88 -10.39
C ASP A 71 -33.06 -2.50 -9.05
N GLU A 72 -33.56 -3.71 -8.77
CA GLU A 72 -33.18 -4.40 -7.54
C GLU A 72 -31.66 -4.47 -7.41
N ARG A 73 -31.00 -4.90 -8.49
CA ARG A 73 -29.57 -5.16 -8.47
C ARG A 73 -28.76 -3.91 -8.13
N TRP A 74 -29.07 -2.77 -8.77
CA TRP A 74 -28.41 -1.52 -8.37
C TRP A 74 -28.59 -1.31 -6.86
N ILE A 75 -29.76 -1.67 -6.35
CA ILE A 75 -30.08 -1.44 -4.94
C ILE A 75 -29.32 -2.39 -4.03
N SER A 76 -29.11 -3.64 -4.47
CA SER A 76 -28.30 -4.59 -3.71
C SER A 76 -26.84 -4.16 -3.70
N TYR A 77 -26.36 -3.58 -4.81
CA TYR A 77 -25.02 -3.01 -4.83
C TYR A 77 -24.91 -1.86 -3.84
N VAL A 78 -25.75 -0.83 -3.99
CA VAL A 78 -25.62 0.42 -3.24
C VAL A 78 -25.79 0.23 -1.74
N GLY A 79 -26.24 -0.93 -1.29
CA GLY A 79 -26.40 -1.15 0.13
C GLY A 79 -25.09 -1.02 0.89
N VAL A 80 -23.97 -1.41 0.26
CA VAL A 80 -22.68 -1.33 0.96
C VAL A 80 -22.31 0.13 1.25
N VAL A 81 -22.66 1.06 0.37
CA VAL A 81 -22.31 2.45 0.62
C VAL A 81 -23.31 3.10 1.58
N LEU A 82 -24.57 2.69 1.50
CA LEU A 82 -25.54 3.22 2.46
C LEU A 82 -25.19 2.84 3.89
N TRP A 83 -24.51 1.71 4.09
CA TRP A 83 -24.29 1.17 5.43
C TRP A 83 -22.87 1.31 5.95
N SER A 84 -21.89 1.57 5.09
CA SER A 84 -20.49 1.46 5.51
C SER A 84 -19.73 2.77 5.44
N GLN A 85 -20.42 3.89 5.35
CA GLN A 85 -19.77 5.17 5.53
C GLN A 85 -19.93 5.53 7.00
N SER A 86 -19.72 6.80 7.36
CA SER A 86 -19.75 7.26 8.75
C SER A 86 -20.69 8.46 8.85
N PRO A 87 -22.01 8.24 8.87
CA PRO A 87 -22.96 9.33 8.61
C PRO A 87 -22.69 10.61 9.38
N ARG A 88 -22.52 10.54 10.70
CA ARG A 88 -22.41 11.78 11.49
C ARG A 88 -21.14 12.56 11.19
N HIS A 89 -20.26 12.06 10.32
CA HIS A 89 -19.13 12.86 9.88
C HIS A 89 -19.32 13.42 8.48
N ILE A 90 -20.36 13.00 7.75
CA ILE A 90 -20.47 13.33 6.33
C ILE A 90 -20.59 14.84 6.17
N LYS A 91 -19.76 15.41 5.29
CA LYS A 91 -19.82 16.82 4.97
C LYS A 91 -20.09 17.13 3.50
N ASP A 92 -20.25 16.11 2.64
CA ASP A 92 -20.34 16.34 1.19
C ASP A 92 -21.14 15.21 0.56
N MET A 93 -22.43 15.46 0.28
CA MET A 93 -23.30 14.43 -0.28
C MET A 93 -23.09 14.21 -1.76
N GLU A 94 -22.57 15.20 -2.50
CA GLU A 94 -22.19 14.95 -3.88
C GLU A 94 -21.05 13.92 -3.95
N ALA A 95 -20.09 14.04 -3.04
CA ALA A 95 -19.06 13.01 -2.95
C ALA A 95 -19.67 11.68 -2.54
N PHE A 96 -20.72 11.73 -1.72
CA PHE A 96 -21.36 10.50 -1.27
C PHE A 96 -22.07 9.80 -2.43
N LYS A 97 -22.76 10.56 -3.27
CA LYS A 97 -23.40 9.99 -4.46
C LYS A 97 -22.35 9.55 -5.47
N ALA A 98 -21.24 10.26 -5.57
CA ALA A 98 -20.12 9.79 -6.38
C ALA A 98 -19.71 8.37 -5.99
N VAL A 99 -19.50 8.15 -4.69
CA VAL A 99 -19.11 6.84 -4.18
C VAL A 99 -20.21 5.81 -4.42
N CYS A 100 -21.47 6.21 -4.19
CA CYS A 100 -22.60 5.35 -4.53
C CYS A 100 -22.52 4.87 -5.98
N VAL A 101 -22.33 5.80 -6.91
CA VAL A 101 -22.33 5.44 -8.34
C VAL A 101 -21.07 4.65 -8.68
N LEU A 102 -19.91 5.10 -8.21
CA LEU A 102 -18.67 4.41 -8.51
C LEU A 102 -18.66 2.99 -7.94
N ASN A 103 -19.30 2.79 -6.80
CA ASN A 103 -19.25 1.47 -6.19
C ASN A 103 -20.37 0.58 -6.69
N CYS A 104 -21.41 1.16 -7.27
CA CYS A 104 -22.41 0.33 -7.93
C CYS A 104 -21.90 -0.17 -9.27
N VAL A 105 -21.24 0.69 -10.05
CA VAL A 105 -20.79 0.22 -11.37
C VAL A 105 -19.53 -0.65 -11.22
N THR A 106 -18.70 -0.35 -10.20
CA THR A 106 -17.58 -1.21 -9.82
C THR A 106 -18.03 -2.65 -9.67
N PHE A 107 -19.23 -2.84 -9.13
CA PHE A 107 -19.75 -4.20 -8.94
C PHE A 107 -20.07 -4.84 -10.29
N VAL A 108 -20.65 -4.07 -11.22
CA VAL A 108 -21.02 -4.64 -12.51
C VAL A 108 -19.78 -5.13 -13.24
N TRP A 109 -18.77 -4.26 -13.35
CA TRP A 109 -17.49 -4.63 -13.94
C TRP A 109 -16.89 -5.85 -13.26
N ASP A 110 -17.14 -6.04 -11.97
CA ASP A 110 -16.61 -7.17 -11.23
C ASP A 110 -17.30 -8.47 -11.62
N ASP A 111 -18.60 -8.40 -11.93
CA ASP A 111 -19.33 -9.61 -12.31
C ASP A 111 -19.20 -9.95 -13.80
N MET A 112 -18.67 -9.06 -14.63
CA MET A 112 -18.71 -9.28 -16.07
C MET A 112 -17.55 -10.14 -16.56
N ASP A 113 -17.82 -10.92 -17.61
CA ASP A 113 -16.73 -11.64 -18.25
C ASP A 113 -15.75 -10.64 -18.86
N PRO A 114 -14.44 -10.88 -18.74
CA PRO A 114 -13.45 -9.90 -19.26
C PRO A 114 -13.72 -9.42 -20.67
N ALA A 115 -14.07 -10.29 -21.62
CA ALA A 115 -14.24 -9.84 -22.99
C ALA A 115 -15.38 -8.84 -23.15
N LEU A 116 -16.13 -8.58 -22.07
CA LEU A 116 -17.07 -7.46 -22.06
C LEU A 116 -16.43 -6.15 -21.58
N HIS A 117 -15.22 -6.21 -21.02
CA HIS A 117 -14.55 -5.05 -20.41
C HIS A 117 -14.00 -4.11 -21.46
N ASP A 118 -14.80 -3.13 -21.89
CA ASP A 118 -14.40 -2.16 -22.92
C ASP A 118 -13.88 -0.91 -22.22
N PHE A 119 -12.56 -0.69 -22.28
CA PHE A 119 -11.96 0.46 -21.62
C PHE A 119 -12.23 1.75 -22.37
N GLY A 120 -12.26 1.70 -23.71
CA GLY A 120 -12.54 2.89 -24.48
C GLY A 120 -13.89 3.50 -24.14
N LEU A 121 -14.84 2.66 -23.75
CA LEU A 121 -16.18 3.13 -23.45
C LEU A 121 -16.43 3.39 -21.96
N PHE A 122 -15.83 2.61 -21.06
CA PHE A 122 -16.17 2.74 -19.65
C PHE A 122 -15.33 3.79 -18.94
N LEU A 123 -14.02 3.84 -19.20
CA LEU A 123 -13.17 4.89 -18.64
C LEU A 123 -13.70 6.29 -18.84
N PRO A 124 -14.16 6.71 -20.03
CA PRO A 124 -14.74 8.07 -20.14
C PRO A 124 -15.93 8.31 -19.23
N GLN A 125 -16.78 7.29 -19.00
CA GLN A 125 -17.90 7.49 -18.09
C GLN A 125 -17.40 7.66 -16.65
N LEU A 126 -16.37 6.90 -16.25
CA LEU A 126 -15.77 7.09 -14.93
C LEU A 126 -15.28 8.52 -14.76
N ARG A 127 -14.56 9.04 -15.75
CA ARG A 127 -14.09 10.41 -15.66
C ARG A 127 -15.25 11.40 -15.59
N LYS A 128 -16.29 11.19 -16.41
CA LYS A 128 -17.49 12.03 -16.38
C LYS A 128 -18.08 12.07 -14.97
N ILE A 129 -18.26 10.90 -14.34
CA ILE A 129 -18.78 10.83 -12.99
C ILE A 129 -17.91 11.64 -12.02
N CYS A 130 -16.59 11.43 -12.05
CA CYS A 130 -15.69 12.12 -11.13
C CYS A 130 -15.73 13.64 -11.34
N GLU A 131 -15.82 14.08 -12.60
CA GLU A 131 -15.90 15.51 -12.83
C GLU A 131 -17.30 16.05 -12.52
N LYS A 132 -18.32 15.20 -12.46
CA LYS A 132 -19.63 15.67 -12.01
C LYS A 132 -19.60 16.04 -10.53
N TYR A 133 -19.05 15.18 -9.69
CA TYR A 133 -19.25 15.30 -8.25
C TYR A 133 -18.08 15.89 -7.47
N TYR A 134 -16.89 16.01 -8.05
CA TYR A 134 -15.69 16.41 -7.31
C TYR A 134 -15.10 17.68 -7.90
N GLY A 135 -14.30 18.37 -7.09
CA GLY A 135 -13.43 19.43 -7.60
C GLY A 135 -12.26 18.84 -8.38
N PRO A 136 -11.54 19.68 -9.15
CA PRO A 136 -10.53 19.13 -10.08
C PRO A 136 -9.44 18.28 -9.42
N GLU A 137 -8.92 18.67 -8.25
CA GLU A 137 -7.86 17.86 -7.65
C GLU A 137 -8.40 16.50 -7.24
N ASP A 138 -9.52 16.50 -6.51
CA ASP A 138 -10.13 15.24 -6.07
C ASP A 138 -10.62 14.40 -7.24
N ALA A 139 -11.09 15.04 -8.31
CA ALA A 139 -11.60 14.29 -9.45
C ALA A 139 -10.49 13.45 -10.06
N GLU A 140 -9.29 14.00 -10.19
CA GLU A 140 -8.16 13.22 -10.70
C GLU A 140 -7.82 12.08 -9.76
N VAL A 141 -7.81 12.35 -8.45
CA VAL A 141 -7.46 11.31 -7.49
C VAL A 141 -8.49 10.19 -7.52
N ALA A 142 -9.78 10.56 -7.51
CA ALA A 142 -10.83 9.55 -7.59
C ALA A 142 -10.76 8.78 -8.90
N TYR A 143 -10.54 9.48 -10.01
CA TYR A 143 -10.55 8.81 -11.31
C TYR A 143 -9.36 7.87 -11.46
N GLU A 144 -8.16 8.32 -11.11
CA GLU A 144 -6.99 7.43 -11.15
C GLU A 144 -7.24 6.14 -10.38
N ALA A 145 -7.82 6.24 -9.18
CA ALA A 145 -8.06 5.06 -8.38
C ALA A 145 -9.17 4.19 -8.98
N ALA A 146 -10.15 4.80 -9.63
CA ALA A 146 -11.15 4.03 -10.37
C ALA A 146 -10.52 3.28 -11.54
N ARG A 147 -9.76 3.99 -12.35
CA ARG A 147 -9.03 3.38 -13.45
C ARG A 147 -8.16 2.22 -12.94
N ALA A 148 -7.46 2.45 -11.83
CA ALA A 148 -6.58 1.42 -11.28
C ALA A 148 -7.37 0.18 -10.85
N PHE A 149 -8.53 0.36 -10.22
CA PHE A 149 -9.31 -0.79 -9.77
C PHE A 149 -9.84 -1.61 -10.95
N VAL A 150 -10.49 -0.96 -11.92
CA VAL A 150 -11.09 -1.72 -13.01
C VAL A 150 -10.01 -2.40 -13.84
N THR A 151 -8.86 -1.74 -13.99
CA THR A 151 -7.74 -2.30 -14.75
C THR A 151 -7.12 -3.47 -14.01
N SER A 152 -6.92 -3.35 -12.70
CA SER A 152 -6.45 -4.49 -11.91
C SER A 152 -7.40 -5.67 -12.05
N ASP A 153 -8.70 -5.43 -11.86
CA ASP A 153 -9.68 -6.51 -11.94
C ASP A 153 -9.60 -7.25 -13.28
N HIS A 154 -9.35 -6.49 -14.36
CA HIS A 154 -9.29 -7.09 -15.70
C HIS A 154 -8.00 -7.87 -15.92
N MET A 155 -6.85 -7.24 -15.66
CA MET A 155 -5.59 -7.91 -16.00
C MET A 155 -5.31 -9.07 -15.05
N PHE A 156 -6.08 -9.22 -13.98
CA PHE A 156 -5.86 -10.34 -13.07
C PHE A 156 -6.84 -11.50 -13.24
N ARG A 157 -7.87 -11.38 -14.09
CA ARG A 157 -8.82 -12.48 -14.22
C ARG A 157 -8.07 -13.75 -14.66
N ASP A 158 -8.25 -14.82 -13.91
CA ASP A 158 -7.55 -16.07 -14.19
C ASP A 158 -6.06 -15.85 -14.49
N SER A 159 -5.36 -14.94 -13.67
CA SER A 159 -3.96 -14.56 -13.93
C SER A 159 -3.00 -15.39 -13.10
N PRO A 160 -1.90 -15.87 -13.69
CA PRO A 160 -0.88 -16.59 -12.89
C PRO A 160 -0.38 -15.84 -11.66
N ILE A 161 -0.38 -14.50 -11.69
CA ILE A 161 0.02 -13.73 -10.52
C ILE A 161 -1.02 -13.88 -9.41
N LYS A 162 -2.29 -13.68 -9.77
CA LYS A 162 -3.37 -13.84 -8.81
C LYS A 162 -3.34 -15.24 -8.18
N ALA A 163 -3.01 -16.25 -8.98
CA ALA A 163 -2.89 -17.61 -8.46
C ALA A 163 -1.79 -17.71 -7.41
N ALA A 164 -0.63 -17.09 -7.65
CA ALA A 164 0.45 -17.20 -6.68
C ALA A 164 0.22 -16.29 -5.47
N LEU A 165 -0.65 -15.29 -5.58
CA LEU A 165 -0.86 -14.42 -4.43
C LEU A 165 -2.01 -14.92 -3.54
N CYS A 166 -2.87 -15.79 -4.08
CA CYS A 166 -4.06 -16.23 -3.37
C CYS A 166 -3.96 -17.65 -2.87
N THR A 167 -2.94 -18.40 -3.27
CA THR A 167 -2.78 -19.75 -2.76
C THR A 167 -1.52 -19.89 -1.91
N THR A 168 -0.78 -18.81 -1.69
CA THR A 168 0.51 -18.96 -1.01
C THR A 168 0.38 -18.86 0.50
N SER A 169 -0.11 -17.73 1.01
CA SER A 169 -0.28 -17.52 2.44
C SER A 169 -1.31 -16.43 2.63
N PRO A 170 -1.93 -16.34 3.81
CA PRO A 170 -2.81 -15.19 4.09
C PRO A 170 -2.14 -13.86 3.80
N GLU A 171 -0.86 -13.73 4.12
CA GLU A 171 -0.17 -12.45 3.95
C GLU A 171 -0.06 -12.07 2.48
N GLN A 172 0.28 -13.03 1.61
CA GLN A 172 0.31 -12.71 0.20
C GLN A 172 -1.09 -12.36 -0.29
N TYR A 173 -2.09 -13.08 0.22
CA TYR A 173 -3.45 -12.90 -0.24
C TYR A 173 -3.98 -11.51 0.12
N PHE A 174 -3.86 -11.11 1.39
CA PHE A 174 -4.38 -9.81 1.78
C PHE A 174 -3.60 -8.69 1.10
N ARG A 175 -2.32 -8.91 0.81
CA ARG A 175 -1.56 -7.93 0.03
C ARG A 175 -2.21 -7.67 -1.34
N PHE A 176 -2.66 -8.74 -2.01
CA PHE A 176 -3.36 -8.56 -3.28
C PHE A 176 -4.69 -7.83 -3.06
N ARG A 177 -5.40 -8.18 -2.00
CA ARG A 177 -6.75 -7.66 -1.76
C ARG A 177 -6.79 -6.17 -1.43
N VAL A 178 -5.69 -5.58 -0.96
CA VAL A 178 -5.65 -4.13 -0.74
C VAL A 178 -6.16 -3.39 -1.97
N THR A 179 -5.69 -3.78 -3.15
CA THR A 179 -6.22 -3.23 -4.38
C THR A 179 -7.48 -3.95 -4.82
N ASP A 180 -7.48 -5.29 -4.74
CA ASP A 180 -8.44 -6.03 -5.54
C ASP A 180 -9.85 -6.00 -4.94
N ILE A 181 -9.96 -5.95 -3.60
CA ILE A 181 -11.28 -5.85 -3.01
C ILE A 181 -11.87 -4.46 -3.23
N GLY A 182 -11.04 -3.48 -3.55
CA GLY A 182 -11.53 -2.14 -3.83
C GLY A 182 -11.39 -1.13 -2.70
N VAL A 183 -10.73 -1.50 -1.58
CA VAL A 183 -10.70 -0.59 -0.44
C VAL A 183 -9.77 0.59 -0.71
N ASP A 184 -8.67 0.38 -1.45
CA ASP A 184 -7.82 1.53 -1.76
C ASP A 184 -8.55 2.53 -2.62
N PHE A 185 -9.33 2.03 -3.59
CA PHE A 185 -10.25 2.86 -4.37
C PHE A 185 -11.24 3.58 -3.45
N TRP A 186 -11.87 2.84 -2.54
CA TRP A 186 -12.85 3.40 -1.61
C TRP A 186 -12.30 4.63 -0.88
N MET A 187 -11.11 4.51 -0.30
CA MET A 187 -10.56 5.61 0.47
C MET A 187 -10.24 6.82 -0.40
N LYS A 188 -9.74 6.58 -1.61
CA LYS A 188 -9.34 7.68 -2.47
C LYS A 188 -10.53 8.37 -3.13
N MET A 189 -11.71 7.76 -3.09
CA MET A 189 -12.92 8.44 -3.55
C MET A 189 -13.81 8.89 -2.41
N SER A 190 -13.51 8.52 -1.16
CA SER A 190 -14.33 8.87 -0.02
C SER A 190 -13.77 10.00 0.82
N TYR A 191 -12.46 10.27 0.78
CA TYR A 191 -11.93 11.35 1.60
C TYR A 191 -12.55 12.72 1.31
N PRO A 192 -12.98 13.06 0.09
CA PRO A 192 -13.66 14.35 -0.09
C PRO A 192 -14.95 14.45 0.72
N ILE A 193 -15.55 13.33 1.12
CA ILE A 193 -16.76 13.38 1.94
C ILE A 193 -16.51 14.10 3.26
N TYR A 194 -15.31 13.94 3.85
CA TYR A 194 -15.04 14.37 5.21
C TYR A 194 -14.15 15.60 5.32
N ARG A 195 -13.36 15.91 4.29
CA ARG A 195 -12.44 17.04 4.32
C ARG A 195 -11.66 17.09 5.63
N HIS A 196 -11.25 15.92 6.16
CA HIS A 196 -10.41 15.88 7.34
C HIS A 196 -8.97 15.65 6.93
N PRO A 197 -8.07 16.61 7.17
CA PRO A 197 -6.69 16.50 6.67
C PRO A 197 -5.97 15.20 7.01
N GLU A 198 -6.11 14.70 8.25
CA GLU A 198 -5.46 13.44 8.58
C GLU A 198 -6.00 12.30 7.72
N PHE A 199 -7.34 12.18 7.63
CA PHE A 199 -7.93 11.09 6.87
C PHE A 199 -7.54 11.16 5.39
N THR A 200 -7.43 12.37 4.85
CA THR A 200 -7.07 12.53 3.44
C THR A 200 -5.66 12.01 3.20
N GLU A 201 -4.70 12.34 4.07
CA GLU A 201 -3.33 11.88 3.86
C GLU A 201 -3.22 10.37 4.00
N HIS A 202 -3.89 9.79 5.02
CA HIS A 202 -3.88 8.34 5.15
C HIS A 202 -4.59 7.66 3.98
N ALA A 203 -5.56 8.33 3.37
CA ALA A 203 -6.17 7.80 2.16
C ALA A 203 -5.17 7.80 1.01
N LYS A 204 -4.38 8.87 0.89
CA LYS A 204 -3.49 9.04 -0.25
C LYS A 204 -2.19 8.23 -0.11
N THR A 205 -1.73 7.95 1.11
CA THR A 205 -0.64 7.00 1.29
C THR A 205 -1.10 5.56 1.13
N SER A 206 -2.40 5.31 1.14
CA SER A 206 -3.05 4.00 1.23
C SER A 206 -2.88 3.34 2.60
N LEU A 207 -2.29 4.04 3.58
CA LEU A 207 -2.31 3.47 4.93
C LEU A 207 -3.73 3.16 5.37
N ALA A 208 -4.71 4.01 5.00
CA ALA A 208 -6.09 3.77 5.37
C ALA A 208 -6.58 2.45 4.78
N ALA A 209 -6.35 2.24 3.49
CA ALA A 209 -6.72 0.97 2.87
C ALA A 209 -6.04 -0.20 3.56
N ARG A 210 -4.75 -0.06 3.87
CA ARG A 210 -4.02 -1.18 4.46
C ARG A 210 -4.56 -1.51 5.83
N MET A 211 -4.91 -0.47 6.63
CA MET A 211 -5.45 -0.71 7.97
C MET A 211 -6.76 -1.48 7.92
N THR A 212 -7.57 -1.26 6.87
CA THR A 212 -8.92 -1.81 6.83
C THR A 212 -9.05 -3.05 5.95
N THR A 213 -7.99 -3.46 5.26
CA THR A 213 -8.14 -4.51 4.24
C THR A 213 -8.64 -5.81 4.84
N ARG A 214 -8.07 -6.24 5.97
CA ARG A 214 -8.40 -7.56 6.45
C ARG A 214 -9.79 -7.60 7.07
N GLY A 215 -10.20 -6.54 7.77
CA GLY A 215 -11.54 -6.50 8.32
C GLY A 215 -12.62 -6.61 7.25
N LEU A 216 -12.40 -5.93 6.12
CA LEU A 216 -13.35 -5.99 5.00
C LEU A 216 -13.29 -7.33 4.29
N THR A 217 -12.06 -7.79 3.99
CA THR A 217 -11.88 -8.96 3.12
C THR A 217 -12.31 -10.24 3.81
N ILE A 218 -11.95 -10.39 5.10
CA ILE A 218 -12.30 -11.62 5.81
C ILE A 218 -13.81 -11.78 5.85
N VAL A 219 -14.53 -10.69 6.14
CA VAL A 219 -16.00 -10.73 6.16
C VAL A 219 -16.55 -11.11 4.78
N ASN A 220 -16.12 -10.37 3.75
CA ASN A 220 -16.60 -10.67 2.40
C ASN A 220 -16.30 -12.11 2.00
N ASP A 221 -15.06 -12.56 2.22
CA ASP A 221 -14.70 -13.90 1.78
C ASP A 221 -15.60 -14.95 2.42
N PHE A 222 -15.97 -14.74 3.69
CA PHE A 222 -16.79 -15.76 4.33
C PHE A 222 -18.15 -15.86 3.65
N TYR A 223 -18.84 -14.74 3.52
CA TYR A 223 -20.21 -14.77 3.04
C TYR A 223 -20.29 -14.90 1.53
N SER A 224 -19.21 -14.61 0.79
CA SER A 224 -19.22 -14.76 -0.65
C SER A 224 -18.45 -15.99 -1.11
N TYR A 225 -17.96 -16.81 -0.16
CA TYR A 225 -17.30 -18.06 -0.50
C TYR A 225 -18.19 -18.94 -1.37
N ASP A 226 -19.50 -18.93 -1.13
CA ASP A 226 -20.40 -19.83 -1.84
C ASP A 226 -20.52 -19.44 -3.32
N ARG A 227 -20.84 -18.18 -3.58
CA ARG A 227 -20.90 -17.70 -4.97
C ARG A 227 -19.59 -18.00 -5.69
N GLU A 228 -18.46 -17.62 -5.10
CA GLU A 228 -17.20 -17.60 -5.84
C GLU A 228 -16.66 -18.99 -6.09
N VAL A 229 -16.86 -19.94 -5.17
CA VAL A 229 -16.49 -21.31 -5.48
C VAL A 229 -17.38 -21.86 -6.60
N SER A 230 -18.67 -21.54 -6.56
CA SER A 230 -19.58 -21.98 -7.63
C SER A 230 -19.17 -21.39 -8.97
N LEU A 231 -18.72 -20.13 -8.97
CA LEU A 231 -18.32 -19.43 -10.17
C LEU A 231 -16.84 -19.61 -10.47
N GLY A 232 -16.17 -20.55 -9.80
CA GLY A 232 -14.77 -20.84 -10.06
C GLY A 232 -13.77 -19.75 -9.72
N GLN A 233 -14.13 -18.81 -8.84
CA GLN A 233 -13.24 -17.71 -8.50
C GLN A 233 -12.34 -18.09 -7.33
N ILE A 234 -11.05 -17.74 -7.43
CA ILE A 234 -10.07 -18.17 -6.44
C ILE A 234 -9.75 -17.09 -5.41
N THR A 235 -10.22 -15.86 -5.59
CA THR A 235 -9.84 -14.74 -4.73
C THR A 235 -10.68 -14.76 -3.46
N ASN A 236 -10.27 -15.59 -2.49
CA ASN A 236 -11.05 -15.81 -1.28
C ASN A 236 -10.21 -16.57 -0.27
N CYS A 237 -9.85 -15.92 0.85
CA CYS A 237 -8.89 -16.50 1.79
C CYS A 237 -9.34 -17.85 2.33
N PHE A 238 -10.63 -18.11 2.40
CA PHE A 238 -11.04 -19.41 2.94
C PHE A 238 -10.73 -20.57 2.00
N ARG A 239 -10.35 -20.31 0.75
CA ARG A 239 -9.81 -21.39 -0.07
C ARG A 239 -8.44 -21.84 0.41
N LEU A 240 -7.79 -21.08 1.30
CA LEU A 240 -6.53 -21.51 1.88
C LEU A 240 -6.70 -22.54 2.99
N CYS A 241 -7.93 -22.87 3.40
CA CYS A 241 -8.14 -23.94 4.36
C CYS A 241 -9.15 -24.94 3.81
N ASP A 242 -9.34 -26.03 4.54
CA ASP A 242 -10.31 -27.06 4.16
C ASP A 242 -11.59 -26.78 4.91
N VAL A 243 -12.56 -26.15 4.23
CA VAL A 243 -13.81 -25.89 4.92
C VAL A 243 -14.54 -27.19 5.20
N SER A 244 -14.13 -28.30 4.59
CA SER A 244 -14.73 -29.60 4.92
C SER A 244 -14.21 -30.10 6.26
N ASP A 245 -12.94 -29.84 6.56
CA ASP A 245 -12.40 -30.11 7.89
C ASP A 245 -12.92 -29.04 8.85
N GLU A 246 -13.75 -29.44 9.82
CA GLU A 246 -14.35 -28.48 10.75
C GLU A 246 -13.34 -27.96 11.77
N THR A 247 -12.45 -28.82 12.26
CA THR A 247 -11.37 -28.35 13.11
C THR A 247 -10.50 -27.34 12.38
N ALA A 248 -10.07 -27.68 11.16
CA ALA A 248 -9.15 -26.82 10.44
C ALA A 248 -9.80 -25.50 10.09
N PHE A 249 -11.08 -25.53 9.73
CA PHE A 249 -11.81 -24.28 9.54
C PHE A 249 -11.84 -23.47 10.83
N LYS A 250 -12.10 -24.11 11.96
CA LYS A 250 -12.23 -23.35 13.20
C LYS A 250 -10.90 -22.78 13.68
N GLU A 251 -9.79 -23.47 13.38
CA GLU A 251 -8.48 -22.87 13.65
C GLU A 251 -8.23 -21.70 12.72
N PHE A 252 -8.53 -21.87 11.44
CA PHE A 252 -8.32 -20.81 10.46
C PHE A 252 -9.22 -19.62 10.74
N PHE A 253 -10.50 -19.87 11.05
CA PHE A 253 -11.43 -18.80 11.38
C PHE A 253 -10.94 -18.01 12.58
N GLN A 254 -10.50 -18.68 13.65
CA GLN A 254 -10.01 -17.95 14.80
C GLN A 254 -8.80 -17.09 14.46
N ALA A 255 -7.87 -17.63 13.66
CA ALA A 255 -6.70 -16.86 13.26
C ALA A 255 -7.09 -15.62 12.45
N ARG A 256 -8.08 -15.74 11.55
CA ARG A 256 -8.61 -14.56 10.85
C ARG A 256 -9.31 -13.61 11.80
N LEU A 257 -10.04 -14.14 12.78
CA LEU A 257 -10.66 -13.28 13.78
C LEU A 257 -9.60 -12.45 14.51
N ASP A 258 -8.46 -13.06 14.85
CA ASP A 258 -7.42 -12.32 15.56
C ASP A 258 -6.80 -11.27 14.67
N ASP A 259 -6.68 -11.57 13.37
CA ASP A 259 -6.27 -10.55 12.42
C ASP A 259 -7.15 -9.31 12.53
N MET A 260 -8.47 -9.50 12.47
CA MET A 260 -9.42 -8.39 12.59
C MET A 260 -9.23 -7.63 13.91
N ILE A 261 -9.06 -8.37 15.01
CA ILE A 261 -8.96 -7.71 16.33
C ILE A 261 -7.70 -6.87 16.44
N GLU A 262 -6.56 -7.39 15.96
CA GLU A 262 -5.31 -6.63 16.04
C GLU A 262 -5.38 -5.38 15.19
N ASP A 263 -5.95 -5.51 13.99
CA ASP A 263 -6.18 -4.34 13.13
C ASP A 263 -7.06 -3.32 13.84
N ILE A 264 -8.16 -3.77 14.46
CA ILE A 264 -9.10 -2.83 15.06
C ILE A 264 -8.46 -2.10 16.25
N GLU A 265 -7.67 -2.80 17.07
CA GLU A 265 -6.98 -2.12 18.17
C GLU A 265 -5.97 -1.09 17.65
N CYS A 266 -5.24 -1.40 16.59
CA CYS A 266 -4.31 -0.41 16.04
C CYS A 266 -5.05 0.75 15.38
N ILE A 267 -6.22 0.49 14.78
CA ILE A 267 -7.03 1.57 14.23
C ILE A 267 -7.43 2.56 15.31
N LYS A 268 -7.66 2.06 16.54
CA LYS A 268 -8.07 2.91 17.65
C LYS A 268 -7.00 3.91 18.06
N ALA A 269 -5.77 3.78 17.56
CA ALA A 269 -4.72 4.78 17.81
C ALA A 269 -4.78 5.92 16.82
N PHE A 270 -5.52 5.78 15.74
CA PHE A 270 -5.78 6.88 14.85
C PHE A 270 -6.69 7.90 15.54
N ASP A 271 -6.71 9.12 15.00
CA ASP A 271 -7.53 10.17 15.57
C ASP A 271 -9.00 9.79 15.49
N GLN A 272 -9.81 10.41 16.35
CA GLN A 272 -11.18 9.92 16.56
C GLN A 272 -12.01 9.94 15.27
N LEU A 273 -11.97 11.03 14.50
CA LEU A 273 -12.69 11.06 13.24
C LEU A 273 -12.22 9.93 12.31
N THR A 274 -10.91 9.81 12.11
CA THR A 274 -10.39 8.77 11.24
C THR A 274 -10.80 7.37 11.71
N GLN A 275 -10.61 7.09 13.02
CA GLN A 275 -10.99 5.79 13.56
C GLN A 275 -12.47 5.50 13.36
N ASP A 276 -13.33 6.52 13.48
CA ASP A 276 -14.76 6.32 13.24
C ASP A 276 -15.01 5.86 11.81
N VAL A 277 -14.38 6.51 10.84
CA VAL A 277 -14.60 6.14 9.44
C VAL A 277 -14.11 4.71 9.19
N PHE A 278 -12.90 4.39 9.65
CA PHE A 278 -12.34 3.05 9.50
C PHE A 278 -13.24 2.00 10.11
N LEU A 279 -13.66 2.20 11.36
CA LEU A 279 -14.47 1.18 12.03
C LEU A 279 -15.87 1.12 11.46
N ASP A 280 -16.49 2.27 11.15
CA ASP A 280 -17.80 2.24 10.50
C ASP A 280 -17.73 1.49 9.18
N LEU A 281 -16.64 1.69 8.43
CA LEU A 281 -16.44 0.93 7.20
C LEU A 281 -16.44 -0.56 7.47
N ILE A 282 -15.65 -1.02 8.45
CA ILE A 282 -15.53 -2.45 8.67
C ILE A 282 -16.83 -3.03 9.18
N TYR A 283 -17.39 -2.43 10.24
CA TYR A 283 -18.63 -2.93 10.82
C TYR A 283 -19.79 -2.76 9.85
N GLY A 284 -19.89 -1.58 9.22
CA GLY A 284 -20.96 -1.34 8.27
C GLY A 284 -20.98 -2.37 7.16
N ASN A 285 -19.81 -2.73 6.65
CA ASN A 285 -19.76 -3.77 5.61
C ASN A 285 -20.25 -5.10 6.13
N PHE A 286 -20.01 -5.41 7.40
CA PHE A 286 -20.51 -6.66 7.96
C PHE A 286 -22.04 -6.69 8.02
N VAL A 287 -22.66 -5.61 8.50
CA VAL A 287 -24.12 -5.56 8.56
C VAL A 287 -24.72 -5.63 7.17
N TRP A 288 -24.17 -4.87 6.24
CA TRP A 288 -24.68 -4.94 4.88
C TRP A 288 -24.51 -6.34 4.30
N THR A 289 -23.32 -6.92 4.44
CA THR A 289 -23.01 -8.19 3.78
C THR A 289 -23.96 -9.30 4.22
N THR A 290 -24.29 -9.36 5.51
CA THR A 290 -25.16 -10.39 6.08
C THR A 290 -26.63 -10.19 5.72
N SER A 291 -27.15 -8.97 5.83
CA SER A 291 -28.56 -8.71 5.67
C SER A 291 -29.00 -8.44 4.24
N ASN A 292 -28.08 -8.32 3.30
CA ASN A 292 -28.44 -8.00 1.93
C ASN A 292 -28.54 -9.28 1.10
N LYS A 293 -29.40 -9.26 0.06
CA LYS A 293 -29.59 -10.47 -0.72
C LYS A 293 -28.40 -10.81 -1.62
N ARG A 294 -27.44 -9.90 -1.77
CA ARG A 294 -26.26 -10.24 -2.57
C ARG A 294 -25.55 -11.49 -2.05
N TYR A 295 -25.66 -11.79 -0.75
CA TYR A 295 -24.86 -12.87 -0.17
C TYR A 295 -25.71 -13.91 0.56
N LYS A 296 -26.98 -14.03 0.20
CA LYS A 296 -27.77 -15.18 0.62
C LYS A 296 -27.85 -16.26 -0.43
N THR A 297 -27.28 -16.01 -1.61
CA THR A 297 -27.47 -16.82 -2.81
C THR A 297 -26.24 -16.65 -3.68
N ALA A 298 -26.46 -16.69 -5.00
CA ALA A 298 -25.40 -16.61 -6.02
C ALA A 298 -26.01 -16.71 -7.42
N ILE B 13 17.26 0.60 28.47
CA ILE B 13 18.39 0.17 27.66
C ILE B 13 19.14 1.42 27.16
N GLY B 14 20.33 1.26 26.56
CA GLY B 14 20.97 2.39 25.92
C GLY B 14 21.56 2.11 24.56
N ARG B 15 22.77 1.56 24.56
CA ARG B 15 23.51 1.28 23.33
C ARG B 15 23.30 -0.16 22.88
N SER B 16 22.06 -0.60 22.72
CA SER B 16 21.77 -1.95 22.28
C SER B 16 22.17 -2.10 20.80
N SER B 17 22.42 -3.35 20.40
CA SER B 17 23.21 -3.50 19.18
C SER B 17 23.04 -4.88 18.58
N VAL B 18 23.18 -4.95 17.25
CA VAL B 18 23.26 -6.22 16.55
C VAL B 18 24.69 -6.48 16.02
N ARG B 19 25.67 -5.74 16.51
CA ARG B 19 27.07 -6.00 16.15
C ARG B 19 27.49 -7.46 16.27
N PRO B 20 27.12 -8.22 17.32
CA PRO B 20 27.56 -9.62 17.40
C PRO B 20 27.12 -10.46 16.22
N TYR B 21 25.99 -10.13 15.60
CA TYR B 21 25.45 -10.91 14.50
C TYR B 21 25.87 -10.37 13.14
N LEU B 22 26.62 -9.26 13.12
CA LEU B 22 26.92 -8.59 11.85
C LEU B 22 27.43 -9.59 10.83
N GLU B 23 28.31 -10.48 11.28
CA GLU B 23 29.04 -11.33 10.36
C GLU B 23 28.18 -12.47 9.85
N GLU B 24 27.47 -13.14 10.74
CA GLU B 24 26.72 -14.32 10.34
C GLU B 24 25.50 -13.93 9.50
N CYS B 25 24.88 -12.80 9.81
CA CYS B 25 23.64 -12.42 9.13
C CYS B 25 23.91 -11.96 7.71
N THR B 26 24.99 -11.22 7.49
CA THR B 26 25.36 -10.85 6.12
C THR B 26 25.58 -12.10 5.29
N ARG B 27 26.18 -13.12 5.90
CA ARG B 27 26.34 -14.40 5.24
C ARG B 27 25.01 -15.11 5.03
N ARG B 28 24.11 -15.09 6.01
CA ARG B 28 22.78 -15.67 5.82
C ARG B 28 22.02 -14.94 4.73
N PHE B 29 22.09 -13.60 4.72
CA PHE B 29 21.46 -12.84 3.64
C PHE B 29 22.02 -13.23 2.30
N GLN B 30 23.36 -13.27 2.18
CA GLN B 30 24.00 -13.52 0.91
C GLN B 30 23.63 -14.89 0.36
N GLU B 31 23.65 -15.91 1.21
CA GLU B 31 23.35 -17.24 0.73
C GLU B 31 21.86 -17.39 0.41
N MET B 32 21.02 -16.57 1.04
CA MET B 32 19.60 -16.52 0.64
C MET B 32 19.45 -15.98 -0.78
N PHE B 33 20.15 -14.88 -1.10
CA PHE B 33 20.13 -14.35 -2.46
C PHE B 33 20.72 -15.34 -3.48
N ASP B 34 21.76 -16.10 -3.10
CA ASP B 34 22.38 -17.04 -4.04
C ASP B 34 21.43 -18.19 -4.38
N ARG B 35 20.61 -18.61 -3.43
CA ARG B 35 19.69 -19.71 -3.66
C ARG B 35 18.44 -19.25 -4.39
N HIS B 36 17.88 -18.10 -3.99
CA HIS B 36 16.52 -17.74 -4.39
C HIS B 36 16.45 -16.67 -5.47
N VAL B 37 17.42 -15.76 -5.58
CA VAL B 37 17.36 -14.70 -6.57
C VAL B 37 18.27 -14.98 -7.76
N VAL B 38 19.52 -15.37 -7.49
CA VAL B 38 20.46 -15.89 -8.48
C VAL B 38 21.10 -14.76 -9.29
N THR B 39 20.31 -14.07 -10.13
CA THR B 39 20.82 -12.92 -10.87
C THR B 39 21.47 -11.90 -9.93
N ARG B 40 22.72 -11.48 -10.25
CA ARG B 40 23.39 -10.49 -9.41
C ARG B 40 23.03 -9.07 -9.88
N PRO B 41 22.82 -8.13 -8.96
CA PRO B 41 22.49 -6.75 -9.37
C PRO B 41 23.61 -6.14 -10.19
N THR B 42 23.27 -5.09 -10.96
CA THR B 42 24.26 -4.42 -11.80
C THR B 42 24.19 -2.92 -11.57
N LYS B 43 25.30 -2.35 -11.11
CA LYS B 43 25.33 -0.94 -10.74
C LYS B 43 25.33 -0.05 -11.98
N VAL B 44 24.32 0.81 -12.09
CA VAL B 44 24.32 1.81 -13.14
C VAL B 44 25.57 2.66 -13.04
N GLU B 45 26.30 2.79 -14.14
CA GLU B 45 27.43 3.71 -14.17
C GLU B 45 26.94 5.04 -14.72
N LEU B 46 27.11 6.10 -13.94
CA LEU B 46 26.83 7.45 -14.42
C LEU B 46 28.11 8.07 -14.93
N THR B 47 28.06 8.62 -16.15
CA THR B 47 29.16 9.45 -16.61
C THR B 47 29.36 10.59 -15.62
N ASP B 48 30.52 11.23 -15.70
CA ASP B 48 30.90 12.20 -14.69
C ASP B 48 29.98 13.42 -14.71
N ALA B 49 29.42 13.72 -15.87
CA ALA B 49 28.49 14.85 -16.04
C ALA B 49 27.12 14.56 -15.46
N GLU B 50 26.61 13.35 -15.62
CA GLU B 50 25.32 13.04 -15.02
C GLU B 50 25.40 13.15 -13.51
N LEU B 51 26.44 12.54 -12.92
CA LEU B 51 26.63 12.65 -11.48
C LEU B 51 26.71 14.10 -11.03
N ARG B 52 27.35 14.97 -11.82
CA ARG B 52 27.38 16.38 -11.43
C ARG B 52 26.06 17.09 -11.70
N GLU B 53 25.31 16.71 -12.75
CA GLU B 53 23.99 17.29 -12.94
C GLU B 53 23.07 16.90 -11.78
N VAL B 54 23.06 15.62 -11.43
CA VAL B 54 22.30 15.15 -10.28
C VAL B 54 22.59 16.00 -9.06
N ILE B 55 23.86 16.00 -8.64
CA ILE B 55 24.22 16.70 -7.41
C ILE B 55 23.92 18.19 -7.52
N ASP B 56 24.10 18.78 -8.71
CA ASP B 56 23.74 20.18 -8.91
C ASP B 56 22.27 20.42 -8.59
N ASP B 57 21.38 19.58 -9.11
CA ASP B 57 19.97 19.73 -8.81
C ASP B 57 19.66 19.45 -7.35
N CYS B 58 20.41 18.53 -6.74
CA CYS B 58 20.16 18.18 -5.34
C CYS B 58 20.39 19.38 -4.43
N ASN B 59 21.52 20.06 -4.59
CA ASN B 59 21.78 21.28 -3.83
C ASN B 59 20.63 22.27 -3.97
N ALA B 60 20.22 22.55 -5.21
CA ALA B 60 19.18 23.54 -5.44
C ALA B 60 17.90 23.18 -4.69
N ALA B 61 17.57 21.89 -4.67
CA ALA B 61 16.30 21.49 -4.09
C ALA B 61 16.31 21.64 -2.58
N VAL B 62 17.45 21.40 -1.93
CA VAL B 62 17.47 21.50 -0.47
C VAL B 62 17.95 22.85 0.02
N ALA B 63 18.51 23.68 -0.85
CA ALA B 63 19.08 24.97 -0.42
C ALA B 63 18.09 25.82 0.37
N PRO B 64 16.81 25.94 -0.01
CA PRO B 64 15.90 26.74 0.82
C PRO B 64 15.79 26.29 2.26
N LEU B 65 16.18 25.06 2.58
CA LEU B 65 16.08 24.54 3.93
C LEU B 65 17.25 24.93 4.82
N GLY B 66 18.37 25.37 4.24
CA GLY B 66 19.37 26.11 4.98
C GLY B 66 20.44 25.27 5.63
N LYS B 67 20.75 24.13 5.02
CA LYS B 67 21.87 23.28 5.41
C LYS B 67 22.67 22.93 4.17
N THR B 68 23.96 23.20 4.21
CA THR B 68 24.86 22.61 3.21
C THR B 68 24.91 21.10 3.40
N VAL B 69 24.90 20.36 2.29
CA VAL B 69 25.21 18.93 2.35
C VAL B 69 26.21 18.59 1.26
N SER B 70 27.20 17.78 1.63
CA SER B 70 28.44 17.55 0.89
C SER B 70 28.23 16.63 -0.31
N ASP B 71 29.13 16.74 -1.27
CA ASP B 71 29.17 15.78 -2.37
C ASP B 71 29.33 14.37 -1.84
N GLU B 72 30.17 14.19 -0.80
CA GLU B 72 30.34 12.88 -0.21
C GLU B 72 29.02 12.33 0.33
N ARG B 73 28.20 13.21 0.90
CA ARG B 73 26.93 12.79 1.47
C ARG B 73 25.86 12.59 0.40
N TRP B 74 25.88 13.41 -0.66
CA TRP B 74 25.03 13.16 -1.81
C TRP B 74 25.30 11.80 -2.41
N ILE B 75 26.59 11.52 -2.67
CA ILE B 75 27.01 10.31 -3.36
C ILE B 75 26.75 9.07 -2.52
N SER B 76 26.78 9.23 -1.20
CA SER B 76 26.35 8.14 -0.33
C SER B 76 24.88 7.82 -0.56
N TYR B 77 24.03 8.85 -0.54
CA TYR B 77 22.61 8.66 -0.82
C TYR B 77 22.39 8.01 -2.20
N VAL B 78 23.03 8.55 -3.23
CA VAL B 78 22.68 8.16 -4.59
C VAL B 78 23.06 6.71 -4.87
N GLY B 79 23.89 6.11 -4.02
CA GLY B 79 24.32 4.75 -4.27
C GLY B 79 23.18 3.77 -4.35
N VAL B 80 22.11 3.98 -3.57
CA VAL B 80 20.98 3.06 -3.63
C VAL B 80 20.34 3.08 -5.02
N VAL B 81 20.27 4.25 -5.66
CA VAL B 81 19.68 4.31 -7.00
C VAL B 81 20.64 3.75 -8.03
N LEU B 82 21.94 4.02 -7.87
CA LEU B 82 22.91 3.45 -8.78
C LEU B 82 22.90 1.94 -8.73
N TRP B 83 22.65 1.36 -7.55
CA TRP B 83 22.76 -0.07 -7.35
C TRP B 83 21.45 -0.83 -7.48
N SER B 84 20.29 -0.19 -7.32
CA SER B 84 19.08 -0.96 -7.10
C SER B 84 18.03 -0.80 -8.19
N GLN B 85 18.30 -0.02 -9.23
CA GLN B 85 17.49 -0.07 -10.44
C GLN B 85 17.87 -1.32 -11.23
N SER B 86 17.51 -1.37 -12.51
CA SER B 86 17.60 -2.58 -13.31
C SER B 86 18.18 -2.24 -14.69
N PRO B 87 19.51 -2.10 -14.79
CA PRO B 87 20.11 -1.61 -16.03
C PRO B 87 19.88 -2.52 -17.22
N ARG B 88 19.49 -3.78 -17.01
CA ARG B 88 19.08 -4.60 -18.15
C ARG B 88 17.92 -3.97 -18.91
N HIS B 89 17.09 -3.17 -18.24
CA HIS B 89 15.82 -2.74 -18.81
C HIS B 89 15.65 -1.23 -18.89
N ILE B 90 16.60 -0.44 -18.40
CA ILE B 90 16.47 1.01 -18.42
C ILE B 90 16.27 1.49 -19.86
N LYS B 91 15.30 2.38 -20.06
CA LYS B 91 15.07 3.05 -21.34
C LYS B 91 15.19 4.56 -21.28
N ASP B 92 15.05 5.19 -20.11
CA ASP B 92 14.95 6.66 -20.03
C ASP B 92 15.88 7.15 -18.94
N MET B 93 17.08 7.61 -19.34
CA MET B 93 18.03 8.14 -18.38
C MET B 93 17.59 9.48 -17.78
N GLU B 94 16.64 10.18 -18.39
CA GLU B 94 16.11 11.38 -17.75
C GLU B 94 15.26 11.02 -16.54
N ALA B 95 14.44 9.99 -16.67
CA ALA B 95 13.70 9.50 -15.51
C ALA B 95 14.64 8.93 -14.46
N PHE B 96 15.68 8.20 -14.89
CA PHE B 96 16.67 7.69 -13.95
C PHE B 96 17.33 8.83 -13.17
N LYS B 97 17.70 9.90 -13.88
CA LYS B 97 18.33 11.02 -13.19
C LYS B 97 17.36 11.68 -12.22
N ALA B 98 16.07 11.73 -12.58
CA ALA B 98 15.05 12.19 -11.66
C ALA B 98 15.06 11.38 -10.37
N VAL B 99 15.04 10.05 -10.48
CA VAL B 99 14.99 9.20 -9.30
C VAL B 99 16.24 9.43 -8.44
N CYS B 100 17.40 9.61 -9.08
CA CYS B 100 18.60 9.92 -8.30
C CYS B 100 18.40 11.16 -7.45
N VAL B 101 17.91 12.23 -8.08
CA VAL B 101 17.73 13.50 -7.38
C VAL B 101 16.66 13.38 -6.31
N LEU B 102 15.48 12.88 -6.68
CA LEU B 102 14.36 12.81 -5.75
C LEU B 102 14.69 11.93 -4.55
N ASN B 103 15.22 10.74 -4.81
CA ASN B 103 15.58 9.89 -3.69
C ASN B 103 16.64 10.56 -2.83
N CYS B 104 17.63 11.21 -3.46
CA CYS B 104 18.69 11.88 -2.72
C CYS B 104 18.16 13.02 -1.87
N VAL B 105 17.20 13.80 -2.38
CA VAL B 105 16.79 14.96 -1.60
C VAL B 105 15.78 14.58 -0.53
N THR B 106 15.06 13.47 -0.71
CA THR B 106 14.16 13.02 0.35
C THR B 106 14.91 12.28 1.45
N PHE B 107 16.08 11.71 1.15
CA PHE B 107 16.96 11.19 2.18
C PHE B 107 17.33 12.29 3.17
N VAL B 108 17.65 13.48 2.66
CA VAL B 108 17.95 14.62 3.51
C VAL B 108 16.78 14.90 4.43
N TRP B 109 15.56 14.90 3.88
CA TRP B 109 14.37 15.12 4.68
C TRP B 109 14.26 14.09 5.79
N ASP B 110 14.56 12.83 5.46
CA ASP B 110 14.44 11.73 6.41
C ASP B 110 15.49 11.83 7.52
N ASP B 111 16.59 12.50 7.22
CA ASP B 111 17.71 12.68 8.14
C ASP B 111 17.63 13.98 8.93
N MET B 112 16.56 14.75 8.78
CA MET B 112 16.49 16.10 9.32
C MET B 112 15.68 16.09 10.61
N ASP B 113 15.84 17.14 11.41
CA ASP B 113 14.92 17.41 12.50
C ASP B 113 13.67 18.07 11.95
N PRO B 114 12.48 17.74 12.46
CA PRO B 114 11.24 18.28 11.87
C PRO B 114 11.17 19.80 11.88
N ALA B 115 11.89 20.45 12.80
CA ALA B 115 11.90 21.91 12.84
C ALA B 115 12.45 22.50 11.54
N LEU B 116 13.15 21.70 10.75
CA LEU B 116 13.65 22.11 9.44
C LEU B 116 12.70 21.78 8.29
N HIS B 117 11.59 21.11 8.57
CA HIS B 117 10.66 20.70 7.53
C HIS B 117 9.83 21.90 7.09
N ASP B 118 10.21 22.55 5.98
CA ASP B 118 9.38 23.60 5.38
C ASP B 118 8.80 23.06 4.08
N PHE B 119 7.51 22.74 4.10
CA PHE B 119 6.84 22.34 2.86
C PHE B 119 6.79 23.51 1.87
N GLY B 120 6.37 24.68 2.36
CA GLY B 120 6.27 25.85 1.49
C GLY B 120 7.54 26.11 0.69
N LEU B 121 8.70 25.86 1.30
CA LEU B 121 9.97 26.05 0.61
C LEU B 121 10.39 24.83 -0.19
N PHE B 122 10.21 23.63 0.37
CA PHE B 122 10.76 22.42 -0.24
C PHE B 122 9.88 21.86 -1.35
N LEU B 123 8.57 21.78 -1.13
CA LEU B 123 7.67 21.25 -2.14
C LEU B 123 7.83 21.89 -3.52
N PRO B 124 7.96 23.22 -3.66
CA PRO B 124 8.27 23.78 -4.98
C PRO B 124 9.50 23.15 -5.62
N GLN B 125 10.54 22.86 -4.84
CA GLN B 125 11.75 22.29 -5.43
C GLN B 125 11.48 20.89 -5.97
N LEU B 126 10.72 20.08 -5.23
CA LEU B 126 10.34 18.76 -5.73
C LEU B 126 9.60 18.90 -7.06
N ARG B 127 8.62 19.80 -7.13
CA ARG B 127 7.84 19.94 -8.36
C ARG B 127 8.73 20.32 -9.54
N LYS B 128 9.71 21.22 -9.32
CA LYS B 128 10.61 21.61 -10.41
C LYS B 128 11.49 20.44 -10.86
N ILE B 129 11.98 19.63 -9.92
CA ILE B 129 12.73 18.42 -10.29
C ILE B 129 11.89 17.55 -11.23
N CYS B 130 10.66 17.28 -10.84
CA CYS B 130 9.76 16.41 -11.60
C CYS B 130 9.45 16.98 -12.98
N GLU B 131 9.12 18.27 -13.05
CA GLU B 131 8.83 18.86 -14.34
C GLU B 131 10.06 18.93 -15.22
N LYS B 132 11.25 18.90 -14.64
CA LYS B 132 12.46 18.90 -15.47
C LYS B 132 12.63 17.58 -16.20
N TYR B 133 12.36 16.47 -15.52
CA TYR B 133 12.75 15.16 -16.03
C TYR B 133 11.62 14.32 -16.60
N TYR B 134 10.37 14.62 -16.25
CA TYR B 134 9.25 13.80 -16.67
C TYR B 134 8.33 14.59 -17.60
N GLY B 135 7.56 13.84 -18.38
CA GLY B 135 6.45 14.40 -19.10
C GLY B 135 5.30 14.74 -18.16
N PRO B 136 4.23 15.28 -18.73
CA PRO B 136 3.12 15.76 -17.88
C PRO B 136 2.51 14.73 -16.94
N GLU B 137 2.04 13.59 -17.47
CA GLU B 137 1.45 12.58 -16.59
C GLU B 137 2.43 12.15 -15.51
N ASP B 138 3.65 11.77 -15.91
CA ASP B 138 4.61 11.22 -14.99
C ASP B 138 5.02 12.24 -13.93
N ALA B 139 5.15 13.51 -14.32
CA ALA B 139 5.52 14.54 -13.36
C ALA B 139 4.54 14.62 -12.21
N GLU B 140 3.24 14.51 -12.51
CA GLU B 140 2.22 14.57 -11.47
C GLU B 140 2.28 13.35 -10.56
N VAL B 141 2.53 12.17 -11.13
CA VAL B 141 2.59 10.95 -10.34
C VAL B 141 3.82 10.98 -9.44
N ALA B 142 4.97 11.30 -10.00
CA ALA B 142 6.19 11.41 -9.21
C ALA B 142 6.03 12.44 -8.09
N TYR B 143 5.34 13.55 -8.36
CA TYR B 143 5.26 14.59 -7.34
C TYR B 143 4.33 14.22 -6.20
N GLU B 144 3.17 13.65 -6.52
CA GLU B 144 2.27 13.23 -5.47
C GLU B 144 2.94 12.20 -4.57
N ALA B 145 3.71 11.30 -5.17
CA ALA B 145 4.42 10.29 -4.40
C ALA B 145 5.53 10.90 -3.56
N ALA B 146 6.25 11.89 -4.09
CA ALA B 146 7.26 12.56 -3.29
C ALA B 146 6.63 13.32 -2.13
N ARG B 147 5.58 14.08 -2.42
CA ARG B 147 4.91 14.86 -1.39
C ARG B 147 4.34 13.95 -0.31
N ALA B 148 3.68 12.86 -0.70
CA ALA B 148 3.14 11.93 0.29
C ALA B 148 4.25 11.38 1.19
N PHE B 149 5.44 11.11 0.63
CA PHE B 149 6.52 10.52 1.42
C PHE B 149 7.10 11.52 2.43
N VAL B 150 7.43 12.74 1.98
CA VAL B 150 8.00 13.69 2.94
C VAL B 150 6.93 14.13 3.92
N THR B 151 5.66 14.15 3.50
CA THR B 151 4.57 14.47 4.43
C THR B 151 4.38 13.37 5.46
N SER B 152 4.30 12.11 5.03
CA SER B 152 4.20 11.02 5.99
C SER B 152 5.40 11.03 6.93
N ASP B 153 6.59 11.23 6.39
CA ASP B 153 7.77 11.15 7.23
C ASP B 153 7.77 12.24 8.28
N HIS B 154 7.41 13.48 7.89
CA HIS B 154 7.30 14.56 8.86
C HIS B 154 6.23 14.25 9.91
N MET B 155 5.06 13.75 9.48
CA MET B 155 3.93 13.76 10.39
C MET B 155 3.97 12.58 11.37
N PHE B 156 4.75 11.55 11.08
CA PHE B 156 4.89 10.46 12.04
C PHE B 156 6.12 10.62 12.96
N ARG B 157 6.79 11.77 12.96
CA ARG B 157 8.08 11.86 13.67
C ARG B 157 7.98 11.47 15.15
N ASP B 158 6.83 11.76 15.78
CA ASP B 158 6.58 11.46 17.18
C ASP B 158 5.26 10.71 17.38
N SER B 159 4.51 10.38 16.28
CA SER B 159 3.09 10.02 16.30
C SER B 159 2.81 8.82 17.22
N PRO B 160 1.63 8.77 17.83
CA PRO B 160 1.25 7.53 18.53
C PRO B 160 0.89 6.44 17.58
N ILE B 161 0.54 6.79 16.34
CA ILE B 161 0.26 5.78 15.32
C ILE B 161 1.53 5.04 14.94
N LYS B 162 2.63 5.77 14.76
CA LYS B 162 3.90 5.10 14.50
C LYS B 162 4.19 4.05 15.58
N ALA B 163 4.08 4.45 16.86
CA ALA B 163 4.36 3.55 17.96
C ALA B 163 3.40 2.37 17.99
N ALA B 164 2.13 2.60 17.66
CA ALA B 164 1.17 1.50 17.57
C ALA B 164 1.57 0.48 16.50
N LEU B 165 1.86 0.97 15.29
CA LEU B 165 2.16 0.07 14.17
C LEU B 165 3.56 -0.53 14.27
N CYS B 166 4.43 0.04 15.07
CA CYS B 166 5.79 -0.49 15.13
C CYS B 166 6.03 -1.38 16.33
N THR B 167 5.11 -1.45 17.29
CA THR B 167 5.32 -2.25 18.49
C THR B 167 4.32 -3.40 18.63
N THR B 168 3.34 -3.50 17.74
CA THR B 168 2.30 -4.51 17.93
C THR B 168 2.70 -5.86 17.35
N SER B 169 3.22 -5.87 16.11
CA SER B 169 3.50 -7.11 15.41
C SER B 169 4.23 -6.78 14.11
N PRO B 170 4.98 -7.74 13.56
CA PRO B 170 5.60 -7.50 12.25
C PRO B 170 4.60 -7.09 11.18
N GLU B 171 3.40 -7.66 11.22
CA GLU B 171 2.39 -7.37 10.20
C GLU B 171 2.03 -5.89 10.21
N GLN B 172 1.76 -5.34 11.42
CA GLN B 172 1.46 -3.91 11.48
C GLN B 172 2.67 -3.09 11.10
N TYR B 173 3.87 -3.54 11.47
CA TYR B 173 5.07 -2.76 11.19
C TYR B 173 5.33 -2.67 9.68
N PHE B 174 5.34 -3.81 8.99
CA PHE B 174 5.57 -3.76 7.54
C PHE B 174 4.46 -2.99 6.83
N ARG B 175 3.23 -3.04 7.36
CA ARG B 175 2.16 -2.23 6.76
C ARG B 175 2.50 -0.75 6.79
N PHE B 176 3.07 -0.29 7.91
CA PHE B 176 3.51 1.10 8.02
C PHE B 176 4.65 1.38 7.05
N ARG B 177 5.55 0.41 6.84
CA ARG B 177 6.77 0.64 6.06
C ARG B 177 6.53 0.75 4.56
N VAL B 178 5.43 0.19 4.02
CA VAL B 178 5.11 0.34 2.59
C VAL B 178 5.27 1.79 2.16
N THR B 179 4.76 2.72 2.97
CA THR B 179 4.94 4.13 2.70
C THR B 179 6.22 4.65 3.32
N ASP B 180 6.45 4.34 4.60
CA ASP B 180 7.45 5.08 5.36
C ASP B 180 8.88 4.83 4.85
N ILE B 181 9.22 3.59 4.51
CA ILE B 181 10.57 3.36 3.99
C ILE B 181 10.78 4.03 2.63
N GLY B 182 9.70 4.37 1.94
CA GLY B 182 9.79 5.07 0.68
C GLY B 182 9.63 4.22 -0.57
N VAL B 183 9.27 2.94 -0.45
CA VAL B 183 9.27 2.09 -1.64
C VAL B 183 8.05 2.38 -2.55
N ASP B 184 6.91 2.79 -1.99
CA ASP B 184 5.81 3.20 -2.87
C ASP B 184 6.21 4.41 -3.69
N PHE B 185 6.80 5.42 -3.05
CA PHE B 185 7.44 6.54 -3.72
C PHE B 185 8.40 6.07 -4.81
N TRP B 186 9.25 5.10 -4.48
CA TRP B 186 10.25 4.61 -5.43
C TRP B 186 9.61 4.05 -6.69
N MET B 187 8.62 3.17 -6.53
CA MET B 187 7.96 2.57 -7.68
C MET B 187 7.29 3.62 -8.57
N LYS B 188 6.63 4.60 -7.96
CA LYS B 188 5.81 5.55 -8.70
C LYS B 188 6.66 6.61 -9.40
N MET B 189 7.92 6.80 -9.01
CA MET B 189 8.82 7.63 -9.79
C MET B 189 9.74 6.82 -10.68
N SER B 190 9.82 5.51 -10.49
CA SER B 190 10.72 4.68 -11.29
C SER B 190 10.07 4.12 -12.55
N TYR B 191 8.74 3.98 -12.59
CA TYR B 191 8.11 3.31 -13.73
C TYR B 191 8.44 3.98 -15.07
N PRO B 192 8.61 5.30 -15.18
CA PRO B 192 8.97 5.87 -16.50
C PRO B 192 10.36 5.49 -16.97
N ILE B 193 11.20 4.95 -16.10
CA ILE B 193 12.51 4.50 -16.54
C ILE B 193 12.35 3.32 -17.49
N TYR B 194 11.28 2.55 -17.34
CA TYR B 194 11.17 1.26 -18.01
C TYR B 194 10.11 1.21 -19.11
N ARG B 195 9.10 2.08 -19.06
CA ARG B 195 8.01 2.05 -20.06
C ARG B 195 7.48 0.63 -20.26
N HIS B 196 7.42 -0.14 -19.17
CA HIS B 196 6.82 -1.47 -19.21
C HIS B 196 5.40 -1.39 -18.69
N PRO B 197 4.38 -1.70 -19.52
CA PRO B 197 2.98 -1.59 -19.06
C PRO B 197 2.66 -2.32 -17.77
N GLU B 198 3.00 -3.61 -17.66
CA GLU B 198 2.74 -4.34 -16.42
C GLU B 198 3.34 -3.61 -15.22
N PHE B 199 4.61 -3.25 -15.32
CA PHE B 199 5.29 -2.64 -14.17
C PHE B 199 4.65 -1.29 -13.85
N THR B 200 4.25 -0.56 -14.88
CA THR B 200 3.59 0.71 -14.65
C THR B 200 2.31 0.52 -13.84
N GLU B 201 1.53 -0.52 -14.15
CA GLU B 201 0.31 -0.75 -13.40
C GLU B 201 0.62 -1.17 -11.96
N HIS B 202 1.56 -2.11 -11.78
CA HIS B 202 1.90 -2.57 -10.44
C HIS B 202 2.42 -1.41 -9.59
N ALA B 203 3.16 -0.48 -10.19
CA ALA B 203 3.59 0.72 -9.46
C ALA B 203 2.38 1.55 -9.02
N LYS B 204 1.42 1.76 -9.94
CA LYS B 204 0.30 2.65 -9.66
C LYS B 204 -0.70 2.03 -8.68
N THR B 205 -0.80 0.70 -8.61
CA THR B 205 -1.64 0.09 -7.58
C THR B 205 -0.93 -0.04 -6.23
N SER B 206 0.39 0.19 -6.19
CA SER B 206 1.24 -0.09 -5.04
C SER B 206 1.46 -1.58 -4.81
N LEU B 207 0.94 -2.45 -5.68
CA LEU B 207 1.28 -3.87 -5.55
C LEU B 207 2.79 -4.06 -5.61
N ALA B 208 3.47 -3.31 -6.46
CA ALA B 208 4.92 -3.43 -6.56
C ALA B 208 5.59 -3.06 -5.24
N ALA B 209 5.23 -1.91 -4.67
CA ALA B 209 5.76 -1.55 -3.36
C ALA B 209 5.48 -2.63 -2.33
N ARG B 210 4.26 -3.17 -2.31
CA ARG B 210 3.89 -4.16 -1.29
C ARG B 210 4.68 -5.44 -1.43
N MET B 211 5.02 -5.84 -2.66
CA MET B 211 5.78 -7.07 -2.89
C MET B 211 7.21 -6.96 -2.40
N THR B 212 7.82 -5.76 -2.49
CA THR B 212 9.22 -5.55 -2.17
C THR B 212 9.46 -4.92 -0.80
N THR B 213 8.39 -4.58 -0.06
CA THR B 213 8.57 -3.88 1.22
C THR B 213 9.43 -4.68 2.18
N ARG B 214 9.10 -5.96 2.39
CA ARG B 214 9.79 -6.73 3.43
C ARG B 214 11.24 -6.96 3.06
N GLY B 215 11.53 -7.27 1.80
CA GLY B 215 12.91 -7.53 1.41
C GLY B 215 13.80 -6.30 1.57
N LEU B 216 13.26 -5.12 1.31
CA LEU B 216 14.00 -3.88 1.52
C LEU B 216 14.09 -3.54 3.01
N THR B 217 12.99 -3.70 3.73
CA THR B 217 12.91 -3.20 5.09
C THR B 217 13.72 -4.09 6.03
N ILE B 218 13.66 -5.41 5.82
CA ILE B 218 14.37 -6.30 6.72
C ILE B 218 15.87 -6.08 6.61
N VAL B 219 16.37 -5.94 5.38
CA VAL B 219 17.78 -5.68 5.16
C VAL B 219 18.17 -4.33 5.75
N ASN B 220 17.38 -3.29 5.48
CA ASN B 220 17.75 -1.98 5.98
C ASN B 220 17.66 -1.92 7.50
N ASP B 221 16.67 -2.59 8.08
CA ASP B 221 16.52 -2.53 9.54
C ASP B 221 17.74 -3.16 10.22
N PHE B 222 18.21 -4.31 9.72
CA PHE B 222 19.34 -4.97 10.37
C PHE B 222 20.56 -4.04 10.41
N TYR B 223 20.93 -3.50 9.26
CA TYR B 223 22.13 -2.70 9.15
C TYR B 223 21.98 -1.26 9.64
N SER B 224 20.76 -0.77 9.89
CA SER B 224 20.61 0.58 10.45
C SER B 224 20.07 0.57 11.87
N TYR B 225 19.89 -0.61 12.46
CA TYR B 225 19.44 -0.74 13.84
C TYR B 225 20.31 0.08 14.79
N ASP B 226 21.63 0.00 14.66
CA ASP B 226 22.50 0.66 15.63
C ASP B 226 22.40 2.18 15.53
N ARG B 227 22.40 2.72 14.30
CA ARG B 227 22.21 4.15 14.15
C ARG B 227 20.90 4.60 14.75
N GLU B 228 19.82 3.84 14.49
CA GLU B 228 18.48 4.30 14.86
C GLU B 228 18.22 4.21 16.36
N VAL B 229 18.66 3.12 17.01
CA VAL B 229 18.44 3.04 18.45
C VAL B 229 19.16 4.17 19.17
N SER B 230 20.39 4.50 18.73
CA SER B 230 21.10 5.60 19.37
C SER B 230 20.31 6.90 19.25
N LEU B 231 19.86 7.25 18.03
CA LEU B 231 18.99 8.40 17.81
C LEU B 231 17.60 8.21 18.40
N GLY B 232 17.33 7.08 19.05
CA GLY B 232 16.02 6.84 19.60
C GLY B 232 14.91 6.64 18.58
N GLN B 233 15.22 6.36 17.33
CA GLN B 233 14.20 6.10 16.33
C GLN B 233 13.65 4.69 16.50
N ILE B 234 12.32 4.57 16.46
CA ILE B 234 11.65 3.32 16.83
C ILE B 234 11.17 2.52 15.63
N THR B 235 11.42 2.99 14.41
CA THR B 235 10.88 2.35 13.20
C THR B 235 11.93 1.38 12.66
N ASN B 236 11.83 0.14 13.11
CA ASN B 236 12.81 -0.89 12.82
C ASN B 236 12.30 -2.19 13.43
N CYS B 237 12.15 -3.25 12.61
CA CYS B 237 11.46 -4.45 13.08
C CYS B 237 12.23 -5.18 14.17
N PHE B 238 13.56 -5.07 14.20
CA PHE B 238 14.30 -5.80 15.23
C PHE B 238 14.09 -5.25 16.64
N ARG B 239 13.45 -4.08 16.78
CA ARG B 239 12.93 -3.65 18.08
C ARG B 239 11.80 -4.55 18.59
N LEU B 240 11.20 -5.39 17.74
CA LEU B 240 10.17 -6.30 18.20
C LEU B 240 10.74 -7.53 18.91
N CYS B 241 12.06 -7.62 19.06
CA CYS B 241 12.68 -8.77 19.69
C CYS B 241 13.81 -8.33 20.60
N ASP B 242 14.30 -9.29 21.40
CA ASP B 242 15.38 -9.10 22.36
C ASP B 242 16.70 -9.43 21.67
N VAL B 243 17.32 -8.44 21.04
CA VAL B 243 18.49 -8.77 20.24
C VAL B 243 19.67 -9.14 21.14
N SER B 244 19.61 -8.77 22.42
CA SER B 244 20.58 -9.28 23.39
C SER B 244 20.45 -10.78 23.60
N ASP B 245 19.21 -11.32 23.68
CA ASP B 245 19.00 -12.76 23.73
C ASP B 245 19.44 -13.33 22.39
N GLU B 246 20.42 -14.22 22.41
CA GLU B 246 20.89 -14.81 21.16
C GLU B 246 19.82 -15.73 20.57
N THR B 247 19.13 -16.47 21.43
CA THR B 247 18.15 -17.43 20.94
C THR B 247 16.93 -16.74 20.37
N ALA B 248 16.46 -15.68 21.06
CA ALA B 248 15.31 -14.93 20.56
C ALA B 248 15.65 -14.21 19.25
N PHE B 249 16.84 -13.59 19.17
CA PHE B 249 17.24 -12.94 17.94
C PHE B 249 17.26 -13.91 16.78
N LYS B 250 17.67 -15.16 17.02
CA LYS B 250 17.85 -16.07 15.89
C LYS B 250 16.50 -16.57 15.35
N GLU B 251 15.58 -17.00 16.23
CA GLU B 251 14.23 -17.32 15.76
C GLU B 251 13.65 -16.16 14.97
N PHE B 252 13.74 -14.95 15.53
CA PHE B 252 13.20 -13.77 14.86
C PHE B 252 13.85 -13.57 13.50
N PHE B 253 15.20 -13.50 13.47
CA PHE B 253 15.89 -13.32 12.21
C PHE B 253 15.51 -14.40 11.20
N GLN B 254 15.35 -15.64 11.66
CA GLN B 254 14.92 -16.71 10.77
C GLN B 254 13.53 -16.43 10.19
N ALA B 255 12.60 -15.96 11.01
CA ALA B 255 11.26 -15.67 10.51
C ALA B 255 11.28 -14.55 9.49
N ARG B 256 12.13 -13.54 9.67
CA ARG B 256 12.24 -12.47 8.68
C ARG B 256 12.88 -12.98 7.38
N LEU B 257 13.81 -13.94 7.48
CA LEU B 257 14.34 -14.56 6.27
C LEU B 257 13.26 -15.31 5.51
N ASP B 258 12.42 -16.08 6.22
CA ASP B 258 11.28 -16.75 5.57
C ASP B 258 10.36 -15.73 4.90
N ASP B 259 10.07 -14.61 5.57
CA ASP B 259 9.28 -13.55 4.93
C ASP B 259 9.90 -13.13 3.60
N MET B 260 11.20 -12.86 3.60
CA MET B 260 11.88 -12.47 2.37
C MET B 260 11.74 -13.55 1.30
N ILE B 261 11.92 -14.81 1.69
CA ILE B 261 11.92 -15.88 0.71
C ILE B 261 10.54 -16.07 0.12
N GLU B 262 9.49 -16.00 0.95
CA GLU B 262 8.14 -16.13 0.43
C GLU B 262 7.81 -15.02 -0.56
N ASP B 263 8.18 -13.78 -0.23
CA ASP B 263 7.99 -12.67 -1.14
C ASP B 263 8.72 -12.91 -2.46
N ILE B 264 9.99 -13.31 -2.40
CA ILE B 264 10.79 -13.48 -3.61
C ILE B 264 10.17 -14.56 -4.49
N GLU B 265 9.76 -15.67 -3.88
CA GLU B 265 9.17 -16.76 -4.65
C GLU B 265 7.85 -16.34 -5.29
N CYS B 266 7.06 -15.49 -4.62
CA CYS B 266 5.84 -15.01 -5.27
C CYS B 266 6.16 -13.97 -6.34
N ILE B 267 7.26 -13.22 -6.19
CA ILE B 267 7.67 -12.25 -7.19
C ILE B 267 7.98 -12.93 -8.52
N LYS B 268 8.45 -14.17 -8.46
CA LYS B 268 8.76 -14.89 -9.69
C LYS B 268 7.51 -15.28 -10.46
N ALA B 269 6.33 -15.09 -9.89
CA ALA B 269 5.11 -15.30 -10.66
C ALA B 269 4.73 -14.08 -11.50
N PHE B 270 5.41 -12.94 -11.34
CA PHE B 270 5.16 -11.80 -12.21
C PHE B 270 5.88 -11.99 -13.55
N ASP B 271 5.53 -11.18 -14.55
CA ASP B 271 6.20 -11.29 -15.85
C ASP B 271 7.70 -11.03 -15.67
N GLN B 272 8.46 -11.51 -16.65
CA GLN B 272 9.91 -11.61 -16.47
C GLN B 272 10.57 -10.24 -16.30
N LEU B 273 10.13 -9.25 -17.06
CA LEU B 273 10.72 -7.91 -16.88
C LEU B 273 10.40 -7.36 -15.49
N THR B 274 9.15 -7.48 -15.04
CA THR B 274 8.75 -6.90 -13.75
C THR B 274 9.53 -7.54 -12.61
N GLN B 275 9.60 -8.87 -12.59
CA GLN B 275 10.32 -9.53 -11.50
C GLN B 275 11.81 -9.23 -11.54
N ASP B 276 12.39 -9.07 -12.74
CA ASP B 276 13.78 -8.63 -12.84
C ASP B 276 13.99 -7.35 -12.04
N VAL B 277 13.09 -6.38 -12.24
CA VAL B 277 13.18 -5.09 -11.57
C VAL B 277 12.97 -5.23 -10.07
N PHE B 278 11.95 -6.01 -9.67
CA PHE B 278 11.70 -6.21 -8.23
C PHE B 278 12.92 -6.81 -7.54
N LEU B 279 13.49 -7.85 -8.15
CA LEU B 279 14.61 -8.54 -7.51
C LEU B 279 15.89 -7.71 -7.55
N ASP B 280 16.13 -6.99 -8.64
CA ASP B 280 17.25 -6.05 -8.65
C ASP B 280 17.12 -5.00 -7.56
N LEU B 281 15.89 -4.56 -7.26
CA LEU B 281 15.71 -3.61 -6.16
C LEU B 281 16.04 -4.24 -4.81
N ILE B 282 15.52 -5.44 -4.54
CA ILE B 282 15.78 -6.06 -3.25
C ILE B 282 17.25 -6.41 -3.11
N TYR B 283 17.81 -7.09 -4.11
CA TYR B 283 19.20 -7.55 -4.07
C TYR B 283 20.17 -6.37 -4.19
N GLY B 284 19.89 -5.43 -5.09
CA GLY B 284 20.74 -4.26 -5.20
C GLY B 284 20.80 -3.45 -3.92
N ASN B 285 19.66 -3.23 -3.26
CA ASN B 285 19.67 -2.52 -2.00
C ASN B 285 20.58 -3.23 -1.00
N PHE B 286 20.60 -4.57 -1.03
CA PHE B 286 21.45 -5.32 -0.13
C PHE B 286 22.93 -5.17 -0.51
N VAL B 287 23.24 -5.06 -1.79
CA VAL B 287 24.63 -4.87 -2.16
C VAL B 287 25.08 -3.47 -1.80
N TRP B 288 24.27 -2.47 -2.11
CA TRP B 288 24.57 -1.10 -1.67
C TRP B 288 24.72 -1.03 -0.17
N THR B 289 23.70 -1.49 0.55
CA THR B 289 23.70 -1.37 2.00
C THR B 289 24.97 -1.94 2.60
N THR B 290 25.35 -3.16 2.23
CA THR B 290 26.50 -3.80 2.86
C THR B 290 27.84 -3.45 2.20
N SER B 291 27.92 -2.39 1.42
CA SER B 291 29.19 -1.94 0.86
C SER B 291 29.33 -0.43 0.85
N ASN B 292 28.60 0.29 1.71
CA ASN B 292 28.52 1.73 1.64
C ASN B 292 28.74 2.38 3.00
N LYS B 293 29.37 3.56 2.95
CA LYS B 293 29.68 4.35 4.15
C LYS B 293 28.48 4.47 5.09
N ARG B 294 27.27 4.64 4.54
CA ARG B 294 26.11 4.89 5.37
C ARG B 294 25.87 3.75 6.35
N TYR B 295 26.21 2.52 5.97
CA TYR B 295 25.98 1.38 6.85
C TYR B 295 27.29 0.73 7.30
N LYS B 296 28.40 1.47 7.28
CA LYS B 296 29.65 0.97 7.85
C LYS B 296 29.73 1.24 9.35
N THR B 297 29.42 2.46 9.76
CA THR B 297 29.37 2.79 11.18
C THR B 297 28.09 3.56 11.48
N ALA B 298 27.71 3.55 12.77
CA ALA B 298 26.45 4.15 13.19
C ALA B 298 26.42 5.65 12.90
N VAL B 299 27.47 6.38 13.29
CA VAL B 299 27.55 7.81 13.04
C VAL B 299 28.84 8.10 12.29
N ASN B 300 28.72 8.79 11.16
CA ASN B 300 29.86 9.21 10.35
C ASN B 300 29.41 10.41 9.51
N ASP B 301 30.26 10.84 8.57
CA ASP B 301 29.97 12.10 7.89
C ASP B 301 29.14 11.93 6.63
N VAL B 302 28.56 10.76 6.37
CA VAL B 302 27.53 10.64 5.35
C VAL B 302 26.16 10.26 5.91
N ASN B 303 26.07 9.81 7.16
CA ASN B 303 24.79 9.49 7.76
C ASN B 303 24.49 10.23 9.06
N SER B 304 25.32 11.19 9.45
CA SER B 304 25.13 11.95 10.66
C SER B 304 23.80 12.70 10.66
N ARG B 305 23.21 12.88 11.85
CA ARG B 305 21.97 13.66 11.96
C ARG B 305 22.17 15.10 11.50
N ILE B 306 21.46 15.47 10.42
CA ILE B 306 21.36 16.86 10.00
C ILE B 306 20.48 17.58 11.03
N GLN B 307 20.95 18.72 11.53
CA GLN B 307 20.33 19.34 12.71
C GLN B 307 19.79 20.74 12.39
N ALA B 308 18.94 21.22 13.29
CA ALA B 308 18.35 22.55 13.19
C ALA B 308 19.40 23.64 13.36
C2 AHD C . -16.27 -6.62 -5.34
C3 AHD C . -16.71 -5.15 -5.37
C7 AHD C . -17.33 -7.44 -4.61
C8 AHD C . -16.75 -8.66 -3.87
O12 AHD C . -19.33 -9.30 -3.91
P9 AHD C . -18.00 -9.96 -4.22
O10 AHD C . -17.87 -11.23 -3.45
O11 AHD C . -17.83 -10.29 -5.69
P14 AHD C . -15.08 -9.26 -4.41
O15 AHD C . -14.91 -9.38 -5.92
O16 AHD C . -14.95 -10.61 -3.75
O17 AHD C . -14.06 -8.30 -3.87
O13 AHD C . -16.67 -8.38 -2.51
N4 AHD C . -15.95 -4.45 -4.36
MG MG D . -16.54 -10.09 -7.06
MG MG E . -16.07 -11.92 -2.82
MG MG F . -13.83 -9.65 -7.29
C2 AHD G . 15.06 5.47 3.59
C3 AHD G . 15.10 6.64 2.60
C7 AHD G . 16.05 5.76 4.74
C8 AHD G . 16.15 4.55 5.66
O12 AHD G . 18.88 4.62 5.76
P9 AHD G . 17.70 4.63 6.69
O10 AHD G . 17.71 3.41 7.56
O11 AHD G . 17.64 5.90 7.49
P14 AHD G . 14.73 4.55 6.83
O15 AHD G . 14.64 5.90 7.47
O16 AHD G . 14.87 3.49 7.88
O17 AHD G . 13.49 4.21 6.01
O13 AHD G . 16.12 3.35 4.95
N4 AHD G . 14.16 6.41 1.51
MG MG H . 16.14 7.02 8.35
MG MG I . 12.50 6.63 6.19
MG MG J . 16.55 2.32 8.44
N SER A 16 -17.03 -27.65 -2.50
CA SER A 16 -17.05 -27.42 -1.07
C SER A 16 -17.89 -26.21 -0.73
N SER A 17 -18.13 -26.05 0.57
CA SER A 17 -19.04 -25.01 1.05
C SER A 17 -18.82 -24.84 2.55
N VAL A 18 -18.67 -23.58 2.97
CA VAL A 18 -18.63 -23.28 4.39
C VAL A 18 -20.02 -23.15 4.97
N ARG A 19 -21.08 -23.29 4.16
CA ARG A 19 -22.43 -23.14 4.69
C ARG A 19 -22.69 -23.98 5.95
N PRO A 20 -22.08 -25.17 6.15
CA PRO A 20 -22.30 -25.88 7.42
C PRO A 20 -21.82 -25.08 8.63
N TYR A 21 -20.98 -24.06 8.43
CA TYR A 21 -20.51 -23.19 9.50
C TYR A 21 -21.20 -21.84 9.53
N LEU A 22 -22.23 -21.62 8.71
CA LEU A 22 -22.73 -20.27 8.48
C LEU A 22 -23.28 -19.64 9.76
N GLU A 23 -24.24 -20.30 10.39
CA GLU A 23 -24.92 -19.69 11.54
C GLU A 23 -23.94 -19.42 12.68
N GLU A 24 -23.05 -20.37 12.95
CA GLU A 24 -22.12 -20.18 14.06
C GLU A 24 -21.15 -19.03 13.80
N CYS A 25 -20.55 -18.99 12.61
CA CYS A 25 -19.56 -17.97 12.33
C CYS A 25 -20.16 -16.57 12.33
N THR A 26 -21.40 -16.44 11.84
CA THR A 26 -22.09 -15.16 11.88
C THR A 26 -22.24 -14.67 13.31
N ARG A 27 -22.76 -15.53 14.18
CA ARG A 27 -22.86 -15.18 15.59
C ARG A 27 -21.50 -14.83 16.16
N ARG A 28 -20.45 -15.51 15.68
CA ARG A 28 -19.10 -15.28 16.20
C ARG A 28 -18.57 -13.92 15.77
N PHE A 29 -18.71 -13.58 14.49
CA PHE A 29 -18.39 -12.24 13.98
C PHE A 29 -19.06 -11.16 14.83
N GLN A 30 -20.39 -11.25 14.94
CA GLN A 30 -21.16 -10.27 15.69
C GLN A 30 -20.63 -10.13 17.10
N GLU A 31 -20.38 -11.27 17.75
CA GLU A 31 -19.78 -11.26 19.07
C GLU A 31 -18.52 -10.41 19.11
N MET A 32 -17.63 -10.60 18.12
CA MET A 32 -16.40 -9.83 18.06
C MET A 32 -16.68 -8.33 17.87
N PHE A 33 -17.65 -8.00 17.02
CA PHE A 33 -17.98 -6.59 16.81
C PHE A 33 -18.61 -5.97 18.05
N ASP A 34 -19.55 -6.67 18.69
CA ASP A 34 -20.07 -6.18 19.96
C ASP A 34 -18.95 -5.89 20.94
N ARG A 35 -17.94 -6.76 21.00
CA ARG A 35 -16.93 -6.61 22.05
C ARG A 35 -15.91 -5.54 21.71
N HIS A 36 -15.36 -5.58 20.50
CA HIS A 36 -14.20 -4.77 20.17
C HIS A 36 -14.54 -3.46 19.46
N VAL A 37 -15.70 -3.34 18.83
CA VAL A 37 -16.10 -2.12 18.13
C VAL A 37 -17.27 -1.42 18.83
N VAL A 38 -18.27 -2.20 19.27
CA VAL A 38 -19.40 -1.78 20.10
C VAL A 38 -20.33 -0.87 19.31
N THR A 39 -19.91 0.38 19.13
CA THR A 39 -20.62 1.35 18.32
C THR A 39 -21.14 0.79 17.01
N ARG A 40 -22.46 0.67 16.89
CA ARG A 40 -23.04 0.11 15.69
C ARG A 40 -23.12 1.17 14.59
N PRO A 41 -22.86 0.79 13.35
CA PRO A 41 -23.02 1.73 12.23
C PRO A 41 -24.48 2.13 12.05
N THR A 42 -24.68 3.32 11.47
CA THR A 42 -26.03 3.77 11.10
C THR A 42 -26.08 4.04 9.60
N LYS A 43 -27.30 4.09 9.05
CA LYS A 43 -27.48 4.15 7.60
C LYS A 43 -27.76 5.57 7.12
N VAL A 44 -27.16 5.92 5.98
CA VAL A 44 -27.35 7.20 5.31
C VAL A 44 -28.72 7.20 4.64
N GLU A 45 -29.40 8.34 4.67
CA GLU A 45 -30.67 8.48 3.98
C GLU A 45 -30.56 9.53 2.92
N LEU A 46 -30.68 9.05 1.64
CA LEU A 46 -30.87 9.94 0.47
C LEU A 46 -32.30 10.42 0.37
N THR A 47 -32.49 11.75 0.21
CA THR A 47 -33.81 12.23 -0.20
C THR A 47 -34.07 11.67 -1.59
N ASP A 48 -35.32 11.74 -2.02
CA ASP A 48 -35.73 11.01 -3.20
C ASP A 48 -35.16 11.60 -4.48
N ALA A 49 -34.73 12.85 -4.45
CA ALA A 49 -33.97 13.41 -5.58
C ALA A 49 -32.50 12.99 -5.49
N GLU A 50 -31.97 12.93 -4.27
CA GLU A 50 -30.60 12.46 -4.10
C GLU A 50 -30.44 11.07 -4.71
N LEU A 51 -31.30 10.13 -4.31
CA LEU A 51 -31.18 8.76 -4.80
C LEU A 51 -31.27 8.69 -6.32
N ARG A 52 -32.16 9.48 -6.92
CA ARG A 52 -32.39 9.34 -8.35
C ARG A 52 -31.24 9.90 -9.16
N GLU A 53 -30.56 10.92 -8.66
CA GLU A 53 -29.32 11.35 -9.30
C GLU A 53 -28.38 10.16 -9.46
N VAL A 54 -28.21 9.38 -8.39
CA VAL A 54 -27.24 8.28 -8.36
C VAL A 54 -27.57 7.25 -9.45
N ILE A 55 -28.77 6.69 -9.40
CA ILE A 55 -29.05 5.53 -10.25
C ILE A 55 -29.20 5.93 -11.70
N ASP A 56 -29.51 7.20 -11.96
CA ASP A 56 -29.42 7.64 -13.35
C ASP A 56 -27.97 7.62 -13.82
N ASP A 57 -27.05 7.99 -12.94
CA ASP A 57 -25.64 7.95 -13.28
C ASP A 57 -25.16 6.51 -13.51
N CYS A 58 -25.56 5.57 -12.64
CA CYS A 58 -25.18 4.17 -12.84
C CYS A 58 -25.66 3.66 -14.19
N ASN A 59 -26.90 3.98 -14.56
CA ASN A 59 -27.44 3.46 -15.80
C ASN A 59 -26.66 4.00 -17.00
N ALA A 60 -26.29 5.28 -16.99
CA ALA A 60 -25.55 5.82 -18.13
C ALA A 60 -24.12 5.31 -18.17
N ALA A 61 -23.52 4.94 -17.01
CA ALA A 61 -22.13 4.48 -17.01
C ALA A 61 -22.01 3.08 -17.61
N VAL A 62 -22.95 2.19 -17.32
CA VAL A 62 -22.85 0.84 -17.87
C VAL A 62 -23.32 0.80 -19.30
N ALA A 63 -24.35 1.60 -19.63
CA ALA A 63 -25.01 1.56 -20.93
C ALA A 63 -24.07 1.39 -22.12
N PRO A 64 -22.99 2.15 -22.28
CA PRO A 64 -22.12 1.96 -23.45
C PRO A 64 -21.55 0.56 -23.58
N LEU A 65 -21.60 -0.25 -22.53
CA LEU A 65 -21.13 -1.63 -22.55
C LEU A 65 -22.19 -2.61 -23.02
N GLY A 66 -23.47 -2.21 -23.02
CA GLY A 66 -24.51 -3.00 -23.64
C GLY A 66 -25.41 -3.77 -22.71
N LYS A 67 -25.27 -3.62 -21.39
CA LYS A 67 -26.16 -4.27 -20.44
C LYS A 67 -26.86 -3.24 -19.58
N THR A 68 -28.06 -3.60 -19.16
CA THR A 68 -28.83 -2.81 -18.24
C THR A 68 -28.86 -3.55 -16.92
N VAL A 69 -29.32 -2.87 -15.89
CA VAL A 69 -29.35 -3.44 -14.54
C VAL A 69 -30.65 -2.97 -13.92
N SER A 70 -31.46 -3.92 -13.47
CA SER A 70 -32.73 -3.61 -12.82
C SER A 70 -32.53 -2.68 -11.64
N ASP A 71 -33.50 -1.79 -11.43
CA ASP A 71 -33.48 -0.92 -10.25
C ASP A 71 -33.29 -1.73 -8.98
N GLU A 72 -34.13 -2.74 -8.76
CA GLU A 72 -34.04 -3.55 -7.56
C GLU A 72 -32.62 -4.07 -7.38
N ARG A 73 -31.99 -4.47 -8.48
CA ARG A 73 -30.63 -5.00 -8.44
C ARG A 73 -29.60 -3.92 -8.13
N TRP A 74 -29.73 -2.72 -8.71
CA TRP A 74 -28.78 -1.66 -8.42
C TRP A 74 -28.76 -1.36 -6.93
N ILE A 75 -29.94 -1.31 -6.31
CA ILE A 75 -30.05 -0.81 -4.95
C ILE A 75 -29.53 -1.84 -3.95
N SER A 76 -29.71 -3.12 -4.23
CA SER A 76 -29.14 -4.14 -3.37
C SER A 76 -27.62 -4.19 -3.54
N TYR A 77 -27.09 -3.40 -4.49
CA TYR A 77 -25.64 -3.26 -4.65
C TYR A 77 -25.14 -1.96 -4.01
N VAL A 78 -25.97 -0.91 -4.04
CA VAL A 78 -25.64 0.34 -3.36
C VAL A 78 -25.81 0.21 -1.86
N GLY A 79 -26.26 -0.95 -1.39
CA GLY A 79 -26.41 -1.16 0.03
C GLY A 79 -25.10 -1.07 0.79
N VAL A 80 -24.00 -1.50 0.18
CA VAL A 80 -22.74 -1.43 0.94
C VAL A 80 -22.37 0.02 1.21
N VAL A 81 -22.64 0.92 0.28
CA VAL A 81 -22.31 2.34 0.50
C VAL A 81 -23.31 2.98 1.45
N LEU A 82 -24.59 2.62 1.35
CA LEU A 82 -25.57 3.13 2.30
C LEU A 82 -25.22 2.76 3.74
N TRP A 83 -24.72 1.54 3.95
CA TRP A 83 -24.52 1.01 5.30
C TRP A 83 -23.11 1.18 5.84
N SER A 84 -22.10 1.32 4.98
CA SER A 84 -20.71 1.20 5.43
C SER A 84 -19.94 2.51 5.35
N GLN A 85 -20.60 3.65 5.20
CA GLN A 85 -19.91 4.93 5.31
C GLN A 85 -19.99 5.34 6.78
N SER A 86 -19.91 6.64 7.07
CA SER A 86 -19.98 7.15 8.43
C SER A 86 -20.92 8.36 8.47
N PRO A 87 -22.22 8.14 8.64
CA PRO A 87 -23.16 9.28 8.61
C PRO A 87 -22.88 10.30 9.71
N ARG A 88 -22.14 9.93 10.76
CA ARG A 88 -21.80 10.89 11.79
C ARG A 88 -21.04 12.10 11.23
N HIS A 89 -20.08 11.87 10.33
CA HIS A 89 -19.20 12.96 9.91
C HIS A 89 -19.39 13.40 8.47
N ILE A 90 -20.41 12.91 7.75
CA ILE A 90 -20.51 13.21 6.33
C ILE A 90 -20.62 14.72 6.14
N LYS A 91 -19.75 15.29 5.30
CA LYS A 91 -19.79 16.71 5.01
C LYS A 91 -20.11 17.04 3.56
N ASP A 92 -19.94 16.09 2.63
CA ASP A 92 -20.20 16.36 1.21
C ASP A 92 -21.05 15.24 0.63
N MET A 93 -22.29 15.57 0.26
CA MET A 93 -23.21 14.59 -0.32
C MET A 93 -23.03 14.41 -1.82
N GLU A 94 -22.48 15.40 -2.51
CA GLU A 94 -22.04 15.16 -3.87
C GLU A 94 -20.92 14.11 -3.89
N ALA A 95 -20.00 14.20 -2.94
CA ALA A 95 -19.00 13.14 -2.82
C ALA A 95 -19.64 11.82 -2.45
N PHE A 96 -20.71 11.86 -1.65
CA PHE A 96 -21.39 10.64 -1.24
C PHE A 96 -22.04 9.94 -2.44
N LYS A 97 -22.73 10.70 -3.28
CA LYS A 97 -23.34 10.12 -4.47
C LYS A 97 -22.29 9.65 -5.47
N ALA A 98 -21.15 10.32 -5.52
CA ALA A 98 -20.04 9.82 -6.31
C ALA A 98 -19.69 8.39 -5.90
N VAL A 99 -19.49 8.17 -4.59
CA VAL A 99 -19.12 6.84 -4.10
C VAL A 99 -20.23 5.85 -4.36
N CYS A 100 -21.49 6.24 -4.08
CA CYS A 100 -22.63 5.40 -4.43
C CYS A 100 -22.56 4.95 -5.89
N VAL A 101 -22.32 5.89 -6.80
CA VAL A 101 -22.30 5.59 -8.22
C VAL A 101 -21.07 4.76 -8.60
N LEU A 102 -19.89 5.21 -8.16
CA LEU A 102 -18.64 4.51 -8.49
C LEU A 102 -18.65 3.09 -7.92
N ASN A 103 -19.25 2.90 -6.76
CA ASN A 103 -19.26 1.57 -6.14
C ASN A 103 -20.19 0.62 -6.87
N CYS A 104 -21.37 1.08 -7.30
CA CYS A 104 -22.30 0.20 -7.99
C CYS A 104 -21.74 -0.26 -9.33
N VAL A 105 -21.22 0.67 -10.14
CA VAL A 105 -20.74 0.26 -11.45
C VAL A 105 -19.52 -0.62 -11.30
N THR A 106 -18.77 -0.43 -10.21
CA THR A 106 -17.76 -1.38 -9.73
C THR A 106 -18.30 -2.81 -9.67
N PHE A 107 -19.37 -3.02 -8.90
CA PHE A 107 -19.98 -4.35 -8.83
C PHE A 107 -20.24 -4.91 -10.22
N VAL A 108 -20.80 -4.09 -11.12
CA VAL A 108 -21.14 -4.57 -12.45
C VAL A 108 -19.88 -5.04 -13.16
N TRP A 109 -18.84 -4.20 -13.17
CA TRP A 109 -17.57 -4.59 -13.76
C TRP A 109 -17.00 -5.84 -13.10
N ASP A 110 -17.28 -6.03 -11.81
CA ASP A 110 -16.74 -7.17 -11.06
C ASP A 110 -17.46 -8.47 -11.42
N ASP A 111 -18.75 -8.38 -11.76
CA ASP A 111 -19.52 -9.56 -12.13
C ASP A 111 -19.52 -9.85 -13.62
N MET A 112 -18.86 -9.03 -14.44
CA MET A 112 -18.97 -9.17 -15.88
C MET A 112 -17.87 -10.05 -16.47
N ASP A 113 -18.20 -10.68 -17.60
CA ASP A 113 -17.19 -11.37 -18.39
C ASP A 113 -16.16 -10.37 -18.88
N PRO A 114 -14.86 -10.71 -18.81
CA PRO A 114 -13.83 -9.75 -19.27
C PRO A 114 -14.06 -9.24 -20.70
N ALA A 115 -14.59 -10.08 -21.59
CA ALA A 115 -14.86 -9.64 -22.96
C ALA A 115 -15.85 -8.47 -22.98
N LEU A 116 -16.75 -8.39 -22.00
CA LEU A 116 -17.63 -7.23 -21.91
C LEU A 116 -16.92 -5.98 -21.42
N HIS A 117 -15.73 -6.12 -20.83
CA HIS A 117 -14.96 -4.97 -20.41
C HIS A 117 -14.52 -4.19 -21.63
N ASP A 118 -14.67 -2.88 -21.59
CA ASP A 118 -14.15 -2.02 -22.65
C ASP A 118 -13.77 -0.68 -22.04
N PHE A 119 -12.47 -0.49 -21.87
CA PHE A 119 -11.95 0.73 -21.27
C PHE A 119 -12.22 1.95 -22.16
N GLY A 120 -12.30 1.74 -23.47
CA GLY A 120 -12.58 2.85 -24.38
C GLY A 120 -13.89 3.54 -24.07
N LEU A 121 -14.91 2.77 -23.69
CA LEU A 121 -16.22 3.33 -23.39
C LEU A 121 -16.48 3.53 -21.89
N PHE A 122 -15.80 2.80 -21.02
CA PHE A 122 -16.15 2.92 -19.60
C PHE A 122 -15.31 3.99 -18.89
N LEU A 123 -14.00 4.00 -19.11
CA LEU A 123 -13.14 5.04 -18.57
C LEU A 123 -13.63 6.46 -18.82
N PRO A 124 -14.12 6.83 -20.01
CA PRO A 124 -14.73 8.16 -20.15
C PRO A 124 -15.90 8.39 -19.21
N GLN A 125 -16.73 7.38 -18.97
CA GLN A 125 -17.86 7.56 -18.05
C GLN A 125 -17.38 7.74 -16.61
N LEU A 126 -16.31 7.03 -16.23
CA LEU A 126 -15.74 7.21 -14.91
C LEU A 126 -15.26 8.64 -14.72
N ARG A 127 -14.54 9.17 -15.72
CA ARG A 127 -14.05 10.54 -15.60
C ARG A 127 -15.21 11.53 -15.52
N LYS A 128 -16.25 11.33 -16.35
CA LYS A 128 -17.44 12.18 -16.32
C LYS A 128 -18.05 12.23 -14.91
N ILE A 129 -18.27 11.06 -14.31
CA ILE A 129 -18.76 10.96 -12.94
C ILE A 129 -17.87 11.76 -11.98
N CYS A 130 -16.55 11.56 -12.05
CA CYS A 130 -15.65 12.22 -11.11
C CYS A 130 -15.71 13.74 -11.22
N GLU A 131 -15.77 14.27 -12.44
CA GLU A 131 -15.93 15.71 -12.58
C GLU A 131 -17.36 16.17 -12.29
N LYS A 132 -18.34 15.27 -12.33
CA LYS A 132 -19.71 15.67 -12.03
C LYS A 132 -19.90 15.96 -10.54
N TYR A 133 -18.97 15.51 -9.69
CA TYR A 133 -19.18 15.54 -8.25
C TYR A 133 -17.98 16.08 -7.44
N TYR A 134 -16.79 16.15 -8.02
CA TYR A 134 -15.59 16.48 -7.27
C TYR A 134 -14.96 17.77 -7.81
N GLY A 135 -14.16 18.44 -6.97
CA GLY A 135 -13.30 19.49 -7.45
C GLY A 135 -12.21 18.92 -8.35
N PRO A 136 -11.47 19.77 -9.07
CA PRO A 136 -10.52 19.23 -10.07
C PRO A 136 -9.42 18.36 -9.48
N GLU A 137 -8.88 18.71 -8.31
CA GLU A 137 -7.86 17.86 -7.70
C GLU A 137 -8.44 16.51 -7.32
N ASP A 138 -9.51 16.53 -6.53
CA ASP A 138 -10.15 15.29 -6.08
C ASP A 138 -10.62 14.43 -7.23
N ALA A 139 -11.13 15.04 -8.30
CA ALA A 139 -11.59 14.27 -9.44
C ALA A 139 -10.45 13.44 -10.03
N GLU A 140 -9.26 14.02 -10.12
CA GLU A 140 -8.09 13.27 -10.59
C GLU A 140 -7.80 12.09 -9.68
N VAL A 141 -7.85 12.31 -8.36
CA VAL A 141 -7.51 11.24 -7.43
C VAL A 141 -8.55 10.14 -7.49
N ALA A 142 -9.83 10.50 -7.49
CA ALA A 142 -10.88 9.50 -7.58
C ALA A 142 -10.81 8.73 -8.89
N TYR A 143 -10.60 9.44 -10.00
CA TYR A 143 -10.58 8.79 -11.31
C TYR A 143 -9.38 7.86 -11.45
N GLU A 144 -8.19 8.30 -11.05
CA GLU A 144 -7.02 7.40 -11.11
C GLU A 144 -7.28 6.12 -10.34
N ALA A 145 -7.86 6.22 -9.15
CA ALA A 145 -8.16 5.03 -8.34
C ALA A 145 -9.23 4.17 -8.99
N ALA A 146 -10.23 4.77 -9.62
CA ALA A 146 -11.22 4.00 -10.37
C ALA A 146 -10.57 3.25 -11.52
N ARG A 147 -9.77 3.96 -12.31
CA ARG A 147 -9.04 3.34 -13.42
C ARG A 147 -8.18 2.18 -12.92
N ALA A 148 -7.45 2.39 -11.82
CA ALA A 148 -6.56 1.36 -11.30
C ALA A 148 -7.34 0.13 -10.86
N PHE A 149 -8.49 0.31 -10.22
CA PHE A 149 -9.28 -0.83 -9.77
C PHE A 149 -9.81 -1.65 -10.95
N VAL A 150 -10.39 -1.00 -11.96
CA VAL A 150 -11.01 -1.78 -13.02
C VAL A 150 -9.93 -2.44 -13.88
N THR A 151 -8.80 -1.76 -14.07
CA THR A 151 -7.66 -2.35 -14.76
C THR A 151 -7.09 -3.54 -14.00
N SER A 152 -7.02 -3.46 -12.67
CA SER A 152 -6.54 -4.60 -11.88
C SER A 152 -7.47 -5.78 -12.02
N ASP A 153 -8.78 -5.57 -11.81
CA ASP A 153 -9.72 -6.68 -11.95
C ASP A 153 -9.58 -7.36 -13.31
N HIS A 154 -9.40 -6.56 -14.36
CA HIS A 154 -9.25 -7.13 -15.71
C HIS A 154 -7.92 -7.86 -15.86
N MET A 155 -6.80 -7.20 -15.52
CA MET A 155 -5.51 -7.81 -15.85
C MET A 155 -5.19 -9.00 -14.96
N PHE A 156 -5.98 -9.24 -13.90
CA PHE A 156 -5.73 -10.42 -13.08
C PHE A 156 -6.69 -11.58 -13.36
N ARG A 157 -7.58 -11.47 -14.34
CA ARG A 157 -8.35 -12.65 -14.73
C ARG A 157 -7.39 -13.69 -15.32
N ASP A 158 -7.33 -14.86 -14.68
CA ASP A 158 -6.50 -15.98 -15.12
C ASP A 158 -5.01 -15.62 -15.16
N SER A 159 -4.53 -14.84 -14.12
CA SER A 159 -3.13 -14.37 -14.04
C SER A 159 -2.31 -15.19 -13.06
N PRO A 160 -1.19 -15.79 -13.50
CA PRO A 160 -0.33 -16.51 -12.55
C PRO A 160 0.01 -15.73 -11.29
N ILE A 161 0.09 -14.40 -11.37
CA ILE A 161 0.29 -13.59 -10.17
C ILE A 161 -0.85 -13.84 -9.18
N LYS A 162 -2.09 -13.75 -9.66
CA LYS A 162 -3.23 -13.93 -8.77
C LYS A 162 -3.22 -15.33 -8.14
N ALA A 163 -2.90 -16.34 -8.95
CA ALA A 163 -2.82 -17.70 -8.42
C ALA A 163 -1.77 -17.82 -7.33
N ALA A 164 -0.56 -17.30 -7.59
CA ALA A 164 0.49 -17.37 -6.58
C ALA A 164 0.09 -16.62 -5.31
N LEU A 165 -0.52 -15.44 -5.45
CA LEU A 165 -0.78 -14.61 -4.28
C LEU A 165 -1.98 -15.11 -3.48
N CYS A 166 -2.87 -15.89 -4.10
CA CYS A 166 -4.05 -16.39 -3.40
C CYS A 166 -3.84 -17.73 -2.73
N THR A 167 -2.88 -18.51 -3.20
CA THR A 167 -2.69 -19.85 -2.68
C THR A 167 -1.43 -19.98 -1.83
N THR A 168 -0.69 -18.90 -1.61
CA THR A 168 0.57 -19.08 -0.88
C THR A 168 0.40 -18.99 0.63
N SER A 169 -0.07 -17.85 1.13
CA SER A 169 -0.28 -17.63 2.54
C SER A 169 -1.35 -16.56 2.71
N PRO A 170 -2.02 -16.49 3.87
CA PRO A 170 -2.93 -15.36 4.10
C PRO A 170 -2.29 -14.02 3.79
N GLU A 171 -1.00 -13.86 4.12
CA GLU A 171 -0.38 -12.54 4.01
C GLU A 171 -0.08 -12.18 2.57
N GLN A 172 0.26 -13.15 1.72
CA GLN A 172 0.31 -12.85 0.30
C GLN A 172 -1.07 -12.45 -0.21
N TYR A 173 -2.09 -13.15 0.27
CA TYR A 173 -3.44 -12.96 -0.22
C TYR A 173 -3.97 -11.57 0.13
N PHE A 174 -3.91 -11.19 1.41
CA PHE A 174 -4.41 -9.88 1.80
C PHE A 174 -3.64 -8.76 1.11
N ARG A 175 -2.35 -8.98 0.82
CA ARG A 175 -1.59 -8.01 0.05
C ARG A 175 -2.23 -7.74 -1.32
N PHE A 176 -2.68 -8.81 -1.99
CA PHE A 176 -3.38 -8.63 -3.26
C PHE A 176 -4.68 -7.88 -3.05
N ARG A 177 -5.43 -8.23 -2.00
CA ARG A 177 -6.76 -7.70 -1.77
C ARG A 177 -6.79 -6.21 -1.44
N VAL A 178 -5.67 -5.63 -0.98
CA VAL A 178 -5.63 -4.17 -0.76
C VAL A 178 -6.13 -3.43 -1.99
N THR A 179 -5.66 -3.83 -3.16
CA THR A 179 -6.20 -3.28 -4.40
C THR A 179 -7.46 -4.01 -4.80
N ASP A 180 -7.45 -5.33 -4.75
CA ASP A 180 -8.42 -6.09 -5.55
C ASP A 180 -9.82 -6.03 -4.94
N ILE A 181 -9.93 -5.95 -3.61
CA ILE A 181 -11.26 -5.82 -3.02
C ILE A 181 -11.84 -4.44 -3.27
N GLY A 182 -11.00 -3.46 -3.60
CA GLY A 182 -11.47 -2.12 -3.86
C GLY A 182 -11.40 -1.16 -2.69
N VAL A 183 -10.73 -1.54 -1.58
CA VAL A 183 -10.70 -0.64 -0.43
C VAL A 183 -9.77 0.54 -0.70
N ASP A 184 -8.69 0.34 -1.46
CA ASP A 184 -7.83 1.48 -1.77
C ASP A 184 -8.58 2.50 -2.61
N PHE A 185 -9.33 2.01 -3.62
CA PHE A 185 -10.28 2.82 -4.38
C PHE A 185 -11.26 3.53 -3.45
N TRP A 186 -11.92 2.77 -2.58
CA TRP A 186 -12.90 3.33 -1.64
C TRP A 186 -12.35 4.55 -0.90
N MET A 187 -11.17 4.41 -0.31
CA MET A 187 -10.61 5.49 0.48
C MET A 187 -10.28 6.72 -0.38
N LYS A 188 -9.79 6.49 -1.59
CA LYS A 188 -9.34 7.59 -2.43
C LYS A 188 -10.49 8.34 -3.11
N MET A 189 -11.68 7.75 -3.17
CA MET A 189 -12.85 8.48 -3.62
C MET A 189 -13.70 9.03 -2.48
N SER A 190 -13.72 8.34 -1.33
CA SER A 190 -14.55 8.70 -0.18
C SER A 190 -13.99 9.82 0.67
N TYR A 191 -12.68 10.08 0.66
CA TYR A 191 -12.14 11.11 1.52
C TYR A 191 -12.74 12.49 1.28
N PRO A 192 -13.11 12.90 0.05
CA PRO A 192 -13.86 14.16 -0.09
C PRO A 192 -15.15 14.19 0.71
N ILE A 193 -15.75 13.03 1.03
CA ILE A 193 -16.98 13.03 1.81
C ILE A 193 -16.77 13.74 3.15
N TYR A 194 -15.59 13.58 3.75
CA TYR A 194 -15.35 13.98 5.13
C TYR A 194 -14.46 15.20 5.29
N ARG A 195 -13.70 15.60 4.25
CA ARG A 195 -12.73 16.67 4.33
C ARG A 195 -11.99 16.69 5.67
N HIS A 196 -11.53 15.53 6.12
CA HIS A 196 -10.79 15.43 7.36
C HIS A 196 -9.31 15.28 7.04
N PRO A 197 -8.48 16.26 7.40
CA PRO A 197 -7.05 16.21 7.04
C PRO A 197 -6.39 14.84 7.23
N GLU A 198 -6.39 14.29 8.44
CA GLU A 198 -5.72 13.02 8.68
C GLU A 198 -6.26 11.93 7.75
N PHE A 199 -7.59 11.76 7.71
CA PHE A 199 -8.16 10.74 6.83
C PHE A 199 -7.67 10.91 5.40
N THR A 200 -7.58 12.15 4.92
CA THR A 200 -7.21 12.39 3.54
C THR A 200 -5.77 11.96 3.27
N GLU A 201 -4.84 12.27 4.18
CA GLU A 201 -3.46 11.86 3.97
C GLU A 201 -3.31 10.34 4.06
N HIS A 202 -3.91 9.73 5.09
CA HIS A 202 -3.94 8.27 5.18
C HIS A 202 -4.60 7.63 3.96
N ALA A 203 -5.58 8.29 3.35
CA ALA A 203 -6.17 7.76 2.14
C ALA A 203 -5.17 7.79 0.99
N LYS A 204 -4.40 8.88 0.89
CA LYS A 204 -3.48 9.07 -0.22
C LYS A 204 -2.20 8.26 -0.08
N THR A 205 -1.77 7.94 1.15
CA THR A 205 -0.68 6.98 1.33
C THR A 205 -1.12 5.54 1.16
N SER A 206 -2.43 5.28 1.19
CA SER A 206 -3.06 3.96 1.26
C SER A 206 -2.88 3.28 2.61
N LEU A 207 -2.31 3.97 3.60
CA LEU A 207 -2.34 3.40 4.96
C LEU A 207 -3.77 3.09 5.38
N ALA A 208 -4.72 3.95 5.00
CA ALA A 208 -6.12 3.72 5.38
C ALA A 208 -6.62 2.41 4.82
N ALA A 209 -6.40 2.18 3.52
CA ALA A 209 -6.80 0.91 2.92
C ALA A 209 -6.10 -0.26 3.60
N ARG A 210 -4.81 -0.10 3.91
CA ARG A 210 -4.07 -1.21 4.48
C ARG A 210 -4.59 -1.57 5.86
N MET A 211 -4.93 -0.55 6.67
CA MET A 211 -5.49 -0.80 7.99
C MET A 211 -6.80 -1.56 7.92
N THR A 212 -7.60 -1.32 6.88
CA THR A 212 -8.95 -1.86 6.82
C THR A 212 -9.06 -3.11 5.94
N THR A 213 -7.98 -3.53 5.28
CA THR A 213 -8.12 -4.59 4.27
C THR A 213 -8.66 -5.88 4.87
N ARG A 214 -8.07 -6.32 5.99
CA ARG A 214 -8.42 -7.65 6.49
C ARG A 214 -9.83 -7.67 7.07
N GLY A 215 -10.24 -6.61 7.75
CA GLY A 215 -11.58 -6.58 8.31
C GLY A 215 -12.66 -6.70 7.24
N LEU A 216 -12.48 -5.98 6.13
CA LEU A 216 -13.41 -6.04 5.01
C LEU A 216 -13.34 -7.39 4.31
N THR A 217 -12.12 -7.85 4.00
CA THR A 217 -11.93 -9.00 3.14
C THR A 217 -12.33 -10.31 3.82
N ILE A 218 -12.02 -10.45 5.12
CA ILE A 218 -12.37 -11.68 5.81
C ILE A 218 -13.88 -11.87 5.85
N VAL A 219 -14.61 -10.79 6.13
CA VAL A 219 -16.06 -10.86 6.14
C VAL A 219 -16.59 -11.22 4.75
N ASN A 220 -16.18 -10.47 3.73
CA ASN A 220 -16.64 -10.75 2.37
C ASN A 220 -16.29 -12.17 1.95
N ASP A 221 -15.09 -12.63 2.27
CA ASP A 221 -14.70 -13.97 1.83
C ASP A 221 -15.61 -15.02 2.46
N PHE A 222 -15.90 -14.90 3.75
CA PHE A 222 -16.67 -15.99 4.38
C PHE A 222 -18.03 -16.14 3.70
N TYR A 223 -18.77 -15.05 3.64
CA TYR A 223 -20.10 -15.12 3.07
C TYR A 223 -20.08 -15.46 1.59
N SER A 224 -19.22 -14.81 0.80
CA SER A 224 -19.22 -15.03 -0.64
C SER A 224 -18.47 -16.29 -1.05
N TYR A 225 -18.03 -17.10 -0.09
CA TYR A 225 -17.27 -18.30 -0.41
C TYR A 225 -18.05 -19.25 -1.33
N ASP A 226 -19.31 -19.53 -1.00
CA ASP A 226 -20.08 -20.51 -1.76
C ASP A 226 -20.28 -20.06 -3.21
N ARG A 227 -20.62 -18.78 -3.41
CA ARG A 227 -20.76 -18.27 -4.77
C ARG A 227 -19.47 -18.46 -5.56
N GLU A 228 -18.34 -17.98 -5.03
CA GLU A 228 -17.11 -17.97 -5.80
C GLU A 228 -16.55 -19.37 -6.01
N VAL A 229 -16.88 -20.31 -5.13
CA VAL A 229 -16.48 -21.69 -5.36
C VAL A 229 -17.29 -22.31 -6.49
N SER A 230 -18.60 -22.00 -6.52
CA SER A 230 -19.46 -22.55 -7.56
C SER A 230 -19.15 -21.94 -8.91
N LEU A 231 -18.80 -20.66 -8.93
CA LEU A 231 -18.27 -20.02 -10.13
C LEU A 231 -16.78 -20.29 -10.31
N GLY A 232 -16.18 -21.08 -9.44
CA GLY A 232 -14.81 -21.51 -9.65
C GLY A 232 -13.73 -20.50 -9.34
N GLN A 233 -14.08 -19.31 -8.88
CA GLN A 233 -13.11 -18.25 -8.59
C GLN A 233 -12.23 -18.62 -7.40
N ILE A 234 -11.02 -18.04 -7.33
CA ILE A 234 -10.05 -18.42 -6.31
C ILE A 234 -9.76 -17.32 -5.30
N THR A 235 -10.24 -16.10 -5.52
CA THR A 235 -9.85 -14.95 -4.68
C THR A 235 -10.69 -14.95 -3.40
N ASN A 236 -10.26 -15.78 -2.45
CA ASN A 236 -11.01 -16.00 -1.20
C ASN A 236 -10.10 -16.71 -0.20
N CYS A 237 -9.82 -16.06 0.93
CA CYS A 237 -8.85 -16.63 1.88
C CYS A 237 -9.28 -17.98 2.44
N PHE A 238 -10.58 -18.26 2.52
CA PHE A 238 -10.98 -19.54 3.08
C PHE A 238 -10.65 -20.71 2.16
N ARG A 239 -10.21 -20.46 0.93
CA ARG A 239 -9.66 -21.52 0.11
C ARG A 239 -8.28 -21.96 0.58
N LEU A 240 -7.67 -21.27 1.54
CA LEU A 240 -6.36 -21.64 2.03
C LEU A 240 -6.41 -22.67 3.15
N CYS A 241 -7.58 -23.02 3.66
CA CYS A 241 -7.67 -24.03 4.70
C CYS A 241 -8.63 -25.13 4.27
N ASP A 242 -8.56 -26.26 4.97
CA ASP A 242 -9.40 -27.41 4.61
C ASP A 242 -10.78 -27.19 5.22
N VAL A 243 -11.68 -26.68 4.38
CA VAL A 243 -13.01 -26.28 4.82
C VAL A 243 -13.90 -27.46 5.13
N SER A 244 -13.57 -28.65 4.59
CA SER A 244 -14.30 -29.85 4.97
C SER A 244 -13.85 -30.37 6.32
N ASP A 245 -12.64 -30.00 6.75
CA ASP A 245 -12.22 -30.31 8.11
C ASP A 245 -12.81 -29.28 9.06
N GLU A 246 -13.82 -29.66 9.84
CA GLU A 246 -14.46 -28.71 10.75
C GLU A 246 -13.52 -28.24 11.85
N THR A 247 -12.54 -29.07 12.23
CA THR A 247 -11.53 -28.63 13.17
C THR A 247 -10.65 -27.56 12.57
N ALA A 248 -9.93 -27.89 11.50
CA ALA A 248 -9.03 -26.94 10.87
C ALA A 248 -9.74 -25.66 10.46
N PHE A 249 -11.04 -25.75 10.17
CA PHE A 249 -11.79 -24.54 9.86
C PHE A 249 -11.84 -23.60 11.05
N LYS A 250 -12.29 -24.09 12.20
CA LYS A 250 -12.40 -23.21 13.38
C LYS A 250 -11.04 -22.64 13.76
N GLU A 251 -9.97 -23.43 13.60
CA GLU A 251 -8.63 -22.94 13.88
C GLU A 251 -8.26 -21.79 12.95
N PHE A 252 -8.54 -21.97 11.66
CA PHE A 252 -8.22 -20.94 10.69
C PHE A 252 -9.14 -19.73 10.84
N PHE A 253 -10.42 -19.98 11.11
CA PHE A 253 -11.35 -18.87 11.30
C PHE A 253 -10.94 -18.03 12.50
N GLN A 254 -10.46 -18.66 13.58
CA GLN A 254 -10.04 -17.86 14.73
C GLN A 254 -8.84 -16.99 14.39
N ALA A 255 -7.87 -17.51 13.62
CA ALA A 255 -6.72 -16.68 13.26
C ALA A 255 -7.15 -15.45 12.47
N ARG A 256 -8.13 -15.60 11.56
CA ARG A 256 -8.66 -14.43 10.85
C ARG A 256 -9.39 -13.47 11.79
N LEU A 257 -10.20 -14.01 12.70
CA LEU A 257 -10.80 -13.14 13.72
C LEU A 257 -9.72 -12.41 14.52
N ASP A 258 -8.64 -13.09 14.86
CA ASP A 258 -7.54 -12.44 15.57
C ASP A 258 -6.91 -11.35 14.70
N ASP A 259 -6.75 -11.62 13.40
CA ASP A 259 -6.31 -10.59 12.47
C ASP A 259 -7.19 -9.35 12.57
N MET A 260 -8.52 -9.54 12.50
CA MET A 260 -9.44 -8.42 12.60
C MET A 260 -9.26 -7.66 13.90
N ILE A 261 -9.15 -8.37 15.03
CA ILE A 261 -9.05 -7.71 16.34
C ILE A 261 -7.77 -6.89 16.43
N GLU A 262 -6.67 -7.42 15.90
CA GLU A 262 -5.40 -6.70 15.94
C GLU A 262 -5.45 -5.42 15.14
N ASP A 263 -6.00 -5.49 13.92
CA ASP A 263 -6.18 -4.31 13.09
C ASP A 263 -7.07 -3.29 13.80
N ILE A 264 -8.19 -3.75 14.37
CA ILE A 264 -9.15 -2.82 14.98
C ILE A 264 -8.52 -2.09 16.15
N GLU A 265 -7.90 -2.81 17.09
CA GLU A 265 -7.25 -2.13 18.22
C GLU A 265 -6.17 -1.16 17.72
N CYS A 266 -5.43 -1.51 16.66
CA CYS A 266 -4.46 -0.58 16.12
C CYS A 266 -5.13 0.63 15.46
N ILE A 267 -6.28 0.42 14.81
CA ILE A 267 -7.02 1.54 14.23
C ILE A 267 -7.42 2.54 15.31
N LYS A 268 -7.72 2.04 16.51
CA LYS A 268 -8.08 2.91 17.63
C LYS A 268 -6.94 3.81 18.09
N ALA A 269 -5.75 3.70 17.49
CA ALA A 269 -4.67 4.66 17.75
C ALA A 269 -4.67 5.80 16.75
N PHE A 270 -5.55 5.74 15.76
CA PHE A 270 -5.79 6.87 14.89
C PHE A 270 -6.67 7.89 15.61
N ASP A 271 -6.76 9.08 15.01
CA ASP A 271 -7.56 10.12 15.62
C ASP A 271 -9.03 9.72 15.57
N GLN A 272 -9.82 10.30 16.48
CA GLN A 272 -11.17 9.81 16.69
C GLN A 272 -12.00 9.84 15.41
N LEU A 273 -11.91 10.93 14.64
CA LEU A 273 -12.66 10.97 13.38
C LEU A 273 -12.16 9.89 12.41
N THR A 274 -10.84 9.73 12.28
CA THR A 274 -10.31 8.71 11.38
C THR A 274 -10.78 7.32 11.78
N GLN A 275 -10.60 6.96 13.06
CA GLN A 275 -11.02 5.65 13.54
C GLN A 275 -12.53 5.48 13.43
N ASP A 276 -13.26 6.60 13.47
CA ASP A 276 -14.70 6.50 13.20
C ASP A 276 -14.96 5.96 11.80
N VAL A 277 -14.34 6.55 10.78
CA VAL A 277 -14.61 6.06 9.43
C VAL A 277 -14.13 4.63 9.26
N PHE A 278 -12.91 4.33 9.72
CA PHE A 278 -12.34 2.99 9.56
C PHE A 278 -13.26 1.94 10.16
N LEU A 279 -13.66 2.11 11.42
CA LEU A 279 -14.51 1.11 12.05
C LEU A 279 -15.91 1.10 11.46
N ASP A 280 -16.48 2.28 11.16
CA ASP A 280 -17.77 2.32 10.49
C ASP A 280 -17.70 1.56 9.17
N LEU A 281 -16.56 1.64 8.47
CA LEU A 281 -16.40 0.89 7.23
C LEU A 281 -16.43 -0.61 7.48
N ILE A 282 -15.67 -1.08 8.47
CA ILE A 282 -15.54 -2.51 8.66
C ILE A 282 -16.84 -3.10 9.19
N TYR A 283 -17.38 -2.50 10.25
CA TYR A 283 -18.64 -2.97 10.82
C TYR A 283 -19.79 -2.70 9.85
N GLY A 284 -19.81 -1.52 9.24
CA GLY A 284 -20.83 -1.22 8.26
C GLY A 284 -20.89 -2.26 7.17
N ASN A 285 -19.71 -2.66 6.64
CA ASN A 285 -19.67 -3.70 5.61
C ASN A 285 -20.22 -5.01 6.13
N PHE A 286 -19.98 -5.33 7.40
CA PHE A 286 -20.50 -6.57 7.97
C PHE A 286 -22.02 -6.56 8.03
N VAL A 287 -22.62 -5.46 8.50
CA VAL A 287 -24.08 -5.38 8.54
C VAL A 287 -24.67 -5.52 7.15
N TRP A 288 -24.19 -4.72 6.21
CA TRP A 288 -24.70 -4.81 4.85
C TRP A 288 -24.57 -6.23 4.30
N THR A 289 -23.37 -6.82 4.42
CA THR A 289 -23.16 -8.17 3.94
C THR A 289 -24.10 -9.17 4.62
N THR A 290 -24.53 -8.88 5.86
CA THR A 290 -25.34 -9.85 6.60
C THR A 290 -26.85 -9.64 6.42
N SER A 291 -27.28 -8.50 5.90
CA SER A 291 -28.70 -8.24 5.69
C SER A 291 -29.11 -8.18 4.22
N ASN A 292 -28.43 -7.38 3.42
CA ASN A 292 -28.73 -7.22 2.01
C ASN A 292 -28.88 -8.56 1.28
N LYS A 293 -29.49 -8.51 0.09
CA LYS A 293 -29.72 -9.70 -0.73
C LYS A 293 -28.47 -10.20 -1.46
N ARG A 294 -27.47 -9.33 -1.70
CA ARG A 294 -26.32 -9.76 -2.48
C ARG A 294 -25.69 -11.03 -1.94
N TYR A 295 -25.75 -11.23 -0.62
CA TYR A 295 -25.22 -12.44 0.00
C TYR A 295 -26.31 -13.19 0.75
N LYS A 296 -27.39 -13.53 0.05
CA LYS A 296 -28.42 -14.43 0.56
C LYS A 296 -28.19 -15.88 0.16
N THR A 297 -27.55 -16.12 -0.99
CA THR A 297 -27.00 -17.41 -1.38
C THR A 297 -26.30 -17.23 -2.73
N ALA A 298 -25.75 -18.32 -3.26
CA ALA A 298 -24.82 -18.28 -4.40
C ALA A 298 -25.35 -17.50 -5.61
N ILE B 13 18.83 0.88 30.23
CA ILE B 13 18.75 0.86 28.78
C ILE B 13 19.85 1.80 28.21
N GLY B 14 20.42 1.45 27.05
CA GLY B 14 21.15 2.42 26.24
C GLY B 14 21.58 2.02 24.84
N ARG B 15 22.86 1.86 24.66
CA ARG B 15 23.49 1.55 23.38
C ARG B 15 23.09 0.17 22.83
N SER B 16 22.04 0.09 22.00
CA SER B 16 21.57 -1.20 21.47
C SER B 16 22.36 -1.60 20.23
N SER B 17 22.46 -2.90 19.99
CA SER B 17 23.33 -3.30 18.89
C SER B 17 23.08 -4.73 18.41
N VAL B 18 23.19 -4.91 17.10
CA VAL B 18 23.27 -6.21 16.47
C VAL B 18 24.68 -6.50 15.94
N ARG B 19 25.65 -5.71 16.38
CA ARG B 19 27.07 -5.95 16.07
C ARG B 19 27.49 -7.42 16.15
N PRO B 20 27.12 -8.20 17.18
CA PRO B 20 27.66 -9.58 17.25
C PRO B 20 27.21 -10.47 16.12
N TYR B 21 26.19 -10.07 15.38
CA TYR B 21 25.63 -10.90 14.32
C TYR B 21 26.03 -10.43 12.93
N LEU B 22 26.89 -9.42 12.85
CA LEU B 22 27.13 -8.77 11.57
C LEU B 22 27.49 -9.78 10.48
N GLU B 23 28.61 -10.47 10.67
CA GLU B 23 29.19 -11.23 9.58
C GLU B 23 28.38 -12.48 9.31
N GLU B 24 27.71 -13.03 10.31
CA GLU B 24 26.97 -14.25 10.07
C GLU B 24 25.64 -13.95 9.36
N CYS B 25 24.99 -12.84 9.72
CA CYS B 25 23.73 -12.50 9.08
C CYS B 25 23.96 -12.02 7.65
N THR B 26 25.03 -11.28 7.41
CA THR B 26 25.41 -10.94 6.04
C THR B 26 25.59 -12.21 5.22
N ARG B 27 26.24 -13.22 5.79
CA ARG B 27 26.38 -14.51 5.11
C ARG B 27 25.03 -15.18 4.90
N ARG B 28 24.17 -15.17 5.91
CA ARG B 28 22.84 -15.78 5.76
C ARG B 28 22.01 -15.03 4.71
N PHE B 29 22.07 -13.69 4.71
CA PHE B 29 21.41 -12.93 3.64
C PHE B 29 21.98 -13.35 2.28
N GLN B 30 23.32 -13.39 2.18
CA GLN B 30 23.98 -13.70 0.92
C GLN B 30 23.62 -15.09 0.42
N GLU B 31 23.65 -16.08 1.29
CA GLU B 31 23.29 -17.43 0.87
C GLU B 31 21.83 -17.49 0.45
N MET B 32 20.99 -16.62 1.00
CA MET B 32 19.57 -16.59 0.60
C MET B 32 19.42 -16.03 -0.81
N PHE B 33 20.10 -14.93 -1.12
CA PHE B 33 20.10 -14.41 -2.49
C PHE B 33 20.68 -15.43 -3.51
N ASP B 34 21.75 -16.15 -3.14
CA ASP B 34 22.35 -17.13 -4.07
C ASP B 34 21.41 -18.27 -4.38
N ARG B 35 20.58 -18.66 -3.41
CA ARG B 35 19.66 -19.76 -3.65
C ARG B 35 18.40 -19.28 -4.37
N HIS B 36 17.89 -18.11 -4.03
CA HIS B 36 16.53 -17.72 -4.42
C HIS B 36 16.45 -16.64 -5.48
N VAL B 37 17.48 -15.83 -5.68
CA VAL B 37 17.44 -14.77 -6.68
C VAL B 37 18.40 -15.04 -7.83
N VAL B 38 19.62 -15.48 -7.53
CA VAL B 38 20.57 -15.99 -8.52
C VAL B 38 21.23 -14.85 -9.29
N THR B 39 20.45 -14.11 -10.08
CA THR B 39 21.00 -12.97 -10.82
C THR B 39 21.60 -11.94 -9.88
N ARG B 40 22.88 -11.64 -10.07
CA ARG B 40 23.53 -10.60 -9.32
C ARG B 40 23.08 -9.23 -9.81
N PRO B 41 23.02 -8.23 -8.92
CA PRO B 41 22.76 -6.87 -9.36
C PRO B 41 24.02 -6.22 -9.93
N THR B 42 23.88 -5.66 -11.12
CA THR B 42 24.96 -4.98 -11.84
C THR B 42 24.73 -3.47 -11.77
N LYS B 43 25.72 -2.74 -11.29
CA LYS B 43 25.56 -1.32 -10.96
C LYS B 43 25.55 -0.44 -12.22
N VAL B 44 24.54 0.43 -12.31
CA VAL B 44 24.51 1.44 -13.36
C VAL B 44 25.69 2.39 -13.18
N GLU B 45 26.50 2.53 -14.23
CA GLU B 45 27.51 3.57 -14.22
C GLU B 45 26.90 4.79 -14.93
N LEU B 46 26.96 5.94 -14.26
CA LEU B 46 26.62 7.21 -14.90
C LEU B 46 27.93 7.82 -15.38
N THR B 47 27.93 8.38 -16.58
CA THR B 47 29.12 9.07 -17.02
C THR B 47 29.47 10.16 -16.02
N ASP B 48 30.72 10.62 -16.06
CA ASP B 48 31.21 11.60 -15.10
C ASP B 48 30.40 12.88 -15.21
N ALA B 49 29.69 13.03 -16.33
CA ALA B 49 28.82 14.15 -16.62
C ALA B 49 27.47 14.01 -15.94
N GLU B 50 26.67 13.00 -16.33
CA GLU B 50 25.34 12.81 -15.73
C GLU B 50 25.40 12.88 -14.22
N LEU B 51 26.35 12.16 -13.60
CA LEU B 51 26.47 12.19 -12.15
C LEU B 51 26.67 13.61 -11.65
N ARG B 52 27.36 14.44 -12.42
CA ARG B 52 27.50 15.85 -12.05
C ARG B 52 26.21 16.64 -12.26
N GLU B 53 25.46 16.38 -13.34
CA GLU B 53 24.13 16.99 -13.47
C GLU B 53 23.25 16.65 -12.28
N VAL B 54 23.26 15.38 -11.87
CA VAL B 54 22.40 14.93 -10.79
C VAL B 54 22.79 15.59 -9.48
N ILE B 55 24.10 15.58 -9.16
CA ILE B 55 24.55 16.13 -7.89
C ILE B 55 24.32 17.63 -7.84
N ASP B 56 24.72 18.34 -8.90
CA ASP B 56 24.41 19.75 -9.01
C ASP B 56 22.91 19.99 -8.92
N ASP B 57 22.12 19.04 -9.42
CA ASP B 57 20.67 19.15 -9.31
C ASP B 57 20.23 19.04 -7.85
N CYS B 58 20.78 18.07 -7.12
CA CYS B 58 20.37 17.83 -5.74
C CYS B 58 20.69 19.04 -4.86
N ASN B 59 21.84 19.67 -5.07
CA ASN B 59 22.18 20.86 -4.29
C ASN B 59 21.11 21.94 -4.44
N ALA B 60 20.66 22.20 -5.68
CA ALA B 60 19.69 23.27 -5.90
C ALA B 60 18.46 23.08 -5.04
N ALA B 61 18.00 21.84 -4.91
CA ALA B 61 16.71 21.62 -4.25
C ALA B 61 16.84 21.70 -2.73
N VAL B 62 17.98 21.30 -2.18
CA VAL B 62 18.16 21.47 -0.73
C VAL B 62 18.69 22.85 -0.39
N ALA B 63 19.23 23.59 -1.37
CA ALA B 63 19.72 24.94 -1.15
C ALA B 63 18.78 25.81 -0.34
N PRO B 64 17.46 25.73 -0.49
CA PRO B 64 16.60 26.49 0.42
C PRO B 64 16.66 26.03 1.86
N LEU B 65 16.67 24.73 2.13
CA LEU B 65 16.63 24.20 3.50
C LEU B 65 17.84 24.59 4.35
N GLY B 66 18.96 24.97 3.73
CA GLY B 66 19.96 25.75 4.42
C GLY B 66 21.11 25.01 5.07
N LYS B 67 21.59 23.92 4.46
CA LYS B 67 22.72 23.17 4.98
C LYS B 67 23.56 22.67 3.83
N THR B 68 24.84 23.02 3.82
CA THR B 68 25.76 22.40 2.86
C THR B 68 25.72 20.89 3.02
N VAL B 69 25.59 20.17 1.92
CA VAL B 69 25.79 18.73 1.95
C VAL B 69 26.75 18.36 0.83
N SER B 70 27.70 17.50 1.17
CA SER B 70 28.91 17.29 0.37
C SER B 70 28.68 16.28 -0.74
N ASP B 71 29.56 16.34 -1.74
CA ASP B 71 29.50 15.35 -2.82
C ASP B 71 29.62 13.94 -2.25
N GLU B 72 30.46 13.77 -1.22
CA GLU B 72 30.61 12.46 -0.58
C GLU B 72 29.27 11.96 -0.04
N ARG B 73 28.51 12.83 0.59
CA ARG B 73 27.24 12.45 1.20
C ARG B 73 26.16 12.24 0.13
N TRP B 74 26.12 13.12 -0.88
CA TRP B 74 25.23 12.90 -2.02
C TRP B 74 25.46 11.53 -2.62
N ILE B 75 26.73 11.17 -2.82
CA ILE B 75 27.08 9.94 -3.50
C ILE B 75 26.74 8.71 -2.65
N SER B 76 26.73 8.82 -1.33
CA SER B 76 26.25 7.70 -0.52
C SER B 76 24.75 7.52 -0.68
N TYR B 77 24.01 8.63 -0.66
CA TYR B 77 22.59 8.59 -1.02
C TYR B 77 22.40 7.94 -2.39
N VAL B 78 23.02 8.49 -3.43
CA VAL B 78 22.70 8.09 -4.78
C VAL B 78 23.06 6.64 -5.02
N GLY B 79 23.89 6.05 -4.16
CA GLY B 79 24.31 4.68 -4.38
C GLY B 79 23.17 3.68 -4.44
N VAL B 80 22.12 3.89 -3.64
CA VAL B 80 21.00 2.96 -3.69
C VAL B 80 20.35 2.96 -5.07
N VAL B 81 20.23 4.14 -5.70
CA VAL B 81 19.65 4.19 -7.05
C VAL B 81 20.63 3.62 -8.06
N LEU B 82 21.92 3.89 -7.90
CA LEU B 82 22.91 3.33 -8.81
C LEU B 82 22.93 1.81 -8.75
N TRP B 83 22.64 1.24 -7.58
CA TRP B 83 22.73 -0.20 -7.39
C TRP B 83 21.42 -0.95 -7.49
N SER B 84 20.28 -0.29 -7.35
CA SER B 84 19.04 -1.03 -7.12
C SER B 84 18.01 -0.88 -8.22
N GLN B 85 18.27 -0.08 -9.25
CA GLN B 85 17.46 -0.13 -10.46
C GLN B 85 17.85 -1.39 -11.25
N SER B 86 17.44 -1.48 -12.51
CA SER B 86 17.59 -2.68 -13.32
C SER B 86 18.20 -2.29 -14.67
N PRO B 87 19.52 -2.16 -14.74
CA PRO B 87 20.15 -1.66 -15.97
C PRO B 87 19.90 -2.55 -17.16
N ARG B 88 19.50 -3.79 -16.93
CA ARG B 88 19.11 -4.66 -18.03
C ARG B 88 17.95 -4.10 -18.83
N HIS B 89 17.05 -3.34 -18.18
CA HIS B 89 15.79 -2.94 -18.80
C HIS B 89 15.62 -1.43 -18.96
N ILE B 90 16.57 -0.63 -18.48
CA ILE B 90 16.39 0.81 -18.46
C ILE B 90 16.33 1.36 -19.89
N LYS B 91 15.39 2.27 -20.13
CA LYS B 91 15.28 2.89 -21.45
C LYS B 91 15.15 4.41 -21.41
N ASP B 92 14.95 5.04 -20.25
CA ASP B 92 14.81 6.50 -20.15
C ASP B 92 15.72 7.00 -19.03
N MET B 93 16.93 7.39 -19.41
CA MET B 93 17.91 7.91 -18.44
C MET B 93 17.54 9.28 -17.89
N GLU B 94 16.58 9.97 -18.49
CA GLU B 94 16.09 11.21 -17.88
C GLU B 94 15.17 10.90 -16.71
N ALA B 95 14.38 9.83 -16.82
CA ALA B 95 13.64 9.34 -15.67
C ALA B 95 14.59 8.76 -14.61
N PHE B 96 15.62 8.03 -15.06
CA PHE B 96 16.65 7.55 -14.14
C PHE B 96 17.25 8.71 -13.35
N LYS B 97 17.62 9.78 -14.05
CA LYS B 97 18.20 10.93 -13.37
C LYS B 97 17.24 11.53 -12.36
N ALA B 98 15.94 11.52 -12.66
CA ALA B 98 14.96 12.02 -11.71
C ALA B 98 14.95 11.19 -10.44
N VAL B 99 14.94 9.86 -10.56
CA VAL B 99 14.95 9.02 -9.37
C VAL B 99 16.21 9.28 -8.57
N CYS B 100 17.35 9.48 -9.23
CA CYS B 100 18.57 9.81 -8.50
C CYS B 100 18.37 11.06 -7.66
N VAL B 101 17.80 12.10 -8.26
CA VAL B 101 17.63 13.37 -7.55
C VAL B 101 16.58 13.24 -6.45
N LEU B 102 15.39 12.75 -6.81
CA LEU B 102 14.30 12.60 -5.84
C LEU B 102 14.70 11.70 -4.68
N ASN B 103 15.34 10.57 -4.97
CA ASN B 103 15.79 9.72 -3.87
C ASN B 103 16.75 10.48 -2.99
N CYS B 104 17.79 11.08 -3.58
CA CYS B 104 18.78 11.78 -2.78
C CYS B 104 18.18 12.90 -1.97
N VAL B 105 17.44 13.80 -2.60
CA VAL B 105 17.00 14.98 -1.88
C VAL B 105 16.10 14.60 -0.71
N THR B 106 15.28 13.55 -0.86
CA THR B 106 14.40 13.15 0.23
C THR B 106 15.12 12.30 1.28
N PHE B 107 16.26 11.70 0.95
CA PHE B 107 17.12 11.09 1.97
C PHE B 107 17.65 12.16 2.91
N VAL B 108 17.88 13.36 2.39
CA VAL B 108 18.25 14.48 3.25
C VAL B 108 17.11 14.77 4.22
N TRP B 109 15.87 14.74 3.72
CA TRP B 109 14.69 15.01 4.55
C TRP B 109 14.54 13.97 5.65
N ASP B 110 14.94 12.72 5.36
CA ASP B 110 14.77 11.64 6.33
C ASP B 110 15.85 11.71 7.41
N ASP B 111 17.04 12.20 7.06
CA ASP B 111 18.16 12.40 7.98
C ASP B 111 18.06 13.71 8.76
N MET B 112 17.00 14.50 8.54
CA MET B 112 16.85 15.85 9.06
C MET B 112 15.89 15.86 10.24
N ASP B 113 16.10 16.81 11.15
CA ASP B 113 15.19 17.02 12.28
C ASP B 113 13.92 17.71 11.78
N PRO B 114 12.75 17.43 12.37
CA PRO B 114 11.52 18.09 11.90
C PRO B 114 11.59 19.59 11.83
N ALA B 115 12.37 20.23 12.71
CA ALA B 115 12.47 21.68 12.70
C ALA B 115 12.97 22.20 11.35
N LEU B 116 13.96 21.55 10.76
CA LEU B 116 14.48 21.99 9.47
C LEU B 116 13.53 21.77 8.31
N HIS B 117 12.55 20.87 8.45
CA HIS B 117 11.57 20.64 7.40
C HIS B 117 10.90 21.97 7.06
N ASP B 118 11.07 22.41 5.83
CA ASP B 118 10.44 23.64 5.36
C ASP B 118 9.58 23.31 4.13
N PHE B 119 8.29 23.07 4.37
CA PHE B 119 7.40 22.63 3.30
C PHE B 119 7.29 23.67 2.19
N GLY B 120 6.84 24.88 2.53
CA GLY B 120 6.65 25.89 1.52
C GLY B 120 7.90 26.16 0.72
N LEU B 121 9.07 25.90 1.30
CA LEU B 121 10.32 26.06 0.57
C LEU B 121 10.71 24.82 -0.22
N PHE B 122 10.36 23.63 0.27
CA PHE B 122 10.86 22.38 -0.32
C PHE B 122 9.91 21.80 -1.36
N LEU B 123 8.61 21.80 -1.09
CA LEU B 123 7.66 21.23 -2.03
C LEU B 123 7.68 21.89 -3.41
N PRO B 124 7.88 23.21 -3.55
CA PRO B 124 8.14 23.75 -4.89
C PRO B 124 9.32 23.11 -5.57
N GLN B 125 10.41 22.84 -4.86
CA GLN B 125 11.58 22.25 -5.50
C GLN B 125 11.30 20.84 -5.98
N LEU B 126 10.53 20.08 -5.20
CA LEU B 126 10.15 18.73 -5.62
C LEU B 126 9.29 18.78 -6.87
N ARG B 127 8.46 19.81 -6.98
CA ARG B 127 7.71 20.00 -8.22
C ARG B 127 8.64 20.36 -9.37
N LYS B 128 9.64 21.21 -9.12
CA LYS B 128 10.59 21.60 -10.16
C LYS B 128 11.38 20.40 -10.67
N ILE B 129 11.83 19.52 -9.77
CA ILE B 129 12.53 18.32 -10.21
C ILE B 129 11.65 17.48 -11.12
N CYS B 130 10.41 17.25 -10.71
CA CYS B 130 9.48 16.45 -11.51
C CYS B 130 9.25 17.06 -12.89
N GLU B 131 9.04 18.37 -12.95
CA GLU B 131 8.78 19.02 -14.24
C GLU B 131 10.01 19.05 -15.14
N LYS B 132 11.22 18.96 -14.56
CA LYS B 132 12.40 18.97 -15.40
C LYS B 132 12.59 17.63 -16.11
N TYR B 133 12.22 16.53 -15.46
CA TYR B 133 12.64 15.22 -15.93
C TYR B 133 11.54 14.35 -16.51
N TYR B 134 10.27 14.62 -16.19
CA TYR B 134 9.18 13.79 -16.66
C TYR B 134 8.27 14.58 -17.59
N GLY B 135 7.50 13.86 -18.38
CA GLY B 135 6.42 14.46 -19.12
C GLY B 135 5.29 14.82 -18.17
N PRO B 136 4.31 15.56 -18.68
CA PRO B 136 3.26 16.11 -17.79
C PRO B 136 2.61 15.08 -16.88
N GLU B 137 2.17 13.95 -17.43
CA GLU B 137 1.44 12.97 -16.64
C GLU B 137 2.35 12.32 -15.59
N ASP B 138 3.54 11.87 -15.99
CA ASP B 138 4.46 11.22 -15.06
C ASP B 138 4.92 12.19 -13.99
N ALA B 139 5.05 13.47 -14.35
CA ALA B 139 5.47 14.48 -13.37
C ALA B 139 4.48 14.58 -12.22
N GLU B 140 3.18 14.57 -12.53
CA GLU B 140 2.18 14.65 -11.47
C GLU B 140 2.23 13.42 -10.57
N VAL B 141 2.46 12.24 -11.16
CA VAL B 141 2.49 11.00 -10.39
C VAL B 141 3.70 10.99 -9.47
N ALA B 142 4.86 11.37 -10.00
CA ALA B 142 6.06 11.43 -9.18
C ALA B 142 5.91 12.46 -8.06
N TYR B 143 5.34 13.64 -8.36
CA TYR B 143 5.24 14.67 -7.34
C TYR B 143 4.32 14.25 -6.21
N GLU B 144 3.16 13.70 -6.54
CA GLU B 144 2.24 13.28 -5.49
C GLU B 144 2.89 12.24 -4.60
N ALA B 145 3.68 11.35 -5.18
CA ALA B 145 4.35 10.32 -4.41
C ALA B 145 5.46 10.91 -3.54
N ALA B 146 6.22 11.87 -4.08
CA ALA B 146 7.22 12.56 -3.26
C ALA B 146 6.55 13.34 -2.13
N ARG B 147 5.49 14.09 -2.46
CA ARG B 147 4.76 14.85 -1.45
C ARG B 147 4.27 13.96 -0.33
N ALA B 148 3.62 12.84 -0.68
CA ALA B 148 3.11 11.93 0.33
C ALA B 148 4.25 11.42 1.22
N PHE B 149 5.40 11.09 0.62
CA PHE B 149 6.51 10.54 1.40
C PHE B 149 7.07 11.56 2.39
N VAL B 150 7.46 12.75 1.91
CA VAL B 150 8.08 13.71 2.82
C VAL B 150 7.07 14.16 3.86
N THR B 151 5.78 14.14 3.50
CA THR B 151 4.73 14.48 4.46
C THR B 151 4.51 13.37 5.47
N SER B 152 4.47 12.11 5.02
CA SER B 152 4.35 11.03 5.98
C SER B 152 5.52 11.02 6.95
N ASP B 153 6.73 11.19 6.44
CA ASP B 153 7.88 11.15 7.31
C ASP B 153 7.79 12.21 8.40
N HIS B 154 7.56 13.46 7.98
CA HIS B 154 7.43 14.56 8.94
C HIS B 154 6.38 14.27 9.99
N MET B 155 5.19 13.83 9.55
CA MET B 155 4.05 13.88 10.47
C MET B 155 4.07 12.71 11.45
N PHE B 156 4.82 11.65 11.16
CA PHE B 156 4.90 10.56 12.12
C PHE B 156 6.10 10.64 13.06
N ARG B 157 6.84 11.75 13.06
CA ARG B 157 8.07 11.80 13.87
C ARG B 157 7.81 11.44 15.33
N ASP B 158 6.68 11.91 15.90
CA ASP B 158 6.37 11.72 17.32
C ASP B 158 5.08 10.94 17.51
N SER B 159 4.57 10.30 16.45
CA SER B 159 3.16 9.92 16.45
C SER B 159 2.92 8.73 17.35
N PRO B 160 1.80 8.72 18.07
CA PRO B 160 1.37 7.48 18.73
C PRO B 160 1.02 6.43 17.72
N ILE B 161 0.55 6.82 16.54
CA ILE B 161 0.23 5.87 15.47
C ILE B 161 1.48 5.12 15.05
N LYS B 162 2.57 5.83 14.83
CA LYS B 162 3.83 5.15 14.51
C LYS B 162 4.18 4.11 15.58
N ALA B 163 4.07 4.49 16.85
CA ALA B 163 4.39 3.58 17.95
C ALA B 163 3.49 2.36 17.95
N ALA B 164 2.19 2.54 17.67
CA ALA B 164 1.27 1.42 17.64
C ALA B 164 1.64 0.40 16.57
N LEU B 165 1.84 0.86 15.33
CA LEU B 165 2.13 -0.06 14.23
C LEU B 165 3.54 -0.64 14.33
N CYS B 166 4.45 0.04 15.00
CA CYS B 166 5.81 -0.47 15.08
C CYS B 166 6.05 -1.38 16.27
N THR B 167 5.13 -1.45 17.24
CA THR B 167 5.29 -2.32 18.40
C THR B 167 4.27 -3.44 18.49
N THR B 168 3.25 -3.46 17.63
CA THR B 168 2.20 -4.46 17.77
C THR B 168 2.61 -5.83 17.25
N SER B 169 3.06 -5.89 16.00
CA SER B 169 3.38 -7.15 15.34
C SER B 169 4.17 -6.84 14.05
N PRO B 170 4.89 -7.82 13.52
CA PRO B 170 5.55 -7.61 12.22
C PRO B 170 4.59 -7.13 11.12
N GLU B 171 3.37 -7.69 11.07
CA GLU B 171 2.41 -7.31 10.04
C GLU B 171 2.06 -5.83 10.13
N GLN B 172 1.74 -5.35 11.35
CA GLN B 172 1.44 -3.94 11.48
C GLN B 172 2.65 -3.09 11.10
N TYR B 173 3.84 -3.55 11.47
CA TYR B 173 5.05 -2.76 11.17
C TYR B 173 5.31 -2.68 9.66
N PHE B 174 5.30 -3.83 8.98
CA PHE B 174 5.53 -3.78 7.54
C PHE B 174 4.42 -3.01 6.82
N ARG B 175 3.20 -3.03 7.35
CA ARG B 175 2.13 -2.23 6.74
C ARG B 175 2.49 -0.75 6.78
N PHE B 176 3.07 -0.29 7.90
CA PHE B 176 3.51 1.10 8.00
C PHE B 176 4.65 1.39 7.04
N ARG B 177 5.55 0.41 6.84
CA ARG B 177 6.77 0.63 6.06
C ARG B 177 6.53 0.75 4.56
N VAL B 178 5.44 0.20 4.01
CA VAL B 178 5.12 0.35 2.59
C VAL B 178 5.28 1.79 2.14
N THR B 179 4.76 2.72 2.96
CA THR B 179 4.94 4.14 2.70
C THR B 179 6.23 4.66 3.31
N ASP B 180 6.47 4.36 4.59
CA ASP B 180 7.47 5.11 5.35
C ASP B 180 8.89 4.86 4.81
N ILE B 181 9.25 3.61 4.51
CA ILE B 181 10.58 3.38 3.96
C ILE B 181 10.76 4.04 2.61
N GLY B 182 9.68 4.37 1.92
CA GLY B 182 9.74 5.07 0.66
C GLY B 182 9.61 4.22 -0.59
N VAL B 183 9.28 2.93 -0.46
CA VAL B 183 9.28 2.09 -1.66
C VAL B 183 8.07 2.35 -2.56
N ASP B 184 6.92 2.76 -2.00
CA ASP B 184 5.81 3.16 -2.87
C ASP B 184 6.20 4.38 -3.69
N PHE B 185 6.79 5.39 -3.03
CA PHE B 185 7.39 6.53 -3.71
C PHE B 185 8.37 6.08 -4.80
N TRP B 186 9.24 5.13 -4.48
CA TRP B 186 10.25 4.65 -5.42
C TRP B 186 9.61 4.09 -6.69
N MET B 187 8.65 3.17 -6.53
CA MET B 187 7.98 2.58 -7.68
C MET B 187 7.32 3.62 -8.57
N LYS B 188 6.60 4.58 -7.97
CA LYS B 188 5.79 5.52 -8.73
C LYS B 188 6.64 6.59 -9.40
N MET B 189 7.90 6.78 -8.98
CA MET B 189 8.81 7.61 -9.75
C MET B 189 9.74 6.79 -10.65
N SER B 190 9.83 5.49 -10.46
CA SER B 190 10.73 4.67 -11.27
C SER B 190 10.07 4.12 -12.54
N TYR B 191 8.75 3.95 -12.56
CA TYR B 191 8.14 3.29 -13.71
C TYR B 191 8.46 3.99 -15.04
N PRO B 192 8.58 5.32 -15.14
CA PRO B 192 8.94 5.91 -16.45
C PRO B 192 10.33 5.53 -16.92
N ILE B 193 11.16 4.99 -16.06
CA ILE B 193 12.47 4.53 -16.51
C ILE B 193 12.32 3.34 -17.46
N TYR B 194 11.32 2.51 -17.24
CA TYR B 194 11.21 1.23 -17.91
C TYR B 194 10.20 1.17 -19.04
N ARG B 195 9.21 2.06 -19.05
CA ARG B 195 8.16 2.08 -20.10
C ARG B 195 7.57 0.69 -20.29
N HIS B 196 7.48 -0.07 -19.22
CA HIS B 196 6.87 -1.39 -19.24
C HIS B 196 5.45 -1.27 -18.70
N PRO B 197 4.44 -1.58 -19.52
CA PRO B 197 3.05 -1.41 -19.05
C PRO B 197 2.70 -2.17 -17.78
N GLU B 198 3.01 -3.47 -17.73
CA GLU B 198 2.72 -4.26 -16.54
C GLU B 198 3.37 -3.63 -15.30
N PHE B 199 4.65 -3.25 -15.41
CA PHE B 199 5.34 -2.66 -14.27
C PHE B 199 4.69 -1.33 -13.87
N THR B 200 4.26 -0.55 -14.85
CA THR B 200 3.63 0.73 -14.55
C THR B 200 2.34 0.53 -13.76
N GLU B 201 1.55 -0.48 -14.14
CA GLU B 201 0.31 -0.71 -13.42
C GLU B 201 0.59 -1.19 -11.99
N HIS B 202 1.54 -2.11 -11.81
CA HIS B 202 1.87 -2.58 -10.48
C HIS B 202 2.42 -1.45 -9.61
N ALA B 203 3.16 -0.51 -10.20
CA ALA B 203 3.57 0.68 -9.47
C ALA B 203 2.36 1.52 -9.04
N LYS B 204 1.40 1.71 -9.94
CA LYS B 204 0.27 2.60 -9.65
C LYS B 204 -0.72 1.99 -8.68
N THR B 205 -0.83 0.65 -8.62
CA THR B 205 -1.67 0.05 -7.59
C THR B 205 -0.98 -0.08 -6.25
N SER B 206 0.34 0.16 -6.19
CA SER B 206 1.20 -0.12 -5.06
C SER B 206 1.41 -1.62 -4.81
N LEU B 207 0.93 -2.49 -5.70
CA LEU B 207 1.29 -3.89 -5.59
C LEU B 207 2.80 -4.08 -5.63
N ALA B 208 3.48 -3.30 -6.48
CA ALA B 208 4.93 -3.40 -6.57
C ALA B 208 5.58 -3.04 -5.23
N ALA B 209 5.18 -1.91 -4.65
CA ALA B 209 5.70 -1.55 -3.32
C ALA B 209 5.45 -2.67 -2.32
N ARG B 210 4.22 -3.20 -2.30
CA ARG B 210 3.86 -4.18 -1.27
C ARG B 210 4.66 -5.47 -1.41
N MET B 211 5.00 -5.86 -2.65
CA MET B 211 5.76 -7.09 -2.86
C MET B 211 7.21 -6.97 -2.38
N THR B 212 7.80 -5.78 -2.46
CA THR B 212 9.20 -5.54 -2.16
C THR B 212 9.45 -4.93 -0.78
N THR B 213 8.41 -4.59 -0.03
CA THR B 213 8.57 -3.90 1.25
C THR B 213 9.43 -4.71 2.21
N ARG B 214 9.07 -5.99 2.42
CA ARG B 214 9.75 -6.78 3.44
C ARG B 214 11.21 -7.01 3.10
N GLY B 215 11.51 -7.33 1.83
CA GLY B 215 12.89 -7.55 1.45
C GLY B 215 13.78 -6.33 1.63
N LEU B 216 13.26 -5.15 1.32
CA LEU B 216 14.00 -3.91 1.52
C LEU B 216 14.09 -3.55 3.01
N THR B 217 13.00 -3.75 3.74
CA THR B 217 12.92 -3.24 5.10
C THR B 217 13.69 -4.14 6.06
N ILE B 218 13.64 -5.46 5.85
CA ILE B 218 14.34 -6.35 6.75
C ILE B 218 15.85 -6.15 6.63
N VAL B 219 16.34 -6.01 5.40
CA VAL B 219 17.75 -5.75 5.15
C VAL B 219 18.14 -4.40 5.75
N ASN B 220 17.34 -3.37 5.48
CA ASN B 220 17.72 -2.05 5.96
C ASN B 220 17.65 -1.97 7.48
N ASP B 221 16.67 -2.62 8.09
CA ASP B 221 16.54 -2.54 9.54
C ASP B 221 17.75 -3.15 10.24
N PHE B 222 18.23 -4.31 9.74
CA PHE B 222 19.38 -4.94 10.38
C PHE B 222 20.58 -4.00 10.41
N TYR B 223 20.96 -3.48 9.25
CA TYR B 223 22.15 -2.67 9.13
C TYR B 223 21.96 -1.23 9.60
N SER B 224 20.74 -0.76 9.87
CA SER B 224 20.57 0.58 10.42
C SER B 224 20.08 0.57 11.87
N TYR B 225 19.92 -0.61 12.46
CA TYR B 225 19.41 -0.73 13.81
C TYR B 225 20.26 0.07 14.79
N ASP B 226 21.58 0.01 14.66
CA ASP B 226 22.47 0.67 15.62
C ASP B 226 22.33 2.19 15.56
N ARG B 227 22.32 2.75 14.35
CA ARG B 227 22.15 4.20 14.21
C ARG B 227 20.81 4.65 14.77
N GLU B 228 19.75 3.84 14.57
CA GLU B 228 18.40 4.30 14.89
C GLU B 228 18.10 4.23 16.38
N VAL B 229 18.54 3.18 17.07
CA VAL B 229 18.37 3.13 18.51
C VAL B 229 19.14 4.27 19.17
N SER B 230 20.32 4.60 18.62
CA SER B 230 21.13 5.64 19.22
C SER B 230 20.55 7.02 18.96
N LEU B 231 19.52 7.11 18.11
CA LEU B 231 18.82 8.36 17.84
C LEU B 231 17.36 8.34 18.25
N GLY B 232 16.92 7.31 18.99
CA GLY B 232 15.52 7.22 19.36
C GLY B 232 14.55 6.97 18.23
N GLN B 233 15.02 6.61 17.04
CA GLN B 233 14.12 6.35 15.92
C GLN B 233 13.57 4.93 16.02
N ILE B 234 12.29 4.79 16.39
CA ILE B 234 11.70 3.51 16.74
C ILE B 234 11.23 2.69 15.53
N THR B 235 11.54 3.11 14.30
CA THR B 235 11.00 2.43 13.11
C THR B 235 11.99 1.40 12.59
N ASN B 236 11.87 0.18 13.11
CA ASN B 236 12.85 -0.88 12.87
C ASN B 236 12.32 -2.19 13.42
N CYS B 237 12.17 -3.22 12.58
CA CYS B 237 11.47 -4.43 13.04
C CYS B 237 12.24 -5.18 14.14
N PHE B 238 13.57 -5.10 14.16
CA PHE B 238 14.30 -5.88 15.18
C PHE B 238 14.09 -5.34 16.59
N ARG B 239 13.50 -4.15 16.74
CA ARG B 239 12.98 -3.68 18.02
C ARG B 239 11.80 -4.50 18.55
N LEU B 240 11.14 -5.29 17.71
CA LEU B 240 10.19 -6.29 18.21
C LEU B 240 10.90 -7.46 18.86
N CYS B 241 12.22 -7.39 18.98
CA CYS B 241 13.08 -8.47 19.42
C CYS B 241 14.05 -7.92 20.47
N ASP B 242 14.58 -8.83 21.28
CA ASP B 242 15.65 -8.53 22.24
C ASP B 242 16.95 -9.08 21.66
N VAL B 243 17.74 -8.21 21.03
CA VAL B 243 18.82 -8.70 20.19
C VAL B 243 20.03 -9.15 20.99
N SER B 244 19.98 -9.09 22.32
CA SER B 244 21.05 -9.68 23.11
C SER B 244 20.70 -11.11 23.56
N ASP B 245 19.46 -11.52 23.40
CA ASP B 245 19.08 -12.92 23.59
C ASP B 245 19.32 -13.63 22.27
N GLU B 246 20.45 -14.34 22.18
CA GLU B 246 20.87 -14.94 20.92
C GLU B 246 19.82 -15.86 20.34
N THR B 247 19.16 -16.65 21.19
CA THR B 247 18.17 -17.59 20.68
C THR B 247 16.92 -16.86 20.23
N ALA B 248 16.58 -15.76 20.92
CA ALA B 248 15.43 -14.96 20.49
C ALA B 248 15.73 -14.18 19.22
N PHE B 249 16.91 -13.52 19.16
CA PHE B 249 17.30 -12.86 17.93
C PHE B 249 17.30 -13.84 16.77
N LYS B 250 17.75 -15.06 17.02
CA LYS B 250 17.90 -15.99 15.92
C LYS B 250 16.55 -16.48 15.41
N GLU B 251 15.63 -16.81 16.34
CA GLU B 251 14.26 -17.14 15.94
C GLU B 251 13.65 -16.01 15.13
N PHE B 252 13.77 -14.79 15.62
CA PHE B 252 13.22 -13.64 14.91
C PHE B 252 13.87 -13.46 13.54
N PHE B 253 15.21 -13.45 13.49
CA PHE B 253 15.90 -13.27 12.22
C PHE B 253 15.53 -14.36 11.22
N GLN B 254 15.36 -15.60 11.69
CA GLN B 254 14.92 -16.67 10.80
C GLN B 254 13.54 -16.39 10.21
N ALA B 255 12.60 -15.94 11.04
CA ALA B 255 11.26 -15.64 10.54
C ALA B 255 11.28 -14.51 9.52
N ARG B 256 12.12 -13.49 9.73
CA ARG B 256 12.24 -12.44 8.73
C ARG B 256 12.89 -12.94 7.44
N LEU B 257 13.84 -13.86 7.55
CA LEU B 257 14.38 -14.53 6.36
C LEU B 257 13.29 -15.26 5.60
N ASP B 258 12.44 -16.02 6.31
CA ASP B 258 11.33 -16.71 5.65
C ASP B 258 10.37 -15.71 4.98
N ASP B 259 10.12 -14.56 5.63
CA ASP B 259 9.36 -13.50 4.98
C ASP B 259 9.93 -13.14 3.62
N MET B 260 11.24 -12.84 3.57
CA MET B 260 11.86 -12.43 2.31
C MET B 260 11.74 -13.52 1.27
N ILE B 261 11.94 -14.77 1.66
CA ILE B 261 11.94 -15.86 0.69
C ILE B 261 10.55 -16.04 0.10
N GLU B 262 9.51 -15.96 0.93
CA GLU B 262 8.15 -16.11 0.43
C GLU B 262 7.82 -15.00 -0.57
N ASP B 263 8.20 -13.77 -0.26
CA ASP B 263 8.00 -12.66 -1.17
C ASP B 263 8.71 -12.90 -2.51
N ILE B 264 10.01 -13.25 -2.46
CA ILE B 264 10.79 -13.43 -3.69
C ILE B 264 10.17 -14.51 -4.55
N GLU B 265 9.76 -15.61 -3.93
CA GLU B 265 9.20 -16.71 -4.69
C GLU B 265 7.85 -16.34 -5.32
N CYS B 266 7.07 -15.48 -4.68
CA CYS B 266 5.85 -15.03 -5.34
C CYS B 266 6.15 -13.95 -6.39
N ILE B 267 7.22 -13.18 -6.21
CA ILE B 267 7.65 -12.21 -7.22
C ILE B 267 7.94 -12.92 -8.55
N LYS B 268 8.35 -14.18 -8.49
CA LYS B 268 8.66 -14.94 -9.69
C LYS B 268 7.42 -15.31 -10.49
N ALA B 269 6.23 -15.16 -9.90
CA ALA B 269 5.01 -15.33 -10.66
C ALA B 269 4.67 -14.09 -11.51
N PHE B 270 5.37 -12.98 -11.31
CA PHE B 270 5.15 -11.79 -12.12
C PHE B 270 5.82 -11.95 -13.48
N ASP B 271 5.43 -11.10 -14.44
CA ASP B 271 6.04 -11.18 -15.76
C ASP B 271 7.55 -10.99 -15.67
N GLN B 272 8.24 -11.45 -16.72
CA GLN B 272 9.68 -11.63 -16.65
C GLN B 272 10.41 -10.32 -16.41
N LEU B 273 10.01 -9.25 -17.10
CA LEU B 273 10.68 -7.98 -16.90
C LEU B 273 10.38 -7.40 -15.51
N THR B 274 9.12 -7.50 -15.06
CA THR B 274 8.74 -6.91 -13.77
C THR B 274 9.49 -7.58 -12.63
N GLN B 275 9.56 -8.91 -12.63
CA GLN B 275 10.25 -9.60 -11.53
C GLN B 275 11.75 -9.30 -11.54
N ASP B 276 12.39 -9.21 -12.72
CA ASP B 276 13.78 -8.78 -12.78
C ASP B 276 13.98 -7.48 -12.02
N VAL B 277 13.07 -6.53 -12.22
CA VAL B 277 13.18 -5.23 -11.59
C VAL B 277 12.95 -5.32 -10.08
N PHE B 278 11.94 -6.08 -9.66
CA PHE B 278 11.68 -6.25 -8.23
C PHE B 278 12.89 -6.84 -7.52
N LEU B 279 13.52 -7.84 -8.15
CA LEU B 279 14.63 -8.54 -7.51
C LEU B 279 15.91 -7.71 -7.55
N ASP B 280 16.14 -6.95 -8.62
CA ASP B 280 17.28 -6.03 -8.64
C ASP B 280 17.14 -4.95 -7.57
N LEU B 281 15.91 -4.53 -7.26
CA LEU B 281 15.71 -3.60 -6.16
C LEU B 281 16.04 -4.24 -4.81
N ILE B 282 15.53 -5.44 -4.55
CA ILE B 282 15.79 -6.07 -3.26
C ILE B 282 17.26 -6.42 -3.12
N TYR B 283 17.81 -7.15 -4.09
CA TYR B 283 19.21 -7.57 -4.04
C TYR B 283 20.16 -6.40 -4.16
N GLY B 284 19.88 -5.46 -5.06
CA GLY B 284 20.72 -4.27 -5.18
C GLY B 284 20.80 -3.48 -3.89
N ASN B 285 19.64 -3.27 -3.23
CA ASN B 285 19.67 -2.55 -1.97
C ASN B 285 20.58 -3.24 -0.97
N PHE B 286 20.63 -4.58 -1.00
CA PHE B 286 21.53 -5.32 -0.11
C PHE B 286 23.00 -5.13 -0.49
N VAL B 287 23.30 -5.07 -1.78
CA VAL B 287 24.69 -4.89 -2.20
C VAL B 287 25.15 -3.47 -1.90
N TRP B 288 24.24 -2.50 -1.98
CA TRP B 288 24.58 -1.13 -1.60
C TRP B 288 24.72 -1.02 -0.09
N THR B 289 23.71 -1.48 0.64
CA THR B 289 23.66 -1.31 2.09
C THR B 289 24.89 -1.91 2.77
N THR B 290 25.38 -3.05 2.27
CA THR B 290 26.49 -3.72 2.93
C THR B 290 27.84 -3.43 2.29
N SER B 291 27.96 -2.36 1.51
CA SER B 291 29.25 -1.88 1.06
C SER B 291 29.43 -0.39 1.31
N ASN B 292 28.39 0.30 1.78
CA ASN B 292 28.37 1.75 1.78
C ASN B 292 28.62 2.31 3.17
N LYS B 293 29.37 3.44 3.20
CA LYS B 293 29.69 4.11 4.47
C LYS B 293 28.47 4.24 5.35
N ARG B 294 27.31 4.54 4.76
CA ARG B 294 26.12 4.80 5.54
C ARG B 294 25.80 3.65 6.49
N TYR B 295 26.12 2.43 6.10
CA TYR B 295 25.90 1.28 6.97
C TYR B 295 27.21 0.55 7.30
N LYS B 296 28.33 1.28 7.37
CA LYS B 296 29.54 0.73 7.96
C LYS B 296 29.54 0.96 9.46
N THR B 297 29.66 2.21 9.89
CA THR B 297 29.56 2.56 11.30
C THR B 297 28.25 3.29 11.55
N ALA B 298 27.81 3.25 12.81
CA ALA B 298 26.53 3.85 13.18
C ALA B 298 26.50 5.34 12.87
N VAL B 299 27.53 6.09 13.27
CA VAL B 299 27.57 7.52 13.05
C VAL B 299 28.88 7.91 12.37
N ASN B 300 28.82 8.13 11.06
CA ASN B 300 29.92 8.72 10.30
C ASN B 300 29.42 10.02 9.70
N ASP B 301 30.18 10.61 8.77
CA ASP B 301 29.78 11.94 8.31
C ASP B 301 28.95 11.92 7.02
N VAL B 302 28.61 10.75 6.49
CA VAL B 302 27.64 10.71 5.40
C VAL B 302 26.28 10.18 5.84
N ASN B 303 26.08 9.90 7.13
CA ASN B 303 24.78 9.44 7.60
C ASN B 303 24.31 10.08 8.90
N SER B 304 25.07 11.04 9.45
CA SER B 304 24.76 11.54 10.78
C SER B 304 23.59 12.52 10.74
N ARG B 305 23.02 12.78 11.91
CA ARG B 305 21.89 13.68 12.06
C ARG B 305 22.28 15.08 11.63
N ILE B 306 21.67 15.53 10.54
CA ILE B 306 21.62 16.94 10.19
C ILE B 306 20.63 17.59 11.15
N GLN B 307 20.92 18.80 11.62
CA GLN B 307 20.00 19.39 12.61
C GLN B 307 19.98 20.92 12.58
N ALA B 308 18.88 21.45 13.12
CA ALA B 308 18.81 22.81 13.67
C ALA B 308 18.45 22.76 15.16
C2 AHD C . -16.81 -6.33 -3.91
C3 AHD C . -15.71 -5.50 -4.58
C7 AHD C . -17.24 -7.50 -4.79
C8 AHD C . -16.88 -8.77 -4.02
O12 AHD C . -19.50 -9.65 -4.34
P9 AHD C . -18.07 -10.15 -4.36
O10 AHD C . -17.97 -11.24 -3.34
O11 AHD C . -17.72 -10.71 -5.72
P14 AHD C . -15.16 -9.35 -4.47
O15 AHD C . -14.92 -9.43 -5.96
O16 AHD C . -15.02 -10.71 -3.84
O17 AHD C . -14.19 -8.35 -3.88
O13 AHD C . -16.86 -8.47 -2.66
N4 AHD C . -16.23 -4.17 -4.88
MG MG D . -16.32 -11.43 -6.52
MG MG E . -16.10 -11.84 -2.74
MG MG F . -12.57 -8.83 -8.17
C2 AHD G . 15.08 5.54 3.59
C3 AHD G . 14.98 6.77 2.69
C7 AHD G . 15.97 5.83 4.81
C8 AHD G . 16.11 4.60 5.69
O12 AHD G . 18.82 4.80 5.74
P9 AHD G . 17.67 4.68 6.69
O10 AHD G . 17.73 3.42 7.47
O11 AHD G . 17.59 5.91 7.57
P14 AHD G . 14.67 4.54 6.84
O15 AHD G . 14.51 5.87 7.49
O16 AHD G . 14.83 3.50 7.91
O17 AHD G . 13.46 4.15 6.01
O13 AHD G . 16.12 3.40 4.96
N4 AHD G . 14.12 6.50 1.54
MG MG H . 16.37 6.26 9.78
MG MG I . 12.30 6.47 5.87
MG MG J . 16.59 2.31 8.51
N SER A 16 -16.36 -27.13 -2.04
CA SER A 16 -17.29 -27.44 -0.98
C SER A 16 -18.15 -26.24 -0.65
N SER A 17 -18.30 -25.96 0.64
CA SER A 17 -19.24 -24.92 1.08
C SER A 17 -19.01 -24.59 2.54
N VAL A 18 -19.16 -23.30 2.85
CA VAL A 18 -19.11 -22.83 4.23
C VAL A 18 -20.48 -22.79 4.87
N ARG A 19 -21.53 -23.28 4.19
CA ARG A 19 -22.85 -23.29 4.81
C ARG A 19 -22.86 -23.99 6.16
N PRO A 20 -22.24 -25.18 6.35
CA PRO A 20 -22.27 -25.81 7.67
C PRO A 20 -21.87 -24.87 8.80
N TYR A 21 -21.03 -23.89 8.50
CA TYR A 21 -20.51 -22.99 9.54
C TYR A 21 -21.21 -21.64 9.61
N LEU A 22 -22.19 -21.37 8.74
CA LEU A 22 -22.74 -20.02 8.65
C LEU A 22 -23.25 -19.52 9.99
N GLU A 23 -24.12 -20.31 10.65
CA GLU A 23 -24.73 -19.87 11.90
C GLU A 23 -23.68 -19.48 12.93
N GLU A 24 -22.76 -20.40 13.22
CA GLU A 24 -21.74 -20.14 14.25
C GLU A 24 -20.92 -18.90 13.92
N CYS A 25 -20.40 -18.82 12.69
CA CYS A 25 -19.44 -17.78 12.36
C CYS A 25 -20.09 -16.39 12.36
N THR A 26 -21.35 -16.30 11.92
CA THR A 26 -22.08 -15.03 12.02
C THR A 26 -22.17 -14.58 13.47
N ARG A 27 -22.57 -15.50 14.36
CA ARG A 27 -22.61 -15.21 15.78
C ARG A 27 -21.26 -14.73 16.28
N ARG A 28 -20.17 -15.36 15.80
CA ARG A 28 -18.85 -15.06 16.34
C ARG A 28 -18.34 -13.71 15.84
N PHE A 29 -18.56 -13.41 14.56
CA PHE A 29 -18.28 -12.06 14.04
C PHE A 29 -18.96 -11.00 14.89
N GLN A 30 -20.28 -11.15 15.10
CA GLN A 30 -21.04 -10.16 15.85
C GLN A 30 -20.51 -10.03 17.27
N GLU A 31 -20.24 -11.17 17.92
CA GLU A 31 -19.61 -11.14 19.22
C GLU A 31 -18.36 -10.26 19.21
N MET A 32 -17.53 -10.42 18.17
CA MET A 32 -16.29 -9.66 18.08
C MET A 32 -16.56 -8.17 17.91
N PHE A 33 -17.47 -7.80 17.01
CA PHE A 33 -17.80 -6.39 16.81
C PHE A 33 -18.40 -5.78 18.07
N ASP A 34 -19.39 -6.45 18.67
CA ASP A 34 -19.93 -5.95 19.94
C ASP A 34 -18.84 -5.68 20.95
N ARG A 35 -17.81 -6.54 20.99
CA ARG A 35 -16.81 -6.41 22.05
C ARG A 35 -15.75 -5.37 21.73
N HIS A 36 -15.34 -5.28 20.46
CA HIS A 36 -14.15 -4.51 20.12
C HIS A 36 -14.45 -3.20 19.41
N VAL A 37 -15.64 -3.04 18.81
CA VAL A 37 -16.02 -1.83 18.12
C VAL A 37 -17.18 -1.12 18.83
N VAL A 38 -18.23 -1.89 19.16
CA VAL A 38 -19.35 -1.49 20.03
C VAL A 38 -20.27 -0.52 19.31
N THR A 39 -19.79 0.70 19.10
CA THR A 39 -20.49 1.67 18.27
C THR A 39 -21.00 1.04 16.98
N ARG A 40 -22.32 0.97 16.84
CA ARG A 40 -22.93 0.27 15.71
C ARG A 40 -23.04 1.19 14.49
N PRO A 41 -22.98 0.62 13.29
CA PRO A 41 -23.11 1.44 12.08
C PRO A 41 -24.56 1.93 11.88
N THR A 42 -24.66 3.20 11.51
CA THR A 42 -25.92 3.87 11.22
C THR A 42 -25.95 4.29 9.76
N LYS A 43 -27.16 4.35 9.20
CA LYS A 43 -27.35 4.46 7.76
C LYS A 43 -27.44 5.91 7.31
N VAL A 44 -26.98 6.18 6.09
CA VAL A 44 -27.29 7.43 5.41
C VAL A 44 -28.62 7.24 4.69
N GLU A 45 -29.49 8.24 4.79
CA GLU A 45 -30.79 8.23 4.13
C GLU A 45 -30.83 9.35 3.12
N LEU A 46 -30.88 9.02 1.85
CA LEU A 46 -30.96 9.99 0.79
C LEU A 46 -32.41 10.40 0.56
N THR A 47 -32.61 11.62 0.09
CA THR A 47 -33.92 12.04 -0.39
C THR A 47 -34.27 11.28 -1.66
N ASP A 48 -35.59 11.21 -1.94
CA ASP A 48 -36.08 10.55 -3.15
C ASP A 48 -35.39 11.06 -4.41
N ALA A 49 -35.04 12.35 -4.44
CA ALA A 49 -34.26 12.88 -5.54
C ALA A 49 -32.85 12.30 -5.55
N GLU A 50 -32.18 12.34 -4.40
CA GLU A 50 -30.80 11.88 -4.32
C GLU A 50 -30.65 10.47 -4.88
N LEU A 51 -31.43 9.51 -4.39
CA LEU A 51 -31.27 8.14 -4.87
C LEU A 51 -31.59 8.01 -6.35
N ARG A 52 -32.27 9.02 -6.91
CA ARG A 52 -32.61 8.99 -8.34
C ARG A 52 -31.50 9.60 -9.18
N GLU A 53 -30.91 10.71 -8.72
CA GLU A 53 -29.73 11.25 -9.38
C GLU A 53 -28.61 10.22 -9.43
N VAL A 54 -28.34 9.55 -8.30
CA VAL A 54 -27.31 8.51 -8.25
C VAL A 54 -27.59 7.44 -9.29
N ILE A 55 -28.83 6.94 -9.33
CA ILE A 55 -29.13 5.84 -10.23
C ILE A 55 -29.18 6.32 -11.69
N ASP A 56 -29.60 7.56 -11.92
CA ASP A 56 -29.45 8.12 -13.26
C ASP A 56 -28.00 8.10 -13.70
N ASP A 57 -27.11 8.70 -12.91
CA ASP A 57 -25.68 8.66 -13.23
C ASP A 57 -25.16 7.23 -13.38
N CYS A 58 -25.56 6.34 -12.45
CA CYS A 58 -25.21 4.92 -12.56
C CYS A 58 -25.65 4.33 -13.89
N ASN A 59 -26.89 4.58 -14.30
CA ASN A 59 -27.40 3.95 -15.52
C ASN A 59 -26.64 4.44 -16.76
N ALA A 60 -26.30 5.73 -16.81
CA ALA A 60 -25.59 6.23 -17.98
C ALA A 60 -24.16 5.72 -18.05
N ALA A 61 -23.52 5.42 -16.90
CA ALA A 61 -22.14 4.96 -16.94
C ALA A 61 -22.05 3.54 -17.49
N VAL A 62 -22.98 2.67 -17.12
CA VAL A 62 -22.93 1.28 -17.58
C VAL A 62 -23.48 1.12 -18.99
N ALA A 63 -24.48 1.93 -19.36
CA ALA A 63 -25.17 1.80 -20.64
C ALA A 63 -24.25 1.50 -21.82
N PRO A 64 -23.13 2.20 -22.02
CA PRO A 64 -22.29 1.87 -23.19
C PRO A 64 -21.74 0.45 -23.18
N LEU A 65 -21.72 -0.23 -22.04
CA LEU A 65 -21.29 -1.62 -21.98
C LEU A 65 -22.42 -2.60 -22.29
N GLY A 66 -23.52 -2.14 -22.88
CA GLY A 66 -24.57 -3.02 -23.35
C GLY A 66 -25.31 -3.78 -22.29
N LYS A 67 -25.15 -3.43 -21.02
CA LYS A 67 -25.90 -4.07 -19.94
C LYS A 67 -26.81 -3.04 -19.28
N THR A 68 -27.95 -3.51 -18.80
CA THR A 68 -28.88 -2.70 -18.05
C THR A 68 -28.92 -3.23 -16.63
N VAL A 69 -29.44 -2.43 -15.72
CA VAL A 69 -29.45 -2.78 -14.31
C VAL A 69 -30.81 -2.43 -13.73
N SER A 70 -31.39 -3.38 -12.99
CA SER A 70 -32.69 -3.18 -12.38
C SER A 70 -32.63 -2.16 -11.26
N ASP A 71 -33.76 -1.45 -11.05
CA ASP A 71 -33.83 -0.45 -9.99
C ASP A 71 -33.53 -1.07 -8.62
N GLU A 72 -34.09 -2.25 -8.34
CA GLU A 72 -33.76 -2.94 -7.09
C GLU A 72 -32.26 -3.14 -6.97
N ARG A 73 -31.66 -3.73 -7.99
CA ARG A 73 -30.26 -4.12 -7.98
C ARG A 73 -29.33 -2.96 -7.64
N TRP A 74 -29.46 -1.84 -8.36
CA TRP A 74 -28.67 -0.65 -8.02
C TRP A 74 -28.72 -0.38 -6.52
N ILE A 75 -29.93 -0.40 -5.94
CA ILE A 75 -30.09 -0.07 -4.53
C ILE A 75 -29.44 -1.14 -3.65
N SER A 76 -29.41 -2.39 -4.11
CA SER A 76 -28.69 -3.43 -3.39
C SER A 76 -27.20 -3.13 -3.35
N TYR A 77 -26.66 -2.50 -4.38
CA TYR A 77 -25.22 -2.25 -4.44
C TYR A 77 -24.86 -1.00 -3.64
N VAL A 78 -25.75 0.01 -3.67
CA VAL A 78 -25.55 1.19 -2.85
C VAL A 78 -25.69 0.88 -1.37
N GLY A 79 -26.20 -0.30 -1.03
CA GLY A 79 -26.34 -0.68 0.37
C GLY A 79 -25.01 -0.68 1.13
N VAL A 80 -23.93 -1.08 0.46
CA VAL A 80 -22.63 -1.06 1.15
C VAL A 80 -22.19 0.38 1.43
N VAL A 81 -22.53 1.32 0.54
CA VAL A 81 -22.15 2.72 0.77
C VAL A 81 -23.08 3.38 1.78
N LEU A 82 -24.38 3.10 1.67
CA LEU A 82 -25.30 3.66 2.66
C LEU A 82 -24.98 3.19 4.07
N TRP A 83 -24.46 1.97 4.21
CA TRP A 83 -24.25 1.37 5.52
C TRP A 83 -22.83 1.46 6.07
N SER A 84 -21.84 1.87 5.27
CA SER A 84 -20.45 1.73 5.71
C SER A 84 -19.66 3.03 5.65
N GLN A 85 -20.32 4.16 5.43
CA GLN A 85 -19.66 5.44 5.66
C GLN A 85 -19.87 5.78 7.14
N SER A 86 -19.51 6.99 7.55
CA SER A 86 -19.62 7.42 8.96
C SER A 86 -20.50 8.66 8.99
N PRO A 87 -21.82 8.49 9.00
CA PRO A 87 -22.73 9.62 8.68
C PRO A 87 -22.43 10.90 9.45
N ARG A 88 -22.11 10.82 10.73
CA ARG A 88 -21.99 12.03 11.54
C ARG A 88 -20.83 12.91 11.11
N HIS A 89 -19.83 12.35 10.44
CA HIS A 89 -18.68 13.15 10.03
C HIS A 89 -18.82 13.70 8.62
N ILE A 90 -19.86 13.30 7.88
CA ILE A 90 -19.98 13.70 6.48
C ILE A 90 -20.16 15.22 6.39
N LYS A 91 -19.34 15.87 5.58
CA LYS A 91 -19.55 17.29 5.26
C LYS A 91 -19.74 17.60 3.77
N ASP A 92 -19.86 16.59 2.90
CA ASP A 92 -20.05 16.86 1.46
C ASP A 92 -20.84 15.71 0.85
N MET A 93 -22.13 15.97 0.57
CA MET A 93 -23.04 14.98 0.02
C MET A 93 -22.87 14.76 -1.48
N GLU A 94 -22.27 15.71 -2.20
CA GLU A 94 -21.93 15.45 -3.60
C GLU A 94 -20.83 14.40 -3.69
N ALA A 95 -19.83 14.51 -2.80
CA ALA A 95 -18.83 13.44 -2.71
C ALA A 95 -19.50 12.12 -2.34
N PHE A 96 -20.47 12.16 -1.42
CA PHE A 96 -21.12 10.93 -0.99
C PHE A 96 -21.84 10.26 -2.16
N LYS A 97 -22.49 11.04 -3.02
CA LYS A 97 -23.20 10.46 -4.15
C LYS A 97 -22.22 9.94 -5.20
N ALA A 98 -21.08 10.61 -5.36
CA ALA A 98 -20.03 10.09 -6.23
C ALA A 98 -19.62 8.68 -5.85
N VAL A 99 -19.35 8.46 -4.55
CA VAL A 99 -18.96 7.15 -4.07
C VAL A 99 -20.09 6.15 -4.29
N CYS A 100 -21.34 6.57 -4.04
CA CYS A 100 -22.48 5.74 -4.40
C CYS A 100 -22.41 5.28 -5.85
N VAL A 101 -22.14 6.20 -6.76
CA VAL A 101 -22.14 5.87 -8.19
C VAL A 101 -20.91 5.05 -8.57
N LEU A 102 -19.73 5.47 -8.12
CA LEU A 102 -18.51 4.76 -8.47
C LEU A 102 -18.50 3.35 -7.90
N ASN A 103 -19.02 3.19 -6.68
CA ASN A 103 -19.05 1.87 -6.06
C ASN A 103 -20.01 0.94 -6.78
N CYS A 104 -21.19 1.43 -7.19
CA CYS A 104 -22.18 0.55 -7.79
C CYS A 104 -21.74 0.05 -9.16
N VAL A 105 -21.11 0.91 -9.98
CA VAL A 105 -20.72 0.46 -11.31
C VAL A 105 -19.52 -0.46 -11.22
N THR A 106 -18.71 -0.29 -10.15
CA THR A 106 -17.67 -1.24 -9.73
C THR A 106 -18.18 -2.66 -9.68
N PHE A 107 -19.30 -2.90 -8.98
CA PHE A 107 -19.88 -4.23 -8.87
C PHE A 107 -20.19 -4.81 -10.24
N VAL A 108 -20.84 -4.01 -11.09
CA VAL A 108 -21.16 -4.47 -12.44
C VAL A 108 -19.89 -4.95 -13.13
N TRP A 109 -18.85 -4.12 -13.13
CA TRP A 109 -17.57 -4.50 -13.74
C TRP A 109 -17.00 -5.75 -13.09
N ASP A 110 -17.18 -5.90 -11.78
CA ASP A 110 -16.66 -7.05 -11.06
C ASP A 110 -17.40 -8.32 -11.43
N ASP A 111 -18.67 -8.21 -11.78
CA ASP A 111 -19.47 -9.37 -12.16
C ASP A 111 -19.60 -9.57 -13.66
N MET A 112 -18.79 -8.87 -14.45
CA MET A 112 -18.86 -8.95 -15.92
C MET A 112 -17.83 -9.92 -16.49
N ASP A 113 -18.25 -10.64 -17.52
CA ASP A 113 -17.36 -11.31 -18.43
C ASP A 113 -16.30 -10.33 -18.93
N PRO A 114 -15.01 -10.68 -18.91
CA PRO A 114 -14.00 -9.77 -19.46
C PRO A 114 -14.29 -9.30 -20.89
N ALA A 115 -14.98 -10.10 -21.71
CA ALA A 115 -15.27 -9.65 -23.08
C ALA A 115 -16.20 -8.45 -23.08
N LEU A 116 -16.90 -8.21 -21.98
CA LEU A 116 -17.75 -7.02 -21.89
C LEU A 116 -16.96 -5.79 -21.41
N HIS A 117 -15.68 -5.94 -21.06
CA HIS A 117 -14.88 -4.91 -20.38
C HIS A 117 -14.29 -3.90 -21.37
N ASP A 118 -15.10 -3.00 -21.90
CA ASP A 118 -14.65 -2.04 -22.91
C ASP A 118 -14.06 -0.81 -22.21
N PHE A 119 -12.73 -0.70 -22.20
CA PHE A 119 -12.07 0.46 -21.57
C PHE A 119 -12.32 1.75 -22.34
N GLY A 120 -12.23 1.69 -23.67
CA GLY A 120 -12.41 2.89 -24.46
C GLY A 120 -13.71 3.61 -24.14
N LEU A 121 -14.73 2.85 -23.75
CA LEU A 121 -16.04 3.41 -23.43
C LEU A 121 -16.26 3.66 -21.94
N PHE A 122 -15.77 2.79 -21.06
CA PHE A 122 -16.11 2.91 -19.65
C PHE A 122 -15.27 3.94 -18.91
N LEU A 123 -13.96 3.95 -19.15
CA LEU A 123 -13.08 4.98 -18.59
C LEU A 123 -13.56 6.40 -18.84
N PRO A 124 -14.04 6.78 -20.04
CA PRO A 124 -14.65 8.11 -20.17
C PRO A 124 -15.83 8.33 -19.24
N GLN A 125 -16.67 7.33 -19.01
CA GLN A 125 -17.81 7.51 -18.12
C GLN A 125 -17.36 7.62 -16.67
N LEU A 126 -16.25 6.97 -16.31
CA LEU A 126 -15.71 7.12 -14.97
C LEU A 126 -15.22 8.54 -14.75
N ARG A 127 -14.52 9.11 -15.73
CA ARG A 127 -14.03 10.47 -15.59
C ARG A 127 -15.19 11.46 -15.52
N LYS A 128 -16.25 11.21 -16.28
CA LYS A 128 -17.42 12.08 -16.28
C LYS A 128 -18.05 12.15 -14.89
N ILE A 129 -18.25 10.99 -14.25
CA ILE A 129 -18.75 10.94 -12.88
C ILE A 129 -17.85 11.76 -11.95
N CYS A 130 -16.53 11.49 -11.96
CA CYS A 130 -15.61 12.21 -11.09
C CYS A 130 -15.65 13.71 -11.34
N GLU A 131 -15.74 14.12 -12.61
CA GLU A 131 -15.78 15.55 -12.90
C GLU A 131 -17.10 16.19 -12.50
N LYS A 132 -18.20 15.42 -12.49
CA LYS A 132 -19.46 15.97 -12.03
C LYS A 132 -19.41 16.29 -10.53
N TYR A 133 -19.02 15.32 -9.71
CA TYR A 133 -19.23 15.36 -8.28
C TYR A 133 -18.06 15.92 -7.46
N TYR A 134 -16.87 16.05 -8.04
CA TYR A 134 -15.68 16.38 -7.28
C TYR A 134 -15.04 17.66 -7.79
N GLY A 135 -14.26 18.31 -6.93
CA GLY A 135 -13.37 19.37 -7.36
C GLY A 135 -12.24 18.84 -8.24
N PRO A 136 -11.42 19.74 -8.80
CA PRO A 136 -10.44 19.31 -9.81
C PRO A 136 -9.38 18.34 -9.30
N GLU A 137 -8.78 18.58 -8.12
CA GLU A 137 -7.76 17.65 -7.66
C GLU A 137 -8.40 16.32 -7.25
N ASP A 138 -9.51 16.39 -6.51
CA ASP A 138 -10.18 15.19 -6.06
C ASP A 138 -10.69 14.34 -7.22
N ALA A 139 -11.15 14.99 -8.29
CA ALA A 139 -11.63 14.23 -9.43
C ALA A 139 -10.50 13.39 -10.02
N GLU A 140 -9.31 13.97 -10.14
CA GLU A 140 -8.17 13.22 -10.65
C GLU A 140 -7.79 12.07 -9.72
N VAL A 141 -7.86 12.29 -8.41
CA VAL A 141 -7.49 11.23 -7.47
C VAL A 141 -8.53 10.13 -7.51
N ALA A 142 -9.82 10.50 -7.52
CA ALA A 142 -10.87 9.50 -7.61
C ALA A 142 -10.78 8.72 -8.92
N TYR A 143 -10.57 9.42 -10.03
CA TYR A 143 -10.56 8.75 -11.33
C TYR A 143 -9.37 7.80 -11.47
N GLU A 144 -8.18 8.25 -11.07
CA GLU A 144 -7.02 7.34 -11.10
C GLU A 144 -7.30 6.04 -10.34
N ALA A 145 -7.86 6.15 -9.14
CA ALA A 145 -8.12 4.96 -8.33
C ALA A 145 -9.22 4.10 -8.93
N ALA A 146 -10.20 4.71 -9.59
CA ALA A 146 -11.20 3.95 -10.33
C ALA A 146 -10.57 3.21 -11.50
N ARG A 147 -9.80 3.93 -12.31
CA ARG A 147 -9.05 3.31 -13.41
C ARG A 147 -8.20 2.15 -12.90
N ALA A 148 -7.48 2.36 -11.80
CA ALA A 148 -6.59 1.31 -11.27
C ALA A 148 -7.38 0.08 -10.84
N PHE A 149 -8.53 0.27 -10.20
CA PHE A 149 -9.32 -0.88 -9.74
C PHE A 149 -9.86 -1.70 -10.92
N VAL A 150 -10.48 -1.03 -11.91
CA VAL A 150 -11.09 -1.80 -12.99
C VAL A 150 -10.01 -2.46 -13.84
N THR A 151 -8.88 -1.77 -14.04
CA THR A 151 -7.75 -2.35 -14.76
C THR A 151 -7.14 -3.53 -14.01
N SER A 152 -7.05 -3.43 -12.69
CA SER A 152 -6.55 -4.55 -11.91
C SER A 152 -7.46 -5.76 -12.03
N ASP A 153 -8.77 -5.57 -11.82
CA ASP A 153 -9.71 -6.68 -11.92
C ASP A 153 -9.61 -7.36 -13.29
N HIS A 154 -9.44 -6.56 -14.36
CA HIS A 154 -9.34 -7.11 -15.71
C HIS A 154 -8.07 -7.94 -15.88
N MET A 155 -6.90 -7.34 -15.64
CA MET A 155 -5.67 -8.02 -16.02
C MET A 155 -5.33 -9.16 -15.09
N PHE A 156 -6.10 -9.37 -14.01
CA PHE A 156 -5.84 -10.52 -13.15
C PHE A 156 -6.79 -11.69 -13.37
N ARG A 157 -7.69 -11.64 -14.35
CA ARG A 157 -8.40 -12.85 -14.73
C ARG A 157 -7.43 -13.87 -15.32
N ASP A 158 -7.40 -15.06 -14.74
CA ASP A 158 -6.45 -16.13 -15.12
C ASP A 158 -5.03 -15.57 -15.34
N SER A 159 -4.48 -14.95 -14.25
CA SER A 159 -3.11 -14.46 -14.13
C SER A 159 -2.35 -15.32 -13.14
N PRO A 160 -1.23 -15.98 -13.54
CA PRO A 160 -0.45 -16.73 -12.55
C PRO A 160 -0.09 -15.92 -11.32
N ILE A 161 -0.04 -14.58 -11.44
CA ILE A 161 0.19 -13.75 -10.27
C ILE A 161 -0.91 -13.96 -9.25
N LYS A 162 -2.16 -13.77 -9.66
CA LYS A 162 -3.29 -13.94 -8.75
C LYS A 162 -3.30 -15.34 -8.13
N ALA A 163 -2.99 -16.36 -8.94
CA ALA A 163 -2.90 -17.72 -8.41
C ALA A 163 -1.83 -17.81 -7.33
N ALA A 164 -0.65 -17.24 -7.59
CA ALA A 164 0.41 -17.31 -6.60
C ALA A 164 0.05 -16.53 -5.34
N LEU A 165 -0.53 -15.34 -5.50
CA LEU A 165 -0.80 -14.49 -4.34
C LEU A 165 -1.95 -15.03 -3.48
N CYS A 166 -2.88 -15.77 -4.06
CA CYS A 166 -4.08 -16.19 -3.34
C CYS A 166 -3.96 -17.58 -2.77
N THR A 167 -3.02 -18.39 -3.24
CA THR A 167 -2.88 -19.73 -2.72
C THR A 167 -1.61 -19.92 -1.89
N THR A 168 -0.86 -18.86 -1.60
CA THR A 168 0.42 -19.06 -0.92
C THR A 168 0.31 -18.97 0.60
N SER A 169 -0.30 -17.90 1.11
CA SER A 169 -0.47 -17.65 2.54
C SER A 169 -1.46 -16.50 2.70
N PRO A 170 -2.06 -16.34 3.88
CA PRO A 170 -2.87 -15.12 4.11
C PRO A 170 -2.10 -13.84 3.79
N GLU A 171 -0.80 -13.83 4.10
CA GLU A 171 0.04 -12.67 3.86
C GLU A 171 0.00 -12.20 2.42
N GLN A 172 0.36 -13.09 1.49
CA GLN A 172 0.32 -12.71 0.09
C GLN A 172 -1.10 -12.35 -0.33
N TYR A 173 -2.08 -13.10 0.17
CA TYR A 173 -3.46 -12.91 -0.26
C TYR A 173 -3.96 -11.52 0.09
N PHE A 174 -3.86 -11.14 1.37
CA PHE A 174 -4.36 -9.84 1.78
C PHE A 174 -3.58 -8.71 1.09
N ARG A 175 -2.30 -8.94 0.78
CA ARG A 175 -1.54 -7.96 0.00
C ARG A 175 -2.20 -7.70 -1.37
N PHE A 176 -2.66 -8.76 -2.03
CA PHE A 176 -3.37 -8.59 -3.29
C PHE A 176 -4.68 -7.84 -3.07
N ARG A 177 -5.39 -8.17 -1.98
CA ARG A 177 -6.73 -7.65 -1.74
C ARG A 177 -6.78 -6.16 -1.44
N VAL A 178 -5.68 -5.57 -0.95
CA VAL A 178 -5.63 -4.11 -0.73
C VAL A 178 -6.16 -3.37 -1.96
N THR A 179 -5.70 -3.77 -3.14
CA THR A 179 -6.23 -3.22 -4.38
C THR A 179 -7.49 -3.96 -4.81
N ASP A 180 -7.47 -5.28 -4.76
CA ASP A 180 -8.44 -6.02 -5.56
C ASP A 180 -9.84 -5.98 -4.95
N ILE A 181 -9.93 -5.95 -3.61
CA ILE A 181 -11.25 -5.85 -2.99
C ILE A 181 -11.86 -4.48 -3.23
N GLY A 182 -11.04 -3.48 -3.56
CA GLY A 182 -11.54 -2.15 -3.83
C GLY A 182 -11.38 -1.15 -2.70
N VAL A 183 -10.74 -1.52 -1.59
CA VAL A 183 -10.70 -0.62 -0.44
C VAL A 183 -9.78 0.56 -0.70
N ASP A 184 -8.68 0.37 -1.43
CA ASP A 184 -7.82 1.51 -1.73
C ASP A 184 -8.57 2.52 -2.60
N PHE A 185 -9.33 2.03 -3.58
CA PHE A 185 -10.28 2.85 -4.37
C PHE A 185 -11.25 3.57 -3.45
N TRP A 186 -11.91 2.82 -2.55
CA TRP A 186 -12.89 3.39 -1.62
C TRP A 186 -12.34 4.62 -0.89
N MET A 187 -11.17 4.48 -0.29
CA MET A 187 -10.60 5.57 0.50
C MET A 187 -10.27 6.77 -0.38
N LYS A 188 -9.77 6.55 -1.58
CA LYS A 188 -9.34 7.64 -2.44
C LYS A 188 -10.51 8.37 -3.09
N MET A 189 -11.69 7.76 -3.13
CA MET A 189 -12.88 8.47 -3.55
C MET A 189 -13.73 8.99 -2.38
N SER A 190 -13.55 8.45 -1.18
CA SER A 190 -14.37 8.80 -0.02
C SER A 190 -13.82 9.92 0.84
N TYR A 191 -12.52 10.21 0.78
CA TYR A 191 -12.01 11.28 1.63
C TYR A 191 -12.59 12.66 1.31
N PRO A 192 -13.02 12.98 0.08
CA PRO A 192 -13.76 14.25 -0.11
C PRO A 192 -15.03 14.32 0.71
N ILE A 193 -15.62 13.18 1.08
CA ILE A 193 -16.84 13.19 1.89
C ILE A 193 -16.60 13.91 3.21
N TYR A 194 -15.43 13.74 3.82
CA TYR A 194 -15.17 14.19 5.17
C TYR A 194 -14.30 15.44 5.27
N ARG A 195 -13.53 15.75 4.23
CA ARG A 195 -12.62 16.90 4.23
C ARG A 195 -11.82 16.97 5.53
N HIS A 196 -11.43 15.82 6.07
CA HIS A 196 -10.65 15.76 7.30
C HIS A 196 -9.19 15.52 6.94
N PRO A 197 -8.32 16.53 7.12
CA PRO A 197 -6.95 16.46 6.60
C PRO A 197 -6.15 15.19 6.93
N GLU A 198 -6.14 14.74 8.18
CA GLU A 198 -5.41 13.52 8.51
C GLU A 198 -5.93 12.35 7.69
N PHE A 199 -7.26 12.22 7.59
CA PHE A 199 -7.82 11.08 6.86
C PHE A 199 -7.49 11.16 5.37
N THR A 200 -7.39 12.38 4.84
CA THR A 200 -7.04 12.56 3.44
C THR A 200 -5.63 12.02 3.17
N GLU A 201 -4.70 12.29 4.09
CA GLU A 201 -3.32 11.84 3.90
C GLU A 201 -3.19 10.33 4.05
N HIS A 202 -3.85 9.76 5.06
CA HIS A 202 -3.90 8.30 5.17
C HIS A 202 -4.54 7.67 3.94
N ALA A 203 -5.54 8.32 3.36
CA ALA A 203 -6.15 7.80 2.14
C ALA A 203 -5.16 7.83 0.98
N LYS A 204 -4.38 8.91 0.87
CA LYS A 204 -3.47 9.09 -0.24
C LYS A 204 -2.19 8.27 -0.10
N THR A 205 -1.73 7.97 1.12
CA THR A 205 -0.63 7.01 1.26
C THR A 205 -1.10 5.56 1.13
N SER A 206 -2.41 5.32 1.17
CA SER A 206 -3.04 4.01 1.24
C SER A 206 -2.88 3.34 2.60
N LEU A 207 -2.29 4.02 3.59
CA LEU A 207 -2.31 3.47 4.94
C LEU A 207 -3.74 3.15 5.37
N ALA A 208 -4.69 4.02 4.99
CA ALA A 208 -6.09 3.78 5.35
C ALA A 208 -6.57 2.44 4.77
N ALA A 209 -6.35 2.23 3.49
CA ALA A 209 -6.74 0.97 2.88
C ALA A 209 -6.07 -0.22 3.57
N ARG A 210 -4.78 -0.07 3.89
CA ARG A 210 -4.04 -1.19 4.47
C ARG A 210 -4.57 -1.53 5.86
N MET A 211 -4.92 -0.51 6.64
CA MET A 211 -5.48 -0.75 7.98
C MET A 211 -6.78 -1.52 7.92
N THR A 212 -7.59 -1.30 6.88
CA THR A 212 -8.94 -1.83 6.82
C THR A 212 -9.08 -3.06 5.93
N THR A 213 -8.00 -3.50 5.28
CA THR A 213 -8.13 -4.56 4.28
C THR A 213 -8.66 -5.84 4.88
N ARG A 214 -8.06 -6.30 5.97
CA ARG A 214 -8.39 -7.63 6.45
C ARG A 214 -9.80 -7.68 7.02
N GLY A 215 -10.22 -6.62 7.71
CA GLY A 215 -11.58 -6.60 8.25
C GLY A 215 -12.65 -6.71 7.17
N LEU A 216 -12.45 -6.01 6.05
CA LEU A 216 -13.39 -6.08 4.93
C LEU A 216 -13.30 -7.42 4.23
N THR A 217 -12.09 -7.87 3.92
CA THR A 217 -11.90 -9.03 3.07
C THR A 217 -12.30 -10.33 3.76
N ILE A 218 -12.01 -10.45 5.06
CA ILE A 218 -12.33 -11.70 5.76
C ILE A 218 -13.85 -11.90 5.79
N VAL A 219 -14.59 -10.83 6.06
CA VAL A 219 -16.05 -10.92 6.08
C VAL A 219 -16.60 -11.27 4.70
N ASN A 220 -16.19 -10.50 3.68
CA ASN A 220 -16.63 -10.77 2.33
C ASN A 220 -16.29 -12.19 1.89
N ASP A 221 -15.07 -12.64 2.21
CA ASP A 221 -14.67 -13.97 1.77
C ASP A 221 -15.57 -15.04 2.36
N PHE A 222 -15.93 -14.94 3.64
CA PHE A 222 -16.70 -16.02 4.22
C PHE A 222 -18.06 -16.13 3.55
N TYR A 223 -18.72 -14.99 3.38
CA TYR A 223 -20.07 -15.01 2.88
C TYR A 223 -20.14 -15.26 1.39
N SER A 224 -19.16 -14.81 0.61
CA SER A 224 -19.18 -15.03 -0.84
C SER A 224 -18.43 -16.28 -1.27
N TYR A 225 -18.03 -17.14 -0.32
CA TYR A 225 -17.22 -18.30 -0.64
C TYR A 225 -17.94 -19.25 -1.60
N ASP A 226 -19.19 -19.60 -1.28
CA ASP A 226 -19.91 -20.59 -2.10
C ASP A 226 -20.07 -20.11 -3.54
N ARG A 227 -20.45 -18.85 -3.73
CA ARG A 227 -20.56 -18.32 -5.09
C ARG A 227 -19.26 -18.44 -5.86
N GLU A 228 -18.14 -18.02 -5.25
CA GLU A 228 -16.89 -17.92 -5.99
C GLU A 228 -16.29 -19.30 -6.27
N VAL A 229 -16.50 -20.26 -5.37
CA VAL A 229 -16.08 -21.63 -5.63
C VAL A 229 -16.86 -22.19 -6.81
N SER A 230 -18.12 -21.78 -6.95
CA SER A 230 -18.95 -22.28 -8.05
C SER A 230 -18.49 -21.72 -9.38
N LEU A 231 -17.86 -20.55 -9.36
CA LEU A 231 -17.47 -19.86 -10.59
C LEU A 231 -15.99 -19.97 -10.88
N GLY A 232 -15.27 -20.82 -10.15
CA GLY A 232 -13.85 -20.98 -10.37
C GLY A 232 -13.03 -19.76 -10.02
N GLN A 233 -13.49 -18.95 -9.07
CA GLN A 233 -12.80 -17.74 -8.64
C GLN A 233 -11.96 -18.04 -7.40
N ILE A 234 -10.66 -17.74 -7.48
CA ILE A 234 -9.75 -18.13 -6.42
C ILE A 234 -9.54 -17.04 -5.36
N THR A 235 -10.06 -15.84 -5.57
CA THR A 235 -9.75 -14.71 -4.69
C THR A 235 -10.61 -14.79 -3.42
N ASN A 236 -10.20 -15.66 -2.50
CA ASN A 236 -10.99 -15.92 -1.29
C ASN A 236 -10.13 -16.67 -0.28
N CYS A 237 -9.83 -16.03 0.86
CA CYS A 237 -8.85 -16.60 1.79
C CYS A 237 -9.28 -17.94 2.36
N PHE A 238 -10.57 -18.24 2.41
CA PHE A 238 -10.95 -19.53 2.96
C PHE A 238 -10.59 -20.70 2.04
N ARG A 239 -10.18 -20.43 0.80
CA ARG A 239 -9.64 -21.50 -0.03
C ARG A 239 -8.26 -21.95 0.44
N LEU A 240 -7.64 -21.23 1.38
CA LEU A 240 -6.35 -21.60 1.94
C LEU A 240 -6.45 -22.66 3.04
N CYS A 241 -7.65 -23.15 3.34
CA CYS A 241 -7.79 -24.19 4.34
C CYS A 241 -8.85 -25.21 3.91
N ASP A 242 -8.89 -26.32 4.63
CA ASP A 242 -9.78 -27.44 4.30
C ASP A 242 -11.10 -27.20 5.03
N VAL A 243 -12.05 -26.56 4.34
CA VAL A 243 -13.25 -26.08 5.00
C VAL A 243 -14.24 -27.19 5.29
N SER A 244 -14.04 -28.38 4.72
CA SER A 244 -14.92 -29.49 5.06
C SER A 244 -14.67 -29.94 6.50
N ASP A 245 -13.40 -30.07 6.86
CA ASP A 245 -13.01 -30.55 8.18
C ASP A 245 -13.11 -29.40 9.18
N GLU A 246 -13.88 -29.61 10.24
CA GLU A 246 -14.22 -28.52 11.15
C GLU A 246 -13.10 -28.21 12.14
N THR A 247 -12.18 -29.14 12.37
CA THR A 247 -11.05 -28.85 13.23
C THR A 247 -10.04 -27.95 12.53
N ALA A 248 -9.92 -28.11 11.22
CA ALA A 248 -9.05 -27.22 10.46
C ALA A 248 -9.72 -25.88 10.21
N PHE A 249 -11.04 -25.89 10.00
CA PHE A 249 -11.75 -24.64 9.72
C PHE A 249 -11.79 -23.73 10.94
N LYS A 250 -12.19 -24.26 12.10
CA LYS A 250 -12.28 -23.41 13.29
C LYS A 250 -10.93 -22.80 13.66
N GLU A 251 -9.84 -23.53 13.40
CA GLU A 251 -8.51 -22.99 13.66
C GLU A 251 -8.23 -21.81 12.75
N PHE A 252 -8.48 -21.98 11.45
CA PHE A 252 -8.26 -20.91 10.50
C PHE A 252 -9.17 -19.72 10.76
N PHE A 253 -10.46 -19.98 11.00
CA PHE A 253 -11.38 -18.90 11.31
C PHE A 253 -10.94 -18.15 12.56
N GLN A 254 -10.38 -18.87 13.54
CA GLN A 254 -9.85 -18.19 14.71
C GLN A 254 -8.72 -17.24 14.35
N ALA A 255 -7.74 -17.72 13.57
CA ALA A 255 -6.63 -16.86 13.17
C ALA A 255 -7.11 -15.61 12.43
N ARG A 256 -8.12 -15.75 11.54
CA ARG A 256 -8.67 -14.59 10.85
C ARG A 256 -9.37 -13.63 11.81
N LEU A 257 -10.14 -14.17 12.76
CA LEU A 257 -10.71 -13.32 13.80
C LEU A 257 -9.62 -12.54 14.54
N ASP A 258 -8.50 -13.20 14.85
CA ASP A 258 -7.41 -12.51 15.53
C ASP A 258 -6.82 -11.41 14.64
N ASP A 259 -6.74 -11.67 13.34
CA ASP A 259 -6.34 -10.63 12.39
C ASP A 259 -7.21 -9.40 12.55
N MET A 260 -8.53 -9.58 12.49
CA MET A 260 -9.45 -8.45 12.59
C MET A 260 -9.27 -7.70 13.90
N ILE A 261 -9.12 -8.41 15.01
CA ILE A 261 -9.04 -7.75 16.33
C ILE A 261 -7.78 -6.91 16.43
N GLU A 262 -6.64 -7.43 15.96
CA GLU A 262 -5.39 -6.67 16.03
C GLU A 262 -5.45 -5.43 15.16
N ASP A 263 -5.98 -5.58 13.94
CA ASP A 263 -6.26 -4.43 13.08
C ASP A 263 -7.12 -3.40 13.81
N ILE A 264 -8.24 -3.85 14.37
CA ILE A 264 -9.19 -2.92 14.98
C ILE A 264 -8.54 -2.19 16.16
N GLU A 265 -7.76 -2.90 16.99
CA GLU A 265 -7.10 -2.21 18.10
C GLU A 265 -6.08 -1.18 17.61
N CYS A 266 -5.30 -1.52 16.58
CA CYS A 266 -4.35 -0.55 16.05
C CYS A 266 -5.06 0.64 15.41
N ILE A 267 -6.21 0.42 14.78
CA ILE A 267 -7.01 1.51 14.23
C ILE A 267 -7.40 2.49 15.34
N LYS A 268 -7.71 1.97 16.53
CA LYS A 268 -8.15 2.83 17.63
C LYS A 268 -7.08 3.82 18.08
N ALA A 269 -5.86 3.73 17.56
CA ALA A 269 -4.82 4.71 17.83
C ALA A 269 -4.88 5.88 16.87
N PHE A 270 -5.59 5.74 15.76
CA PHE A 270 -5.78 6.86 14.84
C PHE A 270 -6.68 7.90 15.49
N ASP A 271 -6.68 9.10 14.91
CA ASP A 271 -7.47 10.19 15.47
C ASP A 271 -8.95 9.87 15.39
N GLN A 272 -9.71 10.46 16.32
CA GLN A 272 -11.09 10.06 16.56
C GLN A 272 -11.92 10.02 15.27
N LEU A 273 -11.92 11.11 14.49
CA LEU A 273 -12.68 11.09 13.24
C LEU A 273 -12.19 9.98 12.31
N THR A 274 -10.90 9.98 11.96
CA THR A 274 -10.33 8.93 11.13
C THR A 274 -10.69 7.54 11.65
N GLN A 275 -10.40 7.30 12.93
CA GLN A 275 -10.75 6.06 13.61
C GLN A 275 -12.21 5.69 13.41
N ASP A 276 -13.11 6.68 13.48
CA ASP A 276 -14.53 6.39 13.28
C ASP A 276 -14.81 5.94 11.86
N VAL A 277 -14.22 6.62 10.87
CA VAL A 277 -14.44 6.21 9.48
C VAL A 277 -13.95 4.79 9.27
N PHE A 278 -12.75 4.47 9.74
CA PHE A 278 -12.22 3.12 9.53
C PHE A 278 -13.14 2.08 10.12
N LEU A 279 -13.59 2.28 11.36
CA LEU A 279 -14.39 1.26 12.03
C LEU A 279 -15.81 1.21 11.47
N ASP A 280 -16.44 2.35 11.19
CA ASP A 280 -17.77 2.29 10.59
C ASP A 280 -17.72 1.57 9.25
N LEU A 281 -16.61 1.72 8.51
CA LEU A 281 -16.44 0.97 7.27
C LEU A 281 -16.45 -0.53 7.52
N ILE A 282 -15.62 -1.00 8.44
CA ILE A 282 -15.50 -2.44 8.63
C ILE A 282 -16.80 -3.03 9.17
N TYR A 283 -17.35 -2.39 10.20
CA TYR A 283 -18.60 -2.87 10.79
C TYR A 283 -19.77 -2.68 9.83
N GLY A 284 -19.85 -1.51 9.20
CA GLY A 284 -20.92 -1.27 8.24
C GLY A 284 -20.96 -2.31 7.16
N ASN A 285 -19.79 -2.71 6.65
CA ASN A 285 -19.73 -3.73 5.62
C ASN A 285 -20.27 -5.07 6.12
N PHE A 286 -20.06 -5.38 7.39
CA PHE A 286 -20.54 -6.64 7.94
C PHE A 286 -22.08 -6.67 8.03
N VAL A 287 -22.71 -5.56 8.40
CA VAL A 287 -24.17 -5.53 8.47
C VAL A 287 -24.78 -5.66 7.08
N TRP A 288 -24.31 -4.85 6.14
CA TRP A 288 -24.79 -4.97 4.77
C TRP A 288 -24.60 -6.38 4.25
N THR A 289 -23.39 -6.92 4.36
CA THR A 289 -23.08 -8.22 3.78
C THR A 289 -23.99 -9.32 4.32
N THR A 290 -24.28 -9.29 5.62
CA THR A 290 -24.96 -10.41 6.28
C THR A 290 -26.47 -10.38 6.08
N SER A 291 -27.00 -9.30 5.52
CA SER A 291 -28.44 -9.14 5.38
C SER A 291 -28.89 -8.88 3.95
N ASN A 292 -27.99 -8.87 2.99
CA ASN A 292 -28.35 -8.44 1.64
C ASN A 292 -28.39 -9.62 0.68
N LYS A 293 -29.33 -9.55 -0.27
CA LYS A 293 -29.55 -10.58 -1.28
C LYS A 293 -28.28 -11.05 -1.96
N ARG A 294 -27.32 -10.12 -2.13
CA ARG A 294 -26.07 -10.47 -2.81
C ARG A 294 -25.47 -11.76 -2.26
N TYR A 295 -25.52 -11.97 -0.95
CA TYR A 295 -24.73 -13.02 -0.32
C TYR A 295 -25.61 -14.08 0.34
N LYS A 296 -26.69 -14.51 -0.30
CA LYS A 296 -27.45 -15.63 0.25
C LYS A 296 -27.29 -16.93 -0.52
N THR A 297 -26.87 -16.89 -1.79
CA THR A 297 -26.06 -17.95 -2.40
C THR A 297 -25.58 -17.50 -3.76
N ALA A 298 -24.86 -18.41 -4.44
CA ALA A 298 -24.23 -18.22 -5.77
C ALA A 298 -24.57 -16.92 -6.50
N ILE B 13 14.99 -1.20 25.08
CA ILE B 13 15.88 -0.25 24.40
C ILE B 13 17.16 0.08 25.13
N GLY B 14 18.14 0.59 24.39
CA GLY B 14 19.29 1.16 25.03
C GLY B 14 20.61 0.93 24.31
N ARG B 15 20.99 1.86 23.41
CA ARG B 15 22.27 1.77 22.70
C ARG B 15 22.55 0.34 22.24
N SER B 16 21.51 -0.42 21.93
CA SER B 16 21.69 -1.83 21.66
C SER B 16 22.28 -2.02 20.27
N SER B 17 22.51 -3.27 19.92
CA SER B 17 23.39 -3.50 18.79
C SER B 17 23.20 -4.91 18.27
N VAL B 18 23.26 -5.02 16.95
CA VAL B 18 23.31 -6.30 16.29
C VAL B 18 24.73 -6.61 15.80
N ARG B 19 25.70 -5.82 16.24
CA ARG B 19 27.11 -6.07 15.92
C ARG B 19 27.56 -7.51 16.08
N PRO B 20 27.18 -8.26 17.13
CA PRO B 20 27.68 -9.65 17.22
C PRO B 20 27.20 -10.53 16.10
N TYR B 21 26.14 -10.13 15.40
CA TYR B 21 25.54 -10.91 14.33
C TYR B 21 25.92 -10.42 12.94
N LEU B 22 26.65 -9.32 12.85
CA LEU B 22 26.88 -8.70 11.54
C LEU B 22 27.35 -9.74 10.54
N GLU B 23 28.13 -10.71 11.01
CA GLU B 23 28.88 -11.58 10.11
C GLU B 23 28.06 -12.78 9.67
N GLU B 24 27.45 -13.50 10.61
CA GLU B 24 26.63 -14.65 10.21
C GLU B 24 25.44 -14.17 9.40
N CYS B 25 24.92 -12.99 9.72
CA CYS B 25 23.68 -12.53 9.08
C CYS B 25 23.93 -12.07 7.66
N THR B 26 25.03 -11.34 7.43
CA THR B 26 25.42 -11.02 6.07
C THR B 26 25.54 -12.27 5.23
N ARG B 27 26.19 -13.31 5.76
CA ARG B 27 26.30 -14.59 5.07
C ARG B 27 24.95 -15.25 4.88
N ARG B 28 24.10 -15.26 5.90
CA ARG B 28 22.74 -15.78 5.77
C ARG B 28 21.97 -15.03 4.68
N PHE B 29 22.06 -13.70 4.68
CA PHE B 29 21.43 -12.90 3.61
C PHE B 29 21.97 -13.31 2.25
N GLN B 30 23.31 -13.35 2.11
CA GLN B 30 23.93 -13.64 0.82
C GLN B 30 23.58 -15.03 0.33
N GLU B 31 23.61 -16.02 1.22
CA GLU B 31 23.23 -17.37 0.85
C GLU B 31 21.78 -17.46 0.42
N MET B 32 20.90 -16.67 1.03
CA MET B 32 19.49 -16.66 0.62
C MET B 32 19.35 -16.10 -0.79
N PHE B 33 20.02 -14.99 -1.09
CA PHE B 33 20.00 -14.45 -2.44
C PHE B 33 20.59 -15.40 -3.47
N ASP B 34 21.63 -16.17 -3.10
CA ASP B 34 22.24 -17.12 -4.04
C ASP B 34 21.33 -18.29 -4.35
N ARG B 35 20.53 -18.71 -3.38
CA ARG B 35 19.62 -19.83 -3.61
C ARG B 35 18.35 -19.40 -4.33
N HIS B 36 17.79 -18.24 -3.96
CA HIS B 36 16.45 -17.89 -4.38
C HIS B 36 16.36 -16.80 -5.45
N VAL B 37 17.35 -15.92 -5.58
CA VAL B 37 17.27 -14.82 -6.52
C VAL B 37 18.13 -15.05 -7.75
N VAL B 38 19.36 -15.51 -7.56
CA VAL B 38 20.22 -16.02 -8.63
C VAL B 38 20.86 -14.90 -9.43
N THR B 39 20.05 -14.14 -10.17
CA THR B 39 20.59 -13.00 -10.91
C THR B 39 21.24 -11.98 -9.97
N ARG B 40 22.49 -11.62 -10.26
CA ARG B 40 23.13 -10.56 -9.48
C ARG B 40 22.67 -9.18 -9.97
N PRO B 41 22.53 -8.20 -9.08
CA PRO B 41 22.24 -6.84 -9.53
C PRO B 41 23.38 -6.29 -10.37
N THR B 42 23.10 -5.17 -11.06
CA THR B 42 24.06 -4.59 -12.00
C THR B 42 24.06 -3.08 -11.88
N LYS B 43 25.21 -2.50 -11.53
CA LYS B 43 25.31 -1.08 -11.22
C LYS B 43 25.42 -0.23 -12.49
N VAL B 44 24.64 0.85 -12.54
CA VAL B 44 24.77 1.85 -13.60
C VAL B 44 25.84 2.87 -13.23
N GLU B 45 26.96 2.87 -13.93
CA GLU B 45 28.00 3.86 -13.69
C GLU B 45 27.81 5.03 -14.65
N LEU B 46 27.30 6.14 -14.13
CA LEU B 46 27.06 7.36 -14.90
C LEU B 46 28.36 7.97 -15.39
N THR B 47 28.30 8.66 -16.51
CA THR B 47 29.46 9.42 -16.98
C THR B 47 29.68 10.65 -16.11
N ASP B 48 30.93 11.14 -16.11
CA ASP B 48 31.37 12.23 -15.24
C ASP B 48 30.39 13.40 -15.24
N ALA B 49 29.84 13.69 -16.42
CA ALA B 49 28.90 14.78 -16.57
C ALA B 49 27.59 14.52 -15.85
N GLU B 50 26.85 13.48 -16.25
CA GLU B 50 25.51 13.25 -15.72
C GLU B 50 25.53 13.12 -14.21
N LEU B 51 26.60 12.56 -13.64
CA LEU B 51 26.69 12.49 -12.20
C LEU B 51 26.79 13.89 -11.58
N ARG B 52 27.52 14.79 -12.24
CA ARG B 52 27.53 16.17 -11.76
C ARG B 52 26.21 16.88 -12.02
N GLU B 53 25.51 16.56 -13.11
CA GLU B 53 24.16 17.07 -13.30
C GLU B 53 23.26 16.66 -12.12
N VAL B 54 23.25 15.36 -11.81
CA VAL B 54 22.50 14.85 -10.68
C VAL B 54 22.83 15.62 -9.41
N ILE B 55 24.11 15.69 -9.07
CA ILE B 55 24.53 16.31 -7.82
C ILE B 55 24.18 17.80 -7.82
N ASP B 56 24.44 18.49 -8.93
CA ASP B 56 24.09 19.91 -9.04
C ASP B 56 22.60 20.11 -8.79
N ASP B 57 21.75 19.26 -9.36
CA ASP B 57 20.32 19.42 -9.13
C ASP B 57 19.96 19.12 -7.68
N CYS B 58 20.58 18.08 -7.09
CA CYS B 58 20.33 17.77 -5.69
C CYS B 58 20.61 18.97 -4.80
N ASN B 59 21.77 19.60 -4.98
CA ASN B 59 22.11 20.80 -4.22
C ASN B 59 21.03 21.87 -4.34
N ALA B 60 20.67 22.24 -5.57
CA ALA B 60 19.68 23.30 -5.75
C ALA B 60 18.42 23.00 -4.96
N ALA B 61 18.01 21.73 -4.95
CA ALA B 61 16.79 21.35 -4.24
C ALA B 61 16.95 21.57 -2.74
N VAL B 62 18.04 21.09 -2.15
CA VAL B 62 18.15 21.24 -0.69
C VAL B 62 18.78 22.56 -0.29
N ALA B 63 19.19 23.39 -1.25
CA ALA B 63 19.76 24.69 -0.91
C ALA B 63 18.81 25.55 -0.10
N PRO B 64 17.53 25.72 -0.46
CA PRO B 64 16.68 26.62 0.33
C PRO B 64 16.42 26.15 1.74
N LEU B 65 16.81 24.93 2.10
CA LEU B 65 16.63 24.44 3.47
C LEU B 65 17.84 24.74 4.36
N GLY B 66 18.96 25.15 3.78
CA GLY B 66 19.99 25.87 4.51
C GLY B 66 21.08 25.03 5.15
N LYS B 67 21.35 23.84 4.59
CA LYS B 67 22.25 22.89 5.23
C LYS B 67 23.11 22.23 4.16
N THR B 68 24.43 22.31 4.34
CA THR B 68 25.34 21.75 3.36
C THR B 68 25.29 20.23 3.41
N VAL B 69 25.35 19.62 2.23
CA VAL B 69 25.63 18.20 2.15
C VAL B 69 26.68 18.02 1.06
N SER B 70 27.62 17.10 1.32
CA SER B 70 28.84 16.99 0.52
C SER B 70 28.65 16.07 -0.68
N ASP B 71 29.56 16.21 -1.64
CA ASP B 71 29.53 15.33 -2.80
C ASP B 71 29.71 13.89 -2.37
N GLU B 72 30.56 13.67 -1.34
CA GLU B 72 30.77 12.33 -0.80
C GLU B 72 29.47 11.75 -0.27
N ARG B 73 28.70 12.56 0.45
CA ARG B 73 27.44 12.09 0.98
C ARG B 73 26.41 11.91 -0.13
N TRP B 74 26.44 12.76 -1.16
CA TRP B 74 25.56 12.55 -2.30
C TRP B 74 25.81 11.19 -2.93
N ILE B 75 27.08 10.82 -3.07
CA ILE B 75 27.40 9.55 -3.69
C ILE B 75 27.04 8.38 -2.77
N SER B 76 26.79 8.66 -1.48
CA SER B 76 26.27 7.65 -0.59
C SER B 76 24.80 7.39 -0.87
N TYR B 77 23.98 8.43 -0.81
CA TYR B 77 22.57 8.33 -1.18
C TYR B 77 22.39 7.66 -2.53
N VAL B 78 22.97 8.25 -3.57
CA VAL B 78 22.62 7.88 -4.94
C VAL B 78 22.97 6.43 -5.23
N GLY B 79 23.84 5.83 -4.41
CA GLY B 79 24.26 4.47 -4.66
C GLY B 79 23.13 3.46 -4.64
N VAL B 80 22.10 3.70 -3.82
CA VAL B 80 20.94 2.80 -3.86
C VAL B 80 20.29 2.82 -5.24
N VAL B 81 20.23 3.99 -5.89
CA VAL B 81 19.67 4.07 -7.24
C VAL B 81 20.63 3.45 -8.25
N LEU B 82 21.94 3.67 -8.06
CA LEU B 82 22.91 3.09 -8.98
C LEU B 82 22.91 1.58 -8.89
N TRP B 83 22.60 1.02 -7.72
CA TRP B 83 22.68 -0.41 -7.51
C TRP B 83 21.36 -1.14 -7.63
N SER B 84 20.22 -0.48 -7.45
CA SER B 84 18.99 -1.24 -7.26
C SER B 84 17.96 -1.06 -8.36
N GLN B 85 18.32 -0.45 -9.49
CA GLN B 85 17.45 -0.43 -10.66
C GLN B 85 17.77 -1.65 -11.52
N SER B 86 17.21 -1.74 -12.72
CA SER B 86 17.37 -2.90 -13.61
C SER B 86 17.98 -2.45 -14.93
N PRO B 87 19.31 -2.49 -15.03
CA PRO B 87 19.95 -2.15 -16.31
C PRO B 87 19.51 -2.98 -17.49
N ARG B 88 19.12 -4.24 -17.30
CA ARG B 88 18.63 -5.04 -18.43
C ARG B 88 17.47 -4.36 -19.16
N HIS B 89 16.78 -3.43 -18.50
CA HIS B 89 15.49 -2.98 -18.98
C HIS B 89 15.34 -1.47 -19.06
N ILE B 90 16.32 -0.70 -18.58
CA ILE B 90 16.22 0.74 -18.58
C ILE B 90 16.03 1.27 -20.00
N LYS B 91 14.98 2.06 -20.20
CA LYS B 91 14.74 2.77 -21.46
C LYS B 91 14.83 4.29 -21.34
N ASP B 92 14.34 4.90 -20.25
CA ASP B 92 14.28 6.36 -20.14
C ASP B 92 15.29 6.79 -19.08
N MET B 93 16.40 7.37 -19.53
CA MET B 93 17.42 7.84 -18.61
C MET B 93 17.09 9.21 -18.02
N GLU B 94 16.22 9.99 -18.64
CA GLU B 94 15.71 11.18 -17.95
C GLU B 94 15.04 10.79 -16.65
N ALA B 95 14.15 9.80 -16.71
CA ALA B 95 13.49 9.31 -15.51
C ALA B 95 14.49 8.75 -14.51
N PHE B 96 15.51 8.02 -14.99
CA PHE B 96 16.55 7.51 -14.10
C PHE B 96 17.21 8.63 -13.34
N LYS B 97 17.69 9.65 -14.07
CA LYS B 97 18.28 10.81 -13.41
C LYS B 97 17.33 11.45 -12.41
N ALA B 98 16.04 11.49 -12.74
CA ALA B 98 15.05 12.01 -11.79
C ALA B 98 15.05 11.22 -10.50
N VAL B 99 15.00 9.89 -10.58
CA VAL B 99 14.98 9.08 -9.37
C VAL B 99 16.24 9.33 -8.55
N CYS B 100 17.38 9.51 -9.22
CA CYS B 100 18.60 9.84 -8.49
C CYS B 100 18.39 11.11 -7.67
N VAL B 101 17.81 12.12 -8.29
CA VAL B 101 17.64 13.41 -7.62
C VAL B 101 16.60 13.31 -6.51
N LEU B 102 15.41 12.78 -6.84
CA LEU B 102 14.32 12.72 -5.87
C LEU B 102 14.70 11.84 -4.69
N ASN B 103 15.32 10.68 -4.94
CA ASN B 103 15.66 9.83 -3.81
C ASN B 103 16.66 10.53 -2.92
N CYS B 104 17.71 11.12 -3.50
CA CYS B 104 18.71 11.79 -2.69
C CYS B 104 18.12 12.95 -1.89
N VAL B 105 17.27 13.75 -2.51
CA VAL B 105 16.82 14.94 -1.78
C VAL B 105 15.87 14.57 -0.65
N THR B 106 15.08 13.51 -0.82
CA THR B 106 14.20 13.07 0.26
C THR B 106 14.96 12.28 1.33
N PHE B 107 16.09 11.66 0.98
CA PHE B 107 16.99 11.12 1.99
C PHE B 107 17.47 12.23 2.92
N VAL B 108 17.86 13.37 2.35
CA VAL B 108 18.23 14.52 3.17
C VAL B 108 17.10 14.84 4.14
N TRP B 109 15.87 14.87 3.63
CA TRP B 109 14.69 15.14 4.47
C TRP B 109 14.56 14.12 5.57
N ASP B 110 14.87 12.85 5.27
CA ASP B 110 14.76 11.78 6.25
C ASP B 110 15.87 11.90 7.30
N ASP B 111 17.08 12.26 6.85
CA ASP B 111 18.23 12.50 7.71
C ASP B 111 18.07 13.75 8.59
N MET B 112 17.06 14.56 8.31
CA MET B 112 16.99 15.96 8.72
C MET B 112 16.15 16.11 9.98
N ASP B 113 16.61 16.98 10.84
CA ASP B 113 15.89 17.31 12.05
C ASP B 113 14.56 17.96 11.72
N PRO B 114 13.46 17.55 12.35
CA PRO B 114 12.11 17.99 11.89
C PRO B 114 11.89 19.50 11.95
N ALA B 115 12.72 20.24 12.67
CA ALA B 115 12.56 21.69 12.68
C ALA B 115 13.03 22.28 11.35
N LEU B 116 13.98 21.63 10.68
CA LEU B 116 14.42 22.03 9.34
C LEU B 116 13.38 21.80 8.26
N HIS B 117 12.35 20.99 8.50
CA HIS B 117 11.32 20.72 7.50
C HIS B 117 10.56 22.00 7.22
N ASP B 118 10.47 22.38 5.95
CA ASP B 118 9.62 23.49 5.53
C ASP B 118 8.88 23.10 4.26
N PHE B 119 7.59 22.79 4.40
CA PHE B 119 6.78 22.34 3.28
C PHE B 119 6.60 23.44 2.23
N GLY B 120 6.25 24.65 2.66
CA GLY B 120 6.06 25.72 1.71
C GLY B 120 7.29 25.99 0.87
N LEU B 121 8.47 25.79 1.44
CA LEU B 121 9.72 25.98 0.72
C LEU B 121 10.10 24.77 -0.12
N PHE B 122 9.98 23.56 0.44
CA PHE B 122 10.53 22.38 -0.19
C PHE B 122 9.59 21.76 -1.23
N LEU B 123 8.30 21.73 -0.96
CA LEU B 123 7.35 21.09 -1.87
C LEU B 123 7.36 21.66 -3.29
N PRO B 124 7.41 22.98 -3.50
CA PRO B 124 7.56 23.46 -4.88
C PRO B 124 8.86 23.03 -5.52
N GLN B 125 9.90 22.76 -4.73
CA GLN B 125 11.15 22.28 -5.30
C GLN B 125 11.02 20.83 -5.77
N LEU B 126 10.22 20.03 -5.05
CA LEU B 126 9.92 18.68 -5.49
C LEU B 126 9.02 18.70 -6.71
N ARG B 127 8.38 19.82 -6.97
CA ARG B 127 7.54 19.92 -8.17
C ARG B 127 8.40 20.32 -9.36
N LYS B 128 9.33 21.26 -9.13
CA LYS B 128 10.25 21.68 -10.18
C LYS B 128 11.08 20.52 -10.73
N ILE B 129 11.63 19.69 -9.83
CA ILE B 129 12.45 18.55 -10.26
C ILE B 129 11.64 17.63 -11.16
N CYS B 130 10.41 17.30 -10.75
CA CYS B 130 9.55 16.41 -11.52
C CYS B 130 9.22 17.00 -12.89
N GLU B 131 8.84 18.27 -12.93
CA GLU B 131 8.52 18.89 -14.22
C GLU B 131 9.75 19.02 -15.10
N LYS B 132 10.95 18.97 -14.52
CA LYS B 132 12.15 19.00 -15.35
C LYS B 132 12.37 17.67 -16.07
N TYR B 133 12.09 16.55 -15.40
CA TYR B 133 12.56 15.26 -15.87
C TYR B 133 11.49 14.36 -16.48
N TYR B 134 10.21 14.62 -16.22
CA TYR B 134 9.14 13.74 -16.68
C TYR B 134 8.21 14.50 -17.61
N GLY B 135 7.47 13.75 -18.41
CA GLY B 135 6.34 14.30 -19.10
C GLY B 135 5.24 14.68 -18.12
N PRO B 136 4.21 15.37 -18.62
CA PRO B 136 3.20 15.94 -17.72
C PRO B 136 2.56 14.94 -16.75
N GLU B 137 2.16 13.79 -17.25
CA GLU B 137 1.39 12.88 -16.42
C GLU B 137 2.29 12.11 -15.44
N ASP B 138 3.52 11.78 -15.85
CA ASP B 138 4.47 11.15 -14.96
C ASP B 138 4.95 12.12 -13.90
N ALA B 139 5.11 13.39 -14.26
CA ALA B 139 5.49 14.39 -13.27
C ALA B 139 4.48 14.46 -12.14
N GLU B 140 3.18 14.42 -12.47
CA GLU B 140 2.14 14.46 -11.44
C GLU B 140 2.21 13.24 -10.52
N VAL B 141 2.45 12.06 -11.09
CA VAL B 141 2.53 10.84 -10.29
C VAL B 141 3.76 10.89 -9.39
N ALA B 142 4.90 11.25 -9.95
CA ALA B 142 6.11 11.35 -9.15
C ALA B 142 5.95 12.40 -8.06
N TYR B 143 5.30 13.53 -8.36
CA TYR B 143 5.18 14.59 -7.37
C TYR B 143 4.28 14.18 -6.22
N GLU B 144 3.12 13.59 -6.52
CA GLU B 144 2.23 13.18 -5.45
C GLU B 144 2.92 12.18 -4.54
N ALA B 145 3.69 11.26 -5.13
CA ALA B 145 4.38 10.25 -4.34
C ALA B 145 5.50 10.87 -3.52
N ALA B 146 6.20 11.88 -4.06
CA ALA B 146 7.20 12.58 -3.27
C ALA B 146 6.55 13.34 -2.13
N ARG B 147 5.50 14.11 -2.43
CA ARG B 147 4.78 14.86 -1.41
C ARG B 147 4.26 13.95 -0.31
N ALA B 148 3.62 12.85 -0.70
CA ALA B 148 3.10 11.90 0.28
C ALA B 148 4.22 11.37 1.18
N PHE B 149 5.38 11.04 0.60
CA PHE B 149 6.47 10.48 1.39
C PHE B 149 7.03 11.49 2.41
N VAL B 150 7.39 12.69 1.95
CA VAL B 150 8.03 13.62 2.88
C VAL B 150 7.00 14.08 3.91
N THR B 151 5.71 14.06 3.54
CA THR B 151 4.65 14.44 4.47
C THR B 151 4.35 13.32 5.46
N SER B 152 4.40 12.06 5.02
CA SER B 152 4.26 10.97 5.97
C SER B 152 5.43 10.95 6.93
N ASP B 153 6.64 11.12 6.41
CA ASP B 153 7.81 11.11 7.27
C ASP B 153 7.69 12.20 8.34
N HIS B 154 7.04 13.31 7.99
CA HIS B 154 6.86 14.41 8.93
C HIS B 154 5.69 14.14 9.87
N MET B 155 4.60 13.60 9.32
CA MET B 155 3.45 13.24 10.14
C MET B 155 3.85 12.43 11.35
N PHE B 156 4.76 11.48 11.16
CA PHE B 156 4.97 10.46 12.18
C PHE B 156 6.22 10.66 13.04
N ARG B 157 6.97 11.76 12.89
CA ARG B 157 8.30 11.84 13.51
C ARG B 157 8.29 11.39 14.97
N ASP B 158 7.25 11.79 15.72
CA ASP B 158 7.17 11.52 17.14
C ASP B 158 5.80 10.97 17.53
N SER B 159 5.00 10.50 16.54
CA SER B 159 3.55 10.32 16.70
C SER B 159 3.20 9.01 17.38
N PRO B 160 2.07 8.98 18.12
CA PRO B 160 1.65 7.72 18.73
C PRO B 160 1.20 6.69 17.72
N ILE B 161 0.90 7.09 16.49
CA ILE B 161 0.48 6.12 15.48
C ILE B 161 1.68 5.29 15.03
N LYS B 162 2.82 5.95 14.80
CA LYS B 162 4.04 5.20 14.51
C LYS B 162 4.29 4.13 15.56
N ALA B 163 4.25 4.52 16.86
CA ALA B 163 4.54 3.59 17.94
C ALA B 163 3.55 2.43 17.96
N ALA B 164 2.29 2.70 17.65
CA ALA B 164 1.30 1.63 17.58
C ALA B 164 1.68 0.56 16.54
N LEU B 165 1.92 0.98 15.29
CA LEU B 165 2.16 0.01 14.23
C LEU B 165 3.55 -0.61 14.32
N CYS B 166 4.49 0.07 14.96
CA CYS B 166 5.85 -0.45 15.03
C CYS B 166 6.04 -1.45 16.15
N THR B 167 5.32 -1.32 17.26
CA THR B 167 5.55 -2.14 18.44
C THR B 167 4.53 -3.26 18.63
N THR B 168 3.56 -3.39 17.73
CA THR B 168 2.45 -4.34 17.89
C THR B 168 2.78 -5.71 17.32
N SER B 169 3.27 -5.77 16.09
CA SER B 169 3.44 -7.03 15.38
C SER B 169 4.19 -6.77 14.07
N PRO B 170 4.82 -7.79 13.50
CA PRO B 170 5.47 -7.60 12.20
C PRO B 170 4.52 -7.11 11.11
N GLU B 171 3.29 -7.64 11.09
CA GLU B 171 2.34 -7.25 10.06
C GLU B 171 2.00 -5.76 10.15
N GLN B 172 1.71 -5.26 11.37
CA GLN B 172 1.43 -3.84 11.48
C GLN B 172 2.66 -3.01 11.09
N TYR B 173 3.85 -3.49 11.45
CA TYR B 173 5.06 -2.72 11.15
C TYR B 173 5.33 -2.66 9.64
N PHE B 174 5.32 -3.80 8.96
CA PHE B 174 5.55 -3.78 7.52
C PHE B 174 4.45 -3.00 6.80
N ARG B 175 3.23 -2.98 7.35
CA ARG B 175 2.18 -2.19 6.71
C ARG B 175 2.51 -0.71 6.77
N PHE B 176 3.04 -0.24 7.89
CA PHE B 176 3.50 1.13 8.00
C PHE B 176 4.65 1.41 7.03
N ARG B 177 5.54 0.43 6.83
CA ARG B 177 6.77 0.65 6.06
C ARG B 177 6.54 0.74 4.55
N VAL B 178 5.43 0.21 4.01
CA VAL B 178 5.13 0.36 2.57
C VAL B 178 5.30 1.79 2.14
N THR B 179 4.82 2.72 2.97
CA THR B 179 4.98 4.15 2.70
C THR B 179 6.26 4.67 3.32
N ASP B 180 6.47 4.40 4.61
CA ASP B 180 7.48 5.15 5.35
C ASP B 180 8.90 4.89 4.82
N ILE B 181 9.24 3.64 4.52
CA ILE B 181 10.59 3.39 3.98
C ILE B 181 10.78 4.04 2.62
N GLY B 182 9.70 4.40 1.93
CA GLY B 182 9.78 5.09 0.67
C GLY B 182 9.63 4.22 -0.57
N VAL B 183 9.27 2.95 -0.44
CA VAL B 183 9.28 2.10 -1.64
C VAL B 183 8.07 2.36 -2.53
N ASP B 184 6.90 2.73 -1.97
CA ASP B 184 5.79 3.12 -2.85
C ASP B 184 6.18 4.34 -3.67
N PHE B 185 6.82 5.31 -3.03
CA PHE B 185 7.38 6.47 -3.73
C PHE B 185 8.37 6.04 -4.81
N TRP B 186 9.25 5.08 -4.48
CA TRP B 186 10.25 4.61 -5.42
C TRP B 186 9.61 4.04 -6.69
N MET B 187 8.64 3.15 -6.53
CA MET B 187 7.97 2.55 -7.68
C MET B 187 7.31 3.60 -8.58
N LYS B 188 6.60 4.57 -7.97
CA LYS B 188 5.80 5.52 -8.73
C LYS B 188 6.65 6.60 -9.40
N MET B 189 7.92 6.74 -9.01
CA MET B 189 8.84 7.56 -9.79
C MET B 189 9.78 6.74 -10.67
N SER B 190 9.83 5.41 -10.50
CA SER B 190 10.71 4.60 -11.31
C SER B 190 10.04 3.99 -12.55
N TYR B 191 8.71 3.83 -12.57
CA TYR B 191 8.09 3.18 -13.71
C TYR B 191 8.40 3.88 -15.04
N PRO B 192 8.54 5.21 -15.13
CA PRO B 192 8.91 5.80 -16.41
C PRO B 192 10.29 5.42 -16.90
N ILE B 193 11.15 4.87 -16.04
CA ILE B 193 12.45 4.40 -16.50
C ILE B 193 12.30 3.23 -17.45
N TYR B 194 11.24 2.44 -17.30
CA TYR B 194 11.13 1.15 -17.97
C TYR B 194 10.10 1.09 -19.07
N ARG B 195 9.15 2.02 -19.09
CA ARG B 195 8.06 2.05 -20.10
C ARG B 195 7.47 0.66 -20.30
N HIS B 196 7.32 -0.06 -19.21
CA HIS B 196 6.76 -1.39 -19.26
C HIS B 196 5.36 -1.34 -18.68
N PRO B 197 4.33 -1.65 -19.47
CA PRO B 197 2.95 -1.46 -18.98
C PRO B 197 2.59 -2.24 -17.73
N GLU B 198 2.89 -3.55 -17.68
CA GLU B 198 2.59 -4.32 -16.46
C GLU B 198 3.26 -3.69 -15.24
N PHE B 199 4.54 -3.35 -15.36
CA PHE B 199 5.25 -2.77 -14.22
C PHE B 199 4.64 -1.43 -13.84
N THR B 200 4.19 -0.68 -14.84
CA THR B 200 3.57 0.61 -14.56
C THR B 200 2.26 0.44 -13.78
N GLU B 201 1.47 -0.58 -14.13
CA GLU B 201 0.24 -0.82 -13.38
C GLU B 201 0.56 -1.25 -11.94
N HIS B 202 1.52 -2.16 -11.77
CA HIS B 202 1.88 -2.61 -10.43
C HIS B 202 2.40 -1.45 -9.59
N ALA B 203 3.17 -0.55 -10.19
CA ALA B 203 3.58 0.67 -9.48
C ALA B 203 2.39 1.51 -9.04
N LYS B 204 1.40 1.69 -9.94
CA LYS B 204 0.28 2.58 -9.65
C LYS B 204 -0.71 1.97 -8.67
N THR B 205 -0.81 0.65 -8.60
CA THR B 205 -1.67 0.04 -7.59
C THR B 205 -0.97 -0.09 -6.24
N SER B 206 0.34 0.16 -6.19
CA SER B 206 1.20 -0.11 -5.05
C SER B 206 1.44 -1.60 -4.80
N LEU B 207 0.94 -2.48 -5.67
CA LEU B 207 1.28 -3.89 -5.53
C LEU B 207 2.80 -4.08 -5.60
N ALA B 208 3.46 -3.34 -6.48
CA ALA B 208 4.92 -3.42 -6.57
C ALA B 208 5.58 -3.06 -5.24
N ALA B 209 5.20 -1.91 -4.67
CA ALA B 209 5.71 -1.54 -3.35
C ALA B 209 5.47 -2.65 -2.34
N ARG B 210 4.25 -3.17 -2.30
CA ARG B 210 3.89 -4.14 -1.27
C ARG B 210 4.70 -5.44 -1.41
N MET B 211 5.02 -5.83 -2.66
CA MET B 211 5.79 -7.06 -2.88
C MET B 211 7.24 -6.94 -2.41
N THR B 212 7.82 -5.75 -2.48
CA THR B 212 9.24 -5.52 -2.17
C THR B 212 9.47 -4.88 -0.79
N THR B 213 8.42 -4.55 -0.05
CA THR B 213 8.58 -3.86 1.24
C THR B 213 9.44 -4.69 2.19
N ARG B 214 9.07 -5.96 2.41
CA ARG B 214 9.75 -6.75 3.43
C ARG B 214 11.22 -7.01 3.06
N GLY B 215 11.50 -7.28 1.79
CA GLY B 215 12.88 -7.52 1.39
C GLY B 215 13.78 -6.31 1.58
N LEU B 216 13.26 -5.11 1.31
CA LEU B 216 14.01 -3.89 1.51
C LEU B 216 14.11 -3.54 3.00
N THR B 217 13.01 -3.73 3.73
CA THR B 217 12.93 -3.23 5.10
C THR B 217 13.70 -4.12 6.05
N ILE B 218 13.65 -5.43 5.83
CA ILE B 218 14.36 -6.34 6.73
C ILE B 218 15.86 -6.14 6.61
N VAL B 219 16.35 -5.98 5.39
CA VAL B 219 17.77 -5.72 5.16
C VAL B 219 18.16 -4.38 5.75
N ASN B 220 17.39 -3.34 5.44
CA ASN B 220 17.75 -2.03 5.94
C ASN B 220 17.67 -1.97 7.46
N ASP B 221 16.67 -2.62 8.06
CA ASP B 221 16.53 -2.55 9.51
C ASP B 221 17.74 -3.17 10.21
N PHE B 222 18.25 -4.31 9.71
CA PHE B 222 19.38 -4.94 10.36
C PHE B 222 20.58 -4.00 10.40
N TYR B 223 20.94 -3.44 9.26
CA TYR B 223 22.14 -2.64 9.15
C TYR B 223 21.95 -1.20 9.61
N SER B 224 20.73 -0.73 9.88
CA SER B 224 20.56 0.61 10.43
C SER B 224 20.07 0.60 11.87
N TYR B 225 19.90 -0.60 12.46
CA TYR B 225 19.45 -0.74 13.83
C TYR B 225 20.34 0.05 14.78
N ASP B 226 21.66 -0.05 14.60
CA ASP B 226 22.59 0.62 15.50
C ASP B 226 22.39 2.13 15.49
N ARG B 227 22.42 2.74 14.30
CA ARG B 227 22.22 4.18 14.19
C ARG B 227 20.87 4.58 14.76
N GLU B 228 19.82 3.80 14.49
CA GLU B 228 18.47 4.24 14.82
C GLU B 228 18.19 4.16 16.33
N VAL B 229 18.64 3.10 17.01
CA VAL B 229 18.55 3.14 18.46
C VAL B 229 19.39 4.29 19.01
N SER B 230 20.52 4.57 18.36
CA SER B 230 21.39 5.65 18.81
C SER B 230 20.87 7.02 18.37
N LEU B 231 19.61 7.10 17.96
CA LEU B 231 18.89 8.35 17.79
C LEU B 231 17.48 8.30 18.36
N GLY B 232 17.14 7.24 19.10
CA GLY B 232 15.79 7.10 19.59
C GLY B 232 14.75 6.77 18.54
N GLN B 233 15.15 6.49 17.30
CA GLN B 233 14.17 6.12 16.29
C GLN B 233 13.65 4.73 16.57
N ILE B 234 12.34 4.54 16.41
CA ILE B 234 11.67 3.30 16.77
C ILE B 234 11.20 2.51 15.55
N THR B 235 11.48 2.98 14.34
CA THR B 235 10.96 2.37 13.11
C THR B 235 11.98 1.37 12.58
N ASN B 236 11.91 0.15 13.10
CA ASN B 236 12.88 -0.89 12.83
C ASN B 236 12.35 -2.18 13.41
N CYS B 237 12.19 -3.23 12.59
CA CYS B 237 11.47 -4.42 13.06
C CYS B 237 12.22 -5.16 14.16
N PHE B 238 13.56 -5.06 14.20
CA PHE B 238 14.29 -5.80 15.22
C PHE B 238 14.07 -5.26 16.63
N ARG B 239 13.42 -4.10 16.77
CA ARG B 239 12.87 -3.68 18.05
C ARG B 239 11.70 -4.53 18.52
N LEU B 240 11.23 -5.48 17.72
CA LEU B 240 10.20 -6.40 18.17
C LEU B 240 10.77 -7.62 18.88
N CYS B 241 12.08 -7.71 19.05
CA CYS B 241 12.72 -8.75 19.84
C CYS B 241 13.83 -8.13 20.66
N ASP B 242 14.40 -8.94 21.55
CA ASP B 242 15.49 -8.50 22.42
C ASP B 242 16.80 -9.00 21.83
N VAL B 243 17.51 -8.11 21.12
CA VAL B 243 18.66 -8.57 20.35
C VAL B 243 19.78 -9.07 21.25
N SER B 244 19.87 -8.62 22.50
CA SER B 244 20.86 -9.23 23.37
C SER B 244 20.60 -10.71 23.59
N ASP B 245 19.34 -11.12 23.73
CA ASP B 245 19.00 -12.54 23.81
C ASP B 245 19.31 -13.15 22.45
N GLU B 246 20.31 -14.02 22.41
CA GLU B 246 20.75 -14.62 21.16
C GLU B 246 19.77 -15.68 20.66
N THR B 247 19.10 -16.38 21.59
CA THR B 247 18.10 -17.34 21.15
C THR B 247 16.92 -16.63 20.51
N ALA B 248 16.44 -15.57 21.14
CA ALA B 248 15.34 -14.80 20.58
C ALA B 248 15.73 -14.18 19.24
N PHE B 249 16.95 -13.61 19.16
CA PHE B 249 17.32 -12.91 17.94
C PHE B 249 17.38 -13.87 16.75
N LYS B 250 17.95 -15.05 16.95
CA LYS B 250 18.16 -15.93 15.80
C LYS B 250 16.83 -16.44 15.24
N GLU B 251 15.90 -16.81 16.12
CA GLU B 251 14.58 -17.22 15.64
C GLU B 251 13.85 -16.08 14.93
N PHE B 252 13.92 -14.87 15.50
CA PHE B 252 13.29 -13.72 14.87
C PHE B 252 13.92 -13.43 13.51
N PHE B 253 15.25 -13.35 13.45
CA PHE B 253 15.93 -13.17 12.17
C PHE B 253 15.56 -14.26 11.18
N GLN B 254 15.37 -15.49 11.68
CA GLN B 254 14.94 -16.59 10.82
C GLN B 254 13.55 -16.35 10.23
N ALA B 255 12.60 -15.90 11.04
CA ALA B 255 11.26 -15.64 10.53
C ALA B 255 11.27 -14.53 9.48
N ARG B 256 12.11 -13.52 9.67
CA ARG B 256 12.23 -12.46 8.67
C ARG B 256 12.86 -12.98 7.39
N LEU B 257 13.75 -13.96 7.48
CA LEU B 257 14.29 -14.59 6.27
C LEU B 257 13.20 -15.35 5.51
N ASP B 258 12.38 -16.13 6.23
CA ASP B 258 11.26 -16.80 5.58
C ASP B 258 10.34 -15.80 4.89
N ASP B 259 10.03 -14.66 5.54
CA ASP B 259 9.22 -13.63 4.87
C ASP B 259 9.86 -13.18 3.56
N MET B 260 11.16 -12.89 3.58
CA MET B 260 11.86 -12.49 2.36
C MET B 260 11.75 -13.56 1.28
N ILE B 261 11.92 -14.82 1.67
CA ILE B 261 11.93 -15.89 0.69
C ILE B 261 10.53 -16.08 0.10
N GLU B 262 9.50 -16.01 0.93
CA GLU B 262 8.15 -16.18 0.39
C GLU B 262 7.80 -15.06 -0.58
N ASP B 263 8.18 -13.82 -0.25
CA ASP B 263 7.98 -12.70 -1.16
C ASP B 263 8.69 -12.94 -2.49
N ILE B 264 9.96 -13.40 -2.43
CA ILE B 264 10.73 -13.59 -3.66
C ILE B 264 10.10 -14.66 -4.53
N GLU B 265 9.72 -15.79 -3.92
CA GLU B 265 9.10 -16.88 -4.67
C GLU B 265 7.81 -16.44 -5.34
N CYS B 266 7.05 -15.53 -4.73
CA CYS B 266 5.85 -15.04 -5.39
C CYS B 266 6.16 -14.02 -6.46
N ILE B 267 7.18 -13.19 -6.25
CA ILE B 267 7.65 -12.24 -7.25
C ILE B 267 7.97 -12.95 -8.57
N LYS B 268 8.38 -14.20 -8.50
CA LYS B 268 8.69 -14.93 -9.72
C LYS B 268 7.46 -15.30 -10.53
N ALA B 269 6.26 -15.15 -9.96
CA ALA B 269 5.06 -15.27 -10.74
C ALA B 269 4.86 -14.10 -11.71
N PHE B 270 5.31 -12.90 -11.36
CA PHE B 270 5.17 -11.73 -12.21
C PHE B 270 5.93 -11.94 -13.53
N ASP B 271 5.58 -11.14 -14.55
CA ASP B 271 6.28 -11.27 -15.84
C ASP B 271 7.78 -11.05 -15.64
N GLN B 272 8.58 -11.57 -16.59
CA GLN B 272 10.02 -11.69 -16.37
C GLN B 272 10.66 -10.31 -16.23
N LEU B 273 10.20 -9.33 -17.01
CA LEU B 273 10.78 -7.99 -16.86
C LEU B 273 10.43 -7.39 -15.49
N THR B 274 9.18 -7.53 -15.05
CA THR B 274 8.77 -6.93 -13.79
C THR B 274 9.50 -7.57 -12.61
N GLN B 275 9.57 -8.91 -12.59
CA GLN B 275 10.27 -9.57 -11.50
C GLN B 275 11.75 -9.24 -11.51
N ASP B 276 12.37 -9.05 -12.69
CA ASP B 276 13.77 -8.64 -12.74
C ASP B 276 13.98 -7.33 -11.98
N VAL B 277 13.10 -6.36 -12.21
CA VAL B 277 13.19 -5.07 -11.54
C VAL B 277 12.97 -5.22 -10.05
N PHE B 278 11.96 -6.00 -9.65
CA PHE B 278 11.71 -6.22 -8.22
C PHE B 278 12.94 -6.82 -7.55
N LEU B 279 13.52 -7.84 -8.17
CA LEU B 279 14.64 -8.55 -7.53
C LEU B 279 15.92 -7.72 -7.56
N ASP B 280 16.16 -6.98 -8.64
CA ASP B 280 17.29 -6.06 -8.66
C ASP B 280 17.17 -5.00 -7.56
N LEU B 281 15.95 -4.58 -7.25
CA LEU B 281 15.75 -3.63 -6.16
C LEU B 281 16.08 -4.25 -4.80
N ILE B 282 15.55 -5.42 -4.52
CA ILE B 282 15.81 -6.04 -3.22
C ILE B 282 17.28 -6.40 -3.07
N TYR B 283 17.83 -7.11 -4.05
CA TYR B 283 19.22 -7.57 -4.00
C TYR B 283 20.19 -6.40 -4.14
N GLY B 284 19.90 -5.46 -5.04
CA GLY B 284 20.75 -4.29 -5.18
C GLY B 284 20.83 -3.48 -3.90
N ASN B 285 19.68 -3.26 -3.25
CA ASN B 285 19.70 -2.53 -1.99
C ASN B 285 20.61 -3.22 -0.98
N PHE B 286 20.63 -4.56 -0.98
CA PHE B 286 21.51 -5.30 -0.08
C PHE B 286 22.97 -5.06 -0.40
N VAL B 287 23.34 -5.08 -1.67
CA VAL B 287 24.72 -4.86 -2.06
C VAL B 287 25.16 -3.45 -1.71
N TRP B 288 24.31 -2.45 -2.01
CA TRP B 288 24.64 -1.09 -1.61
C TRP B 288 24.73 -0.97 -0.10
N THR B 289 23.73 -1.51 0.62
CA THR B 289 23.67 -1.34 2.07
C THR B 289 24.90 -1.93 2.75
N THR B 290 25.33 -3.12 2.33
CA THR B 290 26.42 -3.81 3.02
C THR B 290 27.79 -3.54 2.43
N SER B 291 27.97 -2.41 1.76
CA SER B 291 29.28 -1.96 1.33
C SER B 291 29.45 -0.47 1.56
N ASN B 292 28.39 0.24 1.94
CA ASN B 292 28.39 1.68 1.88
C ASN B 292 28.67 2.30 3.23
N LYS B 293 29.36 3.44 3.17
CA LYS B 293 29.69 4.21 4.37
C LYS B 293 28.48 4.34 5.29
N ARG B 294 27.29 4.52 4.71
CA ARG B 294 26.10 4.78 5.53
C ARG B 294 25.84 3.65 6.51
N TYR B 295 26.19 2.41 6.16
CA TYR B 295 25.96 1.29 7.05
C TYR B 295 27.27 0.60 7.48
N LYS B 296 28.40 1.30 7.38
CA LYS B 296 29.61 0.79 8.02
C LYS B 296 29.54 1.00 9.52
N THR B 297 29.64 2.25 9.97
CA THR B 297 29.60 2.57 11.39
C THR B 297 28.29 3.29 11.70
N ALA B 298 27.98 3.39 13.00
CA ALA B 298 26.69 3.95 13.41
C ALA B 298 26.57 5.40 12.99
N VAL B 299 27.55 6.24 13.36
CA VAL B 299 27.49 7.66 13.07
C VAL B 299 28.73 8.07 12.29
N ASN B 300 28.54 8.75 11.16
CA ASN B 300 29.65 9.22 10.34
C ASN B 300 29.14 10.38 9.48
N ASP B 301 30.04 11.06 8.78
CA ASP B 301 29.58 12.29 8.15
C ASP B 301 28.86 12.09 6.81
N VAL B 302 28.59 10.86 6.41
CA VAL B 302 27.62 10.65 5.34
C VAL B 302 26.25 10.25 5.85
N ASN B 303 26.12 9.83 7.11
CA ASN B 303 24.83 9.39 7.63
C ASN B 303 24.39 10.04 8.93
N SER B 304 25.13 11.02 9.46
CA SER B 304 24.81 11.57 10.76
C SER B 304 23.61 12.50 10.70
N ARG B 305 22.86 12.58 11.80
CA ARG B 305 21.66 13.40 11.83
C ARG B 305 22.01 14.87 11.57
N ILE B 306 21.54 15.37 10.43
CA ILE B 306 21.55 16.80 10.12
C ILE B 306 20.78 17.51 11.24
N GLN B 307 21.38 18.56 11.81
CA GLN B 307 20.95 19.07 13.11
C GLN B 307 20.27 20.42 12.97
N ALA B 308 19.04 20.48 13.47
CA ALA B 308 18.06 21.52 13.09
C ALA B 308 18.55 22.95 13.01
C2 AHD C . -16.25 -6.23 -4.29
C3 AHD C . -16.07 -5.18 -5.38
C7 AHD C . -17.08 -7.41 -4.82
C8 AHD C . -16.73 -8.60 -3.93
O12 AHD C . -19.30 -9.46 -3.70
P9 AHD C . -17.93 -10.01 -4.01
O10 AHD C . -17.56 -11.04 -2.99
O11 AHD C . -17.86 -10.67 -5.36
P14 AHD C . -15.07 -9.28 -4.41
O15 AHD C . -14.91 -9.42 -5.91
O16 AHD C . -14.98 -10.61 -3.72
O17 AHD C . -14.04 -8.31 -3.90
O13 AHD C . -16.61 -8.16 -2.62
N4 AHD C . -15.97 -3.88 -4.76
MG MG D . -16.40 -10.66 -6.73
MG MG E . -14.63 -12.93 -1.93
MG MG F . -13.27 -7.81 -6.70
C2 AHD G . 14.96 5.43 3.67
C3 AHD G . 15.09 6.37 2.47
C7 AHD G . 16.01 5.75 4.74
C8 AHD G . 16.16 4.54 5.66
O12 AHD G . 18.87 4.80 5.77
P9 AHD G . 17.70 4.67 6.70
O10 AHD G . 17.75 3.41 7.47
O11 AHD G . 17.59 5.88 7.57
P14 AHD G . 14.72 4.48 6.83
O15 AHD G . 14.59 5.82 7.49
O16 AHD G . 14.90 3.43 7.89
O17 AHD G . 13.50 4.11 6.02
O13 AHD G . 16.18 3.34 4.95
N4 AHD G . 14.04 6.08 1.49
MG MG H . 15.92 7.08 8.12
MG MG I . 12.67 7.56 7.56
MG MG J . 16.54 2.28 8.37
N SER A 16 -17.09 -28.07 -1.56
CA SER A 16 -17.09 -27.55 -0.20
C SER A 16 -18.06 -26.38 -0.09
N SER A 17 -18.35 -25.99 1.16
CA SER A 17 -19.29 -24.92 1.45
C SER A 17 -19.24 -24.60 2.94
N VAL A 18 -19.20 -23.30 3.24
CA VAL A 18 -19.21 -22.82 4.60
C VAL A 18 -20.62 -22.56 5.11
N ARG A 19 -21.65 -22.98 4.36
CA ARG A 19 -23.01 -22.83 4.87
C ARG A 19 -23.21 -23.58 6.19
N PRO A 20 -22.66 -24.78 6.41
CA PRO A 20 -22.77 -25.39 7.74
C PRO A 20 -22.14 -24.59 8.87
N TYR A 21 -21.48 -23.47 8.56
CA TYR A 21 -20.92 -22.62 9.60
C TYR A 21 -21.55 -21.24 9.68
N LEU A 22 -22.55 -20.95 8.86
CA LEU A 22 -23.04 -19.58 8.74
C LEU A 22 -23.48 -19.02 10.08
N GLU A 23 -24.43 -19.69 10.75
CA GLU A 23 -25.03 -19.08 11.93
C GLU A 23 -23.98 -18.89 13.03
N GLU A 24 -23.10 -19.86 13.21
CA GLU A 24 -22.11 -19.72 14.27
C GLU A 24 -21.08 -18.65 13.93
N CYS A 25 -20.58 -18.65 12.69
CA CYS A 25 -19.60 -17.64 12.29
C CYS A 25 -20.17 -16.24 12.37
N THR A 26 -21.40 -16.05 11.89
CA THR A 26 -22.04 -14.74 11.95
C THR A 26 -22.10 -14.24 13.38
N ARG A 27 -22.61 -15.06 14.28
CA ARG A 27 -22.75 -14.64 15.66
C ARG A 27 -21.39 -14.40 16.30
N ARG A 28 -20.37 -15.15 15.84
CA ARG A 28 -19.03 -14.97 16.39
C ARG A 28 -18.41 -13.67 15.88
N PHE A 29 -18.60 -13.36 14.60
CA PHE A 29 -18.31 -12.02 14.08
C PHE A 29 -18.97 -10.95 14.94
N GLN A 30 -20.28 -11.08 15.14
CA GLN A 30 -21.06 -10.05 15.84
C GLN A 30 -20.56 -9.87 17.26
N GLU A 31 -20.29 -10.99 17.94
CA GLU A 31 -19.72 -10.90 19.27
C GLU A 31 -18.45 -10.08 19.26
N MET A 32 -17.59 -10.30 18.26
CA MET A 32 -16.33 -9.57 18.15
C MET A 32 -16.58 -8.08 17.92
N PHE A 33 -17.54 -7.74 17.07
CA PHE A 33 -17.83 -6.33 16.81
C PHE A 33 -18.42 -5.66 18.04
N ASP A 34 -19.43 -6.26 18.66
CA ASP A 34 -20.03 -5.65 19.86
C ASP A 34 -18.96 -5.35 20.92
N ARG A 35 -17.93 -6.18 21.00
CA ARG A 35 -16.93 -6.06 22.06
C ARG A 35 -15.81 -5.09 21.71
N HIS A 36 -15.35 -5.10 20.46
CA HIS A 36 -14.16 -4.37 20.07
C HIS A 36 -14.44 -3.04 19.37
N VAL A 37 -15.58 -2.89 18.70
CA VAL A 37 -15.96 -1.65 18.03
C VAL A 37 -17.07 -0.94 18.80
N VAL A 38 -18.12 -1.68 19.16
CA VAL A 38 -19.22 -1.26 20.04
C VAL A 38 -20.17 -0.33 19.30
N THR A 39 -19.69 0.88 18.97
CA THR A 39 -20.46 1.82 18.15
C THR A 39 -21.07 1.15 16.94
N ARG A 40 -22.40 1.03 16.93
CA ARG A 40 -23.06 0.41 15.80
C ARG A 40 -23.16 1.38 14.63
N PRO A 41 -22.86 0.92 13.42
CA PRO A 41 -22.96 1.77 12.24
C PRO A 41 -24.37 2.27 12.02
N THR A 42 -24.48 3.36 11.27
CA THR A 42 -25.80 3.91 10.93
C THR A 42 -25.92 4.10 9.43
N LYS A 43 -27.13 4.37 8.97
CA LYS A 43 -27.36 4.49 7.54
C LYS A 43 -27.43 5.95 7.13
N VAL A 44 -26.97 6.22 5.92
CA VAL A 44 -27.41 7.37 5.15
C VAL A 44 -28.56 6.91 4.27
N GLU A 45 -29.77 7.42 4.52
CA GLU A 45 -30.92 7.18 3.64
C GLU A 45 -30.89 8.22 2.53
N LEU A 46 -31.03 7.77 1.28
CA LEU A 46 -31.19 8.69 0.16
C LEU A 46 -32.66 9.07 0.05
N THR A 47 -32.91 10.34 -0.27
CA THR A 47 -34.22 10.71 -0.80
C THR A 47 -34.50 9.90 -2.05
N ASP A 48 -35.79 9.67 -2.29
CA ASP A 48 -36.19 8.93 -3.48
C ASP A 48 -35.73 9.62 -4.75
N ALA A 49 -35.52 10.94 -4.69
CA ALA A 49 -34.87 11.66 -5.78
C ALA A 49 -33.44 11.19 -5.98
N GLU A 50 -32.62 11.29 -4.94
CA GLU A 50 -31.20 10.95 -5.01
C GLU A 50 -30.99 9.51 -5.45
N LEU A 51 -31.87 8.60 -5.00
CA LEU A 51 -31.77 7.23 -5.46
C LEU A 51 -31.89 7.13 -6.98
N ARG A 52 -32.92 7.78 -7.54
CA ARG A 52 -33.09 7.79 -8.99
C ARG A 52 -31.90 8.46 -9.68
N GLU A 53 -31.43 9.58 -9.13
CA GLU A 53 -30.29 10.29 -9.71
C GLU A 53 -29.02 9.43 -9.67
N VAL A 54 -28.82 8.65 -8.61
CA VAL A 54 -27.70 7.72 -8.56
C VAL A 54 -27.88 6.64 -9.62
N ILE A 55 -29.09 6.07 -9.70
CA ILE A 55 -29.41 5.02 -10.66
C ILE A 55 -29.15 5.50 -12.09
N ASP A 56 -29.71 6.63 -12.47
CA ASP A 56 -29.53 7.11 -13.84
C ASP A 56 -28.05 7.32 -14.14
N ASP A 57 -27.29 7.82 -13.17
CA ASP A 57 -25.84 7.88 -13.32
C ASP A 57 -25.22 6.50 -13.50
N CYS A 58 -25.65 5.53 -12.69
CA CYS A 58 -25.14 4.17 -12.81
C CYS A 58 -25.53 3.55 -14.16
N ASN A 59 -26.79 3.68 -14.58
CA ASN A 59 -27.20 3.09 -15.85
C ASN A 59 -26.53 3.77 -17.04
N ALA A 60 -26.28 5.07 -16.93
CA ALA A 60 -25.64 5.77 -18.05
C ALA A 60 -24.16 5.41 -18.17
N ALA A 61 -23.47 5.17 -17.04
CA ALA A 61 -22.05 4.85 -17.13
C ALA A 61 -21.83 3.46 -17.69
N VAL A 62 -22.74 2.53 -17.44
CA VAL A 62 -22.52 1.15 -17.86
C VAL A 62 -23.26 0.85 -19.18
N ALA A 63 -24.13 1.77 -19.64
CA ALA A 63 -24.82 1.61 -20.91
C ALA A 63 -23.89 1.48 -22.12
N PRO A 64 -22.83 2.29 -22.28
CA PRO A 64 -21.99 2.12 -23.47
C PRO A 64 -21.42 0.73 -23.61
N LEU A 65 -21.42 -0.06 -22.54
CA LEU A 65 -21.04 -1.46 -22.61
C LEU A 65 -22.09 -2.31 -23.29
N GLY A 66 -23.37 -2.13 -22.96
CA GLY A 66 -24.43 -2.82 -23.65
C GLY A 66 -25.30 -3.69 -22.77
N LYS A 67 -24.97 -3.80 -21.49
CA LYS A 67 -25.78 -4.54 -20.55
C LYS A 67 -26.83 -3.61 -19.97
N THR A 68 -27.91 -4.20 -19.48
CA THR A 68 -28.89 -3.56 -18.62
C THR A 68 -28.73 -4.12 -17.22
N VAL A 69 -28.90 -3.27 -16.23
CA VAL A 69 -28.74 -3.69 -14.85
C VAL A 69 -30.06 -3.42 -14.15
N SER A 70 -30.66 -4.47 -13.59
CA SER A 70 -31.96 -4.34 -12.97
C SER A 70 -31.89 -3.37 -11.80
N ASP A 71 -33.05 -2.79 -11.47
CA ASP A 71 -33.11 -1.84 -10.37
C ASP A 71 -32.94 -2.51 -9.02
N GLU A 72 -33.25 -3.81 -8.93
CA GLU A 72 -32.88 -4.56 -7.73
C GLU A 72 -31.37 -4.64 -7.62
N ARG A 73 -30.68 -4.89 -8.75
CA ARG A 73 -29.25 -5.15 -8.70
C ARG A 73 -28.48 -3.88 -8.36
N TRP A 74 -28.98 -2.72 -8.77
CA TRP A 74 -28.39 -1.47 -8.31
C TRP A 74 -28.62 -1.28 -6.82
N ILE A 75 -29.86 -1.48 -6.38
CA ILE A 75 -30.20 -1.20 -4.99
C ILE A 75 -29.50 -2.18 -4.05
N SER A 76 -29.28 -3.42 -4.50
CA SER A 76 -28.41 -4.31 -3.76
C SER A 76 -27.02 -3.71 -3.60
N TYR A 77 -26.38 -3.34 -4.73
CA TYR A 77 -25.03 -2.79 -4.71
C TYR A 77 -24.91 -1.62 -3.74
N VAL A 78 -25.90 -0.72 -3.75
CA VAL A 78 -25.79 0.51 -2.98
C VAL A 78 -25.95 0.28 -1.48
N GLY A 79 -26.34 -0.92 -1.07
CA GLY A 79 -26.43 -1.20 0.35
C GLY A 79 -25.11 -1.02 1.07
N VAL A 80 -23.99 -1.34 0.41
CA VAL A 80 -22.71 -1.28 1.10
C VAL A 80 -22.28 0.16 1.36
N VAL A 81 -22.64 1.11 0.49
CA VAL A 81 -22.25 2.50 0.71
C VAL A 81 -23.19 3.18 1.70
N LEU A 82 -24.48 2.89 1.63
CA LEU A 82 -25.40 3.49 2.58
C LEU A 82 -25.01 3.16 4.03
N TRP A 83 -24.48 1.96 4.27
CA TRP A 83 -24.22 1.48 5.62
C TRP A 83 -22.80 1.66 6.11
N SER A 84 -21.83 1.94 5.25
CA SER A 84 -20.43 1.80 5.63
C SER A 84 -19.66 3.10 5.60
N GLN A 85 -20.31 4.23 5.36
CA GLN A 85 -19.67 5.51 5.57
C GLN A 85 -19.84 5.85 7.05
N SER A 86 -19.54 7.08 7.45
CA SER A 86 -19.67 7.50 8.84
C SER A 86 -20.55 8.75 8.88
N PRO A 87 -21.88 8.56 8.90
CA PRO A 87 -22.78 9.73 8.76
C PRO A 87 -22.47 10.85 9.73
N ARG A 88 -22.05 10.52 10.94
CA ARG A 88 -21.65 11.51 11.93
C ARG A 88 -20.73 12.57 11.36
N HIS A 89 -19.83 12.19 10.45
CA HIS A 89 -18.75 13.07 10.05
C HIS A 89 -18.89 13.60 8.62
N ILE A 90 -19.97 13.28 7.91
CA ILE A 90 -20.07 13.70 6.52
C ILE A 90 -20.13 15.23 6.45
N LYS A 91 -19.22 15.83 5.66
CA LYS A 91 -19.23 17.27 5.41
C LYS A 91 -19.59 17.70 3.98
N ASP A 92 -19.58 16.79 3.00
CA ASP A 92 -19.79 17.16 1.60
C ASP A 92 -20.59 16.04 0.95
N MET A 93 -21.86 16.30 0.70
CA MET A 93 -22.79 15.31 0.16
C MET A 93 -22.65 15.10 -1.33
N GLU A 94 -22.05 16.04 -2.06
CA GLU A 94 -21.76 15.77 -3.46
C GLU A 94 -20.68 14.70 -3.58
N ALA A 95 -19.65 14.78 -2.72
CA ALA A 95 -18.67 13.70 -2.67
C ALA A 95 -19.35 12.40 -2.27
N PHE A 96 -20.31 12.47 -1.34
CA PHE A 96 -20.97 11.25 -0.89
C PHE A 96 -21.70 10.56 -2.05
N LYS A 97 -22.38 11.34 -2.90
CA LYS A 97 -23.10 10.76 -4.02
C LYS A 97 -22.14 10.24 -5.08
N ALA A 98 -21.02 10.92 -5.27
CA ALA A 98 -19.99 10.40 -6.16
C ALA A 98 -19.57 8.98 -5.77
N VAL A 99 -19.34 8.76 -4.47
CA VAL A 99 -18.93 7.45 -4.01
C VAL A 99 -20.04 6.43 -4.17
N CYS A 100 -21.29 6.83 -3.88
CA CYS A 100 -22.44 6.01 -4.23
C CYS A 100 -22.40 5.63 -5.71
N VAL A 101 -22.10 6.58 -6.58
CA VAL A 101 -22.06 6.30 -8.01
C VAL A 101 -20.88 5.39 -8.36
N LEU A 102 -19.66 5.84 -8.05
CA LEU A 102 -18.46 5.10 -8.44
C LEU A 102 -18.48 3.69 -7.87
N ASN A 103 -18.98 3.51 -6.65
CA ASN A 103 -18.97 2.17 -6.08
C ASN A 103 -20.01 1.27 -6.75
N CYS A 104 -21.19 1.81 -7.03
CA CYS A 104 -22.22 1.01 -7.66
C CYS A 104 -21.75 0.49 -9.03
N VAL A 105 -21.10 1.34 -9.83
CA VAL A 105 -20.74 0.89 -11.18
C VAL A 105 -19.47 0.06 -11.16
N THR A 106 -18.62 0.30 -10.16
CA THR A 106 -17.54 -0.62 -9.78
C THR A 106 -18.02 -2.04 -9.66
N PHE A 107 -19.11 -2.23 -8.91
CA PHE A 107 -19.67 -3.55 -8.68
C PHE A 107 -20.03 -4.22 -10.00
N VAL A 108 -20.77 -3.51 -10.88
CA VAL A 108 -21.16 -4.10 -12.16
C VAL A 108 -19.94 -4.63 -12.89
N TRP A 109 -18.89 -3.81 -12.94
CA TRP A 109 -17.66 -4.24 -13.63
C TRP A 109 -17.05 -5.46 -12.96
N ASP A 110 -17.12 -5.53 -11.63
CA ASP A 110 -16.59 -6.70 -10.93
C ASP A 110 -17.39 -7.95 -11.26
N ASP A 111 -18.69 -7.79 -11.55
CA ASP A 111 -19.56 -8.92 -11.86
C ASP A 111 -19.73 -9.17 -13.36
N MET A 112 -18.87 -8.62 -14.20
CA MET A 112 -19.02 -8.75 -15.64
C MET A 112 -17.99 -9.71 -16.22
N ASP A 113 -18.34 -10.35 -17.32
CA ASP A 113 -17.37 -11.15 -18.05
C ASP A 113 -16.33 -10.21 -18.68
N PRO A 114 -15.06 -10.61 -18.70
CA PRO A 114 -14.02 -9.72 -19.25
C PRO A 114 -14.31 -9.23 -20.66
N ALA A 115 -15.03 -10.01 -21.49
CA ALA A 115 -15.41 -9.54 -22.81
C ALA A 115 -16.16 -8.21 -22.73
N LEU A 116 -17.20 -8.15 -21.90
CA LEU A 116 -17.96 -6.93 -21.71
C LEU A 116 -17.10 -5.74 -21.27
N HIS A 117 -15.87 -5.98 -20.80
CA HIS A 117 -14.99 -4.89 -20.38
C HIS A 117 -14.50 -4.11 -21.60
N ASP A 118 -14.78 -2.81 -21.64
CA ASP A 118 -14.30 -1.94 -22.70
C ASP A 118 -13.84 -0.64 -22.07
N PHE A 119 -12.51 -0.47 -21.96
CA PHE A 119 -11.96 0.71 -21.32
C PHE A 119 -12.22 1.96 -22.15
N GLY A 120 -12.19 1.84 -23.47
CA GLY A 120 -12.44 3.00 -24.32
C GLY A 120 -13.78 3.66 -24.06
N LEU A 121 -14.78 2.87 -23.64
CA LEU A 121 -16.10 3.42 -23.35
C LEU A 121 -16.37 3.66 -21.87
N PHE A 122 -15.85 2.82 -20.98
CA PHE A 122 -16.20 2.98 -19.57
C PHE A 122 -15.35 4.04 -18.88
N LEU A 123 -14.04 4.06 -19.14
CA LEU A 123 -13.16 5.08 -18.59
C LEU A 123 -13.65 6.51 -18.81
N PRO A 124 -14.11 6.93 -19.99
CA PRO A 124 -14.68 8.28 -20.10
C PRO A 124 -15.87 8.51 -19.17
N GLN A 125 -16.69 7.49 -18.95
CA GLN A 125 -17.81 7.63 -18.02
C GLN A 125 -17.33 7.83 -16.59
N LEU A 126 -16.27 7.12 -16.20
CA LEU A 126 -15.67 7.35 -14.89
C LEU A 126 -15.23 8.79 -14.74
N ARG A 127 -14.46 9.29 -15.71
CA ARG A 127 -13.96 10.66 -15.62
C ARG A 127 -15.09 11.67 -15.56
N LYS A 128 -16.19 11.41 -16.28
CA LYS A 128 -17.35 12.31 -16.26
C LYS A 128 -17.95 12.40 -14.86
N ILE A 129 -18.27 11.23 -14.28
CA ILE A 129 -18.77 11.15 -12.91
C ILE A 129 -17.87 11.93 -11.95
N CYS A 130 -16.57 11.62 -11.93
CA CYS A 130 -15.64 12.28 -11.01
C CYS A 130 -15.63 13.79 -11.21
N GLU A 131 -15.65 14.25 -12.46
CA GLU A 131 -15.63 15.69 -12.70
C GLU A 131 -16.94 16.35 -12.29
N LYS A 132 -18.06 15.64 -12.38
CA LYS A 132 -19.33 16.21 -11.94
C LYS A 132 -19.28 16.57 -10.46
N TYR A 133 -18.94 15.61 -9.60
CA TYR A 133 -19.09 15.71 -8.16
C TYR A 133 -17.88 16.26 -7.42
N TYR A 134 -16.69 16.30 -8.03
CA TYR A 134 -15.47 16.59 -7.29
C TYR A 134 -14.80 17.86 -7.79
N GLY A 135 -14.00 18.48 -6.93
CA GLY A 135 -13.12 19.55 -7.36
C GLY A 135 -11.99 19.02 -8.24
N PRO A 136 -11.21 19.94 -8.84
CA PRO A 136 -10.15 19.52 -9.78
C PRO A 136 -9.23 18.44 -9.26
N GLU A 137 -8.62 18.60 -8.07
CA GLU A 137 -7.66 17.60 -7.62
C GLU A 137 -8.37 16.31 -7.25
N ASP A 138 -9.46 16.40 -6.50
CA ASP A 138 -10.17 15.22 -6.06
C ASP A 138 -10.67 14.40 -7.24
N ALA A 139 -11.05 15.06 -8.33
CA ALA A 139 -11.53 14.31 -9.49
C ALA A 139 -10.42 13.45 -10.07
N GLU A 140 -9.21 13.99 -10.18
CA GLU A 140 -8.09 13.20 -10.69
C GLU A 140 -7.75 12.07 -9.74
N VAL A 141 -7.82 12.31 -8.43
CA VAL A 141 -7.48 11.27 -7.47
C VAL A 141 -8.53 10.17 -7.50
N ALA A 142 -9.81 10.54 -7.50
CA ALA A 142 -10.86 9.54 -7.59
C ALA A 142 -10.78 8.76 -8.90
N TYR A 143 -10.56 9.46 -10.01
CA TYR A 143 -10.57 8.78 -11.31
C TYR A 143 -9.38 7.85 -11.46
N GLU A 144 -8.17 8.29 -11.07
CA GLU A 144 -7.01 7.40 -11.10
C GLU A 144 -7.27 6.11 -10.34
N ALA A 145 -7.87 6.22 -9.15
CA ALA A 145 -8.12 5.03 -8.34
C ALA A 145 -9.22 4.16 -8.94
N ALA A 146 -10.18 4.77 -9.63
CA ALA A 146 -11.18 4.00 -10.35
C ALA A 146 -10.55 3.26 -11.53
N ARG A 147 -9.76 3.98 -12.32
CA ARG A 147 -9.02 3.37 -13.42
C ARG A 147 -8.16 2.21 -12.93
N ALA A 148 -7.41 2.42 -11.85
CA ALA A 148 -6.53 1.38 -11.33
C ALA A 148 -7.32 0.14 -10.89
N PHE A 149 -8.46 0.34 -10.24
CA PHE A 149 -9.25 -0.80 -9.78
C PHE A 149 -9.80 -1.63 -10.96
N VAL A 150 -10.38 -0.96 -11.95
CA VAL A 150 -10.95 -1.74 -13.05
C VAL A 150 -9.83 -2.37 -13.88
N THR A 151 -8.73 -1.65 -14.09
CA THR A 151 -7.58 -2.21 -14.79
C THR A 151 -7.01 -3.41 -14.05
N SER A 152 -7.02 -3.38 -12.72
CA SER A 152 -6.50 -4.50 -11.95
C SER A 152 -7.42 -5.70 -12.04
N ASP A 153 -8.73 -5.48 -11.81
CA ASP A 153 -9.68 -6.58 -11.91
C ASP A 153 -9.61 -7.25 -13.28
N HIS A 154 -9.44 -6.45 -14.35
CA HIS A 154 -9.35 -7.02 -15.70
C HIS A 154 -8.10 -7.88 -15.86
N MET A 155 -6.93 -7.33 -15.54
CA MET A 155 -5.70 -8.00 -15.92
C MET A 155 -5.40 -9.21 -15.04
N PHE A 156 -6.13 -9.39 -13.92
CA PHE A 156 -5.85 -10.53 -13.06
C PHE A 156 -6.80 -11.71 -13.26
N ARG A 157 -7.87 -11.59 -14.04
CA ARG A 157 -8.65 -12.77 -14.39
C ARG A 157 -7.74 -13.77 -15.09
N ASP A 158 -7.81 -15.02 -14.69
CA ASP A 158 -7.00 -16.08 -15.30
C ASP A 158 -5.48 -15.83 -15.11
N SER A 159 -5.07 -15.01 -14.04
CA SER A 159 -3.64 -14.60 -13.96
C SER A 159 -2.80 -15.56 -13.14
N PRO A 160 -1.56 -15.90 -13.55
CA PRO A 160 -0.65 -16.62 -12.64
C PRO A 160 -0.30 -15.85 -11.38
N ILE A 161 -0.12 -14.53 -11.48
CA ILE A 161 0.13 -13.71 -10.31
C ILE A 161 -0.95 -13.94 -9.27
N LYS A 162 -2.21 -13.80 -9.67
CA LYS A 162 -3.31 -13.96 -8.73
C LYS A 162 -3.30 -15.34 -8.10
N ALA A 163 -2.99 -16.36 -8.90
CA ALA A 163 -2.89 -17.72 -8.37
C ALA A 163 -1.79 -17.82 -7.32
N ALA A 164 -0.61 -17.28 -7.61
CA ALA A 164 0.47 -17.36 -6.63
C ALA A 164 0.12 -16.62 -5.35
N LEU A 165 -0.48 -15.44 -5.46
CA LEU A 165 -0.73 -14.61 -4.28
C LEU A 165 -1.88 -15.13 -3.43
N CYS A 166 -2.86 -15.80 -4.04
CA CYS A 166 -4.04 -16.25 -3.32
C CYS A 166 -3.90 -17.63 -2.70
N THR A 167 -3.02 -18.47 -3.24
CA THR A 167 -2.87 -19.82 -2.73
C THR A 167 -1.57 -20.04 -1.97
N THR A 168 -0.87 -18.98 -1.58
CA THR A 168 0.41 -19.21 -0.89
C THR A 168 0.28 -19.09 0.62
N SER A 169 -0.26 -17.98 1.12
CA SER A 169 -0.43 -17.73 2.54
C SER A 169 -1.42 -16.59 2.71
N PRO A 170 -2.00 -16.43 3.91
CA PRO A 170 -2.85 -15.25 4.13
C PRO A 170 -2.16 -13.93 3.80
N GLU A 171 -0.85 -13.83 4.08
CA GLU A 171 -0.14 -12.56 3.92
C GLU A 171 -0.05 -12.15 2.46
N GLN A 172 0.32 -13.07 1.58
CA GLN A 172 0.33 -12.73 0.16
C GLN A 172 -1.09 -12.39 -0.29
N TYR A 173 -2.07 -13.14 0.21
CA TYR A 173 -3.44 -12.97 -0.24
C TYR A 173 -3.98 -11.60 0.13
N PHE A 174 -3.89 -11.22 1.41
CA PHE A 174 -4.40 -9.92 1.80
C PHE A 174 -3.63 -8.80 1.11
N ARG A 175 -2.34 -9.03 0.82
CA ARG A 175 -1.57 -8.06 0.06
C ARG A 175 -2.20 -7.78 -1.32
N PHE A 176 -2.66 -8.83 -2.00
CA PHE A 176 -3.37 -8.64 -3.26
C PHE A 176 -4.68 -7.88 -3.03
N ARG A 177 -5.39 -8.23 -1.95
CA ARG A 177 -6.74 -7.70 -1.72
C ARG A 177 -6.78 -6.21 -1.41
N VAL A 178 -5.67 -5.63 -0.93
CA VAL A 178 -5.64 -4.18 -0.69
C VAL A 178 -6.14 -3.42 -1.92
N THR A 179 -5.68 -3.83 -3.10
CA THR A 179 -6.20 -3.26 -4.33
C THR A 179 -7.46 -3.99 -4.78
N ASP A 180 -7.43 -5.32 -4.77
CA ASP A 180 -8.40 -6.05 -5.58
C ASP A 180 -9.80 -5.99 -4.98
N ILE A 181 -9.91 -6.01 -3.65
CA ILE A 181 -11.24 -5.90 -3.04
C ILE A 181 -11.83 -4.51 -3.27
N GLY A 182 -11.01 -3.52 -3.57
CA GLY A 182 -11.50 -2.18 -3.83
C GLY A 182 -11.37 -1.18 -2.71
N VAL A 183 -10.68 -1.54 -1.60
CA VAL A 183 -10.67 -0.64 -0.44
C VAL A 183 -9.75 0.55 -0.69
N ASP A 184 -8.64 0.37 -1.43
CA ASP A 184 -7.80 1.53 -1.74
C ASP A 184 -8.54 2.53 -2.60
N PHE A 185 -9.34 2.04 -3.55
CA PHE A 185 -10.23 2.88 -4.36
C PHE A 185 -11.24 3.61 -3.46
N TRP A 186 -11.88 2.87 -2.55
CA TRP A 186 -12.86 3.44 -1.63
C TRP A 186 -12.31 4.68 -0.91
N MET A 187 -11.12 4.55 -0.34
CA MET A 187 -10.56 5.63 0.46
C MET A 187 -10.24 6.85 -0.40
N LYS A 188 -9.73 6.61 -1.60
CA LYS A 188 -9.29 7.72 -2.45
C LYS A 188 -10.46 8.44 -3.11
N MET A 189 -11.64 7.84 -3.13
CA MET A 189 -12.84 8.55 -3.55
C MET A 189 -13.66 9.10 -2.38
N SER A 190 -13.44 8.62 -1.17
CA SER A 190 -14.27 8.99 -0.02
C SER A 190 -13.71 10.12 0.83
N TYR A 191 -12.41 10.39 0.78
CA TYR A 191 -11.88 11.47 1.59
C TYR A 191 -12.48 12.85 1.28
N PRO A 192 -12.91 13.18 0.06
CA PRO A 192 -13.59 14.47 -0.13
C PRO A 192 -14.85 14.60 0.70
N ILE A 193 -15.49 13.49 1.07
CA ILE A 193 -16.69 13.54 1.90
C ILE A 193 -16.42 14.26 3.21
N TYR A 194 -15.22 14.12 3.76
CA TYR A 194 -14.94 14.52 5.14
C TYR A 194 -14.05 15.75 5.25
N ARG A 195 -13.23 16.03 4.24
CA ARG A 195 -12.32 17.16 4.28
C ARG A 195 -11.59 17.23 5.62
N HIS A 196 -11.12 16.09 6.14
CA HIS A 196 -10.24 16.07 7.29
C HIS A 196 -8.81 15.83 6.83
N PRO A 197 -7.89 16.77 7.07
CA PRO A 197 -6.54 16.65 6.49
C PRO A 197 -5.81 15.37 6.85
N GLU A 198 -6.00 14.85 8.07
CA GLU A 198 -5.32 13.62 8.44
C GLU A 198 -5.88 12.44 7.67
N PHE A 199 -7.22 12.31 7.59
CA PHE A 199 -7.79 11.19 6.86
C PHE A 199 -7.46 11.24 5.37
N THR A 200 -7.31 12.46 4.82
CA THR A 200 -6.94 12.57 3.43
C THR A 200 -5.53 12.05 3.19
N GLU A 201 -4.62 12.27 4.15
CA GLU A 201 -3.26 11.76 3.98
C GLU A 201 -3.22 10.24 4.07
N HIS A 202 -3.89 9.66 5.07
CA HIS A 202 -3.93 8.20 5.15
C HIS A 202 -4.63 7.58 3.93
N ALA A 203 -5.58 8.29 3.33
CA ALA A 203 -6.17 7.79 2.09
C ALA A 203 -5.16 7.80 0.96
N LYS A 204 -4.37 8.88 0.85
CA LYS A 204 -3.45 9.05 -0.26
C LYS A 204 -2.16 8.25 -0.11
N THR A 205 -1.74 7.93 1.12
CA THR A 205 -0.64 6.98 1.30
C THR A 205 -1.10 5.53 1.13
N SER A 206 -2.41 5.29 1.15
CA SER A 206 -3.05 3.98 1.23
C SER A 206 -2.89 3.33 2.60
N LEU A 207 -2.31 4.01 3.59
CA LEU A 207 -2.33 3.46 4.94
C LEU A 207 -3.76 3.15 5.37
N ALA A 208 -4.71 4.02 5.01
CA ALA A 208 -6.11 3.77 5.35
C ALA A 208 -6.58 2.45 4.77
N ALA A 209 -6.33 2.23 3.48
CA ALA A 209 -6.69 0.96 2.86
C ALA A 209 -6.05 -0.20 3.57
N ARG A 210 -4.75 -0.08 3.90
CA ARG A 210 -4.03 -1.20 4.48
C ARG A 210 -4.58 -1.55 5.86
N MET A 211 -4.93 -0.53 6.67
CA MET A 211 -5.49 -0.80 7.99
C MET A 211 -6.80 -1.55 7.92
N THR A 212 -7.60 -1.31 6.88
CA THR A 212 -8.95 -1.84 6.82
C THR A 212 -9.08 -3.09 5.94
N THR A 213 -8.00 -3.51 5.28
CA THR A 213 -8.10 -4.57 4.28
C THR A 213 -8.66 -5.86 4.87
N ARG A 214 -8.08 -6.32 5.97
CA ARG A 214 -8.42 -7.65 6.45
C ARG A 214 -9.83 -7.69 7.02
N GLY A 215 -10.24 -6.64 7.74
CA GLY A 215 -11.59 -6.61 8.29
C GLY A 215 -12.66 -6.73 7.22
N LEU A 216 -12.48 -6.02 6.10
CA LEU A 216 -13.41 -6.11 4.98
C LEU A 216 -13.31 -7.46 4.29
N THR A 217 -12.08 -7.87 3.92
CA THR A 217 -11.89 -9.05 3.08
C THR A 217 -12.31 -10.33 3.78
N ILE A 218 -11.98 -10.48 5.07
CA ILE A 218 -12.29 -11.73 5.76
C ILE A 218 -13.80 -11.96 5.77
N VAL A 219 -14.58 -10.91 6.05
CA VAL A 219 -16.03 -11.03 6.10
C VAL A 219 -16.59 -11.34 4.72
N ASN A 220 -16.15 -10.59 3.70
CA ASN A 220 -16.60 -10.84 2.33
C ASN A 220 -16.29 -12.25 1.88
N ASP A 221 -15.07 -12.73 2.19
CA ASP A 221 -14.69 -14.06 1.73
C ASP A 221 -15.59 -15.13 2.34
N PHE A 222 -15.95 -14.97 3.63
CA PHE A 222 -16.72 -16.04 4.24
C PHE A 222 -18.07 -16.20 3.57
N TYR A 223 -18.74 -15.09 3.30
CA TYR A 223 -20.09 -15.15 2.78
C TYR A 223 -20.15 -15.38 1.28
N SER A 224 -19.17 -14.90 0.51
CA SER A 224 -19.17 -15.11 -0.93
C SER A 224 -18.43 -16.38 -1.33
N TYR A 225 -18.13 -17.27 -0.39
CA TYR A 225 -17.29 -18.43 -0.66
C TYR A 225 -17.99 -19.41 -1.61
N ASP A 226 -19.21 -19.82 -1.28
CA ASP A 226 -19.90 -20.83 -2.10
C ASP A 226 -20.04 -20.36 -3.55
N ARG A 227 -20.36 -19.08 -3.75
CA ARG A 227 -20.49 -18.55 -5.11
C ARG A 227 -19.18 -18.69 -5.88
N GLU A 228 -18.07 -18.29 -5.27
CA GLU A 228 -16.81 -18.20 -6.00
C GLU A 228 -16.19 -19.57 -6.22
N VAL A 229 -16.43 -20.52 -5.30
CA VAL A 229 -15.96 -21.89 -5.50
C VAL A 229 -16.64 -22.50 -6.71
N SER A 230 -17.95 -22.30 -6.82
CA SER A 230 -18.72 -22.89 -7.91
C SER A 230 -18.33 -22.29 -9.24
N LEU A 231 -17.63 -21.17 -9.23
CA LEU A 231 -17.27 -20.47 -10.45
C LEU A 231 -15.78 -20.53 -10.74
N GLY A 232 -15.02 -21.25 -9.93
CA GLY A 232 -13.59 -21.36 -10.15
C GLY A 232 -12.85 -20.06 -9.90
N GLN A 233 -13.36 -19.23 -8.99
CA GLN A 233 -12.74 -17.96 -8.61
C GLN A 233 -11.90 -18.19 -7.36
N ILE A 234 -10.62 -17.80 -7.43
CA ILE A 234 -9.69 -18.15 -6.36
C ILE A 234 -9.51 -17.04 -5.32
N THR A 235 -10.06 -15.85 -5.55
CA THR A 235 -9.79 -14.70 -4.68
C THR A 235 -10.66 -14.79 -3.43
N ASN A 236 -10.24 -15.64 -2.49
CA ASN A 236 -11.02 -15.87 -1.28
C ASN A 236 -10.16 -16.63 -0.28
N CYS A 237 -9.77 -15.98 0.82
CA CYS A 237 -8.79 -16.55 1.76
C CYS A 237 -9.21 -17.90 2.31
N PHE A 238 -10.51 -18.19 2.35
CA PHE A 238 -10.91 -19.48 2.91
C PHE A 238 -10.58 -20.65 1.99
N ARG A 239 -10.12 -20.40 0.76
CA ARG A 239 -9.56 -21.46 -0.07
C ARG A 239 -8.20 -21.93 0.42
N LEU A 240 -7.58 -21.22 1.36
CA LEU A 240 -6.33 -21.68 1.96
C LEU A 240 -6.55 -22.73 3.04
N CYS A 241 -7.72 -23.35 3.07
CA CYS A 241 -8.21 -24.10 4.20
C CYS A 241 -9.30 -25.07 3.74
N ASP A 242 -9.56 -26.12 4.51
CA ASP A 242 -10.69 -27.01 4.20
C ASP A 242 -11.86 -26.62 5.10
N VAL A 243 -12.87 -26.01 4.48
CA VAL A 243 -14.02 -25.58 5.24
C VAL A 243 -14.87 -26.77 5.68
N SER A 244 -14.59 -27.96 5.19
CA SER A 244 -15.38 -29.11 5.63
C SER A 244 -14.84 -29.68 6.94
N ASP A 245 -13.52 -29.63 7.11
CA ASP A 245 -12.88 -30.01 8.36
C ASP A 245 -13.00 -28.85 9.33
N GLU A 246 -13.88 -28.99 10.32
CA GLU A 246 -14.17 -27.88 11.21
C GLU A 246 -12.99 -27.54 12.12
N THR A 247 -12.16 -28.52 12.47
CA THR A 247 -10.98 -28.22 13.28
C THR A 247 -10.07 -27.24 12.55
N ALA A 248 -9.65 -27.58 11.34
CA ALA A 248 -8.85 -26.65 10.55
C ALA A 248 -9.62 -25.37 10.27
N PHE A 249 -10.92 -25.48 10.01
CA PHE A 249 -11.72 -24.28 9.77
C PHE A 249 -11.75 -23.37 10.99
N LYS A 250 -12.17 -23.89 12.14
CA LYS A 250 -12.26 -23.07 13.35
C LYS A 250 -10.90 -22.54 13.76
N GLU A 251 -9.84 -23.32 13.53
CA GLU A 251 -8.48 -22.83 13.76
C GLU A 251 -8.18 -21.68 12.81
N PHE A 252 -8.57 -21.83 11.55
CA PHE A 252 -8.33 -20.80 10.55
C PHE A 252 -9.19 -19.57 10.80
N PHE A 253 -10.47 -19.79 11.14
CA PHE A 253 -11.39 -18.67 11.38
C PHE A 253 -10.96 -17.87 12.61
N GLN A 254 -10.49 -18.55 13.67
CA GLN A 254 -10.07 -17.80 14.84
C GLN A 254 -8.80 -17.00 14.56
N ALA A 255 -7.89 -17.54 13.73
CA ALA A 255 -6.72 -16.76 13.33
C ALA A 255 -7.11 -15.53 12.50
N ARG A 256 -8.09 -15.68 11.59
CA ARG A 256 -8.62 -14.52 10.87
C ARG A 256 -9.33 -13.56 11.81
N LEU A 257 -10.10 -14.07 12.76
CA LEU A 257 -10.67 -13.20 13.78
C LEU A 257 -9.59 -12.43 14.53
N ASP A 258 -8.49 -13.10 14.88
CA ASP A 258 -7.38 -12.43 15.55
C ASP A 258 -6.78 -11.35 14.66
N ASP A 259 -6.68 -11.61 13.36
CA ASP A 259 -6.26 -10.58 12.42
C ASP A 259 -7.15 -9.34 12.55
N MET A 260 -8.47 -9.53 12.51
CA MET A 260 -9.41 -8.42 12.59
C MET A 260 -9.25 -7.66 13.91
N ILE A 261 -9.11 -8.37 15.03
CA ILE A 261 -9.03 -7.71 16.34
C ILE A 261 -7.78 -6.86 16.44
N GLU A 262 -6.64 -7.39 15.99
CA GLU A 262 -5.38 -6.66 16.09
C GLU A 262 -5.40 -5.42 15.21
N ASP A 263 -5.98 -5.53 14.01
CA ASP A 263 -6.17 -4.36 13.15
C ASP A 263 -7.08 -3.33 13.83
N ILE A 264 -8.20 -3.80 14.40
CA ILE A 264 -9.15 -2.88 15.01
C ILE A 264 -8.52 -2.14 16.19
N GLU A 265 -7.79 -2.85 17.06
CA GLU A 265 -7.14 -2.17 18.18
C GLU A 265 -6.09 -1.17 17.70
N CYS A 266 -5.34 -1.50 16.64
CA CYS A 266 -4.38 -0.54 16.11
C CYS A 266 -5.06 0.65 15.44
N ILE A 267 -6.22 0.44 14.82
CA ILE A 267 -6.99 1.54 14.26
C ILE A 267 -7.36 2.53 15.36
N LYS A 268 -7.62 2.04 16.58
CA LYS A 268 -8.02 2.90 17.69
C LYS A 268 -6.94 3.89 18.09
N ALA A 269 -5.71 3.76 17.57
CA ALA A 269 -4.67 4.75 17.79
C ALA A 269 -4.72 5.88 16.78
N PHE A 270 -5.58 5.76 15.77
CA PHE A 270 -5.84 6.87 14.88
C PHE A 270 -6.79 7.87 15.56
N ASP A 271 -6.69 9.13 15.13
CA ASP A 271 -7.55 10.18 15.64
C ASP A 271 -9.01 9.78 15.50
N GLN A 272 -9.87 10.35 16.36
CA GLN A 272 -11.21 9.80 16.49
C GLN A 272 -12.00 9.86 15.19
N LEU A 273 -11.94 10.98 14.47
CA LEU A 273 -12.62 11.04 13.17
C LEU A 273 -12.13 9.91 12.27
N THR A 274 -10.81 9.86 12.00
CA THR A 274 -10.26 8.79 11.18
C THR A 274 -10.69 7.42 11.69
N GLN A 275 -10.48 7.16 12.98
CA GLN A 275 -10.81 5.88 13.59
C GLN A 275 -12.27 5.49 13.39
N ASP A 276 -13.19 6.46 13.53
CA ASP A 276 -14.60 6.14 13.37
C ASP A 276 -14.93 5.72 11.95
N VAL A 277 -14.41 6.46 10.96
CA VAL A 277 -14.62 6.08 9.57
C VAL A 277 -14.17 4.64 9.33
N PHE A 278 -12.95 4.31 9.78
CA PHE A 278 -12.41 2.97 9.58
C PHE A 278 -13.31 1.90 10.18
N LEU A 279 -13.77 2.12 11.42
CA LEU A 279 -14.56 1.09 12.09
C LEU A 279 -15.96 0.97 11.48
N ASP A 280 -16.62 2.10 11.19
CA ASP A 280 -17.95 2.01 10.59
C ASP A 280 -17.88 1.30 9.24
N LEU A 281 -16.80 1.52 8.50
CA LEU A 281 -16.61 0.79 7.24
C LEU A 281 -16.58 -0.71 7.47
N ILE A 282 -15.73 -1.17 8.37
CA ILE A 282 -15.59 -2.62 8.56
C ILE A 282 -16.89 -3.21 9.08
N TYR A 283 -17.50 -2.56 10.09
CA TYR A 283 -18.71 -3.06 10.71
C TYR A 283 -19.92 -2.92 9.77
N GLY A 284 -20.03 -1.78 9.07
CA GLY A 284 -21.14 -1.60 8.14
C GLY A 284 -21.16 -2.66 7.05
N ASN A 285 -19.98 -3.00 6.51
CA ASN A 285 -19.93 -4.02 5.47
C ASN A 285 -20.40 -5.37 5.97
N PHE A 286 -20.21 -5.65 7.26
CA PHE A 286 -20.64 -6.93 7.82
C PHE A 286 -22.16 -7.05 7.85
N VAL A 287 -22.88 -5.98 8.17
CA VAL A 287 -24.34 -6.04 8.24
C VAL A 287 -24.94 -6.21 6.85
N TRP A 288 -24.53 -5.36 5.89
CA TRP A 288 -24.98 -5.53 4.51
C TRP A 288 -24.72 -6.95 4.04
N THR A 289 -23.49 -7.44 4.27
CA THR A 289 -23.09 -8.73 3.73
C THR A 289 -23.97 -9.86 4.22
N THR A 290 -24.34 -9.87 5.50
CA THR A 290 -25.07 -10.99 6.08
C THR A 290 -26.55 -10.98 5.71
N SER A 291 -27.05 -9.87 5.18
CA SER A 291 -28.45 -9.74 4.84
C SER A 291 -28.69 -9.58 3.36
N ASN A 292 -27.64 -9.50 2.53
CA ASN A 292 -27.84 -9.19 1.14
C ASN A 292 -28.02 -10.44 0.30
N LYS A 293 -29.07 -10.42 -0.53
CA LYS A 293 -29.43 -11.48 -1.45
C LYS A 293 -28.24 -12.00 -2.25
N ARG A 294 -27.34 -11.11 -2.65
CA ARG A 294 -26.12 -11.48 -3.38
C ARG A 294 -25.50 -12.76 -2.83
N TYR A 295 -25.46 -12.89 -1.50
CA TYR A 295 -24.75 -13.95 -0.80
C TYR A 295 -25.71 -14.95 -0.15
N LYS A 296 -26.74 -15.36 -0.89
CA LYS A 296 -27.76 -16.24 -0.36
C LYS A 296 -27.80 -17.61 -1.05
N THR A 297 -28.54 -17.75 -2.15
CA THR A 297 -28.56 -19.00 -2.88
C THR A 297 -28.69 -18.70 -4.37
N ALA A 298 -27.67 -19.16 -5.09
CA ALA A 298 -27.46 -19.13 -6.56
C ALA A 298 -26.18 -18.39 -6.88
N ILE B 13 16.94 -1.52 21.85
CA ILE B 13 16.40 -1.10 23.14
C ILE B 13 17.43 -0.33 23.94
N GLY B 14 17.87 0.85 23.46
CA GLY B 14 18.92 1.61 24.14
C GLY B 14 20.30 0.95 24.20
N ARG B 15 21.23 1.57 23.48
CA ARG B 15 22.60 1.10 23.23
C ARG B 15 22.69 -0.42 23.04
N SER B 16 21.60 -1.04 22.60
CA SER B 16 21.67 -2.39 22.10
C SER B 16 22.15 -2.36 20.66
N SER B 17 22.38 -3.54 20.10
CA SER B 17 23.25 -3.62 18.94
C SER B 17 23.13 -5.01 18.33
N VAL B 18 23.29 -5.07 17.01
CA VAL B 18 23.30 -6.33 16.30
C VAL B 18 24.70 -6.65 15.78
N ARG B 19 25.69 -5.84 16.14
CA ARG B 19 27.09 -6.07 15.80
C ARG B 19 27.56 -7.52 15.95
N PRO B 20 27.21 -8.27 17.00
CA PRO B 20 27.73 -9.65 17.10
C PRO B 20 27.22 -10.57 16.02
N TYR B 21 26.08 -10.26 15.42
CA TYR B 21 25.54 -11.07 14.34
C TYR B 21 25.90 -10.54 12.97
N LEU B 22 26.68 -9.45 12.92
CA LEU B 22 27.06 -8.85 11.64
C LEU B 22 27.43 -9.92 10.63
N GLU B 23 28.17 -10.92 11.11
CA GLU B 23 28.87 -11.86 10.22
C GLU B 23 27.97 -12.97 9.75
N GLU B 24 27.43 -13.75 10.69
CA GLU B 24 26.53 -14.82 10.31
C GLU B 24 25.40 -14.29 9.44
N CYS B 25 24.81 -13.15 9.82
CA CYS B 25 23.62 -12.65 9.13
C CYS B 25 23.94 -12.16 7.73
N THR B 26 25.08 -11.50 7.55
CA THR B 26 25.47 -11.09 6.20
C THR B 26 25.60 -12.30 5.28
N ARG B 27 26.18 -13.39 5.79
CA ARG B 27 26.24 -14.59 4.97
C ARG B 27 24.89 -15.30 4.89
N ARG B 28 24.07 -15.20 5.94
CA ARG B 28 22.71 -15.74 5.85
C ARG B 28 21.94 -15.01 4.75
N PHE B 29 22.00 -13.68 4.74
CA PHE B 29 21.42 -12.90 3.64
C PHE B 29 21.99 -13.35 2.31
N GLN B 30 23.34 -13.45 2.23
CA GLN B 30 23.98 -13.78 0.97
C GLN B 30 23.61 -15.18 0.50
N GLU B 31 23.62 -16.17 1.40
CA GLU B 31 23.23 -17.51 1.00
C GLU B 31 21.77 -17.53 0.52
N MET B 32 20.93 -16.64 1.06
CA MET B 32 19.53 -16.59 0.64
C MET B 32 19.42 -16.04 -0.78
N PHE B 33 20.11 -14.93 -1.07
CA PHE B 33 20.10 -14.41 -2.44
C PHE B 33 20.73 -15.38 -3.45
N ASP B 34 21.79 -16.12 -3.04
CA ASP B 34 22.40 -17.10 -3.95
C ASP B 34 21.43 -18.24 -4.27
N ARG B 35 20.59 -18.61 -3.32
CA ARG B 35 19.69 -19.72 -3.59
C ARG B 35 18.44 -19.27 -4.32
N HIS B 36 17.92 -18.09 -4.00
CA HIS B 36 16.56 -17.74 -4.40
C HIS B 36 16.47 -16.66 -5.47
N VAL B 37 17.47 -15.80 -5.61
CA VAL B 37 17.45 -14.77 -6.64
C VAL B 37 18.47 -15.06 -7.73
N VAL B 38 19.68 -15.45 -7.35
CA VAL B 38 20.74 -15.92 -8.24
C VAL B 38 21.38 -14.75 -8.98
N THR B 39 20.64 -14.13 -9.89
CA THR B 39 21.21 -13.07 -10.71
C THR B 39 21.73 -11.91 -9.85
N ARG B 40 23.00 -11.53 -10.07
CA ARG B 40 23.58 -10.47 -9.28
C ARG B 40 23.23 -9.10 -9.85
N PRO B 41 22.93 -8.12 -8.99
CA PRO B 41 22.68 -6.76 -9.47
C PRO B 41 23.96 -6.12 -9.96
N THR B 42 23.81 -5.30 -11.01
CA THR B 42 24.91 -4.63 -11.68
C THR B 42 24.63 -3.13 -11.70
N LYS B 43 25.52 -2.34 -11.13
CA LYS B 43 25.27 -0.94 -10.86
C LYS B 43 25.28 -0.09 -12.14
N VAL B 44 24.34 0.85 -12.23
CA VAL B 44 24.42 1.90 -13.25
C VAL B 44 25.45 2.92 -12.83
N GLU B 45 26.62 2.89 -13.46
CA GLU B 45 27.59 3.94 -13.21
C GLU B 45 27.15 5.15 -14.00
N LEU B 46 27.21 6.33 -13.38
CA LEU B 46 27.02 7.58 -14.10
C LEU B 46 28.38 8.16 -14.45
N THR B 47 28.44 8.90 -15.56
CA THR B 47 29.67 9.60 -15.89
C THR B 47 29.87 10.75 -14.92
N ASP B 48 31.07 11.33 -14.92
CA ASP B 48 31.32 12.41 -13.98
C ASP B 48 30.42 13.60 -14.30
N ALA B 49 30.08 13.75 -15.58
CA ALA B 49 29.19 14.82 -16.02
C ALA B 49 27.75 14.62 -15.58
N GLU B 50 27.19 13.43 -15.76
CA GLU B 50 25.81 13.20 -15.35
C GLU B 50 25.69 13.23 -13.82
N LEU B 51 26.71 12.71 -13.14
CA LEU B 51 26.73 12.75 -11.68
C LEU B 51 26.75 14.18 -11.17
N ARG B 52 27.55 15.05 -11.78
CA ARG B 52 27.51 16.45 -11.36
C ARG B 52 26.19 17.13 -11.75
N GLU B 53 25.55 16.68 -12.83
CA GLU B 53 24.21 17.21 -13.12
C GLU B 53 23.25 16.85 -12.00
N VAL B 54 23.24 15.57 -11.59
CA VAL B 54 22.39 15.12 -10.50
C VAL B 54 22.72 15.88 -9.23
N ILE B 55 24.01 15.90 -8.85
CA ILE B 55 24.40 16.55 -7.61
C ILE B 55 24.08 18.05 -7.65
N ASP B 56 24.19 18.67 -8.84
CA ASP B 56 23.83 20.08 -8.96
C ASP B 56 22.34 20.27 -8.71
N ASP B 57 21.51 19.47 -9.37
CA ASP B 57 20.09 19.53 -9.05
C ASP B 57 19.84 19.35 -7.57
N CYS B 58 20.54 18.40 -6.94
CA CYS B 58 20.31 18.11 -5.53
C CYS B 58 20.64 19.31 -4.64
N ASN B 59 21.78 19.96 -4.90
CA ASN B 59 22.13 21.15 -4.13
C ASN B 59 21.03 22.19 -4.22
N ALA B 60 20.64 22.58 -5.44
CA ALA B 60 19.53 23.52 -5.60
C ALA B 60 18.32 23.09 -4.81
N ALA B 61 18.02 21.79 -4.82
CA ALA B 61 16.82 21.30 -4.16
C ALA B 61 16.91 21.47 -2.65
N VAL B 62 18.09 21.26 -2.05
CA VAL B 62 18.18 21.43 -0.60
C VAL B 62 18.84 22.74 -0.19
N ALA B 63 19.11 23.63 -1.13
CA ALA B 63 19.67 24.92 -0.74
C ALA B 63 18.72 25.75 0.10
N PRO B 64 17.43 25.87 -0.22
CA PRO B 64 16.55 26.70 0.62
C PRO B 64 16.44 26.22 2.05
N LEU B 65 16.70 24.95 2.35
CA LEU B 65 16.60 24.46 3.71
C LEU B 65 17.84 24.78 4.55
N GLY B 66 18.95 25.17 3.91
CA GLY B 66 20.02 25.90 4.58
C GLY B 66 21.19 25.03 5.03
N LYS B 67 20.94 23.74 5.10
CA LYS B 67 21.88 22.80 5.67
C LYS B 67 22.74 22.23 4.56
N THR B 68 24.06 22.30 4.73
CA THR B 68 24.97 21.95 3.65
C THR B 68 25.21 20.45 3.61
N VAL B 69 25.26 19.90 2.39
CA VAL B 69 25.50 18.47 2.21
C VAL B 69 26.47 18.28 1.04
N SER B 70 27.55 17.55 1.32
CA SER B 70 28.74 17.45 0.49
C SER B 70 28.56 16.43 -0.64
N ASP B 71 29.45 16.52 -1.63
CA ASP B 71 29.42 15.57 -2.74
C ASP B 71 29.57 14.15 -2.23
N GLU B 72 30.36 13.97 -1.18
CA GLU B 72 30.64 12.65 -0.64
C GLU B 72 29.39 12.03 -0.03
N ARG B 73 28.58 12.84 0.65
CA ARG B 73 27.33 12.37 1.21
C ARG B 73 26.26 12.22 0.13
N TRP B 74 26.31 13.05 -0.91
CA TRP B 74 25.40 12.86 -2.04
C TRP B 74 25.62 11.50 -2.69
N ILE B 75 26.88 11.13 -2.87
CA ILE B 75 27.19 9.89 -3.55
C ILE B 75 26.88 8.70 -2.65
N SER B 76 26.78 8.90 -1.35
CA SER B 76 26.33 7.84 -0.46
C SER B 76 24.83 7.59 -0.65
N TYR B 77 24.03 8.66 -0.59
CA TYR B 77 22.61 8.56 -0.91
C TYR B 77 22.38 7.91 -2.27
N VAL B 78 22.96 8.50 -3.32
CA VAL B 78 22.61 8.12 -4.68
C VAL B 78 22.98 6.66 -4.97
N GLY B 79 23.84 6.07 -4.14
CA GLY B 79 24.28 4.71 -4.40
C GLY B 79 23.15 3.70 -4.38
N VAL B 80 22.12 3.92 -3.57
CA VAL B 80 20.99 3.00 -3.59
C VAL B 80 20.32 2.99 -4.96
N VAL B 81 20.20 4.16 -5.61
CA VAL B 81 19.58 4.21 -6.94
C VAL B 81 20.53 3.63 -7.98
N LEU B 82 21.82 3.95 -7.87
CA LEU B 82 22.78 3.41 -8.82
C LEU B 82 22.84 1.89 -8.75
N TRP B 83 22.63 1.33 -7.56
CA TRP B 83 22.76 -0.10 -7.36
C TRP B 83 21.45 -0.88 -7.45
N SER B 84 20.29 -0.25 -7.27
CA SER B 84 19.08 -1.03 -7.06
C SER B 84 18.03 -0.87 -8.14
N GLN B 85 18.32 -0.10 -9.20
CA GLN B 85 17.49 -0.15 -10.39
C GLN B 85 17.87 -1.40 -11.20
N SER B 86 17.49 -1.45 -12.47
CA SER B 86 17.55 -2.68 -13.27
C SER B 86 18.17 -2.35 -14.64
N PRO B 87 19.49 -2.24 -14.71
CA PRO B 87 20.13 -1.79 -15.96
C PRO B 87 19.88 -2.70 -17.13
N ARG B 88 19.51 -3.96 -16.90
CA ARG B 88 19.01 -4.80 -17.98
C ARG B 88 17.98 -4.07 -18.82
N HIS B 89 17.09 -3.30 -18.18
CA HIS B 89 15.87 -2.83 -18.83
C HIS B 89 15.74 -1.31 -18.90
N ILE B 90 16.73 -0.57 -18.40
CA ILE B 90 16.61 0.88 -18.37
C ILE B 90 16.42 1.40 -19.80
N LYS B 91 15.40 2.23 -19.99
CA LYS B 91 15.25 2.98 -21.23
C LYS B 91 15.48 4.48 -21.05
N ASP B 92 14.83 5.12 -20.06
CA ASP B 92 14.79 6.57 -19.93
C ASP B 92 15.79 7.03 -18.87
N MET B 93 16.98 7.46 -19.31
CA MET B 93 18.00 7.94 -18.38
C MET B 93 17.62 9.24 -17.69
N GLU B 94 16.75 10.05 -18.30
CA GLU B 94 16.34 11.29 -17.65
C GLU B 94 15.40 11.00 -16.47
N ALA B 95 14.53 10.01 -16.61
CA ALA B 95 13.76 9.55 -15.47
C ALA B 95 14.67 8.93 -14.42
N PHE B 96 15.73 8.23 -14.85
CA PHE B 96 16.72 7.69 -13.92
C PHE B 96 17.38 8.81 -13.13
N LYS B 97 17.74 9.90 -13.80
CA LYS B 97 18.39 10.99 -13.10
C LYS B 97 17.42 11.68 -12.15
N ALA B 98 16.14 11.70 -12.52
CA ALA B 98 15.11 12.20 -11.61
C ALA B 98 15.05 11.37 -10.33
N VAL B 99 15.04 10.05 -10.46
CA VAL B 99 14.97 9.21 -9.26
C VAL B 99 16.21 9.39 -8.40
N CYS B 100 17.37 9.61 -9.03
CA CYS B 100 18.57 9.93 -8.26
C CYS B 100 18.34 11.17 -7.42
N VAL B 101 17.88 12.25 -8.06
CA VAL B 101 17.71 13.52 -7.39
C VAL B 101 16.63 13.43 -6.31
N LEU B 102 15.45 12.93 -6.69
CA LEU B 102 14.33 12.88 -5.75
C LEU B 102 14.66 12.01 -4.55
N ASN B 103 15.16 10.80 -4.78
CA ASN B 103 15.49 9.96 -3.65
C ASN B 103 16.57 10.61 -2.78
N CYS B 104 17.55 11.27 -3.41
CA CYS B 104 18.61 11.92 -2.64
C CYS B 104 18.08 13.03 -1.75
N VAL B 105 17.18 13.87 -2.26
CA VAL B 105 16.77 15.01 -1.46
C VAL B 105 15.73 14.61 -0.43
N THR B 106 15.04 13.48 -0.64
CA THR B 106 14.16 12.99 0.42
C THR B 106 14.93 12.21 1.48
N PHE B 107 16.09 11.62 1.12
CA PHE B 107 17.01 11.09 2.11
C PHE B 107 17.46 12.19 3.07
N VAL B 108 17.76 13.37 2.52
CA VAL B 108 18.10 14.52 3.35
C VAL B 108 16.95 14.83 4.29
N TRP B 109 15.72 14.88 3.74
CA TRP B 109 14.53 15.14 4.56
C TRP B 109 14.39 14.11 5.67
N ASP B 110 14.62 12.84 5.33
CA ASP B 110 14.54 11.76 6.31
C ASP B 110 15.53 11.99 7.46
N ASP B 111 16.79 12.23 7.12
CA ASP B 111 17.92 12.44 8.02
C ASP B 111 17.82 13.75 8.82
N MET B 112 16.80 14.55 8.56
CA MET B 112 16.80 15.97 8.87
C MET B 112 16.05 16.23 10.15
N ASP B 113 16.61 17.13 10.96
CA ASP B 113 15.94 17.59 12.16
C ASP B 113 14.58 18.15 11.79
N PRO B 114 13.48 17.64 12.37
CA PRO B 114 12.13 18.03 11.92
C PRO B 114 11.83 19.52 12.01
N ALA B 115 12.59 20.27 12.81
CA ALA B 115 12.37 21.71 12.89
C ALA B 115 12.56 22.37 11.53
N LEU B 116 13.36 21.77 10.67
CA LEU B 116 13.77 22.28 9.37
C LEU B 116 12.83 21.89 8.24
N HIS B 117 11.72 21.22 8.51
CA HIS B 117 10.85 20.69 7.46
C HIS B 117 9.94 21.79 6.94
N ASP B 118 10.40 22.52 5.92
CA ASP B 118 9.67 23.64 5.35
C ASP B 118 8.85 23.13 4.17
N PHE B 119 7.57 22.84 4.41
CA PHE B 119 6.68 22.40 3.34
C PHE B 119 6.48 23.50 2.31
N GLY B 120 6.41 24.75 2.76
CA GLY B 120 6.26 25.85 1.81
C GLY B 120 7.45 26.00 0.89
N LEU B 121 8.67 25.75 1.40
CA LEU B 121 9.88 25.94 0.62
C LEU B 121 10.27 24.70 -0.19
N PHE B 122 9.93 23.50 0.30
CA PHE B 122 10.48 22.30 -0.31
C PHE B 122 9.53 21.67 -1.33
N LEU B 123 8.23 21.66 -1.06
CA LEU B 123 7.27 21.08 -2.00
C LEU B 123 7.36 21.67 -3.40
N PRO B 124 7.49 23.00 -3.59
CA PRO B 124 7.71 23.49 -4.95
C PRO B 124 9.00 22.99 -5.57
N GLN B 125 10.03 22.71 -4.76
CA GLN B 125 11.29 22.22 -5.33
C GLN B 125 11.14 20.80 -5.85
N LEU B 126 10.40 19.96 -5.12
CA LEU B 126 10.10 18.62 -5.63
C LEU B 126 9.34 18.72 -6.95
N ARG B 127 8.30 19.55 -6.98
CA ARG B 127 7.50 19.72 -8.20
C ARG B 127 8.39 20.13 -9.37
N LYS B 128 9.30 21.07 -9.13
CA LYS B 128 10.23 21.50 -10.15
C LYS B 128 11.04 20.32 -10.71
N ILE B 129 11.65 19.52 -9.83
CA ILE B 129 12.46 18.39 -10.26
C ILE B 129 11.65 17.46 -11.17
N CYS B 130 10.38 17.21 -10.80
CA CYS B 130 9.52 16.32 -11.57
C CYS B 130 9.18 16.91 -12.93
N GLU B 131 8.77 18.18 -12.96
CA GLU B 131 8.38 18.79 -14.23
C GLU B 131 9.59 18.93 -15.15
N LYS B 132 10.80 18.91 -14.60
CA LYS B 132 11.97 18.96 -15.46
C LYS B 132 12.23 17.63 -16.15
N TYR B 133 12.05 16.51 -15.46
CA TYR B 133 12.53 15.22 -15.95
C TYR B 133 11.46 14.31 -16.56
N TYR B 134 10.19 14.54 -16.27
CA TYR B 134 9.12 13.69 -16.76
C TYR B 134 8.22 14.47 -17.70
N GLY B 135 7.29 13.75 -18.31
CA GLY B 135 6.19 14.35 -19.03
C GLY B 135 5.04 14.67 -18.11
N PRO B 136 3.97 15.22 -18.67
CA PRO B 136 2.83 15.66 -17.86
C PRO B 136 2.35 14.67 -16.82
N GLU B 137 1.84 13.51 -17.26
CA GLU B 137 1.24 12.60 -16.30
C GLU B 137 2.28 12.02 -15.34
N ASP B 138 3.45 11.62 -15.85
CA ASP B 138 4.50 11.06 -14.99
C ASP B 138 4.93 12.06 -13.94
N ALA B 139 5.06 13.33 -14.33
CA ALA B 139 5.46 14.36 -13.37
C ALA B 139 4.49 14.43 -12.21
N GLU B 140 3.18 14.41 -12.50
CA GLU B 140 2.18 14.49 -11.43
C GLU B 140 2.23 13.27 -10.52
N VAL B 141 2.50 12.09 -11.09
CA VAL B 141 2.55 10.87 -10.30
C VAL B 141 3.76 10.89 -9.40
N ALA B 142 4.93 11.21 -9.96
CA ALA B 142 6.14 11.32 -9.16
C ALA B 142 5.97 12.37 -8.06
N TYR B 143 5.30 13.48 -8.35
CA TYR B 143 5.19 14.53 -7.35
C TYR B 143 4.27 14.13 -6.21
N GLU B 144 3.11 13.58 -6.51
CA GLU B 144 2.21 13.16 -5.45
C GLU B 144 2.88 12.13 -4.55
N ALA B 145 3.68 11.25 -5.14
CA ALA B 145 4.36 10.24 -4.34
C ALA B 145 5.50 10.84 -3.51
N ALA B 146 6.20 11.83 -4.04
CA ALA B 146 7.19 12.55 -3.24
C ALA B 146 6.52 13.31 -2.10
N ARG B 147 5.46 14.05 -2.43
CA ARG B 147 4.70 14.79 -1.44
C ARG B 147 4.26 13.89 -0.29
N ALA B 148 3.58 12.79 -0.62
CA ALA B 148 3.11 11.88 0.41
C ALA B 148 4.27 11.37 1.27
N PHE B 149 5.41 11.03 0.65
CA PHE B 149 6.53 10.49 1.42
C PHE B 149 7.06 11.50 2.45
N VAL B 150 7.36 12.72 2.02
CA VAL B 150 7.93 13.68 2.96
C VAL B 150 6.88 14.12 3.96
N THR B 151 5.62 14.22 3.53
CA THR B 151 4.53 14.48 4.47
C THR B 151 4.41 13.35 5.50
N SER B 152 4.46 12.10 5.06
CA SER B 152 4.32 10.99 6.01
C SER B 152 5.46 10.97 7.00
N ASP B 153 6.69 11.09 6.51
CA ASP B 153 7.82 11.00 7.41
C ASP B 153 7.74 12.08 8.49
N HIS B 154 7.62 13.34 8.05
CA HIS B 154 7.53 14.45 9.00
C HIS B 154 6.39 14.23 9.98
N MET B 155 5.26 13.75 9.48
CA MET B 155 4.02 13.72 10.23
C MET B 155 4.05 12.70 11.36
N PHE B 156 4.69 11.56 11.12
CA PHE B 156 4.67 10.49 12.10
C PHE B 156 5.77 10.59 13.15
N ARG B 157 6.60 11.64 13.14
CA ARG B 157 7.88 11.61 13.88
C ARG B 157 7.70 11.21 15.35
N ASP B 158 6.62 11.67 15.98
CA ASP B 158 6.35 11.37 17.39
C ASP B 158 5.05 10.59 17.55
N SER B 159 4.46 10.10 16.44
CA SER B 159 3.05 9.74 16.36
C SER B 159 2.73 8.53 17.23
N PRO B 160 1.49 8.43 17.72
CA PRO B 160 1.10 7.23 18.45
C PRO B 160 0.65 6.14 17.53
N ILE B 161 0.15 6.50 16.34
CA ILE B 161 -0.04 5.52 15.28
C ILE B 161 1.27 4.83 14.94
N LYS B 162 2.34 5.60 14.79
CA LYS B 162 3.61 4.97 14.46
C LYS B 162 4.05 4.01 15.57
N ALA B 163 3.90 4.42 16.84
CA ALA B 163 4.27 3.57 17.96
C ALA B 163 3.46 2.28 17.98
N ALA B 164 2.14 2.38 17.77
CA ALA B 164 1.29 1.19 17.77
C ALA B 164 1.62 0.24 16.61
N LEU B 165 1.82 0.80 15.41
CA LEU B 165 2.11 -0.06 14.25
C LEU B 165 3.48 -0.69 14.34
N CYS B 166 4.44 -0.05 15.00
CA CYS B 166 5.78 -0.60 15.05
C CYS B 166 5.99 -1.56 16.20
N THR B 167 5.16 -1.54 17.24
CA THR B 167 5.40 -2.35 18.43
C THR B 167 4.44 -3.52 18.60
N THR B 168 3.41 -3.63 17.76
CA THR B 168 2.43 -4.70 17.96
C THR B 168 2.88 -6.02 17.32
N SER B 169 3.29 -6.01 16.06
CA SER B 169 3.49 -7.24 15.32
C SER B 169 4.19 -6.92 13.99
N PRO B 170 4.83 -7.91 13.38
CA PRO B 170 5.43 -7.67 12.05
C PRO B 170 4.45 -7.14 11.03
N GLU B 171 3.23 -7.69 10.97
CA GLU B 171 2.26 -7.25 9.96
C GLU B 171 1.98 -5.77 10.08
N GLN B 172 1.70 -5.29 11.31
CA GLN B 172 1.43 -3.87 11.47
C GLN B 172 2.65 -3.05 11.08
N TYR B 173 3.85 -3.53 11.44
CA TYR B 173 5.05 -2.77 11.16
C TYR B 173 5.33 -2.68 9.66
N PHE B 174 5.34 -3.82 8.97
CA PHE B 174 5.56 -3.77 7.52
C PHE B 174 4.44 -3.00 6.82
N ARG B 175 3.22 -3.00 7.37
CA ARG B 175 2.14 -2.22 6.76
C ARG B 175 2.49 -0.73 6.79
N PHE B 176 3.07 -0.26 7.89
CA PHE B 176 3.51 1.12 7.98
C PHE B 176 4.66 1.41 7.01
N ARG B 177 5.56 0.43 6.82
CA ARG B 177 6.78 0.65 6.05
C ARG B 177 6.55 0.75 4.53
N VAL B 178 5.47 0.18 4.00
CA VAL B 178 5.14 0.34 2.57
C VAL B 178 5.30 1.78 2.13
N THR B 179 4.79 2.70 2.95
CA THR B 179 4.96 4.12 2.69
C THR B 179 6.26 4.64 3.31
N ASP B 180 6.47 4.36 4.59
CA ASP B 180 7.49 5.09 5.34
C ASP B 180 8.90 4.84 4.81
N ILE B 181 9.24 3.59 4.51
CA ILE B 181 10.59 3.36 3.98
C ILE B 181 10.79 4.02 2.61
N GLY B 182 9.69 4.38 1.93
CA GLY B 182 9.77 5.07 0.68
C GLY B 182 9.63 4.22 -0.57
N VAL B 183 9.29 2.93 -0.44
CA VAL B 183 9.30 2.09 -1.64
C VAL B 183 8.08 2.36 -2.54
N ASP B 184 6.92 2.76 -1.98
CA ASP B 184 5.81 3.14 -2.86
C ASP B 184 6.20 4.36 -3.68
N PHE B 185 6.81 5.35 -3.04
CA PHE B 185 7.40 6.50 -3.72
C PHE B 185 8.38 6.05 -4.81
N TRP B 186 9.26 5.09 -4.48
CA TRP B 186 10.26 4.61 -5.43
C TRP B 186 9.61 4.05 -6.69
N MET B 187 8.64 3.15 -6.55
CA MET B 187 7.98 2.55 -7.70
C MET B 187 7.32 3.61 -8.59
N LYS B 188 6.60 4.56 -7.98
CA LYS B 188 5.79 5.50 -8.74
C LYS B 188 6.63 6.59 -9.39
N MET B 189 7.89 6.78 -8.97
CA MET B 189 8.80 7.61 -9.74
C MET B 189 9.75 6.80 -10.64
N SER B 190 9.83 5.48 -10.46
CA SER B 190 10.73 4.68 -11.27
C SER B 190 10.08 4.09 -12.52
N TYR B 191 8.76 3.93 -12.57
CA TYR B 191 8.15 3.27 -13.72
C TYR B 191 8.48 3.96 -15.05
N PRO B 192 8.61 5.28 -15.15
CA PRO B 192 8.96 5.87 -16.47
C PRO B 192 10.34 5.51 -16.95
N ILE B 193 11.21 5.00 -16.08
CA ILE B 193 12.53 4.53 -16.52
C ILE B 193 12.37 3.36 -17.48
N TYR B 194 11.32 2.56 -17.30
CA TYR B 194 11.20 1.29 -18.00
C TYR B 194 10.16 1.27 -19.11
N ARG B 195 9.17 2.17 -19.07
CA ARG B 195 8.09 2.19 -20.07
C ARG B 195 7.54 0.79 -20.31
N HIS B 196 7.40 0.03 -19.23
CA HIS B 196 6.86 -1.31 -19.31
C HIS B 196 5.44 -1.29 -18.76
N PRO B 197 4.43 -1.65 -19.57
CA PRO B 197 3.03 -1.52 -19.10
C PRO B 197 2.70 -2.26 -17.81
N GLU B 198 3.01 -3.55 -17.71
CA GLU B 198 2.72 -4.28 -16.47
C GLU B 198 3.33 -3.59 -15.26
N PHE B 199 4.62 -3.22 -15.35
CA PHE B 199 5.29 -2.63 -14.20
C PHE B 199 4.68 -1.29 -13.86
N THR B 200 4.27 -0.53 -14.88
CA THR B 200 3.64 0.76 -14.62
C THR B 200 2.37 0.58 -13.81
N GLU B 201 1.59 -0.45 -14.11
CA GLU B 201 0.34 -0.65 -13.39
C GLU B 201 0.60 -1.14 -11.97
N HIS B 202 1.54 -2.10 -11.80
CA HIS B 202 1.87 -2.58 -10.47
C HIS B 202 2.41 -1.44 -9.60
N ALA B 203 3.17 -0.53 -10.19
CA ALA B 203 3.58 0.68 -9.48
C ALA B 203 2.38 1.49 -9.02
N LYS B 204 1.41 1.71 -9.92
CA LYS B 204 0.32 2.62 -9.64
C LYS B 204 -0.70 2.02 -8.67
N THR B 205 -0.78 0.70 -8.60
CA THR B 205 -1.63 0.08 -7.59
C THR B 205 -0.93 -0.06 -6.24
N SER B 206 0.37 0.16 -6.20
CA SER B 206 1.23 -0.12 -5.05
C SER B 206 1.44 -1.61 -4.82
N LEU B 207 0.91 -2.49 -5.69
CA LEU B 207 1.26 -3.90 -5.57
C LEU B 207 2.77 -4.09 -5.62
N ALA B 208 3.45 -3.34 -6.49
CA ALA B 208 4.90 -3.43 -6.58
C ALA B 208 5.55 -3.07 -5.25
N ALA B 209 5.12 -1.96 -4.64
CA ALA B 209 5.65 -1.58 -3.33
C ALA B 209 5.40 -2.67 -2.30
N ARG B 210 4.19 -3.22 -2.28
CA ARG B 210 3.83 -4.20 -1.26
C ARG B 210 4.65 -5.48 -1.41
N MET B 211 4.98 -5.86 -2.66
CA MET B 211 5.73 -7.08 -2.90
C MET B 211 7.17 -6.98 -2.40
N THR B 212 7.79 -5.80 -2.48
CA THR B 212 9.20 -5.59 -2.16
C THR B 212 9.44 -4.97 -0.79
N THR B 213 8.39 -4.60 -0.05
CA THR B 213 8.56 -3.91 1.23
C THR B 213 9.43 -4.72 2.18
N ARG B 214 9.06 -5.98 2.42
CA ARG B 214 9.75 -6.76 3.44
C ARG B 214 11.23 -7.00 3.08
N GLY B 215 11.51 -7.29 1.81
CA GLY B 215 12.89 -7.52 1.41
C GLY B 215 13.79 -6.31 1.61
N LEU B 216 13.28 -5.13 1.29
CA LEU B 216 14.02 -3.89 1.52
C LEU B 216 14.11 -3.56 3.02
N THR B 217 13.00 -3.73 3.74
CA THR B 217 12.91 -3.22 5.09
C THR B 217 13.70 -4.12 6.05
N ILE B 218 13.65 -5.43 5.85
CA ILE B 218 14.35 -6.33 6.75
C ILE B 218 15.85 -6.12 6.62
N VAL B 219 16.35 -5.99 5.39
CA VAL B 219 17.75 -5.72 5.16
C VAL B 219 18.14 -4.37 5.75
N ASN B 220 17.36 -3.34 5.45
CA ASN B 220 17.74 -2.02 5.94
C ASN B 220 17.67 -1.95 7.45
N ASP B 221 16.68 -2.60 8.06
CA ASP B 221 16.55 -2.53 9.51
C ASP B 221 17.76 -3.16 10.19
N PHE B 222 18.26 -4.29 9.68
CA PHE B 222 19.39 -4.94 10.34
C PHE B 222 20.61 -4.03 10.37
N TYR B 223 20.99 -3.50 9.22
CA TYR B 223 22.19 -2.70 9.15
C TYR B 223 22.02 -1.26 9.63
N SER B 224 20.79 -0.77 9.87
CA SER B 224 20.62 0.57 10.41
C SER B 224 20.09 0.56 11.85
N TYR B 225 19.88 -0.62 12.43
CA TYR B 225 19.41 -0.75 13.80
C TYR B 225 20.28 0.04 14.77
N ASP B 226 21.61 -0.06 14.63
CA ASP B 226 22.49 0.57 15.61
C ASP B 226 22.36 2.10 15.57
N ARG B 227 22.37 2.68 14.35
CA ARG B 227 22.22 4.13 14.23
C ARG B 227 20.88 4.58 14.78
N GLU B 228 19.81 3.80 14.52
CA GLU B 228 18.46 4.27 14.85
C GLU B 228 18.16 4.16 16.35
N VAL B 229 18.66 3.11 17.02
CA VAL B 229 18.49 3.07 18.47
C VAL B 229 19.26 4.22 19.12
N SER B 230 20.38 4.61 18.52
CA SER B 230 21.21 5.65 19.12
C SER B 230 20.66 7.06 18.82
N LEU B 231 19.66 7.17 17.94
CA LEU B 231 19.00 8.44 17.66
C LEU B 231 17.55 8.48 18.13
N GLY B 232 17.09 7.48 18.89
CA GLY B 232 15.71 7.45 19.32
C GLY B 232 14.68 7.07 18.26
N GLN B 233 15.11 6.61 17.09
CA GLN B 233 14.16 6.26 16.03
C GLN B 233 13.67 4.82 16.23
N ILE B 234 12.36 4.66 16.40
CA ILE B 234 11.77 3.36 16.75
C ILE B 234 11.23 2.59 15.53
N THR B 235 11.52 3.05 14.31
CA THR B 235 10.97 2.40 13.10
C THR B 235 11.98 1.38 12.59
N ASN B 236 11.86 0.15 13.10
CA ASN B 236 12.82 -0.91 12.86
C ASN B 236 12.28 -2.21 13.44
N CYS B 237 12.15 -3.26 12.61
CA CYS B 237 11.42 -4.45 13.06
C CYS B 237 12.16 -5.21 14.16
N PHE B 238 13.49 -5.18 14.18
CA PHE B 238 14.18 -5.93 15.21
C PHE B 238 13.91 -5.40 16.62
N ARG B 239 13.50 -4.14 16.76
CA ARG B 239 13.01 -3.67 18.06
C ARG B 239 11.78 -4.44 18.54
N LEU B 240 11.32 -5.45 17.80
CA LEU B 240 10.32 -6.39 18.28
C LEU B 240 10.92 -7.60 18.98
N CYS B 241 12.24 -7.67 19.15
CA CYS B 241 12.82 -8.73 19.98
C CYS B 241 13.95 -8.14 20.80
N ASP B 242 14.56 -9.02 21.60
CA ASP B 242 15.76 -8.76 22.40
C ASP B 242 16.95 -9.21 21.57
N VAL B 243 17.67 -8.25 20.99
CA VAL B 243 18.72 -8.65 20.05
C VAL B 243 19.99 -9.13 20.75
N SER B 244 20.19 -8.83 22.03
CA SER B 244 21.34 -9.39 22.73
C SER B 244 21.04 -10.79 23.29
N ASP B 245 19.95 -11.42 22.85
CA ASP B 245 19.67 -12.81 23.18
C ASP B 245 19.81 -13.61 21.88
N GLU B 246 20.93 -14.31 21.73
CA GLU B 246 21.17 -15.05 20.50
C GLU B 246 20.02 -15.99 20.15
N THR B 247 19.47 -16.70 21.15
CA THR B 247 18.37 -17.61 20.85
C THR B 247 17.16 -16.86 20.32
N ALA B 248 16.78 -15.76 20.96
CA ALA B 248 15.60 -15.04 20.50
C ALA B 248 15.87 -14.26 19.21
N PHE B 249 17.05 -13.64 19.10
CA PHE B 249 17.38 -12.91 17.89
C PHE B 249 17.39 -13.83 16.68
N LYS B 250 17.92 -15.05 16.83
CA LYS B 250 18.12 -15.89 15.65
C LYS B 250 16.79 -16.47 15.14
N GLU B 251 15.87 -16.81 16.05
CA GLU B 251 14.56 -17.28 15.61
C GLU B 251 13.77 -16.14 14.96
N PHE B 252 13.89 -14.93 15.50
CA PHE B 252 13.30 -13.77 14.85
C PHE B 252 13.92 -13.54 13.47
N PHE B 253 15.25 -13.53 13.41
CA PHE B 253 15.94 -13.36 12.13
C PHE B 253 15.53 -14.45 11.14
N GLN B 254 15.33 -15.69 11.62
CA GLN B 254 14.88 -16.74 10.73
C GLN B 254 13.50 -16.44 10.14
N ALA B 255 12.54 -16.06 10.99
CA ALA B 255 11.20 -15.72 10.51
C ALA B 255 11.25 -14.57 9.50
N ARG B 256 12.09 -13.56 9.74
CA ARG B 256 12.26 -12.51 8.76
C ARG B 256 12.87 -13.03 7.46
N LEU B 257 13.79 -14.00 7.54
CA LEU B 257 14.34 -14.61 6.34
C LEU B 257 13.24 -15.35 5.57
N ASP B 258 12.42 -16.14 6.28
CA ASP B 258 11.31 -16.83 5.64
C ASP B 258 10.35 -15.83 4.97
N ASP B 259 10.11 -14.66 5.59
CA ASP B 259 9.27 -13.65 4.93
C ASP B 259 9.88 -13.21 3.60
N MET B 260 11.18 -12.91 3.59
CA MET B 260 11.83 -12.48 2.36
C MET B 260 11.73 -13.56 1.28
N ILE B 261 11.93 -14.81 1.66
CA ILE B 261 11.94 -15.89 0.68
C ILE B 261 10.55 -16.08 0.08
N GLU B 262 9.51 -16.02 0.91
CA GLU B 262 8.16 -16.19 0.39
C GLU B 262 7.81 -15.06 -0.58
N ASP B 263 8.17 -13.83 -0.24
CA ASP B 263 7.96 -12.71 -1.16
C ASP B 263 8.69 -12.95 -2.49
N ILE B 264 9.99 -13.31 -2.42
CA ILE B 264 10.78 -13.51 -3.63
C ILE B 264 10.14 -14.59 -4.51
N GLU B 265 9.70 -15.68 -3.90
CA GLU B 265 9.13 -16.77 -4.67
C GLU B 265 7.80 -16.37 -5.31
N CYS B 266 7.00 -15.53 -4.64
CA CYS B 266 5.80 -15.05 -5.30
C CYS B 266 6.11 -14.00 -6.37
N ILE B 267 7.20 -13.25 -6.19
CA ILE B 267 7.66 -12.29 -7.19
C ILE B 267 7.98 -13.00 -8.50
N LYS B 268 8.38 -14.26 -8.44
CA LYS B 268 8.71 -15.00 -9.65
C LYS B 268 7.48 -15.36 -10.46
N ALA B 269 6.28 -15.10 -9.95
CA ALA B 269 5.08 -15.26 -10.76
C ALA B 269 4.84 -14.09 -11.70
N PHE B 270 5.34 -12.90 -11.37
CA PHE B 270 5.19 -11.75 -12.26
C PHE B 270 5.96 -11.97 -13.56
N ASP B 271 5.63 -11.19 -14.60
CA ASP B 271 6.35 -11.33 -15.85
C ASP B 271 7.84 -11.07 -15.64
N GLN B 272 8.66 -11.59 -16.56
CA GLN B 272 10.10 -11.65 -16.34
C GLN B 272 10.71 -10.26 -16.18
N LEU B 273 10.25 -9.30 -16.97
CA LEU B 273 10.78 -7.95 -16.83
C LEU B 273 10.42 -7.34 -15.47
N THR B 274 9.16 -7.47 -15.04
CA THR B 274 8.73 -6.91 -13.76
C THR B 274 9.50 -7.55 -12.60
N GLN B 275 9.53 -8.88 -12.55
CA GLN B 275 10.30 -9.55 -11.49
C GLN B 275 11.78 -9.17 -11.56
N ASP B 276 12.34 -9.00 -12.77
CA ASP B 276 13.71 -8.53 -12.89
C ASP B 276 13.93 -7.28 -12.07
N VAL B 277 13.04 -6.32 -12.23
CA VAL B 277 13.15 -5.05 -11.53
C VAL B 277 12.95 -5.24 -10.04
N PHE B 278 11.94 -6.02 -9.64
CA PHE B 278 11.69 -6.24 -8.21
C PHE B 278 12.93 -6.83 -7.53
N LEU B 279 13.51 -7.87 -8.13
CA LEU B 279 14.63 -8.57 -7.51
C LEU B 279 15.91 -7.73 -7.56
N ASP B 280 16.14 -6.99 -8.66
CA ASP B 280 17.26 -6.06 -8.67
C ASP B 280 17.13 -5.01 -7.57
N LEU B 281 15.91 -4.60 -7.24
CA LEU B 281 15.72 -3.64 -6.16
C LEU B 281 16.06 -4.27 -4.81
N ILE B 282 15.55 -5.46 -4.53
CA ILE B 282 15.81 -6.08 -3.24
C ILE B 282 17.29 -6.42 -3.10
N TYR B 283 17.85 -7.15 -4.08
CA TYR B 283 19.24 -7.58 -4.04
C TYR B 283 20.20 -6.39 -4.15
N GLY B 284 19.89 -5.45 -5.05
CA GLY B 284 20.72 -4.25 -5.17
C GLY B 284 20.80 -3.46 -3.88
N ASN B 285 19.66 -3.24 -3.23
CA ASN B 285 19.67 -2.51 -1.96
C ASN B 285 20.61 -3.19 -0.97
N PHE B 286 20.60 -4.53 -0.93
CA PHE B 286 21.50 -5.25 -0.02
C PHE B 286 22.97 -5.05 -0.39
N VAL B 287 23.29 -5.07 -1.69
CA VAL B 287 24.68 -4.85 -2.09
C VAL B 287 25.11 -3.44 -1.74
N TRP B 288 24.23 -2.45 -1.94
CA TRP B 288 24.56 -1.09 -1.55
C TRP B 288 24.69 -0.98 -0.03
N THR B 289 23.73 -1.55 0.70
CA THR B 289 23.65 -1.36 2.14
C THR B 289 24.88 -1.93 2.86
N THR B 290 25.41 -3.05 2.38
CA THR B 290 26.50 -3.70 3.11
C THR B 290 27.89 -3.19 2.71
N SER B 291 28.02 -2.47 1.60
CA SER B 291 29.29 -1.90 1.18
C SER B 291 29.39 -0.40 1.41
N ASN B 292 28.36 0.26 1.95
CA ASN B 292 28.31 1.71 1.93
C ASN B 292 28.60 2.31 3.31
N LYS B 293 29.33 3.45 3.28
CA LYS B 293 29.65 4.18 4.50
C LYS B 293 28.47 4.29 5.43
N ARG B 294 27.27 4.54 4.86
CA ARG B 294 26.10 4.82 5.67
C ARG B 294 25.80 3.69 6.65
N TYR B 295 26.12 2.44 6.30
CA TYR B 295 25.84 1.34 7.20
C TYR B 295 27.10 0.67 7.75
N LYS B 296 28.28 1.21 7.43
CA LYS B 296 29.53 0.72 8.01
C LYS B 296 29.55 0.94 9.52
N THR B 297 29.59 2.19 9.95
CA THR B 297 29.54 2.52 11.37
C THR B 297 28.26 3.28 11.67
N ALA B 298 27.94 3.38 12.96
CA ALA B 298 26.70 4.03 13.37
C ALA B 298 26.68 5.49 12.96
N VAL B 299 27.67 6.27 13.39
CA VAL B 299 27.69 7.70 13.11
C VAL B 299 28.98 8.06 12.39
N ASN B 300 28.87 8.33 11.09
CA ASN B 300 29.98 8.82 10.28
C ASN B 300 29.51 10.14 9.66
N ASP B 301 30.28 10.67 8.71
CA ASP B 301 29.95 12.01 8.23
C ASP B 301 29.05 12.01 7.00
N VAL B 302 28.60 10.85 6.51
CA VAL B 302 27.57 10.84 5.48
C VAL B 302 26.21 10.43 6.00
N ASN B 303 26.09 9.98 7.24
CA ASN B 303 24.80 9.56 7.76
C ASN B 303 24.41 10.21 9.09
N SER B 304 25.27 11.03 9.67
CA SER B 304 24.93 11.67 10.94
C SER B 304 23.73 12.59 10.75
N ARG B 305 23.04 12.88 11.86
CA ARG B 305 21.87 13.73 11.77
C ARG B 305 22.27 15.20 11.66
N ILE B 306 21.60 15.88 10.72
CA ILE B 306 21.96 17.21 10.21
C ILE B 306 21.75 18.28 11.29
N GLN B 307 21.94 19.55 10.95
CA GLN B 307 21.95 20.66 11.91
C GLN B 307 21.68 22.03 11.23
N ALA B 308 21.13 22.93 12.03
CA ALA B 308 21.24 24.36 11.79
C ALA B 308 22.49 24.96 12.44
C2 AHD C . -17.14 -5.74 -4.29
C3 AHD C . -17.02 -4.56 -5.24
C7 AHD C . -16.61 -7.00 -4.96
C8 AHD C . -16.40 -8.04 -3.86
O12 AHD C . -19.06 -8.37 -3.74
P9 AHD C . -17.83 -9.20 -3.91
O10 AHD C . -17.70 -10.34 -2.94
O11 AHD C . -17.80 -9.87 -5.25
P14 AHD C . -14.95 -9.06 -4.34
O15 AHD C . -14.95 -9.31 -5.84
O16 AHD C . -14.97 -10.37 -3.59
O17 AHD C . -13.78 -8.20 -3.97
O13 AHD C . -16.24 -7.48 -2.58
N4 AHD C . -16.08 -3.60 -4.71
MG MG D . -16.43 -10.19 -7.08
MG MG E . -16.05 -12.03 -2.78
MG MG F . -13.71 -8.72 -7.25
C2 AHD G . 15.05 5.34 3.53
C3 AHD G . 15.01 6.49 2.51
C7 AHD G . 15.99 5.68 4.70
C8 AHD G . 16.16 4.49 5.65
O12 AHD G . 18.88 4.92 5.78
P9 AHD G . 17.70 4.67 6.67
O10 AHD G . 17.85 3.37 7.39
O11 AHD G . 17.52 5.83 7.60
P14 AHD G . 14.73 4.48 6.84
O15 AHD G . 14.67 5.84 7.42
O16 AHD G . 14.86 3.44 7.92
O17 AHD G . 13.52 4.12 6.00
O13 AHD G . 16.14 3.27 4.98
N4 AHD G . 13.98 6.23 1.51
MG MG H . 16.41 5.78 9.69
MG MG I . 12.63 6.19 8.06
MG MG J . 16.63 2.33 8.28
N SER A 16 -17.70 -27.84 -1.76
CA SER A 16 -18.01 -27.59 -0.37
C SER A 16 -18.72 -26.24 -0.19
N SER A 17 -19.39 -26.09 0.95
CA SER A 17 -20.14 -24.89 1.29
C SER A 17 -19.52 -24.26 2.55
N VAL A 18 -20.24 -23.29 3.11
CA VAL A 18 -19.96 -22.72 4.42
C VAL A 18 -21.24 -22.52 5.21
N ARG A 19 -22.38 -22.93 4.65
CA ARG A 19 -23.65 -22.80 5.36
C ARG A 19 -23.64 -23.46 6.74
N PRO A 20 -23.05 -24.64 6.93
CA PRO A 20 -22.99 -25.21 8.29
C PRO A 20 -22.24 -24.34 9.29
N TYR A 21 -21.54 -23.31 8.83
CA TYR A 21 -20.80 -22.43 9.72
C TYR A 21 -21.41 -21.04 9.87
N LEU A 22 -22.44 -20.69 9.08
CA LEU A 22 -22.89 -19.30 9.02
C LEU A 22 -23.37 -18.81 10.37
N GLU A 23 -24.24 -19.57 11.03
CA GLU A 23 -24.86 -19.07 12.25
C GLU A 23 -23.81 -18.84 13.34
N GLU A 24 -22.87 -19.76 13.51
CA GLU A 24 -21.86 -19.58 14.54
C GLU A 24 -20.91 -18.43 14.17
N CYS A 25 -20.42 -18.42 12.93
CA CYS A 25 -19.46 -17.39 12.52
C CYS A 25 -20.09 -16.00 12.57
N THR A 26 -21.38 -15.89 12.21
CA THR A 26 -22.06 -14.59 12.31
C THR A 26 -22.10 -14.12 13.75
N ARG A 27 -22.46 -15.01 14.68
CA ARG A 27 -22.44 -14.65 16.10
C ARG A 27 -21.06 -14.20 16.52
N ARG A 28 -20.02 -14.92 16.09
CA ARG A 28 -18.68 -14.63 16.55
C ARG A 28 -18.18 -13.30 15.99
N PHE A 29 -18.44 -13.04 14.70
CA PHE A 29 -18.21 -11.72 14.14
C PHE A 29 -18.89 -10.65 14.99
N GLN A 30 -20.20 -10.84 15.24
CA GLN A 30 -20.98 -9.85 15.98
C GLN A 30 -20.44 -9.62 17.37
N GLU A 31 -20.13 -10.70 18.08
CA GLU A 31 -19.56 -10.55 19.42
C GLU A 31 -18.28 -9.74 19.36
N MET A 32 -17.42 -10.03 18.37
CA MET A 32 -16.16 -9.32 18.19
C MET A 32 -16.41 -7.82 18.00
N PHE A 33 -17.30 -7.46 17.09
CA PHE A 33 -17.61 -6.04 16.88
C PHE A 33 -18.19 -5.41 18.15
N ASP A 34 -19.11 -6.10 18.81
CA ASP A 34 -19.68 -5.56 20.06
C ASP A 34 -18.62 -5.24 21.10
N ARG A 35 -17.51 -5.98 21.13
CA ARG A 35 -16.49 -5.72 22.16
C ARG A 35 -15.46 -4.68 21.73
N HIS A 36 -15.02 -4.73 20.47
CA HIS A 36 -13.91 -3.92 20.00
C HIS A 36 -14.31 -2.64 19.27
N VAL A 37 -15.48 -2.61 18.63
CA VAL A 37 -15.97 -1.42 17.95
C VAL A 37 -17.09 -0.74 18.74
N VAL A 38 -18.10 -1.52 19.14
CA VAL A 38 -19.18 -1.12 20.05
C VAL A 38 -20.17 -0.25 19.30
N THR A 39 -19.78 0.99 18.97
CA THR A 39 -20.56 1.88 18.12
C THR A 39 -21.01 1.22 16.83
N ARG A 40 -22.31 1.22 16.58
CA ARG A 40 -22.81 0.47 15.44
C ARG A 40 -22.86 1.33 14.17
N PRO A 41 -23.12 0.71 13.02
CA PRO A 41 -23.40 1.52 11.82
C PRO A 41 -24.87 1.91 11.71
N THR A 42 -25.10 3.22 11.52
CA THR A 42 -26.42 3.73 11.17
C THR A 42 -26.43 4.17 9.72
N LYS A 43 -27.49 3.78 9.00
CA LYS A 43 -27.52 3.83 7.55
C LYS A 43 -27.94 5.22 7.03
N VAL A 44 -27.17 5.74 6.09
CA VAL A 44 -27.54 6.93 5.33
C VAL A 44 -28.76 6.62 4.47
N GLU A 45 -29.66 7.61 4.36
CA GLU A 45 -30.90 7.43 3.60
C GLU A 45 -30.90 8.34 2.38
N LEU A 46 -31.01 7.72 1.20
CA LEU A 46 -31.17 8.46 -0.04
C LEU A 46 -32.65 8.75 -0.26
N THR A 47 -32.95 10.00 -0.65
CA THR A 47 -34.31 10.35 -1.01
C THR A 47 -34.76 9.54 -2.22
N ASP A 48 -36.08 9.49 -2.44
CA ASP A 48 -36.58 8.90 -3.68
C ASP A 48 -35.85 9.47 -4.88
N ALA A 49 -35.58 10.78 -4.86
CA ALA A 49 -34.87 11.44 -5.95
C ALA A 49 -33.42 10.98 -6.06
N GLU A 50 -32.69 11.00 -4.94
CA GLU A 50 -31.27 10.63 -4.98
C GLU A 50 -31.09 9.19 -5.47
N LEU A 51 -31.96 8.29 -5.04
CA LEU A 51 -31.93 6.90 -5.51
C LEU A 51 -32.03 6.81 -7.04
N ARG A 52 -32.92 7.62 -7.64
CA ARG A 52 -33.12 7.60 -9.08
C ARG A 52 -31.96 8.27 -9.81
N GLU A 53 -31.49 9.42 -9.29
CA GLU A 53 -30.34 10.07 -9.91
C GLU A 53 -29.10 9.16 -9.87
N VAL A 54 -28.87 8.50 -8.74
CA VAL A 54 -27.80 7.51 -8.66
C VAL A 54 -28.03 6.41 -9.68
N ILE A 55 -29.27 5.91 -9.77
CA ILE A 55 -29.57 4.81 -10.69
C ILE A 55 -29.32 5.22 -12.14
N ASP A 56 -29.85 6.37 -12.56
CA ASP A 56 -29.65 6.82 -13.93
C ASP A 56 -28.18 7.08 -14.22
N ASP A 57 -27.48 7.71 -13.27
CA ASP A 57 -26.03 7.86 -13.40
C ASP A 57 -25.36 6.51 -13.58
N CYS A 58 -25.70 5.54 -12.73
CA CYS A 58 -25.15 4.20 -12.86
C CYS A 58 -25.56 3.54 -14.19
N ASN A 59 -26.81 3.71 -14.62
CA ASN A 59 -27.23 3.07 -15.87
C ASN A 59 -26.58 3.74 -17.07
N ALA A 60 -26.30 5.04 -16.98
CA ALA A 60 -25.62 5.71 -18.09
C ALA A 60 -24.14 5.31 -18.17
N ALA A 61 -23.51 4.98 -17.04
CA ALA A 61 -22.09 4.64 -17.07
C ALA A 61 -21.85 3.29 -17.72
N VAL A 62 -22.75 2.32 -17.52
CA VAL A 62 -22.53 0.99 -18.06
C VAL A 62 -23.09 0.84 -19.48
N ALA A 63 -24.13 1.59 -19.83
CA ALA A 63 -24.77 1.46 -21.13
C ALA A 63 -23.81 1.48 -22.31
N PRO A 64 -22.78 2.34 -22.37
CA PRO A 64 -21.84 2.24 -23.49
C PRO A 64 -21.27 0.86 -23.67
N LEU A 65 -21.21 0.05 -22.61
CA LEU A 65 -20.81 -1.36 -22.71
C LEU A 65 -21.89 -2.22 -23.32
N GLY A 66 -23.15 -2.02 -22.94
CA GLY A 66 -24.26 -2.74 -23.53
C GLY A 66 -25.14 -3.50 -22.56
N LYS A 67 -24.62 -3.81 -21.37
CA LYS A 67 -25.39 -4.55 -20.37
C LYS A 67 -26.47 -3.68 -19.78
N THR A 68 -27.59 -4.31 -19.43
CA THR A 68 -28.64 -3.70 -18.62
C THR A 68 -28.50 -4.21 -17.19
N VAL A 69 -28.63 -3.30 -16.23
CA VAL A 69 -28.60 -3.66 -14.83
C VAL A 69 -29.94 -3.28 -14.24
N SER A 70 -30.66 -4.26 -13.70
CA SER A 70 -31.97 -3.97 -13.17
C SER A 70 -31.84 -3.03 -11.98
N ASP A 71 -32.72 -2.02 -11.94
CA ASP A 71 -32.80 -1.15 -10.78
C ASP A 71 -33.01 -1.96 -9.51
N GLU A 72 -33.85 -2.98 -9.59
CA GLU A 72 -34.05 -3.91 -8.50
C GLU A 72 -32.73 -4.56 -8.07
N ARG A 73 -31.71 -4.53 -8.95
CA ARG A 73 -30.38 -5.08 -8.65
C ARG A 73 -29.38 -3.98 -8.24
N TRP A 74 -29.60 -2.74 -8.67
CA TRP A 74 -28.68 -1.67 -8.27
C TRP A 74 -28.75 -1.43 -6.77
N ILE A 75 -29.97 -1.44 -6.22
CA ILE A 75 -30.17 -1.04 -4.83
C ILE A 75 -29.53 -2.06 -3.88
N SER A 76 -29.52 -3.33 -4.28
CA SER A 76 -28.77 -4.35 -3.58
C SER A 76 -27.30 -3.99 -3.45
N TYR A 77 -26.76 -3.29 -4.45
CA TYR A 77 -25.33 -3.00 -4.46
C TYR A 77 -25.00 -1.75 -3.67
N VAL A 78 -25.79 -0.70 -3.85
CA VAL A 78 -25.58 0.57 -3.14
C VAL A 78 -25.77 0.44 -1.65
N GLY A 79 -26.26 -0.71 -1.17
CA GLY A 79 -26.40 -0.88 0.26
C GLY A 79 -25.08 -0.76 1.01
N VAL A 80 -24.00 -1.31 0.43
CA VAL A 80 -22.72 -1.27 1.14
C VAL A 80 -22.27 0.16 1.37
N VAL A 81 -22.53 1.07 0.44
CA VAL A 81 -22.14 2.47 0.62
C VAL A 81 -23.05 3.16 1.62
N LEU A 82 -24.35 2.89 1.56
CA LEU A 82 -25.26 3.56 2.48
C LEU A 82 -24.92 3.22 3.94
N TRP A 83 -24.48 1.99 4.21
CA TRP A 83 -24.23 1.54 5.56
C TRP A 83 -22.83 1.83 6.08
N SER A 84 -21.83 1.94 5.21
CA SER A 84 -20.44 1.79 5.65
C SER A 84 -19.67 3.09 5.70
N GLN A 85 -20.33 4.22 5.50
CA GLN A 85 -19.66 5.50 5.70
C GLN A 85 -19.87 5.89 7.16
N SER A 86 -19.53 7.14 7.51
CA SER A 86 -19.56 7.59 8.91
C SER A 86 -20.49 8.80 9.02
N PRO A 87 -21.81 8.57 9.11
CA PRO A 87 -22.75 9.68 8.95
C PRO A 87 -22.53 10.83 9.91
N ARG A 88 -22.02 10.58 11.12
CA ARG A 88 -21.81 11.69 12.05
C ARG A 88 -20.86 12.75 11.48
N HIS A 89 -19.88 12.36 10.66
CA HIS A 89 -18.85 13.29 10.23
C HIS A 89 -19.00 13.81 8.80
N ILE A 90 -20.05 13.44 8.08
CA ILE A 90 -20.12 13.78 6.66
C ILE A 90 -20.23 15.29 6.47
N LYS A 91 -19.30 15.88 5.71
CA LYS A 91 -19.32 17.32 5.44
C LYS A 91 -19.58 17.69 3.98
N ASP A 92 -19.59 16.74 3.03
CA ASP A 92 -19.79 17.06 1.62
C ASP A 92 -20.61 15.93 0.99
N MET A 93 -21.92 16.16 0.87
CA MET A 93 -22.83 15.15 0.33
C MET A 93 -22.74 15.01 -1.19
N GLU A 94 -22.14 15.96 -1.90
CA GLU A 94 -21.87 15.75 -3.32
C GLU A 94 -20.75 14.73 -3.47
N ALA A 95 -19.70 14.84 -2.64
CA ALA A 95 -18.69 13.79 -2.59
C ALA A 95 -19.33 12.46 -2.19
N PHE A 96 -20.31 12.51 -1.29
CA PHE A 96 -20.95 11.27 -0.86
C PHE A 96 -21.64 10.57 -2.03
N LYS A 97 -22.35 11.34 -2.86
CA LYS A 97 -23.05 10.75 -3.99
C LYS A 97 -22.09 10.30 -5.06
N ALA A 98 -20.96 11.00 -5.22
CA ALA A 98 -19.91 10.52 -6.12
C ALA A 98 -19.49 9.11 -5.75
N VAL A 99 -19.16 8.88 -4.47
CA VAL A 99 -18.80 7.54 -4.03
C VAL A 99 -19.94 6.58 -4.29
N CYS A 100 -21.19 6.99 -4.00
CA CYS A 100 -22.36 6.19 -4.34
C CYS A 100 -22.32 5.76 -5.81
N VAL A 101 -22.05 6.69 -6.71
CA VAL A 101 -21.99 6.35 -8.13
C VAL A 101 -20.76 5.49 -8.43
N LEU A 102 -19.57 5.98 -8.12
CA LEU A 102 -18.35 5.28 -8.49
C LEU A 102 -18.34 3.86 -7.95
N ASN A 103 -18.80 3.65 -6.72
CA ASN A 103 -18.77 2.30 -6.18
C ASN A 103 -19.72 1.38 -6.94
N CYS A 104 -20.90 1.88 -7.30
CA CYS A 104 -21.87 1.02 -7.97
C CYS A 104 -21.38 0.64 -9.37
N VAL A 105 -20.86 1.59 -10.16
CA VAL A 105 -20.47 1.24 -11.54
C VAL A 105 -19.19 0.42 -11.54
N THR A 106 -18.43 0.50 -10.43
CA THR A 106 -17.35 -0.43 -10.09
C THR A 106 -17.89 -1.82 -9.83
N PHE A 107 -18.94 -1.92 -9.01
CA PHE A 107 -19.53 -3.19 -8.64
C PHE A 107 -20.04 -3.96 -9.85
N VAL A 108 -20.65 -3.25 -10.81
CA VAL A 108 -21.13 -3.92 -12.03
C VAL A 108 -19.95 -4.48 -12.81
N TRP A 109 -18.84 -3.72 -12.88
CA TRP A 109 -17.65 -4.17 -13.60
C TRP A 109 -17.06 -5.42 -12.96
N ASP A 110 -17.09 -5.49 -11.63
CA ASP A 110 -16.61 -6.69 -10.94
C ASP A 110 -17.46 -7.90 -11.27
N ASP A 111 -18.75 -7.68 -11.52
CA ASP A 111 -19.67 -8.78 -11.80
C ASP A 111 -19.77 -9.13 -13.28
N MET A 112 -18.92 -8.54 -14.13
CA MET A 112 -19.07 -8.64 -15.57
C MET A 112 -18.10 -9.63 -16.18
N ASP A 113 -18.58 -10.33 -17.19
CA ASP A 113 -17.73 -11.14 -18.05
C ASP A 113 -16.69 -10.25 -18.72
N PRO A 114 -15.43 -10.67 -18.78
CA PRO A 114 -14.39 -9.78 -19.32
C PRO A 114 -14.67 -9.24 -20.73
N ALA A 115 -15.53 -9.90 -21.53
CA ALA A 115 -15.88 -9.36 -22.84
C ALA A 115 -16.58 -8.02 -22.72
N LEU A 116 -17.46 -7.89 -21.72
CA LEU A 116 -18.15 -6.63 -21.45
C LEU A 116 -17.19 -5.49 -21.08
N HIS A 117 -15.91 -5.79 -20.80
CA HIS A 117 -14.98 -4.84 -20.19
C HIS A 117 -14.34 -3.92 -21.23
N ASP A 118 -15.10 -2.99 -21.78
CA ASP A 118 -14.62 -2.08 -22.83
C ASP A 118 -14.03 -0.84 -22.18
N PHE A 119 -12.69 -0.70 -22.22
CA PHE A 119 -12.03 0.44 -21.60
C PHE A 119 -12.28 1.74 -22.36
N GLY A 120 -12.34 1.67 -23.68
CA GLY A 120 -12.58 2.87 -24.46
C GLY A 120 -13.90 3.54 -24.14
N LEU A 121 -14.87 2.78 -23.67
CA LEU A 121 -16.18 3.33 -23.37
C LEU A 121 -16.43 3.57 -21.89
N PHE A 122 -15.83 2.77 -21.00
CA PHE A 122 -16.16 2.93 -19.59
C PHE A 122 -15.29 3.97 -18.90
N LEU A 123 -13.99 3.96 -19.15
CA LEU A 123 -13.10 4.97 -18.58
C LEU A 123 -13.57 6.39 -18.82
N PRO A 124 -14.06 6.79 -20.01
CA PRO A 124 -14.65 8.13 -20.13
C PRO A 124 -15.84 8.36 -19.22
N GLN A 125 -16.69 7.36 -19.02
CA GLN A 125 -17.85 7.55 -18.15
C GLN A 125 -17.42 7.64 -16.69
N LEU A 126 -16.34 6.95 -16.32
CA LEU A 126 -15.79 7.11 -14.99
C LEU A 126 -15.32 8.53 -14.76
N ARG A 127 -14.56 9.08 -15.72
CA ARG A 127 -14.06 10.44 -15.55
C ARG A 127 -15.21 11.44 -15.51
N LYS A 128 -16.26 11.21 -16.29
CA LYS A 128 -17.42 12.10 -16.30
C LYS A 128 -18.06 12.17 -14.92
N ILE A 129 -18.27 11.02 -14.29
CA ILE A 129 -18.77 10.97 -12.92
C ILE A 129 -17.87 11.79 -11.99
N CYS A 130 -16.56 11.54 -12.01
CA CYS A 130 -15.65 12.21 -11.08
C CYS A 130 -15.62 13.71 -11.32
N GLU A 131 -15.64 14.15 -12.59
CA GLU A 131 -15.60 15.58 -12.85
C GLU A 131 -16.93 16.25 -12.50
N LYS A 132 -18.03 15.50 -12.50
CA LYS A 132 -19.32 16.05 -12.08
C LYS A 132 -19.31 16.42 -10.60
N TYR A 133 -18.88 15.49 -9.75
CA TYR A 133 -19.11 15.60 -8.31
C TYR A 133 -17.93 16.14 -7.51
N TYR A 134 -16.74 16.23 -8.09
CA TYR A 134 -15.54 16.57 -7.33
C TYR A 134 -14.91 17.84 -7.87
N GLY A 135 -14.11 18.51 -7.03
CA GLY A 135 -13.22 19.54 -7.51
C GLY A 135 -12.20 18.95 -8.47
N PRO A 136 -11.39 19.81 -9.10
CA PRO A 136 -10.41 19.30 -10.09
C PRO A 136 -9.43 18.29 -9.52
N GLU A 137 -8.90 18.53 -8.32
CA GLU A 137 -7.84 17.68 -7.83
C GLU A 137 -8.38 16.38 -7.28
N ASP A 138 -9.46 16.45 -6.49
CA ASP A 138 -10.12 15.24 -6.03
C ASP A 138 -10.60 14.39 -7.20
N ALA A 139 -11.07 15.02 -8.27
CA ALA A 139 -11.57 14.25 -9.40
C ALA A 139 -10.44 13.43 -10.02
N GLU A 140 -9.24 14.02 -10.16
CA GLU A 140 -8.09 13.26 -10.65
C GLU A 140 -7.77 12.10 -9.73
N VAL A 141 -7.85 12.31 -8.41
CA VAL A 141 -7.48 11.25 -7.48
C VAL A 141 -8.53 10.14 -7.50
N ALA A 142 -9.80 10.51 -7.48
CA ALA A 142 -10.85 9.51 -7.57
C ALA A 142 -10.78 8.74 -8.90
N TYR A 143 -10.58 9.46 -10.01
CA TYR A 143 -10.57 8.79 -11.31
C TYR A 143 -9.37 7.86 -11.46
N GLU A 144 -8.17 8.29 -11.04
CA GLU A 144 -7.01 7.39 -11.08
C GLU A 144 -7.28 6.10 -10.32
N ALA A 145 -7.84 6.20 -9.12
CA ALA A 145 -8.11 5.00 -8.32
C ALA A 145 -9.20 4.14 -8.94
N ALA A 146 -10.18 4.76 -9.60
CA ALA A 146 -11.18 4.00 -10.35
C ALA A 146 -10.53 3.26 -11.53
N ARG A 147 -9.75 3.98 -12.33
CA ARG A 147 -9.00 3.37 -13.42
C ARG A 147 -8.14 2.21 -12.91
N ALA A 148 -7.41 2.43 -11.81
CA ALA A 148 -6.55 1.40 -11.27
C ALA A 148 -7.33 0.17 -10.83
N PHE A 149 -8.49 0.38 -10.20
CA PHE A 149 -9.30 -0.77 -9.78
C PHE A 149 -9.82 -1.57 -10.98
N VAL A 150 -10.36 -0.90 -12.00
CA VAL A 150 -10.95 -1.67 -13.09
C VAL A 150 -9.86 -2.35 -13.92
N THR A 151 -8.71 -1.70 -14.08
CA THR A 151 -7.57 -2.31 -14.74
C THR A 151 -7.07 -3.53 -13.98
N SER A 152 -7.00 -3.43 -12.66
CA SER A 152 -6.54 -4.56 -11.86
C SER A 152 -7.50 -5.73 -11.98
N ASP A 153 -8.81 -5.48 -11.80
CA ASP A 153 -9.79 -6.56 -11.93
C ASP A 153 -9.66 -7.25 -13.29
N HIS A 154 -9.47 -6.47 -14.35
CA HIS A 154 -9.37 -7.06 -15.69
C HIS A 154 -8.09 -7.84 -15.87
N MET A 155 -6.94 -7.23 -15.54
CA MET A 155 -5.67 -7.85 -15.90
C MET A 155 -5.35 -9.06 -15.02
N PHE A 156 -6.09 -9.26 -13.93
CA PHE A 156 -5.86 -10.40 -13.07
C PHE A 156 -6.85 -11.55 -13.23
N ARG A 157 -7.95 -11.39 -13.99
CA ARG A 157 -8.86 -12.50 -14.20
C ARG A 157 -8.09 -13.67 -14.80
N ASP A 158 -8.06 -14.78 -14.06
CA ASP A 158 -7.28 -15.97 -14.46
C ASP A 158 -5.83 -15.62 -14.79
N SER A 159 -5.19 -14.84 -13.89
CA SER A 159 -3.77 -14.48 -14.04
C SER A 159 -2.91 -15.29 -13.09
N PRO A 160 -1.87 -16.00 -13.58
CA PRO A 160 -1.00 -16.75 -12.67
C PRO A 160 -0.48 -15.95 -11.47
N ILE A 161 -0.44 -14.62 -11.58
CA ILE A 161 -0.04 -13.81 -10.43
C ILE A 161 -1.11 -13.92 -9.34
N LYS A 162 -2.37 -13.70 -9.71
CA LYS A 162 -3.47 -13.88 -8.77
C LYS A 162 -3.43 -15.25 -8.13
N ALA A 163 -3.09 -16.28 -8.93
CA ALA A 163 -2.98 -17.63 -8.40
C ALA A 163 -1.87 -17.73 -7.36
N ALA A 164 -0.71 -17.11 -7.64
CA ALA A 164 0.38 -17.19 -6.68
C ALA A 164 0.07 -16.36 -5.42
N LEU A 165 -0.56 -15.20 -5.57
CA LEU A 165 -0.77 -14.32 -4.44
C LEU A 165 -1.90 -14.80 -3.53
N CYS A 166 -2.80 -15.63 -4.06
CA CYS A 166 -3.97 -16.07 -3.30
C CYS A 166 -3.77 -17.41 -2.61
N THR A 167 -3.07 -18.36 -3.24
CA THR A 167 -2.94 -19.69 -2.71
C THR A 167 -1.68 -19.87 -1.85
N THR A 168 -0.91 -18.81 -1.61
CA THR A 168 0.37 -19.03 -0.95
C THR A 168 0.26 -18.94 0.57
N SER A 169 -0.15 -17.79 1.08
CA SER A 169 -0.35 -17.56 2.50
C SER A 169 -1.39 -16.46 2.68
N PRO A 170 -1.99 -16.35 3.87
CA PRO A 170 -2.86 -15.18 4.13
C PRO A 170 -2.17 -13.88 3.82
N GLU A 171 -0.88 -13.81 4.12
CA GLU A 171 -0.12 -12.58 3.98
C GLU A 171 -0.04 -12.15 2.52
N GLN A 172 0.30 -13.08 1.61
CA GLN A 172 0.30 -12.74 0.19
C GLN A 172 -1.10 -12.38 -0.25
N TYR A 173 -2.10 -13.11 0.24
CA TYR A 173 -3.47 -12.92 -0.21
C TYR A 173 -3.97 -11.54 0.13
N PHE A 174 -3.83 -11.13 1.40
CA PHE A 174 -4.34 -9.83 1.79
C PHE A 174 -3.59 -8.70 1.08
N ARG A 175 -2.30 -8.91 0.80
CA ARG A 175 -1.55 -7.93 0.01
C ARG A 175 -2.23 -7.67 -1.35
N PHE A 176 -2.69 -8.74 -2.01
CA PHE A 176 -3.40 -8.57 -3.27
C PHE A 176 -4.73 -7.83 -3.05
N ARG A 177 -5.46 -8.20 -2.00
CA ARG A 177 -6.80 -7.67 -1.74
C ARG A 177 -6.83 -6.18 -1.43
N VAL A 178 -5.72 -5.60 -0.95
CA VAL A 178 -5.66 -4.16 -0.72
C VAL A 178 -6.17 -3.41 -1.96
N THR A 179 -5.70 -3.81 -3.12
CA THR A 179 -6.21 -3.23 -4.36
C THR A 179 -7.47 -3.95 -4.82
N ASP A 180 -7.47 -5.29 -4.75
CA ASP A 180 -8.44 -6.02 -5.56
C ASP A 180 -9.84 -5.95 -4.96
N ILE A 181 -9.96 -5.96 -3.62
CA ILE A 181 -11.29 -5.84 -3.02
C ILE A 181 -11.88 -4.46 -3.28
N GLY A 182 -11.04 -3.48 -3.61
CA GLY A 182 -11.52 -2.14 -3.86
C GLY A 182 -11.42 -1.17 -2.70
N VAL A 183 -10.74 -1.55 -1.60
CA VAL A 183 -10.71 -0.65 -0.45
C VAL A 183 -9.78 0.53 -0.70
N ASP A 184 -8.70 0.34 -1.48
CA ASP A 184 -7.84 1.48 -1.74
C ASP A 184 -8.57 2.51 -2.60
N PHE A 185 -9.36 2.04 -3.57
CA PHE A 185 -10.25 2.90 -4.35
C PHE A 185 -11.24 3.62 -3.45
N TRP A 186 -11.90 2.87 -2.57
CA TRP A 186 -12.88 3.44 -1.63
C TRP A 186 -12.33 4.64 -0.88
N MET A 187 -11.14 4.49 -0.30
CA MET A 187 -10.56 5.56 0.49
C MET A 187 -10.24 6.78 -0.37
N LYS A 188 -9.73 6.56 -1.57
CA LYS A 188 -9.32 7.67 -2.41
C LYS A 188 -10.49 8.37 -3.08
N MET A 189 -11.67 7.75 -3.10
CA MET A 189 -12.87 8.45 -3.54
C MET A 189 -13.71 9.01 -2.39
N SER A 190 -13.52 8.52 -1.17
CA SER A 190 -14.34 8.90 -0.03
C SER A 190 -13.78 10.02 0.82
N TYR A 191 -12.48 10.29 0.79
CA TYR A 191 -11.95 11.35 1.63
C TYR A 191 -12.55 12.73 1.34
N PRO A 192 -12.95 13.08 0.11
CA PRO A 192 -13.64 14.37 -0.06
C PRO A 192 -14.91 14.47 0.77
N ILE A 193 -15.54 13.35 1.13
CA ILE A 193 -16.77 13.40 1.93
C ILE A 193 -16.53 14.11 3.26
N TYR A 194 -15.31 14.03 3.80
CA TYR A 194 -15.05 14.42 5.18
C TYR A 194 -14.15 15.63 5.33
N ARG A 195 -13.42 16.02 4.28
CA ARG A 195 -12.47 17.12 4.35
C ARG A 195 -11.71 17.14 5.68
N HIS A 196 -11.17 16.00 6.08
CA HIS A 196 -10.33 15.94 7.26
C HIS A 196 -8.87 15.74 6.85
N PRO A 197 -8.00 16.70 7.17
CA PRO A 197 -6.61 16.66 6.66
C PRO A 197 -5.85 15.37 6.96
N GLU A 198 -5.96 14.82 8.17
CA GLU A 198 -5.22 13.60 8.47
C GLU A 198 -5.79 12.42 7.71
N PHE A 199 -7.13 12.30 7.63
CA PHE A 199 -7.71 11.19 6.89
C PHE A 199 -7.37 11.27 5.40
N THR A 200 -7.32 12.48 4.86
CA THR A 200 -6.95 12.62 3.46
C THR A 200 -5.55 12.08 3.21
N GLU A 201 -4.62 12.33 4.14
CA GLU A 201 -3.27 11.81 3.99
C GLU A 201 -3.24 10.29 4.08
N HIS A 202 -3.91 9.70 5.09
CA HIS A 202 -3.97 8.25 5.18
C HIS A 202 -4.61 7.62 3.95
N ALA A 203 -5.60 8.29 3.34
CA ALA A 203 -6.18 7.77 2.11
C ALA A 203 -5.16 7.79 0.97
N LYS A 204 -4.38 8.86 0.88
CA LYS A 204 -3.46 9.05 -0.24
C LYS A 204 -2.18 8.22 -0.11
N THR A 205 -1.72 7.94 1.12
CA THR A 205 -0.63 6.97 1.29
C THR A 205 -1.10 5.53 1.13
N SER A 206 -2.42 5.30 1.13
CA SER A 206 -3.06 3.99 1.22
C SER A 206 -2.90 3.32 2.58
N LEU A 207 -2.30 4.00 3.57
CA LEU A 207 -2.32 3.43 4.92
C LEU A 207 -3.75 3.13 5.36
N ALA A 208 -4.69 4.00 5.00
CA ALA A 208 -6.09 3.76 5.36
C ALA A 208 -6.57 2.43 4.80
N ALA A 209 -6.33 2.20 3.50
CA ALA A 209 -6.73 0.94 2.90
C ALA A 209 -6.05 -0.24 3.58
N ARG A 210 -4.75 -0.11 3.89
CA ARG A 210 -4.03 -1.22 4.47
C ARG A 210 -4.58 -1.56 5.85
N MET A 211 -4.93 -0.54 6.65
CA MET A 211 -5.48 -0.78 7.98
C MET A 211 -6.81 -1.54 7.92
N THR A 212 -7.61 -1.30 6.88
CA THR A 212 -8.96 -1.82 6.82
C THR A 212 -9.11 -3.06 5.93
N THR A 213 -8.03 -3.51 5.28
CA THR A 213 -8.15 -4.56 4.28
C THR A 213 -8.70 -5.85 4.88
N ARG A 214 -8.12 -6.30 5.98
CA ARG A 214 -8.47 -7.62 6.47
C ARG A 214 -9.87 -7.64 7.08
N GLY A 215 -10.25 -6.59 7.79
CA GLY A 215 -11.59 -6.51 8.34
C GLY A 215 -12.66 -6.64 7.27
N LEU A 216 -12.46 -5.96 6.15
CA LEU A 216 -13.39 -6.03 5.02
C LEU A 216 -13.33 -7.37 4.31
N THR A 217 -12.11 -7.84 4.01
CA THR A 217 -11.93 -8.99 3.14
C THR A 217 -12.33 -10.30 3.82
N ILE A 218 -12.01 -10.45 5.11
CA ILE A 218 -12.34 -11.69 5.79
C ILE A 218 -13.87 -11.87 5.83
N VAL A 219 -14.59 -10.78 6.11
CA VAL A 219 -16.05 -10.84 6.12
C VAL A 219 -16.59 -11.20 4.73
N ASN A 220 -16.17 -10.44 3.71
CA ASN A 220 -16.64 -10.72 2.36
C ASN A 220 -16.33 -12.13 1.93
N ASP A 221 -15.11 -12.61 2.20
CA ASP A 221 -14.75 -13.96 1.77
C ASP A 221 -15.68 -14.99 2.39
N PHE A 222 -16.00 -14.85 3.68
CA PHE A 222 -16.78 -15.91 4.29
C PHE A 222 -18.16 -16.01 3.65
N TYR A 223 -18.81 -14.87 3.42
CA TYR A 223 -20.19 -14.87 2.98
C TYR A 223 -20.34 -14.95 1.47
N SER A 224 -19.23 -14.90 0.72
CA SER A 224 -19.28 -15.09 -0.73
C SER A 224 -18.48 -16.30 -1.17
N TYR A 225 -18.08 -17.16 -0.23
CA TYR A 225 -17.27 -18.33 -0.55
C TYR A 225 -18.00 -19.27 -1.51
N ASP A 226 -19.24 -19.66 -1.19
CA ASP A 226 -19.96 -20.65 -1.99
C ASP A 226 -20.08 -20.21 -3.45
N ARG A 227 -20.44 -18.95 -3.66
CA ARG A 227 -20.58 -18.43 -5.02
C ARG A 227 -19.27 -18.52 -5.79
N GLU A 228 -18.19 -18.00 -5.20
CA GLU A 228 -16.94 -17.89 -5.95
C GLU A 228 -16.33 -19.25 -6.24
N VAL A 229 -16.56 -20.23 -5.36
CA VAL A 229 -16.08 -21.59 -5.60
C VAL A 229 -16.74 -22.17 -6.84
N SER A 230 -18.01 -21.82 -7.06
CA SER A 230 -18.75 -22.39 -8.17
C SER A 230 -18.37 -21.74 -9.49
N LEU A 231 -17.57 -20.67 -9.43
CA LEU A 231 -17.29 -19.89 -10.62
C LEU A 231 -15.83 -19.92 -11.01
N GLY A 232 -14.98 -20.57 -10.21
CA GLY A 232 -13.57 -20.56 -10.47
C GLY A 232 -12.90 -19.27 -10.06
N GLN A 233 -13.40 -18.62 -9.01
CA GLN A 233 -12.83 -17.38 -8.50
C GLN A 233 -12.00 -17.69 -7.27
N ILE A 234 -10.68 -17.65 -7.41
CA ILE A 234 -9.79 -18.07 -6.33
C ILE A 234 -9.56 -17.00 -5.28
N THR A 235 -10.06 -15.78 -5.49
CA THR A 235 -9.77 -14.65 -4.60
C THR A 235 -10.65 -14.76 -3.36
N ASN A 236 -10.27 -15.65 -2.44
CA ASN A 236 -11.03 -15.90 -1.23
C ASN A 236 -10.17 -16.64 -0.23
N CYS A 237 -9.82 -15.99 0.89
CA CYS A 237 -8.86 -16.56 1.83
C CYS A 237 -9.31 -17.89 2.38
N PHE A 238 -10.60 -18.18 2.40
CA PHE A 238 -11.01 -19.47 2.96
C PHE A 238 -10.69 -20.63 2.04
N ARG A 239 -10.28 -20.38 0.80
CA ARG A 239 -9.74 -21.46 -0.01
C ARG A 239 -8.36 -21.90 0.46
N LEU A 240 -7.72 -21.14 1.35
CA LEU A 240 -6.47 -21.57 1.94
C LEU A 240 -6.66 -22.67 2.98
N CYS A 241 -7.86 -22.83 3.54
CA CYS A 241 -8.06 -23.86 4.56
C CYS A 241 -8.94 -24.98 4.03
N ASP A 242 -8.87 -26.14 4.68
CA ASP A 242 -9.72 -27.28 4.32
C ASP A 242 -11.06 -27.06 5.00
N VAL A 243 -11.99 -26.45 4.27
CA VAL A 243 -13.30 -26.12 4.79
C VAL A 243 -14.11 -27.36 5.13
N SER A 244 -13.76 -28.52 4.57
CA SER A 244 -14.45 -29.74 4.95
C SER A 244 -13.94 -30.26 6.29
N ASP A 245 -12.83 -29.73 6.76
CA ASP A 245 -12.36 -30.02 8.11
C ASP A 245 -12.94 -28.98 9.06
N GLU A 246 -13.96 -29.36 9.83
CA GLU A 246 -14.56 -28.39 10.74
C GLU A 246 -13.56 -27.91 11.79
N THR A 247 -12.66 -28.78 12.23
CA THR A 247 -11.57 -28.36 13.09
C THR A 247 -10.68 -27.34 12.41
N ALA A 248 -10.09 -27.71 11.26
CA ALA A 248 -9.13 -26.83 10.59
C ALA A 248 -9.80 -25.51 10.19
N PHE A 249 -11.08 -25.56 9.84
CA PHE A 249 -11.82 -24.33 9.62
C PHE A 249 -11.86 -23.49 10.88
N LYS A 250 -12.20 -24.10 12.03
CA LYS A 250 -12.31 -23.30 13.26
C LYS A 250 -10.96 -22.72 13.67
N GLU A 251 -9.87 -23.44 13.41
CA GLU A 251 -8.54 -22.90 13.68
C GLU A 251 -8.24 -21.72 12.77
N PHE A 252 -8.48 -21.89 11.46
CA PHE A 252 -8.24 -20.83 10.51
C PHE A 252 -9.16 -19.65 10.76
N PHE A 253 -10.43 -19.92 11.04
CA PHE A 253 -11.37 -18.84 11.32
C PHE A 253 -10.93 -18.04 12.55
N GLN A 254 -10.42 -18.74 13.57
CA GLN A 254 -9.94 -18.01 14.75
C GLN A 254 -8.75 -17.11 14.40
N ALA A 255 -7.78 -17.62 13.63
CA ALA A 255 -6.63 -16.80 13.24
C ALA A 255 -7.09 -15.55 12.46
N ARG A 256 -8.10 -15.69 11.59
CA ARG A 256 -8.64 -14.52 10.88
C ARG A 256 -9.36 -13.57 11.84
N LEU A 257 -10.09 -14.10 12.82
CA LEU A 257 -10.62 -13.24 13.88
C LEU A 257 -9.53 -12.42 14.55
N ASP A 258 -8.42 -13.08 14.93
CA ASP A 258 -7.34 -12.36 15.61
C ASP A 258 -6.76 -11.29 14.69
N ASP A 259 -6.67 -11.59 13.39
CA ASP A 259 -6.31 -10.59 12.41
C ASP A 259 -7.18 -9.34 12.55
N MET A 260 -8.50 -9.52 12.48
CA MET A 260 -9.42 -8.38 12.59
C MET A 260 -9.25 -7.64 13.91
N ILE A 261 -9.06 -8.37 15.01
CA ILE A 261 -8.96 -7.71 16.32
C ILE A 261 -7.69 -6.88 16.43
N GLU A 262 -6.56 -7.41 15.95
CA GLU A 262 -5.30 -6.66 16.03
C GLU A 262 -5.36 -5.40 15.18
N ASP A 263 -5.95 -5.51 13.98
CA ASP A 263 -6.16 -4.34 13.12
C ASP A 263 -7.06 -3.31 13.82
N ILE A 264 -8.18 -3.76 14.37
CA ILE A 264 -9.14 -2.83 14.97
C ILE A 264 -8.50 -2.10 16.14
N GLU A 265 -7.71 -2.80 16.97
CA GLU A 265 -7.01 -2.14 18.06
C GLU A 265 -6.02 -1.09 17.57
N CYS A 266 -5.23 -1.43 16.53
CA CYS A 266 -4.28 -0.44 16.03
C CYS A 266 -4.97 0.75 15.39
N ILE A 267 -6.13 0.52 14.76
CA ILE A 267 -6.92 1.63 14.21
C ILE A 267 -7.25 2.64 15.30
N LYS A 268 -7.50 2.17 16.52
CA LYS A 268 -7.83 3.03 17.65
C LYS A 268 -6.72 4.01 18.01
N ALA A 269 -5.50 3.84 17.49
CA ALA A 269 -4.44 4.80 17.76
C ALA A 269 -4.52 6.01 16.83
N PHE A 270 -5.23 5.88 15.72
CA PHE A 270 -5.50 6.99 14.83
C PHE A 270 -6.36 8.03 15.56
N ASP A 271 -6.44 9.22 14.96
CA ASP A 271 -7.29 10.27 15.53
C ASP A 271 -8.76 9.83 15.46
N GLN A 272 -9.57 10.41 16.37
CA GLN A 272 -10.89 9.85 16.63
C GLN A 272 -11.82 9.96 15.41
N LEU A 273 -11.70 11.02 14.62
CA LEU A 273 -12.51 11.09 13.40
C LEU A 273 -12.09 10.00 12.40
N THR A 274 -10.81 9.97 12.03
CA THR A 274 -10.29 8.92 11.16
C THR A 274 -10.67 7.53 11.69
N GLN A 275 -10.41 7.30 12.97
CA GLN A 275 -10.81 6.06 13.64
C GLN A 275 -12.28 5.74 13.41
N ASP A 276 -13.15 6.73 13.52
CA ASP A 276 -14.59 6.50 13.32
C ASP A 276 -14.86 5.98 11.91
N VAL A 277 -14.28 6.64 10.90
CA VAL A 277 -14.52 6.22 9.53
C VAL A 277 -14.06 4.78 9.30
N PHE A 278 -12.84 4.45 9.74
CA PHE A 278 -12.30 3.11 9.54
C PHE A 278 -13.21 2.06 10.14
N LEU A 279 -13.65 2.28 11.37
CA LEU A 279 -14.45 1.27 12.05
C LEU A 279 -15.87 1.19 11.49
N ASP A 280 -16.50 2.33 11.19
CA ASP A 280 -17.83 2.27 10.56
C ASP A 280 -17.76 1.48 9.25
N LEU A 281 -16.67 1.65 8.49
CA LEU A 281 -16.52 0.91 7.23
C LEU A 281 -16.49 -0.59 7.48
N ILE A 282 -15.65 -1.05 8.41
CA ILE A 282 -15.54 -2.49 8.62
C ILE A 282 -16.85 -3.05 9.15
N TYR A 283 -17.43 -2.38 10.14
CA TYR A 283 -18.66 -2.87 10.75
C TYR A 283 -19.84 -2.74 9.78
N GLY A 284 -19.95 -1.60 9.09
CA GLY A 284 -21.04 -1.42 8.15
C GLY A 284 -21.05 -2.48 7.06
N ASN A 285 -19.87 -2.85 6.55
CA ASN A 285 -19.80 -3.88 5.52
C ASN A 285 -20.31 -5.23 6.04
N PHE A 286 -20.08 -5.51 7.33
CA PHE A 286 -20.57 -6.77 7.90
C PHE A 286 -22.11 -6.82 7.93
N VAL A 287 -22.76 -5.70 8.22
CA VAL A 287 -24.23 -5.68 8.26
C VAL A 287 -24.81 -5.84 6.84
N TRP A 288 -24.31 -5.07 5.89
CA TRP A 288 -24.73 -5.23 4.50
C TRP A 288 -24.55 -6.67 4.05
N THR A 289 -23.35 -7.22 4.27
CA THR A 289 -23.01 -8.52 3.70
C THR A 289 -23.92 -9.62 4.23
N THR A 290 -24.14 -9.68 5.55
CA THR A 290 -24.89 -10.78 6.16
C THR A 290 -26.39 -10.66 5.96
N SER A 291 -26.84 -9.64 5.25
CA SER A 291 -28.26 -9.42 5.03
C SER A 291 -28.63 -9.36 3.56
N ASN A 292 -27.67 -9.08 2.68
CA ASN A 292 -28.02 -8.66 1.34
C ASN A 292 -28.15 -9.87 0.42
N LYS A 293 -29.20 -9.85 -0.41
CA LYS A 293 -29.53 -10.86 -1.40
C LYS A 293 -28.28 -11.42 -2.09
N ARG A 294 -27.33 -10.53 -2.37
CA ARG A 294 -26.05 -10.95 -2.94
C ARG A 294 -25.49 -12.22 -2.30
N TYR A 295 -25.71 -12.44 -1.01
CA TYR A 295 -24.98 -13.44 -0.25
C TYR A 295 -25.85 -14.50 0.42
N LYS A 296 -27.17 -14.48 0.22
CA LYS A 296 -28.01 -15.47 0.88
C LYS A 296 -28.10 -16.78 0.10
N THR A 297 -28.72 -16.75 -1.07
CA THR A 297 -29.10 -17.91 -1.87
C THR A 297 -30.01 -17.38 -2.97
N ALA A 298 -29.77 -17.87 -4.19
CA ALA A 298 -30.48 -17.51 -5.42
C ALA A 298 -30.09 -16.13 -5.99
N ILE B 13 18.81 -2.86 22.02
CA ILE B 13 17.77 -3.19 22.99
C ILE B 13 17.85 -2.29 24.22
N GLY B 14 17.25 -1.09 24.11
CA GLY B 14 17.67 0.04 24.92
C GLY B 14 19.10 0.43 24.56
N ARG B 15 19.30 0.80 23.28
CA ARG B 15 20.60 1.01 22.64
C ARG B 15 21.65 -0.07 23.00
N SER B 16 21.41 -1.31 22.57
CA SER B 16 22.55 -2.14 22.21
C SER B 16 22.66 -2.18 20.68
N SER B 17 22.92 -3.38 20.18
CA SER B 17 23.54 -3.48 18.87
C SER B 17 23.29 -4.88 18.31
N VAL B 18 23.37 -5.00 16.98
CA VAL B 18 23.39 -6.31 16.33
C VAL B 18 24.78 -6.64 15.80
N ARG B 19 25.79 -5.90 16.24
CA ARG B 19 27.19 -6.16 15.89
C ARG B 19 27.63 -7.61 16.03
N PRO B 20 27.31 -8.35 17.11
CA PRO B 20 27.76 -9.74 17.18
C PRO B 20 27.31 -10.59 16.02
N TYR B 21 26.19 -10.23 15.38
CA TYR B 21 25.66 -11.01 14.28
C TYR B 21 26.02 -10.45 12.92
N LEU B 22 26.84 -9.39 12.88
CA LEU B 22 27.13 -8.73 11.62
C LEU B 22 27.50 -9.73 10.54
N GLU B 23 28.58 -10.49 10.73
CA GLU B 23 29.12 -11.26 9.62
C GLU B 23 28.25 -12.46 9.29
N GLU B 24 27.67 -13.10 10.30
CA GLU B 24 26.92 -14.30 10.00
C GLU B 24 25.58 -13.98 9.35
N CYS B 25 24.95 -12.87 9.74
CA CYS B 25 23.68 -12.51 9.12
C CYS B 25 23.88 -12.04 7.69
N THR B 26 24.92 -11.23 7.45
CA THR B 26 25.30 -10.89 6.08
C THR B 26 25.47 -12.15 5.24
N ARG B 27 26.09 -13.17 5.80
CA ARG B 27 26.27 -14.41 5.06
C ARG B 27 24.96 -15.18 4.93
N ARG B 28 24.10 -15.15 5.94
CA ARG B 28 22.77 -15.71 5.80
C ARG B 28 22.01 -14.99 4.70
N PHE B 29 22.03 -13.65 4.70
CA PHE B 29 21.41 -12.88 3.63
C PHE B 29 21.98 -13.29 2.28
N GLN B 30 23.32 -13.29 2.16
CA GLN B 30 23.96 -13.58 0.87
C GLN B 30 23.61 -14.97 0.38
N GLU B 31 23.71 -15.96 1.26
CA GLU B 31 23.27 -17.30 0.92
C GLU B 31 21.85 -17.33 0.38
N MET B 32 20.94 -16.59 1.02
CA MET B 32 19.55 -16.57 0.57
C MET B 32 19.43 -15.99 -0.84
N PHE B 33 20.14 -14.90 -1.13
CA PHE B 33 20.14 -14.35 -2.48
C PHE B 33 20.75 -15.31 -3.52
N ASP B 34 21.84 -16.02 -3.17
CA ASP B 34 22.45 -16.96 -4.13
C ASP B 34 21.53 -18.13 -4.44
N ARG B 35 20.70 -18.52 -3.47
CA ARG B 35 19.78 -19.62 -3.69
C ARG B 35 18.51 -19.17 -4.41
N HIS B 36 17.96 -18.02 -4.03
CA HIS B 36 16.61 -17.65 -4.44
C HIS B 36 16.53 -16.57 -5.50
N VAL B 37 17.50 -15.67 -5.62
CA VAL B 37 17.44 -14.59 -6.59
C VAL B 37 18.38 -14.83 -7.76
N VAL B 38 19.61 -15.26 -7.50
CA VAL B 38 20.55 -15.75 -8.48
C VAL B 38 21.26 -14.59 -9.19
N THR B 39 20.56 -13.89 -10.09
CA THR B 39 21.17 -12.77 -10.81
C THR B 39 21.68 -11.70 -9.85
N ARG B 40 22.92 -11.30 -10.05
CA ARG B 40 23.48 -10.20 -9.28
C ARG B 40 22.97 -8.85 -9.82
N PRO B 41 22.86 -7.85 -8.96
CA PRO B 41 22.68 -6.47 -9.44
C PRO B 41 23.99 -5.91 -9.97
N THR B 42 23.89 -5.00 -10.96
CA THR B 42 25.06 -4.32 -11.51
C THR B 42 24.89 -2.80 -11.39
N LYS B 43 25.91 -2.13 -10.85
CA LYS B 43 25.85 -0.72 -10.50
C LYS B 43 25.98 0.17 -11.73
N VAL B 44 24.97 1.00 -11.97
CA VAL B 44 25.07 2.07 -12.97
C VAL B 44 26.16 3.03 -12.52
N GLU B 45 27.01 3.43 -13.46
CA GLU B 45 28.19 4.22 -13.13
C GLU B 45 28.07 5.61 -13.73
N LEU B 46 27.41 6.52 -13.02
CA LEU B 46 27.21 7.87 -13.53
C LEU B 46 28.56 8.55 -13.78
N THR B 47 28.60 9.36 -14.84
CA THR B 47 29.85 9.99 -15.28
C THR B 47 30.28 11.06 -14.29
N ASP B 48 31.25 11.85 -14.71
CA ASP B 48 31.58 13.00 -13.88
C ASP B 48 30.48 14.04 -14.06
N ALA B 49 30.04 14.22 -15.31
CA ALA B 49 29.08 15.28 -15.64
C ALA B 49 27.66 14.94 -15.23
N GLU B 50 27.24 13.68 -15.33
CA GLU B 50 25.90 13.33 -14.88
C GLU B 50 25.80 13.45 -13.36
N LEU B 51 26.83 13.00 -12.65
CA LEU B 51 26.79 13.04 -11.19
C LEU B 51 26.69 14.48 -10.68
N ARG B 52 27.57 15.37 -11.15
CA ARG B 52 27.46 16.78 -10.74
C ARG B 52 26.15 17.42 -11.20
N GLU B 53 25.62 17.03 -12.36
CA GLU B 53 24.30 17.51 -12.73
C GLU B 53 23.27 17.07 -11.70
N VAL B 54 23.36 15.81 -11.26
CA VAL B 54 22.47 15.31 -10.21
C VAL B 54 22.66 16.09 -8.93
N ILE B 55 23.92 16.24 -8.49
CA ILE B 55 24.21 16.92 -7.24
C ILE B 55 23.81 18.40 -7.32
N ASP B 56 24.03 19.03 -8.48
CA ASP B 56 23.58 20.41 -8.64
C ASP B 56 22.06 20.49 -8.52
N ASP B 57 21.35 19.51 -9.06
CA ASP B 57 19.91 19.48 -8.82
C ASP B 57 19.60 19.28 -7.35
N CYS B 58 20.29 18.34 -6.70
CA CYS B 58 20.02 18.02 -5.30
C CYS B 58 20.26 19.23 -4.40
N ASN B 59 21.42 19.88 -4.56
CA ASN B 59 21.74 21.03 -3.71
C ASN B 59 20.77 22.17 -3.92
N ALA B 60 20.49 22.52 -5.18
CA ALA B 60 19.47 23.52 -5.45
C ALA B 60 18.18 23.20 -4.71
N ALA B 61 17.82 21.92 -4.66
CA ALA B 61 16.56 21.54 -4.05
C ALA B 61 16.59 21.78 -2.54
N VAL B 62 17.59 21.26 -1.84
CA VAL B 62 17.60 21.42 -0.39
C VAL B 62 18.27 22.73 0.04
N ALA B 63 18.67 23.57 -0.91
CA ALA B 63 19.25 24.86 -0.55
C ALA B 63 18.31 25.75 0.26
N PRO B 64 17.03 25.90 -0.09
CA PRO B 64 16.16 26.73 0.75
C PRO B 64 16.06 26.27 2.20
N LEU B 65 16.47 25.05 2.51
CA LEU B 65 16.35 24.53 3.87
C LEU B 65 17.54 24.89 4.76
N GLY B 66 18.54 25.57 4.19
CA GLY B 66 19.57 26.23 4.97
C GLY B 66 20.48 25.30 5.73
N LYS B 67 20.73 24.14 5.15
CA LYS B 67 21.63 23.15 5.74
C LYS B 67 22.51 22.60 4.64
N THR B 68 23.81 22.49 4.91
CA THR B 68 24.74 22.06 3.88
C THR B 68 24.90 20.54 3.91
N VAL B 69 24.99 19.94 2.74
CA VAL B 69 25.32 18.54 2.60
C VAL B 69 26.35 18.42 1.50
N SER B 70 27.33 17.54 1.71
CA SER B 70 28.52 17.51 0.87
C SER B 70 28.43 16.46 -0.22
N ASP B 71 29.37 16.52 -1.16
CA ASP B 71 29.34 15.62 -2.30
C ASP B 71 29.48 14.18 -1.86
N GLU B 72 30.27 13.95 -0.82
CA GLU B 72 30.44 12.60 -0.27
C GLU B 72 29.12 12.08 0.29
N ARG B 73 28.33 12.95 0.91
CA ARG B 73 27.05 12.54 1.45
C ARG B 73 26.02 12.32 0.34
N TRP B 74 26.10 13.10 -0.75
CA TRP B 74 25.24 12.86 -1.90
C TRP B 74 25.54 11.51 -2.52
N ILE B 75 26.83 11.20 -2.68
CA ILE B 75 27.26 9.98 -3.34
C ILE B 75 26.87 8.73 -2.54
N SER B 76 26.72 8.85 -1.23
CA SER B 76 26.24 7.72 -0.45
C SER B 76 24.77 7.48 -0.69
N TYR B 77 23.96 8.54 -0.62
CA TYR B 77 22.55 8.44 -0.97
C TYR B 77 22.35 7.80 -2.34
N VAL B 78 22.93 8.41 -3.38
CA VAL B 78 22.60 8.05 -4.75
C VAL B 78 22.97 6.60 -5.05
N GLY B 79 23.85 6.00 -4.25
CA GLY B 79 24.29 4.64 -4.52
C GLY B 79 23.18 3.62 -4.50
N VAL B 80 22.15 3.82 -3.67
CA VAL B 80 21.02 2.91 -3.70
C VAL B 80 20.36 2.94 -5.08
N VAL B 81 20.30 4.11 -5.72
CA VAL B 81 19.71 4.17 -7.06
C VAL B 81 20.65 3.55 -8.08
N LEU B 82 21.95 3.77 -7.93
CA LEU B 82 22.91 3.18 -8.85
C LEU B 82 22.91 1.66 -8.77
N TRP B 83 22.65 1.11 -7.58
CA TRP B 83 22.71 -0.32 -7.38
C TRP B 83 21.38 -1.04 -7.54
N SER B 84 20.25 -0.39 -7.30
CA SER B 84 19.01 -1.14 -7.10
C SER B 84 17.96 -0.91 -8.19
N GLN B 85 18.29 -0.20 -9.26
CA GLN B 85 17.47 -0.21 -10.46
C GLN B 85 17.82 -1.47 -11.27
N SER B 86 17.39 -1.55 -12.52
CA SER B 86 17.47 -2.78 -13.31
C SER B 86 18.09 -2.46 -14.67
N PRO B 87 19.42 -2.38 -14.72
CA PRO B 87 20.09 -1.86 -15.94
C PRO B 87 19.80 -2.63 -17.20
N ARG B 88 19.38 -3.89 -17.13
CA ARG B 88 19.07 -4.62 -18.36
C ARG B 88 17.80 -4.09 -19.03
N HIS B 89 17.08 -3.18 -18.38
CA HIS B 89 15.79 -2.72 -18.86
C HIS B 89 15.66 -1.20 -18.89
N ILE B 90 16.64 -0.46 -18.36
CA ILE B 90 16.56 1.00 -18.38
C ILE B 90 16.41 1.47 -19.82
N LYS B 91 15.45 2.35 -20.04
CA LYS B 91 15.35 3.09 -21.30
C LYS B 91 15.62 4.57 -21.13
N ASP B 92 14.93 5.25 -20.20
CA ASP B 92 14.97 6.71 -20.07
C ASP B 92 15.91 7.11 -18.93
N MET B 93 17.11 7.56 -19.30
CA MET B 93 18.10 7.99 -18.32
C MET B 93 17.70 9.26 -17.59
N GLU B 94 16.87 10.12 -18.20
CA GLU B 94 16.45 11.34 -17.53
C GLU B 94 15.46 11.04 -16.40
N ALA B 95 14.59 10.06 -16.61
CA ALA B 95 13.79 9.54 -15.51
C ALA B 95 14.67 8.90 -14.44
N PHE B 96 15.72 8.18 -14.87
CA PHE B 96 16.69 7.65 -13.92
C PHE B 96 17.33 8.76 -13.10
N LYS B 97 17.76 9.83 -13.78
CA LYS B 97 18.37 10.95 -13.08
C LYS B 97 17.39 11.58 -12.11
N ALA B 98 16.12 11.65 -12.49
CA ALA B 98 15.08 12.13 -11.58
C ALA B 98 15.03 11.30 -10.31
N VAL B 99 15.05 9.97 -10.45
CA VAL B 99 15.00 9.11 -9.26
C VAL B 99 16.22 9.36 -8.38
N CYS B 100 17.40 9.57 -8.99
CA CYS B 100 18.59 9.87 -8.21
C CYS B 100 18.37 11.11 -7.36
N VAL B 101 17.81 12.16 -7.97
CA VAL B 101 17.64 13.43 -7.29
C VAL B 101 16.55 13.35 -6.24
N LEU B 102 15.37 12.87 -6.64
CA LEU B 102 14.25 12.77 -5.70
C LEU B 102 14.62 11.90 -4.50
N ASN B 103 15.22 10.74 -4.76
CA ASN B 103 15.61 9.91 -3.63
C ASN B 103 16.64 10.62 -2.77
N CYS B 104 17.63 11.25 -3.40
CA CYS B 104 18.63 12.01 -2.65
C CYS B 104 18.00 13.05 -1.74
N VAL B 105 17.17 13.94 -2.30
CA VAL B 105 16.72 15.06 -1.49
C VAL B 105 15.79 14.59 -0.39
N THR B 106 15.02 13.52 -0.62
CA THR B 106 14.12 13.05 0.42
C THR B 106 14.84 12.27 1.51
N PHE B 107 16.02 11.72 1.22
CA PHE B 107 16.87 11.20 2.28
C PHE B 107 17.20 12.30 3.28
N VAL B 108 17.67 13.45 2.78
CA VAL B 108 17.96 14.60 3.63
C VAL B 108 16.76 14.92 4.50
N TRP B 109 15.57 14.95 3.91
CA TRP B 109 14.36 15.21 4.68
C TRP B 109 14.17 14.17 5.77
N ASP B 110 14.31 12.90 5.40
CA ASP B 110 14.19 11.79 6.35
C ASP B 110 15.06 12.02 7.58
N ASP B 111 16.36 12.24 7.36
CA ASP B 111 17.40 12.46 8.35
C ASP B 111 17.25 13.76 9.12
N MET B 112 16.25 14.58 8.82
CA MET B 112 16.23 15.98 9.20
C MET B 112 15.39 16.18 10.44
N ASP B 113 15.78 17.16 11.24
CA ASP B 113 14.96 17.62 12.35
C ASP B 113 13.62 18.13 11.80
N PRO B 114 12.49 17.82 12.45
CA PRO B 114 11.19 18.24 11.89
C PRO B 114 10.98 19.74 11.91
N ALA B 115 11.68 20.46 12.79
CA ALA B 115 11.62 21.91 12.82
C ALA B 115 12.22 22.52 11.56
N LEU B 116 12.95 21.73 10.79
CA LEU B 116 13.52 22.13 9.50
C LEU B 116 12.61 21.83 8.33
N HIS B 117 11.55 21.07 8.54
CA HIS B 117 10.62 20.72 7.47
C HIS B 117 9.84 21.97 7.08
N ASP B 118 10.09 22.48 5.88
CA ASP B 118 9.34 23.61 5.34
C ASP B 118 8.72 23.17 4.03
N PHE B 119 7.43 22.84 4.07
CA PHE B 119 6.73 22.41 2.86
C PHE B 119 6.71 23.52 1.82
N GLY B 120 6.31 24.74 2.22
CA GLY B 120 6.30 25.86 1.30
C GLY B 120 7.61 26.06 0.57
N LEU B 121 8.73 25.82 1.23
CA LEU B 121 10.04 26.04 0.62
C LEU B 121 10.53 24.82 -0.15
N PHE B 122 10.10 23.63 0.23
CA PHE B 122 10.69 22.41 -0.32
C PHE B 122 9.82 21.76 -1.38
N LEU B 123 8.50 21.73 -1.18
CA LEU B 123 7.60 21.16 -2.18
C LEU B 123 7.75 21.81 -3.54
N PRO B 124 7.88 23.13 -3.68
CA PRO B 124 8.20 23.68 -5.01
C PRO B 124 9.47 23.13 -5.60
N GLN B 125 10.51 22.87 -4.82
CA GLN B 125 11.72 22.31 -5.39
C GLN B 125 11.48 20.90 -5.93
N LEU B 126 10.68 20.10 -5.23
CA LEU B 126 10.31 18.80 -5.76
C LEU B 126 9.60 18.95 -7.10
N ARG B 127 8.60 19.84 -7.18
CA ARG B 127 7.87 20.00 -8.44
C ARG B 127 8.81 20.41 -9.56
N LYS B 128 9.78 21.26 -9.27
CA LYS B 128 10.75 21.68 -10.30
C LYS B 128 11.58 20.50 -10.79
N ILE B 129 12.02 19.62 -9.88
CA ILE B 129 12.77 18.43 -10.29
C ILE B 129 11.91 17.57 -11.21
N CYS B 130 10.65 17.37 -10.84
CA CYS B 130 9.78 16.46 -11.57
C CYS B 130 9.42 17.01 -12.94
N GLU B 131 9.10 18.31 -13.01
CA GLU B 131 8.81 18.92 -14.30
C GLU B 131 10.03 18.92 -15.21
N LYS B 132 11.23 18.89 -14.64
CA LYS B 132 12.41 18.93 -15.49
C LYS B 132 12.68 17.58 -16.16
N TYR B 133 12.31 16.47 -15.49
CA TYR B 133 12.75 15.16 -15.95
C TYR B 133 11.66 14.28 -16.54
N TYR B 134 10.39 14.50 -16.21
CA TYR B 134 9.30 13.69 -16.72
C TYR B 134 8.42 14.52 -17.64
N GLY B 135 7.61 13.84 -18.43
CA GLY B 135 6.56 14.50 -19.15
C GLY B 135 5.44 14.88 -18.20
N PRO B 136 4.40 15.53 -18.72
CA PRO B 136 3.35 16.08 -17.83
C PRO B 136 2.69 15.04 -16.93
N GLU B 137 2.25 13.92 -17.50
CA GLU B 137 1.55 12.91 -16.73
C GLU B 137 2.44 12.34 -15.62
N ASP B 138 3.64 11.89 -15.98
CA ASP B 138 4.55 11.27 -15.03
C ASP B 138 5.05 12.27 -14.00
N ALA B 139 5.14 13.54 -14.37
CA ALA B 139 5.55 14.56 -13.42
C ALA B 139 4.60 14.62 -12.25
N GLU B 140 3.29 14.61 -12.53
CA GLU B 140 2.30 14.69 -11.46
C GLU B 140 2.32 13.45 -10.58
N VAL B 141 2.57 12.28 -11.18
CA VAL B 141 2.58 11.04 -10.42
C VAL B 141 3.79 11.02 -9.49
N ALA B 142 4.96 11.35 -10.02
CA ALA B 142 6.15 11.42 -9.19
C ALA B 142 5.98 12.45 -8.08
N TYR B 143 5.33 13.58 -8.36
CA TYR B 143 5.23 14.64 -7.36
C TYR B 143 4.31 14.22 -6.22
N GLU B 144 3.14 13.65 -6.54
CA GLU B 144 2.23 13.25 -5.49
C GLU B 144 2.88 12.22 -4.59
N ALA B 145 3.64 11.29 -5.18
CA ALA B 145 4.29 10.27 -4.38
C ALA B 145 5.43 10.85 -3.55
N ALA B 146 6.15 11.84 -4.08
CA ALA B 146 7.16 12.53 -3.28
C ALA B 146 6.49 13.31 -2.14
N ARG B 147 5.43 14.04 -2.46
CA ARG B 147 4.70 14.81 -1.45
C ARG B 147 4.24 13.92 -0.32
N ALA B 148 3.57 12.82 -0.65
CA ALA B 148 3.09 11.90 0.38
C ALA B 148 4.22 11.36 1.23
N PHE B 149 5.39 11.09 0.64
CA PHE B 149 6.49 10.51 1.40
C PHE B 149 7.03 11.49 2.43
N VAL B 150 7.33 12.73 2.01
CA VAL B 150 7.89 13.68 2.97
C VAL B 150 6.83 14.11 3.95
N THR B 151 5.55 14.12 3.52
CA THR B 151 4.45 14.38 4.43
C THR B 151 4.31 13.25 5.47
N SER B 152 4.44 12.00 5.04
CA SER B 152 4.32 10.91 5.99
C SER B 152 5.47 10.92 6.98
N ASP B 153 6.67 11.19 6.50
CA ASP B 153 7.81 11.25 7.40
C ASP B 153 7.57 12.29 8.49
N HIS B 154 6.77 13.32 8.18
CA HIS B 154 6.48 14.40 9.12
C HIS B 154 5.29 14.04 10.00
N MET B 155 4.23 13.50 9.38
CA MET B 155 3.05 13.09 10.13
C MET B 155 3.44 12.27 11.35
N PHE B 156 4.30 11.26 11.15
CA PHE B 156 4.46 10.23 12.17
C PHE B 156 5.65 10.49 13.10
N ARG B 157 6.25 11.68 13.07
CA ARG B 157 7.31 11.94 14.06
C ARG B 157 6.79 11.82 15.48
N ASP B 158 5.54 12.25 15.72
CA ASP B 158 4.97 12.19 17.05
C ASP B 158 3.63 11.49 17.07
N SER B 159 3.40 10.59 16.15
CA SER B 159 2.08 10.03 16.27
C SER B 159 2.10 8.82 17.18
N PRO B 160 1.12 8.70 18.08
CA PRO B 160 0.88 7.42 18.72
C PRO B 160 0.68 6.33 17.70
N ILE B 161 0.27 6.72 16.48
CA ILE B 161 0.07 5.76 15.39
C ILE B 161 1.37 5.03 15.07
N LYS B 162 2.45 5.78 14.88
CA LYS B 162 3.70 5.10 14.53
C LYS B 162 4.13 4.13 15.63
N ALA B 163 3.93 4.51 16.90
CA ALA B 163 4.24 3.62 18.01
C ALA B 163 3.31 2.41 18.03
N ALA B 164 2.06 2.60 17.62
CA ALA B 164 1.13 1.47 17.54
C ALA B 164 1.57 0.46 16.48
N LEU B 165 1.80 0.92 15.25
CA LEU B 165 2.11 -0.03 14.18
C LEU B 165 3.51 -0.61 14.31
N CYS B 166 4.44 0.11 14.92
CA CYS B 166 5.80 -0.40 15.01
C CYS B 166 6.00 -1.37 16.16
N THR B 167 5.15 -1.35 17.19
CA THR B 167 5.34 -2.22 18.36
C THR B 167 4.30 -3.33 18.48
N THR B 168 3.32 -3.41 17.58
CA THR B 168 2.27 -4.39 17.77
C THR B 168 2.66 -5.77 17.24
N SER B 169 3.11 -5.84 15.99
CA SER B 169 3.42 -7.11 15.33
C SER B 169 4.16 -6.81 14.02
N PRO B 170 4.83 -7.80 13.45
CA PRO B 170 5.49 -7.59 12.16
C PRO B 170 4.56 -7.05 11.09
N GLU B 171 3.34 -7.58 11.00
CA GLU B 171 2.44 -7.15 9.94
C GLU B 171 2.07 -5.69 10.09
N GLN B 172 1.75 -5.25 11.31
CA GLN B 172 1.46 -3.84 11.49
C GLN B 172 2.68 -2.99 11.13
N TYR B 173 3.88 -3.47 11.47
CA TYR B 173 5.08 -2.70 11.16
C TYR B 173 5.34 -2.64 9.65
N PHE B 174 5.32 -3.77 8.97
CA PHE B 174 5.55 -3.74 7.53
C PHE B 174 4.44 -2.97 6.80
N ARG B 175 3.21 -3.00 7.36
CA ARG B 175 2.14 -2.19 6.76
C ARG B 175 2.51 -0.71 6.78
N PHE B 176 3.08 -0.24 7.89
CA PHE B 176 3.52 1.15 7.97
C PHE B 176 4.67 1.43 7.00
N ARG B 177 5.59 0.47 6.84
CA ARG B 177 6.81 0.68 6.06
C ARG B 177 6.57 0.79 4.55
N VAL B 178 5.47 0.21 4.02
CA VAL B 178 5.15 0.36 2.59
C VAL B 178 5.29 1.81 2.15
N THR B 179 4.77 2.73 2.97
CA THR B 179 4.95 4.15 2.71
C THR B 179 6.26 4.64 3.31
N ASP B 180 6.48 4.36 4.59
CA ASP B 180 7.49 5.12 5.34
C ASP B 180 8.91 4.85 4.83
N ILE B 181 9.25 3.60 4.52
CA ILE B 181 10.60 3.35 3.98
C ILE B 181 10.79 4.03 2.63
N GLY B 182 9.72 4.36 1.93
CA GLY B 182 9.80 5.07 0.67
C GLY B 182 9.62 4.23 -0.58
N VAL B 183 9.27 2.95 -0.46
CA VAL B 183 9.27 2.11 -1.65
C VAL B 183 8.06 2.38 -2.54
N ASP B 184 6.91 2.77 -1.99
CA ASP B 184 5.81 3.17 -2.86
C ASP B 184 6.19 4.39 -3.69
N PHE B 185 6.79 5.39 -3.04
CA PHE B 185 7.40 6.53 -3.71
C PHE B 185 8.38 6.07 -4.80
N TRP B 186 9.26 5.12 -4.47
CA TRP B 186 10.26 4.63 -5.42
C TRP B 186 9.61 4.07 -6.68
N MET B 187 8.64 3.17 -6.52
CA MET B 187 7.98 2.58 -7.68
C MET B 187 7.30 3.63 -8.56
N LYS B 188 6.62 4.59 -7.93
CA LYS B 188 5.81 5.56 -8.66
C LYS B 188 6.66 6.61 -9.37
N MET B 189 7.92 6.81 -8.94
CA MET B 189 8.81 7.64 -9.74
C MET B 189 9.73 6.82 -10.65
N SER B 190 9.78 5.50 -10.50
CA SER B 190 10.69 4.69 -11.29
C SER B 190 10.05 4.09 -12.54
N TYR B 191 8.73 3.90 -12.59
CA TYR B 191 8.12 3.26 -13.75
C TYR B 191 8.46 3.97 -15.06
N PRO B 192 8.61 5.31 -15.14
CA PRO B 192 8.97 5.90 -16.43
C PRO B 192 10.36 5.52 -16.91
N ILE B 193 11.24 5.04 -16.03
CA ILE B 193 12.55 4.56 -16.47
C ILE B 193 12.37 3.41 -17.44
N TYR B 194 11.36 2.58 -17.23
CA TYR B 194 11.20 1.34 -17.95
C TYR B 194 10.17 1.38 -19.06
N ARG B 195 9.17 2.26 -18.99
CA ARG B 195 8.09 2.30 -19.99
C ARG B 195 7.60 0.90 -20.31
N HIS B 196 7.38 0.12 -19.27
CA HIS B 196 6.84 -1.22 -19.35
C HIS B 196 5.46 -1.22 -18.72
N PRO B 197 4.38 -1.54 -19.45
CA PRO B 197 3.03 -1.29 -18.89
C PRO B 197 2.64 -2.14 -17.70
N GLU B 198 2.87 -3.45 -17.71
CA GLU B 198 2.59 -4.26 -16.53
C GLU B 198 3.28 -3.66 -15.30
N PHE B 199 4.56 -3.31 -15.46
CA PHE B 199 5.29 -2.72 -14.34
C PHE B 199 4.64 -1.43 -13.90
N THR B 200 4.30 -0.58 -14.87
CA THR B 200 3.72 0.72 -14.57
C THR B 200 2.44 0.59 -13.76
N GLU B 201 1.64 -0.43 -14.09
CA GLU B 201 0.37 -0.57 -13.37
C GLU B 201 0.60 -1.15 -11.98
N HIS B 202 1.54 -2.09 -11.83
CA HIS B 202 1.87 -2.58 -10.50
C HIS B 202 2.41 -1.47 -9.62
N ALA B 203 3.18 -0.54 -10.19
CA ALA B 203 3.59 0.65 -9.45
C ALA B 203 2.39 1.47 -9.00
N LYS B 204 1.42 1.69 -9.89
CA LYS B 204 0.32 2.60 -9.60
C LYS B 204 -0.72 1.98 -8.66
N THR B 205 -0.82 0.66 -8.59
CA THR B 205 -1.68 0.06 -7.58
C THR B 205 -0.98 -0.07 -6.23
N SER B 206 0.33 0.16 -6.19
CA SER B 206 1.19 -0.12 -5.05
C SER B 206 1.41 -1.61 -4.81
N LEU B 207 0.90 -2.49 -5.67
CA LEU B 207 1.26 -3.90 -5.54
C LEU B 207 2.78 -4.08 -5.61
N ALA B 208 3.43 -3.34 -6.50
CA ALA B 208 4.89 -3.42 -6.59
C ALA B 208 5.55 -3.05 -5.26
N ALA B 209 5.15 -1.93 -4.67
CA ALA B 209 5.70 -1.55 -3.36
C ALA B 209 5.44 -2.64 -2.34
N ARG B 210 4.23 -3.19 -2.32
CA ARG B 210 3.86 -4.15 -1.28
C ARG B 210 4.66 -5.45 -1.42
N MET B 211 4.98 -5.85 -2.65
CA MET B 211 5.73 -7.08 -2.87
C MET B 211 7.18 -6.98 -2.39
N THR B 212 7.78 -5.79 -2.46
CA THR B 212 9.19 -5.58 -2.16
C THR B 212 9.44 -4.94 -0.79
N THR B 213 8.38 -4.60 -0.05
CA THR B 213 8.55 -3.89 1.22
C THR B 213 9.44 -4.68 2.18
N ARG B 214 9.10 -5.94 2.41
CA ARG B 214 9.79 -6.71 3.44
C ARG B 214 11.25 -6.95 3.07
N GLY B 215 11.54 -7.27 1.81
CA GLY B 215 12.92 -7.48 1.39
C GLY B 215 13.80 -6.26 1.60
N LEU B 216 13.29 -5.08 1.28
CA LEU B 216 14.03 -3.85 1.53
C LEU B 216 14.11 -3.54 3.03
N THR B 217 13.00 -3.75 3.74
CA THR B 217 12.90 -3.24 5.10
C THR B 217 13.70 -4.13 6.07
N ILE B 218 13.63 -5.45 5.88
CA ILE B 218 14.34 -6.33 6.78
C ILE B 218 15.84 -6.11 6.67
N VAL B 219 16.33 -5.96 5.43
CA VAL B 219 17.75 -5.70 5.21
C VAL B 219 18.14 -4.35 5.79
N ASN B 220 17.36 -3.32 5.50
CA ASN B 220 17.72 -2.00 5.99
C ASN B 220 17.65 -1.93 7.50
N ASP B 221 16.67 -2.60 8.11
CA ASP B 221 16.54 -2.53 9.55
C ASP B 221 17.76 -3.16 10.24
N PHE B 222 18.24 -4.29 9.72
CA PHE B 222 19.38 -4.94 10.37
C PHE B 222 20.58 -4.01 10.41
N TYR B 223 20.96 -3.46 9.27
CA TYR B 223 22.16 -2.66 9.17
C TYR B 223 22.00 -1.22 9.66
N SER B 224 20.78 -0.75 9.93
CA SER B 224 20.62 0.61 10.45
C SER B 224 20.09 0.61 11.88
N TYR B 225 19.92 -0.57 12.48
CA TYR B 225 19.43 -0.70 13.84
C TYR B 225 20.26 0.13 14.82
N ASP B 226 21.59 0.08 14.69
CA ASP B 226 22.46 0.76 15.64
C ASP B 226 22.26 2.26 15.58
N ARG B 227 22.40 2.85 14.38
CA ARG B 227 22.15 4.27 14.21
C ARG B 227 20.81 4.67 14.80
N GLU B 228 19.77 3.87 14.55
CA GLU B 228 18.41 4.30 14.88
C GLU B 228 18.12 4.25 16.38
N VAL B 229 18.52 3.16 17.06
CA VAL B 229 18.38 3.15 18.52
C VAL B 229 19.18 4.31 19.12
N SER B 230 20.37 4.58 18.59
CA SER B 230 21.17 5.66 19.15
C SER B 230 20.52 7.02 18.95
N LEU B 231 19.57 7.11 18.01
CA LEU B 231 18.80 8.34 17.80
C LEU B 231 17.37 8.25 18.34
N GLY B 232 17.02 7.19 19.06
CA GLY B 232 15.66 7.06 19.54
C GLY B 232 14.62 6.71 18.50
N GLN B 233 15.02 6.39 17.27
CA GLN B 233 14.04 6.11 16.23
C GLN B 233 13.53 4.67 16.37
N ILE B 234 12.21 4.53 16.46
CA ILE B 234 11.57 3.26 16.79
C ILE B 234 11.14 2.47 15.55
N THR B 235 11.43 2.95 14.34
CA THR B 235 10.93 2.33 13.11
C THR B 235 11.98 1.33 12.62
N ASN B 236 11.87 0.10 13.12
CA ASN B 236 12.83 -0.95 12.86
C ASN B 236 12.31 -2.24 13.47
N CYS B 237 12.14 -3.29 12.64
CA CYS B 237 11.43 -4.48 13.11
C CYS B 237 12.20 -5.23 14.19
N PHE B 238 13.54 -5.10 14.22
CA PHE B 238 14.29 -5.82 15.24
C PHE B 238 14.10 -5.26 16.65
N ARG B 239 13.40 -4.13 16.78
CA ARG B 239 12.87 -3.69 18.08
C ARG B 239 11.70 -4.53 18.57
N LEU B 240 11.18 -5.45 17.75
CA LEU B 240 10.18 -6.38 18.23
C LEU B 240 10.80 -7.57 18.95
N CYS B 241 12.11 -7.54 19.16
CA CYS B 241 12.80 -8.61 19.87
C CYS B 241 13.99 -8.04 20.64
N ASP B 242 14.56 -8.88 21.49
CA ASP B 242 15.72 -8.54 22.31
C ASP B 242 16.95 -9.15 21.63
N VAL B 243 17.72 -8.31 20.94
CA VAL B 243 18.89 -8.78 20.21
C VAL B 243 20.01 -9.19 21.16
N SER B 244 19.94 -8.85 22.44
CA SER B 244 20.92 -9.44 23.35
C SER B 244 20.46 -10.78 23.92
N ASP B 245 19.47 -11.42 23.29
CA ASP B 245 19.13 -12.81 23.58
C ASP B 245 19.34 -13.59 22.29
N GLU B 246 20.47 -14.29 22.18
CA GLU B 246 20.82 -14.91 20.91
C GLU B 246 19.75 -15.88 20.44
N THR B 247 19.06 -16.55 21.36
CA THR B 247 17.98 -17.42 20.92
C THR B 247 16.85 -16.61 20.30
N ALA B 248 16.40 -15.58 21.00
CA ALA B 248 15.34 -14.73 20.48
C ALA B 248 15.74 -14.11 19.14
N PHE B 249 16.91 -13.47 19.06
CA PHE B 249 17.33 -12.88 17.80
C PHE B 249 17.43 -13.94 16.71
N LYS B 250 17.95 -15.12 17.03
CA LYS B 250 18.12 -16.13 15.98
C LYS B 250 16.77 -16.53 15.38
N GLU B 251 15.83 -16.90 16.24
CA GLU B 251 14.49 -17.25 15.77
C GLU B 251 13.86 -16.11 14.98
N PHE B 252 13.86 -14.90 15.56
CA PHE B 252 13.28 -13.75 14.89
C PHE B 252 13.91 -13.49 13.53
N PHE B 253 15.25 -13.47 13.47
CA PHE B 253 15.94 -13.28 12.19
C PHE B 253 15.55 -14.37 11.20
N GLN B 254 15.35 -15.61 11.67
CA GLN B 254 14.91 -16.67 10.77
C GLN B 254 13.52 -16.39 10.20
N ALA B 255 12.58 -15.98 11.05
CA ALA B 255 11.23 -15.68 10.57
C ALA B 255 11.26 -14.57 9.52
N ARG B 256 12.07 -13.55 9.72
CA ARG B 256 12.20 -12.50 8.73
C ARG B 256 12.85 -13.03 7.43
N LEU B 257 13.67 -14.07 7.52
CA LEU B 257 14.18 -14.70 6.31
C LEU B 257 13.08 -15.46 5.57
N ASP B 258 12.25 -16.23 6.31
CA ASP B 258 11.06 -16.82 5.69
C ASP B 258 10.26 -15.76 4.95
N ASP B 259 10.01 -14.61 5.58
CA ASP B 259 9.27 -13.52 4.93
C ASP B 259 9.89 -13.15 3.59
N MET B 260 11.19 -12.87 3.59
CA MET B 260 11.86 -12.48 2.35
C MET B 260 11.73 -13.56 1.28
N ILE B 261 11.87 -14.82 1.67
CA ILE B 261 11.88 -15.89 0.68
C ILE B 261 10.50 -16.08 0.09
N GLU B 262 9.46 -16.03 0.92
CA GLU B 262 8.09 -16.15 0.39
C GLU B 262 7.79 -15.05 -0.60
N ASP B 263 8.15 -13.81 -0.25
CA ASP B 263 7.95 -12.68 -1.17
C ASP B 263 8.69 -12.92 -2.49
N ILE B 264 9.98 -13.28 -2.41
CA ILE B 264 10.78 -13.47 -3.63
C ILE B 264 10.16 -14.53 -4.52
N GLU B 265 9.73 -15.65 -3.94
CA GLU B 265 9.20 -16.72 -4.75
C GLU B 265 7.83 -16.37 -5.32
N CYS B 266 7.05 -15.52 -4.65
CA CYS B 266 5.83 -15.02 -5.28
C CYS B 266 6.13 -14.00 -6.37
N ILE B 267 7.23 -13.24 -6.21
CA ILE B 267 7.66 -12.27 -7.22
C ILE B 267 7.97 -12.97 -8.55
N LYS B 268 8.42 -14.22 -8.48
CA LYS B 268 8.74 -14.96 -9.70
C LYS B 268 7.50 -15.35 -10.47
N ALA B 269 6.31 -15.13 -9.92
CA ALA B 269 5.09 -15.27 -10.71
C ALA B 269 4.84 -14.08 -11.62
N PHE B 270 5.35 -12.90 -11.29
CA PHE B 270 5.14 -11.72 -12.12
C PHE B 270 5.86 -11.90 -13.47
N ASP B 271 5.49 -11.07 -14.45
CA ASP B 271 6.13 -11.21 -15.75
C ASP B 271 7.65 -11.00 -15.63
N GLN B 272 8.37 -11.43 -16.67
CA GLN B 272 9.80 -11.59 -16.58
C GLN B 272 10.51 -10.25 -16.34
N LEU B 273 10.11 -9.21 -17.07
CA LEU B 273 10.76 -7.92 -16.87
C LEU B 273 10.44 -7.34 -15.48
N THR B 274 9.18 -7.44 -15.05
CA THR B 274 8.78 -6.86 -13.76
C THR B 274 9.51 -7.55 -12.61
N GLN B 275 9.55 -8.89 -12.63
CA GLN B 275 10.27 -9.61 -11.60
C GLN B 275 11.75 -9.25 -11.59
N ASP B 276 12.38 -9.09 -12.78
CA ASP B 276 13.77 -8.64 -12.83
C ASP B 276 13.96 -7.37 -12.02
N VAL B 277 13.05 -6.40 -12.18
CA VAL B 277 13.18 -5.12 -11.51
C VAL B 277 12.95 -5.27 -10.02
N PHE B 278 11.93 -6.03 -9.62
CA PHE B 278 11.67 -6.25 -8.19
C PHE B 278 12.90 -6.86 -7.51
N LEU B 279 13.50 -7.88 -8.13
CA LEU B 279 14.61 -8.58 -7.50
C LEU B 279 15.89 -7.75 -7.56
N ASP B 280 16.10 -6.99 -8.63
CA ASP B 280 17.25 -6.08 -8.64
C ASP B 280 17.11 -5.01 -7.57
N LEU B 281 15.89 -4.57 -7.26
CA LEU B 281 15.69 -3.64 -6.15
C LEU B 281 16.04 -4.29 -4.82
N ILE B 282 15.50 -5.48 -4.55
CA ILE B 282 15.75 -6.12 -3.26
C ILE B 282 17.24 -6.45 -3.13
N TYR B 283 17.79 -7.17 -4.11
CA TYR B 283 19.19 -7.61 -4.07
C TYR B 283 20.13 -6.42 -4.18
N GLY B 284 19.85 -5.48 -5.09
CA GLY B 284 20.68 -4.29 -5.21
C GLY B 284 20.77 -3.50 -3.91
N ASN B 285 19.62 -3.27 -3.26
CA ASN B 285 19.65 -2.55 -1.99
C ASN B 285 20.56 -3.26 -0.99
N PHE B 286 20.60 -4.59 -1.02
CA PHE B 286 21.48 -5.33 -0.12
C PHE B 286 22.94 -5.14 -0.50
N VAL B 287 23.26 -5.14 -1.78
CA VAL B 287 24.64 -4.95 -2.20
C VAL B 287 25.10 -3.54 -1.90
N TRP B 288 24.19 -2.57 -1.97
CA TRP B 288 24.53 -1.20 -1.57
C TRP B 288 24.68 -1.09 -0.07
N THR B 289 23.69 -1.60 0.66
CA THR B 289 23.63 -1.41 2.10
C THR B 289 24.86 -2.00 2.79
N THR B 290 25.35 -3.15 2.31
CA THR B 290 26.45 -3.80 3.01
C THR B 290 27.83 -3.45 2.45
N SER B 291 27.89 -2.66 1.39
CA SER B 291 29.14 -2.08 0.91
C SER B 291 29.07 -0.57 0.78
N ASN B 292 28.36 0.13 1.66
CA ASN B 292 28.35 1.58 1.64
C ASN B 292 28.59 2.16 3.03
N LYS B 293 29.29 3.31 3.04
CA LYS B 293 29.64 3.97 4.28
C LYS B 293 28.45 4.16 5.21
N ARG B 294 27.26 4.38 4.62
CA ARG B 294 26.10 4.73 5.44
C ARG B 294 25.81 3.65 6.47
N TYR B 295 26.11 2.38 6.16
CA TYR B 295 25.89 1.30 7.11
C TYR B 295 27.19 0.60 7.52
N LYS B 296 28.33 1.30 7.41
CA LYS B 296 29.59 0.76 7.94
C LYS B 296 29.67 0.97 9.44
N THR B 297 29.50 2.21 9.88
CA THR B 297 29.51 2.57 11.29
C THR B 297 28.24 3.34 11.60
N ALA B 298 27.95 3.47 12.91
CA ALA B 298 26.68 4.02 13.33
C ALA B 298 26.54 5.48 12.93
N VAL B 299 27.50 6.33 13.30
CA VAL B 299 27.42 7.76 13.06
C VAL B 299 28.68 8.19 12.30
N ASN B 300 28.51 8.80 11.13
CA ASN B 300 29.63 9.32 10.34
C ASN B 300 29.08 10.38 9.40
N ASP B 301 29.97 11.00 8.61
CA ASP B 301 29.57 12.22 7.92
C ASP B 301 28.85 11.99 6.59
N VAL B 302 28.40 10.78 6.28
CA VAL B 302 27.36 10.61 5.27
C VAL B 302 26.02 10.26 5.88
N ASN B 303 25.99 9.87 7.16
CA ASN B 303 24.77 9.37 7.76
C ASN B 303 24.40 9.97 9.11
N SER B 304 25.09 11.00 9.58
CA SER B 304 24.73 11.56 10.88
C SER B 304 23.53 12.49 10.76
N ARG B 305 22.74 12.58 11.83
CA ARG B 305 21.52 13.37 11.75
C ARG B 305 21.83 14.84 11.49
N ILE B 306 21.09 15.43 10.56
CA ILE B 306 21.17 16.86 10.26
C ILE B 306 20.21 17.59 11.19
N GLN B 307 20.73 18.53 11.98
CA GLN B 307 19.99 19.24 13.01
C GLN B 307 20.09 20.74 12.78
N ALA B 308 19.07 21.47 13.25
CA ALA B 308 18.96 22.92 12.98
C ALA B 308 20.24 23.70 13.31
C2 AHD C . -17.32 -6.32 -4.22
C3 AHD C . -16.05 -5.49 -4.44
C7 AHD C . -17.22 -7.61 -5.01
C8 AHD C . -16.77 -8.73 -4.08
O12 AHD C . -19.38 -9.57 -3.98
P9 AHD C . -17.98 -10.12 -4.17
O10 AHD C . -17.74 -11.15 -3.10
O11 AHD C . -17.82 -10.76 -5.53
P14 AHD C . -15.08 -9.34 -4.54
O15 AHD C . -14.88 -9.46 -6.03
O16 AHD C . -14.93 -10.67 -3.83
O17 AHD C . -14.10 -8.34 -3.98
O13 AHD C . -16.66 -8.29 -2.76
N4 AHD C . -16.39 -4.29 -5.18
MG MG D . -16.49 -10.52 -6.83
MG MG E . -16.05 -11.86 -2.38
MG MG F . -13.08 -7.40 -6.40
C2 AHD G . 15.08 5.39 3.55
C3 AHD G . 15.05 6.57 2.57
C7 AHD G . 16.03 5.71 4.72
C8 AHD G . 16.16 4.52 5.66
O12 AHD G . 18.87 4.73 5.77
P9 AHD G . 17.70 4.65 6.68
O10 AHD G . 17.71 3.43 7.56
O11 AHD G . 17.60 5.91 7.49
P14 AHD G . 14.73 4.52 6.83
O15 AHD G . 14.65 5.89 7.42
O16 AHD G . 14.89 3.50 7.91
O17 AHD G . 13.51 4.14 6.01
O13 AHD G . 16.14 3.29 4.99
N4 AHD G . 14.04 6.32 1.56
MG MG H . 15.98 7.12 8.09
MG MG I . 12.63 7.27 7.58
MG MG J . 15.90 1.56 9.15
N SER A 16 -17.28 -27.50 -1.63
CA SER A 16 -17.01 -26.73 -0.46
C SER A 16 -18.04 -25.64 -0.19
N SER A 17 -18.45 -25.50 1.07
CA SER A 17 -19.49 -24.57 1.48
C SER A 17 -19.32 -24.27 2.97
N VAL A 18 -19.43 -22.99 3.29
CA VAL A 18 -19.35 -22.50 4.67
C VAL A 18 -20.74 -22.31 5.28
N ARG A 19 -21.80 -22.73 4.56
CA ARG A 19 -23.14 -22.62 5.13
C ARG A 19 -23.30 -23.40 6.44
N PRO A 20 -22.74 -24.61 6.61
CA PRO A 20 -22.84 -25.25 7.94
C PRO A 20 -22.17 -24.45 9.04
N TYR A 21 -21.40 -23.43 8.68
CA TYR A 21 -20.72 -22.60 9.67
C TYR A 21 -21.34 -21.22 9.85
N LEU A 22 -22.44 -20.90 9.17
CA LEU A 22 -22.86 -19.50 9.08
C LEU A 22 -23.40 -19.00 10.41
N GLU A 23 -24.27 -19.77 11.04
CA GLU A 23 -24.86 -19.31 12.30
C GLU A 23 -23.78 -18.98 13.32
N GLU A 24 -22.87 -19.91 13.56
CA GLU A 24 -21.86 -19.71 14.59
C GLU A 24 -20.94 -18.54 14.25
N CYS A 25 -20.48 -18.47 13.00
CA CYS A 25 -19.50 -17.45 12.65
C CYS A 25 -20.12 -16.05 12.63
N THR A 26 -21.39 -15.95 12.22
CA THR A 26 -22.08 -14.67 12.31
C THR A 26 -22.12 -14.16 13.74
N ARG A 27 -22.50 -15.02 14.67
CA ARG A 27 -22.48 -14.62 16.08
C ARG A 27 -21.09 -14.22 16.54
N ARG A 28 -20.07 -14.99 16.13
CA ARG A 28 -18.73 -14.72 16.61
C ARG A 28 -18.19 -13.43 16.03
N PHE A 29 -18.46 -13.16 14.75
CA PHE A 29 -18.19 -11.83 14.19
C PHE A 29 -18.86 -10.75 15.03
N GLN A 30 -20.17 -10.90 15.28
CA GLN A 30 -20.94 -9.87 15.98
C GLN A 30 -20.42 -9.66 17.39
N GLU A 31 -20.14 -10.76 18.10
CA GLU A 31 -19.54 -10.65 19.43
C GLU A 31 -18.27 -9.80 19.36
N MET A 32 -17.41 -10.08 18.36
CA MET A 32 -16.17 -9.35 18.22
C MET A 32 -16.41 -7.87 17.96
N PHE A 33 -17.34 -7.54 17.07
CA PHE A 33 -17.65 -6.13 16.83
C PHE A 33 -18.23 -5.47 18.07
N ASP A 34 -19.23 -6.10 18.69
CA ASP A 34 -19.82 -5.53 19.89
C ASP A 34 -18.76 -5.20 20.95
N ARG A 35 -17.65 -5.93 20.99
CA ARG A 35 -16.71 -5.69 22.07
C ARG A 35 -15.57 -4.76 21.69
N HIS A 36 -15.08 -4.85 20.45
CA HIS A 36 -13.90 -4.09 20.03
C HIS A 36 -14.23 -2.81 19.28
N VAL A 37 -15.43 -2.67 18.73
CA VAL A 37 -15.83 -1.48 18.00
C VAL A 37 -16.92 -0.73 18.75
N VAL A 38 -18.01 -1.43 19.11
CA VAL A 38 -19.04 -0.99 20.05
C VAL A 38 -20.04 -0.10 19.32
N THR A 39 -19.65 1.14 19.05
CA THR A 39 -20.45 2.09 18.27
C THR A 39 -20.95 1.50 16.97
N ARG A 40 -22.26 1.27 16.89
CA ARG A 40 -22.88 0.63 15.74
C ARG A 40 -23.10 1.59 14.58
N PRO A 41 -22.81 1.16 13.36
CA PRO A 41 -23.08 2.00 12.19
C PRO A 41 -24.56 2.32 12.06
N THR A 42 -24.88 3.35 11.29
CA THR A 42 -26.26 3.65 10.94
C THR A 42 -26.36 3.89 9.43
N LYS A 43 -27.51 3.47 8.85
CA LYS A 43 -27.71 3.50 7.41
C LYS A 43 -28.11 4.91 6.96
N VAL A 44 -27.56 5.33 5.84
CA VAL A 44 -27.87 6.64 5.28
C VAL A 44 -29.12 6.52 4.43
N GLU A 45 -30.05 7.46 4.57
CA GLU A 45 -31.21 7.55 3.70
C GLU A 45 -31.01 8.62 2.67
N LEU A 46 -30.92 8.23 1.41
CA LEU A 46 -30.94 9.20 0.32
C LEU A 46 -32.39 9.64 0.09
N THR A 47 -32.57 10.95 -0.02
CA THR A 47 -33.88 11.49 -0.32
C THR A 47 -34.17 11.26 -1.79
N ASP A 48 -35.29 11.83 -2.26
CA ASP A 48 -35.81 11.50 -3.59
C ASP A 48 -34.99 12.13 -4.71
N ALA A 49 -34.44 13.32 -4.46
CA ALA A 49 -33.53 13.94 -5.41
C ALA A 49 -32.15 13.30 -5.35
N GLU A 50 -31.68 13.03 -4.13
CA GLU A 50 -30.40 12.36 -3.95
C GLU A 50 -30.33 11.08 -4.77
N LEU A 51 -31.29 10.19 -4.58
CA LEU A 51 -31.20 8.85 -5.14
C LEU A 51 -31.21 8.87 -6.66
N ARG A 52 -32.20 9.56 -7.25
CA ARG A 52 -32.33 9.56 -8.71
C ARG A 52 -31.15 10.21 -9.38
N GLU A 53 -30.45 11.10 -8.69
CA GLU A 53 -29.14 11.53 -9.15
C GLU A 53 -28.25 10.33 -9.40
N VAL A 54 -28.12 9.46 -8.38
CA VAL A 54 -27.18 8.34 -8.42
C VAL A 54 -27.57 7.34 -9.50
N ILE A 55 -28.83 6.90 -9.50
CA ILE A 55 -29.18 5.76 -10.35
C ILE A 55 -29.16 6.12 -11.83
N ASP A 56 -29.53 7.34 -12.18
CA ASP A 56 -29.40 7.74 -13.57
C ASP A 56 -27.93 7.69 -14.00
N ASP A 57 -27.04 8.17 -13.13
CA ASP A 57 -25.61 8.12 -13.44
C ASP A 57 -25.11 6.69 -13.60
N CYS A 58 -25.57 5.77 -12.74
CA CYS A 58 -25.19 4.37 -12.88
C CYS A 58 -25.61 3.81 -14.24
N ASN A 59 -26.89 3.98 -14.59
CA ASN A 59 -27.39 3.41 -15.83
C ASN A 59 -26.61 3.92 -17.04
N ALA A 60 -26.30 5.22 -17.06
CA ALA A 60 -25.56 5.76 -18.19
C ALA A 60 -24.11 5.23 -18.25
N ALA A 61 -23.49 4.91 -17.11
CA ALA A 61 -22.10 4.47 -17.14
C ALA A 61 -21.97 3.05 -17.69
N VAL A 62 -22.94 2.17 -17.41
CA VAL A 62 -22.84 0.80 -17.87
C VAL A 62 -23.40 0.65 -19.28
N ALA A 63 -24.37 1.49 -19.65
CA ALA A 63 -25.01 1.43 -20.97
C ALA A 63 -24.05 1.25 -22.13
N PRO A 64 -22.98 2.02 -22.28
CA PRO A 64 -22.10 1.82 -23.45
C PRO A 64 -21.48 0.45 -23.52
N LEU A 65 -21.44 -0.30 -22.42
CA LEU A 65 -20.91 -1.65 -22.42
C LEU A 65 -21.89 -2.66 -23.01
N GLY A 66 -23.18 -2.32 -23.10
CA GLY A 66 -24.18 -3.17 -23.72
C GLY A 66 -25.09 -3.91 -22.77
N LYS A 67 -24.87 -3.81 -21.46
CA LYS A 67 -25.60 -4.60 -20.48
C LYS A 67 -26.52 -3.71 -19.66
N THR A 68 -27.72 -4.22 -19.40
CA THR A 68 -28.69 -3.61 -18.50
C THR A 68 -28.50 -4.20 -17.11
N VAL A 69 -28.78 -3.40 -16.10
CA VAL A 69 -28.59 -3.85 -14.73
C VAL A 69 -29.93 -3.75 -14.02
N SER A 70 -30.39 -4.88 -13.50
CA SER A 70 -31.66 -4.92 -12.78
C SER A 70 -31.69 -3.86 -11.69
N ASP A 71 -32.89 -3.29 -11.48
CA ASP A 71 -33.11 -2.33 -10.40
C ASP A 71 -32.77 -2.92 -9.05
N GLU A 72 -33.02 -4.21 -8.88
CA GLU A 72 -32.70 -4.88 -7.61
C GLU A 72 -31.20 -4.97 -7.42
N ARG A 73 -30.45 -5.08 -8.53
CA ARG A 73 -29.00 -5.27 -8.46
C ARG A 73 -28.28 -3.96 -8.20
N TRP A 74 -28.82 -2.84 -8.73
CA TRP A 74 -28.31 -1.53 -8.32
C TRP A 74 -28.52 -1.31 -6.82
N ILE A 75 -29.71 -1.64 -6.32
CA ILE A 75 -30.02 -1.30 -4.93
C ILE A 75 -29.29 -2.22 -3.96
N SER A 76 -29.03 -3.46 -4.37
CA SER A 76 -28.13 -4.35 -3.64
C SER A 76 -26.72 -3.76 -3.56
N TYR A 77 -26.21 -3.25 -4.68
CA TYR A 77 -24.86 -2.66 -4.71
C TYR A 77 -24.75 -1.48 -3.76
N VAL A 78 -25.67 -0.52 -3.87
CA VAL A 78 -25.53 0.73 -3.13
C VAL A 78 -25.70 0.56 -1.63
N GLY A 79 -26.18 -0.61 -1.19
CA GLY A 79 -26.31 -0.83 0.24
C GLY A 79 -25.01 -0.63 1.00
N VAL A 80 -23.90 -1.13 0.45
CA VAL A 80 -22.64 -1.03 1.18
C VAL A 80 -22.23 0.43 1.40
N VAL A 81 -22.54 1.32 0.47
CA VAL A 81 -22.17 2.71 0.67
C VAL A 81 -23.12 3.39 1.64
N LEU A 82 -24.40 3.04 1.62
CA LEU A 82 -25.32 3.65 2.56
C LEU A 82 -24.97 3.30 4.00
N TRP A 83 -24.47 2.10 4.24
CA TRP A 83 -24.21 1.60 5.59
C TRP A 83 -22.81 1.87 6.11
N SER A 84 -21.80 2.01 5.24
CA SER A 84 -20.41 1.86 5.66
C SER A 84 -19.63 3.17 5.63
N GLN A 85 -20.29 4.28 5.36
CA GLN A 85 -19.64 5.57 5.53
C GLN A 85 -19.79 5.96 6.99
N SER A 86 -19.46 7.20 7.35
CA SER A 86 -19.49 7.65 8.74
C SER A 86 -20.48 8.80 8.83
N PRO A 87 -21.77 8.50 8.97
CA PRO A 87 -22.80 9.54 8.72
C PRO A 87 -22.75 10.71 9.68
N ARG A 88 -21.93 10.66 10.73
CA ARG A 88 -21.76 11.85 11.54
C ARG A 88 -20.88 12.88 10.85
N HIS A 89 -19.62 12.53 10.63
CA HIS A 89 -18.60 13.44 10.11
C HIS A 89 -18.81 13.88 8.66
N ILE A 90 -19.92 13.50 8.01
CA ILE A 90 -20.10 13.87 6.61
C ILE A 90 -20.18 15.39 6.48
N LYS A 91 -19.24 15.98 5.75
CA LYS A 91 -19.19 17.43 5.54
C LYS A 91 -19.53 17.87 4.11
N ASP A 92 -19.46 16.98 3.11
CA ASP A 92 -19.63 17.34 1.70
C ASP A 92 -20.48 16.25 1.05
N MET A 93 -21.78 16.48 0.96
CA MET A 93 -22.70 15.46 0.46
C MET A 93 -22.64 15.26 -1.03
N GLU A 94 -22.07 16.19 -1.79
CA GLU A 94 -21.83 15.94 -3.21
C GLU A 94 -20.73 14.91 -3.40
N ALA A 95 -19.66 15.02 -2.60
CA ALA A 95 -18.66 13.96 -2.57
C ALA A 95 -19.32 12.65 -2.19
N PHE A 96 -20.29 12.69 -1.27
CA PHE A 96 -20.92 11.45 -0.83
C PHE A 96 -21.62 10.75 -2.00
N LYS A 97 -22.28 11.53 -2.85
CA LYS A 97 -23.00 10.94 -3.97
C LYS A 97 -22.05 10.44 -5.04
N ALA A 98 -20.93 11.16 -5.24
CA ALA A 98 -19.88 10.67 -6.12
C ALA A 98 -19.47 9.25 -5.74
N VAL A 99 -19.20 9.02 -4.46
CA VAL A 99 -18.78 7.70 -4.03
C VAL A 99 -19.90 6.69 -4.21
N CYS A 100 -21.14 7.10 -3.93
CA CYS A 100 -22.29 6.26 -4.27
C CYS A 100 -22.24 5.82 -5.73
N VAL A 101 -22.05 6.76 -6.65
CA VAL A 101 -22.03 6.41 -8.06
C VAL A 101 -20.80 5.57 -8.41
N LEU A 102 -19.61 6.06 -8.06
CA LEU A 102 -18.38 5.35 -8.40
C LEU A 102 -18.39 3.94 -7.83
N ASN A 103 -18.85 3.77 -6.60
CA ASN A 103 -18.86 2.41 -6.05
C ASN A 103 -19.93 1.56 -6.72
N CYS A 104 -21.05 2.15 -7.11
CA CYS A 104 -22.08 1.35 -7.77
C CYS A 104 -21.60 0.85 -9.13
N VAL A 105 -21.02 1.74 -9.96
CA VAL A 105 -20.65 1.35 -11.32
C VAL A 105 -19.45 0.42 -11.31
N THR A 106 -18.57 0.61 -10.32
CA THR A 106 -17.49 -0.32 -9.99
C THR A 106 -18.02 -1.72 -9.72
N PHE A 107 -19.10 -1.79 -8.96
CA PHE A 107 -19.67 -3.07 -8.56
C PHE A 107 -20.11 -3.87 -9.77
N VAL A 108 -20.74 -3.21 -10.77
CA VAL A 108 -21.16 -3.93 -11.97
C VAL A 108 -19.96 -4.47 -12.72
N TRP A 109 -18.89 -3.68 -12.78
CA TRP A 109 -17.69 -4.12 -13.48
C TRP A 109 -17.09 -5.35 -12.82
N ASP A 110 -17.10 -5.41 -11.48
CA ASP A 110 -16.63 -6.61 -10.82
C ASP A 110 -17.51 -7.81 -11.14
N ASP A 111 -18.81 -7.58 -11.35
CA ASP A 111 -19.73 -8.67 -11.60
C ASP A 111 -19.78 -9.10 -13.07
N MET A 112 -19.11 -8.39 -13.97
CA MET A 112 -19.21 -8.61 -15.41
C MET A 112 -18.12 -9.54 -15.94
N ASP A 113 -18.52 -10.43 -16.84
CA ASP A 113 -17.59 -11.27 -17.57
C ASP A 113 -16.64 -10.42 -18.40
N PRO A 114 -15.35 -10.77 -18.45
CA PRO A 114 -14.35 -9.84 -19.01
C PRO A 114 -14.65 -9.34 -20.42
N ALA A 115 -15.45 -10.06 -21.22
CA ALA A 115 -15.82 -9.55 -22.53
C ALA A 115 -16.45 -8.17 -22.41
N LEU A 116 -17.56 -8.06 -21.66
CA LEU A 116 -18.23 -6.81 -21.36
C LEU A 116 -17.27 -5.67 -21.00
N HIS A 117 -16.07 -6.00 -20.49
CA HIS A 117 -15.07 -4.99 -20.17
C HIS A 117 -14.55 -4.32 -21.44
N ASP A 118 -14.80 -3.03 -21.57
CA ASP A 118 -14.19 -2.22 -22.63
C ASP A 118 -13.72 -0.90 -22.03
N PHE A 119 -12.43 -0.64 -22.14
CA PHE A 119 -11.85 0.54 -21.51
C PHE A 119 -12.11 1.81 -22.31
N GLY A 120 -12.07 1.71 -23.63
CA GLY A 120 -12.35 2.89 -24.45
C GLY A 120 -13.70 3.51 -24.15
N LEU A 121 -14.67 2.70 -23.74
CA LEU A 121 -16.01 3.16 -23.45
C LEU A 121 -16.30 3.44 -21.98
N PHE A 122 -15.76 2.63 -21.05
CA PHE A 122 -16.16 2.80 -19.66
C PHE A 122 -15.30 3.84 -18.94
N LEU A 123 -13.99 3.85 -19.20
CA LEU A 123 -13.12 4.88 -18.64
C LEU A 123 -13.64 6.29 -18.84
N PRO A 124 -14.13 6.71 -20.01
CA PRO A 124 -14.73 8.05 -20.11
C PRO A 124 -15.93 8.23 -19.18
N GLN A 125 -16.74 7.21 -18.98
CA GLN A 125 -17.88 7.34 -18.07
C GLN A 125 -17.40 7.55 -16.64
N LEU A 126 -16.33 6.87 -16.24
CA LEU A 126 -15.76 7.10 -14.91
C LEU A 126 -15.29 8.53 -14.77
N ARG A 127 -14.57 9.03 -15.79
CA ARG A 127 -14.09 10.41 -15.74
C ARG A 127 -15.24 11.39 -15.61
N LYS A 128 -16.36 11.13 -16.31
CA LYS A 128 -17.52 12.00 -16.28
C LYS A 128 -18.12 12.09 -14.88
N ILE A 129 -18.30 10.94 -14.24
CA ILE A 129 -18.83 10.90 -12.88
C ILE A 129 -17.95 11.71 -11.92
N CYS A 130 -16.64 11.42 -11.91
CA CYS A 130 -15.71 12.16 -11.06
C CYS A 130 -15.70 13.64 -11.40
N GLU A 131 -15.72 13.99 -12.69
CA GLU A 131 -15.69 15.39 -13.07
C GLU A 131 -16.96 16.13 -12.65
N LYS A 132 -18.06 15.41 -12.42
CA LYS A 132 -19.31 16.07 -12.04
C LYS A 132 -19.29 16.49 -10.57
N TYR A 133 -19.06 15.53 -9.66
CA TYR A 133 -19.24 15.75 -8.23
C TYR A 133 -17.98 16.24 -7.51
N TYR A 134 -16.81 16.20 -8.15
CA TYR A 134 -15.57 16.58 -7.51
C TYR A 134 -14.98 17.81 -8.21
N GLY A 135 -14.24 18.61 -7.45
CA GLY A 135 -13.42 19.64 -8.05
C GLY A 135 -12.24 19.02 -8.81
N PRO A 136 -11.36 19.87 -9.35
CA PRO A 136 -10.23 19.35 -10.15
C PRO A 136 -9.36 18.31 -9.46
N GLU A 137 -8.81 18.62 -8.27
CA GLU A 137 -7.81 17.74 -7.67
C GLU A 137 -8.43 16.40 -7.27
N ASP A 138 -9.54 16.46 -6.52
CA ASP A 138 -10.20 15.25 -6.07
C ASP A 138 -10.70 14.40 -7.24
N ALA A 139 -11.16 15.03 -8.31
CA ALA A 139 -11.61 14.26 -9.46
C ALA A 139 -10.47 13.43 -10.02
N GLU A 140 -9.27 14.00 -10.10
CA GLU A 140 -8.12 13.25 -10.58
C GLU A 140 -7.79 12.08 -9.68
N VAL A 141 -7.85 12.28 -8.36
CA VAL A 141 -7.50 11.20 -7.44
C VAL A 141 -8.54 10.11 -7.50
N ALA A 142 -9.83 10.48 -7.46
CA ALA A 142 -10.90 9.50 -7.59
C ALA A 142 -10.80 8.73 -8.90
N TYR A 143 -10.60 9.44 -10.01
CA TYR A 143 -10.58 8.77 -11.32
C TYR A 143 -9.38 7.83 -11.45
N GLU A 144 -8.18 8.28 -11.06
CA GLU A 144 -7.02 7.39 -11.10
C GLU A 144 -7.27 6.10 -10.33
N ALA A 145 -7.88 6.20 -9.15
CA ALA A 145 -8.14 5.00 -8.36
C ALA A 145 -9.23 4.13 -8.96
N ALA A 146 -10.22 4.74 -9.61
CA ALA A 146 -11.21 3.97 -10.36
C ALA A 146 -10.56 3.22 -11.52
N ARG A 147 -9.76 3.94 -12.32
CA ARG A 147 -9.01 3.31 -13.41
C ARG A 147 -8.16 2.16 -12.90
N ALA A 148 -7.44 2.37 -11.80
CA ALA A 148 -6.54 1.34 -11.27
C ALA A 148 -7.32 0.10 -10.84
N PHE A 149 -8.47 0.28 -10.21
CA PHE A 149 -9.25 -0.88 -9.77
C PHE A 149 -9.80 -1.69 -10.96
N VAL A 150 -10.40 -1.02 -11.93
CA VAL A 150 -11.02 -1.79 -13.01
C VAL A 150 -9.94 -2.45 -13.87
N THR A 151 -8.81 -1.77 -14.09
CA THR A 151 -7.67 -2.37 -14.76
C THR A 151 -7.14 -3.58 -14.00
N SER A 152 -7.04 -3.47 -12.68
CA SER A 152 -6.56 -4.59 -11.88
C SER A 152 -7.49 -5.79 -12.00
N ASP A 153 -8.80 -5.57 -11.82
CA ASP A 153 -9.76 -6.66 -11.96
C ASP A 153 -9.61 -7.36 -13.32
N HIS A 154 -9.40 -6.58 -14.38
CA HIS A 154 -9.31 -7.14 -15.73
C HIS A 154 -8.03 -7.93 -15.92
N MET A 155 -6.87 -7.34 -15.60
CA MET A 155 -5.62 -7.99 -15.97
C MET A 155 -5.30 -9.18 -15.05
N PHE A 156 -6.02 -9.34 -13.95
CA PHE A 156 -5.78 -10.49 -13.09
C PHE A 156 -6.71 -11.68 -13.33
N ARG A 157 -7.55 -11.64 -14.36
CA ARG A 157 -8.32 -12.83 -14.69
C ARG A 157 -7.39 -14.00 -14.98
N ASP A 158 -7.60 -15.10 -14.25
CA ASP A 158 -6.70 -16.26 -14.23
C ASP A 158 -5.25 -15.90 -14.55
N SER A 159 -4.73 -14.88 -13.83
CA SER A 159 -3.34 -14.41 -13.90
C SER A 159 -2.47 -15.27 -13.03
N PRO A 160 -1.24 -15.63 -13.44
CA PRO A 160 -0.40 -16.46 -12.56
C PRO A 160 -0.06 -15.76 -11.27
N ILE A 161 -0.01 -14.42 -11.30
CA ILE A 161 0.21 -13.64 -10.09
C ILE A 161 -0.94 -13.87 -9.11
N LYS A 162 -2.17 -13.83 -9.62
CA LYS A 162 -3.30 -13.99 -8.71
C LYS A 162 -3.33 -15.38 -8.10
N ALA A 163 -2.99 -16.40 -8.91
CA ALA A 163 -2.88 -17.75 -8.39
C ALA A 163 -1.82 -17.83 -7.28
N ALA A 164 -0.63 -17.31 -7.55
CA ALA A 164 0.45 -17.38 -6.57
C ALA A 164 0.08 -16.65 -5.29
N LEU A 165 -0.51 -15.46 -5.40
CA LEU A 165 -0.77 -14.63 -4.23
C LEU A 165 -1.95 -15.13 -3.40
N CYS A 166 -2.92 -15.79 -4.03
CA CYS A 166 -4.10 -16.28 -3.33
C CYS A 166 -4.03 -17.77 -3.02
N THR A 167 -2.88 -18.42 -3.20
CA THR A 167 -2.76 -19.80 -2.79
C THR A 167 -1.58 -20.05 -1.87
N THR A 168 -0.79 -19.02 -1.54
CA THR A 168 0.42 -19.31 -0.78
C THR A 168 0.22 -19.17 0.72
N SER A 169 -0.41 -18.09 1.16
CA SER A 169 -0.59 -17.80 2.59
C SER A 169 -1.52 -16.61 2.72
N PRO A 170 -2.18 -16.45 3.89
CA PRO A 170 -2.91 -15.20 4.18
C PRO A 170 -2.12 -13.95 3.84
N GLU A 171 -0.83 -13.96 4.17
CA GLU A 171 0.09 -12.87 3.89
C GLU A 171 -0.03 -12.34 2.48
N GLN A 172 0.35 -13.17 1.50
CA GLN A 172 0.33 -12.73 0.12
C GLN A 172 -1.08 -12.38 -0.29
N TYR A 173 -2.05 -13.14 0.20
CA TYR A 173 -3.43 -12.96 -0.22
C TYR A 173 -3.95 -11.58 0.14
N PHE A 174 -3.85 -11.18 1.41
CA PHE A 174 -4.38 -9.89 1.80
C PHE A 174 -3.61 -8.76 1.12
N ARG A 175 -2.34 -8.98 0.83
CA ARG A 175 -1.58 -7.99 0.06
C ARG A 175 -2.22 -7.73 -1.31
N PHE A 176 -2.67 -8.79 -1.98
CA PHE A 176 -3.38 -8.61 -3.24
C PHE A 176 -4.70 -7.88 -3.02
N ARG A 177 -5.41 -8.21 -1.95
CA ARG A 177 -6.75 -7.68 -1.71
C ARG A 177 -6.78 -6.18 -1.42
N VAL A 178 -5.68 -5.61 -0.91
CA VAL A 178 -5.63 -4.16 -0.70
C VAL A 178 -6.14 -3.42 -1.93
N THR A 179 -5.65 -3.81 -3.11
CA THR A 179 -6.20 -3.27 -4.35
C THR A 179 -7.45 -4.00 -4.76
N ASP A 180 -7.43 -5.33 -4.72
CA ASP A 180 -8.39 -6.08 -5.53
C ASP A 180 -9.79 -6.04 -4.93
N ILE A 181 -9.92 -5.94 -3.60
CA ILE A 181 -11.26 -5.83 -3.03
C ILE A 181 -11.84 -4.44 -3.27
N GLY A 182 -11.00 -3.46 -3.59
CA GLY A 182 -11.48 -2.13 -3.85
C GLY A 182 -11.35 -1.14 -2.71
N VAL A 183 -10.72 -1.52 -1.59
CA VAL A 183 -10.67 -0.62 -0.44
C VAL A 183 -9.75 0.56 -0.71
N ASP A 184 -8.66 0.38 -1.47
CA ASP A 184 -7.81 1.52 -1.77
C ASP A 184 -8.57 2.54 -2.61
N PHE A 185 -9.33 2.06 -3.59
CA PHE A 185 -10.23 2.90 -4.39
C PHE A 185 -11.23 3.62 -3.49
N TRP A 186 -11.87 2.87 -2.60
CA TRP A 186 -12.86 3.44 -1.67
C TRP A 186 -12.31 4.64 -0.92
N MET A 187 -11.12 4.50 -0.34
CA MET A 187 -10.57 5.58 0.46
C MET A 187 -10.25 6.81 -0.39
N LYS A 188 -9.74 6.60 -1.60
CA LYS A 188 -9.32 7.70 -2.44
C LYS A 188 -10.50 8.40 -3.12
N MET A 189 -11.67 7.76 -3.17
CA MET A 189 -12.86 8.46 -3.59
C MET A 189 -13.66 9.04 -2.43
N SER A 190 -13.57 8.45 -1.24
CA SER A 190 -14.40 8.82 -0.09
C SER A 190 -13.84 9.95 0.74
N TYR A 191 -12.54 10.25 0.69
CA TYR A 191 -12.02 11.30 1.56
C TYR A 191 -12.61 12.68 1.26
N PRO A 192 -13.02 13.03 0.04
CA PRO A 192 -13.75 14.30 -0.12
C PRO A 192 -15.05 14.36 0.68
N ILE A 193 -15.64 13.21 1.02
CA ILE A 193 -16.89 13.22 1.79
C ILE A 193 -16.72 13.93 3.12
N TYR A 194 -15.56 13.78 3.76
CA TYR A 194 -15.37 14.21 5.13
C TYR A 194 -14.53 15.47 5.27
N ARG A 195 -13.70 15.79 4.27
CA ARG A 195 -12.73 16.88 4.38
C ARG A 195 -12.11 16.85 5.77
N HIS A 196 -11.46 15.73 6.09
CA HIS A 196 -10.72 15.56 7.34
C HIS A 196 -9.24 15.45 7.01
N PRO A 197 -8.46 16.50 7.25
CA PRO A 197 -7.08 16.56 6.73
C PRO A 197 -6.19 15.35 7.01
N GLU A 198 -6.27 14.73 8.19
CA GLU A 198 -5.44 13.56 8.42
C GLU A 198 -5.97 12.36 7.66
N PHE A 199 -7.30 12.23 7.57
CA PHE A 199 -7.88 11.11 6.83
C PHE A 199 -7.54 11.19 5.34
N THR A 200 -7.44 12.40 4.81
CA THR A 200 -7.06 12.57 3.41
C THR A 200 -5.66 12.03 3.18
N GLU A 201 -4.72 12.32 4.10
CA GLU A 201 -3.36 11.86 3.93
C GLU A 201 -3.25 10.34 4.08
N HIS A 202 -3.93 9.76 5.09
CA HIS A 202 -4.00 8.30 5.20
C HIS A 202 -4.60 7.66 3.95
N ALA A 203 -5.61 8.30 3.35
CA ALA A 203 -6.19 7.76 2.13
C ALA A 203 -5.17 7.77 0.99
N LYS A 204 -4.40 8.86 0.88
CA LYS A 204 -3.48 9.05 -0.23
C LYS A 204 -2.19 8.24 -0.08
N THR A 205 -1.75 7.94 1.15
CA THR A 205 -0.65 6.99 1.32
C THR A 205 -1.09 5.54 1.14
N SER A 206 -2.40 5.29 1.14
CA SER A 206 -3.03 3.97 1.22
C SER A 206 -2.86 3.30 2.57
N LEU A 207 -2.28 4.00 3.57
CA LEU A 207 -2.29 3.44 4.91
C LEU A 207 -3.72 3.14 5.35
N ALA A 208 -4.67 4.02 4.97
CA ALA A 208 -6.06 3.79 5.32
C ALA A 208 -6.56 2.46 4.78
N ALA A 209 -6.32 2.21 3.48
CA ALA A 209 -6.73 0.94 2.90
C ALA A 209 -6.04 -0.22 3.59
N ARG A 210 -4.75 -0.08 3.89
CA ARG A 210 -4.01 -1.19 4.47
C ARG A 210 -4.55 -1.53 5.86
N MET A 211 -4.90 -0.50 6.66
CA MET A 211 -5.44 -0.75 7.99
C MET A 211 -6.76 -1.52 7.93
N THR A 212 -7.55 -1.29 6.88
CA THR A 212 -8.91 -1.82 6.83
C THR A 212 -9.08 -3.04 5.95
N THR A 213 -8.02 -3.49 5.26
CA THR A 213 -8.19 -4.54 4.25
C THR A 213 -8.69 -5.83 4.87
N ARG A 214 -8.05 -6.29 5.95
CA ARG A 214 -8.40 -7.61 6.47
C ARG A 214 -9.79 -7.63 7.05
N GLY A 215 -10.19 -6.57 7.76
CA GLY A 215 -11.53 -6.54 8.32
C GLY A 215 -12.62 -6.64 7.26
N LEU A 216 -12.42 -5.96 6.13
CA LEU A 216 -13.38 -5.98 5.04
C LEU A 216 -13.36 -7.31 4.30
N THR A 217 -12.15 -7.81 4.01
CA THR A 217 -11.98 -8.96 3.12
C THR A 217 -12.35 -10.26 3.81
N ILE A 218 -12.01 -10.40 5.09
CA ILE A 218 -12.33 -11.64 5.80
C ILE A 218 -13.85 -11.85 5.83
N VAL A 219 -14.59 -10.79 6.15
CA VAL A 219 -16.06 -10.87 6.18
C VAL A 219 -16.60 -11.19 4.79
N ASN A 220 -16.20 -10.41 3.78
CA ASN A 220 -16.67 -10.66 2.42
C ASN A 220 -16.34 -12.06 1.94
N ASP A 221 -15.11 -12.52 2.18
CA ASP A 221 -14.74 -13.86 1.75
C ASP A 221 -15.63 -14.91 2.38
N PHE A 222 -16.00 -14.75 3.65
CA PHE A 222 -16.80 -15.78 4.27
C PHE A 222 -18.17 -15.89 3.62
N TYR A 223 -18.77 -14.76 3.26
CA TYR A 223 -20.15 -14.78 2.80
C TYR A 223 -20.28 -14.91 1.29
N SER A 224 -19.18 -14.80 0.55
CA SER A 224 -19.21 -15.04 -0.88
C SER A 224 -18.42 -16.28 -1.29
N TYR A 225 -17.99 -17.10 -0.31
CA TYR A 225 -17.24 -18.31 -0.63
C TYR A 225 -18.05 -19.25 -1.51
N ASP A 226 -19.30 -19.53 -1.15
CA ASP A 226 -20.09 -20.53 -1.87
C ASP A 226 -20.23 -20.19 -3.34
N ARG A 227 -20.47 -18.91 -3.66
CA ARG A 227 -20.56 -18.51 -5.06
C ARG A 227 -19.22 -18.68 -5.77
N GLU A 228 -18.15 -18.11 -5.20
CA GLU A 228 -16.90 -17.99 -5.93
C GLU A 228 -16.28 -19.35 -6.22
N VAL A 229 -16.52 -20.33 -5.34
CA VAL A 229 -16.00 -21.67 -5.57
C VAL A 229 -16.75 -22.34 -6.70
N SER A 230 -18.05 -22.11 -6.79
CA SER A 230 -18.86 -22.77 -7.81
C SER A 230 -18.54 -22.22 -9.20
N LEU A 231 -17.65 -21.23 -9.27
CA LEU A 231 -17.22 -20.70 -10.56
C LEU A 231 -15.73 -20.93 -10.79
N GLY A 232 -14.98 -21.31 -9.76
CA GLY A 232 -13.54 -21.43 -9.91
C GLY A 232 -12.81 -20.12 -9.85
N GLN A 233 -13.34 -19.16 -9.10
CA GLN A 233 -12.66 -17.92 -8.74
C GLN A 233 -11.81 -18.16 -7.51
N ILE A 234 -10.56 -17.68 -7.52
CA ILE A 234 -9.61 -18.03 -6.48
C ILE A 234 -9.52 -17.00 -5.36
N THR A 235 -10.08 -15.80 -5.54
CA THR A 235 -9.79 -14.68 -4.64
C THR A 235 -10.65 -14.78 -3.38
N ASN A 236 -10.23 -15.66 -2.47
CA ASN A 236 -10.99 -15.91 -1.23
C ASN A 236 -10.10 -16.62 -0.23
N CYS A 237 -9.79 -15.97 0.90
CA CYS A 237 -8.83 -16.52 1.85
C CYS A 237 -9.23 -17.90 2.35
N PHE A 238 -10.52 -18.22 2.40
CA PHE A 238 -10.90 -19.50 2.95
C PHE A 238 -10.59 -20.66 2.03
N ARG A 239 -10.19 -20.42 0.78
CA ARG A 239 -9.63 -21.51 -0.01
C ARG A 239 -8.26 -21.95 0.50
N LEU A 240 -7.63 -21.17 1.37
CA LEU A 240 -6.36 -21.55 1.97
C LEU A 240 -6.50 -22.57 3.10
N CYS A 241 -7.71 -22.82 3.60
CA CYS A 241 -7.90 -23.79 4.67
C CYS A 241 -8.68 -24.99 4.16
N ASP A 242 -8.47 -26.12 4.83
CA ASP A 242 -9.19 -27.35 4.46
C ASP A 242 -10.59 -27.22 5.05
N VAL A 243 -11.48 -26.56 4.30
CA VAL A 243 -12.82 -26.23 4.78
C VAL A 243 -13.65 -27.47 5.06
N SER A 244 -13.23 -28.63 4.52
CA SER A 244 -13.90 -29.88 4.84
C SER A 244 -13.43 -30.42 6.18
N ASP A 245 -12.23 -30.06 6.62
CA ASP A 245 -11.83 -30.36 7.98
C ASP A 245 -12.39 -29.28 8.91
N GLU A 246 -13.43 -29.63 9.68
CA GLU A 246 -14.05 -28.63 10.54
C GLU A 246 -13.12 -28.16 11.66
N THR A 247 -12.23 -29.03 12.13
CA THR A 247 -11.23 -28.64 13.11
C THR A 247 -10.27 -27.61 12.55
N ALA A 248 -9.65 -27.93 11.40
CA ALA A 248 -8.77 -26.96 10.75
C ALA A 248 -9.52 -25.68 10.39
N PHE A 249 -10.82 -25.79 10.14
CA PHE A 249 -11.61 -24.60 9.84
C PHE A 249 -11.75 -23.71 11.07
N LYS A 250 -12.01 -24.32 12.23
CA LYS A 250 -12.07 -23.55 13.47
C LYS A 250 -10.74 -22.85 13.72
N GLU A 251 -9.61 -23.55 13.50
CA GLU A 251 -8.28 -22.94 13.69
C GLU A 251 -8.11 -21.72 12.78
N PHE A 252 -8.34 -21.92 11.48
CA PHE A 252 -8.16 -20.86 10.51
C PHE A 252 -9.10 -19.70 10.78
N PHE A 253 -10.37 -20.00 11.07
CA PHE A 253 -11.32 -18.93 11.34
C PHE A 253 -10.95 -18.14 12.58
N GLN A 254 -10.42 -18.82 13.61
CA GLN A 254 -9.94 -18.08 14.77
C GLN A 254 -8.79 -17.14 14.40
N ALA A 255 -7.80 -17.63 13.64
CA ALA A 255 -6.66 -16.79 13.27
C ALA A 255 -7.10 -15.56 12.46
N ARG A 256 -8.09 -15.72 11.56
CA ARG A 256 -8.64 -14.55 10.86
C ARG A 256 -9.37 -13.61 11.81
N LEU A 257 -10.11 -14.16 12.77
CA LEU A 257 -10.70 -13.31 13.80
C LEU A 257 -9.63 -12.52 14.54
N ASP A 258 -8.53 -13.20 14.92
CA ASP A 258 -7.43 -12.50 15.59
C ASP A 258 -6.86 -11.39 14.71
N ASP A 259 -6.75 -11.65 13.40
CA ASP A 259 -6.31 -10.63 12.47
C ASP A 259 -7.18 -9.37 12.59
N MET A 260 -8.51 -9.55 12.51
CA MET A 260 -9.44 -8.42 12.60
C MET A 260 -9.26 -7.66 13.89
N ILE A 261 -9.11 -8.36 15.01
CA ILE A 261 -9.00 -7.71 16.32
C ILE A 261 -7.73 -6.89 16.42
N GLU A 262 -6.61 -7.41 15.93
CA GLU A 262 -5.35 -6.67 15.97
C GLU A 262 -5.43 -5.40 15.15
N ASP A 263 -5.98 -5.51 13.93
CA ASP A 263 -6.18 -4.32 13.09
C ASP A 263 -7.06 -3.30 13.80
N ILE A 264 -8.18 -3.74 14.37
CA ILE A 264 -9.13 -2.82 14.98
C ILE A 264 -8.49 -2.09 16.17
N GLU A 265 -7.82 -2.83 17.06
CA GLU A 265 -7.13 -2.16 18.18
C GLU A 265 -6.09 -1.16 17.68
N CYS A 266 -5.32 -1.51 16.64
CA CYS A 266 -4.34 -0.56 16.12
C CYS A 266 -5.01 0.65 15.46
N ILE A 267 -6.20 0.47 14.89
CA ILE A 267 -6.92 1.59 14.31
C ILE A 267 -7.28 2.62 15.38
N LYS A 268 -7.57 2.16 16.60
CA LYS A 268 -7.98 3.04 17.69
C LYS A 268 -6.86 3.98 18.14
N ALA A 269 -5.65 3.86 17.59
CA ALA A 269 -4.57 4.81 17.87
C ALA A 269 -4.58 6.00 16.91
N PHE A 270 -5.28 5.87 15.79
CA PHE A 270 -5.48 6.98 14.87
C PHE A 270 -6.29 8.08 15.55
N ASP A 271 -6.28 9.26 14.93
CA ASP A 271 -7.05 10.38 15.46
C ASP A 271 -8.53 10.03 15.46
N GLN A 272 -9.27 10.71 16.31
CA GLN A 272 -10.61 10.26 16.65
C GLN A 272 -11.54 10.22 15.42
N LEU A 273 -11.53 11.26 14.59
CA LEU A 273 -12.42 11.23 13.43
C LEU A 273 -11.98 10.15 12.42
N THR A 274 -10.70 10.10 12.08
CA THR A 274 -10.21 9.04 11.20
C THR A 274 -10.58 7.65 11.73
N GLN A 275 -10.34 7.44 13.02
CA GLN A 275 -10.72 6.20 13.70
C GLN A 275 -12.20 5.86 13.48
N ASP A 276 -13.08 6.85 13.56
CA ASP A 276 -14.50 6.58 13.38
C ASP A 276 -14.80 6.11 11.97
N VAL A 277 -14.17 6.74 10.99
CA VAL A 277 -14.42 6.37 9.59
C VAL A 277 -13.97 4.94 9.33
N PHE A 278 -12.78 4.56 9.82
CA PHE A 278 -12.27 3.21 9.58
C PHE A 278 -13.18 2.15 10.18
N LEU A 279 -13.62 2.35 11.42
CA LEU A 279 -14.41 1.31 12.07
C LEU A 279 -15.82 1.22 11.49
N ASP A 280 -16.48 2.37 11.27
CA ASP A 280 -17.80 2.33 10.63
C ASP A 280 -17.70 1.66 9.26
N LEU A 281 -16.58 1.83 8.56
CA LEU A 281 -16.37 1.10 7.31
C LEU A 281 -16.40 -0.40 7.55
N ILE A 282 -15.57 -0.89 8.47
CA ILE A 282 -15.48 -2.34 8.66
C ILE A 282 -16.78 -2.90 9.20
N TYR A 283 -17.34 -2.27 10.23
CA TYR A 283 -18.58 -2.73 10.83
C TYR A 283 -19.75 -2.53 9.86
N GLY A 284 -19.80 -1.36 9.22
CA GLY A 284 -20.86 -1.11 8.26
C GLY A 284 -20.90 -2.17 7.17
N ASN A 285 -19.73 -2.63 6.72
CA ASN A 285 -19.69 -3.65 5.68
C ASN A 285 -20.25 -4.98 6.16
N PHE A 286 -20.00 -5.33 7.42
CA PHE A 286 -20.52 -6.58 7.98
C PHE A 286 -22.05 -6.56 8.07
N VAL A 287 -22.64 -5.42 8.40
CA VAL A 287 -24.10 -5.32 8.47
C VAL A 287 -24.73 -5.47 7.09
N TRP A 288 -24.20 -4.76 6.11
CA TRP A 288 -24.73 -4.90 4.75
C TRP A 288 -24.57 -6.33 4.26
N THR A 289 -23.38 -6.90 4.43
CA THR A 289 -23.11 -8.22 3.85
C THR A 289 -24.05 -9.29 4.38
N THR A 290 -24.36 -9.25 5.68
CA THR A 290 -25.08 -10.36 6.32
C THR A 290 -26.60 -10.26 6.18
N SER A 291 -27.13 -9.10 5.83
CA SER A 291 -28.56 -8.95 5.61
C SER A 291 -28.92 -8.38 4.23
N ASN A 292 -28.16 -8.71 3.20
CA ASN A 292 -28.48 -8.23 1.86
C ASN A 292 -28.58 -9.41 0.91
N LYS A 293 -29.48 -9.29 -0.07
CA LYS A 293 -29.71 -10.32 -1.07
C LYS A 293 -28.43 -10.72 -1.80
N ARG A 294 -27.44 -9.82 -1.86
CA ARG A 294 -26.22 -10.13 -2.57
C ARG A 294 -25.58 -11.43 -2.07
N TYR A 295 -25.84 -11.83 -0.82
CA TYR A 295 -25.12 -12.96 -0.25
C TYR A 295 -26.02 -14.09 0.24
N LYS A 296 -27.00 -14.47 -0.57
CA LYS A 296 -27.35 -15.87 -0.79
C LYS A 296 -27.05 -16.30 -2.24
N THR A 297 -27.78 -17.22 -2.87
CA THR A 297 -27.50 -17.38 -4.29
C THR A 297 -28.32 -16.33 -5.03
N ALA A 298 -27.97 -16.11 -6.31
CA ALA A 298 -28.74 -15.26 -7.23
C ALA A 298 -29.37 -14.01 -6.60
N ILE B 13 15.91 -3.39 23.53
CA ILE B 13 16.17 -2.80 24.83
C ILE B 13 16.45 -1.30 24.66
N GLY B 14 16.73 -0.89 23.43
CA GLY B 14 17.27 0.44 23.24
C GLY B 14 18.72 0.53 23.69
N ARG B 15 19.48 1.34 22.95
CA ARG B 15 20.95 1.43 23.03
C ARG B 15 21.62 0.08 23.20
N SER B 16 21.77 -0.60 22.08
CA SER B 16 21.99 -2.02 21.90
C SER B 16 22.39 -2.23 20.45
N SER B 17 22.65 -3.47 20.09
CA SER B 17 23.41 -3.61 18.87
C SER B 17 23.20 -5.00 18.28
N VAL B 18 23.31 -5.06 16.95
CA VAL B 18 23.38 -6.32 16.23
C VAL B 18 24.79 -6.60 15.76
N ARG B 19 25.76 -5.82 16.23
CA ARG B 19 27.17 -6.02 15.92
C ARG B 19 27.63 -7.48 16.00
N PRO B 20 27.30 -8.27 17.03
CA PRO B 20 27.83 -9.64 17.09
C PRO B 20 27.35 -10.50 15.95
N TYR B 21 26.23 -10.14 15.33
CA TYR B 21 25.64 -10.91 14.26
C TYR B 21 26.06 -10.42 12.88
N LEU B 22 26.90 -9.39 12.83
CA LEU B 22 27.21 -8.75 11.56
C LEU B 22 27.52 -9.76 10.46
N GLU B 23 28.57 -10.55 10.63
CA GLU B 23 29.09 -11.28 9.47
C GLU B 23 28.30 -12.56 9.20
N GLU B 24 27.76 -13.19 10.25
CA GLU B 24 26.95 -14.39 10.01
C GLU B 24 25.63 -14.05 9.31
N CYS B 25 25.02 -12.92 9.66
CA CYS B 25 23.77 -12.52 9.02
C CYS B 25 24.00 -12.05 7.59
N THR B 26 25.10 -11.35 7.35
CA THR B 26 25.44 -10.98 5.98
C THR B 26 25.60 -12.22 5.12
N ARG B 27 26.23 -13.27 5.66
CA ARG B 27 26.37 -14.51 4.92
C ARG B 27 25.04 -15.23 4.77
N ARG B 28 24.20 -15.22 5.81
CA ARG B 28 22.85 -15.77 5.71
C ARG B 28 22.03 -15.05 4.65
N PHE B 29 22.09 -13.72 4.65
CA PHE B 29 21.45 -12.94 3.58
C PHE B 29 22.02 -13.35 2.23
N GLN B 30 23.36 -13.44 2.13
CA GLN B 30 23.99 -13.75 0.86
C GLN B 30 23.64 -15.16 0.40
N GLU B 31 23.66 -16.12 1.32
CA GLU B 31 23.24 -17.48 0.98
C GLU B 31 21.80 -17.50 0.48
N MET B 32 20.93 -16.67 1.05
CA MET B 32 19.54 -16.64 0.64
C MET B 32 19.39 -16.10 -0.79
N PHE B 33 20.09 -15.03 -1.11
CA PHE B 33 20.05 -14.50 -2.47
C PHE B 33 20.66 -15.45 -3.52
N ASP B 34 21.74 -16.18 -3.16
CA ASP B 34 22.31 -17.15 -4.12
C ASP B 34 21.37 -18.30 -4.37
N ARG B 35 20.61 -18.68 -3.35
CA ARG B 35 19.62 -19.74 -3.48
C ARG B 35 18.41 -19.29 -4.28
N HIS B 36 17.89 -18.09 -3.98
CA HIS B 36 16.54 -17.74 -4.41
C HIS B 36 16.46 -16.66 -5.47
N VAL B 37 17.48 -15.82 -5.65
CA VAL B 37 17.41 -14.75 -6.64
C VAL B 37 18.38 -14.98 -7.79
N VAL B 38 19.61 -15.39 -7.48
CA VAL B 38 20.57 -15.86 -8.48
C VAL B 38 21.23 -14.68 -9.18
N THR B 39 20.49 -13.97 -10.04
CA THR B 39 21.06 -12.84 -10.77
C THR B 39 21.58 -11.77 -9.82
N ARG B 40 22.83 -11.37 -10.03
CA ARG B 40 23.41 -10.27 -9.28
C ARG B 40 23.02 -8.93 -9.91
N PRO B 41 22.78 -7.90 -9.08
CA PRO B 41 22.55 -6.55 -9.62
C PRO B 41 23.72 -6.06 -10.46
N THR B 42 23.53 -4.92 -11.14
CA THR B 42 24.56 -4.29 -11.97
C THR B 42 24.53 -2.78 -11.81
N LYS B 43 25.60 -2.20 -11.25
CA LYS B 43 25.67 -0.78 -10.93
C LYS B 43 25.58 0.09 -12.19
N VAL B 44 24.92 1.24 -12.07
CA VAL B 44 24.81 2.16 -13.20
C VAL B 44 26.00 3.09 -13.22
N GLU B 45 26.59 3.27 -14.40
CA GLU B 45 27.71 4.18 -14.58
C GLU B 45 27.19 5.58 -14.91
N LEU B 46 27.32 6.50 -13.96
CA LEU B 46 27.10 7.92 -14.20
C LEU B 46 28.44 8.58 -14.50
N THR B 47 28.43 9.54 -15.42
CA THR B 47 29.66 10.25 -15.74
C THR B 47 29.99 11.24 -14.63
N ASP B 48 31.19 11.82 -14.72
CA ASP B 48 31.55 12.94 -13.87
C ASP B 48 30.48 14.02 -13.93
N ALA B 49 30.13 14.42 -15.14
CA ALA B 49 29.19 15.52 -15.38
C ALA B 49 27.80 15.18 -14.92
N GLU B 50 27.30 13.98 -15.24
CA GLU B 50 25.96 13.58 -14.79
C GLU B 50 25.88 13.61 -13.27
N LEU B 51 26.93 13.13 -12.59
CA LEU B 51 26.97 13.23 -11.14
C LEU B 51 26.81 14.68 -10.69
N ARG B 52 27.55 15.62 -11.30
CA ARG B 52 27.42 17.03 -10.92
C ARG B 52 26.09 17.63 -11.40
N GLU B 53 25.44 17.03 -12.40
CA GLU B 53 24.10 17.48 -12.75
C GLU B 53 23.12 17.06 -11.66
N VAL B 54 23.22 15.80 -11.21
CA VAL B 54 22.43 15.30 -10.10
C VAL B 54 22.67 16.15 -8.86
N ILE B 55 23.93 16.27 -8.46
CA ILE B 55 24.27 16.88 -7.17
C ILE B 55 23.87 18.35 -7.14
N ASP B 56 24.16 19.09 -8.20
CA ASP B 56 23.83 20.52 -8.18
C ASP B 56 22.33 20.73 -8.09
N ASP B 57 21.56 19.94 -8.83
CA ASP B 57 20.12 20.01 -8.67
C ASP B 57 19.69 19.59 -7.27
N CYS B 58 20.42 18.65 -6.66
CA CYS B 58 20.12 18.26 -5.28
C CYS B 58 20.32 19.43 -4.32
N ASN B 59 21.45 20.11 -4.42
CA ASN B 59 21.72 21.23 -3.52
C ASN B 59 20.78 22.39 -3.80
N ALA B 60 20.47 22.64 -5.06
CA ALA B 60 19.42 23.61 -5.36
C ALA B 60 18.14 23.26 -4.64
N ALA B 61 17.83 21.97 -4.55
CA ALA B 61 16.55 21.56 -3.99
C ALA B 61 16.51 21.77 -2.49
N VAL B 62 17.55 21.34 -1.79
CA VAL B 62 17.55 21.49 -0.33
C VAL B 62 18.05 22.85 0.11
N ALA B 63 18.45 23.72 -0.82
CA ALA B 63 18.93 25.04 -0.45
C ALA B 63 17.93 25.86 0.35
N PRO B 64 16.64 25.90 0.02
CA PRO B 64 15.69 26.61 0.90
C PRO B 64 15.72 26.13 2.34
N LEU B 65 15.93 24.83 2.59
CA LEU B 65 15.89 24.30 3.95
C LEU B 65 17.07 24.76 4.79
N GLY B 66 18.06 25.40 4.18
CA GLY B 66 19.11 26.14 4.86
C GLY B 66 20.04 25.34 5.72
N LYS B 67 20.39 24.13 5.27
CA LYS B 67 21.34 23.29 5.99
C LYS B 67 22.17 22.52 4.99
N THR B 68 23.47 22.42 5.26
CA THR B 68 24.40 21.98 4.25
C THR B 68 24.52 20.47 4.25
N VAL B 69 24.63 19.90 3.05
CA VAL B 69 25.01 18.51 2.85
C VAL B 69 26.04 18.50 1.74
N SER B 70 27.05 17.66 1.90
CA SER B 70 28.24 17.70 1.05
C SER B 70 28.17 16.63 -0.03
N ASP B 71 29.03 16.77 -1.03
CA ASP B 71 29.02 15.86 -2.17
C ASP B 71 29.26 14.43 -1.73
N GLU B 72 30.18 14.25 -0.79
CA GLU B 72 30.44 12.94 -0.21
C GLU B 72 29.15 12.29 0.26
N ARG B 73 28.27 13.08 0.89
CA ARG B 73 27.01 12.54 1.38
C ARG B 73 26.01 12.31 0.24
N TRP B 74 25.97 13.21 -0.74
CA TRP B 74 25.09 13.00 -1.88
C TRP B 74 25.39 11.68 -2.55
N ILE B 75 26.67 11.42 -2.81
CA ILE B 75 27.11 10.23 -3.53
C ILE B 75 26.85 8.94 -2.75
N SER B 76 26.86 8.97 -1.42
CA SER B 76 26.47 7.79 -0.66
C SER B 76 25.00 7.49 -0.87
N TYR B 77 24.15 8.51 -0.72
CA TYR B 77 22.72 8.39 -1.02
C TYR B 77 22.46 7.77 -2.39
N VAL B 78 23.05 8.38 -3.43
CA VAL B 78 22.69 8.01 -4.79
C VAL B 78 23.05 6.57 -5.09
N GLY B 79 23.92 5.96 -4.29
CA GLY B 79 24.32 4.59 -4.54
C GLY B 79 23.18 3.61 -4.50
N VAL B 80 22.17 3.87 -3.67
CA VAL B 80 20.99 2.99 -3.67
C VAL B 80 20.34 2.97 -5.05
N VAL B 81 20.29 4.12 -5.73
CA VAL B 81 19.64 4.16 -7.04
C VAL B 81 20.54 3.55 -8.11
N LEU B 82 21.83 3.90 -8.11
CA LEU B 82 22.74 3.33 -9.10
C LEU B 82 22.87 1.82 -8.93
N TRP B 83 22.61 1.30 -7.72
CA TRP B 83 22.73 -0.12 -7.45
C TRP B 83 21.43 -0.89 -7.52
N SER B 84 20.28 -0.27 -7.32
CA SER B 84 19.06 -1.05 -7.12
C SER B 84 18.00 -0.85 -8.17
N GLN B 85 18.31 -0.17 -9.28
CA GLN B 85 17.47 -0.21 -10.47
C GLN B 85 17.81 -1.47 -11.27
N SER B 86 17.42 -1.51 -12.55
CA SER B 86 17.48 -2.72 -13.36
C SER B 86 18.11 -2.37 -14.71
N PRO B 87 19.44 -2.27 -14.76
CA PRO B 87 20.08 -1.75 -15.99
C PRO B 87 19.82 -2.56 -17.23
N ARG B 88 19.42 -3.83 -17.11
CA ARG B 88 19.17 -4.59 -18.32
C ARG B 88 17.84 -4.19 -18.97
N HIS B 89 17.06 -3.32 -18.32
CA HIS B 89 15.76 -2.92 -18.83
C HIS B 89 15.60 -1.41 -18.93
N ILE B 90 16.54 -0.63 -18.41
CA ILE B 90 16.39 0.81 -18.38
C ILE B 90 16.34 1.34 -19.81
N LYS B 91 15.38 2.21 -20.07
CA LYS B 91 15.28 2.83 -21.38
C LYS B 91 15.12 4.34 -21.33
N ASP B 92 14.84 4.94 -20.17
CA ASP B 92 14.67 6.39 -20.05
C ASP B 92 15.61 6.91 -18.98
N MET B 93 16.74 7.47 -19.42
CA MET B 93 17.68 8.04 -18.46
C MET B 93 17.23 9.38 -17.90
N GLU B 94 16.32 10.09 -18.55
CA GLU B 94 15.71 11.25 -17.90
C GLU B 94 14.99 10.84 -16.63
N ALA B 95 14.19 9.78 -16.72
CA ALA B 95 13.52 9.26 -15.54
C ALA B 95 14.52 8.72 -14.52
N PHE B 96 15.60 8.08 -14.98
CA PHE B 96 16.64 7.59 -14.07
C PHE B 96 17.24 8.73 -13.28
N LYS B 97 17.69 9.77 -13.96
CA LYS B 97 18.34 10.89 -13.26
C LYS B 97 17.38 11.54 -12.28
N ALA B 98 16.09 11.61 -12.61
CA ALA B 98 15.09 12.12 -11.67
C ALA B 98 15.08 11.29 -10.39
N VAL B 99 15.00 9.98 -10.52
CA VAL B 99 14.97 9.12 -9.33
C VAL B 99 16.22 9.32 -8.49
N CYS B 100 17.37 9.52 -9.14
CA CYS B 100 18.58 9.84 -8.38
C CYS B 100 18.38 11.09 -7.55
N VAL B 101 17.85 12.14 -8.18
CA VAL B 101 17.69 13.43 -7.49
C VAL B 101 16.64 13.33 -6.41
N LEU B 102 15.44 12.87 -6.76
CA LEU B 102 14.34 12.80 -5.81
C LEU B 102 14.69 11.93 -4.61
N ASN B 103 15.28 10.77 -4.86
CA ASN B 103 15.63 9.91 -3.73
C ASN B 103 16.69 10.58 -2.90
N CYS B 104 17.73 11.12 -3.53
CA CYS B 104 18.81 11.76 -2.76
C CYS B 104 18.31 12.94 -1.95
N VAL B 105 17.46 13.78 -2.52
CA VAL B 105 17.10 14.98 -1.76
C VAL B 105 16.17 14.62 -0.62
N THR B 106 15.29 13.64 -0.81
CA THR B 106 14.34 13.31 0.25
C THR B 106 14.95 12.49 1.38
N PHE B 107 16.12 11.87 1.17
CA PHE B 107 16.85 11.29 2.28
C PHE B 107 17.31 12.39 3.25
N VAL B 108 17.65 13.55 2.71
CA VAL B 108 17.95 14.70 3.57
C VAL B 108 16.76 15.02 4.46
N TRP B 109 15.56 14.99 3.88
CA TRP B 109 14.35 15.21 4.67
C TRP B 109 14.22 14.15 5.75
N ASP B 110 14.46 12.89 5.40
CA ASP B 110 14.36 11.79 6.35
C ASP B 110 15.30 11.99 7.53
N ASP B 111 16.49 12.54 7.26
CA ASP B 111 17.53 12.74 8.25
C ASP B 111 17.36 14.01 9.07
N MET B 112 16.30 14.78 8.85
CA MET B 112 16.13 16.07 9.48
C MET B 112 15.24 15.93 10.70
N ASP B 113 15.31 16.93 11.59
CA ASP B 113 14.33 17.07 12.64
C ASP B 113 13.05 17.66 12.04
N PRO B 114 11.87 17.36 12.58
CA PRO B 114 10.65 17.88 11.97
C PRO B 114 10.55 19.38 12.07
N ALA B 115 11.28 20.01 13.00
CA ALA B 115 11.25 21.47 13.10
C ALA B 115 11.88 22.13 11.88
N LEU B 116 12.38 21.34 10.93
CA LEU B 116 12.89 21.83 9.66
C LEU B 116 12.00 21.48 8.48
N HIS B 117 10.88 20.80 8.73
CA HIS B 117 9.98 20.35 7.67
C HIS B 117 9.05 21.47 7.26
N ASP B 118 9.35 22.15 6.15
CA ASP B 118 8.52 23.23 5.65
C ASP B 118 8.05 22.86 4.26
N PHE B 119 6.79 22.43 4.14
CA PHE B 119 6.26 22.03 2.84
C PHE B 119 6.15 23.23 1.91
N GLY B 120 5.83 24.40 2.46
CA GLY B 120 5.79 25.60 1.65
C GLY B 120 7.09 25.87 0.93
N LEU B 121 8.22 25.64 1.60
CA LEU B 121 9.52 25.92 1.00
C LEU B 121 10.03 24.77 0.14
N PHE B 122 9.76 23.53 0.54
CA PHE B 122 10.40 22.36 -0.07
C PHE B 122 9.61 21.79 -1.25
N LEU B 123 8.29 21.71 -1.14
CA LEU B 123 7.49 21.12 -2.20
C LEU B 123 7.67 21.81 -3.55
N PRO B 124 7.75 23.14 -3.65
CA PRO B 124 8.11 23.74 -4.94
C PRO B 124 9.40 23.20 -5.53
N GLN B 125 10.41 22.85 -4.73
CA GLN B 125 11.63 22.30 -5.32
C GLN B 125 11.39 20.90 -5.86
N LEU B 126 10.55 20.12 -5.18
CA LEU B 126 10.25 18.78 -5.68
C LEU B 126 9.51 18.87 -7.02
N ARG B 127 8.57 19.82 -7.13
CA ARG B 127 7.87 20.01 -8.39
C ARG B 127 8.84 20.37 -9.51
N LYS B 128 9.79 21.27 -9.23
CA LYS B 128 10.80 21.63 -10.25
C LYS B 128 11.58 20.41 -10.73
N ILE B 129 11.94 19.52 -9.81
CA ILE B 129 12.67 18.32 -10.22
C ILE B 129 11.81 17.45 -11.15
N CYS B 130 10.54 17.25 -10.79
CA CYS B 130 9.65 16.39 -11.57
C CYS B 130 9.39 16.98 -12.98
N GLU B 131 9.20 18.28 -13.06
CA GLU B 131 8.99 18.91 -14.35
C GLU B 131 10.24 18.86 -15.21
N LYS B 132 11.43 18.82 -14.61
CA LYS B 132 12.62 18.82 -15.44
C LYS B 132 12.84 17.47 -16.12
N TYR B 133 12.40 16.39 -15.51
CA TYR B 133 12.82 15.08 -15.97
C TYR B 133 11.72 14.20 -16.54
N TYR B 134 10.46 14.46 -16.23
CA TYR B 134 9.35 13.66 -16.71
C TYR B 134 8.49 14.47 -17.66
N GLY B 135 7.69 13.77 -18.44
CA GLY B 135 6.63 14.40 -19.19
C GLY B 135 5.57 14.90 -18.23
N PRO B 136 4.60 15.66 -18.75
CA PRO B 136 3.63 16.33 -17.86
C PRO B 136 2.90 15.39 -16.93
N GLU B 137 2.51 14.22 -17.42
CA GLU B 137 1.63 13.38 -16.64
C GLU B 137 2.41 12.54 -15.61
N ASP B 138 3.56 12.01 -16.03
CA ASP B 138 4.45 11.33 -15.09
C ASP B 138 4.96 12.28 -14.03
N ALA B 139 5.11 13.56 -14.37
CA ALA B 139 5.57 14.55 -13.41
C ALA B 139 4.62 14.63 -12.22
N GLU B 140 3.31 14.71 -12.50
CA GLU B 140 2.34 14.83 -11.42
C GLU B 140 2.31 13.55 -10.57
N VAL B 141 2.57 12.40 -11.19
CA VAL B 141 2.54 11.13 -10.46
C VAL B 141 3.73 11.05 -9.52
N ALA B 142 4.93 11.34 -10.03
CA ALA B 142 6.11 11.34 -9.19
C ALA B 142 5.98 12.39 -8.08
N TYR B 143 5.37 13.54 -8.38
CA TYR B 143 5.28 14.59 -7.37
C TYR B 143 4.35 14.19 -6.23
N GLU B 144 3.19 13.62 -6.57
CA GLU B 144 2.26 13.22 -5.51
C GLU B 144 2.90 12.19 -4.60
N ALA B 145 3.69 11.29 -5.18
CA ALA B 145 4.35 10.28 -4.37
C ALA B 145 5.46 10.88 -3.52
N ALA B 146 6.21 11.85 -4.07
CA ALA B 146 7.20 12.54 -3.26
C ALA B 146 6.55 13.33 -2.13
N ARG B 147 5.47 14.04 -2.45
CA ARG B 147 4.74 14.80 -1.43
C ARG B 147 4.25 13.90 -0.32
N ALA B 148 3.59 12.79 -0.67
CA ALA B 148 3.10 11.86 0.35
C ALA B 148 4.23 11.34 1.23
N PHE B 149 5.41 11.05 0.63
CA PHE B 149 6.49 10.49 1.42
C PHE B 149 7.04 11.48 2.45
N VAL B 150 7.36 12.71 2.01
CA VAL B 150 7.94 13.66 2.97
C VAL B 150 6.88 14.09 3.97
N THR B 151 5.61 14.13 3.55
CA THR B 151 4.51 14.42 4.45
C THR B 151 4.31 13.32 5.48
N SER B 152 4.43 12.05 5.07
CA SER B 152 4.37 10.97 6.04
C SER B 152 5.53 11.06 7.01
N ASP B 153 6.70 11.43 6.50
CA ASP B 153 7.88 11.52 7.33
C ASP B 153 7.71 12.59 8.40
N HIS B 154 7.12 13.74 8.04
CA HIS B 154 6.78 14.77 9.02
C HIS B 154 5.70 14.26 9.96
N MET B 155 4.66 13.68 9.39
CA MET B 155 3.42 13.42 10.11
C MET B 155 3.66 12.52 11.31
N PHE B 156 4.49 11.48 11.13
CA PHE B 156 4.58 10.44 12.15
C PHE B 156 5.74 10.62 13.13
N ARG B 157 6.51 11.72 13.04
CA ARG B 157 7.72 11.84 13.86
C ARG B 157 7.45 11.60 15.34
N ASP B 158 6.28 12.00 15.82
CA ASP B 158 5.98 11.86 17.24
C ASP B 158 4.80 10.94 17.48
N SER B 159 3.96 10.73 16.45
CA SER B 159 2.62 10.19 16.48
C SER B 159 2.49 8.90 17.27
N PRO B 160 1.43 8.77 18.05
CA PRO B 160 1.12 7.48 18.66
C PRO B 160 0.84 6.41 17.64
N ILE B 161 0.42 6.80 16.43
CA ILE B 161 0.15 5.83 15.38
C ILE B 161 1.41 5.07 15.01
N LYS B 162 2.51 5.79 14.83
CA LYS B 162 3.77 5.11 14.52
C LYS B 162 4.12 4.10 15.60
N ALA B 163 4.00 4.50 16.87
CA ALA B 163 4.31 3.62 18.00
C ALA B 163 3.44 2.38 17.99
N ALA B 164 2.14 2.53 17.72
CA ALA B 164 1.24 1.38 17.65
C ALA B 164 1.67 0.40 16.55
N LEU B 165 1.83 0.90 15.32
CA LEU B 165 2.15 0.01 14.21
C LEU B 165 3.55 -0.58 14.31
N CYS B 166 4.46 0.09 15.00
CA CYS B 166 5.80 -0.43 15.11
C CYS B 166 6.02 -1.32 16.31
N THR B 167 5.08 -1.40 17.25
CA THR B 167 5.25 -2.22 18.44
C THR B 167 4.12 -3.23 18.66
N THR B 168 3.27 -3.48 17.68
CA THR B 168 2.20 -4.46 17.85
C THR B 168 2.59 -5.84 17.31
N SER B 169 3.13 -5.88 16.09
CA SER B 169 3.48 -7.12 15.41
C SER B 169 4.25 -6.78 14.13
N PRO B 170 5.03 -7.73 13.61
CA PRO B 170 5.64 -7.51 12.29
C PRO B 170 4.62 -7.10 11.23
N GLU B 171 3.42 -7.66 11.30
CA GLU B 171 2.40 -7.37 10.30
C GLU B 171 2.04 -5.90 10.28
N GLN B 172 1.73 -5.32 11.45
CA GLN B 172 1.43 -3.91 11.50
C GLN B 172 2.66 -3.08 11.11
N TYR B 173 3.85 -3.55 11.48
CA TYR B 173 5.05 -2.79 11.19
C TYR B 173 5.32 -2.70 9.68
N PHE B 174 5.29 -3.83 9.00
CA PHE B 174 5.52 -3.78 7.55
C PHE B 174 4.41 -3.02 6.83
N ARG B 175 3.19 -3.04 7.37
CA ARG B 175 2.12 -2.25 6.76
C ARG B 175 2.47 -0.76 6.81
N PHE B 176 3.06 -0.31 7.92
CA PHE B 176 3.49 1.08 8.00
C PHE B 176 4.64 1.37 7.05
N ARG B 177 5.53 0.39 6.83
CA ARG B 177 6.76 0.62 6.06
C ARG B 177 6.53 0.74 4.55
N VAL B 178 5.43 0.17 4.01
CA VAL B 178 5.10 0.34 2.58
C VAL B 178 5.29 1.80 2.16
N THR B 179 4.75 2.71 2.96
CA THR B 179 4.93 4.13 2.70
C THR B 179 6.22 4.64 3.32
N ASP B 180 6.46 4.32 4.60
CA ASP B 180 7.46 5.07 5.35
C ASP B 180 8.88 4.84 4.82
N ILE B 181 9.24 3.60 4.51
CA ILE B 181 10.59 3.37 3.99
C ILE B 181 10.80 4.05 2.63
N GLY B 182 9.71 4.38 1.93
CA GLY B 182 9.79 5.09 0.68
C GLY B 182 9.62 4.24 -0.58
N VAL B 183 9.28 2.95 -0.45
CA VAL B 183 9.28 2.11 -1.65
C VAL B 183 8.07 2.39 -2.54
N ASP B 184 6.91 2.76 -1.98
CA ASP B 184 5.80 3.17 -2.85
C ASP B 184 6.19 4.39 -3.67
N PHE B 185 6.83 5.35 -3.02
CA PHE B 185 7.42 6.50 -3.70
C PHE B 185 8.41 6.05 -4.79
N TRP B 186 9.27 5.09 -4.46
CA TRP B 186 10.27 4.62 -5.41
C TRP B 186 9.62 4.06 -6.67
N MET B 187 8.64 3.18 -6.53
CA MET B 187 7.98 2.58 -7.68
C MET B 187 7.31 3.64 -8.57
N LYS B 188 6.61 4.60 -7.95
CA LYS B 188 5.80 5.56 -8.70
C LYS B 188 6.64 6.61 -9.39
N MET B 189 7.89 6.80 -8.98
CA MET B 189 8.80 7.63 -9.77
C MET B 189 9.73 6.81 -10.66
N SER B 190 9.80 5.49 -10.48
CA SER B 190 10.71 4.69 -11.28
C SER B 190 10.08 4.09 -12.52
N TYR B 191 8.77 3.87 -12.56
CA TYR B 191 8.16 3.22 -13.71
C TYR B 191 8.47 3.93 -15.03
N PRO B 192 8.60 5.26 -15.12
CA PRO B 192 8.96 5.86 -16.42
C PRO B 192 10.35 5.50 -16.90
N ILE B 193 11.20 4.97 -16.03
CA ILE B 193 12.50 4.48 -16.47
C ILE B 193 12.32 3.32 -17.45
N TYR B 194 11.31 2.48 -17.23
CA TYR B 194 11.19 1.23 -17.94
C TYR B 194 10.14 1.22 -19.04
N ARG B 195 9.20 2.18 -19.03
CA ARG B 195 8.06 2.18 -19.97
C ARG B 195 7.56 0.76 -20.23
N HIS B 196 7.44 -0.01 -19.17
CA HIS B 196 6.90 -1.36 -19.25
C HIS B 196 5.50 -1.32 -18.66
N PRO B 197 4.45 -1.52 -19.47
CA PRO B 197 3.09 -1.29 -18.96
C PRO B 197 2.69 -2.16 -17.77
N GLU B 198 2.99 -3.45 -17.79
CA GLU B 198 2.70 -4.30 -16.64
C GLU B 198 3.33 -3.72 -15.37
N PHE B 199 4.61 -3.33 -15.44
CA PHE B 199 5.27 -2.77 -14.26
C PHE B 199 4.65 -1.42 -13.88
N THR B 200 4.23 -0.64 -14.88
CA THR B 200 3.61 0.64 -14.59
C THR B 200 2.32 0.46 -13.80
N GLU B 201 1.53 -0.56 -14.14
CA GLU B 201 0.29 -0.76 -13.40
C GLU B 201 0.58 -1.22 -11.97
N HIS B 202 1.53 -2.14 -11.80
CA HIS B 202 1.87 -2.60 -10.45
C HIS B 202 2.43 -1.47 -9.60
N ALA B 203 3.17 -0.54 -10.21
CA ALA B 203 3.60 0.65 -9.48
C ALA B 203 2.40 1.50 -9.03
N LYS B 204 1.42 1.71 -9.93
CA LYS B 204 0.31 2.62 -9.64
C LYS B 204 -0.70 2.01 -8.67
N THR B 205 -0.79 0.69 -8.60
CA THR B 205 -1.64 0.08 -7.58
C THR B 205 -0.94 -0.05 -6.23
N SER B 206 0.37 0.17 -6.18
CA SER B 206 1.23 -0.13 -5.04
C SER B 206 1.41 -1.62 -4.81
N LEU B 207 0.92 -2.49 -5.70
CA LEU B 207 1.28 -3.90 -5.58
C LEU B 207 2.80 -4.08 -5.63
N ALA B 208 3.46 -3.33 -6.50
CA ALA B 208 4.92 -3.41 -6.59
C ALA B 208 5.57 -3.06 -5.26
N ALA B 209 5.19 -1.92 -4.66
CA ALA B 209 5.72 -1.56 -3.35
C ALA B 209 5.45 -2.66 -2.33
N ARG B 210 4.23 -3.20 -2.31
CA ARG B 210 3.86 -4.16 -1.29
C ARG B 210 4.66 -5.46 -1.42
N MET B 211 4.98 -5.86 -2.66
CA MET B 211 5.74 -7.09 -2.89
C MET B 211 7.18 -6.98 -2.40
N THR B 212 7.77 -5.79 -2.48
CA THR B 212 9.18 -5.56 -2.16
C THR B 212 9.42 -4.93 -0.79
N THR B 213 8.36 -4.62 -0.03
CA THR B 213 8.54 -3.91 1.24
C THR B 213 9.41 -4.71 2.20
N ARG B 214 9.07 -5.99 2.41
CA ARG B 214 9.76 -6.76 3.43
C ARG B 214 11.23 -6.98 3.08
N GLY B 215 11.53 -7.28 1.82
CA GLY B 215 12.92 -7.51 1.43
C GLY B 215 13.80 -6.29 1.63
N LEU B 216 13.30 -5.10 1.26
CA LEU B 216 14.02 -3.87 1.50
C LEU B 216 14.11 -3.55 3.00
N THR B 217 13.01 -3.74 3.71
CA THR B 217 12.91 -3.24 5.08
C THR B 217 13.69 -4.12 6.04
N ILE B 218 13.66 -5.44 5.83
CA ILE B 218 14.35 -6.33 6.74
C ILE B 218 15.85 -6.12 6.63
N VAL B 219 16.35 -5.96 5.41
CA VAL B 219 17.77 -5.70 5.19
C VAL B 219 18.16 -4.35 5.79
N ASN B 220 17.39 -3.32 5.50
CA ASN B 220 17.75 -2.01 5.99
C ASN B 220 17.65 -1.93 7.51
N ASP B 221 16.66 -2.58 8.11
CA ASP B 221 16.52 -2.52 9.56
C ASP B 221 17.75 -3.14 10.23
N PHE B 222 18.25 -4.27 9.73
CA PHE B 222 19.40 -4.90 10.37
C PHE B 222 20.60 -3.97 10.41
N TYR B 223 20.99 -3.44 9.26
CA TYR B 223 22.18 -2.64 9.16
C TYR B 223 22.01 -1.20 9.65
N SER B 224 20.79 -0.72 9.91
CA SER B 224 20.62 0.61 10.46
C SER B 224 20.10 0.60 11.89
N TYR B 225 19.91 -0.59 12.46
CA TYR B 225 19.44 -0.74 13.83
C TYR B 225 20.30 0.04 14.81
N ASP B 226 21.63 -0.02 14.64
CA ASP B 226 22.52 0.64 15.59
C ASP B 226 22.35 2.16 15.55
N ARG B 227 22.35 2.74 14.34
CA ARG B 227 22.16 4.19 14.23
C ARG B 227 20.82 4.61 14.84
N GLU B 228 19.75 3.85 14.57
CA GLU B 228 18.41 4.30 14.91
C GLU B 228 18.13 4.22 16.42
N VAL B 229 18.59 3.15 17.09
CA VAL B 229 18.47 3.14 18.55
C VAL B 229 19.26 4.30 19.15
N SER B 230 20.42 4.59 18.57
CA SER B 230 21.25 5.70 19.08
C SER B 230 20.69 7.05 18.65
N LEU B 231 19.46 7.08 18.12
CA LEU B 231 18.71 8.31 17.93
C LEU B 231 17.30 8.22 18.51
N GLY B 232 16.95 7.13 19.20
CA GLY B 232 15.59 6.94 19.65
C GLY B 232 14.58 6.59 18.58
N GLN B 233 15.01 6.40 17.34
CA GLN B 233 14.09 6.08 16.26
C GLN B 233 13.55 4.66 16.44
N ILE B 234 12.23 4.53 16.47
CA ILE B 234 11.57 3.26 16.80
C ILE B 234 11.12 2.49 15.56
N THR B 235 11.36 3.01 14.37
CA THR B 235 10.87 2.39 13.13
C THR B 235 11.91 1.39 12.65
N ASN B 236 11.84 0.18 13.21
CA ASN B 236 12.80 -0.87 12.92
C ASN B 236 12.30 -2.18 13.48
N CYS B 237 12.15 -3.22 12.64
CA CYS B 237 11.47 -4.43 13.08
C CYS B 237 12.25 -5.19 14.14
N PHE B 238 13.58 -5.13 14.13
CA PHE B 238 14.32 -5.87 15.15
C PHE B 238 14.13 -5.31 16.56
N ARG B 239 13.60 -4.10 16.68
CA ARG B 239 13.10 -3.61 17.96
C ARG B 239 11.94 -4.43 18.52
N LEU B 240 11.34 -5.29 17.71
CA LEU B 240 10.31 -6.21 18.19
C LEU B 240 10.89 -7.43 18.90
N CYS B 241 12.22 -7.57 18.94
CA CYS B 241 12.86 -8.65 19.68
C CYS B 241 13.98 -8.09 20.52
N ASP B 242 14.50 -8.92 21.42
CA ASP B 242 15.60 -8.57 22.32
C ASP B 242 16.88 -9.04 21.66
N VAL B 243 17.59 -8.12 20.99
CA VAL B 243 18.75 -8.54 20.21
C VAL B 243 19.87 -9.05 21.11
N SER B 244 19.92 -8.62 22.38
CA SER B 244 20.94 -9.16 23.26
C SER B 244 20.63 -10.58 23.71
N ASP B 245 19.49 -11.14 23.32
CA ASP B 245 19.20 -12.55 23.55
C ASP B 245 19.51 -13.28 22.25
N GLU B 246 20.55 -14.10 22.28
CA GLU B 246 21.01 -14.80 21.08
C GLU B 246 19.92 -15.72 20.53
N THR B 247 19.23 -16.43 21.40
CA THR B 247 18.19 -17.34 20.93
C THR B 247 17.00 -16.57 20.37
N ALA B 248 16.59 -15.51 21.05
CA ALA B 248 15.50 -14.70 20.54
C ALA B 248 15.86 -14.06 19.20
N PHE B 249 17.02 -13.40 19.11
CA PHE B 249 17.38 -12.70 17.89
C PHE B 249 17.35 -13.64 16.70
N LYS B 250 17.93 -14.82 16.83
CA LYS B 250 18.12 -15.64 15.64
C LYS B 250 16.82 -16.26 15.16
N GLU B 251 15.92 -16.58 16.10
CA GLU B 251 14.61 -17.09 15.70
C GLU B 251 13.82 -15.99 14.99
N PHE B 252 13.82 -14.79 15.54
CA PHE B 252 13.25 -13.63 14.84
C PHE B 252 13.89 -13.45 13.47
N PHE B 253 15.23 -13.41 13.42
CA PHE B 253 15.93 -13.24 12.15
C PHE B 253 15.55 -14.35 11.16
N GLN B 254 15.34 -15.57 11.65
CA GLN B 254 14.93 -16.64 10.74
C GLN B 254 13.53 -16.41 10.18
N ALA B 255 12.59 -15.97 11.02
CA ALA B 255 11.24 -15.70 10.52
C ALA B 255 11.25 -14.57 9.50
N ARG B 256 12.10 -13.56 9.71
CA ARG B 256 12.24 -12.50 8.73
C ARG B 256 12.88 -13.00 7.44
N LEU B 257 13.85 -13.90 7.53
CA LEU B 257 14.40 -14.51 6.33
C LEU B 257 13.32 -15.25 5.54
N ASP B 258 12.48 -16.02 6.24
CA ASP B 258 11.41 -16.75 5.57
C ASP B 258 10.38 -15.80 4.95
N ASP B 259 10.13 -14.63 5.58
CA ASP B 259 9.31 -13.61 4.92
C ASP B 259 9.90 -13.19 3.59
N MET B 260 11.20 -12.86 3.58
CA MET B 260 11.86 -12.46 2.35
C MET B 260 11.76 -13.54 1.28
N ILE B 261 11.94 -14.80 1.66
CA ILE B 261 11.94 -15.87 0.68
C ILE B 261 10.54 -16.05 0.09
N GLU B 262 9.50 -15.96 0.94
CA GLU B 262 8.15 -16.11 0.42
C GLU B 262 7.82 -15.01 -0.58
N ASP B 263 8.20 -13.77 -0.25
CA ASP B 263 7.99 -12.66 -1.17
C ASP B 263 8.71 -12.88 -2.49
N ILE B 264 10.01 -13.22 -2.43
CA ILE B 264 10.79 -13.40 -3.66
C ILE B 264 10.17 -14.48 -4.54
N GLU B 265 9.78 -15.59 -3.93
CA GLU B 265 9.22 -16.69 -4.70
C GLU B 265 7.86 -16.32 -5.31
N CYS B 266 7.10 -15.44 -4.64
CA CYS B 266 5.88 -14.97 -5.29
C CYS B 266 6.20 -13.94 -6.38
N ILE B 267 7.26 -13.15 -6.20
CA ILE B 267 7.71 -12.18 -7.20
C ILE B 267 8.00 -12.87 -8.54
N LYS B 268 8.44 -14.13 -8.49
CA LYS B 268 8.75 -14.86 -9.71
C LYS B 268 7.51 -15.26 -10.49
N ALA B 269 6.32 -15.08 -9.91
CA ALA B 269 5.10 -15.24 -10.69
C ALA B 269 4.83 -14.07 -11.61
N PHE B 270 5.38 -12.88 -11.33
CA PHE B 270 5.15 -11.72 -12.17
C PHE B 270 5.86 -11.90 -13.52
N ASP B 271 5.51 -11.03 -14.49
CA ASP B 271 6.16 -11.12 -15.79
C ASP B 271 7.68 -10.94 -15.65
N GLN B 272 8.41 -11.39 -16.67
CA GLN B 272 9.86 -11.55 -16.52
C GLN B 272 10.56 -10.21 -16.33
N LEU B 273 10.14 -9.18 -17.07
CA LEU B 273 10.79 -7.89 -16.87
C LEU B 273 10.47 -7.31 -15.48
N THR B 274 9.22 -7.43 -15.03
CA THR B 274 8.83 -6.84 -13.76
C THR B 274 9.53 -7.52 -12.59
N GLN B 275 9.61 -8.85 -12.61
CA GLN B 275 10.30 -9.54 -11.53
C GLN B 275 11.79 -9.23 -11.52
N ASP B 276 12.42 -9.07 -12.70
CA ASP B 276 13.81 -8.63 -12.75
C ASP B 276 14.00 -7.34 -11.98
N VAL B 277 13.07 -6.41 -12.15
CA VAL B 277 13.16 -5.11 -11.50
C VAL B 277 12.96 -5.23 -9.99
N PHE B 278 11.94 -6.00 -9.58
CA PHE B 278 11.70 -6.20 -8.15
C PHE B 278 12.94 -6.82 -7.48
N LEU B 279 13.53 -7.85 -8.11
CA LEU B 279 14.65 -8.53 -7.48
C LEU B 279 15.93 -7.70 -7.54
N ASP B 280 16.16 -6.97 -8.62
CA ASP B 280 17.28 -6.04 -8.63
C ASP B 280 17.14 -4.97 -7.55
N LEU B 281 15.91 -4.55 -7.25
CA LEU B 281 15.70 -3.60 -6.17
C LEU B 281 16.05 -4.23 -4.82
N ILE B 282 15.53 -5.43 -4.54
CA ILE B 282 15.79 -6.05 -3.25
C ILE B 282 17.27 -6.41 -3.11
N TYR B 283 17.81 -7.15 -4.10
CA TYR B 283 19.21 -7.58 -4.05
C TYR B 283 20.15 -6.39 -4.16
N GLY B 284 19.87 -5.46 -5.06
CA GLY B 284 20.71 -4.27 -5.19
C GLY B 284 20.79 -3.48 -3.90
N ASN B 285 19.64 -3.25 -3.25
CA ASN B 285 19.67 -2.55 -1.97
C ASN B 285 20.58 -3.27 -0.98
N PHE B 286 20.59 -4.60 -1.01
CA PHE B 286 21.44 -5.36 -0.09
C PHE B 286 22.92 -5.16 -0.43
N VAL B 287 23.26 -5.06 -1.72
CA VAL B 287 24.65 -4.87 -2.08
C VAL B 287 25.10 -3.46 -1.74
N TRP B 288 24.27 -2.46 -2.04
CA TRP B 288 24.58 -1.10 -1.64
C TRP B 288 24.72 -1.00 -0.13
N THR B 289 23.71 -1.48 0.59
CA THR B 289 23.68 -1.34 2.04
C THR B 289 24.94 -1.91 2.69
N THR B 290 25.36 -3.11 2.27
CA THR B 290 26.50 -3.76 2.92
C THR B 290 27.84 -3.41 2.28
N SER B 291 27.92 -2.30 1.55
CA SER B 291 29.16 -1.86 0.94
C SER B 291 29.32 -0.35 0.94
N ASN B 292 28.43 0.38 1.62
CA ASN B 292 28.42 1.82 1.59
C ASN B 292 28.68 2.40 2.98
N LYS B 293 29.32 3.56 3.00
CA LYS B 293 29.68 4.21 4.25
C LYS B 293 28.50 4.34 5.18
N ARG B 294 27.30 4.52 4.63
CA ARG B 294 26.13 4.78 5.47
C ARG B 294 25.86 3.63 6.43
N TYR B 295 26.22 2.41 6.06
CA TYR B 295 25.93 1.27 6.92
C TYR B 295 27.19 0.55 7.42
N LYS B 296 28.32 1.24 7.43
CA LYS B 296 29.50 0.69 8.08
C LYS B 296 29.44 0.92 9.59
N THR B 297 29.44 2.17 10.03
CA THR B 297 29.35 2.51 11.44
C THR B 297 28.07 3.29 11.70
N ALA B 298 27.66 3.31 12.97
CA ALA B 298 26.36 3.86 13.35
C ALA B 298 26.27 5.34 13.00
N VAL B 299 27.25 6.13 13.43
CA VAL B 299 27.22 7.58 13.23
C VAL B 299 28.50 8.00 12.52
N ASN B 300 28.36 8.54 11.31
CA ASN B 300 29.49 9.10 10.58
C ASN B 300 28.96 10.31 9.80
N ASP B 301 29.84 11.02 9.11
CA ASP B 301 29.43 12.30 8.54
C ASP B 301 28.65 12.19 7.23
N VAL B 302 28.57 11.00 6.62
CA VAL B 302 27.64 10.81 5.52
C VAL B 302 26.31 10.21 5.98
N ASN B 303 26.10 10.04 7.27
CA ASN B 303 24.83 9.51 7.75
C ASN B 303 24.38 10.05 9.11
N SER B 304 25.08 11.02 9.69
CA SER B 304 24.70 11.50 11.01
C SER B 304 23.50 12.42 10.91
N ARG B 305 22.72 12.49 12.00
CA ARG B 305 21.44 13.19 11.94
C ARG B 305 21.63 14.67 11.64
N ILE B 306 20.75 15.19 10.78
CA ILE B 306 20.72 16.60 10.40
C ILE B 306 19.88 17.35 11.42
N GLN B 307 20.49 18.31 12.12
CA GLN B 307 19.72 19.00 13.17
C GLN B 307 19.95 20.50 13.16
N ALA B 308 19.10 21.19 13.91
CA ALA B 308 19.10 22.65 14.02
C ALA B 308 18.86 23.11 15.45
C2 AHD C . -16.25 -6.35 -4.80
C3 AHD C . -16.86 -5.00 -5.19
C7 AHD C . -17.19 -7.53 -5.08
C8 AHD C . -16.85 -8.61 -4.06
O12 AHD C . -19.37 -9.62 -3.63
P9 AHD C . -17.99 -10.07 -3.99
O10 AHD C . -17.52 -11.00 -2.89
O11 AHD C . -17.94 -10.83 -5.29
P14 AHD C . -15.13 -9.27 -4.34
O15 AHD C . -14.83 -9.48 -5.80
O16 AHD C . -15.00 -10.56 -3.57
O17 AHD C . -14.17 -8.26 -3.78
O13 AHD C . -16.85 -8.01 -2.81
N4 AHD C . -15.91 -3.93 -4.89
MG MG D . -16.65 -10.77 -6.64
MG MG E . -15.96 -11.92 -1.71
MG MG F . -13.67 -8.91 -7.33
C2 AHD G . 14.86 5.66 3.84
C3 AHD G . 14.38 7.02 3.31
C7 AHD G . 15.88 5.87 4.96
C8 AHD G . 16.13 4.59 5.73
O12 AHD G . 18.84 4.83 5.80
P9 AHD G . 17.69 4.73 6.75
O10 AHD G . 17.76 3.46 7.55
O11 AHD G . 17.61 5.96 7.61
P14 AHD G . 14.69 4.41 6.86
O15 AHD G . 14.52 5.75 7.48
O16 AHD G . 14.90 3.39 7.92
O17 AHD G . 13.50 4.00 6.01
O13 AHD G . 16.19 3.44 4.93
N4 AHD G . 14.09 6.89 1.89
MG MG H . 15.86 7.16 8.41
MG MG I . 13.04 7.20 7.52
MG MG J . 16.58 2.26 8.42
N SER A 16 -17.43 -26.11 -2.82
CA SER A 16 -17.67 -26.41 -1.42
C SER A 16 -18.51 -25.29 -0.82
N SER A 17 -18.73 -25.31 0.50
CA SER A 17 -19.66 -24.37 1.13
C SER A 17 -19.40 -24.28 2.62
N VAL A 18 -19.40 -23.05 3.13
CA VAL A 18 -19.38 -22.78 4.56
C VAL A 18 -20.78 -22.50 5.11
N ARG A 19 -21.82 -22.98 4.43
CA ARG A 19 -23.14 -22.95 5.05
C ARG A 19 -23.20 -23.67 6.40
N PRO A 20 -22.57 -24.84 6.58
CA PRO A 20 -22.62 -25.46 7.92
C PRO A 20 -22.04 -24.59 9.03
N TYR A 21 -21.36 -23.50 8.68
CA TYR A 21 -20.74 -22.63 9.66
C TYR A 21 -21.40 -21.27 9.79
N LEU A 22 -22.39 -20.95 8.95
CA LEU A 22 -22.91 -19.59 8.91
C LEU A 22 -23.49 -19.17 10.26
N GLU A 23 -24.21 -20.09 10.90
CA GLU A 23 -24.83 -19.80 12.20
C GLU A 23 -23.79 -19.27 13.21
N GLU A 24 -22.79 -20.09 13.53
CA GLU A 24 -21.92 -19.74 14.64
C GLU A 24 -20.96 -18.61 14.25
N CYS A 25 -20.52 -18.58 12.98
CA CYS A 25 -19.57 -17.56 12.57
C CYS A 25 -20.17 -16.17 12.62
N THR A 26 -21.41 -16.00 12.15
CA THR A 26 -22.08 -14.70 12.24
C THR A 26 -22.14 -14.23 13.68
N ARG A 27 -22.58 -15.11 14.58
CA ARG A 27 -22.58 -14.80 15.99
C ARG A 27 -21.19 -14.38 16.45
N ARG A 28 -20.16 -15.05 15.92
CA ARG A 28 -18.80 -14.81 16.39
C ARG A 28 -18.26 -13.48 15.89
N PHE A 29 -18.45 -13.19 14.60
CA PHE A 29 -18.19 -11.83 14.10
C PHE A 29 -18.89 -10.79 14.96
N GLN A 30 -20.19 -10.99 15.22
CA GLN A 30 -20.98 -9.99 15.93
C GLN A 30 -20.47 -9.80 17.34
N GLU A 31 -20.16 -10.89 18.04
CA GLU A 31 -19.52 -10.75 19.35
C GLU A 31 -18.31 -9.86 19.23
N MET A 32 -17.44 -10.14 18.27
CA MET A 32 -16.17 -9.43 18.15
C MET A 32 -16.39 -7.92 17.95
N PHE A 33 -17.24 -7.56 16.99
CA PHE A 33 -17.55 -6.15 16.77
C PHE A 33 -18.12 -5.51 18.03
N ASP A 34 -19.08 -6.19 18.66
CA ASP A 34 -19.69 -5.65 19.87
C ASP A 34 -18.68 -5.33 20.98
N ARG A 35 -17.63 -6.14 21.11
CA ARG A 35 -16.69 -5.92 22.20
C ARG A 35 -15.58 -4.96 21.82
N HIS A 36 -15.15 -4.99 20.56
CA HIS A 36 -13.96 -4.27 20.13
C HIS A 36 -14.26 -2.99 19.37
N VAL A 37 -15.47 -2.81 18.84
CA VAL A 37 -15.86 -1.61 18.13
C VAL A 37 -17.00 -0.90 18.84
N VAL A 38 -18.05 -1.64 19.20
CA VAL A 38 -19.19 -1.24 20.04
C VAL A 38 -20.11 -0.30 19.29
N THR A 39 -19.64 0.92 19.00
CA THR A 39 -20.35 1.86 18.15
C THR A 39 -20.86 1.18 16.88
N ARG A 40 -22.17 1.10 16.74
CA ARG A 40 -22.75 0.44 15.59
C ARG A 40 -22.90 1.42 14.43
N PRO A 41 -22.84 0.93 13.19
CA PRO A 41 -23.10 1.82 12.05
C PRO A 41 -24.58 2.17 11.97
N THR A 42 -24.87 3.36 11.43
CA THR A 42 -26.23 3.71 11.06
C THR A 42 -26.26 4.13 9.59
N LYS A 43 -27.44 3.98 8.99
CA LYS A 43 -27.61 4.18 7.55
C LYS A 43 -27.82 5.65 7.23
N VAL A 44 -27.05 6.16 6.26
CA VAL A 44 -27.35 7.39 5.57
C VAL A 44 -28.60 7.16 4.71
N GLU A 45 -29.60 8.02 4.83
CA GLU A 45 -30.79 7.89 3.99
C GLU A 45 -31.02 9.18 3.23
N LEU A 46 -30.99 9.07 1.91
CA LEU A 46 -31.01 10.20 0.99
C LEU A 46 -32.42 10.76 0.84
N THR A 47 -32.53 11.95 0.25
CA THR A 47 -33.81 12.41 -0.24
C THR A 47 -34.16 11.68 -1.53
N ASP A 48 -35.45 11.59 -1.83
CA ASP A 48 -35.89 10.79 -2.96
C ASP A 48 -35.36 11.32 -4.29
N ALA A 49 -34.97 12.60 -4.33
CA ALA A 49 -34.25 13.10 -5.49
C ALA A 49 -32.80 12.60 -5.49
N GLU A 50 -32.13 12.73 -4.34
CA GLU A 50 -30.75 12.24 -4.23
C GLU A 50 -30.63 10.82 -4.77
N LEU A 51 -31.44 9.90 -4.24
CA LEU A 51 -31.36 8.51 -4.69
C LEU A 51 -31.54 8.39 -6.21
N ARG A 52 -32.49 9.15 -6.77
CA ARG A 52 -32.75 9.04 -8.20
C ARG A 52 -31.62 9.64 -9.02
N GLU A 53 -31.00 10.72 -8.53
CA GLU A 53 -29.82 11.27 -9.17
C GLU A 53 -28.69 10.26 -9.21
N VAL A 54 -28.50 9.52 -8.11
CA VAL A 54 -27.45 8.50 -8.07
C VAL A 54 -27.70 7.44 -9.14
N ILE A 55 -28.92 6.91 -9.19
CA ILE A 55 -29.16 5.81 -10.12
C ILE A 55 -29.23 6.32 -11.56
N ASP A 56 -29.61 7.59 -11.75
CA ASP A 56 -29.51 8.17 -13.08
C ASP A 56 -28.05 8.23 -13.52
N ASP A 57 -27.18 8.72 -12.67
CA ASP A 57 -25.76 8.70 -13.00
C ASP A 57 -25.25 7.27 -13.19
N CYS A 58 -25.63 6.36 -12.27
CA CYS A 58 -25.31 4.94 -12.42
C CYS A 58 -25.69 4.42 -13.81
N ASN A 59 -26.86 4.82 -14.31
CA ASN A 59 -27.37 4.20 -15.52
C ASN A 59 -26.61 4.66 -16.76
N ALA A 60 -26.28 5.94 -16.84
CA ALA A 60 -25.57 6.44 -18.00
C ALA A 60 -24.14 5.88 -18.08
N ALA A 61 -23.48 5.66 -16.93
CA ALA A 61 -22.09 5.23 -16.97
C ALA A 61 -21.96 3.82 -17.53
N VAL A 62 -22.87 2.92 -17.17
CA VAL A 62 -22.72 1.53 -17.58
C VAL A 62 -23.37 1.26 -18.94
N ALA A 63 -24.31 2.11 -19.35
CA ALA A 63 -25.03 1.93 -20.62
C ALA A 63 -24.11 1.66 -21.81
N PRO A 64 -23.02 2.40 -22.02
CA PRO A 64 -22.16 2.10 -23.18
C PRO A 64 -21.63 0.69 -23.16
N LEU A 65 -21.56 0.03 -22.00
CA LEU A 65 -21.16 -1.37 -21.93
C LEU A 65 -22.28 -2.33 -22.24
N GLY A 66 -23.33 -1.87 -22.93
CA GLY A 66 -24.35 -2.75 -23.48
C GLY A 66 -25.15 -3.54 -22.47
N LYS A 67 -24.86 -3.40 -21.18
CA LYS A 67 -25.51 -4.14 -20.13
C LYS A 67 -26.48 -3.21 -19.41
N THR A 68 -27.67 -3.72 -19.11
CA THR A 68 -28.69 -2.95 -18.40
C THR A 68 -28.86 -3.53 -17.00
N VAL A 69 -28.13 -2.98 -16.05
CA VAL A 69 -28.18 -3.47 -14.68
C VAL A 69 -29.60 -3.30 -14.16
N SER A 70 -30.17 -4.37 -13.62
CA SER A 70 -31.55 -4.31 -13.14
C SER A 70 -31.63 -3.42 -11.90
N ASP A 71 -32.84 -2.89 -11.67
CA ASP A 71 -33.07 -1.93 -10.59
C ASP A 71 -32.68 -2.49 -9.23
N GLU A 72 -33.27 -3.62 -8.84
CA GLU A 72 -32.90 -4.30 -7.60
C GLU A 72 -31.38 -4.49 -7.53
N ARG A 73 -30.78 -4.91 -8.65
CA ARG A 73 -29.36 -5.23 -8.66
C ARG A 73 -28.50 -3.98 -8.44
N TRP A 74 -29.04 -2.79 -8.74
CA TRP A 74 -28.39 -1.56 -8.30
C TRP A 74 -28.58 -1.35 -6.80
N ILE A 75 -29.82 -1.08 -6.39
CA ILE A 75 -30.13 -0.60 -5.03
C ILE A 75 -29.72 -1.63 -3.99
N SER A 76 -29.50 -2.88 -4.40
CA SER A 76 -28.93 -3.86 -3.50
C SER A 76 -27.45 -3.59 -3.27
N TYR A 77 -26.67 -3.43 -4.34
CA TYR A 77 -25.23 -3.21 -4.19
C TYR A 77 -24.95 -1.88 -3.50
N VAL A 78 -25.80 -0.87 -3.74
CA VAL A 78 -25.59 0.44 -3.16
C VAL A 78 -25.71 0.45 -1.65
N GLY A 79 -26.26 -0.61 -1.06
CA GLY A 79 -26.39 -0.66 0.38
C GLY A 79 -25.05 -0.58 1.09
N VAL A 80 -24.01 -1.23 0.53
CA VAL A 80 -22.73 -1.21 1.22
C VAL A 80 -22.23 0.22 1.43
N VAL A 81 -22.58 1.14 0.54
CA VAL A 81 -22.18 2.53 0.72
C VAL A 81 -23.12 3.26 1.67
N LEU A 82 -24.42 2.98 1.58
CA LEU A 82 -25.36 3.57 2.52
C LEU A 82 -25.01 3.21 3.97
N TRP A 83 -24.40 2.03 4.19
CA TRP A 83 -24.19 1.51 5.54
C TRP A 83 -22.77 1.69 6.08
N SER A 84 -21.78 1.97 5.24
CA SER A 84 -20.39 1.84 5.67
C SER A 84 -19.61 3.14 5.57
N GLN A 85 -20.27 4.26 5.34
CA GLN A 85 -19.65 5.56 5.54
C GLN A 85 -19.84 5.89 7.03
N SER A 86 -19.56 7.12 7.44
CA SER A 86 -19.66 7.52 8.84
C SER A 86 -20.52 8.78 8.92
N PRO A 87 -21.85 8.63 8.97
CA PRO A 87 -22.73 9.81 8.81
C PRO A 87 -22.39 10.98 9.70
N ARG A 88 -22.07 10.76 10.98
CA ARG A 88 -21.84 11.88 11.90
C ARG A 88 -20.77 12.86 11.38
N HIS A 89 -19.93 12.44 10.45
CA HIS A 89 -18.81 13.26 10.03
C HIS A 89 -18.92 13.76 8.59
N ILE A 90 -19.99 13.39 7.87
CA ILE A 90 -20.09 13.77 6.46
C ILE A 90 -20.18 15.28 6.32
N LYS A 91 -19.35 15.84 5.45
CA LYS A 91 -19.40 17.28 5.18
C LYS A 91 -19.62 17.65 3.71
N ASP A 92 -19.61 16.68 2.78
CA ASP A 92 -19.79 16.96 1.36
C ASP A 92 -20.68 15.87 0.79
N MET A 93 -21.95 16.20 0.57
CA MET A 93 -22.91 15.26 0.01
C MET A 93 -22.76 15.04 -1.49
N GLU A 94 -22.17 15.98 -2.22
CA GLU A 94 -21.85 15.70 -3.63
C GLU A 94 -20.75 14.65 -3.71
N ALA A 95 -19.74 14.76 -2.84
CA ALA A 95 -18.75 13.69 -2.73
C ALA A 95 -19.42 12.39 -2.35
N PHE A 96 -20.41 12.44 -1.45
CA PHE A 96 -21.04 11.22 -1.01
C PHE A 96 -21.75 10.52 -2.16
N LYS A 97 -22.42 11.29 -3.01
CA LYS A 97 -23.13 10.70 -4.13
C LYS A 97 -22.16 10.15 -5.17
N ALA A 98 -21.00 10.79 -5.30
CA ALA A 98 -19.95 10.23 -6.16
C ALA A 98 -19.60 8.82 -5.74
N VAL A 99 -19.33 8.61 -4.45
CA VAL A 99 -18.94 7.29 -3.98
C VAL A 99 -20.07 6.30 -4.21
N CYS A 100 -21.32 6.71 -3.96
CA CYS A 100 -22.45 5.87 -4.32
C CYS A 100 -22.39 5.42 -5.77
N VAL A 101 -22.12 6.36 -6.68
CA VAL A 101 -22.11 6.05 -8.10
C VAL A 101 -20.87 5.23 -8.46
N LEU A 102 -19.69 5.73 -8.09
CA LEU A 102 -18.45 5.05 -8.43
C LEU A 102 -18.42 3.64 -7.86
N ASN A 103 -18.89 3.45 -6.63
CA ASN A 103 -18.94 2.10 -6.09
C ASN A 103 -19.81 1.19 -6.92
N CYS A 104 -20.96 1.68 -7.39
CA CYS A 104 -21.88 0.83 -8.13
C CYS A 104 -21.34 0.49 -9.52
N VAL A 105 -20.81 1.49 -10.25
CA VAL A 105 -20.30 1.20 -11.60
C VAL A 105 -19.13 0.23 -11.51
N THR A 106 -18.33 0.38 -10.44
CA THR A 106 -17.33 -0.59 -10.01
C THR A 106 -17.88 -1.99 -9.89
N PHE A 107 -18.91 -2.15 -9.06
CA PHE A 107 -19.51 -3.45 -8.79
C PHE A 107 -19.88 -4.16 -10.09
N VAL A 108 -20.59 -3.46 -10.98
CA VAL A 108 -21.03 -4.09 -12.22
C VAL A 108 -19.84 -4.64 -12.99
N TRP A 109 -18.74 -3.87 -13.03
CA TRP A 109 -17.52 -4.32 -13.71
C TRP A 109 -16.93 -5.55 -13.05
N ASP A 110 -16.91 -5.59 -11.72
CA ASP A 110 -16.45 -6.78 -11.01
C ASP A 110 -17.31 -7.99 -11.35
N ASP A 111 -18.62 -7.79 -11.47
CA ASP A 111 -19.56 -8.87 -11.70
C ASP A 111 -19.65 -9.31 -13.14
N MET A 112 -18.85 -8.73 -14.04
CA MET A 112 -19.06 -8.86 -15.46
C MET A 112 -18.03 -9.78 -16.10
N ASP A 113 -18.52 -10.60 -17.02
CA ASP A 113 -17.67 -11.42 -17.85
C ASP A 113 -16.58 -10.57 -18.49
N PRO A 114 -15.33 -11.05 -18.50
CA PRO A 114 -14.22 -10.21 -19.00
C PRO A 114 -14.45 -9.60 -20.38
N ALA A 115 -15.18 -10.26 -21.29
CA ALA A 115 -15.39 -9.71 -22.61
C ALA A 115 -16.44 -8.60 -22.59
N LEU A 116 -17.23 -8.53 -21.52
CA LEU A 116 -18.09 -7.37 -21.34
C LEU A 116 -17.27 -6.11 -21.07
N HIS A 117 -15.98 -6.27 -20.73
CA HIS A 117 -15.11 -5.15 -20.41
C HIS A 117 -14.66 -4.44 -21.68
N ASP A 118 -14.50 -3.12 -21.58
CA ASP A 118 -14.00 -2.33 -22.70
C ASP A 118 -13.62 -0.97 -22.13
N PHE A 119 -12.32 -0.71 -22.10
CA PHE A 119 -11.83 0.51 -21.46
C PHE A 119 -12.12 1.74 -22.30
N GLY A 120 -12.22 1.57 -23.63
CA GLY A 120 -12.60 2.68 -24.48
C GLY A 120 -13.97 3.24 -24.13
N LEU A 121 -14.91 2.38 -23.75
CA LEU A 121 -16.28 2.80 -23.52
C LEU A 121 -16.65 2.97 -22.05
N PHE A 122 -15.80 2.58 -21.11
CA PHE A 122 -16.18 2.70 -19.72
C PHE A 122 -15.35 3.75 -18.99
N LEU A 123 -14.03 3.74 -19.16
CA LEU A 123 -13.17 4.79 -18.61
C LEU A 123 -13.67 6.20 -18.85
N PRO A 124 -14.17 6.58 -20.03
CA PRO A 124 -14.74 7.93 -20.15
C PRO A 124 -15.94 8.16 -19.23
N GLN A 125 -16.78 7.14 -19.04
CA GLN A 125 -17.92 7.31 -18.14
C GLN A 125 -17.46 7.47 -16.68
N LEU A 126 -16.39 6.76 -16.29
CA LEU A 126 -15.85 6.95 -14.95
C LEU A 126 -15.37 8.37 -14.75
N ARG A 127 -14.68 8.92 -15.77
CA ARG A 127 -14.20 10.29 -15.68
C ARG A 127 -15.36 11.27 -15.59
N LYS A 128 -16.43 11.01 -16.35
CA LYS A 128 -17.61 11.87 -16.33
C LYS A 128 -18.22 11.95 -14.93
N ILE A 129 -18.41 10.79 -14.28
CA ILE A 129 -18.89 10.77 -12.90
C ILE A 129 -18.00 11.60 -11.99
N CYS A 130 -16.69 11.34 -11.99
CA CYS A 130 -15.76 12.05 -11.09
C CYS A 130 -15.78 13.54 -11.37
N GLU A 131 -15.82 13.93 -12.65
CA GLU A 131 -15.77 15.35 -12.97
C GLU A 131 -17.09 16.05 -12.63
N LYS A 132 -18.19 15.30 -12.47
CA LYS A 132 -19.45 15.92 -12.07
C LYS A 132 -19.46 16.25 -10.57
N TYR A 133 -19.02 15.30 -9.73
CA TYR A 133 -19.23 15.37 -8.29
C TYR A 133 -18.07 15.98 -7.50
N TYR A 134 -16.86 15.99 -8.04
CA TYR A 134 -15.66 16.41 -7.32
C TYR A 134 -15.09 17.67 -7.94
N GLY A 135 -14.32 18.44 -7.17
CA GLY A 135 -13.48 19.46 -7.74
C GLY A 135 -12.34 18.84 -8.55
N PRO A 136 -11.62 19.63 -9.34
CA PRO A 136 -10.60 19.03 -10.24
C PRO A 136 -9.57 18.14 -9.55
N GLU A 137 -9.01 18.54 -8.41
CA GLU A 137 -7.94 17.72 -7.84
C GLU A 137 -8.48 16.38 -7.34
N ASP A 138 -9.55 16.45 -6.55
CA ASP A 138 -10.20 15.23 -6.09
C ASP A 138 -10.71 14.37 -7.24
N ALA A 139 -11.18 15.00 -8.32
CA ALA A 139 -11.68 14.21 -9.43
C ALA A 139 -10.58 13.37 -10.03
N GLU A 140 -9.37 13.94 -10.12
CA GLU A 140 -8.24 13.19 -10.66
C GLU A 140 -7.81 12.07 -9.73
N VAL A 141 -7.86 12.30 -8.41
CA VAL A 141 -7.50 11.25 -7.47
C VAL A 141 -8.54 10.13 -7.51
N ALA A 142 -9.81 10.51 -7.51
CA ALA A 142 -10.87 9.50 -7.60
C ALA A 142 -10.78 8.72 -8.91
N TYR A 143 -10.59 9.41 -10.02
CA TYR A 143 -10.59 8.73 -11.33
C TYR A 143 -9.37 7.82 -11.48
N GLU A 144 -8.19 8.28 -11.05
CA GLU A 144 -7.01 7.39 -11.08
C GLU A 144 -7.28 6.10 -10.32
N ALA A 145 -7.88 6.18 -9.13
CA ALA A 145 -8.13 4.99 -8.34
C ALA A 145 -9.22 4.13 -8.95
N ALA A 146 -10.21 4.74 -9.61
CA ALA A 146 -11.20 3.98 -10.36
C ALA A 146 -10.57 3.24 -11.52
N ARG A 147 -9.76 3.95 -12.31
CA ARG A 147 -9.02 3.35 -13.41
C ARG A 147 -8.16 2.18 -12.92
N ALA A 148 -7.42 2.40 -11.83
CA ALA A 148 -6.54 1.35 -11.30
C ALA A 148 -7.33 0.14 -10.87
N PHE A 149 -8.46 0.35 -10.21
CA PHE A 149 -9.27 -0.79 -9.77
C PHE A 149 -9.80 -1.61 -10.96
N VAL A 150 -10.36 -0.94 -11.97
CA VAL A 150 -10.94 -1.71 -13.07
C VAL A 150 -9.84 -2.37 -13.89
N THR A 151 -8.73 -1.67 -14.10
CA THR A 151 -7.59 -2.25 -14.79
C THR A 151 -7.04 -3.47 -14.06
N SER A 152 -6.99 -3.41 -12.73
CA SER A 152 -6.50 -4.54 -11.95
C SER A 152 -7.45 -5.72 -12.05
N ASP A 153 -8.74 -5.48 -11.86
CA ASP A 153 -9.71 -6.56 -11.95
C ASP A 153 -9.65 -7.25 -13.32
N HIS A 154 -9.48 -6.47 -14.40
CA HIS A 154 -9.37 -7.05 -15.74
C HIS A 154 -8.10 -7.87 -15.88
N MET A 155 -6.94 -7.29 -15.54
CA MET A 155 -5.69 -7.96 -15.90
C MET A 155 -5.40 -9.16 -15.00
N PHE A 156 -6.13 -9.32 -13.91
CA PHE A 156 -5.90 -10.45 -13.02
C PHE A 156 -6.89 -11.59 -13.21
N ARG A 157 -7.92 -11.43 -14.05
CA ARG A 157 -8.83 -12.53 -14.34
C ARG A 157 -8.06 -13.75 -14.83
N ASP A 158 -8.13 -14.83 -14.08
CA ASP A 158 -7.52 -16.11 -14.46
C ASP A 158 -5.99 -16.01 -14.63
N SER A 159 -5.37 -14.97 -13.99
CA SER A 159 -3.92 -14.71 -14.09
C SER A 159 -3.12 -15.67 -13.21
N PRO A 160 -1.94 -16.12 -13.65
CA PRO A 160 -1.08 -16.91 -12.74
C PRO A 160 -0.52 -16.09 -11.59
N ILE A 161 -0.43 -14.76 -11.71
CA ILE A 161 -0.04 -13.94 -10.57
C ILE A 161 -1.07 -14.05 -9.47
N LYS A 162 -2.34 -13.84 -9.82
CA LYS A 162 -3.43 -13.93 -8.86
C LYS A 162 -3.45 -15.30 -8.17
N ALA A 163 -3.20 -16.36 -8.94
CA ALA A 163 -3.14 -17.69 -8.34
C ALA A 163 -2.02 -17.78 -7.31
N ALA A 164 -0.87 -17.20 -7.62
CA ALA A 164 0.25 -17.24 -6.68
C ALA A 164 -0.02 -16.36 -5.46
N LEU A 165 -0.69 -15.21 -5.63
CA LEU A 165 -0.87 -14.31 -4.50
C LEU A 165 -2.07 -14.71 -3.66
N CYS A 166 -2.83 -15.73 -4.08
CA CYS A 166 -4.04 -16.15 -3.38
C CYS A 166 -3.89 -17.49 -2.69
N THR A 167 -3.07 -18.39 -3.22
CA THR A 167 -2.95 -19.72 -2.66
C THR A 167 -1.67 -19.91 -1.84
N THR A 168 -0.89 -18.87 -1.61
CA THR A 168 0.39 -19.08 -0.95
C THR A 168 0.29 -18.96 0.57
N SER A 169 -0.21 -17.83 1.07
CA SER A 169 -0.40 -17.61 2.49
C SER A 169 -1.42 -16.49 2.68
N PRO A 170 -2.06 -16.41 3.84
CA PRO A 170 -2.88 -15.22 4.12
C PRO A 170 -2.17 -13.92 3.81
N GLU A 171 -0.87 -13.85 4.12
CA GLU A 171 -0.13 -12.61 3.97
C GLU A 171 -0.03 -12.18 2.51
N GLN A 172 0.31 -13.12 1.61
CA GLN A 172 0.30 -12.78 0.20
C GLN A 172 -1.11 -12.42 -0.24
N TYR A 173 -2.10 -13.13 0.28
CA TYR A 173 -3.47 -12.95 -0.15
C TYR A 173 -3.99 -11.57 0.19
N PHE A 174 -3.86 -11.15 1.45
CA PHE A 174 -4.38 -9.84 1.82
C PHE A 174 -3.61 -8.74 1.12
N ARG A 175 -2.34 -8.96 0.82
CA ARG A 175 -1.58 -7.97 0.05
C ARG A 175 -2.22 -7.70 -1.31
N PHE A 176 -2.68 -8.76 -1.99
CA PHE A 176 -3.38 -8.59 -3.26
C PHE A 176 -4.71 -7.86 -3.05
N ARG A 177 -5.43 -8.21 -1.98
CA ARG A 177 -6.77 -7.68 -1.75
C ARG A 177 -6.79 -6.18 -1.44
N VAL A 178 -5.68 -5.61 -0.96
CA VAL A 178 -5.63 -4.16 -0.74
C VAL A 178 -6.12 -3.41 -1.97
N THR A 179 -5.69 -3.85 -3.15
CA THR A 179 -6.22 -3.29 -4.39
C THR A 179 -7.49 -4.02 -4.82
N ASP A 180 -7.47 -5.34 -4.78
CA ASP A 180 -8.45 -6.09 -5.56
C ASP A 180 -9.86 -5.97 -4.95
N ILE A 181 -9.97 -5.98 -3.62
CA ILE A 181 -11.30 -5.85 -3.02
C ILE A 181 -11.89 -4.48 -3.28
N GLY A 182 -11.06 -3.49 -3.59
CA GLY A 182 -11.53 -2.15 -3.85
C GLY A 182 -11.40 -1.17 -2.71
N VAL A 183 -10.75 -1.55 -1.59
CA VAL A 183 -10.71 -0.66 -0.44
C VAL A 183 -9.79 0.53 -0.70
N ASP A 184 -8.69 0.33 -1.44
CA ASP A 184 -7.82 1.49 -1.73
C ASP A 184 -8.56 2.52 -2.58
N PHE A 185 -9.34 2.04 -3.56
CA PHE A 185 -10.23 2.89 -4.35
C PHE A 185 -11.23 3.61 -3.45
N TRP A 186 -11.92 2.85 -2.59
CA TRP A 186 -12.90 3.41 -1.67
C TRP A 186 -12.36 4.60 -0.90
N MET A 187 -11.18 4.46 -0.31
CA MET A 187 -10.60 5.54 0.48
C MET A 187 -10.27 6.75 -0.39
N LYS A 188 -9.77 6.52 -1.59
CA LYS A 188 -9.35 7.63 -2.44
C LYS A 188 -10.53 8.34 -3.10
N MET A 189 -11.70 7.73 -3.11
CA MET A 189 -12.91 8.41 -3.55
C MET A 189 -13.75 8.98 -2.39
N SER A 190 -13.56 8.47 -1.17
CA SER A 190 -14.40 8.84 -0.03
C SER A 190 -13.85 9.97 0.81
N TYR A 191 -12.55 10.27 0.75
CA TYR A 191 -12.03 11.34 1.59
C TYR A 191 -12.60 12.72 1.27
N PRO A 192 -13.04 13.05 0.05
CA PRO A 192 -13.79 14.31 -0.12
C PRO A 192 -15.06 14.37 0.72
N ILE A 193 -15.63 13.24 1.12
CA ILE A 193 -16.84 13.26 1.95
C ILE A 193 -16.57 13.95 3.28
N TYR A 194 -15.39 13.74 3.87
CA TYR A 194 -15.13 14.16 5.23
C TYR A 194 -14.22 15.38 5.34
N ARG A 195 -13.42 15.68 4.32
CA ARG A 195 -12.54 16.85 4.31
C ARG A 195 -11.69 16.93 5.58
N HIS A 196 -11.22 15.78 6.08
CA HIS A 196 -10.41 15.70 7.28
C HIS A 196 -8.95 15.53 6.90
N PRO A 197 -8.06 16.43 7.33
CA PRO A 197 -6.67 16.36 6.87
C PRO A 197 -5.89 15.13 7.33
N GLU A 198 -6.35 14.44 8.37
CA GLU A 198 -5.69 13.18 8.68
C GLU A 198 -6.19 12.07 7.75
N PHE A 199 -7.51 12.00 7.56
CA PHE A 199 -8.07 10.94 6.73
C PHE A 199 -7.60 11.07 5.29
N THR A 200 -7.40 12.30 4.82
CA THR A 200 -7.03 12.50 3.43
C THR A 200 -5.61 12.01 3.18
N GLU A 201 -4.71 12.21 4.14
CA GLU A 201 -3.34 11.74 3.96
C GLU A 201 -3.24 10.23 4.14
N HIS A 202 -3.92 9.67 5.16
CA HIS A 202 -3.99 8.21 5.26
C HIS A 202 -4.60 7.58 4.00
N ALA A 203 -5.60 8.24 3.40
CA ALA A 203 -6.18 7.70 2.17
C ALA A 203 -5.19 7.76 1.02
N LYS A 204 -4.43 8.86 0.92
CA LYS A 204 -3.53 9.04 -0.20
C LYS A 204 -2.22 8.24 -0.06
N THR A 205 -1.78 7.93 1.16
CA THR A 205 -0.67 6.99 1.32
C THR A 205 -1.11 5.55 1.12
N SER A 206 -2.41 5.27 1.16
CA SER A 206 -3.02 3.95 1.23
C SER A 206 -2.88 3.28 2.60
N LEU A 207 -2.30 3.97 3.60
CA LEU A 207 -2.33 3.41 4.94
C LEU A 207 -3.76 3.11 5.38
N ALA A 208 -4.72 3.98 5.00
CA ALA A 208 -6.11 3.75 5.34
C ALA A 208 -6.60 2.42 4.79
N ALA A 209 -6.36 2.19 3.49
CA ALA A 209 -6.74 0.93 2.88
C ALA A 209 -6.06 -0.24 3.58
N ARG A 210 -4.76 -0.10 3.87
CA ARG A 210 -4.03 -1.21 4.47
C ARG A 210 -4.57 -1.56 5.85
N MET A 211 -4.95 -0.54 6.64
CA MET A 211 -5.49 -0.80 7.98
C MET A 211 -6.78 -1.57 7.92
N THR A 212 -7.61 -1.32 6.90
CA THR A 212 -8.96 -1.85 6.84
C THR A 212 -9.10 -3.07 5.93
N THR A 213 -8.03 -3.51 5.27
CA THR A 213 -8.16 -4.56 4.27
C THR A 213 -8.67 -5.86 4.87
N ARG A 214 -8.08 -6.31 5.98
CA ARG A 214 -8.42 -7.63 6.48
C ARG A 214 -9.82 -7.65 7.07
N GLY A 215 -10.22 -6.59 7.77
CA GLY A 215 -11.57 -6.57 8.33
C GLY A 215 -12.65 -6.66 7.27
N LEU A 216 -12.45 -5.98 6.15
CA LEU A 216 -13.40 -6.02 5.04
C LEU A 216 -13.34 -7.35 4.31
N THR A 217 -12.12 -7.81 4.01
CA THR A 217 -11.93 -8.97 3.14
C THR A 217 -12.34 -10.27 3.82
N ILE A 218 -12.01 -10.43 5.11
CA ILE A 218 -12.34 -11.66 5.80
C ILE A 218 -13.86 -11.85 5.84
N VAL A 219 -14.59 -10.81 6.22
CA VAL A 219 -16.05 -10.87 6.25
C VAL A 219 -16.59 -11.16 4.85
N ASN A 220 -16.17 -10.37 3.86
CA ASN A 220 -16.61 -10.61 2.49
C ASN A 220 -16.31 -12.02 2.04
N ASP A 221 -15.10 -12.52 2.32
CA ASP A 221 -14.73 -13.85 1.87
C ASP A 221 -15.64 -14.91 2.49
N PHE A 222 -16.02 -14.74 3.74
CA PHE A 222 -16.83 -15.79 4.36
C PHE A 222 -18.20 -15.89 3.69
N TYR A 223 -18.88 -14.75 3.54
CA TYR A 223 -20.24 -14.75 3.05
C TYR A 223 -20.33 -14.81 1.54
N SER A 224 -19.21 -14.73 0.83
CA SER A 224 -19.21 -14.84 -0.62
C SER A 224 -18.42 -16.07 -1.09
N TYR A 225 -17.94 -16.89 -0.16
CA TYR A 225 -17.22 -18.11 -0.51
C TYR A 225 -18.05 -19.02 -1.41
N ASP A 226 -19.34 -19.22 -1.07
CA ASP A 226 -20.17 -20.16 -1.80
C ASP A 226 -20.35 -19.72 -3.26
N ARG A 227 -20.69 -18.45 -3.47
CA ARG A 227 -20.81 -17.92 -4.83
C ARG A 227 -19.54 -18.16 -5.63
N GLU A 228 -18.39 -17.84 -5.05
CA GLU A 228 -17.15 -17.78 -5.81
C GLU A 228 -16.59 -19.17 -6.12
N VAL A 229 -16.78 -20.14 -5.24
CA VAL A 229 -16.30 -21.49 -5.53
C VAL A 229 -17.13 -22.10 -6.66
N SER A 230 -18.39 -21.72 -6.76
CA SER A 230 -19.24 -22.24 -7.83
C SER A 230 -18.89 -21.60 -9.16
N LEU A 231 -18.08 -20.53 -9.13
CA LEU A 231 -17.75 -19.80 -10.34
C LEU A 231 -16.27 -19.87 -10.69
N GLY A 232 -15.51 -20.68 -9.97
CA GLY A 232 -14.09 -20.77 -10.22
C GLY A 232 -13.32 -19.54 -9.82
N GLN A 233 -13.85 -18.73 -8.91
CA GLN A 233 -13.15 -17.56 -8.42
C GLN A 233 -12.27 -17.97 -7.24
N ILE A 234 -10.95 -17.78 -7.39
CA ILE A 234 -10.00 -18.25 -6.38
C ILE A 234 -9.70 -17.20 -5.31
N THR A 235 -10.18 -15.96 -5.49
CA THR A 235 -9.78 -14.86 -4.62
C THR A 235 -10.63 -14.87 -3.36
N ASN A 236 -10.25 -15.75 -2.43
CA ASN A 236 -11.03 -15.95 -1.20
C ASN A 236 -10.16 -16.73 -0.21
N CYS A 237 -9.81 -16.10 0.92
CA CYS A 237 -8.84 -16.71 1.84
C CYS A 237 -9.31 -18.05 2.40
N PHE A 238 -10.61 -18.32 2.42
CA PHE A 238 -11.02 -19.59 2.98
C PHE A 238 -10.68 -20.77 2.07
N ARG A 239 -10.31 -20.54 0.81
CA ARG A 239 -9.80 -21.63 0.00
C ARG A 239 -8.42 -22.08 0.45
N LEU A 240 -7.81 -21.41 1.43
CA LEU A 240 -6.52 -21.79 1.95
C LEU A 240 -6.61 -22.88 3.02
N CYS A 241 -7.79 -23.19 3.55
CA CYS A 241 -7.90 -24.23 4.56
C CYS A 241 -8.83 -25.36 4.10
N ASP A 242 -8.74 -26.49 4.79
CA ASP A 242 -9.44 -27.73 4.40
C ASP A 242 -10.86 -27.68 4.96
N VAL A 243 -11.71 -26.86 4.35
CA VAL A 243 -12.99 -26.52 4.97
C VAL A 243 -13.92 -27.71 5.12
N SER A 244 -13.61 -28.84 4.46
CA SER A 244 -14.37 -30.06 4.71
C SER A 244 -13.93 -30.73 6.01
N ASP A 245 -13.35 -29.95 6.92
CA ASP A 245 -12.84 -30.48 8.19
C ASP A 245 -12.99 -29.40 9.26
N GLU A 246 -13.78 -29.70 10.29
CA GLU A 246 -14.17 -28.68 11.27
C GLU A 246 -13.02 -28.18 12.12
N THR A 247 -12.10 -29.05 12.53
CA THR A 247 -10.99 -28.59 13.35
C THR A 247 -10.10 -27.61 12.59
N ALA A 248 -9.69 -27.98 11.38
CA ALA A 248 -8.90 -27.06 10.56
C ALA A 248 -9.64 -25.77 10.30
N PHE A 249 -10.92 -25.85 9.94
CA PHE A 249 -11.69 -24.64 9.70
C PHE A 249 -11.77 -23.78 10.96
N LYS A 250 -11.96 -24.41 12.14
CA LYS A 250 -12.09 -23.60 13.35
C LYS A 250 -10.77 -22.91 13.69
N GLU A 251 -9.65 -23.59 13.48
CA GLU A 251 -8.35 -22.96 13.69
C GLU A 251 -8.18 -21.78 12.76
N PHE A 252 -8.43 -22.00 11.46
CA PHE A 252 -8.25 -20.97 10.46
C PHE A 252 -9.17 -19.79 10.72
N PHE A 253 -10.45 -20.06 10.98
CA PHE A 253 -11.40 -18.98 11.23
C PHE A 253 -10.97 -18.16 12.44
N GLN A 254 -10.50 -18.82 13.50
CA GLN A 254 -10.06 -18.08 14.66
C GLN A 254 -8.86 -17.18 14.35
N ALA A 255 -7.86 -17.70 13.60
CA ALA A 255 -6.71 -16.86 13.26
C ALA A 255 -7.12 -15.64 12.43
N ARG A 256 -8.12 -15.79 11.54
CA ARG A 256 -8.65 -14.63 10.83
C ARG A 256 -9.35 -13.66 11.78
N LEU A 257 -10.11 -14.19 12.74
CA LEU A 257 -10.73 -13.33 13.74
C LEU A 257 -9.67 -12.54 14.52
N ASP A 258 -8.58 -13.21 14.91
CA ASP A 258 -7.49 -12.51 15.60
C ASP A 258 -6.89 -11.43 14.70
N ASP A 259 -6.76 -11.71 13.41
CA ASP A 259 -6.30 -10.69 12.47
C ASP A 259 -7.18 -9.44 12.56
N MET A 260 -8.50 -9.62 12.50
CA MET A 260 -9.43 -8.49 12.59
C MET A 260 -9.24 -7.71 13.89
N ILE A 261 -9.04 -8.42 15.00
CA ILE A 261 -8.96 -7.76 16.31
C ILE A 261 -7.69 -6.92 16.42
N GLU A 262 -6.55 -7.44 15.95
CA GLU A 262 -5.31 -6.68 16.05
C GLU A 262 -5.38 -5.42 15.19
N ASP A 263 -5.96 -5.54 14.00
CA ASP A 263 -6.17 -4.36 13.14
C ASP A 263 -7.06 -3.35 13.84
N ILE A 264 -8.19 -3.81 14.39
CA ILE A 264 -9.14 -2.89 15.01
C ILE A 264 -8.50 -2.13 16.17
N GLU A 265 -7.75 -2.84 17.02
CA GLU A 265 -7.11 -2.14 18.15
C GLU A 265 -6.06 -1.15 17.68
N CYS A 266 -5.33 -1.45 16.60
CA CYS A 266 -4.37 -0.47 16.10
C CYS A 266 -5.07 0.70 15.44
N ILE A 267 -6.24 0.48 14.82
CA ILE A 267 -7.02 1.58 14.25
C ILE A 267 -7.42 2.57 15.32
N LYS A 268 -7.57 2.11 16.56
CA LYS A 268 -7.94 2.99 17.66
C LYS A 268 -6.83 3.98 18.03
N ALA A 269 -5.60 3.78 17.54
CA ALA A 269 -4.54 4.76 17.77
C ALA A 269 -4.58 5.90 16.76
N PHE A 270 -5.38 5.77 15.72
CA PHE A 270 -5.60 6.91 14.85
C PHE A 270 -6.44 7.96 15.59
N ASP A 271 -6.57 9.13 14.99
CA ASP A 271 -7.37 10.19 15.60
C ASP A 271 -8.85 9.83 15.56
N GLN A 272 -9.63 10.48 16.42
CA GLN A 272 -10.98 9.98 16.70
C GLN A 272 -11.86 9.99 15.44
N LEU A 273 -11.77 11.02 14.60
CA LEU A 273 -12.57 11.04 13.38
C LEU A 273 -12.09 9.98 12.39
N THR A 274 -10.79 9.89 12.17
CA THR A 274 -10.25 8.84 11.30
C THR A 274 -10.68 7.47 11.78
N GLN A 275 -10.45 7.18 13.06
CA GLN A 275 -10.84 5.91 13.66
C GLN A 275 -12.32 5.61 13.44
N ASP A 276 -13.18 6.63 13.57
CA ASP A 276 -14.60 6.41 13.35
C ASP A 276 -14.89 5.97 11.93
N VAL A 277 -14.29 6.64 10.95
CA VAL A 277 -14.52 6.28 9.55
C VAL A 277 -14.05 4.84 9.30
N PHE A 278 -12.86 4.50 9.79
CA PHE A 278 -12.31 3.15 9.59
C PHE A 278 -13.23 2.10 10.18
N LEU A 279 -13.65 2.28 11.43
CA LEU A 279 -14.45 1.25 12.08
C LEU A 279 -15.86 1.20 11.51
N ASP A 280 -16.46 2.36 11.22
CA ASP A 280 -17.77 2.35 10.54
C ASP A 280 -17.69 1.59 9.23
N LEU A 281 -16.58 1.75 8.48
CA LEU A 281 -16.40 1.01 7.24
C LEU A 281 -16.43 -0.49 7.48
N ILE A 282 -15.65 -0.97 8.46
CA ILE A 282 -15.54 -2.41 8.66
C ILE A 282 -16.85 -2.97 9.19
N TYR A 283 -17.41 -2.34 10.21
CA TYR A 283 -18.67 -2.81 10.80
C TYR A 283 -19.82 -2.64 9.80
N GLY A 284 -19.87 -1.50 9.13
CA GLY A 284 -20.93 -1.28 8.14
C GLY A 284 -20.98 -2.37 7.09
N ASN A 285 -19.81 -2.74 6.55
CA ASN A 285 -19.79 -3.79 5.53
C ASN A 285 -20.30 -5.11 6.07
N PHE A 286 -20.08 -5.37 7.36
CA PHE A 286 -20.56 -6.63 7.94
C PHE A 286 -22.09 -6.70 7.97
N VAL A 287 -22.77 -5.59 8.26
CA VAL A 287 -24.24 -5.61 8.29
C VAL A 287 -24.80 -5.78 6.87
N TRP A 288 -24.33 -4.96 5.93
CA TRP A 288 -24.76 -5.13 4.54
C TRP A 288 -24.57 -6.57 4.09
N THR A 289 -23.38 -7.11 4.30
CA THR A 289 -23.01 -8.40 3.72
C THR A 289 -23.88 -9.53 4.27
N THR A 290 -24.15 -9.53 5.57
CA THR A 290 -24.84 -10.63 6.22
C THR A 290 -26.35 -10.60 5.99
N SER A 291 -26.81 -9.81 5.02
CA SER A 291 -28.21 -9.59 4.77
C SER A 291 -28.52 -9.40 3.30
N ASN A 292 -27.52 -9.29 2.44
CA ASN A 292 -27.77 -8.99 1.04
C ASN A 292 -27.90 -10.26 0.20
N LYS A 293 -28.77 -10.19 -0.81
CA LYS A 293 -29.09 -11.33 -1.66
C LYS A 293 -27.87 -11.80 -2.43
N ARG A 294 -26.87 -10.92 -2.52
CA ARG A 294 -25.56 -11.27 -3.06
C ARG A 294 -24.95 -12.48 -2.37
N TYR A 295 -25.39 -12.81 -1.17
CA TYR A 295 -24.62 -13.68 -0.29
C TYR A 295 -25.42 -14.88 0.21
N LYS A 296 -26.68 -14.98 -0.17
CA LYS A 296 -27.35 -16.25 -0.04
C LYS A 296 -27.62 -16.90 -1.39
N THR A 297 -26.78 -17.86 -1.80
CA THR A 297 -26.43 -18.08 -3.20
C THR A 297 -27.65 -18.53 -4.01
N ALA A 298 -27.62 -19.74 -4.55
CA ALA A 298 -28.40 -20.11 -5.73
C ALA A 298 -28.30 -19.05 -6.83
N ILE B 13 17.42 -0.74 23.77
CA ILE B 13 16.39 -0.12 24.60
C ILE B 13 16.80 1.32 24.86
N GLY B 14 18.07 1.51 25.19
CA GLY B 14 18.77 2.75 24.90
C GLY B 14 19.90 2.56 23.90
N ARG B 15 20.98 1.91 24.34
CA ARG B 15 22.18 1.59 23.56
C ARG B 15 22.22 0.14 23.13
N SER B 16 21.54 -0.18 22.02
CA SER B 16 21.35 -1.55 21.55
C SER B 16 22.22 -1.81 20.32
N SER B 17 22.61 -3.06 20.15
CA SER B 17 23.42 -3.34 18.98
C SER B 17 23.08 -4.72 18.45
N VAL B 18 23.17 -4.85 17.13
CA VAL B 18 23.26 -6.13 16.48
C VAL B 18 24.67 -6.39 15.97
N ARG B 19 25.63 -5.61 16.45
CA ARG B 19 27.04 -5.86 16.17
C ARG B 19 27.43 -7.33 16.26
N PRO B 20 27.09 -8.09 17.31
CA PRO B 20 27.60 -9.47 17.39
C PRO B 20 27.19 -10.32 16.21
N TYR B 21 26.05 -10.04 15.60
CA TYR B 21 25.52 -10.84 14.51
C TYR B 21 25.97 -10.38 13.13
N LEU B 22 26.74 -9.29 13.07
CA LEU B 22 27.02 -8.65 11.79
C LEU B 22 27.44 -9.67 10.75
N GLU B 23 28.41 -10.52 11.09
CA GLU B 23 29.02 -11.37 10.09
C GLU B 23 28.13 -12.53 9.71
N GLU B 24 27.58 -13.23 10.70
CA GLU B 24 26.78 -14.39 10.40
C GLU B 24 25.55 -14.01 9.58
N CYS B 25 24.95 -12.85 9.87
CA CYS B 25 23.72 -12.49 9.17
C CYS B 25 23.98 -12.04 7.75
N THR B 26 25.06 -11.28 7.53
CA THR B 26 25.44 -10.90 6.17
C THR B 26 25.61 -12.15 5.30
N ARG B 27 26.20 -13.19 5.87
CA ARG B 27 26.37 -14.44 5.13
C ARG B 27 25.03 -15.15 4.94
N ARG B 28 24.16 -15.14 5.94
CA ARG B 28 22.85 -15.78 5.79
C ARG B 28 22.00 -15.02 4.78
N PHE B 29 22.06 -13.68 4.81
CA PHE B 29 21.45 -12.89 3.74
C PHE B 29 22.00 -13.31 2.38
N GLN B 30 23.33 -13.34 2.26
CA GLN B 30 23.98 -13.61 0.99
C GLN B 30 23.64 -15.00 0.49
N GLU B 31 23.66 -16.01 1.37
CA GLU B 31 23.29 -17.35 0.94
C GLU B 31 21.86 -17.41 0.45
N MET B 32 20.94 -16.68 1.11
CA MET B 32 19.55 -16.64 0.67
C MET B 32 19.43 -16.07 -0.73
N PHE B 33 20.13 -14.96 -1.01
CA PHE B 33 20.11 -14.40 -2.36
C PHE B 33 20.73 -15.36 -3.39
N ASP B 34 21.72 -16.17 -2.98
CA ASP B 34 22.33 -17.14 -3.91
C ASP B 34 21.40 -18.31 -4.18
N ARG B 35 20.63 -18.73 -3.17
CA ARG B 35 19.61 -19.76 -3.32
C ARG B 35 18.46 -19.27 -4.21
N HIS B 36 17.95 -18.07 -3.96
CA HIS B 36 16.61 -17.73 -4.39
C HIS B 36 16.55 -16.68 -5.49
N VAL B 37 17.52 -15.79 -5.58
CA VAL B 37 17.53 -14.75 -6.62
C VAL B 37 18.56 -15.04 -7.69
N VAL B 38 19.78 -15.36 -7.28
CA VAL B 38 20.89 -15.80 -8.11
C VAL B 38 21.50 -14.61 -8.84
N THR B 39 20.72 -13.97 -9.70
CA THR B 39 21.25 -12.94 -10.59
C THR B 39 21.77 -11.73 -9.81
N ARG B 40 23.06 -11.49 -9.90
CA ARG B 40 23.72 -10.37 -9.25
C ARG B 40 23.17 -9.05 -9.80
N PRO B 41 22.92 -8.07 -8.93
CA PRO B 41 22.67 -6.70 -9.41
C PRO B 41 23.89 -6.17 -10.14
N THR B 42 23.73 -5.06 -10.86
CA THR B 42 24.86 -4.43 -11.55
C THR B 42 24.68 -2.93 -11.58
N LYS B 43 25.65 -2.21 -11.02
CA LYS B 43 25.53 -0.79 -10.69
C LYS B 43 25.62 0.10 -11.93
N VAL B 44 24.75 1.13 -11.97
CA VAL B 44 24.77 2.05 -13.10
C VAL B 44 25.97 2.99 -12.98
N GLU B 45 26.62 3.24 -14.10
CA GLU B 45 27.81 4.09 -14.14
C GLU B 45 27.41 5.49 -14.61
N LEU B 46 27.49 6.47 -13.72
CA LEU B 46 27.30 7.87 -14.11
C LEU B 46 28.65 8.52 -14.35
N THR B 47 28.72 9.43 -15.32
CA THR B 47 29.92 10.22 -15.51
C THR B 47 30.02 11.27 -14.40
N ASP B 48 31.22 11.83 -14.23
CA ASP B 48 31.41 12.95 -13.32
C ASP B 48 30.43 14.07 -13.69
N ALA B 49 30.22 14.27 -14.99
CA ALA B 49 29.25 15.24 -15.48
C ALA B 49 27.87 15.00 -14.89
N GLU B 50 27.26 13.85 -15.20
CA GLU B 50 25.90 13.55 -14.75
C GLU B 50 25.79 13.60 -13.24
N LEU B 51 26.84 13.18 -12.54
CA LEU B 51 26.83 13.25 -11.08
C LEU B 51 26.74 14.69 -10.61
N ARG B 52 27.60 15.58 -11.16
CA ARG B 52 27.50 17.00 -10.86
C ARG B 52 26.15 17.59 -11.25
N GLU B 53 25.52 17.07 -12.30
CA GLU B 53 24.21 17.58 -12.68
C GLU B 53 23.16 17.16 -11.65
N VAL B 54 23.19 15.90 -11.24
CA VAL B 54 22.32 15.41 -10.18
C VAL B 54 22.52 16.24 -8.92
N ILE B 55 23.77 16.36 -8.47
CA ILE B 55 24.07 17.02 -7.20
C ILE B 55 23.70 18.50 -7.24
N ASP B 56 23.83 19.15 -8.40
CA ASP B 56 23.35 20.52 -8.52
C ASP B 56 21.84 20.59 -8.29
N ASP B 57 21.09 19.75 -8.98
CA ASP B 57 19.65 19.72 -8.76
C ASP B 57 19.31 19.36 -7.32
N CYS B 58 20.22 18.65 -6.64
CA CYS B 58 19.96 18.24 -5.25
C CYS B 58 20.15 19.41 -4.30
N ASN B 59 21.28 20.11 -4.42
CA ASN B 59 21.54 21.27 -3.57
C ASN B 59 20.53 22.38 -3.83
N ALA B 60 20.18 22.58 -5.10
CA ALA B 60 19.12 23.54 -5.42
C ALA B 60 17.86 23.24 -4.64
N ALA B 61 17.49 21.95 -4.57
CA ALA B 61 16.21 21.59 -4.01
C ALA B 61 16.17 21.79 -2.50
N VAL B 62 17.24 21.40 -1.80
CA VAL B 62 17.21 21.51 -0.34
C VAL B 62 17.68 22.85 0.17
N ALA B 63 18.10 23.76 -0.71
CA ALA B 63 18.60 25.06 -0.26
C ALA B 63 17.59 25.90 0.51
N PRO B 64 16.29 25.89 0.18
CA PRO B 64 15.34 26.58 1.05
C PRO B 64 15.37 26.10 2.50
N LEU B 65 15.66 24.82 2.74
CA LEU B 65 15.69 24.28 4.10
C LEU B 65 16.91 24.74 4.89
N GLY B 66 17.84 25.45 4.25
CA GLY B 66 18.95 26.10 4.92
C GLY B 66 19.92 25.23 5.67
N LYS B 67 20.00 23.95 5.33
CA LYS B 67 20.96 23.03 5.92
C LYS B 67 21.94 22.60 4.84
N THR B 68 23.22 22.87 5.03
CA THR B 68 24.21 22.42 4.06
C THR B 68 24.33 20.91 4.09
N VAL B 69 24.46 20.30 2.90
CA VAL B 69 24.63 18.87 2.79
C VAL B 69 25.80 18.62 1.84
N SER B 70 26.69 17.73 2.25
CA SER B 70 28.01 17.54 1.65
C SER B 70 27.95 16.68 0.40
N ASP B 71 28.91 16.92 -0.50
CA ASP B 71 29.02 16.12 -1.73
C ASP B 71 29.19 14.65 -1.42
N GLU B 72 30.11 14.31 -0.52
CA GLU B 72 30.28 12.93 -0.10
C GLU B 72 28.96 12.34 0.39
N ARG B 73 28.13 13.14 1.04
CA ARG B 73 26.86 12.63 1.55
C ARG B 73 25.87 12.37 0.42
N TRP B 74 25.79 13.29 -0.55
CA TRP B 74 24.96 13.05 -1.74
C TRP B 74 25.31 11.72 -2.39
N ILE B 75 26.61 11.43 -2.49
CA ILE B 75 27.07 10.24 -3.18
C ILE B 75 26.81 8.96 -2.38
N SER B 76 26.71 9.06 -1.06
CA SER B 76 26.25 7.93 -0.27
C SER B 76 24.78 7.62 -0.60
N TYR B 77 23.93 8.64 -0.57
CA TYR B 77 22.53 8.47 -0.93
C TYR B 77 22.36 7.85 -2.31
N VAL B 78 22.96 8.46 -3.33
CA VAL B 78 22.64 8.09 -4.70
C VAL B 78 23.03 6.65 -4.98
N GLY B 79 23.86 6.05 -4.12
CA GLY B 79 24.29 4.68 -4.36
C GLY B 79 23.15 3.68 -4.39
N VAL B 80 22.09 3.90 -3.61
CA VAL B 80 20.97 2.97 -3.67
C VAL B 80 20.35 2.97 -5.06
N VAL B 81 20.29 4.13 -5.72
CA VAL B 81 19.70 4.18 -7.06
C VAL B 81 20.65 3.57 -8.08
N LEU B 82 21.95 3.84 -7.93
CA LEU B 82 22.91 3.24 -8.85
C LEU B 82 22.91 1.73 -8.73
N TRP B 83 22.70 1.20 -7.51
CA TRP B 83 22.76 -0.23 -7.27
C TRP B 83 21.44 -0.97 -7.47
N SER B 84 20.29 -0.33 -7.29
CA SER B 84 19.07 -1.11 -7.08
C SER B 84 18.00 -0.88 -8.15
N GLN B 85 18.31 -0.19 -9.24
CA GLN B 85 17.46 -0.21 -10.43
C GLN B 85 17.81 -1.46 -11.24
N SER B 86 17.46 -1.46 -12.52
CA SER B 86 17.52 -2.66 -13.37
C SER B 86 18.12 -2.30 -14.73
N PRO B 87 19.46 -2.25 -14.83
CA PRO B 87 20.08 -1.83 -16.09
C PRO B 87 19.75 -2.70 -17.29
N ARG B 88 19.36 -3.96 -17.08
CA ARG B 88 18.86 -4.79 -18.18
C ARG B 88 17.79 -4.08 -18.99
N HIS B 89 17.01 -3.21 -18.36
CA HIS B 89 15.74 -2.78 -18.94
C HIS B 89 15.57 -1.27 -19.01
N ILE B 90 16.49 -0.50 -18.41
CA ILE B 90 16.35 0.95 -18.40
C ILE B 90 16.20 1.46 -19.83
N LYS B 91 15.11 2.18 -20.08
CA LYS B 91 14.83 2.82 -21.36
C LYS B 91 14.94 4.34 -21.30
N ASP B 92 14.78 4.97 -20.13
CA ASP B 92 14.75 6.44 -20.03
C ASP B 92 15.70 6.89 -18.93
N MET B 93 16.82 7.50 -19.33
CA MET B 93 17.79 7.99 -18.36
C MET B 93 17.43 9.37 -17.82
N GLU B 94 16.49 10.09 -18.44
CA GLU B 94 15.95 11.28 -17.77
C GLU B 94 15.24 10.90 -16.48
N ALA B 95 14.30 9.96 -16.57
CA ALA B 95 13.63 9.46 -15.38
C ALA B 95 14.62 8.90 -14.37
N PHE B 96 15.70 8.26 -14.85
CA PHE B 96 16.75 7.78 -13.95
C PHE B 96 17.37 8.93 -13.17
N LYS B 97 17.81 9.97 -13.87
CA LYS B 97 18.41 11.11 -13.20
C LYS B 97 17.42 11.75 -12.22
N ALA B 98 16.14 11.75 -12.58
CA ALA B 98 15.09 12.22 -11.67
C ALA B 98 15.08 11.41 -10.38
N VAL B 99 15.03 10.08 -10.49
CA VAL B 99 14.99 9.24 -9.30
C VAL B 99 16.22 9.49 -8.43
N CYS B 100 17.38 9.70 -9.03
CA CYS B 100 18.57 10.01 -8.24
C CYS B 100 18.35 11.26 -7.40
N VAL B 101 17.83 12.31 -8.02
CA VAL B 101 17.65 13.58 -7.31
C VAL B 101 16.55 13.45 -6.25
N LEU B 102 15.41 12.88 -6.62
CA LEU B 102 14.30 12.74 -5.68
C LEU B 102 14.67 11.81 -4.53
N ASN B 103 15.30 10.67 -4.83
CA ASN B 103 15.79 9.80 -3.77
C ASN B 103 16.66 10.60 -2.82
N CYS B 104 17.61 11.35 -3.37
CA CYS B 104 18.57 12.09 -2.54
C CYS B 104 17.89 13.13 -1.66
N VAL B 105 17.05 13.98 -2.24
CA VAL B 105 16.57 15.11 -1.45
C VAL B 105 15.60 14.65 -0.38
N THR B 106 14.88 13.55 -0.62
CA THR B 106 13.98 13.06 0.41
C THR B 106 14.73 12.31 1.49
N PHE B 107 15.90 11.75 1.17
CA PHE B 107 16.79 11.24 2.21
C PHE B 107 17.13 12.33 3.22
N VAL B 108 17.52 13.50 2.72
CA VAL B 108 17.80 14.64 3.59
C VAL B 108 16.62 14.90 4.52
N TRP B 109 15.42 14.99 3.96
CA TRP B 109 14.22 15.12 4.76
C TRP B 109 14.16 14.05 5.84
N ASP B 110 14.37 12.79 5.46
CA ASP B 110 14.32 11.68 6.39
C ASP B 110 15.28 11.91 7.56
N ASP B 111 16.44 12.49 7.28
CA ASP B 111 17.54 12.68 8.22
C ASP B 111 17.44 13.97 9.03
N MET B 112 16.32 14.68 8.99
CA MET B 112 16.22 16.03 9.54
C MET B 112 15.30 16.05 10.74
N ASP B 113 15.57 16.97 11.66
CA ASP B 113 14.60 17.30 12.70
C ASP B 113 13.31 17.76 12.02
N PRO B 114 12.14 17.53 12.63
CA PRO B 114 10.93 18.10 12.06
C PRO B 114 10.96 19.61 12.02
N ALA B 115 11.82 20.22 12.85
CA ALA B 115 11.87 21.68 12.96
C ALA B 115 12.28 22.34 11.65
N LEU B 116 12.94 21.60 10.77
CA LEU B 116 13.36 22.08 9.46
C LEU B 116 12.40 21.68 8.34
N HIS B 117 11.29 21.02 8.67
CA HIS B 117 10.36 20.49 7.67
C HIS B 117 9.38 21.57 7.23
N ASP B 118 9.77 22.41 6.29
CA ASP B 118 8.85 23.43 5.77
C ASP B 118 8.34 22.97 4.41
N PHE B 119 7.07 22.54 4.37
CA PHE B 119 6.45 22.16 3.11
C PHE B 119 6.24 23.36 2.21
N GLY B 120 5.88 24.51 2.79
CA GLY B 120 5.75 25.72 2.02
C GLY B 120 6.97 26.00 1.16
N LEU B 121 8.16 25.70 1.68
CA LEU B 121 9.39 25.96 0.95
C LEU B 121 9.86 24.75 0.14
N PHE B 122 9.50 23.54 0.56
CA PHE B 122 10.12 22.37 -0.05
C PHE B 122 9.23 21.71 -1.11
N LEU B 123 7.92 21.69 -0.90
CA LEU B 123 7.03 21.00 -1.83
C LEU B 123 7.08 21.53 -3.26
N PRO B 124 7.13 22.85 -3.51
CA PRO B 124 7.30 23.29 -4.90
C PRO B 124 8.66 22.90 -5.47
N GLN B 125 9.64 22.62 -4.62
CA GLN B 125 10.94 22.21 -5.14
C GLN B 125 10.91 20.77 -5.64
N LEU B 126 10.15 19.90 -4.97
CA LEU B 126 9.91 18.57 -5.50
C LEU B 126 9.09 18.64 -6.77
N ARG B 127 8.23 19.66 -6.89
CA ARG B 127 7.48 19.84 -8.12
C ARG B 127 8.41 20.20 -9.27
N LYS B 128 9.31 21.17 -9.04
CA LYS B 128 10.29 21.58 -10.03
C LYS B 128 11.05 20.38 -10.60
N ILE B 129 11.63 19.56 -9.72
CA ILE B 129 12.41 18.40 -10.16
C ILE B 129 11.57 17.50 -11.08
N CYS B 130 10.31 17.27 -10.69
CA CYS B 130 9.45 16.39 -11.46
C CYS B 130 9.12 16.97 -12.83
N GLU B 131 8.80 18.27 -12.89
CA GLU B 131 8.47 18.88 -14.17
C GLU B 131 9.70 18.98 -15.07
N LYS B 132 10.90 18.97 -14.49
CA LYS B 132 12.10 19.00 -15.32
C LYS B 132 12.26 17.70 -16.10
N TYR B 133 12.12 16.56 -15.43
CA TYR B 133 12.59 15.28 -15.98
C TYR B 133 11.52 14.38 -16.59
N TYR B 134 10.25 14.58 -16.26
CA TYR B 134 9.16 13.71 -16.72
C TYR B 134 8.24 14.46 -17.66
N GLY B 135 7.39 13.71 -18.35
CA GLY B 135 6.28 14.30 -19.06
C GLY B 135 5.18 14.67 -18.11
N PRO B 136 4.13 15.32 -18.62
CA PRO B 136 3.08 15.84 -17.74
C PRO B 136 2.44 14.80 -16.82
N GLU B 137 2.03 13.65 -17.34
CA GLU B 137 1.39 12.65 -16.50
C GLU B 137 2.36 12.08 -15.47
N ASP B 138 3.55 11.69 -15.91
CA ASP B 138 4.54 11.10 -15.02
C ASP B 138 4.92 12.08 -13.92
N ALA B 139 5.08 13.36 -14.27
CA ALA B 139 5.46 14.37 -13.29
C ALA B 139 4.46 14.42 -12.14
N GLU B 140 3.16 14.42 -12.46
CA GLU B 140 2.14 14.46 -11.41
C GLU B 140 2.23 13.24 -10.50
N VAL B 141 2.49 12.06 -11.08
CA VAL B 141 2.55 10.83 -10.29
C VAL B 141 3.77 10.85 -9.38
N ALA B 142 4.93 11.15 -9.96
CA ALA B 142 6.13 11.27 -9.16
C ALA B 142 5.97 12.32 -8.07
N TYR B 143 5.29 13.43 -8.38
CA TYR B 143 5.21 14.51 -7.39
C TYR B 143 4.28 14.14 -6.24
N GLU B 144 3.12 13.56 -6.55
CA GLU B 144 2.23 13.17 -5.47
C GLU B 144 2.89 12.17 -4.55
N ALA B 145 3.66 11.23 -5.14
CA ALA B 145 4.35 10.24 -4.34
C ALA B 145 5.47 10.88 -3.50
N ALA B 146 6.23 11.81 -4.09
CA ALA B 146 7.26 12.51 -3.33
C ALA B 146 6.64 13.31 -2.19
N ARG B 147 5.58 14.07 -2.49
CA ARG B 147 4.89 14.86 -1.49
C ARG B 147 4.36 13.98 -0.35
N ALA B 148 3.67 12.90 -0.71
CA ALA B 148 3.14 12.00 0.31
C ALA B 148 4.25 11.43 1.19
N PHE B 149 5.39 11.06 0.59
CA PHE B 149 6.48 10.48 1.38
C PHE B 149 7.02 11.47 2.41
N VAL B 150 7.35 12.69 1.99
CA VAL B 150 7.94 13.62 2.96
C VAL B 150 6.89 14.06 3.95
N THR B 151 5.61 14.11 3.54
CA THR B 151 4.52 14.41 4.47
C THR B 151 4.36 13.30 5.51
N SER B 152 4.41 12.04 5.07
CA SER B 152 4.29 10.94 6.03
C SER B 152 5.46 10.93 7.00
N ASP B 153 6.67 11.14 6.49
CA ASP B 153 7.81 11.18 7.38
C ASP B 153 7.59 12.21 8.47
N HIS B 154 7.16 13.42 8.08
CA HIS B 154 6.91 14.50 9.04
C HIS B 154 5.84 14.11 10.02
N MET B 155 4.74 13.54 9.52
CA MET B 155 3.54 13.34 10.33
C MET B 155 3.80 12.38 11.47
N PHE B 156 4.56 11.33 11.22
CA PHE B 156 4.66 10.25 12.19
C PHE B 156 5.85 10.36 13.14
N ARG B 157 6.59 11.49 13.14
CA ARG B 157 7.89 11.53 13.85
C ARG B 157 7.78 11.12 15.32
N ASP B 158 6.73 11.55 16.01
CA ASP B 158 6.42 11.05 17.35
C ASP B 158 4.95 10.64 17.42
N SER B 159 4.48 9.80 16.48
CA SER B 159 3.06 9.53 16.42
C SER B 159 2.69 8.38 17.34
N PRO B 160 1.45 8.34 17.83
CA PRO B 160 0.99 7.13 18.50
C PRO B 160 0.64 6.06 17.51
N ILE B 161 0.23 6.45 16.31
CA ILE B 161 0.09 5.49 15.21
C ILE B 161 1.43 4.80 14.95
N LYS B 162 2.49 5.56 14.77
CA LYS B 162 3.78 4.93 14.50
C LYS B 162 4.22 4.06 15.68
N ALA B 163 3.76 4.40 16.89
CA ALA B 163 4.11 3.62 18.07
C ALA B 163 3.47 2.24 18.05
N ALA B 164 2.13 2.18 17.95
CA ALA B 164 1.45 0.90 18.01
C ALA B 164 1.75 0.03 16.77
N LEU B 165 1.80 0.65 15.58
CA LEU B 165 2.10 -0.14 14.39
C LEU B 165 3.55 -0.66 14.40
N CYS B 166 4.45 0.04 15.08
CA CYS B 166 5.83 -0.45 15.16
C CYS B 166 6.11 -1.24 16.43
N THR B 167 5.11 -1.63 17.20
CA THR B 167 5.37 -2.39 18.43
C THR B 167 4.45 -3.59 18.65
N THR B 168 3.39 -3.77 17.88
CA THR B 168 2.53 -4.92 18.16
C THR B 168 3.00 -6.19 17.47
N SER B 169 3.38 -6.10 16.19
CA SER B 169 3.55 -7.30 15.38
C SER B 169 4.28 -6.92 14.09
N PRO B 170 4.98 -7.88 13.49
CA PRO B 170 5.59 -7.63 12.19
C PRO B 170 4.59 -7.15 11.13
N GLU B 171 3.38 -7.72 11.12
CA GLU B 171 2.42 -7.40 10.08
C GLU B 171 2.00 -5.94 10.16
N GLN B 172 1.75 -5.42 11.38
CA GLN B 172 1.45 -4.00 11.50
C GLN B 172 2.66 -3.16 11.12
N TYR B 173 3.87 -3.61 11.51
CA TYR B 173 5.05 -2.80 11.21
C TYR B 173 5.30 -2.71 9.69
N PHE B 174 5.31 -3.86 9.01
CA PHE B 174 5.54 -3.81 7.57
C PHE B 174 4.43 -3.04 6.85
N ARG B 175 3.21 -3.06 7.37
CA ARG B 175 2.13 -2.28 6.76
C ARG B 175 2.47 -0.79 6.79
N PHE B 176 3.01 -0.31 7.91
CA PHE B 176 3.45 1.08 8.00
C PHE B 176 4.61 1.34 7.05
N ARG B 177 5.49 0.36 6.86
CA ARG B 177 6.73 0.57 6.10
C ARG B 177 6.51 0.68 4.59
N VAL B 178 5.40 0.16 4.04
CA VAL B 178 5.12 0.32 2.60
C VAL B 178 5.30 1.77 2.18
N THR B 179 4.78 2.69 2.98
CA THR B 179 4.96 4.11 2.71
C THR B 179 6.24 4.63 3.31
N ASP B 180 6.48 4.31 4.59
CA ASP B 180 7.48 5.06 5.34
C ASP B 180 8.90 4.82 4.82
N ILE B 181 9.24 3.57 4.50
CA ILE B 181 10.59 3.32 3.97
C ILE B 181 10.79 3.98 2.61
N GLY B 182 9.71 4.35 1.93
CA GLY B 182 9.79 5.05 0.67
C GLY B 182 9.62 4.20 -0.58
N VAL B 183 9.27 2.92 -0.45
CA VAL B 183 9.26 2.07 -1.63
C VAL B 183 8.04 2.34 -2.54
N ASP B 184 6.88 2.71 -1.98
CA ASP B 184 5.77 3.11 -2.86
C ASP B 184 6.17 4.33 -3.68
N PHE B 185 6.78 5.32 -3.03
CA PHE B 185 7.37 6.46 -3.70
C PHE B 185 8.34 6.02 -4.80
N TRP B 186 9.24 5.09 -4.46
CA TRP B 186 10.24 4.61 -5.39
C TRP B 186 9.60 4.07 -6.67
N MET B 187 8.63 3.17 -6.54
CA MET B 187 7.98 2.59 -7.70
C MET B 187 7.32 3.64 -8.58
N LYS B 188 6.60 4.59 -7.98
CA LYS B 188 5.80 5.55 -8.72
C LYS B 188 6.64 6.61 -9.40
N MET B 189 7.90 6.79 -9.00
CA MET B 189 8.82 7.62 -9.78
C MET B 189 9.75 6.80 -10.67
N SER B 190 9.78 5.48 -10.49
CA SER B 190 10.69 4.65 -11.27
C SER B 190 10.05 4.05 -12.52
N TYR B 191 8.71 3.92 -12.57
CA TYR B 191 8.09 3.30 -13.73
C TYR B 191 8.44 3.98 -15.05
N PRO B 192 8.61 5.32 -15.15
CA PRO B 192 8.97 5.90 -16.46
C PRO B 192 10.36 5.52 -16.92
N ILE B 193 11.19 4.97 -16.04
CA ILE B 193 12.50 4.50 -16.47
C ILE B 193 12.36 3.33 -17.43
N TYR B 194 11.34 2.50 -17.22
CA TYR B 194 11.22 1.24 -17.94
C TYR B 194 10.17 1.24 -19.03
N ARG B 195 9.25 2.22 -19.04
CA ARG B 195 8.16 2.28 -20.03
C ARG B 195 7.59 0.89 -20.30
N HIS B 196 7.39 0.13 -19.23
CA HIS B 196 6.85 -1.22 -19.32
C HIS B 196 5.45 -1.20 -18.72
N PRO B 197 4.42 -1.47 -19.52
CA PRO B 197 3.03 -1.31 -19.02
C PRO B 197 2.68 -2.12 -17.77
N GLU B 198 2.95 -3.42 -17.76
CA GLU B 198 2.66 -4.25 -16.58
C GLU B 198 3.29 -3.64 -15.33
N PHE B 199 4.57 -3.27 -15.42
CA PHE B 199 5.25 -2.69 -14.25
C PHE B 199 4.65 -1.35 -13.88
N THR B 200 4.24 -0.55 -14.87
CA THR B 200 3.62 0.73 -14.58
C THR B 200 2.35 0.55 -13.79
N GLU B 201 1.56 -0.47 -14.12
CA GLU B 201 0.32 -0.69 -13.40
C GLU B 201 0.59 -1.19 -11.98
N HIS B 202 1.55 -2.12 -11.83
CA HIS B 202 1.89 -2.59 -10.49
C HIS B 202 2.43 -1.47 -9.63
N ALA B 203 3.18 -0.53 -10.21
CA ALA B 203 3.58 0.67 -9.48
C ALA B 203 2.37 1.49 -9.04
N LYS B 204 1.40 1.69 -9.94
CA LYS B 204 0.27 2.57 -9.66
C LYS B 204 -0.72 1.98 -8.67
N THR B 205 -0.83 0.65 -8.59
CA THR B 205 -1.68 0.06 -7.56
C THR B 205 -0.98 -0.07 -6.21
N SER B 206 0.33 0.16 -6.17
CA SER B 206 1.21 -0.13 -5.04
C SER B 206 1.43 -1.62 -4.82
N LEU B 207 0.92 -2.49 -5.70
CA LEU B 207 1.28 -3.90 -5.58
C LEU B 207 2.79 -4.09 -5.64
N ALA B 208 3.47 -3.33 -6.50
CA ALA B 208 4.92 -3.43 -6.59
C ALA B 208 5.57 -3.07 -5.25
N ALA B 209 5.17 -1.95 -4.65
CA ALA B 209 5.69 -1.58 -3.34
C ALA B 209 5.45 -2.68 -2.32
N ARG B 210 4.22 -3.22 -2.29
CA ARG B 210 3.86 -4.18 -1.24
C ARG B 210 4.65 -5.48 -1.38
N MET B 211 4.99 -5.87 -2.64
CA MET B 211 5.74 -7.10 -2.87
C MET B 211 7.19 -6.98 -2.38
N THR B 212 7.79 -5.79 -2.47
CA THR B 212 9.19 -5.56 -2.17
C THR B 212 9.44 -4.94 -0.79
N THR B 213 8.38 -4.60 -0.05
CA THR B 213 8.56 -3.90 1.23
C THR B 213 9.43 -4.70 2.19
N ARG B 214 9.07 -5.96 2.42
CA ARG B 214 9.76 -6.75 3.44
C ARG B 214 11.23 -6.98 3.07
N GLY B 215 11.50 -7.28 1.79
CA GLY B 215 12.88 -7.50 1.37
C GLY B 215 13.76 -6.28 1.58
N LEU B 216 13.24 -5.10 1.28
CA LEU B 216 13.99 -3.87 1.52
C LEU B 216 14.09 -3.55 3.01
N THR B 217 12.99 -3.74 3.74
CA THR B 217 12.90 -3.24 5.10
C THR B 217 13.67 -4.14 6.06
N ILE B 218 13.64 -5.46 5.83
CA ILE B 218 14.34 -6.36 6.72
C ILE B 218 15.84 -6.16 6.61
N VAL B 219 16.34 -6.01 5.38
CA VAL B 219 17.75 -5.74 5.17
C VAL B 219 18.14 -4.40 5.78
N ASN B 220 17.35 -3.36 5.51
CA ASN B 220 17.72 -2.04 5.99
C ASN B 220 17.63 -1.97 7.50
N ASP B 221 16.63 -2.62 8.10
CA ASP B 221 16.50 -2.55 9.55
C ASP B 221 17.72 -3.18 10.24
N PHE B 222 18.22 -4.30 9.72
CA PHE B 222 19.37 -4.94 10.37
C PHE B 222 20.57 -4.01 10.41
N TYR B 223 20.95 -3.47 9.27
CA TYR B 223 22.16 -2.67 9.16
C TYR B 223 22.00 -1.24 9.64
N SER B 224 20.79 -0.77 9.96
CA SER B 224 20.62 0.57 10.50
C SER B 224 20.06 0.58 11.91
N TYR B 225 19.90 -0.60 12.52
CA TYR B 225 19.37 -0.72 13.88
C TYR B 225 20.22 0.07 14.88
N ASP B 226 21.54 0.02 14.75
CA ASP B 226 22.41 0.71 15.70
C ASP B 226 22.20 2.22 15.65
N ARG B 227 22.25 2.79 14.43
CA ARG B 227 22.04 4.23 14.26
C ARG B 227 20.70 4.66 14.82
N GLU B 228 19.64 3.91 14.52
CA GLU B 228 18.29 4.34 14.88
C GLU B 228 18.05 4.26 16.38
N VAL B 229 18.49 3.17 17.03
CA VAL B 229 18.33 3.12 18.48
C VAL B 229 19.14 4.23 19.14
N SER B 230 20.32 4.53 18.61
CA SER B 230 21.14 5.58 19.20
C SER B 230 20.46 6.94 19.05
N LEU B 231 19.70 7.13 17.96
CA LEU B 231 18.93 8.37 17.76
C LEU B 231 17.50 8.29 18.29
N GLY B 232 17.14 7.23 19.01
CA GLY B 232 15.80 7.14 19.55
C GLY B 232 14.69 6.88 18.55
N GLN B 233 14.96 6.18 17.46
CA GLN B 233 13.93 5.92 16.48
C GLN B 233 13.37 4.52 16.66
N ILE B 234 12.05 4.41 16.53
CA ILE B 234 11.33 3.18 16.82
C ILE B 234 11.03 2.38 15.56
N THR B 235 11.24 2.95 14.37
CA THR B 235 10.82 2.30 13.13
C THR B 235 11.88 1.31 12.71
N ASN B 236 11.85 0.13 13.31
CA ASN B 236 12.81 -0.92 13.00
C ASN B 236 12.29 -2.25 13.54
N CYS B 237 12.14 -3.26 12.67
CA CYS B 237 11.45 -4.47 13.11
C CYS B 237 12.21 -5.22 14.20
N PHE B 238 13.53 -5.10 14.24
CA PHE B 238 14.27 -5.87 15.25
C PHE B 238 14.07 -5.33 16.66
N ARG B 239 13.45 -4.16 16.81
CA ARG B 239 12.91 -3.72 18.10
C ARG B 239 11.75 -4.59 18.59
N LEU B 240 11.23 -5.51 17.78
CA LEU B 240 10.20 -6.44 18.23
C LEU B 240 10.79 -7.66 18.90
N CYS B 241 12.11 -7.74 19.03
CA CYS B 241 12.79 -8.85 19.66
C CYS B 241 13.87 -8.31 20.58
N ASP B 242 14.38 -9.18 21.46
CA ASP B 242 15.53 -8.85 22.31
C ASP B 242 16.79 -9.20 21.54
N VAL B 243 17.49 -8.19 21.03
CA VAL B 243 18.61 -8.53 20.15
C VAL B 243 19.78 -9.12 20.93
N SER B 244 19.82 -8.99 22.25
CA SER B 244 20.94 -9.62 22.95
C SER B 244 20.71 -11.11 23.21
N ASP B 245 19.47 -11.56 23.37
CA ASP B 245 19.16 -12.97 23.58
C ASP B 245 19.41 -13.69 22.26
N GLU B 246 20.52 -14.44 22.19
CA GLU B 246 20.90 -15.18 21.00
C GLU B 246 19.75 -16.01 20.44
N THR B 247 19.08 -16.79 21.30
CA THR B 247 18.02 -17.65 20.82
C THR B 247 16.86 -16.83 20.25
N ALA B 248 16.45 -15.79 20.98
CA ALA B 248 15.33 -14.98 20.53
C ALA B 248 15.66 -14.23 19.23
N PHE B 249 16.83 -13.58 19.18
CA PHE B 249 17.21 -12.91 17.94
C PHE B 249 17.28 -13.89 16.79
N LYS B 250 17.81 -15.09 17.02
CA LYS B 250 18.07 -15.99 15.91
C LYS B 250 16.76 -16.50 15.30
N GLU B 251 15.79 -16.87 16.14
CA GLU B 251 14.53 -17.35 15.62
C GLU B 251 13.74 -16.21 14.97
N PHE B 252 13.91 -15.00 15.49
CA PHE B 252 13.29 -13.83 14.87
C PHE B 252 13.91 -13.54 13.50
N PHE B 253 15.24 -13.47 13.44
CA PHE B 253 15.92 -13.27 12.16
C PHE B 253 15.55 -14.36 11.17
N GLN B 254 15.38 -15.61 11.63
CA GLN B 254 14.97 -16.69 10.75
C GLN B 254 13.57 -16.43 10.16
N ALA B 255 12.62 -16.03 11.00
CA ALA B 255 11.27 -15.76 10.52
C ALA B 255 11.26 -14.62 9.51
N ARG B 256 12.09 -13.59 9.73
CA ARG B 256 12.22 -12.51 8.76
C ARG B 256 12.85 -13.00 7.45
N LEU B 257 13.78 -13.94 7.52
CA LEU B 257 14.32 -14.54 6.29
C LEU B 257 13.23 -15.29 5.53
N ASP B 258 12.38 -16.04 6.25
CA ASP B 258 11.31 -16.78 5.58
C ASP B 258 10.29 -15.83 4.96
N ASP B 259 10.05 -14.66 5.58
CA ASP B 259 9.21 -13.65 4.92
C ASP B 259 9.84 -13.18 3.60
N MET B 260 11.16 -12.93 3.60
CA MET B 260 11.83 -12.52 2.38
C MET B 260 11.71 -13.60 1.30
N ILE B 261 11.89 -14.85 1.68
CA ILE B 261 11.89 -15.92 0.70
C ILE B 261 10.50 -16.11 0.10
N GLU B 262 9.46 -16.06 0.94
CA GLU B 262 8.10 -16.20 0.41
C GLU B 262 7.79 -15.07 -0.56
N ASP B 263 8.17 -13.84 -0.21
CA ASP B 263 7.99 -12.72 -1.13
C ASP B 263 8.71 -12.97 -2.46
N ILE B 264 9.98 -13.36 -2.39
CA ILE B 264 10.77 -13.57 -3.61
C ILE B 264 10.13 -14.64 -4.49
N GLU B 265 9.71 -15.74 -3.88
CA GLU B 265 9.09 -16.81 -4.65
C GLU B 265 7.79 -16.35 -5.29
N CYS B 266 7.06 -15.42 -4.66
CA CYS B 266 5.88 -14.85 -5.30
C CYS B 266 6.24 -13.90 -6.42
N ILE B 267 7.31 -13.12 -6.24
CA ILE B 267 7.77 -12.18 -7.25
C ILE B 267 8.05 -12.90 -8.57
N LYS B 268 8.45 -14.16 -8.49
CA LYS B 268 8.77 -14.91 -9.69
C LYS B 268 7.54 -15.30 -10.49
N ALA B 269 6.34 -15.15 -9.92
CA ALA B 269 5.14 -15.32 -10.72
C ALA B 269 4.84 -14.11 -11.60
N PHE B 270 5.44 -12.96 -11.33
CA PHE B 270 5.21 -11.77 -12.15
C PHE B 270 5.91 -11.93 -13.49
N ASP B 271 5.50 -11.11 -14.47
CA ASP B 271 6.15 -11.18 -15.78
C ASP B 271 7.66 -10.95 -15.63
N GLN B 272 8.41 -11.45 -16.62
CA GLN B 272 9.86 -11.58 -16.46
C GLN B 272 10.55 -10.24 -16.30
N LEU B 273 10.12 -9.23 -17.06
CA LEU B 273 10.75 -7.92 -16.87
C LEU B 273 10.41 -7.34 -15.50
N THR B 274 9.16 -7.48 -15.05
CA THR B 274 8.77 -6.90 -13.76
C THR B 274 9.51 -7.55 -12.61
N GLN B 275 9.57 -8.88 -12.60
CA GLN B 275 10.31 -9.54 -11.51
C GLN B 275 11.79 -9.19 -11.53
N ASP B 276 12.38 -9.03 -12.73
CA ASP B 276 13.76 -8.56 -12.82
C ASP B 276 13.94 -7.27 -12.03
N VAL B 277 13.02 -6.35 -12.19
CA VAL B 277 13.13 -5.05 -11.52
C VAL B 277 12.92 -5.21 -10.02
N PHE B 278 11.93 -6.01 -9.62
CA PHE B 278 11.68 -6.24 -8.20
C PHE B 278 12.91 -6.84 -7.52
N LEU B 279 13.52 -7.84 -8.15
CA LEU B 279 14.63 -8.55 -7.51
C LEU B 279 15.92 -7.71 -7.55
N ASP B 280 16.17 -7.00 -8.65
CA ASP B 280 17.29 -6.05 -8.64
C ASP B 280 17.14 -5.00 -7.55
N LEU B 281 15.90 -4.61 -7.23
CA LEU B 281 15.68 -3.66 -6.14
C LEU B 281 16.00 -4.30 -4.79
N ILE B 282 15.46 -5.48 -4.51
CA ILE B 282 15.73 -6.12 -3.24
C ILE B 282 17.22 -6.46 -3.12
N TYR B 283 17.75 -7.17 -4.12
CA TYR B 283 19.15 -7.61 -4.10
C TYR B 283 20.10 -6.43 -4.19
N GLY B 284 19.84 -5.48 -5.08
CA GLY B 284 20.70 -4.31 -5.19
C GLY B 284 20.78 -3.51 -3.89
N ASN B 285 19.62 -3.28 -3.25
CA ASN B 285 19.64 -2.56 -1.99
C ASN B 285 20.53 -3.29 -0.97
N PHE B 286 20.54 -4.62 -1.02
CA PHE B 286 21.42 -5.38 -0.14
C PHE B 286 22.88 -5.12 -0.47
N VAL B 287 23.24 -5.13 -1.76
CA VAL B 287 24.62 -4.92 -2.15
C VAL B 287 25.06 -3.51 -1.78
N TRP B 288 24.20 -2.51 -1.99
CA TRP B 288 24.54 -1.16 -1.59
C TRP B 288 24.65 -1.05 -0.07
N THR B 289 23.64 -1.57 0.64
CA THR B 289 23.63 -1.45 2.09
C THR B 289 24.85 -2.10 2.72
N THR B 290 25.36 -3.18 2.13
CA THR B 290 26.55 -3.82 2.67
C THR B 290 27.85 -3.38 2.01
N SER B 291 27.83 -2.35 1.18
CA SER B 291 29.05 -1.85 0.56
C SER B 291 29.20 -0.35 0.64
N ASN B 292 28.42 0.33 1.48
CA ASN B 292 28.38 1.79 1.50
C ASN B 292 28.67 2.35 2.87
N LYS B 293 29.30 3.54 2.89
CA LYS B 293 29.67 4.17 4.15
C LYS B 293 28.50 4.27 5.12
N ARG B 294 27.30 4.57 4.60
CA ARG B 294 26.16 4.90 5.47
C ARG B 294 25.89 3.79 6.49
N TYR B 295 26.19 2.54 6.14
CA TYR B 295 25.88 1.43 7.02
C TYR B 295 27.12 0.80 7.65
N LYS B 296 28.32 1.27 7.28
CA LYS B 296 29.56 0.76 7.87
C LYS B 296 29.60 1.03 9.37
N THR B 297 29.42 2.28 9.78
CA THR B 297 29.38 2.62 11.20
C THR B 297 28.06 3.33 11.50
N ALA B 298 27.61 3.20 12.75
CA ALA B 298 26.35 3.81 13.17
C ALA B 298 26.30 5.28 12.77
N VAL B 299 27.26 6.06 13.25
CA VAL B 299 27.23 7.51 13.08
C VAL B 299 28.52 7.93 12.37
N ASN B 300 28.37 8.55 11.21
CA ASN B 300 29.49 9.14 10.49
C ASN B 300 28.94 10.33 9.71
N ASP B 301 29.82 11.02 8.98
CA ASP B 301 29.39 12.30 8.42
C ASP B 301 28.62 12.18 7.12
N VAL B 302 28.44 10.97 6.58
CA VAL B 302 27.46 10.78 5.52
C VAL B 302 26.12 10.31 6.05
N ASN B 303 26.02 9.92 7.32
CA ASN B 303 24.75 9.43 7.85
C ASN B 303 24.28 10.06 9.15
N SER B 304 24.99 11.04 9.70
CA SER B 304 24.62 11.53 11.03
C SER B 304 23.44 12.48 10.95
N ARG B 305 22.63 12.49 12.01
CA ARG B 305 21.37 13.23 11.96
C ARG B 305 21.63 14.71 11.79
N ILE B 306 20.65 15.38 11.17
CA ILE B 306 20.73 16.79 10.82
C ILE B 306 19.91 17.58 11.84
N GLN B 307 20.54 18.01 12.94
CA GLN B 307 19.88 18.73 14.03
C GLN B 307 19.35 20.08 13.55
N ALA B 308 18.38 20.62 14.28
CA ALA B 308 17.71 21.87 13.92
C ALA B 308 18.58 23.09 14.19
C2 AHD C . -15.67 -6.32 -5.18
C3 AHD C . -15.93 -4.88 -5.62
C7 AHD C . -16.82 -6.81 -4.31
C8 AHD C . -16.46 -8.13 -3.62
O12 AHD C . -19.12 -8.49 -3.65
P9 AHD C . -17.87 -9.30 -3.77
O10 AHD C . -17.82 -10.34 -2.69
O11 AHD C . -17.75 -10.07 -5.06
P14 AHD C . -15.06 -9.10 -4.36
O15 AHD C . -15.21 -9.32 -5.85
O16 AHD C . -15.07 -10.45 -3.68
O17 AHD C . -13.79 -8.36 -4.07
O13 AHD C . -16.18 -7.88 -2.28
N4 AHD C . -16.02 -4.04 -4.43
MG MG D . -16.13 -10.72 -7.09
MG MG E . -15.22 -11.87 -1.99
MG MG F . -13.56 -8.76 -7.34
C2 AHD G . 15.13 5.39 3.55
C3 AHD G . 14.92 6.67 2.74
C7 AHD G . 16.09 5.67 4.72
C8 AHD G . 16.17 4.45 5.63
O12 AHD G . 18.87 4.59 5.84
P9 AHD G . 17.68 4.53 6.72
O10 AHD G . 17.61 3.28 7.58
O11 AHD G . 17.61 5.79 7.53
P14 AHD G . 14.72 4.46 6.76
O15 AHD G . 14.65 5.83 7.34
O16 AHD G . 14.84 3.44 7.85
O17 AHD G . 13.49 4.11 5.94
O13 AHD G . 16.16 3.24 4.93
N4 AHD G . 14.09 6.36 1.57
MG MG H . 15.66 7.24 8.25
MG MG I . 12.40 6.00 8.31
MG MG J . 15.64 1.36 9.28
N SER A 16 -17.40 -28.28 -2.21
CA SER A 16 -17.16 -27.70 -0.90
C SER A 16 -17.76 -26.30 -0.77
N SER A 17 -18.09 -25.93 0.47
CA SER A 17 -18.78 -24.69 0.77
C SER A 17 -18.85 -24.53 2.28
N VAL A 18 -19.03 -23.28 2.73
CA VAL A 18 -18.97 -22.96 4.15
C VAL A 18 -20.35 -22.82 4.77
N ARG A 19 -21.43 -23.06 4.01
CA ARG A 19 -22.76 -23.01 4.61
C ARG A 19 -22.90 -23.89 5.86
N PRO A 20 -22.31 -25.11 5.92
CA PRO A 20 -22.33 -25.88 7.18
C PRO A 20 -21.81 -25.12 8.40
N TYR A 21 -21.14 -23.99 8.21
CA TYR A 21 -20.65 -23.19 9.32
C TYR A 21 -21.35 -21.85 9.46
N LEU A 22 -22.29 -21.53 8.56
CA LEU A 22 -22.73 -20.14 8.39
C LEU A 22 -23.30 -19.56 9.67
N GLU A 23 -24.15 -20.31 10.37
CA GLU A 23 -24.84 -19.75 11.52
C GLU A 23 -23.87 -19.36 12.62
N GLU A 24 -22.94 -20.26 12.95
CA GLU A 24 -22.05 -20.00 14.07
C GLU A 24 -21.09 -18.86 13.76
N CYS A 25 -20.51 -18.85 12.57
CA CYS A 25 -19.54 -17.82 12.21
C CYS A 25 -20.15 -16.43 12.31
N THR A 26 -21.39 -16.27 11.86
CA THR A 26 -22.05 -14.98 11.92
C THR A 26 -22.13 -14.49 13.36
N ARG A 27 -22.64 -15.35 14.24
CA ARG A 27 -22.73 -15.02 15.65
C ARG A 27 -21.35 -14.71 16.22
N ARG A 28 -20.31 -15.35 15.67
CA ARG A 28 -18.96 -15.13 16.12
C ARG A 28 -18.43 -13.77 15.69
N PHE A 29 -18.61 -13.41 14.41
CA PHE A 29 -18.31 -12.07 13.94
C PHE A 29 -19.02 -11.03 14.81
N GLN A 30 -20.35 -11.17 14.95
CA GLN A 30 -21.14 -10.16 15.66
C GLN A 30 -20.63 -9.98 17.08
N GLU A 31 -20.43 -11.08 17.80
CA GLU A 31 -19.91 -10.98 19.15
C GLU A 31 -18.59 -10.22 19.17
N MET A 32 -17.73 -10.47 18.18
CA MET A 32 -16.45 -9.77 18.10
C MET A 32 -16.65 -8.26 17.90
N PHE A 33 -17.54 -7.87 16.99
CA PHE A 33 -17.81 -6.46 16.78
C PHE A 33 -18.42 -5.82 18.03
N ASP A 34 -19.41 -6.48 18.64
CA ASP A 34 -19.99 -5.94 19.87
C ASP A 34 -18.90 -5.65 20.90
N ARG A 35 -17.87 -6.51 20.98
CA ARG A 35 -16.88 -6.34 22.04
C ARG A 35 -15.83 -5.29 21.71
N HIS A 36 -15.37 -5.25 20.46
CA HIS A 36 -14.17 -4.48 20.09
C HIS A 36 -14.47 -3.16 19.41
N VAL A 37 -15.60 -3.02 18.74
CA VAL A 37 -15.98 -1.80 18.04
C VAL A 37 -17.11 -1.08 18.78
N VAL A 38 -18.17 -1.82 19.13
CA VAL A 38 -19.28 -1.40 19.99
C VAL A 38 -20.22 -0.46 19.23
N THR A 39 -19.74 0.75 18.89
CA THR A 39 -20.43 1.65 17.96
C THR A 39 -21.02 0.93 16.77
N ARG A 40 -22.34 0.98 16.62
CA ARG A 40 -22.94 0.29 15.50
C ARG A 40 -22.96 1.18 14.26
N PRO A 41 -22.88 0.59 13.07
CA PRO A 41 -23.11 1.37 11.85
C PRO A 41 -24.58 1.74 11.71
N THR A 42 -24.81 2.79 10.92
CA THR A 42 -26.16 3.22 10.58
C THR A 42 -26.31 3.34 9.07
N LYS A 43 -27.55 3.22 8.59
CA LYS A 43 -27.81 3.27 7.16
C LYS A 43 -28.16 4.68 6.74
N VAL A 44 -27.35 5.26 5.87
CA VAL A 44 -27.78 6.44 5.12
C VAL A 44 -28.97 6.04 4.27
N GLU A 45 -30.05 6.77 4.36
CA GLU A 45 -31.17 6.53 3.46
C GLU A 45 -31.29 7.73 2.55
N LEU A 46 -31.30 7.46 1.25
CA LEU A 46 -31.41 8.51 0.24
C LEU A 46 -32.87 8.78 -0.06
N THR A 47 -33.20 10.06 -0.27
CA THR A 47 -34.49 10.43 -0.82
C THR A 47 -34.77 9.64 -2.09
N ASP A 48 -36.07 9.47 -2.39
CA ASP A 48 -36.47 8.84 -3.63
C ASP A 48 -35.75 9.46 -4.84
N ALA A 49 -35.51 10.78 -4.78
CA ALA A 49 -34.83 11.48 -5.87
C ALA A 49 -33.37 11.07 -5.97
N GLU A 50 -32.64 11.15 -4.87
CA GLU A 50 -31.24 10.76 -4.86
C GLU A 50 -31.06 9.34 -5.38
N LEU A 51 -31.93 8.42 -4.95
CA LEU A 51 -31.79 7.03 -5.37
C LEU A 51 -31.94 6.88 -6.89
N ARG A 52 -32.91 7.59 -7.49
CA ARG A 52 -33.10 7.47 -8.93
C ARG A 52 -32.03 8.25 -9.70
N GLU A 53 -31.56 9.36 -9.14
CA GLU A 53 -30.45 10.11 -9.71
C GLU A 53 -29.17 9.27 -9.77
N VAL A 54 -28.88 8.55 -8.68
CA VAL A 54 -27.70 7.66 -8.64
C VAL A 54 -27.88 6.54 -9.65
N ILE A 55 -29.07 5.95 -9.70
CA ILE A 55 -29.35 4.82 -10.59
C ILE A 55 -29.19 5.22 -12.05
N ASP A 56 -29.55 6.45 -12.41
CA ASP A 56 -29.43 6.85 -13.80
C ASP A 56 -27.98 7.17 -14.15
N ASP A 57 -27.24 7.77 -13.22
CA ASP A 57 -25.79 7.87 -13.38
C ASP A 57 -25.17 6.49 -13.56
N CYS A 58 -25.52 5.54 -12.68
CA CYS A 58 -25.08 4.16 -12.85
C CYS A 58 -25.48 3.61 -14.23
N ASN A 59 -26.74 3.76 -14.62
CA ASN A 59 -27.19 3.19 -15.89
C ASN A 59 -26.49 3.85 -17.08
N ALA A 60 -26.24 5.15 -17.01
CA ALA A 60 -25.55 5.82 -18.11
C ALA A 60 -24.09 5.37 -18.24
N ALA A 61 -23.41 5.11 -17.11
CA ALA A 61 -22.00 4.72 -17.19
C ALA A 61 -21.83 3.31 -17.72
N VAL A 62 -22.81 2.43 -17.50
CA VAL A 62 -22.65 1.04 -17.91
C VAL A 62 -23.35 0.75 -19.24
N ALA A 63 -24.25 1.63 -19.67
CA ALA A 63 -24.96 1.45 -20.93
C ALA A 63 -24.04 1.25 -22.13
N PRO A 64 -22.96 2.01 -22.31
CA PRO A 64 -22.07 1.74 -23.46
C PRO A 64 -21.49 0.34 -23.46
N LEU A 65 -21.46 -0.36 -22.32
CA LEU A 65 -21.01 -1.74 -22.25
C LEU A 65 -22.11 -2.73 -22.63
N GLY A 66 -23.19 -2.26 -23.25
CA GLY A 66 -24.22 -3.12 -23.79
C GLY A 66 -25.06 -3.87 -22.78
N LYS A 67 -24.86 -3.62 -21.49
CA LYS A 67 -25.58 -4.34 -20.46
C LYS A 67 -26.60 -3.43 -19.79
N THR A 68 -27.72 -4.02 -19.38
CA THR A 68 -28.69 -3.34 -18.54
C THR A 68 -28.61 -3.95 -17.14
N VAL A 69 -28.94 -3.12 -16.15
CA VAL A 69 -28.89 -3.52 -14.75
C VAL A 69 -30.21 -3.08 -14.14
N SER A 70 -30.90 -4.02 -13.50
CA SER A 70 -32.22 -3.71 -12.96
C SER A 70 -32.14 -2.72 -11.81
N ASP A 71 -33.21 -1.92 -11.65
CA ASP A 71 -33.33 -0.96 -10.55
C ASP A 71 -32.87 -1.53 -9.22
N GLU A 72 -33.71 -2.38 -8.62
CA GLU A 72 -33.52 -2.86 -7.26
C GLU A 72 -32.16 -3.48 -7.09
N ARG A 73 -31.61 -4.02 -8.18
CA ARG A 73 -30.23 -4.48 -8.16
C ARG A 73 -29.26 -3.34 -7.87
N TRP A 74 -29.33 -2.23 -8.62
CA TRP A 74 -28.50 -1.07 -8.30
C TRP A 74 -28.58 -0.76 -6.81
N ILE A 75 -29.78 -0.79 -6.24
CA ILE A 75 -29.99 -0.44 -4.84
C ILE A 75 -29.31 -1.43 -3.91
N SER A 76 -29.13 -2.66 -4.39
CA SER A 76 -28.47 -3.68 -3.59
C SER A 76 -26.96 -3.45 -3.53
N TYR A 77 -26.38 -2.86 -4.58
CA TYR A 77 -24.95 -2.55 -4.55
C TYR A 77 -24.69 -1.29 -3.74
N VAL A 78 -25.57 -0.30 -3.86
CA VAL A 78 -25.41 0.95 -3.14
C VAL A 78 -25.57 0.80 -1.64
N GLY A 79 -26.15 -0.31 -1.19
CA GLY A 79 -26.33 -0.49 0.24
C GLY A 79 -25.03 -0.48 1.02
N VAL A 80 -23.98 -1.08 0.45
CA VAL A 80 -22.69 -1.10 1.15
C VAL A 80 -22.20 0.33 1.40
N VAL A 81 -22.48 1.26 0.49
CA VAL A 81 -22.10 2.65 0.69
C VAL A 81 -23.03 3.34 1.67
N LEU A 82 -24.32 3.01 1.62
CA LEU A 82 -25.23 3.62 2.58
C LEU A 82 -24.84 3.27 4.01
N TRP A 83 -24.32 2.07 4.24
CA TRP A 83 -24.08 1.56 5.59
C TRP A 83 -22.67 1.81 6.13
N SER A 84 -21.68 2.10 5.30
CA SER A 84 -20.29 1.96 5.71
C SER A 84 -19.51 3.26 5.62
N GLN A 85 -20.18 4.38 5.42
CA GLN A 85 -19.56 5.67 5.66
C GLN A 85 -19.78 5.98 7.15
N SER A 86 -19.36 7.15 7.61
CA SER A 86 -19.54 7.57 9.00
C SER A 86 -20.38 8.84 9.00
N PRO A 87 -21.71 8.71 9.06
CA PRO A 87 -22.59 9.86 8.80
C PRO A 87 -22.38 11.04 9.76
N ARG A 88 -21.80 10.84 10.95
CA ARG A 88 -21.64 11.99 11.83
C ARG A 88 -20.60 12.96 11.32
N HIS A 89 -19.66 12.49 10.50
CA HIS A 89 -18.57 13.33 10.06
C HIS A 89 -18.73 13.87 8.65
N ILE A 90 -19.77 13.45 7.92
CA ILE A 90 -19.90 13.79 6.51
C ILE A 90 -20.05 15.30 6.36
N LYS A 91 -19.18 15.90 5.53
CA LYS A 91 -19.30 17.32 5.24
C LYS A 91 -19.72 17.64 3.81
N ASP A 92 -19.26 16.88 2.82
CA ASP A 92 -19.56 17.18 1.41
C ASP A 92 -20.42 16.05 0.87
N MET A 93 -21.67 16.38 0.50
CA MET A 93 -22.64 15.40 0.03
C MET A 93 -22.58 15.12 -1.47
N GLU A 94 -22.02 16.03 -2.28
CA GLU A 94 -21.75 15.67 -3.67
C GLU A 94 -20.68 14.60 -3.74
N ALA A 95 -19.63 14.74 -2.92
CA ALA A 95 -18.68 13.64 -2.78
C ALA A 95 -19.39 12.36 -2.40
N PHE A 96 -20.38 12.46 -1.51
CA PHE A 96 -21.02 11.24 -1.03
C PHE A 96 -21.72 10.51 -2.16
N LYS A 97 -22.43 11.23 -3.02
CA LYS A 97 -23.14 10.60 -4.11
C LYS A 97 -22.17 10.08 -5.16
N ALA A 98 -21.03 10.73 -5.31
CA ALA A 98 -19.98 10.20 -6.18
C ALA A 98 -19.60 8.78 -5.79
N VAL A 99 -19.37 8.55 -4.50
CA VAL A 99 -18.95 7.23 -4.04
C VAL A 99 -20.05 6.22 -4.25
N CYS A 100 -21.31 6.61 -3.96
CA CYS A 100 -22.45 5.75 -4.31
C CYS A 100 -22.38 5.33 -5.77
N VAL A 101 -22.09 6.28 -6.66
CA VAL A 101 -22.07 6.00 -8.09
C VAL A 101 -20.84 5.16 -8.46
N LEU A 102 -19.64 5.67 -8.15
CA LEU A 102 -18.41 4.98 -8.51
C LEU A 102 -18.40 3.56 -7.95
N ASN A 103 -18.92 3.38 -6.75
CA ASN A 103 -18.92 2.04 -6.17
C ASN A 103 -19.86 1.12 -6.94
N CYS A 104 -21.03 1.60 -7.32
CA CYS A 104 -21.98 0.74 -8.02
C CYS A 104 -21.48 0.38 -9.42
N VAL A 105 -20.95 1.35 -10.17
CA VAL A 105 -20.68 1.08 -11.59
C VAL A 105 -19.53 0.10 -11.73
N THR A 106 -18.53 0.21 -10.84
CA THR A 106 -17.40 -0.68 -10.93
C THR A 106 -17.69 -2.01 -10.25
N PHE A 107 -18.66 -2.03 -9.33
CA PHE A 107 -19.26 -3.29 -8.91
C PHE A 107 -19.70 -4.11 -10.12
N VAL A 108 -20.50 -3.50 -11.01
CA VAL A 108 -20.96 -4.18 -12.22
C VAL A 108 -19.78 -4.74 -13.00
N TRP A 109 -18.69 -3.96 -13.10
CA TRP A 109 -17.47 -4.42 -13.75
C TRP A 109 -16.91 -5.67 -13.08
N ASP A 110 -16.92 -5.72 -11.75
CA ASP A 110 -16.48 -6.92 -11.04
C ASP A 110 -17.34 -8.12 -11.43
N ASP A 111 -18.63 -7.90 -11.68
CA ASP A 111 -19.58 -8.96 -11.96
C ASP A 111 -19.75 -9.27 -13.45
N MET A 112 -18.78 -8.93 -14.29
CA MET A 112 -18.91 -9.15 -15.73
C MET A 112 -17.78 -10.02 -16.25
N ASP A 113 -18.10 -10.86 -17.24
CA ASP A 113 -17.07 -11.63 -17.90
C ASP A 113 -16.15 -10.69 -18.66
N PRO A 114 -14.84 -10.96 -18.71
CA PRO A 114 -13.92 -10.02 -19.35
C PRO A 114 -14.28 -9.67 -20.80
N ALA A 115 -15.02 -10.55 -21.49
CA ALA A 115 -15.43 -10.26 -22.85
C ALA A 115 -16.30 -9.01 -22.91
N LEU A 116 -16.94 -8.65 -21.80
CA LEU A 116 -17.79 -7.47 -21.80
C LEU A 116 -17.02 -6.23 -21.38
N HIS A 117 -15.80 -6.39 -20.86
CA HIS A 117 -14.95 -5.27 -20.51
C HIS A 117 -14.52 -4.52 -21.76
N ASP A 118 -14.69 -3.21 -21.77
CA ASP A 118 -14.11 -2.37 -22.81
C ASP A 118 -13.69 -1.05 -22.17
N PHE A 119 -12.38 -0.85 -22.06
CA PHE A 119 -11.87 0.35 -21.43
C PHE A 119 -12.16 1.60 -22.27
N GLY A 120 -12.07 1.48 -23.60
CA GLY A 120 -12.39 2.61 -24.45
C GLY A 120 -13.76 3.21 -24.16
N LEU A 121 -14.74 2.37 -23.86
CA LEU A 121 -16.10 2.84 -23.60
C LEU A 121 -16.43 3.01 -22.13
N PHE A 122 -15.64 2.46 -21.21
CA PHE A 122 -16.05 2.55 -19.80
C PHE A 122 -15.27 3.61 -19.04
N LEU A 123 -13.95 3.64 -19.19
CA LEU A 123 -13.14 4.70 -18.59
C LEU A 123 -13.67 6.10 -18.82
N PRO A 124 -14.12 6.50 -20.02
CA PRO A 124 -14.71 7.84 -20.15
C PRO A 124 -15.92 8.07 -19.25
N GLN A 125 -16.72 7.04 -19.00
CA GLN A 125 -17.88 7.20 -18.14
C GLN A 125 -17.47 7.32 -16.67
N LEU A 126 -16.42 6.58 -16.26
CA LEU A 126 -15.86 6.77 -14.92
C LEU A 126 -15.39 8.19 -14.74
N ARG A 127 -14.68 8.72 -15.74
CA ARG A 127 -14.19 10.09 -15.68
C ARG A 127 -15.35 11.08 -15.60
N LYS A 128 -16.42 10.84 -16.36
CA LYS A 128 -17.58 11.72 -16.33
C LYS A 128 -18.18 11.81 -14.93
N ILE A 129 -18.37 10.66 -14.28
CA ILE A 129 -18.88 10.63 -12.91
C ILE A 129 -18.00 11.49 -11.99
N CYS A 130 -16.67 11.27 -12.02
CA CYS A 130 -15.78 12.00 -11.12
C CYS A 130 -15.83 13.50 -11.37
N GLU A 131 -15.93 13.92 -12.63
CA GLU A 131 -16.07 15.34 -12.92
C GLU A 131 -17.51 15.84 -12.68
N LYS A 132 -18.43 14.93 -12.42
CA LYS A 132 -19.82 15.34 -12.16
C LYS A 132 -20.02 15.72 -10.70
N TYR A 133 -19.07 15.36 -9.85
CA TYR A 133 -19.31 15.29 -8.42
C TYR A 133 -18.19 15.85 -7.55
N TYR A 134 -16.93 15.78 -8.01
CA TYR A 134 -15.78 16.23 -7.23
C TYR A 134 -15.21 17.51 -7.84
N GLY A 135 -14.39 18.22 -7.07
CA GLY A 135 -13.54 19.26 -7.60
C GLY A 135 -12.44 18.66 -8.45
N PRO A 136 -11.68 19.48 -9.20
CA PRO A 136 -10.70 18.91 -10.14
C PRO A 136 -9.62 18.04 -9.48
N GLU A 137 -9.11 18.46 -8.32
CA GLU A 137 -8.04 17.69 -7.69
C GLU A 137 -8.55 16.34 -7.21
N ASP A 138 -9.66 16.34 -6.47
CA ASP A 138 -10.27 15.09 -6.04
C ASP A 138 -10.76 14.25 -7.21
N ALA A 139 -11.25 14.90 -8.27
CA ALA A 139 -11.74 14.15 -9.41
C ALA A 139 -10.61 13.32 -10.02
N GLU A 140 -9.42 13.91 -10.12
CA GLU A 140 -8.31 13.16 -10.69
C GLU A 140 -7.86 12.05 -9.75
N VAL A 141 -7.93 12.29 -8.43
CA VAL A 141 -7.54 11.25 -7.48
C VAL A 141 -8.55 10.12 -7.50
N ALA A 142 -9.85 10.46 -7.47
CA ALA A 142 -10.88 9.42 -7.54
C ALA A 142 -10.80 8.66 -8.86
N TYR A 143 -10.58 9.37 -9.97
CA TYR A 143 -10.58 8.72 -11.28
C TYR A 143 -9.37 7.78 -11.42
N GLU A 144 -8.18 8.22 -11.01
CA GLU A 144 -7.02 7.33 -11.04
C GLU A 144 -7.27 6.04 -10.28
N ALA A 145 -7.87 6.13 -9.10
CA ALA A 145 -8.15 4.94 -8.30
C ALA A 145 -9.24 4.07 -8.94
N ALA A 146 -10.22 4.70 -9.58
CA ALA A 146 -11.22 3.94 -10.33
C ALA A 146 -10.58 3.19 -11.49
N ARG A 147 -9.79 3.90 -12.29
CA ARG A 147 -9.05 3.27 -13.38
C ARG A 147 -8.18 2.11 -12.85
N ALA A 148 -7.50 2.33 -11.73
CA ALA A 148 -6.60 1.31 -11.19
C ALA A 148 -7.36 0.06 -10.80
N PHE A 149 -8.51 0.21 -10.15
CA PHE A 149 -9.28 -0.96 -9.73
C PHE A 149 -9.84 -1.75 -10.93
N VAL A 150 -10.37 -1.05 -11.94
CA VAL A 150 -10.95 -1.78 -13.07
C VAL A 150 -9.86 -2.42 -13.91
N THR A 151 -8.73 -1.73 -14.10
CA THR A 151 -7.59 -2.30 -14.78
C THR A 151 -7.04 -3.51 -14.03
N SER A 152 -7.02 -3.44 -12.70
CA SER A 152 -6.53 -4.56 -11.91
C SER A 152 -7.46 -5.76 -12.03
N ASP A 153 -8.76 -5.53 -11.81
CA ASP A 153 -9.73 -6.62 -11.94
C ASP A 153 -9.61 -7.31 -13.30
N HIS A 154 -9.46 -6.53 -14.38
CA HIS A 154 -9.34 -7.11 -15.71
C HIS A 154 -8.08 -7.94 -15.85
N MET A 155 -6.91 -7.35 -15.56
CA MET A 155 -5.66 -8.01 -15.90
C MET A 155 -5.41 -9.23 -15.02
N PHE A 156 -6.11 -9.36 -13.88
CA PHE A 156 -5.90 -10.52 -13.03
C PHE A 156 -6.90 -11.65 -13.26
N ARG A 157 -7.98 -11.41 -14.00
CA ARG A 157 -8.80 -12.53 -14.46
C ARG A 157 -7.90 -13.45 -15.25
N ASP A 158 -7.73 -14.67 -14.76
CA ASP A 158 -6.74 -15.57 -15.34
C ASP A 158 -5.36 -14.90 -15.31
N SER A 159 -4.62 -15.19 -14.28
CA SER A 159 -3.30 -14.63 -14.11
C SER A 159 -2.49 -15.52 -13.19
N PRO A 160 -1.26 -15.92 -13.54
CA PRO A 160 -0.47 -16.71 -12.58
C PRO A 160 -0.22 -15.94 -11.30
N ILE A 161 -0.34 -14.62 -11.37
CA ILE A 161 -0.06 -13.77 -10.21
C ILE A 161 -1.15 -13.92 -9.17
N LYS A 162 -2.40 -13.77 -9.58
CA LYS A 162 -3.51 -13.94 -8.64
C LYS A 162 -3.48 -15.32 -8.01
N ALA A 163 -3.25 -16.36 -8.84
CA ALA A 163 -3.17 -17.72 -8.32
C ALA A 163 -2.06 -17.85 -7.29
N ALA A 164 -0.87 -17.32 -7.61
CA ALA A 164 0.25 -17.39 -6.68
C ALA A 164 -0.04 -16.61 -5.39
N LEU A 165 -0.61 -15.40 -5.49
CA LEU A 165 -0.86 -14.59 -4.31
C LEU A 165 -1.99 -15.13 -3.44
N CYS A 166 -2.93 -15.88 -4.01
CA CYS A 166 -4.08 -16.38 -3.29
C CYS A 166 -3.87 -17.78 -2.73
N THR A 167 -2.85 -18.50 -3.18
CA THR A 167 -2.64 -19.85 -2.71
C THR A 167 -1.36 -19.99 -1.88
N THR A 168 -0.69 -18.89 -1.54
CA THR A 168 0.57 -19.07 -0.86
C THR A 168 0.43 -18.96 0.66
N SER A 169 -0.05 -17.83 1.15
CA SER A 169 -0.27 -17.61 2.57
C SER A 169 -1.34 -16.54 2.73
N PRO A 170 -1.89 -16.35 3.94
CA PRO A 170 -2.75 -15.18 4.15
C PRO A 170 -2.05 -13.87 3.84
N GLU A 171 -0.75 -13.78 4.11
CA GLU A 171 -0.03 -12.52 3.92
C GLU A 171 0.01 -12.12 2.45
N GLN A 172 0.34 -13.05 1.56
CA GLN A 172 0.30 -12.72 0.15
C GLN A 172 -1.12 -12.37 -0.27
N TYR A 173 -2.10 -13.13 0.22
CA TYR A 173 -3.48 -12.96 -0.22
C TYR A 173 -4.01 -11.57 0.13
N PHE A 174 -3.88 -11.17 1.40
CA PHE A 174 -4.41 -9.86 1.78
C PHE A 174 -3.63 -8.74 1.10
N ARG A 175 -2.35 -8.96 0.83
CA ARG A 175 -1.58 -7.97 0.06
C ARG A 175 -2.21 -7.73 -1.31
N PHE A 176 -2.67 -8.79 -1.98
CA PHE A 176 -3.37 -8.63 -3.25
C PHE A 176 -4.70 -7.88 -3.04
N ARG A 177 -5.41 -8.22 -1.97
CA ARG A 177 -6.76 -7.69 -1.73
C ARG A 177 -6.79 -6.19 -1.43
N VAL A 178 -5.69 -5.61 -0.94
CA VAL A 178 -5.65 -4.15 -0.71
C VAL A 178 -6.15 -3.41 -1.96
N THR A 179 -5.67 -3.81 -3.12
CA THR A 179 -6.19 -3.24 -4.36
C THR A 179 -7.45 -3.95 -4.80
N ASP A 180 -7.48 -5.28 -4.71
CA ASP A 180 -8.43 -6.01 -5.53
C ASP A 180 -9.83 -6.04 -4.90
N ILE A 181 -9.93 -5.89 -3.58
CA ILE A 181 -11.27 -5.78 -3.01
C ILE A 181 -11.85 -4.40 -3.27
N GLY A 182 -11.01 -3.42 -3.60
CA GLY A 182 -11.50 -2.08 -3.86
C GLY A 182 -11.40 -1.12 -2.70
N VAL A 183 -10.74 -1.50 -1.60
CA VAL A 183 -10.70 -0.61 -0.44
C VAL A 183 -9.77 0.57 -0.70
N ASP A 184 -8.69 0.37 -1.46
CA ASP A 184 -7.84 1.52 -1.79
C ASP A 184 -8.61 2.53 -2.64
N PHE A 185 -9.37 2.03 -3.63
CA PHE A 185 -10.31 2.83 -4.41
C PHE A 185 -11.28 3.58 -3.48
N TRP A 186 -11.92 2.84 -2.57
CA TRP A 186 -12.88 3.41 -1.63
C TRP A 186 -12.32 4.64 -0.91
N MET A 187 -11.12 4.50 -0.33
CA MET A 187 -10.57 5.58 0.47
C MET A 187 -10.23 6.79 -0.38
N LYS A 188 -9.71 6.58 -1.58
CA LYS A 188 -9.29 7.68 -2.43
C LYS A 188 -10.46 8.40 -3.10
N MET A 189 -11.65 7.81 -3.07
CA MET A 189 -12.84 8.52 -3.51
C MET A 189 -13.71 9.03 -2.36
N SER A 190 -13.48 8.56 -1.13
CA SER A 190 -14.31 8.91 0.02
C SER A 190 -13.76 10.04 0.88
N TYR A 191 -12.46 10.33 0.83
CA TYR A 191 -11.94 11.41 1.66
C TYR A 191 -12.53 12.78 1.33
N PRO A 192 -12.92 13.11 0.09
CA PRO A 192 -13.63 14.38 -0.11
C PRO A 192 -14.85 14.52 0.77
N ILE A 193 -15.46 13.41 1.20
CA ILE A 193 -16.64 13.50 2.05
C ILE A 193 -16.33 14.21 3.37
N TYR A 194 -15.13 14.01 3.92
CA TYR A 194 -14.83 14.45 5.28
C TYR A 194 -13.95 15.68 5.35
N ARG A 195 -13.21 15.99 4.29
CA ARG A 195 -12.28 17.11 4.28
C ARG A 195 -11.49 17.22 5.58
N HIS A 196 -11.09 16.09 6.13
CA HIS A 196 -10.26 16.07 7.32
C HIS A 196 -8.80 15.88 6.92
N PRO A 197 -7.91 16.82 7.24
CA PRO A 197 -6.54 16.77 6.70
C PRO A 197 -5.69 15.59 7.16
N GLU A 198 -6.07 14.91 8.25
CA GLU A 198 -5.35 13.68 8.62
C GLU A 198 -5.85 12.50 7.78
N PHE A 199 -7.17 12.36 7.67
CA PHE A 199 -7.75 11.23 6.97
C PHE A 199 -7.43 11.29 5.47
N THR A 200 -7.30 12.49 4.92
CA THR A 200 -7.00 12.61 3.51
C THR A 200 -5.62 12.03 3.21
N GLU A 201 -4.63 12.33 4.05
CA GLU A 201 -3.28 11.82 3.81
C GLU A 201 -3.20 10.31 3.96
N HIS A 202 -3.84 9.76 5.01
CA HIS A 202 -3.86 8.30 5.14
C HIS A 202 -4.57 7.63 3.96
N ALA A 203 -5.56 8.31 3.37
CA ALA A 203 -6.16 7.79 2.15
C ALA A 203 -5.15 7.80 1.01
N LYS A 204 -4.40 8.88 0.86
CA LYS A 204 -3.47 9.05 -0.25
C LYS A 204 -2.19 8.23 -0.09
N THR A 205 -1.78 7.92 1.16
CA THR A 205 -0.68 6.97 1.33
C THR A 205 -1.13 5.53 1.16
N SER A 206 -2.44 5.27 1.16
CA SER A 206 -3.05 3.95 1.24
C SER A 206 -2.88 3.29 2.60
N LEU A 207 -2.29 3.97 3.58
CA LEU A 207 -2.30 3.43 4.93
C LEU A 207 -3.73 3.13 5.36
N ALA A 208 -4.68 4.01 5.01
CA ALA A 208 -6.08 3.79 5.37
C ALA A 208 -6.58 2.47 4.81
N ALA A 209 -6.35 2.24 3.52
CA ALA A 209 -6.75 0.98 2.90
C ALA A 209 -6.06 -0.20 3.58
N ARG A 210 -4.77 -0.06 3.89
CA ARG A 210 -4.04 -1.18 4.48
C ARG A 210 -4.56 -1.51 5.86
N MET A 211 -4.91 -0.49 6.65
CA MET A 211 -5.45 -0.72 7.99
C MET A 211 -6.76 -1.49 7.95
N THR A 212 -7.56 -1.28 6.89
CA THR A 212 -8.92 -1.81 6.85
C THR A 212 -9.07 -3.05 5.99
N THR A 213 -8.01 -3.49 5.30
CA THR A 213 -8.15 -4.53 4.29
C THR A 213 -8.65 -5.84 4.88
N ARG A 214 -8.03 -6.30 5.98
CA ARG A 214 -8.39 -7.61 6.48
C ARG A 214 -9.79 -7.61 7.08
N GLY A 215 -10.17 -6.54 7.77
CA GLY A 215 -11.51 -6.48 8.33
C GLY A 215 -12.59 -6.60 7.27
N LEU A 216 -12.40 -5.92 6.14
CA LEU A 216 -13.35 -5.98 5.04
C LEU A 216 -13.29 -7.33 4.34
N THR A 217 -12.08 -7.79 4.02
CA THR A 217 -11.91 -8.94 3.14
C THR A 217 -12.31 -10.23 3.83
N ILE A 218 -12.00 -10.38 5.12
CA ILE A 218 -12.35 -11.60 5.83
C ILE A 218 -13.88 -11.75 5.89
N VAL A 219 -14.57 -10.67 6.27
CA VAL A 219 -16.03 -10.69 6.29
C VAL A 219 -16.58 -11.03 4.90
N ASN A 220 -16.18 -10.24 3.89
CA ASN A 220 -16.62 -10.50 2.54
C ASN A 220 -16.31 -11.94 2.11
N ASP A 221 -15.11 -12.43 2.42
CA ASP A 221 -14.74 -13.76 1.96
C ASP A 221 -15.66 -14.82 2.56
N PHE A 222 -15.98 -14.72 3.85
CA PHE A 222 -16.77 -15.80 4.42
C PHE A 222 -18.15 -15.87 3.78
N TYR A 223 -18.87 -14.75 3.79
CA TYR A 223 -20.22 -14.77 3.26
C TYR A 223 -20.24 -14.96 1.75
N SER A 224 -19.30 -14.38 1.01
CA SER A 224 -19.29 -14.53 -0.44
C SER A 224 -18.52 -15.77 -0.89
N TYR A 225 -18.12 -16.63 0.05
CA TYR A 225 -17.42 -17.87 -0.29
C TYR A 225 -18.25 -18.77 -1.20
N ASP A 226 -19.51 -19.00 -0.84
CA ASP A 226 -20.28 -20.04 -1.52
C ASP A 226 -20.53 -19.68 -2.98
N ARG A 227 -20.78 -18.40 -3.25
CA ARG A 227 -20.94 -17.97 -4.63
C ARG A 227 -19.66 -18.17 -5.42
N GLU A 228 -18.54 -17.68 -4.88
CA GLU A 228 -17.30 -17.65 -5.66
C GLU A 228 -16.75 -19.04 -5.94
N VAL A 229 -16.96 -20.00 -5.03
CA VAL A 229 -16.57 -21.37 -5.34
C VAL A 229 -17.41 -21.92 -6.49
N SER A 230 -18.69 -21.58 -6.52
CA SER A 230 -19.55 -22.06 -7.60
C SER A 230 -19.17 -21.42 -8.92
N LEU A 231 -18.51 -20.27 -8.89
CA LEU A 231 -18.11 -19.57 -10.09
C LEU A 231 -16.64 -19.72 -10.40
N GLY A 232 -15.97 -20.69 -9.78
CA GLY A 232 -14.55 -20.91 -10.00
C GLY A 232 -13.67 -19.73 -9.64
N GLN A 233 -14.12 -18.86 -8.74
CA GLN A 233 -13.32 -17.71 -8.32
C GLN A 233 -12.44 -18.11 -7.13
N ILE A 234 -11.12 -17.94 -7.28
CA ILE A 234 -10.18 -18.38 -6.26
C ILE A 234 -9.79 -17.27 -5.29
N THR A 235 -10.26 -16.04 -5.49
CA THR A 235 -9.85 -14.91 -4.66
C THR A 235 -10.68 -14.89 -3.38
N ASN A 236 -10.29 -15.74 -2.43
CA ASN A 236 -11.05 -15.92 -1.19
C ASN A 236 -10.21 -16.70 -0.19
N CYS A 237 -9.90 -16.09 0.97
CA CYS A 237 -8.93 -16.69 1.89
C CYS A 237 -9.38 -18.03 2.45
N PHE A 238 -10.68 -18.29 2.53
CA PHE A 238 -11.07 -19.58 3.09
C PHE A 238 -10.74 -20.74 2.16
N ARG A 239 -10.30 -20.47 0.94
CA ARG A 239 -9.78 -21.56 0.11
C ARG A 239 -8.33 -21.90 0.47
N LEU A 240 -7.68 -21.10 1.31
CA LEU A 240 -6.39 -21.45 1.89
C LEU A 240 -6.52 -22.50 2.98
N CYS A 241 -7.72 -22.73 3.50
CA CYS A 241 -7.94 -23.63 4.60
C CYS A 241 -8.64 -24.90 4.10
N ASP A 242 -8.34 -26.03 4.74
CA ASP A 242 -9.04 -27.28 4.44
C ASP A 242 -10.42 -27.20 5.10
N VAL A 243 -11.42 -26.84 4.30
CA VAL A 243 -12.76 -26.55 4.80
C VAL A 243 -13.59 -27.81 4.99
N SER A 244 -13.19 -28.93 4.36
CA SER A 244 -13.80 -30.20 4.66
C SER A 244 -13.44 -30.66 6.07
N ASP A 245 -12.17 -30.59 6.42
CA ASP A 245 -11.81 -30.77 7.83
C ASP A 245 -12.59 -29.73 8.62
N GLU A 246 -13.09 -30.09 9.79
CA GLU A 246 -13.85 -29.13 10.56
C GLU A 246 -13.05 -28.52 11.69
N THR A 247 -12.12 -29.28 12.28
CA THR A 247 -11.19 -28.68 13.23
C THR A 247 -10.32 -27.65 12.55
N ALA A 248 -9.70 -28.03 11.43
CA ALA A 248 -8.84 -27.10 10.70
C ALA A 248 -9.59 -25.84 10.29
N PHE A 249 -10.90 -25.96 10.00
CA PHE A 249 -11.66 -24.74 9.72
C PHE A 249 -11.82 -23.87 10.97
N LYS A 250 -12.13 -24.49 12.11
CA LYS A 250 -12.30 -23.68 13.32
C LYS A 250 -11.01 -22.96 13.69
N GLU A 251 -9.85 -23.59 13.47
CA GLU A 251 -8.60 -22.97 13.87
C GLU A 251 -8.18 -21.90 12.87
N PHE A 252 -8.45 -22.13 11.58
CA PHE A 252 -8.20 -21.08 10.60
C PHE A 252 -9.15 -19.90 10.81
N PHE A 253 -10.42 -20.20 11.09
CA PHE A 253 -11.37 -19.11 11.32
C PHE A 253 -10.97 -18.30 12.54
N GLN A 254 -10.41 -18.94 13.56
CA GLN A 254 -9.94 -18.17 14.71
C GLN A 254 -8.80 -17.24 14.35
N ALA A 255 -7.81 -17.74 13.58
CA ALA A 255 -6.66 -16.90 13.22
C ALA A 255 -7.11 -15.67 12.40
N ARG A 256 -8.13 -15.82 11.54
CA ARG A 256 -8.67 -14.67 10.84
C ARG A 256 -9.38 -13.71 11.79
N LEU A 257 -10.13 -14.23 12.75
CA LEU A 257 -10.74 -13.37 13.75
C LEU A 257 -9.67 -12.59 14.51
N ASP A 258 -8.55 -13.27 14.85
CA ASP A 258 -7.45 -12.59 15.52
C ASP A 258 -6.90 -11.46 14.65
N ASP A 259 -6.76 -11.70 13.35
CA ASP A 259 -6.31 -10.66 12.44
C ASP A 259 -7.17 -9.40 12.59
N MET A 260 -8.50 -9.57 12.48
CA MET A 260 -9.43 -8.44 12.58
C MET A 260 -9.26 -7.68 13.89
N ILE A 261 -9.11 -8.39 15.00
CA ILE A 261 -9.03 -7.75 16.32
C ILE A 261 -7.76 -6.91 16.43
N GLU A 262 -6.62 -7.43 15.96
CA GLU A 262 -5.38 -6.68 16.03
C GLU A 262 -5.45 -5.43 15.17
N ASP A 263 -6.01 -5.54 13.97
CA ASP A 263 -6.22 -4.37 13.12
C ASP A 263 -7.09 -3.34 13.82
N ILE A 264 -8.21 -3.78 14.41
CA ILE A 264 -9.14 -2.85 15.02
C ILE A 264 -8.50 -2.11 16.20
N GLU A 265 -7.75 -2.84 17.05
CA GLU A 265 -7.07 -2.17 18.16
C GLU A 265 -6.02 -1.18 17.67
N CYS A 266 -5.28 -1.52 16.61
CA CYS A 266 -4.33 -0.56 16.07
C CYS A 266 -5.02 0.65 15.44
N ILE A 267 -6.18 0.45 14.83
CA ILE A 267 -6.93 1.56 14.23
C ILE A 267 -7.30 2.58 15.31
N LYS A 268 -7.57 2.11 16.52
CA LYS A 268 -7.94 2.99 17.62
C LYS A 268 -6.83 3.95 18.01
N ALA A 269 -5.66 3.84 17.41
CA ALA A 269 -4.58 4.80 17.68
C ALA A 269 -4.55 5.92 16.65
N PHE A 270 -5.38 5.85 15.63
CA PHE A 270 -5.52 6.97 14.72
C PHE A 270 -6.32 8.08 15.40
N ASP A 271 -6.28 9.27 14.82
CA ASP A 271 -7.04 10.39 15.36
C ASP A 271 -8.52 10.01 15.39
N GLN A 272 -9.28 10.70 16.27
CA GLN A 272 -10.62 10.23 16.59
C GLN A 272 -11.54 10.19 15.38
N LEU A 273 -11.56 11.23 14.54
CA LEU A 273 -12.43 11.21 13.36
C LEU A 273 -12.04 10.08 12.41
N THR A 274 -10.79 10.06 11.96
CA THR A 274 -10.32 9.00 11.06
C THR A 274 -10.63 7.61 11.63
N GLN A 275 -10.29 7.40 12.90
CA GLN A 275 -10.62 6.17 13.61
C GLN A 275 -12.09 5.81 13.43
N ASP A 276 -12.98 6.81 13.50
CA ASP A 276 -14.41 6.56 13.33
C ASP A 276 -14.71 6.06 11.93
N VAL A 277 -14.15 6.72 10.91
CA VAL A 277 -14.44 6.33 9.54
C VAL A 277 -13.98 4.90 9.29
N PHE A 278 -12.80 4.55 9.78
CA PHE A 278 -12.28 3.19 9.59
C PHE A 278 -13.20 2.15 10.20
N LEU A 279 -13.61 2.36 11.46
CA LEU A 279 -14.40 1.34 12.14
C LEU A 279 -15.83 1.26 11.59
N ASP A 280 -16.41 2.41 11.24
CA ASP A 280 -17.73 2.37 10.59
C ASP A 280 -17.66 1.64 9.25
N LEU A 281 -16.54 1.81 8.53
CA LEU A 281 -16.36 1.08 7.28
C LEU A 281 -16.39 -0.42 7.50
N ILE A 282 -15.60 -0.91 8.47
CA ILE A 282 -15.49 -2.36 8.64
C ILE A 282 -16.80 -2.94 9.17
N TYR A 283 -17.35 -2.32 10.22
CA TYR A 283 -18.60 -2.82 10.80
C TYR A 283 -19.76 -2.61 9.84
N GLY A 284 -19.78 -1.46 9.16
CA GLY A 284 -20.84 -1.21 8.19
C GLY A 284 -20.91 -2.28 7.13
N ASN A 285 -19.75 -2.71 6.62
CA ASN A 285 -19.74 -3.74 5.59
C ASN A 285 -20.27 -5.06 6.11
N PHE A 286 -20.03 -5.36 7.39
CA PHE A 286 -20.53 -6.60 7.97
C PHE A 286 -22.06 -6.65 8.00
N VAL A 287 -22.71 -5.54 8.34
CA VAL A 287 -24.18 -5.52 8.39
C VAL A 287 -24.76 -5.67 6.99
N TRP A 288 -24.29 -4.86 6.06
CA TRP A 288 -24.76 -4.98 4.68
C TRP A 288 -24.57 -6.41 4.17
N THR A 289 -23.37 -6.95 4.33
CA THR A 289 -23.04 -8.24 3.72
C THR A 289 -23.95 -9.35 4.22
N THR A 290 -24.23 -9.40 5.53
CA THR A 290 -24.98 -10.49 6.13
C THR A 290 -26.48 -10.40 5.88
N SER A 291 -26.93 -9.31 5.26
CA SER A 291 -28.34 -9.08 5.00
C SER A 291 -28.65 -8.92 3.53
N ASN A 292 -27.66 -8.99 2.65
CA ASN A 292 -27.90 -8.64 1.27
C ASN A 292 -28.08 -9.87 0.38
N LYS A 293 -29.05 -9.77 -0.52
CA LYS A 293 -29.36 -10.74 -1.55
C LYS A 293 -28.10 -11.31 -2.21
N ARG A 294 -27.08 -10.46 -2.35
CA ARG A 294 -25.85 -10.87 -3.03
C ARG A 294 -25.32 -12.21 -2.52
N TYR A 295 -25.43 -12.48 -1.21
CA TYR A 295 -24.80 -13.63 -0.60
C TYR A 295 -25.81 -14.66 -0.10
N LYS A 296 -27.10 -14.30 -0.05
CA LYS A 296 -28.08 -15.05 0.71
C LYS A 296 -28.56 -16.33 0.04
N THR A 297 -27.93 -16.76 -1.05
CA THR A 297 -28.44 -17.82 -1.93
C THR A 297 -29.62 -17.27 -2.72
N ALA A 298 -29.75 -17.73 -3.97
CA ALA A 298 -30.66 -17.16 -4.97
C ALA A 298 -30.39 -15.66 -5.21
N ILE B 13 15.96 -0.10 24.51
CA ILE B 13 16.72 0.17 25.73
C ILE B 13 17.49 1.47 25.60
N GLY B 14 17.99 1.72 24.39
CA GLY B 14 18.93 2.81 24.17
C GLY B 14 20.33 2.37 23.75
N ARG B 15 21.07 1.62 24.59
CA ARG B 15 22.48 1.35 24.29
C ARG B 15 22.72 -0.03 23.69
N SER B 16 21.65 -0.71 23.26
CA SER B 16 21.75 -2.04 22.66
C SER B 16 22.15 -1.96 21.17
N SER B 17 22.41 -3.11 20.57
CA SER B 17 23.14 -3.19 19.30
C SER B 17 22.92 -4.56 18.65
N VAL B 18 23.20 -4.65 17.36
CA VAL B 18 23.27 -5.94 16.66
C VAL B 18 24.68 -6.25 16.17
N ARG B 19 25.68 -5.54 16.67
CA ARG B 19 27.06 -5.81 16.27
C ARG B 19 27.46 -7.28 16.32
N PRO B 20 27.14 -8.06 17.36
CA PRO B 20 27.66 -9.44 17.42
C PRO B 20 27.21 -10.31 16.26
N TYR B 21 25.99 -10.10 15.76
CA TYR B 21 25.42 -10.90 14.68
C TYR B 21 25.87 -10.46 13.30
N LEU B 22 26.64 -9.38 13.21
CA LEU B 22 26.86 -8.75 11.91
C LEU B 22 27.34 -9.75 10.88
N GLU B 23 28.33 -10.56 11.24
CA GLU B 23 28.97 -11.43 10.26
C GLU B 23 28.08 -12.61 9.89
N GLU B 24 27.42 -13.21 10.87
CA GLU B 24 26.58 -14.35 10.56
C GLU B 24 25.41 -13.94 9.65
N CYS B 25 24.79 -12.80 9.94
CA CYS B 25 23.57 -12.42 9.23
C CYS B 25 23.88 -11.95 7.82
N THR B 26 24.99 -11.25 7.63
CA THR B 26 25.40 -10.89 6.29
C THR B 26 25.61 -12.14 5.44
N ARG B 27 26.19 -13.17 6.03
CA ARG B 27 26.37 -14.44 5.34
C ARG B 27 25.03 -15.15 5.12
N ARG B 28 24.13 -15.08 6.09
CA ARG B 28 22.79 -15.64 5.93
C ARG B 28 22.02 -14.91 4.84
N PHE B 29 22.02 -13.59 4.86
CA PHE B 29 21.40 -12.81 3.78
C PHE B 29 21.99 -13.21 2.44
N GLN B 30 23.32 -13.23 2.35
CA GLN B 30 24.00 -13.51 1.09
C GLN B 30 23.67 -14.90 0.59
N GLU B 31 23.69 -15.89 1.48
CA GLU B 31 23.31 -17.25 1.10
C GLU B 31 21.89 -17.29 0.56
N MET B 32 20.96 -16.54 1.17
CA MET B 32 19.57 -16.52 0.70
C MET B 32 19.48 -15.96 -0.70
N PHE B 33 20.14 -14.83 -0.98
CA PHE B 33 20.18 -14.31 -2.34
C PHE B 33 20.84 -15.28 -3.32
N ASP B 34 21.89 -16.01 -2.87
CA ASP B 34 22.52 -17.01 -3.73
C ASP B 34 21.54 -18.09 -4.14
N ARG B 35 20.65 -18.49 -3.23
CA ARG B 35 19.75 -19.59 -3.54
C ARG B 35 18.52 -19.12 -4.30
N HIS B 36 18.01 -17.92 -4.01
CA HIS B 36 16.67 -17.55 -4.47
C HIS B 36 16.63 -16.47 -5.54
N VAL B 37 17.70 -15.72 -5.75
CA VAL B 37 17.74 -14.69 -6.77
C VAL B 37 18.86 -14.91 -7.77
N VAL B 38 20.08 -15.07 -7.29
CA VAL B 38 21.25 -15.52 -8.04
C VAL B 38 21.82 -14.40 -8.91
N THR B 39 20.97 -13.73 -9.66
CA THR B 39 21.38 -12.60 -10.51
C THR B 39 21.92 -11.45 -9.66
N ARG B 40 23.20 -11.12 -9.86
CA ARG B 40 23.86 -10.08 -9.10
C ARG B 40 23.48 -8.69 -9.64
N PRO B 41 23.07 -7.77 -8.76
CA PRO B 41 22.76 -6.40 -9.22
C PRO B 41 23.97 -5.73 -9.85
N THR B 42 23.70 -4.63 -10.59
CA THR B 42 24.74 -3.91 -11.31
C THR B 42 24.77 -2.43 -10.93
N LYS B 43 25.96 -1.85 -10.78
CA LYS B 43 26.09 -0.43 -10.51
C LYS B 43 25.92 0.38 -11.79
N VAL B 44 25.01 1.37 -11.74
CA VAL B 44 24.74 2.18 -12.92
C VAL B 44 25.91 3.12 -13.19
N GLU B 45 26.30 3.22 -14.44
CA GLU B 45 27.42 4.07 -14.84
C GLU B 45 26.94 5.48 -15.14
N LEU B 46 27.14 6.38 -14.19
CA LEU B 46 26.85 7.79 -14.40
C LEU B 46 28.11 8.50 -14.87
N THR B 47 28.04 9.10 -16.05
CA THR B 47 29.17 9.81 -16.61
C THR B 47 29.62 10.93 -15.67
N ASP B 48 30.73 11.55 -16.04
CA ASP B 48 31.25 12.80 -15.47
C ASP B 48 30.19 13.66 -14.78
N ALA B 49 29.39 14.36 -15.59
CA ALA B 49 28.55 15.46 -15.13
C ALA B 49 27.09 15.09 -15.03
N GLU B 50 26.73 13.83 -15.27
CA GLU B 50 25.42 13.40 -14.80
C GLU B 50 25.42 13.44 -13.27
N LEU B 51 26.51 12.95 -12.65
CA LEU B 51 26.67 13.08 -11.21
C LEU B 51 26.62 14.54 -10.79
N ARG B 52 27.29 15.42 -11.53
CA ARG B 52 27.26 16.85 -11.18
C ARG B 52 25.92 17.50 -11.46
N GLU B 53 25.19 17.04 -12.48
CA GLU B 53 23.84 17.56 -12.70
C GLU B 53 22.92 17.11 -11.56
N VAL B 54 23.04 15.85 -11.17
CA VAL B 54 22.23 15.31 -10.07
C VAL B 54 22.45 16.13 -8.81
N ILE B 55 23.70 16.24 -8.37
CA ILE B 55 24.02 16.92 -7.11
C ILE B 55 23.66 18.40 -7.17
N ASP B 56 23.74 19.02 -8.35
CA ASP B 56 23.29 20.41 -8.48
C ASP B 56 21.80 20.53 -8.21
N ASP B 57 20.99 19.70 -8.86
CA ASP B 57 19.56 19.75 -8.61
C ASP B 57 19.24 19.46 -7.14
N CYS B 58 20.11 18.72 -6.46
CA CYS B 58 19.89 18.41 -5.05
C CYS B 58 20.12 19.63 -4.17
N ASN B 59 21.20 20.36 -4.43
CA ASN B 59 21.49 21.59 -3.69
C ASN B 59 20.38 22.62 -3.90
N ALA B 60 19.95 22.77 -5.15
CA ALA B 60 18.89 23.73 -5.44
C ALA B 60 17.60 23.35 -4.72
N ALA B 61 17.37 22.05 -4.52
CA ALA B 61 16.10 21.62 -3.98
C ALA B 61 16.01 21.91 -2.49
N VAL B 62 17.04 21.56 -1.73
CA VAL B 62 17.00 21.72 -0.28
C VAL B 62 17.49 23.08 0.20
N ALA B 63 17.91 23.95 -0.71
CA ALA B 63 18.44 25.25 -0.31
C ALA B 63 17.45 26.11 0.46
N PRO B 64 16.15 26.06 0.21
CA PRO B 64 15.21 26.76 1.10
C PRO B 64 15.23 26.26 2.54
N LEU B 65 15.68 25.03 2.79
CA LEU B 65 15.58 24.44 4.13
C LEU B 65 16.72 24.86 5.07
N GLY B 66 17.71 25.58 4.57
CA GLY B 66 18.62 26.31 5.44
C GLY B 66 19.77 25.56 6.05
N LYS B 67 20.16 24.42 5.48
CA LYS B 67 21.37 23.74 5.92
C LYS B 67 22.05 23.06 4.76
N THR B 68 23.31 23.42 4.52
CA THR B 68 24.10 22.80 3.47
C THR B 68 24.23 21.30 3.71
N VAL B 69 24.35 20.55 2.61
CA VAL B 69 24.66 19.13 2.67
C VAL B 69 25.76 18.84 1.66
N SER B 70 26.73 18.04 2.08
CA SER B 70 27.98 17.84 1.37
C SER B 70 27.84 16.87 0.22
N ASP B 71 28.72 17.06 -0.78
CA ASP B 71 28.85 16.11 -1.88
C ASP B 71 28.95 14.67 -1.38
N GLU B 72 29.96 14.37 -0.56
CA GLU B 72 30.11 13.01 -0.03
C GLU B 72 28.80 12.49 0.54
N ARG B 73 28.00 13.35 1.17
CA ARG B 73 26.73 12.91 1.72
C ARG B 73 25.69 12.69 0.62
N TRP B 74 25.70 13.53 -0.42
CA TRP B 74 24.87 13.27 -1.60
C TRP B 74 25.21 11.91 -2.20
N ILE B 75 26.49 11.59 -2.26
CA ILE B 75 26.97 10.39 -2.96
C ILE B 75 26.75 9.13 -2.13
N SER B 76 26.76 9.25 -0.80
CA SER B 76 26.22 8.17 0.02
C SER B 76 24.78 7.87 -0.40
N TYR B 77 23.95 8.90 -0.42
CA TYR B 77 22.54 8.74 -0.80
C TYR B 77 22.39 8.10 -2.19
N VAL B 78 23.07 8.65 -3.20
CA VAL B 78 22.79 8.26 -4.57
C VAL B 78 23.13 6.79 -4.81
N GLY B 79 23.92 6.19 -3.93
CA GLY B 79 24.33 4.82 -4.15
C GLY B 79 23.18 3.83 -4.28
N VAL B 80 22.10 4.06 -3.52
CA VAL B 80 20.98 3.12 -3.59
C VAL B 80 20.36 3.13 -4.98
N VAL B 81 20.30 4.29 -5.63
CA VAL B 81 19.71 4.34 -6.97
C VAL B 81 20.68 3.78 -8.00
N LEU B 82 21.97 4.08 -7.85
CA LEU B 82 22.94 3.51 -8.76
C LEU B 82 22.91 1.99 -8.70
N TRP B 83 22.68 1.43 -7.51
CA TRP B 83 22.81 0.00 -7.28
C TRP B 83 21.51 -0.78 -7.38
N SER B 84 20.34 -0.15 -7.27
CA SER B 84 19.13 -0.94 -7.03
C SER B 84 18.03 -0.70 -8.06
N GLN B 85 18.31 0.00 -9.14
CA GLN B 85 17.47 -0.06 -10.33
C GLN B 85 17.83 -1.33 -11.10
N SER B 86 17.42 -1.42 -12.35
CA SER B 86 17.48 -2.67 -13.12
C SER B 86 18.16 -2.38 -14.46
N PRO B 87 19.48 -2.23 -14.46
CA PRO B 87 20.17 -1.74 -15.67
C PRO B 87 20.04 -2.62 -16.88
N ARG B 88 19.51 -3.84 -16.74
CA ARG B 88 19.12 -4.63 -17.91
C ARG B 88 18.08 -3.88 -18.75
N HIS B 89 17.12 -3.20 -18.12
CA HIS B 89 15.92 -2.75 -18.79
C HIS B 89 15.77 -1.24 -18.88
N ILE B 90 16.72 -0.46 -18.35
CA ILE B 90 16.59 0.99 -18.37
C ILE B 90 16.44 1.47 -19.80
N LYS B 91 15.46 2.34 -20.04
CA LYS B 91 15.24 2.93 -21.34
C LYS B 91 15.22 4.45 -21.34
N ASP B 92 15.18 5.10 -20.17
CA ASP B 92 15.04 6.56 -20.09
C ASP B 92 15.96 7.09 -18.98
N MET B 93 17.14 7.56 -19.38
CA MET B 93 18.08 8.13 -18.41
C MET B 93 17.62 9.47 -17.87
N GLU B 94 16.54 10.06 -18.41
CA GLU B 94 15.98 11.25 -17.79
C GLU B 94 15.14 10.88 -16.57
N ALA B 95 14.31 9.85 -16.71
CA ALA B 95 13.59 9.34 -15.54
C ALA B 95 14.56 8.77 -14.51
N PHE B 96 15.66 8.18 -14.95
CA PHE B 96 16.67 7.68 -14.02
C PHE B 96 17.32 8.83 -13.26
N LYS B 97 17.73 9.88 -13.97
CA LYS B 97 18.34 11.02 -13.29
C LYS B 97 17.36 11.70 -12.35
N ALA B 98 16.07 11.61 -12.64
CA ALA B 98 15.05 12.12 -11.72
C ALA B 98 15.03 11.30 -10.44
N VAL B 99 15.02 9.98 -10.55
CA VAL B 99 14.99 9.14 -9.36
C VAL B 99 16.23 9.38 -8.52
N CYS B 100 17.39 9.56 -9.16
CA CYS B 100 18.60 9.89 -8.39
C CYS B 100 18.38 11.15 -7.58
N VAL B 101 17.80 12.18 -8.20
CA VAL B 101 17.64 13.47 -7.52
C VAL B 101 16.58 13.35 -6.42
N LEU B 102 15.41 12.81 -6.77
CA LEU B 102 14.32 12.69 -5.80
C LEU B 102 14.70 11.79 -4.63
N ASN B 103 15.30 10.63 -4.92
CA ASN B 103 15.81 9.79 -3.84
C ASN B 103 16.76 10.58 -2.97
N CYS B 104 17.79 11.18 -3.57
CA CYS B 104 18.81 11.87 -2.79
C CYS B 104 18.23 13.00 -1.96
N VAL B 105 17.29 13.77 -2.51
CA VAL B 105 16.83 14.92 -1.74
C VAL B 105 15.94 14.48 -0.60
N THR B 106 15.15 13.42 -0.79
CA THR B 106 14.28 12.97 0.30
C THR B 106 15.06 12.19 1.35
N PHE B 107 16.20 11.58 0.99
CA PHE B 107 17.11 11.02 1.99
C PHE B 107 17.57 12.11 2.96
N VAL B 108 17.77 13.32 2.45
CA VAL B 108 18.11 14.45 3.31
C VAL B 108 16.98 14.74 4.27
N TRP B 109 15.75 14.77 3.74
CA TRP B 109 14.57 14.98 4.56
C TRP B 109 14.48 13.94 5.66
N ASP B 110 14.81 12.69 5.34
CA ASP B 110 14.69 11.60 6.30
C ASP B 110 15.75 11.72 7.40
N ASP B 111 16.96 12.19 7.05
CA ASP B 111 18.03 12.37 8.02
C ASP B 111 17.93 13.69 8.82
N MET B 112 17.04 14.60 8.44
CA MET B 112 16.90 15.94 9.00
C MET B 112 16.01 15.90 10.24
N ASP B 113 16.26 16.82 11.17
CA ASP B 113 15.38 17.01 12.32
C ASP B 113 14.08 17.66 11.86
N PRO B 114 12.92 17.25 12.41
CA PRO B 114 11.64 17.72 11.83
C PRO B 114 11.42 19.20 11.97
N ALA B 115 12.13 19.87 12.89
CA ALA B 115 12.03 21.31 12.99
C ALA B 115 12.55 21.98 11.72
N LEU B 116 13.41 21.29 10.97
CA LEU B 116 13.93 21.76 9.69
C LEU B 116 12.98 21.53 8.52
N HIS B 117 11.97 20.69 8.68
CA HIS B 117 10.97 20.48 7.63
C HIS B 117 10.24 21.80 7.40
N ASP B 118 10.05 22.16 6.12
CA ASP B 118 9.13 23.23 5.75
C ASP B 118 8.59 22.89 4.36
N PHE B 119 7.29 22.57 4.30
CA PHE B 119 6.69 22.13 3.05
C PHE B 119 6.53 23.29 2.08
N GLY B 120 6.03 24.44 2.58
CA GLY B 120 5.90 25.60 1.73
C GLY B 120 7.17 25.93 0.98
N LEU B 121 8.33 25.66 1.59
CA LEU B 121 9.61 25.88 0.94
C LEU B 121 10.07 24.67 0.12
N PHE B 122 9.92 23.47 0.66
CA PHE B 122 10.48 22.29 -0.01
C PHE B 122 9.61 21.78 -1.15
N LEU B 123 8.29 21.72 -0.94
CA LEU B 123 7.39 21.13 -1.93
C LEU B 123 7.50 21.78 -3.31
N PRO B 124 7.65 23.10 -3.46
CA PRO B 124 7.94 23.64 -4.80
C PRO B 124 9.19 23.09 -5.43
N GLN B 125 10.21 22.72 -4.66
CA GLN B 125 11.43 22.18 -5.28
C GLN B 125 11.22 20.76 -5.79
N LEU B 126 10.45 19.95 -5.07
CA LEU B 126 10.10 18.63 -5.57
C LEU B 126 9.30 18.73 -6.87
N ARG B 127 8.32 19.63 -6.93
CA ARG B 127 7.54 19.79 -8.15
C ARG B 127 8.43 20.22 -9.30
N LYS B 128 9.39 21.11 -9.02
CA LYS B 128 10.31 21.60 -10.04
C LYS B 128 11.18 20.45 -10.59
N ILE B 129 11.66 19.57 -9.71
CA ILE B 129 12.44 18.43 -10.17
C ILE B 129 11.60 17.55 -11.09
N CYS B 130 10.37 17.27 -10.67
CA CYS B 130 9.50 16.37 -11.42
C CYS B 130 9.16 16.95 -12.80
N GLU B 131 8.69 18.19 -12.84
CA GLU B 131 8.30 18.77 -14.13
C GLU B 131 9.50 19.00 -15.03
N LYS B 132 10.71 18.93 -14.49
CA LYS B 132 11.88 19.02 -15.36
C LYS B 132 12.17 17.70 -16.06
N TYR B 133 12.01 16.57 -15.37
CA TYR B 133 12.52 15.29 -15.87
C TYR B 133 11.49 14.36 -16.48
N TYR B 134 10.20 14.56 -16.23
CA TYR B 134 9.16 13.68 -16.72
C TYR B 134 8.23 14.43 -17.67
N GLY B 135 7.43 13.68 -18.40
CA GLY B 135 6.31 14.24 -19.10
C GLY B 135 5.21 14.65 -18.13
N PRO B 136 4.14 15.24 -18.65
CA PRO B 136 3.12 15.83 -17.78
C PRO B 136 2.46 14.85 -16.81
N GLU B 137 1.99 13.71 -17.30
CA GLU B 137 1.30 12.80 -16.40
C GLU B 137 2.27 12.18 -15.40
N ASP B 138 3.43 11.71 -15.88
CA ASP B 138 4.42 11.11 -14.99
C ASP B 138 4.89 12.10 -13.92
N ALA B 139 5.08 13.36 -14.30
CA ALA B 139 5.49 14.37 -13.34
C ALA B 139 4.52 14.47 -12.17
N GLU B 140 3.22 14.43 -12.45
CA GLU B 140 2.21 14.52 -11.40
C GLU B 140 2.24 13.28 -10.50
N VAL B 141 2.47 12.11 -11.09
CA VAL B 141 2.53 10.87 -10.31
C VAL B 141 3.72 10.90 -9.37
N ALA B 142 4.90 11.23 -9.91
CA ALA B 142 6.08 11.33 -9.09
C ALA B 142 5.90 12.37 -7.99
N TYR B 143 5.24 13.49 -8.29
CA TYR B 143 5.15 14.55 -7.29
C TYR B 143 4.23 14.15 -6.15
N GLU B 144 3.09 13.54 -6.46
CA GLU B 144 2.19 13.12 -5.39
C GLU B 144 2.86 12.11 -4.48
N ALA B 145 3.64 11.20 -5.07
CA ALA B 145 4.32 10.19 -4.28
C ALA B 145 5.45 10.81 -3.45
N ALA B 146 6.19 11.77 -4.01
CA ALA B 146 7.20 12.47 -3.23
C ALA B 146 6.56 13.24 -2.08
N ARG B 147 5.46 13.94 -2.38
CA ARG B 147 4.76 14.72 -1.38
C ARG B 147 4.22 13.84 -0.26
N ALA B 148 3.55 12.75 -0.62
CA ALA B 148 3.04 11.83 0.38
C ALA B 148 4.18 11.32 1.27
N PHE B 149 5.34 11.00 0.68
CA PHE B 149 6.44 10.45 1.44
C PHE B 149 6.95 11.44 2.49
N VAL B 150 7.21 12.69 2.10
CA VAL B 150 7.79 13.60 3.08
C VAL B 150 6.74 14.05 4.07
N THR B 151 5.47 14.14 3.64
CA THR B 151 4.37 14.40 4.54
C THR B 151 4.22 13.28 5.57
N SER B 152 4.33 12.02 5.13
CA SER B 152 4.30 10.92 6.08
C SER B 152 5.51 10.97 7.02
N ASP B 153 6.70 11.22 6.47
CA ASP B 153 7.88 11.26 7.31
C ASP B 153 7.72 12.30 8.42
N HIS B 154 7.16 13.47 8.06
CA HIS B 154 6.89 14.52 9.03
C HIS B 154 5.80 14.10 9.99
N MET B 155 4.78 13.43 9.47
CA MET B 155 3.58 13.14 10.24
C MET B 155 3.91 12.30 11.46
N PHE B 156 4.89 11.41 11.35
CA PHE B 156 5.07 10.37 12.34
C PHE B 156 6.38 10.47 13.14
N ARG B 157 7.15 11.55 13.00
CA ARG B 157 8.49 11.65 13.60
C ARG B 157 8.51 11.13 15.05
N ASP B 158 7.69 11.71 15.88
CA ASP B 158 7.06 10.96 16.95
C ASP B 158 5.59 10.84 16.60
N SER B 159 4.95 9.70 16.89
CA SER B 159 3.50 9.56 16.73
C SER B 159 2.98 8.34 17.48
N PRO B 160 1.86 8.49 18.20
CA PRO B 160 1.23 7.29 18.77
C PRO B 160 0.82 6.29 17.73
N ILE B 161 0.58 6.73 16.50
CA ILE B 161 0.24 5.79 15.42
C ILE B 161 1.48 5.03 14.99
N LYS B 162 2.58 5.73 14.80
CA LYS B 162 3.82 5.04 14.48
C LYS B 162 4.23 4.08 15.60
N ALA B 163 3.99 4.48 16.86
CA ALA B 163 4.35 3.63 17.99
C ALA B 163 3.52 2.36 18.04
N ALA B 164 2.22 2.47 17.80
CA ALA B 164 1.36 1.28 17.80
C ALA B 164 1.77 0.31 16.69
N LEU B 165 1.89 0.81 15.45
CA LEU B 165 2.18 -0.05 14.31
C LEU B 165 3.58 -0.65 14.34
N CYS B 166 4.53 0.03 14.95
CA CYS B 166 5.88 -0.52 14.97
C CYS B 166 6.07 -1.58 16.06
N THR B 167 5.40 -1.44 17.20
CA THR B 167 5.62 -2.29 18.36
C THR B 167 4.60 -3.42 18.52
N THR B 168 3.56 -3.48 17.70
CA THR B 168 2.52 -4.48 17.91
C THR B 168 2.90 -5.84 17.31
N SER B 169 3.30 -5.89 16.05
CA SER B 169 3.52 -7.15 15.35
C SER B 169 4.25 -6.87 14.04
N PRO B 170 4.85 -7.90 13.46
CA PRO B 170 5.43 -7.73 12.12
C PRO B 170 4.43 -7.21 11.09
N GLU B 171 3.21 -7.74 11.05
CA GLU B 171 2.24 -7.30 10.04
C GLU B 171 2.00 -5.80 10.13
N GLN B 172 1.72 -5.31 11.35
CA GLN B 172 1.46 -3.88 11.49
C GLN B 172 2.68 -3.08 11.11
N TYR B 173 3.88 -3.56 11.49
CA TYR B 173 5.08 -2.80 11.19
C TYR B 173 5.32 -2.70 9.68
N PHE B 174 5.32 -3.83 8.98
CA PHE B 174 5.54 -3.79 7.54
C PHE B 174 4.42 -3.01 6.84
N ARG B 175 3.20 -3.05 7.38
CA ARG B 175 2.12 -2.24 6.79
C ARG B 175 2.48 -0.76 6.80
N PHE B 176 3.05 -0.30 7.92
CA PHE B 176 3.51 1.09 8.00
C PHE B 176 4.65 1.36 7.02
N ARG B 177 5.53 0.38 6.83
CA ARG B 177 6.76 0.59 6.05
C ARG B 177 6.52 0.70 4.54
N VAL B 178 5.40 0.18 4.02
CA VAL B 178 5.09 0.32 2.58
C VAL B 178 5.28 1.77 2.14
N THR B 179 4.76 2.69 2.93
CA THR B 179 4.94 4.12 2.67
C THR B 179 6.23 4.63 3.30
N ASP B 180 6.45 4.33 4.58
CA ASP B 180 7.46 5.07 5.34
C ASP B 180 8.88 4.82 4.83
N ILE B 181 9.23 3.58 4.49
CA ILE B 181 10.58 3.35 3.97
C ILE B 181 10.79 4.01 2.61
N GLY B 182 9.70 4.38 1.91
CA GLY B 182 9.80 5.08 0.65
C GLY B 182 9.62 4.24 -0.60
N VAL B 183 9.28 2.96 -0.47
CA VAL B 183 9.29 2.10 -1.68
C VAL B 183 8.07 2.36 -2.57
N ASP B 184 6.91 2.75 -2.01
CA ASP B 184 5.79 3.15 -2.88
C ASP B 184 6.19 4.36 -3.70
N PHE B 185 6.80 5.35 -3.05
CA PHE B 185 7.38 6.51 -3.72
C PHE B 185 8.38 6.08 -4.80
N TRP B 186 9.25 5.12 -4.47
CA TRP B 186 10.25 4.63 -5.41
C TRP B 186 9.60 4.08 -6.68
N MET B 187 8.62 3.19 -6.54
CA MET B 187 7.97 2.58 -7.69
C MET B 187 7.29 3.63 -8.58
N LYS B 188 6.58 4.58 -7.98
CA LYS B 188 5.78 5.53 -8.75
C LYS B 188 6.63 6.60 -9.41
N MET B 189 7.90 6.77 -8.99
CA MET B 189 8.81 7.60 -9.76
C MET B 189 9.74 6.78 -10.67
N SER B 190 9.81 5.47 -10.48
CA SER B 190 10.71 4.65 -11.28
C SER B 190 10.05 4.06 -12.54
N TYR B 191 8.73 3.92 -12.57
CA TYR B 191 8.11 3.27 -13.71
C TYR B 191 8.45 3.96 -15.03
N PRO B 192 8.62 5.29 -15.13
CA PRO B 192 8.98 5.86 -16.44
C PRO B 192 10.36 5.46 -16.93
N ILE B 193 11.22 4.93 -16.06
CA ILE B 193 12.53 4.46 -16.51
C ILE B 193 12.37 3.28 -17.45
N TYR B 194 11.34 2.48 -17.26
CA TYR B 194 11.20 1.22 -17.96
C TYR B 194 10.13 1.21 -19.04
N ARG B 195 9.18 2.15 -19.00
CA ARG B 195 8.07 2.20 -19.97
C ARG B 195 7.57 0.80 -20.28
N HIS B 196 7.34 0.04 -19.23
CA HIS B 196 6.80 -1.29 -19.32
C HIS B 196 5.41 -1.27 -18.72
N PRO B 197 4.36 -1.53 -19.49
CA PRO B 197 2.99 -1.33 -18.97
C PRO B 197 2.63 -2.17 -17.76
N GLU B 198 2.96 -3.46 -17.76
CA GLU B 198 2.69 -4.28 -16.58
C GLU B 198 3.32 -3.65 -15.33
N PHE B 199 4.61 -3.28 -15.43
CA PHE B 199 5.28 -2.71 -14.27
C PHE B 199 4.66 -1.39 -13.88
N THR B 200 4.30 -0.57 -14.86
CA THR B 200 3.69 0.72 -14.58
C THR B 200 2.41 0.55 -13.77
N GLU B 201 1.64 -0.49 -14.09
CA GLU B 201 0.37 -0.66 -13.39
C GLU B 201 0.59 -1.20 -11.98
N HIS B 202 1.55 -2.12 -11.80
CA HIS B 202 1.87 -2.59 -10.46
C HIS B 202 2.43 -1.46 -9.60
N ALA B 203 3.16 -0.51 -10.19
CA ALA B 203 3.57 0.68 -9.46
C ALA B 203 2.38 1.51 -9.00
N LYS B 204 1.40 1.73 -9.90
CA LYS B 204 0.29 2.63 -9.61
C LYS B 204 -0.71 2.02 -8.64
N THR B 205 -0.82 0.69 -8.58
CA THR B 205 -1.66 0.06 -7.57
C THR B 205 -0.97 -0.08 -6.23
N SER B 206 0.35 0.14 -6.18
CA SER B 206 1.20 -0.14 -5.04
C SER B 206 1.40 -1.64 -4.80
N LEU B 207 0.91 -2.51 -5.69
CA LEU B 207 1.28 -3.92 -5.57
C LEU B 207 2.79 -4.09 -5.63
N ALA B 208 3.46 -3.32 -6.50
CA ALA B 208 4.90 -3.41 -6.59
C ALA B 208 5.57 -3.05 -5.26
N ALA B 209 5.17 -1.94 -4.66
CA ALA B 209 5.71 -1.57 -3.35
C ALA B 209 5.45 -2.66 -2.33
N ARG B 210 4.23 -3.21 -2.31
CA ARG B 210 3.87 -4.17 -1.27
C ARG B 210 4.68 -5.46 -1.40
N MET B 211 4.99 -5.88 -2.64
CA MET B 211 5.75 -7.10 -2.86
C MET B 211 7.21 -6.97 -2.37
N THR B 212 7.80 -5.78 -2.47
CA THR B 212 9.20 -5.56 -2.16
C THR B 212 9.43 -4.93 -0.79
N THR B 213 8.39 -4.57 -0.06
CA THR B 213 8.56 -3.87 1.22
C THR B 213 9.43 -4.69 2.17
N ARG B 214 9.08 -5.96 2.39
CA ARG B 214 9.76 -6.75 3.42
C ARG B 214 11.22 -6.99 3.06
N GLY B 215 11.51 -7.29 1.80
CA GLY B 215 12.90 -7.50 1.40
C GLY B 215 13.78 -6.28 1.61
N LEU B 216 13.26 -5.11 1.29
CA LEU B 216 14.00 -3.87 1.51
C LEU B 216 14.09 -3.54 2.99
N THR B 217 13.00 -3.72 3.72
CA THR B 217 12.92 -3.22 5.08
C THR B 217 13.70 -4.11 6.04
N ILE B 218 13.66 -5.43 5.83
CA ILE B 218 14.35 -6.33 6.72
C ILE B 218 15.86 -6.12 6.61
N VAL B 219 16.36 -5.99 5.38
CA VAL B 219 17.77 -5.71 5.15
C VAL B 219 18.14 -4.37 5.76
N ASN B 220 17.38 -3.33 5.47
CA ASN B 220 17.74 -2.01 5.97
C ASN B 220 17.65 -1.96 7.49
N ASP B 221 16.66 -2.63 8.07
CA ASP B 221 16.52 -2.56 9.52
C ASP B 221 17.73 -3.19 10.22
N PHE B 222 18.25 -4.31 9.69
CA PHE B 222 19.39 -4.94 10.34
C PHE B 222 20.59 -4.01 10.38
N TYR B 223 20.96 -3.46 9.24
CA TYR B 223 22.18 -2.68 9.13
C TYR B 223 22.03 -1.25 9.61
N SER B 224 20.81 -0.77 9.89
CA SER B 224 20.66 0.57 10.44
C SER B 224 20.11 0.56 11.87
N TYR B 225 19.93 -0.63 12.46
CA TYR B 225 19.43 -0.76 13.81
C TYR B 225 20.24 0.03 14.81
N ASP B 226 21.57 0.01 14.68
CA ASP B 226 22.42 0.66 15.66
C ASP B 226 22.32 2.18 15.58
N ARG B 227 22.32 2.73 14.35
CA ARG B 227 22.13 4.17 14.20
C ARG B 227 20.80 4.62 14.80
N GLU B 228 19.74 3.84 14.59
CA GLU B 228 18.39 4.29 14.94
C GLU B 228 18.12 4.19 16.44
N VAL B 229 18.52 3.09 17.08
CA VAL B 229 18.39 3.04 18.53
C VAL B 229 19.17 4.18 19.17
N SER B 230 20.34 4.50 18.60
CA SER B 230 21.17 5.55 19.19
C SER B 230 20.54 6.92 19.00
N LEU B 231 19.48 7.01 18.18
CA LEU B 231 18.74 8.24 17.99
C LEU B 231 17.33 8.19 18.57
N GLY B 232 16.95 7.09 19.22
CA GLY B 232 15.57 6.97 19.65
C GLY B 232 14.58 6.66 18.56
N GLN B 233 15.03 6.39 17.35
CA GLN B 233 14.14 6.05 16.25
C GLN B 233 13.59 4.64 16.48
N ILE B 234 12.25 4.53 16.43
CA ILE B 234 11.55 3.30 16.77
C ILE B 234 11.13 2.50 15.55
N THR B 235 11.36 3.01 14.34
CA THR B 235 10.89 2.35 13.11
C THR B 235 11.92 1.32 12.69
N ASN B 236 11.82 0.13 13.26
CA ASN B 236 12.77 -0.93 12.99
C ASN B 236 12.26 -2.25 13.54
N CYS B 237 12.10 -3.27 12.68
CA CYS B 237 11.43 -4.48 13.12
C CYS B 237 12.20 -5.23 14.21
N PHE B 238 13.53 -5.08 14.26
CA PHE B 238 14.28 -5.81 15.29
C PHE B 238 14.07 -5.25 16.69
N ARG B 239 13.43 -4.08 16.81
CA ARG B 239 12.86 -3.61 18.08
C ARG B 239 11.65 -4.42 18.51
N LEU B 240 11.20 -5.38 17.72
CA LEU B 240 10.17 -6.32 18.17
C LEU B 240 10.76 -7.53 18.88
N CYS B 241 12.09 -7.62 18.94
CA CYS B 241 12.74 -8.73 19.61
C CYS B 241 13.83 -8.20 20.53
N ASP B 242 14.24 -9.07 21.46
CA ASP B 242 15.25 -8.79 22.48
C ASP B 242 16.60 -9.19 21.89
N VAL B 243 17.27 -8.24 21.23
CA VAL B 243 18.48 -8.61 20.51
C VAL B 243 19.59 -9.08 21.45
N SER B 244 19.42 -8.93 22.77
CA SER B 244 20.45 -9.45 23.66
C SER B 244 20.30 -10.96 23.92
N ASP B 245 19.17 -11.55 23.55
CA ASP B 245 18.97 -13.00 23.66
C ASP B 245 19.27 -13.61 22.30
N GLU B 246 20.42 -14.28 22.17
CA GLU B 246 20.85 -14.74 20.86
C GLU B 246 19.89 -15.76 20.27
N THR B 247 19.35 -16.67 21.09
CA THR B 247 18.37 -17.61 20.57
C THR B 247 17.08 -16.90 20.18
N ALA B 248 16.70 -15.86 20.91
CA ALA B 248 15.51 -15.10 20.54
C ALA B 248 15.74 -14.27 19.28
N PHE B 249 16.87 -13.56 19.21
CA PHE B 249 17.21 -12.82 17.99
C PHE B 249 17.24 -13.74 16.79
N LYS B 250 17.73 -14.95 16.97
CA LYS B 250 17.97 -15.81 15.84
C LYS B 250 16.68 -16.40 15.28
N GLU B 251 15.74 -16.76 16.16
CA GLU B 251 14.48 -17.28 15.64
C GLU B 251 13.68 -16.15 15.00
N PHE B 252 13.82 -14.94 15.53
CA PHE B 252 13.25 -13.76 14.88
C PHE B 252 13.90 -13.51 13.51
N PHE B 253 15.22 -13.43 13.46
CA PHE B 253 15.92 -13.28 12.18
C PHE B 253 15.52 -14.37 11.20
N GLN B 254 15.34 -15.60 11.66
CA GLN B 254 14.91 -16.67 10.77
C GLN B 254 13.54 -16.38 10.17
N ALA B 255 12.57 -16.00 11.01
CA ALA B 255 11.24 -15.70 10.50
C ALA B 255 11.25 -14.56 9.48
N ARG B 256 12.08 -13.54 9.72
CA ARG B 256 12.24 -12.48 8.74
C ARG B 256 12.86 -12.99 7.44
N LEU B 257 13.79 -13.93 7.54
CA LEU B 257 14.32 -14.57 6.35
C LEU B 257 13.22 -15.31 5.59
N ASP B 258 12.39 -16.08 6.30
CA ASP B 258 11.28 -16.76 5.65
C ASP B 258 10.36 -15.76 4.95
N ASP B 259 10.09 -14.60 5.58
CA ASP B 259 9.25 -13.61 4.91
C ASP B 259 9.87 -13.14 3.60
N MET B 260 11.19 -12.90 3.59
CA MET B 260 11.85 -12.47 2.36
C MET B 260 11.76 -13.55 1.29
N ILE B 261 11.97 -14.81 1.66
CA ILE B 261 11.95 -15.88 0.69
C ILE B 261 10.56 -16.06 0.10
N GLU B 262 9.53 -16.02 0.95
CA GLU B 262 8.17 -16.16 0.45
C GLU B 262 7.85 -15.05 -0.55
N ASP B 263 8.20 -13.80 -0.22
CA ASP B 263 7.99 -12.70 -1.15
C ASP B 263 8.72 -12.93 -2.48
N ILE B 264 9.99 -13.32 -2.42
CA ILE B 264 10.77 -13.49 -3.65
C ILE B 264 10.14 -14.56 -4.54
N GLU B 265 9.75 -15.68 -3.94
CA GLU B 265 9.21 -16.77 -4.74
C GLU B 265 7.84 -16.40 -5.32
N CYS B 266 7.03 -15.62 -4.60
CA CYS B 266 5.81 -15.13 -5.23
C CYS B 266 6.10 -14.08 -6.30
N ILE B 267 7.19 -13.31 -6.13
CA ILE B 267 7.61 -12.34 -7.14
C ILE B 267 7.91 -13.03 -8.46
N LYS B 268 8.43 -14.26 -8.40
CA LYS B 268 8.75 -14.98 -9.62
C LYS B 268 7.52 -15.32 -10.44
N ALA B 269 6.33 -15.16 -9.88
CA ALA B 269 5.11 -15.34 -10.66
C ALA B 269 4.81 -14.15 -11.57
N PHE B 270 5.42 -12.99 -11.33
CA PHE B 270 5.18 -11.82 -12.17
C PHE B 270 5.87 -11.99 -13.53
N ASP B 271 5.50 -11.13 -14.48
CA ASP B 271 6.14 -11.21 -15.80
C ASP B 271 7.64 -10.97 -15.67
N GLN B 272 8.38 -11.40 -16.70
CA GLN B 272 9.82 -11.56 -16.57
C GLN B 272 10.52 -10.23 -16.34
N LEU B 273 10.14 -9.19 -17.09
CA LEU B 273 10.78 -7.90 -16.87
C LEU B 273 10.45 -7.34 -15.49
N THR B 274 9.21 -7.50 -15.03
CA THR B 274 8.79 -6.91 -13.76
C THR B 274 9.53 -7.58 -12.59
N GLN B 275 9.55 -8.90 -12.56
CA GLN B 275 10.25 -9.58 -11.46
C GLN B 275 11.75 -9.26 -11.47
N ASP B 276 12.34 -9.09 -12.66
CA ASP B 276 13.74 -8.67 -12.74
C ASP B 276 13.95 -7.36 -12.00
N VAL B 277 13.04 -6.41 -12.18
CA VAL B 277 13.15 -5.11 -11.52
C VAL B 277 12.96 -5.25 -10.02
N PHE B 278 11.95 -6.03 -9.61
CA PHE B 278 11.70 -6.25 -8.17
C PHE B 278 12.92 -6.86 -7.50
N LEU B 279 13.50 -7.91 -8.11
CA LEU B 279 14.62 -8.60 -7.49
C LEU B 279 15.89 -7.76 -7.56
N ASP B 280 16.13 -7.03 -8.64
CA ASP B 280 17.24 -6.10 -8.67
C ASP B 280 17.12 -5.04 -7.58
N LEU B 281 15.90 -4.58 -7.28
CA LEU B 281 15.71 -3.64 -6.19
C LEU B 281 16.06 -4.25 -4.84
N ILE B 282 15.55 -5.45 -4.56
CA ILE B 282 15.80 -6.05 -3.25
C ILE B 282 17.27 -6.40 -3.09
N TYR B 283 17.83 -7.10 -4.08
CA TYR B 283 19.23 -7.54 -4.02
C TYR B 283 20.19 -6.36 -4.13
N GLY B 284 19.91 -5.44 -5.06
CA GLY B 284 20.74 -4.24 -5.17
C GLY B 284 20.80 -3.45 -3.87
N ASN B 285 19.66 -3.24 -3.22
CA ASN B 285 19.67 -2.55 -1.95
C ASN B 285 20.57 -3.27 -0.95
N PHE B 286 20.54 -4.60 -0.95
CA PHE B 286 21.38 -5.36 -0.03
C PHE B 286 22.86 -5.20 -0.37
N VAL B 287 23.20 -5.07 -1.64
CA VAL B 287 24.59 -4.88 -2.01
C VAL B 287 25.07 -3.49 -1.62
N TRP B 288 24.27 -2.47 -1.93
CA TRP B 288 24.60 -1.11 -1.53
C TRP B 288 24.72 -1.01 -0.01
N THR B 289 23.72 -1.54 0.70
CA THR B 289 23.66 -1.37 2.16
C THR B 289 24.88 -1.98 2.84
N THR B 290 25.39 -3.11 2.32
CA THR B 290 26.52 -3.76 2.97
C THR B 290 27.87 -3.23 2.50
N SER B 291 27.92 -2.54 1.37
CA SER B 291 29.14 -1.94 0.87
C SER B 291 29.16 -0.42 0.95
N ASN B 292 28.36 0.21 1.82
CA ASN B 292 28.30 1.66 1.84
C ASN B 292 28.62 2.25 3.20
N LYS B 293 29.32 3.38 3.17
CA LYS B 293 29.70 4.09 4.40
C LYS B 293 28.51 4.31 5.32
N ARG B 294 27.33 4.60 4.75
CA ARG B 294 26.17 4.91 5.57
C ARG B 294 25.87 3.79 6.57
N TYR B 295 26.20 2.55 6.23
CA TYR B 295 25.93 1.44 7.14
C TYR B 295 27.19 0.80 7.71
N LYS B 296 28.37 1.31 7.35
CA LYS B 296 29.62 0.79 7.91
C LYS B 296 29.65 1.02 9.42
N THR B 297 29.55 2.28 9.84
CA THR B 297 29.54 2.60 11.26
C THR B 297 28.25 3.32 11.59
N ALA B 298 27.94 3.37 12.89
CA ALA B 298 26.70 3.99 13.32
C ALA B 298 26.64 5.44 12.86
N VAL B 299 27.38 6.33 13.52
CA VAL B 299 27.26 7.76 13.28
C VAL B 299 28.47 8.22 12.50
N ASN B 300 28.24 8.93 11.40
CA ASN B 300 29.35 9.51 10.64
C ASN B 300 28.85 10.76 9.93
N ASP B 301 29.72 11.37 9.12
CA ASP B 301 29.36 12.62 8.46
C ASP B 301 28.56 12.43 7.18
N VAL B 302 28.27 11.19 6.78
CA VAL B 302 27.33 10.95 5.70
C VAL B 302 25.95 10.55 6.21
N ASN B 303 25.81 10.13 7.47
CA ASN B 303 24.56 9.58 7.96
C ASN B 303 24.09 10.09 9.32
N SER B 304 24.75 11.08 9.92
CA SER B 304 24.33 11.54 11.24
C SER B 304 23.20 12.56 11.11
N ARG B 305 22.46 12.75 12.20
CA ARG B 305 21.30 13.61 12.13
C ARG B 305 21.70 15.03 11.72
N ILE B 306 20.89 15.63 10.85
CA ILE B 306 21.00 17.04 10.48
C ILE B 306 20.13 17.83 11.45
N GLN B 307 20.74 18.46 12.45
CA GLN B 307 19.98 19.25 13.44
C GLN B 307 20.01 20.72 13.04
N ALA B 308 19.01 21.47 13.52
CA ALA B 308 18.68 22.83 13.08
C ALA B 308 19.85 23.74 12.71
C2 AHD C . -15.76 -6.30 -5.19
C3 AHD C . -15.84 -5.00 -4.37
C7 AHD C . -16.95 -7.21 -4.83
C8 AHD C . -16.51 -8.21 -3.76
O12 AHD C . -19.19 -8.72 -3.11
P9 AHD C . -17.89 -9.41 -3.47
O10 AHD C . -17.53 -10.53 -2.58
O11 AHD C . -18.07 -10.14 -4.76
P14 AHD C . -15.07 -9.21 -4.37
O15 AHD C . -15.08 -9.40 -5.87
O16 AHD C . -15.05 -10.56 -3.68
O17 AHD C . -13.86 -8.42 -4.02
O13 AHD C . -16.12 -7.51 -2.61
N4 AHD C . -15.27 -3.92 -5.16
MG MG D . -16.65 -10.07 -7.02
MG MG E . -16.28 -11.61 -2.56
MG MG F . -13.52 -7.68 -6.57
C2 AHD G . 15.12 5.38 3.53
C3 AHD G . 15.00 6.56 2.58
C7 AHD G . 16.04 5.73 4.71
C8 AHD G . 16.16 4.54 5.65
O12 AHD G . 18.87 4.70 5.79
P9 AHD G . 17.68 4.64 6.69
O10 AHD G . 17.68 3.40 7.55
O11 AHD G . 17.60 5.89 7.53
P14 AHD G . 14.70 4.52 6.79
O15 AHD G . 14.55 5.88 7.41
O16 AHD G . 14.86 3.49 7.85
O17 AHD G . 13.46 4.16 5.97
O13 AHD G . 16.16 3.33 4.94
N4 AHD G . 13.98 6.30 1.57
MG MG H . 16.45 6.22 9.23
MG MG I . 12.43 6.39 5.99
MG MG J . 16.50 2.24 8.53
N SER A 16 -16.97 -27.79 -2.39
CA SER A 16 -17.12 -27.50 -0.97
C SER A 16 -17.88 -26.21 -0.74
N SER A 17 -18.30 -26.00 0.50
CA SER A 17 -19.11 -24.87 0.90
C SER A 17 -18.90 -24.61 2.39
N VAL A 18 -19.11 -23.35 2.79
CA VAL A 18 -19.04 -22.98 4.20
C VAL A 18 -20.41 -22.95 4.85
N ARG A 19 -21.49 -23.26 4.12
CA ARG A 19 -22.81 -23.28 4.75
C ARG A 19 -22.87 -24.10 6.02
N PRO A 20 -22.26 -25.33 6.11
CA PRO A 20 -22.27 -26.07 7.38
C PRO A 20 -21.85 -25.24 8.58
N TYR A 21 -21.08 -24.18 8.36
CA TYR A 21 -20.60 -23.31 9.43
C TYR A 21 -21.32 -21.97 9.53
N LEU A 22 -22.24 -21.67 8.60
CA LEU A 22 -22.72 -20.30 8.45
C LEU A 22 -23.23 -19.71 9.77
N GLU A 23 -24.16 -20.40 10.44
CA GLU A 23 -24.82 -19.80 11.59
C GLU A 23 -23.84 -19.59 12.74
N GLU A 24 -22.96 -20.56 12.98
CA GLU A 24 -21.97 -20.41 14.04
C GLU A 24 -21.10 -19.18 13.80
N CYS A 25 -20.59 -19.03 12.58
CA CYS A 25 -19.60 -17.99 12.32
C CYS A 25 -20.23 -16.60 12.33
N THR A 26 -21.48 -16.47 11.86
CA THR A 26 -22.16 -15.18 11.92
C THR A 26 -22.28 -14.73 13.36
N ARG A 27 -22.77 -15.62 14.22
CA ARG A 27 -22.79 -15.36 15.66
C ARG A 27 -21.42 -14.91 16.14
N ARG A 28 -20.37 -15.53 15.60
CA ARG A 28 -19.01 -15.29 16.06
C ARG A 28 -18.49 -13.92 15.63
N PHE A 29 -18.71 -13.55 14.36
CA PHE A 29 -18.39 -12.20 13.90
C PHE A 29 -19.06 -11.15 14.77
N GLN A 30 -20.39 -11.25 14.92
CA GLN A 30 -21.16 -10.24 15.64
C GLN A 30 -20.68 -10.12 17.07
N GLU A 31 -20.45 -11.25 17.74
CA GLU A 31 -19.92 -11.22 19.09
C GLU A 31 -18.61 -10.42 19.14
N MET A 32 -17.75 -10.60 18.13
CA MET A 32 -16.49 -9.88 18.08
C MET A 32 -16.72 -8.39 17.86
N PHE A 33 -17.63 -8.01 16.96
CA PHE A 33 -17.94 -6.60 16.76
C PHE A 33 -18.58 -5.99 18.01
N ASP A 34 -19.56 -6.66 18.59
CA ASP A 34 -20.14 -6.16 19.84
C ASP A 34 -19.07 -5.91 20.89
N ARG A 35 -18.03 -6.75 20.94
CA ARG A 35 -17.07 -6.60 22.03
C ARG A 35 -15.97 -5.59 21.71
N HIS A 36 -15.53 -5.52 20.46
CA HIS A 36 -14.36 -4.73 20.11
C HIS A 36 -14.70 -3.42 19.42
N VAL A 37 -15.85 -3.30 18.77
CA VAL A 37 -16.25 -2.08 18.08
C VAL A 37 -17.42 -1.40 18.79
N VAL A 38 -18.44 -2.18 19.19
CA VAL A 38 -19.57 -1.76 20.02
C VAL A 38 -20.46 -0.79 19.26
N THR A 39 -19.98 0.45 19.07
CA THR A 39 -20.63 1.44 18.22
C THR A 39 -21.09 0.88 16.89
N ARG A 40 -22.41 0.84 16.68
CA ARG A 40 -22.98 0.22 15.49
C ARG A 40 -22.93 1.17 14.30
N PRO A 41 -22.99 0.63 13.08
CA PRO A 41 -23.25 1.49 11.91
C PRO A 41 -24.71 1.91 11.86
N THR A 42 -24.98 2.95 11.08
CA THR A 42 -26.36 3.38 10.79
C THR A 42 -26.51 3.59 9.29
N LYS A 43 -27.65 3.16 8.74
CA LYS A 43 -27.90 3.23 7.31
C LYS A 43 -28.29 4.65 6.89
N VAL A 44 -27.66 5.14 5.84
CA VAL A 44 -27.90 6.47 5.31
C VAL A 44 -29.12 6.44 4.40
N GLU A 45 -30.04 7.37 4.59
CA GLU A 45 -31.22 7.44 3.76
C GLU A 45 -31.03 8.56 2.74
N LEU A 46 -31.15 8.22 1.47
CA LEU A 46 -31.09 9.22 0.40
C LEU A 46 -32.49 9.76 0.19
N THR A 47 -32.61 11.09 0.19
CA THR A 47 -33.86 11.66 -0.30
C THR A 47 -34.06 11.24 -1.75
N ASP A 48 -35.23 11.55 -2.28
CA ASP A 48 -35.64 10.93 -3.54
C ASP A 48 -35.11 11.67 -4.76
N ALA A 49 -34.75 12.95 -4.62
CA ALA A 49 -33.91 13.60 -5.61
C ALA A 49 -32.47 13.07 -5.52
N GLU A 50 -32.06 12.67 -4.32
CA GLU A 50 -30.70 12.17 -4.17
C GLU A 50 -30.52 10.84 -4.90
N LEU A 51 -31.44 9.91 -4.68
CA LEU A 51 -31.33 8.60 -5.30
C LEU A 51 -31.32 8.69 -6.81
N ARG A 52 -32.25 9.46 -7.39
CA ARG A 52 -32.38 9.51 -8.83
C ARG A 52 -31.14 10.10 -9.49
N GLU A 53 -30.49 11.07 -8.85
CA GLU A 53 -29.20 11.50 -9.37
C GLU A 53 -28.26 10.32 -9.47
N VAL A 54 -28.24 9.46 -8.45
CA VAL A 54 -27.31 8.33 -8.41
C VAL A 54 -27.67 7.31 -9.50
N ILE A 55 -28.95 7.04 -9.69
CA ILE A 55 -29.30 5.95 -10.61
C ILE A 55 -29.20 6.40 -12.07
N ASP A 56 -29.66 7.61 -12.39
CA ASP A 56 -29.39 8.16 -13.73
C ASP A 56 -27.92 7.96 -14.11
N ASP A 57 -27.01 8.38 -13.22
CA ASP A 57 -25.59 8.32 -13.56
C ASP A 57 -25.09 6.88 -13.68
N CYS A 58 -25.59 5.98 -12.83
CA CYS A 58 -25.27 4.56 -12.92
C CYS A 58 -25.64 3.97 -14.28
N ASN A 59 -26.88 4.20 -14.73
CA ASN A 59 -27.32 3.59 -15.97
C ASN A 59 -26.53 4.12 -17.16
N ALA A 60 -26.24 5.41 -17.18
CA ALA A 60 -25.49 5.98 -18.30
C ALA A 60 -24.03 5.52 -18.31
N ALA A 61 -23.42 5.31 -17.14
CA ALA A 61 -22.01 4.91 -17.10
C ALA A 61 -21.81 3.53 -17.70
N VAL A 62 -22.77 2.62 -17.51
CA VAL A 62 -22.59 1.24 -17.98
C VAL A 62 -23.18 1.03 -19.38
N ALA A 63 -24.23 1.78 -19.74
CA ALA A 63 -24.88 1.66 -21.03
C ALA A 63 -23.91 1.47 -22.20
N PRO A 64 -22.84 2.24 -22.35
CA PRO A 64 -21.96 2.01 -23.50
C PRO A 64 -21.34 0.63 -23.54
N LEU A 65 -21.33 -0.11 -22.43
CA LEU A 65 -20.80 -1.46 -22.33
C LEU A 65 -21.76 -2.53 -22.82
N GLY A 66 -23.02 -2.17 -23.04
CA GLY A 66 -23.96 -3.07 -23.68
C GLY A 66 -24.93 -3.76 -22.76
N LYS A 67 -24.91 -3.45 -21.47
CA LYS A 67 -25.77 -4.12 -20.52
C LYS A 67 -26.64 -3.10 -19.80
N THR A 68 -27.75 -3.58 -19.25
CA THR A 68 -28.62 -2.82 -18.39
C THR A 68 -28.67 -3.51 -17.04
N VAL A 69 -27.95 -2.96 -16.08
CA VAL A 69 -27.96 -3.50 -14.73
C VAL A 69 -29.40 -3.44 -14.23
N SER A 70 -29.93 -4.57 -13.77
CA SER A 70 -31.29 -4.58 -13.26
C SER A 70 -31.38 -3.80 -11.95
N ASP A 71 -32.59 -3.27 -11.69
CA ASP A 71 -32.76 -2.27 -10.63
C ASP A 71 -32.51 -2.86 -9.25
N GLU A 72 -32.87 -4.12 -9.02
CA GLU A 72 -32.53 -4.78 -7.77
C GLU A 72 -31.01 -4.84 -7.61
N ARG A 73 -30.30 -5.20 -8.69
CA ARG A 73 -28.85 -5.40 -8.62
C ARG A 73 -28.13 -4.08 -8.36
N TRP A 74 -28.63 -2.99 -8.91
CA TRP A 74 -28.15 -1.68 -8.48
C TRP A 74 -28.24 -1.55 -6.96
N ILE A 75 -29.43 -1.81 -6.39
CA ILE A 75 -29.66 -1.52 -4.97
C ILE A 75 -28.83 -2.43 -4.08
N SER A 76 -28.52 -3.65 -4.53
CA SER A 76 -27.59 -4.51 -3.83
C SER A 76 -26.19 -3.88 -3.79
N TYR A 77 -25.80 -3.17 -4.84
CA TYR A 77 -24.52 -2.47 -4.84
C TYR A 77 -24.52 -1.33 -3.82
N VAL A 78 -25.52 -0.44 -3.91
CA VAL A 78 -25.48 0.81 -3.16
C VAL A 78 -25.68 0.64 -1.66
N GLY A 79 -26.14 -0.53 -1.22
CA GLY A 79 -26.30 -0.75 0.22
C GLY A 79 -25.01 -0.58 1.00
N VAL A 80 -23.89 -1.07 0.45
CA VAL A 80 -22.63 -1.02 1.20
C VAL A 80 -22.20 0.42 1.45
N VAL A 81 -22.48 1.33 0.53
CA VAL A 81 -22.16 2.74 0.75
C VAL A 81 -23.14 3.36 1.73
N LEU A 82 -24.42 3.01 1.62
CA LEU A 82 -25.40 3.53 2.57
C LEU A 82 -25.01 3.18 4.02
N TRP A 83 -24.41 2.01 4.23
CA TRP A 83 -24.17 1.49 5.58
C TRP A 83 -22.77 1.72 6.13
N SER A 84 -21.77 1.96 5.30
CA SER A 84 -20.39 1.85 5.75
C SER A 84 -19.63 3.15 5.71
N GLN A 85 -20.31 4.26 5.45
CA GLN A 85 -19.68 5.55 5.61
C GLN A 85 -19.84 5.95 7.07
N SER A 86 -19.51 7.19 7.40
CA SER A 86 -19.47 7.67 8.78
C SER A 86 -20.35 8.91 8.91
N PRO A 87 -21.67 8.72 8.99
CA PRO A 87 -22.59 9.86 8.84
C PRO A 87 -22.33 11.01 9.80
N ARG A 88 -21.78 10.76 10.98
CA ARG A 88 -21.53 11.85 11.92
C ARG A 88 -20.59 12.90 11.34
N HIS A 89 -19.82 12.55 10.32
CA HIS A 89 -18.77 13.43 9.83
C HIS A 89 -18.95 13.86 8.39
N ILE A 90 -20.03 13.44 7.73
CA ILE A 90 -20.20 13.80 6.32
C ILE A 90 -20.34 15.30 6.19
N LYS A 91 -19.60 15.89 5.25
CA LYS A 91 -19.68 17.32 4.97
C LYS A 91 -19.81 17.63 3.49
N ASP A 92 -19.88 16.62 2.62
CA ASP A 92 -20.00 16.83 1.18
C ASP A 92 -20.84 15.67 0.63
N MET A 93 -22.13 15.93 0.40
CA MET A 93 -23.03 14.92 -0.13
C MET A 93 -22.88 14.71 -1.64
N GLU A 94 -22.28 15.65 -2.37
CA GLU A 94 -21.93 15.35 -3.74
C GLU A 94 -20.84 14.28 -3.81
N ALA A 95 -19.82 14.39 -2.95
CA ALA A 95 -18.84 13.32 -2.87
C ALA A 95 -19.52 12.01 -2.48
N PHE A 96 -20.53 12.08 -1.62
CA PHE A 96 -21.18 10.86 -1.16
C PHE A 96 -21.94 10.19 -2.29
N LYS A 97 -22.64 10.98 -3.11
CA LYS A 97 -23.29 10.42 -4.28
C LYS A 97 -22.27 9.90 -5.28
N ALA A 98 -21.09 10.52 -5.34
CA ALA A 98 -20.03 10.00 -6.20
C ALA A 98 -19.64 8.58 -5.81
N VAL A 99 -19.43 8.35 -4.51
CA VAL A 99 -19.04 7.03 -4.04
C VAL A 99 -20.13 6.02 -4.32
N CYS A 100 -21.38 6.36 -3.98
CA CYS A 100 -22.53 5.54 -4.38
C CYS A 100 -22.44 5.14 -5.84
N VAL A 101 -22.23 6.12 -6.72
CA VAL A 101 -22.23 5.86 -8.15
C VAL A 101 -21.01 5.02 -8.55
N LEU A 102 -19.82 5.49 -8.18
CA LEU A 102 -18.60 4.79 -8.55
C LEU A 102 -18.57 3.38 -7.96
N ASN A 103 -19.11 3.21 -6.77
CA ASN A 103 -19.08 1.88 -6.17
C ASN A 103 -20.06 0.95 -6.86
N CYS A 104 -21.24 1.47 -7.21
CA CYS A 104 -22.21 0.65 -7.93
C CYS A 104 -21.68 0.22 -9.29
N VAL A 105 -21.12 1.15 -10.06
CA VAL A 105 -20.82 0.82 -11.45
C VAL A 105 -19.61 -0.07 -11.55
N THR A 106 -18.62 0.16 -10.68
CA THR A 106 -17.46 -0.71 -10.69
C THR A 106 -17.80 -2.07 -10.09
N PHE A 107 -18.76 -2.10 -9.17
CA PHE A 107 -19.38 -3.35 -8.74
C PHE A 107 -19.83 -4.19 -9.93
N VAL A 108 -20.60 -3.59 -10.86
CA VAL A 108 -21.06 -4.38 -12.00
C VAL A 108 -19.87 -4.82 -12.84
N TRP A 109 -18.84 -3.98 -12.94
CA TRP A 109 -17.62 -4.37 -13.64
C TRP A 109 -16.99 -5.60 -13.01
N ASP A 110 -17.02 -5.71 -11.68
CA ASP A 110 -16.50 -6.88 -10.99
C ASP A 110 -17.29 -8.13 -11.39
N ASP A 111 -18.61 -8.01 -11.45
CA ASP A 111 -19.47 -9.15 -11.71
C ASP A 111 -19.51 -9.55 -13.18
N MET A 112 -18.91 -8.77 -14.06
CA MET A 112 -19.15 -8.90 -15.49
C MET A 112 -18.02 -9.65 -16.18
N ASP A 113 -18.39 -10.49 -17.14
CA ASP A 113 -17.41 -11.27 -17.89
C ASP A 113 -16.50 -10.34 -18.69
N PRO A 114 -15.20 -10.62 -18.74
CA PRO A 114 -14.24 -9.63 -19.30
C PRO A 114 -14.54 -9.18 -20.72
N ALA A 115 -15.40 -9.89 -21.47
CA ALA A 115 -15.85 -9.35 -22.74
C ALA A 115 -16.60 -8.04 -22.54
N LEU A 116 -17.64 -8.07 -21.70
CA LEU A 116 -18.37 -6.88 -21.30
C LEU A 116 -17.47 -5.69 -20.98
N HIS A 117 -16.24 -5.93 -20.46
CA HIS A 117 -15.25 -4.87 -20.23
C HIS A 117 -14.88 -4.16 -21.53
N ASP A 118 -15.11 -2.86 -21.59
CA ASP A 118 -14.66 -2.05 -22.72
C ASP A 118 -14.08 -0.77 -22.14
N PHE A 119 -12.75 -0.68 -22.11
CA PHE A 119 -12.06 0.47 -21.53
C PHE A 119 -12.33 1.75 -22.30
N GLY A 120 -12.20 1.71 -23.63
CA GLY A 120 -12.38 2.90 -24.43
C GLY A 120 -13.70 3.59 -24.15
N LEU A 121 -14.72 2.81 -23.80
CA LEU A 121 -16.03 3.35 -23.49
C LEU A 121 -16.26 3.62 -22.00
N PHE A 122 -15.71 2.78 -21.12
CA PHE A 122 -16.07 2.90 -19.70
C PHE A 122 -15.26 3.95 -18.96
N LEU A 123 -13.93 3.96 -19.15
CA LEU A 123 -13.10 5.01 -18.58
C LEU A 123 -13.64 6.42 -18.83
N PRO A 124 -14.09 6.80 -20.03
CA PRO A 124 -14.73 8.12 -20.16
C PRO A 124 -15.91 8.31 -19.22
N GLN A 125 -16.73 7.29 -18.98
CA GLN A 125 -17.86 7.44 -18.08
C GLN A 125 -17.39 7.58 -16.62
N LEU A 126 -16.36 6.82 -16.23
CA LEU A 126 -15.77 7.00 -14.91
C LEU A 126 -15.29 8.43 -14.74
N ARG A 127 -14.57 8.95 -15.74
CA ARG A 127 -14.10 10.33 -15.66
C ARG A 127 -15.27 11.29 -15.53
N LYS A 128 -16.34 11.07 -16.31
CA LYS A 128 -17.49 11.98 -16.28
C LYS A 128 -18.12 12.04 -14.89
N ILE A 129 -18.33 10.88 -14.26
CA ILE A 129 -18.83 10.83 -12.89
C ILE A 129 -17.95 11.64 -11.95
N CYS A 130 -16.62 11.42 -12.00
CA CYS A 130 -15.71 12.18 -11.14
C CYS A 130 -15.74 13.67 -11.44
N GLU A 131 -15.80 14.04 -12.72
CA GLU A 131 -15.97 15.45 -13.06
C GLU A 131 -17.35 15.97 -12.64
N LYS A 132 -18.32 15.09 -12.41
CA LYS A 132 -19.67 15.53 -12.10
C LYS A 132 -19.83 15.89 -10.63
N TYR A 133 -18.99 15.34 -9.76
CA TYR A 133 -19.24 15.36 -8.32
C TYR A 133 -18.08 15.93 -7.50
N TYR A 134 -16.88 16.01 -8.05
CA TYR A 134 -15.70 16.41 -7.30
C TYR A 134 -15.12 17.69 -7.91
N GLY A 135 -14.31 18.40 -7.11
CA GLY A 135 -13.46 19.44 -7.65
C GLY A 135 -12.36 18.84 -8.52
N PRO A 136 -11.55 19.69 -9.17
CA PRO A 136 -10.56 19.16 -10.13
C PRO A 136 -9.54 18.20 -9.51
N GLU A 137 -8.99 18.53 -8.35
CA GLU A 137 -7.95 17.70 -7.78
C GLU A 137 -8.50 16.36 -7.30
N ASP A 138 -9.56 16.39 -6.49
CA ASP A 138 -10.20 15.18 -6.03
C ASP A 138 -10.70 14.33 -7.20
N ALA A 139 -11.19 14.96 -8.27
CA ALA A 139 -11.68 14.18 -9.40
C ALA A 139 -10.53 13.37 -10.01
N GLU A 140 -9.34 13.97 -10.12
CA GLU A 140 -8.21 13.22 -10.64
C GLU A 140 -7.81 12.09 -9.71
N VAL A 141 -7.88 12.32 -8.40
CA VAL A 141 -7.51 11.27 -7.45
C VAL A 141 -8.55 10.16 -7.49
N ALA A 142 -9.83 10.53 -7.48
CA ALA A 142 -10.88 9.52 -7.57
C ALA A 142 -10.80 8.74 -8.88
N TYR A 143 -10.56 9.44 -9.99
CA TYR A 143 -10.56 8.76 -11.30
C TYR A 143 -9.36 7.83 -11.45
N GLU A 144 -8.17 8.28 -11.06
CA GLU A 144 -7.01 7.37 -11.09
C GLU A 144 -7.27 6.10 -10.32
N ALA A 145 -7.86 6.22 -9.12
CA ALA A 145 -8.14 5.04 -8.31
C ALA A 145 -9.20 4.16 -8.93
N ALA A 146 -10.20 4.76 -9.58
CA ALA A 146 -11.20 3.98 -10.31
C ALA A 146 -10.56 3.24 -11.48
N ARG A 147 -9.78 3.95 -12.28
CA ARG A 147 -9.04 3.34 -13.39
C ARG A 147 -8.17 2.19 -12.89
N ALA A 148 -7.46 2.41 -11.78
CA ALA A 148 -6.56 1.39 -11.26
C ALA A 148 -7.32 0.14 -10.82
N PHE A 149 -8.48 0.32 -10.20
CA PHE A 149 -9.25 -0.84 -9.74
C PHE A 149 -9.82 -1.64 -10.92
N VAL A 150 -10.35 -0.97 -11.94
CA VAL A 150 -10.93 -1.74 -13.04
C VAL A 150 -9.83 -2.37 -13.88
N THR A 151 -8.71 -1.68 -14.06
CA THR A 151 -7.56 -2.23 -14.78
C THR A 151 -6.97 -3.44 -14.04
N SER A 152 -6.97 -3.41 -12.71
CA SER A 152 -6.47 -4.54 -11.95
C SER A 152 -7.42 -5.72 -12.05
N ASP A 153 -8.71 -5.48 -11.83
CA ASP A 153 -9.70 -6.55 -11.99
C ASP A 153 -9.56 -7.23 -13.35
N HIS A 154 -9.26 -6.46 -14.41
CA HIS A 154 -9.07 -7.03 -15.74
C HIS A 154 -7.72 -7.70 -15.88
N MET A 155 -6.68 -7.04 -15.37
CA MET A 155 -5.36 -7.65 -15.31
C MET A 155 -5.43 -9.09 -14.82
N PHE A 156 -6.13 -9.32 -13.71
CA PHE A 156 -5.91 -10.53 -12.95
C PHE A 156 -6.93 -11.64 -13.18
N ARG A 157 -7.99 -11.41 -13.94
CA ARG A 157 -8.93 -12.49 -14.21
C ARG A 157 -8.16 -13.66 -14.79
N ASP A 158 -8.25 -14.81 -14.14
CA ASP A 158 -7.51 -16.02 -14.52
C ASP A 158 -6.02 -15.73 -14.80
N SER A 159 -5.38 -14.94 -13.89
CA SER A 159 -3.95 -14.61 -13.96
C SER A 159 -3.15 -15.52 -13.04
N PRO A 160 -2.12 -16.23 -13.53
CA PRO A 160 -1.31 -17.06 -12.60
C PRO A 160 -0.65 -16.27 -11.49
N ILE A 161 -0.52 -14.94 -11.66
CA ILE A 161 -0.03 -14.09 -10.58
C ILE A 161 -1.02 -14.10 -9.42
N LYS A 162 -2.28 -13.78 -9.70
CA LYS A 162 -3.34 -13.91 -8.72
C LYS A 162 -3.32 -15.28 -8.07
N ALA A 163 -3.19 -16.33 -8.87
CA ALA A 163 -3.10 -17.69 -8.35
C ALA A 163 -1.99 -17.81 -7.31
N ALA A 164 -0.81 -17.27 -7.61
CA ALA A 164 0.29 -17.34 -6.66
C ALA A 164 -0.03 -16.58 -5.36
N LEU A 165 -0.54 -15.36 -5.48
CA LEU A 165 -0.78 -14.54 -4.30
C LEU A 165 -1.89 -15.09 -3.41
N CYS A 166 -2.89 -15.77 -3.99
CA CYS A 166 -4.08 -16.22 -3.27
C CYS A 166 -3.94 -17.64 -2.75
N THR A 167 -2.94 -18.39 -3.17
CA THR A 167 -2.77 -19.74 -2.65
C THR A 167 -1.50 -19.90 -1.84
N THR A 168 -0.72 -18.83 -1.63
CA THR A 168 0.54 -18.99 -0.92
C THR A 168 0.38 -18.90 0.58
N SER A 169 -0.07 -17.76 1.09
CA SER A 169 -0.31 -17.57 2.50
C SER A 169 -1.35 -16.47 2.67
N PRO A 170 -1.98 -16.36 3.85
CA PRO A 170 -2.83 -15.19 4.09
C PRO A 170 -2.13 -13.87 3.82
N GLU A 171 -0.83 -13.79 4.14
CA GLU A 171 -0.09 -12.54 3.96
C GLU A 171 -0.03 -12.13 2.50
N GLN A 172 0.32 -13.05 1.60
CA GLN A 172 0.31 -12.70 0.19
C GLN A 172 -1.10 -12.39 -0.28
N TYR A 173 -2.08 -13.12 0.25
CA TYR A 173 -3.45 -12.94 -0.18
C TYR A 173 -3.97 -11.55 0.15
N PHE A 174 -3.84 -11.14 1.42
CA PHE A 174 -4.37 -9.84 1.81
C PHE A 174 -3.60 -8.71 1.11
N ARG A 175 -2.33 -8.92 0.81
CA ARG A 175 -1.57 -7.93 0.05
C ARG A 175 -2.19 -7.67 -1.31
N PHE A 176 -2.64 -8.73 -1.99
CA PHE A 176 -3.35 -8.56 -3.26
C PHE A 176 -4.67 -7.82 -3.04
N ARG A 177 -5.38 -8.16 -1.97
CA ARG A 177 -6.73 -7.65 -1.74
C ARG A 177 -6.78 -6.16 -1.42
N VAL A 178 -5.68 -5.57 -0.91
CA VAL A 178 -5.65 -4.13 -0.69
C VAL A 178 -6.15 -3.38 -1.93
N THR A 179 -5.66 -3.76 -3.10
CA THR A 179 -6.19 -3.22 -4.35
C THR A 179 -7.47 -3.95 -4.75
N ASP A 180 -7.44 -5.28 -4.72
CA ASP A 180 -8.41 -6.02 -5.52
C ASP A 180 -9.82 -5.97 -4.92
N ILE A 181 -9.93 -5.90 -3.59
CA ILE A 181 -11.27 -5.79 -3.01
C ILE A 181 -11.84 -4.40 -3.24
N GLY A 182 -11.01 -3.43 -3.54
CA GLY A 182 -11.49 -2.08 -3.79
C GLY A 182 -11.36 -1.09 -2.65
N VAL A 183 -10.72 -1.48 -1.53
CA VAL A 183 -10.67 -0.57 -0.39
C VAL A 183 -9.74 0.61 -0.66
N ASP A 184 -8.65 0.41 -1.42
CA ASP A 184 -7.81 1.57 -1.74
C ASP A 184 -8.58 2.56 -2.60
N PHE A 185 -9.32 2.05 -3.60
CA PHE A 185 -10.27 2.86 -4.38
C PHE A 185 -11.25 3.59 -3.47
N TRP A 186 -11.88 2.84 -2.56
CA TRP A 186 -12.86 3.40 -1.63
C TRP A 186 -12.33 4.63 -0.90
N MET A 187 -11.14 4.51 -0.32
CA MET A 187 -10.60 5.61 0.48
C MET A 187 -10.26 6.82 -0.38
N LYS A 188 -9.74 6.58 -1.58
CA LYS A 188 -9.31 7.69 -2.43
C LYS A 188 -10.48 8.40 -3.10
N MET A 189 -11.67 7.80 -3.10
CA MET A 189 -12.88 8.49 -3.53
C MET A 189 -13.77 8.95 -2.38
N SER A 190 -13.50 8.51 -1.15
CA SER A 190 -14.31 8.84 0.01
C SER A 190 -13.76 9.97 0.86
N TYR A 191 -12.47 10.27 0.81
CA TYR A 191 -11.94 11.35 1.63
C TYR A 191 -12.56 12.72 1.30
N PRO A 192 -12.95 13.05 0.07
CA PRO A 192 -13.65 14.33 -0.13
C PRO A 192 -14.95 14.43 0.65
N ILE A 193 -15.51 13.32 1.11
CA ILE A 193 -16.74 13.38 1.89
C ILE A 193 -16.53 14.09 3.22
N TYR A 194 -15.30 14.03 3.77
CA TYR A 194 -15.05 14.45 5.15
C TYR A 194 -14.19 15.69 5.28
N ARG A 195 -13.38 16.03 4.27
CA ARG A 195 -12.51 17.19 4.32
C ARG A 195 -11.70 17.22 5.61
N HIS A 196 -11.31 16.04 6.12
CA HIS A 196 -10.49 15.96 7.30
C HIS A 196 -9.04 15.71 6.90
N PRO A 197 -8.13 16.65 7.16
CA PRO A 197 -6.75 16.52 6.66
C PRO A 197 -6.05 15.21 6.98
N GLU A 198 -6.14 14.70 8.21
CA GLU A 198 -5.45 13.46 8.53
C GLU A 198 -6.00 12.30 7.72
N PHE A 199 -7.33 12.19 7.66
CA PHE A 199 -7.94 11.12 6.87
C PHE A 199 -7.54 11.21 5.40
N THR A 200 -7.40 12.43 4.90
CA THR A 200 -7.01 12.59 3.50
C THR A 200 -5.61 12.07 3.26
N GLU A 201 -4.69 12.34 4.18
CA GLU A 201 -3.31 11.88 4.01
C GLU A 201 -3.23 10.36 4.12
N HIS A 202 -3.90 9.75 5.11
CA HIS A 202 -3.93 8.29 5.20
C HIS A 202 -4.58 7.66 3.97
N ALA A 203 -5.58 8.32 3.39
CA ALA A 203 -6.20 7.79 2.17
C ALA A 203 -5.20 7.75 1.04
N LYS A 204 -4.40 8.82 0.89
CA LYS A 204 -3.50 8.97 -0.24
C LYS A 204 -2.19 8.21 -0.08
N THR A 205 -1.72 7.96 1.16
CA THR A 205 -0.62 7.03 1.32
C THR A 205 -1.06 5.58 1.17
N SER A 206 -2.37 5.33 1.15
CA SER A 206 -3.02 4.03 1.23
C SER A 206 -2.87 3.37 2.60
N LEU A 207 -2.29 4.04 3.59
CA LEU A 207 -2.29 3.48 4.93
C LEU A 207 -3.72 3.16 5.37
N ALA A 208 -4.68 4.04 5.01
CA ALA A 208 -6.07 3.79 5.38
C ALA A 208 -6.55 2.46 4.81
N ALA A 209 -6.32 2.24 3.51
CA ALA A 209 -6.70 0.97 2.91
C ALA A 209 -6.00 -0.19 3.60
N ARG A 210 -4.70 -0.05 3.88
CA ARG A 210 -3.97 -1.14 4.50
C ARG A 210 -4.53 -1.48 5.86
N MET A 211 -4.89 -0.45 6.65
CA MET A 211 -5.44 -0.68 7.99
C MET A 211 -6.74 -1.44 7.94
N THR A 212 -7.55 -1.23 6.89
CA THR A 212 -8.90 -1.77 6.85
C THR A 212 -9.05 -3.00 5.95
N THR A 213 -7.97 -3.45 5.30
CA THR A 213 -8.10 -4.51 4.31
C THR A 213 -8.64 -5.79 4.91
N ARG A 214 -8.05 -6.26 6.01
CA ARG A 214 -8.42 -7.57 6.51
C ARG A 214 -9.81 -7.57 7.11
N GLY A 215 -10.18 -6.50 7.81
CA GLY A 215 -11.53 -6.42 8.36
C GLY A 215 -12.59 -6.54 7.29
N LEU A 216 -12.37 -5.89 6.15
CA LEU A 216 -13.32 -5.94 5.03
C LEU A 216 -13.27 -7.29 4.34
N THR A 217 -12.06 -7.75 3.99
CA THR A 217 -11.90 -8.92 3.13
C THR A 217 -12.31 -10.21 3.84
N ILE A 218 -11.97 -10.34 5.11
CA ILE A 218 -12.33 -11.57 5.83
C ILE A 218 -13.84 -11.72 5.90
N VAL A 219 -14.54 -10.63 6.22
CA VAL A 219 -16.01 -10.67 6.26
C VAL A 219 -16.57 -11.03 4.89
N ASN A 220 -16.20 -10.25 3.87
CA ASN A 220 -16.70 -10.53 2.52
C ASN A 220 -16.37 -11.96 2.10
N ASP A 221 -15.14 -12.41 2.37
CA ASP A 221 -14.75 -13.74 1.94
C ASP A 221 -15.66 -14.81 2.55
N PHE A 222 -15.97 -14.70 3.84
CA PHE A 222 -16.77 -15.76 4.44
C PHE A 222 -18.14 -15.84 3.79
N TYR A 223 -18.89 -14.75 3.81
CA TYR A 223 -20.22 -14.77 3.25
C TYR A 223 -20.20 -15.01 1.75
N SER A 224 -19.32 -14.33 1.00
CA SER A 224 -19.31 -14.50 -0.45
C SER A 224 -18.54 -15.73 -0.89
N TYR A 225 -18.12 -16.59 0.06
CA TYR A 225 -17.40 -17.81 -0.29
C TYR A 225 -18.18 -18.69 -1.25
N ASP A 226 -19.45 -18.95 -0.95
CA ASP A 226 -20.19 -19.93 -1.73
C ASP A 226 -20.52 -19.41 -3.12
N ARG A 227 -20.85 -18.13 -3.23
CA ARG A 227 -21.03 -17.53 -4.54
C ARG A 227 -19.77 -17.70 -5.39
N GLU A 228 -18.61 -17.37 -4.82
CA GLU A 228 -17.38 -17.39 -5.61
C GLU A 228 -16.89 -18.81 -5.90
N VAL A 229 -17.10 -19.75 -4.98
CA VAL A 229 -16.82 -21.13 -5.33
C VAL A 229 -17.77 -21.61 -6.41
N SER A 230 -19.05 -21.23 -6.31
CA SER A 230 -20.02 -21.64 -7.32
C SER A 230 -19.77 -20.95 -8.65
N LEU A 231 -18.88 -19.97 -8.67
CA LEU A 231 -18.44 -19.35 -9.91
C LEU A 231 -16.99 -19.64 -10.21
N GLY A 232 -16.36 -20.54 -9.47
CA GLY A 232 -14.97 -20.91 -9.70
C GLY A 232 -13.95 -19.82 -9.43
N GLN A 233 -14.25 -18.89 -8.53
CA GLN A 233 -13.34 -17.78 -8.26
C GLN A 233 -12.44 -18.11 -7.08
N ILE A 234 -11.13 -17.86 -7.24
CA ILE A 234 -10.14 -18.25 -6.25
C ILE A 234 -9.77 -17.14 -5.28
N THR A 235 -10.21 -15.90 -5.52
CA THR A 235 -9.80 -14.77 -4.68
C THR A 235 -10.63 -14.76 -3.40
N ASN A 236 -10.26 -15.64 -2.47
CA ASN A 236 -11.02 -15.81 -1.24
C ASN A 236 -10.18 -16.58 -0.23
N CYS A 237 -9.86 -15.95 0.91
CA CYS A 237 -8.91 -16.53 1.86
C CYS A 237 -9.35 -17.88 2.40
N PHE A 238 -10.64 -18.15 2.47
CA PHE A 238 -11.05 -19.44 3.02
C PHE A 238 -10.75 -20.61 2.08
N ARG A 239 -10.31 -20.35 0.85
CA ARG A 239 -9.78 -21.44 0.04
C ARG A 239 -8.42 -21.90 0.54
N LEU A 240 -7.74 -21.13 1.38
CA LEU A 240 -6.55 -21.61 2.03
C LEU A 240 -6.83 -22.67 3.09
N CYS A 241 -8.00 -22.62 3.75
CA CYS A 241 -8.37 -23.61 4.73
C CYS A 241 -9.14 -24.74 4.04
N ASP A 242 -9.28 -25.87 4.73
CA ASP A 242 -10.06 -27.01 4.24
C ASP A 242 -11.41 -26.95 4.96
N VAL A 243 -12.38 -26.29 4.34
CA VAL A 243 -13.68 -26.10 4.97
C VAL A 243 -14.41 -27.43 5.16
N SER A 244 -13.84 -28.53 4.66
CA SER A 244 -14.37 -29.85 5.00
C SER A 244 -14.05 -30.21 6.44
N ASP A 245 -12.80 -29.99 6.87
CA ASP A 245 -12.40 -30.21 8.26
C ASP A 245 -13.01 -29.12 9.15
N GLU A 246 -14.06 -29.46 9.88
CA GLU A 246 -14.66 -28.53 10.84
C GLU A 246 -13.63 -27.99 11.81
N THR A 247 -12.72 -28.85 12.29
CA THR A 247 -11.64 -28.41 13.15
C THR A 247 -10.76 -27.37 12.46
N ALA A 248 -10.10 -27.76 11.37
CA ALA A 248 -9.16 -26.88 10.71
C ALA A 248 -9.82 -25.56 10.33
N PHE A 249 -11.08 -25.61 9.90
CA PHE A 249 -11.81 -24.37 9.65
C PHE A 249 -11.87 -23.49 10.89
N LYS A 250 -12.33 -24.05 12.02
CA LYS A 250 -12.43 -23.25 13.24
C LYS A 250 -11.06 -22.68 13.64
N GLU A 251 -9.99 -23.45 13.43
CA GLU A 251 -8.66 -22.92 13.74
C GLU A 251 -8.31 -21.76 12.83
N PHE A 252 -8.63 -21.88 11.53
CA PHE A 252 -8.34 -20.81 10.58
C PHE A 252 -9.24 -19.61 10.80
N PHE A 253 -10.53 -19.85 11.07
CA PHE A 253 -11.45 -18.76 11.34
C PHE A 253 -11.01 -17.97 12.57
N GLN A 254 -10.58 -18.67 13.62
CA GLN A 254 -10.15 -17.94 14.81
C GLN A 254 -8.90 -17.10 14.52
N ALA A 255 -7.99 -17.60 13.68
CA ALA A 255 -6.82 -16.81 13.31
C ALA A 255 -7.19 -15.57 12.50
N ARG A 256 -8.17 -15.69 11.58
CA ARG A 256 -8.68 -14.51 10.88
C ARG A 256 -9.40 -13.56 11.83
N LEU A 257 -10.13 -14.10 12.81
CA LEU A 257 -10.71 -13.24 13.83
C LEU A 257 -9.61 -12.48 14.58
N ASP A 258 -8.52 -13.17 14.93
CA ASP A 258 -7.41 -12.49 15.60
C ASP A 258 -6.80 -11.41 14.70
N ASP A 259 -6.75 -11.66 13.38
CA ASP A 259 -6.29 -10.64 12.46
C ASP A 259 -7.17 -9.40 12.57
N MET A 260 -8.49 -9.57 12.49
CA MET A 260 -9.42 -8.46 12.62
C MET A 260 -9.21 -7.69 13.92
N ILE A 261 -9.02 -8.41 15.03
CA ILE A 261 -8.94 -7.76 16.33
C ILE A 261 -7.69 -6.89 16.45
N GLU A 262 -6.54 -7.40 15.96
CA GLU A 262 -5.31 -6.61 16.04
C GLU A 262 -5.42 -5.36 15.18
N ASP A 263 -5.97 -5.49 13.97
CA ASP A 263 -6.19 -4.33 13.12
C ASP A 263 -7.08 -3.30 13.83
N ILE A 264 -8.20 -3.75 14.41
CA ILE A 264 -9.16 -2.82 15.01
C ILE A 264 -8.52 -2.10 16.21
N GLU A 265 -7.79 -2.82 17.07
CA GLU A 265 -7.13 -2.15 18.19
C GLU A 265 -6.07 -1.15 17.69
N CYS A 266 -5.33 -1.49 16.63
CA CYS A 266 -4.38 -0.52 16.11
C CYS A 266 -5.08 0.67 15.45
N ILE A 267 -6.25 0.45 14.86
CA ILE A 267 -7.00 1.56 14.27
C ILE A 267 -7.35 2.59 15.34
N LYS A 268 -7.65 2.13 16.55
CA LYS A 268 -8.05 3.03 17.63
C LYS A 268 -6.95 3.97 18.10
N ALA A 269 -5.74 3.85 17.56
CA ALA A 269 -4.66 4.81 17.81
C ALA A 269 -4.64 5.95 16.81
N PHE A 270 -5.40 5.83 15.73
CA PHE A 270 -5.56 6.93 14.79
C PHE A 270 -6.41 8.03 15.44
N ASP A 271 -6.33 9.23 14.86
CA ASP A 271 -7.07 10.35 15.42
C ASP A 271 -8.56 10.04 15.43
N GLN A 272 -9.28 10.73 16.31
CA GLN A 272 -10.65 10.34 16.64
C GLN A 272 -11.55 10.25 15.40
N LEU A 273 -11.56 11.28 14.55
CA LEU A 273 -12.43 11.24 13.37
C LEU A 273 -12.00 10.13 12.41
N THR A 274 -10.71 10.06 12.08
CA THR A 274 -10.23 9.00 11.20
C THR A 274 -10.60 7.62 11.72
N GLN A 275 -10.34 7.39 13.02
CA GLN A 275 -10.70 6.13 13.66
C GLN A 275 -12.18 5.83 13.50
N ASP A 276 -13.01 6.87 13.55
CA ASP A 276 -14.45 6.72 13.31
C ASP A 276 -14.71 6.15 11.92
N VAL A 277 -14.14 6.77 10.89
CA VAL A 277 -14.43 6.35 9.53
C VAL A 277 -13.95 4.92 9.29
N PHE A 278 -12.76 4.59 9.82
CA PHE A 278 -12.22 3.24 9.63
C PHE A 278 -13.13 2.18 10.22
N LEU A 279 -13.55 2.37 11.47
CA LEU A 279 -14.39 1.37 12.11
C LEU A 279 -15.80 1.38 11.53
N ASP A 280 -16.36 2.56 11.26
CA ASP A 280 -17.62 2.65 10.52
C ASP A 280 -17.57 1.79 9.25
N LEU A 281 -16.44 1.84 8.54
CA LEU A 281 -16.31 1.09 7.30
C LEU A 281 -16.37 -0.41 7.54
N ILE A 282 -15.57 -0.92 8.49
CA ILE A 282 -15.49 -2.36 8.65
C ILE A 282 -16.79 -2.92 9.21
N TYR A 283 -17.33 -2.28 10.24
CA TYR A 283 -18.59 -2.75 10.82
C TYR A 283 -19.74 -2.53 9.86
N GLY A 284 -19.75 -1.39 9.18
CA GLY A 284 -20.81 -1.13 8.20
C GLY A 284 -20.89 -2.20 7.14
N ASN A 285 -19.73 -2.65 6.64
CA ASN A 285 -19.72 -3.68 5.61
C ASN A 285 -20.25 -5.01 6.14
N PHE A 286 -20.05 -5.27 7.42
CA PHE A 286 -20.54 -6.52 7.99
C PHE A 286 -22.07 -6.54 8.07
N VAL A 287 -22.70 -5.40 8.34
CA VAL A 287 -24.16 -5.36 8.38
C VAL A 287 -24.75 -5.56 6.98
N TRP A 288 -24.26 -4.79 6.00
CA TRP A 288 -24.74 -4.97 4.64
C TRP A 288 -24.57 -6.42 4.20
N THR A 289 -23.36 -6.96 4.33
CA THR A 289 -23.04 -8.26 3.74
C THR A 289 -23.93 -9.38 4.27
N THR A 290 -24.30 -9.32 5.55
CA THR A 290 -24.94 -10.46 6.22
C THR A 290 -26.44 -10.58 5.92
N SER A 291 -27.08 -9.50 5.48
CA SER A 291 -28.47 -9.57 5.10
C SER A 291 -28.73 -9.15 3.67
N ASN A 292 -27.81 -9.41 2.75
CA ASN A 292 -28.04 -9.07 1.34
C ASN A 292 -28.11 -10.30 0.45
N LYS A 293 -29.11 -10.31 -0.43
CA LYS A 293 -29.35 -11.36 -1.42
C LYS A 293 -28.08 -11.72 -2.19
N ARG A 294 -27.19 -10.74 -2.33
CA ARG A 294 -25.90 -11.00 -2.97
C ARG A 294 -25.14 -12.12 -2.28
N TYR A 295 -25.33 -12.28 -0.98
CA TYR A 295 -24.54 -13.18 -0.17
C TYR A 295 -25.35 -14.35 0.38
N LYS A 296 -26.44 -14.68 -0.29
CA LYS A 296 -27.07 -15.95 -0.02
C LYS A 296 -26.87 -16.92 -1.17
N THR A 297 -25.67 -17.47 -1.29
CA THR A 297 -25.23 -18.44 -2.28
C THR A 297 -25.81 -18.10 -3.66
N ALA A 298 -26.24 -19.15 -4.34
CA ALA A 298 -26.70 -19.21 -5.75
C ALA A 298 -27.21 -17.91 -6.39
N ILE B 13 16.41 0.21 24.36
CA ILE B 13 17.04 0.90 25.49
C ILE B 13 17.51 2.30 25.12
N GLY B 14 18.06 2.39 23.91
CA GLY B 14 18.75 3.57 23.44
C GLY B 14 20.14 3.23 22.95
N ARG B 15 20.85 2.36 23.66
CA ARG B 15 22.21 1.96 23.30
C ARG B 15 22.35 0.45 23.16
N SER B 16 21.49 -0.20 22.38
CA SER B 16 21.69 -1.60 22.08
C SER B 16 22.24 -1.74 20.66
N SER B 17 22.49 -2.97 20.25
CA SER B 17 23.29 -3.18 19.05
C SER B 17 22.97 -4.55 18.46
N VAL B 18 23.25 -4.68 17.17
CA VAL B 18 23.32 -5.99 16.53
C VAL B 18 24.72 -6.29 16.05
N ARG B 19 25.70 -5.53 16.51
CA ARG B 19 27.10 -5.78 16.16
C ARG B 19 27.52 -7.25 16.23
N PRO B 20 27.20 -8.02 17.29
CA PRO B 20 27.71 -9.39 17.34
C PRO B 20 27.26 -10.25 16.18
N TYR B 21 26.01 -10.12 15.76
CA TYR B 21 25.45 -10.89 14.67
C TYR B 21 25.90 -10.42 13.30
N LEU B 22 26.78 -9.41 13.25
CA LEU B 22 26.99 -8.71 11.98
C LEU B 22 27.41 -9.65 10.86
N GLU B 23 28.35 -10.54 11.14
CA GLU B 23 28.98 -11.28 10.06
C GLU B 23 28.14 -12.50 9.69
N GLU B 24 27.56 -13.17 10.68
CA GLU B 24 26.77 -14.34 10.35
C GLU B 24 25.53 -13.94 9.55
N CYS B 25 24.86 -12.86 9.95
CA CYS B 25 23.64 -12.43 9.27
C CYS B 25 23.93 -11.95 7.86
N THR B 26 25.03 -11.22 7.67
CA THR B 26 25.42 -10.81 6.32
C THR B 26 25.61 -12.02 5.42
N ARG B 27 26.28 -13.05 5.94
CA ARG B 27 26.42 -14.31 5.22
C ARG B 27 25.07 -14.99 5.00
N ARG B 28 24.19 -14.96 5.99
CA ARG B 28 22.87 -15.57 5.83
C ARG B 28 22.06 -14.85 4.78
N PHE B 29 22.05 -13.51 4.81
CA PHE B 29 21.41 -12.74 3.75
C PHE B 29 21.99 -13.13 2.40
N GLN B 30 23.34 -13.13 2.31
CA GLN B 30 24.02 -13.39 1.04
C GLN B 30 23.67 -14.75 0.49
N GLU B 31 23.74 -15.77 1.33
CA GLU B 31 23.42 -17.11 0.90
C GLU B 31 21.98 -17.20 0.44
N MET B 32 21.07 -16.45 1.07
CA MET B 32 19.67 -16.44 0.65
C MET B 32 19.53 -15.87 -0.76
N PHE B 33 20.20 -14.76 -1.06
CA PHE B 33 20.17 -14.22 -2.42
C PHE B 33 20.79 -15.18 -3.44
N ASP B 34 21.87 -15.89 -3.05
CA ASP B 34 22.49 -16.85 -3.98
C ASP B 34 21.54 -17.99 -4.32
N ARG B 35 20.72 -18.40 -3.36
CA ARG B 35 19.81 -19.51 -3.63
C ARG B 35 18.56 -19.03 -4.37
N HIS B 36 18.06 -17.83 -4.06
CA HIS B 36 16.71 -17.45 -4.47
C HIS B 36 16.64 -16.40 -5.56
N VAL B 37 17.64 -15.55 -5.72
CA VAL B 37 17.65 -14.54 -6.76
C VAL B 37 18.69 -14.84 -7.84
N VAL B 38 19.88 -15.24 -7.41
CA VAL B 38 20.97 -15.73 -8.26
C VAL B 38 21.63 -14.56 -8.99
N THR B 39 20.92 -13.96 -9.95
CA THR B 39 21.55 -12.94 -10.77
C THR B 39 21.84 -11.68 -9.96
N ARG B 40 23.10 -11.20 -10.06
CA ARG B 40 23.65 -10.15 -9.23
C ARG B 40 23.24 -8.77 -9.75
N PRO B 41 22.97 -7.82 -8.86
CA PRO B 41 22.81 -6.43 -9.28
C PRO B 41 24.12 -5.88 -9.82
N THR B 42 24.01 -4.94 -10.77
CA THR B 42 25.18 -4.30 -11.37
C THR B 42 25.09 -2.79 -11.16
N LYS B 43 26.22 -2.16 -10.85
CA LYS B 43 26.22 -0.73 -10.52
C LYS B 43 26.15 0.12 -11.77
N VAL B 44 25.17 1.02 -11.81
CA VAL B 44 25.01 1.91 -12.95
C VAL B 44 26.10 2.97 -12.90
N GLU B 45 26.90 3.03 -13.96
CA GLU B 45 27.87 4.11 -14.13
C GLU B 45 27.12 5.37 -14.48
N LEU B 46 27.45 6.46 -13.81
CA LEU B 46 27.01 7.78 -14.26
C LEU B 46 28.18 8.50 -14.90
N THR B 47 27.92 9.13 -16.03
CA THR B 47 28.91 10.00 -16.62
C THR B 47 29.25 11.09 -15.63
N ASP B 48 30.38 11.74 -15.88
CA ASP B 48 30.89 12.79 -15.02
C ASP B 48 29.83 13.88 -14.87
N ALA B 49 29.07 14.16 -15.95
CA ALA B 49 28.08 15.25 -16.02
C ALA B 49 26.72 14.92 -15.39
N GLU B 50 26.27 13.68 -15.53
CA GLU B 50 25.06 13.26 -14.85
C GLU B 50 25.20 13.41 -13.35
N LEU B 51 26.31 12.89 -12.80
CA LEU B 51 26.51 12.95 -11.36
C LEU B 51 26.55 14.40 -10.87
N ARG B 52 27.27 15.27 -11.59
CA ARG B 52 27.27 16.69 -11.23
C ARG B 52 25.94 17.37 -11.55
N GLU B 53 25.15 16.86 -12.49
CA GLU B 53 23.82 17.42 -12.67
C GLU B 53 22.93 17.03 -11.51
N VAL B 54 22.94 15.75 -11.16
CA VAL B 54 22.20 15.25 -10.01
C VAL B 54 22.49 16.07 -8.77
N ILE B 55 23.77 16.17 -8.40
CA ILE B 55 24.15 16.84 -7.16
C ILE B 55 23.83 18.34 -7.23
N ASP B 56 24.10 18.99 -8.36
CA ASP B 56 23.79 20.41 -8.49
C ASP B 56 22.31 20.68 -8.23
N ASP B 57 21.43 19.84 -8.78
CA ASP B 57 20.01 20.01 -8.54
C ASP B 57 19.64 19.74 -7.08
N CYS B 58 20.31 18.76 -6.45
CA CYS B 58 20.02 18.45 -5.05
C CYS B 58 20.25 19.65 -4.15
N ASN B 59 21.35 20.37 -4.37
CA ASN B 59 21.61 21.59 -3.61
C ASN B 59 20.55 22.63 -3.86
N ALA B 60 20.16 22.79 -5.13
CA ALA B 60 19.08 23.71 -5.45
C ALA B 60 17.81 23.36 -4.67
N ALA B 61 17.56 22.07 -4.45
CA ALA B 61 16.26 21.69 -3.92
C ALA B 61 16.24 21.70 -2.41
N VAL B 62 17.42 21.73 -1.77
CA VAL B 62 17.45 21.80 -0.31
C VAL B 62 17.80 23.19 0.19
N ALA B 63 18.29 24.07 -0.67
CA ALA B 63 18.78 25.38 -0.23
C ALA B 63 17.73 26.20 0.50
N PRO B 64 16.46 26.25 0.06
CA PRO B 64 15.46 26.95 0.87
C PRO B 64 15.41 26.49 2.32
N LEU B 65 15.72 25.22 2.60
CA LEU B 65 15.63 24.70 3.96
C LEU B 65 16.82 25.08 4.84
N GLY B 66 17.81 25.77 4.29
CA GLY B 66 18.83 26.45 5.08
C GLY B 66 19.84 25.56 5.78
N LYS B 67 20.02 24.34 5.29
CA LYS B 67 20.99 23.42 5.87
C LYS B 67 21.94 22.96 4.76
N THR B 68 23.21 22.87 5.11
CA THR B 68 24.21 22.42 4.16
C THR B 68 24.23 20.90 4.10
N VAL B 69 24.42 20.35 2.90
CA VAL B 69 24.50 18.92 2.71
C VAL B 69 25.57 18.67 1.67
N SER B 70 26.63 17.97 2.07
CA SER B 70 27.85 17.99 1.29
C SER B 70 27.90 16.85 0.29
N ASP B 71 28.99 16.84 -0.47
CA ASP B 71 29.06 15.99 -1.66
C ASP B 71 29.15 14.51 -1.31
N GLU B 72 30.08 14.14 -0.42
CA GLU B 72 30.16 12.75 0.01
C GLU B 72 28.82 12.29 0.55
N ARG B 73 28.06 13.18 1.19
CA ARG B 73 26.75 12.80 1.71
C ARG B 73 25.74 12.61 0.58
N TRP B 74 25.83 13.40 -0.49
CA TRP B 74 24.95 13.21 -1.64
C TRP B 74 25.24 11.91 -2.33
N ILE B 75 26.52 11.67 -2.65
CA ILE B 75 26.97 10.47 -3.35
C ILE B 75 26.67 9.22 -2.54
N SER B 76 26.67 9.36 -1.23
CA SER B 76 26.31 8.25 -0.36
C SER B 76 24.87 7.80 -0.63
N TYR B 77 23.93 8.73 -0.48
CA TYR B 77 22.53 8.48 -0.82
C TYR B 77 22.39 7.87 -2.22
N VAL B 78 22.99 8.51 -3.23
CA VAL B 78 22.66 8.16 -4.61
C VAL B 78 23.06 6.73 -4.93
N GLY B 79 23.90 6.11 -4.11
CA GLY B 79 24.32 4.76 -4.38
C GLY B 79 23.18 3.75 -4.43
N VAL B 80 22.15 3.96 -3.60
CA VAL B 80 21.02 3.02 -3.65
C VAL B 80 20.35 3.04 -5.02
N VAL B 81 20.28 4.21 -5.66
CA VAL B 81 19.69 4.27 -7.00
C VAL B 81 20.65 3.69 -8.03
N LEU B 82 21.93 4.03 -7.92
CA LEU B 82 22.93 3.46 -8.82
C LEU B 82 22.93 1.93 -8.75
N TRP B 83 22.63 1.37 -7.58
CA TRP B 83 22.75 -0.06 -7.37
C TRP B 83 21.44 -0.83 -7.42
N SER B 84 20.29 -0.20 -7.29
CA SER B 84 19.08 -0.99 -7.06
C SER B 84 18.01 -0.82 -8.13
N GLN B 85 18.29 -0.09 -9.21
CA GLN B 85 17.46 -0.14 -10.40
C GLN B 85 17.84 -1.39 -11.19
N SER B 86 17.45 -1.45 -12.46
CA SER B 86 17.53 -2.67 -13.26
C SER B 86 18.17 -2.32 -14.60
N PRO B 87 19.50 -2.20 -14.64
CA PRO B 87 20.17 -1.73 -15.87
C PRO B 87 19.90 -2.59 -17.07
N ARG B 88 19.43 -3.82 -16.88
CA ARG B 88 18.97 -4.64 -18.00
C ARG B 88 17.87 -3.96 -18.79
N HIS B 89 17.03 -3.15 -18.14
CA HIS B 89 15.80 -2.68 -18.77
C HIS B 89 15.69 -1.16 -18.81
N ILE B 90 16.64 -0.43 -18.23
CA ILE B 90 16.58 1.03 -18.25
C ILE B 90 16.45 1.51 -19.68
N LYS B 91 15.53 2.47 -19.89
CA LYS B 91 15.26 3.05 -21.21
C LYS B 91 15.27 4.57 -21.24
N ASP B 92 15.19 5.24 -20.09
CA ASP B 92 15.10 6.70 -20.02
C ASP B 92 16.00 7.19 -18.89
N MET B 93 17.19 7.69 -19.27
CA MET B 93 18.13 8.16 -18.26
C MET B 93 17.69 9.48 -17.65
N GLU B 94 16.81 10.24 -18.30
CA GLU B 94 16.27 11.43 -17.67
C GLU B 94 15.42 11.06 -16.45
N ALA B 95 14.55 10.06 -16.60
CA ALA B 95 13.80 9.57 -15.45
C ALA B 95 14.74 8.99 -14.38
N PHE B 96 15.78 8.27 -14.81
CA PHE B 96 16.78 7.75 -13.86
C PHE B 96 17.42 8.87 -13.07
N LYS B 97 17.84 9.94 -13.77
CA LYS B 97 18.43 11.08 -13.09
C LYS B 97 17.45 11.70 -12.12
N ALA B 98 16.18 11.77 -12.51
CA ALA B 98 15.14 12.24 -11.62
C ALA B 98 15.09 11.43 -10.33
N VAL B 99 15.10 10.11 -10.44
CA VAL B 99 15.03 9.27 -9.25
C VAL B 99 16.24 9.48 -8.36
N CYS B 100 17.41 9.73 -8.94
CA CYS B 100 18.58 10.02 -8.11
C CYS B 100 18.35 11.27 -7.28
N VAL B 101 17.88 12.34 -7.93
CA VAL B 101 17.68 13.61 -7.26
C VAL B 101 16.58 13.50 -6.20
N LEU B 102 15.42 12.96 -6.60
CA LEU B 102 14.30 12.87 -5.68
C LEU B 102 14.65 11.96 -4.50
N ASN B 103 15.29 10.82 -4.78
CA ASN B 103 15.65 9.94 -3.67
C ASN B 103 16.63 10.63 -2.75
N CYS B 104 17.59 11.37 -3.31
CA CYS B 104 18.63 11.98 -2.49
C CYS B 104 18.06 13.13 -1.64
N VAL B 105 17.16 13.93 -2.19
CA VAL B 105 16.68 15.06 -1.41
C VAL B 105 15.72 14.60 -0.33
N THR B 106 14.98 13.51 -0.56
CA THR B 106 14.08 13.05 0.49
C THR B 106 14.83 12.29 1.57
N PHE B 107 16.00 11.72 1.24
CA PHE B 107 16.88 11.20 2.28
C PHE B 107 17.31 12.30 3.24
N VAL B 108 17.62 13.48 2.70
CA VAL B 108 17.97 14.60 3.55
C VAL B 108 16.80 14.95 4.45
N TRP B 109 15.59 14.93 3.90
CA TRP B 109 14.40 15.14 4.71
C TRP B 109 14.31 14.09 5.81
N ASP B 110 14.49 12.83 5.45
CA ASP B 110 14.38 11.74 6.42
C ASP B 110 15.44 11.83 7.51
N ASP B 111 16.60 12.39 7.18
CA ASP B 111 17.74 12.57 8.09
C ASP B 111 17.64 13.85 8.91
N MET B 112 16.84 14.82 8.47
CA MET B 112 16.77 16.15 9.05
C MET B 112 15.90 16.14 10.29
N ASP B 113 16.20 17.05 11.20
CA ASP B 113 15.42 17.22 12.40
C ASP B 113 14.10 17.92 12.05
N PRO B 114 13.00 17.55 12.71
CA PRO B 114 11.67 18.11 12.34
C PRO B 114 11.61 19.62 12.22
N ALA B 115 12.38 20.36 13.03
CA ALA B 115 12.32 21.82 12.98
C ALA B 115 12.66 22.34 11.60
N LEU B 116 13.49 21.61 10.85
CA LEU B 116 13.94 22.03 9.53
C LEU B 116 12.96 21.69 8.42
N HIS B 117 11.89 20.94 8.70
CA HIS B 117 10.89 20.62 7.68
C HIS B 117 10.10 21.88 7.37
N ASP B 118 10.14 22.31 6.11
CA ASP B 118 9.28 23.39 5.63
C ASP B 118 8.75 23.01 4.25
N PHE B 119 7.44 22.71 4.18
CA PHE B 119 6.83 22.29 2.94
C PHE B 119 6.73 23.45 1.96
N GLY B 120 6.26 24.61 2.43
CA GLY B 120 6.18 25.78 1.57
C GLY B 120 7.46 26.04 0.81
N LEU B 121 8.60 25.83 1.46
CA LEU B 121 9.88 26.01 0.79
C LEU B 121 10.31 24.78 -0.02
N PHE B 122 10.08 23.57 0.51
CA PHE B 122 10.61 22.37 -0.12
C PHE B 122 9.71 21.81 -1.22
N LEU B 123 8.40 21.78 -1.01
CA LEU B 123 7.49 21.18 -1.97
C LEU B 123 7.60 21.80 -3.37
N PRO B 124 7.68 23.12 -3.54
CA PRO B 124 7.95 23.64 -4.89
C PRO B 124 9.24 23.11 -5.50
N GLN B 125 10.25 22.78 -4.69
CA GLN B 125 11.48 22.22 -5.26
C GLN B 125 11.23 20.84 -5.85
N LEU B 126 10.38 20.05 -5.20
CA LEU B 126 10.04 18.73 -5.72
C LEU B 126 9.29 18.85 -7.04
N ARG B 127 8.33 19.78 -7.10
CA ARG B 127 7.61 19.99 -8.36
C ARG B 127 8.58 20.43 -9.45
N LYS B 128 9.55 21.27 -9.12
CA LYS B 128 10.59 21.65 -10.07
C LYS B 128 11.34 20.44 -10.63
N ILE B 129 11.80 19.53 -9.76
CA ILE B 129 12.56 18.36 -10.21
C ILE B 129 11.69 17.52 -11.14
N CYS B 130 10.45 17.25 -10.74
CA CYS B 130 9.57 16.36 -11.50
C CYS B 130 9.23 16.93 -12.87
N GLU B 131 8.85 18.20 -12.91
CA GLU B 131 8.48 18.78 -14.20
C GLU B 131 9.68 18.98 -15.10
N LYS B 132 10.89 18.77 -14.56
CA LYS B 132 12.08 18.90 -15.40
C LYS B 132 12.40 17.61 -16.12
N TYR B 133 12.10 16.47 -15.50
CA TYR B 133 12.61 15.19 -15.99
C TYR B 133 11.54 14.28 -16.59
N TYR B 134 10.27 14.48 -16.25
CA TYR B 134 9.20 13.63 -16.74
C TYR B 134 8.31 14.43 -17.68
N GLY B 135 7.46 13.71 -18.40
CA GLY B 135 6.36 14.34 -19.09
C GLY B 135 5.25 14.69 -18.13
N PRO B 136 4.26 15.44 -18.62
CA PRO B 136 3.23 15.98 -17.72
C PRO B 136 2.51 14.96 -16.83
N GLU B 137 2.09 13.82 -17.36
CA GLU B 137 1.37 12.87 -16.55
C GLU B 137 2.29 12.30 -15.46
N ASP B 138 3.48 11.82 -15.85
CA ASP B 138 4.42 11.20 -14.90
C ASP B 138 4.92 12.20 -13.87
N ALA B 139 5.12 13.46 -14.27
CA ALA B 139 5.50 14.49 -13.33
C ALA B 139 4.49 14.57 -12.18
N GLU B 140 3.19 14.52 -12.50
CA GLU B 140 2.16 14.53 -11.49
C GLU B 140 2.27 13.32 -10.56
N VAL B 141 2.55 12.14 -11.12
CA VAL B 141 2.56 10.91 -10.35
C VAL B 141 3.75 10.91 -9.40
N ALA B 142 4.95 11.16 -9.94
CA ALA B 142 6.13 11.25 -9.11
C ALA B 142 5.96 12.34 -8.04
N TYR B 143 5.30 13.44 -8.38
CA TYR B 143 5.22 14.54 -7.42
C TYR B 143 4.31 14.20 -6.25
N GLU B 144 3.13 13.64 -6.54
CA GLU B 144 2.25 13.23 -5.46
C GLU B 144 2.96 12.24 -4.55
N ALA B 145 3.74 11.34 -5.14
CA ALA B 145 4.45 10.34 -4.36
C ALA B 145 5.56 10.97 -3.53
N ALA B 146 6.30 11.93 -4.07
CA ALA B 146 7.30 12.64 -3.29
C ALA B 146 6.65 13.39 -2.13
N ARG B 147 5.56 14.12 -2.43
CA ARG B 147 4.86 14.88 -1.41
C ARG B 147 4.34 13.98 -0.29
N ALA B 148 3.67 12.89 -0.66
CA ALA B 148 3.14 11.98 0.35
C ALA B 148 4.25 11.42 1.23
N PHE B 149 5.42 11.13 0.64
CA PHE B 149 6.52 10.56 1.43
C PHE B 149 7.07 11.56 2.43
N VAL B 150 7.38 12.78 2.00
CA VAL B 150 7.97 13.72 2.94
C VAL B 150 6.92 14.15 3.96
N THR B 151 5.65 14.26 3.55
CA THR B 151 4.56 14.54 4.49
C THR B 151 4.39 13.41 5.50
N SER B 152 4.49 12.16 5.04
CA SER B 152 4.41 11.05 5.98
C SER B 152 5.58 11.07 6.96
N ASP B 153 6.79 11.30 6.45
CA ASP B 153 7.94 11.29 7.36
C ASP B 153 7.85 12.42 8.37
N HIS B 154 7.26 13.55 7.97
CA HIS B 154 7.10 14.67 8.89
C HIS B 154 6.09 14.34 9.97
N MET B 155 4.86 14.00 9.59
CA MET B 155 3.79 13.98 10.57
C MET B 155 3.84 12.73 11.44
N PHE B 156 4.79 11.83 11.19
CA PHE B 156 4.97 10.72 12.10
C PHE B 156 6.18 10.86 13.03
N ARG B 157 6.91 11.98 13.00
CA ARG B 157 8.10 12.09 13.84
C ARG B 157 7.77 11.89 15.32
N ASP B 158 6.70 12.53 15.80
CA ASP B 158 6.33 12.53 17.21
C ASP B 158 5.13 11.61 17.44
N SER B 159 4.33 11.41 16.39
CA SER B 159 3.02 10.74 16.35
C SER B 159 3.03 9.44 17.13
N PRO B 160 1.97 9.20 17.92
CA PRO B 160 1.83 7.89 18.56
C PRO B 160 1.29 6.84 17.63
N ILE B 161 0.92 7.20 16.41
CA ILE B 161 0.46 6.21 15.45
C ILE B 161 1.64 5.35 14.97
N LYS B 162 2.78 5.99 14.73
CA LYS B 162 4.00 5.22 14.47
C LYS B 162 4.28 4.23 15.60
N ALA B 163 4.07 4.66 16.85
CA ALA B 163 4.33 3.80 18.00
C ALA B 163 3.45 2.57 18.01
N ALA B 164 2.16 2.72 17.69
CA ALA B 164 1.28 1.55 17.65
C ALA B 164 1.73 0.55 16.58
N LEU B 165 2.00 1.03 15.36
CA LEU B 165 2.31 0.11 14.27
C LEU B 165 3.71 -0.50 14.40
N CYS B 166 4.65 0.23 15.00
CA CYS B 166 6.00 -0.26 15.18
C CYS B 166 6.26 -0.91 16.53
N THR B 167 5.22 -1.37 17.25
CA THR B 167 5.43 -2.14 18.47
C THR B 167 4.47 -3.30 18.60
N THR B 168 3.48 -3.43 17.71
CA THR B 168 2.43 -4.42 17.87
C THR B 168 2.81 -5.79 17.31
N SER B 169 3.21 -5.83 16.03
CA SER B 169 3.48 -7.08 15.34
C SER B 169 4.25 -6.77 14.05
N PRO B 170 4.93 -7.76 13.51
CA PRO B 170 5.58 -7.56 12.20
C PRO B 170 4.63 -7.02 11.14
N GLU B 171 3.41 -7.50 11.09
CA GLU B 171 2.54 -7.11 9.98
C GLU B 171 2.06 -5.68 10.13
N GLN B 172 1.80 -5.23 11.35
CA GLN B 172 1.50 -3.82 11.51
C GLN B 172 2.71 -2.97 11.14
N TYR B 173 3.91 -3.45 11.49
CA TYR B 173 5.11 -2.67 11.19
C TYR B 173 5.37 -2.59 9.68
N PHE B 174 5.36 -3.73 9.00
CA PHE B 174 5.56 -3.70 7.54
C PHE B 174 4.44 -2.95 6.83
N ARG B 175 3.22 -2.99 7.37
CA ARG B 175 2.14 -2.20 6.78
C ARG B 175 2.49 -0.72 6.82
N PHE B 176 3.06 -0.26 7.93
CA PHE B 176 3.51 1.13 8.03
C PHE B 176 4.65 1.40 7.04
N ARG B 177 5.54 0.42 6.84
CA ARG B 177 6.76 0.65 6.06
C ARG B 177 6.53 0.77 4.55
N VAL B 178 5.43 0.22 4.01
CA VAL B 178 5.13 0.37 2.58
C VAL B 178 5.31 1.82 2.14
N THR B 179 4.79 2.74 2.96
CA THR B 179 4.96 4.17 2.69
C THR B 179 6.25 4.68 3.31
N ASP B 180 6.45 4.40 4.60
CA ASP B 180 7.47 5.14 5.36
C ASP B 180 8.88 4.88 4.83
N ILE B 181 9.21 3.64 4.49
CA ILE B 181 10.57 3.41 3.97
C ILE B 181 10.79 4.05 2.61
N GLY B 182 9.70 4.41 1.92
CA GLY B 182 9.79 5.11 0.66
C GLY B 182 9.62 4.25 -0.59
N VAL B 183 9.27 2.97 -0.45
CA VAL B 183 9.26 2.11 -1.64
C VAL B 183 8.04 2.37 -2.53
N ASP B 184 6.89 2.76 -1.97
CA ASP B 184 5.79 3.18 -2.84
C ASP B 184 6.21 4.39 -3.66
N PHE B 185 6.78 5.40 -3.00
CA PHE B 185 7.39 6.54 -3.69
C PHE B 185 8.36 6.08 -4.77
N TRP B 186 9.23 5.13 -4.45
CA TRP B 186 10.24 4.65 -5.39
C TRP B 186 9.60 4.09 -6.65
N MET B 187 8.63 3.20 -6.50
CA MET B 187 7.97 2.59 -7.66
C MET B 187 7.30 3.65 -8.54
N LYS B 188 6.61 4.61 -7.94
CA LYS B 188 5.81 5.56 -8.70
C LYS B 188 6.65 6.62 -9.39
N MET B 189 7.92 6.81 -8.98
CA MET B 189 8.82 7.64 -9.75
C MET B 189 9.76 6.82 -10.65
N SER B 190 9.82 5.51 -10.48
CA SER B 190 10.73 4.69 -11.27
C SER B 190 10.08 4.08 -12.52
N TYR B 191 8.76 3.90 -12.54
CA TYR B 191 8.15 3.24 -13.68
C TYR B 191 8.44 3.94 -15.01
N PRO B 192 8.57 5.28 -15.09
CA PRO B 192 8.91 5.89 -16.40
C PRO B 192 10.30 5.51 -16.90
N ILE B 193 11.17 5.01 -16.03
CA ILE B 193 12.48 4.55 -16.49
C ILE B 193 12.31 3.37 -17.44
N TYR B 194 11.32 2.52 -17.21
CA TYR B 194 11.22 1.25 -17.91
C TYR B 194 10.18 1.24 -19.02
N ARG B 195 9.20 2.16 -19.01
CA ARG B 195 8.12 2.18 -20.01
C ARG B 195 7.57 0.79 -20.27
N HIS B 196 7.43 0.02 -19.19
CA HIS B 196 6.87 -1.30 -19.26
C HIS B 196 5.45 -1.25 -18.70
N PRO B 197 4.42 -1.58 -19.49
CA PRO B 197 3.04 -1.42 -19.00
C PRO B 197 2.69 -2.25 -17.78
N GLU B 198 3.01 -3.55 -17.77
CA GLU B 198 2.74 -4.36 -16.58
C GLU B 198 3.35 -3.72 -15.34
N PHE B 199 4.61 -3.31 -15.41
CA PHE B 199 5.27 -2.72 -14.24
C PHE B 199 4.62 -1.39 -13.86
N THR B 200 4.21 -0.63 -14.86
CA THR B 200 3.57 0.66 -14.59
C THR B 200 2.28 0.48 -13.80
N GLU B 201 1.49 -0.53 -14.15
CA GLU B 201 0.27 -0.76 -13.40
C GLU B 201 0.58 -1.20 -11.96
N HIS B 202 1.53 -2.11 -11.78
CA HIS B 202 1.89 -2.58 -10.44
C HIS B 202 2.44 -1.42 -9.59
N ALA B 203 3.20 -0.50 -10.19
CA ALA B 203 3.60 0.70 -9.47
C ALA B 203 2.40 1.53 -9.02
N LYS B 204 1.41 1.73 -9.90
CA LYS B 204 0.30 2.62 -9.61
C LYS B 204 -0.72 2.00 -8.68
N THR B 205 -0.80 0.67 -8.59
CA THR B 205 -1.63 0.05 -7.57
C THR B 205 -0.93 -0.09 -6.23
N SER B 206 0.37 0.18 -6.18
CA SER B 206 1.24 -0.12 -5.04
C SER B 206 1.44 -1.61 -4.81
N LEU B 207 0.94 -2.48 -5.71
CA LEU B 207 1.28 -3.89 -5.58
C LEU B 207 2.80 -4.08 -5.63
N ALA B 208 3.47 -3.31 -6.47
CA ALA B 208 4.93 -3.42 -6.57
C ALA B 208 5.59 -3.05 -5.24
N ALA B 209 5.19 -1.92 -4.65
CA ALA B 209 5.73 -1.54 -3.35
C ALA B 209 5.47 -2.63 -2.32
N ARG B 210 4.25 -3.16 -2.29
CA ARG B 210 3.87 -4.13 -1.28
C ARG B 210 4.69 -5.41 -1.41
N MET B 211 5.00 -5.83 -2.65
CA MET B 211 5.76 -7.06 -2.86
C MET B 211 7.20 -6.95 -2.38
N THR B 212 7.81 -5.76 -2.47
CA THR B 212 9.22 -5.54 -2.16
C THR B 212 9.46 -4.93 -0.77
N THR B 213 8.40 -4.56 -0.04
CA THR B 213 8.57 -3.87 1.24
C THR B 213 9.44 -4.69 2.19
N ARG B 214 9.10 -5.96 2.39
CA ARG B 214 9.77 -6.75 3.41
C ARG B 214 11.24 -6.99 3.06
N GLY B 215 11.54 -7.28 1.80
CA GLY B 215 12.92 -7.51 1.40
C GLY B 215 13.81 -6.30 1.61
N LEU B 216 13.29 -5.11 1.31
CA LEU B 216 14.04 -3.87 1.54
C LEU B 216 14.11 -3.53 3.02
N THR B 217 13.01 -3.71 3.74
CA THR B 217 12.92 -3.21 5.10
C THR B 217 13.68 -4.11 6.06
N ILE B 218 13.63 -5.43 5.85
CA ILE B 218 14.33 -6.34 6.75
C ILE B 218 15.83 -6.11 6.66
N VAL B 219 16.34 -5.97 5.43
CA VAL B 219 17.76 -5.70 5.22
C VAL B 219 18.14 -4.36 5.82
N ASN B 220 17.38 -3.32 5.52
CA ASN B 220 17.74 -2.00 6.03
C ASN B 220 17.64 -1.93 7.54
N ASP B 221 16.65 -2.61 8.13
CA ASP B 221 16.51 -2.54 9.57
C ASP B 221 17.71 -3.16 10.28
N PHE B 222 18.22 -4.30 9.78
CA PHE B 222 19.36 -4.94 10.43
C PHE B 222 20.56 -4.00 10.45
N TYR B 223 20.93 -3.48 9.30
CA TYR B 223 22.13 -2.67 9.17
C TYR B 223 21.97 -1.25 9.69
N SER B 224 20.76 -0.78 9.97
CA SER B 224 20.58 0.57 10.52
C SER B 224 20.03 0.56 11.94
N TYR B 225 19.83 -0.61 12.55
CA TYR B 225 19.32 -0.73 13.91
C TYR B 225 20.15 0.08 14.90
N ASP B 226 21.47 0.07 14.74
CA ASP B 226 22.33 0.70 15.74
C ASP B 226 22.21 2.22 15.70
N ARG B 227 22.27 2.81 14.51
CA ARG B 227 22.06 4.25 14.38
C ARG B 227 20.71 4.66 14.97
N GLU B 228 19.66 3.87 14.70
CA GLU B 228 18.30 4.29 15.04
C GLU B 228 18.02 4.15 16.53
N VAL B 229 18.43 3.04 17.16
CA VAL B 229 18.18 2.91 18.61
C VAL B 229 18.88 4.04 19.37
N SER B 230 20.04 4.47 18.87
CA SER B 230 20.77 5.52 19.59
C SER B 230 19.99 6.82 19.57
N LEU B 231 19.38 7.14 18.42
CA LEU B 231 18.62 8.34 18.19
C LEU B 231 17.17 8.24 18.64
N GLY B 232 16.80 7.16 19.32
CA GLY B 232 15.42 7.02 19.75
C GLY B 232 14.41 6.78 18.65
N GLN B 233 14.80 6.17 17.53
CA GLN B 233 13.86 5.91 16.46
C GLN B 233 13.33 4.49 16.56
N ILE B 234 12.02 4.35 16.61
CA ILE B 234 11.37 3.08 16.87
C ILE B 234 11.00 2.33 15.59
N THR B 235 11.24 2.92 14.42
CA THR B 235 10.84 2.30 13.14
C THR B 235 11.92 1.31 12.71
N ASN B 236 11.83 0.10 13.22
CA ASN B 236 12.81 -0.94 12.94
C ASN B 236 12.29 -2.26 13.51
N CYS B 237 12.15 -3.28 12.67
CA CYS B 237 11.47 -4.49 13.12
C CYS B 237 12.26 -5.22 14.20
N PHE B 238 13.58 -5.10 14.23
CA PHE B 238 14.34 -5.83 15.26
C PHE B 238 14.15 -5.26 16.67
N ARG B 239 13.42 -4.15 16.81
CA ARG B 239 12.89 -3.73 18.11
C ARG B 239 11.72 -4.56 18.60
N LEU B 240 11.16 -5.44 17.77
CA LEU B 240 10.13 -6.36 18.22
C LEU B 240 10.71 -7.56 18.95
N CYS B 241 12.04 -7.61 19.13
CA CYS B 241 12.69 -8.73 19.79
C CYS B 241 13.84 -8.22 20.65
N ASP B 242 14.34 -9.13 21.49
CA ASP B 242 15.40 -8.88 22.46
C ASP B 242 16.73 -9.24 21.80
N VAL B 243 17.44 -8.25 21.27
CA VAL B 243 18.61 -8.59 20.46
C VAL B 243 19.80 -9.03 21.33
N SER B 244 19.70 -8.98 22.66
CA SER B 244 20.76 -9.59 23.45
C SER B 244 20.45 -11.02 23.84
N ASP B 245 19.21 -11.47 23.71
CA ASP B 245 18.87 -12.88 23.79
C ASP B 245 19.20 -13.49 22.43
N GLU B 246 20.35 -14.17 22.33
CA GLU B 246 20.76 -14.76 21.06
C GLU B 246 19.71 -15.75 20.55
N THR B 247 19.04 -16.46 21.46
CA THR B 247 17.98 -17.36 21.04
C THR B 247 16.85 -16.60 20.39
N ALA B 248 16.35 -15.57 21.07
CA ALA B 248 15.26 -14.78 20.52
C ALA B 248 15.66 -14.10 19.22
N PHE B 249 16.85 -13.50 19.17
CA PHE B 249 17.28 -12.83 17.95
C PHE B 249 17.32 -13.81 16.77
N LYS B 250 17.90 -14.99 16.97
CA LYS B 250 18.05 -15.91 15.85
C LYS B 250 16.68 -16.37 15.33
N GLU B 251 15.77 -16.70 16.25
CA GLU B 251 14.44 -17.13 15.86
C GLU B 251 13.70 -16.02 15.11
N PHE B 252 13.81 -14.79 15.61
CA PHE B 252 13.21 -13.65 14.92
C PHE B 252 13.84 -13.44 13.54
N PHE B 253 15.17 -13.38 13.49
CA PHE B 253 15.87 -13.18 12.23
C PHE B 253 15.51 -14.28 11.22
N GLN B 254 15.38 -15.52 11.68
CA GLN B 254 14.97 -16.60 10.79
C GLN B 254 13.58 -16.35 10.20
N ALA B 255 12.63 -15.92 11.03
CA ALA B 255 11.29 -15.65 10.53
C ALA B 255 11.29 -14.51 9.53
N ARG B 256 12.12 -13.49 9.74
CA ARG B 256 12.25 -12.43 8.75
C ARG B 256 12.88 -12.94 7.46
N LEU B 257 13.81 -13.89 7.56
CA LEU B 257 14.34 -14.55 6.38
C LEU B 257 13.24 -15.28 5.61
N ASP B 258 12.38 -16.02 6.32
CA ASP B 258 11.28 -16.72 5.66
C ASP B 258 10.34 -15.72 4.97
N ASP B 259 10.09 -14.57 5.60
CA ASP B 259 9.31 -13.53 4.93
C ASP B 259 9.91 -13.13 3.60
N MET B 260 11.22 -12.86 3.58
CA MET B 260 11.87 -12.44 2.33
C MET B 260 11.77 -13.53 1.28
N ILE B 261 11.97 -14.78 1.66
CA ILE B 261 11.94 -15.87 0.69
C ILE B 261 10.55 -16.05 0.12
N GLU B 262 9.52 -15.97 0.97
CA GLU B 262 8.15 -16.09 0.48
C GLU B 262 7.82 -14.99 -0.51
N ASP B 263 8.21 -13.75 -0.20
CA ASP B 263 8.01 -12.64 -1.13
C ASP B 263 8.73 -12.90 -2.45
N ILE B 264 9.99 -13.32 -2.39
CA ILE B 264 10.77 -13.53 -3.62
C ILE B 264 10.13 -14.60 -4.48
N GLU B 265 9.76 -15.73 -3.89
CA GLU B 265 9.13 -16.80 -4.65
C GLU B 265 7.82 -16.32 -5.28
N CYS B 266 7.10 -15.39 -4.64
CA CYS B 266 5.91 -14.84 -5.27
C CYS B 266 6.24 -13.87 -6.38
N ILE B 267 7.29 -13.07 -6.20
CA ILE B 267 7.77 -12.16 -7.24
C ILE B 267 8.06 -12.91 -8.53
N LYS B 268 8.46 -14.17 -8.42
CA LYS B 268 8.79 -14.96 -9.59
C LYS B 268 7.56 -15.34 -10.40
N ALA B 269 6.37 -15.13 -9.85
CA ALA B 269 5.15 -15.31 -10.63
C ALA B 269 4.82 -14.11 -11.50
N PHE B 270 5.45 -12.96 -11.29
CA PHE B 270 5.20 -11.79 -12.13
C PHE B 270 5.92 -11.96 -13.47
N ASP B 271 5.56 -11.13 -14.46
CA ASP B 271 6.22 -11.24 -15.76
C ASP B 271 7.72 -10.99 -15.60
N GLN B 272 8.48 -11.44 -16.61
CA GLN B 272 9.94 -11.56 -16.46
C GLN B 272 10.60 -10.21 -16.26
N LEU B 273 10.20 -9.20 -17.03
CA LEU B 273 10.80 -7.89 -16.84
C LEU B 273 10.45 -7.31 -15.46
N THR B 274 9.19 -7.45 -15.04
CA THR B 274 8.77 -6.89 -13.75
C THR B 274 9.54 -7.54 -12.60
N GLN B 275 9.64 -8.88 -12.61
CA GLN B 275 10.33 -9.55 -11.50
C GLN B 275 11.82 -9.26 -11.52
N ASP B 276 12.44 -9.09 -12.71
CA ASP B 276 13.82 -8.62 -12.78
C ASP B 276 14.00 -7.34 -12.00
N VAL B 277 13.07 -6.42 -12.16
CA VAL B 277 13.16 -5.12 -11.50
C VAL B 277 12.96 -5.25 -10.00
N PHE B 278 11.94 -6.00 -9.57
CA PHE B 278 11.69 -6.20 -8.14
C PHE B 278 12.94 -6.80 -7.46
N LEU B 279 13.50 -7.86 -8.06
CA LEU B 279 14.63 -8.54 -7.42
C LEU B 279 15.89 -7.69 -7.46
N ASP B 280 16.16 -6.99 -8.57
CA ASP B 280 17.28 -6.07 -8.60
C ASP B 280 17.14 -4.98 -7.54
N LEU B 281 15.92 -4.58 -7.20
CA LEU B 281 15.71 -3.63 -6.12
C LEU B 281 16.06 -4.25 -4.77
N ILE B 282 15.55 -5.44 -4.47
CA ILE B 282 15.82 -6.04 -3.17
C ILE B 282 17.30 -6.38 -3.04
N TYR B 283 17.85 -7.07 -4.03
CA TYR B 283 19.25 -7.51 -4.00
C TYR B 283 20.21 -6.32 -4.12
N GLY B 284 19.92 -5.39 -5.03
CA GLY B 284 20.76 -4.21 -5.14
C GLY B 284 20.85 -3.41 -3.85
N ASN B 285 19.71 -3.20 -3.19
CA ASN B 285 19.72 -2.43 -1.96
C ASN B 285 20.66 -3.08 -0.93
N PHE B 286 20.65 -4.41 -0.85
CA PHE B 286 21.51 -5.13 0.09
C PHE B 286 22.99 -4.88 -0.21
N VAL B 287 23.37 -4.95 -1.48
CA VAL B 287 24.75 -4.64 -1.84
C VAL B 287 25.10 -3.24 -1.36
N TRP B 288 24.33 -2.24 -1.77
CA TRP B 288 24.60 -0.86 -1.38
C TRP B 288 24.63 -0.71 0.14
N THR B 289 23.67 -1.34 0.82
CA THR B 289 23.55 -1.16 2.26
C THR B 289 24.81 -1.66 2.96
N THR B 290 25.33 -2.79 2.53
CA THR B 290 26.60 -3.27 3.05
C THR B 290 27.77 -2.76 2.23
N SER B 291 27.88 -1.44 2.08
CA SER B 291 28.65 -0.79 1.02
C SER B 291 28.63 0.71 1.15
N ASN B 292 28.43 1.23 2.34
CA ASN B 292 28.28 2.66 2.45
C ASN B 292 28.58 3.09 3.87
N LYS B 293 29.26 4.23 3.97
CA LYS B 293 29.59 4.81 5.27
C LYS B 293 28.35 4.93 6.13
N ARG B 294 27.18 5.13 5.50
CA ARG B 294 25.94 5.38 6.22
C ARG B 294 25.65 4.29 7.24
N TYR B 295 25.76 3.01 6.85
CA TYR B 295 25.43 1.92 7.75
C TYR B 295 26.67 1.30 8.43
N LYS B 296 27.78 2.01 8.47
CA LYS B 296 28.97 1.46 9.15
C LYS B 296 28.97 1.80 10.63
N THR B 297 28.58 3.01 11.00
CA THR B 297 28.58 3.42 12.39
C THR B 297 27.26 4.10 12.74
N ALA B 298 27.02 4.27 14.04
CA ALA B 298 25.76 4.85 14.49
C ALA B 298 25.65 6.32 14.07
N VAL B 299 26.45 7.18 14.70
CA VAL B 299 26.59 8.58 14.31
C VAL B 299 27.85 8.71 13.45
N ASN B 300 27.74 9.42 12.32
CA ASN B 300 28.89 9.89 11.56
C ASN B 300 28.44 11.07 10.69
N ASP B 301 29.27 11.47 9.71
CA ASP B 301 29.06 12.74 9.02
C ASP B 301 28.21 12.61 7.74
N VAL B 302 27.81 11.39 7.39
CA VAL B 302 26.92 11.14 6.27
C VAL B 302 25.61 10.50 6.71
N ASN B 303 25.43 10.25 8.02
CA ASN B 303 24.19 9.71 8.57
C ASN B 303 23.76 10.34 9.88
N SER B 304 24.35 11.47 10.27
CA SER B 304 23.87 12.17 11.45
C SER B 304 22.65 13.04 11.16
N ARG B 305 21.87 13.29 12.23
CA ARG B 305 20.74 14.21 12.12
C ARG B 305 21.21 15.59 11.66
N ILE B 306 20.45 16.16 10.73
CA ILE B 306 20.63 17.54 10.29
C ILE B 306 19.70 18.38 11.18
N GLN B 307 20.25 18.96 12.23
CA GLN B 307 19.43 19.51 13.30
C GLN B 307 19.53 21.03 13.30
N ALA B 308 18.49 21.67 13.83
CA ALA B 308 18.49 23.09 14.08
C ALA B 308 19.05 23.37 15.48
C2 AHD C . -16.57 -6.12 -4.10
C3 AHD C . -16.71 -5.07 -5.21
C7 AHD C . -17.21 -7.40 -4.64
C8 AHD C . -16.75 -8.61 -3.81
O12 AHD C . -19.29 -9.29 -3.67
P9 AHD C . -17.99 -9.94 -4.06
O10 AHD C . -17.75 -11.16 -3.23
O11 AHD C . -17.88 -10.32 -5.50
P14 AHD C . -15.13 -9.30 -4.36
O15 AHD C . -15.07 -9.43 -5.86
O16 AHD C . -15.00 -10.64 -3.71
O17 AHD C . -14.10 -8.32 -3.87
O13 AHD C . -16.64 -8.24 -2.47
N4 AHD C . -16.24 -3.79 -4.74
MG MG D . -16.41 -11.42 -6.60
MG MG E . -15.84 -11.74 -1.72
MG MG F . -13.82 -8.98 -7.11
C2 AHD G . 14.98 5.39 3.65
C3 AHD G . 14.84 6.56 2.67
C7 AHD G . 15.94 5.74 4.79
C8 AHD G . 16.14 4.53 5.69
O12 AHD G . 18.84 4.85 5.92
P9 AHD G . 17.63 4.67 6.77
O10 AHD G . 17.67 3.40 7.58
O11 AHD G . 17.49 5.88 7.65
P14 AHD G . 14.70 4.54 6.83
O15 AHD G . 14.53 5.93 7.37
O16 AHD G . 14.90 3.57 7.97
O17 AHD G . 13.50 4.01 6.02
O13 AHD G . 16.14 3.33 4.99
N4 AHD G . 13.91 6.20 1.60
MG MG H . 16.17 6.94 8.42
MG MG I . 12.52 7.16 7.52
MG MG J . 15.79 1.51 9.29
N SER A 16 -15.98 -26.64 -2.23
CA SER A 16 -16.93 -26.92 -1.16
C SER A 16 -17.71 -25.66 -0.78
N SER A 17 -18.24 -25.66 0.44
CA SER A 17 -19.04 -24.55 0.94
C SER A 17 -18.86 -24.42 2.45
N VAL A 18 -18.77 -23.17 2.90
CA VAL A 18 -18.70 -22.86 4.32
C VAL A 18 -20.08 -22.76 4.95
N ARG A 19 -21.15 -23.03 4.19
CA ARG A 19 -22.50 -22.90 4.75
C ARG A 19 -22.71 -23.76 5.99
N PRO A 20 -22.11 -24.97 6.15
CA PRO A 20 -22.28 -25.70 7.41
C PRO A 20 -21.78 -24.95 8.65
N TYR A 21 -21.12 -23.81 8.48
CA TYR A 21 -20.66 -23.00 9.60
C TYR A 21 -21.31 -21.63 9.70
N LEU A 22 -22.30 -21.33 8.86
CA LEU A 22 -22.80 -19.96 8.77
C LEU A 22 -23.35 -19.48 10.11
N GLU A 23 -24.21 -20.29 10.75
CA GLU A 23 -24.82 -19.89 12.01
C GLU A 23 -23.76 -19.46 13.02
N GLU A 24 -22.72 -20.27 13.19
CA GLU A 24 -21.76 -19.98 14.23
C GLU A 24 -20.89 -18.78 13.85
N CYS A 25 -20.35 -18.79 12.63
CA CYS A 25 -19.44 -17.72 12.22
C CYS A 25 -20.10 -16.35 12.32
N THR A 26 -21.36 -16.25 11.90
CA THR A 26 -22.08 -14.98 12.02
C THR A 26 -22.20 -14.55 13.47
N ARG A 27 -22.61 -15.47 14.34
CA ARG A 27 -22.64 -15.20 15.77
C ARG A 27 -21.29 -14.71 16.26
N ARG A 28 -20.21 -15.32 15.75
CA ARG A 28 -18.88 -15.04 16.26
C ARG A 28 -18.35 -13.69 15.76
N PHE A 29 -18.61 -13.36 14.49
CA PHE A 29 -18.33 -12.01 14.00
C PHE A 29 -19.01 -10.96 14.85
N GLN A 30 -20.34 -11.08 14.99
CA GLN A 30 -21.11 -10.10 15.75
C GLN A 30 -20.59 -10.00 17.17
N GLU A 31 -20.38 -11.16 17.80
CA GLU A 31 -19.76 -11.22 19.12
C GLU A 31 -18.49 -10.38 19.16
N MET A 32 -17.67 -10.47 18.11
CA MET A 32 -16.40 -9.73 18.07
C MET A 32 -16.64 -8.24 17.91
N PHE A 33 -17.61 -7.84 17.08
CA PHE A 33 -17.91 -6.42 16.91
C PHE A 33 -18.51 -5.83 18.17
N ASP A 34 -19.52 -6.49 18.76
CA ASP A 34 -20.08 -6.01 20.02
C ASP A 34 -18.99 -5.79 21.05
N ARG A 35 -17.91 -6.58 20.99
CA ARG A 35 -16.91 -6.53 22.04
C ARG A 35 -15.86 -5.46 21.75
N HIS A 36 -15.36 -5.40 20.52
CA HIS A 36 -14.19 -4.60 20.19
C HIS A 36 -14.52 -3.29 19.49
N VAL A 37 -15.68 -3.18 18.85
CA VAL A 37 -16.08 -1.96 18.14
C VAL A 37 -17.23 -1.27 18.86
N VAL A 38 -18.23 -2.05 19.29
CA VAL A 38 -19.33 -1.64 20.17
C VAL A 38 -20.27 -0.69 19.43
N THR A 39 -19.82 0.53 19.20
CA THR A 39 -20.66 1.51 18.50
C THR A 39 -21.12 0.99 17.15
N ARG A 40 -22.38 0.65 17.05
CA ARG A 40 -22.96 0.13 15.84
C ARG A 40 -23.09 1.23 14.79
N PRO A 41 -22.86 0.90 13.52
CA PRO A 41 -23.06 1.89 12.45
C PRO A 41 -24.54 2.24 12.28
N THR A 42 -24.80 3.40 11.67
CA THR A 42 -26.14 3.80 11.28
C THR A 42 -26.16 4.33 9.86
N LYS A 43 -27.29 4.10 9.17
CA LYS A 43 -27.42 4.23 7.73
C LYS A 43 -27.68 5.68 7.32
N VAL A 44 -27.05 6.08 6.21
CA VAL A 44 -27.29 7.38 5.58
C VAL A 44 -28.56 7.28 4.74
N GLU A 45 -29.54 8.15 5.01
CA GLU A 45 -30.76 8.26 4.24
C GLU A 45 -30.66 9.44 3.27
N LEU A 46 -30.59 9.12 1.99
CA LEU A 46 -30.64 10.14 0.94
C LEU A 46 -32.06 10.66 0.82
N THR A 47 -32.21 11.86 0.31
CA THR A 47 -33.54 12.34 -0.06
C THR A 47 -33.91 11.78 -1.42
N ASP A 48 -35.17 11.94 -1.76
CA ASP A 48 -35.70 11.26 -2.95
C ASP A 48 -35.11 11.82 -4.24
N ALA A 49 -34.63 13.06 -4.21
CA ALA A 49 -33.87 13.58 -5.34
C ALA A 49 -32.41 13.15 -5.25
N GLU A 50 -31.88 13.04 -4.02
CA GLU A 50 -30.54 12.52 -3.86
C GLU A 50 -30.42 11.15 -4.53
N LEU A 51 -31.21 10.19 -4.06
CA LEU A 51 -31.14 8.84 -4.60
C LEU A 51 -31.27 8.83 -6.12
N ARG A 52 -32.15 9.67 -6.66
CA ARG A 52 -32.47 9.54 -8.08
C ARG A 52 -31.37 10.12 -8.96
N GLU A 53 -30.72 11.17 -8.50
CA GLU A 53 -29.51 11.64 -9.17
C GLU A 53 -28.47 10.53 -9.25
N VAL A 54 -28.31 9.79 -8.15
CA VAL A 54 -27.33 8.70 -8.10
C VAL A 54 -27.67 7.64 -9.14
N ILE A 55 -28.91 7.16 -9.16
CA ILE A 55 -29.21 6.01 -10.00
C ILE A 55 -29.29 6.43 -11.47
N ASP A 56 -29.64 7.69 -11.74
CA ASP A 56 -29.51 8.19 -13.09
C ASP A 56 -28.05 8.15 -13.54
N ASP A 57 -27.15 8.74 -12.76
CA ASP A 57 -25.72 8.69 -13.08
C ASP A 57 -25.24 7.25 -13.26
N CYS A 58 -25.68 6.34 -12.39
CA CYS A 58 -25.30 4.93 -12.49
C CYS A 58 -25.73 4.30 -13.82
N ASN A 59 -27.01 4.44 -14.18
CA ASN A 59 -27.49 3.77 -15.38
C ASN A 59 -26.76 4.25 -16.63
N ALA A 60 -26.42 5.53 -16.67
CA ALA A 60 -25.74 6.05 -17.86
C ALA A 60 -24.31 5.52 -17.98
N ALA A 61 -23.59 5.35 -16.86
CA ALA A 61 -22.21 4.86 -16.96
C ALA A 61 -22.17 3.43 -17.44
N VAL A 62 -23.16 2.61 -17.06
CA VAL A 62 -23.18 1.21 -17.47
C VAL A 62 -23.78 1.04 -18.85
N ALA A 63 -24.67 1.94 -19.27
CA ALA A 63 -25.34 1.86 -20.56
C ALA A 63 -24.40 1.47 -21.70
N PRO A 64 -23.26 2.14 -21.93
CA PRO A 64 -22.44 1.79 -23.09
C PRO A 64 -21.88 0.38 -23.05
N LEU A 65 -21.98 -0.33 -21.92
CA LEU A 65 -21.63 -1.74 -21.89
C LEU A 65 -22.83 -2.64 -22.16
N GLY A 66 -23.95 -2.07 -22.58
CA GLY A 66 -25.09 -2.83 -23.03
C GLY A 66 -25.82 -3.60 -21.95
N LYS A 67 -25.74 -3.15 -20.70
CA LYS A 67 -26.40 -3.83 -19.58
C LYS A 67 -27.43 -2.93 -18.93
N THR A 68 -28.52 -3.54 -18.49
CA THR A 68 -29.58 -2.87 -17.77
C THR A 68 -29.61 -3.41 -16.36
N VAL A 69 -29.98 -2.56 -15.40
CA VAL A 69 -29.95 -2.91 -14.00
C VAL A 69 -31.26 -2.49 -13.36
N SER A 70 -31.73 -3.30 -12.41
CA SER A 70 -32.90 -2.93 -11.62
C SER A 70 -32.57 -1.77 -10.69
N ASP A 71 -33.56 -0.88 -10.48
CA ASP A 71 -33.45 0.03 -9.35
C ASP A 71 -33.18 -0.73 -8.07
N GLU A 72 -33.82 -1.90 -7.92
CA GLU A 72 -33.61 -2.74 -6.75
C GLU A 72 -32.14 -3.10 -6.58
N ARG A 73 -31.49 -3.48 -7.68
CA ARG A 73 -30.09 -3.88 -7.60
C ARG A 73 -29.15 -2.70 -7.40
N TRP A 74 -29.42 -1.55 -8.05
CA TRP A 74 -28.62 -0.37 -7.74
C TRP A 74 -28.65 -0.08 -6.25
N ILE A 75 -29.83 -0.11 -5.65
CA ILE A 75 -29.97 0.18 -4.23
C ILE A 75 -29.21 -0.84 -3.41
N SER A 76 -29.24 -2.11 -3.82
CA SER A 76 -28.45 -3.12 -3.16
C SER A 76 -26.97 -2.73 -3.13
N TYR A 77 -26.36 -2.56 -4.30
CA TYR A 77 -24.97 -2.11 -4.38
C TYR A 77 -24.73 -0.91 -3.48
N VAL A 78 -25.62 0.08 -3.55
CA VAL A 78 -25.38 1.37 -2.92
C VAL A 78 -25.45 1.28 -1.40
N GLY A 79 -26.02 0.21 -0.85
CA GLY A 79 -26.14 0.11 0.59
C GLY A 79 -24.81 0.14 1.31
N VAL A 80 -23.75 -0.39 0.70
CA VAL A 80 -22.45 -0.39 1.39
C VAL A 80 -21.95 1.03 1.56
N VAL A 81 -22.31 1.93 0.65
CA VAL A 81 -22.01 3.34 0.89
C VAL A 81 -22.96 3.90 1.94
N LEU A 82 -24.25 3.55 1.86
CA LEU A 82 -25.22 4.09 2.80
C LEU A 82 -24.89 3.67 4.24
N TRP A 83 -24.38 2.46 4.43
CA TRP A 83 -24.12 1.91 5.76
C TRP A 83 -22.71 2.13 6.28
N SER A 84 -21.70 2.14 5.42
CA SER A 84 -20.32 2.04 5.85
C SER A 84 -19.55 3.35 5.73
N GLN A 85 -20.25 4.47 5.61
CA GLN A 85 -19.62 5.76 5.77
C GLN A 85 -19.81 6.19 7.22
N SER A 86 -19.43 7.43 7.53
CA SER A 86 -19.39 7.93 8.90
C SER A 86 -20.20 9.22 8.92
N PRO A 87 -21.52 9.12 9.01
CA PRO A 87 -22.39 10.30 8.75
C PRO A 87 -22.08 11.54 9.58
N ARG A 88 -21.62 11.40 10.82
CA ARG A 88 -21.53 12.61 11.66
C ARG A 88 -20.36 13.49 11.28
N HIS A 89 -19.49 13.02 10.38
CA HIS A 89 -18.33 13.78 9.97
C HIS A 89 -18.41 14.27 8.53
N ILE A 90 -19.51 13.97 7.83
CA ILE A 90 -19.63 14.34 6.42
C ILE A 90 -19.68 15.86 6.28
N LYS A 91 -18.92 16.40 5.33
CA LYS A 91 -19.11 17.78 4.94
C LYS A 91 -19.61 17.95 3.50
N ASP A 92 -19.77 16.85 2.75
CA ASP A 92 -19.90 16.95 1.29
C ASP A 92 -20.76 15.81 0.77
N MET A 93 -22.04 16.12 0.47
CA MET A 93 -22.98 15.13 -0.03
C MET A 93 -22.82 14.82 -1.51
N GLU A 94 -22.25 15.73 -2.30
CA GLU A 94 -21.96 15.38 -3.69
C GLU A 94 -20.87 14.32 -3.75
N ALA A 95 -19.88 14.39 -2.85
CA ALA A 95 -18.88 13.33 -2.79
C ALA A 95 -19.55 12.00 -2.42
N PHE A 96 -20.64 12.06 -1.66
CA PHE A 96 -21.28 10.84 -1.20
C PHE A 96 -22.00 10.14 -2.34
N LYS A 97 -22.69 10.92 -3.18
CA LYS A 97 -23.30 10.37 -4.37
C LYS A 97 -22.24 9.87 -5.35
N ALA A 98 -21.09 10.54 -5.38
CA ALA A 98 -19.97 10.05 -6.21
C ALA A 98 -19.59 8.63 -5.81
N VAL A 99 -19.34 8.40 -4.52
CA VAL A 99 -18.96 7.07 -4.05
C VAL A 99 -20.08 6.08 -4.29
N CYS A 100 -21.32 6.49 -4.03
CA CYS A 100 -22.49 5.67 -4.37
C CYS A 100 -22.42 5.19 -5.81
N VAL A 101 -22.21 6.11 -6.75
CA VAL A 101 -22.22 5.77 -8.16
C VAL A 101 -20.99 4.94 -8.52
N LEU A 102 -19.82 5.38 -8.07
CA LEU A 102 -18.59 4.68 -8.42
C LEU A 102 -18.59 3.26 -7.87
N ASN A 103 -18.96 3.07 -6.60
CA ASN A 103 -18.96 1.71 -6.08
C ASN A 103 -19.97 0.84 -6.83
N CYS A 104 -21.08 1.44 -7.27
CA CYS A 104 -22.08 0.69 -8.03
C CYS A 104 -21.53 0.19 -9.37
N VAL A 105 -20.90 1.08 -10.15
CA VAL A 105 -20.49 0.69 -11.49
C VAL A 105 -19.20 -0.11 -11.44
N THR A 106 -18.42 0.03 -10.36
CA THR A 106 -17.32 -0.90 -10.09
C THR A 106 -17.84 -2.31 -9.93
N PHE A 107 -18.94 -2.46 -9.20
CA PHE A 107 -19.54 -3.78 -8.98
C PHE A 107 -19.87 -4.47 -10.29
N VAL A 108 -20.58 -3.77 -11.18
CA VAL A 108 -20.98 -4.39 -12.44
C VAL A 108 -19.75 -4.88 -13.19
N TRP A 109 -18.69 -4.07 -13.20
CA TRP A 109 -17.43 -4.49 -13.82
C TRP A 109 -16.85 -5.72 -13.16
N ASP A 110 -16.92 -5.79 -11.82
CA ASP A 110 -16.45 -6.98 -11.11
C ASP A 110 -17.18 -8.22 -11.61
N ASP A 111 -18.48 -8.13 -11.81
CA ASP A 111 -19.28 -9.31 -12.12
C ASP A 111 -19.22 -9.72 -13.59
N MET A 112 -18.60 -8.95 -14.46
CA MET A 112 -18.71 -9.15 -15.90
C MET A 112 -17.61 -10.05 -16.46
N ASP A 113 -17.94 -10.72 -17.56
CA ASP A 113 -16.92 -11.43 -18.32
C ASP A 113 -15.94 -10.43 -18.92
N PRO A 114 -14.63 -10.71 -18.88
CA PRO A 114 -13.65 -9.74 -19.40
C PRO A 114 -13.90 -9.33 -20.85
N ALA A 115 -14.62 -10.15 -21.63
CA ALA A 115 -15.06 -9.71 -22.95
C ALA A 115 -15.83 -8.40 -22.86
N LEU A 116 -16.85 -8.33 -22.01
CA LEU A 116 -17.66 -7.12 -21.90
C LEU A 116 -16.85 -5.91 -21.44
N HIS A 117 -15.65 -6.12 -20.88
CA HIS A 117 -14.79 -5.01 -20.45
C HIS A 117 -14.33 -4.23 -21.68
N ASP A 118 -14.51 -2.91 -21.65
CA ASP A 118 -14.03 -2.05 -22.72
C ASP A 118 -13.64 -0.73 -22.10
N PHE A 119 -12.33 -0.50 -21.98
CA PHE A 119 -11.85 0.70 -21.31
C PHE A 119 -12.17 1.95 -22.11
N GLY A 120 -12.03 1.89 -23.45
CA GLY A 120 -12.32 3.04 -24.27
C GLY A 120 -13.72 3.60 -24.07
N LEU A 121 -14.66 2.76 -23.70
CA LEU A 121 -16.01 3.21 -23.44
C LEU A 121 -16.32 3.48 -21.97
N PHE A 122 -15.71 2.75 -21.05
CA PHE A 122 -16.10 2.88 -19.65
C PHE A 122 -15.29 3.95 -18.93
N LEU A 123 -13.97 3.99 -19.15
CA LEU A 123 -13.12 5.02 -18.59
C LEU A 123 -13.63 6.43 -18.81
N PRO A 124 -14.11 6.82 -20.00
CA PRO A 124 -14.72 8.16 -20.12
C PRO A 124 -15.91 8.37 -19.18
N GLN A 125 -16.75 7.35 -19.00
CA GLN A 125 -17.87 7.48 -18.07
C GLN A 125 -17.39 7.66 -16.62
N LEU A 126 -16.29 6.99 -16.25
CA LEU A 126 -15.70 7.20 -14.93
C LEU A 126 -15.26 8.64 -14.77
N ARG A 127 -14.53 9.17 -15.75
CA ARG A 127 -14.04 10.54 -15.66
C ARG A 127 -15.19 11.53 -15.56
N LYS A 128 -16.26 11.31 -16.32
CA LYS A 128 -17.41 12.21 -16.28
C LYS A 128 -18.03 12.25 -14.88
N ILE A 129 -18.25 11.07 -14.29
CA ILE A 129 -18.75 10.97 -12.91
C ILE A 129 -17.87 11.77 -11.96
N CYS A 130 -16.55 11.56 -12.02
CA CYS A 130 -15.63 12.23 -11.10
C CYS A 130 -15.66 13.74 -11.30
N GLU A 131 -15.64 14.20 -12.55
CA GLU A 131 -15.66 15.64 -12.77
C GLU A 131 -17.03 16.24 -12.44
N LYS A 132 -18.08 15.43 -12.38
CA LYS A 132 -19.40 15.97 -12.05
C LYS A 132 -19.53 16.26 -10.56
N TYR A 133 -18.81 15.52 -9.71
CA TYR A 133 -19.03 15.60 -8.26
C TYR A 133 -17.87 16.18 -7.48
N TYR A 134 -16.66 16.24 -8.04
CA TYR A 134 -15.48 16.60 -7.27
C TYR A 134 -14.89 17.89 -7.84
N GLY A 135 -14.11 18.58 -7.00
CA GLY A 135 -13.24 19.61 -7.52
C GLY A 135 -12.20 19.00 -8.45
N PRO A 136 -11.58 19.82 -9.31
CA PRO A 136 -10.59 19.27 -10.25
C PRO A 136 -9.52 18.39 -9.59
N GLU A 137 -9.07 18.75 -8.39
CA GLU A 137 -7.99 17.98 -7.78
C GLU A 137 -8.48 16.62 -7.32
N ASP A 138 -9.52 16.58 -6.51
CA ASP A 138 -10.09 15.31 -6.05
C ASP A 138 -10.56 14.45 -7.22
N ALA A 139 -11.03 15.09 -8.31
CA ALA A 139 -11.53 14.33 -9.43
C ALA A 139 -10.42 13.48 -10.04
N GLU A 140 -9.22 14.04 -10.16
CA GLU A 140 -8.07 13.26 -10.64
C GLU A 140 -7.78 12.09 -9.70
N VAL A 141 -7.81 12.32 -8.38
CA VAL A 141 -7.48 11.25 -7.44
C VAL A 141 -8.53 10.16 -7.51
N ALA A 142 -9.81 10.54 -7.49
CA ALA A 142 -10.87 9.55 -7.59
C ALA A 142 -10.79 8.79 -8.91
N TYR A 143 -10.56 9.49 -10.02
CA TYR A 143 -10.54 8.83 -11.32
C TYR A 143 -9.35 7.88 -11.45
N GLU A 144 -8.15 8.32 -11.03
CA GLU A 144 -6.99 7.42 -11.08
C GLU A 144 -7.26 6.12 -10.31
N ALA A 145 -7.86 6.23 -9.13
CA ALA A 145 -8.13 5.04 -8.33
C ALA A 145 -9.21 4.18 -8.97
N ALA A 146 -10.21 4.79 -9.60
CA ALA A 146 -11.21 4.04 -10.36
C ALA A 146 -10.57 3.28 -11.50
N ARG A 147 -9.76 3.99 -12.31
CA ARG A 147 -9.04 3.35 -13.40
C ARG A 147 -8.19 2.19 -12.89
N ALA A 148 -7.44 2.42 -11.81
CA ALA A 148 -6.55 1.39 -11.27
C ALA A 148 -7.32 0.15 -10.85
N PHE A 149 -8.48 0.33 -10.22
CA PHE A 149 -9.25 -0.84 -9.79
C PHE A 149 -9.78 -1.65 -10.97
N VAL A 150 -10.41 -0.99 -11.95
CA VAL A 150 -11.01 -1.77 -13.02
C VAL A 150 -9.92 -2.41 -13.88
N THR A 151 -8.80 -1.71 -14.07
CA THR A 151 -7.64 -2.27 -14.77
C THR A 151 -7.06 -3.46 -14.01
N SER A 152 -7.10 -3.41 -12.69
CA SER A 152 -6.58 -4.52 -11.90
C SER A 152 -7.49 -5.74 -12.02
N ASP A 153 -8.80 -5.55 -11.84
CA ASP A 153 -9.73 -6.68 -11.96
C ASP A 153 -9.57 -7.38 -13.32
N HIS A 154 -9.37 -6.61 -14.39
CA HIS A 154 -9.24 -7.20 -15.73
C HIS A 154 -7.93 -7.93 -15.89
N MET A 155 -6.81 -7.24 -15.65
CA MET A 155 -5.46 -7.80 -15.72
C MET A 155 -5.36 -9.17 -15.04
N PHE A 156 -6.08 -9.37 -13.95
CA PHE A 156 -5.83 -10.53 -13.12
C PHE A 156 -6.73 -11.72 -13.42
N ARG A 157 -7.66 -11.60 -14.37
CA ARG A 157 -8.35 -12.79 -14.82
C ARG A 157 -7.33 -13.70 -15.49
N ASP A 158 -7.24 -14.93 -14.99
CA ASP A 158 -6.10 -15.81 -15.25
C ASP A 158 -4.80 -15.01 -15.28
N SER A 159 -4.32 -14.68 -14.09
CA SER A 159 -2.95 -14.22 -13.94
C SER A 159 -2.17 -15.20 -13.09
N PRO A 160 -1.04 -15.72 -13.57
CA PRO A 160 -0.09 -16.36 -12.65
C PRO A 160 0.04 -15.63 -11.33
N ILE A 161 -0.02 -14.30 -11.34
CA ILE A 161 0.11 -13.50 -10.13
C ILE A 161 -1.04 -13.79 -9.17
N LYS A 162 -2.27 -13.72 -9.66
CA LYS A 162 -3.41 -13.91 -8.76
C LYS A 162 -3.38 -15.28 -8.10
N ALA A 163 -3.15 -16.34 -8.89
CA ALA A 163 -3.07 -17.68 -8.33
C ALA A 163 -1.94 -17.79 -7.32
N ALA A 164 -0.80 -17.17 -7.62
CA ALA A 164 0.31 -17.21 -6.67
C ALA A 164 -0.02 -16.44 -5.38
N LEU A 165 -0.62 -15.26 -5.51
CA LEU A 165 -0.83 -14.42 -4.33
C LEU A 165 -1.94 -14.96 -3.43
N CYS A 166 -2.92 -15.67 -3.99
CA CYS A 166 -4.08 -16.08 -3.23
C CYS A 166 -3.94 -17.45 -2.60
N THR A 167 -3.13 -18.34 -3.18
CA THR A 167 -2.97 -19.68 -2.64
C THR A 167 -1.70 -19.86 -1.82
N THR A 168 -0.91 -18.81 -1.61
CA THR A 168 0.38 -19.04 -0.96
C THR A 168 0.30 -18.92 0.55
N SER A 169 -0.29 -17.84 1.05
CA SER A 169 -0.46 -17.62 2.48
C SER A 169 -1.42 -16.45 2.67
N PRO A 170 -2.01 -16.30 3.87
CA PRO A 170 -2.79 -15.09 4.15
C PRO A 170 -2.03 -13.80 3.85
N GLU A 171 -0.73 -13.79 4.11
CA GLU A 171 0.10 -12.60 3.87
C GLU A 171 0.05 -12.16 2.42
N GLN A 172 0.38 -13.07 1.49
CA GLN A 172 0.34 -12.71 0.08
C GLN A 172 -1.08 -12.38 -0.35
N TYR A 173 -2.06 -13.10 0.22
CA TYR A 173 -3.44 -12.92 -0.21
C TYR A 173 -3.96 -11.53 0.13
N PHE A 174 -3.86 -11.14 1.41
CA PHE A 174 -4.36 -9.83 1.79
C PHE A 174 -3.58 -8.72 1.10
N ARG A 175 -2.31 -8.95 0.79
CA ARG A 175 -1.54 -7.96 0.04
C ARG A 175 -2.19 -7.68 -1.32
N PHE A 176 -2.65 -8.74 -2.01
CA PHE A 176 -3.35 -8.58 -3.27
C PHE A 176 -4.67 -7.83 -3.05
N ARG A 177 -5.38 -8.18 -1.98
CA ARG A 177 -6.72 -7.65 -1.74
C ARG A 177 -6.76 -6.17 -1.43
N VAL A 178 -5.67 -5.60 -0.92
CA VAL A 178 -5.62 -4.14 -0.70
C VAL A 178 -6.13 -3.39 -1.92
N THR A 179 -5.64 -3.76 -3.10
CA THR A 179 -6.18 -3.22 -4.34
C THR A 179 -7.44 -3.96 -4.75
N ASP A 180 -7.41 -5.28 -4.74
CA ASP A 180 -8.38 -6.03 -5.53
C ASP A 180 -9.78 -5.96 -4.93
N ILE A 181 -9.90 -5.90 -3.59
CA ILE A 181 -11.23 -5.79 -3.01
C ILE A 181 -11.82 -4.41 -3.24
N GLY A 182 -10.99 -3.41 -3.54
CA GLY A 182 -11.49 -2.08 -3.81
C GLY A 182 -11.37 -1.09 -2.67
N VAL A 183 -10.74 -1.46 -1.54
CA VAL A 183 -10.70 -0.55 -0.41
C VAL A 183 -9.77 0.63 -0.68
N ASP A 184 -8.67 0.41 -1.43
CA ASP A 184 -7.82 1.57 -1.75
C ASP A 184 -8.56 2.57 -2.62
N PHE A 185 -9.33 2.06 -3.59
CA PHE A 185 -10.25 2.89 -4.39
C PHE A 185 -11.24 3.62 -3.46
N TRP A 186 -11.88 2.86 -2.57
CA TRP A 186 -12.86 3.43 -1.63
C TRP A 186 -12.31 4.64 -0.90
N MET A 187 -11.12 4.50 -0.31
CA MET A 187 -10.57 5.60 0.47
C MET A 187 -10.25 6.81 -0.40
N LYS A 188 -9.75 6.59 -1.61
CA LYS A 188 -9.33 7.68 -2.48
C LYS A 188 -10.52 8.40 -3.13
N MET A 189 -11.70 7.78 -3.15
CA MET A 189 -12.91 8.45 -3.59
C MET A 189 -13.79 8.93 -2.43
N SER A 190 -13.54 8.48 -1.20
CA SER A 190 -14.38 8.82 -0.06
C SER A 190 -13.83 9.95 0.80
N TYR A 191 -12.55 10.26 0.73
CA TYR A 191 -12.02 11.33 1.57
C TYR A 191 -12.65 12.70 1.29
N PRO A 192 -13.07 13.03 0.06
CA PRO A 192 -13.87 14.26 -0.10
C PRO A 192 -15.16 14.28 0.73
N ILE A 193 -15.72 13.12 1.09
CA ILE A 193 -16.95 13.12 1.86
C ILE A 193 -16.77 13.87 3.17
N TYR A 194 -15.57 13.83 3.76
CA TYR A 194 -15.33 14.28 5.13
C TYR A 194 -14.48 15.55 5.25
N ARG A 195 -13.62 15.84 4.27
CA ARG A 195 -12.73 17.01 4.33
C ARG A 195 -12.01 17.02 5.68
N HIS A 196 -11.61 15.83 6.14
CA HIS A 196 -10.84 15.71 7.37
C HIS A 196 -9.38 15.50 7.02
N PRO A 197 -8.52 16.49 7.27
CA PRO A 197 -7.09 16.36 6.97
C PRO A 197 -6.50 14.97 7.13
N GLU A 198 -6.30 14.50 8.35
CA GLU A 198 -5.59 13.24 8.56
C GLU A 198 -6.14 12.13 7.69
N PHE A 199 -7.47 12.04 7.57
CA PHE A 199 -8.05 11.00 6.73
C PHE A 199 -7.61 11.14 5.28
N THR A 200 -7.50 12.38 4.80
CA THR A 200 -7.07 12.60 3.42
C THR A 200 -5.66 12.08 3.19
N GLU A 201 -4.74 12.35 4.13
CA GLU A 201 -3.36 11.88 3.96
C GLU A 201 -3.29 10.35 4.06
N HIS A 202 -3.90 9.76 5.10
CA HIS A 202 -3.96 8.30 5.19
C HIS A 202 -4.60 7.67 3.96
N ALA A 203 -5.60 8.33 3.36
CA ALA A 203 -6.18 7.82 2.12
C ALA A 203 -5.16 7.84 0.99
N LYS A 204 -4.40 8.93 0.88
CA LYS A 204 -3.45 9.10 -0.21
C LYS A 204 -2.19 8.26 -0.06
N THR A 205 -1.76 7.94 1.17
CA THR A 205 -0.67 6.99 1.34
C THR A 205 -1.12 5.55 1.19
N SER A 206 -2.43 5.29 1.18
CA SER A 206 -3.06 3.98 1.26
C SER A 206 -2.89 3.32 2.62
N LEU A 207 -2.29 4.01 3.60
CA LEU A 207 -2.31 3.46 4.95
C LEU A 207 -3.74 3.15 5.40
N ALA A 208 -4.70 4.02 5.00
CA ALA A 208 -6.09 3.78 5.35
C ALA A 208 -6.58 2.45 4.79
N ALA A 209 -6.33 2.22 3.50
CA ALA A 209 -6.70 0.94 2.90
C ALA A 209 -6.03 -0.22 3.62
N ARG A 210 -4.74 -0.06 3.93
CA ARG A 210 -4.00 -1.17 4.51
C ARG A 210 -4.56 -1.52 5.89
N MET A 211 -4.90 -0.50 6.69
CA MET A 211 -5.45 -0.73 8.02
C MET A 211 -6.76 -1.49 7.97
N THR A 212 -7.56 -1.26 6.91
CA THR A 212 -8.91 -1.79 6.86
C THR A 212 -9.06 -3.02 5.96
N THR A 213 -7.97 -3.46 5.31
CA THR A 213 -8.10 -4.52 4.31
C THR A 213 -8.64 -5.81 4.92
N ARG A 214 -8.03 -6.27 6.00
CA ARG A 214 -8.41 -7.59 6.50
C ARG A 214 -9.82 -7.56 7.09
N GLY A 215 -10.19 -6.50 7.79
CA GLY A 215 -11.53 -6.43 8.36
C GLY A 215 -12.61 -6.51 7.30
N LEU A 216 -12.41 -5.81 6.18
CA LEU A 216 -13.35 -5.88 5.06
C LEU A 216 -13.30 -7.23 4.36
N THR A 217 -12.08 -7.69 4.03
CA THR A 217 -11.90 -8.85 3.16
C THR A 217 -12.32 -10.13 3.85
N ILE A 218 -11.96 -10.31 5.12
CA ILE A 218 -12.31 -11.53 5.83
C ILE A 218 -13.84 -11.68 5.90
N VAL A 219 -14.53 -10.60 6.24
CA VAL A 219 -16.00 -10.64 6.28
C VAL A 219 -16.55 -11.01 4.90
N ASN A 220 -16.21 -10.21 3.89
CA ASN A 220 -16.65 -10.49 2.54
C ASN A 220 -16.32 -11.92 2.13
N ASP A 221 -15.08 -12.36 2.35
CA ASP A 221 -14.69 -13.71 1.94
C ASP A 221 -15.61 -14.76 2.53
N PHE A 222 -15.94 -14.67 3.83
CA PHE A 222 -16.74 -15.72 4.43
C PHE A 222 -18.13 -15.77 3.81
N TYR A 223 -18.86 -14.66 3.88
CA TYR A 223 -20.23 -14.66 3.38
C TYR A 223 -20.30 -14.80 1.87
N SER A 224 -19.29 -14.38 1.13
CA SER A 224 -19.32 -14.54 -0.32
C SER A 224 -18.52 -15.74 -0.79
N TYR A 225 -18.10 -16.61 0.14
CA TYR A 225 -17.40 -17.85 -0.23
C TYR A 225 -18.27 -18.75 -1.10
N ASP A 226 -19.53 -18.96 -0.70
CA ASP A 226 -20.36 -19.92 -1.40
C ASP A 226 -20.64 -19.46 -2.82
N ARG A 227 -20.94 -18.18 -3.00
CA ARG A 227 -21.11 -17.64 -4.34
C ARG A 227 -19.83 -17.75 -5.16
N GLU A 228 -18.69 -17.37 -4.57
CA GLU A 228 -17.45 -17.37 -5.35
C GLU A 228 -17.01 -18.77 -5.76
N VAL A 229 -17.21 -19.76 -4.90
CA VAL A 229 -16.88 -21.13 -5.31
C VAL A 229 -17.72 -21.54 -6.50
N SER A 230 -19.01 -21.18 -6.51
CA SER A 230 -19.89 -21.59 -7.59
C SER A 230 -19.47 -20.97 -8.92
N LEU A 231 -19.22 -19.66 -8.93
CA LEU A 231 -18.72 -18.98 -10.12
C LEU A 231 -17.27 -19.33 -10.43
N GLY A 232 -16.67 -20.23 -9.66
CA GLY A 232 -15.30 -20.65 -9.92
C GLY A 232 -14.23 -19.65 -9.54
N GLN A 233 -14.53 -18.71 -8.66
CA GLN A 233 -13.59 -17.64 -8.35
C GLN A 233 -12.68 -18.04 -7.19
N ILE A 234 -11.38 -17.75 -7.33
CA ILE A 234 -10.38 -18.22 -6.38
C ILE A 234 -9.92 -17.13 -5.41
N THR A 235 -10.39 -15.89 -5.56
CA THR A 235 -9.91 -14.79 -4.70
C THR A 235 -10.70 -14.80 -3.40
N ASN A 236 -10.27 -15.68 -2.48
CA ASN A 236 -11.01 -15.91 -1.22
C ASN A 236 -10.15 -16.68 -0.25
N CYS A 237 -9.82 -16.05 0.90
CA CYS A 237 -8.88 -16.65 1.86
C CYS A 237 -9.36 -17.97 2.41
N PHE A 238 -10.67 -18.21 2.46
CA PHE A 238 -11.11 -19.47 3.03
C PHE A 238 -10.82 -20.66 2.12
N ARG A 239 -10.37 -20.43 0.89
CA ARG A 239 -9.86 -21.54 0.08
C ARG A 239 -8.43 -21.92 0.47
N LEU A 240 -7.77 -21.14 1.32
CA LEU A 240 -6.48 -21.51 1.90
C LEU A 240 -6.63 -22.49 3.06
N CYS A 241 -7.84 -22.89 3.41
CA CYS A 241 -8.08 -23.85 4.48
C CYS A 241 -9.05 -24.92 3.97
N ASP A 242 -9.12 -26.04 4.70
CA ASP A 242 -10.11 -27.08 4.40
C ASP A 242 -11.40 -26.73 5.14
N VAL A 243 -12.39 -26.21 4.41
CA VAL A 243 -13.60 -25.82 5.10
C VAL A 243 -14.48 -27.03 5.38
N SER A 244 -14.08 -28.22 4.91
CA SER A 244 -14.77 -29.42 5.37
C SER A 244 -14.40 -29.73 6.82
N ASP A 245 -13.10 -29.72 7.12
CA ASP A 245 -12.62 -29.96 8.48
C ASP A 245 -13.14 -28.86 9.40
N GLU A 246 -14.22 -29.17 10.13
CA GLU A 246 -14.68 -28.35 11.23
C GLU A 246 -13.55 -27.78 12.06
N THR A 247 -12.64 -28.64 12.52
CA THR A 247 -11.50 -28.21 13.30
C THR A 247 -10.65 -27.20 12.54
N ALA A 248 -10.02 -27.64 11.45
CA ALA A 248 -9.07 -26.79 10.75
C ALA A 248 -9.72 -25.49 10.30
N PHE A 249 -11.01 -25.54 9.97
CA PHE A 249 -11.75 -24.32 9.72
C PHE A 249 -11.82 -23.45 10.98
N LYS A 250 -12.22 -24.03 12.11
CA LYS A 250 -12.28 -23.27 13.36
C LYS A 250 -10.95 -22.59 13.67
N GLU A 251 -9.84 -23.30 13.49
CA GLU A 251 -8.52 -22.73 13.78
C GLU A 251 -8.22 -21.59 12.83
N PHE A 252 -8.56 -21.75 11.55
CA PHE A 252 -8.30 -20.72 10.57
C PHE A 252 -9.22 -19.52 10.78
N PHE A 253 -10.51 -19.76 11.03
CA PHE A 253 -11.43 -18.67 11.31
C PHE A 253 -10.98 -17.88 12.53
N GLN A 254 -10.53 -18.56 13.58
CA GLN A 254 -10.11 -17.83 14.77
C GLN A 254 -8.85 -17.00 14.50
N ALA A 255 -7.91 -17.54 13.71
CA ALA A 255 -6.73 -16.76 13.33
C ALA A 255 -7.11 -15.52 12.51
N ARG A 256 -8.12 -15.63 11.63
CA ARG A 256 -8.62 -14.45 10.91
C ARG A 256 -9.36 -13.50 11.86
N LEU A 257 -10.07 -14.04 12.85
CA LEU A 257 -10.64 -13.18 13.88
C LEU A 257 -9.54 -12.41 14.61
N ASP A 258 -8.45 -13.10 14.99
CA ASP A 258 -7.34 -12.42 15.63
C ASP A 258 -6.78 -11.32 14.73
N ASP A 259 -6.69 -11.59 13.43
CA ASP A 259 -6.26 -10.57 12.47
C ASP A 259 -7.13 -9.32 12.60
N MET A 260 -8.46 -9.50 12.53
CA MET A 260 -9.40 -8.37 12.64
C MET A 260 -9.20 -7.60 13.93
N ILE A 261 -9.01 -8.30 15.04
CA ILE A 261 -8.94 -7.65 16.36
C ILE A 261 -7.70 -6.78 16.46
N GLU A 262 -6.54 -7.29 16.00
CA GLU A 262 -5.31 -6.50 16.10
C GLU A 262 -5.38 -5.26 15.23
N ASP A 263 -5.93 -5.40 14.01
CA ASP A 263 -6.14 -4.25 13.15
C ASP A 263 -7.03 -3.22 13.84
N ILE A 264 -8.14 -3.67 14.41
CA ILE A 264 -9.11 -2.75 15.00
C ILE A 264 -8.49 -2.01 16.19
N GLU A 265 -7.72 -2.72 17.03
CA GLU A 265 -7.04 -2.04 18.15
C GLU A 265 -6.02 -1.02 17.66
N CYS A 266 -5.25 -1.35 16.62
CA CYS A 266 -4.28 -0.38 16.12
C CYS A 266 -4.96 0.81 15.47
N ILE A 267 -6.10 0.60 14.82
CA ILE A 267 -6.87 1.69 14.22
C ILE A 267 -7.20 2.76 15.26
N LYS A 268 -7.35 2.35 16.53
CA LYS A 268 -7.75 3.30 17.57
C LYS A 268 -6.62 4.22 18.03
N ALA A 269 -5.40 4.04 17.53
CA ALA A 269 -4.37 5.04 17.77
C ALA A 269 -4.51 6.23 16.83
N PHE A 270 -5.16 6.02 15.67
CA PHE A 270 -5.48 7.09 14.74
C PHE A 270 -6.37 8.13 15.41
N ASP A 271 -6.33 9.34 14.86
CA ASP A 271 -7.11 10.44 15.42
C ASP A 271 -8.59 10.10 15.46
N GLN A 272 -9.30 10.80 16.32
CA GLN A 272 -10.69 10.46 16.63
C GLN A 272 -11.56 10.34 15.38
N LEU A 273 -11.57 11.36 14.51
CA LEU A 273 -12.43 11.28 13.33
C LEU A 273 -12.01 10.13 12.42
N THR A 274 -10.74 10.07 12.02
CA THR A 274 -10.28 8.99 11.15
C THR A 274 -10.63 7.62 11.71
N GLN A 275 -10.36 7.41 13.00
CA GLN A 275 -10.73 6.18 13.67
C GLN A 275 -12.22 5.85 13.48
N ASP A 276 -13.08 6.86 13.53
CA ASP A 276 -14.51 6.64 13.33
C ASP A 276 -14.80 6.16 11.90
N VAL A 277 -14.15 6.76 10.90
CA VAL A 277 -14.42 6.35 9.53
C VAL A 277 -13.94 4.93 9.29
N PHE A 278 -12.75 4.58 9.81
CA PHE A 278 -12.22 3.23 9.63
C PHE A 278 -13.14 2.20 10.25
N LEU A 279 -13.57 2.44 11.49
CA LEU A 279 -14.38 1.45 12.18
C LEU A 279 -15.80 1.40 11.62
N ASP A 280 -16.39 2.55 11.31
CA ASP A 280 -17.69 2.53 10.63
C ASP A 280 -17.60 1.77 9.30
N LEU A 281 -16.46 1.88 8.61
CA LEU A 281 -16.32 1.15 7.34
C LEU A 281 -16.31 -0.35 7.58
N ILE A 282 -15.51 -0.83 8.53
CA ILE A 282 -15.41 -2.27 8.71
C ILE A 282 -16.71 -2.84 9.26
N TYR A 283 -17.27 -2.20 10.29
CA TYR A 283 -18.52 -2.69 10.87
C TYR A 283 -19.68 -2.47 9.91
N GLY A 284 -19.70 -1.31 9.26
CA GLY A 284 -20.76 -1.03 8.30
C GLY A 284 -20.84 -2.07 7.21
N ASN A 285 -19.67 -2.49 6.70
CA ASN A 285 -19.66 -3.54 5.68
C ASN A 285 -20.19 -4.85 6.21
N PHE A 286 -19.92 -5.15 7.48
CA PHE A 286 -20.46 -6.37 8.07
C PHE A 286 -21.99 -6.31 8.16
N VAL A 287 -22.56 -5.19 8.58
CA VAL A 287 -24.01 -5.07 8.65
C VAL A 287 -24.62 -5.21 7.26
N TRP A 288 -24.15 -4.40 6.32
CA TRP A 288 -24.67 -4.47 4.97
C TRP A 288 -24.51 -5.87 4.38
N THR A 289 -23.30 -6.43 4.47
CA THR A 289 -23.03 -7.76 3.92
C THR A 289 -23.94 -8.81 4.51
N THR A 290 -24.17 -8.75 5.83
CA THR A 290 -25.07 -9.68 6.51
C THR A 290 -26.53 -9.27 6.39
N SER A 291 -26.83 -8.09 5.87
CA SER A 291 -28.23 -7.68 5.75
C SER A 291 -28.75 -7.66 4.32
N ASN A 292 -27.88 -7.57 3.34
CA ASN A 292 -28.29 -7.28 1.98
C ASN A 292 -28.42 -8.56 1.15
N LYS A 293 -29.41 -8.55 0.26
CA LYS A 293 -29.73 -9.55 -0.74
C LYS A 293 -28.52 -10.25 -1.36
N ARG A 294 -27.41 -9.54 -1.62
CA ARG A 294 -26.33 -10.14 -2.40
C ARG A 294 -25.72 -11.36 -1.70
N TYR A 295 -25.76 -11.38 -0.38
CA TYR A 295 -25.16 -12.48 0.36
C TYR A 295 -26.19 -13.09 1.30
N LYS A 296 -27.28 -13.60 0.74
CA LYS A 296 -28.30 -14.32 1.51
C LYS A 296 -28.55 -15.72 1.00
N THR A 297 -27.70 -16.20 0.09
CA THR A 297 -27.62 -17.55 -0.47
C THR A 297 -27.87 -17.46 -1.97
N ALA A 298 -26.97 -18.10 -2.71
CA ALA A 298 -26.90 -18.24 -4.18
C ALA A 298 -25.98 -17.20 -4.80
N ILE B 13 14.75 -0.94 22.77
CA ILE B 13 15.40 -1.30 24.03
C ILE B 13 16.06 -0.03 24.59
N GLY B 14 16.21 0.94 23.69
CA GLY B 14 17.13 2.03 23.87
C GLY B 14 18.54 1.60 23.51
N ARG B 15 19.48 1.88 24.40
CA ARG B 15 20.90 1.58 24.20
C ARG B 15 21.18 0.08 23.98
N SER B 16 21.10 -0.38 22.73
CA SER B 16 21.25 -1.77 22.32
C SER B 16 21.96 -1.85 20.96
N SER B 17 22.18 -3.07 20.47
CA SER B 17 23.11 -3.25 19.37
C SER B 17 22.97 -4.61 18.71
N VAL B 18 23.07 -4.62 17.38
CA VAL B 18 23.19 -5.87 16.63
C VAL B 18 24.62 -6.12 16.19
N ARG B 19 25.59 -5.40 16.74
CA ARG B 19 26.99 -5.63 16.37
C ARG B 19 27.38 -7.11 16.35
N PRO B 20 27.08 -7.94 17.36
CA PRO B 20 27.64 -9.31 17.36
C PRO B 20 27.19 -10.17 16.21
N TYR B 21 26.01 -9.95 15.67
CA TYR B 21 25.48 -10.78 14.60
C TYR B 21 25.92 -10.33 13.22
N LEU B 22 26.65 -9.21 13.12
CA LEU B 22 26.78 -8.58 11.80
C LEU B 22 27.35 -9.55 10.78
N GLU B 23 28.31 -10.37 11.21
CA GLU B 23 29.02 -11.23 10.28
C GLU B 23 28.18 -12.40 9.85
N GLU B 24 27.61 -13.13 10.80
CA GLU B 24 26.84 -14.30 10.41
C GLU B 24 25.58 -13.89 9.67
N CYS B 25 24.97 -12.80 10.09
CA CYS B 25 23.73 -12.41 9.42
C CYS B 25 24.00 -12.00 7.99
N THR B 26 25.12 -11.30 7.75
CA THR B 26 25.44 -10.93 6.37
C THR B 26 25.63 -12.18 5.51
N ARG B 27 26.27 -13.19 6.06
CA ARG B 27 26.39 -14.47 5.35
C ARG B 27 25.02 -15.08 5.07
N ARG B 28 24.12 -15.06 6.05
CA ARG B 28 22.79 -15.61 5.86
C ARG B 28 22.03 -14.87 4.77
N PHE B 29 22.10 -13.53 4.78
CA PHE B 29 21.48 -12.74 3.71
C PHE B 29 22.04 -13.14 2.36
N GLN B 30 23.38 -13.12 2.25
CA GLN B 30 24.02 -13.28 0.94
C GLN B 30 23.68 -14.61 0.31
N GLU B 31 23.73 -15.68 1.09
CA GLU B 31 23.47 -16.98 0.50
C GLU B 31 21.98 -17.21 0.26
N MET B 32 21.11 -16.46 0.96
CA MET B 32 19.70 -16.47 0.58
C MET B 32 19.51 -15.87 -0.81
N PHE B 33 20.17 -14.74 -1.08
CA PHE B 33 20.17 -14.19 -2.44
C PHE B 33 20.78 -15.16 -3.45
N ASP B 34 21.83 -15.91 -3.06
CA ASP B 34 22.46 -16.84 -4.00
C ASP B 34 21.54 -18.01 -4.32
N ARG B 35 20.65 -18.37 -3.40
CA ARG B 35 19.77 -19.49 -3.65
C ARG B 35 18.50 -19.06 -4.39
N HIS B 36 17.92 -17.91 -4.03
CA HIS B 36 16.58 -17.58 -4.45
C HIS B 36 16.49 -16.51 -5.54
N VAL B 37 17.51 -15.67 -5.70
CA VAL B 37 17.48 -14.60 -6.69
C VAL B 37 18.46 -14.87 -7.83
N VAL B 38 19.68 -15.28 -7.50
CA VAL B 38 20.67 -15.76 -8.47
C VAL B 38 21.28 -14.58 -9.22
N THR B 39 20.48 -13.94 -10.07
CA THR B 39 20.93 -12.79 -10.84
C THR B 39 21.45 -11.66 -9.93
N ARG B 40 22.68 -11.19 -10.20
CA ARG B 40 23.29 -10.16 -9.37
C ARG B 40 22.91 -8.76 -9.87
N PRO B 41 22.74 -7.80 -8.96
CA PRO B 41 22.52 -6.41 -9.39
C PRO B 41 23.72 -5.89 -10.16
N THR B 42 23.60 -4.66 -10.70
CA THR B 42 24.73 -3.98 -11.32
C THR B 42 24.66 -2.49 -11.02
N LYS B 43 25.80 -1.92 -10.61
CA LYS B 43 25.87 -0.49 -10.34
C LYS B 43 25.81 0.29 -11.65
N VAL B 44 24.81 1.18 -11.76
CA VAL B 44 24.64 1.94 -12.99
C VAL B 44 25.80 2.91 -13.16
N GLU B 45 26.26 3.03 -14.38
CA GLU B 45 27.48 3.74 -14.74
C GLU B 45 27.13 5.15 -15.19
N LEU B 46 27.15 6.11 -14.25
CA LEU B 46 26.81 7.49 -14.59
C LEU B 46 28.05 8.23 -15.08
N THR B 47 27.97 8.80 -16.28
CA THR B 47 29.02 9.72 -16.71
C THR B 47 29.08 10.87 -15.73
N ASP B 48 30.29 11.36 -15.48
CA ASP B 48 30.51 12.35 -14.42
C ASP B 48 29.73 13.63 -14.64
N ALA B 49 29.29 13.88 -15.87
CA ALA B 49 28.37 14.98 -16.16
C ALA B 49 26.97 14.72 -15.66
N GLU B 50 26.45 13.51 -15.87
CA GLU B 50 25.17 13.15 -15.28
C GLU B 50 25.24 13.21 -13.77
N LEU B 51 26.34 12.72 -13.19
CA LEU B 51 26.50 12.76 -11.75
C LEU B 51 26.57 14.19 -11.23
N ARG B 52 27.21 15.11 -11.98
CA ARG B 52 27.20 16.51 -11.57
C ARG B 52 25.86 17.19 -11.82
N GLU B 53 25.10 16.75 -12.82
CA GLU B 53 23.75 17.28 -12.97
C GLU B 53 22.90 16.90 -11.76
N VAL B 54 22.96 15.64 -11.36
CA VAL B 54 22.17 15.14 -10.24
C VAL B 54 22.48 15.95 -8.98
N ILE B 55 23.76 16.15 -8.71
CA ILE B 55 24.15 16.76 -7.43
C ILE B 55 23.83 18.25 -7.41
N ASP B 56 24.02 18.94 -8.54
CA ASP B 56 23.64 20.35 -8.59
C ASP B 56 22.16 20.54 -8.30
N ASP B 57 21.32 19.71 -8.91
CA ASP B 57 19.89 19.83 -8.67
C ASP B 57 19.53 19.52 -7.22
N CYS B 58 20.20 18.54 -6.62
CA CYS B 58 19.96 18.22 -5.22
C CYS B 58 20.22 19.44 -4.33
N ASN B 59 21.36 20.10 -4.54
CA ASN B 59 21.66 21.35 -3.86
C ASN B 59 20.52 22.34 -4.03
N ALA B 60 20.11 22.58 -5.28
CA ALA B 60 19.06 23.56 -5.53
C ALA B 60 17.79 23.21 -4.78
N ALA B 61 17.51 21.93 -4.61
CA ALA B 61 16.23 21.53 -4.04
C ALA B 61 16.21 21.76 -2.54
N VAL B 62 17.23 21.29 -1.83
CA VAL B 62 17.25 21.42 -0.37
C VAL B 62 17.69 22.79 0.10
N ALA B 63 18.25 23.61 -0.80
CA ALA B 63 18.87 24.87 -0.40
C ALA B 63 17.99 25.77 0.45
N PRO B 64 16.70 25.97 0.15
CA PRO B 64 15.89 26.87 1.00
C PRO B 64 15.66 26.35 2.39
N LEU B 65 16.14 25.15 2.74
CA LEU B 65 15.95 24.63 4.08
C LEU B 65 17.08 25.02 5.03
N GLY B 66 18.12 25.68 4.53
CA GLY B 66 19.09 26.35 5.36
C GLY B 66 20.20 25.46 5.88
N LYS B 67 20.44 24.36 5.17
CA LYS B 67 21.50 23.43 5.55
C LYS B 67 22.32 23.10 4.32
N THR B 68 23.63 23.28 4.44
CA THR B 68 24.52 22.68 3.46
C THR B 68 24.55 21.17 3.66
N VAL B 69 24.57 20.44 2.55
CA VAL B 69 24.86 19.01 2.58
C VAL B 69 25.94 18.77 1.55
N SER B 70 27.01 18.09 1.96
CA SER B 70 28.22 18.04 1.16
C SER B 70 28.13 16.92 0.13
N ASP B 71 29.06 16.99 -0.83
CA ASP B 71 29.08 16.03 -1.92
C ASP B 71 29.01 14.59 -1.40
N GLU B 72 29.92 14.22 -0.50
CA GLU B 72 29.99 12.83 -0.06
C GLU B 72 28.68 12.38 0.59
N ARG B 73 27.95 13.29 1.22
CA ARG B 73 26.66 12.90 1.78
C ARG B 73 25.63 12.65 0.67
N TRP B 74 25.61 13.52 -0.35
CA TRP B 74 24.79 13.29 -1.54
C TRP B 74 25.03 11.91 -2.12
N ILE B 75 26.30 11.55 -2.30
CA ILE B 75 26.68 10.34 -3.02
C ILE B 75 26.48 9.10 -2.15
N SER B 76 26.49 9.26 -0.84
CA SER B 76 26.00 8.19 0.03
C SER B 76 24.55 7.87 -0.31
N TYR B 77 23.71 8.90 -0.42
CA TYR B 77 22.33 8.68 -0.83
C TYR B 77 22.25 8.03 -2.22
N VAL B 78 22.91 8.63 -3.21
CA VAL B 78 22.66 8.23 -4.60
C VAL B 78 23.04 6.79 -4.85
N GLY B 79 23.88 6.20 -3.98
CA GLY B 79 24.29 4.83 -4.19
C GLY B 79 23.15 3.85 -4.27
N VAL B 80 22.10 4.05 -3.48
CA VAL B 80 20.96 3.12 -3.55
C VAL B 80 20.34 3.13 -4.94
N VAL B 81 20.29 4.29 -5.61
CA VAL B 81 19.69 4.34 -6.94
C VAL B 81 20.68 3.82 -7.98
N LEU B 82 21.96 4.13 -7.80
CA LEU B 82 22.98 3.53 -8.66
C LEU B 82 22.90 2.01 -8.65
N TRP B 83 22.63 1.43 -7.48
CA TRP B 83 22.79 0.00 -7.29
C TRP B 83 21.49 -0.80 -7.36
N SER B 84 20.32 -0.18 -7.31
CA SER B 84 19.12 -0.96 -7.09
C SER B 84 18.04 -0.79 -8.15
N GLN B 85 18.32 -0.04 -9.22
CA GLN B 85 17.48 -0.07 -10.41
C GLN B 85 17.86 -1.33 -11.22
N SER B 86 17.46 -1.37 -12.48
CA SER B 86 17.49 -2.60 -13.27
C SER B 86 18.15 -2.29 -14.63
N PRO B 87 19.48 -2.22 -14.66
CA PRO B 87 20.17 -1.73 -15.87
C PRO B 87 19.91 -2.57 -17.11
N ARG B 88 19.50 -3.83 -16.96
CA ARG B 88 19.09 -4.60 -18.13
C ARG B 88 17.96 -3.94 -18.89
N HIS B 89 17.09 -3.21 -18.21
CA HIS B 89 15.84 -2.75 -18.78
C HIS B 89 15.69 -1.24 -18.82
N ILE B 90 16.68 -0.49 -18.36
CA ILE B 90 16.59 0.96 -18.37
C ILE B 90 16.36 1.44 -19.80
N LYS B 91 15.43 2.37 -19.97
CA LYS B 91 15.24 3.04 -21.23
C LYS B 91 15.32 4.55 -21.13
N ASP B 92 14.81 5.15 -20.05
CA ASP B 92 14.75 6.61 -19.94
C ASP B 92 15.75 7.08 -18.89
N MET B 93 16.94 7.46 -19.35
CA MET B 93 17.93 8.00 -18.41
C MET B 93 17.48 9.29 -17.76
N GLU B 94 16.66 10.11 -18.42
CA GLU B 94 16.22 11.33 -17.77
C GLU B 94 15.30 11.03 -16.59
N ALA B 95 14.42 10.04 -16.72
CA ALA B 95 13.67 9.56 -15.56
C ALA B 95 14.61 8.95 -14.52
N PHE B 96 15.63 8.21 -14.97
CA PHE B 96 16.65 7.71 -14.06
C PHE B 96 17.27 8.84 -13.26
N LYS B 97 17.66 9.92 -13.95
CA LYS B 97 18.25 11.06 -13.26
C LYS B 97 17.27 11.66 -12.26
N ALA B 98 15.99 11.74 -12.62
CA ALA B 98 14.97 12.18 -11.68
C ALA B 98 15.00 11.36 -10.40
N VAL B 99 14.99 10.03 -10.52
CA VAL B 99 14.96 9.19 -9.33
C VAL B 99 16.21 9.42 -8.48
N CYS B 100 17.37 9.59 -9.12
CA CYS B 100 18.57 9.91 -8.36
C CYS B 100 18.35 11.19 -7.56
N VAL B 101 17.80 12.22 -8.20
CA VAL B 101 17.61 13.50 -7.54
C VAL B 101 16.57 13.38 -6.43
N LEU B 102 15.38 12.86 -6.76
CA LEU B 102 14.30 12.79 -5.79
C LEU B 102 14.66 11.90 -4.61
N ASN B 103 15.27 10.75 -4.87
CA ASN B 103 15.66 9.91 -3.75
C ASN B 103 16.70 10.62 -2.91
N CYS B 104 17.73 11.20 -3.55
CA CYS B 104 18.77 11.92 -2.82
C CYS B 104 18.21 13.02 -1.95
N VAL B 105 17.26 13.81 -2.47
CA VAL B 105 16.87 14.97 -1.69
C VAL B 105 15.94 14.59 -0.57
N THR B 106 15.13 13.53 -0.76
CA THR B 106 14.24 13.11 0.32
C THR B 106 14.99 12.34 1.40
N PHE B 107 16.11 11.70 1.05
CA PHE B 107 17.04 11.18 2.06
C PHE B 107 17.47 12.30 3.01
N VAL B 108 17.81 13.46 2.46
CA VAL B 108 18.17 14.61 3.29
C VAL B 108 17.03 14.93 4.25
N TRP B 109 15.80 14.92 3.73
CA TRP B 109 14.62 15.13 4.57
C TRP B 109 14.52 14.08 5.66
N ASP B 110 14.89 12.84 5.33
CA ASP B 110 14.83 11.74 6.30
C ASP B 110 15.88 11.93 7.40
N ASP B 111 17.07 12.39 7.02
CA ASP B 111 18.17 12.61 7.96
C ASP B 111 18.03 13.90 8.76
N MET B 112 17.02 14.71 8.46
CA MET B 112 16.87 16.05 8.99
C MET B 112 16.02 16.04 10.24
N ASP B 113 16.35 16.93 11.16
CA ASP B 113 15.57 17.11 12.37
C ASP B 113 14.29 17.86 12.03
N PRO B 114 13.14 17.46 12.60
CA PRO B 114 11.83 17.94 12.08
C PRO B 114 11.65 19.44 12.14
N ALA B 115 12.41 20.14 12.98
CA ALA B 115 12.29 21.58 13.06
C ALA B 115 12.58 22.24 11.73
N LEU B 116 13.26 21.54 10.82
CA LEU B 116 13.65 22.06 9.52
C LEU B 116 12.73 21.65 8.39
N HIS B 117 11.58 21.03 8.69
CA HIS B 117 10.71 20.43 7.66
C HIS B 117 9.70 21.44 7.13
N ASP B 118 10.12 22.34 6.25
CA ASP B 118 9.22 23.37 5.72
C ASP B 118 8.67 22.93 4.37
N PHE B 119 7.38 22.58 4.34
CA PHE B 119 6.73 22.17 3.09
C PHE B 119 6.59 23.33 2.13
N GLY B 120 6.06 24.46 2.61
CA GLY B 120 5.96 25.64 1.77
C GLY B 120 7.25 25.95 1.03
N LEU B 121 8.40 25.73 1.68
CA LEU B 121 9.67 25.99 1.04
C LEU B 121 10.18 24.82 0.21
N PHE B 122 9.94 23.59 0.66
CA PHE B 122 10.53 22.42 0.01
C PHE B 122 9.66 21.85 -1.11
N LEU B 123 8.35 21.77 -0.90
CA LEU B 123 7.46 21.16 -1.88
C LEU B 123 7.55 21.78 -3.26
N PRO B 124 7.64 23.12 -3.43
CA PRO B 124 7.87 23.63 -4.77
C PRO B 124 9.18 23.18 -5.39
N GLN B 125 10.20 22.90 -4.58
CA GLN B 125 11.45 22.42 -5.16
C GLN B 125 11.28 21.03 -5.76
N LEU B 126 10.46 20.18 -5.11
CA LEU B 126 10.20 18.85 -5.64
C LEU B 126 9.43 18.95 -6.93
N ARG B 127 8.37 19.77 -6.94
CA ARG B 127 7.63 20.00 -8.17
C ARG B 127 8.55 20.46 -9.32
N LYS B 128 9.49 21.35 -9.05
CA LYS B 128 10.35 21.82 -10.13
C LYS B 128 11.22 20.69 -10.66
N ILE B 129 11.74 19.83 -9.77
CA ILE B 129 12.53 18.67 -10.22
C ILE B 129 11.68 17.75 -11.11
N CYS B 130 10.46 17.43 -10.68
CA CYS B 130 9.58 16.54 -11.42
C CYS B 130 9.26 17.10 -12.81
N GLU B 131 9.03 18.41 -12.90
CA GLU B 131 8.78 19.02 -14.22
C GLU B 131 10.01 18.99 -15.09
N LYS B 132 11.19 18.98 -14.49
CA LYS B 132 12.41 19.02 -15.28
C LYS B 132 12.66 17.71 -16.00
N TYR B 133 12.27 16.59 -15.40
CA TYR B 133 12.71 15.29 -15.88
C TYR B 133 11.60 14.42 -16.46
N TYR B 134 10.34 14.71 -16.17
CA TYR B 134 9.25 13.88 -16.63
C TYR B 134 8.36 14.66 -17.59
N GLY B 135 7.58 13.92 -18.36
CA GLY B 135 6.49 14.51 -19.09
C GLY B 135 5.41 14.99 -18.14
N PRO B 136 4.37 15.61 -18.69
CA PRO B 136 3.35 16.21 -17.80
C PRO B 136 2.68 15.23 -16.87
N GLU B 137 2.28 14.05 -17.37
CA GLU B 137 1.49 13.20 -16.49
C GLU B 137 2.37 12.40 -15.53
N ASP B 138 3.54 11.93 -15.98
CA ASP B 138 4.50 11.30 -15.06
C ASP B 138 4.93 12.25 -13.96
N ALA B 139 5.09 13.54 -14.31
CA ALA B 139 5.53 14.51 -13.32
C ALA B 139 4.57 14.60 -12.13
N GLU B 140 3.27 14.63 -12.42
CA GLU B 140 2.29 14.74 -11.35
C GLU B 140 2.25 13.47 -10.49
N VAL B 141 2.51 12.31 -11.10
CA VAL B 141 2.52 11.07 -10.34
C VAL B 141 3.74 11.01 -9.43
N ALA B 142 4.90 11.37 -9.98
CA ALA B 142 6.11 11.42 -9.16
C ALA B 142 5.95 12.46 -8.04
N TYR B 143 5.33 13.59 -8.34
CA TYR B 143 5.24 14.65 -7.33
C TYR B 143 4.33 14.25 -6.18
N GLU B 144 3.18 13.65 -6.48
CA GLU B 144 2.28 13.22 -5.43
C GLU B 144 2.97 12.21 -4.52
N ALA B 145 3.72 11.28 -5.12
CA ALA B 145 4.43 10.29 -4.33
C ALA B 145 5.50 10.93 -3.46
N ALA B 146 6.29 11.87 -4.01
CA ALA B 146 7.29 12.56 -3.21
C ALA B 146 6.64 13.33 -2.08
N ARG B 147 5.55 14.03 -2.37
CA ARG B 147 4.84 14.82 -1.37
C ARG B 147 4.27 13.93 -0.27
N ALA B 148 3.64 12.82 -0.65
CA ALA B 148 3.12 11.90 0.36
C ALA B 148 4.25 11.38 1.25
N PHE B 149 5.42 11.07 0.67
CA PHE B 149 6.51 10.50 1.45
C PHE B 149 7.05 11.49 2.48
N VAL B 150 7.40 12.72 2.05
CA VAL B 150 8.00 13.64 3.01
C VAL B 150 6.96 14.09 4.02
N THR B 151 5.69 14.18 3.62
CA THR B 151 4.61 14.48 4.56
C THR B 151 4.42 13.34 5.57
N SER B 152 4.38 12.10 5.10
CA SER B 152 4.29 10.98 6.03
C SER B 152 5.46 10.99 7.01
N ASP B 153 6.67 11.14 6.49
CA ASP B 153 7.82 11.15 7.39
C ASP B 153 7.65 12.20 8.47
N HIS B 154 7.10 13.35 8.11
CA HIS B 154 7.00 14.47 9.04
C HIS B 154 5.90 14.24 10.06
N MET B 155 4.73 13.80 9.62
CA MET B 155 3.61 13.80 10.55
C MET B 155 3.67 12.60 11.49
N PHE B 156 4.56 11.65 11.23
CA PHE B 156 4.73 10.57 12.19
C PHE B 156 5.95 10.74 13.10
N ARG B 157 6.76 11.79 12.93
CA ARG B 157 8.06 11.89 13.63
C ARG B 157 7.96 11.56 15.10
N ASP B 158 7.05 12.20 15.78
CA ASP B 158 6.63 11.75 17.09
C ASP B 158 5.13 11.54 17.07
N SER B 159 4.66 10.31 16.72
CA SER B 159 3.22 10.11 16.63
C SER B 159 2.77 8.86 17.38
N PRO B 160 1.61 8.92 18.04
CA PRO B 160 1.09 7.71 18.68
C PRO B 160 0.87 6.61 17.68
N ILE B 161 0.43 6.96 16.46
CA ILE B 161 0.10 5.96 15.45
C ILE B 161 1.35 5.17 15.05
N LYS B 162 2.48 5.84 14.89
CA LYS B 162 3.68 5.10 14.53
C LYS B 162 4.09 4.13 15.65
N ALA B 163 3.93 4.54 16.91
CA ALA B 163 4.29 3.68 18.04
C ALA B 163 3.45 2.40 18.06
N ALA B 164 2.14 2.53 17.81
CA ALA B 164 1.28 1.36 17.78
C ALA B 164 1.66 0.41 16.65
N LEU B 165 1.88 0.94 15.44
CA LEU B 165 2.19 0.06 14.30
C LEU B 165 3.59 -0.54 14.42
N CYS B 166 4.52 0.17 15.05
CA CYS B 166 5.88 -0.36 15.07
C CYS B 166 6.13 -1.35 16.21
N THR B 167 5.30 -1.36 17.25
CA THR B 167 5.52 -2.22 18.40
C THR B 167 4.52 -3.36 18.54
N THR B 168 3.46 -3.39 17.75
CA THR B 168 2.43 -4.41 17.97
C THR B 168 2.82 -5.76 17.38
N SER B 169 3.22 -5.81 16.11
CA SER B 169 3.43 -7.07 15.41
C SER B 169 4.18 -6.79 14.11
N PRO B 170 4.80 -7.82 13.54
CA PRO B 170 5.41 -7.67 12.21
C PRO B 170 4.44 -7.15 11.16
N GLU B 171 3.22 -7.68 11.13
CA GLU B 171 2.26 -7.26 10.12
C GLU B 171 2.01 -5.76 10.19
N GLN B 172 1.72 -5.24 11.39
CA GLN B 172 1.47 -3.81 11.53
C GLN B 172 2.71 -3.01 11.13
N TYR B 173 3.90 -3.49 11.49
CA TYR B 173 5.11 -2.73 11.20
C TYR B 173 5.35 -2.65 9.69
N PHE B 174 5.33 -3.79 9.00
CA PHE B 174 5.56 -3.75 7.55
C PHE B 174 4.44 -2.99 6.83
N ARG B 175 3.22 -3.01 7.39
CA ARG B 175 2.15 -2.21 6.79
C ARG B 175 2.50 -0.73 6.82
N PHE B 176 3.08 -0.26 7.93
CA PHE B 176 3.52 1.12 8.02
C PHE B 176 4.67 1.40 7.05
N ARG B 177 5.55 0.42 6.85
CA ARG B 177 6.78 0.64 6.07
C ARG B 177 6.55 0.74 4.56
N VAL B 178 5.45 0.19 4.02
CA VAL B 178 5.14 0.35 2.58
C VAL B 178 5.29 1.80 2.16
N THR B 179 4.75 2.71 2.97
CA THR B 179 4.92 4.14 2.73
C THR B 179 6.23 4.65 3.34
N ASP B 180 6.45 4.35 4.61
CA ASP B 180 7.46 5.09 5.37
C ASP B 180 8.87 4.85 4.87
N ILE B 181 9.23 3.61 4.54
CA ILE B 181 10.60 3.38 4.03
C ILE B 181 10.81 4.06 2.69
N GLY B 182 9.74 4.36 1.95
CA GLY B 182 9.82 5.07 0.70
C GLY B 182 9.65 4.23 -0.55
N VAL B 183 9.29 2.95 -0.43
CA VAL B 183 9.28 2.11 -1.63
C VAL B 183 8.07 2.39 -2.52
N ASP B 184 6.91 2.77 -1.95
CA ASP B 184 5.80 3.19 -2.82
C ASP B 184 6.21 4.40 -3.64
N PHE B 185 6.82 5.39 -2.98
CA PHE B 185 7.43 6.52 -3.67
C PHE B 185 8.40 6.06 -4.75
N TRP B 186 9.28 5.10 -4.43
CA TRP B 186 10.27 4.62 -5.38
C TRP B 186 9.61 4.07 -6.65
N MET B 187 8.64 3.18 -6.51
CA MET B 187 7.97 2.59 -7.67
C MET B 187 7.32 3.66 -8.55
N LYS B 188 6.61 4.61 -7.94
CA LYS B 188 5.80 5.57 -8.69
C LYS B 188 6.65 6.63 -9.39
N MET B 189 7.90 6.83 -8.96
CA MET B 189 8.81 7.66 -9.74
C MET B 189 9.72 6.85 -10.66
N SER B 190 9.82 5.53 -10.46
CA SER B 190 10.72 4.72 -11.26
C SER B 190 10.07 4.14 -12.52
N TYR B 191 8.74 3.98 -12.55
CA TYR B 191 8.13 3.33 -13.69
C TYR B 191 8.46 4.01 -15.03
N PRO B 192 8.63 5.34 -15.13
CA PRO B 192 9.00 5.91 -16.44
C PRO B 192 10.36 5.49 -16.94
N ILE B 193 11.23 4.97 -16.07
CA ILE B 193 12.53 4.50 -16.53
C ILE B 193 12.36 3.30 -17.46
N TYR B 194 11.31 2.52 -17.28
CA TYR B 194 11.19 1.25 -17.94
C TYR B 194 10.15 1.20 -19.05
N ARG B 195 9.25 2.19 -19.11
CA ARG B 195 8.15 2.20 -20.09
C ARG B 195 7.57 0.82 -20.28
N HIS B 196 7.36 0.12 -19.20
CA HIS B 196 6.84 -1.22 -19.23
C HIS B 196 5.43 -1.18 -18.65
N PRO B 197 4.38 -1.41 -19.45
CA PRO B 197 3.02 -1.20 -18.94
C PRO B 197 2.66 -2.05 -17.72
N GLU B 198 3.00 -3.34 -17.72
CA GLU B 198 2.70 -4.17 -16.56
C GLU B 198 3.34 -3.59 -15.29
N PHE B 199 4.62 -3.21 -15.37
CA PHE B 199 5.29 -2.64 -14.20
C PHE B 199 4.70 -1.28 -13.85
N THR B 200 4.27 -0.53 -14.86
CA THR B 200 3.66 0.76 -14.59
C THR B 200 2.38 0.60 -13.80
N GLU B 201 1.59 -0.42 -14.12
CA GLU B 201 0.35 -0.61 -13.39
C GLU B 201 0.61 -1.11 -11.97
N HIS B 202 1.53 -2.07 -11.80
CA HIS B 202 1.86 -2.54 -10.46
C HIS B 202 2.40 -1.41 -9.59
N ALA B 203 3.19 -0.50 -10.17
CA ALA B 203 3.60 0.71 -9.45
C ALA B 203 2.41 1.54 -9.00
N LYS B 204 1.44 1.77 -9.91
CA LYS B 204 0.34 2.67 -9.61
C LYS B 204 -0.68 2.06 -8.65
N THR B 205 -0.77 0.73 -8.58
CA THR B 205 -1.62 0.10 -7.57
C THR B 205 -0.93 -0.03 -6.21
N SER B 206 0.38 0.22 -6.17
CA SER B 206 1.24 -0.07 -5.02
C SER B 206 1.45 -1.55 -4.79
N LEU B 207 0.93 -2.43 -5.65
CA LEU B 207 1.27 -3.84 -5.53
C LEU B 207 2.78 -4.05 -5.59
N ALA B 208 3.45 -3.30 -6.48
CA ALA B 208 4.90 -3.39 -6.57
C ALA B 208 5.56 -3.04 -5.24
N ALA B 209 5.18 -1.91 -4.64
CA ALA B 209 5.72 -1.54 -3.33
C ALA B 209 5.46 -2.64 -2.31
N ARG B 210 4.24 -3.17 -2.28
CA ARG B 210 3.88 -4.14 -1.24
C ARG B 210 4.68 -5.43 -1.39
N MET B 211 5.01 -5.82 -2.64
CA MET B 211 5.78 -7.04 -2.87
C MET B 211 7.22 -6.93 -2.38
N THR B 212 7.83 -5.74 -2.46
CA THR B 212 9.23 -5.53 -2.14
C THR B 212 9.46 -4.90 -0.77
N THR B 213 8.41 -4.55 -0.03
CA THR B 213 8.58 -3.86 1.23
C THR B 213 9.45 -4.66 2.19
N ARG B 214 9.09 -5.93 2.42
CA ARG B 214 9.78 -6.71 3.45
C ARG B 214 11.24 -6.96 3.10
N GLY B 215 11.53 -7.26 1.83
CA GLY B 215 12.90 -7.50 1.43
C GLY B 215 13.79 -6.27 1.63
N LEU B 216 13.26 -5.09 1.34
CA LEU B 216 14.01 -3.85 1.54
C LEU B 216 14.10 -3.50 3.02
N THR B 217 13.00 -3.67 3.75
CA THR B 217 12.92 -3.17 5.12
C THR B 217 13.69 -4.07 6.06
N ILE B 218 13.63 -5.39 5.85
CA ILE B 218 14.33 -6.30 6.76
C ILE B 218 15.83 -6.09 6.66
N VAL B 219 16.34 -5.97 5.43
CA VAL B 219 17.76 -5.70 5.21
C VAL B 219 18.15 -4.37 5.80
N ASN B 220 17.35 -3.33 5.53
CA ASN B 220 17.74 -2.00 6.01
C ASN B 220 17.64 -1.92 7.52
N ASP B 221 16.66 -2.60 8.12
CA ASP B 221 16.51 -2.52 9.57
C ASP B 221 17.72 -3.14 10.27
N PHE B 222 18.23 -4.27 9.76
CA PHE B 222 19.39 -4.89 10.41
C PHE B 222 20.56 -3.91 10.45
N TYR B 223 21.00 -3.44 9.30
CA TYR B 223 22.20 -2.64 9.21
C TYR B 223 22.02 -1.20 9.68
N SER B 224 20.79 -0.72 9.89
CA SER B 224 20.60 0.62 10.45
C SER B 224 20.08 0.60 11.88
N TYR B 225 19.92 -0.59 12.48
CA TYR B 225 19.41 -0.71 13.83
C TYR B 225 20.24 0.08 14.82
N ASP B 226 21.57 0.02 14.70
CA ASP B 226 22.43 0.67 15.69
C ASP B 226 22.33 2.19 15.60
N ARG B 227 22.28 2.73 14.38
CA ARG B 227 22.11 4.17 14.22
C ARG B 227 20.79 4.63 14.80
N GLU B 228 19.74 3.82 14.67
CA GLU B 228 18.39 4.28 15.00
C GLU B 228 18.08 4.16 16.49
N VAL B 229 18.46 3.05 17.14
CA VAL B 229 18.22 2.95 18.57
C VAL B 229 18.91 4.09 19.31
N SER B 230 20.04 4.56 18.79
CA SER B 230 20.78 5.61 19.47
C SER B 230 20.04 6.94 19.40
N LEU B 231 19.49 7.27 18.22
CA LEU B 231 18.69 8.47 18.03
C LEU B 231 17.24 8.29 18.48
N GLY B 232 16.94 7.25 19.26
CA GLY B 232 15.58 7.03 19.71
C GLY B 232 14.55 6.76 18.62
N GLN B 233 14.98 6.34 17.43
CA GLN B 233 14.04 6.06 16.36
C GLN B 233 13.51 4.63 16.51
N ILE B 234 12.19 4.51 16.56
CA ILE B 234 11.54 3.25 16.88
C ILE B 234 11.09 2.46 15.65
N THR B 235 11.36 2.97 14.43
CA THR B 235 10.90 2.33 13.19
C THR B 235 11.95 1.32 12.73
N ASN B 236 11.89 0.13 13.32
CA ASN B 236 12.84 -0.92 13.02
C ASN B 236 12.31 -2.24 13.55
N CYS B 237 12.12 -3.24 12.68
CA CYS B 237 11.43 -4.46 13.12
C CYS B 237 12.20 -5.19 14.21
N PHE B 238 13.53 -5.06 14.25
CA PHE B 238 14.26 -5.78 15.29
C PHE B 238 14.02 -5.24 16.70
N ARG B 239 13.37 -4.09 16.84
CA ARG B 239 12.80 -3.66 18.12
C ARG B 239 11.59 -4.49 18.56
N LEU B 240 11.16 -5.47 17.77
CA LEU B 240 10.11 -6.37 18.22
C LEU B 240 10.68 -7.57 18.95
N CYS B 241 12.00 -7.68 19.02
CA CYS B 241 12.65 -8.73 19.79
C CYS B 241 13.78 -8.13 20.62
N ASP B 242 14.29 -8.94 21.53
CA ASP B 242 15.34 -8.48 22.44
C ASP B 242 16.66 -9.00 21.89
N VAL B 243 17.40 -8.12 21.21
CA VAL B 243 18.63 -8.56 20.58
C VAL B 243 19.67 -8.97 21.60
N SER B 244 19.53 -8.53 22.84
CA SER B 244 20.46 -9.03 23.86
C SER B 244 20.16 -10.47 24.27
N ASP B 245 19.03 -11.01 23.81
CA ASP B 245 18.76 -12.45 23.92
C ASP B 245 19.15 -13.10 22.60
N GLU B 246 20.21 -13.91 22.62
CA GLU B 246 20.71 -14.56 21.42
C GLU B 246 19.68 -15.52 20.84
N THR B 247 18.92 -16.21 21.70
CA THR B 247 17.92 -17.14 21.20
C THR B 247 16.81 -16.42 20.48
N ALA B 248 16.19 -15.44 21.16
CA ALA B 248 15.16 -14.63 20.54
C ALA B 248 15.63 -14.03 19.22
N PHE B 249 16.85 -13.46 19.19
CA PHE B 249 17.28 -12.79 17.98
C PHE B 249 17.36 -13.77 16.82
N LYS B 250 17.91 -14.96 17.06
CA LYS B 250 18.06 -15.90 15.96
C LYS B 250 16.71 -16.40 15.47
N GLU B 251 15.80 -16.68 16.41
CA GLU B 251 14.45 -17.11 16.04
C GLU B 251 13.75 -16.02 15.22
N PHE B 252 13.82 -14.78 15.70
CA PHE B 252 13.23 -13.66 14.98
C PHE B 252 13.87 -13.46 13.60
N PHE B 253 15.21 -13.47 13.54
CA PHE B 253 15.89 -13.30 12.27
C PHE B 253 15.50 -14.38 11.26
N GLN B 254 15.34 -15.62 11.73
CA GLN B 254 14.90 -16.70 10.85
C GLN B 254 13.53 -16.40 10.25
N ALA B 255 12.58 -15.97 11.06
CA ALA B 255 11.24 -15.68 10.54
C ALA B 255 11.26 -14.54 9.52
N ARG B 256 12.14 -13.55 9.70
CA ARG B 256 12.26 -12.48 8.72
C ARG B 256 12.92 -12.97 7.44
N LEU B 257 13.84 -13.94 7.53
CA LEU B 257 14.35 -14.59 6.33
C LEU B 257 13.22 -15.30 5.57
N ASP B 258 12.39 -16.07 6.29
CA ASP B 258 11.28 -16.75 5.64
C ASP B 258 10.34 -15.76 4.96
N ASP B 259 10.08 -14.61 5.61
CA ASP B 259 9.30 -13.56 4.95
C ASP B 259 9.90 -13.16 3.61
N MET B 260 11.20 -12.84 3.60
CA MET B 260 11.84 -12.44 2.35
C MET B 260 11.74 -13.52 1.30
N ILE B 261 11.97 -14.78 1.69
CA ILE B 261 11.95 -15.86 0.71
C ILE B 261 10.56 -16.04 0.12
N GLU B 262 9.52 -15.96 0.96
CA GLU B 262 8.16 -16.11 0.46
C GLU B 262 7.82 -15.00 -0.54
N ASP B 263 8.20 -13.76 -0.21
CA ASP B 263 7.99 -12.65 -1.14
C ASP B 263 8.72 -12.90 -2.46
N ILE B 264 10.01 -13.25 -2.40
CA ILE B 264 10.79 -13.44 -3.62
C ILE B 264 10.16 -14.52 -4.49
N GLU B 265 9.76 -15.62 -3.88
CA GLU B 265 9.18 -16.71 -4.65
C GLU B 265 7.84 -16.31 -5.26
N CYS B 266 7.11 -15.37 -4.64
CA CYS B 266 5.91 -14.87 -5.29
C CYS B 266 6.22 -13.83 -6.37
N ILE B 267 7.28 -13.04 -6.18
CA ILE B 267 7.75 -12.11 -7.21
C ILE B 267 8.02 -12.86 -8.52
N LYS B 268 8.38 -14.14 -8.43
CA LYS B 268 8.73 -14.89 -9.62
C LYS B 268 7.52 -15.29 -10.45
N ALA B 269 6.31 -15.15 -9.90
CA ALA B 269 5.12 -15.30 -10.70
C ALA B 269 4.90 -14.14 -11.66
N PHE B 270 5.40 -12.94 -11.33
CA PHE B 270 5.19 -11.76 -12.17
C PHE B 270 5.91 -11.93 -13.50
N ASP B 271 5.50 -11.14 -14.49
CA ASP B 271 6.14 -11.20 -15.80
C ASP B 271 7.64 -10.98 -15.65
N GLN B 272 8.39 -11.47 -16.64
CA GLN B 272 9.84 -11.63 -16.50
C GLN B 272 10.52 -10.28 -16.29
N LEU B 273 10.12 -9.26 -17.05
CA LEU B 273 10.74 -7.95 -16.86
C LEU B 273 10.42 -7.36 -15.49
N THR B 274 9.16 -7.47 -15.05
CA THR B 274 8.78 -6.88 -13.77
C THR B 274 9.52 -7.54 -12.62
N GLN B 275 9.58 -8.88 -12.61
CA GLN B 275 10.30 -9.56 -11.54
C GLN B 275 11.78 -9.21 -11.56
N ASP B 276 12.39 -9.07 -12.75
CA ASP B 276 13.77 -8.63 -12.83
C ASP B 276 13.96 -7.33 -12.04
N VAL B 277 13.05 -6.38 -12.21
CA VAL B 277 13.18 -5.09 -11.56
C VAL B 277 12.96 -5.22 -10.05
N PHE B 278 11.97 -6.01 -9.63
CA PHE B 278 11.71 -6.19 -8.20
C PHE B 278 12.93 -6.79 -7.51
N LEU B 279 13.52 -7.83 -8.12
CA LEU B 279 14.64 -8.52 -7.49
C LEU B 279 15.92 -7.71 -7.56
N ASP B 280 16.14 -6.97 -8.64
CA ASP B 280 17.27 -6.04 -8.66
C ASP B 280 17.13 -4.98 -7.58
N LEU B 281 15.91 -4.60 -7.23
CA LEU B 281 15.72 -3.64 -6.15
C LEU B 281 16.06 -4.26 -4.79
N ILE B 282 15.53 -5.45 -4.50
CA ILE B 282 15.81 -6.07 -3.22
C ILE B 282 17.30 -6.39 -3.09
N TYR B 283 17.86 -7.07 -4.10
CA TYR B 283 19.25 -7.50 -4.06
C TYR B 283 20.21 -6.32 -4.16
N GLY B 284 19.94 -5.37 -5.06
CA GLY B 284 20.78 -4.19 -5.16
C GLY B 284 20.86 -3.41 -3.87
N ASN B 285 19.70 -3.17 -3.22
CA ASN B 285 19.71 -2.45 -1.96
C ASN B 285 20.64 -3.14 -0.96
N PHE B 286 20.68 -4.47 -0.98
CA PHE B 286 21.59 -5.21 -0.11
C PHE B 286 23.05 -4.95 -0.45
N VAL B 287 23.40 -4.98 -1.74
CA VAL B 287 24.79 -4.74 -2.12
C VAL B 287 25.21 -3.32 -1.76
N TRP B 288 24.30 -2.36 -1.89
CA TRP B 288 24.61 -0.99 -1.49
C TRP B 288 24.72 -0.88 0.02
N THR B 289 23.73 -1.43 0.73
CA THR B 289 23.65 -1.24 2.17
C THR B 289 24.88 -1.79 2.89
N THR B 290 25.42 -2.92 2.45
CA THR B 290 26.50 -3.56 3.20
C THR B 290 27.90 -3.10 2.79
N SER B 291 27.99 -2.09 1.93
CA SER B 291 29.27 -1.52 1.53
C SER B 291 29.36 -0.03 1.78
N ASN B 292 28.25 0.62 2.10
CA ASN B 292 28.22 2.08 2.11
C ASN B 292 28.56 2.64 3.49
N LYS B 293 29.25 3.79 3.47
CA LYS B 293 29.60 4.50 4.71
C LYS B 293 28.39 4.65 5.63
N ARG B 294 27.20 4.81 5.05
CA ARG B 294 26.04 5.19 5.83
C ARG B 294 25.74 4.18 6.95
N TYR B 295 25.84 2.88 6.66
CA TYR B 295 25.45 1.85 7.61
C TYR B 295 26.63 1.27 8.39
N LYS B 296 27.81 1.87 8.30
CA LYS B 296 28.94 1.36 9.05
C LYS B 296 28.87 1.76 10.52
N THR B 297 28.66 3.03 10.82
CA THR B 297 28.70 3.49 12.19
C THR B 297 27.43 4.25 12.54
N ALA B 298 27.03 4.09 13.82
CA ALA B 298 25.72 4.55 14.28
C ALA B 298 25.55 6.06 14.10
N VAL B 299 26.63 6.82 14.32
CA VAL B 299 26.66 8.24 14.02
C VAL B 299 27.89 8.51 13.18
N ASN B 300 27.73 9.33 12.14
CA ASN B 300 28.88 9.85 11.40
C ASN B 300 28.43 11.04 10.57
N ASP B 301 29.36 11.64 9.82
CA ASP B 301 29.09 12.88 9.09
C ASP B 301 28.32 12.66 7.79
N VAL B 302 27.85 11.43 7.54
CA VAL B 302 26.90 11.18 6.47
C VAL B 302 25.59 10.58 6.96
N ASN B 303 25.39 10.47 8.28
CA ASN B 303 24.11 10.02 8.80
C ASN B 303 23.68 10.71 10.10
N SER B 304 24.33 11.79 10.49
CA SER B 304 23.97 12.45 11.73
C SER B 304 22.68 13.25 11.57
N ARG B 305 22.05 13.56 12.70
CA ARG B 305 20.88 14.42 12.68
C ARG B 305 21.25 15.75 12.06
N ILE B 306 20.32 16.32 11.29
CA ILE B 306 20.57 17.57 10.59
C ILE B 306 19.89 18.69 11.39
N GLN B 307 20.70 19.53 12.01
CA GLN B 307 20.28 20.71 12.76
C GLN B 307 20.96 21.94 12.15
N ALA B 308 20.42 23.12 12.44
CA ALA B 308 21.03 24.39 11.98
C ALA B 308 22.04 24.90 12.99
C2 AHD C . -17.25 -6.38 -4.53
C3 AHD C . -16.15 -5.47 -5.09
C7 AHD C . -17.20 -7.74 -5.23
C8 AHD C . -16.90 -8.87 -4.23
O12 AHD C . -19.44 -9.79 -4.76
P9 AHD C . -18.03 -10.30 -4.54
O10 AHD C . -18.09 -11.17 -3.31
O11 AHD C . -17.53 -11.09 -5.72
P14 AHD C . -15.13 -9.46 -4.35
O15 AHD C . -14.75 -9.66 -5.80
O16 AHD C . -15.05 -10.73 -3.54
O17 AHD C . -14.25 -8.42 -3.73
O13 AHD C . -17.10 -8.44 -2.93
N4 AHD C . -16.34 -4.09 -4.69
MG MG D . -16.43 -10.02 -7.29
MG MG E . -15.22 -11.80 -1.82
MG MG F . -13.56 -8.44 -7.32
C2 AHD G . 15.18 5.38 3.54
C3 AHD G . 15.33 6.50 2.50
C7 AHD G . 16.14 5.69 4.70
C8 AHD G . 16.20 4.51 5.66
O12 AHD G . 18.94 4.61 5.79
P9 AHD G . 17.75 4.58 6.69
O10 AHD G . 17.71 3.39 7.59
O11 AHD G . 17.68 5.87 7.45
P14 AHD G . 14.74 4.55 6.79
O15 AHD G . 14.69 5.89 7.44
O16 AHD G . 14.89 3.53 7.87
O17 AHD G . 13.51 4.19 5.98
O13 AHD G . 16.15 3.28 4.99
N4 AHD G . 14.36 6.34 1.43
MG MG H . 16.32 6.87 8.17
MG MG I . 12.56 6.94 7.72
MG MG J . 16.53 2.33 8.46
N SER A 16 -16.12 -25.19 -1.71
CA SER A 16 -17.40 -25.88 -1.63
C SER A 16 -18.46 -24.94 -1.07
N SER A 17 -18.99 -25.23 0.12
CA SER A 17 -19.86 -24.29 0.81
C SER A 17 -19.46 -24.16 2.27
N VAL A 18 -19.63 -22.96 2.81
CA VAL A 18 -19.52 -22.70 4.24
C VAL A 18 -20.88 -22.55 4.89
N ARG A 19 -21.95 -23.00 4.23
CA ARG A 19 -23.25 -22.97 4.91
C ARG A 19 -23.29 -23.89 6.13
N PRO A 20 -22.61 -25.05 6.16
CA PRO A 20 -22.51 -25.80 7.43
C PRO A 20 -21.95 -24.99 8.59
N TYR A 21 -21.25 -23.88 8.34
CA TYR A 21 -20.73 -23.06 9.42
C TYR A 21 -21.38 -21.69 9.54
N LEU A 22 -22.34 -21.34 8.67
CA LEU A 22 -22.81 -19.96 8.58
C LEU A 22 -23.28 -19.44 9.95
N GLU A 23 -24.27 -20.11 10.55
CA GLU A 23 -24.90 -19.59 11.76
C GLU A 23 -23.87 -19.32 12.85
N GLU A 24 -22.99 -20.28 13.10
CA GLU A 24 -21.97 -20.10 14.12
C GLU A 24 -21.08 -18.89 13.79
N CYS A 25 -20.51 -18.86 12.58
CA CYS A 25 -19.56 -17.81 12.25
C CYS A 25 -20.18 -16.42 12.35
N THR A 26 -21.46 -16.29 11.96
CA THR A 26 -22.12 -15.00 12.03
C THR A 26 -22.24 -14.53 13.47
N ARG A 27 -22.77 -15.38 14.34
CA ARG A 27 -22.82 -15.07 15.75
C ARG A 27 -21.43 -14.72 16.27
N ARG A 28 -20.42 -15.38 15.72
CA ARG A 28 -19.05 -15.18 16.16
C ARG A 28 -18.51 -13.82 15.73
N PHE A 29 -18.69 -13.44 14.45
CA PHE A 29 -18.33 -12.10 13.98
C PHE A 29 -19.01 -11.03 14.84
N GLN A 30 -20.34 -11.14 14.98
CA GLN A 30 -21.10 -10.14 15.72
C GLN A 30 -20.56 -9.99 17.14
N GLU A 31 -20.31 -11.12 17.81
CA GLU A 31 -19.70 -11.05 19.14
C GLU A 31 -18.44 -10.20 19.14
N MET A 32 -17.56 -10.41 18.14
CA MET A 32 -16.32 -9.66 18.07
C MET A 32 -16.59 -8.18 17.86
N PHE A 33 -17.50 -7.83 16.96
CA PHE A 33 -17.84 -6.41 16.76
C PHE A 33 -18.47 -5.82 18.01
N ASP A 34 -19.47 -6.50 18.58
CA ASP A 34 -20.06 -6.00 19.82
C ASP A 34 -18.99 -5.78 20.88
N ARG A 35 -17.96 -6.62 20.93
CA ARG A 35 -16.98 -6.52 22.01
C ARG A 35 -15.92 -5.47 21.72
N HIS A 36 -15.41 -5.40 20.49
CA HIS A 36 -14.23 -4.62 20.18
C HIS A 36 -14.51 -3.29 19.48
N VAL A 37 -15.66 -3.13 18.82
CA VAL A 37 -16.02 -1.90 18.14
C VAL A 37 -17.18 -1.20 18.84
N VAL A 38 -18.24 -1.94 19.15
CA VAL A 38 -19.35 -1.55 20.01
C VAL A 38 -20.28 -0.57 19.31
N THR A 39 -19.77 0.64 19.05
CA THR A 39 -20.51 1.63 18.26
C THR A 39 -21.02 1.05 16.95
N ARG A 40 -22.34 0.82 16.86
CA ARG A 40 -22.91 0.21 15.67
C ARG A 40 -22.97 1.22 14.52
N PRO A 41 -22.90 0.74 13.27
CA PRO A 41 -23.17 1.63 12.13
C PRO A 41 -24.65 1.93 11.99
N THR A 42 -24.95 3.05 11.33
CA THR A 42 -26.32 3.41 10.99
C THR A 42 -26.45 3.75 9.52
N LYS A 43 -27.63 3.48 8.96
CA LYS A 43 -27.87 3.54 7.52
C LYS A 43 -28.15 4.97 7.07
N VAL A 44 -27.47 5.38 6.02
CA VAL A 44 -27.73 6.65 5.35
C VAL A 44 -29.01 6.51 4.52
N GLU A 45 -29.94 7.43 4.71
CA GLU A 45 -31.18 7.46 3.96
C GLU A 45 -31.11 8.62 2.97
N LEU A 46 -31.16 8.31 1.69
CA LEU A 46 -31.19 9.35 0.67
C LEU A 46 -32.62 9.85 0.48
N THR A 47 -32.78 11.10 0.07
CA THR A 47 -34.06 11.51 -0.48
C THR A 47 -34.31 10.74 -1.77
N ASP A 48 -35.60 10.52 -2.07
CA ASP A 48 -35.97 9.81 -3.29
C ASP A 48 -35.39 10.48 -4.53
N ALA A 49 -35.18 11.79 -4.49
CA ALA A 49 -34.45 12.46 -5.56
C ALA A 49 -33.02 11.94 -5.66
N GLU A 50 -32.31 11.93 -4.54
CA GLU A 50 -30.92 11.48 -4.52
C GLU A 50 -30.80 10.07 -5.05
N LEU A 51 -31.63 9.15 -4.56
CA LEU A 51 -31.55 7.78 -5.03
C LEU A 51 -31.78 7.69 -6.53
N ARG A 52 -32.64 8.55 -7.08
CA ARG A 52 -32.89 8.50 -8.52
C ARG A 52 -31.74 9.09 -9.31
N GLU A 53 -31.20 10.24 -8.87
CA GLU A 53 -30.05 10.82 -9.54
C GLU A 53 -28.85 9.85 -9.52
N VAL A 54 -28.69 9.11 -8.42
CA VAL A 54 -27.64 8.08 -8.37
C VAL A 54 -27.92 7.00 -9.40
N ILE A 55 -29.16 6.52 -9.48
CA ILE A 55 -29.50 5.49 -10.46
C ILE A 55 -29.29 6.01 -11.88
N ASP A 56 -29.64 7.27 -12.14
CA ASP A 56 -29.46 7.84 -13.47
C ASP A 56 -27.98 7.85 -13.86
N ASP A 57 -27.14 8.41 -13.00
CA ASP A 57 -25.70 8.36 -13.27
C ASP A 57 -25.20 6.93 -13.41
N CYS A 58 -25.58 6.05 -12.47
CA CYS A 58 -25.26 4.63 -12.58
C CYS A 58 -25.64 4.07 -13.96
N ASN A 59 -26.85 4.37 -14.44
CA ASN A 59 -27.31 3.76 -15.67
C ASN A 59 -26.55 4.29 -16.88
N ALA A 60 -26.26 5.59 -16.91
CA ALA A 60 -25.54 6.14 -18.06
C ALA A 60 -24.11 5.63 -18.15
N ALA A 61 -23.47 5.33 -17.00
CA ALA A 61 -22.08 4.87 -17.05
C ALA A 61 -21.99 3.43 -17.56
N VAL A 62 -22.96 2.58 -17.22
CA VAL A 62 -22.89 1.17 -17.61
C VAL A 62 -23.50 0.91 -18.99
N ALA A 63 -24.37 1.81 -19.46
CA ALA A 63 -25.09 1.59 -20.72
C ALA A 63 -24.19 1.25 -21.89
N PRO A 64 -23.07 1.93 -22.14
CA PRO A 64 -22.23 1.54 -23.29
C PRO A 64 -21.73 0.11 -23.22
N LEU A 65 -21.77 -0.56 -22.06
CA LEU A 65 -21.42 -1.97 -21.98
C LEU A 65 -22.60 -2.90 -22.23
N GLY A 66 -23.76 -2.36 -22.63
CA GLY A 66 -24.85 -3.16 -23.14
C GLY A 66 -25.69 -3.87 -22.12
N LYS A 67 -25.32 -3.81 -20.84
CA LYS A 67 -26.13 -4.37 -19.77
C LYS A 67 -26.99 -3.28 -19.15
N THR A 68 -28.19 -3.68 -18.72
CA THR A 68 -29.09 -2.75 -18.07
C THR A 68 -29.33 -3.23 -16.65
N VAL A 69 -28.85 -2.46 -15.70
CA VAL A 69 -28.97 -2.82 -14.30
C VAL A 69 -30.36 -2.41 -13.84
N SER A 70 -31.06 -3.32 -13.20
CA SER A 70 -32.41 -3.07 -12.71
C SER A 70 -32.39 -2.13 -11.50
N ASP A 71 -33.53 -1.46 -11.28
CA ASP A 71 -33.68 -0.57 -10.13
C ASP A 71 -33.32 -1.27 -8.83
N GLU A 72 -34.07 -2.31 -8.44
CA GLU A 72 -33.83 -3.02 -7.19
C GLU A 72 -32.37 -3.36 -7.02
N ARG A 73 -31.74 -3.78 -8.12
CA ARG A 73 -30.35 -4.19 -8.05
C ARG A 73 -29.43 -3.04 -7.70
N TRP A 74 -29.56 -1.89 -8.39
CA TRP A 74 -28.77 -0.73 -8.02
C TRP A 74 -28.81 -0.48 -6.52
N ILE A 75 -30.01 -0.40 -5.94
CA ILE A 75 -30.15 -0.14 -4.51
C ILE A 75 -29.47 -1.24 -3.69
N SER A 76 -29.58 -2.48 -4.14
CA SER A 76 -28.96 -3.58 -3.42
C SER A 76 -27.45 -3.41 -3.33
N TYR A 77 -26.85 -2.79 -4.35
CA TYR A 77 -25.40 -2.51 -4.29
C TYR A 77 -25.11 -1.31 -3.40
N VAL A 78 -25.90 -0.24 -3.58
CA VAL A 78 -25.64 1.03 -2.90
C VAL A 78 -25.72 0.89 -1.39
N GLY A 79 -26.30 -0.20 -0.89
CA GLY A 79 -26.37 -0.39 0.54
C GLY A 79 -25.02 -0.37 1.21
N VAL A 80 -23.98 -0.90 0.54
CA VAL A 80 -22.66 -0.90 1.17
C VAL A 80 -22.17 0.52 1.38
N VAL A 81 -22.53 1.45 0.50
CA VAL A 81 -22.18 2.84 0.73
C VAL A 81 -23.12 3.47 1.76
N LEU A 82 -24.41 3.12 1.70
CA LEU A 82 -25.34 3.68 2.67
C LEU A 82 -25.00 3.28 4.10
N TRP A 83 -24.45 2.08 4.29
CA TRP A 83 -24.22 1.52 5.62
C TRP A 83 -22.80 1.64 6.13
N SER A 84 -21.81 1.90 5.27
CA SER A 84 -20.42 1.75 5.66
C SER A 84 -19.62 3.04 5.56
N GLN A 85 -20.28 4.18 5.37
CA GLN A 85 -19.61 5.45 5.56
C GLN A 85 -19.82 5.83 7.03
N SER A 86 -19.58 7.09 7.39
CA SER A 86 -19.63 7.55 8.78
C SER A 86 -20.47 8.81 8.88
N PRO A 87 -21.80 8.67 8.99
CA PRO A 87 -22.67 9.86 8.94
C PRO A 87 -22.30 10.96 9.92
N ARG A 88 -21.69 10.63 11.07
CA ARG A 88 -21.31 11.66 12.02
C ARG A 88 -20.50 12.77 11.37
N HIS A 89 -19.64 12.44 10.41
CA HIS A 89 -18.66 13.41 9.93
C HIS A 89 -18.85 13.81 8.48
N ILE A 90 -19.96 13.43 7.83
CA ILE A 90 -20.12 13.75 6.42
C ILE A 90 -20.26 15.26 6.26
N LYS A 91 -19.41 15.84 5.42
CA LYS A 91 -19.49 17.26 5.09
C LYS A 91 -19.82 17.55 3.63
N ASP A 92 -19.87 16.53 2.76
CA ASP A 92 -20.01 16.76 1.33
C ASP A 92 -20.82 15.61 0.74
N MET A 93 -22.07 15.89 0.37
CA MET A 93 -22.97 14.86 -0.15
C MET A 93 -22.85 14.65 -1.66
N GLU A 94 -22.29 15.60 -2.41
CA GLU A 94 -21.91 15.30 -3.78
C GLU A 94 -20.86 14.19 -3.81
N ALA A 95 -19.89 14.25 -2.90
CA ALA A 95 -18.91 13.18 -2.80
C ALA A 95 -19.60 11.86 -2.44
N PHE A 96 -20.67 11.94 -1.66
CA PHE A 96 -21.33 10.72 -1.22
C PHE A 96 -22.01 10.02 -2.38
N LYS A 97 -22.73 10.78 -3.20
CA LYS A 97 -23.37 10.20 -4.38
C LYS A 97 -22.33 9.68 -5.37
N ALA A 98 -21.17 10.33 -5.45
CA ALA A 98 -20.09 9.82 -6.30
C ALA A 98 -19.71 8.41 -5.88
N VAL A 99 -19.51 8.18 -4.58
CA VAL A 99 -19.10 6.87 -4.10
C VAL A 99 -20.19 5.85 -4.35
N CYS A 100 -21.45 6.21 -4.08
CA CYS A 100 -22.58 5.36 -4.46
C CYS A 100 -22.47 4.93 -5.92
N VAL A 101 -22.25 5.89 -6.82
CA VAL A 101 -22.22 5.60 -8.25
C VAL A 101 -20.99 4.76 -8.61
N LEU A 102 -19.80 5.23 -8.21
CA LEU A 102 -18.57 4.53 -8.55
C LEU A 102 -18.56 3.12 -7.98
N ASN A 103 -19.06 2.95 -6.75
CA ASN A 103 -19.12 1.63 -6.16
C ASN A 103 -20.03 0.71 -6.95
N CYS A 104 -21.16 1.23 -7.43
CA CYS A 104 -22.08 0.41 -8.19
C CYS A 104 -21.51 0.03 -9.54
N VAL A 105 -20.92 0.98 -10.26
CA VAL A 105 -20.50 0.67 -11.63
C VAL A 105 -19.33 -0.30 -11.62
N THR A 106 -18.41 -0.16 -10.66
CA THR A 106 -17.27 -1.08 -10.65
C THR A 106 -17.68 -2.46 -10.13
N PHE A 107 -18.64 -2.51 -9.21
CA PHE A 107 -19.29 -3.78 -8.89
C PHE A 107 -19.78 -4.48 -10.15
N VAL A 108 -20.48 -3.75 -11.01
CA VAL A 108 -20.96 -4.34 -12.25
C VAL A 108 -19.79 -4.85 -13.08
N TRP A 109 -18.70 -4.08 -13.13
CA TRP A 109 -17.49 -4.50 -13.81
C TRP A 109 -16.87 -5.76 -13.19
N ASP A 110 -16.93 -5.87 -11.86
CA ASP A 110 -16.43 -7.06 -11.17
C ASP A 110 -17.12 -8.31 -11.67
N ASP A 111 -18.45 -8.28 -11.72
CA ASP A 111 -19.27 -9.43 -12.04
C ASP A 111 -19.29 -9.77 -13.52
N MET A 112 -18.53 -9.07 -14.35
CA MET A 112 -18.78 -9.16 -15.78
C MET A 112 -17.66 -9.85 -16.54
N ASP A 113 -18.07 -10.72 -17.45
CA ASP A 113 -17.20 -11.37 -18.40
C ASP A 113 -16.12 -10.40 -18.92
N PRO A 114 -14.84 -10.78 -18.85
CA PRO A 114 -13.79 -9.91 -19.40
C PRO A 114 -13.95 -9.56 -20.88
N ALA A 115 -14.89 -10.19 -21.60
CA ALA A 115 -15.25 -9.69 -22.92
C ALA A 115 -15.96 -8.34 -22.79
N LEU A 116 -16.97 -8.25 -21.91
CA LEU A 116 -17.65 -6.99 -21.67
C LEU A 116 -16.67 -5.84 -21.36
N HIS A 117 -15.51 -6.14 -20.75
CA HIS A 117 -14.57 -5.10 -20.32
C HIS A 117 -14.02 -4.33 -21.51
N ASP A 118 -14.50 -3.11 -21.72
CA ASP A 118 -13.96 -2.22 -22.74
C ASP A 118 -13.60 -0.90 -22.09
N PHE A 119 -12.33 -0.52 -22.16
CA PHE A 119 -11.85 0.67 -21.47
C PHE A 119 -12.18 1.93 -22.25
N GLY A 120 -12.11 1.86 -23.59
CA GLY A 120 -12.39 3.04 -24.40
C GLY A 120 -13.77 3.61 -24.16
N LEU A 121 -14.72 2.76 -23.80
CA LEU A 121 -16.08 3.20 -23.50
C LEU A 121 -16.36 3.41 -22.01
N PHE A 122 -15.68 2.67 -21.14
CA PHE A 122 -16.03 2.75 -19.73
C PHE A 122 -15.23 3.82 -18.99
N LEU A 123 -13.91 3.86 -19.18
CA LEU A 123 -13.09 4.92 -18.60
C LEU A 123 -13.66 6.31 -18.82
N PRO A 124 -14.12 6.71 -20.02
CA PRO A 124 -14.76 8.03 -20.13
C PRO A 124 -15.93 8.23 -19.20
N GLN A 125 -16.77 7.21 -18.99
CA GLN A 125 -17.89 7.34 -18.07
C GLN A 125 -17.41 7.51 -16.62
N LEU A 126 -16.29 6.86 -16.27
CA LEU A 126 -15.71 7.06 -14.95
C LEU A 126 -15.27 8.49 -14.76
N ARG A 127 -14.55 9.04 -15.75
CA ARG A 127 -14.07 10.42 -15.62
C ARG A 127 -15.23 11.39 -15.57
N LYS A 128 -16.29 11.12 -16.34
CA LYS A 128 -17.49 11.96 -16.31
C LYS A 128 -18.08 12.03 -14.91
N ILE A 129 -18.32 10.87 -14.29
CA ILE A 129 -18.82 10.81 -12.92
C ILE A 129 -17.94 11.63 -11.99
N CYS A 130 -16.62 11.39 -12.00
CA CYS A 130 -15.71 12.10 -11.10
C CYS A 130 -15.72 13.60 -11.38
N GLU A 131 -15.78 14.01 -12.64
CA GLU A 131 -15.81 15.44 -12.93
C GLU A 131 -17.16 16.07 -12.56
N LYS A 132 -18.21 15.26 -12.43
CA LYS A 132 -19.51 15.79 -12.05
C LYS A 132 -19.56 16.16 -10.56
N TYR A 133 -18.94 15.34 -9.71
CA TYR A 133 -19.19 15.35 -8.28
C TYR A 133 -18.06 15.92 -7.43
N TYR A 134 -16.84 16.00 -7.96
CA TYR A 134 -15.66 16.40 -7.19
C TYR A 134 -15.10 17.69 -7.77
N GLY A 135 -14.22 18.35 -7.00
CA GLY A 135 -13.41 19.44 -7.52
C GLY A 135 -12.38 18.94 -8.53
N PRO A 136 -11.41 19.78 -8.89
CA PRO A 136 -10.40 19.32 -9.87
C PRO A 136 -9.50 18.20 -9.36
N GLU A 137 -8.83 18.41 -8.22
CA GLU A 137 -7.81 17.45 -7.80
C GLU A 137 -8.43 16.19 -7.23
N ASP A 138 -9.57 16.32 -6.55
CA ASP A 138 -10.28 15.15 -6.07
C ASP A 138 -10.79 14.31 -7.23
N ALA A 139 -11.24 14.95 -8.32
CA ALA A 139 -11.69 14.18 -9.47
C ALA A 139 -10.54 13.35 -10.03
N GLU A 140 -9.35 13.94 -10.15
CA GLU A 140 -8.20 13.18 -10.67
C GLU A 140 -7.81 12.05 -9.73
N VAL A 141 -7.89 12.29 -8.41
CA VAL A 141 -7.52 11.25 -7.47
C VAL A 141 -8.55 10.13 -7.50
N ALA A 142 -9.83 10.48 -7.45
CA ALA A 142 -10.86 9.45 -7.54
C ALA A 142 -10.79 8.70 -8.86
N TYR A 143 -10.58 9.41 -9.97
CA TYR A 143 -10.57 8.75 -11.27
C TYR A 143 -9.38 7.81 -11.43
N GLU A 144 -8.18 8.26 -11.03
CA GLU A 144 -7.01 7.37 -11.09
C GLU A 144 -7.26 6.08 -10.32
N ALA A 145 -7.87 6.18 -9.13
CA ALA A 145 -8.13 4.99 -8.34
C ALA A 145 -9.23 4.13 -8.96
N ALA A 146 -10.20 4.75 -9.61
CA ALA A 146 -11.20 3.99 -10.35
C ALA A 146 -10.56 3.24 -11.52
N ARG A 147 -9.78 3.95 -12.32
CA ARG A 147 -9.02 3.33 -13.41
C ARG A 147 -8.18 2.17 -12.89
N ALA A 148 -7.45 2.39 -11.78
CA ALA A 148 -6.57 1.35 -11.25
C ALA A 148 -7.36 0.11 -10.83
N PHE A 149 -8.50 0.31 -10.17
CA PHE A 149 -9.29 -0.84 -9.73
C PHE A 149 -9.83 -1.66 -10.91
N VAL A 150 -10.41 -0.98 -11.92
CA VAL A 150 -11.00 -1.77 -12.99
C VAL A 150 -9.92 -2.40 -13.85
N THR A 151 -8.81 -1.69 -14.08
CA THR A 151 -7.68 -2.26 -14.79
C THR A 151 -7.11 -3.46 -14.05
N SER A 152 -7.10 -3.41 -12.73
CA SER A 152 -6.58 -4.52 -11.95
C SER A 152 -7.52 -5.72 -12.01
N ASP A 153 -8.82 -5.51 -11.81
CA ASP A 153 -9.75 -6.63 -11.92
C ASP A 153 -9.63 -7.32 -13.29
N HIS A 154 -9.54 -6.54 -14.36
CA HIS A 154 -9.38 -7.10 -15.70
C HIS A 154 -8.06 -7.86 -15.85
N MET A 155 -6.95 -7.22 -15.46
CA MET A 155 -5.61 -7.80 -15.60
C MET A 155 -5.49 -9.16 -14.92
N PHE A 156 -6.17 -9.36 -13.80
CA PHE A 156 -5.92 -10.54 -13.00
C PHE A 156 -6.80 -11.73 -13.33
N ARG A 157 -7.68 -11.60 -14.31
CA ARG A 157 -8.34 -12.80 -14.81
C ARG A 157 -7.29 -13.67 -15.49
N ASP A 158 -7.23 -14.93 -15.06
CA ASP A 158 -6.19 -15.88 -15.49
C ASP A 158 -4.81 -15.23 -15.51
N SER A 159 -4.49 -14.46 -14.43
CA SER A 159 -3.08 -14.11 -14.22
C SER A 159 -2.45 -15.14 -13.30
N PRO A 160 -1.23 -15.59 -13.61
CA PRO A 160 -0.50 -16.42 -12.64
C PRO A 160 -0.29 -15.72 -11.32
N ILE A 161 -0.25 -14.38 -11.34
CA ILE A 161 -0.02 -13.60 -10.13
C ILE A 161 -1.14 -13.82 -9.13
N LYS A 162 -2.39 -13.78 -9.61
CA LYS A 162 -3.51 -13.99 -8.71
C LYS A 162 -3.43 -15.38 -8.07
N ALA A 163 -3.15 -16.40 -8.88
CA ALA A 163 -3.00 -17.75 -8.36
C ALA A 163 -1.89 -17.82 -7.31
N ALA A 164 -0.73 -17.24 -7.62
CA ALA A 164 0.37 -17.31 -6.67
C ALA A 164 0.01 -16.66 -5.34
N LEU A 165 -0.62 -15.49 -5.37
CA LEU A 165 -0.89 -14.74 -4.14
C LEU A 165 -2.02 -15.35 -3.32
N CYS A 166 -3.02 -15.95 -3.98
CA CYS A 166 -4.18 -16.52 -3.30
C CYS A 166 -3.94 -17.96 -2.83
N THR A 167 -2.83 -18.57 -3.20
CA THR A 167 -2.59 -19.93 -2.76
C THR A 167 -1.36 -20.06 -1.87
N THR A 168 -0.66 -18.96 -1.58
CA THR A 168 0.58 -19.09 -0.83
C THR A 168 0.37 -18.98 0.67
N SER A 169 -0.15 -17.85 1.15
CA SER A 169 -0.35 -17.62 2.58
C SER A 169 -1.39 -16.51 2.73
N PRO A 170 -2.00 -16.37 3.91
CA PRO A 170 -2.84 -15.18 4.16
C PRO A 170 -2.13 -13.88 3.82
N GLU A 171 -0.84 -13.78 4.12
CA GLU A 171 -0.08 -12.55 3.93
C GLU A 171 -0.02 -12.13 2.48
N GLN A 172 0.34 -13.05 1.60
CA GLN A 172 0.32 -12.72 0.17
C GLN A 172 -1.09 -12.37 -0.27
N TYR A 173 -2.07 -13.10 0.25
CA TYR A 173 -3.44 -12.93 -0.20
C TYR A 173 -3.97 -11.54 0.15
N PHE A 174 -3.89 -11.16 1.42
CA PHE A 174 -4.40 -9.86 1.82
C PHE A 174 -3.63 -8.74 1.11
N ARG A 175 -2.36 -8.97 0.79
CA ARG A 175 -1.59 -7.98 0.05
C ARG A 175 -2.21 -7.71 -1.33
N PHE A 176 -2.66 -8.77 -2.01
CA PHE A 176 -3.36 -8.60 -3.26
C PHE A 176 -4.67 -7.85 -3.04
N ARG A 177 -5.39 -8.19 -1.97
CA ARG A 177 -6.73 -7.67 -1.73
C ARG A 177 -6.78 -6.18 -1.42
N VAL A 178 -5.68 -5.59 -0.93
CA VAL A 178 -5.65 -4.14 -0.71
C VAL A 178 -6.17 -3.41 -1.94
N THR A 179 -5.69 -3.80 -3.12
CA THR A 179 -6.21 -3.23 -4.36
C THR A 179 -7.48 -3.97 -4.79
N ASP A 180 -7.46 -5.30 -4.75
CA ASP A 180 -8.43 -6.04 -5.54
C ASP A 180 -9.83 -5.98 -4.93
N ILE A 181 -9.93 -5.91 -3.59
CA ILE A 181 -11.25 -5.80 -3.01
C ILE A 181 -11.85 -4.42 -3.24
N GLY A 182 -11.02 -3.44 -3.57
CA GLY A 182 -11.52 -2.10 -3.83
C GLY A 182 -11.38 -1.10 -2.71
N VAL A 183 -10.75 -1.48 -1.59
CA VAL A 183 -10.71 -0.57 -0.44
C VAL A 183 -9.78 0.60 -0.70
N ASP A 184 -8.67 0.40 -1.44
CA ASP A 184 -7.82 1.55 -1.75
C ASP A 184 -8.58 2.56 -2.60
N PHE A 185 -9.31 2.07 -3.60
CA PHE A 185 -10.25 2.89 -4.38
C PHE A 185 -11.23 3.61 -3.46
N TRP A 186 -11.88 2.86 -2.57
CA TRP A 186 -12.87 3.42 -1.65
C TRP A 186 -12.32 4.63 -0.90
N MET A 187 -11.12 4.50 -0.34
CA MET A 187 -10.57 5.59 0.46
C MET A 187 -10.23 6.80 -0.39
N LYS A 188 -9.75 6.58 -1.62
CA LYS A 188 -9.32 7.69 -2.46
C LYS A 188 -10.50 8.40 -3.12
N MET A 189 -11.69 7.81 -3.12
CA MET A 189 -12.90 8.48 -3.57
C MET A 189 -13.83 8.90 -2.43
N SER A 190 -13.53 8.50 -1.19
CA SER A 190 -14.38 8.82 -0.04
C SER A 190 -13.84 9.95 0.82
N TYR A 191 -12.55 10.28 0.74
CA TYR A 191 -12.03 11.36 1.58
C TYR A 191 -12.64 12.73 1.25
N PRO A 192 -13.11 13.03 0.04
CA PRO A 192 -13.90 14.25 -0.14
C PRO A 192 -15.18 14.28 0.69
N ILE A 193 -15.69 13.12 1.13
CA ILE A 193 -16.89 13.12 1.95
C ILE A 193 -16.67 13.87 3.25
N TYR A 194 -15.45 13.78 3.81
CA TYR A 194 -15.18 14.22 5.18
C TYR A 194 -14.32 15.46 5.29
N ARG A 195 -13.53 15.80 4.27
CA ARG A 195 -12.62 16.95 4.32
C ARG A 195 -11.86 16.98 5.64
N HIS A 196 -11.47 15.80 6.14
CA HIS A 196 -10.68 15.69 7.35
C HIS A 196 -9.22 15.49 6.96
N PRO A 197 -8.35 16.48 7.17
CA PRO A 197 -6.97 16.40 6.67
C PRO A 197 -6.20 15.13 7.02
N GLU A 198 -6.24 14.66 8.27
CA GLU A 198 -5.56 13.42 8.61
C GLU A 198 -6.05 12.27 7.74
N PHE A 199 -7.39 12.15 7.60
CA PHE A 199 -7.92 11.03 6.84
C PHE A 199 -7.56 11.14 5.36
N THR A 200 -7.42 12.36 4.85
CA THR A 200 -7.04 12.55 3.47
C THR A 200 -5.61 12.09 3.23
N GLU A 201 -4.72 12.34 4.19
CA GLU A 201 -3.34 11.89 4.03
C GLU A 201 -3.23 10.37 4.12
N HIS A 202 -3.90 9.75 5.12
CA HIS A 202 -3.92 8.29 5.20
C HIS A 202 -4.58 7.66 3.97
N ALA A 203 -5.57 8.35 3.38
CA ALA A 203 -6.17 7.83 2.15
C ALA A 203 -5.15 7.86 1.01
N LYS A 204 -4.38 8.94 0.90
CA LYS A 204 -3.46 9.11 -0.22
C LYS A 204 -2.18 8.28 -0.07
N THR A 205 -1.77 7.95 1.16
CA THR A 205 -0.67 6.99 1.33
C THR A 205 -1.12 5.55 1.17
N SER A 206 -2.44 5.30 1.17
CA SER A 206 -3.05 3.98 1.26
C SER A 206 -2.88 3.31 2.62
N LEU A 207 -2.28 3.99 3.59
CA LEU A 207 -2.31 3.43 4.95
C LEU A 207 -3.74 3.14 5.38
N ALA A 208 -4.70 4.01 4.99
CA ALA A 208 -6.10 3.77 5.34
C ALA A 208 -6.59 2.45 4.77
N ALA A 209 -6.34 2.22 3.48
CA ALA A 209 -6.72 0.95 2.88
C ALA A 209 -6.05 -0.21 3.59
N ARG A 210 -4.75 -0.07 3.90
CA ARG A 210 -4.02 -1.18 4.50
C ARG A 210 -4.57 -1.52 5.87
N MET A 211 -4.91 -0.50 6.67
CA MET A 211 -5.46 -0.74 8.01
C MET A 211 -6.77 -1.49 7.95
N THR A 212 -7.57 -1.27 6.92
CA THR A 212 -8.93 -1.80 6.85
C THR A 212 -9.07 -3.03 5.96
N THR A 213 -7.99 -3.48 5.32
CA THR A 213 -8.13 -4.53 4.31
C THR A 213 -8.66 -5.82 4.90
N ARG A 214 -8.07 -6.29 6.01
CA ARG A 214 -8.43 -7.61 6.48
C ARG A 214 -9.81 -7.62 7.10
N GLY A 215 -10.20 -6.55 7.80
CA GLY A 215 -11.53 -6.51 8.37
C GLY A 215 -12.61 -6.59 7.32
N LEU A 216 -12.39 -5.92 6.18
CA LEU A 216 -13.34 -5.95 5.08
C LEU A 216 -13.31 -7.29 4.35
N THR A 217 -12.10 -7.75 4.01
CA THR A 217 -11.93 -8.89 3.13
C THR A 217 -12.32 -10.20 3.82
N ILE A 218 -11.95 -10.36 5.09
CA ILE A 218 -12.30 -11.59 5.80
C ILE A 218 -13.82 -11.75 5.85
N VAL A 219 -14.51 -10.65 6.16
CA VAL A 219 -15.98 -10.69 6.22
C VAL A 219 -16.56 -11.03 4.85
N ASN A 220 -16.17 -10.25 3.84
CA ASN A 220 -16.61 -10.54 2.47
C ASN A 220 -16.33 -11.99 2.10
N ASP A 221 -15.09 -12.44 2.29
CA ASP A 221 -14.74 -13.79 1.88
C ASP A 221 -15.66 -14.82 2.51
N PHE A 222 -16.05 -14.61 3.77
CA PHE A 222 -16.94 -15.61 4.36
C PHE A 222 -18.33 -15.55 3.75
N TYR A 223 -19.00 -14.41 3.84
CA TYR A 223 -20.37 -14.35 3.31
C TYR A 223 -20.39 -14.28 1.79
N SER A 224 -19.26 -14.55 1.13
CA SER A 224 -19.16 -14.62 -0.32
C SER A 224 -18.51 -15.91 -0.80
N TYR A 225 -17.96 -16.72 0.11
CA TYR A 225 -17.39 -18.00 -0.27
C TYR A 225 -18.35 -18.81 -1.13
N ASP A 226 -19.65 -18.71 -0.86
CA ASP A 226 -20.60 -19.54 -1.58
C ASP A 226 -20.74 -19.08 -3.02
N ARG A 227 -21.08 -17.81 -3.24
CA ARG A 227 -21.22 -17.32 -4.61
C ARG A 227 -19.91 -17.47 -5.38
N GLU A 228 -18.78 -17.27 -4.72
CA GLU A 228 -17.52 -17.29 -5.46
C GLU A 228 -17.05 -18.70 -5.77
N VAL A 229 -17.28 -19.67 -4.87
CA VAL A 229 -16.94 -21.04 -5.23
C VAL A 229 -17.93 -21.58 -6.26
N SER A 230 -19.22 -21.21 -6.14
CA SER A 230 -20.19 -21.67 -7.13
C SER A 230 -19.81 -21.17 -8.53
N LEU A 231 -19.41 -19.91 -8.64
CA LEU A 231 -18.82 -19.40 -9.87
C LEU A 231 -17.41 -19.92 -10.10
N GLY A 232 -16.81 -20.61 -9.13
CA GLY A 232 -15.51 -21.23 -9.32
C GLY A 232 -14.33 -20.32 -9.09
N GLN A 233 -14.50 -19.23 -8.36
CA GLN A 233 -13.48 -18.18 -8.24
C GLN A 233 -12.56 -18.49 -7.06
N ILE A 234 -11.30 -18.04 -7.15
CA ILE A 234 -10.29 -18.41 -6.15
C ILE A 234 -9.86 -17.26 -5.25
N THR A 235 -10.34 -16.04 -5.48
CA THR A 235 -9.89 -14.89 -4.67
C THR A 235 -10.70 -14.87 -3.38
N ASN A 236 -10.30 -15.72 -2.43
CA ASN A 236 -11.08 -15.94 -1.22
C ASN A 236 -10.22 -16.72 -0.21
N CYS A 237 -9.86 -16.07 0.90
CA CYS A 237 -8.90 -16.66 1.84
C CYS A 237 -9.37 -17.99 2.40
N PHE A 238 -10.67 -18.25 2.42
CA PHE A 238 -11.10 -19.53 2.99
C PHE A 238 -10.78 -20.71 2.10
N ARG A 239 -10.34 -20.48 0.85
CA ARG A 239 -9.80 -21.59 0.07
C ARG A 239 -8.43 -22.05 0.58
N LEU A 240 -7.87 -21.42 1.61
CA LEU A 240 -6.59 -21.86 2.12
C LEU A 240 -6.69 -22.95 3.18
N CYS A 241 -7.86 -23.54 3.41
CA CYS A 241 -7.97 -24.65 4.35
C CYS A 241 -9.09 -25.61 3.94
N ASP A 242 -9.25 -26.67 4.72
CA ASP A 242 -10.25 -27.70 4.44
C ASP A 242 -11.52 -27.31 5.19
N VAL A 243 -12.39 -26.56 4.50
CA VAL A 243 -13.69 -26.23 5.05
C VAL A 243 -14.49 -27.48 5.38
N SER A 244 -14.19 -28.63 4.76
CA SER A 244 -14.93 -29.86 5.06
C SER A 244 -14.49 -30.44 6.40
N ASP A 245 -13.43 -29.88 6.99
CA ASP A 245 -12.93 -30.33 8.29
C ASP A 245 -13.14 -29.19 9.28
N GLU A 246 -13.99 -29.43 10.28
CA GLU A 246 -14.37 -28.36 11.20
C GLU A 246 -13.28 -28.01 12.19
N THR A 247 -12.37 -28.93 12.50
CA THR A 247 -11.21 -28.59 13.31
C THR A 247 -10.29 -27.62 12.58
N ALA A 248 -9.87 -27.97 11.36
CA ALA A 248 -9.02 -27.08 10.59
C ALA A 248 -9.73 -25.77 10.28
N PHE A 249 -11.04 -25.84 10.03
CA PHE A 249 -11.82 -24.63 9.81
C PHE A 249 -11.86 -23.77 11.06
N LYS A 250 -12.13 -24.38 12.22
CA LYS A 250 -12.10 -23.60 13.47
C LYS A 250 -10.75 -22.96 13.68
N GLU A 251 -9.67 -23.68 13.37
CA GLU A 251 -8.32 -23.14 13.51
C GLU A 251 -8.16 -21.89 12.66
N PHE A 252 -8.42 -22.01 11.36
CA PHE A 252 -8.24 -20.89 10.44
C PHE A 252 -9.19 -19.75 10.75
N PHE A 253 -10.45 -20.06 11.04
CA PHE A 253 -11.41 -19.00 11.34
C PHE A 253 -10.99 -18.20 12.55
N GLN A 254 -10.45 -18.85 13.58
CA GLN A 254 -9.96 -18.09 14.73
C GLN A 254 -8.78 -17.19 14.34
N ALA A 255 -7.80 -17.73 13.62
CA ALA A 255 -6.65 -16.92 13.22
C ALA A 255 -7.08 -15.68 12.42
N ARG A 256 -8.13 -15.80 11.59
CA ARG A 256 -8.68 -14.63 10.90
C ARG A 256 -9.42 -13.69 11.85
N LEU A 257 -10.15 -14.25 12.80
CA LEU A 257 -10.74 -13.40 13.84
C LEU A 257 -9.66 -12.61 14.56
N ASP A 258 -8.55 -13.26 14.95
CA ASP A 258 -7.47 -12.54 15.61
C ASP A 258 -6.88 -11.47 14.69
N ASP A 259 -6.76 -11.75 13.40
CA ASP A 259 -6.35 -10.73 12.45
C ASP A 259 -7.20 -9.47 12.58
N MET A 260 -8.52 -9.64 12.53
CA MET A 260 -9.43 -8.50 12.62
C MET A 260 -9.25 -7.74 13.93
N ILE A 261 -9.04 -8.45 15.02
CA ILE A 261 -8.95 -7.79 16.34
C ILE A 261 -7.69 -6.94 16.44
N GLU A 262 -6.55 -7.46 15.97
CA GLU A 262 -5.31 -6.69 16.06
C GLU A 262 -5.39 -5.43 15.20
N ASP A 263 -5.99 -5.56 14.00
CA ASP A 263 -6.23 -4.41 13.15
C ASP A 263 -7.13 -3.40 13.85
N ILE A 264 -8.23 -3.86 14.43
CA ILE A 264 -9.20 -2.95 15.05
C ILE A 264 -8.58 -2.20 16.22
N GLU A 265 -7.84 -2.89 17.11
CA GLU A 265 -7.21 -2.18 18.22
C GLU A 265 -6.14 -1.19 17.74
N CYS A 266 -5.41 -1.52 16.68
CA CYS A 266 -4.45 -0.57 16.13
C CYS A 266 -5.15 0.62 15.48
N ILE A 267 -6.31 0.40 14.86
CA ILE A 267 -7.08 1.50 14.26
C ILE A 267 -7.47 2.51 15.33
N LYS A 268 -7.72 2.05 16.56
CA LYS A 268 -8.13 2.93 17.64
C LYS A 268 -7.02 3.87 18.11
N ALA A 269 -5.84 3.82 17.49
CA ALA A 269 -4.79 4.78 17.78
C ALA A 269 -4.83 5.95 16.82
N PHE A 270 -5.49 5.78 15.68
CA PHE A 270 -5.79 6.89 14.80
C PHE A 270 -6.72 7.87 15.50
N ASP A 271 -6.78 9.10 14.99
CA ASP A 271 -7.58 10.12 15.64
C ASP A 271 -9.05 9.79 15.49
N GLN A 272 -9.87 10.41 16.34
CA GLN A 272 -11.26 10.01 16.55
C GLN A 272 -12.09 9.97 15.24
N LEU A 273 -12.09 11.04 14.46
CA LEU A 273 -12.78 11.03 13.17
C LEU A 273 -12.28 9.88 12.29
N THR A 274 -10.99 9.82 12.02
CA THR A 274 -10.46 8.77 11.14
C THR A 274 -10.81 7.39 11.65
N GLN A 275 -10.59 7.15 12.95
CA GLN A 275 -10.91 5.85 13.54
C GLN A 275 -12.40 5.53 13.41
N ASP A 276 -13.24 6.56 13.49
CA ASP A 276 -14.67 6.39 13.25
C ASP A 276 -14.94 5.90 11.83
N VAL A 277 -14.32 6.55 10.84
CA VAL A 277 -14.56 6.14 9.46
C VAL A 277 -14.08 4.72 9.23
N PHE A 278 -12.86 4.41 9.70
CA PHE A 278 -12.30 3.06 9.54
C PHE A 278 -13.22 2.01 10.14
N LEU A 279 -13.62 2.18 11.40
CA LEU A 279 -14.45 1.19 12.05
C LEU A 279 -15.86 1.17 11.47
N ASP A 280 -16.46 2.33 11.21
CA ASP A 280 -17.74 2.34 10.51
C ASP A 280 -17.66 1.55 9.21
N LEU A 281 -16.56 1.71 8.48
CA LEU A 281 -16.38 0.95 7.24
C LEU A 281 -16.41 -0.55 7.51
N ILE A 282 -15.62 -1.01 8.48
CA ILE A 282 -15.49 -2.45 8.68
C ILE A 282 -16.80 -3.03 9.20
N TYR A 283 -17.36 -2.42 10.25
CA TYR A 283 -18.60 -2.91 10.83
C TYR A 283 -19.78 -2.68 9.89
N GLY A 284 -19.82 -1.51 9.24
CA GLY A 284 -20.87 -1.24 8.29
C GLY A 284 -20.91 -2.28 7.18
N ASN A 285 -19.75 -2.66 6.66
CA ASN A 285 -19.70 -3.71 5.64
C ASN A 285 -20.24 -5.02 6.17
N PHE A 286 -20.01 -5.32 7.44
CA PHE A 286 -20.52 -6.57 8.01
C PHE A 286 -22.04 -6.59 8.06
N VAL A 287 -22.67 -5.51 8.55
CA VAL A 287 -24.13 -5.49 8.64
C VAL A 287 -24.76 -5.56 7.27
N TRP A 288 -24.28 -4.73 6.35
CA TRP A 288 -24.78 -4.78 4.98
C TRP A 288 -24.60 -6.16 4.38
N THR A 289 -23.39 -6.72 4.48
CA THR A 289 -23.09 -8.01 3.86
C THR A 289 -23.99 -9.12 4.38
N THR A 290 -24.33 -9.08 5.68
CA THR A 290 -25.09 -10.16 6.30
C THR A 290 -26.58 -10.08 6.01
N SER A 291 -27.15 -8.89 5.83
CA SER A 291 -28.59 -8.73 5.68
C SER A 291 -29.06 -8.33 4.29
N ASN A 292 -28.24 -7.64 3.52
CA ASN A 292 -28.59 -7.30 2.14
C ASN A 292 -28.65 -8.57 1.29
N LYS A 293 -29.39 -8.47 0.18
CA LYS A 293 -29.62 -9.50 -0.82
C LYS A 293 -28.36 -10.05 -1.50
N ARG A 294 -27.36 -9.20 -1.74
CA ARG A 294 -26.20 -9.61 -2.54
C ARG A 294 -25.55 -10.88 -2.01
N TYR A 295 -25.47 -11.04 -0.69
CA TYR A 295 -24.68 -12.11 -0.10
C TYR A 295 -25.57 -13.16 0.55
N LYS A 296 -26.72 -13.45 -0.07
CA LYS A 296 -27.64 -14.48 0.40
C LYS A 296 -27.60 -15.77 -0.39
N THR A 297 -27.26 -15.72 -1.69
CA THR A 297 -27.43 -16.86 -2.55
C THR A 297 -26.59 -16.68 -3.82
N ALA A 298 -27.28 -16.84 -4.95
CA ALA A 298 -26.75 -16.95 -6.32
C ALA A 298 -25.22 -16.93 -6.44
N ILE B 13 18.58 -2.01 27.92
CA ILE B 13 19.62 -1.54 27.02
C ILE B 13 19.79 -0.02 27.12
N GLY B 14 20.53 0.54 26.16
CA GLY B 14 20.65 1.97 25.90
C GLY B 14 21.44 2.10 24.61
N ARG B 15 22.72 1.75 24.69
CA ARG B 15 23.54 1.52 23.51
C ARG B 15 23.26 0.15 22.90
N SER B 16 22.02 -0.09 22.47
CA SER B 16 21.63 -1.39 21.94
C SER B 16 22.26 -1.63 20.58
N SER B 17 22.47 -2.90 20.24
CA SER B 17 23.30 -3.20 19.08
C SER B 17 23.05 -4.61 18.56
N VAL B 18 23.15 -4.75 17.24
CA VAL B 18 23.21 -6.05 16.60
C VAL B 18 24.63 -6.36 16.14
N ARG B 19 25.60 -5.57 16.58
CA ARG B 19 27.01 -5.82 16.27
C ARG B 19 27.41 -7.29 16.35
N PRO B 20 27.09 -8.04 17.41
CA PRO B 20 27.60 -9.43 17.47
C PRO B 20 27.19 -10.28 16.28
N TYR B 21 26.01 -10.03 15.73
CA TYR B 21 25.49 -10.84 14.64
C TYR B 21 25.89 -10.33 13.27
N LEU B 22 26.62 -9.22 13.19
CA LEU B 22 26.84 -8.60 11.89
C LEU B 22 27.43 -9.60 10.91
N GLU B 23 28.23 -10.53 11.42
CA GLU B 23 28.96 -11.44 10.54
C GLU B 23 28.10 -12.61 10.09
N GLU B 24 27.48 -13.32 11.02
CA GLU B 24 26.62 -14.42 10.62
C GLU B 24 25.52 -13.92 9.69
N CYS B 25 24.89 -12.82 10.06
CA CYS B 25 23.68 -12.41 9.36
C CYS B 25 23.99 -11.99 7.93
N THR B 26 25.12 -11.31 7.72
CA THR B 26 25.51 -10.98 6.36
C THR B 26 25.71 -12.24 5.52
N ARG B 27 26.28 -13.30 6.11
CA ARG B 27 26.36 -14.61 5.46
C ARG B 27 24.99 -15.15 5.13
N ARG B 28 24.06 -15.08 6.10
CA ARG B 28 22.71 -15.59 5.88
C ARG B 28 22.01 -14.83 4.76
N PHE B 29 22.04 -13.50 4.82
CA PHE B 29 21.46 -12.68 3.75
C PHE B 29 22.05 -13.09 2.41
N GLN B 30 23.39 -13.10 2.34
CA GLN B 30 24.11 -13.41 1.11
C GLN B 30 23.80 -14.82 0.63
N GLU B 31 23.67 -15.76 1.55
CA GLU B 31 23.33 -17.12 1.16
C GLU B 31 21.93 -17.19 0.58
N MET B 32 20.99 -16.41 1.14
CA MET B 32 19.60 -16.43 0.66
C MET B 32 19.50 -15.88 -0.76
N PHE B 33 20.17 -14.76 -1.05
CA PHE B 33 20.17 -14.23 -2.42
C PHE B 33 20.79 -15.21 -3.42
N ASP B 34 21.92 -15.86 -3.05
CA ASP B 34 22.54 -16.85 -3.94
C ASP B 34 21.58 -17.98 -4.27
N ARG B 35 20.71 -18.33 -3.34
CA ARG B 35 19.82 -19.45 -3.57
C ARG B 35 18.56 -19.01 -4.33
N HIS B 36 17.97 -17.88 -3.94
CA HIS B 36 16.63 -17.57 -4.38
C HIS B 36 16.55 -16.48 -5.45
N VAL B 37 17.63 -15.75 -5.70
CA VAL B 37 17.62 -14.69 -6.69
C VAL B 37 18.67 -14.92 -7.77
N VAL B 38 19.85 -15.39 -7.38
CA VAL B 38 20.94 -15.75 -8.27
C VAL B 38 21.56 -14.50 -8.89
N THR B 39 20.91 -13.93 -9.90
CA THR B 39 21.53 -12.85 -10.68
C THR B 39 21.87 -11.64 -9.81
N ARG B 40 23.17 -11.28 -9.81
CA ARG B 40 23.73 -10.20 -9.04
C ARG B 40 23.29 -8.86 -9.60
N PRO B 41 22.99 -7.88 -8.75
CA PRO B 41 22.61 -6.55 -9.25
C PRO B 41 23.70 -5.97 -10.14
N THR B 42 23.32 -4.98 -10.95
CA THR B 42 24.27 -4.34 -11.86
C THR B 42 24.26 -2.84 -11.59
N LYS B 43 25.45 -2.28 -11.35
CA LYS B 43 25.55 -0.87 -11.01
C LYS B 43 25.62 0.01 -12.26
N VAL B 44 24.67 0.93 -12.38
CA VAL B 44 24.78 1.97 -13.40
C VAL B 44 25.98 2.84 -13.07
N GLU B 45 26.86 3.04 -14.06
CA GLU B 45 27.87 4.09 -13.93
C GLU B 45 27.36 5.31 -14.69
N LEU B 46 27.08 6.38 -13.97
CA LEU B 46 26.73 7.63 -14.62
C LEU B 46 28.00 8.25 -15.16
N THR B 47 27.95 8.73 -16.40
CA THR B 47 29.06 9.51 -16.92
C THR B 47 29.37 10.64 -15.95
N ASP B 48 30.57 11.18 -16.06
CA ASP B 48 31.06 12.25 -15.22
C ASP B 48 30.11 13.44 -15.25
N ALA B 49 29.41 13.61 -16.36
CA ALA B 49 28.46 14.71 -16.51
C ALA B 49 27.16 14.47 -15.78
N GLU B 50 26.52 13.33 -16.04
CA GLU B 50 25.24 13.06 -15.40
C GLU B 50 25.36 13.11 -13.89
N LEU B 51 26.40 12.47 -13.34
CA LEU B 51 26.63 12.54 -11.91
C LEU B 51 26.74 13.98 -11.42
N ARG B 52 27.36 14.86 -12.23
CA ARG B 52 27.42 16.27 -11.87
C ARG B 52 26.07 16.97 -12.03
N GLU B 53 25.30 16.63 -13.06
CA GLU B 53 23.95 17.17 -13.17
C GLU B 53 23.13 16.79 -11.94
N VAL B 54 23.21 15.52 -11.54
CA VAL B 54 22.39 15.01 -10.45
C VAL B 54 22.71 15.74 -9.16
N ILE B 55 24.00 15.87 -8.83
CA ILE B 55 24.36 16.50 -7.56
C ILE B 55 24.00 17.98 -7.57
N ASP B 56 24.22 18.66 -8.70
CA ASP B 56 23.89 20.08 -8.76
C ASP B 56 22.40 20.31 -8.56
N ASP B 57 21.56 19.42 -9.12
CA ASP B 57 20.13 19.54 -8.87
C ASP B 57 19.80 19.33 -7.40
N CYS B 58 20.47 18.38 -6.75
CA CYS B 58 20.19 18.11 -5.34
C CYS B 58 20.44 19.34 -4.48
N ASN B 59 21.57 20.00 -4.70
CA ASN B 59 21.89 21.22 -3.96
C ASN B 59 20.81 22.28 -4.15
N ALA B 60 20.40 22.51 -5.40
CA ALA B 60 19.39 23.54 -5.63
C ALA B 60 18.14 23.29 -4.81
N ALA B 61 17.72 22.03 -4.71
CA ALA B 61 16.48 21.74 -4.01
C ALA B 61 16.61 21.99 -2.52
N VAL B 62 17.66 21.47 -1.89
CA VAL B 62 17.80 21.61 -0.44
C VAL B 62 18.30 22.98 -0.03
N ALA B 63 18.61 23.84 -1.00
CA ALA B 63 19.13 25.17 -0.67
C ALA B 63 18.16 26.00 0.15
N PRO B 64 16.85 25.97 -0.07
CA PRO B 64 15.95 26.78 0.78
C PRO B 64 15.90 26.33 2.23
N LEU B 65 16.39 25.13 2.57
CA LEU B 65 16.20 24.59 3.92
C LEU B 65 17.38 24.86 4.86
N GLY B 66 18.56 25.19 4.33
CA GLY B 66 19.60 25.81 5.12
C GLY B 66 20.75 24.94 5.60
N LYS B 67 21.70 24.64 4.72
CA LYS B 67 22.95 23.96 5.05
C LYS B 67 23.65 23.59 3.76
N THR B 68 24.97 23.64 3.78
CA THR B 68 25.76 22.81 2.88
C THR B 68 25.50 21.35 3.19
N VAL B 69 25.17 20.57 2.17
CA VAL B 69 25.23 19.11 2.29
C VAL B 69 26.22 18.64 1.22
N SER B 70 27.24 17.91 1.68
CA SER B 70 28.47 17.78 0.92
C SER B 70 28.39 16.66 -0.11
N ASP B 71 29.32 16.70 -1.07
CA ASP B 71 29.33 15.73 -2.16
C ASP B 71 29.35 14.31 -1.62
N GLU B 72 30.16 14.05 -0.59
CA GLU B 72 30.23 12.70 -0.06
C GLU B 72 28.90 12.27 0.53
N ARG B 73 28.19 13.18 1.21
CA ARG B 73 26.88 12.83 1.74
C ARG B 73 25.88 12.60 0.61
N TRP B 74 26.00 13.35 -0.48
CA TRP B 74 25.15 13.13 -1.66
C TRP B 74 25.40 11.76 -2.26
N ILE B 75 26.67 11.44 -2.52
CA ILE B 75 27.05 10.18 -3.14
C ILE B 75 26.75 8.99 -2.23
N SER B 76 26.73 9.19 -0.92
CA SER B 76 26.20 8.17 -0.02
C SER B 76 24.75 7.86 -0.36
N TYR B 77 23.90 8.89 -0.32
CA TYR B 77 22.49 8.72 -0.67
C TYR B 77 22.32 8.10 -2.06
N VAL B 78 22.97 8.66 -3.08
CA VAL B 78 22.66 8.26 -4.46
C VAL B 78 23.05 6.82 -4.72
N GLY B 79 23.89 6.23 -3.87
CA GLY B 79 24.32 4.87 -4.10
C GLY B 79 23.18 3.89 -4.22
N VAL B 80 22.11 4.08 -3.47
CA VAL B 80 21.00 3.13 -3.55
C VAL B 80 20.37 3.15 -4.93
N VAL B 81 20.31 4.33 -5.59
CA VAL B 81 19.69 4.39 -6.91
C VAL B 81 20.63 3.82 -7.96
N LEU B 82 21.92 4.13 -7.86
CA LEU B 82 22.86 3.58 -8.82
C LEU B 82 22.89 2.06 -8.76
N TRP B 83 22.66 1.50 -7.57
CA TRP B 83 22.77 0.06 -7.37
C TRP B 83 21.46 -0.69 -7.48
N SER B 84 20.31 -0.07 -7.22
CA SER B 84 19.11 -0.86 -7.00
C SER B 84 18.05 -0.69 -8.07
N GLN B 85 18.33 0.04 -9.15
CA GLN B 85 17.51 -0.02 -10.35
C GLN B 85 17.90 -1.29 -11.12
N SER B 86 17.54 -1.37 -12.39
CA SER B 86 17.57 -2.61 -13.16
C SER B 86 18.18 -2.34 -14.53
N PRO B 87 19.49 -2.11 -14.59
CA PRO B 87 20.12 -1.64 -15.84
C PRO B 87 19.92 -2.54 -17.05
N ARG B 88 19.50 -3.79 -16.85
CA ARG B 88 19.07 -4.62 -17.96
C ARG B 88 18.00 -3.94 -18.80
N HIS B 89 17.04 -3.26 -18.15
CA HIS B 89 15.81 -2.84 -18.80
C HIS B 89 15.65 -1.33 -18.92
N ILE B 90 16.62 -0.54 -18.48
CA ILE B 90 16.46 0.90 -18.44
C ILE B 90 16.25 1.46 -19.85
N LYS B 91 15.17 2.21 -20.02
CA LYS B 91 14.90 2.86 -21.30
C LYS B 91 15.01 4.37 -21.26
N ASP B 92 14.88 5.01 -20.10
CA ASP B 92 14.76 6.47 -20.02
C ASP B 92 15.69 6.97 -18.92
N MET B 93 16.85 7.47 -19.34
CA MET B 93 17.81 8.03 -18.40
C MET B 93 17.35 9.34 -17.79
N GLU B 94 16.45 10.07 -18.46
CA GLU B 94 15.87 11.27 -17.85
C GLU B 94 15.11 10.91 -16.58
N ALA B 95 14.27 9.89 -16.64
CA ALA B 95 13.57 9.45 -15.44
C ALA B 95 14.54 8.89 -14.42
N PHE B 96 15.60 8.21 -14.87
CA PHE B 96 16.65 7.75 -13.97
C PHE B 96 17.26 8.92 -13.20
N LYS B 97 17.69 9.95 -13.93
CA LYS B 97 18.27 11.12 -13.28
C LYS B 97 17.30 11.72 -12.26
N ALA B 98 16.01 11.77 -12.59
CA ALA B 98 15.00 12.23 -11.64
C ALA B 98 15.04 11.41 -10.36
N VAL B 99 15.00 10.08 -10.48
CA VAL B 99 14.98 9.23 -9.29
C VAL B 99 16.22 9.47 -8.44
N CYS B 100 17.37 9.70 -9.07
CA CYS B 100 18.57 10.01 -8.29
C CYS B 100 18.35 11.26 -7.45
N VAL B 101 17.83 12.31 -8.07
CA VAL B 101 17.65 13.59 -7.38
C VAL B 101 16.58 13.46 -6.30
N LEU B 102 15.41 12.93 -6.67
CA LEU B 102 14.30 12.83 -5.73
C LEU B 102 14.66 11.95 -4.55
N ASN B 103 15.27 10.80 -4.80
CA ASN B 103 15.64 9.95 -3.68
C ASN B 103 16.65 10.65 -2.79
N CYS B 104 17.60 11.38 -3.39
CA CYS B 104 18.56 12.11 -2.58
C CYS B 104 17.90 13.19 -1.74
N VAL B 105 16.94 13.93 -2.30
CA VAL B 105 16.44 15.07 -1.56
C VAL B 105 15.40 14.66 -0.54
N THR B 106 14.82 13.46 -0.69
CA THR B 106 13.96 12.97 0.38
C THR B 106 14.77 12.27 1.46
N PHE B 107 15.94 11.73 1.13
CA PHE B 107 16.83 11.19 2.16
C PHE B 107 17.28 12.30 3.12
N VAL B 108 17.70 13.44 2.58
CA VAL B 108 18.07 14.57 3.42
C VAL B 108 16.92 14.92 4.36
N TRP B 109 15.69 14.88 3.84
CA TRP B 109 14.51 15.10 4.68
C TRP B 109 14.41 14.05 5.77
N ASP B 110 14.69 12.80 5.41
CA ASP B 110 14.67 11.71 6.37
C ASP B 110 15.68 11.92 7.49
N ASP B 111 16.87 12.41 7.13
CA ASP B 111 18.01 12.60 8.01
C ASP B 111 17.95 13.92 8.80
N MET B 112 17.08 14.84 8.40
CA MET B 112 16.85 16.12 9.04
C MET B 112 15.91 15.96 10.22
N ASP B 113 16.14 16.77 11.27
CA ASP B 113 15.23 16.82 12.40
C ASP B 113 14.04 17.74 12.05
N PRO B 114 12.85 17.48 12.59
CA PRO B 114 11.62 18.04 12.01
C PRO B 114 11.56 19.56 11.94
N ALA B 115 12.35 20.27 12.74
CA ALA B 115 12.27 21.72 12.74
C ALA B 115 12.87 22.32 11.48
N LEU B 116 13.78 21.59 10.82
CA LEU B 116 14.37 22.00 9.54
C LEU B 116 13.44 21.76 8.36
N HIS B 117 12.42 20.93 8.50
CA HIS B 117 11.42 20.75 7.46
C HIS B 117 10.79 22.10 7.18
N ASP B 118 10.44 22.33 5.92
CA ASP B 118 9.53 23.41 5.54
C ASP B 118 8.91 23.03 4.21
N PHE B 119 7.62 22.69 4.24
CA PHE B 119 6.93 22.26 3.02
C PHE B 119 6.82 23.40 2.02
N GLY B 120 6.34 24.55 2.47
CA GLY B 120 6.22 25.70 1.59
C GLY B 120 7.49 25.99 0.82
N LEU B 121 8.64 25.77 1.45
CA LEU B 121 9.93 26.03 0.81
C LEU B 121 10.45 24.84 0.00
N PHE B 122 10.22 23.61 0.48
CA PHE B 122 10.83 22.44 -0.15
C PHE B 122 9.98 21.88 -1.29
N LEU B 123 8.67 21.78 -1.10
CA LEU B 123 7.80 21.18 -2.11
C LEU B 123 7.92 21.86 -3.48
N PRO B 124 7.96 23.19 -3.60
CA PRO B 124 8.21 23.76 -4.93
C PRO B 124 9.50 23.29 -5.57
N GLN B 125 10.54 22.97 -4.80
CA GLN B 125 11.75 22.44 -5.44
C GLN B 125 11.52 21.04 -5.99
N LEU B 126 10.72 20.22 -5.31
CA LEU B 126 10.41 18.88 -5.79
C LEU B 126 9.65 18.94 -7.11
N ARG B 127 8.70 19.87 -7.22
CA ARG B 127 7.95 20.00 -8.46
C ARG B 127 8.85 20.40 -9.62
N LYS B 128 9.85 21.25 -9.36
CA LYS B 128 10.76 21.67 -10.42
C LYS B 128 11.66 20.51 -10.88
N ILE B 129 12.05 19.64 -9.95
CA ILE B 129 12.79 18.43 -10.34
C ILE B 129 11.93 17.55 -11.23
N CYS B 130 10.68 17.36 -10.84
CA CYS B 130 9.77 16.48 -11.57
C CYS B 130 9.44 17.04 -12.94
N GLU B 131 9.28 18.37 -13.03
CA GLU B 131 8.99 18.96 -14.33
C GLU B 131 10.20 18.86 -15.25
N LYS B 132 11.40 18.91 -14.70
CA LYS B 132 12.59 18.90 -15.56
C LYS B 132 12.81 17.54 -16.20
N TYR B 133 12.33 16.47 -15.58
CA TYR B 133 12.75 15.14 -15.99
C TYR B 133 11.64 14.26 -16.54
N TYR B 134 10.38 14.58 -16.25
CA TYR B 134 9.26 13.76 -16.68
C TYR B 134 8.36 14.53 -17.63
N GLY B 135 7.56 13.78 -18.38
CA GLY B 135 6.47 14.36 -19.10
C GLY B 135 5.38 14.83 -18.15
N PRO B 136 4.32 15.41 -18.69
CA PRO B 136 3.29 16.00 -17.82
C PRO B 136 2.61 15.02 -16.87
N GLU B 137 2.16 13.87 -17.35
CA GLU B 137 1.42 13.00 -16.47
C GLU B 137 2.35 12.27 -15.48
N ASP B 138 3.55 11.89 -15.92
CA ASP B 138 4.52 11.27 -15.00
C ASP B 138 4.96 12.26 -13.93
N ALA B 139 5.12 13.52 -14.30
CA ALA B 139 5.52 14.54 -13.33
C ALA B 139 4.53 14.60 -12.17
N GLU B 140 3.25 14.54 -12.47
CA GLU B 140 2.22 14.58 -11.44
C GLU B 140 2.27 13.36 -10.53
N VAL B 141 2.52 12.18 -11.12
CA VAL B 141 2.57 10.95 -10.34
C VAL B 141 3.78 10.98 -9.41
N ALA B 142 4.95 11.27 -9.98
CA ALA B 142 6.14 11.40 -9.17
C ALA B 142 5.95 12.42 -8.05
N TYR B 143 5.31 13.55 -8.35
CA TYR B 143 5.20 14.61 -7.35
C TYR B 143 4.30 14.20 -6.19
N GLU B 144 3.13 13.64 -6.49
CA GLU B 144 2.24 13.22 -5.41
C GLU B 144 2.93 12.21 -4.52
N ALA B 145 3.69 11.29 -5.13
CA ALA B 145 4.42 10.31 -4.35
C ALA B 145 5.52 10.95 -3.52
N ALA B 146 6.23 11.92 -4.07
CA ALA B 146 7.22 12.64 -3.29
C ALA B 146 6.56 13.40 -2.13
N ARG B 147 5.49 14.13 -2.44
CA ARG B 147 4.76 14.87 -1.43
C ARG B 147 4.28 13.95 -0.32
N ALA B 148 3.63 12.84 -0.68
CA ALA B 148 3.12 11.93 0.33
C ALA B 148 4.24 11.39 1.22
N PHE B 149 5.39 11.05 0.63
CA PHE B 149 6.49 10.50 1.41
C PHE B 149 7.01 11.50 2.44
N VAL B 150 7.36 12.72 2.02
CA VAL B 150 7.95 13.65 2.99
C VAL B 150 6.89 14.13 3.97
N THR B 151 5.63 14.20 3.54
CA THR B 151 4.54 14.49 4.46
C THR B 151 4.33 13.35 5.45
N SER B 152 4.47 12.10 4.99
CA SER B 152 4.33 10.99 5.93
C SER B 152 5.46 10.99 6.96
N ASP B 153 6.69 11.15 6.48
CA ASP B 153 7.80 11.12 7.41
C ASP B 153 7.65 12.21 8.46
N HIS B 154 7.06 13.34 8.07
CA HIS B 154 6.89 14.47 8.97
C HIS B 154 5.75 14.24 9.93
N MET B 155 4.64 13.68 9.45
CA MET B 155 3.46 13.65 10.30
C MET B 155 3.56 12.53 11.33
N PHE B 156 4.46 11.57 11.12
CA PHE B 156 4.59 10.47 12.07
C PHE B 156 5.76 10.61 13.05
N ARG B 157 6.50 11.74 13.04
CA ARG B 157 7.55 11.88 14.05
C ARG B 157 6.97 11.93 15.46
N ASP B 158 5.96 12.76 15.66
CA ASP B 158 5.35 12.90 16.98
C ASP B 158 3.90 12.41 16.96
N SER B 159 3.70 11.16 16.50
CA SER B 159 2.42 10.48 16.44
C SER B 159 2.43 9.23 17.32
N PRO B 160 1.36 9.03 18.10
CA PRO B 160 1.15 7.73 18.71
C PRO B 160 0.97 6.63 17.69
N ILE B 161 0.52 6.97 16.47
CA ILE B 161 0.23 5.96 15.45
C ILE B 161 1.47 5.17 15.09
N LYS B 162 2.59 5.87 14.87
CA LYS B 162 3.82 5.15 14.55
C LYS B 162 4.18 4.15 15.66
N ALA B 163 4.01 4.54 16.92
CA ALA B 163 4.34 3.65 18.03
C ALA B 163 3.45 2.42 18.04
N ALA B 164 2.16 2.58 17.74
CA ALA B 164 1.27 1.43 17.68
C ALA B 164 1.68 0.45 16.58
N LEU B 165 1.90 0.95 15.35
CA LEU B 165 2.17 0.07 14.22
C LEU B 165 3.54 -0.62 14.34
N CYS B 166 4.51 0.05 14.95
CA CYS B 166 5.86 -0.50 14.99
C CYS B 166 6.09 -1.47 16.16
N THR B 167 5.34 -1.34 17.26
CA THR B 167 5.53 -2.20 18.41
C THR B 167 4.53 -3.35 18.49
N THR B 168 3.45 -3.32 17.70
CA THR B 168 2.38 -4.29 17.88
C THR B 168 2.75 -5.67 17.33
N SER B 169 3.21 -5.75 16.08
CA SER B 169 3.46 -7.02 15.42
C SER B 169 4.21 -6.75 14.11
N PRO B 170 4.89 -7.75 13.57
CA PRO B 170 5.53 -7.58 12.26
C PRO B 170 4.56 -7.11 11.18
N GLU B 171 3.34 -7.61 11.17
CA GLU B 171 2.39 -7.25 10.13
C GLU B 171 2.04 -5.78 10.17
N GLN B 172 1.70 -5.26 11.36
CA GLN B 172 1.42 -3.84 11.48
C GLN B 172 2.65 -3.02 11.09
N TYR B 173 3.84 -3.50 11.47
CA TYR B 173 5.06 -2.73 11.18
C TYR B 173 5.32 -2.65 9.67
N PHE B 174 5.32 -3.79 8.98
CA PHE B 174 5.54 -3.75 7.54
C PHE B 174 4.43 -2.98 6.83
N ARG B 175 3.21 -3.00 7.36
CA ARG B 175 2.14 -2.20 6.77
C ARG B 175 2.49 -0.72 6.81
N PHE B 176 3.05 -0.25 7.93
CA PHE B 176 3.53 1.13 8.03
C PHE B 176 4.67 1.39 7.05
N ARG B 177 5.55 0.40 6.85
CA ARG B 177 6.77 0.62 6.07
C ARG B 177 6.54 0.74 4.56
N VAL B 178 5.44 0.19 4.02
CA VAL B 178 5.12 0.36 2.59
C VAL B 178 5.30 1.81 2.17
N THR B 179 4.75 2.72 2.97
CA THR B 179 4.94 4.14 2.69
C THR B 179 6.22 4.66 3.31
N ASP B 180 6.44 4.33 4.59
CA ASP B 180 7.44 5.06 5.37
C ASP B 180 8.85 4.83 4.86
N ILE B 181 9.21 3.58 4.53
CA ILE B 181 10.57 3.37 4.03
C ILE B 181 10.78 4.05 2.67
N GLY B 182 9.70 4.35 1.95
CA GLY B 182 9.78 5.07 0.71
C GLY B 182 9.61 4.21 -0.55
N VAL B 183 9.29 2.93 -0.43
CA VAL B 183 9.30 2.10 -1.63
C VAL B 183 8.08 2.38 -2.53
N ASP B 184 6.92 2.75 -1.96
CA ASP B 184 5.82 3.15 -2.84
C ASP B 184 6.22 4.36 -3.66
N PHE B 185 6.82 5.35 -3.02
CA PHE B 185 7.41 6.50 -3.71
C PHE B 185 8.41 6.07 -4.78
N TRP B 186 9.26 5.09 -4.46
CA TRP B 186 10.26 4.61 -5.41
C TRP B 186 9.60 4.07 -6.67
N MET B 187 8.63 3.18 -6.51
CA MET B 187 7.96 2.58 -7.66
C MET B 187 7.30 3.64 -8.54
N LYS B 188 6.61 4.61 -7.93
CA LYS B 188 5.80 5.57 -8.69
C LYS B 188 6.65 6.61 -9.40
N MET B 189 7.92 6.79 -9.00
CA MET B 189 8.83 7.62 -9.77
C MET B 189 9.78 6.81 -10.66
N SER B 190 9.85 5.49 -10.47
CA SER B 190 10.74 4.67 -11.28
C SER B 190 10.09 4.08 -12.52
N TYR B 191 8.76 3.94 -12.55
CA TYR B 191 8.12 3.29 -13.69
C TYR B 191 8.44 3.98 -15.02
N PRO B 192 8.59 5.31 -15.13
CA PRO B 192 8.93 5.89 -16.44
C PRO B 192 10.33 5.53 -16.92
N ILE B 193 11.19 5.04 -16.04
CA ILE B 193 12.51 4.58 -16.47
C ILE B 193 12.36 3.41 -17.43
N TYR B 194 11.34 2.59 -17.23
CA TYR B 194 11.22 1.32 -17.93
C TYR B 194 10.18 1.30 -19.04
N ARG B 195 9.23 2.25 -19.03
CA ARG B 195 8.14 2.29 -20.02
C ARG B 195 7.57 0.90 -20.26
N HIS B 196 7.29 0.19 -19.18
CA HIS B 196 6.80 -1.18 -19.27
C HIS B 196 5.39 -1.23 -18.70
N PRO B 197 4.40 -1.56 -19.52
CA PRO B 197 2.99 -1.49 -19.06
C PRO B 197 2.69 -2.26 -17.78
N GLU B 198 2.99 -3.56 -17.72
CA GLU B 198 2.69 -4.33 -16.51
C GLU B 198 3.33 -3.66 -15.28
N PHE B 199 4.60 -3.27 -15.40
CA PHE B 199 5.29 -2.68 -14.24
C PHE B 199 4.68 -1.34 -13.87
N THR B 200 4.23 -0.57 -14.87
CA THR B 200 3.62 0.72 -14.59
C THR B 200 2.35 0.55 -13.76
N GLU B 201 1.56 -0.47 -14.09
CA GLU B 201 0.32 -0.66 -13.35
C GLU B 201 0.59 -1.16 -11.93
N HIS B 202 1.54 -2.10 -11.77
CA HIS B 202 1.88 -2.57 -10.44
C HIS B 202 2.43 -1.44 -9.58
N ALA B 203 3.16 -0.50 -10.18
CA ALA B 203 3.58 0.71 -9.47
C ALA B 203 2.38 1.55 -9.03
N LYS B 204 1.41 1.76 -9.93
CA LYS B 204 0.29 2.64 -9.66
C LYS B 204 -0.73 2.02 -8.69
N THR B 205 -0.78 0.70 -8.60
CA THR B 205 -1.64 0.10 -7.59
C THR B 205 -0.95 -0.02 -6.23
N SER B 206 0.37 0.21 -6.19
CA SER B 206 1.23 -0.09 -5.05
C SER B 206 1.43 -1.59 -4.83
N LEU B 207 0.94 -2.45 -5.71
CA LEU B 207 1.28 -3.87 -5.59
C LEU B 207 2.79 -4.07 -5.63
N ALA B 208 3.48 -3.32 -6.50
CA ALA B 208 4.92 -3.41 -6.58
C ALA B 208 5.58 -3.05 -5.24
N ALA B 209 5.18 -1.93 -4.65
CA ALA B 209 5.73 -1.55 -3.34
C ALA B 209 5.45 -2.63 -2.32
N ARG B 210 4.23 -3.17 -2.30
CA ARG B 210 3.85 -4.15 -1.29
C ARG B 210 4.66 -5.43 -1.42
N MET B 211 5.00 -5.84 -2.65
CA MET B 211 5.76 -7.07 -2.87
C MET B 211 7.21 -6.96 -2.37
N THR B 212 7.81 -5.77 -2.46
CA THR B 212 9.21 -5.54 -2.17
C THR B 212 9.47 -4.91 -0.80
N THR B 213 8.41 -4.56 -0.05
CA THR B 213 8.59 -3.86 1.22
C THR B 213 9.47 -4.66 2.18
N ARG B 214 9.11 -5.93 2.42
CA ARG B 214 9.79 -6.70 3.45
C ARG B 214 11.25 -6.95 3.09
N GLY B 215 11.53 -7.27 1.82
CA GLY B 215 12.91 -7.50 1.40
C GLY B 215 13.79 -6.29 1.62
N LEU B 216 13.29 -5.09 1.29
CA LEU B 216 14.04 -3.86 1.52
C LEU B 216 14.12 -3.53 3.00
N THR B 217 13.01 -3.70 3.72
CA THR B 217 12.94 -3.18 5.09
C THR B 217 13.71 -4.08 6.04
N ILE B 218 13.65 -5.40 5.85
CA ILE B 218 14.33 -6.31 6.75
C ILE B 218 15.84 -6.10 6.64
N VAL B 219 16.34 -5.96 5.42
CA VAL B 219 17.75 -5.70 5.21
C VAL B 219 18.15 -4.35 5.81
N ASN B 220 17.36 -3.31 5.53
CA ASN B 220 17.74 -2.00 6.01
C ASN B 220 17.65 -1.92 7.54
N ASP B 221 16.66 -2.59 8.13
CA ASP B 221 16.50 -2.52 9.58
C ASP B 221 17.72 -3.13 10.28
N PHE B 222 18.24 -4.25 9.76
CA PHE B 222 19.41 -4.86 10.40
C PHE B 222 20.60 -3.91 10.41
N TYR B 223 20.98 -3.41 9.25
CA TYR B 223 22.19 -2.62 9.15
C TYR B 223 22.02 -1.18 9.63
N SER B 224 20.81 -0.70 9.88
CA SER B 224 20.64 0.64 10.45
C SER B 224 20.12 0.62 11.88
N TYR B 225 19.97 -0.56 12.47
CA TYR B 225 19.44 -0.70 13.82
C TYR B 225 20.23 0.11 14.83
N ASP B 226 21.55 0.10 14.72
CA ASP B 226 22.39 0.76 15.73
C ASP B 226 22.25 2.28 15.66
N ARG B 227 22.29 2.85 14.45
CA ARG B 227 22.11 4.29 14.29
C ARG B 227 20.76 4.73 14.85
N GLU B 228 19.71 3.97 14.53
CA GLU B 228 18.37 4.38 14.89
C GLU B 228 18.11 4.25 16.40
N VAL B 229 18.55 3.16 17.03
CA VAL B 229 18.39 3.08 18.47
C VAL B 229 19.17 4.19 19.16
N SER B 230 20.34 4.55 18.61
CA SER B 230 21.14 5.59 19.24
C SER B 230 20.48 6.96 19.10
N LEU B 231 19.58 7.12 18.12
CA LEU B 231 18.81 8.35 17.96
C LEU B 231 17.35 8.22 18.39
N GLY B 232 16.96 7.13 19.07
CA GLY B 232 15.56 6.95 19.43
C GLY B 232 14.60 6.69 18.29
N GLN B 233 15.09 6.45 17.08
CA GLN B 233 14.20 6.26 15.94
C GLN B 233 13.58 4.88 15.96
N ILE B 234 12.31 4.82 16.37
CA ILE B 234 11.63 3.58 16.74
C ILE B 234 11.26 2.70 15.55
N THR B 235 11.54 3.12 14.31
CA THR B 235 11.02 2.43 13.11
C THR B 235 12.01 1.38 12.62
N ASN B 236 11.89 0.18 13.16
CA ASN B 236 12.84 -0.89 12.92
C ASN B 236 12.29 -2.20 13.48
N CYS B 237 12.12 -3.23 12.65
CA CYS B 237 11.43 -4.43 13.11
C CYS B 237 12.23 -5.18 14.18
N PHE B 238 13.56 -5.06 14.20
CA PHE B 238 14.32 -5.79 15.21
C PHE B 238 14.13 -5.24 16.62
N ARG B 239 13.53 -4.05 16.75
CA ARG B 239 13.02 -3.60 18.05
C ARG B 239 11.84 -4.43 18.55
N LEU B 240 11.35 -5.37 17.77
CA LEU B 240 10.32 -6.29 18.22
C LEU B 240 10.89 -7.47 18.97
N CYS B 241 12.22 -7.54 19.13
CA CYS B 241 12.88 -8.57 19.92
C CYS B 241 14.03 -7.96 20.69
N ASP B 242 14.61 -8.79 21.54
CA ASP B 242 15.75 -8.43 22.39
C ASP B 242 17.00 -8.97 21.71
N VAL B 243 17.71 -8.10 21.01
CA VAL B 243 18.86 -8.56 20.24
C VAL B 243 19.99 -9.00 21.16
N SER B 244 20.00 -8.55 22.42
CA SER B 244 20.93 -9.15 23.37
C SER B 244 20.66 -10.64 23.57
N ASP B 245 19.40 -11.07 23.50
CA ASP B 245 19.07 -12.48 23.65
C ASP B 245 19.35 -13.15 22.31
N GLU B 246 20.42 -13.95 22.28
CA GLU B 246 20.83 -14.62 21.05
C GLU B 246 19.79 -15.64 20.62
N THR B 247 19.09 -16.27 21.58
CA THR B 247 18.01 -17.17 21.25
C THR B 247 16.89 -16.44 20.55
N ALA B 248 16.39 -15.37 21.17
CA ALA B 248 15.32 -14.59 20.57
C ALA B 248 15.72 -14.04 19.21
N PHE B 249 16.90 -13.43 19.12
CA PHE B 249 17.32 -12.84 17.85
C PHE B 249 17.41 -13.90 16.76
N LYS B 250 17.85 -15.11 17.13
CA LYS B 250 17.98 -16.17 16.13
C LYS B 250 16.60 -16.55 15.57
N GLU B 251 15.63 -16.74 16.48
CA GLU B 251 14.24 -16.91 16.12
C GLU B 251 13.77 -15.85 15.14
N PHE B 252 13.80 -14.60 15.60
CA PHE B 252 13.24 -13.48 14.85
C PHE B 252 13.90 -13.33 13.49
N PHE B 253 15.24 -13.32 13.47
CA PHE B 253 15.96 -13.23 12.21
C PHE B 253 15.54 -14.34 11.25
N GLN B 254 15.40 -15.57 11.75
CA GLN B 254 14.93 -16.66 10.91
C GLN B 254 13.56 -16.36 10.29
N ALA B 255 12.61 -15.87 11.09
CA ALA B 255 11.29 -15.60 10.55
C ALA B 255 11.31 -14.46 9.52
N ARG B 256 12.17 -13.47 9.71
CA ARG B 256 12.29 -12.42 8.71
C ARG B 256 12.91 -12.96 7.40
N LEU B 257 13.84 -13.90 7.50
CA LEU B 257 14.35 -14.57 6.31
C LEU B 257 13.24 -15.30 5.57
N ASP B 258 12.42 -16.08 6.28
CA ASP B 258 11.30 -16.77 5.66
C ASP B 258 10.36 -15.79 4.99
N ASP B 259 10.12 -14.62 5.61
CA ASP B 259 9.28 -13.61 4.96
C ASP B 259 9.89 -13.16 3.63
N MET B 260 11.20 -12.85 3.61
CA MET B 260 11.84 -12.44 2.37
C MET B 260 11.73 -13.52 1.31
N ILE B 261 11.96 -14.77 1.68
CA ILE B 261 11.95 -15.85 0.70
C ILE B 261 10.56 -16.03 0.11
N GLU B 262 9.52 -15.95 0.96
CA GLU B 262 8.16 -16.10 0.45
C GLU B 262 7.82 -14.99 -0.55
N ASP B 263 8.20 -13.75 -0.22
CA ASP B 263 7.99 -12.65 -1.15
C ASP B 263 8.72 -12.89 -2.47
N ILE B 264 10.00 -13.24 -2.40
CA ILE B 264 10.80 -13.44 -3.63
C ILE B 264 10.15 -14.50 -4.51
N GLU B 265 9.71 -15.59 -3.90
CA GLU B 265 9.17 -16.68 -4.70
C GLU B 265 7.83 -16.31 -5.31
N CYS B 266 7.06 -15.42 -4.67
CA CYS B 266 5.85 -14.94 -5.33
C CYS B 266 6.16 -13.86 -6.37
N ILE B 267 7.24 -13.11 -6.19
CA ILE B 267 7.69 -12.15 -7.20
C ILE B 267 7.97 -12.87 -8.51
N LYS B 268 8.40 -14.12 -8.44
CA LYS B 268 8.73 -14.86 -9.64
C LYS B 268 7.51 -15.24 -10.46
N ALA B 269 6.32 -15.07 -9.91
CA ALA B 269 5.10 -15.22 -10.69
C ALA B 269 4.80 -14.00 -11.56
N PHE B 270 5.42 -12.85 -11.30
CA PHE B 270 5.19 -11.69 -12.15
C PHE B 270 5.91 -11.87 -13.49
N ASP B 271 5.53 -11.05 -14.48
CA ASP B 271 6.18 -11.15 -15.79
C ASP B 271 7.68 -10.93 -15.63
N GLN B 272 8.46 -11.45 -16.59
CA GLN B 272 9.89 -11.59 -16.41
C GLN B 272 10.58 -10.24 -16.27
N LEU B 273 10.15 -9.23 -17.04
CA LEU B 273 10.76 -7.91 -16.88
C LEU B 273 10.44 -7.32 -15.49
N THR B 274 9.19 -7.41 -15.05
CA THR B 274 8.81 -6.81 -13.78
C THR B 274 9.54 -7.48 -12.62
N GLN B 275 9.60 -8.82 -12.63
CA GLN B 275 10.31 -9.50 -11.55
C GLN B 275 11.80 -9.17 -11.56
N ASP B 276 12.41 -9.02 -12.75
CA ASP B 276 13.80 -8.55 -12.82
C ASP B 276 13.99 -7.28 -12.01
N VAL B 277 13.07 -6.33 -12.19
CA VAL B 277 13.18 -5.05 -11.52
C VAL B 277 12.98 -5.20 -10.02
N PHE B 278 11.97 -5.99 -9.61
CA PHE B 278 11.71 -6.19 -8.19
C PHE B 278 12.93 -6.82 -7.50
N LEU B 279 13.53 -7.83 -8.14
CA LEU B 279 14.66 -8.53 -7.52
C LEU B 279 15.93 -7.68 -7.55
N ASP B 280 16.17 -6.94 -8.63
CA ASP B 280 17.29 -6.01 -8.63
C ASP B 280 17.15 -4.94 -7.55
N LEU B 281 15.92 -4.53 -7.24
CA LEU B 281 15.71 -3.59 -6.15
C LEU B 281 16.08 -4.22 -4.80
N ILE B 282 15.57 -5.41 -4.51
CA ILE B 282 15.84 -6.01 -3.21
C ILE B 282 17.32 -6.36 -3.07
N TYR B 283 17.87 -7.05 -4.08
CA TYR B 283 19.26 -7.49 -4.03
C TYR B 283 20.23 -6.32 -4.14
N GLY B 284 19.96 -5.38 -5.04
CA GLY B 284 20.81 -4.20 -5.16
C GLY B 284 20.89 -3.40 -3.86
N ASN B 285 19.74 -3.18 -3.22
CA ASN B 285 19.75 -2.45 -1.96
C ASN B 285 20.66 -3.15 -0.95
N PHE B 286 20.69 -4.49 -0.97
CA PHE B 286 21.59 -5.22 -0.08
C PHE B 286 23.06 -5.01 -0.44
N VAL B 287 23.38 -4.93 -1.72
CA VAL B 287 24.77 -4.70 -2.09
C VAL B 287 25.20 -3.30 -1.71
N TRP B 288 24.31 -2.32 -1.88
CA TRP B 288 24.62 -0.95 -1.48
C TRP B 288 24.72 -0.82 0.02
N THR B 289 23.72 -1.38 0.73
CA THR B 289 23.62 -1.17 2.18
C THR B 289 24.87 -1.63 2.91
N THR B 290 25.48 -2.73 2.48
CA THR B 290 26.54 -3.33 3.27
C THR B 290 27.95 -2.86 2.89
N SER B 291 28.09 -2.07 1.83
CA SER B 291 29.37 -1.47 1.46
C SER B 291 29.42 0.03 1.74
N ASN B 292 28.29 0.69 1.92
CA ASN B 292 28.28 2.15 1.94
C ASN B 292 28.57 2.69 3.33
N LYS B 293 29.28 3.84 3.34
CA LYS B 293 29.64 4.51 4.59
C LYS B 293 28.44 4.71 5.51
N ARG B 294 27.29 5.06 4.94
CA ARG B 294 26.10 5.34 5.74
C ARG B 294 25.80 4.23 6.74
N TYR B 295 25.98 2.98 6.32
CA TYR B 295 25.80 1.83 7.20
C TYR B 295 27.13 1.22 7.65
N LYS B 296 28.12 2.05 7.97
CA LYS B 296 29.28 1.51 8.66
C LYS B 296 29.19 1.82 10.15
N THR B 297 28.80 3.05 10.50
CA THR B 297 28.79 3.46 11.89
C THR B 297 27.52 4.25 12.21
N ALA B 298 27.09 4.10 13.46
CA ALA B 298 25.83 4.68 13.91
C ALA B 298 25.77 6.19 13.66
N VAL B 299 26.80 6.93 14.09
CA VAL B 299 26.88 8.37 13.86
C VAL B 299 28.10 8.66 13.01
N ASN B 300 27.93 9.44 11.95
CA ASN B 300 29.08 9.91 11.17
C ASN B 300 28.63 11.09 10.30
N ASP B 301 29.61 11.83 9.76
CA ASP B 301 29.34 13.05 9.01
C ASP B 301 28.51 12.86 7.75
N VAL B 302 28.09 11.63 7.43
CA VAL B 302 27.14 11.39 6.35
C VAL B 302 25.78 10.95 6.86
N ASN B 303 25.67 10.47 8.11
CA ASN B 303 24.38 10.08 8.67
C ASN B 303 24.06 10.70 10.02
N SER B 304 24.86 11.63 10.53
CA SER B 304 24.45 12.35 11.71
C SER B 304 23.12 13.02 11.44
N ARG B 305 22.40 13.36 12.50
CA ARG B 305 21.17 14.09 12.29
C ARG B 305 21.48 15.49 11.82
N ILE B 306 20.56 16.04 11.01
CA ILE B 306 20.63 17.41 10.56
C ILE B 306 19.81 18.24 11.53
N GLN B 307 20.48 18.93 12.45
CA GLN B 307 19.86 19.44 13.67
C GLN B 307 19.39 20.89 13.47
N ALA B 308 18.38 21.27 14.24
CA ALA B 308 18.01 22.67 14.35
C ALA B 308 18.86 23.28 15.46
C2 AHD C . -16.19 -5.96 -4.04
C3 AHD C . -16.42 -4.80 -5.02
C7 AHD C . -16.79 -7.24 -4.66
C8 AHD C . -16.53 -8.44 -3.74
O12 AHD C . -19.17 -9.03 -3.63
P9 AHD C . -17.85 -9.73 -3.80
O10 AHD C . -17.60 -10.74 -2.73
O11 AHD C . -17.81 -10.48 -5.11
P14 AHD C . -15.00 -9.28 -4.29
O15 AHD C . -15.04 -9.45 -5.79
O16 AHD C . -14.97 -10.61 -3.57
O17 AHD C . -13.91 -8.34 -3.88
O13 AHD C . -16.31 -8.01 -2.43
N4 AHD C . -15.71 -3.59 -4.63
MG MG D . -16.33 -11.60 -6.47
MG MG E . -15.60 -11.66 -2.11
MG MG F . -13.69 -8.70 -6.70
C2 AHD G . 15.16 5.45 3.58
C3 AHD G . 14.84 6.76 2.85
C7 AHD G . 16.01 5.76 4.81
C8 AHD G . 16.15 4.54 5.70
O12 AHD G . 18.82 4.82 5.88
P9 AHD G . 17.66 4.65 6.79
O10 AHD G . 17.67 3.38 7.60
O11 AHD G . 17.52 5.88 7.64
P14 AHD G . 14.69 4.47 6.83
O15 AHD G . 14.53 5.80 7.46
O16 AHD G . 14.86 3.42 7.89
O17 AHD G . 13.50 4.10 5.98
O13 AHD G . 16.16 3.33 4.98
N4 AHD G . 14.30 6.47 1.54
MG MG H . 15.80 6.99 7.93
MG MG I . 12.36 6.51 5.69
MG MG J . 15.86 1.52 9.26
N SER A 16 -16.01 -26.24 -1.13
CA SER A 16 -17.41 -26.57 -1.40
C SER A 16 -18.33 -25.44 -0.92
N SER A 17 -19.13 -25.70 0.13
CA SER A 17 -19.97 -24.68 0.76
C SER A 17 -19.56 -24.49 2.21
N VAL A 18 -19.88 -23.31 2.75
CA VAL A 18 -19.69 -23.02 4.17
C VAL A 18 -21.01 -22.91 4.90
N ARG A 19 -22.13 -23.22 4.25
CA ARG A 19 -23.42 -23.22 4.96
C ARG A 19 -23.39 -24.06 6.24
N PRO A 20 -22.71 -25.23 6.32
CA PRO A 20 -22.60 -25.93 7.61
C PRO A 20 -22.09 -25.07 8.75
N TYR A 21 -21.38 -23.98 8.48
CA TYR A 21 -20.84 -23.11 9.53
C TYR A 21 -21.52 -21.75 9.64
N LEU A 22 -22.50 -21.44 8.79
CA LEU A 22 -23.01 -20.08 8.71
C LEU A 22 -23.49 -19.58 10.06
N GLU A 23 -24.35 -20.36 10.73
CA GLU A 23 -24.96 -19.93 11.99
C GLU A 23 -23.90 -19.44 12.97
N GLU A 24 -22.95 -20.30 13.33
CA GLU A 24 -22.07 -19.95 14.43
C GLU A 24 -21.09 -18.85 14.02
N CYS A 25 -20.58 -18.91 12.80
CA CYS A 25 -19.59 -17.93 12.40
C CYS A 25 -20.17 -16.51 12.42
N THR A 26 -21.46 -16.38 12.02
CA THR A 26 -22.11 -15.07 12.09
C THR A 26 -22.23 -14.59 13.53
N ARG A 27 -22.72 -15.47 14.41
CA ARG A 27 -22.79 -15.15 15.83
C ARG A 27 -21.41 -14.75 16.33
N ARG A 28 -20.36 -15.38 15.79
CA ARG A 28 -19.00 -15.14 16.25
C ARG A 28 -18.48 -13.79 15.79
N PHE A 29 -18.64 -13.48 14.50
CA PHE A 29 -18.33 -12.14 13.99
C PHE A 29 -19.01 -11.06 14.82
N GLN A 30 -20.35 -11.16 14.94
CA GLN A 30 -21.12 -10.17 15.68
C GLN A 30 -20.59 -10.03 17.10
N GLU A 31 -20.34 -11.16 17.77
CA GLU A 31 -19.80 -11.13 19.11
C GLU A 31 -18.49 -10.32 19.16
N MET A 32 -17.66 -10.47 18.13
CA MET A 32 -16.39 -9.75 18.09
C MET A 32 -16.62 -8.24 17.91
N PHE A 33 -17.55 -7.86 17.02
CA PHE A 33 -17.86 -6.45 16.83
C PHE A 33 -18.49 -5.84 18.08
N ASP A 34 -19.48 -6.52 18.66
CA ASP A 34 -20.07 -6.04 19.91
C ASP A 34 -18.99 -5.73 20.96
N ARG A 35 -17.95 -6.55 21.00
CA ARG A 35 -16.97 -6.45 22.07
C ARG A 35 -15.87 -5.44 21.76
N HIS A 36 -15.36 -5.43 20.53
CA HIS A 36 -14.18 -4.65 20.18
C HIS A 36 -14.47 -3.33 19.49
N VAL A 37 -15.64 -3.18 18.85
CA VAL A 37 -15.99 -1.97 18.11
C VAL A 37 -17.13 -1.21 18.81
N VAL A 38 -18.19 -1.93 19.18
CA VAL A 38 -19.28 -1.48 20.06
C VAL A 38 -20.22 -0.56 19.31
N THR A 39 -19.76 0.65 18.96
CA THR A 39 -20.55 1.57 18.13
C THR A 39 -21.04 0.92 16.85
N ARG A 40 -22.34 0.64 16.77
CA ARG A 40 -22.86 -0.11 15.65
C ARG A 40 -23.12 0.81 14.46
N PRO A 41 -23.09 0.28 13.24
CA PRO A 41 -23.33 1.11 12.05
C PRO A 41 -24.76 1.60 11.94
N THR A 42 -24.98 2.44 10.93
CA THR A 42 -26.22 3.15 10.68
C THR A 42 -26.47 3.17 9.17
N LYS A 43 -27.73 2.93 8.75
CA LYS A 43 -28.08 2.92 7.33
C LYS A 43 -28.53 4.29 6.87
N VAL A 44 -28.03 4.70 5.72
CA VAL A 44 -28.28 6.03 5.19
C VAL A 44 -29.53 5.99 4.32
N GLU A 45 -30.39 6.99 4.48
CA GLU A 45 -31.58 7.12 3.67
C GLU A 45 -31.30 8.09 2.53
N LEU A 46 -31.25 7.56 1.32
CA LEU A 46 -31.36 8.37 0.12
C LEU A 46 -32.84 8.60 -0.16
N THR A 47 -33.20 9.86 -0.43
CA THR A 47 -34.57 10.17 -0.82
C THR A 47 -34.89 9.51 -2.16
N ASP A 48 -36.18 9.40 -2.46
CA ASP A 48 -36.62 8.84 -3.74
C ASP A 48 -35.89 9.49 -4.91
N ALA A 49 -35.66 10.82 -4.84
CA ALA A 49 -34.99 11.55 -5.92
C ALA A 49 -33.54 11.11 -6.08
N GLU A 50 -32.80 11.05 -4.98
CA GLU A 50 -31.38 10.69 -5.02
C GLU A 50 -31.18 9.27 -5.50
N LEU A 51 -32.00 8.34 -4.99
CA LEU A 51 -31.91 6.95 -5.43
C LEU A 51 -32.00 6.84 -6.94
N ARG A 52 -32.94 7.56 -7.57
CA ARG A 52 -33.11 7.50 -9.02
C ARG A 52 -31.96 8.21 -9.73
N GLU A 53 -31.51 9.36 -9.20
CA GLU A 53 -30.35 10.05 -9.77
C GLU A 53 -29.14 9.10 -9.83
N VAL A 54 -28.85 8.40 -8.73
CA VAL A 54 -27.74 7.45 -8.70
C VAL A 54 -27.97 6.33 -9.71
N ILE A 55 -29.20 5.83 -9.78
CA ILE A 55 -29.55 4.75 -10.71
C ILE A 55 -29.36 5.19 -12.15
N ASP A 56 -29.67 6.45 -12.46
CA ASP A 56 -29.48 6.96 -13.81
C ASP A 56 -28.00 7.05 -14.17
N ASP A 57 -27.22 7.67 -13.29
CA ASP A 57 -25.77 7.74 -13.49
C ASP A 57 -25.17 6.34 -13.66
N CYS A 58 -25.53 5.42 -12.77
CA CYS A 58 -25.08 4.04 -12.93
C CYS A 58 -25.54 3.44 -14.26
N ASN A 59 -26.77 3.75 -14.68
CA ASN A 59 -27.26 3.19 -15.93
C ASN A 59 -26.51 3.76 -17.12
N ALA A 60 -26.22 5.06 -17.11
CA ALA A 60 -25.50 5.66 -18.22
C ALA A 60 -24.06 5.14 -18.31
N ALA A 61 -23.40 4.90 -17.15
CA ALA A 61 -22.01 4.47 -17.18
C ALA A 61 -21.87 3.03 -17.69
N VAL A 62 -22.88 2.18 -17.45
CA VAL A 62 -22.80 0.79 -17.88
C VAL A 62 -23.43 0.60 -19.25
N ALA A 63 -24.30 1.53 -19.66
CA ALA A 63 -25.02 1.42 -20.93
C ALA A 63 -24.12 1.07 -22.11
N PRO A 64 -23.00 1.75 -22.36
CA PRO A 64 -22.17 1.38 -23.52
C PRO A 64 -21.62 -0.04 -23.46
N LEU A 65 -21.73 -0.74 -22.33
CA LEU A 65 -21.37 -2.15 -22.25
C LEU A 65 -22.55 -3.08 -22.50
N GLY A 66 -23.74 -2.55 -22.74
CA GLY A 66 -24.85 -3.32 -23.25
C GLY A 66 -25.57 -4.19 -22.25
N LYS A 67 -25.43 -3.92 -20.96
CA LYS A 67 -26.21 -4.59 -19.94
C LYS A 67 -27.01 -3.53 -19.18
N THR A 68 -28.26 -3.82 -18.92
CA THR A 68 -29.11 -2.92 -18.15
C THR A 68 -29.26 -3.51 -16.77
N VAL A 69 -29.14 -2.65 -15.78
CA VAL A 69 -29.09 -3.11 -14.40
C VAL A 69 -30.43 -2.77 -13.77
N SER A 70 -31.01 -3.74 -13.06
CA SER A 70 -32.32 -3.56 -12.45
C SER A 70 -32.27 -2.44 -11.41
N ASP A 71 -33.44 -1.86 -11.13
CA ASP A 71 -33.54 -0.92 -10.01
C ASP A 71 -33.30 -1.62 -8.67
N GLU A 72 -33.65 -2.92 -8.58
CA GLU A 72 -33.29 -3.71 -7.41
C GLU A 72 -31.79 -3.64 -7.19
N ARG A 73 -31.03 -4.09 -8.20
CA ARG A 73 -29.60 -4.34 -8.06
C ARG A 73 -28.85 -3.06 -7.73
N TRP A 74 -29.24 -1.92 -8.32
CA TRP A 74 -28.57 -0.68 -7.96
C TRP A 74 -28.76 -0.41 -6.46
N ILE A 75 -30.00 -0.47 -6.00
CA ILE A 75 -30.28 -0.33 -4.56
C ILE A 75 -29.49 -1.35 -3.76
N SER A 76 -29.41 -2.59 -4.24
CA SER A 76 -28.62 -3.61 -3.57
C SER A 76 -27.18 -3.13 -3.38
N TYR A 77 -26.51 -2.74 -4.46
CA TYR A 77 -25.11 -2.37 -4.40
C TYR A 77 -24.91 -1.17 -3.47
N VAL A 78 -25.79 -0.17 -3.60
CA VAL A 78 -25.62 1.10 -2.92
C VAL A 78 -25.69 0.95 -1.41
N GLY A 79 -26.27 -0.15 -0.93
CA GLY A 79 -26.38 -0.35 0.50
C GLY A 79 -25.04 -0.34 1.21
N VAL A 80 -24.00 -0.90 0.59
CA VAL A 80 -22.71 -0.92 1.27
C VAL A 80 -22.18 0.49 1.47
N VAL A 81 -22.53 1.43 0.59
CA VAL A 81 -22.22 2.83 0.85
C VAL A 81 -23.19 3.40 1.87
N LEU A 82 -24.47 3.09 1.75
CA LEU A 82 -25.45 3.55 2.73
C LEU A 82 -25.07 3.10 4.15
N TRP A 83 -24.48 1.93 4.30
CA TRP A 83 -24.24 1.29 5.58
C TRP A 83 -22.82 1.42 6.12
N SER A 84 -21.85 1.79 5.28
CA SER A 84 -20.46 1.65 5.71
C SER A 84 -19.67 2.95 5.62
N GLN A 85 -20.33 4.08 5.42
CA GLN A 85 -19.67 5.35 5.62
C GLN A 85 -19.86 5.71 7.09
N SER A 86 -19.53 6.94 7.47
CA SER A 86 -19.64 7.39 8.85
C SER A 86 -20.53 8.62 8.84
N PRO A 87 -21.86 8.44 8.94
CA PRO A 87 -22.78 9.55 8.69
C PRO A 87 -22.45 10.83 9.43
N ARG A 88 -22.22 10.79 10.74
CA ARG A 88 -22.10 12.03 11.51
C ARG A 88 -20.87 12.85 11.16
N HIS A 89 -20.01 12.35 10.28
CA HIS A 89 -18.88 13.16 9.83
C HIS A 89 -19.06 13.67 8.42
N ILE A 90 -20.12 13.26 7.70
CA ILE A 90 -20.26 13.60 6.28
C ILE A 90 -20.42 15.11 6.14
N LYS A 91 -19.63 15.70 5.23
CA LYS A 91 -19.76 17.10 4.89
C LYS A 91 -20.07 17.34 3.42
N ASP A 92 -20.14 16.29 2.59
CA ASP A 92 -20.30 16.46 1.14
C ASP A 92 -21.14 15.29 0.60
N MET A 93 -22.40 15.56 0.24
CA MET A 93 -23.29 14.52 -0.26
C MET A 93 -23.13 14.27 -1.75
N GLU A 94 -22.59 15.22 -2.52
CA GLU A 94 -22.20 14.93 -3.90
C GLU A 94 -21.07 13.90 -3.93
N ALA A 95 -20.15 13.99 -2.96
CA ALA A 95 -19.12 12.95 -2.87
C ALA A 95 -19.73 11.63 -2.48
N PHE A 96 -20.77 11.67 -1.64
CA PHE A 96 -21.43 10.43 -1.22
C PHE A 96 -22.09 9.73 -2.40
N LYS A 97 -22.79 10.51 -3.24
CA LYS A 97 -23.40 9.93 -4.42
C LYS A 97 -22.34 9.52 -5.44
N ALA A 98 -21.21 10.20 -5.47
CA ALA A 98 -20.08 9.72 -6.27
C ALA A 98 -19.71 8.30 -5.89
N VAL A 99 -19.50 8.06 -4.59
CA VAL A 99 -19.10 6.74 -4.11
C VAL A 99 -20.20 5.72 -4.35
N CYS A 100 -21.46 6.09 -4.07
CA CYS A 100 -22.59 5.24 -4.44
C CYS A 100 -22.51 4.79 -5.89
N VAL A 101 -22.25 5.72 -6.79
CA VAL A 101 -22.26 5.43 -8.21
C VAL A 101 -21.01 4.65 -8.61
N LEU A 102 -19.84 5.10 -8.15
CA LEU A 102 -18.59 4.45 -8.52
C LEU A 102 -18.54 3.02 -7.98
N ASN A 103 -19.10 2.77 -6.81
CA ASN A 103 -19.02 1.43 -6.26
C ASN A 103 -20.04 0.50 -6.93
N CYS A 104 -21.18 1.05 -7.35
CA CYS A 104 -22.11 0.25 -8.13
C CYS A 104 -21.55 -0.11 -9.51
N VAL A 105 -20.98 0.87 -10.23
CA VAL A 105 -20.57 0.61 -11.60
C VAL A 105 -19.39 -0.35 -11.63
N THR A 106 -18.46 -0.23 -10.66
CA THR A 106 -17.33 -1.14 -10.66
C THR A 106 -17.73 -2.51 -10.11
N PHE A 107 -18.77 -2.57 -9.27
CA PHE A 107 -19.42 -3.84 -8.96
C PHE A 107 -19.82 -4.57 -10.25
N VAL A 108 -20.48 -3.87 -11.19
CA VAL A 108 -20.91 -4.50 -12.44
C VAL A 108 -19.69 -5.01 -13.20
N TRP A 109 -18.66 -4.19 -13.28
CA TRP A 109 -17.40 -4.60 -13.89
C TRP A 109 -16.85 -5.86 -13.22
N ASP A 110 -16.95 -5.94 -11.89
CA ASP A 110 -16.48 -7.11 -11.16
C ASP A 110 -17.14 -8.39 -11.66
N ASP A 111 -18.47 -8.36 -11.82
CA ASP A 111 -19.23 -9.57 -12.16
C ASP A 111 -19.16 -9.93 -13.64
N MET A 112 -18.64 -9.07 -14.51
CA MET A 112 -18.73 -9.28 -15.95
C MET A 112 -17.63 -10.20 -16.47
N ASP A 113 -17.94 -10.94 -17.53
CA ASP A 113 -16.93 -11.69 -18.24
C ASP A 113 -15.88 -10.74 -18.80
N PRO A 114 -14.58 -11.10 -18.70
CA PRO A 114 -13.53 -10.14 -19.12
C PRO A 114 -13.66 -9.69 -20.56
N ALA A 115 -13.98 -10.58 -21.50
CA ALA A 115 -14.19 -10.18 -22.88
C ALA A 115 -15.23 -9.05 -23.01
N LEU A 116 -16.14 -8.90 -22.03
CA LEU A 116 -17.03 -7.72 -22.02
C LEU A 116 -16.30 -6.41 -21.68
N HIS A 117 -15.25 -6.46 -20.85
CA HIS A 117 -14.51 -5.26 -20.43
C HIS A 117 -14.00 -4.47 -21.62
N ASP A 118 -14.59 -3.29 -21.85
CA ASP A 118 -14.10 -2.33 -22.85
C ASP A 118 -13.72 -1.02 -22.14
N PHE A 119 -12.42 -0.71 -22.14
CA PHE A 119 -11.91 0.48 -21.49
C PHE A 119 -12.21 1.75 -22.28
N GLY A 120 -12.10 1.69 -23.62
CA GLY A 120 -12.44 2.85 -24.43
C GLY A 120 -13.84 3.37 -24.16
N LEU A 121 -14.78 2.48 -23.86
CA LEU A 121 -16.14 2.89 -23.56
C LEU A 121 -16.42 3.08 -22.07
N PHE A 122 -15.65 2.44 -21.19
CA PHE A 122 -16.01 2.53 -19.78
C PHE A 122 -15.21 3.60 -19.04
N LEU A 123 -13.90 3.67 -19.25
CA LEU A 123 -13.09 4.73 -18.67
C LEU A 123 -13.66 6.13 -18.86
N PRO A 124 -14.15 6.54 -20.03
CA PRO A 124 -14.77 7.87 -20.12
C PRO A 124 -15.96 8.06 -19.19
N GLN A 125 -16.76 7.02 -18.98
CA GLN A 125 -17.88 7.14 -18.04
C GLN A 125 -17.38 7.35 -16.61
N LEU A 126 -16.33 6.63 -16.21
CA LEU A 126 -15.72 6.86 -14.90
C LEU A 126 -15.28 8.31 -14.76
N ARG A 127 -14.57 8.82 -15.78
CA ARG A 127 -14.14 10.21 -15.74
C ARG A 127 -15.32 11.14 -15.59
N LYS A 128 -16.39 10.93 -16.37
CA LYS A 128 -17.55 11.81 -16.33
C LYS A 128 -18.18 11.84 -14.94
N ILE A 129 -18.29 10.68 -14.28
CA ILE A 129 -18.81 10.63 -12.92
C ILE A 129 -17.95 11.48 -11.99
N CYS A 130 -16.62 11.30 -12.03
CA CYS A 130 -15.72 12.07 -11.17
C CYS A 130 -15.79 13.55 -11.48
N GLU A 131 -15.95 13.91 -12.75
CA GLU A 131 -16.13 15.32 -13.10
C GLU A 131 -17.50 15.84 -12.67
N LYS A 132 -18.46 14.96 -12.43
CA LYS A 132 -19.79 15.39 -12.03
C LYS A 132 -19.83 15.80 -10.56
N TYR A 133 -18.99 15.18 -9.73
CA TYR A 133 -19.21 15.16 -8.29
C TYR A 133 -18.05 15.68 -7.46
N TYR A 134 -16.86 15.90 -8.02
CA TYR A 134 -15.70 16.33 -7.28
C TYR A 134 -15.11 17.60 -7.88
N GLY A 135 -14.35 18.33 -7.08
CA GLY A 135 -13.51 19.38 -7.62
C GLY A 135 -12.36 18.80 -8.44
N PRO A 136 -11.74 19.62 -9.31
CA PRO A 136 -10.70 19.10 -10.21
C PRO A 136 -9.65 18.22 -9.55
N GLU A 137 -9.09 18.63 -8.42
CA GLU A 137 -8.02 17.84 -7.81
C GLU A 137 -8.54 16.49 -7.32
N ASP A 138 -9.63 16.50 -6.56
CA ASP A 138 -10.21 15.25 -6.08
C ASP A 138 -10.69 14.38 -7.23
N ALA A 139 -11.20 15.00 -8.30
CA ALA A 139 -11.67 14.23 -9.43
C ALA A 139 -10.53 13.39 -10.01
N GLU A 140 -9.34 13.98 -10.10
CA GLU A 140 -8.19 13.25 -10.63
C GLU A 140 -7.77 12.13 -9.71
N VAL A 141 -7.86 12.34 -8.38
CA VAL A 141 -7.49 11.28 -7.45
C VAL A 141 -8.51 10.17 -7.47
N ALA A 142 -9.79 10.52 -7.46
CA ALA A 142 -10.84 9.50 -7.55
C ALA A 142 -10.77 8.75 -8.88
N TYR A 143 -10.55 9.47 -9.98
CA TYR A 143 -10.55 8.81 -11.29
C TYR A 143 -9.36 7.86 -11.44
N GLU A 144 -8.16 8.30 -11.03
CA GLU A 144 -7.00 7.39 -11.08
C GLU A 144 -7.25 6.12 -10.31
N ALA A 145 -7.82 6.23 -9.11
CA ALA A 145 -8.10 5.05 -8.31
C ALA A 145 -9.19 4.17 -8.94
N ALA A 146 -10.17 4.79 -9.59
CA ALA A 146 -11.17 4.02 -10.33
C ALA A 146 -10.53 3.28 -11.49
N ARG A 147 -9.71 3.98 -12.28
CA ARG A 147 -8.99 3.36 -13.38
C ARG A 147 -8.13 2.20 -12.89
N ALA A 148 -7.36 2.43 -11.81
CA ALA A 148 -6.48 1.40 -11.29
C ALA A 148 -7.27 0.16 -10.86
N PHE A 149 -8.43 0.36 -10.23
CA PHE A 149 -9.22 -0.78 -9.77
C PHE A 149 -9.76 -1.60 -10.95
N VAL A 150 -10.33 -0.94 -11.95
CA VAL A 150 -10.92 -1.70 -13.05
C VAL A 150 -9.81 -2.36 -13.88
N THR A 151 -8.69 -1.68 -14.06
CA THR A 151 -7.54 -2.25 -14.73
C THR A 151 -6.99 -3.47 -13.99
N SER A 152 -6.90 -3.40 -12.66
CA SER A 152 -6.45 -4.55 -11.89
C SER A 152 -7.42 -5.72 -12.02
N ASP A 153 -8.72 -5.48 -11.82
CA ASP A 153 -9.69 -6.56 -11.93
C ASP A 153 -9.59 -7.23 -13.31
N HIS A 154 -9.46 -6.42 -14.37
CA HIS A 154 -9.34 -6.97 -15.71
C HIS A 154 -8.08 -7.81 -15.86
N MET A 155 -6.91 -7.22 -15.56
CA MET A 155 -5.67 -7.90 -15.93
C MET A 155 -5.35 -9.09 -15.04
N PHE A 156 -6.03 -9.22 -13.90
CA PHE A 156 -5.79 -10.36 -13.05
C PHE A 156 -6.73 -11.54 -13.29
N ARG A 157 -7.67 -11.44 -14.23
CA ARG A 157 -8.46 -12.61 -14.57
C ARG A 157 -7.56 -13.64 -15.25
N ASP A 158 -7.67 -14.90 -14.86
CA ASP A 158 -6.85 -15.95 -15.44
C ASP A 158 -5.35 -15.68 -15.26
N SER A 159 -4.98 -14.93 -14.15
CA SER A 159 -3.60 -14.44 -14.03
C SER A 159 -2.80 -15.28 -13.05
N PRO A 160 -1.75 -15.97 -13.53
CA PRO A 160 -0.89 -16.75 -12.62
C PRO A 160 -0.35 -15.98 -11.42
N ILE A 161 -0.23 -14.65 -11.50
CA ILE A 161 0.14 -13.86 -10.33
C ILE A 161 -0.92 -14.01 -9.26
N LYS A 162 -2.19 -13.80 -9.65
CA LYS A 162 -3.29 -13.94 -8.71
C LYS A 162 -3.31 -15.32 -8.06
N ALA A 163 -3.12 -16.37 -8.86
CA ALA A 163 -3.08 -17.72 -8.31
C ALA A 163 -1.98 -17.85 -7.26
N ALA A 164 -0.79 -17.36 -7.56
CA ALA A 164 0.31 -17.46 -6.60
C ALA A 164 -0.02 -16.74 -5.29
N LEU A 165 -0.43 -15.48 -5.37
CA LEU A 165 -0.74 -14.69 -4.18
C LEU A 165 -1.87 -15.31 -3.34
N CYS A 166 -2.90 -15.86 -3.99
CA CYS A 166 -4.07 -16.37 -3.29
C CYS A 166 -3.85 -17.75 -2.70
N THR A 167 -2.88 -18.51 -3.19
CA THR A 167 -2.69 -19.85 -2.69
C THR A 167 -1.43 -20.01 -1.84
N THR A 168 -0.74 -18.91 -1.52
CA THR A 168 0.54 -19.08 -0.82
C THR A 168 0.42 -18.93 0.68
N SER A 169 -0.15 -17.83 1.17
CA SER A 169 -0.32 -17.58 2.59
C SER A 169 -1.35 -16.46 2.76
N PRO A 170 -1.88 -16.26 3.97
CA PRO A 170 -2.68 -15.05 4.21
C PRO A 170 -1.92 -13.78 3.90
N GLU A 171 -0.62 -13.73 4.24
CA GLU A 171 0.22 -12.58 3.94
C GLU A 171 0.09 -12.16 2.48
N GLN A 172 0.41 -13.06 1.55
CA GLN A 172 0.36 -12.71 0.14
C GLN A 172 -1.06 -12.37 -0.28
N TYR A 173 -2.03 -13.13 0.25
CA TYR A 173 -3.40 -12.96 -0.19
C TYR A 173 -3.93 -11.57 0.16
N PHE A 174 -3.81 -11.17 1.43
CA PHE A 174 -4.34 -9.87 1.81
C PHE A 174 -3.57 -8.74 1.12
N ARG A 175 -2.30 -8.96 0.79
CA ARG A 175 -1.55 -7.97 0.03
C ARG A 175 -2.21 -7.72 -1.33
N PHE A 176 -2.65 -8.78 -2.00
CA PHE A 176 -3.36 -8.62 -3.26
C PHE A 176 -4.67 -7.86 -3.05
N ARG A 177 -5.38 -8.18 -1.96
CA ARG A 177 -6.72 -7.66 -1.72
C ARG A 177 -6.76 -6.17 -1.41
N VAL A 178 -5.66 -5.58 -0.93
CA VAL A 178 -5.62 -4.13 -0.72
C VAL A 178 -6.15 -3.39 -1.96
N THR A 179 -5.66 -3.78 -3.12
CA THR A 179 -6.19 -3.23 -4.36
C THR A 179 -7.45 -3.97 -4.79
N ASP A 180 -7.42 -5.30 -4.72
CA ASP A 180 -8.39 -6.05 -5.51
C ASP A 180 -9.80 -5.96 -4.94
N ILE A 181 -9.93 -5.93 -3.60
CA ILE A 181 -11.27 -5.79 -3.02
C ILE A 181 -11.83 -4.40 -3.27
N GLY A 182 -10.99 -3.43 -3.57
CA GLY A 182 -11.47 -2.08 -3.85
C GLY A 182 -11.35 -1.09 -2.70
N VAL A 183 -10.73 -1.47 -1.58
CA VAL A 183 -10.69 -0.56 -0.44
C VAL A 183 -9.75 0.61 -0.70
N ASP A 184 -8.66 0.40 -1.47
CA ASP A 184 -7.80 1.54 -1.78
C ASP A 184 -8.56 2.56 -2.62
N PHE A 185 -9.32 2.07 -3.61
CA PHE A 185 -10.26 2.91 -4.39
C PHE A 185 -11.23 3.64 -3.46
N TRP A 186 -11.88 2.89 -2.56
CA TRP A 186 -12.85 3.45 -1.62
C TRP A 186 -12.30 4.67 -0.89
N MET A 187 -11.11 4.53 -0.30
CA MET A 187 -10.55 5.60 0.50
C MET A 187 -10.22 6.83 -0.35
N LYS A 188 -9.70 6.60 -1.55
CA LYS A 188 -9.28 7.70 -2.41
C LYS A 188 -10.46 8.40 -3.07
N MET A 189 -11.64 7.79 -3.06
CA MET A 189 -12.85 8.47 -3.50
C MET A 189 -13.72 8.97 -2.36
N SER A 190 -13.40 8.63 -1.11
CA SER A 190 -14.24 8.96 0.04
C SER A 190 -13.70 10.10 0.89
N TYR A 191 -12.40 10.37 0.85
CA TYR A 191 -11.89 11.48 1.65
C TYR A 191 -12.51 12.83 1.33
N PRO A 192 -12.97 13.12 0.10
CA PRO A 192 -13.71 14.38 -0.11
C PRO A 192 -14.92 14.52 0.81
N ILE A 193 -15.52 13.41 1.26
CA ILE A 193 -16.67 13.50 2.14
C ILE A 193 -16.34 14.22 3.45
N TYR A 194 -15.13 14.05 3.97
CA TYR A 194 -14.80 14.53 5.31
C TYR A 194 -13.92 15.77 5.34
N ARG A 195 -13.16 16.04 4.28
CA ARG A 195 -12.24 17.18 4.26
C ARG A 195 -11.42 17.27 5.54
N HIS A 196 -11.02 16.13 6.10
CA HIS A 196 -10.13 16.13 7.27
C HIS A 196 -8.69 15.89 6.85
N PRO A 197 -7.78 16.80 7.17
CA PRO A 197 -6.39 16.70 6.65
C PRO A 197 -5.66 15.44 7.07
N GLU A 198 -5.92 14.93 8.28
CA GLU A 198 -5.33 13.66 8.68
C GLU A 198 -5.84 12.51 7.81
N PHE A 199 -7.17 12.41 7.65
CA PHE A 199 -7.73 11.30 6.89
C PHE A 199 -7.34 11.36 5.42
N THR A 200 -7.21 12.57 4.87
CA THR A 200 -6.91 12.70 3.47
C THR A 200 -5.52 12.16 3.16
N GLU A 201 -4.57 12.37 4.07
CA GLU A 201 -3.22 11.85 3.85
C GLU A 201 -3.17 10.33 4.01
N HIS A 202 -3.83 9.78 5.05
CA HIS A 202 -3.90 8.33 5.19
C HIS A 202 -4.56 7.67 3.97
N ALA A 203 -5.53 8.33 3.35
CA ALA A 203 -6.12 7.80 2.13
C ALA A 203 -5.11 7.84 0.98
N LYS A 204 -4.36 8.93 0.85
CA LYS A 204 -3.42 9.10 -0.25
C LYS A 204 -2.16 8.25 -0.11
N THR A 205 -1.72 7.95 1.13
CA THR A 205 -0.64 6.98 1.31
C THR A 205 -1.12 5.54 1.16
N SER A 206 -2.43 5.31 1.18
CA SER A 206 -3.06 3.99 1.25
C SER A 206 -2.86 3.31 2.61
N LEU A 207 -2.27 3.99 3.59
CA LEU A 207 -2.29 3.45 4.94
C LEU A 207 -3.73 3.15 5.38
N ALA A 208 -4.68 4.02 5.01
CA ALA A 208 -6.07 3.79 5.37
C ALA A 208 -6.57 2.48 4.79
N ALA A 209 -6.32 2.24 3.50
CA ALA A 209 -6.71 0.98 2.90
C ALA A 209 -6.03 -0.19 3.60
N ARG A 210 -4.74 -0.06 3.89
CA ARG A 210 -4.01 -1.17 4.49
C ARG A 210 -4.57 -1.52 5.87
N MET A 211 -4.92 -0.50 6.67
CA MET A 211 -5.46 -0.76 8.01
C MET A 211 -6.78 -1.51 7.94
N THR A 212 -7.60 -1.23 6.91
CA THR A 212 -8.95 -1.77 6.85
C THR A 212 -9.07 -3.02 5.97
N THR A 213 -8.00 -3.44 5.32
CA THR A 213 -8.11 -4.50 4.32
C THR A 213 -8.64 -5.79 4.92
N ARG A 214 -8.06 -6.24 6.02
CA ARG A 214 -8.41 -7.57 6.50
C ARG A 214 -9.80 -7.61 7.09
N GLY A 215 -10.20 -6.56 7.81
CA GLY A 215 -11.55 -6.54 8.37
C GLY A 215 -12.62 -6.66 7.30
N LEU A 216 -12.43 -5.96 6.18
CA LEU A 216 -13.37 -6.01 5.07
C LEU A 216 -13.32 -7.34 4.35
N THR A 217 -12.11 -7.81 4.03
CA THR A 217 -11.93 -8.97 3.15
C THR A 217 -12.32 -10.26 3.85
N ILE A 218 -11.98 -10.42 5.12
CA ILE A 218 -12.31 -11.64 5.82
C ILE A 218 -13.83 -11.83 5.87
N VAL A 219 -14.55 -10.74 6.15
CA VAL A 219 -16.01 -10.80 6.18
C VAL A 219 -16.55 -11.14 4.79
N ASN A 220 -16.14 -10.38 3.77
CA ASN A 220 -16.60 -10.63 2.41
C ASN A 220 -16.30 -12.06 1.98
N ASP A 221 -15.09 -12.54 2.25
CA ASP A 221 -14.72 -13.87 1.79
C ASP A 221 -15.60 -14.93 2.43
N PHE A 222 -15.97 -14.77 3.70
CA PHE A 222 -16.79 -15.81 4.31
C PHE A 222 -18.17 -15.87 3.66
N TYR A 223 -18.85 -14.73 3.58
CA TYR A 223 -20.23 -14.72 3.15
C TYR A 223 -20.38 -14.72 1.63
N SER A 224 -19.28 -14.89 0.89
CA SER A 224 -19.31 -15.04 -0.56
C SER A 224 -18.46 -16.19 -1.04
N TYR A 225 -17.88 -16.96 -0.13
CA TYR A 225 -17.19 -18.20 -0.49
C TYR A 225 -18.07 -19.07 -1.38
N ASP A 226 -19.37 -19.08 -1.12
CA ASP A 226 -20.28 -19.97 -1.84
C ASP A 226 -20.41 -19.56 -3.31
N ARG A 227 -20.74 -18.29 -3.55
CA ARG A 227 -20.85 -17.80 -4.92
C ARG A 227 -19.54 -18.00 -5.68
N GLU A 228 -18.41 -17.63 -5.06
CA GLU A 228 -17.15 -17.65 -5.79
C GLU A 228 -16.64 -19.05 -6.07
N VAL A 229 -16.91 -20.00 -5.18
CA VAL A 229 -16.52 -21.38 -5.45
C VAL A 229 -17.33 -21.93 -6.62
N SER A 230 -18.61 -21.56 -6.71
CA SER A 230 -19.42 -22.02 -7.82
C SER A 230 -18.93 -21.43 -9.14
N LEU A 231 -18.48 -20.18 -9.12
CA LEU A 231 -18.07 -19.47 -10.33
C LEU A 231 -16.61 -19.65 -10.64
N GLY A 232 -15.93 -20.59 -9.96
CA GLY A 232 -14.53 -20.86 -10.20
C GLY A 232 -13.58 -19.74 -9.78
N GLN A 233 -14.03 -18.83 -8.93
CA GLN A 233 -13.21 -17.71 -8.52
C GLN A 233 -12.29 -18.12 -7.37
N ILE A 234 -11.03 -17.73 -7.45
CA ILE A 234 -10.05 -18.12 -6.43
C ILE A 234 -9.75 -17.01 -5.42
N THR A 235 -10.23 -15.79 -5.62
CA THR A 235 -9.86 -14.67 -4.75
C THR A 235 -10.70 -14.70 -3.48
N ASN A 236 -10.28 -15.55 -2.54
CA ASN A 236 -11.05 -15.78 -1.32
C ASN A 236 -10.17 -16.47 -0.29
N CYS A 237 -9.82 -15.77 0.80
CA CYS A 237 -8.89 -16.31 1.78
C CYS A 237 -9.29 -17.68 2.30
N PHE A 238 -10.58 -17.99 2.35
CA PHE A 238 -10.95 -19.27 2.92
C PHE A 238 -10.66 -20.44 1.99
N ARG A 239 -10.26 -20.20 0.74
CA ARG A 239 -9.76 -21.32 -0.06
C ARG A 239 -8.43 -21.82 0.45
N LEU A 240 -7.70 -21.03 1.24
CA LEU A 240 -6.47 -21.47 1.89
C LEU A 240 -6.71 -22.49 3.00
N CYS A 241 -7.89 -22.54 3.59
CA CYS A 241 -8.18 -23.57 4.58
C CYS A 241 -9.04 -24.65 3.95
N ASP A 242 -9.07 -25.81 4.60
CA ASP A 242 -9.82 -26.98 4.17
C ASP A 242 -11.19 -26.88 4.82
N VAL A 243 -12.09 -26.16 4.15
CA VAL A 243 -13.39 -25.83 4.72
C VAL A 243 -14.15 -27.07 5.15
N SER A 244 -13.90 -28.23 4.52
CA SER A 244 -14.54 -29.46 4.98
C SER A 244 -14.01 -29.88 6.35
N ASP A 245 -12.69 -30.06 6.44
CA ASP A 245 -12.00 -30.35 7.70
C ASP A 245 -12.38 -29.31 8.75
N GLU A 246 -13.43 -29.60 9.52
CA GLU A 246 -14.04 -28.58 10.36
C GLU A 246 -13.12 -28.14 11.50
N THR A 247 -12.22 -29.01 11.93
CA THR A 247 -11.20 -28.58 12.88
C THR A 247 -10.27 -27.54 12.26
N ALA A 248 -9.65 -27.86 11.12
CA ALA A 248 -8.82 -26.88 10.43
C ALA A 248 -9.59 -25.58 10.17
N PHE A 249 -10.87 -25.69 9.84
CA PHE A 249 -11.68 -24.51 9.66
C PHE A 249 -11.79 -23.70 10.95
N LYS A 250 -11.99 -24.38 12.09
CA LYS A 250 -12.08 -23.65 13.35
C LYS A 250 -10.78 -22.93 13.68
N GLU A 251 -9.63 -23.58 13.46
CA GLU A 251 -8.34 -22.93 13.69
C GLU A 251 -8.17 -21.73 12.78
N PHE A 252 -8.40 -21.93 11.47
CA PHE A 252 -8.22 -20.85 10.51
C PHE A 252 -9.16 -19.69 10.79
N PHE A 253 -10.42 -19.98 11.11
CA PHE A 253 -11.38 -18.92 11.37
C PHE A 253 -10.97 -18.09 12.58
N GLN A 254 -10.47 -18.75 13.64
CA GLN A 254 -10.03 -17.98 14.80
C GLN A 254 -8.81 -17.13 14.47
N ALA A 255 -7.86 -17.66 13.70
CA ALA A 255 -6.71 -16.85 13.30
C ALA A 255 -7.14 -15.63 12.49
N ARG A 256 -8.13 -15.78 11.59
CA ARG A 256 -8.66 -14.61 10.89
C ARG A 256 -9.37 -13.64 11.84
N LEU A 257 -10.11 -14.18 12.81
CA LEU A 257 -10.69 -13.31 13.83
C LEU A 257 -9.61 -12.51 14.56
N ASP A 258 -8.50 -13.17 14.93
CA ASP A 258 -7.42 -12.44 15.60
C ASP A 258 -6.84 -11.36 14.69
N ASP A 259 -6.76 -11.62 13.38
CA ASP A 259 -6.34 -10.61 12.43
C ASP A 259 -7.20 -9.35 12.56
N MET A 260 -8.53 -9.53 12.51
CA MET A 260 -9.44 -8.40 12.61
C MET A 260 -9.26 -7.65 13.93
N ILE A 261 -9.06 -8.38 15.02
CA ILE A 261 -8.96 -7.74 16.33
C ILE A 261 -7.69 -6.90 16.44
N GLU A 262 -6.56 -7.44 15.95
CA GLU A 262 -5.31 -6.68 16.01
C GLU A 262 -5.40 -5.42 15.18
N ASP A 263 -5.98 -5.52 13.98
CA ASP A 263 -6.19 -4.34 13.14
C ASP A 263 -7.09 -3.33 13.84
N ILE A 264 -8.21 -3.78 14.39
CA ILE A 264 -9.18 -2.87 14.99
C ILE A 264 -8.58 -2.13 16.19
N GLU A 265 -7.81 -2.83 17.03
CA GLU A 265 -7.17 -2.15 18.16
C GLU A 265 -6.08 -1.18 17.69
N CYS A 266 -5.37 -1.49 16.60
CA CYS A 266 -4.39 -0.54 16.09
C CYS A 266 -5.06 0.68 15.46
N ILE A 267 -6.21 0.49 14.82
CA ILE A 267 -6.97 1.61 14.26
C ILE A 267 -7.31 2.63 15.33
N LYS A 268 -7.58 2.16 16.56
CA LYS A 268 -7.92 3.03 17.67
C LYS A 268 -6.80 4.01 18.04
N ALA A 269 -5.61 3.84 17.48
CA ALA A 269 -4.52 4.78 17.71
C ALA A 269 -4.53 5.91 16.69
N PHE A 270 -5.41 5.84 15.70
CA PHE A 270 -5.59 6.97 14.81
C PHE A 270 -6.42 8.02 15.53
N ASP A 271 -6.55 9.20 14.91
CA ASP A 271 -7.35 10.24 15.51
C ASP A 271 -8.83 9.84 15.48
N GLN A 272 -9.61 10.45 16.37
CA GLN A 272 -10.95 9.94 16.66
C GLN A 272 -11.86 9.98 15.44
N LEU A 273 -11.78 11.04 14.62
CA LEU A 273 -12.58 11.06 13.40
C LEU A 273 -12.13 9.98 12.42
N THR A 274 -10.82 9.94 12.10
CA THR A 274 -10.30 8.90 11.21
C THR A 274 -10.66 7.51 11.73
N GLN A 275 -10.43 7.27 13.01
CA GLN A 275 -10.75 6.00 13.65
C GLN A 275 -12.21 5.61 13.44
N ASP A 276 -13.12 6.57 13.61
CA ASP A 276 -14.55 6.26 13.45
C ASP A 276 -14.84 5.84 12.02
N VAL A 277 -14.28 6.57 11.04
CA VAL A 277 -14.53 6.22 9.64
C VAL A 277 -14.01 4.81 9.34
N PHE A 278 -12.81 4.47 9.83
CA PHE A 278 -12.27 3.14 9.62
C PHE A 278 -13.18 2.07 10.21
N LEU A 279 -13.65 2.30 11.44
CA LEU A 279 -14.46 1.28 12.11
C LEU A 279 -15.86 1.19 11.54
N ASP A 280 -16.50 2.33 11.22
CA ASP A 280 -17.81 2.25 10.58
C ASP A 280 -17.71 1.55 9.23
N LEU A 281 -16.60 1.73 8.53
CA LEU A 281 -16.40 1.00 7.28
C LEU A 281 -16.39 -0.50 7.52
N ILE A 282 -15.60 -0.97 8.48
CA ILE A 282 -15.48 -2.41 8.66
C ILE A 282 -16.79 -3.00 9.19
N TYR A 283 -17.35 -2.39 10.23
CA TYR A 283 -18.59 -2.89 10.82
C TYR A 283 -19.76 -2.69 9.87
N GLY A 284 -19.85 -1.51 9.25
CA GLY A 284 -20.92 -1.25 8.31
C GLY A 284 -20.96 -2.27 7.20
N ASN A 285 -19.79 -2.67 6.70
CA ASN A 285 -19.73 -3.70 5.67
C ASN A 285 -20.26 -5.04 6.17
N PHE A 286 -20.06 -5.33 7.46
CA PHE A 286 -20.55 -6.60 8.00
C PHE A 286 -22.08 -6.65 8.08
N VAL A 287 -22.71 -5.55 8.50
CA VAL A 287 -24.18 -5.52 8.56
C VAL A 287 -24.77 -5.60 7.15
N TRP A 288 -24.27 -4.76 6.25
CA TRP A 288 -24.72 -4.85 4.86
C TRP A 288 -24.55 -6.25 4.32
N THR A 289 -23.37 -6.83 4.50
CA THR A 289 -23.06 -8.11 3.87
C THR A 289 -24.00 -9.23 4.33
N THR A 290 -24.26 -9.31 5.63
CA THR A 290 -25.04 -10.42 6.19
C THR A 290 -26.53 -10.31 5.87
N SER A 291 -27.02 -9.10 5.64
CA SER A 291 -28.45 -8.87 5.42
C SER A 291 -28.80 -8.47 3.99
N ASN A 292 -27.87 -8.56 3.06
CA ASN A 292 -28.18 -8.19 1.68
C ASN A 292 -28.36 -9.40 0.77
N LYS A 293 -29.27 -9.27 -0.19
CA LYS A 293 -29.55 -10.27 -1.20
C LYS A 293 -28.27 -10.75 -1.91
N ARG A 294 -27.28 -9.87 -2.03
CA ARG A 294 -26.07 -10.26 -2.78
C ARG A 294 -25.45 -11.55 -2.23
N TYR A 295 -25.61 -11.83 -0.93
CA TYR A 295 -24.84 -12.91 -0.32
C TYR A 295 -25.74 -14.03 0.21
N LYS A 296 -26.91 -14.23 -0.40
CA LYS A 296 -27.76 -15.36 -0.05
C LYS A 296 -27.67 -16.51 -1.03
N THR A 297 -27.11 -16.29 -2.23
CA THR A 297 -26.92 -17.31 -3.26
C THR A 297 -26.17 -16.68 -4.42
N ALA A 298 -26.97 -16.03 -5.30
CA ALA A 298 -26.58 -15.44 -6.61
C ALA A 298 -26.37 -16.51 -7.68
N ILE B 13 14.73 0.52 23.46
CA ILE B 13 15.95 -0.14 23.90
C ILE B 13 17.05 0.90 24.10
N GLY B 14 17.07 1.90 23.22
CA GLY B 14 17.93 3.09 23.37
C GLY B 14 19.43 2.94 23.18
N ARG B 15 20.01 1.90 23.75
CA ARG B 15 21.46 1.75 23.76
C ARG B 15 21.92 0.43 23.17
N SER B 16 21.02 -0.48 22.81
CA SER B 16 21.37 -1.83 22.38
C SER B 16 22.03 -1.81 21.01
N SER B 17 22.26 -3.01 20.45
CA SER B 17 23.10 -3.16 19.27
C SER B 17 22.92 -4.54 18.64
N VAL B 18 23.13 -4.62 17.32
CA VAL B 18 23.23 -5.90 16.63
C VAL B 18 24.67 -6.18 16.20
N ARG B 19 25.62 -5.42 16.71
CA ARG B 19 27.04 -5.65 16.41
C ARG B 19 27.43 -7.14 16.38
N PRO B 20 27.17 -7.95 17.42
CA PRO B 20 27.74 -9.31 17.43
C PRO B 20 27.32 -10.14 16.24
N TYR B 21 26.16 -9.87 15.68
CA TYR B 21 25.62 -10.68 14.61
C TYR B 21 26.04 -10.21 13.23
N LEU B 22 26.78 -9.11 13.12
CA LEU B 22 26.90 -8.44 11.84
C LEU B 22 27.45 -9.39 10.77
N GLU B 23 28.55 -10.05 11.09
CA GLU B 23 29.24 -10.88 10.12
C GLU B 23 28.38 -12.09 9.72
N GLU B 24 27.66 -12.67 10.67
CA GLU B 24 26.94 -13.92 10.43
C GLU B 24 25.65 -13.69 9.65
N CYS B 25 25.00 -12.56 9.88
CA CYS B 25 23.75 -12.28 9.20
C CYS B 25 24.01 -11.82 7.78
N THR B 26 25.10 -11.09 7.58
CA THR B 26 25.51 -10.77 6.22
C THR B 26 25.64 -12.03 5.39
N ARG B 27 26.16 -13.09 5.98
CA ARG B 27 26.31 -14.33 5.22
C ARG B 27 24.98 -15.08 5.08
N ARG B 28 24.13 -15.05 6.10
CA ARG B 28 22.81 -15.66 5.95
C ARG B 28 22.00 -14.92 4.88
N PHE B 29 22.11 -13.59 4.84
CA PHE B 29 21.47 -12.83 3.76
C PHE B 29 22.04 -13.25 2.41
N GLN B 30 23.38 -13.29 2.30
CA GLN B 30 24.02 -13.59 1.03
C GLN B 30 23.69 -14.99 0.54
N GLU B 31 23.73 -15.99 1.43
CA GLU B 31 23.30 -17.32 1.03
C GLU B 31 21.89 -17.31 0.48
N MET B 32 21.03 -16.47 1.05
CA MET B 32 19.63 -16.46 0.62
C MET B 32 19.50 -15.89 -0.79
N PHE B 33 20.18 -14.78 -1.09
CA PHE B 33 20.16 -14.25 -2.45
C PHE B 33 20.74 -15.24 -3.47
N ASP B 34 21.79 -15.99 -3.10
CA ASP B 34 22.39 -16.96 -4.02
C ASP B 34 21.46 -18.14 -4.28
N ARG B 35 20.62 -18.49 -3.30
CA ARG B 35 19.72 -19.62 -3.48
C ARG B 35 18.46 -19.20 -4.23
N HIS B 36 17.93 -18.00 -3.97
CA HIS B 36 16.59 -17.67 -4.41
C HIS B 36 16.50 -16.63 -5.51
N VAL B 37 17.48 -15.73 -5.64
CA VAL B 37 17.43 -14.69 -6.65
C VAL B 37 18.45 -14.93 -7.75
N VAL B 38 19.70 -15.18 -7.37
CA VAL B 38 20.77 -15.69 -8.23
C VAL B 38 21.29 -14.62 -9.18
N THR B 39 20.42 -13.97 -9.95
CA THR B 39 20.89 -12.90 -10.84
C THR B 39 21.42 -11.72 -10.02
N ARG B 40 22.67 -11.37 -10.26
CA ARG B 40 23.30 -10.32 -9.49
C ARG B 40 22.84 -8.94 -9.96
N PRO B 41 22.62 -7.99 -9.04
CA PRO B 41 22.44 -6.60 -9.45
C PRO B 41 23.69 -6.08 -10.14
N THR B 42 23.51 -5.03 -10.95
CA THR B 42 24.64 -4.47 -11.69
C THR B 42 24.59 -2.95 -11.59
N LYS B 43 25.60 -2.36 -10.95
CA LYS B 43 25.57 -0.94 -10.58
C LYS B 43 25.52 -0.04 -11.81
N VAL B 44 24.54 0.86 -11.87
CA VAL B 44 24.42 1.78 -12.99
C VAL B 44 25.61 2.71 -13.02
N GLU B 45 26.52 2.48 -13.95
CA GLU B 45 27.61 3.42 -14.18
C GLU B 45 26.99 4.69 -14.75
N LEU B 46 27.21 5.81 -14.08
CA LEU B 46 26.83 7.11 -14.59
C LEU B 46 28.08 7.81 -15.12
N THR B 47 27.97 8.39 -16.32
CA THR B 47 29.09 9.14 -16.87
C THR B 47 29.47 10.29 -15.95
N ASP B 48 30.62 10.90 -16.23
CA ASP B 48 31.11 11.93 -15.33
C ASP B 48 30.23 13.17 -15.41
N ALA B 49 29.44 13.29 -16.47
CA ALA B 49 28.55 14.42 -16.66
C ALA B 49 27.20 14.22 -15.97
N GLU B 50 26.48 13.14 -16.30
CA GLU B 50 25.19 12.86 -15.67
C GLU B 50 25.31 12.92 -14.16
N LEU B 51 26.38 12.33 -13.62
CA LEU B 51 26.57 12.32 -12.19
C LEU B 51 26.73 13.73 -11.66
N ARG B 52 27.43 14.60 -12.38
CA ARG B 52 27.54 15.98 -11.93
C ARG B 52 26.24 16.76 -12.15
N GLU B 53 25.50 16.47 -13.22
CA GLU B 53 24.18 17.06 -13.37
C GLU B 53 23.30 16.72 -12.17
N VAL B 54 23.26 15.44 -11.79
CA VAL B 54 22.42 15.03 -10.68
C VAL B 54 22.85 15.70 -9.39
N ILE B 55 24.14 15.67 -9.08
CA ILE B 55 24.61 16.27 -7.83
C ILE B 55 24.34 17.76 -7.81
N ASP B 56 24.71 18.46 -8.88
CA ASP B 56 24.47 19.90 -8.95
C ASP B 56 22.99 20.22 -8.77
N ASP B 57 22.10 19.40 -9.34
CA ASP B 57 20.68 19.62 -9.15
C ASP B 57 20.25 19.34 -7.71
N CYS B 58 20.83 18.29 -7.11
CA CYS B 58 20.49 17.96 -5.72
C CYS B 58 20.81 19.14 -4.80
N ASN B 59 21.99 19.75 -4.98
CA ASN B 59 22.32 20.94 -4.21
C ASN B 59 21.24 22.01 -4.37
N ALA B 60 20.85 22.31 -5.61
CA ALA B 60 19.83 23.34 -5.81
C ALA B 60 18.58 23.04 -4.99
N ALA B 61 18.16 21.77 -4.99
CA ALA B 61 16.91 21.43 -4.33
C ALA B 61 17.01 21.57 -2.82
N VAL B 62 18.17 21.30 -2.22
CA VAL B 62 18.27 21.52 -0.78
C VAL B 62 18.83 22.90 -0.44
N ALA B 63 19.27 23.67 -1.44
CA ALA B 63 19.82 25.00 -1.22
C ALA B 63 18.89 25.93 -0.42
N PRO B 64 17.56 25.83 -0.51
CA PRO B 64 16.73 26.71 0.32
C PRO B 64 16.64 26.28 1.77
N LEU B 65 17.16 25.11 2.13
CA LEU B 65 17.00 24.59 3.48
C LEU B 65 18.21 24.84 4.38
N GLY B 66 19.28 25.47 3.87
CA GLY B 66 20.33 26.02 4.70
C GLY B 66 21.50 25.09 4.96
N LYS B 67 21.29 23.80 4.74
CA LYS B 67 22.24 22.80 5.20
C LYS B 67 23.11 22.37 4.04
N THR B 68 24.38 22.77 4.07
CA THR B 68 25.37 22.22 3.15
C THR B 68 25.30 20.69 3.18
N VAL B 69 25.48 20.08 2.02
CA VAL B 69 25.60 18.63 1.97
C VAL B 69 26.62 18.27 0.90
N SER B 70 27.49 17.33 1.24
CA SER B 70 28.74 17.07 0.54
C SER B 70 28.53 16.24 -0.72
N ASP B 71 29.39 16.47 -1.71
CA ASP B 71 29.56 15.47 -2.76
C ASP B 71 29.75 14.10 -2.13
N GLU B 72 30.58 14.05 -1.08
CA GLU B 72 30.78 12.86 -0.27
C GLU B 72 29.46 12.22 0.12
N ARG B 73 28.57 12.99 0.74
CA ARG B 73 27.30 12.47 1.20
C ARG B 73 26.33 12.23 0.03
N TRP B 74 26.51 12.95 -1.08
CA TRP B 74 25.64 12.76 -2.24
C TRP B 74 25.95 11.43 -2.92
N ILE B 75 27.24 11.15 -3.13
CA ILE B 75 27.65 9.87 -3.69
C ILE B 75 27.14 8.70 -2.83
N SER B 76 27.00 8.93 -1.52
CA SER B 76 26.55 7.87 -0.64
C SER B 76 25.06 7.60 -0.84
N TYR B 77 24.24 8.65 -0.81
CA TYR B 77 22.82 8.54 -1.11
C TYR B 77 22.56 7.86 -2.46
N VAL B 78 23.14 8.42 -3.51
CA VAL B 78 22.75 8.01 -4.86
C VAL B 78 23.08 6.54 -5.10
N GLY B 79 23.94 5.95 -4.26
CA GLY B 79 24.35 4.59 -4.49
C GLY B 79 23.19 3.60 -4.48
N VAL B 80 22.17 3.85 -3.66
CA VAL B 80 21.02 2.96 -3.68
C VAL B 80 20.35 2.97 -5.06
N VAL B 81 20.32 4.12 -5.73
CA VAL B 81 19.72 4.18 -7.06
C VAL B 81 20.66 3.60 -8.10
N LEU B 82 21.96 3.83 -7.94
CA LEU B 82 22.92 3.22 -8.84
C LEU B 82 22.88 1.70 -8.74
N TRP B 83 22.67 1.16 -7.55
CA TRP B 83 22.74 -0.28 -7.36
C TRP B 83 21.40 -0.99 -7.48
N SER B 84 20.27 -0.33 -7.29
CA SER B 84 19.03 -1.06 -7.03
C SER B 84 17.95 -0.84 -8.09
N GLN B 85 18.27 -0.18 -9.19
CA GLN B 85 17.43 -0.21 -10.38
C GLN B 85 17.81 -1.45 -11.19
N SER B 86 17.38 -1.50 -12.45
CA SER B 86 17.45 -2.73 -13.25
C SER B 86 18.04 -2.40 -14.62
N PRO B 87 19.37 -2.24 -14.70
CA PRO B 87 19.99 -1.81 -15.97
C PRO B 87 19.69 -2.68 -17.15
N ARG B 88 19.38 -3.96 -16.96
CA ARG B 88 19.00 -4.81 -18.09
C ARG B 88 17.79 -4.25 -18.84
N HIS B 89 17.05 -3.32 -18.24
CA HIS B 89 15.79 -2.89 -18.80
C HIS B 89 15.65 -1.38 -18.90
N ILE B 90 16.63 -0.61 -18.42
CA ILE B 90 16.50 0.85 -18.43
C ILE B 90 16.34 1.33 -19.86
N LYS B 91 15.38 2.21 -20.08
CA LYS B 91 15.21 2.81 -21.39
C LYS B 91 15.01 4.32 -21.36
N ASP B 92 14.66 4.91 -20.21
CA ASP B 92 14.47 6.36 -20.10
C ASP B 92 15.41 6.88 -19.03
N MET B 93 16.59 7.36 -19.46
CA MET B 93 17.58 7.82 -18.49
C MET B 93 17.23 9.19 -17.93
N GLU B 94 16.34 9.94 -18.59
CA GLU B 94 15.83 11.16 -17.97
C GLU B 94 15.05 10.84 -16.70
N ALA B 95 14.26 9.78 -16.74
CA ALA B 95 13.56 9.33 -15.54
C ALA B 95 14.54 8.79 -14.50
N PHE B 96 15.59 8.08 -14.94
CA PHE B 96 16.60 7.58 -14.00
C PHE B 96 17.31 8.73 -13.30
N LYS B 97 17.66 9.78 -14.06
CA LYS B 97 18.26 10.94 -13.43
C LYS B 97 17.28 11.61 -12.48
N ALA B 98 15.99 11.55 -12.78
CA ALA B 98 14.98 12.06 -11.84
C ALA B 98 15.01 11.28 -10.54
N VAL B 99 15.00 9.94 -10.62
CA VAL B 99 15.00 9.13 -9.41
C VAL B 99 16.27 9.36 -8.60
N CYS B 100 17.41 9.52 -9.28
CA CYS B 100 18.64 9.84 -8.54
C CYS B 100 18.45 11.10 -7.72
N VAL B 101 17.86 12.14 -8.34
CA VAL B 101 17.72 13.41 -7.66
C VAL B 101 16.68 13.31 -6.56
N LEU B 102 15.48 12.80 -6.89
CA LEU B 102 14.40 12.69 -5.92
C LEU B 102 14.80 11.78 -4.76
N ASN B 103 15.49 10.68 -5.07
CA ASN B 103 15.97 9.84 -3.98
C ASN B 103 16.92 10.62 -3.11
N CYS B 104 17.98 11.17 -3.72
CA CYS B 104 19.01 11.87 -2.94
C CYS B 104 18.44 13.01 -2.13
N VAL B 105 17.51 13.78 -2.68
CA VAL B 105 17.06 14.94 -1.90
C VAL B 105 16.21 14.50 -0.73
N THR B 106 15.39 13.45 -0.90
CA THR B 106 14.60 12.99 0.24
C THR B 106 15.41 12.16 1.23
N PHE B 107 16.57 11.63 0.83
CA PHE B 107 17.51 11.07 1.79
C PHE B 107 18.06 12.17 2.71
N VAL B 108 18.20 13.38 2.16
CA VAL B 108 18.56 14.52 2.99
C VAL B 108 17.44 14.84 3.96
N TRP B 109 16.19 14.78 3.47
CA TRP B 109 15.03 15.07 4.31
C TRP B 109 14.88 14.01 5.39
N ASP B 110 15.28 12.78 5.10
CA ASP B 110 15.17 11.69 6.08
C ASP B 110 16.22 11.83 7.17
N ASP B 111 17.45 12.18 6.80
CA ASP B 111 18.56 12.41 7.72
C ASP B 111 18.38 13.68 8.56
N MET B 112 17.39 14.51 8.22
CA MET B 112 17.29 15.90 8.64
C MET B 112 16.45 16.03 9.90
N ASP B 113 16.90 16.90 10.80
CA ASP B 113 16.17 17.12 12.04
C ASP B 113 14.84 17.79 11.72
N PRO B 114 13.74 17.29 12.29
CA PRO B 114 12.40 17.72 11.84
C PRO B 114 12.13 19.21 11.94
N ALA B 115 12.93 19.96 12.71
CA ALA B 115 12.69 21.40 12.76
C ALA B 115 13.15 22.08 11.49
N LEU B 116 14.07 21.45 10.74
CA LEU B 116 14.51 21.96 9.45
C LEU B 116 13.55 21.65 8.31
N HIS B 117 12.54 20.81 8.51
CA HIS B 117 11.58 20.45 7.46
C HIS B 117 10.76 21.68 7.12
N ASP B 118 10.96 22.23 5.93
CA ASP B 118 10.18 23.39 5.49
C ASP B 118 9.44 23.06 4.19
N PHE B 119 8.14 22.75 4.31
CA PHE B 119 7.33 22.38 3.15
C PHE B 119 7.25 23.53 2.14
N GLY B 120 6.82 24.71 2.60
CA GLY B 120 6.68 25.83 1.67
C GLY B 120 7.92 26.08 0.86
N LEU B 121 9.10 25.89 1.44
CA LEU B 121 10.35 26.10 0.72
C LEU B 121 10.75 24.89 -0.11
N PHE B 122 10.40 23.68 0.33
CA PHE B 122 10.92 22.47 -0.31
C PHE B 122 9.96 21.88 -1.35
N LEU B 123 8.66 21.91 -1.10
CA LEU B 123 7.71 21.30 -2.02
C LEU B 123 7.75 21.91 -3.42
N PRO B 124 7.87 23.23 -3.61
CA PRO B 124 8.13 23.73 -4.97
C PRO B 124 9.38 23.16 -5.60
N GLN B 125 10.41 22.82 -4.81
CA GLN B 125 11.61 22.25 -5.41
C GLN B 125 11.34 20.85 -5.96
N LEU B 126 10.52 20.08 -5.26
CA LEU B 126 10.16 18.75 -5.75
C LEU B 126 9.42 18.87 -7.07
N ARG B 127 8.47 19.81 -7.16
CA ARG B 127 7.74 20.01 -8.41
C ARG B 127 8.70 20.35 -9.54
N LYS B 128 9.69 21.21 -9.28
CA LYS B 128 10.61 21.62 -10.34
C LYS B 128 11.53 20.48 -10.79
N ILE B 129 11.94 19.62 -9.86
CA ILE B 129 12.67 18.41 -10.24
C ILE B 129 11.82 17.56 -11.18
N CYS B 130 10.56 17.36 -10.80
CA CYS B 130 9.66 16.49 -11.55
C CYS B 130 9.35 17.08 -12.93
N GLU B 131 9.14 18.40 -12.99
CA GLU B 131 8.88 19.02 -14.29
C GLU B 131 10.09 18.96 -15.19
N LYS B 132 11.29 18.97 -14.61
CA LYS B 132 12.50 18.95 -15.44
C LYS B 132 12.68 17.62 -16.16
N TYR B 133 12.31 16.51 -15.52
CA TYR B 133 12.75 15.21 -16.01
C TYR B 133 11.64 14.33 -16.56
N TYR B 134 10.38 14.61 -16.24
CA TYR B 134 9.28 13.78 -16.68
C TYR B 134 8.38 14.56 -17.63
N GLY B 135 7.61 13.81 -18.40
CA GLY B 135 6.52 14.39 -19.15
C GLY B 135 5.41 14.82 -18.21
N PRO B 136 4.37 15.45 -18.76
CA PRO B 136 3.35 16.07 -17.89
C PRO B 136 2.72 15.15 -16.87
N GLU B 137 2.15 14.01 -17.24
CA GLU B 137 1.44 13.30 -16.19
C GLU B 137 2.36 12.40 -15.35
N ASP B 138 3.48 11.94 -15.92
CA ASP B 138 4.47 11.28 -15.07
C ASP B 138 4.95 12.23 -13.99
N ALA B 139 5.07 13.51 -14.32
CA ALA B 139 5.50 14.50 -13.34
C ALA B 139 4.53 14.60 -12.17
N GLU B 140 3.21 14.57 -12.45
CA GLU B 140 2.24 14.66 -11.37
C GLU B 140 2.25 13.41 -10.50
N VAL B 141 2.50 12.24 -11.10
CA VAL B 141 2.55 11.00 -10.34
C VAL B 141 3.79 10.98 -9.46
N ALA B 142 4.93 11.31 -10.03
CA ALA B 142 6.15 11.39 -9.24
C ALA B 142 6.00 12.41 -8.12
N TYR B 143 5.34 13.54 -8.40
CA TYR B 143 5.25 14.59 -7.38
C TYR B 143 4.36 14.17 -6.23
N GLU B 144 3.16 13.65 -6.53
CA GLU B 144 2.26 13.23 -5.46
C GLU B 144 2.93 12.20 -4.58
N ALA B 145 3.78 11.35 -5.16
CA ALA B 145 4.49 10.34 -4.38
C ALA B 145 5.58 10.96 -3.52
N ALA B 146 6.33 11.91 -4.06
CA ALA B 146 7.34 12.61 -3.27
C ALA B 146 6.70 13.39 -2.13
N ARG B 147 5.63 14.11 -2.44
CA ARG B 147 4.92 14.90 -1.44
C ARG B 147 4.37 14.02 -0.33
N ALA B 148 3.70 12.93 -0.70
CA ALA B 148 3.17 12.02 0.32
C ALA B 148 4.28 11.44 1.19
N PHE B 149 5.44 11.13 0.59
CA PHE B 149 6.53 10.55 1.37
C PHE B 149 7.08 11.54 2.38
N VAL B 150 7.42 12.76 1.95
CA VAL B 150 7.99 13.71 2.90
C VAL B 150 6.92 14.15 3.90
N THR B 151 5.65 14.21 3.48
CA THR B 151 4.56 14.51 4.40
C THR B 151 4.36 13.38 5.40
N SER B 152 4.52 12.13 4.97
CA SER B 152 4.44 11.04 5.94
C SER B 152 5.64 11.08 6.88
N ASP B 153 6.82 11.32 6.34
CA ASP B 153 8.00 11.43 7.18
C ASP B 153 7.79 12.46 8.28
N HIS B 154 7.35 13.66 7.90
CA HIS B 154 7.19 14.73 8.86
C HIS B 154 6.10 14.41 9.87
N MET B 155 4.92 13.98 9.40
CA MET B 155 3.79 13.94 10.31
C MET B 155 3.92 12.81 11.33
N PHE B 156 4.76 11.80 11.06
CA PHE B 156 4.90 10.72 12.02
C PHE B 156 6.15 10.83 12.92
N ARG B 157 6.90 11.95 12.87
CA ARG B 157 8.17 12.01 13.65
C ARG B 157 7.96 11.70 15.13
N ASP B 158 6.98 12.34 15.77
CA ASP B 158 6.73 12.15 17.19
C ASP B 158 5.62 11.12 17.38
N SER B 159 4.73 10.99 16.37
CA SER B 159 3.34 10.55 16.41
C SER B 159 3.10 9.28 17.22
N PRO B 160 2.00 9.24 17.97
CA PRO B 160 1.56 7.99 18.61
C PRO B 160 1.23 6.90 17.62
N ILE B 161 0.80 7.24 16.40
CA ILE B 161 0.43 6.21 15.43
C ILE B 161 1.63 5.38 15.03
N LYS B 162 2.78 6.02 14.85
CA LYS B 162 4.00 5.27 14.52
C LYS B 162 4.32 4.25 15.61
N ALA B 163 4.24 4.66 16.89
CA ALA B 163 4.52 3.73 17.99
C ALA B 163 3.53 2.59 18.00
N ALA B 164 2.28 2.84 17.62
CA ALA B 164 1.30 1.75 17.54
C ALA B 164 1.74 0.71 16.51
N LEU B 165 1.94 1.12 15.26
CA LEU B 165 2.25 0.17 14.19
C LEU B 165 3.62 -0.46 14.34
N CYS B 166 4.57 0.24 14.97
CA CYS B 166 5.92 -0.31 15.03
C CYS B 166 6.12 -1.31 16.16
N THR B 167 5.26 -1.29 17.19
CA THR B 167 5.41 -2.18 18.34
C THR B 167 4.35 -3.28 18.39
N THR B 168 3.31 -3.21 17.58
CA THR B 168 2.20 -4.15 17.72
C THR B 168 2.54 -5.55 17.25
N SER B 169 3.00 -5.68 16.01
CA SER B 169 3.33 -6.97 15.40
C SER B 169 4.13 -6.72 14.12
N PRO B 170 4.80 -7.75 13.61
CA PRO B 170 5.47 -7.59 12.31
C PRO B 170 4.51 -7.14 11.22
N GLU B 171 3.29 -7.66 11.25
CA GLU B 171 2.28 -7.33 10.25
C GLU B 171 2.00 -5.83 10.25
N GLN B 172 1.71 -5.26 11.42
CA GLN B 172 1.43 -3.83 11.48
C GLN B 172 2.67 -3.03 11.09
N TYR B 173 3.85 -3.50 11.47
CA TYR B 173 5.06 -2.74 11.18
C TYR B 173 5.34 -2.67 9.67
N PHE B 174 5.35 -3.82 8.99
CA PHE B 174 5.58 -3.77 7.55
C PHE B 174 4.45 -3.01 6.83
N ARG B 175 3.23 -3.05 7.38
CA ARG B 175 2.15 -2.25 6.79
C ARG B 175 2.50 -0.77 6.82
N PHE B 176 3.08 -0.30 7.94
CA PHE B 176 3.52 1.08 8.02
C PHE B 176 4.66 1.37 7.05
N ARG B 177 5.56 0.38 6.85
CA ARG B 177 6.77 0.62 6.07
C ARG B 177 6.54 0.75 4.56
N VAL B 178 5.43 0.21 4.03
CA VAL B 178 5.12 0.36 2.59
C VAL B 178 5.29 1.81 2.15
N THR B 179 4.75 2.74 2.94
CA THR B 179 4.93 4.16 2.67
C THR B 179 6.23 4.67 3.31
N ASP B 180 6.43 4.37 4.59
CA ASP B 180 7.44 5.09 5.36
C ASP B 180 8.86 4.84 4.84
N ILE B 181 9.21 3.60 4.51
CA ILE B 181 10.57 3.37 4.01
C ILE B 181 10.80 4.04 2.65
N GLY B 182 9.72 4.39 1.95
CA GLY B 182 9.82 5.09 0.69
C GLY B 182 9.64 4.25 -0.56
N VAL B 183 9.30 2.97 -0.43
CA VAL B 183 9.31 2.12 -1.63
C VAL B 183 8.09 2.39 -2.53
N ASP B 184 6.93 2.78 -1.97
CA ASP B 184 5.83 3.17 -2.85
C ASP B 184 6.22 4.40 -3.67
N PHE B 185 6.79 5.40 -3.00
CA PHE B 185 7.42 6.54 -3.69
C PHE B 185 8.38 6.07 -4.78
N TRP B 186 9.26 5.10 -4.46
CA TRP B 186 10.25 4.61 -5.40
C TRP B 186 9.60 4.07 -6.67
N MET B 187 8.63 3.17 -6.53
CA MET B 187 7.97 2.57 -7.68
C MET B 187 7.31 3.64 -8.57
N LYS B 188 6.61 4.60 -7.96
CA LYS B 188 5.80 5.55 -8.72
C LYS B 188 6.64 6.62 -9.40
N MET B 189 7.90 6.79 -9.00
CA MET B 189 8.82 7.62 -9.76
C MET B 189 9.75 6.80 -10.65
N SER B 190 9.83 5.49 -10.46
CA SER B 190 10.72 4.67 -11.26
C SER B 190 10.07 4.08 -12.52
N TYR B 191 8.75 3.91 -12.55
CA TYR B 191 8.14 3.25 -13.70
C TYR B 191 8.46 3.94 -15.03
N PRO B 192 8.63 5.27 -15.13
CA PRO B 192 8.99 5.84 -16.44
C PRO B 192 10.35 5.42 -16.94
N ILE B 193 11.21 4.89 -16.07
CA ILE B 193 12.51 4.41 -16.52
C ILE B 193 12.35 3.22 -17.45
N TYR B 194 11.30 2.43 -17.24
CA TYR B 194 11.21 1.13 -17.88
C TYR B 194 10.17 1.02 -18.99
N ARG B 195 9.16 1.90 -19.01
CA ARG B 195 8.10 1.87 -20.02
C ARG B 195 7.52 0.47 -20.19
N HIS B 196 7.49 -0.29 -19.10
CA HIS B 196 6.87 -1.59 -19.12
C HIS B 196 5.46 -1.42 -18.56
N PRO B 197 4.43 -1.56 -19.40
CA PRO B 197 3.06 -1.28 -18.92
C PRO B 197 2.62 -2.08 -17.69
N GLU B 198 2.89 -3.39 -17.68
CA GLU B 198 2.56 -4.19 -16.50
C GLU B 198 3.24 -3.64 -15.25
N PHE B 199 4.52 -3.24 -15.37
CA PHE B 199 5.21 -2.68 -14.22
C PHE B 199 4.61 -1.32 -13.85
N THR B 200 4.20 -0.54 -14.85
CA THR B 200 3.58 0.74 -14.56
C THR B 200 2.28 0.56 -13.79
N GLU B 201 1.51 -0.48 -14.13
CA GLU B 201 0.28 -0.73 -13.39
C GLU B 201 0.59 -1.16 -11.95
N HIS B 202 1.55 -2.09 -11.77
CA HIS B 202 1.89 -2.55 -10.44
C HIS B 202 2.42 -1.40 -9.59
N ALA B 203 3.20 -0.48 -10.18
CA ALA B 203 3.63 0.71 -9.45
C ALA B 203 2.44 1.55 -8.99
N LYS B 204 1.45 1.75 -9.88
CA LYS B 204 0.34 2.66 -9.60
C LYS B 204 -0.68 2.03 -8.65
N THR B 205 -0.80 0.71 -8.60
CA THR B 205 -1.65 0.11 -7.59
C THR B 205 -0.96 -0.02 -6.24
N SER B 206 0.36 0.21 -6.19
CA SER B 206 1.22 -0.07 -5.05
C SER B 206 1.43 -1.56 -4.81
N LEU B 207 0.94 -2.44 -5.69
CA LEU B 207 1.29 -3.85 -5.56
C LEU B 207 2.81 -4.03 -5.62
N ALA B 208 3.48 -3.28 -6.48
CA ALA B 208 4.93 -3.38 -6.57
C ALA B 208 5.59 -3.02 -5.24
N ALA B 209 5.18 -1.90 -4.64
CA ALA B 209 5.72 -1.54 -3.33
C ALA B 209 5.47 -2.63 -2.32
N ARG B 210 4.24 -3.17 -2.29
CA ARG B 210 3.88 -4.15 -1.27
C ARG B 210 4.69 -5.43 -1.40
N MET B 211 5.01 -5.84 -2.64
CA MET B 211 5.77 -7.06 -2.88
C MET B 211 7.23 -6.96 -2.40
N THR B 212 7.83 -5.77 -2.47
CA THR B 212 9.23 -5.54 -2.16
C THR B 212 9.47 -4.93 -0.78
N THR B 213 8.42 -4.57 -0.05
CA THR B 213 8.58 -3.88 1.23
C THR B 213 9.45 -4.70 2.19
N ARG B 214 9.09 -5.96 2.41
CA ARG B 214 9.77 -6.74 3.45
C ARG B 214 11.23 -6.98 3.10
N GLY B 215 11.53 -7.29 1.83
CA GLY B 215 12.91 -7.51 1.44
C GLY B 215 13.79 -6.30 1.64
N LEU B 216 13.28 -5.12 1.29
CA LEU B 216 14.03 -3.89 1.51
C LEU B 216 14.11 -3.55 3.00
N THR B 217 13.01 -3.74 3.72
CA THR B 217 12.92 -3.22 5.08
C THR B 217 13.69 -4.10 6.05
N ILE B 218 13.66 -5.42 5.83
CA ILE B 218 14.34 -6.31 6.74
C ILE B 218 15.85 -6.09 6.64
N VAL B 219 16.35 -5.99 5.41
CA VAL B 219 17.77 -5.71 5.20
C VAL B 219 18.15 -4.37 5.80
N ASN B 220 17.38 -3.33 5.49
CA ASN B 220 17.75 -2.01 5.99
C ASN B 220 17.65 -1.93 7.50
N ASP B 221 16.67 -2.59 8.10
CA ASP B 221 16.54 -2.52 9.55
C ASP B 221 17.74 -3.16 10.25
N PHE B 222 18.26 -4.26 9.71
CA PHE B 222 19.39 -4.90 10.37
C PHE B 222 20.59 -3.99 10.42
N TYR B 223 20.96 -3.39 9.28
CA TYR B 223 22.16 -2.60 9.20
C TYR B 223 22.00 -1.17 9.67
N SER B 224 20.79 -0.68 9.93
CA SER B 224 20.62 0.65 10.50
C SER B 224 20.08 0.62 11.93
N TYR B 225 19.91 -0.57 12.50
CA TYR B 225 19.40 -0.72 13.86
C TYR B 225 20.24 0.07 14.85
N ASP B 226 21.57 0.02 14.72
CA ASP B 226 22.44 0.69 15.69
C ASP B 226 22.29 2.20 15.63
N ARG B 227 22.30 2.78 14.42
CA ARG B 227 22.09 4.22 14.29
C ARG B 227 20.75 4.61 14.90
N GLU B 228 19.69 3.84 14.61
CA GLU B 228 18.35 4.27 14.98
C GLU B 228 18.08 4.15 16.49
N VAL B 229 18.55 3.08 17.13
CA VAL B 229 18.43 3.04 18.59
C VAL B 229 19.24 4.17 19.21
N SER B 230 20.38 4.50 18.62
CA SER B 230 21.20 5.54 19.21
C SER B 230 20.59 6.93 18.99
N LEU B 231 19.57 7.04 18.15
CA LEU B 231 18.80 8.26 18.02
C LEU B 231 17.38 8.15 18.56
N GLY B 232 17.05 7.10 19.30
CA GLY B 232 15.69 6.92 19.77
C GLY B 232 14.64 6.67 18.70
N GLN B 233 15.06 6.35 17.47
CA GLN B 233 14.09 6.08 16.42
C GLN B 233 13.54 4.67 16.59
N ILE B 234 12.23 4.52 16.44
CA ILE B 234 11.54 3.29 16.78
C ILE B 234 11.12 2.48 15.56
N THR B 235 11.44 2.94 14.34
CA THR B 235 10.93 2.32 13.11
C THR B 235 11.94 1.33 12.58
N ASN B 236 11.85 0.09 13.06
CA ASN B 236 12.84 -0.95 12.81
C ASN B 236 12.31 -2.24 13.40
N CYS B 237 12.11 -3.28 12.58
CA CYS B 237 11.42 -4.48 13.06
C CYS B 237 12.19 -5.20 14.16
N PHE B 238 13.52 -5.08 14.19
CA PHE B 238 14.28 -5.81 15.21
C PHE B 238 14.08 -5.25 16.63
N ARG B 239 13.47 -4.07 16.77
CA ARG B 239 12.94 -3.62 18.05
C ARG B 239 11.73 -4.41 18.52
N LEU B 240 11.28 -5.40 17.76
CA LEU B 240 10.23 -6.28 18.23
C LEU B 240 10.79 -7.50 18.94
N CYS B 241 12.11 -7.61 19.05
CA CYS B 241 12.74 -8.66 19.83
C CYS B 241 13.92 -8.11 20.59
N ASP B 242 14.51 -8.97 21.42
CA ASP B 242 15.63 -8.61 22.30
C ASP B 242 16.91 -9.00 21.59
N VAL B 243 17.69 -8.00 21.16
CA VAL B 243 18.93 -8.33 20.46
C VAL B 243 20.07 -8.57 21.44
N SER B 244 19.77 -8.73 22.74
CA SER B 244 20.71 -9.38 23.63
C SER B 244 20.54 -10.89 23.61
N ASP B 245 19.32 -11.37 23.42
CA ASP B 245 19.01 -12.78 23.58
C ASP B 245 19.33 -13.48 22.26
N GLU B 246 20.47 -14.19 22.25
CA GLU B 246 20.87 -14.96 21.08
C GLU B 246 19.75 -15.84 20.55
N THR B 247 18.98 -16.47 21.45
CA THR B 247 17.89 -17.34 20.99
C THR B 247 16.80 -16.52 20.34
N ALA B 248 16.34 -15.47 21.04
CA ALA B 248 15.31 -14.60 20.48
C ALA B 248 15.72 -14.02 19.14
N PHE B 249 16.95 -13.48 19.06
CA PHE B 249 17.38 -12.86 17.83
C PHE B 249 17.41 -13.86 16.68
N LYS B 250 18.01 -15.04 16.88
CA LYS B 250 18.09 -16.00 15.78
C LYS B 250 16.70 -16.42 15.32
N GLU B 251 15.80 -16.70 16.29
CA GLU B 251 14.43 -17.06 15.96
C GLU B 251 13.77 -15.97 15.13
N PHE B 252 13.77 -14.74 15.63
CA PHE B 252 13.22 -13.61 14.91
C PHE B 252 13.86 -13.46 13.52
N PHE B 253 15.20 -13.43 13.48
CA PHE B 253 15.90 -13.25 12.21
C PHE B 253 15.53 -14.35 11.22
N GLN B 254 15.35 -15.58 11.69
CA GLN B 254 14.92 -16.65 10.81
C GLN B 254 13.54 -16.38 10.21
N ALA B 255 12.59 -15.94 11.04
CA ALA B 255 11.26 -15.65 10.54
C ALA B 255 11.28 -14.50 9.54
N ARG B 256 12.15 -13.52 9.73
CA ARG B 256 12.27 -12.45 8.75
C ARG B 256 12.88 -12.95 7.44
N LEU B 257 13.79 -13.93 7.51
CA LEU B 257 14.31 -14.54 6.28
C LEU B 257 13.22 -15.35 5.57
N ASP B 258 12.41 -16.10 6.33
CA ASP B 258 11.24 -16.76 5.75
C ASP B 258 10.35 -15.77 5.02
N ASP B 259 10.09 -14.59 5.62
CA ASP B 259 9.27 -13.57 4.95
C ASP B 259 9.88 -13.17 3.60
N MET B 260 11.18 -12.86 3.60
CA MET B 260 11.83 -12.45 2.36
C MET B 260 11.70 -13.51 1.30
N ILE B 261 11.91 -14.77 1.68
CA ILE B 261 11.91 -15.86 0.70
C ILE B 261 10.51 -16.05 0.12
N GLU B 262 9.47 -16.01 0.97
CA GLU B 262 8.11 -16.15 0.45
C GLU B 262 7.80 -15.04 -0.55
N ASP B 263 8.18 -13.80 -0.22
CA ASP B 263 7.99 -12.69 -1.14
C ASP B 263 8.72 -12.94 -2.47
N ILE B 264 10.01 -13.32 -2.41
CA ILE B 264 10.78 -13.52 -3.64
C ILE B 264 10.13 -14.60 -4.51
N GLU B 265 9.75 -15.71 -3.89
CA GLU B 265 9.12 -16.78 -4.65
C GLU B 265 7.83 -16.31 -5.31
N CYS B 266 7.08 -15.41 -4.65
CA CYS B 266 5.89 -14.84 -5.29
C CYS B 266 6.24 -13.88 -6.41
N ILE B 267 7.33 -13.11 -6.25
CA ILE B 267 7.76 -12.17 -7.27
C ILE B 267 8.04 -12.90 -8.59
N LYS B 268 8.41 -14.18 -8.50
CA LYS B 268 8.73 -14.94 -9.70
C LYS B 268 7.50 -15.33 -10.49
N ALA B 269 6.30 -15.19 -9.91
CA ALA B 269 5.09 -15.35 -10.69
C ALA B 269 4.83 -14.17 -11.61
N PHE B 270 5.39 -13.00 -11.32
CA PHE B 270 5.20 -11.83 -12.16
C PHE B 270 5.91 -12.00 -13.51
N ASP B 271 5.51 -11.19 -14.49
CA ASP B 271 6.18 -11.26 -15.80
C ASP B 271 7.67 -10.99 -15.65
N GLN B 272 8.43 -11.41 -16.67
CA GLN B 272 9.88 -11.55 -16.52
C GLN B 272 10.55 -10.20 -16.33
N LEU B 273 10.14 -9.18 -17.09
CA LEU B 273 10.74 -7.87 -16.87
C LEU B 273 10.41 -7.31 -15.48
N THR B 274 9.15 -7.47 -15.04
CA THR B 274 8.74 -6.90 -13.76
C THR B 274 9.50 -7.57 -12.61
N GLN B 275 9.59 -8.90 -12.62
CA GLN B 275 10.29 -9.58 -11.52
C GLN B 275 11.78 -9.24 -11.51
N ASP B 276 12.41 -9.11 -12.70
CA ASP B 276 13.81 -8.68 -12.75
C ASP B 276 14.00 -7.38 -11.99
N VAL B 277 13.09 -6.43 -12.21
CA VAL B 277 13.19 -5.12 -11.56
C VAL B 277 13.00 -5.25 -10.07
N PHE B 278 11.99 -6.01 -9.63
CA PHE B 278 11.73 -6.19 -8.20
C PHE B 278 12.94 -6.80 -7.50
N LEU B 279 13.54 -7.83 -8.10
CA LEU B 279 14.65 -8.53 -7.44
C LEU B 279 15.93 -7.69 -7.51
N ASP B 280 16.18 -7.00 -8.62
CA ASP B 280 17.29 -6.06 -8.66
C ASP B 280 17.16 -4.99 -7.56
N LEU B 281 15.93 -4.57 -7.25
CA LEU B 281 15.74 -3.61 -6.17
C LEU B 281 16.08 -4.24 -4.82
N ILE B 282 15.55 -5.42 -4.52
CA ILE B 282 15.82 -6.03 -3.22
C ILE B 282 17.30 -6.37 -3.08
N TYR B 283 17.87 -7.06 -4.07
CA TYR B 283 19.27 -7.48 -4.01
C TYR B 283 20.22 -6.31 -4.13
N GLY B 284 19.94 -5.38 -5.05
CA GLY B 284 20.77 -4.19 -5.15
C GLY B 284 20.86 -3.40 -3.85
N ASN B 285 19.72 -3.18 -3.20
CA ASN B 285 19.73 -2.45 -1.96
C ASN B 285 20.65 -3.14 -0.94
N PHE B 286 20.70 -4.47 -0.96
CA PHE B 286 21.54 -5.20 -0.02
C PHE B 286 23.03 -4.98 -0.30
N VAL B 287 23.41 -4.89 -1.57
CA VAL B 287 24.80 -4.61 -1.90
C VAL B 287 25.16 -3.21 -1.42
N TRP B 288 24.31 -2.24 -1.70
CA TRP B 288 24.60 -0.87 -1.31
C TRP B 288 24.63 -0.72 0.20
N THR B 289 23.69 -1.36 0.90
CA THR B 289 23.58 -1.17 2.33
C THR B 289 24.81 -1.70 3.08
N THR B 290 25.25 -2.92 2.76
CA THR B 290 26.29 -3.55 3.59
C THR B 290 27.67 -2.95 3.39
N SER B 291 27.83 -2.13 2.35
CA SER B 291 29.11 -1.55 2.00
C SER B 291 29.23 -0.06 2.33
N ASN B 292 28.10 0.62 2.47
CA ASN B 292 28.10 2.07 2.45
C ASN B 292 28.41 2.65 3.82
N LYS B 293 29.14 3.78 3.80
CA LYS B 293 29.53 4.46 5.04
C LYS B 293 28.32 4.71 5.93
N ARG B 294 27.19 5.06 5.32
CA ARG B 294 25.98 5.37 6.06
C ARG B 294 25.67 4.28 7.09
N TYR B 295 25.78 3.01 6.71
CA TYR B 295 25.52 1.91 7.62
C TYR B 295 26.79 1.34 8.25
N LYS B 296 27.84 2.14 8.36
CA LYS B 296 29.06 1.67 9.00
C LYS B 296 29.03 1.90 10.51
N THR B 297 28.51 3.04 10.95
CA THR B 297 28.54 3.40 12.37
C THR B 297 27.26 4.11 12.76
N ALA B 298 27.08 4.25 14.08
CA ALA B 298 25.84 4.83 14.60
C ALA B 298 25.74 6.32 14.32
N VAL B 299 26.84 7.05 14.47
CA VAL B 299 26.92 8.47 14.10
C VAL B 299 28.13 8.67 13.20
N ASN B 300 27.97 9.44 12.13
CA ASN B 300 29.10 9.79 11.25
C ASN B 300 28.69 10.93 10.32
N ASP B 301 29.69 11.58 9.73
CA ASP B 301 29.61 12.65 8.72
C ASP B 301 28.48 12.49 7.70
N VAL B 302 27.98 11.27 7.44
CA VAL B 302 26.98 11.07 6.40
C VAL B 302 25.64 10.52 6.89
N ASN B 303 25.51 10.13 8.16
CA ASN B 303 24.22 9.76 8.70
C ASN B 303 23.91 10.52 9.97
N SER B 304 24.70 11.54 10.27
CA SER B 304 24.43 12.40 11.40
C SER B 304 23.12 13.14 11.19
N ARG B 305 22.36 13.26 12.28
CA ARG B 305 21.18 14.11 12.31
C ARG B 305 21.55 15.53 11.89
N ILE B 306 20.79 16.07 10.93
CA ILE B 306 21.02 17.41 10.41
C ILE B 306 20.22 18.39 11.26
N GLN B 307 20.87 19.05 12.20
CA GLN B 307 20.19 19.63 13.36
C GLN B 307 19.54 20.98 13.03
N ALA B 308 18.63 21.38 13.93
CA ALA B 308 18.21 22.76 14.03
C ALA B 308 18.69 23.36 15.36
C2 AHD C . -16.30 -6.29 -4.97
C3 AHD C . -16.70 -5.15 -5.90
C7 AHD C . -17.10 -7.56 -5.25
C8 AHD C . -16.75 -8.52 -4.12
O12 AHD C . -19.34 -9.28 -3.69
P9 AHD C . -17.99 -9.89 -4.00
O10 AHD C . -17.61 -10.85 -2.92
O11 AHD C . -17.98 -10.62 -5.30
P14 AHD C . -15.08 -9.27 -4.42
O15 AHD C . -14.78 -9.36 -5.90
O16 AHD C . -15.07 -10.63 -3.76
O17 AHD C . -14.08 -8.34 -3.78
O13 AHD C . -16.68 -7.87 -2.89
N4 AHD C . -16.73 -3.96 -5.07
MG MG D . -16.64 -10.55 -6.66
MG MG E . -16.34 -12.20 -2.38
MG MG F . -13.24 -8.74 -7.34
C2 AHD G . 15.18 5.29 3.52
C3 AHD G . 14.97 6.49 2.59
C7 AHD G . 16.05 5.70 4.70
C8 AHD G . 16.15 4.53 5.68
O12 AHD G . 18.84 4.81 5.85
P9 AHD G . 17.67 4.65 6.75
O10 AHD G . 17.73 3.38 7.54
O11 AHD G . 17.52 5.86 7.62
P14 AHD G . 14.71 4.55 6.82
O15 AHD G . 14.56 5.90 7.44
O16 AHD G . 14.87 3.50 7.88
O17 AHD G . 13.49 4.18 6.01
O13 AHD G . 16.11 3.31 5.01
N4 AHD G . 13.97 6.14 1.58
MG MG H . 15.98 7.02 8.22
MG MG I . 12.29 6.52 5.84
MG MG J . 16.53 2.32 8.49
N SER A 16 -16.29 -26.41 -0.72
CA SER A 16 -17.66 -26.49 -1.21
C SER A 16 -18.53 -25.30 -0.76
N SER A 17 -18.96 -25.32 0.51
CA SER A 17 -19.80 -24.25 1.06
C SER A 17 -19.40 -23.97 2.51
N VAL A 18 -19.71 -22.76 2.97
CA VAL A 18 -19.59 -22.39 4.37
C VAL A 18 -20.95 -22.21 5.02
N ARG A 19 -22.03 -22.70 4.40
CA ARG A 19 -23.32 -22.72 5.10
C ARG A 19 -23.29 -23.59 6.35
N PRO A 20 -22.56 -24.73 6.40
CA PRO A 20 -22.44 -25.48 7.66
C PRO A 20 -21.89 -24.66 8.82
N TYR A 21 -21.28 -23.51 8.55
CA TYR A 21 -20.70 -22.68 9.59
C TYR A 21 -21.37 -21.32 9.75
N LEU A 22 -22.49 -21.08 9.06
CA LEU A 22 -22.98 -19.71 8.89
C LEU A 22 -23.32 -19.07 10.22
N GLU A 23 -24.31 -19.62 10.93
CA GLU A 23 -24.83 -18.91 12.08
C GLU A 23 -23.81 -18.80 13.21
N GLU A 24 -23.01 -19.84 13.40
CA GLU A 24 -21.95 -19.77 14.41
C GLU A 24 -20.96 -18.66 14.10
N CYS A 25 -20.49 -18.61 12.85
CA CYS A 25 -19.51 -17.59 12.49
C CYS A 25 -20.11 -16.20 12.49
N THR A 26 -21.36 -16.06 12.04
CA THR A 26 -22.04 -14.76 12.10
C THR A 26 -22.13 -14.28 13.53
N ARG A 27 -22.49 -15.17 14.44
CA ARG A 27 -22.59 -14.81 15.84
C ARG A 27 -21.23 -14.42 16.39
N ARG A 28 -20.17 -15.08 15.93
CA ARG A 28 -18.84 -14.82 16.46
C ARG A 28 -18.26 -13.51 15.90
N PHE A 29 -18.51 -13.24 14.61
CA PHE A 29 -18.25 -11.91 14.07
C PHE A 29 -18.92 -10.84 14.91
N GLN A 30 -20.25 -10.98 15.08
CA GLN A 30 -21.02 -9.98 15.82
C GLN A 30 -20.49 -9.81 17.24
N GLU A 31 -20.23 -10.93 17.91
CA GLU A 31 -19.67 -10.84 19.26
C GLU A 31 -18.39 -10.02 19.24
N MET A 32 -17.53 -10.23 18.24
CA MET A 32 -16.27 -9.51 18.17
C MET A 32 -16.50 -8.02 17.95
N PHE A 33 -17.45 -7.66 17.09
CA PHE A 33 -17.76 -6.25 16.88
C PHE A 33 -18.36 -5.62 18.13
N ASP A 34 -19.31 -6.31 18.77
CA ASP A 34 -19.88 -5.79 20.02
C ASP A 34 -18.80 -5.54 21.06
N ARG A 35 -17.74 -6.34 21.07
CA ARG A 35 -16.72 -6.19 22.10
C ARG A 35 -15.68 -5.14 21.74
N HIS A 36 -15.24 -5.09 20.48
CA HIS A 36 -14.09 -4.28 20.07
C HIS A 36 -14.45 -3.00 19.33
N VAL A 37 -15.64 -2.91 18.74
CA VAL A 37 -16.07 -1.71 18.03
C VAL A 37 -17.22 -1.02 18.76
N VAL A 38 -18.24 -1.79 19.15
CA VAL A 38 -19.34 -1.39 20.02
C VAL A 38 -20.31 -0.48 19.27
N THR A 39 -19.87 0.74 18.94
CA THR A 39 -20.69 1.65 18.14
C THR A 39 -21.18 1.00 16.86
N ARG A 40 -22.47 1.12 16.59
CA ARG A 40 -23.07 0.41 15.48
C ARG A 40 -23.14 1.28 14.22
N PRO A 41 -23.14 0.66 13.05
CA PRO A 41 -23.26 1.43 11.81
C PRO A 41 -24.68 1.95 11.60
N THR A 42 -24.76 3.21 11.14
CA THR A 42 -26.03 3.86 10.86
C THR A 42 -26.14 4.14 9.37
N LYS A 43 -27.34 3.92 8.82
CA LYS A 43 -27.52 3.95 7.37
C LYS A 43 -27.99 5.32 6.90
N VAL A 44 -27.41 5.77 5.80
CA VAL A 44 -27.74 7.05 5.18
C VAL A 44 -29.04 6.93 4.40
N GLU A 45 -29.97 7.85 4.63
CA GLU A 45 -31.15 8.02 3.80
C GLU A 45 -30.97 9.24 2.92
N LEU A 46 -30.91 9.03 1.62
CA LEU A 46 -30.86 10.12 0.67
C LEU A 46 -32.27 10.68 0.48
N THR A 47 -32.37 11.98 0.24
CA THR A 47 -33.64 12.51 -0.24
C THR A 47 -33.94 11.90 -1.61
N ASP A 48 -35.21 11.96 -2.01
CA ASP A 48 -35.60 11.28 -3.23
C ASP A 48 -35.09 11.98 -4.48
N ALA A 49 -34.54 13.18 -4.33
CA ALA A 49 -33.82 13.84 -5.43
C ALA A 49 -32.34 13.48 -5.39
N GLU A 50 -31.76 13.40 -4.19
CA GLU A 50 -30.40 12.90 -4.06
C GLU A 50 -30.26 11.52 -4.70
N LEU A 51 -31.09 10.57 -4.25
CA LEU A 51 -31.08 9.22 -4.79
C LEU A 51 -31.22 9.21 -6.30
N ARG A 52 -32.10 10.05 -6.83
CA ARG A 52 -32.35 10.04 -8.26
C ARG A 52 -31.13 10.48 -9.04
N GLU A 53 -30.37 11.45 -8.51
CA GLU A 53 -29.12 11.85 -9.14
C GLU A 53 -28.18 10.65 -9.25
N VAL A 54 -28.13 9.81 -8.21
CA VAL A 54 -27.24 8.65 -8.21
C VAL A 54 -27.63 7.68 -9.31
N ILE A 55 -28.89 7.25 -9.32
CA ILE A 55 -29.28 6.16 -10.21
C ILE A 55 -29.26 6.60 -11.66
N ASP A 56 -29.68 7.83 -11.94
CA ASP A 56 -29.45 8.40 -13.27
C ASP A 56 -28.00 8.25 -13.68
N ASP A 57 -27.08 8.84 -12.91
CA ASP A 57 -25.66 8.74 -13.24
C ASP A 57 -25.20 7.29 -13.32
N CYS A 58 -25.71 6.42 -12.44
CA CYS A 58 -25.42 4.98 -12.53
C CYS A 58 -25.82 4.39 -13.87
N ASN A 59 -27.06 4.67 -14.31
CA ASN A 59 -27.55 4.07 -15.55
C ASN A 59 -26.70 4.47 -16.75
N ALA A 60 -26.31 5.74 -16.83
CA ALA A 60 -25.59 6.21 -18.01
C ALA A 60 -24.16 5.67 -18.07
N ALA A 61 -23.50 5.46 -16.91
CA ALA A 61 -22.13 4.97 -16.94
C ALA A 61 -22.07 3.54 -17.46
N VAL A 62 -23.04 2.70 -17.07
CA VAL A 62 -23.04 1.30 -17.46
C VAL A 62 -23.65 1.08 -18.84
N ALA A 63 -24.46 2.02 -19.33
CA ALA A 63 -25.16 1.87 -20.60
C ALA A 63 -24.25 1.43 -21.75
N PRO A 64 -23.10 2.06 -22.01
CA PRO A 64 -22.33 1.69 -23.21
C PRO A 64 -21.76 0.28 -23.14
N LEU A 65 -21.85 -0.41 -22.00
CA LEU A 65 -21.51 -1.83 -21.95
C LEU A 65 -22.72 -2.72 -22.17
N GLY A 66 -23.82 -2.19 -22.68
CA GLY A 66 -24.96 -2.98 -23.05
C GLY A 66 -25.63 -3.72 -21.91
N LYS A 67 -25.37 -3.31 -20.67
CA LYS A 67 -26.02 -3.86 -19.50
C LYS A 67 -27.08 -2.87 -19.03
N THR A 68 -28.25 -3.39 -18.69
CA THR A 68 -29.21 -2.57 -17.99
C THR A 68 -29.34 -3.10 -16.58
N VAL A 69 -29.18 -2.21 -15.63
CA VAL A 69 -29.08 -2.59 -14.24
C VAL A 69 -30.43 -2.39 -13.59
N SER A 70 -30.92 -3.42 -12.92
CA SER A 70 -32.21 -3.35 -12.27
C SER A 70 -32.18 -2.38 -11.10
N ASP A 71 -33.32 -1.72 -10.84
CA ASP A 71 -33.39 -0.85 -9.67
C ASP A 71 -33.11 -1.62 -8.38
N GLU A 72 -33.33 -2.95 -8.42
CA GLU A 72 -32.96 -3.79 -7.29
C GLU A 72 -31.45 -3.76 -7.06
N ARG A 73 -30.68 -4.12 -8.09
CA ARG A 73 -29.23 -4.06 -8.00
C ARG A 73 -28.75 -2.71 -7.48
N TRP A 74 -29.02 -1.62 -8.22
CA TRP A 74 -28.51 -0.32 -7.81
C TRP A 74 -28.72 -0.09 -6.31
N ILE A 75 -29.97 -0.24 -5.85
CA ILE A 75 -30.28 0.04 -4.45
C ILE A 75 -29.67 -1.01 -3.54
N SER A 76 -29.37 -2.21 -4.07
CA SER A 76 -28.66 -3.20 -3.27
C SER A 76 -27.18 -2.87 -3.15
N TYR A 77 -26.46 -2.82 -4.28
CA TYR A 77 -25.04 -2.46 -4.28
C TYR A 77 -24.80 -1.22 -3.41
N VAL A 78 -25.68 -0.22 -3.52
CA VAL A 78 -25.54 1.02 -2.80
C VAL A 78 -25.69 0.85 -1.30
N GLY A 79 -26.24 -0.29 -0.87
CA GLY A 79 -26.31 -0.58 0.56
C GLY A 79 -24.97 -0.45 1.24
N VAL A 80 -23.91 -1.02 0.64
CA VAL A 80 -22.60 -0.95 1.28
C VAL A 80 -22.14 0.49 1.46
N VAL A 81 -22.51 1.39 0.56
CA VAL A 81 -22.19 2.80 0.76
C VAL A 81 -23.12 3.43 1.79
N LEU A 82 -24.40 3.07 1.76
CA LEU A 82 -25.32 3.64 2.72
C LEU A 82 -24.99 3.23 4.15
N TRP A 83 -24.48 2.02 4.33
CA TRP A 83 -24.26 1.48 5.68
C TRP A 83 -22.84 1.64 6.19
N SER A 84 -21.85 1.85 5.33
CA SER A 84 -20.46 1.73 5.77
C SER A 84 -19.69 3.04 5.76
N GLN A 85 -20.35 4.16 5.49
CA GLN A 85 -19.68 5.43 5.69
C GLN A 85 -19.87 5.78 7.17
N SER A 86 -19.53 7.01 7.56
CA SER A 86 -19.68 7.47 8.94
C SER A 86 -20.51 8.76 8.93
N PRO A 87 -21.85 8.64 8.96
CA PRO A 87 -22.71 9.82 8.70
C PRO A 87 -22.44 11.00 9.61
N ARG A 88 -22.02 10.77 10.86
CA ARG A 88 -21.76 11.88 11.77
C ARG A 88 -20.75 12.86 11.24
N HIS A 89 -19.90 12.45 10.30
CA HIS A 89 -18.82 13.30 9.85
C HIS A 89 -19.00 13.80 8.42
N ILE A 90 -20.03 13.34 7.71
CA ILE A 90 -20.15 13.69 6.29
C ILE A 90 -20.29 15.19 6.12
N LYS A 91 -19.43 15.77 5.30
CA LYS A 91 -19.52 17.19 4.95
C LYS A 91 -19.83 17.43 3.47
N ASP A 92 -20.03 16.39 2.66
CA ASP A 92 -20.21 16.57 1.21
C ASP A 92 -21.02 15.39 0.66
N MET A 93 -22.25 15.69 0.22
CA MET A 93 -23.17 14.66 -0.26
C MET A 93 -23.05 14.37 -1.75
N GLU A 94 -22.48 15.29 -2.53
CA GLU A 94 -22.11 14.93 -3.90
C GLU A 94 -21.01 13.88 -3.90
N ALA A 95 -20.03 14.02 -2.99
CA ALA A 95 -19.02 12.99 -2.88
C ALA A 95 -19.64 11.65 -2.49
N PHE A 96 -20.71 11.70 -1.69
CA PHE A 96 -21.40 10.48 -1.31
C PHE A 96 -22.07 9.82 -2.50
N LYS A 97 -22.75 10.62 -3.32
CA LYS A 97 -23.35 10.11 -4.55
C LYS A 97 -22.30 9.57 -5.50
N ALA A 98 -21.14 10.20 -5.55
CA ALA A 98 -20.04 9.64 -6.33
C ALA A 98 -19.73 8.21 -5.89
N VAL A 99 -19.53 7.99 -4.59
CA VAL A 99 -19.15 6.67 -4.10
C VAL A 99 -20.24 5.66 -4.38
N CYS A 100 -21.50 6.04 -4.14
CA CYS A 100 -22.64 5.21 -4.54
C CYS A 100 -22.50 4.74 -5.98
N VAL A 101 -22.27 5.69 -6.90
CA VAL A 101 -22.26 5.38 -8.32
C VAL A 101 -20.99 4.63 -8.70
N LEU A 102 -19.83 5.13 -8.27
CA LEU A 102 -18.56 4.51 -8.62
C LEU A 102 -18.49 3.07 -8.11
N ASN A 103 -19.04 2.83 -6.93
CA ASN A 103 -18.96 1.49 -6.36
C ASN A 103 -19.90 0.55 -7.09
N CYS A 104 -21.08 1.06 -7.44
CA CYS A 104 -22.03 0.25 -8.18
C CYS A 104 -21.47 -0.17 -9.54
N VAL A 105 -20.91 0.77 -10.30
CA VAL A 105 -20.50 0.43 -11.66
C VAL A 105 -19.34 -0.57 -11.63
N THR A 106 -18.39 -0.40 -10.72
CA THR A 106 -17.26 -1.33 -10.73
C THR A 106 -17.69 -2.71 -10.25
N PHE A 107 -18.79 -2.79 -9.49
CA PHE A 107 -19.41 -4.09 -9.21
C PHE A 107 -19.82 -4.79 -10.51
N VAL A 108 -20.40 -4.05 -11.46
CA VAL A 108 -20.76 -4.63 -12.74
C VAL A 108 -19.51 -5.11 -13.46
N TRP A 109 -18.49 -4.24 -13.51
CA TRP A 109 -17.22 -4.61 -14.11
C TRP A 109 -16.64 -5.84 -13.45
N ASP A 110 -16.82 -5.95 -12.13
CA ASP A 110 -16.35 -7.12 -11.40
C ASP A 110 -16.97 -8.39 -11.94
N ASP A 111 -18.30 -8.42 -12.07
CA ASP A 111 -19.01 -9.63 -12.50
C ASP A 111 -18.88 -9.94 -14.00
N MET A 112 -18.32 -9.05 -14.82
CA MET A 112 -18.30 -9.29 -16.25
C MET A 112 -17.22 -10.28 -16.69
N ASP A 113 -17.64 -11.21 -17.53
CA ASP A 113 -16.72 -11.87 -18.44
C ASP A 113 -15.73 -10.85 -19.00
N PRO A 114 -14.42 -11.13 -18.94
CA PRO A 114 -13.43 -10.18 -19.49
C PRO A 114 -13.62 -9.83 -20.97
N ALA A 115 -14.16 -10.75 -21.78
CA ALA A 115 -14.45 -10.44 -23.18
C ALA A 115 -15.25 -9.15 -23.30
N LEU A 116 -16.09 -8.88 -22.30
CA LEU A 116 -16.98 -7.73 -22.33
C LEU A 116 -16.30 -6.44 -21.89
N HIS A 117 -15.18 -6.51 -21.18
CA HIS A 117 -14.46 -5.30 -20.78
C HIS A 117 -14.13 -4.48 -22.02
N ASP A 118 -13.91 -3.18 -21.84
CA ASP A 118 -13.63 -2.27 -22.94
C ASP A 118 -13.30 -0.94 -22.30
N PHE A 119 -12.03 -0.55 -22.33
CA PHE A 119 -11.63 0.62 -21.59
C PHE A 119 -11.96 1.91 -22.36
N GLY A 120 -11.89 1.85 -23.68
CA GLY A 120 -12.22 3.02 -24.49
C GLY A 120 -13.61 3.54 -24.21
N LEU A 121 -14.55 2.64 -23.94
CA LEU A 121 -15.92 3.03 -23.66
C LEU A 121 -16.20 3.31 -22.19
N PHE A 122 -15.62 2.52 -21.28
CA PHE A 122 -16.03 2.61 -19.89
C PHE A 122 -15.27 3.69 -19.12
N LEU A 123 -13.96 3.76 -19.27
CA LEU A 123 -13.16 4.82 -18.63
C LEU A 123 -13.72 6.22 -18.81
N PRO A 124 -14.14 6.65 -20.01
CA PRO A 124 -14.76 8.00 -20.10
C PRO A 124 -15.97 8.17 -19.20
N GLN A 125 -16.77 7.14 -18.99
CA GLN A 125 -17.91 7.26 -18.08
C GLN A 125 -17.42 7.42 -16.63
N LEU A 126 -16.35 6.72 -16.26
CA LEU A 126 -15.77 6.91 -14.93
C LEU A 126 -15.33 8.35 -14.74
N ARG A 127 -14.65 8.91 -15.75
CA ARG A 127 -14.17 10.28 -15.63
C ARG A 127 -15.32 11.28 -15.58
N LYS A 128 -16.39 11.02 -16.34
CA LYS A 128 -17.57 11.90 -16.30
C LYS A 128 -18.13 11.99 -14.88
N ILE A 129 -18.34 10.85 -14.24
CA ILE A 129 -18.84 10.81 -12.87
C ILE A 129 -17.95 11.63 -11.94
N CYS A 130 -16.64 11.35 -11.94
CA CYS A 130 -15.71 12.07 -11.07
C CYS A 130 -15.73 13.58 -11.35
N GLU A 131 -15.76 13.96 -12.63
CA GLU A 131 -15.82 15.38 -12.96
C GLU A 131 -17.15 15.99 -12.56
N LYS A 132 -18.20 15.20 -12.41
CA LYS A 132 -19.48 15.77 -11.99
C LYS A 132 -19.51 16.03 -10.50
N TYR A 133 -19.01 15.09 -9.69
CA TYR A 133 -19.25 15.09 -8.26
C TYR A 133 -18.07 15.58 -7.42
N TYR A 134 -16.94 15.94 -8.03
CA TYR A 134 -15.75 16.37 -7.31
C TYR A 134 -15.19 17.64 -7.95
N GLY A 135 -14.39 18.39 -7.19
CA GLY A 135 -13.59 19.46 -7.75
C GLY A 135 -12.55 18.92 -8.73
N PRO A 136 -11.55 19.72 -9.11
CA PRO A 136 -10.53 19.21 -10.06
C PRO A 136 -9.51 18.28 -9.40
N GLU A 137 -8.95 18.68 -8.25
CA GLU A 137 -7.90 17.86 -7.64
C GLU A 137 -8.45 16.51 -7.20
N ASP A 138 -9.59 16.51 -6.51
CA ASP A 138 -10.19 15.26 -6.05
C ASP A 138 -10.67 14.40 -7.20
N ALA A 139 -11.15 15.00 -8.29
CA ALA A 139 -11.62 14.20 -9.41
C ALA A 139 -10.47 13.41 -10.03
N GLU A 140 -9.28 14.03 -10.13
CA GLU A 140 -8.11 13.29 -10.60
C GLU A 140 -7.79 12.12 -9.69
N VAL A 141 -7.87 12.33 -8.36
CA VAL A 141 -7.52 11.26 -7.43
C VAL A 141 -8.55 10.15 -7.49
N ALA A 142 -9.83 10.52 -7.45
CA ALA A 142 -10.89 9.51 -7.57
C ALA A 142 -10.77 8.75 -8.89
N TYR A 143 -10.57 9.45 -10.00
CA TYR A 143 -10.55 8.80 -11.30
C TYR A 143 -9.36 7.85 -11.44
N GLU A 144 -8.16 8.28 -11.03
CA GLU A 144 -7.01 7.37 -11.07
C GLU A 144 -7.28 6.09 -10.29
N ALA A 145 -7.90 6.21 -9.11
CA ALA A 145 -8.19 5.03 -8.30
C ALA A 145 -9.26 4.16 -8.94
N ALA A 146 -10.24 4.76 -9.59
CA ALA A 146 -11.23 4.00 -10.35
C ALA A 146 -10.58 3.26 -11.51
N ARG A 147 -9.77 3.97 -12.30
CA ARG A 147 -9.04 3.35 -13.40
C ARG A 147 -8.17 2.20 -12.90
N ALA A 148 -7.48 2.41 -11.78
CA ALA A 148 -6.59 1.38 -11.24
C ALA A 148 -7.37 0.13 -10.84
N PHE A 149 -8.52 0.30 -10.19
CA PHE A 149 -9.29 -0.87 -9.74
C PHE A 149 -9.83 -1.67 -10.93
N VAL A 150 -10.44 -0.99 -11.92
CA VAL A 150 -11.04 -1.75 -13.02
C VAL A 150 -9.93 -2.40 -13.86
N THR A 151 -8.82 -1.69 -14.07
CA THR A 151 -7.67 -2.27 -14.74
C THR A 151 -7.13 -3.47 -13.99
N SER A 152 -7.05 -3.39 -12.66
CA SER A 152 -6.54 -4.50 -11.88
C SER A 152 -7.46 -5.72 -11.98
N ASP A 153 -8.77 -5.52 -11.78
CA ASP A 153 -9.69 -6.65 -11.89
C ASP A 153 -9.60 -7.31 -13.26
N HIS A 154 -9.46 -6.52 -14.33
CA HIS A 154 -9.35 -7.06 -15.67
C HIS A 154 -8.06 -7.85 -15.84
N MET A 155 -6.91 -7.25 -15.47
CA MET A 155 -5.63 -7.86 -15.84
C MET A 155 -5.29 -9.05 -14.95
N PHE A 156 -5.98 -9.22 -13.82
CA PHE A 156 -5.70 -10.38 -12.97
C PHE A 156 -6.60 -11.57 -13.25
N ARG A 157 -7.55 -11.47 -14.18
CA ARG A 157 -8.32 -12.65 -14.53
C ARG A 157 -7.39 -13.71 -15.11
N ASP A 158 -7.58 -14.96 -14.69
CA ASP A 158 -6.70 -16.10 -14.99
C ASP A 158 -5.25 -15.69 -15.26
N SER A 159 -4.55 -15.20 -14.16
CA SER A 159 -3.21 -14.59 -14.14
C SER A 159 -2.30 -15.31 -13.17
N PRO A 160 -1.06 -15.63 -13.55
CA PRO A 160 -0.17 -16.39 -12.64
C PRO A 160 0.06 -15.69 -11.31
N ILE A 161 0.24 -14.37 -11.34
CA ILE A 161 0.39 -13.59 -10.13
C ILE A 161 -0.75 -13.89 -9.16
N LYS A 162 -1.98 -13.74 -9.64
CA LYS A 162 -3.14 -13.92 -8.77
C LYS A 162 -3.17 -15.31 -8.15
N ALA A 163 -2.95 -16.34 -8.98
CA ALA A 163 -2.87 -17.71 -8.47
C ALA A 163 -1.83 -17.82 -7.35
N ALA A 164 -0.64 -17.28 -7.56
CA ALA A 164 0.42 -17.39 -6.56
C ALA A 164 0.02 -16.70 -5.25
N LEU A 165 -0.37 -15.43 -5.33
CA LEU A 165 -0.65 -14.62 -4.14
C LEU A 165 -1.85 -15.13 -3.35
N CYS A 166 -2.80 -15.80 -4.01
CA CYS A 166 -4.00 -16.27 -3.33
C CYS A 166 -3.85 -17.67 -2.75
N THR A 167 -2.85 -18.43 -3.19
CA THR A 167 -2.69 -19.78 -2.70
C THR A 167 -1.45 -19.95 -1.83
N THR A 168 -0.70 -18.88 -1.58
CA THR A 168 0.57 -19.04 -0.87
C THR A 168 0.41 -18.95 0.64
N SER A 169 -0.10 -17.83 1.15
CA SER A 169 -0.31 -17.63 2.57
C SER A 169 -1.38 -16.55 2.74
N PRO A 170 -1.98 -16.42 3.93
CA PRO A 170 -2.85 -15.27 4.16
C PRO A 170 -2.18 -13.94 3.82
N GLU A 171 -0.89 -13.81 4.09
CA GLU A 171 -0.22 -12.52 3.95
C GLU A 171 -0.05 -12.13 2.49
N GLN A 172 0.34 -13.07 1.63
CA GLN A 172 0.36 -12.75 0.21
C GLN A 172 -1.05 -12.40 -0.26
N TYR A 173 -2.05 -13.12 0.25
CA TYR A 173 -3.42 -12.94 -0.20
C TYR A 173 -3.93 -11.55 0.14
N PHE A 174 -3.84 -11.15 1.41
CA PHE A 174 -4.34 -9.84 1.79
C PHE A 174 -3.57 -8.73 1.09
N ARG A 175 -2.28 -8.95 0.81
CA ARG A 175 -1.52 -7.96 0.04
C ARG A 175 -2.18 -7.69 -1.31
N PHE A 176 -2.66 -8.75 -1.98
CA PHE A 176 -3.36 -8.59 -3.24
C PHE A 176 -4.68 -7.84 -3.04
N ARG A 177 -5.41 -8.19 -1.97
CA ARG A 177 -6.74 -7.66 -1.72
C ARG A 177 -6.78 -6.16 -1.41
N VAL A 178 -5.68 -5.59 -0.90
CA VAL A 178 -5.63 -4.14 -0.68
C VAL A 178 -6.14 -3.39 -1.92
N THR A 179 -5.68 -3.79 -3.09
CA THR A 179 -6.20 -3.24 -4.33
C THR A 179 -7.45 -3.98 -4.76
N ASP A 180 -7.44 -5.31 -4.70
CA ASP A 180 -8.40 -6.05 -5.49
C ASP A 180 -9.80 -6.01 -4.90
N ILE A 181 -9.92 -5.97 -3.56
CA ILE A 181 -11.26 -5.86 -2.98
C ILE A 181 -11.84 -4.48 -3.22
N GLY A 182 -11.02 -3.48 -3.52
CA GLY A 182 -11.51 -2.14 -3.79
C GLY A 182 -11.37 -1.15 -2.65
N VAL A 183 -10.75 -1.54 -1.53
CA VAL A 183 -10.69 -0.63 -0.39
C VAL A 183 -9.78 0.55 -0.67
N ASP A 184 -8.69 0.36 -1.44
CA ASP A 184 -7.84 1.51 -1.75
C ASP A 184 -8.59 2.53 -2.59
N PHE A 185 -9.37 2.04 -3.57
CA PHE A 185 -10.27 2.89 -4.36
C PHE A 185 -11.25 3.63 -3.45
N TRP A 186 -11.93 2.88 -2.57
CA TRP A 186 -12.90 3.45 -1.64
C TRP A 186 -12.34 4.67 -0.91
N MET A 187 -11.16 4.51 -0.31
CA MET A 187 -10.58 5.60 0.47
C MET A 187 -10.26 6.81 -0.39
N LYS A 188 -9.73 6.57 -1.58
CA LYS A 188 -9.31 7.69 -2.43
C LYS A 188 -10.49 8.39 -3.08
N MET A 189 -11.68 7.79 -3.07
CA MET A 189 -12.88 8.48 -3.51
C MET A 189 -13.76 8.97 -2.37
N SER A 190 -13.45 8.59 -1.13
CA SER A 190 -14.30 8.92 0.02
C SER A 190 -13.77 10.05 0.88
N TYR A 191 -12.48 10.36 0.83
CA TYR A 191 -11.97 11.46 1.65
C TYR A 191 -12.59 12.81 1.33
N PRO A 192 -13.00 13.13 0.09
CA PRO A 192 -13.71 14.41 -0.12
C PRO A 192 -15.00 14.52 0.70
N ILE A 193 -15.59 13.39 1.11
CA ILE A 193 -16.79 13.44 1.94
C ILE A 193 -16.56 14.20 3.23
N TYR A 194 -15.37 14.02 3.84
CA TYR A 194 -15.10 14.47 5.20
C TYR A 194 -14.20 15.68 5.31
N ARG A 195 -13.40 15.97 4.27
CA ARG A 195 -12.48 17.10 4.25
C ARG A 195 -11.55 17.13 5.47
N HIS A 196 -11.38 15.98 6.15
CA HIS A 196 -10.54 15.90 7.35
C HIS A 196 -9.09 15.65 6.95
N PRO A 197 -8.17 16.54 7.34
CA PRO A 197 -6.79 16.45 6.84
C PRO A 197 -6.06 15.13 7.15
N GLU A 198 -6.23 14.58 8.36
CA GLU A 198 -5.57 13.30 8.65
C GLU A 198 -6.09 12.20 7.75
N PHE A 199 -7.42 12.08 7.62
CA PHE A 199 -7.99 10.98 6.87
C PHE A 199 -7.61 11.06 5.39
N THR A 200 -7.59 12.28 4.85
CA THR A 200 -7.20 12.46 3.45
C THR A 200 -5.76 12.00 3.24
N GLU A 201 -4.91 12.23 4.23
CA GLU A 201 -3.51 11.83 4.09
C GLU A 201 -3.34 10.32 4.22
N HIS A 202 -3.99 9.69 5.20
CA HIS A 202 -4.00 8.23 5.26
C HIS A 202 -4.62 7.61 4.00
N ALA A 203 -5.59 8.28 3.39
CA ALA A 203 -6.17 7.76 2.15
C ALA A 203 -5.16 7.80 1.01
N LYS A 204 -4.39 8.89 0.93
CA LYS A 204 -3.47 9.09 -0.18
C LYS A 204 -2.18 8.29 -0.04
N THR A 205 -1.76 7.96 1.19
CA THR A 205 -0.66 7.00 1.36
C THR A 205 -1.11 5.56 1.18
N SER A 206 -2.41 5.29 1.20
CA SER A 206 -3.03 3.98 1.27
C SER A 206 -2.86 3.31 2.63
N LEU A 207 -2.29 4.00 3.62
CA LEU A 207 -2.31 3.46 4.97
C LEU A 207 -3.75 3.13 5.39
N ALA A 208 -4.70 3.98 5.01
CA ALA A 208 -6.10 3.73 5.37
C ALA A 208 -6.58 2.41 4.79
N ALA A 209 -6.33 2.19 3.49
CA ALA A 209 -6.70 0.92 2.88
C ALA A 209 -6.02 -0.23 3.60
N ARG A 210 -4.72 -0.08 3.89
CA ARG A 210 -3.99 -1.18 4.51
C ARG A 210 -4.54 -1.51 5.88
N MET A 211 -4.90 -0.47 6.67
CA MET A 211 -5.44 -0.70 8.00
C MET A 211 -6.75 -1.46 7.96
N THR A 212 -7.55 -1.24 6.90
CA THR A 212 -8.90 -1.79 6.85
C THR A 212 -9.03 -3.03 5.96
N THR A 213 -7.94 -3.47 5.30
CA THR A 213 -8.07 -4.54 4.31
C THR A 213 -8.62 -5.82 4.92
N ARG A 214 -8.06 -6.27 6.04
CA ARG A 214 -8.41 -7.58 6.54
C ARG A 214 -9.81 -7.58 7.14
N GLY A 215 -10.20 -6.51 7.83
CA GLY A 215 -11.56 -6.45 8.36
C GLY A 215 -12.62 -6.57 7.27
N LEU A 216 -12.41 -5.85 6.16
CA LEU A 216 -13.35 -5.90 5.04
C LEU A 216 -13.30 -7.23 4.32
N THR A 217 -12.09 -7.72 4.04
CA THR A 217 -11.89 -8.87 3.17
C THR A 217 -12.30 -10.17 3.85
N ILE A 218 -11.96 -10.34 5.13
CA ILE A 218 -12.30 -11.57 5.83
C ILE A 218 -13.81 -11.74 5.89
N VAL A 219 -14.53 -10.65 6.18
CA VAL A 219 -15.99 -10.71 6.20
C VAL A 219 -16.54 -11.05 4.83
N ASN A 220 -16.13 -10.28 3.81
CA ASN A 220 -16.59 -10.53 2.45
C ASN A 220 -16.26 -11.96 2.01
N ASP A 221 -15.06 -12.43 2.32
CA ASP A 221 -14.68 -13.77 1.91
C ASP A 221 -15.60 -14.82 2.52
N PHE A 222 -16.00 -14.63 3.78
CA PHE A 222 -16.83 -15.67 4.38
C PHE A 222 -18.17 -15.77 3.68
N TYR A 223 -18.89 -14.66 3.58
CA TYR A 223 -20.25 -14.69 3.10
C TYR A 223 -20.35 -14.80 1.58
N SER A 224 -19.25 -14.56 0.87
CA SER A 224 -19.21 -14.69 -0.59
C SER A 224 -18.38 -15.87 -1.02
N TYR A 225 -17.91 -16.68 -0.07
CA TYR A 225 -17.27 -17.94 -0.40
C TYR A 225 -18.16 -18.79 -1.28
N ASP A 226 -19.47 -18.74 -1.05
CA ASP A 226 -20.39 -19.62 -1.77
C ASP A 226 -20.53 -19.20 -3.22
N ARG A 227 -20.78 -17.92 -3.47
CA ARG A 227 -20.88 -17.44 -4.84
C ARG A 227 -19.59 -17.72 -5.60
N GLU A 228 -18.43 -17.56 -4.95
CA GLU A 228 -17.17 -17.60 -5.69
C GLU A 228 -16.69 -19.02 -5.93
N VAL A 229 -16.93 -19.95 -5.00
CA VAL A 229 -16.57 -21.34 -5.27
C VAL A 229 -17.50 -21.92 -6.33
N SER A 230 -18.76 -21.45 -6.37
CA SER A 230 -19.67 -21.92 -7.42
C SER A 230 -19.25 -21.36 -8.77
N LEU A 231 -18.50 -20.26 -8.79
CA LEU A 231 -17.98 -19.70 -10.03
C LEU A 231 -16.55 -20.14 -10.31
N GLY A 232 -15.98 -20.99 -9.46
CA GLY A 232 -14.59 -21.36 -9.62
C GLY A 232 -13.61 -20.22 -9.41
N GLN A 233 -13.98 -19.25 -8.58
CA GLN A 233 -13.15 -18.07 -8.32
C GLN A 233 -12.27 -18.33 -7.10
N ILE A 234 -10.98 -17.96 -7.22
CA ILE A 234 -10.01 -18.33 -6.19
C ILE A 234 -9.65 -17.18 -5.25
N THR A 235 -10.13 -15.96 -5.49
CA THR A 235 -9.74 -14.81 -4.68
C THR A 235 -10.59 -14.80 -3.40
N ASN A 236 -10.22 -15.67 -2.46
CA ASN A 236 -10.99 -15.87 -1.23
C ASN A 236 -10.14 -16.61 -0.22
N CYS A 237 -9.82 -15.96 0.91
CA CYS A 237 -8.84 -16.51 1.85
C CYS A 237 -9.25 -17.86 2.42
N PHE A 238 -10.55 -18.14 2.53
CA PHE A 238 -10.92 -19.43 3.08
C PHE A 238 -10.59 -20.59 2.15
N ARG A 239 -10.20 -20.31 0.90
CA ARG A 239 -9.63 -21.37 0.09
C ARG A 239 -8.24 -21.80 0.57
N LEU A 240 -7.65 -21.07 1.51
CA LEU A 240 -6.33 -21.43 2.02
C LEU A 240 -6.40 -22.51 3.10
N CYS A 241 -7.58 -22.81 3.63
CA CYS A 241 -7.71 -23.86 4.63
C CYS A 241 -8.66 -24.92 4.10
N ASP A 242 -8.61 -26.10 4.72
CA ASP A 242 -9.43 -27.23 4.30
C ASP A 242 -10.78 -27.12 4.99
N VAL A 243 -11.71 -26.42 4.33
CA VAL A 243 -13.03 -26.18 4.90
C VAL A 243 -13.83 -27.46 5.07
N SER A 244 -13.42 -28.55 4.41
CA SER A 244 -14.08 -29.84 4.61
C SER A 244 -13.63 -30.46 5.93
N ASP A 245 -12.37 -30.30 6.28
CA ASP A 245 -11.95 -30.55 7.65
C ASP A 245 -12.61 -29.50 8.54
N GLU A 246 -13.07 -29.92 9.73
CA GLU A 246 -13.81 -29.01 10.59
C GLU A 246 -12.95 -28.41 11.70
N THR A 247 -11.98 -29.17 12.22
CA THR A 247 -11.02 -28.61 13.14
C THR A 247 -10.14 -27.58 12.44
N ALA A 248 -9.67 -27.91 11.24
CA ALA A 248 -8.86 -26.95 10.48
C ALA A 248 -9.62 -25.67 10.22
N PHE A 249 -10.93 -25.77 9.98
CA PHE A 249 -11.72 -24.57 9.73
C PHE A 249 -11.80 -23.69 10.97
N LYS A 250 -12.11 -24.28 12.12
CA LYS A 250 -12.21 -23.49 13.34
C LYS A 250 -10.88 -22.83 13.69
N GLU A 251 -9.76 -23.52 13.46
CA GLU A 251 -8.45 -22.93 13.72
C GLU A 251 -8.19 -21.74 12.79
N PHE A 252 -8.44 -21.94 11.49
CA PHE A 252 -8.22 -20.87 10.52
C PHE A 252 -9.16 -19.69 10.77
N PHE A 253 -10.43 -19.97 11.06
CA PHE A 253 -11.38 -18.88 11.32
C PHE A 253 -10.95 -18.07 12.55
N GLN A 254 -10.47 -18.74 13.59
CA GLN A 254 -10.00 -17.99 14.76
C GLN A 254 -8.81 -17.11 14.42
N ALA A 255 -7.85 -17.62 13.62
CA ALA A 255 -6.70 -16.81 13.24
C ALA A 255 -7.12 -15.57 12.45
N ARG A 256 -8.10 -15.70 11.54
CA ARG A 256 -8.64 -14.52 10.86
C ARG A 256 -9.38 -13.59 11.82
N LEU A 257 -10.09 -14.14 12.79
CA LEU A 257 -10.68 -13.31 13.83
C LEU A 257 -9.61 -12.51 14.57
N ASP A 258 -8.50 -13.16 14.93
CA ASP A 258 -7.42 -12.45 15.61
C ASP A 258 -6.83 -11.37 14.71
N ASP A 259 -6.73 -11.65 13.40
CA ASP A 259 -6.30 -10.62 12.45
C ASP A 259 -7.16 -9.38 12.58
N MET A 260 -8.49 -9.55 12.50
CA MET A 260 -9.42 -8.41 12.59
C MET A 260 -9.26 -7.68 13.92
N ILE A 261 -9.10 -8.41 15.02
CA ILE A 261 -8.99 -7.77 16.33
C ILE A 261 -7.70 -6.94 16.42
N GLU A 262 -6.59 -7.47 15.90
CA GLU A 262 -5.34 -6.73 15.96
C GLU A 262 -5.43 -5.45 15.14
N ASP A 263 -6.03 -5.54 13.95
CA ASP A 263 -6.22 -4.35 13.13
C ASP A 263 -7.10 -3.32 13.85
N ILE A 264 -8.20 -3.79 14.45
CA ILE A 264 -9.15 -2.86 15.05
C ILE A 264 -8.53 -2.11 16.24
N GLU A 265 -7.84 -2.83 17.15
CA GLU A 265 -7.20 -2.13 18.26
C GLU A 265 -6.10 -1.18 17.77
N CYS A 266 -5.40 -1.52 16.67
CA CYS A 266 -4.43 -0.58 16.13
C CYS A 266 -5.10 0.62 15.47
N ILE A 267 -6.24 0.42 14.83
CA ILE A 267 -7.00 1.53 14.24
C ILE A 267 -7.37 2.54 15.32
N LYS A 268 -7.61 2.08 16.54
CA LYS A 268 -7.98 2.95 17.65
C LYS A 268 -6.86 3.90 18.05
N ALA A 269 -5.65 3.74 17.50
CA ALA A 269 -4.58 4.69 17.75
C ALA A 269 -4.60 5.85 16.76
N PHE A 270 -5.42 5.77 15.71
CA PHE A 270 -5.58 6.90 14.83
C PHE A 270 -6.41 7.97 15.56
N ASP A 271 -6.41 9.19 14.99
CA ASP A 271 -7.23 10.24 15.57
C ASP A 271 -8.70 9.83 15.54
N GLN A 272 -9.50 10.48 16.38
CA GLN A 272 -10.83 9.94 16.66
C GLN A 272 -11.75 9.99 15.43
N LEU A 273 -11.72 11.07 14.67
CA LEU A 273 -12.55 11.11 13.46
C LEU A 273 -12.11 10.03 12.46
N THR A 274 -10.81 9.93 12.20
CA THR A 274 -10.32 8.91 11.27
C THR A 274 -10.69 7.51 11.77
N GLN A 275 -10.47 7.25 13.06
CA GLN A 275 -10.86 5.97 13.66
C GLN A 275 -12.34 5.68 13.46
N ASP A 276 -13.19 6.72 13.49
CA ASP A 276 -14.61 6.52 13.27
C ASP A 276 -14.88 6.00 11.86
N VAL A 277 -14.32 6.66 10.86
CA VAL A 277 -14.57 6.23 9.48
C VAL A 277 -14.08 4.80 9.25
N PHE A 278 -12.86 4.49 9.72
CA PHE A 278 -12.30 3.16 9.56
C PHE A 278 -13.20 2.09 10.15
N LEU A 279 -13.66 2.31 11.39
CA LEU A 279 -14.39 1.25 12.07
C LEU A 279 -15.82 1.14 11.55
N ASP A 280 -16.46 2.26 11.20
CA ASP A 280 -17.80 2.16 10.63
C ASP A 280 -17.75 1.51 9.25
N LEU A 281 -16.66 1.72 8.51
CA LEU A 281 -16.48 0.98 7.25
C LEU A 281 -16.46 -0.52 7.50
N ILE A 282 -15.68 -0.97 8.47
CA ILE A 282 -15.55 -2.42 8.67
C ILE A 282 -16.84 -2.99 9.22
N TYR A 283 -17.43 -2.35 10.22
CA TYR A 283 -18.67 -2.85 10.82
C TYR A 283 -19.83 -2.68 9.84
N GLY A 284 -19.88 -1.55 9.15
CA GLY A 284 -20.95 -1.33 8.18
C GLY A 284 -20.99 -2.39 7.11
N ASN A 285 -19.82 -2.79 6.60
CA ASN A 285 -19.78 -3.80 5.55
C ASN A 285 -20.30 -5.14 6.05
N PHE A 286 -20.08 -5.46 7.31
CA PHE A 286 -20.53 -6.75 7.85
C PHE A 286 -22.06 -6.83 7.89
N VAL A 287 -22.74 -5.72 8.21
CA VAL A 287 -24.21 -5.72 8.23
C VAL A 287 -24.77 -5.90 6.82
N TRP A 288 -24.24 -5.13 5.86
CA TRP A 288 -24.71 -5.28 4.49
C TRP A 288 -24.51 -6.71 3.99
N THR A 289 -23.32 -7.25 4.18
CA THR A 289 -22.98 -8.56 3.63
C THR A 289 -23.91 -9.64 4.16
N THR A 290 -24.19 -9.63 5.47
CA THR A 290 -25.03 -10.63 6.10
C THR A 290 -26.47 -10.58 5.59
N SER A 291 -26.91 -9.45 5.05
CA SER A 291 -28.29 -9.26 4.64
C SER A 291 -28.50 -9.31 3.13
N ASN A 292 -27.44 -9.28 2.33
CA ASN A 292 -27.64 -9.14 0.89
C ASN A 292 -27.76 -10.46 0.15
N LYS A 293 -28.74 -10.52 -0.76
CA LYS A 293 -29.15 -11.71 -1.51
C LYS A 293 -28.03 -12.20 -2.39
N ARG A 294 -27.12 -11.31 -2.73
CA ARG A 294 -25.94 -11.68 -3.49
C ARG A 294 -25.18 -12.86 -2.86
N TYR A 295 -25.40 -13.13 -1.57
CA TYR A 295 -24.58 -14.05 -0.81
C TYR A 295 -25.35 -15.32 -0.43
N LYS A 296 -26.67 -15.20 -0.32
CA LYS A 296 -27.48 -16.29 0.21
C LYS A 296 -27.74 -17.43 -0.78
N THR A 297 -28.51 -17.18 -1.85
CA THR A 297 -28.86 -18.24 -2.79
C THR A 297 -28.61 -17.76 -4.22
N ALA A 298 -28.20 -18.71 -5.07
CA ALA A 298 -28.27 -18.51 -6.52
C ALA A 298 -29.31 -19.47 -7.09
N ILE B 13 15.45 2.51 24.97
CA ILE B 13 16.67 1.73 25.02
C ILE B 13 17.88 2.66 24.85
N GLY B 14 18.73 2.40 23.86
CA GLY B 14 19.84 3.30 23.59
C GLY B 14 21.17 2.69 23.19
N ARG B 15 21.78 1.87 24.05
CA ARG B 15 22.93 1.08 23.63
C ARG B 15 22.59 -0.41 23.61
N SER B 16 21.73 -0.81 22.68
CA SER B 16 21.64 -2.20 22.26
C SER B 16 22.16 -2.30 20.83
N SER B 17 22.55 -3.51 20.43
CA SER B 17 23.34 -3.60 19.21
C SER B 17 23.16 -4.96 18.56
N VAL B 18 23.31 -4.97 17.24
CA VAL B 18 23.34 -6.21 16.47
C VAL B 18 24.74 -6.51 15.93
N ARG B 19 25.74 -5.76 16.38
CA ARG B 19 27.12 -5.94 15.94
C ARG B 19 27.60 -7.40 15.94
N PRO B 20 27.34 -8.24 16.96
CA PRO B 20 27.94 -9.59 16.94
C PRO B 20 27.50 -10.44 15.79
N TYR B 21 26.29 -10.18 15.26
CA TYR B 21 25.75 -10.98 14.17
C TYR B 21 26.05 -10.38 12.80
N LEU B 22 26.75 -9.26 12.75
CA LEU B 22 26.93 -8.57 11.48
C LEU B 22 27.42 -9.54 10.42
N GLU B 23 28.50 -10.26 10.71
CA GLU B 23 29.13 -11.09 9.70
C GLU B 23 28.19 -12.19 9.23
N GLU B 24 27.85 -13.13 10.11
CA GLU B 24 27.19 -14.33 9.66
C GLU B 24 25.78 -14.06 9.13
N CYS B 25 25.14 -12.98 9.60
CA CYS B 25 23.86 -12.59 9.03
C CYS B 25 24.03 -12.06 7.63
N THR B 26 25.08 -11.29 7.38
CA THR B 26 25.46 -10.94 6.01
C THR B 26 25.62 -12.20 5.16
N ARG B 27 26.27 -13.23 5.71
CA ARG B 27 26.41 -14.51 5.01
C ARG B 27 25.06 -15.16 4.76
N ARG B 28 24.19 -15.20 5.78
CA ARG B 28 22.87 -15.81 5.62
C ARG B 28 22.03 -15.04 4.61
N PHE B 29 22.06 -13.71 4.67
CA PHE B 29 21.46 -12.90 3.61
C PHE B 29 21.99 -13.31 2.26
N GLN B 30 23.33 -13.36 2.14
CA GLN B 30 23.96 -13.64 0.85
C GLN B 30 23.55 -15.01 0.32
N GLU B 31 23.58 -16.02 1.17
CA GLU B 31 23.24 -17.36 0.69
C GLU B 31 21.75 -17.50 0.42
N MET B 32 20.92 -16.68 1.06
CA MET B 32 19.51 -16.63 0.69
C MET B 32 19.35 -16.11 -0.73
N PHE B 33 20.06 -15.03 -1.08
CA PHE B 33 20.00 -14.50 -2.42
C PHE B 33 20.60 -15.44 -3.46
N ASP B 34 21.67 -16.18 -3.10
CA ASP B 34 22.31 -17.08 -4.07
C ASP B 34 21.42 -18.27 -4.38
N ARG B 35 20.61 -18.70 -3.41
CA ARG B 35 19.69 -19.80 -3.67
C ARG B 35 18.44 -19.31 -4.40
N HIS B 36 17.82 -18.22 -3.93
CA HIS B 36 16.48 -17.85 -4.34
C HIS B 36 16.39 -16.78 -5.42
N VAL B 37 17.43 -15.95 -5.60
CA VAL B 37 17.40 -14.89 -6.59
C VAL B 37 18.36 -15.16 -7.74
N VAL B 38 19.57 -15.63 -7.44
CA VAL B 38 20.53 -16.14 -8.41
C VAL B 38 21.17 -14.98 -9.17
N THR B 39 20.38 -14.33 -10.02
CA THR B 39 20.90 -13.21 -10.79
C THR B 39 21.40 -12.10 -9.88
N ARG B 40 22.54 -11.54 -10.23
CA ARG B 40 23.16 -10.51 -9.42
C ARG B 40 22.75 -9.12 -9.93
N PRO B 41 22.68 -8.12 -9.05
CA PRO B 41 22.30 -6.77 -9.50
C PRO B 41 23.41 -6.18 -10.36
N THR B 42 23.10 -5.04 -10.99
CA THR B 42 24.02 -4.44 -11.96
C THR B 42 24.08 -2.94 -11.73
N LYS B 43 25.24 -2.46 -11.27
CA LYS B 43 25.40 -1.07 -10.88
C LYS B 43 25.35 -0.15 -12.10
N VAL B 44 24.42 0.80 -12.08
CA VAL B 44 24.30 1.78 -13.15
C VAL B 44 25.59 2.60 -13.23
N GLU B 45 25.99 2.91 -14.44
CA GLU B 45 27.21 3.67 -14.67
C GLU B 45 26.87 5.00 -15.32
N LEU B 46 27.13 6.09 -14.61
CA LEU B 46 26.92 7.42 -15.14
C LEU B 46 28.25 8.01 -15.63
N THR B 47 28.21 8.67 -16.77
CA THR B 47 29.36 9.43 -17.24
C THR B 47 29.65 10.57 -16.28
N ASP B 48 30.94 10.93 -16.18
CA ASP B 48 31.45 11.94 -15.26
C ASP B 48 30.50 13.13 -15.14
N ALA B 49 29.92 13.53 -16.27
CA ALA B 49 28.99 14.66 -16.32
C ALA B 49 27.66 14.35 -15.66
N GLU B 50 26.89 13.38 -16.18
CA GLU B 50 25.54 13.11 -15.70
C GLU B 50 25.49 13.03 -14.18
N LEU B 51 26.44 12.32 -13.59
CA LEU B 51 26.53 12.26 -12.13
C LEU B 51 26.63 13.64 -11.53
N ARG B 52 27.49 14.52 -12.09
CA ARG B 52 27.60 15.87 -11.56
C ARG B 52 26.40 16.74 -11.92
N GLU B 53 25.62 16.37 -12.94
CA GLU B 53 24.35 17.04 -13.15
C GLU B 53 23.35 16.63 -12.07
N VAL B 54 23.30 15.34 -11.76
CA VAL B 54 22.47 14.85 -10.66
C VAL B 54 22.83 15.55 -9.37
N ILE B 55 24.13 15.64 -9.06
CA ILE B 55 24.53 16.25 -7.80
C ILE B 55 24.22 17.74 -7.81
N ASP B 56 24.51 18.41 -8.92
CA ASP B 56 24.18 19.84 -9.03
C ASP B 56 22.69 20.07 -8.86
N ASP B 57 21.86 19.13 -9.32
CA ASP B 57 20.42 19.30 -9.12
C ASP B 57 20.05 19.09 -7.65
N CYS B 58 20.70 18.12 -6.99
CA CYS B 58 20.39 17.85 -5.59
C CYS B 58 20.72 19.06 -4.71
N ASN B 59 21.88 19.69 -4.96
CA ASN B 59 22.24 20.88 -4.19
C ASN B 59 21.20 21.98 -4.34
N ALA B 60 20.74 22.23 -5.57
CA ALA B 60 19.74 23.28 -5.74
C ALA B 60 18.48 22.95 -4.94
N ALA B 61 18.08 21.69 -4.94
CA ALA B 61 16.82 21.32 -4.29
C ALA B 61 16.90 21.47 -2.78
N VAL B 62 18.05 21.16 -2.18
CA VAL B 62 18.12 21.35 -0.73
C VAL B 62 18.74 22.69 -0.36
N ALA B 63 19.21 23.46 -1.34
CA ALA B 63 19.73 24.80 -1.08
C ALA B 63 18.80 25.64 -0.19
N PRO B 64 17.51 25.77 -0.48
CA PRO B 64 16.68 26.65 0.36
C PRO B 64 16.60 26.20 1.81
N LEU B 65 16.78 24.92 2.12
CA LEU B 65 16.63 24.44 3.48
C LEU B 65 17.82 24.74 4.38
N GLY B 66 18.88 25.35 3.85
CA GLY B 66 19.86 26.04 4.66
C GLY B 66 20.92 25.16 5.29
N LYS B 67 21.21 24.03 4.68
CA LYS B 67 22.21 23.11 5.20
C LYS B 67 23.14 22.71 4.07
N THR B 68 24.35 22.34 4.43
CA THR B 68 25.31 21.92 3.41
C THR B 68 25.43 20.41 3.41
N VAL B 69 25.46 19.83 2.23
CA VAL B 69 25.73 18.41 2.13
C VAL B 69 26.74 18.21 1.01
N SER B 70 27.75 17.40 1.30
CA SER B 70 28.93 17.30 0.48
C SER B 70 28.76 16.23 -0.60
N ASP B 71 29.73 16.21 -1.52
CA ASP B 71 29.62 15.29 -2.64
C ASP B 71 29.71 13.85 -2.17
N GLU B 72 30.48 13.60 -1.09
CA GLU B 72 30.59 12.24 -0.57
C GLU B 72 29.25 11.73 -0.08
N ARG B 73 28.52 12.56 0.67
CA ARG B 73 27.21 12.18 1.18
C ARG B 73 26.20 12.02 0.06
N TRP B 74 26.28 12.86 -0.99
CA TRP B 74 25.41 12.68 -2.14
C TRP B 74 25.67 11.33 -2.80
N ILE B 75 26.95 11.01 -3.02
CA ILE B 75 27.35 9.73 -3.59
C ILE B 75 26.88 8.56 -2.73
N SER B 76 26.78 8.76 -1.41
CA SER B 76 26.32 7.67 -0.54
C SER B 76 24.82 7.45 -0.72
N TYR B 77 24.05 8.53 -0.76
CA TYR B 77 22.63 8.43 -1.09
C TYR B 77 22.43 7.75 -2.45
N VAL B 78 22.98 8.35 -3.50
CA VAL B 78 22.63 7.94 -4.85
C VAL B 78 23.00 6.50 -5.12
N GLY B 79 23.86 5.91 -4.28
CA GLY B 79 24.30 4.54 -4.52
C GLY B 79 23.17 3.54 -4.52
N VAL B 80 22.15 3.74 -3.68
CA VAL B 80 21.01 2.84 -3.70
C VAL B 80 20.35 2.84 -5.09
N VAL B 81 20.20 4.01 -5.70
CA VAL B 81 19.62 4.07 -7.05
C VAL B 81 20.58 3.47 -8.07
N LEU B 82 21.88 3.71 -7.89
CA LEU B 82 22.86 3.14 -8.80
C LEU B 82 22.87 1.62 -8.75
N TRP B 83 22.62 1.05 -7.57
CA TRP B 83 22.69 -0.38 -7.40
C TRP B 83 21.34 -1.09 -7.51
N SER B 84 20.22 -0.40 -7.37
CA SER B 84 18.97 -1.11 -7.15
C SER B 84 17.92 -0.89 -8.24
N GLN B 85 18.26 -0.17 -9.32
CA GLN B 85 17.44 -0.12 -10.52
C GLN B 85 17.79 -1.35 -11.37
N SER B 86 17.42 -1.34 -12.65
CA SER B 86 17.45 -2.54 -13.48
C SER B 86 18.05 -2.23 -14.86
N PRO B 87 19.37 -2.11 -14.94
CA PRO B 87 20.01 -1.81 -16.24
C PRO B 87 19.65 -2.77 -17.36
N ARG B 88 19.21 -4.00 -17.06
CA ARG B 88 18.72 -4.89 -18.10
C ARG B 88 17.59 -4.27 -18.92
N HIS B 89 16.87 -3.30 -18.34
CA HIS B 89 15.63 -2.81 -18.94
C HIS B 89 15.54 -1.30 -19.03
N ILE B 90 16.51 -0.55 -18.51
CA ILE B 90 16.42 0.90 -18.47
C ILE B 90 16.26 1.47 -19.88
N LYS B 91 15.23 2.29 -20.06
CA LYS B 91 15.04 3.06 -21.28
C LYS B 91 15.27 4.55 -21.10
N ASP B 92 14.75 5.16 -20.03
CA ASP B 92 14.71 6.62 -19.90
C ASP B 92 15.73 7.07 -18.86
N MET B 93 16.83 7.65 -19.33
CA MET B 93 17.85 8.11 -18.41
C MET B 93 17.49 9.44 -17.75
N GLU B 94 16.66 10.27 -18.39
CA GLU B 94 16.18 11.47 -17.71
C GLU B 94 15.32 11.10 -16.50
N ALA B 95 14.48 10.08 -16.65
CA ALA B 95 13.75 9.58 -15.50
C ALA B 95 14.70 9.00 -14.45
N PHE B 96 15.78 8.34 -14.89
CA PHE B 96 16.77 7.80 -13.95
C PHE B 96 17.44 8.92 -13.18
N LYS B 97 17.78 10.02 -13.85
CA LYS B 97 18.40 11.14 -13.15
C LYS B 97 17.42 11.75 -12.16
N ALA B 98 16.14 11.79 -12.51
CA ALA B 98 15.11 12.26 -11.59
C ALA B 98 15.09 11.43 -10.33
N VAL B 99 15.06 10.10 -10.46
CA VAL B 99 15.01 9.25 -9.27
C VAL B 99 16.24 9.47 -8.40
N CYS B 100 17.40 9.69 -9.00
CA CYS B 100 18.59 10.00 -8.21
C CYS B 100 18.38 11.26 -7.38
N VAL B 101 17.89 12.31 -8.03
CA VAL B 101 17.71 13.59 -7.35
C VAL B 101 16.62 13.49 -6.28
N LEU B 102 15.46 12.93 -6.65
CA LEU B 102 14.33 12.85 -5.73
C LEU B 102 14.67 11.97 -4.53
N ASN B 103 15.27 10.82 -4.78
CA ASN B 103 15.63 9.98 -3.65
C ASN B 103 16.66 10.68 -2.78
N CYS B 104 17.63 11.36 -3.40
CA CYS B 104 18.64 12.07 -2.63
C CYS B 104 18.03 13.15 -1.74
N VAL B 105 17.05 13.89 -2.25
CA VAL B 105 16.60 15.04 -1.47
C VAL B 105 15.53 14.65 -0.47
N THR B 106 14.93 13.47 -0.63
CA THR B 106 14.05 13.00 0.44
C THR B 106 14.83 12.26 1.52
N PHE B 107 15.99 11.71 1.18
CA PHE B 107 16.89 11.19 2.22
C PHE B 107 17.36 12.33 3.13
N VAL B 108 17.75 13.46 2.54
CA VAL B 108 18.11 14.63 3.33
C VAL B 108 16.96 15.00 4.26
N TRP B 109 15.74 15.00 3.73
CA TRP B 109 14.55 15.24 4.55
C TRP B 109 14.43 14.21 5.66
N ASP B 110 14.78 12.96 5.35
CA ASP B 110 14.65 11.87 6.32
C ASP B 110 15.67 12.03 7.45
N ASP B 111 16.90 12.41 7.10
CA ASP B 111 18.02 12.64 8.01
C ASP B 111 17.87 13.91 8.85
N MET B 112 16.81 14.67 8.63
CA MET B 112 16.76 16.07 9.02
C MET B 112 15.96 16.25 10.29
N ASP B 113 16.46 17.13 11.14
CA ASP B 113 15.73 17.58 12.30
C ASP B 113 14.40 18.20 11.87
N PRO B 114 13.28 17.78 12.46
CA PRO B 114 11.97 18.30 12.02
C PRO B 114 11.84 19.81 12.05
N ALA B 115 12.70 20.52 12.80
CA ALA B 115 12.66 21.97 12.76
C ALA B 115 12.98 22.50 11.37
N LEU B 116 13.87 21.81 10.64
CA LEU B 116 14.26 22.24 9.30
C LEU B 116 13.27 21.84 8.21
N HIS B 117 12.21 21.09 8.53
CA HIS B 117 11.19 20.72 7.54
C HIS B 117 10.34 21.94 7.19
N ASP B 118 10.65 22.62 6.10
CA ASP B 118 9.78 23.69 5.62
C ASP B 118 9.11 23.24 4.33
N PHE B 119 7.79 22.97 4.42
CA PHE B 119 7.03 22.52 3.27
C PHE B 119 6.93 23.61 2.20
N GLY B 120 6.56 24.83 2.60
CA GLY B 120 6.41 25.90 1.63
C GLY B 120 7.66 26.13 0.80
N LEU B 121 8.83 25.90 1.40
CA LEU B 121 10.09 26.09 0.69
C LEU B 121 10.51 24.87 -0.11
N PHE B 122 10.17 23.67 0.37
CA PHE B 122 10.69 22.45 -0.24
C PHE B 122 9.77 21.83 -1.28
N LEU B 123 8.47 21.81 -1.02
CA LEU B 123 7.52 21.21 -1.96
C LEU B 123 7.59 21.85 -3.35
N PRO B 124 7.71 23.17 -3.51
CA PRO B 124 8.00 23.70 -4.85
C PRO B 124 9.23 23.12 -5.50
N GLN B 125 10.29 22.80 -4.73
CA GLN B 125 11.48 22.24 -5.35
C GLN B 125 11.24 20.81 -5.84
N LEU B 126 10.49 20.02 -5.06
CA LEU B 126 10.13 18.69 -5.51
C LEU B 126 9.23 18.76 -6.75
N ARG B 127 8.49 19.85 -6.90
CA ARG B 127 7.69 20.01 -8.10
C ARG B 127 8.58 20.36 -9.29
N LYS B 128 9.57 21.24 -9.09
CA LYS B 128 10.49 21.59 -10.17
C LYS B 128 11.25 20.37 -10.68
N ILE B 129 11.79 19.55 -9.77
CA ILE B 129 12.51 18.34 -10.19
C ILE B 129 11.65 17.50 -11.12
N CYS B 130 10.40 17.27 -10.74
CA CYS B 130 9.50 16.42 -11.51
C CYS B 130 9.18 17.04 -12.86
N GLU B 131 8.98 18.36 -12.91
CA GLU B 131 8.68 19.01 -14.18
C GLU B 131 9.89 19.02 -15.10
N LYS B 132 11.10 18.97 -14.54
CA LYS B 132 12.29 19.01 -15.37
C LYS B 132 12.53 17.68 -16.07
N TYR B 133 12.13 16.58 -15.44
CA TYR B 133 12.59 15.27 -15.89
C TYR B 133 11.52 14.36 -16.48
N TYR B 134 10.25 14.59 -16.18
CA TYR B 134 9.19 13.74 -16.69
C TYR B 134 8.29 14.55 -17.62
N GLY B 135 7.47 13.82 -18.37
CA GLY B 135 6.39 14.42 -19.09
C GLY B 135 5.27 14.81 -18.15
N PRO B 136 4.20 15.40 -18.70
CA PRO B 136 3.14 15.93 -17.83
C PRO B 136 2.50 14.92 -16.88
N GLU B 137 2.01 13.79 -17.38
CA GLU B 137 1.31 12.89 -16.47
C GLU B 137 2.27 12.31 -15.43
N ASP B 138 3.44 11.81 -15.88
CA ASP B 138 4.42 11.21 -14.97
C ASP B 138 4.92 12.21 -13.93
N ALA B 139 5.06 13.47 -14.33
CA ALA B 139 5.49 14.49 -13.37
C ALA B 139 4.53 14.59 -12.19
N GLU B 140 3.23 14.58 -12.47
CA GLU B 140 2.23 14.64 -11.40
C GLU B 140 2.27 13.40 -10.52
N VAL B 141 2.56 12.23 -11.11
CA VAL B 141 2.58 10.99 -10.35
C VAL B 141 3.79 10.96 -9.43
N ALA B 142 4.97 11.26 -9.98
CA ALA B 142 6.17 11.35 -9.16
C ALA B 142 6.01 12.40 -8.07
N TYR B 143 5.34 13.52 -8.37
CA TYR B 143 5.25 14.59 -7.38
C TYR B 143 4.35 14.21 -6.22
N GLU B 144 3.16 13.69 -6.52
CA GLU B 144 2.26 13.26 -5.44
C GLU B 144 2.93 12.25 -4.55
N ALA B 145 3.72 11.34 -5.14
CA ALA B 145 4.42 10.33 -4.36
C ALA B 145 5.51 10.96 -3.50
N ALA B 146 6.26 11.92 -4.05
CA ALA B 146 7.29 12.60 -3.27
C ALA B 146 6.67 13.38 -2.11
N ARG B 147 5.60 14.12 -2.41
CA ARG B 147 4.88 14.87 -1.40
C ARG B 147 4.37 13.98 -0.28
N ALA B 148 3.69 12.89 -0.64
CA ALA B 148 3.16 11.98 0.37
C ALA B 148 4.28 11.43 1.24
N PHE B 149 5.44 11.11 0.65
CA PHE B 149 6.52 10.53 1.43
C PHE B 149 7.07 11.51 2.46
N VAL B 150 7.41 12.74 2.04
CA VAL B 150 7.98 13.68 3.00
C VAL B 150 6.93 14.11 4.00
N THR B 151 5.65 14.15 3.58
CA THR B 151 4.57 14.46 4.51
C THR B 151 4.38 13.33 5.53
N SER B 152 4.34 12.08 5.08
CA SER B 152 4.24 10.97 6.02
C SER B 152 5.42 10.98 6.99
N ASP B 153 6.63 11.13 6.45
CA ASP B 153 7.80 11.20 7.29
C ASP B 153 7.61 12.20 8.41
N HIS B 154 7.19 13.42 8.07
CA HIS B 154 7.07 14.51 9.03
C HIS B 154 5.97 14.24 10.04
N MET B 155 4.81 13.79 9.56
CA MET B 155 3.64 13.63 10.40
C MET B 155 3.85 12.58 11.48
N PHE B 156 4.79 11.66 11.28
CA PHE B 156 4.95 10.56 12.21
C PHE B 156 6.16 10.67 13.16
N ARG B 157 6.91 11.78 13.15
CA ARG B 157 8.29 11.80 13.69
C ARG B 157 8.42 11.11 15.06
N ASP B 158 7.56 11.44 16.01
CA ASP B 158 7.34 10.52 17.12
C ASP B 158 5.85 10.39 17.37
N SER B 159 5.17 9.68 16.46
CA SER B 159 3.73 9.59 16.37
C SER B 159 3.19 8.55 17.36
N PRO B 160 1.99 8.77 17.87
CA PRO B 160 1.31 7.67 18.57
C PRO B 160 0.93 6.57 17.65
N ILE B 161 0.57 6.91 16.41
CA ILE B 161 0.25 5.89 15.40
C ILE B 161 1.50 5.11 15.03
N LYS B 162 2.60 5.81 14.79
CA LYS B 162 3.83 5.08 14.48
C LYS B 162 4.20 4.11 15.60
N ALA B 163 4.00 4.52 16.86
CA ALA B 163 4.33 3.65 17.99
C ALA B 163 3.46 2.40 18.02
N ALA B 164 2.16 2.55 17.80
CA ALA B 164 1.28 1.38 17.77
C ALA B 164 1.68 0.39 16.66
N LEU B 165 1.84 0.89 15.43
CA LEU B 165 2.16 0.00 14.31
C LEU B 165 3.55 -0.60 14.41
N CYS B 166 4.49 0.11 15.02
CA CYS B 166 5.84 -0.42 15.15
C CYS B 166 6.08 -1.19 16.44
N THR B 167 5.06 -1.48 17.23
CA THR B 167 5.25 -2.29 18.44
C THR B 167 4.25 -3.43 18.57
N THR B 168 3.26 -3.53 17.70
CA THR B 168 2.27 -4.58 17.88
C THR B 168 2.72 -5.91 17.28
N SER B 169 3.15 -5.90 16.02
CA SER B 169 3.44 -7.15 15.31
C SER B 169 4.21 -6.81 14.03
N PRO B 170 4.93 -7.78 13.47
CA PRO B 170 5.57 -7.56 12.17
C PRO B 170 4.57 -7.10 11.11
N GLU B 171 3.39 -7.72 11.08
CA GLU B 171 2.41 -7.36 10.07
C GLU B 171 2.04 -5.88 10.15
N GLN B 172 1.77 -5.37 11.36
CA GLN B 172 1.47 -3.94 11.48
C GLN B 172 2.67 -3.09 11.09
N TYR B 173 3.88 -3.52 11.46
CA TYR B 173 5.07 -2.73 11.18
C TYR B 173 5.35 -2.63 9.67
N PHE B 174 5.33 -3.76 8.98
CA PHE B 174 5.57 -3.71 7.54
C PHE B 174 4.47 -2.95 6.82
N ARG B 175 3.24 -2.97 7.36
CA ARG B 175 2.17 -2.17 6.75
C ARG B 175 2.51 -0.69 6.79
N PHE B 176 3.07 -0.23 7.92
CA PHE B 176 3.54 1.15 8.02
C PHE B 176 4.68 1.42 7.04
N ARG B 177 5.58 0.45 6.85
CA ARG B 177 6.80 0.66 6.08
C ARG B 177 6.58 0.78 4.56
N VAL B 178 5.46 0.26 4.02
CA VAL B 178 5.17 0.43 2.59
C VAL B 178 5.33 1.89 2.17
N THR B 179 4.79 2.79 2.98
CA THR B 179 4.97 4.21 2.73
C THR B 179 6.27 4.72 3.34
N ASP B 180 6.48 4.42 4.61
CA ASP B 180 7.49 5.15 5.37
C ASP B 180 8.91 4.89 4.84
N ILE B 181 9.26 3.65 4.51
CA ILE B 181 10.60 3.42 3.98
C ILE B 181 10.80 4.07 2.60
N GLY B 182 9.71 4.43 1.93
CA GLY B 182 9.79 5.12 0.67
C GLY B 182 9.63 4.26 -0.58
N VAL B 183 9.30 2.98 -0.45
CA VAL B 183 9.30 2.13 -1.64
C VAL B 183 8.09 2.39 -2.53
N ASP B 184 6.93 2.79 -1.97
CA ASP B 184 5.84 3.19 -2.86
C ASP B 184 6.24 4.39 -3.70
N PHE B 185 6.86 5.38 -3.06
CA PHE B 185 7.41 6.54 -3.76
C PHE B 185 8.43 6.12 -4.81
N TRP B 186 9.31 5.16 -4.47
CA TRP B 186 10.30 4.67 -5.41
C TRP B 186 9.66 4.11 -6.68
N MET B 187 8.70 3.20 -6.52
CA MET B 187 8.01 2.61 -7.67
C MET B 187 7.36 3.68 -8.55
N LYS B 188 6.69 4.66 -7.94
CA LYS B 188 5.87 5.62 -8.68
C LYS B 188 6.69 6.68 -9.39
N MET B 189 7.96 6.86 -8.99
CA MET B 189 8.86 7.69 -9.78
C MET B 189 9.80 6.86 -10.66
N SER B 190 9.87 5.55 -10.47
CA SER B 190 10.75 4.73 -11.27
C SER B 190 10.10 4.16 -12.53
N TYR B 191 8.77 3.99 -12.56
CA TYR B 191 8.14 3.34 -13.70
C TYR B 191 8.47 4.02 -15.03
N PRO B 192 8.60 5.35 -15.14
CA PRO B 192 8.95 5.93 -16.46
C PRO B 192 10.33 5.55 -16.94
N ILE B 193 11.20 5.07 -16.06
CA ILE B 193 12.51 4.61 -16.50
C ILE B 193 12.36 3.44 -17.45
N TYR B 194 11.34 2.63 -17.26
CA TYR B 194 11.20 1.35 -17.95
C TYR B 194 10.16 1.35 -19.05
N ARG B 195 9.24 2.32 -19.09
CA ARG B 195 8.14 2.33 -20.07
C ARG B 195 7.59 0.94 -20.32
N HIS B 196 7.30 0.23 -19.24
CA HIS B 196 6.77 -1.12 -19.31
C HIS B 196 5.37 -1.11 -18.71
N PRO B 197 4.33 -1.40 -19.50
CA PRO B 197 2.96 -1.24 -19.01
C PRO B 197 2.63 -2.03 -17.74
N GLU B 198 2.93 -3.33 -17.71
CA GLU B 198 2.67 -4.13 -16.51
C GLU B 198 3.32 -3.50 -15.28
N PHE B 199 4.62 -3.15 -15.38
CA PHE B 199 5.30 -2.56 -14.23
C PHE B 199 4.69 -1.22 -13.86
N THR B 200 4.28 -0.43 -14.85
CA THR B 200 3.66 0.85 -14.57
C THR B 200 2.37 0.66 -13.79
N GLU B 201 1.60 -0.37 -14.14
CA GLU B 201 0.35 -0.61 -13.40
C GLU B 201 0.64 -1.11 -12.00
N HIS B 202 1.61 -2.03 -11.84
CA HIS B 202 1.93 -2.53 -10.51
C HIS B 202 2.47 -1.40 -9.63
N ALA B 203 3.19 -0.45 -10.21
CA ALA B 203 3.61 0.73 -9.46
C ALA B 203 2.40 1.57 -9.01
N LYS B 204 1.43 1.78 -9.90
CA LYS B 204 0.31 2.67 -9.62
C LYS B 204 -0.70 2.06 -8.65
N THR B 205 -0.79 0.73 -8.58
CA THR B 205 -1.64 0.12 -7.57
C THR B 205 -0.93 -0.01 -6.22
N SER B 206 0.37 0.23 -6.18
CA SER B 206 1.24 -0.05 -5.04
C SER B 206 1.44 -1.55 -4.81
N LEU B 207 0.95 -2.42 -5.69
CA LEU B 207 1.29 -3.84 -5.55
C LEU B 207 2.81 -4.03 -5.62
N ALA B 208 3.48 -3.26 -6.47
CA ALA B 208 4.93 -3.35 -6.56
C ALA B 208 5.59 -2.99 -5.23
N ALA B 209 5.17 -1.88 -4.62
CA ALA B 209 5.70 -1.52 -3.30
C ALA B 209 5.46 -2.63 -2.30
N ARG B 210 4.23 -3.17 -2.26
CA ARG B 210 3.90 -4.15 -1.24
C ARG B 210 4.70 -5.44 -1.39
N MET B 211 5.02 -5.83 -2.64
CA MET B 211 5.78 -7.06 -2.87
C MET B 211 7.23 -6.94 -2.39
N THR B 212 7.83 -5.76 -2.47
CA THR B 212 9.23 -5.52 -2.15
C THR B 212 9.47 -4.89 -0.78
N THR B 213 8.40 -4.54 -0.05
CA THR B 213 8.57 -3.85 1.23
C THR B 213 9.44 -4.67 2.20
N ARG B 214 9.09 -5.93 2.41
CA ARG B 214 9.76 -6.72 3.43
C ARG B 214 11.23 -6.96 3.06
N GLY B 215 11.52 -7.25 1.79
CA GLY B 215 12.90 -7.46 1.39
C GLY B 215 13.78 -6.26 1.60
N LEU B 216 13.28 -5.07 1.29
CA LEU B 216 14.02 -3.84 1.53
C LEU B 216 14.11 -3.51 3.01
N THR B 217 13.00 -3.68 3.74
CA THR B 217 12.92 -3.17 5.09
C THR B 217 13.69 -4.08 6.06
N ILE B 218 13.64 -5.39 5.83
CA ILE B 218 14.33 -6.29 6.74
C ILE B 218 15.83 -6.09 6.63
N VAL B 219 16.34 -5.98 5.41
CA VAL B 219 17.75 -5.72 5.17
C VAL B 219 18.15 -4.38 5.78
N ASN B 220 17.36 -3.34 5.50
CA ASN B 220 17.74 -2.03 6.00
C ASN B 220 17.66 -1.95 7.52
N ASP B 221 16.66 -2.59 8.13
CA ASP B 221 16.52 -2.50 9.58
C ASP B 221 17.73 -3.12 10.28
N PHE B 222 18.23 -4.24 9.78
CA PHE B 222 19.38 -4.88 10.44
C PHE B 222 20.59 -3.96 10.46
N TYR B 223 20.96 -3.42 9.30
CA TYR B 223 22.16 -2.62 9.19
C TYR B 223 21.99 -1.18 9.65
N SER B 224 20.78 -0.71 9.94
CA SER B 224 20.62 0.63 10.48
C SER B 224 20.09 0.62 11.91
N TYR B 225 19.91 -0.56 12.50
CA TYR B 225 19.39 -0.68 13.86
C TYR B 225 20.23 0.11 14.84
N ASP B 226 21.56 0.07 14.72
CA ASP B 226 22.41 0.72 15.71
C ASP B 226 22.29 2.24 15.65
N ARG B 227 22.30 2.81 14.44
CA ARG B 227 22.09 4.24 14.31
C ARG B 227 20.75 4.64 14.90
N GLU B 228 19.69 3.88 14.59
CA GLU B 228 18.34 4.29 14.94
C GLU B 228 18.07 4.19 16.45
N VAL B 229 18.49 3.10 17.09
CA VAL B 229 18.27 2.99 18.54
C VAL B 229 19.00 4.12 19.26
N SER B 230 20.16 4.52 18.74
CA SER B 230 20.90 5.58 19.41
C SER B 230 20.14 6.90 19.32
N LEU B 231 19.51 7.17 18.17
CA LEU B 231 18.69 8.35 17.96
C LEU B 231 17.29 8.22 18.56
N GLY B 232 17.00 7.15 19.28
CA GLY B 232 15.65 6.96 19.78
C GLY B 232 14.61 6.69 18.72
N GLN B 233 14.99 6.34 17.50
CA GLN B 233 14.01 6.03 16.48
C GLN B 233 13.48 4.62 16.70
N ILE B 234 12.16 4.45 16.56
CA ILE B 234 11.49 3.20 16.87
C ILE B 234 11.08 2.43 15.62
N THR B 235 11.32 2.97 14.43
CA THR B 235 10.85 2.34 13.18
C THR B 235 11.91 1.34 12.73
N ASN B 236 11.84 0.13 13.28
CA ASN B 236 12.80 -0.92 13.00
C ASN B 236 12.27 -2.24 13.54
N CYS B 237 12.09 -3.25 12.67
CA CYS B 237 11.44 -4.47 13.10
C CYS B 237 12.21 -5.21 14.19
N PHE B 238 13.53 -5.08 14.23
CA PHE B 238 14.28 -5.81 15.26
C PHE B 238 14.04 -5.26 16.68
N ARG B 239 13.44 -4.07 16.80
CA ARG B 239 12.90 -3.60 18.07
C ARG B 239 11.70 -4.43 18.55
N LEU B 240 11.22 -5.38 17.75
CA LEU B 240 10.20 -6.31 18.21
C LEU B 240 10.78 -7.52 18.92
N CYS B 241 12.11 -7.62 19.04
CA CYS B 241 12.72 -8.75 19.73
C CYS B 241 13.86 -8.27 20.63
N ASP B 242 14.33 -9.20 21.46
CA ASP B 242 15.36 -8.97 22.47
C ASP B 242 16.71 -9.33 21.88
N VAL B 243 17.39 -8.35 21.26
CA VAL B 243 18.56 -8.70 20.47
C VAL B 243 19.72 -9.18 21.34
N SER B 244 19.62 -9.04 22.67
CA SER B 244 20.66 -9.64 23.51
C SER B 244 20.35 -11.10 23.87
N ASP B 245 19.12 -11.57 23.63
CA ASP B 245 18.82 -13.00 23.72
C ASP B 245 19.20 -13.64 22.39
N GLU B 246 20.33 -14.36 22.38
CA GLU B 246 20.85 -14.96 21.17
C GLU B 246 19.85 -15.90 20.51
N THR B 247 19.10 -16.66 21.32
CA THR B 247 18.14 -17.58 20.74
C THR B 247 16.91 -16.85 20.23
N ALA B 248 16.48 -15.82 20.97
CA ALA B 248 15.36 -15.02 20.50
C ALA B 248 15.72 -14.25 19.23
N PHE B 249 16.92 -13.67 19.17
CA PHE B 249 17.31 -12.94 17.98
C PHE B 249 17.40 -13.87 16.77
N LYS B 250 17.89 -15.09 16.96
CA LYS B 250 18.13 -15.94 15.79
C LYS B 250 16.81 -16.39 15.18
N GLU B 251 15.86 -16.76 16.03
CA GLU B 251 14.61 -17.26 15.50
C GLU B 251 13.74 -16.13 14.96
N PHE B 252 13.83 -14.94 15.55
CA PHE B 252 13.24 -13.77 14.91
C PHE B 252 13.89 -13.49 13.55
N PHE B 253 15.23 -13.45 13.50
CA PHE B 253 15.93 -13.28 12.24
C PHE B 253 15.53 -14.35 11.22
N GLN B 254 15.34 -15.59 11.66
CA GLN B 254 14.91 -16.65 10.75
C GLN B 254 13.53 -16.37 10.18
N ALA B 255 12.58 -15.95 11.03
CA ALA B 255 11.24 -15.65 10.55
C ALA B 255 11.27 -14.51 9.53
N ARG B 256 12.12 -13.51 9.72
CA ARG B 256 12.27 -12.45 8.72
C ARG B 256 12.90 -12.96 7.43
N LEU B 257 13.82 -13.93 7.53
CA LEU B 257 14.34 -14.55 6.32
C LEU B 257 13.24 -15.28 5.56
N ASP B 258 12.40 -16.07 6.26
CA ASP B 258 11.30 -16.75 5.58
C ASP B 258 10.32 -15.76 4.98
N ASP B 259 10.11 -14.59 5.62
CA ASP B 259 9.32 -13.53 4.97
C ASP B 259 9.91 -13.16 3.61
N MET B 260 11.22 -12.86 3.58
CA MET B 260 11.86 -12.45 2.34
C MET B 260 11.74 -13.53 1.27
N ILE B 261 11.90 -14.78 1.67
CA ILE B 261 11.90 -15.87 0.69
C ILE B 261 10.51 -16.04 0.10
N GLU B 262 9.46 -16.01 0.93
CA GLU B 262 8.11 -16.13 0.40
C GLU B 262 7.80 -15.00 -0.58
N ASP B 263 8.21 -13.78 -0.24
CA ASP B 263 8.02 -12.64 -1.14
C ASP B 263 8.74 -12.87 -2.47
N ILE B 264 10.03 -13.23 -2.41
CA ILE B 264 10.82 -13.39 -3.64
C ILE B 264 10.22 -14.48 -4.53
N GLU B 265 9.81 -15.58 -3.91
CA GLU B 265 9.22 -16.67 -4.68
C GLU B 265 7.88 -16.25 -5.29
N CYS B 266 7.13 -15.38 -4.61
CA CYS B 266 5.92 -14.85 -5.25
C CYS B 266 6.25 -13.86 -6.36
N ILE B 267 7.32 -13.07 -6.19
CA ILE B 267 7.74 -12.13 -7.23
C ILE B 267 8.02 -12.87 -8.54
N LYS B 268 8.42 -14.13 -8.45
CA LYS B 268 8.72 -14.90 -9.64
C LYS B 268 7.48 -15.28 -10.44
N ALA B 269 6.30 -15.09 -9.87
CA ALA B 269 5.10 -15.23 -10.68
C ALA B 269 4.86 -14.06 -11.61
N PHE B 270 5.42 -12.89 -11.32
CA PHE B 270 5.21 -11.70 -12.14
C PHE B 270 5.91 -11.85 -13.49
N ASP B 271 5.52 -11.02 -14.46
CA ASP B 271 6.15 -11.10 -15.77
C ASP B 271 7.66 -10.89 -15.65
N GLN B 272 8.38 -11.36 -16.68
CA GLN B 272 9.82 -11.52 -16.60
C GLN B 272 10.52 -10.18 -16.38
N LEU B 273 10.12 -9.13 -17.10
CA LEU B 273 10.76 -7.85 -16.90
C LEU B 273 10.46 -7.29 -15.50
N THR B 274 9.20 -7.40 -15.06
CA THR B 274 8.81 -6.81 -13.78
C THR B 274 9.56 -7.48 -12.62
N GLN B 275 9.63 -8.81 -12.62
CA GLN B 275 10.34 -9.50 -11.55
C GLN B 275 11.83 -9.16 -11.56
N ASP B 276 12.45 -9.04 -12.76
CA ASP B 276 13.84 -8.58 -12.82
C ASP B 276 14.00 -7.29 -12.02
N VAL B 277 13.08 -6.35 -12.21
CA VAL B 277 13.16 -5.06 -11.54
C VAL B 277 12.96 -5.20 -10.04
N PHE B 278 11.96 -5.98 -9.63
CA PHE B 278 11.69 -6.16 -8.19
C PHE B 278 12.91 -6.78 -7.50
N LEU B 279 13.52 -7.79 -8.13
CA LEU B 279 14.66 -8.47 -7.50
C LEU B 279 15.93 -7.63 -7.54
N ASP B 280 16.18 -6.94 -8.66
CA ASP B 280 17.30 -5.99 -8.67
C ASP B 280 17.16 -4.95 -7.56
N LEU B 281 15.94 -4.54 -7.24
CA LEU B 281 15.73 -3.59 -6.15
C LEU B 281 16.08 -4.21 -4.80
N ILE B 282 15.59 -5.42 -4.51
CA ILE B 282 15.85 -6.02 -3.22
C ILE B 282 17.33 -6.36 -3.07
N TYR B 283 17.90 -7.06 -4.06
CA TYR B 283 19.29 -7.49 -4.01
C TYR B 283 20.25 -6.31 -4.12
N GLY B 284 19.95 -5.35 -5.02
CA GLY B 284 20.78 -4.17 -5.13
C GLY B 284 20.85 -3.38 -3.84
N ASN B 285 19.70 -3.17 -3.19
CA ASN B 285 19.71 -2.44 -1.93
C ASN B 285 20.65 -3.12 -0.93
N PHE B 286 20.67 -4.45 -0.92
CA PHE B 286 21.55 -5.17 -0.01
C PHE B 286 23.03 -4.90 -0.30
N VAL B 287 23.40 -4.84 -1.57
CA VAL B 287 24.80 -4.60 -1.92
C VAL B 287 25.21 -3.21 -1.50
N TRP B 288 24.42 -2.19 -1.88
CA TRP B 288 24.69 -0.83 -1.46
C TRP B 288 24.75 -0.72 0.06
N THR B 289 23.78 -1.35 0.73
CA THR B 289 23.62 -1.15 2.17
C THR B 289 24.85 -1.61 2.95
N THR B 290 25.37 -2.78 2.62
CA THR B 290 26.42 -3.37 3.46
C THR B 290 27.82 -2.87 3.11
N SER B 291 27.96 -2.10 2.03
CA SER B 291 29.23 -1.52 1.63
C SER B 291 29.34 -0.03 1.91
N ASN B 292 28.24 0.64 2.23
CA ASN B 292 28.23 2.10 2.21
C ASN B 292 28.57 2.69 3.58
N LYS B 293 29.21 3.86 3.54
CA LYS B 293 29.57 4.56 4.77
C LYS B 293 28.38 4.75 5.69
N ARG B 294 27.19 4.97 5.11
CA ARG B 294 26.01 5.29 5.91
C ARG B 294 25.72 4.21 6.95
N TYR B 295 25.87 2.94 6.58
CA TYR B 295 25.59 1.85 7.50
C TYR B 295 26.86 1.27 8.13
N LYS B 296 27.96 2.02 8.13
CA LYS B 296 29.14 1.59 8.87
C LYS B 296 28.97 1.86 10.36
N THR B 297 28.65 3.10 10.72
CA THR B 297 28.70 3.55 12.09
C THR B 297 27.41 4.27 12.45
N ALA B 298 26.99 4.08 13.70
CA ALA B 298 25.70 4.61 14.15
C ALA B 298 25.61 6.12 13.91
N VAL B 299 26.67 6.85 14.23
CA VAL B 299 26.75 8.28 13.93
C VAL B 299 28.02 8.53 13.15
N ASN B 300 27.87 8.98 11.90
CA ASN B 300 29.00 9.55 11.17
C ASN B 300 28.50 10.78 10.43
N ASP B 301 29.29 11.27 9.49
CA ASP B 301 28.95 12.50 8.79
C ASP B 301 28.35 12.28 7.41
N VAL B 302 27.85 11.09 7.11
CA VAL B 302 26.85 10.92 6.08
C VAL B 302 25.49 10.54 6.65
N ASN B 303 25.39 10.28 7.96
CA ASN B 303 24.12 9.92 8.57
C ASN B 303 23.81 10.65 9.86
N SER B 304 24.61 11.64 10.26
CA SER B 304 24.27 12.37 11.47
C SER B 304 22.97 13.13 11.27
N ARG B 305 22.30 13.37 12.39
CA ARG B 305 21.23 14.35 12.46
C ARG B 305 21.65 15.67 11.82
N ILE B 306 20.94 16.05 10.75
CA ILE B 306 20.96 17.42 10.27
C ILE B 306 20.04 18.21 11.21
N GLN B 307 20.64 18.88 12.19
CA GLN B 307 19.94 19.32 13.40
C GLN B 307 19.72 20.83 13.38
N ALA B 308 18.66 21.28 14.05
CA ALA B 308 18.32 22.72 14.14
C ALA B 308 19.53 23.61 14.46
C2 AHD C . -15.82 -6.15 -5.23
C3 AHD C . -16.28 -4.69 -5.22
C7 AHD C . -16.99 -7.02 -4.81
C8 AHD C . -16.55 -8.13 -3.87
O12 AHD C . -19.24 -8.62 -3.66
P9 AHD C . -17.93 -9.34 -3.88
O10 AHD C . -17.70 -10.40 -2.83
O11 AHD C . -17.89 -10.06 -5.19
P14 AHD C . -15.07 -9.09 -4.47
O15 AHD C . -15.01 -9.20 -5.98
O16 AHD C . -15.13 -10.47 -3.86
O17 AHD C . -13.86 -8.34 -3.97
O13 AHD C . -16.29 -7.63 -2.59
N4 AHD C . -15.81 -4.12 -3.97
MG MG D . -16.62 -10.10 -6.96
MG MG E . -16.01 -11.72 -2.63
MG MG F . -13.10 -7.55 -6.53
C2 AHD G . 15.00 5.55 3.74
C3 AHD G . 14.81 6.83 2.92
C7 AHD G . 15.94 5.82 4.91
C8 AHD G . 16.14 4.56 5.75
O12 AHD G . 18.83 4.74 5.92
P9 AHD G . 17.66 4.68 6.82
O10 AHD G . 17.62 3.46 7.69
O11 AHD G . 17.52 5.95 7.59
P14 AHD G . 14.71 4.46 6.89
O15 AHD G . 14.63 5.81 7.52
O16 AHD G . 14.88 3.40 7.95
O17 AHD G . 13.50 4.13 6.05
O13 AHD G . 16.13 3.38 5.00
N4 AHD G . 14.32 6.48 1.59
MG MG H . 16.42 6.32 9.74
MG MG I . 12.63 7.55 7.55
MG MG J . 15.76 1.62 9.35
N SER A 16 -15.61 -25.59 -0.51
CA SER A 16 -16.81 -25.88 -1.28
C SER A 16 -18.05 -25.09 -0.86
N SER A 17 -18.26 -24.97 0.45
CA SER A 17 -19.30 -24.12 1.01
C SER A 17 -19.02 -23.92 2.49
N VAL A 18 -19.68 -22.93 3.07
CA VAL A 18 -19.58 -22.62 4.48
C VAL A 18 -20.96 -22.44 5.12
N ARG A 19 -22.04 -22.81 4.42
CA ARG A 19 -23.37 -22.71 5.02
C ARG A 19 -23.49 -23.52 6.31
N PRO A 20 -22.93 -24.74 6.42
CA PRO A 20 -22.93 -25.40 7.74
C PRO A 20 -21.97 -24.76 8.74
N TYR A 21 -21.66 -23.48 8.56
CA TYR A 21 -20.94 -22.68 9.54
C TYR A 21 -21.57 -21.32 9.78
N LEU A 22 -22.47 -20.88 8.91
CA LEU A 22 -22.83 -19.47 8.86
C LEU A 22 -23.45 -19.02 10.18
N GLU A 23 -24.38 -19.81 10.71
CA GLU A 23 -25.05 -19.46 11.96
C GLU A 23 -24.04 -19.02 13.02
N GLU A 24 -23.12 -19.92 13.39
CA GLU A 24 -22.23 -19.64 14.51
C GLU A 24 -21.20 -18.56 14.17
N CYS A 25 -20.64 -18.62 12.96
CA CYS A 25 -19.62 -17.65 12.59
C CYS A 25 -20.19 -16.23 12.56
N THR A 26 -21.45 -16.08 12.15
CA THR A 26 -22.08 -14.75 12.18
C THR A 26 -22.14 -14.23 13.61
N ARG A 27 -22.58 -15.07 14.54
CA ARG A 27 -22.64 -14.67 15.94
C ARG A 27 -21.24 -14.35 16.45
N ARG A 28 -20.23 -15.09 15.96
CA ARG A 28 -18.86 -14.88 16.41
C ARG A 28 -18.31 -13.56 15.91
N PHE A 29 -18.57 -13.24 14.63
CA PHE A 29 -18.27 -11.91 14.10
C PHE A 29 -18.94 -10.83 14.95
N GLN A 30 -20.26 -10.94 15.12
CA GLN A 30 -21.04 -9.92 15.83
C GLN A 30 -20.52 -9.74 17.25
N GLU A 31 -20.24 -10.85 17.92
CA GLU A 31 -19.67 -10.76 19.26
C GLU A 31 -18.38 -9.96 19.25
N MET A 32 -17.52 -10.19 18.25
CA MET A 32 -16.25 -9.49 18.18
C MET A 32 -16.46 -7.99 17.99
N PHE A 33 -17.37 -7.60 17.10
CA PHE A 33 -17.68 -6.19 16.90
C PHE A 33 -18.27 -5.57 18.16
N ASP A 34 -19.21 -6.27 18.80
CA ASP A 34 -19.78 -5.79 20.06
C ASP A 34 -18.70 -5.42 21.07
N ARG A 35 -17.59 -6.18 21.10
CA ARG A 35 -16.59 -5.96 22.14
C ARG A 35 -15.54 -4.92 21.73
N HIS A 36 -15.14 -4.91 20.45
CA HIS A 36 -14.01 -4.11 20.00
C HIS A 36 -14.40 -2.84 19.25
N VAL A 37 -15.58 -2.78 18.64
CA VAL A 37 -16.05 -1.59 17.96
C VAL A 37 -17.19 -0.93 18.75
N VAL A 38 -18.20 -1.70 19.12
CA VAL A 38 -19.34 -1.30 19.97
C VAL A 38 -20.29 -0.40 19.21
N THR A 39 -19.84 0.82 18.89
CA THR A 39 -20.52 1.74 17.97
C THR A 39 -21.09 1.03 16.75
N ARG A 40 -22.40 1.16 16.54
CA ARG A 40 -23.03 0.46 15.44
C ARG A 40 -23.14 1.36 14.20
N PRO A 41 -22.99 0.78 13.02
CA PRO A 41 -23.14 1.56 11.78
C PRO A 41 -24.57 2.05 11.58
N THR A 42 -24.69 3.30 11.17
CA THR A 42 -25.98 3.94 10.93
C THR A 42 -26.08 4.32 9.46
N LYS A 43 -27.30 4.28 8.93
CA LYS A 43 -27.49 4.44 7.50
C LYS A 43 -27.63 5.92 7.14
N VAL A 44 -26.99 6.29 6.03
CA VAL A 44 -27.12 7.63 5.48
C VAL A 44 -28.45 7.73 4.75
N GLU A 45 -29.09 8.89 4.83
CA GLU A 45 -30.44 9.09 4.32
C GLU A 45 -30.46 10.06 3.14
N LEU A 46 -30.48 9.51 1.94
CA LEU A 46 -30.74 10.28 0.73
C LEU A 46 -32.18 10.76 0.72
N THR A 47 -32.42 11.93 0.13
CA THR A 47 -33.77 12.22 -0.32
C THR A 47 -34.06 11.47 -1.61
N ASP A 48 -35.34 11.27 -1.89
CA ASP A 48 -35.75 10.45 -3.02
C ASP A 48 -35.27 11.03 -4.35
N ALA A 49 -35.05 12.35 -4.39
CA ALA A 49 -34.34 12.94 -5.51
C ALA A 49 -32.90 12.47 -5.56
N GLU A 50 -32.17 12.62 -4.44
CA GLU A 50 -30.78 12.22 -4.39
C GLU A 50 -30.60 10.78 -4.88
N LEU A 51 -31.41 9.86 -4.36
CA LEU A 51 -31.27 8.46 -4.76
C LEU A 51 -31.56 8.25 -6.24
N ARG A 52 -32.48 9.04 -6.80
CA ARG A 52 -32.77 8.94 -8.23
C ARG A 52 -31.61 9.45 -9.07
N GLU A 53 -31.02 10.58 -8.67
CA GLU A 53 -29.86 11.11 -9.36
C GLU A 53 -28.70 10.10 -9.37
N VAL A 54 -28.48 9.42 -8.24
CA VAL A 54 -27.47 8.36 -8.20
C VAL A 54 -27.73 7.32 -9.27
N ILE A 55 -28.92 6.71 -9.23
CA ILE A 55 -29.19 5.56 -10.08
C ILE A 55 -29.29 5.97 -11.54
N ASP A 56 -29.63 7.23 -11.81
CA ASP A 56 -29.56 7.72 -13.19
C ASP A 56 -28.11 7.82 -13.64
N ASP A 57 -27.24 8.33 -12.78
CA ASP A 57 -25.81 8.31 -13.10
C ASP A 57 -25.28 6.89 -13.28
N CYS A 58 -25.72 5.95 -12.44
CA CYS A 58 -25.32 4.55 -12.61
C CYS A 58 -25.77 3.99 -13.95
N ASN A 59 -27.03 4.22 -14.33
CA ASN A 59 -27.53 3.69 -15.58
C ASN A 59 -26.73 4.21 -16.77
N ALA A 60 -26.42 5.50 -16.78
CA ALA A 60 -25.73 6.06 -17.93
C ALA A 60 -24.28 5.59 -18.02
N ALA A 61 -23.60 5.43 -16.87
CA ALA A 61 -22.18 5.06 -16.93
C ALA A 61 -22.01 3.64 -17.46
N VAL A 62 -22.95 2.75 -17.14
CA VAL A 62 -22.79 1.35 -17.48
C VAL A 62 -23.54 0.98 -18.76
N ALA A 63 -24.40 1.88 -19.26
CA ALA A 63 -25.11 1.68 -20.52
C ALA A 63 -24.20 1.35 -21.69
N PRO A 64 -23.08 2.04 -21.95
CA PRO A 64 -22.28 1.72 -23.12
C PRO A 64 -21.74 0.30 -23.13
N LEU A 65 -21.69 -0.38 -21.98
CA LEU A 65 -21.31 -1.78 -21.96
C LEU A 65 -22.48 -2.69 -22.34
N GLY A 66 -23.54 -2.13 -22.90
CA GLY A 66 -24.59 -2.91 -23.52
C GLY A 66 -25.44 -3.71 -22.57
N LYS A 67 -25.42 -3.42 -21.29
CA LYS A 67 -26.21 -4.19 -20.33
C LYS A 67 -26.96 -3.25 -19.41
N THR A 68 -28.18 -3.66 -19.07
CA THR A 68 -29.02 -2.90 -18.17
C THR A 68 -28.97 -3.57 -16.81
N VAL A 69 -28.90 -2.75 -15.79
CA VAL A 69 -28.73 -3.24 -14.44
C VAL A 69 -30.09 -3.20 -13.78
N SER A 70 -30.55 -4.37 -13.34
CA SER A 70 -31.82 -4.46 -12.61
C SER A 70 -31.85 -3.45 -11.48
N ASP A 71 -33.07 -3.03 -11.11
CA ASP A 71 -33.24 -2.16 -9.96
C ASP A 71 -32.90 -2.86 -8.66
N GLU A 72 -32.94 -4.19 -8.67
CA GLU A 72 -32.47 -4.95 -7.53
C GLU A 72 -30.97 -4.74 -7.33
N ARG A 73 -30.16 -4.83 -8.40
CA ARG A 73 -28.72 -4.63 -8.22
C ARG A 73 -28.38 -3.19 -7.82
N TRP A 74 -29.03 -2.19 -8.40
CA TRP A 74 -28.63 -0.83 -8.05
C TRP A 74 -28.88 -0.53 -6.57
N ILE A 75 -29.88 -1.17 -5.98
CA ILE A 75 -30.21 -0.84 -4.58
C ILE A 75 -29.62 -1.88 -3.63
N SER A 76 -29.42 -3.11 -4.09
CA SER A 76 -28.54 -4.03 -3.38
C SER A 76 -27.15 -3.41 -3.22
N TYR A 77 -26.49 -3.11 -4.35
CA TYR A 77 -25.11 -2.63 -4.36
C TYR A 77 -24.92 -1.44 -3.42
N VAL A 78 -25.77 -0.42 -3.55
CA VAL A 78 -25.60 0.83 -2.84
C VAL A 78 -25.80 0.69 -1.34
N GLY A 79 -26.33 -0.45 -0.88
CA GLY A 79 -26.38 -0.70 0.55
C GLY A 79 -25.02 -0.54 1.21
N VAL A 80 -23.97 -1.10 0.59
CA VAL A 80 -22.65 -1.06 1.22
C VAL A 80 -22.19 0.38 1.44
N VAL A 81 -22.57 1.30 0.56
CA VAL A 81 -22.23 2.70 0.81
C VAL A 81 -23.21 3.32 1.81
N LEU A 82 -24.50 2.98 1.68
CA LEU A 82 -25.49 3.47 2.64
C LEU A 82 -25.17 3.04 4.07
N TRP A 83 -24.52 1.90 4.24
CA TRP A 83 -24.30 1.29 5.55
C TRP A 83 -22.89 1.43 6.08
N SER A 84 -21.89 1.69 5.24
CA SER A 84 -20.50 1.57 5.67
C SER A 84 -19.75 2.88 5.64
N GLN A 85 -20.42 4.01 5.45
CA GLN A 85 -19.75 5.28 5.60
C GLN A 85 -19.87 5.70 7.07
N SER A 86 -19.61 6.97 7.36
CA SER A 86 -19.53 7.49 8.71
C SER A 86 -20.46 8.69 8.83
N PRO A 87 -21.79 8.45 8.89
CA PRO A 87 -22.75 9.55 8.67
C PRO A 87 -22.48 10.79 9.50
N ARG A 88 -22.14 10.63 10.78
CA ARG A 88 -22.05 11.78 11.68
C ARG A 88 -20.83 12.65 11.39
N HIS A 89 -20.06 12.34 10.35
CA HIS A 89 -19.00 13.22 9.89
C HIS A 89 -19.22 13.71 8.47
N ILE A 90 -20.24 13.21 7.77
CA ILE A 90 -20.38 13.51 6.33
C ILE A 90 -20.47 15.01 6.13
N LYS A 91 -19.75 15.50 5.12
CA LYS A 91 -19.78 16.91 4.77
C LYS A 91 -20.05 17.17 3.29
N ASP A 92 -20.25 16.13 2.48
CA ASP A 92 -20.40 16.31 1.03
C ASP A 92 -21.20 15.12 0.49
N MET A 93 -22.47 15.37 0.14
CA MET A 93 -23.35 14.33 -0.36
C MET A 93 -23.17 14.06 -1.84
N GLU A 94 -22.61 15.02 -2.59
CA GLU A 94 -22.17 14.72 -3.96
C GLU A 94 -21.05 13.69 -3.94
N ALA A 95 -20.11 13.82 -3.01
CA ALA A 95 -19.07 12.81 -2.88
C ALA A 95 -19.69 11.47 -2.49
N PHE A 96 -20.74 11.50 -1.67
CA PHE A 96 -21.40 10.26 -1.27
C PHE A 96 -22.08 9.59 -2.47
N LYS A 97 -22.84 10.37 -3.23
CA LYS A 97 -23.46 9.85 -4.45
C LYS A 97 -22.41 9.38 -5.46
N ALA A 98 -21.27 10.06 -5.54
CA ALA A 98 -20.18 9.54 -6.36
C ALA A 98 -19.81 8.12 -5.98
N VAL A 99 -19.66 7.87 -4.67
CA VAL A 99 -19.23 6.55 -4.19
C VAL A 99 -20.33 5.51 -4.40
N CYS A 100 -21.59 5.89 -4.14
CA CYS A 100 -22.72 5.02 -4.46
C CYS A 100 -22.64 4.54 -5.91
N VAL A 101 -22.39 5.47 -6.83
CA VAL A 101 -22.38 5.17 -8.25
C VAL A 101 -21.13 4.39 -8.64
N LEU A 102 -19.97 4.87 -8.20
CA LEU A 102 -18.71 4.22 -8.53
C LEU A 102 -18.64 2.79 -7.98
N ASN A 103 -19.15 2.58 -6.77
CA ASN A 103 -19.18 1.22 -6.22
C ASN A 103 -20.06 0.31 -7.06
N CYS A 104 -21.19 0.84 -7.53
CA CYS A 104 -22.13 0.03 -8.30
C CYS A 104 -21.55 -0.42 -9.63
N VAL A 105 -21.00 0.52 -10.40
CA VAL A 105 -20.58 0.17 -11.75
C VAL A 105 -19.41 -0.80 -11.70
N THR A 106 -18.47 -0.59 -10.77
CA THR A 106 -17.33 -1.50 -10.69
C THR A 106 -17.75 -2.88 -10.18
N PHE A 107 -18.87 -2.95 -9.46
CA PHE A 107 -19.49 -4.26 -9.22
C PHE A 107 -19.84 -4.97 -10.53
N VAL A 108 -20.49 -4.26 -11.46
CA VAL A 108 -20.84 -4.87 -12.74
C VAL A 108 -19.58 -5.35 -13.47
N TRP A 109 -18.58 -4.49 -13.52
CA TRP A 109 -17.27 -4.86 -14.06
C TRP A 109 -16.74 -6.12 -13.38
N ASP A 110 -17.10 -6.33 -12.12
CA ASP A 110 -16.57 -7.43 -11.32
C ASP A 110 -17.24 -8.76 -11.66
N ASP A 111 -18.45 -8.73 -12.18
CA ASP A 111 -19.10 -9.95 -12.62
C ASP A 111 -18.87 -10.24 -14.10
N MET A 112 -18.38 -9.29 -14.88
CA MET A 112 -18.37 -9.44 -16.33
C MET A 112 -17.26 -10.36 -16.81
N ASP A 113 -17.56 -11.12 -17.85
CA ASP A 113 -16.48 -11.77 -18.58
C ASP A 113 -15.52 -10.70 -19.09
N PRO A 114 -14.21 -10.94 -19.03
CA PRO A 114 -13.26 -9.94 -19.54
C PRO A 114 -13.54 -9.47 -20.96
N ALA A 115 -13.91 -10.36 -21.88
CA ALA A 115 -14.16 -9.95 -23.26
C ALA A 115 -15.22 -8.85 -23.37
N LEU A 116 -16.02 -8.67 -22.32
CA LEU A 116 -16.97 -7.56 -22.34
C LEU A 116 -16.38 -6.25 -21.85
N HIS A 117 -15.30 -6.30 -21.06
CA HIS A 117 -14.60 -5.08 -20.67
C HIS A 117 -14.31 -4.26 -21.92
N ASP A 118 -14.41 -2.94 -21.81
CA ASP A 118 -13.95 -2.05 -22.86
C ASP A 118 -13.53 -0.74 -22.18
N PHE A 119 -12.22 -0.52 -22.11
CA PHE A 119 -11.73 0.68 -21.45
C PHE A 119 -12.04 1.94 -22.27
N GLY A 120 -12.04 1.82 -23.60
CA GLY A 120 -12.33 2.95 -24.45
C GLY A 120 -13.68 3.56 -24.15
N LEU A 121 -14.67 2.73 -23.83
CA LEU A 121 -16.01 3.21 -23.49
C LEU A 121 -16.22 3.49 -22.00
N PHE A 122 -15.69 2.63 -21.12
CA PHE A 122 -16.05 2.73 -19.71
C PHE A 122 -15.25 3.80 -18.96
N LEU A 123 -13.94 3.91 -19.20
CA LEU A 123 -13.14 4.98 -18.60
C LEU A 123 -13.73 6.37 -18.79
N PRO A 124 -14.16 6.80 -19.99
CA PRO A 124 -14.78 8.13 -20.09
C PRO A 124 -15.98 8.30 -19.17
N GLN A 125 -16.78 7.26 -18.97
CA GLN A 125 -17.89 7.34 -18.02
C GLN A 125 -17.37 7.55 -16.59
N LEU A 126 -16.27 6.88 -16.23
CA LEU A 126 -15.68 7.08 -14.92
C LEU A 126 -15.25 8.53 -14.73
N ARG A 127 -14.51 9.07 -15.72
CA ARG A 127 -14.05 10.45 -15.62
C ARG A 127 -15.22 11.42 -15.56
N LYS A 128 -16.26 11.18 -16.35
CA LYS A 128 -17.45 12.02 -16.36
C LYS A 128 -18.09 12.08 -14.97
N ILE A 129 -18.19 10.94 -14.29
CA ILE A 129 -18.74 10.89 -12.95
C ILE A 129 -17.88 11.72 -11.98
N CYS A 130 -16.57 11.46 -11.95
CA CYS A 130 -15.69 12.18 -11.04
C CYS A 130 -15.71 13.68 -11.32
N GLU A 131 -15.79 14.08 -12.59
CA GLU A 131 -15.88 15.50 -12.89
C GLU A 131 -17.24 16.07 -12.48
N LYS A 132 -18.28 15.23 -12.41
CA LYS A 132 -19.58 15.72 -11.99
C LYS A 132 -19.58 16.09 -10.50
N TYR A 133 -18.93 15.30 -9.66
CA TYR A 133 -19.13 15.36 -8.22
C TYR A 133 -17.97 15.96 -7.42
N TYR A 134 -16.78 16.05 -7.99
CA TYR A 134 -15.59 16.44 -7.25
C TYR A 134 -15.01 17.74 -7.82
N GLY A 135 -14.21 18.42 -7.00
CA GLY A 135 -13.37 19.49 -7.50
C GLY A 135 -12.26 18.93 -8.39
N PRO A 136 -11.49 19.80 -9.06
CA PRO A 136 -10.46 19.31 -10.00
C PRO A 136 -9.47 18.34 -9.40
N GLU A 137 -8.93 18.63 -8.22
CA GLU A 137 -7.88 17.76 -7.67
C GLU A 137 -8.47 16.41 -7.28
N ASP A 138 -9.55 16.41 -6.50
CA ASP A 138 -10.17 15.18 -6.06
C ASP A 138 -10.64 14.33 -7.23
N ALA A 139 -11.14 14.97 -8.29
CA ALA A 139 -11.63 14.22 -9.43
C ALA A 139 -10.49 13.38 -10.03
N GLU A 140 -9.30 13.96 -10.16
CA GLU A 140 -8.17 13.19 -10.67
C GLU A 140 -7.80 12.06 -9.72
N VAL A 141 -7.86 12.31 -8.40
CA VAL A 141 -7.50 11.26 -7.45
C VAL A 141 -8.54 10.16 -7.49
N ALA A 142 -9.82 10.52 -7.46
CA ALA A 142 -10.88 9.52 -7.57
C ALA A 142 -10.78 8.76 -8.89
N TYR A 143 -10.54 9.46 -10.00
CA TYR A 143 -10.53 8.81 -11.30
C TYR A 143 -9.34 7.86 -11.44
N GLU A 144 -8.14 8.29 -11.02
CA GLU A 144 -6.99 7.39 -11.07
C GLU A 144 -7.27 6.09 -10.32
N ALA A 145 -7.83 6.19 -9.11
CA ALA A 145 -8.09 4.99 -8.32
C ALA A 145 -9.19 4.14 -8.94
N ALA A 146 -10.16 4.77 -9.61
CA ALA A 146 -11.16 4.03 -10.36
C ALA A 146 -10.54 3.30 -11.53
N ARG A 147 -9.73 4.00 -12.32
CA ARG A 147 -8.98 3.39 -13.42
C ARG A 147 -8.14 2.21 -12.91
N ALA A 148 -7.38 2.43 -11.84
CA ALA A 148 -6.51 1.38 -11.30
C ALA A 148 -7.32 0.17 -10.83
N PHE A 149 -8.47 0.39 -10.21
CA PHE A 149 -9.31 -0.73 -9.78
C PHE A 149 -9.79 -1.57 -10.98
N VAL A 150 -10.39 -0.93 -11.98
CA VAL A 150 -10.97 -1.73 -13.05
C VAL A 150 -9.87 -2.37 -13.89
N THR A 151 -8.75 -1.67 -14.08
CA THR A 151 -7.59 -2.25 -14.76
C THR A 151 -7.05 -3.46 -14.01
N SER A 152 -7.05 -3.41 -12.68
CA SER A 152 -6.57 -4.53 -11.90
C SER A 152 -7.52 -5.72 -12.01
N ASP A 153 -8.82 -5.49 -11.80
CA ASP A 153 -9.80 -6.55 -11.95
C ASP A 153 -9.66 -7.26 -13.31
N HIS A 154 -9.40 -6.49 -14.37
CA HIS A 154 -9.32 -7.06 -15.71
C HIS A 154 -8.12 -7.99 -15.85
N MET A 155 -6.90 -7.46 -15.66
CA MET A 155 -5.71 -8.20 -16.03
C MET A 155 -5.46 -9.41 -15.12
N PHE A 156 -6.09 -9.45 -13.95
CA PHE A 156 -5.88 -10.58 -13.05
C PHE A 156 -6.85 -11.72 -13.27
N ARG A 157 -7.86 -11.57 -14.13
CA ARG A 157 -8.72 -12.71 -14.39
C ARG A 157 -7.87 -13.89 -14.83
N ASP A 158 -7.95 -14.97 -14.07
CA ASP A 158 -7.16 -16.18 -14.30
C ASP A 158 -5.70 -15.87 -14.69
N SER A 159 -5.00 -15.06 -13.81
CA SER A 159 -3.56 -14.76 -13.92
C SER A 159 -2.73 -15.81 -13.20
N PRO A 160 -1.49 -16.07 -13.62
CA PRO A 160 -0.52 -16.69 -12.68
C PRO A 160 -0.31 -15.90 -11.40
N ILE A 161 -0.36 -14.56 -11.49
CA ILE A 161 -0.03 -13.70 -10.36
C ILE A 161 -1.08 -13.83 -9.27
N LYS A 162 -2.35 -13.78 -9.67
CA LYS A 162 -3.44 -13.99 -8.72
C LYS A 162 -3.35 -15.38 -8.11
N ALA A 163 -3.02 -16.38 -8.94
CA ALA A 163 -2.80 -17.74 -8.45
C ALA A 163 -1.72 -17.76 -7.38
N ALA A 164 -0.57 -17.13 -7.65
CA ALA A 164 0.50 -17.17 -6.67
C ALA A 164 0.12 -16.41 -5.40
N LEU A 165 -0.55 -15.27 -5.53
CA LEU A 165 -0.80 -14.43 -4.37
C LEU A 165 -1.94 -14.93 -3.50
N CYS A 166 -2.84 -15.76 -4.05
CA CYS A 166 -4.02 -16.18 -3.32
C CYS A 166 -3.89 -17.58 -2.74
N THR A 167 -2.96 -18.39 -3.23
CA THR A 167 -2.82 -19.74 -2.74
C THR A 167 -1.56 -19.95 -1.91
N THR A 168 -0.83 -18.89 -1.55
CA THR A 168 0.46 -19.12 -0.91
C THR A 168 0.37 -18.98 0.61
N SER A 169 -0.19 -17.89 1.10
CA SER A 169 -0.36 -17.64 2.53
C SER A 169 -1.40 -16.55 2.69
N PRO A 170 -2.03 -16.45 3.86
CA PRO A 170 -2.94 -15.33 4.09
C PRO A 170 -2.31 -13.99 3.74
N GLU A 171 -1.01 -13.88 4.01
CA GLU A 171 -0.30 -12.61 3.89
C GLU A 171 -0.11 -12.18 2.43
N GLN A 172 0.30 -13.10 1.56
CA GLN A 172 0.32 -12.76 0.14
C GLN A 172 -1.07 -12.37 -0.31
N TYR A 173 -2.08 -13.07 0.20
CA TYR A 173 -3.45 -12.88 -0.25
C TYR A 173 -3.97 -11.49 0.11
N PHE A 174 -3.90 -11.12 1.38
CA PHE A 174 -4.39 -9.81 1.78
C PHE A 174 -3.62 -8.69 1.08
N ARG A 175 -2.33 -8.91 0.81
CA ARG A 175 -1.57 -7.93 0.04
C ARG A 175 -2.20 -7.66 -1.33
N PHE A 176 -2.64 -8.72 -2.02
CA PHE A 176 -3.35 -8.56 -3.28
C PHE A 176 -4.68 -7.81 -3.07
N ARG A 177 -5.39 -8.15 -1.99
CA ARG A 177 -6.74 -7.63 -1.76
C ARG A 177 -6.79 -6.15 -1.43
N VAL A 178 -5.69 -5.57 -0.94
CA VAL A 178 -5.65 -4.12 -0.71
C VAL A 178 -6.16 -3.37 -1.96
N THR A 179 -5.67 -3.77 -3.13
CA THR A 179 -6.19 -3.22 -4.37
C THR A 179 -7.46 -3.95 -4.79
N ASP A 180 -7.45 -5.28 -4.74
CA ASP A 180 -8.41 -6.02 -5.55
C ASP A 180 -9.81 -5.98 -4.94
N ILE A 181 -9.93 -5.97 -3.61
CA ILE A 181 -11.28 -5.86 -3.02
C ILE A 181 -11.84 -4.47 -3.27
N GLY A 182 -11.00 -3.49 -3.56
CA GLY A 182 -11.48 -2.15 -3.84
C GLY A 182 -11.37 -1.15 -2.70
N VAL A 183 -10.73 -1.53 -1.58
CA VAL A 183 -10.69 -0.62 -0.44
C VAL A 183 -9.77 0.56 -0.73
N ASP A 184 -8.68 0.37 -1.50
CA ASP A 184 -7.83 1.52 -1.78
C ASP A 184 -8.57 2.54 -2.64
N PHE A 185 -9.34 2.05 -3.62
CA PHE A 185 -10.27 2.87 -4.39
C PHE A 185 -11.24 3.60 -3.47
N TRP A 186 -11.90 2.85 -2.58
CA TRP A 186 -12.89 3.41 -1.65
C TRP A 186 -12.33 4.62 -0.91
N MET A 187 -11.17 4.46 -0.28
CA MET A 187 -10.60 5.55 0.51
C MET A 187 -10.29 6.76 -0.36
N LYS A 188 -9.78 6.54 -1.56
CA LYS A 188 -9.38 7.65 -2.41
C LYS A 188 -10.57 8.33 -3.07
N MET A 189 -11.74 7.68 -3.11
CA MET A 189 -12.95 8.35 -3.55
C MET A 189 -13.83 8.82 -2.39
N SER A 190 -13.51 8.46 -1.15
CA SER A 190 -14.35 8.78 -0.01
C SER A 190 -13.83 9.90 0.86
N TYR A 191 -12.52 10.20 0.84
CA TYR A 191 -12.03 11.28 1.68
C TYR A 191 -12.66 12.63 1.38
N PRO A 192 -13.06 12.96 0.14
CA PRO A 192 -13.85 14.19 -0.04
C PRO A 192 -15.13 14.23 0.77
N ILE A 193 -15.70 13.08 1.14
CA ILE A 193 -16.92 13.07 1.95
C ILE A 193 -16.70 13.84 3.25
N TYR A 194 -15.50 13.74 3.84
CA TYR A 194 -15.22 14.21 5.19
C TYR A 194 -14.34 15.44 5.28
N ARG A 195 -13.56 15.75 4.23
CA ARG A 195 -12.62 16.86 4.22
C ARG A 195 -11.77 16.92 5.48
N HIS A 196 -11.57 15.76 6.14
CA HIS A 196 -10.75 15.68 7.34
C HIS A 196 -9.29 15.49 6.94
N PRO A 197 -8.45 16.50 7.16
CA PRO A 197 -7.05 16.45 6.66
C PRO A 197 -6.30 15.16 6.92
N GLU A 198 -6.27 14.66 8.15
CA GLU A 198 -5.48 13.46 8.42
C GLU A 198 -6.05 12.25 7.69
N PHE A 199 -7.39 12.14 7.58
CA PHE A 199 -7.95 11.02 6.82
C PHE A 199 -7.58 11.11 5.35
N THR A 200 -7.42 12.34 4.83
CA THR A 200 -7.03 12.51 3.44
C THR A 200 -5.61 12.03 3.20
N GLU A 201 -4.69 12.34 4.13
CA GLU A 201 -3.31 11.87 3.98
C GLU A 201 -3.23 10.34 4.07
N HIS A 202 -3.88 9.74 5.08
CA HIS A 202 -3.90 8.28 5.17
C HIS A 202 -4.57 7.63 3.96
N ALA A 203 -5.55 8.31 3.34
CA ALA A 203 -6.13 7.78 2.12
C ALA A 203 -5.12 7.81 0.98
N LYS A 204 -4.34 8.89 0.88
CA LYS A 204 -3.43 9.09 -0.23
C LYS A 204 -2.13 8.29 -0.08
N THR A 205 -1.71 7.96 1.14
CA THR A 205 -0.63 7.00 1.31
C THR A 205 -1.10 5.57 1.15
N SER A 206 -2.41 5.32 1.17
CA SER A 206 -3.05 4.01 1.25
C SER A 206 -2.88 3.34 2.61
N LEU A 207 -2.29 4.03 3.60
CA LEU A 207 -2.30 3.48 4.94
C LEU A 207 -3.73 3.17 5.39
N ALA A 208 -4.68 4.03 5.01
CA ALA A 208 -6.08 3.79 5.37
C ALA A 208 -6.57 2.46 4.80
N ALA A 209 -6.30 2.23 3.52
CA ALA A 209 -6.70 0.96 2.91
C ALA A 209 -6.03 -0.21 3.61
N ARG A 210 -4.73 -0.09 3.89
CA ARG A 210 -3.99 -1.20 4.50
C ARG A 210 -4.55 -1.53 5.87
N MET A 211 -4.90 -0.49 6.66
CA MET A 211 -5.45 -0.72 8.00
C MET A 211 -6.76 -1.48 7.95
N THR A 212 -7.57 -1.24 6.91
CA THR A 212 -8.92 -1.79 6.85
C THR A 212 -9.05 -3.04 5.98
N THR A 213 -7.97 -3.48 5.32
CA THR A 213 -8.10 -4.52 4.31
C THR A 213 -8.64 -5.81 4.92
N ARG A 214 -8.05 -6.27 6.02
CA ARG A 214 -8.40 -7.61 6.50
C ARG A 214 -9.80 -7.63 7.10
N GLY A 215 -10.21 -6.55 7.77
CA GLY A 215 -11.57 -6.50 8.30
C GLY A 215 -12.62 -6.62 7.22
N LEU A 216 -12.42 -5.93 6.10
CA LEU A 216 -13.35 -6.00 4.98
C LEU A 216 -13.30 -7.34 4.28
N THR A 217 -12.08 -7.80 3.97
CA THR A 217 -11.89 -8.99 3.13
C THR A 217 -12.31 -10.27 3.84
N ILE A 218 -11.98 -10.40 5.13
CA ILE A 218 -12.34 -11.63 5.82
C ILE A 218 -13.85 -11.81 5.87
N VAL A 219 -14.57 -10.72 6.14
CA VAL A 219 -16.04 -10.77 6.15
C VAL A 219 -16.57 -11.13 4.76
N ASN A 220 -16.14 -10.37 3.74
CA ASN A 220 -16.59 -10.64 2.38
C ASN A 220 -16.30 -12.07 1.95
N ASP A 221 -15.07 -12.53 2.19
CA ASP A 221 -14.73 -13.88 1.75
C ASP A 221 -15.63 -14.91 2.38
N PHE A 222 -15.98 -14.74 3.65
CA PHE A 222 -16.77 -15.78 4.28
C PHE A 222 -18.15 -15.88 3.62
N TYR A 223 -18.79 -14.74 3.38
CA TYR A 223 -20.16 -14.75 2.90
C TYR A 223 -20.29 -14.83 1.39
N SER A 224 -19.19 -14.66 0.65
CA SER A 224 -19.20 -14.85 -0.79
C SER A 224 -18.42 -16.08 -1.21
N TYR A 225 -17.94 -16.88 -0.26
CA TYR A 225 -17.22 -18.11 -0.56
C TYR A 225 -18.05 -19.05 -1.42
N ASP A 226 -19.32 -19.23 -1.07
CA ASP A 226 -20.15 -20.22 -1.76
C ASP A 226 -20.28 -19.89 -3.25
N ARG A 227 -20.58 -18.63 -3.57
CA ARG A 227 -20.66 -18.24 -4.98
C ARG A 227 -19.33 -18.46 -5.69
N GLU A 228 -18.25 -17.90 -5.14
CA GLU A 228 -17.00 -17.84 -5.88
C GLU A 228 -16.40 -19.23 -6.12
N VAL A 229 -16.61 -20.15 -5.18
CA VAL A 229 -16.17 -21.53 -5.40
C VAL A 229 -16.91 -22.13 -6.58
N SER A 230 -18.20 -21.84 -6.69
CA SER A 230 -19.00 -22.39 -7.78
C SER A 230 -18.57 -21.78 -9.12
N LEU A 231 -18.03 -20.56 -9.08
CA LEU A 231 -17.65 -19.84 -10.28
C LEU A 231 -16.18 -20.03 -10.62
N GLY A 232 -15.48 -20.87 -9.87
CA GLY A 232 -14.07 -21.09 -10.14
C GLY A 232 -13.20 -19.91 -9.80
N GLN A 233 -13.69 -19.02 -8.94
CA GLN A 233 -12.97 -17.83 -8.52
C GLN A 233 -12.08 -18.16 -7.31
N ILE A 234 -10.81 -17.77 -7.39
CA ILE A 234 -9.86 -18.14 -6.34
C ILE A 234 -9.62 -17.04 -5.32
N THR A 235 -10.15 -15.83 -5.53
CA THR A 235 -9.82 -14.69 -4.67
C THR A 235 -10.66 -14.74 -3.40
N ASN A 236 -10.27 -15.64 -2.48
CA ASN A 236 -11.04 -15.86 -1.26
C ASN A 236 -10.16 -16.62 -0.26
N CYS A 237 -9.85 -15.99 0.89
CA CYS A 237 -8.87 -16.56 1.81
C CYS A 237 -9.28 -17.92 2.36
N PHE A 238 -10.57 -18.22 2.42
CA PHE A 238 -10.92 -19.51 3.00
C PHE A 238 -10.60 -20.68 2.09
N ARG A 239 -10.25 -20.44 0.82
CA ARG A 239 -9.70 -21.52 0.03
C ARG A 239 -8.31 -21.92 0.47
N LEU A 240 -7.65 -21.11 1.30
CA LEU A 240 -6.36 -21.46 1.85
C LEU A 240 -6.43 -22.53 2.94
N CYS A 241 -7.62 -23.02 3.29
CA CYS A 241 -7.71 -24.10 4.28
C CYS A 241 -8.79 -25.10 3.88
N ASP A 242 -8.62 -26.32 4.39
CA ASP A 242 -9.51 -27.44 4.05
C ASP A 242 -10.81 -27.26 4.84
N VAL A 243 -11.80 -26.61 4.20
CA VAL A 243 -13.00 -26.22 4.91
C VAL A 243 -13.91 -27.40 5.21
N SER A 244 -13.60 -28.59 4.68
CA SER A 244 -14.31 -29.81 5.10
C SER A 244 -13.92 -30.19 6.52
N ASP A 245 -12.66 -29.96 6.90
CA ASP A 245 -12.21 -30.17 8.27
C ASP A 245 -12.74 -29.04 9.16
N GLU A 246 -13.67 -29.38 10.07
CA GLU A 246 -14.20 -28.39 11.01
C GLU A 246 -13.15 -27.89 12.00
N THR A 247 -12.28 -28.78 12.49
CA THR A 247 -11.20 -28.37 13.38
C THR A 247 -10.27 -27.38 12.68
N ALA A 248 -9.85 -27.71 11.46
CA ALA A 248 -8.95 -26.81 10.73
C ALA A 248 -9.65 -25.52 10.34
N PHE A 249 -10.92 -25.61 9.93
CA PHE A 249 -11.67 -24.40 9.61
C PHE A 249 -11.78 -23.49 10.82
N LYS A 250 -12.35 -24.00 11.91
CA LYS A 250 -12.51 -23.19 13.11
C LYS A 250 -11.17 -22.63 13.60
N GLU A 251 -10.09 -23.38 13.36
CA GLU A 251 -8.77 -22.86 13.70
C GLU A 251 -8.39 -21.69 12.80
N PHE A 252 -8.62 -21.83 11.50
CA PHE A 252 -8.30 -20.78 10.55
C PHE A 252 -9.19 -19.56 10.78
N PHE A 253 -10.49 -19.79 11.01
CA PHE A 253 -11.41 -18.69 11.31
C PHE A 253 -10.99 -17.93 12.55
N GLN A 254 -10.49 -18.63 13.58
CA GLN A 254 -10.02 -17.90 14.76
C GLN A 254 -8.81 -17.02 14.42
N ALA A 255 -7.83 -17.56 13.67
CA ALA A 255 -6.68 -16.74 13.28
C ALA A 255 -7.10 -15.50 12.50
N ARG A 256 -8.07 -15.64 11.56
CA ARG A 256 -8.61 -14.48 10.85
C ARG A 256 -9.33 -13.52 11.80
N LEU A 257 -10.13 -14.04 12.72
CA LEU A 257 -10.74 -13.18 13.73
C LEU A 257 -9.67 -12.42 14.52
N ASP A 258 -8.55 -13.08 14.84
CA ASP A 258 -7.47 -12.38 15.54
C ASP A 258 -6.83 -11.31 14.67
N ASP A 259 -6.71 -11.58 13.36
CA ASP A 259 -6.28 -10.55 12.43
C ASP A 259 -7.16 -9.30 12.56
N MET A 260 -8.49 -9.50 12.48
CA MET A 260 -9.42 -8.37 12.60
C MET A 260 -9.23 -7.62 13.91
N ILE A 261 -9.04 -8.34 15.01
CA ILE A 261 -8.95 -7.69 16.33
C ILE A 261 -7.68 -6.85 16.43
N GLU A 262 -6.53 -7.38 15.95
CA GLU A 262 -5.30 -6.61 16.05
C GLU A 262 -5.36 -5.35 15.20
N ASP A 263 -5.95 -5.46 14.00
CA ASP A 263 -6.16 -4.29 13.15
C ASP A 263 -7.07 -3.27 13.84
N ILE A 264 -8.18 -3.73 14.41
CA ILE A 264 -9.14 -2.80 15.03
C ILE A 264 -8.50 -2.08 16.22
N GLU A 265 -7.80 -2.81 17.10
CA GLU A 265 -7.09 -2.15 18.21
C GLU A 265 -6.07 -1.14 17.69
N CYS A 266 -5.32 -1.48 16.64
CA CYS A 266 -4.32 -0.54 16.13
C CYS A 266 -4.99 0.68 15.48
N ILE A 267 -6.16 0.48 14.87
CA ILE A 267 -6.90 1.61 14.29
C ILE A 267 -7.23 2.65 15.36
N LYS A 268 -7.46 2.20 16.60
CA LYS A 268 -7.82 3.11 17.69
C LYS A 268 -6.71 4.10 18.02
N ALA A 269 -5.49 3.88 17.54
CA ALA A 269 -4.42 4.87 17.68
C ALA A 269 -4.48 5.95 16.61
N PHE A 270 -5.40 5.86 15.67
CA PHE A 270 -5.55 6.97 14.75
C PHE A 270 -6.33 8.09 15.44
N ASP A 271 -6.32 9.27 14.82
CA ASP A 271 -7.05 10.37 15.44
C ASP A 271 -8.53 10.07 15.44
N GLN A 272 -9.26 10.78 16.29
CA GLN A 272 -10.62 10.40 16.62
C GLN A 272 -11.53 10.35 15.39
N LEU A 273 -11.52 11.39 14.55
CA LEU A 273 -12.37 11.33 13.36
C LEU A 273 -11.93 10.20 12.43
N THR A 274 -10.62 10.04 12.25
CA THR A 274 -10.13 9.02 11.33
C THR A 274 -10.56 7.62 11.76
N GLN A 275 -10.39 7.30 13.05
CA GLN A 275 -10.75 5.97 13.54
C GLN A 275 -12.25 5.74 13.42
N ASP A 276 -13.04 6.82 13.49
CA ASP A 276 -14.47 6.67 13.26
C ASP A 276 -14.75 6.17 11.84
N VAL A 277 -14.11 6.77 10.85
CA VAL A 277 -14.37 6.36 9.47
C VAL A 277 -13.93 4.91 9.25
N PHE A 278 -12.71 4.57 9.68
CA PHE A 278 -12.20 3.21 9.53
C PHE A 278 -13.14 2.18 10.15
N LEU A 279 -13.56 2.43 11.39
CA LEU A 279 -14.36 1.43 12.08
C LEU A 279 -15.79 1.37 11.53
N ASP A 280 -16.40 2.53 11.25
CA ASP A 280 -17.71 2.51 10.59
C ASP A 280 -17.64 1.74 9.27
N LEU A 281 -16.51 1.82 8.56
CA LEU A 281 -16.35 1.08 7.32
C LEU A 281 -16.37 -0.42 7.56
N ILE A 282 -15.55 -0.91 8.49
CA ILE A 282 -15.46 -2.36 8.65
C ILE A 282 -16.76 -2.92 9.20
N TYR A 283 -17.31 -2.27 10.23
CA TYR A 283 -18.56 -2.74 10.82
C TYR A 283 -19.72 -2.54 9.85
N GLY A 284 -19.76 -1.39 9.17
CA GLY A 284 -20.81 -1.15 8.20
C GLY A 284 -20.90 -2.25 7.17
N ASN A 285 -19.75 -2.68 6.63
CA ASN A 285 -19.74 -3.70 5.59
C ASN A 285 -20.24 -5.05 6.10
N PHE A 286 -20.00 -5.36 7.38
CA PHE A 286 -20.47 -6.62 7.93
C PHE A 286 -22.00 -6.65 8.00
N VAL A 287 -22.63 -5.55 8.42
CA VAL A 287 -24.09 -5.48 8.45
C VAL A 287 -24.65 -5.62 7.05
N TRP A 288 -24.13 -4.85 6.11
CA TRP A 288 -24.62 -4.95 4.73
C TRP A 288 -24.42 -6.36 4.19
N THR A 289 -23.23 -6.91 4.35
CA THR A 289 -22.92 -8.19 3.72
C THR A 289 -23.87 -9.29 4.18
N THR A 290 -24.18 -9.32 5.48
CA THR A 290 -25.08 -10.33 6.02
C THR A 290 -26.54 -10.07 5.66
N SER A 291 -27.04 -8.87 5.92
CA SER A 291 -28.42 -8.50 5.64
C SER A 291 -28.79 -8.50 4.15
N ASN A 292 -27.88 -8.12 3.27
CA ASN A 292 -28.23 -7.81 1.89
C ASN A 292 -28.27 -9.07 1.02
N LYS A 293 -29.02 -8.97 -0.08
CA LYS A 293 -29.38 -10.06 -0.98
C LYS A 293 -28.22 -10.66 -1.76
N ARG A 294 -27.15 -9.89 -1.99
CA ARG A 294 -26.06 -10.41 -2.82
C ARG A 294 -25.50 -11.73 -2.28
N TYR A 295 -25.52 -11.94 -0.97
CA TYR A 295 -24.78 -13.05 -0.38
C TYR A 295 -25.71 -14.05 0.31
N LYS A 296 -27.03 -13.82 0.17
CA LYS A 296 -27.99 -14.86 0.50
C LYS A 296 -27.68 -16.12 -0.26
N THR A 297 -27.04 -15.98 -1.41
CA THR A 297 -26.56 -17.06 -2.24
C THR A 297 -26.21 -16.45 -3.57
N ALA A 298 -26.00 -17.29 -4.58
CA ALA A 298 -25.87 -16.76 -5.94
C ALA A 298 -27.10 -17.27 -6.70
N ILE B 13 17.41 -0.85 22.57
CA ILE B 13 16.95 -0.70 23.94
C ILE B 13 18.16 -0.69 24.89
N GLY B 14 18.65 0.50 25.19
CA GLY B 14 19.96 0.69 25.81
C GLY B 14 20.88 1.49 24.91
N ARG B 15 22.19 1.24 25.00
CA ARG B 15 23.16 1.67 23.99
C ARG B 15 23.37 0.57 22.96
N SER B 16 22.32 -0.22 22.69
CA SER B 16 22.47 -1.59 22.23
C SER B 16 22.52 -1.67 20.71
N SER B 17 22.70 -2.89 20.23
CA SER B 17 23.41 -3.11 18.99
C SER B 17 23.14 -4.51 18.46
N VAL B 18 23.28 -4.65 17.14
CA VAL B 18 23.34 -5.95 16.52
C VAL B 18 24.76 -6.30 16.07
N ARG B 19 25.75 -5.55 16.55
CA ARG B 19 27.16 -5.83 16.24
C ARG B 19 27.54 -7.31 16.27
N PRO B 20 27.24 -8.09 17.31
CA PRO B 20 27.77 -9.47 17.35
C PRO B 20 27.28 -10.32 16.20
N TYR B 21 26.10 -10.01 15.69
CA TYR B 21 25.50 -10.77 14.61
C TYR B 21 25.94 -10.31 13.24
N LEU B 22 26.72 -9.22 13.17
CA LEU B 22 26.91 -8.53 11.90
C LEU B 22 27.40 -9.49 10.82
N GLU B 23 28.46 -10.22 11.12
CA GLU B 23 29.08 -11.05 10.10
C GLU B 23 28.19 -12.25 9.77
N GLU B 24 27.59 -12.87 10.77
CA GLU B 24 26.77 -14.05 10.48
C GLU B 24 25.55 -13.69 9.65
N CYS B 25 24.88 -12.59 9.99
CA CYS B 25 23.65 -12.26 9.29
C CYS B 25 23.95 -11.84 7.85
N THR B 26 25.06 -11.15 7.65
CA THR B 26 25.44 -10.78 6.29
C THR B 26 25.63 -12.02 5.42
N ARG B 27 26.25 -13.07 5.99
CA ARG B 27 26.40 -14.30 5.24
C ARG B 27 25.06 -15.03 5.07
N ARG B 28 24.19 -14.96 6.08
CA ARG B 28 22.87 -15.58 5.95
C ARG B 28 22.04 -14.84 4.89
N PHE B 29 22.04 -13.52 4.91
CA PHE B 29 21.44 -12.75 3.82
C PHE B 29 22.03 -13.18 2.48
N GLN B 30 23.36 -13.19 2.39
CA GLN B 30 24.04 -13.50 1.13
C GLN B 30 23.73 -14.92 0.67
N GLU B 31 23.70 -15.87 1.60
CA GLU B 31 23.34 -17.23 1.22
C GLU B 31 21.92 -17.28 0.65
N MET B 32 20.98 -16.55 1.26
CA MET B 32 19.60 -16.56 0.79
C MET B 32 19.49 -16.01 -0.63
N PHE B 33 20.19 -14.92 -0.91
CA PHE B 33 20.17 -14.37 -2.27
C PHE B 33 20.82 -15.32 -3.28
N ASP B 34 21.92 -16.03 -2.90
CA ASP B 34 22.50 -17.01 -3.83
C ASP B 34 21.51 -18.11 -4.16
N ARG B 35 20.72 -18.54 -3.17
CA ARG B 35 19.85 -19.69 -3.38
C ARG B 35 18.55 -19.29 -4.10
N HIS B 36 18.04 -18.10 -3.82
CA HIS B 36 16.69 -17.77 -4.26
C HIS B 36 16.62 -16.72 -5.35
N VAL B 37 17.61 -15.85 -5.49
CA VAL B 37 17.56 -14.77 -6.45
C VAL B 37 18.59 -14.97 -7.57
N VAL B 38 19.85 -15.20 -7.21
CA VAL B 38 20.95 -15.54 -8.10
C VAL B 38 21.44 -14.29 -8.84
N THR B 39 20.69 -13.84 -9.84
CA THR B 39 21.03 -12.65 -10.64
C THR B 39 21.62 -11.55 -9.76
N ARG B 40 22.98 -11.38 -9.81
CA ARG B 40 23.58 -10.33 -9.00
C ARG B 40 23.24 -8.97 -9.57
N PRO B 41 23.02 -7.97 -8.71
CA PRO B 41 22.77 -6.62 -9.23
C PRO B 41 24.05 -6.03 -9.78
N THR B 42 23.91 -5.27 -10.86
CA THR B 42 25.03 -4.67 -11.57
C THR B 42 24.84 -3.16 -11.58
N LYS B 43 25.84 -2.42 -11.09
CA LYS B 43 25.69 -1.01 -10.77
C LYS B 43 25.82 -0.12 -12.00
N VAL B 44 24.85 0.79 -12.18
CA VAL B 44 24.96 1.85 -13.18
C VAL B 44 26.06 2.82 -12.76
N GLU B 45 27.06 3.00 -13.61
CA GLU B 45 28.16 3.87 -13.22
C GLU B 45 28.06 5.20 -13.95
N LEU B 46 27.05 5.99 -13.59
CA LEU B 46 26.80 7.34 -14.12
C LEU B 46 28.08 8.02 -14.54
N THR B 47 28.11 8.51 -15.79
CA THR B 47 29.33 9.12 -16.30
C THR B 47 29.67 10.36 -15.48
N ASP B 48 30.96 10.70 -15.47
CA ASP B 48 31.49 11.78 -14.64
C ASP B 48 30.67 13.05 -14.80
N ALA B 49 30.02 13.21 -15.96
CA ALA B 49 29.19 14.36 -16.24
C ALA B 49 27.80 14.26 -15.63
N GLU B 50 27.13 13.11 -15.74
CA GLU B 50 25.78 12.98 -15.21
C GLU B 50 25.78 13.04 -13.70
N LEU B 51 26.77 12.42 -13.07
CA LEU B 51 26.90 12.50 -11.61
C LEU B 51 26.90 13.95 -11.14
N ARG B 52 27.73 14.80 -11.76
CA ARG B 52 27.76 16.21 -11.36
C ARG B 52 26.45 16.92 -11.69
N GLU B 53 25.73 16.45 -12.72
CA GLU B 53 24.42 17.03 -13.01
C GLU B 53 23.40 16.65 -11.92
N VAL B 54 23.41 15.38 -11.52
CA VAL B 54 22.57 14.94 -10.42
C VAL B 54 22.92 15.70 -9.14
N ILE B 55 24.21 15.80 -8.82
CA ILE B 55 24.61 16.46 -7.57
C ILE B 55 24.28 17.94 -7.62
N ASP B 56 24.63 18.61 -8.71
CA ASP B 56 24.39 20.05 -8.81
C ASP B 56 22.91 20.36 -8.63
N ASP B 57 22.03 19.56 -9.20
CA ASP B 57 20.60 19.77 -9.03
C ASP B 57 20.17 19.44 -7.60
N CYS B 58 20.74 18.39 -7.02
CA CYS B 58 20.42 18.03 -5.63
C CYS B 58 20.71 19.20 -4.70
N ASN B 59 21.85 19.86 -4.90
CA ASN B 59 22.16 21.04 -4.11
C ASN B 59 21.07 22.09 -4.23
N ALA B 60 20.64 22.41 -5.45
CA ALA B 60 19.62 23.44 -5.62
C ALA B 60 18.38 23.10 -4.81
N ALA B 61 18.01 21.82 -4.77
CA ALA B 61 16.77 21.42 -4.12
C ALA B 61 16.90 21.47 -2.61
N VAL B 62 18.10 21.32 -2.06
CA VAL B 62 18.21 21.46 -0.62
C VAL B 62 18.83 22.79 -0.22
N ALA B 63 19.25 23.61 -1.19
CA ALA B 63 19.78 24.93 -0.86
C ALA B 63 18.85 25.76 0.00
N PRO B 64 17.56 25.90 -0.31
CA PRO B 64 16.71 26.75 0.54
C PRO B 64 16.51 26.22 1.94
N LEU B 65 16.79 24.96 2.20
CA LEU B 65 16.60 24.41 3.55
C LEU B 65 17.75 24.75 4.49
N GLY B 66 18.86 25.25 3.96
CA GLY B 66 19.80 26.02 4.77
C GLY B 66 20.91 25.23 5.41
N LYS B 67 21.15 24.02 4.90
CA LYS B 67 22.23 23.21 5.41
C LYS B 67 23.23 23.00 4.29
N THR B 68 24.25 22.22 4.56
CA THR B 68 25.24 21.93 3.55
C THR B 68 25.48 20.44 3.51
N VAL B 69 25.45 19.88 2.31
CA VAL B 69 25.71 18.46 2.19
C VAL B 69 26.77 18.25 1.14
N SER B 70 27.66 17.32 1.41
CA SER B 70 28.91 17.15 0.69
C SER B 70 28.71 16.29 -0.54
N ASP B 71 29.66 16.39 -1.47
CA ASP B 71 29.66 15.46 -2.59
C ASP B 71 29.76 14.03 -2.07
N GLU B 72 30.50 13.84 -0.96
CA GLU B 72 30.61 12.51 -0.36
C GLU B 72 29.25 11.98 0.05
N ARG B 73 28.46 12.81 0.73
CA ARG B 73 27.17 12.37 1.21
C ARG B 73 26.16 12.22 0.05
N TRP B 74 26.26 13.07 -0.97
CA TRP B 74 25.40 12.87 -2.14
C TRP B 74 25.64 11.51 -2.74
N ILE B 75 26.91 11.12 -2.87
CA ILE B 75 27.24 9.86 -3.53
C ILE B 75 26.86 8.67 -2.67
N SER B 76 26.85 8.81 -1.35
CA SER B 76 26.34 7.74 -0.49
C SER B 76 24.83 7.58 -0.69
N TYR B 77 24.09 8.69 -0.78
CA TYR B 77 22.68 8.61 -1.11
C TYR B 77 22.46 7.94 -2.45
N VAL B 78 23.09 8.46 -3.50
CA VAL B 78 22.74 8.06 -4.85
C VAL B 78 23.06 6.59 -5.10
N GLY B 79 23.91 5.99 -4.26
CA GLY B 79 24.30 4.61 -4.49
C GLY B 79 23.15 3.63 -4.45
N VAL B 80 22.13 3.91 -3.63
CA VAL B 80 20.96 3.04 -3.65
C VAL B 80 20.30 3.04 -5.03
N VAL B 81 20.28 4.19 -5.71
CA VAL B 81 19.70 4.22 -7.05
C VAL B 81 20.65 3.58 -8.06
N LEU B 82 21.95 3.83 -7.91
CA LEU B 82 22.92 3.23 -8.82
C LEU B 82 22.91 1.72 -8.74
N TRP B 83 22.66 1.17 -7.55
CA TRP B 83 22.74 -0.25 -7.31
C TRP B 83 21.40 -0.98 -7.42
N SER B 84 20.27 -0.30 -7.26
CA SER B 84 19.03 -1.03 -7.02
C SER B 84 17.96 -0.80 -8.06
N GLN B 85 18.30 -0.14 -9.18
CA GLN B 85 17.47 -0.18 -10.37
C GLN B 85 17.85 -1.43 -11.16
N SER B 86 17.46 -1.51 -12.43
CA SER B 86 17.55 -2.74 -13.22
C SER B 86 18.18 -2.39 -14.57
N PRO B 87 19.51 -2.32 -14.64
CA PRO B 87 20.16 -1.80 -15.85
C PRO B 87 19.91 -2.64 -17.08
N ARG B 88 19.47 -3.88 -16.92
CA ARG B 88 19.03 -4.67 -18.06
C ARG B 88 17.98 -3.94 -18.88
N HIS B 89 17.13 -3.15 -18.22
CA HIS B 89 15.88 -2.68 -18.81
C HIS B 89 15.77 -1.16 -18.84
N ILE B 90 16.77 -0.43 -18.34
CA ILE B 90 16.69 1.03 -18.35
C ILE B 90 16.56 1.53 -19.77
N LYS B 91 15.64 2.46 -19.99
CA LYS B 91 15.53 3.04 -21.31
C LYS B 91 15.26 4.55 -21.32
N ASP B 92 15.17 5.19 -20.15
CA ASP B 92 15.01 6.65 -20.06
C ASP B 92 15.91 7.14 -18.92
N MET B 93 17.11 7.60 -19.28
CA MET B 93 18.06 8.05 -18.28
C MET B 93 17.70 9.40 -17.68
N GLU B 94 16.76 10.13 -18.28
CA GLU B 94 16.31 11.37 -17.64
C GLU B 94 15.37 11.07 -16.48
N ALA B 95 14.52 10.05 -16.62
CA ALA B 95 13.74 9.58 -15.48
C ALA B 95 14.67 9.01 -14.40
N PHE B 96 15.71 8.28 -14.81
CA PHE B 96 16.70 7.76 -13.87
C PHE B 96 17.35 8.89 -13.07
N LYS B 97 17.73 9.97 -13.76
CA LYS B 97 18.35 11.08 -13.05
C LYS B 97 17.37 11.72 -12.09
N ALA B 98 16.09 11.77 -12.45
CA ALA B 98 15.06 12.22 -11.54
C ALA B 98 15.04 11.39 -10.26
N VAL B 99 15.06 10.06 -10.39
CA VAL B 99 15.02 9.22 -9.19
C VAL B 99 16.23 9.46 -8.32
N CYS B 100 17.39 9.71 -8.92
CA CYS B 100 18.58 10.04 -8.13
C CYS B 100 18.34 11.29 -7.30
N VAL B 101 17.88 12.36 -7.95
CA VAL B 101 17.67 13.63 -7.25
C VAL B 101 16.59 13.49 -6.19
N LEU B 102 15.42 12.95 -6.57
CA LEU B 102 14.30 12.85 -5.65
C LEU B 102 14.66 11.98 -4.45
N ASN B 103 15.23 10.81 -4.71
CA ASN B 103 15.57 9.94 -3.59
C ASN B 103 16.60 10.63 -2.70
N CYS B 104 17.55 11.36 -3.29
CA CYS B 104 18.55 12.05 -2.49
C CYS B 104 17.93 13.11 -1.58
N VAL B 105 17.06 13.95 -2.13
CA VAL B 105 16.61 15.08 -1.33
C VAL B 105 15.57 14.65 -0.31
N THR B 106 14.89 13.52 -0.54
CA THR B 106 14.02 13.01 0.50
C THR B 106 14.80 12.27 1.58
N PHE B 107 15.97 11.73 1.25
CA PHE B 107 16.87 11.23 2.29
C PHE B 107 17.25 12.34 3.26
N VAL B 108 17.58 13.52 2.71
CA VAL B 108 17.88 14.68 3.55
C VAL B 108 16.71 14.96 4.49
N TRP B 109 15.49 14.95 3.95
CA TRP B 109 14.31 15.15 4.76
C TRP B 109 14.22 14.09 5.85
N ASP B 110 14.36 12.82 5.48
CA ASP B 110 14.33 11.73 6.43
C ASP B 110 15.37 11.93 7.54
N ASP B 111 16.46 12.62 7.21
CA ASP B 111 17.58 12.86 8.12
C ASP B 111 17.42 14.10 8.97
N MET B 112 16.24 14.72 9.00
CA MET B 112 16.12 16.11 9.43
C MET B 112 15.30 16.24 10.69
N ASP B 113 15.77 17.10 11.59
CA ASP B 113 14.91 17.57 12.66
C ASP B 113 13.62 18.12 12.07
N PRO B 114 12.46 17.73 12.58
CA PRO B 114 11.20 18.23 12.01
C PRO B 114 11.10 19.74 12.01
N ALA B 115 11.87 20.42 12.86
CA ALA B 115 11.91 21.88 12.86
C ALA B 115 12.41 22.44 11.53
N LEU B 116 13.35 21.75 10.89
CA LEU B 116 13.85 22.17 9.58
C LEU B 116 12.88 21.88 8.45
N HIS B 117 11.85 21.05 8.68
CA HIS B 117 10.87 20.72 7.63
C HIS B 117 10.09 21.97 7.27
N ASP B 118 10.30 22.48 6.07
CA ASP B 118 9.56 23.64 5.57
C ASP B 118 8.81 23.22 4.31
N PHE B 119 7.51 22.95 4.46
CA PHE B 119 6.68 22.46 3.36
C PHE B 119 6.46 23.54 2.30
N GLY B 120 6.17 24.77 2.73
CA GLY B 120 5.99 25.85 1.77
C GLY B 120 7.21 26.04 0.89
N LEU B 121 8.41 25.80 1.44
CA LEU B 121 9.65 25.98 0.72
C LEU B 121 10.06 24.74 -0.08
N PHE B 122 9.79 23.55 0.45
CA PHE B 122 10.33 22.33 -0.16
C PHE B 122 9.40 21.73 -1.22
N LEU B 123 8.10 21.72 -0.96
CA LEU B 123 7.16 21.11 -1.90
C LEU B 123 7.24 21.70 -3.31
N PRO B 124 7.34 23.02 -3.51
CA PRO B 124 7.59 23.50 -4.87
C PRO B 124 8.88 22.99 -5.48
N GLN B 125 9.93 22.78 -4.66
CA GLN B 125 11.18 22.29 -5.21
C GLN B 125 11.05 20.85 -5.69
N LEU B 126 10.26 20.04 -4.99
CA LEU B 126 9.97 18.69 -5.47
C LEU B 126 9.14 18.75 -6.75
N ARG B 127 8.36 19.82 -6.92
CA ARG B 127 7.57 19.93 -8.14
C ARG B 127 8.43 20.32 -9.33
N LYS B 128 9.38 21.25 -9.11
CA LYS B 128 10.32 21.62 -10.16
C LYS B 128 11.08 20.41 -10.69
N ILE B 129 11.68 19.62 -9.78
CA ILE B 129 12.46 18.45 -10.19
C ILE B 129 11.64 17.56 -11.11
N CYS B 130 10.40 17.26 -10.71
CA CYS B 130 9.56 16.35 -11.48
C CYS B 130 9.20 16.93 -12.85
N GLU B 131 8.99 18.25 -12.91
CA GLU B 131 8.65 18.86 -14.20
C GLU B 131 9.88 19.00 -15.09
N LYS B 132 11.09 18.89 -14.53
CA LYS B 132 12.27 18.92 -15.37
C LYS B 132 12.49 17.59 -16.08
N TYR B 133 12.23 16.47 -15.40
CA TYR B 133 12.70 15.19 -15.91
C TYR B 133 11.62 14.28 -16.48
N TYR B 134 10.34 14.56 -16.21
CA TYR B 134 9.26 13.72 -16.69
C TYR B 134 8.36 14.51 -17.63
N GLY B 135 7.54 13.77 -18.37
CA GLY B 135 6.44 14.37 -19.08
C GLY B 135 5.35 14.80 -18.13
N PRO B 136 4.32 15.45 -18.67
CA PRO B 136 3.28 16.03 -17.79
C PRO B 136 2.63 15.04 -16.82
N GLU B 137 2.15 13.89 -17.28
CA GLU B 137 1.41 13.07 -16.34
C GLU B 137 2.35 12.30 -15.39
N ASP B 138 3.51 11.86 -15.88
CA ASP B 138 4.50 11.23 -14.99
C ASP B 138 4.97 12.22 -13.93
N ALA B 139 5.10 13.49 -14.30
CA ALA B 139 5.50 14.50 -13.33
C ALA B 139 4.55 14.56 -12.15
N GLU B 140 3.25 14.51 -12.41
CA GLU B 140 2.26 14.62 -11.35
C GLU B 140 2.25 13.36 -10.48
N VAL B 141 2.51 12.20 -11.08
CA VAL B 141 2.54 10.95 -10.33
C VAL B 141 3.75 10.95 -9.41
N ALA B 142 4.92 11.25 -9.95
CA ALA B 142 6.12 11.33 -9.13
C ALA B 142 5.96 12.37 -8.03
N TYR B 143 5.33 13.51 -8.33
CA TYR B 143 5.25 14.58 -7.33
C TYR B 143 4.33 14.19 -6.17
N GLU B 144 3.16 13.64 -6.47
CA GLU B 144 2.27 13.21 -5.40
C GLU B 144 2.97 12.20 -4.50
N ALA B 145 3.73 11.27 -5.10
CA ALA B 145 4.43 10.28 -4.31
C ALA B 145 5.51 10.92 -3.43
N ALA B 146 6.28 11.86 -3.98
CA ALA B 146 7.27 12.57 -3.18
C ALA B 146 6.59 13.34 -2.04
N ARG B 147 5.55 14.11 -2.38
CA ARG B 147 4.80 14.86 -1.38
C ARG B 147 4.30 13.96 -0.26
N ALA B 148 3.64 12.87 -0.63
CA ALA B 148 3.13 11.95 0.39
C ALA B 148 4.25 11.41 1.26
N PHE B 149 5.42 11.11 0.67
CA PHE B 149 6.51 10.54 1.44
C PHE B 149 7.06 11.54 2.48
N VAL B 150 7.41 12.76 2.04
CA VAL B 150 7.97 13.70 3.00
C VAL B 150 6.90 14.14 4.00
N THR B 151 5.64 14.20 3.56
CA THR B 151 4.54 14.48 4.47
C THR B 151 4.36 13.35 5.48
N SER B 152 4.50 12.10 5.05
CA SER B 152 4.44 10.99 6.00
C SER B 152 5.60 11.05 6.97
N ASP B 153 6.81 11.34 6.48
CA ASP B 153 7.97 11.37 7.36
C ASP B 153 7.78 12.43 8.45
N HIS B 154 7.25 13.60 8.07
CA HIS B 154 6.98 14.67 9.03
C HIS B 154 5.83 14.28 9.94
N MET B 155 4.76 13.78 9.34
CA MET B 155 3.51 13.56 10.05
C MET B 155 3.68 12.60 11.22
N PHE B 156 4.59 11.64 11.10
CA PHE B 156 4.67 10.60 12.13
C PHE B 156 5.84 10.77 13.12
N ARG B 157 6.61 11.87 13.06
CA ARG B 157 7.89 11.94 13.82
C ARG B 157 7.76 11.50 15.26
N ASP B 158 6.69 11.89 15.93
CA ASP B 158 6.36 11.26 17.19
C ASP B 158 4.87 10.94 17.24
N SER B 159 4.41 9.93 16.54
CA SER B 159 2.97 9.79 16.46
C SER B 159 2.50 8.56 17.21
N PRO B 160 1.37 8.67 17.90
CA PRO B 160 0.80 7.48 18.54
C PRO B 160 0.59 6.38 17.54
N ILE B 161 0.29 6.73 16.29
CA ILE B 161 0.14 5.73 15.23
C ILE B 161 1.46 5.02 14.95
N LYS B 162 2.55 5.78 14.82
CA LYS B 162 3.81 5.13 14.51
C LYS B 162 4.22 4.18 15.63
N ALA B 163 4.01 4.58 16.89
CA ALA B 163 4.37 3.72 18.01
C ALA B 163 3.52 2.45 18.04
N ALA B 164 2.21 2.58 17.83
CA ALA B 164 1.35 1.41 17.77
C ALA B 164 1.80 0.42 16.69
N LEU B 165 1.86 0.87 15.43
CA LEU B 165 2.16 -0.03 14.32
C LEU B 165 3.57 -0.61 14.43
N CYS B 166 4.50 0.10 15.06
CA CYS B 166 5.87 -0.39 15.11
C CYS B 166 6.12 -1.30 16.30
N THR B 167 5.20 -1.39 17.26
CA THR B 167 5.39 -2.23 18.44
C THR B 167 4.40 -3.37 18.54
N THR B 168 3.35 -3.40 17.73
CA THR B 168 2.31 -4.40 17.92
C THR B 168 2.70 -5.76 17.36
N SER B 169 3.20 -5.82 16.13
CA SER B 169 3.50 -7.06 15.45
C SER B 169 4.28 -6.75 14.16
N PRO B 170 4.98 -7.73 13.62
CA PRO B 170 5.63 -7.50 12.32
C PRO B 170 4.64 -7.09 11.24
N GLU B 171 3.43 -7.66 11.28
CA GLU B 171 2.41 -7.38 10.27
C GLU B 171 2.03 -5.90 10.28
N GLN B 172 1.77 -5.33 11.48
CA GLN B 172 1.48 -3.90 11.54
C GLN B 172 2.70 -3.08 11.13
N TYR B 173 3.90 -3.55 11.49
CA TYR B 173 5.11 -2.77 11.19
C TYR B 173 5.36 -2.70 9.67
N PHE B 174 5.34 -3.84 9.00
CA PHE B 174 5.55 -3.80 7.55
C PHE B 174 4.43 -3.04 6.85
N ARG B 175 3.21 -3.07 7.40
CA ARG B 175 2.14 -2.27 6.82
C ARG B 175 2.52 -0.78 6.83
N PHE B 176 3.09 -0.31 7.94
CA PHE B 176 3.52 1.07 8.02
C PHE B 176 4.66 1.36 7.04
N ARG B 177 5.56 0.40 6.86
CA ARG B 177 6.79 0.63 6.07
C ARG B 177 6.54 0.72 4.56
N VAL B 178 5.44 0.14 4.04
CA VAL B 178 5.11 0.28 2.61
C VAL B 178 5.27 1.73 2.17
N THR B 179 4.74 2.66 2.97
CA THR B 179 4.92 4.09 2.70
C THR B 179 6.22 4.60 3.32
N ASP B 180 6.43 4.30 4.59
CA ASP B 180 7.43 5.04 5.37
C ASP B 180 8.86 4.80 4.86
N ILE B 181 9.21 3.57 4.51
CA ILE B 181 10.58 3.35 3.99
C ILE B 181 10.78 4.00 2.62
N GLY B 182 9.70 4.38 1.95
CA GLY B 182 9.78 5.09 0.70
C GLY B 182 9.62 4.25 -0.56
N VAL B 183 9.29 2.95 -0.43
CA VAL B 183 9.30 2.11 -1.63
C VAL B 183 8.09 2.38 -2.52
N ASP B 184 6.94 2.79 -1.97
CA ASP B 184 5.83 3.17 -2.85
C ASP B 184 6.22 4.39 -3.67
N PHE B 185 6.82 5.39 -3.03
CA PHE B 185 7.43 6.53 -3.71
C PHE B 185 8.41 6.08 -4.79
N TRP B 186 9.27 5.11 -4.47
CA TRP B 186 10.27 4.63 -5.40
C TRP B 186 9.62 4.08 -6.67
N MET B 187 8.65 3.18 -6.52
CA MET B 187 7.98 2.59 -7.67
C MET B 187 7.31 3.66 -8.54
N LYS B 188 6.61 4.62 -7.91
CA LYS B 188 5.82 5.60 -8.63
C LYS B 188 6.67 6.62 -9.36
N MET B 189 7.94 6.80 -8.96
CA MET B 189 8.85 7.62 -9.75
C MET B 189 9.77 6.80 -10.65
N SER B 190 9.84 5.49 -10.46
CA SER B 190 10.73 4.65 -11.26
C SER B 190 10.08 4.07 -12.51
N TYR B 191 8.75 3.90 -12.52
CA TYR B 191 8.13 3.23 -13.66
C TYR B 191 8.43 3.93 -14.99
N PRO B 192 8.58 5.26 -15.09
CA PRO B 192 8.92 5.85 -16.40
C PRO B 192 10.30 5.46 -16.89
N ILE B 193 11.17 4.97 -16.02
CA ILE B 193 12.48 4.52 -16.49
C ILE B 193 12.32 3.36 -17.44
N TYR B 194 11.31 2.53 -17.23
CA TYR B 194 11.19 1.27 -17.94
C TYR B 194 10.16 1.28 -19.05
N ARG B 195 9.21 2.22 -19.04
CA ARG B 195 8.13 2.27 -20.05
C ARG B 195 7.58 0.88 -20.33
N HIS B 196 7.31 0.14 -19.26
CA HIS B 196 6.78 -1.21 -19.33
C HIS B 196 5.37 -1.21 -18.74
N PRO B 197 4.34 -1.51 -19.54
CA PRO B 197 2.95 -1.33 -19.05
C PRO B 197 2.62 -2.09 -17.77
N GLU B 198 2.90 -3.39 -17.74
CA GLU B 198 2.58 -4.19 -16.56
C GLU B 198 3.27 -3.64 -15.31
N PHE B 199 4.56 -3.29 -15.44
CA PHE B 199 5.27 -2.72 -14.29
C PHE B 199 4.64 -1.41 -13.87
N THR B 200 4.21 -0.60 -14.85
CA THR B 200 3.61 0.69 -14.55
C THR B 200 2.31 0.52 -13.75
N GLU B 201 1.52 -0.51 -14.08
CA GLU B 201 0.29 -0.72 -13.34
C GLU B 201 0.57 -1.22 -11.92
N HIS B 202 1.55 -2.13 -11.77
CA HIS B 202 1.90 -2.59 -10.43
C HIS B 202 2.44 -1.44 -9.57
N ALA B 203 3.19 -0.52 -10.18
CA ALA B 203 3.60 0.69 -9.46
C ALA B 203 2.41 1.52 -9.02
N LYS B 204 1.42 1.72 -9.92
CA LYS B 204 0.31 2.61 -9.63
C LYS B 204 -0.69 2.01 -8.65
N THR B 205 -0.80 0.69 -8.57
CA THR B 205 -1.65 0.08 -7.56
C THR B 205 -0.96 -0.06 -6.21
N SER B 206 0.36 0.18 -6.15
CA SER B 206 1.21 -0.11 -5.01
C SER B 206 1.42 -1.60 -4.79
N LEU B 207 0.92 -2.47 -5.68
CA LEU B 207 1.26 -3.88 -5.55
C LEU B 207 2.78 -4.07 -5.61
N ALA B 208 3.45 -3.31 -6.46
CA ALA B 208 4.90 -3.40 -6.55
C ALA B 208 5.57 -3.04 -5.22
N ALA B 209 5.17 -1.91 -4.63
CA ALA B 209 5.71 -1.53 -3.32
C ALA B 209 5.46 -2.62 -2.30
N ARG B 210 4.25 -3.18 -2.28
CA ARG B 210 3.89 -4.16 -1.26
C ARG B 210 4.70 -5.44 -1.40
N MET B 211 5.03 -5.84 -2.64
CA MET B 211 5.78 -7.07 -2.87
C MET B 211 7.23 -6.95 -2.38
N THR B 212 7.83 -5.77 -2.45
CA THR B 212 9.23 -5.54 -2.14
C THR B 212 9.48 -4.91 -0.76
N THR B 213 8.43 -4.55 -0.03
CA THR B 213 8.60 -3.87 1.24
C THR B 213 9.47 -4.68 2.20
N ARG B 214 9.10 -5.95 2.43
CA ARG B 214 9.79 -6.75 3.43
C ARG B 214 11.24 -7.00 3.06
N GLY B 215 11.53 -7.28 1.79
CA GLY B 215 12.91 -7.49 1.38
C GLY B 215 13.79 -6.28 1.60
N LEU B 216 13.28 -5.09 1.31
CA LEU B 216 14.03 -3.87 1.53
C LEU B 216 14.12 -3.54 3.01
N THR B 217 13.02 -3.70 3.74
CA THR B 217 12.94 -3.20 5.09
C THR B 217 13.71 -4.10 6.05
N ILE B 218 13.67 -5.41 5.83
CA ILE B 218 14.36 -6.31 6.74
C ILE B 218 15.87 -6.10 6.61
N VAL B 219 16.36 -6.03 5.39
CA VAL B 219 17.78 -5.74 5.15
C VAL B 219 18.16 -4.41 5.77
N ASN B 220 17.41 -3.36 5.46
CA ASN B 220 17.77 -2.04 5.95
C ASN B 220 17.67 -1.96 7.47
N ASP B 221 16.68 -2.64 8.07
CA ASP B 221 16.54 -2.55 9.52
C ASP B 221 17.76 -3.17 10.23
N PHE B 222 18.25 -4.32 9.74
CA PHE B 222 19.40 -4.93 10.38
C PHE B 222 20.58 -3.98 10.42
N TYR B 223 21.00 -3.48 9.26
CA TYR B 223 22.19 -2.67 9.17
C TYR B 223 22.01 -1.24 9.66
N SER B 224 20.79 -0.77 9.96
CA SER B 224 20.62 0.56 10.51
C SER B 224 20.08 0.56 11.94
N TYR B 225 19.94 -0.62 12.54
CA TYR B 225 19.43 -0.74 13.90
C TYR B 225 20.26 0.07 14.88
N ASP B 226 21.59 0.02 14.75
CA ASP B 226 22.47 0.68 15.71
C ASP B 226 22.33 2.20 15.64
N ARG B 227 22.30 2.75 14.43
CA ARG B 227 22.12 4.20 14.29
C ARG B 227 20.79 4.63 14.85
N GLU B 228 19.73 3.84 14.63
CA GLU B 228 18.37 4.28 14.95
C GLU B 228 18.07 4.19 16.46
N VAL B 229 18.43 3.08 17.11
CA VAL B 229 18.13 2.98 18.54
C VAL B 229 18.88 4.05 19.32
N SER B 230 20.04 4.47 18.84
CA SER B 230 20.79 5.48 19.58
C SER B 230 20.12 6.85 19.44
N LEU B 231 19.46 7.11 18.31
CA LEU B 231 18.68 8.32 18.08
C LEU B 231 17.22 8.17 18.50
N GLY B 232 16.86 7.11 19.23
CA GLY B 232 15.47 6.93 19.62
C GLY B 232 14.50 6.58 18.51
N GLN B 233 14.95 6.43 17.28
CA GLN B 233 14.04 6.09 16.19
C GLN B 233 13.52 4.68 16.36
N ILE B 234 12.19 4.55 16.49
CA ILE B 234 11.55 3.28 16.84
C ILE B 234 11.12 2.49 15.61
N THR B 235 11.38 2.98 14.40
CA THR B 235 10.90 2.35 13.16
C THR B 235 11.94 1.35 12.66
N ASN B 236 11.86 0.14 13.19
CA ASN B 236 12.83 -0.92 12.89
C ASN B 236 12.30 -2.21 13.47
N CYS B 237 12.15 -3.26 12.64
CA CYS B 237 11.44 -4.46 13.10
C CYS B 237 12.22 -5.22 14.17
N PHE B 238 13.55 -5.11 14.19
CA PHE B 238 14.30 -5.84 15.21
C PHE B 238 14.09 -5.30 16.63
N ARG B 239 13.43 -4.17 16.76
CA ARG B 239 12.91 -3.75 18.06
C ARG B 239 11.79 -4.64 18.56
N LEU B 240 11.17 -5.45 17.71
CA LEU B 240 10.16 -6.40 18.16
C LEU B 240 10.76 -7.61 18.84
N CYS B 241 12.09 -7.71 18.93
CA CYS B 241 12.75 -8.77 19.66
C CYS B 241 13.80 -8.18 20.57
N ASP B 242 14.28 -9.02 21.48
CA ASP B 242 15.29 -8.72 22.49
C ASP B 242 16.61 -9.15 21.88
N VAL B 243 17.30 -8.21 21.21
CA VAL B 243 18.53 -8.59 20.55
C VAL B 243 19.61 -8.92 21.58
N SER B 244 19.33 -8.75 22.87
CA SER B 244 20.22 -9.32 23.87
C SER B 244 20.11 -10.84 23.93
N ASP B 245 18.88 -11.38 23.92
CA ASP B 245 18.66 -12.82 23.91
C ASP B 245 19.12 -13.39 22.57
N GLU B 246 20.21 -14.14 22.58
CA GLU B 246 20.69 -14.80 21.38
C GLU B 246 19.64 -15.74 20.80
N THR B 247 18.94 -16.50 21.65
CA THR B 247 17.89 -17.38 21.14
C THR B 247 16.82 -16.58 20.44
N ALA B 248 16.32 -15.55 21.12
CA ALA B 248 15.26 -14.74 20.54
C ALA B 248 15.69 -14.09 19.23
N PHE B 249 16.92 -13.56 19.18
CA PHE B 249 17.34 -12.89 17.96
C PHE B 249 17.42 -13.86 16.79
N LYS B 250 18.03 -15.03 16.98
CA LYS B 250 18.23 -15.93 15.83
C LYS B 250 16.88 -16.41 15.28
N GLU B 251 15.95 -16.76 16.17
CA GLU B 251 14.63 -17.21 15.73
C GLU B 251 13.88 -16.09 15.01
N PHE B 252 13.88 -14.89 15.60
CA PHE B 252 13.29 -13.74 14.93
C PHE B 252 13.92 -13.50 13.56
N PHE B 253 15.26 -13.48 13.51
CA PHE B 253 15.95 -13.33 12.24
C PHE B 253 15.53 -14.41 11.25
N GLN B 254 15.35 -15.65 11.73
CA GLN B 254 14.88 -16.72 10.86
C GLN B 254 13.51 -16.41 10.23
N ALA B 255 12.55 -16.01 11.06
CA ALA B 255 11.21 -15.72 10.55
C ALA B 255 11.23 -14.60 9.52
N ARG B 256 12.07 -13.59 9.72
CA ARG B 256 12.24 -12.53 8.73
C ARG B 256 12.88 -13.04 7.44
N LEU B 257 13.84 -13.95 7.54
CA LEU B 257 14.39 -14.57 6.34
C LEU B 257 13.29 -15.30 5.56
N ASP B 258 12.41 -16.01 6.27
CA ASP B 258 11.32 -16.73 5.59
C ASP B 258 10.33 -15.77 4.95
N ASP B 259 10.04 -14.64 5.62
CA ASP B 259 9.29 -13.56 4.96
C ASP B 259 9.90 -13.20 3.60
N MET B 260 11.20 -12.90 3.60
CA MET B 260 11.88 -12.50 2.37
C MET B 260 11.75 -13.57 1.30
N ILE B 261 11.90 -14.83 1.68
CA ILE B 261 11.91 -15.90 0.70
C ILE B 261 10.52 -16.10 0.12
N GLU B 262 9.47 -16.05 0.95
CA GLU B 262 8.12 -16.19 0.42
C GLU B 262 7.81 -15.07 -0.56
N ASP B 263 8.19 -13.83 -0.21
CA ASP B 263 8.00 -12.71 -1.12
C ASP B 263 8.72 -12.94 -2.45
N ILE B 264 10.00 -13.34 -2.39
CA ILE B 264 10.79 -13.52 -3.62
C ILE B 264 10.15 -14.59 -4.50
N GLU B 265 9.74 -15.70 -3.91
CA GLU B 265 9.17 -16.78 -4.69
C GLU B 265 7.85 -16.35 -5.33
N CYS B 266 7.01 -15.58 -4.63
CA CYS B 266 5.80 -15.08 -5.26
C CYS B 266 6.11 -14.05 -6.34
N ILE B 267 7.19 -13.27 -6.18
CA ILE B 267 7.62 -12.31 -7.18
C ILE B 267 7.94 -13.00 -8.51
N LYS B 268 8.41 -14.24 -8.45
CA LYS B 268 8.73 -14.95 -9.67
C LYS B 268 7.50 -15.33 -10.46
N ALA B 269 6.32 -15.13 -9.91
CA ALA B 269 5.11 -15.29 -10.70
C ALA B 269 4.83 -14.08 -11.58
N PHE B 270 5.40 -12.91 -11.31
CA PHE B 270 5.17 -11.74 -12.14
C PHE B 270 5.86 -11.91 -13.50
N ASP B 271 5.47 -11.05 -14.47
CA ASP B 271 6.12 -11.11 -15.78
C ASP B 271 7.63 -10.92 -15.64
N GLN B 272 8.36 -11.39 -16.66
CA GLN B 272 9.80 -11.55 -16.54
C GLN B 272 10.52 -10.23 -16.33
N LEU B 273 10.14 -9.19 -17.07
CA LEU B 273 10.79 -7.90 -16.86
C LEU B 273 10.46 -7.33 -15.47
N THR B 274 9.20 -7.44 -15.05
CA THR B 274 8.80 -6.86 -13.76
C THR B 274 9.52 -7.53 -12.60
N GLN B 275 9.54 -8.85 -12.57
CA GLN B 275 10.26 -9.55 -11.51
C GLN B 275 11.75 -9.23 -11.53
N ASP B 276 12.36 -9.13 -12.73
CA ASP B 276 13.75 -8.69 -12.81
C ASP B 276 13.96 -7.42 -11.99
N VAL B 277 13.06 -6.45 -12.17
CA VAL B 277 13.19 -5.16 -11.52
C VAL B 277 12.96 -5.29 -10.02
N PHE B 278 11.93 -6.03 -9.60
CA PHE B 278 11.67 -6.23 -8.17
C PHE B 278 12.88 -6.86 -7.49
N LEU B 279 13.46 -7.90 -8.09
CA LEU B 279 14.58 -8.60 -7.47
C LEU B 279 15.86 -7.78 -7.51
N ASP B 280 16.09 -7.02 -8.58
CA ASP B 280 17.23 -6.10 -8.60
C ASP B 280 17.11 -5.02 -7.54
N LEU B 281 15.89 -4.59 -7.21
CA LEU B 281 15.72 -3.61 -6.15
C LEU B 281 16.06 -4.22 -4.78
N ILE B 282 15.55 -5.41 -4.49
CA ILE B 282 15.83 -6.02 -3.19
C ILE B 282 17.31 -6.37 -3.06
N TYR B 283 17.86 -7.06 -4.06
CA TYR B 283 19.26 -7.50 -4.01
C TYR B 283 20.20 -6.32 -4.13
N GLY B 284 19.93 -5.39 -5.05
CA GLY B 284 20.76 -4.20 -5.17
C GLY B 284 20.84 -3.41 -3.88
N ASN B 285 19.70 -3.20 -3.23
CA ASN B 285 19.70 -2.49 -1.96
C ASN B 285 20.63 -3.17 -0.96
N PHE B 286 20.69 -4.50 -0.99
CA PHE B 286 21.58 -5.24 -0.09
C PHE B 286 23.05 -5.02 -0.46
N VAL B 287 23.38 -4.97 -1.75
CA VAL B 287 24.76 -4.73 -2.14
C VAL B 287 25.19 -3.33 -1.72
N TRP B 288 24.33 -2.34 -1.96
CA TRP B 288 24.65 -0.98 -1.53
C TRP B 288 24.75 -0.90 -0.02
N THR B 289 23.76 -1.45 0.69
CA THR B 289 23.65 -1.26 2.12
C THR B 289 24.90 -1.77 2.85
N THR B 290 25.45 -2.89 2.41
CA THR B 290 26.57 -3.48 3.14
C THR B 290 27.94 -2.97 2.68
N SER B 291 28.03 -2.26 1.56
CA SER B 291 29.27 -1.66 1.13
C SER B 291 29.33 -0.15 1.32
N ASN B 292 28.35 0.47 1.98
CA ASN B 292 28.28 1.92 2.06
C ASN B 292 28.55 2.45 3.47
N LYS B 293 29.23 3.60 3.53
CA LYS B 293 29.61 4.18 4.82
C LYS B 293 28.39 4.45 5.69
N ARG B 294 27.24 4.76 5.08
CA ARG B 294 26.06 5.09 5.88
C ARG B 294 25.71 3.94 6.83
N TYR B 295 25.96 2.70 6.42
CA TYR B 295 25.75 1.55 7.29
C TYR B 295 27.06 0.97 7.82
N LYS B 296 28.01 1.84 8.15
CA LYS B 296 29.24 1.38 8.79
C LYS B 296 29.23 1.72 10.27
N THR B 297 28.82 2.94 10.62
CA THR B 297 28.81 3.37 12.01
C THR B 297 27.56 4.19 12.28
N ALA B 298 27.09 4.09 13.54
CA ALA B 298 25.85 4.73 13.96
C ALA B 298 25.81 6.22 13.59
N VAL B 299 26.84 6.98 14.01
CA VAL B 299 26.89 8.41 13.77
C VAL B 299 28.14 8.73 12.97
N ASN B 300 27.97 9.27 11.76
CA ASN B 300 29.12 9.78 11.01
C ASN B 300 28.66 10.93 10.12
N ASP B 301 29.58 11.47 9.32
CA ASP B 301 29.31 12.67 8.52
C ASP B 301 28.34 12.43 7.37
N VAL B 302 28.03 11.17 7.05
CA VAL B 302 27.09 10.87 5.97
C VAL B 302 25.79 10.25 6.47
N ASN B 303 25.58 10.17 7.80
CA ASN B 303 24.31 9.67 8.33
C ASN B 303 23.90 10.29 9.66
N SER B 304 24.64 11.26 10.16
CA SER B 304 24.20 11.91 11.39
C SER B 304 23.00 12.81 11.09
N ARG B 305 22.14 12.94 12.09
CA ARG B 305 20.98 13.82 11.95
C ARG B 305 21.41 15.22 11.53
N ILE B 306 20.65 15.78 10.59
CA ILE B 306 20.77 17.20 10.24
C ILE B 306 20.01 17.98 11.31
N GLN B 307 20.72 18.48 12.31
CA GLN B 307 20.13 19.01 13.54
C GLN B 307 19.87 20.50 13.40
N ALA B 308 18.87 21.00 14.11
CA ALA B 308 18.57 22.44 14.10
C ALA B 308 19.03 23.12 15.40
C2 AHD C . -16.85 -6.35 -4.71
C3 AHD C . -16.85 -5.33 -5.85
C7 AHD C . -17.22 -7.72 -5.24
C8 AHD C . -16.88 -8.75 -4.15
O12 AHD C . -19.46 -9.69 -4.24
P9 AHD C . -18.03 -10.18 -4.29
O10 AHD C . -17.82 -11.14 -3.16
O11 AHD C . -17.75 -10.88 -5.59
P14 AHD C . -15.15 -9.37 -4.38
O15 AHD C . -14.85 -9.47 -5.86
O16 AHD C . -15.09 -10.72 -3.70
O17 AHD C . -14.19 -8.42 -3.72
O13 AHD C . -16.94 -8.19 -2.88
N4 AHD C . -16.90 -4.01 -5.24
MG MG D . -16.36 -11.71 -6.43
MG MG E . -16.27 -11.90 -2.29
MG MG F . -13.78 -9.22 -7.18
C2 AHD G . 15.00 5.39 3.55
C3 AHD G . 14.96 6.52 2.52
C7 AHD G . 16.02 5.71 4.66
C8 AHD G . 16.19 4.51 5.60
O12 AHD G . 18.90 4.78 5.76
P9 AHD G . 17.71 4.66 6.66
O10 AHD G . 17.77 3.41 7.49
O11 AHD G . 17.59 5.86 7.55
P14 AHD G . 14.78 4.51 6.75
O15 AHD G . 14.62 5.88 7.34
O16 AHD G . 14.98 3.50 7.87
O17 AHD G . 13.58 4.04 5.94
O13 AHD G . 16.17 3.30 4.90
N4 AHD G . 14.02 6.21 1.44
MG MG H . 16.11 7.05 8.34
MG MG I . 12.53 7.48 7.40
MG MG J . 16.59 2.50 8.39
N SER A 16 -15.96 -25.85 -0.01
CA SER A 16 -16.99 -25.72 -1.04
C SER A 16 -18.27 -25.01 -0.55
N SER A 17 -18.43 -24.89 0.77
CA SER A 17 -19.55 -24.14 1.36
C SER A 17 -19.25 -23.85 2.82
N VAL A 18 -19.74 -22.70 3.29
CA VAL A 18 -19.65 -22.30 4.69
C VAL A 18 -21.03 -22.01 5.28
N ARG A 19 -22.10 -22.49 4.65
CA ARG A 19 -23.43 -22.39 5.29
C ARG A 19 -23.47 -23.08 6.65
N PRO A 20 -22.83 -24.25 6.87
CA PRO A 20 -22.84 -24.83 8.23
C PRO A 20 -22.05 -24.02 9.25
N TYR A 21 -21.63 -22.80 8.92
CA TYR A 21 -20.95 -21.95 9.89
C TYR A 21 -21.56 -20.56 10.00
N LEU A 22 -22.63 -20.26 9.26
CA LEU A 22 -23.12 -18.89 9.14
C LEU A 22 -23.51 -18.33 10.49
N GLU A 23 -24.42 -19.00 11.20
CA GLU A 23 -25.02 -18.35 12.36
C GLU A 23 -24.02 -18.21 13.49
N GLU A 24 -23.18 -19.23 13.69
CA GLU A 24 -22.18 -19.13 14.76
C GLU A 24 -21.14 -18.06 14.44
N CYS A 25 -20.59 -18.09 13.22
CA CYS A 25 -19.61 -17.09 12.82
C CYS A 25 -20.19 -15.68 12.89
N THR A 26 -21.45 -15.52 12.48
CA THR A 26 -22.11 -14.22 12.58
C THR A 26 -22.08 -13.72 14.02
N ARG A 27 -22.42 -14.60 14.97
CA ARG A 27 -22.32 -14.22 16.38
C ARG A 27 -20.90 -13.83 16.75
N ARG A 28 -19.90 -14.62 16.32
CA ARG A 28 -18.52 -14.36 16.72
C ARG A 28 -18.03 -13.03 16.16
N PHE A 29 -18.37 -12.75 14.90
CA PHE A 29 -18.16 -11.42 14.33
C PHE A 29 -18.81 -10.35 15.20
N GLN A 30 -20.11 -10.53 15.49
CA GLN A 30 -20.88 -9.52 16.22
C GLN A 30 -20.30 -9.27 17.60
N GLU A 31 -20.04 -10.34 18.34
CA GLU A 31 -19.39 -10.18 19.64
C GLU A 31 -18.14 -9.33 19.50
N MET A 32 -17.29 -9.67 18.52
CA MET A 32 -16.02 -8.99 18.33
C MET A 32 -16.23 -7.49 18.12
N PHE A 33 -17.10 -7.12 17.16
CA PHE A 33 -17.38 -5.70 16.95
C PHE A 33 -17.93 -5.04 18.21
N ASP A 34 -18.92 -5.68 18.86
CA ASP A 34 -19.48 -5.13 20.10
C ASP A 34 -18.41 -4.80 21.13
N ARG A 35 -17.34 -5.58 21.18
CA ARG A 35 -16.31 -5.36 22.20
C ARG A 35 -15.26 -4.35 21.75
N HIS A 36 -14.84 -4.40 20.48
CA HIS A 36 -13.70 -3.63 20.02
C HIS A 36 -14.05 -2.36 19.25
N VAL A 37 -15.24 -2.28 18.67
CA VAL A 37 -15.69 -1.08 17.96
C VAL A 37 -16.75 -0.34 18.76
N VAL A 38 -17.81 -1.06 19.17
CA VAL A 38 -18.90 -0.59 20.03
C VAL A 38 -19.84 0.32 19.26
N THR A 39 -19.39 1.53 18.92
CA THR A 39 -20.21 2.45 18.14
C THR A 39 -20.64 1.83 16.82
N ARG A 40 -21.92 1.50 16.69
CA ARG A 40 -22.47 0.82 15.53
C ARG A 40 -22.49 1.74 14.30
N PRO A 41 -22.64 1.16 13.11
CA PRO A 41 -22.86 1.97 11.92
C PRO A 41 -24.31 2.45 11.85
N THR A 42 -24.54 3.46 11.01
CA THR A 42 -25.92 3.86 10.70
C THR A 42 -26.05 4.00 9.20
N LYS A 43 -27.29 4.18 8.74
CA LYS A 43 -27.54 4.30 7.32
C LYS A 43 -27.48 5.77 6.91
N VAL A 44 -27.03 6.02 5.69
CA VAL A 44 -27.31 7.28 5.04
C VAL A 44 -28.66 7.17 4.33
N GLU A 45 -29.44 8.25 4.38
CA GLU A 45 -30.76 8.28 3.74
C GLU A 45 -30.72 9.02 2.42
N LEU A 46 -30.83 8.28 1.34
CA LEU A 46 -31.06 8.91 0.05
C LEU A 46 -32.54 9.21 -0.09
N THR A 47 -32.85 10.47 -0.43
CA THR A 47 -34.20 10.84 -0.81
C THR A 47 -34.66 10.03 -2.01
N ASP A 48 -35.95 10.12 -2.32
CA ASP A 48 -36.43 9.58 -3.59
C ASP A 48 -35.65 10.13 -4.77
N ALA A 49 -35.41 11.44 -4.79
CA ALA A 49 -34.70 12.05 -5.91
C ALA A 49 -33.30 11.47 -6.07
N GLU A 50 -32.54 11.45 -4.98
CA GLU A 50 -31.16 11.00 -5.03
C GLU A 50 -31.07 9.54 -5.44
N LEU A 51 -31.95 8.70 -4.91
CA LEU A 51 -31.94 7.29 -5.27
C LEU A 51 -32.02 7.08 -6.78
N ARG A 52 -32.94 7.78 -7.46
CA ARG A 52 -33.13 7.55 -8.89
C ARG A 52 -32.04 8.26 -9.70
N GLU A 53 -31.59 9.42 -9.24
CA GLU A 53 -30.44 10.07 -9.90
C GLU A 53 -29.22 9.14 -9.89
N VAL A 54 -28.98 8.44 -8.78
CA VAL A 54 -27.90 7.47 -8.72
C VAL A 54 -28.18 6.28 -9.64
N ILE A 55 -29.47 5.89 -9.74
CA ILE A 55 -29.86 4.77 -10.60
C ILE A 55 -29.59 5.06 -12.06
N ASP A 56 -29.81 6.29 -12.49
CA ASP A 56 -29.63 6.63 -13.90
C ASP A 56 -28.15 6.79 -14.23
N ASP A 57 -27.36 7.27 -13.27
CA ASP A 57 -25.93 7.37 -13.50
C ASP A 57 -25.29 5.99 -13.58
N CYS A 58 -25.67 5.09 -12.68
CA CYS A 58 -25.28 3.69 -12.83
C CYS A 58 -25.69 3.15 -14.20
N ASN A 59 -26.99 3.17 -14.52
CA ASN A 59 -27.44 2.59 -15.79
C ASN A 59 -26.75 3.25 -16.98
N ALA A 60 -26.48 4.55 -16.91
CA ALA A 60 -25.82 5.22 -18.02
C ALA A 60 -24.34 4.85 -18.13
N ALA A 61 -23.64 4.74 -16.98
CA ALA A 61 -22.21 4.42 -17.03
C ALA A 61 -21.98 3.06 -17.67
N VAL A 62 -22.88 2.12 -17.42
CA VAL A 62 -22.64 0.76 -17.88
C VAL A 62 -23.36 0.47 -19.18
N ALA A 63 -24.29 1.36 -19.58
CA ALA A 63 -25.02 1.21 -20.84
C ALA A 63 -24.13 0.93 -22.04
N PRO A 64 -23.06 1.70 -22.31
CA PRO A 64 -22.20 1.35 -23.46
C PRO A 64 -21.61 -0.05 -23.42
N LEU A 65 -21.67 -0.75 -22.29
CA LEU A 65 -21.27 -2.15 -22.25
C LEU A 65 -22.42 -3.10 -22.60
N GLY A 66 -23.50 -2.59 -23.20
CA GLY A 66 -24.58 -3.39 -23.75
C GLY A 66 -25.41 -4.17 -22.77
N LYS A 67 -24.94 -4.34 -21.54
CA LYS A 67 -25.61 -5.20 -20.56
C LYS A 67 -26.50 -4.36 -19.67
N THR A 68 -27.72 -4.82 -19.48
CA THR A 68 -28.72 -4.21 -18.60
C THR A 68 -28.47 -4.65 -17.17
N VAL A 69 -28.90 -3.82 -16.23
CA VAL A 69 -28.86 -4.15 -14.81
C VAL A 69 -30.22 -3.81 -14.23
N SER A 70 -30.90 -4.80 -13.66
CA SER A 70 -32.20 -4.55 -13.09
C SER A 70 -32.10 -3.51 -11.97
N ASP A 71 -33.16 -2.69 -11.88
CA ASP A 71 -33.20 -1.56 -10.95
C ASP A 71 -32.77 -1.94 -9.56
N GLU A 72 -33.51 -2.87 -8.94
CA GLU A 72 -33.31 -3.22 -7.55
C GLU A 72 -32.10 -4.12 -7.39
N ARG A 73 -31.43 -4.40 -8.51
CA ARG A 73 -30.14 -5.07 -8.48
C ARG A 73 -29.01 -4.05 -8.51
N TRP A 74 -29.34 -2.81 -8.83
CA TRP A 74 -28.46 -1.72 -8.42
C TRP A 74 -28.56 -1.53 -6.91
N ILE A 75 -29.78 -1.46 -6.40
CA ILE A 75 -30.04 -1.19 -4.99
C ILE A 75 -29.39 -2.26 -4.11
N SER A 76 -29.08 -3.42 -4.68
CA SER A 76 -28.42 -4.48 -3.91
C SER A 76 -26.93 -4.21 -3.76
N TYR A 77 -26.35 -3.53 -4.74
CA TYR A 77 -24.95 -3.12 -4.62
C TYR A 77 -24.79 -1.88 -3.77
N VAL A 78 -25.65 -0.88 -4.00
CA VAL A 78 -25.55 0.40 -3.30
C VAL A 78 -25.74 0.28 -1.81
N GLY A 79 -26.21 -0.87 -1.32
CA GLY A 79 -26.40 -1.01 0.10
C GLY A 79 -25.09 -0.97 0.88
N VAL A 80 -23.98 -1.36 0.24
CA VAL A 80 -22.71 -1.33 0.96
C VAL A 80 -22.28 0.10 1.24
N VAL A 81 -22.59 1.02 0.34
CA VAL A 81 -22.29 2.43 0.59
C VAL A 81 -23.29 3.04 1.55
N LEU A 82 -24.56 2.66 1.45
CA LEU A 82 -25.56 3.12 2.40
C LEU A 82 -25.16 2.78 3.84
N TRP A 83 -24.61 1.60 4.06
CA TRP A 83 -24.42 1.10 5.42
C TRP A 83 -23.01 1.29 5.98
N SER A 84 -22.01 1.52 5.14
CA SER A 84 -20.63 1.41 5.62
C SER A 84 -19.87 2.74 5.61
N GLN A 85 -20.53 3.85 5.36
CA GLN A 85 -19.85 5.13 5.52
C GLN A 85 -19.96 5.51 7.00
N SER A 86 -19.74 6.79 7.33
CA SER A 86 -19.72 7.27 8.71
C SER A 86 -20.66 8.47 8.83
N PRO A 87 -21.97 8.25 8.81
CA PRO A 87 -22.92 9.35 8.52
C PRO A 87 -22.72 10.61 9.36
N ARG A 88 -22.46 10.50 10.66
CA ARG A 88 -22.38 11.70 11.48
C ARG A 88 -21.19 12.57 11.14
N HIS A 89 -20.32 12.12 10.22
CA HIS A 89 -19.23 12.97 9.77
C HIS A 89 -19.42 13.46 8.34
N ILE A 90 -20.46 13.00 7.64
CA ILE A 90 -20.57 13.31 6.22
C ILE A 90 -20.79 14.81 6.04
N LYS A 91 -20.09 15.38 5.07
CA LYS A 91 -20.16 16.80 4.79
C LYS A 91 -20.42 17.10 3.33
N ASP A 92 -20.47 16.08 2.46
CA ASP A 92 -20.75 16.28 1.03
C ASP A 92 -21.49 15.07 0.50
N MET A 93 -22.76 15.27 0.10
CA MET A 93 -23.58 14.21 -0.47
C MET A 93 -23.31 13.98 -1.95
N GLU A 94 -22.74 14.97 -2.65
CA GLU A 94 -22.31 14.70 -4.03
C GLU A 94 -21.11 13.75 -4.03
N ALA A 95 -20.20 13.93 -3.08
CA ALA A 95 -19.12 12.94 -2.93
C ALA A 95 -19.70 11.59 -2.53
N PHE A 96 -20.78 11.60 -1.75
CA PHE A 96 -21.42 10.34 -1.35
C PHE A 96 -22.09 9.66 -2.54
N LYS A 97 -22.80 10.43 -3.37
CA LYS A 97 -23.40 9.88 -4.57
C LYS A 97 -22.35 9.40 -5.56
N ALA A 98 -21.24 10.12 -5.69
CA ALA A 98 -20.12 9.63 -6.47
C ALA A 98 -19.72 8.22 -6.04
N VAL A 99 -19.53 8.03 -4.73
CA VAL A 99 -19.12 6.73 -4.20
C VAL A 99 -20.20 5.69 -4.44
N CYS A 100 -21.47 6.05 -4.19
CA CYS A 100 -22.60 5.19 -4.55
C CYS A 100 -22.50 4.71 -6.00
N VAL A 101 -22.37 5.65 -6.94
CA VAL A 101 -22.38 5.30 -8.36
C VAL A 101 -21.11 4.54 -8.73
N LEU A 102 -19.96 5.03 -8.29
CA LEU A 102 -18.69 4.37 -8.61
C LEU A 102 -18.64 2.96 -8.03
N ASN A 103 -19.33 2.74 -6.90
CA ASN A 103 -19.27 1.42 -6.29
C ASN A 103 -20.16 0.43 -6.99
N CYS A 104 -21.41 0.83 -7.28
CA CYS A 104 -22.36 -0.08 -7.92
C CYS A 104 -21.86 -0.54 -9.28
N VAL A 105 -21.14 0.32 -10.00
CA VAL A 105 -20.81 -0.03 -11.38
C VAL A 105 -19.51 -0.81 -11.44
N THR A 106 -18.61 -0.61 -10.47
CA THR A 106 -17.47 -1.53 -10.44
C THR A 106 -17.92 -2.92 -10.01
N PHE A 107 -19.04 -3.00 -9.27
CA PHE A 107 -19.69 -4.30 -9.08
C PHE A 107 -20.02 -4.94 -10.43
N VAL A 108 -20.55 -4.14 -11.38
CA VAL A 108 -20.89 -4.69 -12.70
C VAL A 108 -19.63 -5.17 -13.39
N TRP A 109 -18.61 -4.32 -13.43
CA TRP A 109 -17.32 -4.72 -13.98
C TRP A 109 -16.79 -5.98 -13.30
N ASP A 110 -17.13 -6.18 -12.03
CA ASP A 110 -16.65 -7.32 -11.22
C ASP A 110 -17.36 -8.61 -11.60
N ASP A 111 -18.58 -8.53 -12.11
CA ASP A 111 -19.29 -9.72 -12.56
C ASP A 111 -19.05 -10.04 -14.04
N MET A 112 -18.76 -9.03 -14.86
CA MET A 112 -18.66 -9.23 -16.30
C MET A 112 -17.50 -10.14 -16.68
N ASP A 113 -17.70 -10.95 -17.72
CA ASP A 113 -16.59 -11.67 -18.30
C ASP A 113 -15.60 -10.68 -18.90
N PRO A 114 -14.28 -10.92 -18.79
CA PRO A 114 -13.30 -9.95 -19.31
C PRO A 114 -13.53 -9.58 -20.77
N ALA A 115 -13.91 -10.54 -21.62
CA ALA A 115 -14.14 -10.22 -23.03
C ALA A 115 -15.09 -9.03 -23.18
N LEU A 116 -15.97 -8.82 -22.21
CA LEU A 116 -16.86 -7.67 -22.29
C LEU A 116 -16.22 -6.37 -21.81
N HIS A 117 -15.21 -6.44 -20.96
CA HIS A 117 -14.47 -5.25 -20.56
C HIS A 117 -14.05 -4.48 -21.81
N ASP A 118 -14.15 -3.17 -21.77
CA ASP A 118 -13.72 -2.30 -22.85
C ASP A 118 -13.37 -0.96 -22.22
N PHE A 119 -12.08 -0.62 -22.20
CA PHE A 119 -11.67 0.59 -21.51
C PHE A 119 -11.97 1.82 -22.35
N GLY A 120 -11.91 1.70 -23.69
CA GLY A 120 -12.27 2.81 -24.53
C GLY A 120 -13.63 3.36 -24.22
N LEU A 121 -14.60 2.48 -23.98
CA LEU A 121 -15.95 2.90 -23.68
C LEU A 121 -16.20 3.16 -22.20
N PHE A 122 -15.50 2.48 -21.30
CA PHE A 122 -15.91 2.54 -19.90
C PHE A 122 -15.15 3.59 -19.09
N LEU A 123 -13.83 3.66 -19.23
CA LEU A 123 -13.06 4.73 -18.61
C LEU A 123 -13.63 6.12 -18.83
N PRO A 124 -14.05 6.53 -20.04
CA PRO A 124 -14.70 7.85 -20.15
C PRO A 124 -15.92 8.02 -19.26
N GLN A 125 -16.68 6.96 -19.03
CA GLN A 125 -17.85 7.09 -18.16
C GLN A 125 -17.43 7.23 -16.70
N LEU A 126 -16.36 6.55 -16.29
CA LEU A 126 -15.86 6.72 -14.93
C LEU A 126 -15.38 8.14 -14.72
N ARG A 127 -14.73 8.70 -15.74
CA ARG A 127 -14.28 10.09 -15.67
C ARG A 127 -15.46 11.06 -15.66
N LYS A 128 -16.50 10.77 -16.44
CA LYS A 128 -17.69 11.63 -16.45
C LYS A 128 -18.35 11.69 -15.07
N ILE A 129 -18.35 10.56 -14.35
CA ILE A 129 -18.88 10.54 -12.99
C ILE A 129 -18.02 11.40 -12.06
N CYS A 130 -16.70 11.17 -12.05
CA CYS A 130 -15.82 11.91 -11.13
C CYS A 130 -15.83 13.40 -11.42
N GLU A 131 -15.95 13.78 -12.69
CA GLU A 131 -16.08 15.19 -13.00
C GLU A 131 -17.48 15.71 -12.65
N LYS A 132 -18.48 14.82 -12.58
CA LYS A 132 -19.83 15.26 -12.24
C LYS A 132 -19.94 15.63 -10.76
N TYR A 133 -19.12 15.02 -9.91
CA TYR A 133 -19.43 14.98 -8.49
C TYR A 133 -18.34 15.55 -7.58
N TYR A 134 -17.10 15.68 -8.07
CA TYR A 134 -15.96 16.12 -7.27
C TYR A 134 -15.40 17.42 -7.84
N GLY A 135 -14.55 18.08 -7.05
CA GLY A 135 -13.70 19.15 -7.54
C GLY A 135 -12.43 18.64 -8.21
N PRO A 136 -11.89 19.43 -9.16
CA PRO A 136 -10.90 18.89 -10.12
C PRO A 136 -9.77 18.07 -9.51
N GLU A 137 -9.19 18.50 -8.38
CA GLU A 137 -8.10 17.72 -7.80
C GLU A 137 -8.60 16.36 -7.32
N ASP A 138 -9.68 16.36 -6.55
CA ASP A 138 -10.28 15.12 -6.08
C ASP A 138 -10.76 14.25 -7.24
N ALA A 139 -11.29 14.88 -8.29
CA ALA A 139 -11.78 14.11 -9.41
C ALA A 139 -10.65 13.28 -10.01
N GLU A 140 -9.45 13.86 -10.11
CA GLU A 140 -8.33 13.10 -10.64
C GLU A 140 -7.90 11.99 -9.69
N VAL A 141 -7.87 12.27 -8.38
CA VAL A 141 -7.51 11.23 -7.43
C VAL A 141 -8.53 10.11 -7.47
N ALA A 142 -9.82 10.47 -7.46
CA ALA A 142 -10.87 9.48 -7.56
C ALA A 142 -10.80 8.72 -8.88
N TYR A 143 -10.58 9.43 -10.00
CA TYR A 143 -10.58 8.76 -11.30
C TYR A 143 -9.38 7.83 -11.44
N GLU A 144 -8.18 8.30 -11.09
CA GLU A 144 -7.01 7.40 -11.10
C GLU A 144 -7.28 6.13 -10.32
N ALA A 145 -7.88 6.25 -9.13
CA ALA A 145 -8.15 5.06 -8.32
C ALA A 145 -9.22 4.18 -8.94
N ALA A 146 -10.21 4.77 -9.60
CA ALA A 146 -11.19 3.99 -10.33
C ALA A 146 -10.55 3.25 -11.50
N ARG A 147 -9.76 3.96 -12.29
CA ARG A 147 -9.02 3.34 -13.39
C ARG A 147 -8.16 2.18 -12.87
N ALA A 148 -7.47 2.39 -11.75
CA ALA A 148 -6.59 1.37 -11.20
C ALA A 148 -7.36 0.12 -10.80
N PHE A 149 -8.51 0.29 -10.14
CA PHE A 149 -9.28 -0.89 -9.72
C PHE A 149 -9.81 -1.68 -10.91
N VAL A 150 -10.41 -0.99 -11.90
CA VAL A 150 -11.00 -1.74 -13.00
C VAL A 150 -9.92 -2.38 -13.86
N THR A 151 -8.80 -1.69 -14.06
CA THR A 151 -7.66 -2.27 -14.77
C THR A 151 -7.10 -3.46 -14.02
N SER A 152 -7.03 -3.38 -12.69
CA SER A 152 -6.54 -4.50 -11.90
C SER A 152 -7.48 -5.69 -12.01
N ASP A 153 -8.79 -5.47 -11.82
CA ASP A 153 -9.76 -6.55 -11.95
C ASP A 153 -9.63 -7.23 -13.31
N HIS A 154 -9.45 -6.44 -14.38
CA HIS A 154 -9.35 -7.01 -15.72
C HIS A 154 -8.10 -7.87 -15.88
N MET A 155 -6.92 -7.30 -15.62
CA MET A 155 -5.70 -7.98 -16.00
C MET A 155 -5.37 -9.14 -15.06
N PHE A 156 -6.06 -9.26 -13.93
CA PHE A 156 -5.81 -10.41 -13.06
C PHE A 156 -6.74 -11.58 -13.30
N ARG A 157 -7.76 -11.44 -14.15
CA ARG A 157 -8.51 -12.60 -14.55
C ARG A 157 -7.57 -13.54 -15.29
N ASP A 158 -7.58 -14.81 -14.90
CA ASP A 158 -6.76 -15.86 -15.52
C ASP A 158 -5.31 -15.83 -15.00
N SER A 159 -4.89 -14.66 -14.40
CA SER A 159 -3.49 -14.25 -14.18
C SER A 159 -2.74 -15.18 -13.23
N PRO A 160 -1.54 -15.65 -13.63
CA PRO A 160 -0.72 -16.44 -12.70
C PRO A 160 -0.34 -15.70 -11.42
N ILE A 161 -0.33 -14.36 -11.44
CA ILE A 161 -0.02 -13.60 -10.23
C ILE A 161 -1.12 -13.81 -9.20
N LYS A 162 -2.38 -13.66 -9.63
CA LYS A 162 -3.50 -13.90 -8.72
C LYS A 162 -3.43 -15.30 -8.15
N ALA A 163 -3.02 -16.27 -8.98
CA ALA A 163 -2.85 -17.64 -8.52
C ALA A 163 -1.81 -17.74 -7.41
N ALA A 164 -0.62 -17.19 -7.64
CA ALA A 164 0.43 -17.29 -6.63
C ALA A 164 0.03 -16.58 -5.34
N LEU A 165 -0.51 -15.37 -5.45
CA LEU A 165 -0.77 -14.56 -4.26
C LEU A 165 -1.92 -15.10 -3.42
N CYS A 166 -2.87 -15.83 -4.02
CA CYS A 166 -4.06 -16.28 -3.32
C CYS A 166 -3.92 -17.66 -2.72
N THR A 167 -3.01 -18.49 -3.23
CA THR A 167 -2.86 -19.83 -2.73
C THR A 167 -1.61 -20.01 -1.87
N THR A 168 -0.85 -18.94 -1.62
CA THR A 168 0.42 -19.10 -0.91
C THR A 168 0.29 -18.96 0.59
N SER A 169 -0.19 -17.81 1.08
CA SER A 169 -0.37 -17.59 2.51
C SER A 169 -1.38 -16.46 2.69
N PRO A 170 -2.00 -16.35 3.88
CA PRO A 170 -2.83 -15.18 4.15
C PRO A 170 -2.13 -13.87 3.82
N GLU A 171 -0.83 -13.78 4.15
CA GLU A 171 -0.12 -12.51 3.98
C GLU A 171 -0.02 -12.13 2.51
N GLN A 172 0.30 -13.07 1.63
CA GLN A 172 0.32 -12.74 0.21
C GLN A 172 -1.09 -12.38 -0.26
N TYR A 173 -2.09 -13.11 0.23
CA TYR A 173 -3.45 -12.92 -0.21
C TYR A 173 -3.97 -11.52 0.14
N PHE A 174 -3.86 -11.14 1.41
CA PHE A 174 -4.37 -9.83 1.80
C PHE A 174 -3.60 -8.72 1.10
N ARG A 175 -2.31 -8.93 0.81
CA ARG A 175 -1.55 -7.95 0.04
C ARG A 175 -2.20 -7.70 -1.33
N PHE A 176 -2.66 -8.76 -2.00
CA PHE A 176 -3.37 -8.60 -3.26
C PHE A 176 -4.68 -7.84 -3.05
N ARG A 177 -5.40 -8.16 -1.97
CA ARG A 177 -6.74 -7.63 -1.75
C ARG A 177 -6.79 -6.14 -1.43
N VAL A 178 -5.68 -5.55 -0.95
CA VAL A 178 -5.63 -4.10 -0.73
C VAL A 178 -6.14 -3.36 -1.95
N THR A 179 -5.66 -3.76 -3.13
CA THR A 179 -6.20 -3.23 -4.37
C THR A 179 -7.46 -3.98 -4.79
N ASP A 180 -7.42 -5.31 -4.75
CA ASP A 180 -8.39 -6.06 -5.54
C ASP A 180 -9.79 -6.00 -4.92
N ILE A 181 -9.89 -5.92 -3.58
CA ILE A 181 -11.22 -5.83 -2.99
C ILE A 181 -11.83 -4.45 -3.25
N GLY A 182 -11.02 -3.45 -3.57
CA GLY A 182 -11.53 -2.12 -3.84
C GLY A 182 -11.39 -1.14 -2.70
N VAL A 183 -10.74 -1.51 -1.60
CA VAL A 183 -10.69 -0.61 -0.44
C VAL A 183 -9.79 0.58 -0.70
N ASP A 184 -8.68 0.38 -1.44
CA ASP A 184 -7.82 1.53 -1.74
C ASP A 184 -8.58 2.54 -2.59
N PHE A 185 -9.36 2.06 -3.56
CA PHE A 185 -10.26 2.90 -4.35
C PHE A 185 -11.26 3.63 -3.46
N TRP A 186 -11.93 2.88 -2.57
CA TRP A 186 -12.88 3.45 -1.62
C TRP A 186 -12.32 4.66 -0.89
N MET A 187 -11.15 4.49 -0.28
CA MET A 187 -10.56 5.57 0.51
C MET A 187 -10.24 6.78 -0.36
N LYS A 188 -9.74 6.55 -1.57
CA LYS A 188 -9.31 7.65 -2.42
C LYS A 188 -10.48 8.36 -3.08
N MET A 189 -11.66 7.76 -3.11
CA MET A 189 -12.85 8.47 -3.54
C MET A 189 -13.69 9.00 -2.39
N SER A 190 -13.39 8.63 -1.14
CA SER A 190 -14.23 8.97 0.00
C SER A 190 -13.69 10.11 0.85
N TYR A 191 -12.40 10.43 0.77
CA TYR A 191 -11.88 11.52 1.60
C TYR A 191 -12.48 12.89 1.29
N PRO A 192 -12.94 13.20 0.07
CA PRO A 192 -13.69 14.47 -0.10
C PRO A 192 -14.93 14.56 0.79
N ILE A 193 -15.50 13.44 1.20
CA ILE A 193 -16.69 13.47 2.07
C ILE A 193 -16.39 14.16 3.40
N TYR A 194 -15.20 13.94 3.97
CA TYR A 194 -14.92 14.40 5.32
C TYR A 194 -14.05 15.64 5.40
N ARG A 195 -13.29 15.95 4.35
CA ARG A 195 -12.47 17.15 4.29
C ARG A 195 -11.61 17.27 5.54
N HIS A 196 -11.08 16.15 6.03
CA HIS A 196 -10.25 16.14 7.21
C HIS A 196 -8.79 15.91 6.84
N PRO A 197 -7.89 16.84 7.14
CA PRO A 197 -6.50 16.74 6.66
C PRO A 197 -5.78 15.44 6.99
N GLU A 198 -5.99 14.88 8.17
CA GLU A 198 -5.31 13.62 8.50
C GLU A 198 -5.85 12.47 7.66
N PHE A 199 -7.18 12.35 7.56
CA PHE A 199 -7.76 11.23 6.82
C PHE A 199 -7.40 11.31 5.33
N THR A 200 -7.30 12.52 4.80
CA THR A 200 -6.95 12.68 3.39
C THR A 200 -5.56 12.12 3.11
N GLU A 201 -4.62 12.35 4.02
CA GLU A 201 -3.26 11.87 3.81
C GLU A 201 -3.17 10.36 3.96
N HIS A 202 -3.80 9.81 5.01
CA HIS A 202 -3.87 8.35 5.14
C HIS A 202 -4.56 7.70 3.95
N ALA A 203 -5.53 8.40 3.33
CA ALA A 203 -6.13 7.88 2.11
C ALA A 203 -5.11 7.85 0.97
N LYS A 204 -4.30 8.91 0.84
CA LYS A 204 -3.41 9.06 -0.29
C LYS A 204 -2.10 8.27 -0.14
N THR A 205 -1.68 7.96 1.09
CA THR A 205 -0.59 7.01 1.28
C THR A 205 -1.05 5.57 1.13
N SER A 206 -2.37 5.34 1.15
CA SER A 206 -3.01 4.03 1.23
C SER A 206 -2.85 3.38 2.60
N LEU A 207 -2.26 4.06 3.59
CA LEU A 207 -2.28 3.52 4.94
C LEU A 207 -3.72 3.21 5.37
N ALA A 208 -4.66 4.09 5.01
CA ALA A 208 -6.06 3.85 5.37
C ALA A 208 -6.56 2.53 4.79
N ALA A 209 -6.28 2.30 3.50
CA ALA A 209 -6.69 1.05 2.89
C ALA A 209 -6.03 -0.15 3.57
N ARG A 210 -4.72 -0.03 3.87
CA ARG A 210 -4.01 -1.16 4.45
C ARG A 210 -4.56 -1.49 5.83
N MET A 211 -4.90 -0.46 6.63
CA MET A 211 -5.43 -0.69 7.98
C MET A 211 -6.73 -1.47 7.94
N THR A 212 -7.54 -1.25 6.91
CA THR A 212 -8.89 -1.79 6.87
C THR A 212 -9.04 -3.00 5.96
N THR A 213 -7.96 -3.46 5.31
CA THR A 213 -8.10 -4.52 4.31
C THR A 213 -8.66 -5.79 4.91
N ARG A 214 -8.07 -6.26 6.02
CA ARG A 214 -8.43 -7.59 6.49
C ARG A 214 -9.83 -7.60 7.08
N GLY A 215 -10.21 -6.54 7.78
CA GLY A 215 -11.56 -6.48 8.33
C GLY A 215 -12.63 -6.60 7.25
N LEU A 216 -12.43 -5.91 6.12
CA LEU A 216 -13.38 -5.98 5.02
C LEU A 216 -13.31 -7.33 4.32
N THR A 217 -12.10 -7.79 4.01
CA THR A 217 -11.91 -8.95 3.14
C THR A 217 -12.33 -10.24 3.84
N ILE A 218 -11.99 -10.40 5.12
CA ILE A 218 -12.33 -11.64 5.81
C ILE A 218 -13.85 -11.83 5.84
N VAL A 219 -14.59 -10.75 6.08
CA VAL A 219 -16.05 -10.83 6.11
C VAL A 219 -16.59 -11.19 4.73
N ASN A 220 -16.18 -10.43 3.70
CA ASN A 220 -16.64 -10.73 2.34
C ASN A 220 -16.32 -12.15 1.93
N ASP A 221 -15.07 -12.60 2.14
CA ASP A 221 -14.69 -13.93 1.71
C ASP A 221 -15.59 -14.98 2.34
N PHE A 222 -15.97 -14.81 3.61
CA PHE A 222 -16.75 -15.86 4.24
C PHE A 222 -18.10 -16.00 3.55
N TYR A 223 -18.80 -14.89 3.36
CA TYR A 223 -20.16 -14.95 2.86
C TYR A 223 -20.25 -15.06 1.35
N SER A 224 -19.14 -14.92 0.62
CA SER A 224 -19.15 -15.10 -0.82
C SER A 224 -18.38 -16.34 -1.25
N TYR A 225 -17.92 -17.17 -0.30
CA TYR A 225 -17.14 -18.36 -0.62
C TYR A 225 -17.92 -19.31 -1.52
N ASP A 226 -19.19 -19.58 -1.19
CA ASP A 226 -19.97 -20.57 -1.95
C ASP A 226 -20.09 -20.17 -3.42
N ARG A 227 -20.36 -18.89 -3.69
CA ARG A 227 -20.47 -18.45 -5.08
C ARG A 227 -19.16 -18.61 -5.84
N GLU A 228 -18.07 -18.08 -5.29
CA GLU A 228 -16.81 -18.00 -6.04
C GLU A 228 -16.22 -19.39 -6.26
N VAL A 229 -16.41 -20.30 -5.31
CA VAL A 229 -15.95 -21.68 -5.47
C VAL A 229 -16.64 -22.32 -6.65
N SER A 230 -17.96 -22.09 -6.78
CA SER A 230 -18.71 -22.70 -7.85
C SER A 230 -18.26 -22.18 -9.21
N LEU A 231 -17.64 -21.02 -9.23
CA LEU A 231 -17.28 -20.35 -10.46
C LEU A 231 -15.79 -20.38 -10.74
N GLY A 232 -15.02 -21.13 -9.95
CA GLY A 232 -13.60 -21.22 -10.19
C GLY A 232 -12.87 -19.92 -9.95
N GLN A 233 -13.42 -19.05 -9.12
CA GLN A 233 -12.78 -17.83 -8.66
C GLN A 233 -11.92 -18.16 -7.44
N ILE A 234 -10.65 -17.74 -7.46
CA ILE A 234 -9.74 -18.11 -6.39
C ILE A 234 -9.53 -17.01 -5.36
N THR A 235 -10.11 -15.82 -5.56
CA THR A 235 -9.81 -14.68 -4.68
C THR A 235 -10.67 -14.78 -3.41
N ASN A 236 -10.22 -15.64 -2.49
CA ASN A 236 -10.98 -15.89 -1.26
C ASN A 236 -10.09 -16.63 -0.26
N CYS A 237 -9.75 -15.99 0.86
CA CYS A 237 -8.79 -16.57 1.81
C CYS A 237 -9.25 -17.91 2.35
N PHE A 238 -10.54 -18.21 2.35
CA PHE A 238 -10.95 -19.48 2.93
C PHE A 238 -10.61 -20.68 2.04
N ARG A 239 -10.21 -20.46 0.79
CA ARG A 239 -9.63 -21.56 0.02
C ARG A 239 -8.26 -21.94 0.52
N LEU A 240 -7.66 -21.17 1.43
CA LEU A 240 -6.40 -21.54 2.05
C LEU A 240 -6.57 -22.54 3.18
N CYS A 241 -7.80 -22.90 3.53
CA CYS A 241 -8.05 -23.88 4.58
C CYS A 241 -9.02 -24.94 4.07
N ASP A 242 -9.00 -26.10 4.71
CA ASP A 242 -9.86 -27.22 4.34
C ASP A 242 -11.21 -27.03 5.03
N VAL A 243 -12.11 -26.30 4.37
CA VAL A 243 -13.30 -25.79 5.05
C VAL A 243 -14.29 -26.89 5.41
N SER A 244 -14.12 -28.10 4.89
CA SER A 244 -14.99 -29.19 5.33
C SER A 244 -14.72 -29.54 6.78
N ASP A 245 -13.44 -29.67 7.14
CA ASP A 245 -13.03 -30.01 8.49
C ASP A 245 -13.29 -28.83 9.41
N GLU A 246 -14.27 -28.96 10.30
CA GLU A 246 -14.56 -27.94 11.29
C GLU A 246 -13.36 -27.57 12.13
N THR A 247 -12.54 -28.55 12.52
CA THR A 247 -11.32 -28.29 13.26
C THR A 247 -10.41 -27.31 12.53
N ALA A 248 -10.06 -27.62 11.28
CA ALA A 248 -9.15 -26.77 10.53
C ALA A 248 -9.81 -25.43 10.22
N PHE A 249 -11.11 -25.44 9.90
CA PHE A 249 -11.80 -24.19 9.63
C PHE A 249 -11.81 -23.31 10.87
N LYS A 250 -12.25 -23.84 12.01
CA LYS A 250 -12.45 -22.99 13.18
C LYS A 250 -11.12 -22.49 13.76
N GLU A 251 -10.03 -23.25 13.55
CA GLU A 251 -8.72 -22.74 13.92
C GLU A 251 -8.25 -21.67 12.93
N PHE A 252 -8.68 -21.80 11.67
CA PHE A 252 -8.35 -20.79 10.67
C PHE A 252 -9.20 -19.54 10.86
N PHE A 253 -10.51 -19.73 11.12
CA PHE A 253 -11.40 -18.62 11.39
C PHE A 253 -10.98 -17.88 12.65
N GLN A 254 -10.44 -18.59 13.65
CA GLN A 254 -9.94 -17.90 14.82
C GLN A 254 -8.76 -17.00 14.47
N ALA A 255 -7.80 -17.51 13.67
CA ALA A 255 -6.66 -16.69 13.27
C ALA A 255 -7.10 -15.46 12.49
N ARG A 256 -8.08 -15.61 11.58
CA ARG A 256 -8.63 -14.45 10.87
C ARG A 256 -9.34 -13.49 11.81
N LEU A 257 -10.12 -14.00 12.77
CA LEU A 257 -10.71 -13.12 13.78
C LEU A 257 -9.63 -12.37 14.56
N ASP A 258 -8.53 -13.06 14.92
CA ASP A 258 -7.44 -12.38 15.60
C ASP A 258 -6.82 -11.30 14.72
N ASP A 259 -6.70 -11.57 13.42
CA ASP A 259 -6.23 -10.56 12.48
C ASP A 259 -7.12 -9.31 12.57
N MET A 260 -8.44 -9.51 12.49
CA MET A 260 -9.37 -8.38 12.57
C MET A 260 -9.21 -7.63 13.89
N ILE A 261 -9.00 -8.35 14.99
CA ILE A 261 -8.93 -7.70 16.31
C ILE A 261 -7.66 -6.86 16.43
N GLU A 262 -6.52 -7.38 15.95
CA GLU A 262 -5.28 -6.62 16.04
C GLU A 262 -5.35 -5.35 15.21
N ASP A 263 -5.93 -5.46 14.00
CA ASP A 263 -6.15 -4.29 13.15
C ASP A 263 -7.04 -3.28 13.86
N ILE A 264 -8.13 -3.74 14.45
CA ILE A 264 -9.09 -2.81 15.06
C ILE A 264 -8.46 -2.11 16.27
N GLU A 265 -7.64 -2.82 17.06
CA GLU A 265 -6.93 -2.15 18.15
C GLU A 265 -5.96 -1.10 17.63
N CYS A 266 -5.22 -1.41 16.56
CA CYS A 266 -4.28 -0.42 16.03
C CYS A 266 -5.01 0.76 15.40
N ILE A 267 -6.18 0.53 14.80
CA ILE A 267 -6.96 1.63 14.24
C ILE A 267 -7.28 2.67 15.31
N LYS A 268 -7.45 2.24 16.55
CA LYS A 268 -7.87 3.14 17.61
C LYS A 268 -6.78 4.14 18.01
N ALA A 269 -5.53 3.93 17.62
CA ALA A 269 -4.49 4.92 17.83
C ALA A 269 -4.61 6.11 16.89
N PHE A 270 -5.25 5.92 15.73
CA PHE A 270 -5.52 7.01 14.81
C PHE A 270 -6.39 8.07 15.48
N ASP A 271 -6.39 9.27 14.92
CA ASP A 271 -7.19 10.34 15.46
C ASP A 271 -8.66 9.95 15.50
N GLN A 272 -9.42 10.67 16.30
CA GLN A 272 -10.76 10.26 16.65
C GLN A 272 -11.70 10.23 15.44
N LEU A 273 -11.65 11.24 14.57
CA LEU A 273 -12.48 11.19 13.37
C LEU A 273 -12.06 10.03 12.46
N THR A 274 -10.76 9.95 12.13
CA THR A 274 -10.29 8.90 11.23
C THR A 274 -10.65 7.53 11.75
N GLN A 275 -10.42 7.30 13.04
CA GLN A 275 -10.79 6.05 13.69
C GLN A 275 -12.27 5.75 13.51
N ASP A 276 -13.14 6.76 13.62
CA ASP A 276 -14.57 6.52 13.41
C ASP A 276 -14.84 6.03 12.00
N VAL A 277 -14.22 6.65 11.01
CA VAL A 277 -14.49 6.27 9.62
C VAL A 277 -14.02 4.84 9.34
N PHE A 278 -12.82 4.50 9.81
CA PHE A 278 -12.29 3.15 9.61
C PHE A 278 -13.20 2.10 10.24
N LEU A 279 -13.57 2.31 11.50
CA LEU A 279 -14.43 1.34 12.16
C LEU A 279 -15.82 1.29 11.52
N ASP A 280 -16.40 2.46 11.21
CA ASP A 280 -17.70 2.47 10.55
C ASP A 280 -17.64 1.67 9.24
N LEU A 281 -16.52 1.77 8.52
CA LEU A 281 -16.38 1.01 7.28
C LEU A 281 -16.40 -0.48 7.54
N ILE A 282 -15.57 -0.98 8.45
CA ILE A 282 -15.47 -2.42 8.63
C ILE A 282 -16.77 -2.98 9.17
N TYR A 283 -17.31 -2.35 10.21
CA TYR A 283 -18.55 -2.81 10.81
C TYR A 283 -19.72 -2.59 9.85
N GLY A 284 -19.77 -1.42 9.24
CA GLY A 284 -20.80 -1.17 8.24
C GLY A 284 -20.84 -2.25 7.18
N ASN A 285 -19.67 -2.70 6.72
CA ASN A 285 -19.64 -3.71 5.67
C ASN A 285 -20.19 -5.05 6.16
N PHE A 286 -19.88 -5.44 7.39
CA PHE A 286 -20.42 -6.68 7.94
C PHE A 286 -21.94 -6.60 8.06
N VAL A 287 -22.46 -5.46 8.53
CA VAL A 287 -23.90 -5.29 8.68
C VAL A 287 -24.58 -5.36 7.31
N TRP A 288 -24.09 -4.58 6.36
CA TRP A 288 -24.66 -4.66 5.02
C TRP A 288 -24.53 -6.07 4.45
N THR A 289 -23.32 -6.64 4.51
CA THR A 289 -23.09 -7.96 3.95
C THR A 289 -24.01 -9.00 4.56
N THR A 290 -24.43 -8.81 5.82
CA THR A 290 -25.27 -9.82 6.48
C THR A 290 -26.77 -9.53 6.39
N SER A 291 -27.16 -8.33 5.97
CA SER A 291 -28.59 -7.99 5.96
C SER A 291 -29.14 -7.62 4.59
N ASN A 292 -28.28 -7.26 3.65
CA ASN A 292 -28.70 -6.95 2.30
C ASN A 292 -29.09 -8.22 1.55
N LYS A 293 -29.45 -8.06 0.28
CA LYS A 293 -29.74 -9.17 -0.60
C LYS A 293 -28.50 -9.89 -1.17
N ARG A 294 -27.44 -9.14 -1.50
CA ARG A 294 -26.34 -9.76 -2.27
C ARG A 294 -25.78 -11.00 -1.60
N TYR A 295 -25.87 -11.10 -0.27
CA TYR A 295 -25.35 -12.26 0.44
C TYR A 295 -26.40 -12.86 1.36
N LYS A 296 -27.50 -13.32 0.78
CA LYS A 296 -28.34 -14.34 1.40
C LYS A 296 -28.26 -15.68 0.67
N THR A 297 -27.88 -15.70 -0.60
CA THR A 297 -27.81 -16.94 -1.37
C THR A 297 -26.93 -16.76 -2.60
N ALA A 298 -26.23 -17.84 -2.96
CA ALA A 298 -25.12 -17.78 -3.91
C ALA A 298 -25.42 -16.96 -5.17
N ILE B 13 15.59 -0.57 28.39
CA ILE B 13 16.02 -1.00 27.05
C ILE B 13 16.83 0.10 26.34
N GLY B 14 16.38 0.45 25.12
CA GLY B 14 16.75 1.64 24.40
C GLY B 14 18.21 1.82 24.02
N ARG B 15 19.09 0.94 24.50
CA ARG B 15 20.53 1.06 24.31
C ARG B 15 21.15 -0.27 23.93
N SER B 16 20.63 -0.87 22.88
CA SER B 16 21.10 -2.18 22.45
C SER B 16 21.92 -2.03 21.16
N SER B 17 22.21 -3.17 20.55
CA SER B 17 23.08 -3.25 19.39
C SER B 17 22.90 -4.63 18.77
N VAL B 18 22.93 -4.68 17.44
CA VAL B 18 23.03 -5.96 16.75
C VAL B 18 24.45 -6.22 16.28
N ARG B 19 25.40 -5.41 16.73
CA ARG B 19 26.82 -5.67 16.48
C ARG B 19 27.21 -7.14 16.62
N PRO B 20 26.82 -7.88 17.68
CA PRO B 20 27.32 -9.26 17.80
C PRO B 20 27.00 -10.12 16.60
N TYR B 21 25.84 -9.92 15.97
CA TYR B 21 25.40 -10.77 14.89
C TYR B 21 25.86 -10.30 13.53
N LEU B 22 26.59 -9.18 13.45
CA LEU B 22 26.81 -8.55 12.16
C LEU B 22 27.37 -9.55 11.16
N GLU B 23 28.28 -10.39 11.63
CA GLU B 23 29.00 -11.29 10.75
C GLU B 23 28.09 -12.37 10.19
N GLU B 24 27.43 -13.10 11.08
CA GLU B 24 26.68 -14.26 10.64
C GLU B 24 25.47 -13.84 9.80
N CYS B 25 24.84 -12.73 10.17
CA CYS B 25 23.63 -12.32 9.45
C CYS B 25 23.95 -11.91 8.02
N THR B 26 25.04 -11.17 7.82
CA THR B 26 25.42 -10.80 6.46
C THR B 26 25.63 -12.03 5.59
N ARG B 27 26.23 -13.08 6.16
CA ARG B 27 26.34 -14.32 5.43
C ARG B 27 24.99 -15.00 5.27
N ARG B 28 24.09 -14.84 6.23
CA ARG B 28 22.76 -15.44 6.11
C ARG B 28 22.00 -14.76 4.98
N PHE B 29 22.04 -13.43 4.93
CA PHE B 29 21.43 -12.70 3.81
C PHE B 29 22.04 -13.16 2.49
N GLN B 30 23.37 -13.21 2.45
CA GLN B 30 24.07 -13.47 1.19
C GLN B 30 23.80 -14.87 0.67
N GLU B 31 23.64 -15.84 1.56
CA GLU B 31 23.31 -17.19 1.09
C GLU B 31 21.86 -17.25 0.59
N MET B 32 20.97 -16.46 1.18
CA MET B 32 19.58 -16.46 0.75
C MET B 32 19.47 -15.91 -0.65
N PHE B 33 20.17 -14.82 -0.94
CA PHE B 33 20.19 -14.29 -2.29
C PHE B 33 20.81 -15.27 -3.30
N ASP B 34 21.91 -15.95 -2.92
CA ASP B 34 22.52 -16.94 -3.83
C ASP B 34 21.57 -18.08 -4.16
N ARG B 35 20.74 -18.48 -3.20
CA ARG B 35 19.81 -19.57 -3.46
C ARG B 35 18.59 -19.09 -4.24
N HIS B 36 17.97 -18.00 -3.81
CA HIS B 36 16.63 -17.66 -4.26
C HIS B 36 16.57 -16.61 -5.37
N VAL B 37 17.58 -15.76 -5.51
CA VAL B 37 17.62 -14.81 -6.60
C VAL B 37 18.69 -15.17 -7.62
N VAL B 38 19.87 -15.58 -7.16
CA VAL B 38 20.98 -16.05 -7.98
C VAL B 38 21.55 -14.90 -8.80
N THR B 39 20.76 -14.37 -9.73
CA THR B 39 21.23 -13.31 -10.60
C THR B 39 21.55 -12.04 -9.83
N ARG B 40 22.59 -11.37 -10.24
CA ARG B 40 23.20 -10.32 -9.45
C ARG B 40 22.77 -8.94 -9.94
N PRO B 41 22.58 -7.98 -9.02
CA PRO B 41 22.46 -6.58 -9.43
C PRO B 41 23.78 -6.09 -10.00
N THR B 42 23.68 -5.17 -10.96
CA THR B 42 24.83 -4.64 -11.67
C THR B 42 24.70 -3.13 -11.73
N LYS B 43 25.72 -2.41 -11.24
CA LYS B 43 25.60 -0.98 -10.92
C LYS B 43 25.42 -0.13 -12.17
N VAL B 44 24.81 1.05 -12.00
CA VAL B 44 24.65 1.99 -13.10
C VAL B 44 25.76 3.03 -13.04
N GLU B 45 26.72 2.90 -13.93
CA GLU B 45 27.80 3.88 -14.06
C GLU B 45 27.23 5.21 -14.52
N LEU B 46 27.25 6.21 -13.64
CA LEU B 46 26.96 7.58 -14.04
C LEU B 46 28.25 8.25 -14.51
N THR B 47 28.17 9.03 -15.59
CA THR B 47 29.35 9.75 -16.03
C THR B 47 29.68 10.87 -15.05
N ASP B 48 30.79 11.54 -15.32
CA ASP B 48 31.18 12.65 -14.47
C ASP B 48 30.11 13.73 -14.54
N ALA B 49 29.50 13.89 -15.71
CA ALA B 49 28.53 14.95 -15.98
C ALA B 49 27.10 14.59 -15.60
N GLU B 50 26.73 13.31 -15.64
CA GLU B 50 25.45 12.95 -15.06
C GLU B 50 25.49 13.13 -13.55
N LEU B 51 26.57 12.65 -12.93
CA LEU B 51 26.72 12.77 -11.49
C LEU B 51 26.66 14.23 -11.05
N ARG B 52 27.29 15.14 -11.80
CA ARG B 52 27.20 16.54 -11.38
C ARG B 52 25.91 17.22 -11.82
N GLU B 53 25.29 16.78 -12.91
CA GLU B 53 23.94 17.26 -13.18
C GLU B 53 23.02 16.93 -12.02
N VAL B 54 23.03 15.67 -11.59
CA VAL B 54 22.21 15.24 -10.46
C VAL B 54 22.56 16.04 -9.21
N ILE B 55 23.84 16.08 -8.86
CA ILE B 55 24.26 16.71 -7.60
C ILE B 55 23.97 18.21 -7.62
N ASP B 56 24.20 18.87 -8.76
CA ASP B 56 23.84 20.28 -8.86
C ASP B 56 22.36 20.47 -8.55
N ASP B 57 21.50 19.62 -9.10
CA ASP B 57 20.08 19.75 -8.82
C ASP B 57 19.76 19.43 -7.38
N CYS B 58 20.44 18.43 -6.80
CA CYS B 58 20.17 18.07 -5.41
C CYS B 58 20.49 19.23 -4.47
N ASN B 59 21.63 19.89 -4.68
CA ASN B 59 21.95 21.09 -3.92
C ASN B 59 20.85 22.13 -4.07
N ALA B 60 20.42 22.39 -5.31
CA ALA B 60 19.37 23.37 -5.53
C ALA B 60 18.14 23.05 -4.70
N ALA B 61 17.80 21.78 -4.61
CA ALA B 61 16.54 21.40 -3.96
C ALA B 61 16.65 21.53 -2.45
N VAL B 62 17.86 21.45 -1.89
CA VAL B 62 17.97 21.66 -0.45
C VAL B 62 18.50 23.05 -0.11
N ALA B 63 18.91 23.82 -1.11
CA ALA B 63 19.36 25.19 -0.90
C ALA B 63 18.41 26.03 -0.05
N PRO B 64 17.09 25.95 -0.20
CA PRO B 64 16.23 26.78 0.66
C PRO B 64 16.15 26.32 2.10
N LEU B 65 16.70 25.17 2.45
CA LEU B 65 16.58 24.67 3.82
C LEU B 65 17.82 24.94 4.66
N GLY B 66 18.84 25.59 4.09
CA GLY B 66 19.94 26.14 4.86
C GLY B 66 20.77 25.13 5.63
N LYS B 67 20.96 23.95 5.03
CA LYS B 67 21.84 22.93 5.58
C LYS B 67 22.74 22.45 4.45
N THR B 68 24.04 22.55 4.65
CA THR B 68 24.96 22.13 3.61
C THR B 68 25.14 20.63 3.64
N VAL B 69 25.13 20.01 2.46
CA VAL B 69 25.37 18.59 2.32
C VAL B 69 26.40 18.37 1.22
N SER B 70 27.40 17.56 1.53
CA SER B 70 28.61 17.48 0.72
C SER B 70 28.50 16.44 -0.40
N ASP B 71 29.42 16.55 -1.35
CA ASP B 71 29.41 15.63 -2.47
C ASP B 71 29.60 14.20 -2.00
N GLU B 72 30.26 14.03 -0.84
CA GLU B 72 30.42 12.71 -0.25
C GLU B 72 29.09 12.16 0.24
N ARG B 73 28.29 12.99 0.90
CA ARG B 73 27.00 12.54 1.40
C ARG B 73 26.01 12.33 0.26
N TRP B 74 26.13 13.11 -0.81
CA TRP B 74 25.27 12.92 -1.97
C TRP B 74 25.55 11.57 -2.63
N ILE B 75 26.85 11.25 -2.78
CA ILE B 75 27.24 10.00 -3.43
C ILE B 75 26.87 8.79 -2.58
N SER B 76 26.79 8.94 -1.26
CA SER B 76 26.30 7.85 -0.42
C SER B 76 24.82 7.60 -0.70
N TYR B 77 24.00 8.64 -0.63
CA TYR B 77 22.59 8.53 -0.96
C TYR B 77 22.38 7.90 -2.35
N VAL B 78 23.05 8.46 -3.36
CA VAL B 78 22.74 8.08 -4.73
C VAL B 78 23.07 6.63 -5.01
N GLY B 79 23.91 6.01 -4.16
CA GLY B 79 24.32 4.64 -4.42
C GLY B 79 23.16 3.66 -4.42
N VAL B 80 22.13 3.90 -3.61
CA VAL B 80 20.98 3.01 -3.63
C VAL B 80 20.30 3.03 -4.99
N VAL B 81 20.26 4.18 -5.66
CA VAL B 81 19.66 4.23 -7.00
C VAL B 81 20.61 3.62 -8.02
N LEU B 82 21.93 3.87 -7.85
CA LEU B 82 22.91 3.28 -8.75
C LEU B 82 22.88 1.76 -8.68
N TRP B 83 22.69 1.20 -7.49
CA TRP B 83 22.74 -0.24 -7.31
C TRP B 83 21.40 -0.94 -7.43
N SER B 84 20.27 -0.26 -7.23
CA SER B 84 19.03 -0.99 -7.02
C SER B 84 17.95 -0.72 -8.05
N GLN B 85 18.29 -0.07 -9.16
CA GLN B 85 17.45 -0.10 -10.36
C GLN B 85 17.83 -1.36 -11.14
N SER B 86 17.44 -1.44 -12.41
CA SER B 86 17.50 -2.68 -13.19
C SER B 86 18.12 -2.36 -14.55
N PRO B 87 19.44 -2.22 -14.61
CA PRO B 87 20.09 -1.70 -15.83
C PRO B 87 19.84 -2.53 -17.07
N ARG B 88 19.48 -3.81 -16.95
CA ARG B 88 19.15 -4.59 -18.14
C ARG B 88 17.92 -4.03 -18.86
N HIS B 89 17.12 -3.18 -18.19
CA HIS B 89 15.84 -2.76 -18.75
C HIS B 89 15.66 -1.25 -18.82
N ILE B 90 16.63 -0.46 -18.34
CA ILE B 90 16.50 0.99 -18.40
C ILE B 90 16.30 1.42 -19.85
N LYS B 91 15.31 2.28 -20.07
CA LYS B 91 15.05 2.85 -21.38
C LYS B 91 15.14 4.38 -21.42
N ASP B 92 15.20 5.05 -20.27
CA ASP B 92 15.16 6.51 -20.22
C ASP B 92 16.01 7.01 -19.05
N MET B 93 17.21 7.51 -19.37
CA MET B 93 18.09 8.03 -18.35
C MET B 93 17.62 9.35 -17.76
N GLU B 94 16.66 10.05 -18.39
CA GLU B 94 16.13 11.27 -17.78
C GLU B 94 15.26 10.96 -16.58
N ALA B 95 14.44 9.91 -16.69
CA ALA B 95 13.70 9.45 -15.52
C ALA B 95 14.64 8.88 -14.46
N PHE B 96 15.67 8.14 -14.89
CA PHE B 96 16.69 7.65 -13.95
C PHE B 96 17.33 8.80 -13.20
N LYS B 97 17.69 9.87 -13.92
CA LYS B 97 18.30 11.01 -13.24
C LYS B 97 17.34 11.65 -12.25
N ALA B 98 16.04 11.69 -12.59
CA ALA B 98 15.04 12.16 -11.66
C ALA B 98 15.06 11.35 -10.37
N VAL B 99 15.03 10.02 -10.46
CA VAL B 99 15.01 9.19 -9.26
C VAL B 99 16.24 9.44 -8.41
N CYS B 100 17.40 9.63 -9.04
CA CYS B 100 18.61 9.95 -8.28
C CYS B 100 18.39 11.20 -7.45
N VAL B 101 17.87 12.25 -8.08
CA VAL B 101 17.69 13.53 -7.38
C VAL B 101 16.62 13.41 -6.31
N LEU B 102 15.44 12.89 -6.67
CA LEU B 102 14.33 12.82 -5.73
C LEU B 102 14.68 11.93 -4.54
N ASN B 103 15.27 10.76 -4.79
CA ASN B 103 15.61 9.91 -3.67
C ASN B 103 16.65 10.58 -2.79
N CYS B 104 17.70 11.14 -3.40
CA CYS B 104 18.78 11.75 -2.61
C CYS B 104 18.27 12.92 -1.79
N VAL B 105 17.45 13.79 -2.38
CA VAL B 105 17.07 14.97 -1.61
C VAL B 105 16.16 14.58 -0.46
N THR B 106 15.25 13.60 -0.66
CA THR B 106 14.33 13.24 0.41
C THR B 106 15.01 12.45 1.52
N PHE B 107 16.19 11.88 1.25
CA PHE B 107 17.03 11.36 2.33
C PHE B 107 17.34 12.45 3.35
N VAL B 108 17.58 13.68 2.87
CA VAL B 108 17.85 14.81 3.75
C VAL B 108 16.64 15.07 4.65
N TRP B 109 15.45 15.09 4.04
CA TRP B 109 14.23 15.24 4.82
C TRP B 109 14.12 14.15 5.88
N ASP B 110 14.27 12.90 5.47
CA ASP B 110 14.28 11.77 6.41
C ASP B 110 15.19 12.06 7.60
N ASP B 111 16.34 12.66 7.33
CA ASP B 111 17.39 12.88 8.33
C ASP B 111 17.26 14.21 9.06
N MET B 112 16.08 14.81 9.12
CA MET B 112 15.94 16.17 9.61
C MET B 112 14.98 16.22 10.80
N ASP B 113 15.33 17.02 11.80
CA ASP B 113 14.38 17.33 12.85
C ASP B 113 13.21 18.08 12.24
N PRO B 114 11.99 17.86 12.72
CA PRO B 114 10.80 18.41 12.04
C PRO B 114 10.75 19.93 12.01
N ALA B 115 11.41 20.62 12.96
CA ALA B 115 11.43 22.07 12.97
C ALA B 115 12.08 22.64 11.71
N LEU B 116 12.74 21.78 10.93
CA LEU B 116 13.31 22.14 9.64
C LEU B 116 12.45 21.74 8.47
N HIS B 117 11.43 20.92 8.69
CA HIS B 117 10.49 20.58 7.63
C HIS B 117 9.76 21.84 7.21
N ASP B 118 9.69 22.07 5.92
CA ASP B 118 9.21 23.32 5.36
C ASP B 118 8.46 22.98 4.08
N PHE B 119 7.19 22.62 4.24
CA PHE B 119 6.37 22.26 3.08
C PHE B 119 6.20 23.44 2.14
N GLY B 120 6.16 24.65 2.68
CA GLY B 120 6.05 25.82 1.83
C GLY B 120 7.24 25.95 0.90
N LEU B 121 8.45 25.69 1.39
CA LEU B 121 9.65 25.91 0.58
C LEU B 121 10.14 24.65 -0.14
N PHE B 122 9.96 23.47 0.45
CA PHE B 122 10.50 22.26 -0.15
C PHE B 122 9.60 21.70 -1.26
N LEU B 123 8.28 21.72 -1.05
CA LEU B 123 7.37 21.12 -2.01
C LEU B 123 7.48 21.74 -3.40
N PRO B 124 7.59 23.06 -3.57
CA PRO B 124 7.86 23.57 -4.93
C PRO B 124 9.18 23.07 -5.50
N GLN B 125 10.17 22.72 -4.67
CA GLN B 125 11.39 22.17 -5.24
C GLN B 125 11.16 20.74 -5.74
N LEU B 126 10.27 20.00 -5.10
CA LEU B 126 9.97 18.65 -5.54
C LEU B 126 9.14 18.65 -6.81
N ARG B 127 8.53 19.79 -7.14
CA ARG B 127 7.75 19.86 -8.38
C ARG B 127 8.61 20.30 -9.54
N LYS B 128 9.55 21.23 -9.28
CA LYS B 128 10.52 21.62 -10.30
C LYS B 128 11.34 20.43 -10.79
N ILE B 129 11.76 19.55 -9.86
CA ILE B 129 12.50 18.35 -10.26
C ILE B 129 11.65 17.48 -11.17
N CYS B 130 10.39 17.26 -10.80
CA CYS B 130 9.50 16.35 -11.53
C CYS B 130 9.14 16.91 -12.90
N GLU B 131 8.78 18.18 -12.98
CA GLU B 131 8.44 18.77 -14.27
C GLU B 131 9.67 18.93 -15.14
N LYS B 132 10.86 18.88 -14.54
CA LYS B 132 12.08 18.91 -15.34
C LYS B 132 12.31 17.60 -16.08
N TYR B 133 12.15 16.47 -15.38
CA TYR B 133 12.65 15.20 -15.90
C TYR B 133 11.60 14.29 -16.50
N TYR B 134 10.32 14.51 -16.23
CA TYR B 134 9.24 13.67 -16.72
C TYR B 134 8.34 14.47 -17.65
N GLY B 135 7.44 13.77 -18.32
CA GLY B 135 6.37 14.40 -19.04
C GLY B 135 5.22 14.76 -18.11
N PRO B 136 4.17 15.34 -18.67
CA PRO B 136 3.05 15.81 -17.83
C PRO B 136 2.49 14.78 -16.88
N GLU B 137 2.05 13.63 -17.38
CA GLU B 137 1.42 12.66 -16.49
C GLU B 137 2.40 12.09 -15.47
N ASP B 138 3.60 11.72 -15.92
CA ASP B 138 4.59 11.15 -15.01
C ASP B 138 5.00 12.16 -13.94
N ALA B 139 5.10 13.43 -14.31
CA ALA B 139 5.49 14.46 -13.36
C ALA B 139 4.52 14.52 -12.19
N GLU B 140 3.22 14.50 -12.47
CA GLU B 140 2.22 14.56 -11.41
C GLU B 140 2.29 13.34 -10.50
N VAL B 141 2.57 12.16 -11.08
CA VAL B 141 2.62 10.93 -10.30
C VAL B 141 3.83 10.94 -9.40
N ALA B 142 4.99 11.27 -9.95
CA ALA B 142 6.20 11.36 -9.14
C ALA B 142 6.04 12.39 -8.03
N TYR B 143 5.39 13.53 -8.33
CA TYR B 143 5.33 14.60 -7.34
C TYR B 143 4.42 14.22 -6.18
N GLU B 144 3.22 13.71 -6.48
CA GLU B 144 2.31 13.29 -5.42
C GLU B 144 2.97 12.25 -4.53
N ALA B 145 3.74 11.33 -5.13
CA ALA B 145 4.41 10.31 -4.33
C ALA B 145 5.53 10.92 -3.49
N ALA B 146 6.28 11.88 -4.03
CA ALA B 146 7.29 12.57 -3.23
C ALA B 146 6.63 13.35 -2.10
N ARG B 147 5.55 14.07 -2.42
CA ARG B 147 4.84 14.86 -1.42
C ARG B 147 4.33 13.98 -0.29
N ALA B 148 3.68 12.86 -0.62
CA ALA B 148 3.16 11.98 0.41
C ALA B 148 4.29 11.41 1.27
N PHE B 149 5.43 11.08 0.66
CA PHE B 149 6.54 10.51 1.43
C PHE B 149 7.07 11.50 2.47
N VAL B 150 7.37 12.74 2.06
CA VAL B 150 7.94 13.67 3.02
C VAL B 150 6.89 14.13 4.01
N THR B 151 5.62 14.17 3.58
CA THR B 151 4.52 14.47 4.51
C THR B 151 4.33 13.35 5.53
N SER B 152 4.44 12.09 5.10
CA SER B 152 4.36 10.98 6.06
C SER B 152 5.52 11.05 7.04
N ASP B 153 6.71 11.39 6.55
CA ASP B 153 7.85 11.46 7.43
C ASP B 153 7.68 12.57 8.46
N HIS B 154 6.96 13.64 8.10
CA HIS B 154 6.66 14.70 9.05
C HIS B 154 5.58 14.28 10.02
N MET B 155 4.45 13.81 9.49
CA MET B 155 3.29 13.50 10.32
C MET B 155 3.66 12.57 11.46
N PHE B 156 4.50 11.58 11.20
CA PHE B 156 4.64 10.50 12.16
C PHE B 156 5.78 10.69 13.16
N ARG B 157 6.42 11.86 13.21
CA ARG B 157 7.55 12.03 14.14
C ARG B 157 7.16 11.78 15.59
N ASP B 158 5.95 12.16 15.98
CA ASP B 158 5.53 11.94 17.37
C ASP B 158 4.29 11.06 17.45
N SER B 159 3.99 10.32 16.39
CA SER B 159 2.63 9.81 16.28
C SER B 159 2.39 8.61 17.18
N PRO B 160 1.29 8.60 17.92
CA PRO B 160 0.86 7.37 18.57
C PRO B 160 0.58 6.27 17.57
N ILE B 161 0.23 6.62 16.32
CA ILE B 161 0.07 5.63 15.28
C ILE B 161 1.39 4.93 14.97
N LYS B 162 2.47 5.70 14.84
CA LYS B 162 3.75 5.05 14.55
C LYS B 162 4.12 4.07 15.66
N ALA B 163 3.94 4.45 16.92
CA ALA B 163 4.27 3.57 18.05
C ALA B 163 3.40 2.32 18.06
N ALA B 164 2.10 2.46 17.79
CA ALA B 164 1.22 1.31 17.74
C ALA B 164 1.65 0.33 16.64
N LEU B 165 1.80 0.83 15.41
CA LEU B 165 2.14 -0.05 14.30
C LEU B 165 3.54 -0.62 14.42
N CYS B 166 4.46 0.08 15.07
CA CYS B 166 5.82 -0.40 15.18
C CYS B 166 6.10 -1.16 16.46
N THR B 167 5.08 -1.50 17.26
CA THR B 167 5.31 -2.34 18.43
C THR B 167 4.33 -3.49 18.53
N THR B 168 3.29 -3.52 17.71
CA THR B 168 2.24 -4.50 17.87
C THR B 168 2.62 -5.86 17.27
N SER B 169 3.04 -5.90 16.02
CA SER B 169 3.38 -7.15 15.35
C SER B 169 4.17 -6.84 14.08
N PRO B 170 4.85 -7.84 13.52
CA PRO B 170 5.51 -7.63 12.22
C PRO B 170 4.55 -7.13 11.15
N GLU B 171 3.33 -7.66 11.12
CA GLU B 171 2.37 -7.29 10.08
C GLU B 171 2.04 -5.81 10.15
N GLN B 172 1.75 -5.29 11.35
CA GLN B 172 1.45 -3.87 11.47
C GLN B 172 2.68 -3.04 11.10
N TYR B 173 3.87 -3.52 11.47
CA TYR B 173 5.08 -2.75 11.18
C TYR B 173 5.35 -2.68 9.68
N PHE B 174 5.32 -3.82 9.01
CA PHE B 174 5.54 -3.78 7.55
C PHE B 174 4.43 -3.03 6.84
N ARG B 175 3.21 -3.05 7.39
CA ARG B 175 2.15 -2.25 6.77
C ARG B 175 2.49 -0.77 6.81
N PHE B 176 3.06 -0.32 7.93
CA PHE B 176 3.51 1.07 8.03
C PHE B 176 4.65 1.36 7.06
N ARG B 177 5.54 0.38 6.85
CA ARG B 177 6.76 0.62 6.07
C ARG B 177 6.53 0.72 4.57
N VAL B 178 5.45 0.15 4.03
CA VAL B 178 5.12 0.31 2.60
C VAL B 178 5.29 1.77 2.17
N THR B 179 4.75 2.69 2.98
CA THR B 179 4.91 4.11 2.72
C THR B 179 6.21 4.63 3.33
N ASP B 180 6.43 4.34 4.61
CA ASP B 180 7.44 5.09 5.36
C ASP B 180 8.86 4.85 4.83
N ILE B 181 9.21 3.61 4.52
CA ILE B 181 10.56 3.37 3.99
C ILE B 181 10.78 4.03 2.64
N GLY B 182 9.71 4.40 1.94
CA GLY B 182 9.82 5.09 0.68
C GLY B 182 9.65 4.25 -0.56
N VAL B 183 9.32 2.96 -0.44
CA VAL B 183 9.30 2.11 -1.63
C VAL B 183 8.08 2.39 -2.52
N ASP B 184 6.92 2.77 -1.96
CA ASP B 184 5.82 3.18 -2.83
C ASP B 184 6.21 4.39 -3.66
N PHE B 185 6.82 5.39 -3.02
CA PHE B 185 7.43 6.52 -3.70
C PHE B 185 8.40 6.07 -4.79
N TRP B 186 9.27 5.11 -4.46
CA TRP B 186 10.27 4.63 -5.40
C TRP B 186 9.63 4.07 -6.67
N MET B 187 8.66 3.17 -6.52
CA MET B 187 7.99 2.57 -7.66
C MET B 187 7.31 3.63 -8.55
N LYS B 188 6.63 4.59 -7.93
CA LYS B 188 5.81 5.55 -8.67
C LYS B 188 6.66 6.62 -9.36
N MET B 189 7.92 6.80 -8.96
CA MET B 189 8.81 7.63 -9.74
C MET B 189 9.75 6.82 -10.64
N SER B 190 9.83 5.51 -10.47
CA SER B 190 10.73 4.69 -11.26
C SER B 190 10.07 4.10 -12.51
N TYR B 191 8.75 3.94 -12.54
CA TYR B 191 8.12 3.29 -13.69
C TYR B 191 8.47 3.97 -15.02
N PRO B 192 8.63 5.30 -15.12
CA PRO B 192 8.96 5.87 -16.44
C PRO B 192 10.35 5.50 -16.92
N ILE B 193 11.22 5.02 -16.04
CA ILE B 193 12.53 4.55 -16.48
C ILE B 193 12.37 3.36 -17.42
N TYR B 194 11.34 2.56 -17.21
CA TYR B 194 11.19 1.30 -17.92
C TYR B 194 10.16 1.32 -19.02
N ARG B 195 9.27 2.32 -19.05
CA ARG B 195 8.18 2.39 -20.04
C ARG B 195 7.60 1.00 -20.31
N HIS B 196 7.29 0.28 -19.23
CA HIS B 196 6.80 -1.09 -19.32
C HIS B 196 5.41 -1.15 -18.72
N PRO B 197 4.39 -1.54 -19.49
CA PRO B 197 3.00 -1.39 -19.01
C PRO B 197 2.67 -2.18 -17.74
N GLU B 198 3.00 -3.46 -17.69
CA GLU B 198 2.76 -4.24 -16.46
C GLU B 198 3.36 -3.56 -15.24
N PHE B 199 4.65 -3.19 -15.33
CA PHE B 199 5.32 -2.58 -14.18
C PHE B 199 4.69 -1.24 -13.85
N THR B 200 4.27 -0.49 -14.85
CA THR B 200 3.63 0.79 -14.59
C THR B 200 2.35 0.61 -13.79
N GLU B 201 1.60 -0.45 -14.09
CA GLU B 201 0.35 -0.67 -13.38
C GLU B 201 0.61 -1.16 -11.96
N HIS B 202 1.56 -2.08 -11.78
CA HIS B 202 1.89 -2.55 -10.44
C HIS B 202 2.43 -1.40 -9.60
N ALA B 203 3.22 -0.49 -10.18
CA ALA B 203 3.64 0.72 -9.48
C ALA B 203 2.43 1.54 -9.01
N LYS B 204 1.45 1.75 -9.90
CA LYS B 204 0.37 2.68 -9.59
C LYS B 204 -0.68 2.06 -8.67
N THR B 205 -0.77 0.73 -8.60
CA THR B 205 -1.61 0.12 -7.59
C THR B 205 -0.93 0.00 -6.23
N SER B 206 0.38 0.26 -6.16
CA SER B 206 1.23 -0.04 -5.02
C SER B 206 1.46 -1.53 -4.81
N LEU B 207 0.96 -2.40 -5.69
CA LEU B 207 1.28 -3.82 -5.55
C LEU B 207 2.80 -4.03 -5.62
N ALA B 208 3.47 -3.28 -6.49
CA ALA B 208 4.92 -3.39 -6.57
C ALA B 208 5.58 -3.02 -5.23
N ALA B 209 5.20 -1.89 -4.65
CA ALA B 209 5.71 -1.51 -3.34
C ALA B 209 5.45 -2.60 -2.31
N ARG B 210 4.23 -3.16 -2.30
CA ARG B 210 3.88 -4.11 -1.27
C ARG B 210 4.69 -5.40 -1.40
N MET B 211 5.01 -5.81 -2.64
CA MET B 211 5.77 -7.04 -2.87
C MET B 211 7.22 -6.91 -2.37
N THR B 212 7.82 -5.74 -2.46
CA THR B 212 9.23 -5.52 -2.14
C THR B 212 9.46 -4.90 -0.76
N THR B 213 8.40 -4.53 -0.04
CA THR B 213 8.57 -3.86 1.25
C THR B 213 9.43 -4.68 2.20
N ARG B 214 9.07 -5.95 2.41
CA ARG B 214 9.75 -6.75 3.42
C ARG B 214 11.22 -6.97 3.07
N GLY B 215 11.52 -7.27 1.81
CA GLY B 215 12.90 -7.50 1.43
C GLY B 215 13.79 -6.28 1.61
N LEU B 216 13.28 -5.09 1.29
CA LEU B 216 14.02 -3.86 1.52
C LEU B 216 14.11 -3.53 3.00
N THR B 217 13.00 -3.72 3.73
CA THR B 217 12.91 -3.22 5.09
C THR B 217 13.69 -4.11 6.05
N ILE B 218 13.66 -5.43 5.83
CA ILE B 218 14.36 -6.31 6.73
C ILE B 218 15.86 -6.10 6.62
N VAL B 219 16.36 -6.02 5.39
CA VAL B 219 17.78 -5.73 5.16
C VAL B 219 18.16 -4.39 5.76
N ASN B 220 17.37 -3.35 5.45
CA ASN B 220 17.72 -2.03 5.95
C ASN B 220 17.64 -1.96 7.47
N ASP B 221 16.66 -2.62 8.07
CA ASP B 221 16.53 -2.54 9.52
C ASP B 221 17.73 -3.18 10.22
N PHE B 222 18.21 -4.33 9.73
CA PHE B 222 19.35 -4.96 10.39
C PHE B 222 20.55 -4.03 10.43
N TYR B 223 20.92 -3.49 9.29
CA TYR B 223 22.14 -2.70 9.19
C TYR B 223 21.98 -1.26 9.66
N SER B 224 20.76 -0.76 9.89
CA SER B 224 20.60 0.58 10.43
C SER B 224 20.08 0.57 11.87
N TYR B 225 19.90 -0.62 12.44
CA TYR B 225 19.45 -0.74 13.82
C TYR B 225 20.34 0.04 14.76
N ASP B 226 21.66 -0.08 14.59
CA ASP B 226 22.60 0.59 15.49
C ASP B 226 22.45 2.10 15.44
N ARG B 227 22.46 2.68 14.23
CA ARG B 227 22.30 4.13 14.11
C ARG B 227 20.96 4.57 14.69
N GLU B 228 19.89 3.80 14.46
CA GLU B 228 18.56 4.27 14.80
C GLU B 228 18.30 4.22 16.31
N VAL B 229 18.78 3.18 16.99
CA VAL B 229 18.66 3.17 18.45
C VAL B 229 19.43 4.35 19.04
N SER B 230 20.61 4.63 18.48
CA SER B 230 21.43 5.72 18.99
C SER B 230 20.76 7.07 18.76
N LEU B 231 19.85 7.16 17.78
CA LEU B 231 19.09 8.37 17.53
C LEU B 231 17.67 8.33 18.07
N GLY B 232 17.30 7.28 18.81
CA GLY B 232 15.95 7.15 19.34
C GLY B 232 14.88 6.74 18.34
N GLN B 233 15.23 6.49 17.09
CA GLN B 233 14.23 6.17 16.08
C GLN B 233 13.71 4.74 16.27
N ILE B 234 12.39 4.60 16.42
CA ILE B 234 11.77 3.32 16.75
C ILE B 234 11.24 2.56 15.52
N THR B 235 11.52 3.03 14.31
CA THR B 235 10.99 2.41 13.09
C THR B 235 11.99 1.39 12.60
N ASN B 236 11.89 0.18 13.13
CA ASN B 236 12.86 -0.88 12.88
C ASN B 236 12.33 -2.18 13.46
N CYS B 237 12.18 -3.22 12.63
CA CYS B 237 11.46 -4.42 13.08
C CYS B 237 12.22 -5.18 14.17
N PHE B 238 13.53 -5.08 14.21
CA PHE B 238 14.27 -5.80 15.25
C PHE B 238 14.04 -5.24 16.65
N ARG B 239 13.46 -4.03 16.76
CA ARG B 239 12.89 -3.56 18.02
C ARG B 239 11.62 -4.29 18.44
N LEU B 240 11.30 -5.42 17.79
CA LEU B 240 10.25 -6.29 18.28
C LEU B 240 10.80 -7.50 19.02
N CYS B 241 12.12 -7.56 19.22
CA CYS B 241 12.72 -8.67 19.96
C CYS B 241 13.96 -8.19 20.71
N ASP B 242 14.47 -9.08 21.55
CA ASP B 242 15.58 -8.86 22.47
C ASP B 242 16.88 -9.23 21.75
N VAL B 243 17.51 -8.25 21.12
CA VAL B 243 18.62 -8.59 20.23
C VAL B 243 19.88 -8.98 20.98
N SER B 244 19.87 -8.97 22.31
CA SER B 244 21.01 -9.55 23.02
C SER B 244 20.77 -11.01 23.40
N ASP B 245 19.55 -11.50 23.31
CA ASP B 245 19.28 -12.92 23.50
C ASP B 245 19.52 -13.60 22.15
N GLU B 246 20.63 -14.34 22.05
CA GLU B 246 20.96 -14.97 20.80
C GLU B 246 19.87 -15.90 20.32
N THR B 247 19.22 -16.61 21.24
CA THR B 247 18.16 -17.52 20.83
C THR B 247 16.95 -16.75 20.32
N ALA B 248 16.60 -15.65 20.98
CA ALA B 248 15.47 -14.86 20.52
C ALA B 248 15.81 -14.11 19.24
N PHE B 249 17.01 -13.52 19.16
CA PHE B 249 17.40 -12.85 17.94
C PHE B 249 17.41 -13.81 16.75
N LYS B 250 17.93 -15.02 16.94
CA LYS B 250 18.06 -15.95 15.82
C LYS B 250 16.70 -16.40 15.32
N GLU B 251 15.81 -16.76 16.24
CA GLU B 251 14.44 -17.11 15.89
C GLU B 251 13.81 -16.00 15.07
N PHE B 252 13.85 -14.78 15.59
CA PHE B 252 13.28 -13.62 14.88
C PHE B 252 13.93 -13.45 13.51
N PHE B 253 15.26 -13.49 13.45
CA PHE B 253 15.95 -13.33 12.17
C PHE B 253 15.53 -14.42 11.18
N GLN B 254 15.33 -15.65 11.65
CA GLN B 254 14.89 -16.71 10.75
C GLN B 254 13.51 -16.41 10.16
N ALA B 255 12.57 -15.97 10.99
CA ALA B 255 11.24 -15.66 10.49
C ALA B 255 11.26 -14.51 9.48
N ARG B 256 12.13 -13.51 9.69
CA ARG B 256 12.26 -12.45 8.70
C ARG B 256 12.88 -12.96 7.40
N LEU B 257 13.76 -13.96 7.48
CA LEU B 257 14.24 -14.62 6.26
C LEU B 257 13.12 -15.42 5.58
N ASP B 258 12.33 -16.15 6.37
CA ASP B 258 11.08 -16.74 5.86
C ASP B 258 10.29 -15.73 5.05
N ASP B 259 10.00 -14.56 5.63
CA ASP B 259 9.21 -13.55 4.91
C ASP B 259 9.86 -13.17 3.58
N MET B 260 11.16 -12.88 3.60
CA MET B 260 11.85 -12.48 2.37
C MET B 260 11.73 -13.56 1.31
N ILE B 261 11.90 -14.82 1.69
CA ILE B 261 11.90 -15.88 0.71
C ILE B 261 10.51 -16.08 0.12
N GLU B 262 9.48 -16.01 0.96
CA GLU B 262 8.12 -16.12 0.44
C GLU B 262 7.83 -15.02 -0.58
N ASP B 263 8.17 -13.78 -0.23
CA ASP B 263 7.99 -12.67 -1.16
C ASP B 263 8.71 -12.91 -2.48
N ILE B 264 10.00 -13.29 -2.40
CA ILE B 264 10.79 -13.50 -3.62
C ILE B 264 10.14 -14.56 -4.50
N GLU B 265 9.68 -15.65 -3.88
CA GLU B 265 9.10 -16.73 -4.65
C GLU B 265 7.78 -16.32 -5.29
N CYS B 266 7.02 -15.40 -4.66
CA CYS B 266 5.83 -14.89 -5.33
C CYS B 266 6.17 -13.86 -6.40
N ILE B 267 7.28 -13.15 -6.26
CA ILE B 267 7.72 -12.20 -7.27
C ILE B 267 8.02 -12.92 -8.58
N LYS B 268 8.42 -14.18 -8.50
CA LYS B 268 8.71 -14.94 -9.71
C LYS B 268 7.46 -15.31 -10.48
N ALA B 269 6.28 -15.01 -9.95
CA ALA B 269 5.05 -15.16 -10.71
C ALA B 269 4.68 -13.90 -11.49
N PHE B 270 5.43 -12.81 -11.35
CA PHE B 270 5.21 -11.65 -12.20
C PHE B 270 5.94 -11.86 -13.54
N ASP B 271 5.59 -11.06 -14.55
CA ASP B 271 6.28 -11.19 -15.83
C ASP B 271 7.79 -10.97 -15.63
N GLN B 272 8.58 -11.51 -16.56
CA GLN B 272 10.02 -11.60 -16.35
C GLN B 272 10.67 -10.22 -16.23
N LEU B 273 10.22 -9.26 -17.02
CA LEU B 273 10.78 -7.92 -16.86
C LEU B 273 10.45 -7.33 -15.49
N THR B 274 9.19 -7.46 -15.05
CA THR B 274 8.78 -6.87 -13.77
C THR B 274 9.55 -7.51 -12.61
N GLN B 275 9.62 -8.84 -12.58
CA GLN B 275 10.34 -9.50 -11.48
C GLN B 275 11.83 -9.16 -11.51
N ASP B 276 12.43 -9.04 -12.71
CA ASP B 276 13.81 -8.55 -12.80
C ASP B 276 13.99 -7.28 -11.98
N VAL B 277 13.11 -6.31 -12.20
CA VAL B 277 13.19 -5.03 -11.52
C VAL B 277 13.00 -5.19 -10.02
N PHE B 278 12.00 -5.98 -9.61
CA PHE B 278 11.74 -6.19 -8.19
C PHE B 278 12.96 -6.80 -7.50
N LEU B 279 13.56 -7.83 -8.11
CA LEU B 279 14.68 -8.52 -7.47
C LEU B 279 15.95 -7.67 -7.48
N ASP B 280 16.20 -6.94 -8.57
CA ASP B 280 17.34 -6.02 -8.57
C ASP B 280 17.19 -4.95 -7.49
N LEU B 281 15.95 -4.51 -7.21
CA LEU B 281 15.75 -3.57 -6.12
C LEU B 281 16.11 -4.18 -4.77
N ILE B 282 15.62 -5.38 -4.49
CA ILE B 282 15.87 -5.99 -3.19
C ILE B 282 17.36 -6.33 -3.03
N TYR B 283 17.93 -7.06 -3.99
CA TYR B 283 19.32 -7.48 -3.94
C TYR B 283 20.27 -6.29 -4.08
N GLY B 284 19.96 -5.37 -4.99
CA GLY B 284 20.77 -4.17 -5.13
C GLY B 284 20.86 -3.37 -3.83
N ASN B 285 19.71 -3.15 -3.18
CA ASN B 285 19.71 -2.41 -1.93
C ASN B 285 20.64 -3.08 -0.91
N PHE B 286 20.66 -4.41 -0.87
CA PHE B 286 21.51 -5.14 0.06
C PHE B 286 22.99 -4.89 -0.21
N VAL B 287 23.38 -4.81 -1.48
CA VAL B 287 24.77 -4.52 -1.82
C VAL B 287 25.13 -3.13 -1.34
N TRP B 288 24.33 -2.13 -1.69
CA TRP B 288 24.59 -0.76 -1.27
C TRP B 288 24.64 -0.66 0.25
N THR B 289 23.70 -1.32 0.92
CA THR B 289 23.54 -1.14 2.36
C THR B 289 24.77 -1.63 3.13
N THR B 290 25.34 -2.76 2.71
CA THR B 290 26.39 -3.39 3.52
C THR B 290 27.78 -2.90 3.17
N SER B 291 27.94 -2.27 2.01
CA SER B 291 29.18 -1.62 1.62
C SER B 291 29.23 -0.16 2.01
N ASN B 292 28.11 0.45 2.37
CA ASN B 292 28.07 1.91 2.40
C ASN B 292 28.37 2.47 3.78
N LYS B 293 29.11 3.58 3.73
CA LYS B 293 29.48 4.35 4.91
C LYS B 293 28.29 4.61 5.82
N ARG B 294 27.11 4.88 5.24
CA ARG B 294 25.97 5.31 6.04
C ARG B 294 25.65 4.29 7.14
N TYR B 295 25.80 3.00 6.83
CA TYR B 295 25.47 1.94 7.79
C TYR B 295 26.70 1.35 8.49
N LYS B 296 27.90 1.84 8.21
CA LYS B 296 29.09 1.27 8.85
C LYS B 296 29.20 1.71 10.30
N THR B 297 28.81 2.94 10.60
CA THR B 297 28.92 3.47 11.95
C THR B 297 27.68 4.26 12.30
N ALA B 298 27.34 4.23 13.59
CA ALA B 298 26.13 4.86 14.09
C ALA B 298 26.08 6.35 13.72
N VAL B 299 27.20 7.06 13.90
CA VAL B 299 27.25 8.50 13.68
C VAL B 299 28.50 8.85 12.88
N ASN B 300 28.31 9.40 11.68
CA ASN B 300 29.40 9.91 10.87
C ASN B 300 28.88 11.09 10.06
N ASP B 301 29.71 11.62 9.15
CA ASP B 301 29.31 12.82 8.40
C ASP B 301 28.30 12.54 7.29
N VAL B 302 28.15 11.28 6.86
CA VAL B 302 27.15 10.95 5.85
C VAL B 302 25.86 10.41 6.44
N ASN B 303 25.74 10.36 7.76
CA ASN B 303 24.55 9.83 8.41
C ASN B 303 24.23 10.53 9.72
N SER B 304 25.08 11.44 10.15
CA SER B 304 24.71 12.32 11.26
C SER B 304 23.36 12.96 10.95
N ARG B 305 22.47 12.89 11.93
CA ARG B 305 21.16 13.49 11.80
C ARG B 305 21.27 14.99 11.61
N ILE B 306 20.56 15.51 10.61
CA ILE B 306 20.61 16.93 10.25
C ILE B 306 19.72 17.69 11.23
N GLN B 307 20.13 18.89 11.62
CA GLN B 307 19.52 19.52 12.78
C GLN B 307 19.73 21.04 12.71
N ALA B 308 18.68 21.78 13.11
CA ALA B 308 18.71 23.24 13.03
C ALA B 308 19.91 23.87 13.72
C2 AHD C . -17.30 -6.18 -4.74
C3 AHD C . -16.17 -5.31 -5.28
C7 AHD C . -17.15 -7.58 -5.30
C8 AHD C . -16.77 -8.54 -4.18
O12 AHD C . -19.33 -9.25 -3.93
P9 AHD C . -18.00 -9.90 -4.21
O10 AHD C . -17.75 -10.98 -3.21
O11 AHD C . -17.93 -10.51 -5.58
P14 AHD C . -15.08 -9.24 -4.51
O15 AHD C . -14.79 -9.33 -6.00
O16 AHD C . -15.02 -10.60 -3.87
O17 AHD C . -14.12 -8.29 -3.86
O13 AHD C . -16.78 -7.94 -2.92
N4 AHD C . -15.60 -4.67 -4.12
MG MG D . -16.52 -10.85 -6.63
MG MG E . -16.26 -11.94 -2.81
MG MG F . -13.45 -7.80 -6.68
C2 AHD G . 15.10 5.66 3.70
C3 AHD G . 15.12 6.94 2.86
C7 AHD G . 16.11 5.81 4.83
C8 AHD G . 16.19 4.55 5.69
O12 AHD G . 18.89 4.72 5.90
P9 AHD G . 17.67 4.64 6.79
O10 AHD G . 17.66 3.41 7.65
O11 AHD G . 17.55 5.90 7.60
P14 AHD G . 14.71 4.46 6.76
O15 AHD G . 14.55 5.80 7.41
O16 AHD G . 14.86 3.41 7.82
O17 AHD G . 13.51 4.09 5.91
O13 AHD G . 16.22 3.39 4.92
N4 AHD G . 14.76 6.64 1.48
MG MG H . 16.37 6.27 9.62
MG MG I . 12.65 7.17 7.19
MG MG J . 16.44 2.20 8.61
N SER A 16 -15.87 -26.43 -0.45
CA SER A 16 -17.22 -26.90 -0.79
C SER A 16 -18.26 -25.82 -0.38
N SER A 17 -18.74 -25.87 0.86
CA SER A 17 -19.71 -24.89 1.35
C SER A 17 -19.39 -24.50 2.80
N VAL A 18 -19.45 -23.20 3.08
CA VAL A 18 -19.33 -22.69 4.44
C VAL A 18 -20.71 -22.49 5.08
N ARG A 19 -21.77 -22.96 4.44
CA ARG A 19 -23.09 -22.83 5.05
C ARG A 19 -23.20 -23.51 6.42
N PRO A 20 -22.64 -24.71 6.66
CA PRO A 20 -22.70 -25.28 8.01
C PRO A 20 -22.29 -24.30 9.10
N TYR A 21 -21.33 -23.44 8.83
CA TYR A 21 -20.78 -22.56 9.84
C TYR A 21 -21.37 -21.15 9.84
N LEU A 22 -22.39 -20.87 9.04
CA LEU A 22 -22.71 -19.47 8.74
C LEU A 22 -23.15 -18.72 9.99
N GLU A 23 -24.05 -19.29 10.79
CA GLU A 23 -24.63 -18.47 11.85
C GLU A 23 -23.79 -18.51 13.13
N GLU A 24 -23.05 -19.59 13.35
CA GLU A 24 -22.10 -19.56 14.44
C GLU A 24 -21.01 -18.53 14.17
N CYS A 25 -20.54 -18.43 12.92
CA CYS A 25 -19.51 -17.45 12.59
C CYS A 25 -20.08 -16.04 12.53
N THR A 26 -21.37 -15.89 12.16
CA THR A 26 -22.02 -14.59 12.22
C THR A 26 -22.06 -14.09 13.65
N ARG A 27 -22.45 -14.96 14.57
CA ARG A 27 -22.49 -14.58 15.98
C ARG A 27 -21.10 -14.23 16.49
N ARG A 28 -20.08 -14.97 16.03
CA ARG A 28 -18.72 -14.74 16.51
C ARG A 28 -18.17 -13.42 15.98
N PHE A 29 -18.47 -13.09 14.70
CA PHE A 29 -18.21 -11.76 14.18
C PHE A 29 -18.88 -10.69 15.06
N GLN A 30 -20.19 -10.85 15.29
CA GLN A 30 -20.96 -9.85 16.04
C GLN A 30 -20.40 -9.65 17.43
N GLU A 31 -20.11 -10.75 18.12
CA GLU A 31 -19.48 -10.64 19.44
C GLU A 31 -18.23 -9.78 19.36
N MET A 32 -17.41 -10.02 18.34
CA MET A 32 -16.16 -9.29 18.21
C MET A 32 -16.39 -7.79 18.04
N PHE A 33 -17.30 -7.40 17.14
CA PHE A 33 -17.60 -5.98 16.97
C PHE A 33 -18.19 -5.38 18.24
N ASP A 34 -19.13 -6.07 18.86
CA ASP A 34 -19.68 -5.59 20.13
C ASP A 34 -18.58 -5.28 21.15
N ARG A 35 -17.53 -6.10 21.21
CA ARG A 35 -16.47 -5.89 22.19
C ARG A 35 -15.46 -4.83 21.77
N HIS A 36 -15.09 -4.81 20.48
CA HIS A 36 -13.94 -4.03 20.02
C HIS A 36 -14.30 -2.72 19.32
N VAL A 37 -15.45 -2.63 18.66
CA VAL A 37 -15.87 -1.39 18.00
C VAL A 37 -16.97 -0.69 18.79
N VAL A 38 -18.01 -1.44 19.19
CA VAL A 38 -19.09 -1.03 20.09
C VAL A 38 -20.05 -0.11 19.36
N THR A 39 -19.60 1.10 19.01
CA THR A 39 -20.40 2.06 18.28
C THR A 39 -20.88 1.51 16.94
N ARG A 40 -22.16 1.18 16.86
CA ARG A 40 -22.78 0.59 15.70
C ARG A 40 -22.91 1.60 14.56
N PRO A 41 -22.71 1.16 13.32
CA PRO A 41 -22.91 2.06 12.18
C PRO A 41 -24.37 2.48 12.07
N THR A 42 -24.63 3.44 11.19
CA THR A 42 -25.98 3.86 10.86
C THR A 42 -26.08 4.09 9.36
N LYS A 43 -27.29 3.97 8.81
CA LYS A 43 -27.48 4.01 7.36
C LYS A 43 -27.67 5.45 6.88
N VAL A 44 -27.17 5.72 5.69
CA VAL A 44 -27.49 6.96 5.00
C VAL A 44 -28.76 6.76 4.17
N GLU A 45 -29.79 7.53 4.44
CA GLU A 45 -31.00 7.54 3.63
C GLU A 45 -30.82 8.57 2.52
N LEU A 46 -31.09 8.17 1.29
CA LEU A 46 -31.01 9.12 0.19
C LEU A 46 -32.38 9.76 -0.05
N THR A 47 -32.35 11.08 -0.30
CA THR A 47 -33.54 11.83 -0.66
C THR A 47 -34.00 11.40 -2.04
N ASP A 48 -35.21 11.83 -2.41
CA ASP A 48 -35.76 11.38 -3.69
C ASP A 48 -35.26 12.19 -4.85
N ALA A 49 -34.31 13.07 -4.64
CA ALA A 49 -33.65 13.63 -5.80
C ALA A 49 -32.27 13.01 -5.95
N GLU A 50 -31.77 12.43 -4.87
CA GLU A 50 -30.39 11.98 -4.90
C GLU A 50 -30.32 10.54 -5.37
N LEU A 51 -31.27 9.72 -4.96
CA LEU A 51 -31.28 8.31 -5.33
C LEU A 51 -31.42 8.14 -6.84
N ARG A 52 -32.44 8.76 -7.43
CA ARG A 52 -32.71 8.67 -8.85
C ARG A 52 -31.50 9.06 -9.67
N GLU A 53 -30.97 10.25 -9.40
CA GLU A 53 -29.68 10.72 -9.93
C GLU A 53 -28.67 9.56 -9.99
N VAL A 54 -28.42 8.92 -8.84
CA VAL A 54 -27.38 7.89 -8.74
C VAL A 54 -27.64 6.76 -9.72
N ILE A 55 -28.89 6.28 -9.75
CA ILE A 55 -29.21 5.16 -10.62
C ILE A 55 -29.15 5.55 -12.09
N ASP A 56 -29.61 6.76 -12.43
CA ASP A 56 -29.44 7.25 -13.79
C ASP A 56 -27.97 7.24 -14.19
N ASP A 57 -27.10 7.72 -13.30
CA ASP A 57 -25.67 7.73 -13.60
C ASP A 57 -25.12 6.33 -13.75
N CYS A 58 -25.50 5.41 -12.86
CA CYS A 58 -25.11 4.01 -13.01
C CYS A 58 -25.62 3.42 -14.33
N ASN A 59 -26.92 3.60 -14.61
CA ASN A 59 -27.50 3.12 -15.86
C ASN A 59 -26.69 3.58 -17.06
N ALA A 60 -26.25 4.83 -17.07
CA ALA A 60 -25.57 5.38 -18.23
C ALA A 60 -24.11 4.95 -18.31
N ALA A 61 -23.46 4.72 -17.16
CA ALA A 61 -22.06 4.31 -17.18
C ALA A 61 -21.89 2.91 -17.77
N VAL A 62 -22.87 2.04 -17.57
CA VAL A 62 -22.74 0.66 -18.04
C VAL A 62 -23.35 0.49 -19.44
N ALA A 63 -24.34 1.31 -19.80
CA ALA A 63 -24.99 1.22 -21.11
C ALA A 63 -24.03 1.08 -22.28
N PRO A 64 -22.99 1.91 -22.43
CA PRO A 64 -22.07 1.72 -23.56
C PRO A 64 -21.42 0.35 -23.60
N LEU A 65 -21.34 -0.37 -22.48
CA LEU A 65 -20.90 -1.76 -22.46
C LEU A 65 -21.94 -2.72 -23.04
N GLY A 66 -23.24 -2.47 -22.81
CA GLY A 66 -24.30 -3.23 -23.44
C GLY A 66 -25.12 -4.14 -22.55
N LYS A 67 -25.30 -3.78 -21.28
CA LYS A 67 -26.09 -4.58 -20.36
C LYS A 67 -26.82 -3.66 -19.40
N THR A 68 -28.04 -4.03 -19.06
CA THR A 68 -28.90 -3.23 -18.21
C THR A 68 -28.94 -3.85 -16.83
N VAL A 69 -29.49 -3.11 -15.88
CA VAL A 69 -29.61 -3.54 -14.49
C VAL A 69 -30.90 -2.95 -13.93
N SER A 70 -31.66 -3.76 -13.19
CA SER A 70 -32.86 -3.28 -12.54
C SER A 70 -32.54 -2.25 -11.47
N ASP A 71 -33.55 -1.44 -11.11
CA ASP A 71 -33.41 -0.53 -9.99
C ASP A 71 -33.18 -1.28 -8.68
N GLU A 72 -33.85 -2.41 -8.47
CA GLU A 72 -33.72 -3.14 -7.20
C GLU A 72 -32.32 -3.71 -7.05
N ARG A 73 -31.85 -4.42 -8.08
CA ARG A 73 -30.49 -4.96 -8.06
C ARG A 73 -29.45 -3.87 -7.87
N TRP A 74 -29.62 -2.71 -8.52
CA TRP A 74 -28.72 -1.61 -8.24
C TRP A 74 -28.70 -1.28 -6.76
N ILE A 75 -29.90 -1.15 -6.17
CA ILE A 75 -30.04 -0.76 -4.77
C ILE A 75 -29.39 -1.79 -3.86
N SER A 76 -29.37 -3.06 -4.27
CA SER A 76 -28.72 -4.08 -3.46
C SER A 76 -27.21 -3.92 -3.47
N TYR A 77 -26.64 -3.47 -4.60
CA TYR A 77 -25.23 -3.14 -4.64
C TYR A 77 -24.93 -1.93 -3.76
N VAL A 78 -25.68 -0.84 -3.96
CA VAL A 78 -25.40 0.42 -3.26
C VAL A 78 -25.58 0.31 -1.76
N GLY A 79 -26.14 -0.80 -1.28
CA GLY A 79 -26.32 -0.97 0.14
C GLY A 79 -25.02 -0.94 0.90
N VAL A 80 -23.92 -1.37 0.28
CA VAL A 80 -22.65 -1.33 0.98
C VAL A 80 -22.23 0.11 1.24
N VAL A 81 -22.47 1.02 0.30
CA VAL A 81 -22.16 2.43 0.56
C VAL A 81 -23.15 3.03 1.54
N LEU A 82 -24.42 2.64 1.44
CA LEU A 82 -25.39 3.18 2.37
C LEU A 82 -25.05 2.78 3.81
N TRP A 83 -24.59 1.55 4.03
CA TRP A 83 -24.37 1.08 5.38
C TRP A 83 -22.95 1.29 5.89
N SER A 84 -21.95 1.49 5.03
CA SER A 84 -20.56 1.41 5.47
C SER A 84 -19.77 2.70 5.34
N GLN A 85 -20.44 3.85 5.27
CA GLN A 85 -19.74 5.11 5.44
C GLN A 85 -19.88 5.48 6.92
N SER A 86 -19.75 6.75 7.27
CA SER A 86 -19.81 7.20 8.66
C SER A 86 -20.79 8.37 8.77
N PRO A 87 -22.10 8.09 8.83
CA PRO A 87 -23.08 9.19 8.71
C PRO A 87 -22.90 10.28 9.74
N ARG A 88 -22.28 9.95 10.88
CA ARG A 88 -21.81 10.99 11.80
C ARG A 88 -21.13 12.13 11.05
N HIS A 89 -19.96 11.89 10.49
CA HIS A 89 -19.10 12.96 10.01
C HIS A 89 -19.38 13.43 8.59
N ILE A 90 -20.43 12.93 7.92
CA ILE A 90 -20.58 13.22 6.51
C ILE A 90 -20.76 14.71 6.31
N LYS A 91 -20.07 15.25 5.30
CA LYS A 91 -19.89 16.68 5.13
C LYS A 91 -20.03 17.11 3.66
N ASP A 92 -19.93 16.19 2.70
CA ASP A 92 -20.13 16.49 1.28
C ASP A 92 -20.97 15.37 0.68
N MET A 93 -22.27 15.62 0.54
CA MET A 93 -23.18 14.62 -0.01
C MET A 93 -23.03 14.44 -1.52
N GLU A 94 -22.44 15.41 -2.23
CA GLU A 94 -22.09 15.17 -3.63
C GLU A 94 -20.95 14.17 -3.75
N ALA A 95 -19.98 14.24 -2.83
CA ALA A 95 -18.95 13.20 -2.80
C ALA A 95 -19.57 11.86 -2.44
N PHE A 96 -20.64 11.87 -1.64
CA PHE A 96 -21.26 10.63 -1.22
C PHE A 96 -21.94 9.92 -2.40
N LYS A 97 -22.68 10.67 -3.21
CA LYS A 97 -23.31 10.08 -4.39
C LYS A 97 -22.28 9.59 -5.39
N ALA A 98 -21.16 10.29 -5.51
CA ALA A 98 -20.06 9.79 -6.34
C ALA A 98 -19.68 8.37 -5.93
N VAL A 99 -19.49 8.15 -4.62
CA VAL A 99 -19.10 6.83 -4.13
C VAL A 99 -20.22 5.82 -4.38
N CYS A 100 -21.47 6.21 -4.13
CA CYS A 100 -22.61 5.38 -4.50
C CYS A 100 -22.53 4.93 -5.95
N VAL A 101 -22.26 5.87 -6.86
CA VAL A 101 -22.24 5.56 -8.28
C VAL A 101 -21.01 4.73 -8.63
N LEU A 102 -19.83 5.18 -8.20
CA LEU A 102 -18.62 4.43 -8.48
C LEU A 102 -18.67 3.03 -7.87
N ASN A 103 -19.27 2.89 -6.69
CA ASN A 103 -19.30 1.57 -6.06
C ASN A 103 -20.22 0.62 -6.82
N CYS A 104 -21.39 1.09 -7.23
CA CYS A 104 -22.31 0.22 -7.96
C CYS A 104 -21.69 -0.24 -9.28
N VAL A 105 -21.12 0.69 -10.05
CA VAL A 105 -20.65 0.28 -11.37
C VAL A 105 -19.44 -0.63 -11.26
N THR A 106 -18.68 -0.53 -10.14
CA THR A 106 -17.60 -1.51 -9.94
C THR A 106 -18.16 -2.90 -9.76
N PHE A 107 -19.30 -3.03 -9.08
CA PHE A 107 -19.94 -4.34 -8.96
C PHE A 107 -20.19 -4.95 -10.34
N VAL A 108 -20.73 -4.15 -11.28
CA VAL A 108 -21.05 -4.67 -12.60
C VAL A 108 -19.78 -5.16 -13.29
N TRP A 109 -18.75 -4.32 -13.31
CA TRP A 109 -17.46 -4.70 -13.87
C TRP A 109 -16.90 -5.93 -13.18
N ASP A 110 -17.15 -6.08 -11.89
CA ASP A 110 -16.62 -7.21 -11.13
C ASP A 110 -17.33 -8.51 -11.48
N ASP A 111 -18.57 -8.42 -11.96
CA ASP A 111 -19.33 -9.60 -12.35
C ASP A 111 -19.17 -9.97 -13.83
N MET A 112 -18.56 -9.13 -14.65
CA MET A 112 -18.51 -9.33 -16.10
C MET A 112 -17.33 -10.20 -16.52
N ASP A 113 -17.49 -10.96 -17.62
CA ASP A 113 -16.35 -11.76 -18.09
C ASP A 113 -15.25 -10.85 -18.59
N PRO A 114 -13.97 -11.22 -18.41
CA PRO A 114 -12.87 -10.30 -18.77
C PRO A 114 -12.83 -9.87 -20.23
N ALA A 115 -13.72 -10.39 -21.08
CA ALA A 115 -13.75 -9.99 -22.48
C ALA A 115 -14.95 -9.08 -22.78
N LEU A 116 -15.90 -9.00 -21.85
CA LEU A 116 -16.87 -7.92 -21.88
C LEU A 116 -16.22 -6.56 -21.60
N HIS A 117 -15.17 -6.53 -20.78
CA HIS A 117 -14.51 -5.28 -20.39
C HIS A 117 -14.05 -4.51 -21.62
N ASP A 118 -14.54 -3.29 -21.79
CA ASP A 118 -14.01 -2.39 -22.81
C ASP A 118 -13.65 -1.07 -22.14
N PHE A 119 -12.36 -0.75 -22.12
CA PHE A 119 -11.89 0.45 -21.45
C PHE A 119 -12.20 1.70 -22.26
N GLY A 120 -12.14 1.61 -23.59
CA GLY A 120 -12.50 2.75 -24.42
C GLY A 120 -13.89 3.28 -24.12
N LEU A 121 -14.83 2.38 -23.85
CA LEU A 121 -16.21 2.78 -23.57
C LEU A 121 -16.47 3.11 -22.10
N PHE A 122 -15.78 2.45 -21.17
CA PHE A 122 -16.16 2.59 -19.76
C PHE A 122 -15.35 3.66 -19.03
N LEU A 123 -14.04 3.69 -19.21
CA LEU A 123 -13.20 4.74 -18.60
C LEU A 123 -13.71 6.15 -18.85
N PRO A 124 -14.19 6.53 -20.03
CA PRO A 124 -14.81 7.87 -20.15
C PRO A 124 -15.99 8.09 -19.22
N GLN A 125 -16.82 7.07 -18.98
CA GLN A 125 -17.92 7.22 -18.04
C GLN A 125 -17.39 7.45 -16.61
N LEU A 126 -16.33 6.73 -16.23
CA LEU A 126 -15.75 6.93 -14.90
C LEU A 126 -15.28 8.37 -14.72
N ARG A 127 -14.58 8.90 -15.72
CA ARG A 127 -14.14 10.30 -15.66
C ARG A 127 -15.33 11.25 -15.62
N LYS A 128 -16.36 10.97 -16.42
CA LYS A 128 -17.60 11.75 -16.42
C LYS A 128 -18.19 11.87 -15.00
N ILE A 129 -18.29 10.75 -14.29
CA ILE A 129 -18.81 10.76 -12.94
C ILE A 129 -17.94 11.62 -12.01
N CYS A 130 -16.61 11.38 -12.02
CA CYS A 130 -15.71 12.12 -11.14
C CYS A 130 -15.73 13.61 -11.45
N GLU A 131 -15.85 13.98 -12.72
CA GLU A 131 -15.96 15.38 -13.07
C GLU A 131 -17.30 15.97 -12.61
N LYS A 132 -18.33 15.12 -12.50
CA LYS A 132 -19.65 15.60 -12.08
C LYS A 132 -19.68 15.98 -10.60
N TYR A 133 -19.01 15.21 -9.75
CA TYR A 133 -19.25 15.26 -8.31
C TYR A 133 -18.10 15.84 -7.49
N TYR A 134 -16.89 15.97 -8.05
CA TYR A 134 -15.71 16.34 -7.28
C TYR A 134 -15.10 17.63 -7.81
N GLY A 135 -14.30 18.28 -6.97
CA GLY A 135 -13.40 19.32 -7.44
C GLY A 135 -12.28 18.72 -8.28
N PRO A 136 -11.54 19.56 -9.02
CA PRO A 136 -10.59 19.03 -10.02
C PRO A 136 -9.49 18.15 -9.43
N GLU A 137 -8.90 18.52 -8.29
CA GLU A 137 -7.88 17.66 -7.68
C GLU A 137 -8.46 16.32 -7.28
N ASP A 138 -9.54 16.33 -6.48
CA ASP A 138 -10.17 15.10 -6.02
C ASP A 138 -10.71 14.29 -7.19
N ALA A 139 -11.18 14.95 -8.25
CA ALA A 139 -11.69 14.20 -9.39
C ALA A 139 -10.56 13.38 -10.02
N GLU A 140 -9.37 13.97 -10.13
CA GLU A 140 -8.25 13.24 -10.68
C GLU A 140 -7.76 12.14 -9.74
N VAL A 141 -7.88 12.36 -8.42
CA VAL A 141 -7.51 11.32 -7.48
C VAL A 141 -8.53 10.19 -7.51
N ALA A 142 -9.81 10.54 -7.49
CA ALA A 142 -10.87 9.53 -7.57
C ALA A 142 -10.76 8.73 -8.88
N TYR A 143 -10.59 9.43 -10.00
CA TYR A 143 -10.61 8.73 -11.29
C TYR A 143 -9.39 7.81 -11.45
N GLU A 144 -8.19 8.29 -11.07
CA GLU A 144 -7.03 7.40 -11.10
C GLU A 144 -7.27 6.11 -10.31
N ALA A 145 -7.89 6.23 -9.13
CA ALA A 145 -8.14 5.05 -8.31
C ALA A 145 -9.21 4.16 -8.94
N ALA A 146 -10.21 4.75 -9.59
CA ALA A 146 -11.21 3.95 -10.31
C ALA A 146 -10.58 3.22 -11.48
N ARG A 147 -9.78 3.94 -12.28
CA ARG A 147 -9.04 3.33 -13.38
C ARG A 147 -8.16 2.19 -12.88
N ALA A 148 -7.43 2.42 -11.79
CA ALA A 148 -6.54 1.41 -11.23
C ALA A 148 -7.31 0.17 -10.81
N PHE A 149 -8.48 0.35 -10.18
CA PHE A 149 -9.26 -0.80 -9.73
C PHE A 149 -9.80 -1.62 -10.91
N VAL A 150 -10.42 -0.95 -11.90
CA VAL A 150 -11.02 -1.73 -12.99
C VAL A 150 -9.93 -2.38 -13.84
N THR A 151 -8.82 -1.68 -14.07
CA THR A 151 -7.67 -2.26 -14.76
C THR A 151 -7.12 -3.47 -14.01
N SER A 152 -7.04 -3.37 -12.69
CA SER A 152 -6.55 -4.49 -11.89
C SER A 152 -7.49 -5.68 -12.00
N ASP A 153 -8.79 -5.47 -11.81
CA ASP A 153 -9.74 -6.56 -11.92
C ASP A 153 -9.62 -7.26 -13.28
N HIS A 154 -9.43 -6.47 -14.36
CA HIS A 154 -9.37 -7.05 -15.69
C HIS A 154 -8.11 -7.88 -15.88
N MET A 155 -6.93 -7.31 -15.57
CA MET A 155 -5.70 -7.99 -15.95
C MET A 155 -5.41 -9.21 -15.08
N PHE A 156 -6.03 -9.32 -13.90
CA PHE A 156 -5.76 -10.48 -13.06
C PHE A 156 -6.74 -11.63 -13.26
N ARG A 157 -7.69 -11.54 -14.19
CA ARG A 157 -8.66 -12.62 -14.32
C ARG A 157 -7.94 -13.93 -14.65
N ASP A 158 -8.18 -14.94 -13.82
CA ASP A 158 -7.35 -16.17 -13.73
C ASP A 158 -5.92 -15.96 -14.24
N SER A 159 -5.18 -14.96 -13.60
CA SER A 159 -3.77 -14.59 -13.85
C SER A 159 -2.83 -15.49 -13.08
N PRO A 160 -1.60 -15.73 -13.55
CA PRO A 160 -0.62 -16.45 -12.73
C PRO A 160 -0.27 -15.72 -11.44
N ILE A 161 -0.29 -14.38 -11.48
CA ILE A 161 0.00 -13.60 -10.29
C ILE A 161 -1.06 -13.83 -9.23
N LYS A 162 -2.32 -13.70 -9.62
CA LYS A 162 -3.42 -13.89 -8.67
C LYS A 162 -3.39 -15.29 -8.07
N ALA A 163 -3.10 -16.31 -8.90
CA ALA A 163 -2.95 -17.67 -8.39
C ALA A 163 -1.87 -17.76 -7.34
N ALA A 164 -0.69 -17.23 -7.63
CA ALA A 164 0.39 -17.28 -6.65
C ALA A 164 0.02 -16.51 -5.38
N LEU A 165 -0.56 -15.33 -5.51
CA LEU A 165 -0.78 -14.48 -4.35
C LEU A 165 -1.94 -14.96 -3.49
N CYS A 166 -2.83 -15.80 -4.02
CA CYS A 166 -4.03 -16.21 -3.31
C CYS A 166 -3.95 -17.63 -2.76
N THR A 167 -3.00 -18.43 -3.21
CA THR A 167 -2.86 -19.77 -2.67
C THR A 167 -1.59 -19.93 -1.82
N THR A 168 -0.83 -18.86 -1.59
CA THR A 168 0.45 -19.05 -0.91
C THR A 168 0.34 -18.97 0.60
N SER A 169 -0.16 -17.86 1.12
CA SER A 169 -0.34 -17.64 2.55
C SER A 169 -1.36 -16.53 2.72
N PRO A 170 -1.92 -16.35 3.94
CA PRO A 170 -2.79 -15.20 4.16
C PRO A 170 -2.13 -13.87 3.82
N GLU A 171 -0.84 -13.72 4.13
CA GLU A 171 -0.18 -12.43 3.99
C GLU A 171 -0.01 -12.07 2.51
N GLN A 172 0.29 -13.04 1.65
CA GLN A 172 0.30 -12.74 0.21
C GLN A 172 -1.10 -12.38 -0.25
N TYR A 173 -2.10 -13.11 0.24
CA TYR A 173 -3.47 -12.90 -0.21
C TYR A 173 -3.98 -11.52 0.15
N PHE A 174 -3.88 -11.13 1.43
CA PHE A 174 -4.40 -9.83 1.81
C PHE A 174 -3.60 -8.72 1.11
N ARG A 175 -2.32 -8.94 0.84
CA ARG A 175 -1.55 -7.97 0.07
C ARG A 175 -2.19 -7.70 -1.30
N PHE A 176 -2.66 -8.75 -1.98
CA PHE A 176 -3.35 -8.57 -3.25
C PHE A 176 -4.67 -7.83 -3.06
N ARG A 177 -5.39 -8.16 -1.98
CA ARG A 177 -6.74 -7.64 -1.75
C ARG A 177 -6.78 -6.16 -1.44
N VAL A 178 -5.67 -5.57 -0.95
CA VAL A 178 -5.64 -4.13 -0.72
C VAL A 178 -6.15 -3.38 -1.95
N THR A 179 -5.68 -3.78 -3.13
CA THR A 179 -6.21 -3.23 -4.38
C THR A 179 -7.49 -3.94 -4.79
N ASP A 180 -7.49 -5.28 -4.70
CA ASP A 180 -8.44 -6.03 -5.52
C ASP A 180 -9.85 -6.01 -4.91
N ILE A 181 -9.96 -5.97 -3.58
CA ILE A 181 -11.29 -5.86 -2.98
C ILE A 181 -11.89 -4.47 -3.22
N GLY A 182 -11.06 -3.49 -3.57
CA GLY A 182 -11.55 -2.15 -3.82
C GLY A 182 -11.40 -1.16 -2.69
N VAL A 183 -10.72 -1.53 -1.59
CA VAL A 183 -10.69 -0.63 -0.44
C VAL A 183 -9.76 0.54 -0.69
N ASP A 184 -8.68 0.35 -1.45
CA ASP A 184 -7.83 1.51 -1.75
C ASP A 184 -8.58 2.52 -2.60
N PHE A 185 -9.34 2.03 -3.59
CA PHE A 185 -10.26 2.86 -4.38
C PHE A 185 -11.25 3.59 -3.47
N TRP A 186 -11.90 2.84 -2.58
CA TRP A 186 -12.88 3.41 -1.66
C TRP A 186 -12.34 4.62 -0.92
N MET A 187 -11.16 4.47 -0.32
CA MET A 187 -10.59 5.55 0.49
C MET A 187 -10.27 6.78 -0.36
N LYS A 188 -9.76 6.57 -1.57
CA LYS A 188 -9.34 7.66 -2.42
C LYS A 188 -10.52 8.36 -3.09
N MET A 189 -11.69 7.73 -3.11
CA MET A 189 -12.89 8.43 -3.54
C MET A 189 -13.72 8.97 -2.38
N SER A 190 -13.58 8.42 -1.18
CA SER A 190 -14.41 8.78 -0.04
C SER A 190 -13.84 9.91 0.82
N TYR A 191 -12.54 10.21 0.75
CA TYR A 191 -12.03 11.28 1.60
C TYR A 191 -12.65 12.64 1.31
N PRO A 192 -13.03 13.01 0.08
CA PRO A 192 -13.75 14.29 -0.08
C PRO A 192 -15.04 14.35 0.74
N ILE A 193 -15.62 13.22 1.11
CA ILE A 193 -16.85 13.22 1.90
C ILE A 193 -16.65 13.94 3.23
N TYR A 194 -15.45 13.82 3.83
CA TYR A 194 -15.19 14.26 5.19
C TYR A 194 -14.33 15.50 5.30
N ARG A 195 -13.53 15.82 4.27
CA ARG A 195 -12.59 16.93 4.33
C ARG A 195 -11.88 16.97 5.68
N HIS A 196 -11.35 15.82 6.12
CA HIS A 196 -10.53 15.78 7.32
C HIS A 196 -9.07 15.64 6.91
N PRO A 197 -8.27 16.68 7.06
CA PRO A 197 -6.86 16.64 6.60
C PRO A 197 -6.10 15.36 6.88
N GLU A 198 -6.13 14.85 8.11
CA GLU A 198 -5.35 13.65 8.40
C GLU A 198 -5.92 12.43 7.70
N PHE A 199 -7.26 12.31 7.63
CA PHE A 199 -7.84 11.15 6.96
C PHE A 199 -7.53 11.16 5.46
N THR A 200 -7.49 12.35 4.86
CA THR A 200 -7.15 12.46 3.46
C THR A 200 -5.72 11.97 3.23
N GLU A 201 -4.80 12.29 4.13
CA GLU A 201 -3.41 11.87 3.94
C GLU A 201 -3.27 10.37 4.11
N HIS A 202 -3.93 9.78 5.12
CA HIS A 202 -3.96 8.32 5.23
C HIS A 202 -4.58 7.67 3.99
N ALA A 203 -5.59 8.32 3.39
CA ALA A 203 -6.18 7.77 2.18
C ALA A 203 -5.18 7.79 1.02
N LYS A 204 -4.41 8.88 0.91
CA LYS A 204 -3.51 9.05 -0.21
C LYS A 204 -2.21 8.25 -0.07
N THR A 205 -1.76 7.94 1.16
CA THR A 205 -0.66 7.00 1.34
C THR A 205 -1.09 5.56 1.16
N SER A 206 -2.40 5.29 1.18
CA SER A 206 -3.02 3.97 1.26
C SER A 206 -2.86 3.31 2.63
N LEU A 207 -2.29 4.00 3.62
CA LEU A 207 -2.31 3.45 4.97
C LEU A 207 -3.74 3.14 5.40
N ALA A 208 -4.69 4.00 5.02
CA ALA A 208 -6.09 3.75 5.39
C ALA A 208 -6.58 2.43 4.82
N ALA A 209 -6.32 2.20 3.52
CA ALA A 209 -6.72 0.93 2.91
C ALA A 209 -6.04 -0.25 3.61
N ARG A 210 -4.74 -0.11 3.90
CA ARG A 210 -4.01 -1.22 4.49
C ARG A 210 -4.55 -1.54 5.87
N MET A 211 -4.91 -0.51 6.65
CA MET A 211 -5.45 -0.73 7.99
C MET A 211 -6.75 -1.51 7.94
N THR A 212 -7.58 -1.28 6.91
CA THR A 212 -8.93 -1.81 6.86
C THR A 212 -9.06 -3.06 5.98
N THR A 213 -7.99 -3.50 5.32
CA THR A 213 -8.13 -4.55 4.31
C THR A 213 -8.67 -5.84 4.92
N ARG A 214 -8.09 -6.30 6.03
CA ARG A 214 -8.45 -7.62 6.51
C ARG A 214 -9.84 -7.63 7.12
N GLY A 215 -10.25 -6.54 7.77
CA GLY A 215 -11.60 -6.50 8.32
C GLY A 215 -12.67 -6.67 7.26
N LEU A 216 -12.50 -5.99 6.11
CA LEU A 216 -13.45 -6.07 5.02
C LEU A 216 -13.37 -7.41 4.30
N THR A 217 -12.14 -7.83 3.97
CA THR A 217 -11.92 -9.00 3.13
C THR A 217 -12.35 -10.29 3.83
N ILE A 218 -12.01 -10.43 5.11
CA ILE A 218 -12.36 -11.66 5.81
C ILE A 218 -13.88 -11.83 5.84
N VAL A 219 -14.60 -10.75 6.08
CA VAL A 219 -16.07 -10.80 6.08
C VAL A 219 -16.59 -11.17 4.69
N ASN A 220 -16.15 -10.44 3.65
CA ASN A 220 -16.60 -10.75 2.29
C ASN A 220 -16.30 -12.19 1.91
N ASP A 221 -15.10 -12.66 2.20
CA ASP A 221 -14.73 -14.00 1.77
C ASP A 221 -15.62 -15.06 2.41
N PHE A 222 -16.03 -14.84 3.66
CA PHE A 222 -16.82 -15.89 4.29
C PHE A 222 -18.18 -16.01 3.62
N TYR A 223 -18.83 -14.89 3.35
CA TYR A 223 -20.19 -14.92 2.84
C TYR A 223 -20.28 -15.05 1.33
N SER A 224 -19.15 -15.05 0.62
CA SER A 224 -19.17 -15.25 -0.83
C SER A 224 -18.39 -16.50 -1.25
N TYR A 225 -17.95 -17.31 -0.28
CA TYR A 225 -17.18 -18.52 -0.61
C TYR A 225 -17.93 -19.43 -1.58
N ASP A 226 -19.16 -19.82 -1.24
CA ASP A 226 -19.88 -20.81 -2.05
C ASP A 226 -20.06 -20.32 -3.49
N ARG A 227 -20.44 -19.06 -3.67
CA ARG A 227 -20.56 -18.52 -5.02
C ARG A 227 -19.25 -18.62 -5.78
N GLU A 228 -18.15 -18.18 -5.18
CA GLU A 228 -16.90 -18.05 -5.93
C GLU A 228 -16.25 -19.40 -6.20
N VAL A 229 -16.43 -20.37 -5.30
CA VAL A 229 -15.91 -21.71 -5.54
C VAL A 229 -16.57 -22.32 -6.76
N SER A 230 -17.86 -22.01 -6.96
CA SER A 230 -18.62 -22.56 -8.06
C SER A 230 -18.26 -21.88 -9.37
N LEU A 231 -17.67 -20.69 -9.29
CA LEU A 231 -17.38 -19.92 -10.49
C LEU A 231 -15.92 -19.97 -10.87
N GLY A 232 -15.11 -20.71 -10.13
CA GLY A 232 -13.69 -20.74 -10.40
C GLY A 232 -12.98 -19.46 -10.01
N GLN A 233 -13.52 -18.74 -9.05
CA GLN A 233 -12.89 -17.53 -8.53
C GLN A 233 -12.02 -17.90 -7.31
N ILE A 234 -10.71 -17.70 -7.45
CA ILE A 234 -9.78 -18.12 -6.40
C ILE A 234 -9.59 -17.06 -5.33
N THR A 235 -10.11 -15.85 -5.52
CA THR A 235 -9.81 -14.72 -4.64
C THR A 235 -10.67 -14.80 -3.39
N ASN A 236 -10.24 -15.63 -2.45
CA ASN A 236 -11.03 -15.88 -1.23
C ASN A 236 -10.15 -16.61 -0.22
N CYS A 237 -9.84 -15.95 0.91
CA CYS A 237 -8.88 -16.52 1.86
C CYS A 237 -9.34 -17.85 2.42
N PHE A 238 -10.64 -18.11 2.47
CA PHE A 238 -11.05 -19.38 3.05
C PHE A 238 -10.74 -20.56 2.14
N ARG A 239 -10.41 -20.32 0.87
CA ARG A 239 -9.87 -21.41 0.05
C ARG A 239 -8.48 -21.83 0.51
N LEU A 240 -7.84 -21.08 1.42
CA LEU A 240 -6.60 -21.53 2.01
C LEU A 240 -6.80 -22.60 3.07
N CYS A 241 -7.97 -22.67 3.70
CA CYS A 241 -8.20 -23.68 4.73
C CYS A 241 -9.00 -24.84 4.15
N ASP A 242 -9.04 -25.94 4.90
CA ASP A 242 -9.80 -27.12 4.50
C ASP A 242 -11.18 -26.99 5.13
N VAL A 243 -12.11 -26.40 4.38
CA VAL A 243 -13.43 -26.10 4.89
C VAL A 243 -14.20 -27.37 5.26
N SER A 244 -13.77 -28.53 4.75
CA SER A 244 -14.44 -29.79 5.10
C SER A 244 -13.92 -30.32 6.44
N ASP A 245 -13.03 -29.58 7.08
CA ASP A 245 -12.55 -29.95 8.41
C ASP A 245 -12.91 -28.85 9.39
N GLU A 246 -14.03 -29.02 10.10
CA GLU A 246 -14.47 -28.05 11.09
C GLU A 246 -13.38 -27.66 12.07
N THR A 247 -12.55 -28.62 12.49
CA THR A 247 -11.37 -28.28 13.27
C THR A 247 -10.50 -27.27 12.52
N ALA A 248 -10.11 -27.61 11.30
CA ALA A 248 -9.20 -26.74 10.55
C ALA A 248 -9.85 -25.42 10.20
N PHE A 249 -11.17 -25.43 9.95
CA PHE A 249 -11.87 -24.18 9.72
C PHE A 249 -11.91 -23.33 10.98
N LYS A 250 -12.49 -23.87 12.06
CA LYS A 250 -12.62 -23.09 13.29
C LYS A 250 -11.28 -22.49 13.74
N GLU A 251 -10.18 -23.21 13.50
CA GLU A 251 -8.87 -22.69 13.88
C GLU A 251 -8.38 -21.64 12.88
N PHE A 252 -8.70 -21.83 11.60
CA PHE A 252 -8.39 -20.81 10.61
C PHE A 252 -9.24 -19.57 10.81
N PHE A 253 -10.55 -19.77 11.02
CA PHE A 253 -11.44 -18.65 11.33
C PHE A 253 -10.98 -17.93 12.59
N GLN A 254 -10.44 -18.66 13.57
CA GLN A 254 -9.90 -17.99 14.76
C GLN A 254 -8.73 -17.08 14.40
N ALA A 255 -7.77 -17.57 13.62
CA ALA A 255 -6.63 -16.73 13.24
C ALA A 255 -7.09 -15.48 12.48
N ARG A 256 -8.05 -15.62 11.55
CA ARG A 256 -8.61 -14.45 10.86
C ARG A 256 -9.32 -13.51 11.83
N LEU A 257 -10.06 -14.05 12.79
CA LEU A 257 -10.63 -13.22 13.84
C LEU A 257 -9.57 -12.42 14.56
N ASP A 258 -8.47 -13.08 14.96
CA ASP A 258 -7.39 -12.37 15.63
C ASP A 258 -6.80 -11.29 14.73
N ASP A 259 -6.70 -11.56 13.43
CA ASP A 259 -6.26 -10.54 12.50
C ASP A 259 -7.15 -9.31 12.59
N MET A 260 -8.47 -9.51 12.52
CA MET A 260 -9.43 -8.40 12.62
C MET A 260 -9.26 -7.64 13.94
N ILE A 261 -9.14 -8.37 15.05
CA ILE A 261 -9.03 -7.73 16.37
C ILE A 261 -7.76 -6.90 16.46
N GLU A 262 -6.66 -7.44 15.94
CA GLU A 262 -5.39 -6.72 16.00
C GLU A 262 -5.45 -5.44 15.19
N ASP A 263 -6.00 -5.52 13.98
CA ASP A 263 -6.20 -4.33 13.15
C ASP A 263 -7.07 -3.31 13.88
N ILE A 264 -8.16 -3.77 14.48
CA ILE A 264 -9.12 -2.85 15.06
C ILE A 264 -8.52 -2.13 16.28
N GLU A 265 -7.77 -2.85 17.13
CA GLU A 265 -7.07 -2.16 18.22
C GLU A 265 -6.06 -1.14 17.70
N CYS A 266 -5.31 -1.48 16.64
CA CYS A 266 -4.33 -0.53 16.11
C CYS A 266 -5.01 0.69 15.51
N ILE A 267 -6.16 0.51 14.87
CA ILE A 267 -6.90 1.66 14.34
C ILE A 267 -7.22 2.65 15.45
N LYS A 268 -7.50 2.15 16.66
CA LYS A 268 -7.88 3.03 17.76
C LYS A 268 -6.80 4.06 18.11
N ALA A 269 -5.55 3.85 17.70
CA ALA A 269 -4.51 4.85 17.89
C ALA A 269 -4.61 5.99 16.89
N PHE A 270 -5.36 5.80 15.80
CA PHE A 270 -5.63 6.90 14.89
C PHE A 270 -6.50 7.95 15.56
N ASP A 271 -6.60 9.10 14.92
CA ASP A 271 -7.37 10.20 15.50
C ASP A 271 -8.85 9.86 15.49
N GLN A 272 -9.60 10.62 16.28
CA GLN A 272 -10.97 10.29 16.60
C GLN A 272 -11.86 10.18 15.35
N LEU A 273 -11.88 11.21 14.52
CA LEU A 273 -12.68 11.13 13.31
C LEU A 273 -12.19 10.00 12.40
N THR A 274 -10.88 9.94 12.14
CA THR A 274 -10.37 8.91 11.23
C THR A 274 -10.73 7.51 11.72
N GLN A 275 -10.52 7.24 13.01
CA GLN A 275 -10.84 5.91 13.55
C GLN A 275 -12.33 5.61 13.47
N ASP A 276 -13.18 6.65 13.56
CA ASP A 276 -14.61 6.45 13.35
C ASP A 276 -14.89 5.96 11.94
N VAL A 277 -14.33 6.64 10.94
CA VAL A 277 -14.57 6.24 9.56
C VAL A 277 -14.10 4.80 9.30
N PHE A 278 -12.85 4.51 9.67
CA PHE A 278 -12.30 3.15 9.54
C PHE A 278 -13.22 2.11 10.16
N LEU A 279 -13.60 2.31 11.42
CA LEU A 279 -14.38 1.29 12.11
C LEU A 279 -15.79 1.18 11.54
N ASP A 280 -16.42 2.32 11.21
CA ASP A 280 -17.76 2.21 10.61
C ASP A 280 -17.68 1.56 9.24
N LEU A 281 -16.57 1.73 8.54
CA LEU A 281 -16.39 1.00 7.29
C LEU A 281 -16.39 -0.51 7.54
N ILE A 282 -15.56 -0.98 8.46
CA ILE A 282 -15.46 -2.43 8.66
C ILE A 282 -16.78 -2.98 9.19
N TYR A 283 -17.34 -2.34 10.21
CA TYR A 283 -18.57 -2.81 10.81
C TYR A 283 -19.76 -2.61 9.85
N GLY A 284 -19.83 -1.45 9.21
CA GLY A 284 -20.89 -1.21 8.24
C GLY A 284 -20.93 -2.26 7.16
N ASN A 285 -19.74 -2.67 6.67
CA ASN A 285 -19.71 -3.69 5.63
C ASN A 285 -20.23 -5.03 6.13
N PHE A 286 -19.97 -5.36 7.39
CA PHE A 286 -20.46 -6.62 7.93
C PHE A 286 -21.99 -6.64 8.01
N VAL A 287 -22.61 -5.53 8.44
CA VAL A 287 -24.07 -5.48 8.53
C VAL A 287 -24.70 -5.58 7.14
N TRP A 288 -24.26 -4.73 6.22
CA TRP A 288 -24.77 -4.82 4.86
C TRP A 288 -24.57 -6.23 4.29
N THR A 289 -23.36 -6.78 4.46
CA THR A 289 -23.05 -8.07 3.85
C THR A 289 -23.96 -9.17 4.36
N THR A 290 -24.25 -9.18 5.66
CA THR A 290 -25.08 -10.23 6.25
C THR A 290 -26.56 -10.03 5.99
N SER A 291 -26.95 -8.85 5.51
CA SER A 291 -28.34 -8.46 5.34
C SER A 291 -28.84 -8.54 3.91
N ASN A 292 -27.94 -8.49 2.92
CA ASN A 292 -28.30 -8.15 1.56
C ASN A 292 -28.45 -9.39 0.69
N LYS A 293 -29.36 -9.31 -0.31
CA LYS A 293 -29.59 -10.45 -1.19
C LYS A 293 -28.31 -10.92 -1.89
N ARG A 294 -27.34 -10.01 -2.07
CA ARG A 294 -26.08 -10.40 -2.72
C ARG A 294 -25.43 -11.59 -2.05
N TYR A 295 -25.50 -11.69 -0.71
CA TYR A 295 -24.79 -12.73 0.03
C TYR A 295 -25.76 -13.64 0.76
N LYS A 296 -26.77 -14.14 0.05
CA LYS A 296 -27.64 -15.16 0.59
C LYS A 296 -27.75 -16.39 -0.32
N THR A 297 -27.57 -16.23 -1.63
CA THR A 297 -27.50 -17.37 -2.54
C THR A 297 -26.40 -17.18 -3.58
N ALA A 298 -25.75 -18.31 -3.90
CA ALA A 298 -24.68 -18.35 -4.91
C ALA A 298 -25.04 -17.63 -6.20
N ILE B 13 16.68 -1.41 23.76
CA ILE B 13 16.98 -0.10 23.21
C ILE B 13 18.08 0.62 24.02
N GLY B 14 18.56 1.76 23.48
CA GLY B 14 19.53 2.61 24.15
C GLY B 14 20.91 2.65 23.50
N ARG B 15 21.85 1.88 24.04
CA ARG B 15 23.09 1.59 23.34
C ARG B 15 23.11 0.14 22.86
N SER B 16 21.95 -0.38 22.46
CA SER B 16 21.84 -1.74 21.96
C SER B 16 22.33 -1.77 20.52
N SER B 17 22.46 -2.99 20.01
CA SER B 17 23.30 -3.20 18.85
C SER B 17 23.12 -4.63 18.37
N VAL B 18 23.25 -4.80 17.05
CA VAL B 18 23.29 -6.13 16.46
C VAL B 18 24.69 -6.47 15.97
N ARG B 19 25.69 -5.70 16.40
CA ARG B 19 27.08 -5.99 16.12
C ARG B 19 27.47 -7.47 16.28
N PRO B 20 27.09 -8.18 17.36
CA PRO B 20 27.55 -9.57 17.47
C PRO B 20 27.14 -10.42 16.30
N TYR B 21 26.00 -10.13 15.67
CA TYR B 21 25.49 -10.92 14.57
C TYR B 21 25.90 -10.38 13.21
N LEU B 22 26.63 -9.27 13.17
CA LEU B 22 26.89 -8.61 11.88
C LEU B 22 27.44 -9.59 10.86
N GLU B 23 28.31 -10.49 11.32
CA GLU B 23 29.03 -11.34 10.40
C GLU B 23 28.18 -12.50 9.89
N GLU B 24 27.50 -13.20 10.79
CA GLU B 24 26.78 -14.37 10.34
C GLU B 24 25.54 -13.95 9.54
N CYS B 25 25.00 -12.77 9.83
CA CYS B 25 23.75 -12.39 9.19
C CYS B 25 23.99 -11.92 7.77
N THR B 26 25.04 -11.13 7.55
CA THR B 26 25.41 -10.76 6.19
C THR B 26 25.60 -12.00 5.32
N ARG B 27 26.29 -13.00 5.85
CA ARG B 27 26.48 -14.24 5.13
C ARG B 27 25.16 -15.00 4.96
N ARG B 28 24.30 -14.92 5.97
CA ARG B 28 22.96 -15.50 5.91
C ARG B 28 22.13 -14.84 4.81
N PHE B 29 22.15 -13.51 4.75
CA PHE B 29 21.48 -12.81 3.67
C PHE B 29 22.04 -13.24 2.32
N GLN B 30 23.37 -13.27 2.23
CA GLN B 30 24.03 -13.57 0.96
C GLN B 30 23.60 -14.94 0.44
N GLU B 31 23.62 -15.94 1.30
CA GLU B 31 23.26 -17.28 0.83
C GLU B 31 21.79 -17.38 0.48
N MET B 32 20.96 -16.51 1.05
CA MET B 32 19.55 -16.50 0.66
C MET B 32 19.41 -15.98 -0.76
N PHE B 33 20.08 -14.88 -1.09
CA PHE B 33 20.07 -14.38 -2.46
C PHE B 33 20.68 -15.39 -3.44
N ASP B 34 21.76 -16.11 -3.04
CA ASP B 34 22.36 -17.11 -3.93
C ASP B 34 21.40 -18.23 -4.27
N ARG B 35 20.58 -18.65 -3.30
CA ARG B 35 19.66 -19.74 -3.57
C ARG B 35 18.42 -19.27 -4.33
N HIS B 36 17.80 -18.18 -3.89
CA HIS B 36 16.46 -17.83 -4.33
C HIS B 36 16.39 -16.75 -5.40
N VAL B 37 17.40 -15.89 -5.53
CA VAL B 37 17.39 -14.83 -6.52
C VAL B 37 18.34 -15.12 -7.67
N VAL B 38 19.55 -15.57 -7.36
CA VAL B 38 20.53 -16.06 -8.32
C VAL B 38 21.16 -14.89 -9.06
N THR B 39 20.40 -14.28 -9.97
CA THR B 39 20.90 -13.18 -10.78
C THR B 39 21.37 -12.01 -9.91
N ARG B 40 22.57 -11.51 -10.20
CA ARG B 40 23.22 -10.48 -9.41
C ARG B 40 22.84 -9.09 -9.92
N PRO B 41 22.72 -8.09 -9.05
CA PRO B 41 22.53 -6.72 -9.52
C PRO B 41 23.79 -6.23 -10.20
N THR B 42 23.69 -5.09 -10.86
CA THR B 42 24.84 -4.45 -11.52
C THR B 42 24.65 -2.95 -11.51
N LYS B 43 25.66 -2.24 -11.01
CA LYS B 43 25.56 -0.80 -10.76
C LYS B 43 25.57 0.01 -12.05
N VAL B 44 24.70 1.02 -12.13
CA VAL B 44 24.79 2.01 -13.19
C VAL B 44 25.82 3.06 -12.79
N GLU B 45 26.74 3.36 -13.69
CA GLU B 45 27.76 4.36 -13.39
C GLU B 45 27.31 5.69 -13.97
N LEU B 46 27.40 6.74 -13.18
CA LEU B 46 27.14 8.08 -13.69
C LEU B 46 28.46 8.80 -13.91
N THR B 47 28.56 9.53 -15.03
CA THR B 47 29.77 10.28 -15.30
C THR B 47 29.95 11.38 -14.29
N ASP B 48 31.07 12.07 -14.37
CA ASP B 48 31.27 13.22 -13.50
C ASP B 48 30.25 14.29 -13.86
N ALA B 49 29.91 14.41 -15.15
CA ALA B 49 29.02 15.46 -15.63
C ALA B 49 27.55 15.19 -15.32
N GLU B 50 27.15 13.92 -15.22
CA GLU B 50 25.78 13.63 -14.83
C GLU B 50 25.63 13.65 -13.32
N LEU B 51 26.65 13.19 -12.60
CA LEU B 51 26.67 13.29 -11.15
C LEU B 51 26.52 14.74 -10.70
N ARG B 52 27.30 15.66 -11.29
CA ARG B 52 27.16 17.07 -10.93
C ARG B 52 25.84 17.68 -11.40
N GLU B 53 25.25 17.16 -12.48
CA GLU B 53 23.89 17.57 -12.79
C GLU B 53 22.94 17.14 -11.67
N VAL B 54 23.08 15.89 -11.21
CA VAL B 54 22.29 15.40 -10.10
C VAL B 54 22.48 16.28 -8.87
N ILE B 55 23.74 16.46 -8.44
CA ILE B 55 24.02 17.11 -7.16
C ILE B 55 23.69 18.61 -7.21
N ASP B 56 23.89 19.26 -8.35
CA ASP B 56 23.36 20.61 -8.51
C ASP B 56 21.86 20.62 -8.27
N ASP B 57 21.13 19.75 -8.98
CA ASP B 57 19.71 19.63 -8.73
C ASP B 57 19.41 19.32 -7.27
N CYS B 58 20.31 18.61 -6.60
CA CYS B 58 20.06 18.23 -5.21
C CYS B 58 20.20 19.43 -4.27
N ASN B 59 21.26 20.22 -4.45
CA ASN B 59 21.47 21.37 -3.58
C ASN B 59 20.42 22.44 -3.81
N ALA B 60 20.10 22.70 -5.08
CA ALA B 60 19.03 23.64 -5.39
C ALA B 60 17.75 23.26 -4.66
N ALA B 61 17.47 21.96 -4.57
CA ALA B 61 16.22 21.54 -3.95
C ALA B 61 16.22 21.81 -2.46
N VAL B 62 17.38 21.65 -1.80
CA VAL B 62 17.43 21.82 -0.36
C VAL B 62 17.95 23.19 0.07
N ALA B 63 18.34 24.05 -0.87
CA ALA B 63 18.82 25.38 -0.51
C ALA B 63 17.81 26.20 0.29
N PRO B 64 16.51 26.19 -0.04
CA PRO B 64 15.56 26.88 0.84
C PRO B 64 15.57 26.38 2.27
N LEU B 65 15.95 25.12 2.51
CA LEU B 65 15.84 24.53 3.84
C LEU B 65 16.97 24.95 4.78
N GLY B 66 18.01 25.60 4.25
CA GLY B 66 19.02 26.25 5.06
C GLY B 66 19.94 25.34 5.85
N LYS B 67 20.20 24.17 5.29
CA LYS B 67 21.20 23.24 5.83
C LYS B 67 22.10 22.84 4.70
N THR B 68 23.40 23.05 4.86
CA THR B 68 24.34 22.60 3.84
C THR B 68 24.51 21.09 3.91
N VAL B 69 24.55 20.44 2.75
CA VAL B 69 24.83 19.01 2.71
C VAL B 69 25.97 18.74 1.74
N SER B 70 26.85 17.83 2.15
CA SER B 70 28.14 17.59 1.56
C SER B 70 28.05 16.71 0.31
N ASP B 71 29.03 16.87 -0.57
CA ASP B 71 29.06 16.07 -1.80
C ASP B 71 29.23 14.59 -1.48
N GLU B 72 30.17 14.27 -0.57
CA GLU B 72 30.30 12.90 -0.09
C GLU B 72 28.97 12.37 0.42
N ARG B 73 28.17 13.23 1.06
CA ARG B 73 26.90 12.80 1.62
C ARG B 73 25.85 12.59 0.53
N TRP B 74 25.87 13.42 -0.52
CA TRP B 74 24.99 13.19 -1.67
C TRP B 74 25.26 11.83 -2.29
N ILE B 75 26.54 11.50 -2.47
CA ILE B 75 26.96 10.29 -3.16
C ILE B 75 26.67 9.04 -2.33
N SER B 76 26.66 9.18 -1.01
CA SER B 76 26.16 8.11 -0.16
C SER B 76 24.70 7.80 -0.48
N TYR B 77 23.87 8.83 -0.54
CA TYR B 77 22.47 8.65 -0.89
C TYR B 77 22.32 7.99 -2.27
N VAL B 78 22.99 8.56 -3.28
CA VAL B 78 22.70 8.16 -4.65
C VAL B 78 23.07 6.70 -4.91
N GLY B 79 23.89 6.11 -4.03
CA GLY B 79 24.32 4.74 -4.25
C GLY B 79 23.17 3.76 -4.35
N VAL B 80 22.11 3.95 -3.55
CA VAL B 80 20.98 3.02 -3.61
C VAL B 80 20.37 3.02 -5.01
N VAL B 81 20.26 4.17 -5.66
CA VAL B 81 19.64 4.21 -6.98
C VAL B 81 20.60 3.65 -8.03
N LEU B 82 21.89 3.94 -7.89
CA LEU B 82 22.86 3.39 -8.83
C LEU B 82 22.88 1.87 -8.76
N TRP B 83 22.63 1.31 -7.57
CA TRP B 83 22.72 -0.13 -7.35
C TRP B 83 21.41 -0.88 -7.49
N SER B 84 20.26 -0.25 -7.29
CA SER B 84 19.04 -1.02 -7.05
C SER B 84 17.99 -0.84 -8.13
N GLN B 85 18.28 -0.12 -9.21
CA GLN B 85 17.45 -0.17 -10.40
C GLN B 85 17.82 -1.44 -11.18
N SER B 86 17.37 -1.58 -12.43
CA SER B 86 17.51 -2.80 -13.21
C SER B 86 18.10 -2.46 -14.58
N PRO B 87 19.43 -2.33 -14.67
CA PRO B 87 20.04 -1.85 -15.92
C PRO B 87 19.76 -2.73 -17.11
N ARG B 88 19.38 -3.99 -16.92
CA ARG B 88 18.98 -4.82 -18.05
C ARG B 88 17.78 -4.23 -18.79
N HIS B 89 17.04 -3.32 -18.18
CA HIS B 89 15.78 -2.87 -18.77
C HIS B 89 15.65 -1.36 -18.84
N ILE B 90 16.63 -0.59 -18.36
CA ILE B 90 16.50 0.85 -18.37
C ILE B 90 16.36 1.36 -19.80
N LYS B 91 15.38 2.22 -20.03
CA LYS B 91 15.19 2.87 -21.32
C LYS B 91 15.18 4.39 -21.25
N ASP B 92 14.95 4.98 -20.08
CA ASP B 92 14.88 6.44 -19.97
C ASP B 92 15.86 6.93 -18.91
N MET B 93 17.04 7.36 -19.36
CA MET B 93 18.07 7.86 -18.45
C MET B 93 17.74 9.25 -17.90
N GLU B 94 16.67 9.89 -18.37
CA GLU B 94 16.27 11.16 -17.76
C GLU B 94 15.33 10.91 -16.58
N ALA B 95 14.42 9.95 -16.71
CA ALA B 95 13.67 9.49 -15.55
C ALA B 95 14.61 8.86 -14.51
N PHE B 96 15.67 8.19 -14.97
CA PHE B 96 16.68 7.68 -14.05
C PHE B 96 17.30 8.81 -13.24
N LYS B 97 17.76 9.87 -13.92
CA LYS B 97 18.36 10.98 -13.22
C LYS B 97 17.38 11.62 -12.24
N ALA B 98 16.10 11.63 -12.60
CA ALA B 98 15.07 12.12 -11.68
C ALA B 98 15.03 11.31 -10.40
N VAL B 99 15.04 9.97 -10.51
CA VAL B 99 15.01 9.14 -9.32
C VAL B 99 16.25 9.39 -8.45
N CYS B 100 17.39 9.62 -9.08
CA CYS B 100 18.59 9.95 -8.30
C CYS B 100 18.38 11.21 -7.49
N VAL B 101 17.84 12.26 -8.13
CA VAL B 101 17.65 13.53 -7.46
C VAL B 101 16.58 13.41 -6.37
N LEU B 102 15.41 12.87 -6.73
CA LEU B 102 14.31 12.76 -5.78
C LEU B 102 14.69 11.87 -4.61
N ASN B 103 15.34 10.74 -4.87
CA ASN B 103 15.71 9.87 -3.77
C ASN B 103 16.67 10.59 -2.85
N CYS B 104 17.66 11.28 -3.42
CA CYS B 104 18.64 12.00 -2.62
C CYS B 104 17.99 13.06 -1.74
N VAL B 105 17.10 13.87 -2.31
CA VAL B 105 16.61 15.00 -1.53
C VAL B 105 15.65 14.53 -0.45
N THR B 106 15.00 13.38 -0.64
CA THR B 106 14.16 12.87 0.44
C THR B 106 14.97 12.15 1.51
N PHE B 107 16.11 11.57 1.15
CA PHE B 107 17.08 11.13 2.15
C PHE B 107 17.37 12.26 3.15
N VAL B 108 17.79 13.41 2.64
CA VAL B 108 18.08 14.57 3.49
C VAL B 108 16.92 14.83 4.43
N TRP B 109 15.71 14.87 3.87
CA TRP B 109 14.51 15.11 4.67
C TRP B 109 14.37 14.07 5.78
N ASP B 110 14.54 12.80 5.42
CA ASP B 110 14.48 11.72 6.39
C ASP B 110 15.52 11.90 7.50
N ASP B 111 16.64 12.53 7.16
CA ASP B 111 17.75 12.77 8.08
C ASP B 111 17.61 14.08 8.86
N MET B 112 16.48 14.75 8.80
CA MET B 112 16.33 16.10 9.33
C MET B 112 15.35 16.10 10.49
N ASP B 113 15.60 16.95 11.48
CA ASP B 113 14.61 17.18 12.52
C ASP B 113 13.38 17.82 11.89
N PRO B 114 12.19 17.61 12.44
CA PRO B 114 10.99 18.23 11.85
C PRO B 114 11.03 19.75 11.85
N ALA B 115 11.85 20.37 12.72
CA ALA B 115 11.91 21.83 12.78
C ALA B 115 12.39 22.43 11.46
N LEU B 116 12.94 21.61 10.57
CA LEU B 116 13.45 22.04 9.28
C LEU B 116 12.58 21.61 8.13
N HIS B 117 11.34 21.23 8.39
CA HIS B 117 10.50 20.60 7.38
C HIS B 117 9.50 21.60 6.81
N ASP B 118 9.99 22.65 6.15
CA ASP B 118 9.09 23.65 5.57
C ASP B 118 8.67 23.16 4.19
N PHE B 119 7.39 22.80 4.07
CA PHE B 119 6.87 22.35 2.78
C PHE B 119 6.86 23.49 1.76
N GLY B 120 6.37 24.67 2.16
CA GLY B 120 6.30 25.78 1.22
C GLY B 120 7.61 26.09 0.54
N LEU B 121 8.73 25.85 1.23
CA LEU B 121 10.05 26.07 0.68
C LEU B 121 10.58 24.86 -0.09
N PHE B 122 10.24 23.64 0.34
CA PHE B 122 10.82 22.45 -0.25
C PHE B 122 9.96 21.85 -1.37
N LEU B 123 8.64 21.77 -1.15
CA LEU B 123 7.74 21.19 -2.14
C LEU B 123 7.84 21.82 -3.52
N PRO B 124 7.86 23.15 -3.68
CA PRO B 124 8.13 23.69 -5.03
C PRO B 124 9.39 23.13 -5.66
N GLN B 125 10.43 22.88 -4.87
CA GLN B 125 11.66 22.31 -5.46
C GLN B 125 11.41 20.89 -5.98
N LEU B 126 10.64 20.09 -5.24
CA LEU B 126 10.28 18.77 -5.73
C LEU B 126 9.56 18.88 -7.07
N ARG B 127 8.53 19.73 -7.15
CA ARG B 127 7.78 19.88 -8.40
C ARG B 127 8.70 20.31 -9.54
N LYS B 128 9.67 21.19 -9.25
CA LYS B 128 10.62 21.64 -10.27
C LYS B 128 11.51 20.49 -10.76
N ILE B 129 11.88 19.56 -9.86
CA ILE B 129 12.63 18.38 -10.29
C ILE B 129 11.77 17.51 -11.20
N CYS B 130 10.51 17.29 -10.81
CA CYS B 130 9.63 16.37 -11.52
C CYS B 130 9.25 16.89 -12.91
N GLU B 131 8.96 18.18 -13.00
CA GLU B 131 8.57 18.74 -14.30
C GLU B 131 9.77 18.93 -15.20
N LYS B 132 10.99 18.88 -14.65
CA LYS B 132 12.16 18.91 -15.51
C LYS B 132 12.41 17.57 -16.19
N TYR B 133 12.14 16.47 -15.50
CA TYR B 133 12.59 15.17 -15.97
C TYR B 133 11.51 14.26 -16.53
N TYR B 134 10.24 14.51 -16.22
CA TYR B 134 9.15 13.66 -16.65
C TYR B 134 8.22 14.42 -17.58
N GLY B 135 7.42 13.67 -18.33
CA GLY B 135 6.31 14.24 -19.04
C GLY B 135 5.22 14.70 -18.11
N PRO B 136 4.17 15.30 -18.66
CA PRO B 136 3.13 15.92 -17.82
C PRO B 136 2.50 14.99 -16.80
N GLU B 137 1.98 13.84 -17.23
CA GLU B 137 1.28 13.00 -16.28
C GLU B 137 2.26 12.31 -15.31
N ASP B 138 3.40 11.84 -15.81
CA ASP B 138 4.39 11.21 -14.95
C ASP B 138 4.89 12.19 -13.89
N ALA B 139 5.09 13.45 -14.28
CA ALA B 139 5.51 14.47 -13.32
C ALA B 139 4.53 14.56 -12.14
N GLU B 140 3.23 14.51 -12.44
CA GLU B 140 2.24 14.61 -11.36
C GLU B 140 2.27 13.38 -10.46
N VAL B 141 2.51 12.20 -11.05
CA VAL B 141 2.56 10.96 -10.26
C VAL B 141 3.78 10.96 -9.38
N ALA B 142 4.94 11.29 -9.96
CA ALA B 142 6.16 11.40 -9.16
C ALA B 142 5.99 12.44 -8.05
N TYR B 143 5.33 13.55 -8.33
CA TYR B 143 5.22 14.61 -7.33
C TYR B 143 4.32 14.19 -6.17
N GLU B 144 3.16 13.60 -6.48
CA GLU B 144 2.26 13.19 -5.41
C GLU B 144 2.93 12.17 -4.52
N ALA B 145 3.70 11.25 -5.10
CA ALA B 145 4.38 10.23 -4.32
C ALA B 145 5.49 10.85 -3.46
N ALA B 146 6.22 11.83 -3.99
CA ALA B 146 7.24 12.51 -3.19
C ALA B 146 6.60 13.28 -2.05
N ARG B 147 5.55 14.05 -2.35
CA ARG B 147 4.86 14.84 -1.34
C ARG B 147 4.31 13.94 -0.24
N ALA B 148 3.65 12.85 -0.61
CA ALA B 148 3.11 11.95 0.39
C ALA B 148 4.21 11.38 1.27
N PHE B 149 5.38 11.04 0.68
CA PHE B 149 6.46 10.47 1.46
C PHE B 149 6.99 11.44 2.51
N VAL B 150 7.37 12.66 2.07
CA VAL B 150 7.97 13.59 3.03
C VAL B 150 6.92 14.09 4.02
N THR B 151 5.66 14.18 3.58
CA THR B 151 4.56 14.46 4.51
C THR B 151 4.37 13.33 5.52
N SER B 152 4.51 12.08 5.08
CA SER B 152 4.42 10.98 6.03
C SER B 152 5.58 11.00 7.00
N ASP B 153 6.79 11.22 6.50
CA ASP B 153 7.94 11.25 7.39
C ASP B 153 7.75 12.29 8.48
N HIS B 154 7.12 13.41 8.13
CA HIS B 154 6.91 14.51 9.08
C HIS B 154 5.76 14.22 10.02
N MET B 155 4.62 13.81 9.46
CA MET B 155 3.45 13.43 10.23
C MET B 155 3.82 12.59 11.44
N PHE B 156 4.62 11.55 11.23
CA PHE B 156 4.71 10.49 12.21
C PHE B 156 5.88 10.61 13.19
N ARG B 157 6.68 11.70 13.14
CA ARG B 157 7.98 11.74 13.82
C ARG B 157 7.93 11.21 15.26
N ASP B 158 6.89 11.57 16.01
CA ASP B 158 6.73 11.04 17.37
C ASP B 158 5.28 10.63 17.63
N SER B 159 4.45 10.50 16.56
CA SER B 159 3.02 10.33 16.72
C SER B 159 2.68 8.98 17.34
N PRO B 160 1.74 8.94 18.29
CA PRO B 160 1.36 7.66 18.88
C PRO B 160 0.94 6.63 17.84
N ILE B 161 0.54 7.07 16.64
CA ILE B 161 0.18 6.12 15.59
C ILE B 161 1.39 5.28 15.18
N LYS B 162 2.52 5.93 14.91
CA LYS B 162 3.71 5.19 14.55
C LYS B 162 4.09 4.17 15.63
N ALA B 163 3.97 4.55 16.90
CA ALA B 163 4.30 3.63 17.99
C ALA B 163 3.37 2.42 17.99
N ALA B 164 2.10 2.62 17.64
CA ALA B 164 1.15 1.52 17.56
C ALA B 164 1.56 0.50 16.50
N LEU B 165 1.78 0.95 15.26
CA LEU B 165 2.13 0.03 14.19
C LEU B 165 3.53 -0.54 14.35
N CYS B 166 4.42 0.16 15.04
CA CYS B 166 5.78 -0.32 15.15
C CYS B 166 6.05 -1.12 16.41
N THR B 167 5.05 -1.35 17.25
CA THR B 167 5.23 -2.15 18.46
C THR B 167 4.08 -3.14 18.68
N THR B 168 3.31 -3.44 17.66
CA THR B 168 2.17 -4.34 17.79
C THR B 168 2.48 -5.73 17.27
N SER B 169 3.07 -5.82 16.08
CA SER B 169 3.40 -7.08 15.43
C SER B 169 4.19 -6.77 14.15
N PRO B 170 4.90 -7.76 13.61
CA PRO B 170 5.55 -7.55 12.31
C PRO B 170 4.58 -7.13 11.22
N GLU B 171 3.38 -7.72 11.22
CA GLU B 171 2.41 -7.42 10.17
C GLU B 171 2.01 -5.94 10.20
N GLN B 172 1.76 -5.39 11.41
CA GLN B 172 1.44 -3.97 11.48
C GLN B 172 2.65 -3.12 11.12
N TYR B 173 3.85 -3.57 11.49
CA TYR B 173 5.04 -2.76 11.22
C TYR B 173 5.33 -2.68 9.71
N PHE B 174 5.30 -3.82 9.02
CA PHE B 174 5.54 -3.77 7.59
C PHE B 174 4.44 -3.01 6.86
N ARG B 175 3.21 -3.02 7.39
CA ARG B 175 2.15 -2.22 6.78
C ARG B 175 2.49 -0.74 6.82
N PHE B 176 3.06 -0.28 7.94
CA PHE B 176 3.50 1.10 8.02
C PHE B 176 4.65 1.37 7.05
N ARG B 177 5.54 0.40 6.87
CA ARG B 177 6.76 0.62 6.10
C ARG B 177 6.54 0.74 4.59
N VAL B 178 5.45 0.17 4.05
CA VAL B 178 5.14 0.33 2.62
C VAL B 178 5.29 1.79 2.19
N THR B 179 4.77 2.70 3.02
CA THR B 179 4.93 4.13 2.75
C THR B 179 6.23 4.65 3.37
N ASP B 180 6.45 4.34 4.65
CA ASP B 180 7.46 5.08 5.41
C ASP B 180 8.88 4.83 4.87
N ILE B 181 9.22 3.60 4.50
CA ILE B 181 10.57 3.37 4.00
C ILE B 181 10.79 4.04 2.65
N GLY B 182 9.72 4.40 1.95
CA GLY B 182 9.82 5.09 0.69
C GLY B 182 9.65 4.24 -0.56
N VAL B 183 9.31 2.95 -0.43
CA VAL B 183 9.30 2.10 -1.62
C VAL B 183 8.08 2.38 -2.52
N ASP B 184 6.94 2.78 -1.95
CA ASP B 184 5.83 3.18 -2.83
C ASP B 184 6.21 4.41 -3.64
N PHE B 185 6.85 5.39 -3.00
CA PHE B 185 7.45 6.53 -3.68
C PHE B 185 8.41 6.07 -4.78
N TRP B 186 9.29 5.11 -4.44
CA TRP B 186 10.29 4.63 -5.39
C TRP B 186 9.65 4.07 -6.66
N MET B 187 8.65 3.20 -6.50
CA MET B 187 7.98 2.61 -7.65
C MET B 187 7.30 3.66 -8.53
N LYS B 188 6.59 4.61 -7.92
CA LYS B 188 5.79 5.56 -8.68
C LYS B 188 6.63 6.60 -9.39
N MET B 189 7.90 6.79 -8.97
CA MET B 189 8.80 7.63 -9.75
C MET B 189 9.73 6.83 -10.65
N SER B 190 9.81 5.51 -10.48
CA SER B 190 10.72 4.71 -11.28
C SER B 190 10.08 4.11 -12.53
N TYR B 191 8.75 3.95 -12.56
CA TYR B 191 8.14 3.25 -13.69
C TYR B 191 8.44 3.91 -15.05
N PRO B 192 8.58 5.23 -15.18
CA PRO B 192 8.91 5.77 -16.52
C PRO B 192 10.32 5.45 -16.96
N ILE B 193 11.16 4.92 -16.08
CA ILE B 193 12.48 4.46 -16.52
C ILE B 193 12.32 3.26 -17.46
N TYR B 194 11.26 2.47 -17.28
CA TYR B 194 11.16 1.18 -17.94
C TYR B 194 10.12 1.12 -19.04
N ARG B 195 9.11 2.00 -19.04
CA ARG B 195 8.02 1.96 -20.02
C ARG B 195 7.49 0.55 -20.20
N HIS B 196 7.46 -0.21 -19.11
CA HIS B 196 6.86 -1.53 -19.16
C HIS B 196 5.44 -1.40 -18.62
N PRO B 197 4.42 -1.68 -19.43
CA PRO B 197 3.03 -1.49 -18.98
C PRO B 197 2.65 -2.25 -17.71
N GLU B 198 2.92 -3.55 -17.66
CA GLU B 198 2.63 -4.33 -16.46
C GLU B 198 3.27 -3.70 -15.23
N PHE B 199 4.55 -3.32 -15.34
CA PHE B 199 5.25 -2.74 -14.20
C PHE B 199 4.63 -1.39 -13.83
N THR B 200 4.20 -0.61 -14.82
CA THR B 200 3.59 0.67 -14.52
C THR B 200 2.28 0.48 -13.76
N GLU B 201 1.50 -0.53 -14.12
CA GLU B 201 0.25 -0.78 -13.37
C GLU B 201 0.56 -1.21 -11.94
N HIS B 202 1.53 -2.12 -11.76
CA HIS B 202 1.87 -2.58 -10.42
C HIS B 202 2.41 -1.44 -9.58
N ALA B 203 3.19 -0.53 -10.17
CA ALA B 203 3.60 0.68 -9.46
C ALA B 203 2.40 1.52 -9.03
N LYS B 204 1.44 1.72 -9.94
CA LYS B 204 0.32 2.61 -9.66
C LYS B 204 -0.65 2.03 -8.66
N THR B 205 -0.77 0.70 -8.58
CA THR B 205 -1.64 0.12 -7.57
C THR B 205 -0.94 -0.02 -6.21
N SER B 206 0.37 0.21 -6.15
CA SER B 206 1.22 -0.08 -5.01
C SER B 206 1.43 -1.58 -4.78
N LEU B 207 0.92 -2.44 -5.65
CA LEU B 207 1.26 -3.86 -5.53
C LEU B 207 2.77 -4.06 -5.61
N ALA B 208 3.44 -3.30 -6.46
CA ALA B 208 4.89 -3.41 -6.56
C ALA B 208 5.56 -3.03 -5.24
N ALA B 209 5.14 -1.91 -4.63
CA ALA B 209 5.68 -1.53 -3.32
C ALA B 209 5.44 -2.63 -2.29
N ARG B 210 4.23 -3.19 -2.27
CA ARG B 210 3.87 -4.15 -1.23
C ARG B 210 4.68 -5.44 -1.36
N MET B 211 5.00 -5.84 -2.60
CA MET B 211 5.76 -7.07 -2.84
C MET B 211 7.21 -6.95 -2.35
N THR B 212 7.80 -5.76 -2.42
CA THR B 212 9.21 -5.52 -2.13
C THR B 212 9.46 -4.89 -0.76
N THR B 213 8.40 -4.52 -0.03
CA THR B 213 8.58 -3.82 1.25
C THR B 213 9.45 -4.63 2.21
N ARG B 214 9.10 -5.90 2.43
CA ARG B 214 9.78 -6.68 3.44
C ARG B 214 11.25 -6.93 3.09
N GLY B 215 11.53 -7.26 1.83
CA GLY B 215 12.91 -7.48 1.44
C GLY B 215 13.79 -6.26 1.62
N LEU B 216 13.26 -5.08 1.31
CA LEU B 216 13.99 -3.84 1.54
C LEU B 216 14.09 -3.52 3.03
N THR B 217 12.99 -3.69 3.76
CA THR B 217 12.92 -3.18 5.12
C THR B 217 13.70 -4.08 6.07
N ILE B 218 13.67 -5.40 5.86
CA ILE B 218 14.37 -6.29 6.76
C ILE B 218 15.86 -6.07 6.65
N VAL B 219 16.37 -5.97 5.42
CA VAL B 219 17.78 -5.70 5.19
C VAL B 219 18.16 -4.36 5.78
N ASN B 220 17.38 -3.33 5.49
CA ASN B 220 17.73 -2.01 5.99
C ASN B 220 17.67 -1.94 7.50
N ASP B 221 16.67 -2.58 8.11
CA ASP B 221 16.52 -2.51 9.55
C ASP B 221 17.72 -3.15 10.26
N PHE B 222 18.22 -4.28 9.76
CA PHE B 222 19.36 -4.93 10.41
C PHE B 222 20.56 -4.00 10.48
N TYR B 223 20.97 -3.47 9.34
CA TYR B 223 22.16 -2.66 9.23
C TYR B 223 21.99 -1.23 9.70
N SER B 224 20.77 -0.76 9.94
CA SER B 224 20.59 0.59 10.49
C SER B 224 20.08 0.57 11.92
N TYR B 225 19.93 -0.62 12.52
CA TYR B 225 19.41 -0.74 13.87
C TYR B 225 20.22 0.08 14.86
N ASP B 226 21.55 0.05 14.73
CA ASP B 226 22.41 0.70 15.72
C ASP B 226 22.29 2.22 15.63
N ARG B 227 22.31 2.77 14.42
CA ARG B 227 22.11 4.22 14.27
C ARG B 227 20.78 4.64 14.87
N GLU B 228 19.72 3.91 14.56
CA GLU B 228 18.36 4.33 14.92
C GLU B 228 18.11 4.23 16.43
N VAL B 229 18.58 3.16 17.07
CA VAL B 229 18.43 3.09 18.52
C VAL B 229 19.21 4.22 19.18
N SER B 230 20.34 4.60 18.58
CA SER B 230 21.14 5.68 19.14
C SER B 230 20.57 7.06 18.80
N LEU B 231 19.48 7.11 18.03
CA LEU B 231 18.73 8.34 17.82
C LEU B 231 17.32 8.29 18.42
N GLY B 232 16.95 7.21 19.09
CA GLY B 232 15.58 7.09 19.54
C GLY B 232 14.56 6.80 18.45
N GLN B 233 15.01 6.43 17.25
CA GLN B 233 14.09 6.15 16.16
C GLN B 233 13.54 4.75 16.26
N ILE B 234 12.23 4.62 16.49
CA ILE B 234 11.60 3.36 16.83
C ILE B 234 11.15 2.57 15.60
N THR B 235 11.41 3.05 14.39
CA THR B 235 10.89 2.40 13.18
C THR B 235 11.92 1.39 12.68
N ASN B 236 11.84 0.17 13.20
CA ASN B 236 12.81 -0.87 12.90
C ASN B 236 12.29 -2.18 13.47
N CYS B 237 12.16 -3.22 12.63
CA CYS B 237 11.47 -4.43 13.07
C CYS B 237 12.23 -5.17 14.17
N PHE B 238 13.57 -5.07 14.19
CA PHE B 238 14.30 -5.81 15.22
C PHE B 238 14.09 -5.27 16.63
N ARG B 239 13.52 -4.07 16.76
CA ARG B 239 12.96 -3.59 18.04
C ARG B 239 11.78 -4.41 18.52
N LEU B 240 11.26 -5.34 17.73
CA LEU B 240 10.24 -6.26 18.20
C LEU B 240 10.86 -7.46 18.91
N CYS B 241 12.18 -7.50 19.08
CA CYS B 241 12.82 -8.53 19.88
C CYS B 241 13.98 -7.94 20.67
N ASP B 242 14.49 -8.78 21.58
CA ASP B 242 15.59 -8.46 22.49
C ASP B 242 16.86 -8.93 21.80
N VAL B 243 17.56 -8.00 21.15
CA VAL B 243 18.60 -8.43 20.22
C VAL B 243 19.82 -8.98 20.94
N SER B 244 19.98 -8.73 22.24
CA SER B 244 21.10 -9.34 22.96
C SER B 244 20.86 -10.83 23.22
N ASP B 245 19.62 -11.24 23.48
CA ASP B 245 19.28 -12.65 23.67
C ASP B 245 19.45 -13.36 22.34
N GLU B 246 20.51 -14.17 22.24
CA GLU B 246 20.84 -14.81 20.98
C GLU B 246 19.73 -15.74 20.50
N THR B 247 19.07 -16.44 21.42
CA THR B 247 18.04 -17.39 21.00
C THR B 247 16.86 -16.66 20.41
N ALA B 248 16.44 -15.56 21.04
CA ALA B 248 15.32 -14.79 20.52
C ALA B 248 15.70 -14.08 19.23
N PHE B 249 16.86 -13.43 19.20
CA PHE B 249 17.27 -12.75 17.97
C PHE B 249 17.30 -13.72 16.80
N LYS B 250 17.84 -14.91 17.02
CA LYS B 250 18.03 -15.83 15.90
C LYS B 250 16.70 -16.36 15.37
N GLU B 251 15.75 -16.62 16.26
CA GLU B 251 14.44 -17.05 15.79
C GLU B 251 13.73 -15.92 15.07
N PHE B 252 13.78 -14.71 15.61
CA PHE B 252 13.23 -13.56 14.93
C PHE B 252 13.87 -13.36 13.56
N PHE B 253 15.21 -13.38 13.51
CA PHE B 253 15.91 -13.24 12.24
C PHE B 253 15.50 -14.34 11.26
N GLN B 254 15.31 -15.57 11.74
CA GLN B 254 14.89 -16.65 10.86
C GLN B 254 13.50 -16.39 10.25
N ALA B 255 12.55 -15.94 11.08
CA ALA B 255 11.22 -15.64 10.56
C ALA B 255 11.24 -14.51 9.55
N ARG B 256 12.09 -13.50 9.77
CA ARG B 256 12.24 -12.45 8.78
C ARG B 256 12.87 -12.98 7.48
N LEU B 257 13.77 -13.95 7.59
CA LEU B 257 14.29 -14.62 6.39
C LEU B 257 13.17 -15.33 5.63
N ASP B 258 12.32 -16.10 6.35
CA ASP B 258 11.18 -16.75 5.70
C ASP B 258 10.31 -15.71 4.98
N ASP B 259 10.06 -14.55 5.62
CA ASP B 259 9.30 -13.49 4.94
C ASP B 259 9.90 -13.12 3.59
N MET B 260 11.21 -12.85 3.58
CA MET B 260 11.87 -12.46 2.34
C MET B 260 11.74 -13.55 1.30
N ILE B 261 11.95 -14.79 1.69
CA ILE B 261 11.94 -15.88 0.71
C ILE B 261 10.55 -16.06 0.13
N GLU B 262 9.52 -15.98 0.97
CA GLU B 262 8.17 -16.13 0.44
C GLU B 262 7.84 -15.01 -0.54
N ASP B 263 8.20 -13.78 -0.19
CA ASP B 263 8.00 -12.66 -1.11
C ASP B 263 8.73 -12.89 -2.44
N ILE B 264 10.00 -13.29 -2.37
CA ILE B 264 10.80 -13.46 -3.60
C ILE B 264 10.18 -14.53 -4.47
N GLU B 265 9.76 -15.63 -3.86
CA GLU B 265 9.20 -16.72 -4.65
C GLU B 265 7.87 -16.32 -5.30
N CYS B 266 7.10 -15.46 -4.65
CA CYS B 266 5.88 -14.96 -5.31
C CYS B 266 6.19 -13.91 -6.36
N ILE B 267 7.27 -13.16 -6.19
CA ILE B 267 7.72 -12.20 -7.20
C ILE B 267 8.02 -12.91 -8.52
N LYS B 268 8.39 -14.18 -8.44
CA LYS B 268 8.68 -14.96 -9.63
C LYS B 268 7.43 -15.30 -10.43
N ALA B 269 6.25 -15.09 -9.88
CA ALA B 269 5.05 -15.23 -10.66
C ALA B 269 4.78 -14.02 -11.53
N PHE B 270 5.44 -12.89 -11.30
CA PHE B 270 5.22 -11.72 -12.14
C PHE B 270 5.93 -11.89 -13.48
N ASP B 271 5.56 -11.07 -14.47
CA ASP B 271 6.21 -11.17 -15.78
C ASP B 271 7.70 -10.95 -15.63
N GLN B 272 8.45 -11.39 -16.66
CA GLN B 272 9.89 -11.54 -16.51
C GLN B 272 10.57 -10.19 -16.30
N LEU B 273 10.16 -9.16 -17.04
CA LEU B 273 10.78 -7.86 -16.84
C LEU B 273 10.46 -7.30 -15.45
N THR B 274 9.19 -7.42 -15.02
CA THR B 274 8.79 -6.86 -13.72
C THR B 274 9.55 -7.53 -12.58
N GLN B 275 9.62 -8.86 -12.60
CA GLN B 275 10.33 -9.55 -11.51
C GLN B 275 11.82 -9.22 -11.51
N ASP B 276 12.42 -9.04 -12.70
CA ASP B 276 13.83 -8.60 -12.74
C ASP B 276 13.99 -7.29 -11.98
N VAL B 277 13.05 -6.37 -12.15
CA VAL B 277 13.14 -5.08 -11.47
C VAL B 277 12.95 -5.23 -9.98
N PHE B 278 11.93 -6.01 -9.56
CA PHE B 278 11.69 -6.24 -8.15
C PHE B 278 12.94 -6.85 -7.47
N LEU B 279 13.52 -7.88 -8.08
CA LEU B 279 14.64 -8.57 -7.45
C LEU B 279 15.91 -7.73 -7.48
N ASP B 280 16.15 -6.98 -8.54
CA ASP B 280 17.28 -6.05 -8.54
C ASP B 280 17.13 -4.97 -7.46
N LEU B 281 15.91 -4.55 -7.17
CA LEU B 281 15.71 -3.59 -6.08
C LEU B 281 16.06 -4.21 -4.72
N ILE B 282 15.58 -5.43 -4.46
CA ILE B 282 15.85 -6.05 -3.16
C ILE B 282 17.34 -6.37 -3.02
N TYR B 283 17.90 -7.08 -4.00
CA TYR B 283 19.29 -7.50 -3.96
C TYR B 283 20.25 -6.31 -4.07
N GLY B 284 19.98 -5.40 -5.01
CA GLY B 284 20.80 -4.21 -5.14
C GLY B 284 20.88 -3.41 -3.85
N ASN B 285 19.73 -3.19 -3.20
CA ASN B 285 19.72 -2.47 -1.94
C ASN B 285 20.65 -3.15 -0.95
N PHE B 286 20.69 -4.49 -0.93
CA PHE B 286 21.56 -5.22 -0.01
C PHE B 286 23.03 -4.99 -0.32
N VAL B 287 23.40 -4.92 -1.59
CA VAL B 287 24.79 -4.63 -1.92
C VAL B 287 25.16 -3.24 -1.43
N TRP B 288 24.33 -2.25 -1.75
CA TRP B 288 24.61 -0.87 -1.34
C TRP B 288 24.68 -0.76 0.17
N THR B 289 23.74 -1.40 0.87
CA THR B 289 23.59 -1.19 2.31
C THR B 289 24.83 -1.67 3.07
N THR B 290 25.43 -2.77 2.65
CA THR B 290 26.47 -3.39 3.46
C THR B 290 27.88 -2.91 3.09
N SER B 291 28.03 -2.21 1.97
CA SER B 291 29.29 -1.62 1.56
C SER B 291 29.37 -0.11 1.80
N ASN B 292 28.27 0.54 2.18
CA ASN B 292 28.24 2.00 2.17
C ASN B 292 28.53 2.58 3.54
N LYS B 293 29.22 3.74 3.53
CA LYS B 293 29.56 4.42 4.77
C LYS B 293 28.36 4.59 5.68
N ARG B 294 27.18 4.83 5.10
CA ARG B 294 26.00 5.18 5.89
C ARG B 294 25.70 4.11 6.94
N TYR B 295 25.88 2.84 6.59
CA TYR B 295 25.59 1.77 7.53
C TYR B 295 26.85 1.19 8.20
N LYS B 296 27.98 1.90 8.13
CA LYS B 296 29.14 1.47 8.89
C LYS B 296 28.97 1.79 10.36
N THR B 297 28.66 3.05 10.69
CA THR B 297 28.65 3.50 12.07
C THR B 297 27.40 4.31 12.35
N ALA B 298 26.91 4.16 13.59
CA ALA B 298 25.70 4.82 14.05
C ALA B 298 25.67 6.30 13.66
N VAL B 299 26.72 7.03 13.97
CA VAL B 299 26.80 8.46 13.70
C VAL B 299 28.08 8.75 12.94
N ASN B 300 27.96 9.17 11.68
CA ASN B 300 29.15 9.61 10.96
C ASN B 300 28.77 10.77 10.05
N ASP B 301 29.68 11.14 9.15
CA ASP B 301 29.53 12.36 8.36
C ASP B 301 28.49 12.26 7.25
N VAL B 302 28.05 11.05 6.87
CA VAL B 302 26.98 10.92 5.88
C VAL B 302 25.62 10.65 6.51
N ASN B 303 25.56 10.16 7.76
CA ASN B 303 24.29 9.91 8.43
C ASN B 303 24.12 10.67 9.74
N SER B 304 24.99 11.62 10.04
CA SER B 304 24.76 12.48 11.19
C SER B 304 23.43 13.19 11.03
N ARG B 305 22.71 13.28 12.13
CA ARG B 305 21.45 14.02 12.17
C ARG B 305 21.69 15.47 11.73
N ILE B 306 20.79 15.97 10.87
CA ILE B 306 20.86 17.34 10.38
C ILE B 306 20.07 18.23 11.34
N GLN B 307 20.75 18.70 12.38
CA GLN B 307 20.15 19.17 13.64
C GLN B 307 19.81 20.66 13.57
N ALA B 308 18.76 21.05 14.29
CA ALA B 308 18.39 22.46 14.41
C ALA B 308 18.90 23.07 15.71
C2 AHD C . -16.18 -6.44 -5.33
C3 AHD C . -16.71 -5.05 -5.70
C7 AHD C . -17.24 -7.21 -4.55
C8 AHD C . -16.65 -8.38 -3.75
O12 AHD C . -19.28 -8.98 -3.70
P9 AHD C . -17.95 -9.66 -3.96
O10 AHD C . -17.80 -10.86 -3.08
O11 AHD C . -17.86 -10.16 -5.38
P14 AHD C . -15.07 -9.09 -4.41
O15 AHD C . -14.99 -9.20 -5.91
O16 AHD C . -14.99 -10.46 -3.81
O17 AHD C . -13.94 -8.20 -3.94
O13 AHD C . -16.45 -8.02 -2.41
N4 AHD C . -16.33 -4.12 -4.66
MG MG D . -16.06 -11.21 -6.79
MG MG E . -16.14 -11.91 -2.97
MG MG F . -13.90 -9.08 -7.26
C2 AHD G . 15.09 5.19 3.54
C3 AHD G . 15.35 6.00 2.27
C7 AHD G . 16.08 5.60 4.65
C8 AHD G . 16.19 4.46 5.66
O12 AHD G . 18.88 4.69 5.94
P9 AHD G . 17.65 4.62 6.79
O10 AHD G . 17.58 3.41 7.70
O11 AHD G . 17.49 5.90 7.57
P14 AHD G . 14.73 4.49 6.78
O15 AHD G . 14.65 5.85 7.40
O16 AHD G . 14.88 3.47 7.88
O17 AHD G . 13.51 4.12 5.98
O13 AHD G . 16.21 3.22 5.01
N4 AHD G . 14.11 6.16 1.52
MG MG H . 16.12 7.00 8.29
MG MG I . 11.74 6.15 8.31
MG MG J . 16.04 1.72 8.97
N SER A 16 -15.62 -27.16 0.15
CA SER A 16 -16.36 -27.04 -1.09
C SER A 16 -17.59 -26.18 -0.82
N SER A 17 -17.82 -25.92 0.46
CA SER A 17 -18.90 -25.06 0.95
C SER A 17 -18.73 -24.87 2.45
N VAL A 18 -18.75 -23.60 2.88
CA VAL A 18 -18.71 -23.28 4.30
C VAL A 18 -20.08 -22.81 4.79
N ARG A 19 -21.14 -23.10 4.05
CA ARG A 19 -22.49 -22.86 4.56
C ARG A 19 -22.80 -23.64 5.84
N PRO A 20 -22.27 -24.88 6.07
CA PRO A 20 -22.51 -25.52 7.37
C PRO A 20 -22.00 -24.75 8.60
N TYR A 21 -21.25 -23.67 8.42
CA TYR A 21 -20.76 -22.88 9.53
C TYR A 21 -21.41 -21.51 9.64
N LEU A 22 -22.40 -21.20 8.79
CA LEU A 22 -22.81 -19.81 8.61
C LEU A 22 -23.47 -19.26 9.87
N GLU A 23 -24.19 -20.10 10.62
CA GLU A 23 -24.83 -19.61 11.83
C GLU A 23 -23.81 -19.15 12.86
N GLU A 24 -22.90 -20.04 13.24
CA GLU A 24 -22.00 -19.76 14.35
C GLU A 24 -21.01 -18.65 14.01
N CYS A 25 -20.48 -18.66 12.78
CA CYS A 25 -19.50 -17.65 12.42
C CYS A 25 -20.10 -16.26 12.44
N THR A 26 -21.38 -16.12 12.03
CA THR A 26 -22.02 -14.81 12.06
C THR A 26 -22.12 -14.30 13.48
N ARG A 27 -22.63 -15.13 14.38
CA ARG A 27 -22.70 -14.75 15.78
C ARG A 27 -21.31 -14.46 16.33
N ARG A 28 -20.31 -15.16 15.80
CA ARG A 28 -18.94 -14.99 16.26
C ARG A 28 -18.37 -13.65 15.79
N PHE A 29 -18.64 -13.26 14.54
CA PHE A 29 -18.30 -11.91 14.07
C PHE A 29 -18.96 -10.85 14.94
N GLN A 30 -20.28 -10.99 15.12
CA GLN A 30 -21.05 -10.02 15.91
C GLN A 30 -20.47 -9.86 17.30
N GLU A 31 -20.20 -10.97 17.97
CA GLU A 31 -19.59 -10.92 19.29
C GLU A 31 -18.32 -10.07 19.26
N MET A 32 -17.50 -10.25 18.22
CA MET A 32 -16.25 -9.50 18.13
C MET A 32 -16.49 -8.00 17.95
N PHE A 33 -17.44 -7.64 17.09
CA PHE A 33 -17.75 -6.23 16.90
C PHE A 33 -18.35 -5.61 18.16
N ASP A 34 -19.30 -6.31 18.80
CA ASP A 34 -19.84 -5.83 20.07
C ASP A 34 -18.73 -5.50 21.06
N ARG A 35 -17.68 -6.32 21.10
CA ARG A 35 -16.66 -6.17 22.12
C ARG A 35 -15.63 -5.11 21.77
N HIS A 36 -15.22 -5.04 20.51
CA HIS A 36 -14.08 -4.23 20.08
C HIS A 36 -14.44 -2.95 19.34
N VAL A 37 -15.59 -2.86 18.70
CA VAL A 37 -16.02 -1.65 18.03
C VAL A 37 -17.19 -0.99 18.78
N VAL A 38 -18.17 -1.80 19.19
CA VAL A 38 -19.28 -1.44 20.07
C VAL A 38 -20.28 -0.55 19.35
N THR A 39 -19.90 0.70 19.12
CA THR A 39 -20.75 1.70 18.49
C THR A 39 -21.28 1.27 17.13
N ARG A 40 -22.55 0.82 17.09
CA ARG A 40 -23.18 0.22 15.92
C ARG A 40 -23.41 1.23 14.80
N PRO A 41 -23.22 0.80 13.55
CA PRO A 41 -23.47 1.68 12.41
C PRO A 41 -24.97 1.92 12.17
N THR A 42 -25.27 3.09 11.61
CA THR A 42 -26.63 3.48 11.23
C THR A 42 -26.67 3.85 9.76
N LYS A 43 -27.71 3.39 9.06
CA LYS A 43 -27.83 3.60 7.61
C LYS A 43 -27.95 5.07 7.26
N VAL A 44 -27.43 5.42 6.08
CA VAL A 44 -27.71 6.72 5.47
C VAL A 44 -28.92 6.57 4.55
N GLU A 45 -29.96 7.36 4.79
CA GLU A 45 -31.09 7.46 3.87
C GLU A 45 -30.95 8.73 3.05
N LEU A 46 -31.17 8.62 1.75
CA LEU A 46 -31.11 9.76 0.85
C LEU A 46 -32.48 10.39 0.73
N THR A 47 -32.52 11.67 0.36
CA THR A 47 -33.79 12.21 -0.11
C THR A 47 -34.11 11.64 -1.48
N ASP A 48 -35.38 11.70 -1.85
CA ASP A 48 -35.83 10.98 -3.03
C ASP A 48 -35.26 11.56 -4.32
N ALA A 49 -34.77 12.79 -4.28
CA ALA A 49 -34.04 13.34 -5.42
C ALA A 49 -32.56 12.97 -5.35
N GLU A 50 -32.00 12.91 -4.14
CA GLU A 50 -30.66 12.38 -4.00
C GLU A 50 -30.55 11.00 -4.62
N LEU A 51 -31.43 10.09 -4.21
CA LEU A 51 -31.44 8.74 -4.76
C LEU A 51 -31.48 8.74 -6.28
N ARG A 52 -32.50 9.37 -6.88
CA ARG A 52 -32.66 9.26 -8.34
C ARG A 52 -31.48 9.86 -9.08
N GLU A 53 -30.82 10.86 -8.50
CA GLU A 53 -29.61 11.37 -9.13
C GLU A 53 -28.54 10.29 -9.20
N VAL A 54 -28.42 9.48 -8.14
CA VAL A 54 -27.47 8.37 -8.13
C VAL A 54 -27.83 7.35 -9.20
N ILE A 55 -29.08 6.88 -9.19
CA ILE A 55 -29.45 5.79 -10.09
C ILE A 55 -29.40 6.25 -11.54
N ASP A 56 -29.80 7.49 -11.80
CA ASP A 56 -29.61 8.06 -13.13
C ASP A 56 -28.15 7.96 -13.54
N ASP A 57 -27.23 8.31 -12.65
CA ASP A 57 -25.81 8.22 -13.02
C ASP A 57 -25.37 6.77 -13.21
N CYS A 58 -25.85 5.85 -12.37
CA CYS A 58 -25.48 4.45 -12.53
C CYS A 58 -25.94 3.87 -13.86
N ASN A 59 -27.23 4.07 -14.22
CA ASN A 59 -27.73 3.56 -15.50
C ASN A 59 -26.86 4.06 -16.65
N ALA A 60 -26.49 5.34 -16.64
CA ALA A 60 -25.78 5.90 -17.78
C ALA A 60 -24.35 5.37 -17.90
N ALA A 61 -23.69 5.05 -16.77
CA ALA A 61 -22.30 4.60 -16.83
C ALA A 61 -22.19 3.21 -17.44
N VAL A 62 -23.14 2.32 -17.15
CA VAL A 62 -23.08 0.96 -17.66
C VAL A 62 -23.66 0.85 -19.07
N ALA A 63 -24.50 1.81 -19.48
CA ALA A 63 -25.16 1.78 -20.78
C ALA A 63 -24.21 1.56 -21.94
N PRO A 64 -23.07 2.25 -22.06
CA PRO A 64 -22.19 1.98 -23.20
C PRO A 64 -21.68 0.55 -23.26
N LEU A 65 -21.71 -0.20 -22.16
CA LEU A 65 -21.41 -1.63 -22.17
C LEU A 65 -22.64 -2.48 -22.51
N GLY A 66 -23.76 -1.86 -22.80
CA GLY A 66 -24.89 -2.56 -23.41
C GLY A 66 -25.60 -3.54 -22.51
N LYS A 67 -25.50 -3.40 -21.20
CA LYS A 67 -26.22 -4.26 -20.28
C LYS A 67 -27.13 -3.40 -19.41
N THR A 68 -28.28 -3.95 -19.08
CA THR A 68 -29.27 -3.26 -18.27
C THR A 68 -29.11 -3.75 -16.83
N VAL A 69 -29.63 -2.96 -15.90
CA VAL A 69 -29.64 -3.32 -14.48
C VAL A 69 -30.92 -2.76 -13.89
N SER A 70 -31.60 -3.58 -13.09
CA SER A 70 -32.86 -3.16 -12.50
C SER A 70 -32.65 -2.09 -11.43
N ASP A 71 -33.68 -1.26 -11.24
CA ASP A 71 -33.70 -0.32 -10.13
C ASP A 71 -33.48 -1.03 -8.80
N GLU A 72 -34.09 -2.20 -8.61
CA GLU A 72 -34.02 -2.89 -7.33
C GLU A 72 -32.64 -3.50 -7.10
N ARG A 73 -32.10 -4.15 -8.13
CA ARG A 73 -30.72 -4.65 -8.05
C ARG A 73 -29.75 -3.54 -7.69
N TRP A 74 -29.72 -2.46 -8.46
CA TRP A 74 -28.85 -1.33 -8.15
C TRP A 74 -28.90 -1.01 -6.66
N ILE A 75 -30.10 -0.94 -6.09
CA ILE A 75 -30.26 -0.50 -4.71
C ILE A 75 -29.67 -1.52 -3.75
N SER A 76 -29.78 -2.81 -4.07
CA SER A 76 -29.19 -3.84 -3.21
C SER A 76 -27.68 -3.84 -3.32
N TYR A 77 -27.14 -3.33 -4.44
CA TYR A 77 -25.70 -3.11 -4.55
C TYR A 77 -25.26 -1.98 -3.65
N VAL A 78 -25.90 -0.81 -3.80
CA VAL A 78 -25.60 0.39 -3.02
C VAL A 78 -25.89 0.20 -1.54
N GLY A 79 -26.36 -0.98 -1.16
CA GLY A 79 -26.49 -1.28 0.25
C GLY A 79 -25.16 -1.22 0.98
N VAL A 80 -24.06 -1.47 0.28
CA VAL A 80 -22.78 -1.45 0.97
C VAL A 80 -22.34 -0.01 1.23
N VAL A 81 -22.58 0.91 0.31
CA VAL A 81 -22.24 2.32 0.55
C VAL A 81 -23.19 2.95 1.54
N LEU A 82 -24.47 2.58 1.48
CA LEU A 82 -25.41 3.14 2.44
C LEU A 82 -25.09 2.72 3.88
N TRP A 83 -24.68 1.47 4.08
CA TRP A 83 -24.50 0.95 5.43
C TRP A 83 -23.08 1.06 5.97
N SER A 84 -22.09 1.44 5.16
CA SER A 84 -20.70 1.29 5.59
C SER A 84 -19.92 2.60 5.59
N GLN A 85 -20.56 3.74 5.35
CA GLN A 85 -19.84 5.00 5.51
C GLN A 85 -19.97 5.39 6.98
N SER A 86 -19.81 6.67 7.30
CA SER A 86 -19.92 7.17 8.67
C SER A 86 -20.91 8.33 8.69
N PRO A 87 -22.21 8.03 8.78
CA PRO A 87 -23.22 9.11 8.67
C PRO A 87 -23.04 10.21 9.68
N ARG A 88 -22.46 9.93 10.85
CA ARG A 88 -22.16 11.00 11.80
C ARG A 88 -21.33 12.11 11.14
N HIS A 89 -20.31 11.75 10.37
CA HIS A 89 -19.33 12.72 9.93
C HIS A 89 -19.53 13.25 8.52
N ILE A 90 -20.51 12.76 7.76
CA ILE A 90 -20.61 13.16 6.36
C ILE A 90 -20.81 14.65 6.24
N LYS A 91 -20.03 15.28 5.36
CA LYS A 91 -20.10 16.72 5.12
C LYS A 91 -20.14 17.09 3.64
N ASP A 92 -20.24 16.12 2.74
CA ASP A 92 -20.29 16.39 1.29
C ASP A 92 -21.09 15.26 0.66
N MET A 93 -22.38 15.53 0.38
CA MET A 93 -23.28 14.50 -0.14
C MET A 93 -23.12 14.27 -1.63
N GLU A 94 -22.53 15.19 -2.38
CA GLU A 94 -22.22 14.92 -3.77
C GLU A 94 -21.05 13.93 -3.87
N ALA A 95 -20.07 14.06 -2.98
CA ALA A 95 -19.05 13.03 -2.88
C ALA A 95 -19.66 11.70 -2.46
N PHE A 96 -20.70 11.75 -1.63
CA PHE A 96 -21.36 10.52 -1.22
C PHE A 96 -22.04 9.83 -2.40
N LYS A 97 -22.74 10.62 -3.22
CA LYS A 97 -23.38 10.07 -4.41
C LYS A 97 -22.35 9.62 -5.43
N ALA A 98 -21.22 10.33 -5.52
CA ALA A 98 -20.12 9.85 -6.37
C ALA A 98 -19.71 8.45 -5.98
N VAL A 99 -19.50 8.22 -4.68
CA VAL A 99 -19.09 6.91 -4.18
C VAL A 99 -20.18 5.88 -4.39
N CYS A 100 -21.45 6.27 -4.13
CA CYS A 100 -22.58 5.41 -4.47
C CYS A 100 -22.51 4.92 -5.91
N VAL A 101 -22.29 5.84 -6.84
CA VAL A 101 -22.31 5.48 -8.26
C VAL A 101 -21.04 4.72 -8.64
N LEU A 102 -19.88 5.23 -8.23
CA LEU A 102 -18.63 4.56 -8.54
C LEU A 102 -18.59 3.15 -7.97
N ASN A 103 -19.17 2.95 -6.80
CA ASN A 103 -19.11 1.63 -6.18
C ASN A 103 -20.03 0.64 -6.87
N CYS A 104 -21.31 1.01 -7.05
CA CYS A 104 -22.28 0.10 -7.66
C CYS A 104 -21.83 -0.34 -9.04
N VAL A 105 -21.25 0.57 -9.83
CA VAL A 105 -20.93 0.19 -11.21
C VAL A 105 -19.67 -0.65 -11.24
N THR A 106 -18.71 -0.40 -10.32
CA THR A 106 -17.55 -1.30 -10.32
C THR A 106 -17.95 -2.68 -9.86
N PHE A 107 -19.06 -2.80 -9.13
CA PHE A 107 -19.70 -4.09 -8.92
C PHE A 107 -20.05 -4.75 -10.25
N VAL A 108 -20.64 -3.99 -11.18
CA VAL A 108 -21.03 -4.56 -12.47
C VAL A 108 -19.80 -5.03 -13.22
N TRP A 109 -18.76 -4.18 -13.27
CA TRP A 109 -17.49 -4.54 -13.91
C TRP A 109 -16.87 -5.77 -13.27
N ASP A 110 -17.01 -5.91 -11.96
CA ASP A 110 -16.56 -7.10 -11.25
C ASP A 110 -17.21 -8.35 -11.81
N ASP A 111 -18.55 -8.35 -11.95
CA ASP A 111 -19.33 -9.49 -12.42
C ASP A 111 -19.20 -9.75 -13.93
N MET A 112 -18.92 -8.75 -14.76
CA MET A 112 -18.82 -8.96 -16.20
C MET A 112 -17.61 -9.83 -16.59
N ASP A 113 -17.79 -10.68 -17.61
CA ASP A 113 -16.64 -11.36 -18.21
C ASP A 113 -15.77 -10.33 -18.93
N PRO A 114 -14.44 -10.48 -18.92
CA PRO A 114 -13.58 -9.45 -19.52
C PRO A 114 -13.88 -9.13 -20.98
N ALA A 115 -14.36 -10.10 -21.77
CA ALA A 115 -14.69 -9.81 -23.16
C ALA A 115 -15.76 -8.71 -23.26
N LEU A 116 -16.49 -8.48 -22.18
CA LEU A 116 -17.44 -7.36 -22.15
C LEU A 116 -16.79 -6.06 -21.68
N HIS A 117 -15.59 -6.13 -21.12
CA HIS A 117 -14.86 -4.93 -20.70
C HIS A 117 -14.50 -4.11 -21.92
N ASP A 118 -14.71 -2.80 -21.85
CA ASP A 118 -14.24 -1.88 -22.88
C ASP A 118 -13.77 -0.61 -22.20
N PHE A 119 -12.45 -0.46 -22.05
CA PHE A 119 -11.90 0.73 -21.40
C PHE A 119 -12.14 1.98 -22.23
N GLY A 120 -12.14 1.84 -23.57
CA GLY A 120 -12.41 2.99 -24.42
C GLY A 120 -13.75 3.63 -24.12
N LEU A 121 -14.74 2.82 -23.74
CA LEU A 121 -16.07 3.33 -23.46
C LEU A 121 -16.33 3.60 -21.98
N PHE A 122 -15.79 2.79 -21.08
CA PHE A 122 -16.16 2.89 -19.67
C PHE A 122 -15.35 3.94 -18.93
N LEU A 123 -14.03 3.98 -19.15
CA LEU A 123 -13.18 5.02 -18.58
C LEU A 123 -13.69 6.44 -18.80
N PRO A 124 -14.20 6.83 -19.98
CA PRO A 124 -14.79 8.18 -20.09
C PRO A 124 -15.97 8.40 -19.15
N GLN A 125 -16.82 7.39 -18.95
CA GLN A 125 -17.92 7.53 -18.00
C GLN A 125 -17.40 7.74 -16.58
N LEU A 126 -16.37 6.98 -16.19
CA LEU A 126 -15.74 7.19 -14.89
C LEU A 126 -15.28 8.63 -14.72
N ARG A 127 -14.53 9.14 -15.70
CA ARG A 127 -13.99 10.48 -15.58
C ARG A 127 -15.09 11.51 -15.48
N LYS A 128 -16.18 11.31 -16.25
CA LYS A 128 -17.31 12.24 -16.24
C LYS A 128 -17.97 12.29 -14.86
N ILE A 129 -18.23 11.13 -14.27
CA ILE A 129 -18.76 11.04 -12.90
C ILE A 129 -17.88 11.83 -11.93
N CYS A 130 -16.57 11.55 -11.93
CA CYS A 130 -15.65 12.23 -11.02
C CYS A 130 -15.68 13.74 -11.22
N GLU A 131 -15.71 14.19 -12.47
CA GLU A 131 -15.71 15.63 -12.73
C GLU A 131 -17.05 16.28 -12.38
N LYS A 132 -18.14 15.50 -12.33
CA LYS A 132 -19.42 16.07 -11.92
C LYS A 132 -19.41 16.46 -10.44
N TYR A 133 -18.97 15.55 -9.57
CA TYR A 133 -19.14 15.67 -8.13
C TYR A 133 -17.94 16.26 -7.38
N TYR A 134 -16.74 16.22 -7.96
CA TYR A 134 -15.52 16.58 -7.25
C TYR A 134 -14.91 17.86 -7.82
N GLY A 135 -14.14 18.55 -6.99
CA GLY A 135 -13.23 19.56 -7.47
C GLY A 135 -12.18 18.94 -8.39
N PRO A 136 -11.42 19.76 -9.11
CA PRO A 136 -10.47 19.22 -10.10
C PRO A 136 -9.43 18.29 -9.52
N GLU A 137 -8.78 18.66 -8.42
CA GLU A 137 -7.70 17.80 -7.94
C GLU A 137 -8.25 16.50 -7.38
N ASP A 138 -9.29 16.58 -6.55
CA ASP A 138 -9.96 15.38 -6.07
C ASP A 138 -10.47 14.51 -7.22
N ALA A 139 -11.03 15.13 -8.26
CA ALA A 139 -11.54 14.34 -9.38
C ALA A 139 -10.41 13.51 -10.00
N GLU A 140 -9.21 14.06 -10.07
CA GLU A 140 -8.06 13.30 -10.56
C GLU A 140 -7.73 12.13 -9.64
N VAL A 141 -7.83 12.34 -8.32
CA VAL A 141 -7.51 11.26 -7.41
C VAL A 141 -8.55 10.16 -7.47
N ALA A 142 -9.83 10.55 -7.43
CA ALA A 142 -10.89 9.55 -7.57
C ALA A 142 -10.77 8.80 -8.88
N TYR A 143 -10.54 9.52 -9.98
CA TYR A 143 -10.53 8.88 -11.29
C TYR A 143 -9.35 7.90 -11.43
N GLU A 144 -8.16 8.30 -11.00
CA GLU A 144 -7.01 7.39 -11.07
C GLU A 144 -7.28 6.10 -10.32
N ALA A 145 -7.84 6.19 -9.11
CA ALA A 145 -8.12 4.99 -8.32
C ALA A 145 -9.22 4.14 -8.95
N ALA A 146 -10.21 4.76 -9.57
CA ALA A 146 -11.21 4.01 -10.33
C ALA A 146 -10.55 3.26 -11.49
N ARG A 147 -9.76 3.97 -12.28
CA ARG A 147 -9.02 3.36 -13.39
C ARG A 147 -8.17 2.19 -12.89
N ALA A 148 -7.47 2.39 -11.76
CA ALA A 148 -6.60 1.35 -11.24
C ALA A 148 -7.37 0.11 -10.82
N PHE A 149 -8.51 0.28 -10.17
CA PHE A 149 -9.30 -0.87 -9.74
C PHE A 149 -9.82 -1.68 -10.94
N VAL A 150 -10.39 -1.02 -11.95
CA VAL A 150 -10.99 -1.79 -13.04
C VAL A 150 -9.89 -2.42 -13.89
N THR A 151 -8.77 -1.72 -14.07
CA THR A 151 -7.63 -2.28 -14.77
C THR A 151 -7.04 -3.48 -14.01
N SER A 152 -6.97 -3.40 -12.69
CA SER A 152 -6.47 -4.52 -11.91
C SER A 152 -7.42 -5.71 -12.02
N ASP A 153 -8.72 -5.49 -11.82
CA ASP A 153 -9.66 -6.60 -11.92
C ASP A 153 -9.57 -7.29 -13.28
N HIS A 154 -9.39 -6.51 -14.36
CA HIS A 154 -9.28 -7.09 -15.69
C HIS A 154 -7.97 -7.83 -15.89
N MET A 155 -6.85 -7.24 -15.48
CA MET A 155 -5.57 -7.83 -15.84
C MET A 155 -5.25 -9.06 -15.00
N PHE A 156 -5.93 -9.23 -13.87
CA PHE A 156 -5.68 -10.42 -13.04
C PHE A 156 -6.63 -11.58 -13.33
N ARG A 157 -7.40 -11.52 -14.42
CA ARG A 157 -8.13 -12.69 -14.83
C ARG A 157 -7.16 -13.74 -15.37
N ASP A 158 -7.32 -14.98 -14.90
CA ASP A 158 -6.47 -16.11 -15.28
C ASP A 158 -5.01 -15.91 -14.89
N SER A 159 -4.71 -14.79 -14.12
CA SER A 159 -3.30 -14.37 -14.04
C SER A 159 -2.49 -15.23 -13.09
N PRO A 160 -1.28 -15.61 -13.51
CA PRO A 160 -0.38 -16.35 -12.61
C PRO A 160 -0.17 -15.66 -11.28
N ILE A 161 -0.01 -14.34 -11.30
CA ILE A 161 0.20 -13.58 -10.08
C ILE A 161 -0.95 -13.81 -9.10
N LYS A 162 -2.19 -13.81 -9.61
CA LYS A 162 -3.33 -13.97 -8.71
C LYS A 162 -3.33 -15.36 -8.09
N ALA A 163 -3.05 -16.40 -8.88
CA ALA A 163 -2.99 -17.76 -8.36
C ALA A 163 -1.94 -17.87 -7.26
N ALA A 164 -0.73 -17.38 -7.52
CA ALA A 164 0.35 -17.49 -6.55
C ALA A 164 -0.02 -16.77 -5.25
N LEU A 165 -0.44 -15.51 -5.34
CA LEU A 165 -0.71 -14.72 -4.15
C LEU A 165 -1.87 -15.28 -3.33
N CYS A 166 -2.87 -15.87 -3.98
CA CYS A 166 -4.08 -16.34 -3.30
C CYS A 166 -3.93 -17.74 -2.73
N THR A 167 -2.93 -18.50 -3.16
CA THR A 167 -2.76 -19.86 -2.68
C THR A 167 -1.52 -20.04 -1.80
N THR A 168 -0.78 -18.98 -1.52
CA THR A 168 0.48 -19.16 -0.80
C THR A 168 0.32 -19.06 0.70
N SER A 169 -0.19 -17.94 1.20
CA SER A 169 -0.38 -17.68 2.61
C SER A 169 -1.40 -16.56 2.76
N PRO A 170 -2.03 -16.44 3.93
CA PRO A 170 -2.90 -15.26 4.16
C PRO A 170 -2.21 -13.96 3.81
N GLU A 171 -0.91 -13.86 4.09
CA GLU A 171 -0.18 -12.60 3.94
C GLU A 171 -0.04 -12.19 2.49
N GLN A 172 0.31 -13.13 1.61
CA GLN A 172 0.33 -12.79 0.18
C GLN A 172 -1.08 -12.42 -0.27
N TYR A 173 -2.07 -13.18 0.20
CA TYR A 173 -3.45 -12.97 -0.22
C TYR A 173 -3.95 -11.59 0.14
N PHE A 174 -3.84 -11.20 1.41
CA PHE A 174 -4.36 -9.90 1.80
C PHE A 174 -3.60 -8.78 1.11
N ARG A 175 -2.31 -8.99 0.84
CA ARG A 175 -1.55 -8.01 0.06
C ARG A 175 -2.20 -7.75 -1.30
N PHE A 176 -2.64 -8.80 -1.98
CA PHE A 176 -3.34 -8.63 -3.24
C PHE A 176 -4.66 -7.88 -3.03
N ARG A 177 -5.38 -8.22 -1.96
CA ARG A 177 -6.73 -7.70 -1.72
C ARG A 177 -6.77 -6.20 -1.42
N VAL A 178 -5.66 -5.62 -0.93
CA VAL A 178 -5.63 -4.17 -0.69
C VAL A 178 -6.12 -3.42 -1.93
N THR A 179 -5.63 -3.82 -3.10
CA THR A 179 -6.17 -3.26 -4.34
C THR A 179 -7.44 -3.99 -4.75
N ASP A 180 -7.41 -5.32 -4.72
CA ASP A 180 -8.37 -6.07 -5.52
C ASP A 180 -9.78 -5.98 -4.94
N ILE A 181 -9.91 -5.97 -3.61
CA ILE A 181 -11.25 -5.86 -3.03
C ILE A 181 -11.84 -4.48 -3.25
N GLY A 182 -11.03 -3.49 -3.55
CA GLY A 182 -11.51 -2.15 -3.82
C GLY A 182 -11.38 -1.16 -2.69
N VAL A 183 -10.71 -1.52 -1.57
CA VAL A 183 -10.68 -0.62 -0.43
C VAL A 183 -9.77 0.57 -0.68
N ASP A 184 -8.65 0.36 -1.42
CA ASP A 184 -7.81 1.52 -1.74
C ASP A 184 -8.58 2.53 -2.57
N PHE A 185 -9.33 2.02 -3.57
CA PHE A 185 -10.27 2.82 -4.35
C PHE A 185 -11.27 3.54 -3.44
N TRP A 186 -11.90 2.79 -2.54
CA TRP A 186 -12.90 3.35 -1.62
C TRP A 186 -12.35 4.57 -0.88
N MET A 187 -11.17 4.44 -0.28
CA MET A 187 -10.60 5.52 0.50
C MET A 187 -10.28 6.73 -0.35
N LYS A 188 -9.80 6.52 -1.57
CA LYS A 188 -9.41 7.62 -2.44
C LYS A 188 -10.62 8.30 -3.11
N MET A 189 -11.77 7.65 -3.13
CA MET A 189 -13.00 8.29 -3.59
C MET A 189 -13.90 8.77 -2.47
N SER A 190 -13.70 8.29 -1.25
CA SER A 190 -14.55 8.64 -0.12
C SER A 190 -14.00 9.75 0.75
N TYR A 191 -12.71 10.06 0.68
CA TYR A 191 -12.18 11.08 1.57
C TYR A 191 -12.76 12.47 1.30
N PRO A 192 -13.16 12.84 0.07
CA PRO A 192 -13.95 14.08 -0.06
C PRO A 192 -15.22 14.08 0.78
N ILE A 193 -15.81 12.92 1.08
CA ILE A 193 -17.05 12.90 1.85
C ILE A 193 -16.88 13.59 3.19
N TYR A 194 -15.70 13.49 3.80
CA TYR A 194 -15.46 13.92 5.17
C TYR A 194 -14.57 15.14 5.31
N ARG A 195 -13.80 15.51 4.28
CA ARG A 195 -12.90 16.67 4.33
C ARG A 195 -12.13 16.71 5.65
N HIS A 196 -11.63 15.56 6.09
CA HIS A 196 -10.86 15.47 7.32
C HIS A 196 -9.40 15.25 6.98
N PRO A 197 -8.50 16.18 7.32
CA PRO A 197 -7.12 16.09 6.82
C PRO A 197 -6.40 14.79 7.16
N GLU A 198 -6.58 14.25 8.37
CA GLU A 198 -5.92 12.98 8.68
C GLU A 198 -6.43 11.87 7.78
N PHE A 199 -7.76 11.74 7.64
CA PHE A 199 -8.32 10.71 6.78
C PHE A 199 -7.83 10.87 5.35
N THR A 200 -7.65 12.12 4.91
CA THR A 200 -7.25 12.39 3.54
C THR A 200 -5.83 11.92 3.28
N GLU A 201 -4.90 12.23 4.19
CA GLU A 201 -3.51 11.81 3.98
C GLU A 201 -3.35 10.30 4.12
N HIS A 202 -3.98 9.69 5.13
CA HIS A 202 -3.96 8.23 5.22
C HIS A 202 -4.58 7.57 3.99
N ALA A 203 -5.62 8.19 3.42
CA ALA A 203 -6.20 7.65 2.20
C ALA A 203 -5.20 7.70 1.05
N LYS A 204 -4.45 8.80 0.95
CA LYS A 204 -3.54 9.02 -0.16
C LYS A 204 -2.24 8.22 -0.02
N THR A 205 -1.79 7.91 1.19
CA THR A 205 -0.68 6.97 1.34
C THR A 205 -1.12 5.53 1.17
N SER A 206 -2.43 5.27 1.19
CA SER A 206 -3.05 3.95 1.26
C SER A 206 -2.87 3.26 2.61
N LEU A 207 -2.29 3.95 3.60
CA LEU A 207 -2.32 3.43 4.95
C LEU A 207 -3.75 3.13 5.39
N ALA A 208 -4.71 4.00 4.99
CA ALA A 208 -6.11 3.76 5.33
C ALA A 208 -6.58 2.41 4.79
N ALA A 209 -6.35 2.16 3.51
CA ALA A 209 -6.75 0.89 2.91
C ALA A 209 -6.06 -0.27 3.61
N ARG A 210 -4.75 -0.14 3.89
CA ARG A 210 -4.02 -1.24 4.50
C ARG A 210 -4.55 -1.56 5.88
N MET A 211 -4.89 -0.52 6.67
CA MET A 211 -5.45 -0.74 8.00
C MET A 211 -6.76 -1.52 7.95
N THR A 212 -7.57 -1.28 6.91
CA THR A 212 -8.92 -1.82 6.86
C THR A 212 -9.06 -3.08 5.99
N THR A 213 -7.99 -3.52 5.31
CA THR A 213 -8.14 -4.57 4.31
C THR A 213 -8.66 -5.87 4.92
N ARG A 214 -8.05 -6.33 6.00
CA ARG A 214 -8.41 -7.64 6.51
C ARG A 214 -9.81 -7.64 7.11
N GLY A 215 -10.20 -6.55 7.77
CA GLY A 215 -11.55 -6.50 8.32
C GLY A 215 -12.62 -6.66 7.26
N LEU A 216 -12.43 -5.99 6.11
CA LEU A 216 -13.39 -6.06 5.01
C LEU A 216 -13.31 -7.40 4.30
N THR A 217 -12.09 -7.85 3.99
CA THR A 217 -11.89 -9.02 3.14
C THR A 217 -12.31 -10.30 3.83
N ILE A 218 -11.98 -10.45 5.12
CA ILE A 218 -12.34 -11.68 5.81
C ILE A 218 -13.85 -11.87 5.83
N VAL A 219 -14.58 -10.78 6.08
CA VAL A 219 -16.04 -10.84 6.10
C VAL A 219 -16.58 -11.20 4.71
N ASN A 220 -16.15 -10.46 3.68
CA ASN A 220 -16.59 -10.78 2.32
C ASN A 220 -16.29 -12.22 1.95
N ASP A 221 -15.06 -12.67 2.21
CA ASP A 221 -14.69 -14.01 1.76
C ASP A 221 -15.61 -15.07 2.38
N PHE A 222 -15.98 -14.90 3.65
CA PHE A 222 -16.77 -15.97 4.25
C PHE A 222 -18.13 -16.10 3.56
N TYR A 223 -18.73 -14.98 3.20
CA TYR A 223 -20.09 -15.00 2.68
C TYR A 223 -20.16 -15.23 1.18
N SER A 224 -19.11 -14.90 0.43
CA SER A 224 -19.10 -15.11 -1.01
C SER A 224 -18.39 -16.40 -1.40
N TYR A 225 -18.08 -17.28 -0.44
CA TYR A 225 -17.28 -18.47 -0.72
C TYR A 225 -18.01 -19.43 -1.65
N ASP A 226 -19.23 -19.82 -1.31
CA ASP A 226 -19.98 -20.79 -2.12
C ASP A 226 -20.10 -20.34 -3.58
N ARG A 227 -20.39 -19.05 -3.79
CA ARG A 227 -20.46 -18.52 -5.14
C ARG A 227 -19.16 -18.72 -5.90
N GLU A 228 -18.05 -18.24 -5.32
CA GLU A 228 -16.81 -18.13 -6.08
C GLU A 228 -16.17 -19.49 -6.31
N VAL A 229 -16.35 -20.41 -5.36
CA VAL A 229 -15.87 -21.78 -5.53
C VAL A 229 -16.58 -22.44 -6.69
N SER A 230 -17.88 -22.17 -6.84
CA SER A 230 -18.68 -22.82 -7.87
C SER A 230 -18.36 -22.25 -9.24
N LEU A 231 -17.57 -21.19 -9.29
CA LEU A 231 -17.18 -20.58 -10.54
C LEU A 231 -15.70 -20.69 -10.80
N GLY A 232 -14.97 -21.39 -9.94
CA GLY A 232 -13.54 -21.54 -10.13
C GLY A 232 -12.77 -20.25 -9.92
N GLN A 233 -13.32 -19.35 -9.11
CA GLN A 233 -12.65 -18.12 -8.69
C GLN A 233 -11.83 -18.38 -7.43
N ILE A 234 -10.62 -17.84 -7.38
CA ILE A 234 -9.70 -18.18 -6.31
C ILE A 234 -9.52 -17.09 -5.26
N THR A 235 -10.04 -15.87 -5.48
CA THR A 235 -9.74 -14.74 -4.61
C THR A 235 -10.65 -14.79 -3.37
N ASN A 236 -10.29 -15.68 -2.45
CA ASN A 236 -11.06 -15.89 -1.22
C ASN A 236 -10.18 -16.62 -0.22
N CYS A 237 -9.83 -15.95 0.88
CA CYS A 237 -8.86 -16.53 1.81
C CYS A 237 -9.30 -17.88 2.37
N PHE A 238 -10.61 -18.14 2.44
CA PHE A 238 -11.00 -19.42 3.01
C PHE A 238 -10.68 -20.59 2.10
N ARG A 239 -10.28 -20.35 0.84
CA ARG A 239 -9.72 -21.42 0.03
C ARG A 239 -8.37 -21.89 0.54
N LEU A 240 -7.74 -21.15 1.45
CA LEU A 240 -6.45 -21.53 1.99
C LEU A 240 -6.56 -22.55 3.13
N CYS A 241 -7.76 -22.90 3.57
CA CYS A 241 -7.90 -23.91 4.62
C CYS A 241 -8.80 -25.03 4.10
N ASP A 242 -8.63 -26.21 4.69
CA ASP A 242 -9.40 -27.39 4.26
C ASP A 242 -10.77 -27.32 4.91
N VAL A 243 -11.70 -26.69 4.19
CA VAL A 243 -12.99 -26.30 4.74
C VAL A 243 -13.90 -27.49 5.05
N SER A 244 -13.60 -28.67 4.50
CA SER A 244 -14.33 -29.87 4.91
C SER A 244 -14.03 -30.21 6.36
N ASP A 245 -12.74 -30.34 6.69
CA ASP A 245 -12.28 -30.48 8.05
C ASP A 245 -12.87 -29.36 8.91
N GLU A 246 -13.89 -29.68 9.71
CA GLU A 246 -14.55 -28.63 10.47
C GLU A 246 -13.68 -28.07 11.57
N THR A 247 -12.79 -28.88 12.13
CA THR A 247 -11.79 -28.36 13.06
C THR A 247 -10.90 -27.34 12.39
N ALA A 248 -10.13 -27.77 11.39
CA ALA A 248 -9.15 -26.89 10.76
C ALA A 248 -9.81 -25.64 10.21
N PHE A 249 -11.11 -25.70 9.89
CA PHE A 249 -11.82 -24.48 9.58
C PHE A 249 -11.93 -23.59 10.81
N LYS A 250 -12.49 -24.12 11.91
CA LYS A 250 -12.59 -23.35 13.14
C LYS A 250 -11.23 -22.83 13.60
N GLU A 251 -10.16 -23.59 13.31
CA GLU A 251 -8.81 -23.17 13.60
C GLU A 251 -8.42 -21.95 12.77
N PHE A 252 -8.66 -22.03 11.46
CA PHE A 252 -8.33 -20.95 10.55
C PHE A 252 -9.22 -19.73 10.79
N PHE A 253 -10.51 -19.97 11.03
CA PHE A 253 -11.43 -18.86 11.29
C PHE A 253 -10.99 -18.08 12.52
N GLN A 254 -10.48 -18.77 13.54
CA GLN A 254 -10.02 -18.05 14.73
C GLN A 254 -8.81 -17.17 14.40
N ALA A 255 -7.87 -17.68 13.60
CA ALA A 255 -6.71 -16.85 13.24
C ALA A 255 -7.12 -15.61 12.44
N ARG A 256 -8.10 -15.75 11.52
CA ARG A 256 -8.64 -14.57 10.84
C ARG A 256 -9.35 -13.63 11.80
N LEU A 257 -10.11 -14.18 12.75
CA LEU A 257 -10.71 -13.34 13.78
C LEU A 257 -9.62 -12.58 14.55
N ASP A 258 -8.52 -13.24 14.91
CA ASP A 258 -7.43 -12.55 15.59
C ASP A 258 -6.85 -11.45 14.72
N ASP A 259 -6.72 -11.72 13.41
CA ASP A 259 -6.28 -10.68 12.49
C ASP A 259 -7.17 -9.44 12.61
N MET A 260 -8.48 -9.63 12.52
CA MET A 260 -9.43 -8.52 12.61
C MET A 260 -9.28 -7.76 13.91
N ILE A 261 -9.18 -8.48 15.03
CA ILE A 261 -9.08 -7.84 16.34
C ILE A 261 -7.82 -6.99 16.43
N GLU A 262 -6.70 -7.53 15.93
CA GLU A 262 -5.44 -6.79 15.98
C GLU A 262 -5.50 -5.52 15.16
N ASP A 263 -6.05 -5.61 13.95
CA ASP A 263 -6.25 -4.42 13.12
C ASP A 263 -7.13 -3.41 13.84
N ILE A 264 -8.24 -3.87 14.41
CA ILE A 264 -9.20 -2.94 15.02
C ILE A 264 -8.56 -2.21 16.20
N GLU A 265 -7.82 -2.93 17.07
CA GLU A 265 -7.13 -2.25 18.17
C GLU A 265 -6.11 -1.23 17.65
N CYS A 266 -5.34 -1.56 16.61
CA CYS A 266 -4.39 -0.60 16.08
C CYS A 266 -5.10 0.59 15.43
N ILE A 267 -6.28 0.36 14.85
CA ILE A 267 -7.09 1.46 14.30
C ILE A 267 -7.50 2.42 15.41
N LYS A 268 -7.78 1.90 16.61
CA LYS A 268 -8.18 2.74 17.74
C LYS A 268 -7.10 3.71 18.16
N ALA A 269 -5.90 3.63 17.58
CA ALA A 269 -4.84 4.58 17.87
C ALA A 269 -4.87 5.78 16.93
N PHE A 270 -5.60 5.68 15.84
CA PHE A 270 -5.83 6.81 14.95
C PHE A 270 -6.76 7.81 15.62
N ASP A 271 -6.83 9.01 15.06
CA ASP A 271 -7.68 10.04 15.63
C ASP A 271 -9.15 9.62 15.52
N GLN A 272 -10.00 10.29 16.31
CA GLN A 272 -11.35 9.80 16.50
C GLN A 272 -12.16 9.81 15.22
N LEU A 273 -12.13 10.92 14.48
CA LEU A 273 -12.82 10.96 13.20
C LEU A 273 -12.31 9.85 12.29
N THR A 274 -10.99 9.77 12.10
CA THR A 274 -10.46 8.75 11.19
C THR A 274 -10.84 7.34 11.65
N GLN A 275 -10.64 7.03 12.93
CA GLN A 275 -10.97 5.70 13.44
C GLN A 275 -12.46 5.42 13.38
N ASP A 276 -13.30 6.46 13.50
CA ASP A 276 -14.74 6.26 13.32
C ASP A 276 -15.04 5.79 11.90
N VAL A 277 -14.50 6.48 10.90
CA VAL A 277 -14.73 6.08 9.52
C VAL A 277 -14.24 4.65 9.30
N PHE A 278 -13.00 4.36 9.70
CA PHE A 278 -12.42 3.02 9.54
C PHE A 278 -13.31 1.94 10.14
N LEU A 279 -13.73 2.10 11.41
CA LEU A 279 -14.51 1.07 12.06
C LEU A 279 -15.93 0.99 11.48
N ASP A 280 -16.58 2.14 11.23
CA ASP A 280 -17.92 2.06 10.65
C ASP A 280 -17.86 1.39 9.28
N LEU A 281 -16.75 1.57 8.55
CA LEU A 281 -16.56 0.85 7.29
C LEU A 281 -16.53 -0.66 7.53
N ILE A 282 -15.73 -1.12 8.48
CA ILE A 282 -15.58 -2.57 8.66
C ILE A 282 -16.88 -3.17 9.17
N TYR A 283 -17.47 -2.56 10.19
CA TYR A 283 -18.70 -3.08 10.78
C TYR A 283 -19.88 -2.90 9.84
N GLY A 284 -19.99 -1.74 9.21
CA GLY A 284 -21.08 -1.52 8.28
C GLY A 284 -21.10 -2.52 7.15
N ASN A 285 -19.92 -2.83 6.58
CA ASN A 285 -19.85 -3.84 5.54
C ASN A 285 -20.35 -5.19 6.06
N PHE A 286 -20.11 -5.48 7.33
CA PHE A 286 -20.55 -6.76 7.89
C PHE A 286 -22.08 -6.87 7.91
N VAL A 287 -22.80 -5.79 8.27
CA VAL A 287 -24.25 -5.84 8.30
C VAL A 287 -24.83 -6.01 6.90
N TRP A 288 -24.38 -5.17 5.97
CA TRP A 288 -24.85 -5.30 4.60
C TRP A 288 -24.60 -6.71 4.07
N THR A 289 -23.38 -7.22 4.23
CA THR A 289 -23.01 -8.50 3.64
C THR A 289 -23.91 -9.63 4.13
N THR A 290 -24.14 -9.68 5.44
CA THR A 290 -24.77 -10.85 6.07
C THR A 290 -26.22 -11.02 5.67
N SER A 291 -26.76 -10.10 4.86
CA SER A 291 -28.16 -10.06 4.56
C SER A 291 -28.45 -9.73 3.11
N ASN A 292 -27.42 -9.47 2.31
CA ASN A 292 -27.58 -9.20 0.89
C ASN A 292 -27.77 -10.50 0.12
N LYS A 293 -28.67 -10.46 -0.87
CA LYS A 293 -29.09 -11.61 -1.66
C LYS A 293 -27.95 -12.18 -2.49
N ARG A 294 -27.06 -11.29 -2.93
CA ARG A 294 -25.92 -11.73 -3.73
C ARG A 294 -25.06 -12.76 -2.99
N TYR A 295 -25.06 -12.73 -1.66
CA TYR A 295 -24.22 -13.60 -0.84
C TYR A 295 -25.03 -14.68 -0.12
N LYS A 296 -25.79 -15.47 -0.88
CA LYS A 296 -26.64 -16.49 -0.27
C LYS A 296 -26.75 -17.76 -1.08
N THR A 297 -26.33 -17.73 -2.34
CA THR A 297 -26.21 -18.86 -3.24
C THR A 297 -25.37 -18.39 -4.42
N ALA A 298 -25.44 -19.13 -5.51
CA ALA A 298 -25.40 -18.52 -6.84
C ALA A 298 -26.80 -18.62 -7.42
N ILE B 13 18.29 -0.23 27.88
CA ILE B 13 17.96 0.79 26.90
C ILE B 13 18.98 1.94 26.96
N GLY B 14 20.06 1.82 26.19
CA GLY B 14 21.17 2.75 26.37
C GLY B 14 21.98 3.03 25.12
N ARG B 15 22.65 1.99 24.58
CA ARG B 15 23.29 1.98 23.27
C ARG B 15 23.33 0.58 22.68
N SER B 16 22.24 0.09 22.08
CA SER B 16 22.17 -1.32 21.73
C SER B 16 22.73 -1.56 20.31
N SER B 17 22.79 -2.84 19.93
CA SER B 17 23.59 -3.19 18.77
C SER B 17 23.33 -4.62 18.33
N VAL B 18 23.36 -4.81 17.01
CA VAL B 18 23.38 -6.12 16.40
C VAL B 18 24.78 -6.48 15.87
N ARG B 19 25.80 -5.75 16.29
CA ARG B 19 27.17 -6.01 15.85
C ARG B 19 27.61 -7.48 15.96
N PRO B 20 27.23 -8.26 16.98
CA PRO B 20 27.78 -9.63 17.05
C PRO B 20 27.32 -10.51 15.91
N TYR B 21 26.26 -10.11 15.20
CA TYR B 21 25.65 -10.93 14.17
C TYR B 21 26.03 -10.49 12.77
N LEU B 22 26.88 -9.47 12.65
CA LEU B 22 27.15 -8.88 11.35
C LEU B 22 27.52 -9.95 10.33
N GLU B 23 28.58 -10.69 10.60
CA GLU B 23 29.14 -11.55 9.56
C GLU B 23 28.23 -12.74 9.28
N GLU B 24 27.66 -13.33 10.31
CA GLU B 24 26.84 -14.51 10.11
C GLU B 24 25.54 -14.17 9.38
N CYS B 25 24.93 -13.03 9.71
CA CYS B 25 23.69 -12.63 9.06
C CYS B 25 23.94 -12.15 7.64
N THR B 26 25.04 -11.43 7.43
CA THR B 26 25.41 -11.07 6.06
C THR B 26 25.54 -12.31 5.19
N ARG B 27 26.14 -13.38 5.73
CA ARG B 27 26.25 -14.63 4.97
C ARG B 27 24.88 -15.28 4.80
N ARG B 28 24.05 -15.28 5.84
CA ARG B 28 22.68 -15.75 5.71
C ARG B 28 21.95 -15.01 4.60
N PHE B 29 21.99 -13.68 4.61
CA PHE B 29 21.36 -12.90 3.54
C PHE B 29 21.94 -13.30 2.20
N GLN B 30 23.27 -13.33 2.09
CA GLN B 30 23.94 -13.66 0.83
C GLN B 30 23.55 -15.05 0.33
N GLU B 31 23.61 -16.05 1.22
CA GLU B 31 23.23 -17.40 0.80
C GLU B 31 21.77 -17.46 0.41
N MET B 32 20.92 -16.61 0.99
CA MET B 32 19.52 -16.59 0.60
C MET B 32 19.37 -16.07 -0.81
N PHE B 33 20.05 -14.97 -1.14
CA PHE B 33 19.98 -14.41 -2.50
C PHE B 33 20.58 -15.36 -3.54
N ASP B 34 21.59 -16.18 -3.17
CA ASP B 34 22.20 -17.11 -4.13
C ASP B 34 21.32 -18.31 -4.39
N ARG B 35 20.50 -18.70 -3.42
CA ARG B 35 19.55 -19.78 -3.67
C ARG B 35 18.35 -19.28 -4.47
N HIS B 36 17.87 -18.06 -4.17
CA HIS B 36 16.53 -17.65 -4.54
C HIS B 36 16.45 -16.59 -5.62
N VAL B 37 17.41 -15.67 -5.73
CA VAL B 37 17.32 -14.56 -6.65
C VAL B 37 18.23 -14.73 -7.86
N VAL B 38 19.48 -15.11 -7.61
CA VAL B 38 20.44 -15.54 -8.64
C VAL B 38 21.06 -14.35 -9.36
N THR B 39 20.30 -13.67 -10.23
CA THR B 39 20.85 -12.51 -10.93
C THR B 39 21.48 -11.52 -9.95
N ARG B 40 22.82 -11.33 -10.03
CA ARG B 40 23.44 -10.31 -9.21
C ARG B 40 23.12 -8.91 -9.76
N PRO B 41 22.97 -7.91 -8.91
CA PRO B 41 22.75 -6.55 -9.40
C PRO B 41 24.03 -5.98 -10.01
N THR B 42 23.84 -5.20 -11.08
CA THR B 42 24.95 -4.58 -11.80
C THR B 42 24.79 -3.08 -11.70
N LYS B 43 25.85 -2.38 -11.30
CA LYS B 43 25.78 -0.96 -10.97
C LYS B 43 25.94 -0.08 -12.21
N VAL B 44 25.09 0.94 -12.28
CA VAL B 44 25.03 1.84 -13.45
C VAL B 44 26.14 2.87 -13.35
N GLU B 45 26.79 3.14 -14.47
CA GLU B 45 27.84 4.14 -14.53
C GLU B 45 27.23 5.47 -14.95
N LEU B 46 27.33 6.48 -14.08
CA LEU B 46 27.08 7.86 -14.44
C LEU B 46 28.40 8.52 -14.80
N THR B 47 28.47 9.08 -16.00
CA THR B 47 29.62 9.90 -16.36
C THR B 47 29.80 10.99 -15.30
N ASP B 48 31.03 11.44 -15.15
CA ASP B 48 31.37 12.43 -14.13
C ASP B 48 30.45 13.64 -14.19
N ALA B 49 30.11 14.07 -15.40
CA ALA B 49 29.26 15.23 -15.58
C ALA B 49 27.85 15.01 -15.07
N GLU B 50 27.35 13.77 -15.12
CA GLU B 50 25.97 13.52 -14.71
C GLU B 50 25.82 13.59 -13.19
N LEU B 51 26.77 13.02 -12.45
CA LEU B 51 26.77 13.20 -11.00
C LEU B 51 26.76 14.68 -10.64
N ARG B 52 27.54 15.49 -11.37
CA ARG B 52 27.49 16.94 -11.26
C ARG B 52 26.09 17.50 -11.54
N GLU B 53 25.35 16.88 -12.45
CA GLU B 53 23.98 17.31 -12.71
C GLU B 53 23.07 16.91 -11.55
N VAL B 54 23.24 15.68 -11.05
CA VAL B 54 22.50 15.24 -9.87
C VAL B 54 22.68 16.21 -8.71
N ILE B 55 23.92 16.36 -8.25
CA ILE B 55 24.19 17.09 -7.01
C ILE B 55 23.76 18.55 -7.13
N ASP B 56 23.89 19.16 -8.31
CA ASP B 56 23.38 20.52 -8.48
C ASP B 56 21.88 20.57 -8.24
N ASP B 57 21.12 19.74 -8.95
CA ASP B 57 19.68 19.72 -8.72
C ASP B 57 19.36 19.40 -7.27
N CYS B 58 20.19 18.58 -6.63
CA CYS B 58 19.96 18.20 -5.23
C CYS B 58 20.19 19.38 -4.29
N ASN B 59 21.30 20.09 -4.45
CA ASN B 59 21.58 21.26 -3.63
C ASN B 59 20.52 22.33 -3.84
N ALA B 60 20.15 22.59 -5.09
CA ALA B 60 19.13 23.59 -5.36
C ALA B 60 17.84 23.26 -4.63
N ALA B 61 17.46 21.99 -4.62
CA ALA B 61 16.15 21.63 -4.10
C ALA B 61 16.09 21.82 -2.59
N VAL B 62 17.10 21.35 -1.85
CA VAL B 62 17.08 21.52 -0.40
C VAL B 62 17.68 22.85 0.02
N ALA B 63 18.07 23.71 -0.92
CA ALA B 63 18.62 25.02 -0.57
C ALA B 63 17.68 25.83 0.32
N PRO B 64 16.38 25.94 0.03
CA PRO B 64 15.51 26.71 0.94
C PRO B 64 15.41 26.12 2.33
N LEU B 65 15.73 24.85 2.53
CA LEU B 65 15.67 24.22 3.85
C LEU B 65 16.84 24.63 4.75
N GLY B 66 17.81 25.35 4.21
CA GLY B 66 18.84 26.00 5.00
C GLY B 66 19.73 25.10 5.81
N LYS B 67 20.02 23.92 5.26
CA LYS B 67 20.96 22.98 5.87
C LYS B 67 21.91 22.47 4.80
N THR B 68 23.19 22.70 5.00
CA THR B 68 24.19 22.29 4.02
C THR B 68 24.35 20.77 4.02
N VAL B 69 24.43 20.19 2.83
CA VAL B 69 24.78 18.79 2.69
C VAL B 69 25.84 18.67 1.61
N SER B 70 26.94 17.99 1.95
CA SER B 70 28.12 17.96 1.10
C SER B 70 28.06 16.81 0.10
N ASP B 71 28.94 16.90 -0.90
CA ASP B 71 28.94 15.97 -2.03
C ASP B 71 29.15 14.53 -1.58
N GLU B 72 30.04 14.32 -0.62
CA GLU B 72 30.25 12.98 -0.08
C GLU B 72 28.95 12.37 0.41
N ARG B 73 28.08 13.17 1.02
CA ARG B 73 26.82 12.65 1.55
C ARG B 73 25.85 12.35 0.41
N TRP B 74 25.76 13.24 -0.58
CA TRP B 74 24.92 13.00 -1.76
C TRP B 74 25.27 11.66 -2.40
N ILE B 75 26.56 11.43 -2.60
CA ILE B 75 27.03 10.27 -3.37
C ILE B 75 26.82 8.97 -2.60
N SER B 76 26.89 9.03 -1.27
CA SER B 76 26.45 7.90 -0.45
C SER B 76 25.01 7.55 -0.78
N TYR B 77 24.11 8.54 -0.69
CA TYR B 77 22.70 8.35 -1.00
C TYR B 77 22.48 7.75 -2.39
N VAL B 78 23.07 8.37 -3.41
CA VAL B 78 22.73 8.01 -4.78
C VAL B 78 23.07 6.56 -5.08
N GLY B 79 23.95 5.94 -4.28
CA GLY B 79 24.35 4.58 -4.53
C GLY B 79 23.20 3.59 -4.54
N VAL B 80 22.16 3.82 -3.74
CA VAL B 80 21.01 2.93 -3.79
C VAL B 80 20.38 2.94 -5.19
N VAL B 81 20.32 4.10 -5.84
CA VAL B 81 19.72 4.14 -7.18
C VAL B 81 20.67 3.54 -8.21
N LEU B 82 21.98 3.79 -8.06
CA LEU B 82 22.93 3.24 -9.00
C LEU B 82 22.95 1.71 -8.95
N TRP B 83 22.64 1.14 -7.78
CA TRP B 83 22.73 -0.29 -7.56
C TRP B 83 21.41 -1.03 -7.61
N SER B 84 20.28 -0.36 -7.41
CA SER B 84 19.05 -1.10 -7.17
C SER B 84 18.00 -0.94 -8.25
N GLN B 85 18.29 -0.20 -9.32
CA GLN B 85 17.45 -0.21 -10.51
C GLN B 85 17.80 -1.47 -11.33
N SER B 86 17.34 -1.53 -12.59
CA SER B 86 17.45 -2.72 -13.42
C SER B 86 18.06 -2.35 -14.77
N PRO B 87 19.39 -2.37 -14.88
CA PRO B 87 20.01 -1.98 -16.16
C PRO B 87 19.62 -2.86 -17.33
N ARG B 88 19.24 -4.12 -17.11
CA ARG B 88 18.76 -4.97 -18.19
C ARG B 88 17.61 -4.32 -18.96
N HIS B 89 16.87 -3.41 -18.33
CA HIS B 89 15.60 -2.97 -18.88
C HIS B 89 15.47 -1.45 -18.97
N ILE B 90 16.42 -0.69 -18.43
CA ILE B 90 16.32 0.76 -18.46
C ILE B 90 16.17 1.25 -19.90
N LYS B 91 15.13 2.03 -20.14
CA LYS B 91 14.92 2.71 -21.42
C LYS B 91 15.07 4.22 -21.33
N ASP B 92 14.75 4.85 -20.20
CA ASP B 92 14.72 6.30 -20.10
C ASP B 92 15.64 6.78 -18.99
N MET B 93 16.81 7.27 -19.39
CA MET B 93 17.77 7.84 -18.44
C MET B 93 17.32 9.17 -17.85
N GLU B 94 16.43 9.92 -18.53
CA GLU B 94 15.89 11.12 -17.91
C GLU B 94 15.10 10.77 -16.65
N ALA B 95 14.25 9.76 -16.75
CA ALA B 95 13.56 9.24 -15.57
C ALA B 95 14.56 8.70 -14.55
N PHE B 96 15.65 8.08 -15.01
CA PHE B 96 16.68 7.59 -14.09
C PHE B 96 17.29 8.75 -13.32
N LYS B 97 17.75 9.79 -14.03
CA LYS B 97 18.33 10.94 -13.36
C LYS B 97 17.34 11.56 -12.38
N ALA B 98 16.05 11.52 -12.70
CA ALA B 98 15.03 12.00 -11.78
C ALA B 98 15.03 11.20 -10.48
N VAL B 99 15.06 9.87 -10.58
CA VAL B 99 15.03 9.05 -9.36
C VAL B 99 16.26 9.32 -8.51
N CYS B 100 17.44 9.49 -9.13
CA CYS B 100 18.62 9.84 -8.36
C CYS B 100 18.39 11.11 -7.55
N VAL B 101 17.83 12.13 -8.20
CA VAL B 101 17.64 13.42 -7.54
C VAL B 101 16.57 13.31 -6.45
N LEU B 102 15.40 12.77 -6.80
CA LEU B 102 14.31 12.67 -5.85
C LEU B 102 14.70 11.79 -4.66
N ASN B 103 15.33 10.65 -4.93
CA ASN B 103 15.73 9.81 -3.82
C ASN B 103 16.72 10.55 -2.93
N CYS B 104 17.75 11.15 -3.54
CA CYS B 104 18.77 11.82 -2.75
C CYS B 104 18.20 12.96 -1.92
N VAL B 105 17.29 13.75 -2.48
CA VAL B 105 16.87 14.92 -1.72
C VAL B 105 15.96 14.52 -0.58
N THR B 106 15.16 13.47 -0.74
CA THR B 106 14.26 13.09 0.34
C THR B 106 14.97 12.28 1.42
N PHE B 107 16.11 11.68 1.11
CA PHE B 107 16.95 11.11 2.15
C PHE B 107 17.51 12.21 3.06
N VAL B 108 17.85 13.35 2.48
CA VAL B 108 18.21 14.50 3.30
C VAL B 108 17.06 14.86 4.23
N TRP B 109 15.84 14.88 3.69
CA TRP B 109 14.66 15.15 4.50
C TRP B 109 14.49 14.13 5.61
N ASP B 110 14.84 12.88 5.32
CA ASP B 110 14.70 11.81 6.30
C ASP B 110 15.72 11.96 7.42
N ASP B 111 16.92 12.41 7.09
CA ASP B 111 18.00 12.58 8.06
C ASP B 111 17.87 13.85 8.91
N MET B 112 16.83 14.65 8.70
CA MET B 112 16.72 16.00 9.25
C MET B 112 15.93 16.02 10.54
N ASP B 113 16.22 17.00 11.39
CA ASP B 113 15.34 17.36 12.48
C ASP B 113 14.08 17.99 11.92
N PRO B 114 12.90 17.53 12.33
CA PRO B 114 11.66 18.05 11.73
C PRO B 114 11.53 19.56 11.79
N ALA B 115 12.20 20.23 12.73
CA ALA B 115 12.10 21.69 12.80
C ALA B 115 12.62 22.35 11.54
N LEU B 116 13.43 21.64 10.75
CA LEU B 116 13.96 22.12 9.47
C LEU B 116 13.05 21.82 8.29
N HIS B 117 12.07 20.94 8.45
CA HIS B 117 11.10 20.67 7.39
C HIS B 117 10.30 21.93 7.12
N ASP B 118 10.46 22.50 5.94
CA ASP B 118 9.57 23.54 5.45
C ASP B 118 8.95 23.08 4.14
N PHE B 119 7.67 22.73 4.17
CA PHE B 119 6.96 22.34 2.96
C PHE B 119 6.90 23.48 1.96
N GLY B 120 6.39 24.64 2.38
CA GLY B 120 6.28 25.78 1.49
C GLY B 120 7.57 26.08 0.73
N LEU B 121 8.71 25.79 1.35
CA LEU B 121 10.00 26.03 0.73
C LEU B 121 10.52 24.81 -0.05
N PHE B 122 10.31 23.60 0.45
CA PHE B 122 10.88 22.42 -0.19
C PHE B 122 9.98 21.86 -1.30
N LEU B 123 8.66 21.90 -1.08
CA LEU B 123 7.73 21.28 -2.02
C LEU B 123 7.76 21.87 -3.42
N PRO B 124 7.87 23.19 -3.62
CA PRO B 124 8.09 23.68 -4.99
C PRO B 124 9.30 23.07 -5.64
N GLN B 125 10.37 22.81 -4.87
CA GLN B 125 11.59 22.27 -5.48
C GLN B 125 11.38 20.84 -5.95
N LEU B 126 10.62 20.04 -5.20
CA LEU B 126 10.29 18.69 -5.64
C LEU B 126 9.43 18.74 -6.90
N ARG B 127 8.56 19.74 -7.01
CA ARG B 127 7.79 19.91 -8.23
C ARG B 127 8.69 20.28 -9.40
N LYS B 128 9.61 21.23 -9.20
CA LYS B 128 10.54 21.62 -10.27
C LYS B 128 11.38 20.45 -10.76
N ILE B 129 11.82 19.57 -9.84
CA ILE B 129 12.58 18.39 -10.25
C ILE B 129 11.72 17.52 -11.17
N CYS B 130 10.48 17.26 -10.78
CA CYS B 130 9.60 16.35 -11.52
C CYS B 130 9.25 16.91 -12.90
N GLU B 131 8.90 18.20 -12.97
CA GLU B 131 8.58 18.80 -14.25
C GLU B 131 9.79 18.89 -15.16
N LYS B 132 10.99 18.93 -14.58
CA LYS B 132 12.19 19.01 -15.41
C LYS B 132 12.48 17.68 -16.09
N TYR B 133 12.18 16.57 -15.44
CA TYR B 133 12.63 15.27 -15.92
C TYR B 133 11.55 14.39 -16.52
N TYR B 134 10.28 14.65 -16.23
CA TYR B 134 9.19 13.81 -16.70
C TYR B 134 8.28 14.59 -17.64
N GLY B 135 7.50 13.85 -18.41
CA GLY B 135 6.40 14.43 -19.13
C GLY B 135 5.28 14.79 -18.16
N PRO B 136 4.23 15.43 -18.68
CA PRO B 136 3.19 15.95 -17.78
C PRO B 136 2.54 14.94 -16.85
N GLU B 137 2.14 13.78 -17.34
CA GLU B 137 1.40 12.90 -16.44
C GLU B 137 2.35 12.17 -15.47
N ASP B 138 3.55 11.79 -15.93
CA ASP B 138 4.52 11.18 -15.02
C ASP B 138 4.96 12.18 -13.97
N ALA B 139 5.04 13.46 -14.32
CA ALA B 139 5.48 14.47 -13.38
C ALA B 139 4.53 14.59 -12.19
N GLU B 140 3.22 14.56 -12.45
CA GLU B 140 2.27 14.67 -11.34
C GLU B 140 2.26 13.41 -10.49
N VAL B 141 2.54 12.26 -11.09
CA VAL B 141 2.56 10.99 -10.35
C VAL B 141 3.76 10.96 -9.43
N ALA B 142 4.95 11.22 -9.97
CA ALA B 142 6.15 11.29 -9.16
C ALA B 142 6.01 12.35 -8.07
N TYR B 143 5.33 13.47 -8.37
CA TYR B 143 5.27 14.54 -7.39
C TYR B 143 4.37 14.18 -6.21
N GLU B 144 3.17 13.67 -6.51
CA GLU B 144 2.28 13.25 -5.42
C GLU B 144 2.97 12.23 -4.53
N ALA B 145 3.71 11.30 -5.12
CA ALA B 145 4.40 10.29 -4.34
C ALA B 145 5.52 10.92 -3.49
N ALA B 146 6.27 11.86 -4.04
CA ALA B 146 7.29 12.55 -3.25
C ALA B 146 6.66 13.35 -2.12
N ARG B 147 5.60 14.09 -2.43
CA ARG B 147 4.88 14.88 -1.43
C ARG B 147 4.35 13.99 -0.32
N ALA B 148 3.69 12.89 -0.69
CA ALA B 148 3.19 11.96 0.31
C ALA B 148 4.31 11.45 1.21
N PHE B 149 5.46 11.10 0.62
CA PHE B 149 6.54 10.53 1.41
C PHE B 149 7.09 11.52 2.43
N VAL B 150 7.47 12.73 1.98
CA VAL B 150 8.09 13.66 2.92
C VAL B 150 7.06 14.18 3.91
N THR B 151 5.80 14.29 3.50
CA THR B 151 4.71 14.57 4.43
C THR B 151 4.57 13.45 5.45
N SER B 152 4.71 12.19 5.02
CA SER B 152 4.62 11.09 5.98
C SER B 152 5.80 11.10 6.94
N ASP B 153 7.02 11.24 6.43
CA ASP B 153 8.17 11.21 7.32
C ASP B 153 8.09 12.31 8.36
N HIS B 154 7.67 13.50 7.94
CA HIS B 154 7.46 14.59 8.88
C HIS B 154 6.33 14.27 9.85
N MET B 155 5.21 13.75 9.31
CA MET B 155 3.98 13.59 10.09
C MET B 155 4.17 12.67 11.27
N PHE B 156 4.93 11.60 11.10
CA PHE B 156 4.98 10.58 12.14
C PHE B 156 6.17 10.72 13.09
N ARG B 157 6.91 11.84 13.05
CA ARG B 157 8.15 11.94 13.83
C ARG B 157 7.92 11.63 15.31
N ASP B 158 6.82 12.10 15.87
CA ASP B 158 6.49 11.74 17.25
C ASP B 158 5.03 11.37 17.38
N SER B 159 4.50 10.60 16.39
CA SER B 159 3.09 10.22 16.41
C SER B 159 2.89 8.96 17.23
N PRO B 160 1.79 8.89 17.99
CA PRO B 160 1.47 7.63 18.66
C PRO B 160 1.06 6.57 17.68
N ILE B 161 0.66 6.95 16.46
CA ILE B 161 0.33 5.95 15.44
C ILE B 161 1.58 5.18 15.04
N LYS B 162 2.69 5.88 14.84
CA LYS B 162 3.93 5.17 14.53
C LYS B 162 4.28 4.20 15.67
N ALA B 163 4.05 4.62 16.91
CA ALA B 163 4.33 3.76 18.06
C ALA B 163 3.49 2.50 18.03
N ALA B 164 2.19 2.63 17.74
CA ALA B 164 1.31 1.46 17.74
C ALA B 164 1.69 0.45 16.65
N LEU B 165 1.83 0.91 15.41
CA LEU B 165 2.13 0.00 14.31
C LEU B 165 3.53 -0.61 14.44
N CYS B 166 4.48 0.11 15.04
CA CYS B 166 5.83 -0.39 15.11
C CYS B 166 6.08 -1.31 16.31
N THR B 167 5.16 -1.38 17.26
CA THR B 167 5.39 -2.17 18.47
C THR B 167 4.42 -3.34 18.66
N THR B 168 3.47 -3.57 17.75
CA THR B 168 2.55 -4.68 18.00
C THR B 168 3.02 -5.98 17.36
N SER B 169 3.31 -5.96 16.05
CA SER B 169 3.56 -7.18 15.32
C SER B 169 4.28 -6.85 14.01
N PRO B 170 4.96 -7.82 13.41
CA PRO B 170 5.52 -7.60 12.07
C PRO B 170 4.48 -7.11 11.07
N GLU B 171 3.28 -7.67 11.14
CA GLU B 171 2.17 -7.29 10.26
C GLU B 171 1.96 -5.80 10.25
N GLN B 172 1.67 -5.23 11.43
CA GLN B 172 1.41 -3.80 11.51
C GLN B 172 2.65 -3.03 11.12
N TYR B 173 3.83 -3.52 11.49
CA TYR B 173 5.05 -2.75 11.21
C TYR B 173 5.33 -2.67 9.72
N PHE B 174 5.29 -3.81 9.02
CA PHE B 174 5.53 -3.76 7.59
C PHE B 174 4.42 -3.00 6.84
N ARG B 175 3.19 -3.02 7.37
CA ARG B 175 2.13 -2.21 6.76
C ARG B 175 2.49 -0.73 6.81
N PHE B 176 3.06 -0.28 7.94
CA PHE B 176 3.51 1.10 8.04
C PHE B 176 4.64 1.38 7.06
N ARG B 177 5.52 0.41 6.85
CA ARG B 177 6.75 0.62 6.08
C ARG B 177 6.52 0.75 4.57
N VAL B 178 5.41 0.21 4.04
CA VAL B 178 5.10 0.37 2.61
C VAL B 178 5.28 1.82 2.18
N THR B 179 4.75 2.74 2.97
CA THR B 179 4.94 4.16 2.73
C THR B 179 6.24 4.65 3.34
N ASP B 180 6.46 4.35 4.61
CA ASP B 180 7.46 5.08 5.38
C ASP B 180 8.88 4.84 4.85
N ILE B 181 9.24 3.60 4.53
CA ILE B 181 10.59 3.38 4.00
C ILE B 181 10.78 4.06 2.64
N GLY B 182 9.70 4.38 1.95
CA GLY B 182 9.78 5.09 0.69
C GLY B 182 9.62 4.23 -0.56
N VAL B 183 9.30 2.95 -0.44
CA VAL B 183 9.30 2.09 -1.63
C VAL B 183 8.08 2.37 -2.53
N ASP B 184 6.93 2.75 -1.97
CA ASP B 184 5.82 3.14 -2.84
C ASP B 184 6.19 4.36 -3.67
N PHE B 185 6.82 5.35 -3.03
CA PHE B 185 7.39 6.49 -3.71
C PHE B 185 8.38 6.06 -4.79
N TRP B 186 9.25 5.10 -4.46
CA TRP B 186 10.26 4.62 -5.40
C TRP B 186 9.63 4.06 -6.67
N MET B 187 8.64 3.17 -6.52
CA MET B 187 7.98 2.58 -7.68
C MET B 187 7.31 3.64 -8.56
N LYS B 188 6.58 4.58 -7.95
CA LYS B 188 5.79 5.54 -8.69
C LYS B 188 6.64 6.61 -9.37
N MET B 189 7.90 6.76 -8.96
CA MET B 189 8.83 7.59 -9.72
C MET B 189 9.76 6.77 -10.62
N SER B 190 9.82 5.46 -10.45
CA SER B 190 10.71 4.66 -11.26
C SER B 190 10.06 4.08 -12.51
N TYR B 191 8.72 3.94 -12.55
CA TYR B 191 8.10 3.27 -13.69
C TYR B 191 8.43 3.95 -15.03
N PRO B 192 8.61 5.27 -15.13
CA PRO B 192 8.97 5.83 -16.44
C PRO B 192 10.36 5.47 -16.91
N ILE B 193 11.23 4.97 -16.03
CA ILE B 193 12.53 4.49 -16.46
C ILE B 193 12.36 3.34 -17.45
N TYR B 194 11.35 2.51 -17.24
CA TYR B 194 11.23 1.25 -17.94
C TYR B 194 10.18 1.22 -19.04
N ARG B 195 9.23 2.15 -19.06
CA ARG B 195 8.13 2.17 -20.05
C ARG B 195 7.59 0.77 -20.30
N HIS B 196 7.41 0.02 -19.22
CA HIS B 196 6.86 -1.32 -19.29
C HIS B 196 5.46 -1.27 -18.71
N PRO B 197 4.42 -1.53 -19.51
CA PRO B 197 3.04 -1.35 -18.99
C PRO B 197 2.71 -2.21 -17.78
N GLU B 198 3.15 -3.46 -17.77
CA GLU B 198 2.92 -4.31 -16.60
C GLU B 198 3.44 -3.66 -15.34
N PHE B 199 4.72 -3.25 -15.34
CA PHE B 199 5.31 -2.67 -14.13
C PHE B 199 4.66 -1.33 -13.81
N THR B 200 4.21 -0.59 -14.82
CA THR B 200 3.59 0.69 -14.55
C THR B 200 2.30 0.51 -13.77
N GLU B 201 1.50 -0.50 -14.12
CA GLU B 201 0.28 -0.76 -13.36
C GLU B 201 0.58 -1.20 -11.93
N HIS B 202 1.55 -2.11 -11.77
CA HIS B 202 1.90 -2.58 -10.43
C HIS B 202 2.44 -1.43 -9.58
N ALA B 203 3.20 -0.52 -10.18
CA ALA B 203 3.62 0.68 -9.47
C ALA B 203 2.42 1.51 -9.01
N LYS B 204 1.44 1.72 -9.90
CA LYS B 204 0.33 2.61 -9.61
C LYS B 204 -0.67 2.00 -8.63
N THR B 205 -0.78 0.67 -8.57
CA THR B 205 -1.63 0.08 -7.55
C THR B 205 -0.94 -0.05 -6.20
N SER B 206 0.37 0.20 -6.14
CA SER B 206 1.23 -0.10 -5.00
C SER B 206 1.43 -1.59 -4.79
N LEU B 207 0.94 -2.46 -5.67
CA LEU B 207 1.27 -3.87 -5.56
C LEU B 207 2.79 -4.07 -5.61
N ALA B 208 3.45 -3.31 -6.48
CA ALA B 208 4.91 -3.41 -6.57
C ALA B 208 5.57 -3.06 -5.23
N ALA B 209 5.17 -1.93 -4.63
CA ALA B 209 5.69 -1.57 -3.32
C ALA B 209 5.45 -2.67 -2.30
N ARG B 210 4.22 -3.20 -2.27
CA ARG B 210 3.86 -4.18 -1.24
C ARG B 210 4.66 -5.47 -1.39
N MET B 211 5.00 -5.84 -2.63
CA MET B 211 5.76 -7.07 -2.86
C MET B 211 7.21 -6.95 -2.38
N THR B 212 7.81 -5.76 -2.47
CA THR B 212 9.21 -5.54 -2.16
C THR B 212 9.46 -4.92 -0.78
N THR B 213 8.40 -4.56 -0.04
CA THR B 213 8.57 -3.86 1.24
C THR B 213 9.43 -4.68 2.20
N ARG B 214 9.08 -5.96 2.39
CA ARG B 214 9.75 -6.75 3.42
C ARG B 214 11.22 -6.98 3.08
N GLY B 215 11.53 -7.29 1.82
CA GLY B 215 12.91 -7.51 1.44
C GLY B 215 13.80 -6.28 1.63
N LEU B 216 13.27 -5.10 1.29
CA LEU B 216 13.99 -3.86 1.51
C LEU B 216 14.09 -3.52 3.00
N THR B 217 12.98 -3.71 3.73
CA THR B 217 12.91 -3.21 5.08
C THR B 217 13.69 -4.11 6.03
N ILE B 218 13.65 -5.43 5.82
CA ILE B 218 14.33 -6.32 6.72
C ILE B 218 15.84 -6.12 6.62
N VAL B 219 16.35 -6.01 5.40
CA VAL B 219 17.77 -5.74 5.17
C VAL B 219 18.15 -4.40 5.79
N ASN B 220 17.37 -3.36 5.50
CA ASN B 220 17.75 -2.05 6.00
C ASN B 220 17.65 -1.97 7.52
N ASP B 221 16.66 -2.64 8.12
CA ASP B 221 16.51 -2.57 9.56
C ASP B 221 17.72 -3.20 10.27
N PHE B 222 18.23 -4.33 9.76
CA PHE B 222 19.38 -4.95 10.41
C PHE B 222 20.58 -4.03 10.41
N TYR B 223 20.93 -3.50 9.26
CA TYR B 223 22.13 -2.70 9.13
C TYR B 223 21.97 -1.27 9.64
N SER B 224 20.76 -0.78 9.90
CA SER B 224 20.61 0.56 10.46
C SER B 224 20.09 0.54 11.90
N TYR B 225 19.93 -0.66 12.49
CA TYR B 225 19.44 -0.77 13.85
C TYR B 225 20.31 0.01 14.82
N ASP B 226 21.64 -0.09 14.69
CA ASP B 226 22.54 0.60 15.60
C ASP B 226 22.34 2.11 15.56
N ARG B 227 22.36 2.70 14.35
CA ARG B 227 22.16 4.14 14.24
C ARG B 227 20.82 4.56 14.82
N GLU B 228 19.76 3.80 14.53
CA GLU B 228 18.42 4.22 14.91
C GLU B 228 18.18 4.13 16.41
N VAL B 229 18.61 3.04 17.05
CA VAL B 229 18.43 2.97 18.50
C VAL B 229 19.21 4.08 19.18
N SER B 230 20.40 4.40 18.68
CA SER B 230 21.18 5.46 19.32
C SER B 230 20.48 6.80 19.21
N LEU B 231 19.77 7.04 18.11
CA LEU B 231 19.01 8.28 17.90
C LEU B 231 17.56 8.18 18.36
N GLY B 232 17.22 7.22 19.21
CA GLY B 232 15.87 7.14 19.74
C GLY B 232 14.79 6.81 18.74
N GLN B 233 15.14 6.38 17.53
CA GLN B 233 14.12 6.04 16.55
C GLN B 233 13.62 4.63 16.81
N ILE B 234 12.33 4.42 16.54
CA ILE B 234 11.62 3.19 16.87
C ILE B 234 11.16 2.43 15.64
N THR B 235 11.37 2.96 14.44
CA THR B 235 10.88 2.35 13.19
C THR B 235 11.91 1.34 12.71
N ASN B 236 11.81 0.11 13.20
CA ASN B 236 12.81 -0.91 12.95
C ASN B 236 12.32 -2.25 13.49
N CYS B 237 12.11 -3.25 12.63
CA CYS B 237 11.42 -4.46 13.10
C CYS B 237 12.20 -5.21 14.19
N PHE B 238 13.53 -5.09 14.21
CA PHE B 238 14.27 -5.83 15.25
C PHE B 238 14.05 -5.27 16.65
N ARG B 239 13.49 -4.06 16.77
CA ARG B 239 12.97 -3.57 18.04
C ARG B 239 11.80 -4.40 18.57
N LEU B 240 11.27 -5.33 17.77
CA LEU B 240 10.23 -6.24 18.23
C LEU B 240 10.79 -7.45 18.95
N CYS B 241 12.10 -7.56 19.06
CA CYS B 241 12.72 -8.68 19.75
C CYS B 241 13.85 -8.17 20.63
N ASP B 242 14.36 -9.09 21.45
CA ASP B 242 15.45 -8.85 22.39
C ASP B 242 16.74 -9.22 21.67
N VAL B 243 17.32 -8.29 20.93
CA VAL B 243 18.57 -8.61 20.24
C VAL B 243 19.65 -8.95 21.25
N SER B 244 19.47 -8.51 22.50
CA SER B 244 20.34 -8.94 23.58
C SER B 244 20.28 -10.45 23.78
N ASP B 245 19.12 -11.08 23.67
CA ASP B 245 18.98 -12.53 23.78
C ASP B 245 19.28 -13.17 22.43
N GLU B 246 20.34 -13.99 22.39
CA GLU B 246 20.77 -14.60 21.13
C GLU B 246 19.78 -15.65 20.65
N THR B 247 19.09 -16.33 21.56
CA THR B 247 18.03 -17.24 21.16
C THR B 247 16.93 -16.49 20.44
N ALA B 248 16.43 -15.43 21.06
CA ALA B 248 15.31 -14.69 20.48
C ALA B 248 15.73 -14.03 19.17
N PHE B 249 16.90 -13.40 19.12
CA PHE B 249 17.33 -12.76 17.89
C PHE B 249 17.36 -13.75 16.74
N LYS B 250 17.87 -14.96 16.98
CA LYS B 250 18.02 -15.90 15.88
C LYS B 250 16.66 -16.43 15.42
N GLU B 251 15.76 -16.69 16.38
CA GLU B 251 14.39 -17.06 16.05
C GLU B 251 13.72 -15.98 15.21
N PHE B 252 13.86 -14.73 15.63
CA PHE B 252 13.28 -13.60 14.92
C PHE B 252 13.88 -13.44 13.53
N PHE B 253 15.22 -13.37 13.46
CA PHE B 253 15.90 -13.20 12.18
C PHE B 253 15.53 -14.30 11.20
N GLN B 254 15.36 -15.53 11.69
CA GLN B 254 14.94 -16.62 10.81
C GLN B 254 13.55 -16.35 10.22
N ALA B 255 12.62 -15.89 11.05
CA ALA B 255 11.28 -15.61 10.56
C ALA B 255 11.27 -14.46 9.55
N ARG B 256 12.14 -13.46 9.73
CA ARG B 256 12.25 -12.41 8.74
C ARG B 256 12.89 -12.92 7.45
N LEU B 257 13.82 -13.85 7.54
CA LEU B 257 14.32 -14.53 6.34
C LEU B 257 13.19 -15.30 5.65
N ASP B 258 12.39 -16.05 6.43
CA ASP B 258 11.18 -16.68 5.91
C ASP B 258 10.35 -15.69 5.10
N ASP B 259 10.04 -14.52 5.68
CA ASP B 259 9.23 -13.53 4.95
C ASP B 259 9.87 -13.14 3.61
N MET B 260 11.19 -12.89 3.62
CA MET B 260 11.85 -12.47 2.39
C MET B 260 11.74 -13.55 1.32
N ILE B 261 11.95 -14.79 1.69
CA ILE B 261 11.93 -15.87 0.71
C ILE B 261 10.53 -16.03 0.13
N GLU B 262 9.50 -16.01 0.99
CA GLU B 262 8.14 -16.14 0.50
C GLU B 262 7.81 -15.03 -0.52
N ASP B 263 8.20 -13.80 -0.20
CA ASP B 263 8.00 -12.70 -1.13
C ASP B 263 8.73 -12.94 -2.45
N ILE B 264 9.99 -13.38 -2.38
CA ILE B 264 10.79 -13.58 -3.59
C ILE B 264 10.17 -14.65 -4.48
N GLU B 265 9.79 -15.77 -3.88
CA GLU B 265 9.16 -16.84 -4.65
C GLU B 265 7.84 -16.36 -5.25
N CYS B 266 7.14 -15.45 -4.58
CA CYS B 266 5.94 -14.86 -5.18
C CYS B 266 6.27 -13.91 -6.32
N ILE B 267 7.36 -13.14 -6.19
CA ILE B 267 7.75 -12.19 -7.23
C ILE B 267 8.03 -12.91 -8.54
N LYS B 268 8.44 -14.18 -8.46
CA LYS B 268 8.74 -14.94 -9.66
C LYS B 268 7.49 -15.28 -10.47
N ALA B 269 6.31 -15.15 -9.89
CA ALA B 269 5.09 -15.30 -10.66
C ALA B 269 4.80 -14.10 -11.54
N PHE B 270 5.42 -12.95 -11.29
CA PHE B 270 5.20 -11.78 -12.12
C PHE B 270 5.90 -11.96 -13.47
N ASP B 271 5.47 -11.18 -14.48
CA ASP B 271 6.12 -11.28 -15.78
C ASP B 271 7.62 -11.03 -15.64
N GLN B 272 8.35 -11.47 -16.67
CA GLN B 272 9.80 -11.61 -16.55
C GLN B 272 10.48 -10.28 -16.30
N LEU B 273 10.11 -9.24 -17.05
CA LEU B 273 10.77 -7.95 -16.85
C LEU B 273 10.44 -7.36 -15.47
N THR B 274 9.18 -7.47 -15.04
CA THR B 274 8.79 -6.89 -13.75
C THR B 274 9.53 -7.58 -12.61
N GLN B 275 9.60 -8.91 -12.62
CA GLN B 275 10.28 -9.61 -11.53
C GLN B 275 11.77 -9.28 -11.50
N ASP B 276 12.43 -9.20 -12.66
CA ASP B 276 13.83 -8.76 -12.70
C ASP B 276 13.99 -7.44 -11.96
N VAL B 277 13.08 -6.51 -12.19
CA VAL B 277 13.15 -5.20 -11.57
C VAL B 277 12.95 -5.29 -10.07
N PHE B 278 11.94 -6.07 -9.64
CA PHE B 278 11.70 -6.24 -8.20
C PHE B 278 12.93 -6.83 -7.51
N LEU B 279 13.54 -7.84 -8.12
CA LEU B 279 14.64 -8.53 -7.46
C LEU B 279 15.92 -7.71 -7.52
N ASP B 280 16.16 -6.98 -8.60
CA ASP B 280 17.28 -6.04 -8.62
C ASP B 280 17.14 -4.98 -7.52
N LEU B 281 15.92 -4.54 -7.22
CA LEU B 281 15.73 -3.59 -6.13
C LEU B 281 16.09 -4.22 -4.78
N ILE B 282 15.57 -5.42 -4.50
CA ILE B 282 15.84 -6.03 -3.19
C ILE B 282 17.32 -6.37 -3.05
N TYR B 283 17.88 -7.09 -4.02
CA TYR B 283 19.27 -7.52 -3.98
C TYR B 283 20.22 -6.33 -4.11
N GLY B 284 19.93 -5.40 -5.02
CA GLY B 284 20.76 -4.21 -5.16
C GLY B 284 20.85 -3.43 -3.86
N ASN B 285 19.71 -3.21 -3.20
CA ASN B 285 19.73 -2.48 -1.95
C ASN B 285 20.64 -3.18 -0.93
N PHE B 286 20.69 -4.50 -0.95
CA PHE B 286 21.55 -5.25 -0.03
C PHE B 286 23.02 -5.04 -0.35
N VAL B 287 23.37 -4.91 -1.63
CA VAL B 287 24.76 -4.66 -1.98
C VAL B 287 25.16 -3.27 -1.56
N TRP B 288 24.31 -2.28 -1.82
CA TRP B 288 24.62 -0.91 -1.44
C TRP B 288 24.70 -0.76 0.07
N THR B 289 23.74 -1.36 0.78
CA THR B 289 23.63 -1.14 2.21
C THR B 289 24.89 -1.61 2.95
N THR B 290 25.50 -2.69 2.51
CA THR B 290 26.60 -3.28 3.29
C THR B 290 27.99 -2.81 2.85
N SER B 291 28.12 -2.17 1.68
CA SER B 291 29.35 -1.53 1.28
C SER B 291 29.42 -0.05 1.67
N ASN B 292 28.30 0.59 1.97
CA ASN B 292 28.26 2.04 2.06
C ASN B 292 28.58 2.55 3.47
N LYS B 293 29.22 3.71 3.51
CA LYS B 293 29.60 4.34 4.78
C LYS B 293 28.39 4.55 5.69
N ARG B 294 27.22 4.83 5.11
CA ARG B 294 26.04 5.18 5.88
C ARG B 294 25.73 4.15 6.94
N TYR B 295 25.90 2.86 6.63
CA TYR B 295 25.62 1.77 7.55
C TYR B 295 26.87 1.20 8.20
N LYS B 296 27.94 1.98 8.29
CA LYS B 296 29.14 1.49 8.97
C LYS B 296 29.07 1.73 10.47
N THR B 297 28.70 2.94 10.88
CA THR B 297 28.71 3.31 12.29
C THR B 297 27.38 3.97 12.67
N ALA B 298 27.13 4.00 13.98
CA ALA B 298 25.86 4.51 14.50
C ALA B 298 25.69 6.00 14.18
N VAL B 299 26.67 6.81 14.52
CA VAL B 299 26.67 8.23 14.16
C VAL B 299 27.86 8.50 13.26
N ASN B 300 27.64 9.27 12.19
CA ASN B 300 28.74 9.80 11.40
C ASN B 300 28.23 10.98 10.58
N ASP B 301 29.06 11.47 9.66
CA ASP B 301 28.82 12.71 8.95
C ASP B 301 28.07 12.52 7.63
N VAL B 302 27.72 11.28 7.29
CA VAL B 302 26.73 11.04 6.26
C VAL B 302 25.42 10.50 6.82
N ASN B 303 25.29 10.37 8.14
CA ASN B 303 24.02 9.96 8.74
C ASN B 303 23.67 10.65 10.05
N SER B 304 24.36 11.70 10.43
CA SER B 304 24.03 12.35 11.69
C SER B 304 22.70 13.08 11.57
N ARG B 305 22.04 13.19 12.73
CA ARG B 305 20.93 14.12 12.89
C ARG B 305 21.24 15.42 12.17
N ILE B 306 20.28 15.88 11.37
CA ILE B 306 20.25 17.27 10.94
C ILE B 306 19.32 17.95 11.92
N GLN B 307 19.62 17.77 13.21
CA GLN B 307 18.93 18.40 14.33
C GLN B 307 19.17 19.90 14.28
N ALA B 308 18.10 20.66 14.47
CA ALA B 308 18.19 22.11 14.37
C ALA B 308 18.72 22.70 15.67
C2 AHD C . -16.17 -5.80 -4.08
C3 AHD C . -16.68 -4.75 -5.06
C7 AHD C . -16.92 -7.07 -4.45
C8 AHD C . -16.52 -8.29 -3.62
O12 AHD C . -19.22 -8.74 -3.67
P9 AHD C . -17.92 -9.46 -3.89
O10 AHD C . -17.84 -10.70 -3.04
O11 AHD C . -17.81 -9.95 -5.30
P14 AHD C . -14.98 -9.08 -4.28
O15 AHD C . -14.99 -9.21 -5.78
O16 AHD C . -14.89 -10.43 -3.62
O17 AHD C . -13.84 -8.19 -3.85
O13 AHD C . -16.29 -7.96 -2.28
N4 AHD C . -15.54 -4.12 -5.71
MG MG D . -16.68 -9.78 -7.05
MG MG E . -15.94 -11.95 -3.55
MG MG F . -13.84 -9.58 -7.49
C2 AHD G . 14.89 5.61 3.83
C3 AHD G . 14.56 6.90 3.06
C7 AHD G . 15.90 5.90 4.94
C8 AHD G . 16.12 4.63 5.77
O12 AHD G . 18.84 4.80 5.77
P9 AHD G . 17.71 4.72 6.73
O10 AHD G . 17.75 3.45 7.54
O11 AHD G . 17.66 5.94 7.59
P14 AHD G . 14.70 4.54 6.94
O15 AHD G . 14.58 5.89 7.57
O16 AHD G . 14.91 3.48 7.98
O17 AHD G . 13.47 4.17 6.13
O13 AHD G . 16.11 3.46 5.00
N4 AHD G . 14.09 6.55 1.72
MG MG H . 16.59 5.98 9.66
MG MG I . 12.30 6.43 6.03
MG MG J . 16.53 2.32 8.52
N SER A 16 -15.54 -26.64 0.00
CA SER A 16 -16.11 -25.91 -1.13
C SER A 16 -17.43 -25.19 -0.80
N SER A 17 -18.05 -25.57 0.31
CA SER A 17 -19.15 -24.77 0.85
C SER A 17 -18.95 -24.58 2.35
N VAL A 18 -18.89 -23.32 2.74
CA VAL A 18 -18.81 -23.00 4.15
C VAL A 18 -20.20 -22.80 4.76
N ARG A 19 -21.27 -23.13 4.03
CA ARG A 19 -22.62 -22.95 4.58
C ARG A 19 -22.88 -23.82 5.81
N PRO A 20 -22.35 -25.06 5.94
CA PRO A 20 -22.49 -25.78 7.21
C PRO A 20 -21.88 -25.04 8.41
N TYR A 21 -21.01 -24.07 8.16
CA TYR A 21 -20.44 -23.25 9.21
C TYR A 21 -21.17 -21.93 9.40
N LEU A 22 -22.17 -21.63 8.56
CA LEU A 22 -22.63 -20.25 8.40
C LEU A 22 -23.18 -19.67 9.70
N GLU A 23 -24.21 -20.31 10.27
CA GLU A 23 -24.87 -19.75 11.45
C GLU A 23 -23.87 -19.53 12.58
N GLU A 24 -23.01 -20.51 12.81
CA GLU A 24 -22.02 -20.40 13.88
C GLU A 24 -21.11 -19.21 13.65
N CYS A 25 -20.50 -19.12 12.46
CA CYS A 25 -19.51 -18.08 12.22
C CYS A 25 -20.14 -16.69 12.27
N THR A 26 -21.41 -16.57 11.85
CA THR A 26 -22.10 -15.28 11.96
C THR A 26 -22.24 -14.87 13.43
N ARG A 27 -22.64 -15.81 14.28
CA ARG A 27 -22.63 -15.56 15.72
C ARG A 27 -21.28 -15.03 16.19
N ARG A 28 -20.20 -15.64 15.68
CA ARG A 28 -18.87 -15.33 16.18
C ARG A 28 -18.41 -13.95 15.72
N PHE A 29 -18.59 -13.66 14.43
CA PHE A 29 -18.33 -12.31 13.91
C PHE A 29 -19.05 -11.27 14.76
N GLN A 30 -20.38 -11.43 14.90
CA GLN A 30 -21.19 -10.50 15.67
C GLN A 30 -20.63 -10.36 17.08
N GLU A 31 -20.32 -11.48 17.73
CA GLU A 31 -19.76 -11.43 19.06
C GLU A 31 -18.49 -10.58 19.10
N MET A 32 -17.64 -10.71 18.08
CA MET A 32 -16.39 -9.94 18.05
C MET A 32 -16.66 -8.46 17.85
N PHE A 33 -17.61 -8.11 16.99
CA PHE A 33 -17.97 -6.71 16.82
C PHE A 33 -18.61 -6.14 18.08
N ASP A 34 -19.56 -6.86 18.69
CA ASP A 34 -20.14 -6.38 19.94
C ASP A 34 -19.07 -6.09 20.98
N ARG A 35 -17.98 -6.86 20.97
CA ARG A 35 -16.97 -6.74 22.03
C ARG A 35 -15.94 -5.67 21.70
N HIS A 36 -15.45 -5.64 20.46
CA HIS A 36 -14.30 -4.82 20.12
C HIS A 36 -14.64 -3.51 19.42
N VAL A 37 -15.78 -3.40 18.73
CA VAL A 37 -16.15 -2.19 18.01
C VAL A 37 -17.30 -1.47 18.70
N VAL A 38 -18.37 -2.19 19.05
CA VAL A 38 -19.37 -1.74 20.01
C VAL A 38 -20.35 -0.80 19.31
N THR A 39 -19.88 0.38 18.90
CA THR A 39 -20.65 1.25 18.02
C THR A 39 -21.14 0.49 16.79
N ARG A 40 -22.45 0.39 16.64
CA ARG A 40 -23.08 -0.36 15.57
C ARG A 40 -23.33 0.54 14.36
N PRO A 41 -23.29 -0.02 13.15
CA PRO A 41 -23.48 0.80 11.96
C PRO A 41 -24.91 1.28 11.79
N THR A 42 -25.03 2.33 10.97
CA THR A 42 -26.27 3.04 10.76
C THR A 42 -26.48 3.22 9.25
N LYS A 43 -27.68 2.85 8.77
CA LYS A 43 -27.97 2.84 7.34
C LYS A 43 -28.36 4.23 6.86
N VAL A 44 -27.99 4.57 5.63
CA VAL A 44 -28.06 5.93 5.16
C VAL A 44 -29.38 6.15 4.41
N GLU A 45 -29.99 7.31 4.62
CA GLU A 45 -31.26 7.66 4.02
C GLU A 45 -31.05 8.64 2.88
N LEU A 46 -31.23 8.18 1.67
CA LEU A 46 -31.37 9.09 0.54
C LEU A 46 -32.85 9.36 0.34
N THR A 47 -33.18 10.60 -0.05
CA THR A 47 -34.56 10.89 -0.44
C THR A 47 -34.89 10.16 -1.73
N ASP A 48 -36.20 10.04 -2.01
CA ASP A 48 -36.64 9.51 -3.31
C ASP A 48 -35.80 10.09 -4.46
N ALA A 49 -35.52 11.40 -4.41
CA ALA A 49 -34.75 12.08 -5.45
C ALA A 49 -33.31 11.61 -5.50
N GLU A 50 -32.62 11.62 -4.37
CA GLU A 50 -31.21 11.26 -4.35
C GLU A 50 -31.01 9.85 -4.90
N LEU A 51 -31.83 8.90 -4.44
CA LEU A 51 -31.73 7.53 -4.94
C LEU A 51 -31.87 7.47 -6.46
N ARG A 52 -32.82 8.21 -7.02
CA ARG A 52 -33.05 8.16 -8.47
C ARG A 52 -31.93 8.84 -9.24
N GLU A 53 -31.39 9.94 -8.69
CA GLU A 53 -30.31 10.66 -9.36
C GLU A 53 -28.99 9.88 -9.31
N VAL A 54 -28.78 9.07 -8.28
CA VAL A 54 -27.67 8.13 -8.28
C VAL A 54 -27.91 7.05 -9.33
N ILE A 55 -29.11 6.48 -9.35
CA ILE A 55 -29.44 5.43 -10.31
C ILE A 55 -29.30 5.94 -11.74
N ASP A 56 -29.67 7.18 -11.99
CA ASP A 56 -29.51 7.69 -13.35
C ASP A 56 -28.04 7.97 -13.66
N ASP A 57 -27.28 8.40 -12.66
CA ASP A 57 -25.84 8.48 -12.90
C ASP A 57 -25.24 7.09 -13.12
N CYS A 58 -25.69 6.10 -12.35
CA CYS A 58 -25.21 4.73 -12.52
C CYS A 58 -25.62 4.15 -13.87
N ASN A 59 -26.83 4.46 -14.33
CA ASN A 59 -27.31 3.89 -15.58
C ASN A 59 -26.58 4.46 -16.78
N ALA A 60 -26.30 5.76 -16.76
CA ALA A 60 -25.62 6.35 -17.91
C ALA A 60 -24.15 5.95 -17.99
N ALA A 61 -23.50 5.74 -16.83
CA ALA A 61 -22.09 5.37 -16.87
C ALA A 61 -21.90 3.98 -17.47
N VAL A 62 -22.73 3.03 -17.09
CA VAL A 62 -22.49 1.65 -17.50
C VAL A 62 -23.23 1.30 -18.79
N ALA A 63 -24.09 2.20 -19.27
CA ALA A 63 -24.84 1.99 -20.52
C ALA A 63 -23.95 1.88 -21.76
N PRO A 64 -22.89 2.66 -21.92
CA PRO A 64 -22.06 2.50 -23.13
C PRO A 64 -21.48 1.12 -23.27
N LEU A 65 -21.31 0.38 -22.18
CA LEU A 65 -20.91 -1.01 -22.25
C LEU A 65 -22.00 -1.89 -22.84
N GLY A 66 -23.22 -1.39 -22.93
CA GLY A 66 -24.28 -2.14 -23.58
C GLY A 66 -25.02 -3.08 -22.69
N LYS A 67 -24.84 -2.98 -21.39
CA LYS A 67 -25.58 -3.79 -20.44
C LYS A 67 -26.58 -2.91 -19.72
N THR A 68 -27.75 -3.48 -19.45
CA THR A 68 -28.73 -2.87 -18.58
C THR A 68 -28.60 -3.55 -17.22
N VAL A 69 -28.88 -2.82 -16.17
CA VAL A 69 -28.71 -3.38 -14.84
C VAL A 69 -30.05 -3.27 -14.14
N SER A 70 -30.59 -4.43 -13.75
CA SER A 70 -31.88 -4.46 -13.07
C SER A 70 -31.82 -3.63 -11.79
N ASP A 71 -32.97 -3.06 -11.42
CA ASP A 71 -33.04 -2.26 -10.21
C ASP A 71 -32.67 -3.07 -8.98
N GLU A 72 -32.97 -4.37 -8.99
CA GLU A 72 -32.60 -5.21 -7.85
C GLU A 72 -31.09 -5.36 -7.77
N ARG A 73 -30.43 -5.51 -8.92
CA ARG A 73 -28.98 -5.66 -8.93
C ARG A 73 -28.29 -4.36 -8.56
N TRP A 74 -28.85 -3.21 -8.97
CA TRP A 74 -28.33 -1.93 -8.49
C TRP A 74 -28.43 -1.83 -6.97
N ILE A 75 -29.61 -2.15 -6.42
CA ILE A 75 -29.84 -1.89 -5.00
C ILE A 75 -29.02 -2.82 -4.12
N SER A 76 -28.90 -4.10 -4.46
CA SER A 76 -28.07 -5.00 -3.66
C SER A 76 -26.60 -4.62 -3.78
N TYR A 77 -26.24 -3.91 -4.85
CA TYR A 77 -24.91 -3.31 -4.93
C TYR A 77 -24.79 -2.13 -3.95
N VAL A 78 -25.74 -1.18 -4.00
CA VAL A 78 -25.60 0.08 -3.29
C VAL A 78 -25.84 -0.02 -1.79
N GLY A 79 -26.29 -1.18 -1.31
CA GLY A 79 -26.43 -1.34 0.13
C GLY A 79 -25.12 -1.13 0.87
N VAL A 80 -24.00 -1.52 0.23
CA VAL A 80 -22.73 -1.46 0.94
C VAL A 80 -22.31 -0.02 1.22
N VAL A 81 -22.64 0.92 0.34
CA VAL A 81 -22.32 2.32 0.61
C VAL A 81 -23.37 2.95 1.51
N LEU A 82 -24.62 2.50 1.42
CA LEU A 82 -25.62 2.97 2.37
C LEU A 82 -25.21 2.63 3.81
N TRP A 83 -24.69 1.43 4.03
CA TRP A 83 -24.45 0.94 5.38
C TRP A 83 -23.07 1.26 5.93
N SER A 84 -22.05 1.41 5.09
CA SER A 84 -20.68 1.31 5.55
C SER A 84 -19.92 2.62 5.57
N GLN A 85 -20.56 3.75 5.27
CA GLN A 85 -19.88 5.02 5.49
C GLN A 85 -20.04 5.35 6.97
N SER A 86 -19.81 6.60 7.37
CA SER A 86 -19.91 7.02 8.75
C SER A 86 -20.85 8.23 8.84
N PRO A 87 -22.17 8.01 8.79
CA PRO A 87 -23.10 9.14 8.56
C PRO A 87 -22.93 10.29 9.54
N ARG A 88 -22.40 10.01 10.72
CA ARG A 88 -22.22 11.05 11.72
C ARG A 88 -21.19 12.09 11.29
N HIS A 89 -20.29 11.74 10.39
CA HIS A 89 -19.24 12.67 10.02
C HIS A 89 -19.42 13.27 8.62
N ILE A 90 -20.41 12.81 7.85
CA ILE A 90 -20.46 13.17 6.43
C ILE A 90 -20.55 14.68 6.27
N LYS A 91 -19.67 15.24 5.44
CA LYS A 91 -19.67 16.67 5.17
C LYS A 91 -19.88 17.04 3.70
N ASP A 92 -20.01 16.07 2.79
CA ASP A 92 -20.22 16.39 1.37
C ASP A 92 -21.04 15.27 0.74
N MET A 93 -22.29 15.58 0.40
CA MET A 93 -23.18 14.59 -0.20
C MET A 93 -22.98 14.42 -1.69
N GLU A 94 -22.40 15.40 -2.38
CA GLU A 94 -22.00 15.17 -3.76
C GLU A 94 -20.89 14.12 -3.82
N ALA A 95 -19.92 14.21 -2.90
CA ALA A 95 -18.92 13.16 -2.80
C ALA A 95 -19.56 11.83 -2.42
N PHE A 96 -20.57 11.88 -1.55
CA PHE A 96 -21.23 10.65 -1.13
C PHE A 96 -21.94 9.98 -2.31
N LYS A 97 -22.68 10.76 -3.09
CA LYS A 97 -23.32 10.22 -4.28
C LYS A 97 -22.31 9.73 -5.30
N ALA A 98 -21.16 10.40 -5.40
CA ALA A 98 -20.09 9.90 -6.26
C ALA A 98 -19.70 8.48 -5.88
N VAL A 99 -19.50 8.24 -4.58
CA VAL A 99 -19.11 6.92 -4.10
C VAL A 99 -20.22 5.91 -4.36
N CYS A 100 -21.48 6.27 -4.07
CA CYS A 100 -22.60 5.42 -4.45
C CYS A 100 -22.50 5.00 -5.92
N VAL A 101 -22.21 5.97 -6.80
CA VAL A 101 -22.17 5.70 -8.23
C VAL A 101 -20.94 4.86 -8.59
N LEU A 102 -19.76 5.26 -8.10
CA LEU A 102 -18.53 4.53 -8.42
C LEU A 102 -18.56 3.12 -7.86
N ASN A 103 -19.04 2.95 -6.63
CA ASN A 103 -19.13 1.61 -6.05
C ASN A 103 -20.03 0.71 -6.87
N CYS A 104 -21.23 1.19 -7.21
CA CYS A 104 -22.19 0.35 -7.92
C CYS A 104 -21.67 -0.06 -9.29
N VAL A 105 -21.08 0.87 -10.05
CA VAL A 105 -20.69 0.50 -11.41
C VAL A 105 -19.49 -0.43 -11.39
N THR A 106 -18.60 -0.29 -10.38
CA THR A 106 -17.47 -1.20 -10.32
C THR A 106 -17.91 -2.59 -9.88
N PHE A 107 -19.00 -2.67 -9.13
CA PHE A 107 -19.67 -3.95 -8.91
C PHE A 107 -20.06 -4.61 -10.23
N VAL A 108 -20.65 -3.85 -11.16
CA VAL A 108 -21.04 -4.41 -12.44
C VAL A 108 -19.80 -4.93 -13.17
N TRP A 109 -18.75 -4.12 -13.20
CA TRP A 109 -17.49 -4.53 -13.81
C TRP A 109 -16.91 -5.78 -13.15
N ASP A 110 -17.11 -5.92 -11.84
CA ASP A 110 -16.62 -7.09 -11.11
C ASP A 110 -17.32 -8.35 -11.59
N ASP A 111 -18.64 -8.30 -11.73
CA ASP A 111 -19.42 -9.46 -12.18
C ASP A 111 -19.37 -9.68 -13.69
N MET A 112 -19.03 -8.67 -14.48
CA MET A 112 -19.04 -8.81 -15.93
C MET A 112 -17.95 -9.74 -16.44
N ASP A 113 -18.26 -10.41 -17.55
CA ASP A 113 -17.25 -11.12 -18.32
C ASP A 113 -16.21 -10.13 -18.85
N PRO A 114 -14.92 -10.47 -18.83
CA PRO A 114 -13.90 -9.52 -19.32
C PRO A 114 -14.13 -9.06 -20.75
N ALA A 115 -14.68 -9.90 -21.63
CA ALA A 115 -14.92 -9.47 -23.00
C ALA A 115 -16.01 -8.40 -23.07
N LEU A 116 -16.71 -8.16 -21.97
CA LEU A 116 -17.61 -7.02 -21.89
C LEU A 116 -16.89 -5.76 -21.40
N HIS A 117 -15.67 -5.91 -20.88
CA HIS A 117 -14.88 -4.77 -20.41
C HIS A 117 -14.44 -3.95 -21.61
N ASP A 118 -14.93 -2.72 -21.69
CA ASP A 118 -14.55 -1.82 -22.77
C ASP A 118 -13.96 -0.57 -22.13
N PHE A 119 -12.63 -0.49 -22.09
CA PHE A 119 -11.95 0.64 -21.48
C PHE A 119 -12.16 1.93 -22.27
N GLY A 120 -12.14 1.85 -23.60
CA GLY A 120 -12.35 3.04 -24.41
C GLY A 120 -13.68 3.72 -24.10
N LEU A 121 -14.69 2.95 -23.71
CA LEU A 121 -16.00 3.49 -23.41
C LEU A 121 -16.26 3.75 -21.93
N PHE A 122 -15.79 2.88 -21.03
CA PHE A 122 -16.17 3.02 -19.62
C PHE A 122 -15.28 3.99 -18.86
N LEU A 123 -13.99 4.05 -19.17
CA LEU A 123 -13.12 5.06 -18.59
C LEU A 123 -13.61 6.49 -18.79
N PRO A 124 -14.09 6.90 -19.98
CA PRO A 124 -14.70 8.24 -20.09
C PRO A 124 -15.88 8.45 -19.16
N GLN A 125 -16.74 7.45 -18.96
CA GLN A 125 -17.86 7.61 -18.04
C GLN A 125 -17.36 7.83 -16.61
N LEU A 126 -16.27 7.16 -16.24
CA LEU A 126 -15.67 7.37 -14.92
C LEU A 126 -15.19 8.81 -14.76
N ARG A 127 -14.48 9.33 -15.76
CA ARG A 127 -13.98 10.69 -15.65
C ARG A 127 -15.12 11.70 -15.57
N LYS A 128 -16.22 11.46 -16.30
CA LYS A 128 -17.36 12.36 -16.27
C LYS A 128 -18.00 12.40 -14.88
N ILE A 129 -18.24 11.22 -14.29
CA ILE A 129 -18.73 11.12 -12.93
C ILE A 129 -17.85 11.91 -11.96
N CYS A 130 -16.54 11.63 -11.95
CA CYS A 130 -15.63 12.32 -11.04
C CYS A 130 -15.64 13.83 -11.27
N GLU A 131 -15.72 14.27 -12.52
CA GLU A 131 -15.64 15.70 -12.80
C GLU A 131 -16.92 16.43 -12.40
N LYS A 132 -18.06 15.73 -12.36
CA LYS A 132 -19.28 16.37 -11.87
C LYS A 132 -19.18 16.71 -10.38
N TYR A 133 -18.93 15.70 -9.56
CA TYR A 133 -19.06 15.74 -8.10
C TYR A 133 -17.85 16.30 -7.36
N TYR A 134 -16.68 16.33 -7.98
CA TYR A 134 -15.46 16.66 -7.28
C TYR A 134 -14.83 17.92 -7.88
N GLY A 135 -14.06 18.64 -7.07
CA GLY A 135 -13.22 19.70 -7.59
C GLY A 135 -12.20 19.15 -8.61
N PRO A 136 -11.27 20.00 -9.07
CA PRO A 136 -10.28 19.49 -10.05
C PRO A 136 -9.34 18.46 -9.46
N GLU A 137 -8.77 18.72 -8.28
CA GLU A 137 -7.73 17.81 -7.78
C GLU A 137 -8.34 16.50 -7.30
N ASP A 138 -9.39 16.58 -6.47
CA ASP A 138 -10.06 15.38 -5.99
C ASP A 138 -10.59 14.53 -7.14
N ALA A 139 -11.04 15.16 -8.24
CA ALA A 139 -11.53 14.38 -9.37
C ALA A 139 -10.41 13.53 -9.95
N GLU A 140 -9.20 14.09 -10.10
CA GLU A 140 -8.08 13.32 -10.64
C GLU A 140 -7.74 12.16 -9.73
N VAL A 141 -7.79 12.37 -8.41
CA VAL A 141 -7.45 11.33 -7.46
C VAL A 141 -8.48 10.21 -7.50
N ALA A 142 -9.76 10.58 -7.47
CA ALA A 142 -10.81 9.57 -7.55
C ALA A 142 -10.76 8.80 -8.87
N TYR A 143 -10.56 9.51 -9.98
CA TYR A 143 -10.56 8.84 -11.28
C TYR A 143 -9.37 7.89 -11.42
N GLU A 144 -8.17 8.34 -11.04
CA GLU A 144 -7.00 7.45 -11.10
C GLU A 144 -7.26 6.16 -10.34
N ALA A 145 -7.82 6.26 -9.14
CA ALA A 145 -8.07 5.06 -8.33
C ALA A 145 -9.17 4.20 -8.93
N ALA A 146 -10.14 4.81 -9.61
CA ALA A 146 -11.16 4.05 -10.33
C ALA A 146 -10.53 3.28 -11.49
N ARG A 147 -9.73 3.97 -12.30
CA ARG A 147 -9.01 3.33 -13.40
C ARG A 147 -8.15 2.18 -12.90
N ALA A 148 -7.44 2.38 -11.79
CA ALA A 148 -6.56 1.34 -11.26
C ALA A 148 -7.34 0.11 -10.84
N PHE A 149 -8.49 0.29 -10.21
CA PHE A 149 -9.26 -0.87 -9.74
C PHE A 149 -9.83 -1.69 -10.91
N VAL A 150 -10.42 -1.03 -11.90
CA VAL A 150 -11.03 -1.81 -12.98
C VAL A 150 -9.95 -2.47 -13.83
N THR A 151 -8.84 -1.78 -14.05
CA THR A 151 -7.71 -2.36 -14.75
C THR A 151 -7.12 -3.54 -14.00
N SER A 152 -7.04 -3.43 -12.69
CA SER A 152 -6.56 -4.55 -11.88
C SER A 152 -7.50 -5.75 -12.00
N ASP A 153 -8.81 -5.52 -11.82
CA ASP A 153 -9.76 -6.63 -11.93
C ASP A 153 -9.62 -7.33 -13.29
N HIS A 154 -9.44 -6.56 -14.36
CA HIS A 154 -9.29 -7.16 -15.68
C HIS A 154 -7.95 -7.88 -15.81
N MET A 155 -6.87 -7.23 -15.39
CA MET A 155 -5.52 -7.79 -15.51
C MET A 155 -5.39 -9.16 -14.87
N PHE A 156 -6.14 -9.44 -13.80
CA PHE A 156 -5.87 -10.64 -13.03
C PHE A 156 -6.80 -11.81 -13.33
N ARG A 157 -7.57 -11.77 -14.41
CA ARG A 157 -8.31 -12.96 -14.77
C ARG A 157 -7.35 -14.08 -15.15
N ASP A 158 -7.33 -15.12 -14.32
CA ASP A 158 -6.25 -16.13 -14.26
C ASP A 158 -4.90 -15.57 -14.71
N SER A 159 -4.40 -14.58 -13.95
CA SER A 159 -3.02 -14.14 -13.91
C SER A 159 -2.22 -15.10 -13.06
N PRO A 160 -1.00 -15.48 -13.44
CA PRO A 160 -0.19 -16.32 -12.53
C PRO A 160 0.01 -15.64 -11.21
N ILE A 161 0.12 -14.31 -11.23
CA ILE A 161 0.26 -13.52 -10.03
C ILE A 161 -0.91 -13.78 -9.08
N LYS A 162 -2.12 -13.79 -9.61
CA LYS A 162 -3.28 -13.97 -8.73
C LYS A 162 -3.28 -15.36 -8.09
N ALA A 163 -3.00 -16.39 -8.89
CA ALA A 163 -2.90 -17.74 -8.36
C ALA A 163 -1.81 -17.84 -7.28
N ALA A 164 -0.65 -17.26 -7.55
CA ALA A 164 0.43 -17.33 -6.58
C ALA A 164 0.07 -16.58 -5.30
N LEU A 165 -0.49 -15.38 -5.41
CA LEU A 165 -0.74 -14.57 -4.22
C LEU A 165 -1.89 -15.10 -3.37
N CYS A 166 -2.87 -15.77 -3.99
CA CYS A 166 -4.04 -16.25 -3.27
C CYS A 166 -3.83 -17.59 -2.60
N THR A 167 -2.96 -18.43 -3.15
CA THR A 167 -2.79 -19.77 -2.62
C THR A 167 -1.52 -19.93 -1.78
N THR A 168 -0.76 -18.87 -1.53
CA THR A 168 0.52 -19.07 -0.85
C THR A 168 0.38 -18.96 0.66
N SER A 169 -0.12 -17.84 1.16
CA SER A 169 -0.31 -17.60 2.58
C SER A 169 -1.34 -16.49 2.74
N PRO A 170 -1.92 -16.34 3.94
CA PRO A 170 -2.78 -15.17 4.17
C PRO A 170 -2.09 -13.86 3.83
N GLU A 171 -0.80 -13.73 4.12
CA GLU A 171 -0.11 -12.46 3.93
C GLU A 171 -0.01 -12.07 2.47
N GLN A 172 0.34 -13.03 1.59
CA GLN A 172 0.32 -12.72 0.17
C GLN A 172 -1.10 -12.36 -0.27
N TYR A 173 -2.07 -13.12 0.23
CA TYR A 173 -3.44 -12.93 -0.21
C TYR A 173 -3.97 -11.55 0.14
N PHE A 174 -3.87 -11.16 1.42
CA PHE A 174 -4.39 -9.86 1.80
C PHE A 174 -3.61 -8.74 1.12
N ARG A 175 -2.33 -8.95 0.83
CA ARG A 175 -1.57 -7.98 0.05
C ARG A 175 -2.22 -7.71 -1.31
N PHE A 176 -2.66 -8.78 -1.98
CA PHE A 176 -3.37 -8.61 -3.25
C PHE A 176 -4.68 -7.86 -3.03
N ARG A 177 -5.40 -8.18 -1.95
CA ARG A 177 -6.74 -7.64 -1.73
C ARG A 177 -6.77 -6.16 -1.41
N VAL A 178 -5.67 -5.58 -0.92
CA VAL A 178 -5.63 -4.13 -0.69
C VAL A 178 -6.14 -3.39 -1.93
N THR A 179 -5.68 -3.81 -3.10
CA THR A 179 -6.22 -3.26 -4.35
C THR A 179 -7.47 -4.00 -4.77
N ASP A 180 -7.45 -5.34 -4.69
CA ASP A 180 -8.42 -6.09 -5.48
C ASP A 180 -9.82 -6.04 -4.87
N ILE A 181 -9.93 -5.95 -3.55
CA ILE A 181 -11.27 -5.83 -2.96
C ILE A 181 -11.85 -4.44 -3.22
N GLY A 182 -11.01 -3.47 -3.56
CA GLY A 182 -11.49 -2.12 -3.82
C GLY A 182 -11.37 -1.14 -2.67
N VAL A 183 -10.72 -1.52 -1.55
CA VAL A 183 -10.67 -0.62 -0.41
C VAL A 183 -9.76 0.57 -0.68
N ASP A 184 -8.67 0.38 -1.42
CA ASP A 184 -7.83 1.54 -1.74
C ASP A 184 -8.59 2.54 -2.59
N PHE A 185 -9.34 2.04 -3.58
CA PHE A 185 -10.28 2.86 -4.37
C PHE A 185 -11.25 3.60 -3.45
N TRP A 186 -11.93 2.85 -2.57
CA TRP A 186 -12.90 3.43 -1.64
C TRP A 186 -12.35 4.65 -0.91
N MET A 187 -11.18 4.51 -0.30
CA MET A 187 -10.61 5.59 0.49
C MET A 187 -10.27 6.80 -0.38
N LYS A 188 -9.74 6.58 -1.58
CA LYS A 188 -9.29 7.68 -2.40
C LYS A 188 -10.44 8.42 -3.08
N MET A 189 -11.63 7.82 -3.13
CA MET A 189 -12.81 8.55 -3.53
C MET A 189 -13.61 9.10 -2.35
N SER A 190 -13.54 8.46 -1.19
CA SER A 190 -14.37 8.81 -0.04
C SER A 190 -13.81 9.95 0.80
N TYR A 191 -12.50 10.23 0.76
CA TYR A 191 -11.98 11.28 1.62
C TYR A 191 -12.59 12.66 1.33
N PRO A 192 -12.97 13.03 0.10
CA PRO A 192 -13.73 14.28 -0.04
C PRO A 192 -14.99 14.33 0.82
N ILE A 193 -15.61 13.20 1.13
CA ILE A 193 -16.83 13.21 1.94
C ILE A 193 -16.61 13.92 3.27
N TYR A 194 -15.42 13.76 3.87
CA TYR A 194 -15.18 14.19 5.24
C TYR A 194 -14.28 15.41 5.37
N ARG A 195 -13.52 15.76 4.33
CA ARG A 195 -12.60 16.90 4.35
C ARG A 195 -11.79 16.93 5.63
N HIS A 196 -11.40 15.75 6.13
CA HIS A 196 -10.63 15.63 7.34
C HIS A 196 -9.16 15.46 6.99
N PRO A 197 -8.32 16.45 7.26
CA PRO A 197 -6.92 16.42 6.76
C PRO A 197 -6.10 15.21 7.17
N GLU A 198 -6.39 14.58 8.30
CA GLU A 198 -5.67 13.36 8.64
C GLU A 198 -6.14 12.19 7.78
N PHE A 199 -7.46 12.05 7.62
CA PHE A 199 -8.00 10.96 6.83
C PHE A 199 -7.59 11.07 5.37
N THR A 200 -7.47 12.29 4.87
CA THR A 200 -7.09 12.49 3.47
C THR A 200 -5.68 12.00 3.22
N GLU A 201 -4.75 12.28 4.15
CA GLU A 201 -3.37 11.82 3.99
C GLU A 201 -3.28 10.29 4.10
N HIS A 202 -3.92 9.70 5.11
CA HIS A 202 -3.94 8.24 5.19
C HIS A 202 -4.58 7.60 3.96
N ALA A 203 -5.59 8.26 3.38
CA ALA A 203 -6.18 7.74 2.15
C ALA A 203 -5.18 7.78 1.01
N LYS A 204 -4.41 8.87 0.91
CA LYS A 204 -3.50 9.07 -0.21
C LYS A 204 -2.20 8.27 -0.06
N THR A 205 -1.76 7.97 1.16
CA THR A 205 -0.67 7.02 1.32
C THR A 205 -1.13 5.58 1.16
N SER A 206 -2.43 5.33 1.17
CA SER A 206 -3.05 4.01 1.24
C SER A 206 -2.88 3.34 2.61
N LEU A 207 -2.28 4.02 3.60
CA LEU A 207 -2.30 3.46 4.94
C LEU A 207 -3.73 3.16 5.38
N ALA A 208 -4.68 4.04 5.00
CA ALA A 208 -6.07 3.80 5.36
C ALA A 208 -6.56 2.47 4.79
N ALA A 209 -6.29 2.22 3.51
CA ALA A 209 -6.69 0.96 2.91
C ALA A 209 -6.03 -0.21 3.62
N ARG A 210 -4.73 -0.09 3.91
CA ARG A 210 -4.00 -1.20 4.50
C ARG A 210 -4.53 -1.52 5.90
N MET A 211 -4.89 -0.48 6.67
CA MET A 211 -5.43 -0.69 8.01
C MET A 211 -6.74 -1.45 7.96
N THR A 212 -7.54 -1.25 6.92
CA THR A 212 -8.90 -1.78 6.87
C THR A 212 -9.05 -3.00 5.97
N THR A 213 -7.98 -3.45 5.29
CA THR A 213 -8.13 -4.50 4.29
C THR A 213 -8.66 -5.79 4.90
N ARG A 214 -8.05 -6.25 6.00
CA ARG A 214 -8.41 -7.56 6.50
C ARG A 214 -9.81 -7.57 7.10
N GLY A 215 -10.20 -6.51 7.81
CA GLY A 215 -11.54 -6.46 8.36
C GLY A 215 -12.61 -6.59 7.30
N LEU A 216 -12.41 -5.94 6.15
CA LEU A 216 -13.35 -5.99 5.05
C LEU A 216 -13.28 -7.31 4.32
N THR A 217 -12.06 -7.75 3.98
CA THR A 217 -11.87 -8.93 3.13
C THR A 217 -12.31 -10.20 3.83
N ILE A 218 -11.96 -10.36 5.11
CA ILE A 218 -12.30 -11.58 5.82
C ILE A 218 -13.82 -11.76 5.86
N VAL A 219 -14.54 -10.68 6.16
CA VAL A 219 -16.00 -10.73 6.18
C VAL A 219 -16.54 -11.11 4.80
N ASN A 220 -16.13 -10.36 3.76
CA ASN A 220 -16.61 -10.65 2.41
C ASN A 220 -16.30 -12.08 2.00
N ASP A 221 -15.08 -12.55 2.28
CA ASP A 221 -14.73 -13.89 1.83
C ASP A 221 -15.62 -14.95 2.47
N PHE A 222 -15.96 -14.78 3.75
CA PHE A 222 -16.72 -15.85 4.38
C PHE A 222 -18.09 -15.99 3.73
N TYR A 223 -18.80 -14.88 3.57
CA TYR A 223 -20.15 -14.97 3.07
C TYR A 223 -20.19 -15.23 1.57
N SER A 224 -19.29 -14.61 0.79
CA SER A 224 -19.26 -14.79 -0.65
C SER A 224 -18.53 -16.07 -1.07
N TYR A 225 -18.10 -16.89 -0.11
CA TYR A 225 -17.34 -18.10 -0.43
C TYR A 225 -18.11 -19.02 -1.37
N ASP A 226 -19.40 -19.24 -1.09
CA ASP A 226 -20.14 -20.29 -1.82
C ASP A 226 -20.29 -19.96 -3.29
N ARG A 227 -20.62 -18.70 -3.60
CA ARG A 227 -20.75 -18.32 -5.00
C ARG A 227 -19.41 -18.42 -5.72
N GLU A 228 -18.38 -17.79 -5.16
CA GLU A 228 -17.09 -17.70 -5.85
C GLU A 228 -16.50 -19.07 -6.13
N VAL A 229 -16.71 -20.03 -5.23
CA VAL A 229 -16.24 -21.38 -5.47
C VAL A 229 -16.97 -22.00 -6.65
N SER A 230 -18.27 -21.74 -6.76
CA SER A 230 -19.07 -22.32 -7.83
C SER A 230 -18.81 -21.60 -9.15
N LEU A 231 -18.16 -20.44 -9.09
CA LEU A 231 -17.85 -19.68 -10.29
C LEU A 231 -16.39 -19.77 -10.67
N GLY A 232 -15.62 -20.62 -10.01
CA GLY A 232 -14.21 -20.76 -10.29
C GLY A 232 -13.36 -19.59 -9.86
N GLN A 233 -13.84 -18.78 -8.92
CA GLN A 233 -13.10 -17.61 -8.46
C GLN A 233 -12.23 -18.00 -7.26
N ILE A 234 -10.92 -17.73 -7.37
CA ILE A 234 -9.98 -18.14 -6.33
C ILE A 234 -9.68 -17.04 -5.32
N THR A 235 -10.20 -15.83 -5.50
CA THR A 235 -9.84 -14.71 -4.64
C THR A 235 -10.71 -14.75 -3.39
N ASN A 236 -10.28 -15.58 -2.44
CA ASN A 236 -11.07 -15.81 -1.22
C ASN A 236 -10.20 -16.56 -0.22
N CYS A 237 -9.83 -15.91 0.89
CA CYS A 237 -8.86 -16.50 1.83
C CYS A 237 -9.32 -17.84 2.38
N PHE A 238 -10.62 -18.14 2.37
CA PHE A 238 -11.01 -19.41 2.95
C PHE A 238 -10.69 -20.59 2.03
N ARG A 239 -10.29 -20.36 0.78
CA ARG A 239 -9.72 -21.45 0.00
C ARG A 239 -8.34 -21.85 0.49
N LEU A 240 -7.72 -21.07 1.37
CA LEU A 240 -6.47 -21.44 2.00
C LEU A 240 -6.67 -22.40 3.17
N CYS A 241 -7.90 -22.68 3.58
CA CYS A 241 -8.16 -23.64 4.65
C CYS A 241 -8.93 -24.83 4.09
N ASP A 242 -8.80 -25.97 4.76
CA ASP A 242 -9.49 -27.19 4.33
C ASP A 242 -10.89 -27.16 4.93
N VAL A 243 -11.79 -26.39 4.29
CA VAL A 243 -13.12 -26.14 4.84
C VAL A 243 -13.93 -27.41 5.02
N SER A 244 -13.49 -28.54 4.46
CA SER A 244 -14.22 -29.79 4.67
C SER A 244 -13.90 -30.38 6.05
N ASP A 245 -13.50 -29.52 6.99
CA ASP A 245 -13.10 -29.97 8.31
C ASP A 245 -13.41 -28.85 9.30
N GLU A 246 -14.42 -29.04 10.14
CA GLU A 246 -14.80 -28.00 11.08
C GLU A 246 -13.67 -27.65 12.03
N THR A 247 -12.80 -28.63 12.32
CA THR A 247 -11.63 -28.37 13.15
C THR A 247 -10.70 -27.35 12.50
N ALA A 248 -10.01 -27.76 11.42
CA ALA A 248 -9.07 -26.86 10.76
C ALA A 248 -9.73 -25.55 10.36
N PHE A 249 -11.02 -25.58 10.05
CA PHE A 249 -11.74 -24.35 9.74
C PHE A 249 -11.85 -23.45 10.96
N LYS A 250 -12.29 -23.99 12.10
CA LYS A 250 -12.44 -23.15 13.29
C LYS A 250 -11.11 -22.57 13.74
N GLU A 251 -10.02 -23.30 13.48
CA GLU A 251 -8.69 -22.79 13.80
C GLU A 251 -8.30 -21.67 12.85
N PHE A 252 -8.62 -21.85 11.57
CA PHE A 252 -8.33 -20.81 10.58
C PHE A 252 -9.21 -19.59 10.80
N PHE A 253 -10.50 -19.81 11.06
CA PHE A 253 -11.42 -18.70 11.31
C PHE A 253 -11.01 -17.95 12.58
N GLN A 254 -10.47 -18.66 13.57
CA GLN A 254 -9.97 -17.96 14.75
C GLN A 254 -8.79 -17.06 14.39
N ALA A 255 -7.79 -17.59 13.66
CA ALA A 255 -6.65 -16.78 13.27
C ALA A 255 -7.07 -15.58 12.42
N ARG A 256 -8.12 -15.73 11.59
CA ARG A 256 -8.68 -14.57 10.88
C ARG A 256 -9.39 -13.61 11.83
N LEU A 257 -10.15 -14.13 12.80
CA LEU A 257 -10.70 -13.26 13.83
C LEU A 257 -9.61 -12.50 14.55
N ASP A 258 -8.47 -13.14 14.83
CA ASP A 258 -7.38 -12.45 15.51
C ASP A 258 -6.78 -11.37 14.62
N ASP A 259 -6.67 -11.65 13.31
CA ASP A 259 -6.27 -10.61 12.37
C ASP A 259 -7.15 -9.37 12.53
N MET A 260 -8.48 -9.56 12.49
CA MET A 260 -9.41 -8.45 12.58
C MET A 260 -9.25 -7.68 13.90
N ILE A 261 -9.14 -8.40 15.01
CA ILE A 261 -9.04 -7.74 16.32
C ILE A 261 -7.76 -6.92 16.43
N GLU A 262 -6.63 -7.47 15.96
CA GLU A 262 -5.38 -6.74 16.01
C GLU A 262 -5.45 -5.47 15.18
N ASP A 263 -6.01 -5.58 13.97
CA ASP A 263 -6.24 -4.41 13.13
C ASP A 263 -7.13 -3.40 13.85
N ILE A 264 -8.24 -3.86 14.41
CA ILE A 264 -9.19 -2.93 15.02
C ILE A 264 -8.56 -2.21 16.22
N GLU A 265 -7.85 -2.94 17.08
CA GLU A 265 -7.19 -2.26 18.21
C GLU A 265 -6.12 -1.27 17.74
N CYS A 266 -5.41 -1.58 16.64
CA CYS A 266 -4.45 -0.61 16.11
C CYS A 266 -5.16 0.57 15.45
N ILE A 267 -6.33 0.34 14.85
CA ILE A 267 -7.13 1.42 14.28
C ILE A 267 -7.51 2.42 15.37
N LYS A 268 -7.77 1.92 16.59
CA LYS A 268 -8.15 2.79 17.71
C LYS A 268 -7.03 3.74 18.11
N ALA A 269 -5.84 3.60 17.52
CA ALA A 269 -4.75 4.52 17.77
C ALA A 269 -4.74 5.67 16.76
N PHE A 270 -5.62 5.63 15.76
CA PHE A 270 -5.78 6.79 14.90
C PHE A 270 -6.64 7.82 15.59
N ASP A 271 -6.72 9.02 14.98
CA ASP A 271 -7.53 10.07 15.57
C ASP A 271 -9.00 9.65 15.56
N GLN A 272 -9.76 10.24 16.49
CA GLN A 272 -11.05 9.65 16.83
C GLN A 272 -12.03 9.71 15.67
N LEU A 273 -11.94 10.73 14.82
CA LEU A 273 -12.77 10.75 13.61
C LEU A 273 -12.30 9.69 12.60
N THR A 274 -11.00 9.66 12.32
CA THR A 274 -10.47 8.66 11.39
C THR A 274 -10.87 7.25 11.80
N GLN A 275 -10.72 6.93 13.10
CA GLN A 275 -11.04 5.58 13.58
C GLN A 275 -12.52 5.25 13.44
N ASP A 276 -13.40 6.26 13.56
CA ASP A 276 -14.81 6.01 13.35
C ASP A 276 -15.09 5.58 11.92
N VAL A 277 -14.51 6.29 10.95
CA VAL A 277 -14.68 5.93 9.55
C VAL A 277 -14.25 4.48 9.31
N PHE A 278 -13.04 4.13 9.75
CA PHE A 278 -12.50 2.78 9.55
C PHE A 278 -13.43 1.72 10.12
N LEU A 279 -13.80 1.88 11.40
CA LEU A 279 -14.61 0.84 12.04
C LEU A 279 -16.02 0.78 11.45
N ASP A 280 -16.66 1.92 11.23
CA ASP A 280 -17.99 1.87 10.62
C ASP A 280 -17.94 1.20 9.26
N LEU A 281 -16.82 1.38 8.53
CA LEU A 281 -16.64 0.67 7.27
C LEU A 281 -16.59 -0.84 7.50
N ILE A 282 -15.79 -1.29 8.47
CA ILE A 282 -15.64 -2.73 8.66
C ILE A 282 -16.95 -3.34 9.15
N TYR A 283 -17.55 -2.75 10.18
CA TYR A 283 -18.78 -3.28 10.77
C TYR A 283 -19.97 -3.08 9.83
N GLY A 284 -20.07 -1.91 9.20
CA GLY A 284 -21.15 -1.68 8.24
C GLY A 284 -21.14 -2.69 7.11
N ASN A 285 -19.96 -2.97 6.56
CA ASN A 285 -19.87 -4.00 5.53
C ASN A 285 -20.34 -5.36 6.06
N PHE A 286 -20.15 -5.64 7.36
CA PHE A 286 -20.58 -6.91 7.91
C PHE A 286 -22.11 -7.04 7.94
N VAL A 287 -22.81 -5.97 8.34
CA VAL A 287 -24.27 -6.02 8.36
C VAL A 287 -24.81 -6.12 6.93
N TRP A 288 -24.27 -5.32 6.01
CA TRP A 288 -24.69 -5.41 4.63
C TRP A 288 -24.50 -6.82 4.09
N THR A 289 -23.32 -7.39 4.27
CA THR A 289 -23.02 -8.68 3.68
C THR A 289 -23.95 -9.78 4.19
N THR A 290 -24.19 -9.81 5.51
CA THR A 290 -24.96 -10.89 6.13
C THR A 290 -26.45 -10.79 5.85
N SER A 291 -26.93 -9.65 5.38
CA SER A 291 -28.35 -9.37 5.35
C SER A 291 -28.86 -9.00 3.97
N ASN A 292 -28.14 -8.18 3.24
CA ASN A 292 -28.53 -7.78 1.90
C ASN A 292 -28.61 -9.00 0.98
N LYS A 293 -29.38 -8.85 -0.10
CA LYS A 293 -29.66 -9.91 -1.06
C LYS A 293 -28.44 -10.56 -1.71
N ARG A 294 -27.36 -9.82 -1.93
CA ARG A 294 -26.22 -10.40 -2.65
C ARG A 294 -25.68 -11.66 -1.98
N TYR A 295 -25.91 -11.84 -0.68
CA TYR A 295 -25.35 -12.97 0.05
C TYR A 295 -26.40 -13.70 0.86
N LYS A 296 -27.45 -14.14 0.19
CA LYS A 296 -28.30 -15.21 0.70
C LYS A 296 -28.17 -16.49 -0.10
N THR A 297 -27.68 -16.41 -1.33
CA THR A 297 -27.57 -17.56 -2.22
C THR A 297 -26.34 -17.43 -3.10
N ALA A 298 -25.84 -18.59 -3.54
CA ALA A 298 -24.59 -18.63 -4.29
C ALA A 298 -24.80 -18.45 -5.80
N ILE B 13 14.66 -1.79 24.60
CA ILE B 13 15.76 -1.71 23.63
C ILE B 13 16.77 -0.73 24.18
N GLY B 14 17.89 -1.20 24.72
CA GLY B 14 18.87 -0.27 25.26
C GLY B 14 20.28 -0.35 24.69
N ARG B 15 20.85 0.81 24.28
CA ARG B 15 22.04 0.97 23.41
C ARG B 15 22.33 -0.29 22.62
N SER B 16 21.29 -1.03 22.27
CA SER B 16 21.38 -2.36 21.74
C SER B 16 22.16 -2.31 20.45
N SER B 17 22.44 -3.48 19.93
CA SER B 17 23.33 -3.57 18.80
C SER B 17 23.15 -4.93 18.23
N VAL B 18 23.30 -5.04 16.92
CA VAL B 18 23.39 -6.33 16.27
C VAL B 18 24.80 -6.59 15.76
N ARG B 19 25.76 -5.78 16.20
CA ARG B 19 27.16 -5.96 15.82
C ARG B 19 27.65 -7.40 15.94
N PRO B 20 27.38 -8.16 17.02
CA PRO B 20 27.91 -9.53 17.07
C PRO B 20 27.43 -10.40 15.94
N TYR B 21 26.30 -10.07 15.32
CA TYR B 21 25.75 -10.87 14.25
C TYR B 21 26.11 -10.34 12.86
N LEU B 22 26.88 -9.25 12.79
CA LEU B 22 27.00 -8.57 11.49
C LEU B 22 27.51 -9.53 10.43
N GLU B 23 28.57 -10.27 10.73
CA GLU B 23 29.21 -11.07 9.69
C GLU B 23 28.37 -12.31 9.36
N GLU B 24 27.78 -12.94 10.36
CA GLU B 24 27.01 -14.16 10.10
C GLU B 24 25.73 -13.86 9.33
N CYS B 25 25.04 -12.78 9.72
CA CYS B 25 23.78 -12.41 9.09
C CYS B 25 23.99 -11.92 7.67
N THR B 26 25.08 -11.17 7.44
CA THR B 26 25.45 -10.80 6.08
C THR B 26 25.59 -12.02 5.20
N ARG B 27 26.28 -13.05 5.70
CA ARG B 27 26.47 -14.26 4.90
C ARG B 27 25.17 -15.04 4.75
N ARG B 28 24.33 -15.05 5.76
CA ARG B 28 23.05 -15.74 5.66
C ARG B 28 22.11 -14.99 4.72
N PHE B 29 22.15 -13.65 4.74
CA PHE B 29 21.50 -12.88 3.69
C PHE B 29 22.03 -13.29 2.32
N GLN B 30 23.36 -13.33 2.18
CA GLN B 30 23.98 -13.63 0.88
C GLN B 30 23.63 -15.03 0.40
N GLU B 31 23.64 -15.99 1.30
CA GLU B 31 23.31 -17.35 0.91
C GLU B 31 21.83 -17.46 0.54
N MET B 32 20.97 -16.62 1.12
CA MET B 32 19.58 -16.58 0.70
C MET B 32 19.44 -16.03 -0.71
N PHE B 33 20.13 -14.93 -1.01
CA PHE B 33 20.11 -14.40 -2.37
C PHE B 33 20.72 -15.38 -3.38
N ASP B 34 21.79 -16.11 -3.00
CA ASP B 34 22.39 -17.09 -3.92
C ASP B 34 21.43 -18.21 -4.24
N ARG B 35 20.60 -18.60 -3.29
CA ARG B 35 19.69 -19.72 -3.52
C ARG B 35 18.44 -19.26 -4.26
N HIS B 36 17.84 -18.14 -3.87
CA HIS B 36 16.50 -17.80 -4.31
C HIS B 36 16.42 -16.70 -5.37
N VAL B 37 17.47 -15.92 -5.59
CA VAL B 37 17.45 -14.87 -6.59
C VAL B 37 18.49 -15.12 -7.69
N VAL B 38 19.71 -15.50 -7.30
CA VAL B 38 20.77 -15.92 -8.22
C VAL B 38 21.30 -14.72 -8.99
N THR B 39 20.51 -14.19 -9.92
CA THR B 39 20.91 -13.05 -10.73
C THR B 39 21.44 -11.91 -9.86
N ARG B 40 22.73 -11.60 -10.02
CA ARG B 40 23.30 -10.52 -9.26
C ARG B 40 22.84 -9.18 -9.84
N PRO B 41 22.71 -8.15 -8.99
CA PRO B 41 22.43 -6.81 -9.51
C PRO B 41 23.58 -6.34 -10.39
N THR B 42 23.40 -5.16 -11.00
CA THR B 42 24.48 -4.56 -11.77
C THR B 42 24.37 -3.04 -11.71
N LYS B 43 25.41 -2.42 -11.18
CA LYS B 43 25.40 -1.00 -10.83
C LYS B 43 25.51 -0.11 -12.05
N VAL B 44 24.59 0.86 -12.16
CA VAL B 44 24.79 1.99 -13.05
C VAL B 44 25.89 2.89 -12.50
N GLU B 45 26.90 3.14 -13.31
CA GLU B 45 27.87 4.19 -13.02
C GLU B 45 27.29 5.48 -13.58
N LEU B 46 27.55 6.60 -12.93
CA LEU B 46 27.24 7.88 -13.55
C LEU B 46 28.54 8.63 -13.81
N THR B 47 28.62 9.27 -14.98
CA THR B 47 29.84 9.97 -15.35
C THR B 47 30.09 11.12 -14.41
N ASP B 48 31.16 11.86 -14.67
CA ASP B 48 31.40 13.09 -13.94
C ASP B 48 30.20 14.01 -14.08
N ALA B 49 29.79 14.27 -15.33
CA ALA B 49 28.76 15.27 -15.63
C ALA B 49 27.41 14.93 -15.02
N GLU B 50 26.90 13.72 -15.25
CA GLU B 50 25.64 13.31 -14.65
C GLU B 50 25.64 13.60 -13.16
N LEU B 51 26.70 13.16 -12.46
CA LEU B 51 26.75 13.28 -11.02
C LEU B 51 26.56 14.74 -10.58
N ARG B 52 27.25 15.68 -11.22
CA ARG B 52 27.08 17.08 -10.86
C ARG B 52 25.77 17.67 -11.37
N GLU B 53 25.19 17.13 -12.43
CA GLU B 53 23.81 17.50 -12.73
C GLU B 53 22.91 17.10 -11.57
N VAL B 54 23.00 15.85 -11.14
CA VAL B 54 22.23 15.37 -10.00
C VAL B 54 22.48 16.23 -8.77
N ILE B 55 23.75 16.38 -8.38
CA ILE B 55 24.06 17.09 -7.15
C ILE B 55 23.70 18.56 -7.23
N ASP B 56 23.85 19.19 -8.41
CA ASP B 56 23.36 20.56 -8.57
C ASP B 56 21.87 20.63 -8.31
N ASP B 57 21.10 19.77 -8.97
CA ASP B 57 19.67 19.72 -8.69
C ASP B 57 19.39 19.53 -7.21
N CYS B 58 20.12 18.62 -6.55
CA CYS B 58 19.86 18.30 -5.15
C CYS B 58 20.12 19.50 -4.24
N ASN B 59 21.25 20.17 -4.42
CA ASN B 59 21.55 21.34 -3.60
C ASN B 59 20.55 22.45 -3.84
N ALA B 60 20.16 22.64 -5.11
CA ALA B 60 19.10 23.59 -5.40
C ALA B 60 17.84 23.26 -4.61
N ALA B 61 17.53 21.98 -4.47
CA ALA B 61 16.26 21.60 -3.87
C ALA B 61 16.28 21.83 -2.36
N VAL B 62 17.43 21.66 -1.71
CA VAL B 62 17.46 21.80 -0.25
C VAL B 62 17.98 23.14 0.23
N ALA B 63 18.51 23.97 -0.66
CA ALA B 63 18.99 25.29 -0.25
C ALA B 63 17.97 26.09 0.56
N PRO B 64 16.69 26.18 0.18
CA PRO B 64 15.74 26.88 1.05
C PRO B 64 15.62 26.29 2.45
N LEU B 65 16.01 25.03 2.67
CA LEU B 65 15.89 24.43 3.99
C LEU B 65 17.02 24.84 4.93
N GLY B 66 18.00 25.58 4.41
CA GLY B 66 19.01 26.22 5.22
C GLY B 66 19.91 25.31 6.01
N LYS B 67 20.33 24.20 5.40
CA LYS B 67 21.30 23.30 6.00
C LYS B 67 22.18 22.72 4.91
N THR B 68 23.44 23.15 4.89
CA THR B 68 24.43 22.63 3.96
C THR B 68 24.47 21.11 4.02
N VAL B 69 24.64 20.49 2.85
CA VAL B 69 24.78 19.05 2.74
C VAL B 69 25.88 18.76 1.73
N SER B 70 26.75 17.83 2.08
CA SER B 70 28.05 17.64 1.45
C SER B 70 27.98 16.70 0.26
N ASP B 71 28.90 16.91 -0.69
CA ASP B 71 29.01 16.04 -1.85
C ASP B 71 29.13 14.58 -1.44
N GLU B 72 30.07 14.30 -0.53
CA GLU B 72 30.23 12.95 0.00
C GLU B 72 28.90 12.40 0.49
N ARG B 73 28.08 13.24 1.12
CA ARG B 73 26.79 12.80 1.61
C ARG B 73 25.81 12.54 0.47
N TRP B 74 25.86 13.37 -0.59
CA TRP B 74 25.03 13.13 -1.77
C TRP B 74 25.35 11.79 -2.40
N ILE B 75 26.64 11.52 -2.63
CA ILE B 75 27.08 10.31 -3.32
C ILE B 75 26.79 9.06 -2.50
N SER B 76 26.76 9.19 -1.18
CA SER B 76 26.31 8.08 -0.35
C SER B 76 24.83 7.80 -0.60
N TYR B 77 24.00 8.84 -0.59
CA TYR B 77 22.59 8.69 -0.92
C TYR B 77 22.39 8.02 -2.28
N VAL B 78 23.02 8.57 -3.32
CA VAL B 78 22.70 8.16 -4.68
C VAL B 78 23.04 6.71 -4.93
N GLY B 79 23.89 6.11 -4.09
CA GLY B 79 24.30 4.74 -4.32
C GLY B 79 23.17 3.74 -4.39
N VAL B 80 22.10 3.96 -3.62
CA VAL B 80 20.99 3.02 -3.67
C VAL B 80 20.34 3.01 -5.05
N VAL B 81 20.24 4.18 -5.70
CA VAL B 81 19.63 4.22 -7.03
C VAL B 81 20.59 3.64 -8.06
N LEU B 82 21.88 3.96 -7.94
CA LEU B 82 22.85 3.41 -8.86
C LEU B 82 22.89 1.89 -8.78
N TRP B 83 22.61 1.34 -7.61
CA TRP B 83 22.74 -0.09 -7.38
C TRP B 83 21.43 -0.87 -7.47
N SER B 84 20.27 -0.25 -7.33
CA SER B 84 19.06 -1.03 -7.10
C SER B 84 18.02 -0.87 -8.19
N GLN B 85 18.31 -0.14 -9.26
CA GLN B 85 17.49 -0.17 -10.46
C GLN B 85 17.85 -1.42 -11.26
N SER B 86 17.47 -1.47 -12.53
CA SER B 86 17.55 -2.69 -13.34
C SER B 86 18.12 -2.35 -14.72
N PRO B 87 19.43 -2.23 -14.84
CA PRO B 87 20.02 -1.81 -16.13
C PRO B 87 19.68 -2.71 -17.30
N ARG B 88 19.31 -3.96 -17.07
CA ARG B 88 18.96 -4.82 -18.20
C ARG B 88 17.65 -4.39 -18.86
N HIS B 89 16.94 -3.41 -18.29
CA HIS B 89 15.64 -3.02 -18.81
C HIS B 89 15.48 -1.51 -18.94
N ILE B 90 16.41 -0.71 -18.42
CA ILE B 90 16.24 0.73 -18.40
C ILE B 90 16.14 1.27 -19.83
N LYS B 91 15.12 2.09 -20.07
CA LYS B 91 14.96 2.70 -21.38
C LYS B 91 14.80 4.23 -21.34
N ASP B 92 14.62 4.84 -20.16
CA ASP B 92 14.47 6.29 -20.03
C ASP B 92 15.43 6.80 -18.96
N MET B 93 16.54 7.38 -19.40
CA MET B 93 17.53 7.89 -18.47
C MET B 93 17.14 9.25 -17.90
N GLU B 94 16.16 9.93 -18.49
CA GLU B 94 15.60 11.12 -17.85
C GLU B 94 14.93 10.75 -16.54
N ALA B 95 14.05 9.74 -16.58
CA ALA B 95 13.39 9.30 -15.36
C ALA B 95 14.40 8.74 -14.37
N PHE B 96 15.46 8.09 -14.88
CA PHE B 96 16.53 7.61 -14.00
C PHE B 96 17.18 8.76 -13.26
N LYS B 97 17.64 9.77 -14.00
CA LYS B 97 18.23 10.95 -13.39
C LYS B 97 17.28 11.57 -12.38
N ALA B 98 15.98 11.58 -12.68
CA ALA B 98 14.98 12.06 -11.71
C ALA B 98 15.00 11.26 -10.42
N VAL B 99 14.96 9.93 -10.52
CA VAL B 99 14.95 9.11 -9.31
C VAL B 99 16.20 9.36 -8.50
N CYS B 100 17.34 9.58 -9.15
CA CYS B 100 18.56 9.93 -8.41
C CYS B 100 18.34 11.19 -7.60
N VAL B 101 17.73 12.21 -8.21
CA VAL B 101 17.58 13.49 -7.52
C VAL B 101 16.52 13.38 -6.44
N LEU B 102 15.35 12.82 -6.76
CA LEU B 102 14.27 12.72 -5.79
C LEU B 102 14.67 11.83 -4.61
N ASN B 103 15.26 10.67 -4.89
CA ASN B 103 15.71 9.83 -3.80
C ASN B 103 16.69 10.58 -2.92
N CYS B 104 17.69 11.22 -3.53
CA CYS B 104 18.72 11.90 -2.73
C CYS B 104 18.13 13.03 -1.90
N VAL B 105 17.19 13.80 -2.43
CA VAL B 105 16.73 14.95 -1.67
C VAL B 105 15.74 14.51 -0.59
N THR B 106 15.08 13.37 -0.76
CA THR B 106 14.22 12.90 0.33
C THR B 106 15.02 12.19 1.41
N PHE B 107 16.15 11.56 1.05
CA PHE B 107 17.10 11.08 2.06
C PHE B 107 17.48 12.20 3.01
N VAL B 108 17.88 13.35 2.45
CA VAL B 108 18.18 14.52 3.28
C VAL B 108 17.03 14.80 4.23
N TRP B 109 15.81 14.82 3.71
CA TRP B 109 14.63 15.08 4.54
C TRP B 109 14.49 14.03 5.62
N ASP B 110 14.88 12.79 5.33
CA ASP B 110 14.81 11.71 6.31
C ASP B 110 15.88 11.87 7.39
N ASP B 111 17.11 12.24 6.98
CA ASP B 111 18.23 12.47 7.89
C ASP B 111 18.10 13.77 8.68
N MET B 112 17.12 14.62 8.33
CA MET B 112 16.89 15.92 8.93
C MET B 112 16.02 15.77 10.16
N ASP B 113 16.34 16.53 11.18
CA ASP B 113 15.50 16.66 12.35
C ASP B 113 14.37 17.62 12.04
N PRO B 114 13.14 17.35 12.52
CA PRO B 114 11.96 18.04 11.94
C PRO B 114 11.95 19.55 12.08
N ALA B 115 12.86 20.14 12.85
CA ALA B 115 12.96 21.59 12.84
C ALA B 115 13.36 22.11 11.46
N LEU B 116 14.23 21.39 10.76
CA LEU B 116 14.74 21.81 9.45
C LEU B 116 13.75 21.64 8.30
N HIS B 117 12.76 20.76 8.43
CA HIS B 117 11.73 20.62 7.40
C HIS B 117 11.17 22.01 7.14
N ASP B 118 10.82 22.29 5.89
CA ASP B 118 10.07 23.49 5.52
C ASP B 118 9.27 23.19 4.25
N PHE B 119 7.97 22.88 4.42
CA PHE B 119 7.13 22.47 3.31
C PHE B 119 7.04 23.56 2.24
N GLY B 120 6.62 24.77 2.61
CA GLY B 120 6.49 25.84 1.63
C GLY B 120 7.71 25.99 0.76
N LEU B 121 8.90 25.85 1.35
CA LEU B 121 10.15 26.05 0.62
C LEU B 121 10.61 24.81 -0.13
N PHE B 122 10.15 23.62 0.27
CA PHE B 122 10.65 22.38 -0.30
C PHE B 122 9.68 21.74 -1.29
N LEU B 123 8.38 21.73 -0.98
CA LEU B 123 7.41 21.11 -1.88
C LEU B 123 7.43 21.69 -3.29
N PRO B 124 7.55 23.01 -3.49
CA PRO B 124 7.74 23.48 -4.87
C PRO B 124 9.05 23.02 -5.49
N GLN B 125 10.10 22.79 -4.68
CA GLN B 125 11.33 22.23 -5.25
C GLN B 125 11.10 20.82 -5.76
N LEU B 126 10.34 20.02 -5.02
CA LEU B 126 9.98 18.69 -5.50
C LEU B 126 9.11 18.78 -6.74
N ARG B 127 8.46 19.93 -6.96
CA ARG B 127 7.70 20.09 -8.18
C ARG B 127 8.60 20.35 -9.37
N LYS B 128 9.58 21.25 -9.20
CA LYS B 128 10.46 21.58 -10.32
C LYS B 128 11.26 20.36 -10.79
N ILE B 129 11.81 19.57 -9.85
CA ILE B 129 12.57 18.38 -10.22
C ILE B 129 11.72 17.49 -11.14
N CYS B 130 10.48 17.22 -10.74
CA CYS B 130 9.58 16.37 -11.52
C CYS B 130 9.28 16.97 -12.89
N GLU B 131 9.05 18.28 -12.96
CA GLU B 131 8.74 18.90 -14.25
C GLU B 131 9.94 18.93 -15.18
N LYS B 132 11.14 18.95 -14.62
CA LYS B 132 12.32 18.94 -15.49
C LYS B 132 12.47 17.61 -16.19
N TYR B 133 12.19 16.51 -15.47
CA TYR B 133 12.62 15.19 -15.92
C TYR B 133 11.52 14.32 -16.51
N TYR B 134 10.26 14.60 -16.22
CA TYR B 134 9.16 13.77 -16.65
C TYR B 134 8.25 14.52 -17.61
N GLY B 135 7.46 13.77 -18.35
CA GLY B 135 6.34 14.34 -19.06
C GLY B 135 5.26 14.76 -18.09
N PRO B 136 4.21 15.39 -18.62
CA PRO B 136 3.17 15.95 -17.74
C PRO B 136 2.54 14.98 -16.76
N GLU B 137 2.10 13.81 -17.24
CA GLU B 137 1.39 12.90 -16.35
C GLU B 137 2.34 12.18 -15.39
N ASP B 138 3.53 11.79 -15.87
CA ASP B 138 4.51 11.16 -14.98
C ASP B 138 4.96 12.13 -13.91
N ALA B 139 5.12 13.40 -14.27
CA ALA B 139 5.54 14.40 -13.29
C ALA B 139 4.53 14.49 -12.14
N GLU B 140 3.25 14.49 -12.47
CA GLU B 140 2.22 14.57 -11.43
C GLU B 140 2.24 13.32 -10.54
N VAL B 141 2.48 12.15 -11.13
CA VAL B 141 2.54 10.92 -10.34
C VAL B 141 3.76 10.95 -9.44
N ALA B 142 4.91 11.31 -9.99
CA ALA B 142 6.12 11.40 -9.18
C ALA B 142 5.96 12.44 -8.07
N TYR B 143 5.34 13.58 -8.37
CA TYR B 143 5.24 14.64 -7.36
C TYR B 143 4.37 14.19 -6.19
N GLU B 144 3.18 13.67 -6.48
CA GLU B 144 2.30 13.23 -5.41
C GLU B 144 3.00 12.21 -4.53
N ALA B 145 3.80 11.34 -5.14
CA ALA B 145 4.54 10.34 -4.37
C ALA B 145 5.62 10.97 -3.51
N ALA B 146 6.36 11.94 -4.04
CA ALA B 146 7.34 12.66 -3.23
C ALA B 146 6.65 13.38 -2.08
N ARG B 147 5.57 14.10 -2.39
CA ARG B 147 4.84 14.85 -1.37
C ARG B 147 4.33 13.94 -0.28
N ALA B 148 3.65 12.85 -0.64
CA ALA B 148 3.16 11.92 0.36
C ALA B 148 4.29 11.41 1.25
N PHE B 149 5.45 11.11 0.65
CA PHE B 149 6.56 10.56 1.42
C PHE B 149 7.08 11.54 2.46
N VAL B 150 7.38 12.78 2.05
CA VAL B 150 7.94 13.72 3.02
C VAL B 150 6.86 14.15 4.01
N THR B 151 5.60 14.19 3.56
CA THR B 151 4.48 14.45 4.47
C THR B 151 4.32 13.31 5.49
N SER B 152 4.51 12.06 5.05
CA SER B 152 4.43 10.96 6.00
C SER B 152 5.61 10.98 6.95
N ASP B 153 6.81 11.21 6.42
CA ASP B 153 7.98 11.27 7.30
C ASP B 153 7.78 12.31 8.38
N HIS B 154 7.23 13.48 8.00
CA HIS B 154 7.00 14.55 8.96
C HIS B 154 5.91 14.18 9.95
N MET B 155 4.83 13.58 9.45
CA MET B 155 3.67 13.27 10.29
C MET B 155 4.05 12.36 11.45
N PHE B 156 5.05 11.51 11.25
CA PHE B 156 5.27 10.40 12.19
C PHE B 156 6.55 10.50 13.03
N ARG B 157 7.23 11.65 13.07
CA ARG B 157 8.60 11.68 13.60
C ARG B 157 8.73 11.10 15.01
N ASP B 158 7.85 11.48 15.91
CA ASP B 158 7.71 10.71 17.14
C ASP B 158 6.23 10.54 17.43
N SER B 159 5.49 10.13 16.41
CA SER B 159 4.03 10.09 16.40
C SER B 159 3.51 8.88 17.15
N PRO B 160 2.30 8.99 17.70
CA PRO B 160 1.76 7.85 18.46
C PRO B 160 1.18 6.79 17.60
N ILE B 161 0.78 7.12 16.37
CA ILE B 161 0.37 6.09 15.42
C ILE B 161 1.57 5.23 15.05
N LYS B 162 2.71 5.87 14.79
CA LYS B 162 3.91 5.10 14.47
C LYS B 162 4.24 4.12 15.59
N ALA B 163 4.13 4.55 16.86
CA ALA B 163 4.46 3.70 17.99
C ALA B 163 3.55 2.47 18.03
N ALA B 164 2.26 2.64 17.76
CA ALA B 164 1.36 1.50 17.71
C ALA B 164 1.74 0.52 16.61
N LEU B 165 1.94 1.02 15.38
CA LEU B 165 2.17 0.12 14.24
C LEU B 165 3.53 -0.57 14.32
N CYS B 166 4.54 0.06 14.91
CA CYS B 166 5.84 -0.57 14.94
C CYS B 166 5.98 -1.62 16.03
N THR B 167 5.35 -1.40 17.18
CA THR B 167 5.58 -2.24 18.36
C THR B 167 4.56 -3.36 18.53
N THR B 168 3.54 -3.44 17.69
CA THR B 168 2.50 -4.45 17.90
C THR B 168 2.88 -5.81 17.33
N SER B 169 3.28 -5.86 16.05
CA SER B 169 3.55 -7.11 15.36
C SER B 169 4.27 -6.79 14.05
N PRO B 170 5.00 -7.75 13.49
CA PRO B 170 5.59 -7.54 12.16
C PRO B 170 4.59 -7.08 11.12
N GLU B 171 3.39 -7.64 11.14
CA GLU B 171 2.39 -7.31 10.13
C GLU B 171 2.02 -5.85 10.19
N GLN B 172 1.72 -5.33 11.40
CA GLN B 172 1.44 -3.91 11.51
C GLN B 172 2.66 -3.08 11.12
N TYR B 173 3.86 -3.55 11.48
CA TYR B 173 5.07 -2.77 11.19
C TYR B 173 5.32 -2.67 9.69
N PHE B 174 5.33 -3.81 8.99
CA PHE B 174 5.55 -3.76 7.55
C PHE B 174 4.44 -2.99 6.83
N ARG B 175 3.22 -3.02 7.36
CA ARG B 175 2.15 -2.23 6.75
C ARG B 175 2.50 -0.74 6.80
N PHE B 176 3.07 -0.29 7.91
CA PHE B 176 3.52 1.09 8.02
C PHE B 176 4.66 1.38 7.05
N ARG B 177 5.55 0.40 6.84
CA ARG B 177 6.77 0.64 6.07
C ARG B 177 6.54 0.75 4.56
N VAL B 178 5.45 0.19 4.03
CA VAL B 178 5.11 0.34 2.60
C VAL B 178 5.30 1.78 2.16
N THR B 179 4.78 2.72 2.97
CA THR B 179 4.95 4.14 2.71
C THR B 179 6.24 4.67 3.33
N ASP B 180 6.46 4.36 4.60
CA ASP B 180 7.47 5.10 5.37
C ASP B 180 8.88 4.87 4.84
N ILE B 181 9.25 3.64 4.54
CA ILE B 181 10.59 3.40 4.01
C ILE B 181 10.79 4.06 2.64
N GLY B 182 9.70 4.39 1.96
CA GLY B 182 9.78 5.09 0.70
C GLY B 182 9.64 4.24 -0.55
N VAL B 183 9.29 2.95 -0.43
CA VAL B 183 9.30 2.11 -1.63
C VAL B 183 8.07 2.37 -2.53
N ASP B 184 6.92 2.76 -1.97
CA ASP B 184 5.81 3.15 -2.84
C ASP B 184 6.19 4.37 -3.66
N PHE B 185 6.82 5.35 -3.01
CA PHE B 185 7.41 6.49 -3.69
C PHE B 185 8.39 6.05 -4.77
N TRP B 186 9.25 5.10 -4.45
CA TRP B 186 10.25 4.62 -5.39
C TRP B 186 9.62 4.05 -6.66
N MET B 187 8.64 3.16 -6.51
CA MET B 187 7.99 2.56 -7.67
C MET B 187 7.31 3.63 -8.54
N LYS B 188 6.60 4.58 -7.93
CA LYS B 188 5.79 5.53 -8.66
C LYS B 188 6.63 6.60 -9.34
N MET B 189 7.90 6.76 -8.96
CA MET B 189 8.80 7.59 -9.74
C MET B 189 9.72 6.79 -10.64
N SER B 190 9.80 5.47 -10.49
CA SER B 190 10.70 4.67 -11.30
C SER B 190 10.04 4.05 -12.53
N TYR B 191 8.71 3.90 -12.53
CA TYR B 191 8.08 3.24 -13.67
C TYR B 191 8.39 3.93 -15.01
N PRO B 192 8.56 5.27 -15.10
CA PRO B 192 8.91 5.85 -16.41
C PRO B 192 10.29 5.49 -16.89
N ILE B 193 11.14 4.92 -16.03
CA ILE B 193 12.44 4.46 -16.47
C ILE B 193 12.29 3.29 -17.44
N TYR B 194 11.28 2.45 -17.23
CA TYR B 194 11.17 1.17 -17.90
C TYR B 194 10.14 1.13 -19.02
N ARG B 195 9.20 2.08 -19.05
CA ARG B 195 8.08 2.08 -20.02
C ARG B 195 7.54 0.67 -20.25
N HIS B 196 7.38 -0.08 -19.16
CA HIS B 196 6.81 -1.41 -19.23
C HIS B 196 5.39 -1.36 -18.68
N PRO B 197 4.37 -1.63 -19.51
CA PRO B 197 2.98 -1.46 -19.05
C PRO B 197 2.63 -2.22 -17.77
N GLU B 198 2.94 -3.51 -17.72
CA GLU B 198 2.64 -4.29 -16.51
C GLU B 198 3.26 -3.66 -15.28
N PHE B 199 4.54 -3.30 -15.36
CA PHE B 199 5.23 -2.74 -14.21
C PHE B 199 4.64 -1.39 -13.82
N THR B 200 4.21 -0.61 -14.82
CA THR B 200 3.62 0.68 -14.53
C THR B 200 2.32 0.52 -13.76
N GLU B 201 1.52 -0.48 -14.11
CA GLU B 201 0.30 -0.72 -13.36
C GLU B 201 0.58 -1.19 -11.94
N HIS B 202 1.56 -2.11 -11.78
CA HIS B 202 1.89 -2.59 -10.45
C HIS B 202 2.43 -1.47 -9.58
N ALA B 203 3.18 -0.53 -10.16
CA ALA B 203 3.60 0.66 -9.41
C ALA B 203 2.40 1.51 -8.98
N LYS B 204 1.43 1.71 -9.89
CA LYS B 204 0.32 2.61 -9.63
C LYS B 204 -0.70 2.02 -8.66
N THR B 205 -0.80 0.70 -8.57
CA THR B 205 -1.66 0.09 -7.55
C THR B 205 -0.95 -0.05 -6.20
N SER B 206 0.36 0.16 -6.17
CA SER B 206 1.22 -0.12 -5.02
C SER B 206 1.43 -1.62 -4.79
N LEU B 207 0.91 -2.49 -5.65
CA LEU B 207 1.26 -3.90 -5.52
C LEU B 207 2.79 -4.09 -5.58
N ALA B 208 3.46 -3.33 -6.44
CA ALA B 208 4.91 -3.42 -6.54
C ALA B 208 5.57 -3.06 -5.22
N ALA B 209 5.19 -1.93 -4.63
CA ALA B 209 5.72 -1.56 -3.31
C ALA B 209 5.46 -2.66 -2.29
N ARG B 210 4.23 -3.19 -2.27
CA ARG B 210 3.88 -4.16 -1.24
C ARG B 210 4.69 -5.45 -1.38
N MET B 211 5.02 -5.85 -2.62
CA MET B 211 5.78 -7.07 -2.84
C MET B 211 7.22 -6.96 -2.36
N THR B 212 7.82 -5.76 -2.45
CA THR B 212 9.23 -5.55 -2.14
C THR B 212 9.47 -4.91 -0.77
N THR B 213 8.41 -4.54 -0.04
CA THR B 213 8.59 -3.85 1.24
C THR B 213 9.45 -4.68 2.20
N ARG B 214 9.09 -5.94 2.42
CA ARG B 214 9.76 -6.74 3.43
C ARG B 214 11.23 -6.98 3.08
N GLY B 215 11.53 -7.28 1.81
CA GLY B 215 12.91 -7.49 1.42
C GLY B 215 13.80 -6.28 1.63
N LEU B 216 13.28 -5.09 1.31
CA LEU B 216 14.02 -3.86 1.53
C LEU B 216 14.10 -3.53 3.02
N THR B 217 12.99 -3.70 3.73
CA THR B 217 12.91 -3.22 5.11
C THR B 217 13.69 -4.11 6.05
N ILE B 218 13.65 -5.43 5.83
CA ILE B 218 14.33 -6.33 6.74
C ILE B 218 15.83 -6.14 6.63
N VAL B 219 16.33 -5.99 5.41
CA VAL B 219 17.75 -5.73 5.20
C VAL B 219 18.15 -4.39 5.79
N ASN B 220 17.38 -3.35 5.47
CA ASN B 220 17.74 -2.03 5.97
C ASN B 220 17.66 -1.96 7.49
N ASP B 221 16.67 -2.63 8.09
CA ASP B 221 16.52 -2.57 9.53
C ASP B 221 17.73 -3.19 10.23
N PHE B 222 18.26 -4.30 9.71
CA PHE B 222 19.41 -4.92 10.37
C PHE B 222 20.60 -3.97 10.40
N TYR B 223 20.96 -3.42 9.25
CA TYR B 223 22.16 -2.61 9.16
C TYR B 223 21.99 -1.16 9.63
N SER B 224 20.78 -0.68 9.90
CA SER B 224 20.62 0.66 10.46
C SER B 224 20.11 0.63 11.89
N TYR B 225 19.96 -0.56 12.48
CA TYR B 225 19.47 -0.70 13.85
C TYR B 225 20.29 0.12 14.83
N ASP B 226 21.61 0.12 14.70
CA ASP B 226 22.46 0.77 15.70
C ASP B 226 22.33 2.29 15.61
N ARG B 227 22.38 2.84 14.39
CA ARG B 227 22.15 4.27 14.22
C ARG B 227 20.81 4.67 14.81
N GLU B 228 19.76 3.87 14.57
CA GLU B 228 18.40 4.30 14.91
C GLU B 228 18.09 4.18 16.40
N VAL B 229 18.47 3.07 17.04
CA VAL B 229 18.15 2.94 18.48
C VAL B 229 18.87 4.02 19.28
N SER B 230 20.04 4.46 18.82
CA SER B 230 20.75 5.48 19.59
C SER B 230 20.01 6.81 19.55
N LEU B 231 19.30 7.09 18.45
CA LEU B 231 18.48 8.28 18.33
C LEU B 231 17.04 8.08 18.78
N GLY B 232 16.72 6.98 19.44
CA GLY B 232 15.34 6.73 19.80
C GLY B 232 14.39 6.53 18.65
N GLN B 233 14.88 6.29 17.44
CA GLN B 233 13.98 5.98 16.33
C GLN B 233 13.43 4.59 16.53
N ILE B 234 12.09 4.47 16.55
CA ILE B 234 11.42 3.23 16.86
C ILE B 234 11.07 2.44 15.61
N THR B 235 11.43 2.92 14.42
CA THR B 235 10.95 2.33 13.16
C THR B 235 11.99 1.34 12.64
N ASN B 236 11.87 0.10 13.08
CA ASN B 236 12.85 -0.94 12.82
C ASN B 236 12.33 -2.23 13.43
N CYS B 237 12.18 -3.29 12.62
CA CYS B 237 11.47 -4.48 13.09
C CYS B 237 12.23 -5.22 14.19
N PHE B 238 13.56 -5.15 14.20
CA PHE B 238 14.29 -5.90 15.22
C PHE B 238 14.10 -5.32 16.62
N ARG B 239 13.43 -4.17 16.74
CA ARG B 239 12.90 -3.70 18.01
C ARG B 239 11.80 -4.58 18.57
N LEU B 240 11.21 -5.47 17.76
CA LEU B 240 10.20 -6.40 18.25
C LEU B 240 10.79 -7.62 18.97
N CYS B 241 12.10 -7.68 19.14
CA CYS B 241 12.75 -8.78 19.86
C CYS B 241 13.89 -8.17 20.65
N ASP B 242 14.51 -8.98 21.51
CA ASP B 242 15.71 -8.60 22.25
C ASP B 242 16.91 -9.11 21.46
N VAL B 243 17.75 -8.21 20.96
CA VAL B 243 18.92 -8.65 20.21
C VAL B 243 20.04 -9.08 21.13
N SER B 244 19.93 -8.79 22.44
CA SER B 244 20.92 -9.31 23.39
C SER B 244 20.59 -10.72 23.85
N ASP B 245 19.57 -11.35 23.27
CA ASP B 245 19.27 -12.75 23.53
C ASP B 245 19.49 -13.48 22.22
N GLU B 246 20.62 -14.19 22.11
CA GLU B 246 20.98 -14.81 20.84
C GLU B 246 19.91 -15.77 20.37
N THR B 247 19.25 -16.47 21.30
CA THR B 247 18.23 -17.43 20.89
C THR B 247 17.01 -16.70 20.33
N ALA B 248 16.58 -15.63 21.02
CA ALA B 248 15.44 -14.87 20.54
C ALA B 248 15.76 -14.16 19.22
N PHE B 249 16.96 -13.58 19.09
CA PHE B 249 17.32 -12.88 17.88
C PHE B 249 17.34 -13.82 16.68
N LYS B 250 17.99 -14.98 16.82
CA LYS B 250 18.14 -15.87 15.67
C LYS B 250 16.79 -16.40 15.21
N GLU B 251 15.89 -16.66 16.16
CA GLU B 251 14.56 -17.13 15.80
C GLU B 251 13.77 -16.04 15.08
N PHE B 252 13.82 -14.82 15.62
CA PHE B 252 13.24 -13.68 14.93
C PHE B 252 13.87 -13.47 13.55
N PHE B 253 15.21 -13.46 13.49
CA PHE B 253 15.90 -13.26 12.21
C PHE B 253 15.54 -14.34 11.21
N GLN B 254 15.31 -15.57 11.68
CA GLN B 254 14.92 -16.62 10.75
C GLN B 254 13.51 -16.40 10.21
N ALA B 255 12.59 -15.94 11.06
CA ALA B 255 11.25 -15.64 10.58
C ALA B 255 11.27 -14.50 9.56
N ARG B 256 12.16 -13.53 9.73
CA ARG B 256 12.28 -12.46 8.75
C ARG B 256 12.93 -12.96 7.45
N LEU B 257 13.85 -13.92 7.53
CA LEU B 257 14.38 -14.51 6.31
C LEU B 257 13.30 -15.28 5.55
N ASP B 258 12.46 -16.03 6.29
CA ASP B 258 11.34 -16.73 5.65
C ASP B 258 10.38 -15.75 4.97
N ASP B 259 10.10 -14.60 5.61
CA ASP B 259 9.29 -13.58 4.94
C ASP B 259 9.90 -13.16 3.60
N MET B 260 11.20 -12.86 3.60
CA MET B 260 11.88 -12.46 2.37
C MET B 260 11.77 -13.53 1.31
N ILE B 261 11.97 -14.79 1.69
CA ILE B 261 11.98 -15.86 0.69
C ILE B 261 10.59 -16.03 0.10
N GLU B 262 9.55 -15.99 0.96
CA GLU B 262 8.19 -16.16 0.45
C GLU B 262 7.84 -15.05 -0.53
N ASP B 263 8.20 -13.81 -0.20
CA ASP B 263 7.99 -12.70 -1.13
C ASP B 263 8.71 -12.93 -2.45
N ILE B 264 9.99 -13.31 -2.40
CA ILE B 264 10.78 -13.48 -3.62
C ILE B 264 10.15 -14.54 -4.52
N GLU B 265 9.72 -15.65 -3.92
CA GLU B 265 9.19 -16.74 -4.72
C GLU B 265 7.87 -16.37 -5.39
N CYS B 266 7.03 -15.57 -4.72
CA CYS B 266 5.81 -15.12 -5.39
C CYS B 266 6.09 -13.94 -6.32
N ILE B 267 7.21 -13.25 -6.15
CA ILE B 267 7.67 -12.24 -7.12
C ILE B 267 7.96 -12.91 -8.47
N LYS B 268 8.38 -14.17 -8.44
CA LYS B 268 8.69 -14.90 -9.66
C LYS B 268 7.44 -15.32 -10.42
N ALA B 269 6.26 -15.08 -9.86
CA ALA B 269 5.03 -15.23 -10.61
C ALA B 269 4.62 -13.96 -11.33
N PHE B 270 5.42 -12.90 -11.27
CA PHE B 270 5.20 -11.72 -12.09
C PHE B 270 5.89 -11.91 -13.44
N ASP B 271 5.51 -11.08 -14.43
CA ASP B 271 6.15 -11.21 -15.74
C ASP B 271 7.66 -11.00 -15.61
N GLN B 272 8.39 -11.41 -16.66
CA GLN B 272 9.84 -11.57 -16.55
C GLN B 272 10.53 -10.23 -16.31
N LEU B 273 10.15 -9.19 -17.05
CA LEU B 273 10.78 -7.89 -16.85
C LEU B 273 10.45 -7.32 -15.47
N THR B 274 9.19 -7.46 -15.04
CA THR B 274 8.79 -6.88 -13.75
C THR B 274 9.53 -7.54 -12.59
N GLN B 275 9.55 -8.87 -12.56
CA GLN B 275 10.25 -9.54 -11.46
C GLN B 275 11.74 -9.20 -11.46
N ASP B 276 12.33 -9.04 -12.64
CA ASP B 276 13.72 -8.60 -12.72
C ASP B 276 13.93 -7.29 -11.98
N VAL B 277 13.04 -6.34 -12.18
CA VAL B 277 13.16 -5.05 -11.51
C VAL B 277 12.95 -5.21 -10.02
N PHE B 278 11.95 -6.00 -9.62
CA PHE B 278 11.70 -6.21 -8.18
C PHE B 278 12.93 -6.83 -7.51
N LEU B 279 13.54 -7.83 -8.15
CA LEU B 279 14.66 -8.52 -7.52
C LEU B 279 15.94 -7.69 -7.56
N ASP B 280 16.18 -6.96 -8.66
CA ASP B 280 17.29 -6.00 -8.68
C ASP B 280 17.16 -4.96 -7.57
N LEU B 281 15.93 -4.54 -7.25
CA LEU B 281 15.75 -3.59 -6.16
C LEU B 281 16.08 -4.22 -4.80
N ILE B 282 15.56 -5.42 -4.53
CA ILE B 282 15.82 -6.04 -3.24
C ILE B 282 17.30 -6.39 -3.09
N TYR B 283 17.86 -7.08 -4.09
CA TYR B 283 19.25 -7.52 -4.03
C TYR B 283 20.21 -6.34 -4.16
N GLY B 284 19.91 -5.40 -5.04
CA GLY B 284 20.74 -4.20 -5.15
C GLY B 284 20.83 -3.43 -3.86
N ASN B 285 19.69 -3.19 -3.21
CA ASN B 285 19.70 -2.50 -1.93
C ASN B 285 20.63 -3.21 -0.94
N PHE B 286 20.71 -4.54 -1.02
CA PHE B 286 21.56 -5.29 -0.10
C PHE B 286 23.04 -5.12 -0.43
N VAL B 287 23.36 -4.91 -1.71
CA VAL B 287 24.75 -4.71 -2.08
C VAL B 287 25.19 -3.30 -1.72
N TRP B 288 24.33 -2.32 -1.94
CA TRP B 288 24.62 -0.96 -1.48
C TRP B 288 24.75 -0.91 0.03
N THR B 289 23.79 -1.51 0.73
CA THR B 289 23.68 -1.30 2.18
C THR B 289 24.92 -1.81 2.91
N THR B 290 25.45 -2.96 2.53
CA THR B 290 26.53 -3.57 3.30
C THR B 290 27.92 -3.05 2.91
N SER B 291 27.98 -2.26 1.85
CA SER B 291 29.17 -1.58 1.39
C SER B 291 29.26 -0.15 1.90
N ASN B 292 28.13 0.49 2.16
CA ASN B 292 28.11 1.95 2.25
C ASN B 292 28.42 2.44 3.65
N LYS B 293 29.20 3.53 3.68
CA LYS B 293 29.55 4.20 4.92
C LYS B 293 28.34 4.43 5.81
N ARG B 294 27.17 4.70 5.20
CA ARG B 294 26.00 5.12 5.96
C ARG B 294 25.61 4.10 7.01
N TYR B 295 25.77 2.81 6.73
CA TYR B 295 25.39 1.77 7.68
C TYR B 295 26.60 1.18 8.41
N LYS B 296 27.74 1.86 8.39
CA LYS B 296 28.95 1.36 9.03
C LYS B 296 29.02 1.72 10.50
N THR B 297 28.55 2.91 10.89
CA THR B 297 28.58 3.34 12.29
C THR B 297 27.30 4.08 12.63
N ALA B 298 27.01 4.15 13.94
CA ALA B 298 25.76 4.74 14.41
C ALA B 298 25.64 6.21 14.00
N VAL B 299 26.69 7.00 14.26
CA VAL B 299 26.67 8.44 13.97
C VAL B 299 27.92 8.82 13.20
N ASN B 300 27.76 9.20 11.94
CA ASN B 300 28.86 9.79 11.19
C ASN B 300 28.32 11.00 10.42
N ASP B 301 29.20 11.63 9.64
CA ASP B 301 28.92 12.87 8.93
C ASP B 301 28.07 12.69 7.68
N VAL B 302 27.67 11.46 7.36
CA VAL B 302 26.76 11.20 6.26
C VAL B 302 25.45 10.58 6.71
N ASN B 303 25.31 10.21 7.99
CA ASN B 303 24.05 9.68 8.49
C ASN B 303 23.54 10.35 9.76
N SER B 304 24.15 11.45 10.20
CA SER B 304 23.77 12.03 11.47
C SER B 304 22.58 12.97 11.30
N ARG B 305 21.76 13.02 12.35
CA ARG B 305 20.67 14.00 12.47
C ARG B 305 21.09 15.37 11.98
N ILE B 306 20.38 15.89 10.98
CA ILE B 306 20.52 17.28 10.55
C ILE B 306 19.54 18.11 11.38
N GLN B 307 20.07 18.97 12.22
CA GLN B 307 19.25 19.72 13.15
C GLN B 307 19.65 21.19 13.10
N ALA B 308 18.68 22.08 13.28
CA ALA B 308 18.96 23.52 13.37
C ALA B 308 20.17 23.82 14.27
C2 AHD C . -17.28 -5.96 -4.50
C3 AHD C . -17.27 -4.86 -5.58
C7 AHD C . -16.80 -7.26 -5.13
C8 AHD C . -16.57 -8.30 -4.04
O12 AHD C . -19.21 -8.73 -3.86
P9 AHD C . -17.94 -9.54 -4.01
O10 AHD C . -17.77 -10.52 -2.89
O11 AHD C . -17.91 -10.36 -5.27
P14 AHD C . -15.03 -9.25 -4.40
O15 AHD C . -14.78 -9.29 -5.89
O16 AHD C . -15.12 -10.62 -3.79
O17 AHD C . -13.98 -8.42 -3.71
O13 AHD C . -16.42 -7.71 -2.77
N4 AHD C . -16.70 -3.67 -5.02
MG MG D . -16.60 -10.32 -6.72
MG MG E . -16.06 -11.99 -2.58
MG MG F . -13.44 -8.49 -7.07
C2 AHD G . 15.14 5.37 3.51
C3 AHD G . 15.02 6.60 2.60
C7 AHD G . 16.01 5.71 4.73
C8 AHD G . 16.16 4.51 5.66
O12 AHD G . 18.85 4.78 5.86
P9 AHD G . 17.66 4.67 6.74
O10 AHD G . 17.69 3.45 7.61
O11 AHD G . 17.50 5.92 7.56
P14 AHD G . 14.73 4.46 6.83
O15 AHD G . 14.64 5.79 7.53
O16 AHD G . 14.87 3.36 7.84
O17 AHD G . 13.49 4.17 6.01
O13 AHD G . 16.19 3.29 4.95
N4 AHD G . 14.05 6.33 1.54
MG MG H . 15.93 6.99 8.18
MG MG I . 12.66 7.00 7.39
MG MG J . 16.47 2.18 8.53
N SER A 16 -15.60 -25.75 -0.12
CA SER A 16 -16.62 -26.00 -1.12
C SER A 16 -17.94 -25.25 -0.84
N SER A 17 -18.52 -25.50 0.35
CA SER A 17 -19.53 -24.64 0.95
C SER A 17 -19.01 -24.25 2.31
N VAL A 18 -19.62 -23.21 2.87
CA VAL A 18 -19.43 -22.89 4.26
C VAL A 18 -20.75 -22.90 5.00
N ARG A 19 -21.86 -23.21 4.32
CA ARG A 19 -23.17 -23.22 4.98
C ARG A 19 -23.19 -24.05 6.27
N PRO A 20 -22.47 -25.19 6.40
CA PRO A 20 -22.40 -25.87 7.70
C PRO A 20 -21.87 -25.00 8.81
N TYR A 21 -21.07 -23.98 8.49
CA TYR A 21 -20.51 -23.07 9.49
C TYR A 21 -21.25 -21.75 9.59
N LEU A 22 -22.24 -21.49 8.73
CA LEU A 22 -22.86 -20.17 8.66
C LEU A 22 -23.31 -19.68 10.02
N GLU A 23 -24.20 -20.44 10.67
CA GLU A 23 -24.85 -20.00 11.90
C GLU A 23 -23.83 -19.50 12.93
N GLU A 24 -22.84 -20.34 13.25
CA GLU A 24 -21.97 -19.97 14.36
C GLU A 24 -21.01 -18.85 13.96
N CYS A 25 -20.51 -18.88 12.71
CA CYS A 25 -19.52 -17.89 12.32
C CYS A 25 -20.12 -16.49 12.30
N THR A 26 -21.38 -16.35 11.84
CA THR A 26 -22.05 -15.05 11.92
C THR A 26 -22.14 -14.57 13.35
N ARG A 27 -22.59 -15.45 14.25
CA ARG A 27 -22.70 -15.07 15.65
C ARG A 27 -21.35 -14.70 16.24
N ARG A 28 -20.29 -15.39 15.77
CA ARG A 28 -18.95 -15.14 16.29
C ARG A 28 -18.40 -13.81 15.79
N PHE A 29 -18.62 -13.49 14.51
CA PHE A 29 -18.32 -12.16 13.98
C PHE A 29 -19.01 -11.09 14.82
N GLN A 30 -20.33 -11.25 15.02
CA GLN A 30 -21.10 -10.26 15.76
C GLN A 30 -20.59 -10.09 17.16
N GLU A 31 -20.40 -11.19 17.88
CA GLU A 31 -19.85 -11.13 19.24
C GLU A 31 -18.52 -10.39 19.26
N MET A 32 -17.74 -10.51 18.17
CA MET A 32 -16.46 -9.82 18.07
C MET A 32 -16.65 -8.32 17.90
N PHE A 33 -17.57 -7.92 17.02
CA PHE A 33 -17.85 -6.49 16.86
C PHE A 33 -18.47 -5.89 18.11
N ASP A 34 -19.44 -6.58 18.72
CA ASP A 34 -20.01 -6.10 19.97
C ASP A 34 -18.94 -5.86 21.03
N ARG A 35 -17.90 -6.69 21.07
CA ARG A 35 -16.89 -6.55 22.11
C ARG A 35 -15.86 -5.46 21.78
N HIS A 36 -15.40 -5.43 20.53
CA HIS A 36 -14.24 -4.63 20.15
C HIS A 36 -14.58 -3.32 19.45
N VAL A 37 -15.74 -3.20 18.81
CA VAL A 37 -16.12 -1.99 18.10
C VAL A 37 -17.28 -1.27 18.79
N VAL A 38 -18.32 -2.03 19.18
CA VAL A 38 -19.40 -1.58 20.06
C VAL A 38 -20.34 -0.65 19.31
N THR A 39 -19.89 0.58 19.01
CA THR A 39 -20.57 1.47 18.07
C THR A 39 -21.20 0.71 16.91
N ARG A 40 -22.52 0.74 16.83
CA ARG A 40 -23.18 -0.03 15.78
C ARG A 40 -23.46 0.85 14.56
N PRO A 41 -23.24 0.31 13.36
CA PRO A 41 -23.40 1.12 12.15
C PRO A 41 -24.82 1.62 11.95
N THR A 42 -24.93 2.59 11.05
CA THR A 42 -26.15 3.33 10.78
C THR A 42 -26.30 3.47 9.26
N LYS A 43 -27.52 3.28 8.76
CA LYS A 43 -27.77 3.24 7.32
C LYS A 43 -28.20 4.61 6.80
N VAL A 44 -27.66 5.00 5.66
CA VAL A 44 -27.78 6.37 5.19
C VAL A 44 -29.03 6.52 4.33
N GLU A 45 -29.75 7.62 4.52
CA GLU A 45 -31.00 7.88 3.84
C GLU A 45 -30.75 8.71 2.60
N LEU A 46 -30.99 8.12 1.44
CA LEU A 46 -31.01 8.90 0.23
C LEU A 46 -32.40 9.50 0.07
N THR A 47 -32.45 10.82 -0.01
CA THR A 47 -33.64 11.54 -0.43
C THR A 47 -34.11 10.98 -1.77
N ASP A 48 -35.43 10.99 -1.96
CA ASP A 48 -36.06 10.20 -3.01
C ASP A 48 -35.55 10.56 -4.39
N ALA A 49 -35.16 11.83 -4.59
CA ALA A 49 -34.54 12.26 -5.85
C ALA A 49 -33.15 11.66 -6.01
N GLU A 50 -32.41 11.63 -4.91
CA GLU A 50 -31.02 11.17 -4.93
C GLU A 50 -30.92 9.69 -5.29
N LEU A 51 -31.75 8.85 -4.68
CA LEU A 51 -31.82 7.45 -5.10
C LEU A 51 -32.02 7.34 -6.60
N ARG A 52 -32.77 8.28 -7.19
CA ARG A 52 -33.04 8.26 -8.62
C ARG A 52 -31.83 8.75 -9.42
N GLU A 53 -31.26 9.90 -9.03
CA GLU A 53 -30.09 10.43 -9.72
C GLU A 53 -28.98 9.37 -9.80
N VAL A 54 -28.79 8.61 -8.72
CA VAL A 54 -27.69 7.65 -8.64
C VAL A 54 -27.86 6.55 -9.67
N ILE A 55 -29.04 5.92 -9.71
CA ILE A 55 -29.25 4.73 -10.52
C ILE A 55 -29.18 5.04 -12.01
N ASP A 56 -29.60 6.24 -12.41
CA ASP A 56 -29.49 6.61 -13.81
C ASP A 56 -28.08 7.01 -14.17
N ASP A 57 -27.39 7.69 -13.26
CA ASP A 57 -25.95 7.85 -13.40
C ASP A 57 -25.27 6.50 -13.59
N CYS A 58 -25.63 5.52 -12.77
CA CYS A 58 -25.13 4.16 -12.93
C CYS A 58 -25.52 3.57 -14.28
N ASN A 59 -26.78 3.77 -14.68
CA ASN A 59 -27.23 3.22 -15.96
C ASN A 59 -26.50 3.86 -17.13
N ALA A 60 -26.30 5.17 -17.09
CA ALA A 60 -25.61 5.82 -18.19
C ALA A 60 -24.13 5.46 -18.24
N ALA A 61 -23.53 5.11 -17.08
CA ALA A 61 -22.10 4.81 -17.07
C ALA A 61 -21.81 3.48 -17.73
N VAL A 62 -22.71 2.50 -17.59
CA VAL A 62 -22.40 1.15 -18.09
C VAL A 62 -23.04 0.91 -19.47
N ALA A 63 -24.08 1.66 -19.82
CA ALA A 63 -24.77 1.49 -21.11
C ALA A 63 -23.84 1.39 -22.30
N PRO A 64 -22.77 2.18 -22.44
CA PRO A 64 -21.86 1.97 -23.58
C PRO A 64 -21.26 0.57 -23.64
N LEU A 65 -21.18 -0.15 -22.52
CA LEU A 65 -20.69 -1.52 -22.47
C LEU A 65 -21.69 -2.54 -23.00
N GLY A 66 -22.94 -2.15 -23.22
CA GLY A 66 -23.92 -3.04 -23.81
C GLY A 66 -24.98 -3.56 -22.87
N LYS A 67 -24.62 -3.92 -21.65
CA LYS A 67 -25.56 -4.57 -20.74
C LYS A 67 -26.42 -3.53 -20.02
N THR A 68 -27.44 -4.03 -19.34
CA THR A 68 -28.33 -3.24 -18.50
C THR A 68 -28.34 -3.86 -17.11
N VAL A 69 -28.72 -3.05 -16.13
CA VAL A 69 -28.80 -3.49 -14.74
C VAL A 69 -30.12 -2.97 -14.19
N SER A 70 -30.92 -3.88 -13.65
CA SER A 70 -32.21 -3.51 -13.08
C SER A 70 -32.02 -2.51 -11.94
N ASP A 71 -33.02 -1.64 -11.75
CA ASP A 71 -33.00 -0.75 -10.60
C ASP A 71 -32.82 -1.51 -9.29
N GLU A 72 -33.57 -2.61 -9.12
CA GLU A 72 -33.53 -3.38 -7.88
C GLU A 72 -32.13 -3.95 -7.63
N ARG A 73 -31.41 -4.25 -8.72
CA ARG A 73 -30.06 -4.75 -8.59
C ARG A 73 -29.06 -3.64 -8.30
N TRP A 74 -29.33 -2.41 -8.77
CA TRP A 74 -28.49 -1.28 -8.40
C TRP A 74 -28.65 -0.97 -6.91
N ILE A 75 -29.86 -1.17 -6.38
CA ILE A 75 -30.14 -0.80 -4.99
C ILE A 75 -29.55 -1.84 -4.04
N SER A 76 -29.60 -3.12 -4.43
CA SER A 76 -29.01 -4.16 -3.61
C SER A 76 -27.50 -4.00 -3.52
N TYR A 77 -26.91 -3.35 -4.54
CA TYR A 77 -25.46 -3.15 -4.55
C TYR A 77 -25.08 -1.88 -3.79
N VAL A 78 -25.84 -0.81 -3.97
CA VAL A 78 -25.59 0.45 -3.27
C VAL A 78 -25.74 0.32 -1.76
N GLY A 79 -26.29 -0.80 -1.29
CA GLY A 79 -26.47 -0.98 0.14
C GLY A 79 -25.15 -0.94 0.89
N VAL A 80 -24.06 -1.40 0.26
CA VAL A 80 -22.79 -1.39 0.98
C VAL A 80 -22.34 0.04 1.26
N VAL A 81 -22.68 0.99 0.40
CA VAL A 81 -22.29 2.37 0.64
C VAL A 81 -23.27 3.06 1.58
N LEU A 82 -24.55 2.70 1.51
CA LEU A 82 -25.50 3.27 2.45
C LEU A 82 -25.17 2.86 3.89
N TRP A 83 -24.71 1.62 4.10
CA TRP A 83 -24.51 1.08 5.44
C TRP A 83 -23.10 1.27 5.98
N SER A 84 -22.09 1.44 5.12
CA SER A 84 -20.72 1.32 5.59
C SER A 84 -19.96 2.63 5.64
N GLN A 85 -20.61 3.76 5.37
CA GLN A 85 -19.92 5.03 5.50
C GLN A 85 -20.01 5.47 6.96
N SER A 86 -19.83 6.75 7.23
CA SER A 86 -19.75 7.29 8.59
C SER A 86 -20.73 8.44 8.74
N PRO A 87 -22.04 8.16 8.81
CA PRO A 87 -23.03 9.25 8.61
C PRO A 87 -22.87 10.40 9.59
N ARG A 88 -22.17 10.18 10.68
CA ARG A 88 -22.03 11.18 11.72
C ARG A 88 -20.99 12.24 11.36
N HIS A 89 -20.11 11.95 10.41
CA HIS A 89 -19.08 12.91 10.01
C HIS A 89 -19.29 13.45 8.60
N ILE A 90 -20.31 12.98 7.87
CA ILE A 90 -20.41 13.33 6.44
C ILE A 90 -20.56 14.84 6.30
N LYS A 91 -19.73 15.43 5.42
CA LYS A 91 -19.76 16.86 5.19
C LYS A 91 -19.91 17.26 3.72
N ASP A 92 -19.87 16.31 2.79
CA ASP A 92 -20.05 16.61 1.37
C ASP A 92 -20.92 15.50 0.80
N MET A 93 -22.19 15.81 0.54
CA MET A 93 -23.10 14.84 -0.06
C MET A 93 -22.93 14.72 -1.56
N GLU A 94 -22.28 15.68 -2.21
CA GLU A 94 -21.90 15.46 -3.62
C GLU A 94 -20.81 14.40 -3.72
N ALA A 95 -19.83 14.45 -2.82
CA ALA A 95 -18.84 13.37 -2.78
C ALA A 95 -19.50 12.05 -2.41
N PHE A 96 -20.55 12.10 -1.59
CA PHE A 96 -21.20 10.87 -1.16
C PHE A 96 -21.89 10.18 -2.33
N LYS A 97 -22.61 10.94 -3.14
CA LYS A 97 -23.28 10.38 -4.32
C LYS A 97 -22.26 9.87 -5.33
N ALA A 98 -21.13 10.57 -5.45
CA ALA A 98 -20.03 10.07 -6.27
C ALA A 98 -19.63 8.66 -5.87
N VAL A 99 -19.42 8.45 -4.57
CA VAL A 99 -19.00 7.14 -4.08
C VAL A 99 -20.10 6.11 -4.29
N CYS A 100 -21.35 6.49 -4.00
CA CYS A 100 -22.49 5.64 -4.36
C CYS A 100 -22.41 5.20 -5.82
N VAL A 101 -22.22 6.15 -6.72
CA VAL A 101 -22.17 5.84 -8.14
C VAL A 101 -20.95 4.98 -8.48
N LEU A 102 -19.77 5.43 -8.08
CA LEU A 102 -18.54 4.73 -8.45
C LEU A 102 -18.51 3.32 -7.89
N ASN A 103 -18.92 3.13 -6.64
CA ASN A 103 -18.90 1.79 -6.09
C ASN A 103 -19.93 0.89 -6.78
N CYS A 104 -21.11 1.44 -7.06
CA CYS A 104 -22.15 0.66 -7.72
C CYS A 104 -21.67 0.12 -9.06
N VAL A 105 -21.02 0.95 -9.87
CA VAL A 105 -20.63 0.48 -11.20
C VAL A 105 -19.52 -0.56 -11.11
N THR A 106 -18.69 -0.52 -10.04
CA THR A 106 -17.65 -1.55 -9.88
C THR A 106 -18.28 -2.92 -9.73
N PHE A 107 -19.37 -3.01 -8.97
CA PHE A 107 -20.07 -4.28 -8.84
C PHE A 107 -20.44 -4.84 -10.21
N VAL A 108 -20.88 -3.97 -11.13
CA VAL A 108 -21.19 -4.45 -12.47
C VAL A 108 -19.92 -4.95 -13.15
N TRP A 109 -18.88 -4.12 -13.16
CA TRP A 109 -17.61 -4.51 -13.78
C TRP A 109 -17.03 -5.77 -13.15
N ASP A 110 -17.30 -5.99 -11.86
CA ASP A 110 -16.72 -7.10 -11.13
C ASP A 110 -17.44 -8.40 -11.45
N ASP A 111 -18.71 -8.32 -11.80
CA ASP A 111 -19.47 -9.50 -12.18
C ASP A 111 -19.38 -9.82 -13.67
N MET A 112 -18.94 -8.88 -14.50
CA MET A 112 -18.91 -9.06 -15.95
C MET A 112 -17.85 -10.06 -16.37
N ASP A 113 -18.18 -10.86 -17.39
CA ASP A 113 -17.16 -11.59 -18.12
C ASP A 113 -16.14 -10.60 -18.69
N PRO A 114 -14.85 -10.94 -18.67
CA PRO A 114 -13.83 -10.00 -19.18
C PRO A 114 -14.16 -9.36 -20.52
N ALA A 115 -14.17 -10.11 -21.63
CA ALA A 115 -14.29 -9.53 -22.98
C ALA A 115 -15.23 -8.33 -23.06
N LEU A 116 -16.38 -8.39 -22.38
CA LEU A 116 -17.29 -7.23 -22.30
C LEU A 116 -16.64 -5.95 -21.78
N HIS A 117 -15.39 -6.00 -21.30
CA HIS A 117 -14.77 -4.95 -20.48
C HIS A 117 -14.15 -3.86 -21.34
N ASP A 118 -14.97 -3.07 -22.02
CA ASP A 118 -14.44 -2.07 -22.95
C ASP A 118 -13.92 -0.85 -22.19
N PHE A 119 -12.58 -0.70 -22.15
CA PHE A 119 -11.96 0.45 -21.51
C PHE A 119 -12.18 1.75 -22.29
N GLY A 120 -12.14 1.69 -23.62
CA GLY A 120 -12.35 2.88 -24.41
C GLY A 120 -13.69 3.54 -24.14
N LEU A 121 -14.69 2.75 -23.78
CA LEU A 121 -16.02 3.26 -23.49
C LEU A 121 -16.29 3.50 -22.01
N PHE A 122 -15.74 2.70 -21.11
CA PHE A 122 -16.12 2.82 -19.70
C PHE A 122 -15.27 3.85 -18.95
N LEU A 123 -13.96 3.87 -19.20
CA LEU A 123 -13.09 4.90 -18.65
C LEU A 123 -13.63 6.32 -18.83
N PRO A 124 -14.12 6.73 -20.02
CA PRO A 124 -14.70 8.08 -20.11
C PRO A 124 -15.88 8.30 -19.19
N GLN A 125 -16.74 7.29 -19.00
CA GLN A 125 -17.87 7.45 -18.10
C GLN A 125 -17.40 7.60 -16.65
N LEU A 126 -16.30 6.92 -16.30
CA LEU A 126 -15.72 7.11 -14.97
C LEU A 126 -15.25 8.54 -14.78
N ARG A 127 -14.53 9.08 -15.77
CA ARG A 127 -14.06 10.45 -15.67
C ARG A 127 -15.20 11.44 -15.61
N LYS A 128 -16.29 11.16 -16.33
CA LYS A 128 -17.47 12.03 -16.32
C LYS A 128 -18.09 12.09 -14.93
N ILE A 129 -18.27 10.93 -14.29
CA ILE A 129 -18.79 10.88 -12.92
C ILE A 129 -17.91 11.68 -11.96
N CYS A 130 -16.59 11.43 -11.99
CA CYS A 130 -15.70 12.15 -11.07
C CYS A 130 -15.70 13.65 -11.33
N GLU A 131 -15.75 14.05 -12.60
CA GLU A 131 -15.76 15.47 -12.91
C GLU A 131 -17.07 16.14 -12.51
N LYS A 132 -18.17 15.38 -12.41
CA LYS A 132 -19.41 16.00 -11.97
C LYS A 132 -19.36 16.36 -10.48
N TYR A 133 -18.93 15.42 -9.65
CA TYR A 133 -19.14 15.48 -8.21
C TYR A 133 -17.96 16.03 -7.41
N TYR A 134 -16.76 16.11 -7.98
CA TYR A 134 -15.57 16.52 -7.25
C TYR A 134 -15.00 17.78 -7.88
N GLY A 135 -14.19 18.50 -7.11
CA GLY A 135 -13.35 19.54 -7.67
C GLY A 135 -12.33 18.95 -8.66
N PRO A 136 -11.41 19.78 -9.17
CA PRO A 136 -10.45 19.24 -10.15
C PRO A 136 -9.48 18.25 -9.54
N GLU A 137 -8.94 18.56 -8.37
CA GLU A 137 -7.88 17.72 -7.81
C GLU A 137 -8.44 16.41 -7.27
N ASP A 138 -9.55 16.46 -6.54
CA ASP A 138 -10.19 15.24 -6.06
C ASP A 138 -10.71 14.39 -7.21
N ALA A 139 -11.18 15.02 -8.28
CA ALA A 139 -11.66 14.22 -9.41
C ALA A 139 -10.53 13.39 -10.00
N GLU A 140 -9.32 13.97 -10.10
CA GLU A 140 -8.19 13.21 -10.62
C GLU A 140 -7.80 12.07 -9.69
N VAL A 141 -7.90 12.30 -8.37
CA VAL A 141 -7.53 11.26 -7.43
C VAL A 141 -8.56 10.15 -7.47
N ALA A 142 -9.84 10.50 -7.42
CA ALA A 142 -10.88 9.48 -7.50
C ALA A 142 -10.80 8.71 -8.82
N TYR A 143 -10.62 9.42 -9.94
CA TYR A 143 -10.60 8.76 -11.24
C TYR A 143 -9.40 7.83 -11.40
N GLU A 144 -8.20 8.31 -11.05
CA GLU A 144 -7.02 7.42 -11.08
C GLU A 144 -7.28 6.13 -10.30
N ALA A 145 -7.87 6.24 -9.12
CA ALA A 145 -8.15 5.05 -8.32
C ALA A 145 -9.23 4.17 -8.94
N ALA A 146 -10.21 4.76 -9.61
CA ALA A 146 -11.20 3.99 -10.34
C ALA A 146 -10.56 3.24 -11.50
N ARG A 147 -9.78 3.96 -12.31
CA ARG A 147 -9.03 3.34 -13.39
C ARG A 147 -8.17 2.18 -12.88
N ALA A 148 -7.41 2.42 -11.80
CA ALA A 148 -6.54 1.38 -11.26
C ALA A 148 -7.33 0.15 -10.84
N PHE A 149 -8.48 0.33 -10.20
CA PHE A 149 -9.27 -0.82 -9.76
C PHE A 149 -9.80 -1.64 -10.94
N VAL A 150 -10.38 -0.99 -11.94
CA VAL A 150 -10.97 -1.76 -13.03
C VAL A 150 -9.88 -2.40 -13.88
N THR A 151 -8.77 -1.69 -14.09
CA THR A 151 -7.62 -2.28 -14.77
C THR A 151 -7.08 -3.48 -14.01
N SER A 152 -6.97 -3.38 -12.70
CA SER A 152 -6.50 -4.51 -11.91
C SER A 152 -7.46 -5.70 -12.01
N ASP A 153 -8.76 -5.46 -11.81
CA ASP A 153 -9.72 -6.55 -11.89
C ASP A 153 -9.66 -7.25 -13.25
N HIS A 154 -9.56 -6.48 -14.34
CA HIS A 154 -9.43 -7.08 -15.67
C HIS A 154 -8.14 -7.88 -15.79
N MET A 155 -7.02 -7.23 -15.43
CA MET A 155 -5.67 -7.80 -15.56
C MET A 155 -5.54 -9.16 -14.91
N PHE A 156 -6.14 -9.35 -13.73
CA PHE A 156 -5.88 -10.55 -12.96
C PHE A 156 -6.83 -11.70 -13.26
N ARG A 157 -7.75 -11.55 -14.21
CA ARG A 157 -8.51 -12.71 -14.65
C ARG A 157 -7.54 -13.76 -15.18
N ASP A 158 -7.74 -15.00 -14.73
CA ASP A 158 -6.70 -16.03 -14.61
C ASP A 158 -5.31 -15.56 -15.04
N SER A 159 -4.79 -14.63 -14.25
CA SER A 159 -3.39 -14.26 -14.14
C SER A 159 -2.66 -15.33 -13.34
N PRO A 160 -1.46 -15.77 -13.75
CA PRO A 160 -0.63 -16.55 -12.84
C PRO A 160 -0.40 -15.86 -11.50
N ILE A 161 -0.47 -14.53 -11.49
CA ILE A 161 -0.16 -13.76 -10.30
C ILE A 161 -1.23 -13.96 -9.25
N LYS A 162 -2.49 -13.77 -9.64
CA LYS A 162 -3.60 -13.95 -8.71
C LYS A 162 -3.55 -15.33 -8.06
N ALA A 163 -3.27 -16.37 -8.84
CA ALA A 163 -3.18 -17.72 -8.28
C ALA A 163 -2.03 -17.82 -7.27
N ALA A 164 -0.89 -17.19 -7.59
CA ALA A 164 0.23 -17.25 -6.65
C ALA A 164 -0.06 -16.46 -5.37
N LEU A 165 -0.66 -15.27 -5.49
CA LEU A 165 -0.92 -14.45 -4.31
C LEU A 165 -2.07 -14.99 -3.46
N CYS A 166 -2.93 -15.85 -4.04
CA CYS A 166 -4.11 -16.35 -3.34
C CYS A 166 -3.97 -17.81 -2.90
N THR A 167 -2.89 -18.49 -3.25
CA THR A 167 -2.71 -19.83 -2.76
C THR A 167 -1.44 -19.98 -1.94
N THR A 168 -0.77 -18.88 -1.60
CA THR A 168 0.50 -19.02 -0.93
C THR A 168 0.36 -18.92 0.59
N SER A 169 -0.12 -17.79 1.09
CA SER A 169 -0.34 -17.58 2.51
C SER A 169 -1.41 -16.50 2.67
N PRO A 170 -2.03 -16.40 3.85
CA PRO A 170 -2.88 -15.23 4.12
C PRO A 170 -2.20 -13.91 3.81
N GLU A 171 -0.91 -13.81 4.10
CA GLU A 171 -0.19 -12.55 3.96
C GLU A 171 -0.06 -12.13 2.51
N GLN A 172 0.27 -13.08 1.62
CA GLN A 172 0.29 -12.72 0.20
C GLN A 172 -1.11 -12.35 -0.26
N TYR A 173 -2.12 -13.07 0.23
CA TYR A 173 -3.48 -12.87 -0.22
C TYR A 173 -3.99 -11.48 0.14
N PHE A 174 -3.91 -11.10 1.41
CA PHE A 174 -4.41 -9.79 1.80
C PHE A 174 -3.63 -8.68 1.12
N ARG A 175 -2.34 -8.89 0.85
CA ARG A 175 -1.58 -7.92 0.06
C ARG A 175 -2.22 -7.67 -1.30
N PHE A 176 -2.68 -8.75 -1.97
CA PHE A 176 -3.37 -8.58 -3.24
C PHE A 176 -4.70 -7.84 -3.03
N ARG A 177 -5.44 -8.17 -1.98
CA ARG A 177 -6.78 -7.65 -1.77
C ARG A 177 -6.82 -6.15 -1.43
N VAL A 178 -5.73 -5.58 -0.92
CA VAL A 178 -5.68 -4.13 -0.71
C VAL A 178 -6.20 -3.40 -1.95
N THR A 179 -5.71 -3.79 -3.11
CA THR A 179 -6.23 -3.25 -4.36
C THR A 179 -7.48 -3.99 -4.79
N ASP A 180 -7.47 -5.31 -4.73
CA ASP A 180 -8.45 -6.07 -5.50
C ASP A 180 -9.85 -5.98 -4.91
N ILE A 181 -9.96 -5.96 -3.57
CA ILE A 181 -11.29 -5.83 -2.97
C ILE A 181 -11.87 -4.44 -3.20
N GLY A 182 -11.05 -3.47 -3.56
CA GLY A 182 -11.51 -2.13 -3.83
C GLY A 182 -11.38 -1.13 -2.69
N VAL A 183 -10.77 -1.53 -1.56
CA VAL A 183 -10.71 -0.62 -0.41
C VAL A 183 -9.79 0.56 -0.68
N ASP A 184 -8.71 0.36 -1.44
CA ASP A 184 -7.85 1.50 -1.75
C ASP A 184 -8.60 2.51 -2.61
N PHE A 185 -9.37 2.03 -3.59
CA PHE A 185 -10.29 2.86 -4.37
C PHE A 185 -11.25 3.60 -3.44
N TRP A 186 -11.91 2.87 -2.55
CA TRP A 186 -12.90 3.44 -1.63
C TRP A 186 -12.34 4.64 -0.88
N MET A 187 -11.16 4.49 -0.28
CA MET A 187 -10.59 5.58 0.51
C MET A 187 -10.25 6.79 -0.35
N LYS A 188 -9.75 6.56 -1.57
CA LYS A 188 -9.32 7.66 -2.42
C LYS A 188 -10.49 8.37 -3.08
N MET A 189 -11.67 7.77 -3.11
CA MET A 189 -12.86 8.48 -3.54
C MET A 189 -13.72 8.99 -2.38
N SER A 190 -13.53 8.48 -1.17
CA SER A 190 -14.35 8.84 -0.04
C SER A 190 -13.80 9.98 0.80
N TYR A 191 -12.50 10.26 0.77
CA TYR A 191 -11.96 11.31 1.62
C TYR A 191 -12.53 12.70 1.33
N PRO A 192 -12.92 13.07 0.10
CA PRO A 192 -13.59 14.37 -0.07
C PRO A 192 -14.88 14.49 0.75
N ILE A 193 -15.48 13.37 1.16
CA ILE A 193 -16.71 13.43 1.94
C ILE A 193 -16.48 14.13 3.27
N TYR A 194 -15.33 13.89 3.91
CA TYR A 194 -15.06 14.31 5.27
C TYR A 194 -14.15 15.52 5.38
N ARG A 195 -13.35 15.82 4.35
CA ARG A 195 -12.47 16.99 4.37
C ARG A 195 -11.64 17.08 5.65
N HIS A 196 -11.21 15.94 6.19
CA HIS A 196 -10.30 15.94 7.33
C HIS A 196 -8.87 15.75 6.85
N PRO A 197 -8.00 16.75 7.03
CA PRO A 197 -6.65 16.68 6.44
C PRO A 197 -5.82 15.45 6.80
N GLU A 198 -5.95 14.92 8.02
CA GLU A 198 -5.20 13.70 8.34
C GLU A 198 -5.80 12.49 7.65
N PHE A 199 -7.14 12.40 7.60
CA PHE A 199 -7.76 11.29 6.87
C PHE A 199 -7.39 11.34 5.39
N THR A 200 -7.26 12.55 4.84
CA THR A 200 -6.88 12.68 3.44
C THR A 200 -5.50 12.11 3.19
N GLU A 201 -4.56 12.35 4.13
CA GLU A 201 -3.21 11.81 3.97
C GLU A 201 -3.20 10.29 4.06
N HIS A 202 -3.86 9.72 5.09
CA HIS A 202 -3.92 8.27 5.19
C HIS A 202 -4.60 7.63 3.98
N ALA A 203 -5.56 8.34 3.36
CA ALA A 203 -6.16 7.84 2.13
C ALA A 203 -5.14 7.84 0.99
N LYS A 204 -4.37 8.92 0.86
CA LYS A 204 -3.45 9.09 -0.26
C LYS A 204 -2.16 8.28 -0.11
N THR A 205 -1.73 7.97 1.12
CA THR A 205 -0.63 7.01 1.29
C THR A 205 -1.09 5.57 1.15
N SER A 206 -2.40 5.33 1.19
CA SER A 206 -3.03 4.02 1.27
C SER A 206 -2.86 3.34 2.63
N LEU A 207 -2.27 4.04 3.62
CA LEU A 207 -2.31 3.48 4.97
C LEU A 207 -3.75 3.17 5.37
N ALA A 208 -4.69 4.05 5.01
CA ALA A 208 -6.09 3.81 5.35
C ALA A 208 -6.58 2.49 4.79
N ALA A 209 -6.32 2.25 3.50
CA ALA A 209 -6.72 0.98 2.90
C ALA A 209 -6.03 -0.19 3.59
N ARG A 210 -4.73 -0.05 3.88
CA ARG A 210 -4.00 -1.16 4.47
C ARG A 210 -4.53 -1.49 5.86
N MET A 211 -4.90 -0.47 6.64
CA MET A 211 -5.44 -0.70 7.98
C MET A 211 -6.74 -1.48 7.93
N THR A 212 -7.55 -1.27 6.89
CA THR A 212 -8.90 -1.81 6.86
C THR A 212 -9.05 -3.04 5.97
N THR A 213 -7.97 -3.48 5.29
CA THR A 213 -8.12 -4.54 4.30
C THR A 213 -8.65 -5.82 4.90
N ARG A 214 -8.04 -6.28 6.00
CA ARG A 214 -8.39 -7.60 6.49
C ARG A 214 -9.79 -7.62 7.12
N GLY A 215 -10.16 -6.55 7.82
CA GLY A 215 -11.50 -6.48 8.38
C GLY A 215 -12.59 -6.60 7.31
N LEU A 216 -12.38 -5.92 6.18
CA LEU A 216 -13.33 -5.97 5.08
C LEU A 216 -13.29 -7.30 4.35
N THR A 217 -12.06 -7.76 4.03
CA THR A 217 -11.88 -8.92 3.17
C THR A 217 -12.30 -10.21 3.85
N ILE A 218 -11.98 -10.37 5.13
CA ILE A 218 -12.34 -11.61 5.82
C ILE A 218 -13.86 -11.75 5.88
N VAL A 219 -14.55 -10.65 6.16
CA VAL A 219 -16.02 -10.68 6.20
C VAL A 219 -16.58 -11.06 4.82
N ASN A 220 -16.20 -10.31 3.78
CA ASN A 220 -16.66 -10.63 2.44
C ASN A 220 -16.32 -12.06 2.05
N ASP A 221 -15.11 -12.52 2.37
CA ASP A 221 -14.71 -13.85 1.97
C ASP A 221 -15.63 -14.91 2.56
N PHE A 222 -15.96 -14.80 3.84
CA PHE A 222 -16.75 -15.86 4.44
C PHE A 222 -18.12 -15.97 3.78
N TYR A 223 -18.82 -14.86 3.68
CA TYR A 223 -20.17 -14.91 3.17
C TYR A 223 -20.20 -15.16 1.66
N SER A 224 -19.26 -14.60 0.90
CA SER A 224 -19.26 -14.76 -0.55
C SER A 224 -18.49 -16.01 -1.01
N TYR A 225 -18.06 -16.85 -0.07
CA TYR A 225 -17.36 -18.09 -0.41
C TYR A 225 -18.17 -18.97 -1.35
N ASP A 226 -19.47 -19.14 -1.08
CA ASP A 226 -20.24 -20.13 -1.82
C ASP A 226 -20.47 -19.68 -3.26
N ARG A 227 -20.76 -18.40 -3.48
CA ARG A 227 -20.83 -17.90 -4.84
C ARG A 227 -19.54 -18.17 -5.58
N GLU A 228 -18.41 -17.73 -5.02
CA GLU A 228 -17.14 -17.75 -5.74
C GLU A 228 -16.65 -19.17 -6.01
N VAL A 229 -16.89 -20.10 -5.08
CA VAL A 229 -16.48 -21.50 -5.32
C VAL A 229 -17.27 -22.09 -6.48
N SER A 230 -18.55 -21.74 -6.57
CA SER A 230 -19.39 -22.28 -7.64
C SER A 230 -19.02 -21.65 -8.98
N LEU A 231 -18.16 -20.64 -8.96
CA LEU A 231 -17.77 -19.95 -10.18
C LEU A 231 -16.31 -20.13 -10.52
N GLY A 232 -15.63 -21.06 -9.87
CA GLY A 232 -14.22 -21.26 -10.10
C GLY A 232 -13.35 -20.07 -9.75
N GLN A 233 -13.88 -19.15 -8.94
CA GLN A 233 -13.14 -17.97 -8.51
C GLN A 233 -12.25 -18.33 -7.31
N ILE A 234 -10.99 -17.91 -7.35
CA ILE A 234 -10.02 -18.32 -6.34
C ILE A 234 -9.71 -17.24 -5.30
N THR A 235 -10.19 -16.01 -5.49
CA THR A 235 -9.83 -14.91 -4.60
C THR A 235 -10.70 -14.94 -3.35
N ASN A 236 -10.30 -15.78 -2.39
CA ASN A 236 -11.07 -16.01 -1.17
C ASN A 236 -10.22 -16.79 -0.18
N CYS A 237 -9.92 -16.19 0.99
CA CYS A 237 -8.91 -16.76 1.88
C CYS A 237 -9.33 -18.11 2.47
N PHE A 238 -10.62 -18.40 2.52
CA PHE A 238 -10.99 -19.69 3.06
C PHE A 238 -10.68 -20.84 2.11
N ARG A 239 -10.26 -20.56 0.87
CA ARG A 239 -9.68 -21.61 0.04
C ARG A 239 -8.29 -21.99 0.49
N LEU A 240 -7.68 -21.23 1.40
CA LEU A 240 -6.36 -21.55 1.96
C LEU A 240 -6.42 -22.57 3.10
N CYS A 241 -7.57 -23.13 3.40
CA CYS A 241 -7.65 -24.13 4.45
C CYS A 241 -8.59 -25.25 4.03
N ASP A 242 -8.40 -26.41 4.65
CA ASP A 242 -9.19 -27.60 4.35
C ASP A 242 -10.55 -27.43 5.03
N VAL A 243 -11.47 -26.79 4.30
CA VAL A 243 -12.81 -26.53 4.85
C VAL A 243 -13.60 -27.81 5.02
N SER A 244 -13.14 -28.91 4.42
CA SER A 244 -13.75 -30.21 4.68
C SER A 244 -13.31 -30.78 6.03
N ASP A 245 -12.29 -30.18 6.64
CA ASP A 245 -12.00 -30.40 8.05
C ASP A 245 -12.68 -29.32 8.87
N GLU A 246 -13.70 -29.68 9.64
CA GLU A 246 -14.37 -28.67 10.44
C GLU A 246 -13.51 -28.19 11.59
N THR A 247 -12.56 -29.00 12.05
CA THR A 247 -11.61 -28.55 13.05
C THR A 247 -10.62 -27.55 12.47
N ALA A 248 -9.99 -27.91 11.34
CA ALA A 248 -9.01 -27.01 10.73
C ALA A 248 -9.66 -25.69 10.31
N PHE A 249 -10.93 -25.73 9.90
CA PHE A 249 -11.66 -24.51 9.60
C PHE A 249 -11.76 -23.63 10.85
N LYS A 250 -12.21 -24.20 11.96
CA LYS A 250 -12.43 -23.39 13.15
C LYS A 250 -11.12 -22.75 13.64
N GLU A 251 -9.99 -23.42 13.43
CA GLU A 251 -8.71 -22.81 13.79
C GLU A 251 -8.34 -21.70 12.83
N PHE A 252 -8.61 -21.90 11.54
CA PHE A 252 -8.34 -20.87 10.55
C PHE A 252 -9.22 -19.65 10.77
N PHE A 253 -10.51 -19.87 11.04
CA PHE A 253 -11.42 -18.75 11.28
C PHE A 253 -11.02 -17.97 12.52
N GLN A 254 -10.60 -18.67 13.58
CA GLN A 254 -10.18 -17.94 14.77
C GLN A 254 -8.92 -17.11 14.48
N ALA A 255 -7.98 -17.64 13.69
CA ALA A 255 -6.80 -16.86 13.31
C ALA A 255 -7.19 -15.62 12.50
N ARG A 256 -8.16 -15.76 11.58
CA ARG A 256 -8.68 -14.58 10.87
C ARG A 256 -9.37 -13.61 11.83
N LEU A 257 -10.13 -14.12 12.79
CA LEU A 257 -10.71 -13.24 13.80
C LEU A 257 -9.62 -12.46 14.54
N ASP A 258 -8.49 -13.12 14.84
CA ASP A 258 -7.41 -12.44 15.54
C ASP A 258 -6.79 -11.34 14.65
N ASP A 259 -6.68 -11.60 13.35
CA ASP A 259 -6.26 -10.57 12.42
C ASP A 259 -7.14 -9.32 12.56
N MET A 260 -8.47 -9.52 12.49
CA MET A 260 -9.41 -8.41 12.61
C MET A 260 -9.25 -7.64 13.91
N ILE A 261 -9.11 -8.36 15.02
CA ILE A 261 -9.02 -7.70 16.33
C ILE A 261 -7.77 -6.85 16.44
N GLU A 262 -6.63 -7.38 15.97
CA GLU A 262 -5.37 -6.64 16.05
C GLU A 262 -5.41 -5.39 15.19
N ASP A 263 -5.99 -5.50 13.99
CA ASP A 263 -6.21 -4.34 13.14
C ASP A 263 -7.10 -3.32 13.84
N ILE A 264 -8.21 -3.79 14.42
CA ILE A 264 -9.16 -2.86 15.03
C ILE A 264 -8.52 -2.11 16.20
N GLU A 265 -7.78 -2.81 17.07
CA GLU A 265 -7.15 -2.11 18.19
C GLU A 265 -6.04 -1.16 17.71
N CYS A 266 -5.35 -1.49 16.62
CA CYS A 266 -4.37 -0.55 16.10
C CYS A 266 -5.03 0.67 15.46
N ILE A 267 -6.18 0.46 14.81
CA ILE A 267 -6.94 1.59 14.24
C ILE A 267 -7.28 2.60 15.34
N LYS A 268 -7.54 2.12 16.55
CA LYS A 268 -7.90 2.98 17.66
C LYS A 268 -6.77 3.93 18.08
N ALA A 269 -5.57 3.78 17.53
CA ALA A 269 -4.47 4.67 17.83
C ALA A 269 -4.47 5.91 16.94
N PHE A 270 -5.18 5.85 15.81
CA PHE A 270 -5.33 6.97 14.91
C PHE A 270 -6.09 8.10 15.60
N ASP A 271 -6.33 9.17 14.86
CA ASP A 271 -7.09 10.26 15.46
C ASP A 271 -8.57 9.92 15.46
N GLN A 272 -9.32 10.69 16.25
CA GLN A 272 -10.67 10.30 16.59
C GLN A 272 -11.60 10.24 15.38
N LEU A 273 -11.60 11.29 14.55
CA LEU A 273 -12.41 11.26 13.33
C LEU A 273 -11.97 10.11 12.41
N THR A 274 -10.67 10.01 12.15
CA THR A 274 -10.15 8.96 11.27
C THR A 274 -10.58 7.58 11.77
N GLN A 275 -10.34 7.33 13.06
CA GLN A 275 -10.69 6.06 13.67
C GLN A 275 -12.17 5.73 13.46
N ASP A 276 -13.03 6.75 13.42
CA ASP A 276 -14.45 6.51 13.24
C ASP A 276 -14.77 6.07 11.81
N VAL A 277 -14.19 6.74 10.82
CA VAL A 277 -14.42 6.30 9.44
C VAL A 277 -13.97 4.86 9.24
N PHE A 278 -12.74 4.55 9.68
CA PHE A 278 -12.22 3.18 9.55
C PHE A 278 -13.15 2.15 10.19
N LEU A 279 -13.62 2.44 11.41
CA LEU A 279 -14.42 1.44 12.10
C LEU A 279 -15.85 1.39 11.54
N ASP A 280 -16.46 2.55 11.25
CA ASP A 280 -17.75 2.53 10.55
C ASP A 280 -17.66 1.71 9.26
N LEU A 281 -16.52 1.80 8.56
CA LEU A 281 -16.33 1.05 7.33
C LEU A 281 -16.36 -0.45 7.57
N ILE A 282 -15.56 -0.93 8.53
CA ILE A 282 -15.47 -2.38 8.72
C ILE A 282 -16.78 -2.93 9.24
N TYR A 283 -17.35 -2.30 10.27
CA TYR A 283 -18.60 -2.78 10.85
C TYR A 283 -19.76 -2.57 9.88
N GLY A 284 -19.80 -1.41 9.23
CA GLY A 284 -20.84 -1.15 8.25
C GLY A 284 -20.90 -2.22 7.18
N ASN A 285 -19.74 -2.64 6.67
CA ASN A 285 -19.71 -3.68 5.64
C ASN A 285 -20.26 -5.00 6.16
N PHE A 286 -20.00 -5.31 7.43
CA PHE A 286 -20.50 -6.57 7.98
C PHE A 286 -22.03 -6.60 8.05
N VAL A 287 -22.65 -5.46 8.38
CA VAL A 287 -24.11 -5.43 8.47
C VAL A 287 -24.73 -5.52 7.09
N TRP A 288 -24.25 -4.70 6.15
CA TRP A 288 -24.74 -4.84 4.78
C TRP A 288 -24.57 -6.27 4.28
N THR A 289 -23.38 -6.83 4.45
CA THR A 289 -23.06 -8.14 3.88
C THR A 289 -23.99 -9.23 4.39
N THR A 290 -24.28 -9.23 5.69
CA THR A 290 -25.07 -10.30 6.31
C THR A 290 -26.57 -10.13 6.10
N SER A 291 -27.00 -9.15 5.30
CA SER A 291 -28.40 -8.88 5.07
C SER A 291 -28.77 -8.89 3.59
N ASN A 292 -27.93 -8.35 2.74
CA ASN A 292 -28.30 -8.06 1.37
C ASN A 292 -28.43 -9.35 0.57
N LYS A 293 -29.35 -9.34 -0.39
CA LYS A 293 -29.63 -10.53 -1.20
C LYS A 293 -28.40 -11.07 -1.92
N ARG A 294 -27.40 -10.22 -2.17
CA ARG A 294 -26.15 -10.74 -2.73
C ARG A 294 -25.62 -11.90 -1.89
N TYR A 295 -25.87 -11.86 -0.58
CA TYR A 295 -25.58 -12.96 0.33
C TYR A 295 -26.74 -13.20 1.28
N LYS A 296 -27.87 -13.67 0.74
CA LYS A 296 -28.79 -14.51 1.49
C LYS A 296 -28.74 -15.96 1.02
N THR A 297 -27.84 -16.27 0.07
CA THR A 297 -27.72 -17.58 -0.56
C THR A 297 -26.41 -17.61 -1.34
N ALA A 298 -26.53 -17.54 -2.67
CA ALA A 298 -25.38 -17.27 -3.53
C ALA A 298 -25.74 -16.24 -4.61
N ILE B 13 16.17 0.93 25.07
CA ILE B 13 17.32 0.35 24.38
C ILE B 13 18.21 1.45 23.78
N GLY B 14 19.51 1.31 23.97
CA GLY B 14 20.50 2.24 23.46
C GLY B 14 21.88 1.65 23.67
N ARG B 15 22.71 1.66 22.64
CA ARG B 15 23.95 0.89 22.63
C ARG B 15 23.68 -0.59 22.86
N SER B 16 22.42 -1.01 22.74
CA SER B 16 22.08 -2.36 22.30
C SER B 16 22.27 -2.41 20.78
N SER B 17 22.64 -3.57 20.27
CA SER B 17 23.36 -3.61 19.01
C SER B 17 23.17 -4.97 18.34
N VAL B 18 23.42 -5.00 17.04
CA VAL B 18 23.44 -6.25 16.29
C VAL B 18 24.84 -6.58 15.77
N ARG B 19 25.86 -5.84 16.21
CA ARG B 19 27.24 -6.13 15.84
C ARG B 19 27.65 -7.59 16.08
N PRO B 20 27.27 -8.26 17.17
CA PRO B 20 27.71 -9.66 17.33
C PRO B 20 27.22 -10.54 16.20
N TYR B 21 26.09 -10.20 15.59
CA TYR B 21 25.53 -10.97 14.49
C TYR B 21 25.94 -10.46 13.13
N LEU B 22 26.73 -9.38 13.08
CA LEU B 22 26.90 -8.68 11.80
C LEU B 22 27.39 -9.62 10.72
N GLU B 23 28.35 -10.48 11.06
CA GLU B 23 29.03 -11.23 10.02
C GLU B 23 28.26 -12.49 9.64
N GLU B 24 27.60 -13.13 10.60
CA GLU B 24 26.86 -14.32 10.25
C GLU B 24 25.58 -13.97 9.49
N CYS B 25 24.89 -12.90 9.90
CA CYS B 25 23.67 -12.50 9.23
C CYS B 25 23.94 -12.02 7.81
N THR B 26 25.06 -11.31 7.60
CA THR B 26 25.44 -10.91 6.26
C THR B 26 25.61 -12.12 5.36
N ARG B 27 26.28 -13.16 5.88
CA ARG B 27 26.44 -14.40 5.14
C ARG B 27 25.10 -15.10 4.94
N ARG B 28 24.22 -15.08 5.95
CA ARG B 28 22.90 -15.68 5.80
C ARG B 28 22.07 -14.93 4.78
N PHE B 29 22.11 -13.59 4.82
CA PHE B 29 21.47 -12.81 3.75
C PHE B 29 22.03 -13.23 2.39
N GLN B 30 23.36 -13.23 2.26
CA GLN B 30 24.00 -13.56 0.98
C GLN B 30 23.61 -14.95 0.52
N GLU B 31 23.65 -15.91 1.44
CA GLU B 31 23.27 -17.27 1.11
C GLU B 31 21.83 -17.36 0.62
N MET B 32 20.95 -16.53 1.18
CA MET B 32 19.56 -16.51 0.73
C MET B 32 19.45 -15.96 -0.69
N PHE B 33 20.13 -14.86 -0.98
CA PHE B 33 20.13 -14.34 -2.35
C PHE B 33 20.75 -15.33 -3.35
N ASP B 34 21.74 -16.13 -2.92
CA ASP B 34 22.35 -17.09 -3.85
C ASP B 34 21.42 -18.24 -4.16
N ARG B 35 20.62 -18.67 -3.19
CA ARG B 35 19.67 -19.73 -3.47
C ARG B 35 18.47 -19.21 -4.27
N HIS B 36 17.93 -18.05 -3.90
CA HIS B 36 16.61 -17.66 -4.35
C HIS B 36 16.58 -16.58 -5.44
N VAL B 37 17.61 -15.76 -5.56
CA VAL B 37 17.61 -14.69 -6.54
C VAL B 37 18.62 -14.93 -7.65
N VAL B 38 19.87 -15.21 -7.29
CA VAL B 38 20.95 -15.60 -8.18
C VAL B 38 21.51 -14.39 -8.93
N THR B 39 20.72 -13.79 -9.82
CA THR B 39 21.18 -12.63 -10.59
C THR B 39 21.67 -11.51 -9.68
N ARG B 40 22.92 -11.13 -9.88
CA ARG B 40 23.64 -10.13 -9.13
C ARG B 40 23.36 -8.73 -9.69
N PRO B 41 22.95 -7.79 -8.84
CA PRO B 41 22.75 -6.42 -9.29
C PRO B 41 24.02 -5.83 -9.87
N THR B 42 23.85 -4.87 -10.79
CA THR B 42 24.99 -4.16 -11.38
C THR B 42 24.85 -2.67 -11.13
N LYS B 43 25.97 -2.03 -10.83
CA LYS B 43 26.00 -0.63 -10.48
C LYS B 43 25.98 0.26 -11.71
N VAL B 44 25.34 1.41 -11.60
CA VAL B 44 25.37 2.41 -12.67
C VAL B 44 26.53 3.36 -12.43
N GLU B 45 27.35 3.56 -13.45
CA GLU B 45 28.40 4.56 -13.40
C GLU B 45 27.87 5.82 -14.07
N LEU B 46 27.49 6.81 -13.29
CA LEU B 46 27.19 8.11 -13.86
C LEU B 46 28.50 8.78 -14.23
N THR B 47 28.57 9.32 -15.44
CA THR B 47 29.76 10.08 -15.78
C THR B 47 29.82 11.32 -14.91
N ASP B 48 31.04 11.85 -14.75
CA ASP B 48 31.29 12.89 -13.76
C ASP B 48 30.37 14.09 -13.92
N ALA B 49 30.03 14.43 -15.16
CA ALA B 49 29.15 15.58 -15.39
C ALA B 49 27.74 15.32 -14.93
N GLU B 50 27.24 14.09 -15.11
CA GLU B 50 25.90 13.76 -14.66
C GLU B 50 25.80 13.79 -13.15
N LEU B 51 26.85 13.30 -12.48
CA LEU B 51 26.96 13.48 -11.04
C LEU B 51 26.83 14.95 -10.66
N ARG B 52 27.61 15.83 -11.32
CA ARG B 52 27.44 17.28 -11.11
C ARG B 52 26.03 17.74 -11.43
N GLU B 53 25.32 17.09 -12.36
CA GLU B 53 23.94 17.49 -12.60
C GLU B 53 23.05 17.09 -11.43
N VAL B 54 23.21 15.86 -10.94
CA VAL B 54 22.44 15.40 -9.79
C VAL B 54 22.66 16.33 -8.60
N ILE B 55 23.92 16.49 -8.19
CA ILE B 55 24.24 17.33 -7.03
C ILE B 55 23.73 18.75 -7.22
N ASP B 56 23.87 19.30 -8.43
CA ASP B 56 23.33 20.64 -8.68
C ASP B 56 21.84 20.68 -8.33
N ASP B 57 21.04 19.81 -8.95
CA ASP B 57 19.61 19.81 -8.69
C ASP B 57 19.31 19.55 -7.22
N CYS B 58 20.13 18.72 -6.55
CA CYS B 58 19.87 18.39 -5.15
C CYS B 58 20.08 19.61 -4.24
N ASN B 59 21.21 20.30 -4.42
CA ASN B 59 21.48 21.50 -3.62
C ASN B 59 20.41 22.55 -3.82
N ALA B 60 20.01 22.76 -5.07
CA ALA B 60 18.92 23.70 -5.35
C ALA B 60 17.66 23.28 -4.64
N ALA B 61 17.39 21.97 -4.58
CA ALA B 61 16.14 21.50 -4.02
C ALA B 61 16.08 21.75 -2.52
N VAL B 62 17.17 21.48 -1.80
CA VAL B 62 17.12 21.66 -0.35
C VAL B 62 17.59 23.04 0.10
N ALA B 63 17.91 23.94 -0.83
CA ALA B 63 18.44 25.24 -0.46
C ALA B 63 17.48 26.08 0.36
N PRO B 64 16.19 26.17 0.03
CA PRO B 64 15.26 26.89 0.92
C PRO B 64 15.17 26.32 2.32
N LEU B 65 15.50 25.05 2.54
CA LEU B 65 15.43 24.47 3.88
C LEU B 65 16.55 24.96 4.78
N GLY B 66 17.43 25.83 4.28
CA GLY B 66 18.47 26.46 5.08
C GLY B 66 19.46 25.54 5.75
N LYS B 67 19.83 24.44 5.09
CA LYS B 67 20.89 23.59 5.62
C LYS B 67 21.80 23.14 4.51
N THR B 68 23.09 23.37 4.68
CA THR B 68 24.07 22.90 3.72
C THR B 68 24.23 21.39 3.85
N VAL B 69 24.33 20.71 2.72
CA VAL B 69 24.57 19.27 2.72
C VAL B 69 25.66 18.98 1.70
N SER B 70 26.66 18.21 2.12
CA SER B 70 27.89 18.06 1.37
C SER B 70 27.81 16.95 0.33
N ASP B 71 28.64 17.11 -0.71
CA ASP B 71 28.70 16.16 -1.81
C ASP B 71 28.90 14.72 -1.34
N GLU B 72 29.85 14.51 -0.43
CA GLU B 72 30.07 13.18 0.14
C GLU B 72 28.78 12.59 0.70
N ARG B 73 27.96 13.41 1.37
CA ARG B 73 26.68 12.92 1.90
C ARG B 73 25.67 12.70 0.77
N TRP B 74 25.69 13.55 -0.26
CA TRP B 74 24.83 13.33 -1.43
C TRP B 74 25.12 12.00 -2.09
N ILE B 75 26.41 11.67 -2.25
CA ILE B 75 26.85 10.50 -3.00
C ILE B 75 26.62 9.22 -2.21
N SER B 76 26.63 9.30 -0.88
CA SER B 76 26.20 8.18 -0.08
C SER B 76 24.73 7.88 -0.35
N TYR B 77 23.89 8.91 -0.34
CA TYR B 77 22.49 8.74 -0.68
C TYR B 77 22.32 8.14 -2.08
N VAL B 78 22.98 8.72 -3.09
CA VAL B 78 22.69 8.31 -4.47
C VAL B 78 23.07 6.87 -4.72
N GLY B 79 23.92 6.29 -3.86
CA GLY B 79 24.34 4.92 -4.08
C GLY B 79 23.20 3.93 -4.21
N VAL B 80 22.12 4.13 -3.44
CA VAL B 80 21.02 3.18 -3.51
C VAL B 80 20.40 3.15 -4.91
N VAL B 81 20.27 4.31 -5.56
CA VAL B 81 19.63 4.34 -6.88
C VAL B 81 20.58 3.79 -7.93
N LEU B 82 21.86 4.16 -7.83
CA LEU B 82 22.85 3.62 -8.76
C LEU B 82 22.91 2.10 -8.69
N TRP B 83 22.66 1.54 -7.50
CA TRP B 83 22.84 0.12 -7.26
C TRP B 83 21.56 -0.70 -7.32
N SER B 84 20.37 -0.10 -7.27
CA SER B 84 19.17 -0.90 -7.04
C SER B 84 18.09 -0.74 -8.09
N GLN B 85 18.35 0.00 -9.17
CA GLN B 85 17.50 -0.09 -10.35
C GLN B 85 17.89 -1.36 -11.12
N SER B 86 17.50 -1.45 -12.39
CA SER B 86 17.59 -2.70 -13.14
C SER B 86 18.21 -2.38 -14.51
N PRO B 87 19.53 -2.24 -14.57
CA PRO B 87 20.18 -1.76 -15.80
C PRO B 87 19.89 -2.61 -17.04
N ARG B 88 19.49 -3.86 -16.89
CA ARG B 88 19.06 -4.65 -18.05
C ARG B 88 17.99 -3.92 -18.85
N HIS B 89 17.06 -3.23 -18.17
CA HIS B 89 15.82 -2.79 -18.78
C HIS B 89 15.67 -1.28 -18.87
N ILE B 90 16.63 -0.51 -18.36
CA ILE B 90 16.50 0.94 -18.33
C ILE B 90 16.37 1.48 -19.74
N LYS B 91 15.36 2.32 -19.97
CA LYS B 91 15.24 3.08 -21.20
C LYS B 91 15.43 4.57 -21.00
N ASP B 92 14.84 5.16 -19.96
CA ASP B 92 14.76 6.61 -19.80
C ASP B 92 15.75 7.03 -18.72
N MET B 93 16.93 7.49 -19.16
CA MET B 93 17.98 7.90 -18.23
C MET B 93 17.75 9.29 -17.65
N GLU B 94 16.80 10.07 -18.19
CA GLU B 94 16.42 11.31 -17.52
C GLU B 94 15.43 11.04 -16.39
N ALA B 95 14.59 10.03 -16.55
CA ALA B 95 13.79 9.53 -15.43
C ALA B 95 14.69 8.94 -14.36
N PHE B 96 15.72 8.19 -14.77
CA PHE B 96 16.70 7.65 -13.81
C PHE B 96 17.38 8.77 -13.04
N LYS B 97 17.75 9.85 -13.73
CA LYS B 97 18.39 10.96 -13.06
C LYS B 97 17.43 11.63 -12.09
N ALA B 98 16.15 11.71 -12.47
CA ALA B 98 15.12 12.21 -11.56
C ALA B 98 15.05 11.39 -10.29
N VAL B 99 15.04 10.06 -10.43
CA VAL B 99 14.99 9.21 -9.24
C VAL B 99 16.23 9.43 -8.37
N CYS B 100 17.38 9.69 -8.99
CA CYS B 100 18.57 10.02 -8.21
C CYS B 100 18.34 11.27 -7.37
N VAL B 101 17.82 12.33 -7.99
CA VAL B 101 17.63 13.59 -7.28
C VAL B 101 16.56 13.46 -6.21
N LEU B 102 15.40 12.89 -6.57
CA LEU B 102 14.29 12.79 -5.63
C LEU B 102 14.65 11.90 -4.44
N ASN B 103 15.18 10.70 -4.70
CA ASN B 103 15.63 9.84 -3.61
C ASN B 103 16.63 10.58 -2.73
N CYS B 104 17.58 11.29 -3.35
CA CYS B 104 18.60 12.00 -2.58
C CYS B 104 18.01 13.09 -1.71
N VAL B 105 17.10 13.90 -2.24
CA VAL B 105 16.66 15.04 -1.45
C VAL B 105 15.62 14.61 -0.44
N THR B 106 14.98 13.46 -0.64
CA THR B 106 14.09 12.97 0.41
C THR B 106 14.86 12.23 1.50
N PHE B 107 16.01 11.62 1.17
CA PHE B 107 16.90 11.11 2.20
C PHE B 107 17.26 12.22 3.19
N VAL B 108 17.69 13.38 2.66
CA VAL B 108 18.02 14.51 3.50
C VAL B 108 16.84 14.84 4.43
N TRP B 109 15.63 14.89 3.87
CA TRP B 109 14.45 15.12 4.68
C TRP B 109 14.33 14.08 5.78
N ASP B 110 14.54 12.81 5.43
CA ASP B 110 14.49 11.72 6.39
C ASP B 110 15.47 11.94 7.55
N ASP B 111 16.71 12.28 7.22
CA ASP B 111 17.79 12.46 8.19
C ASP B 111 17.77 13.82 8.89
N MET B 112 16.75 14.63 8.61
CA MET B 112 16.71 16.03 8.99
C MET B 112 15.89 16.21 10.24
N ASP B 113 16.31 17.12 11.10
CA ASP B 113 15.53 17.51 12.25
C ASP B 113 14.17 18.07 11.80
N PRO B 114 13.07 17.68 12.44
CA PRO B 114 11.76 18.21 12.02
C PRO B 114 11.67 19.73 12.04
N ALA B 115 12.54 20.41 12.79
CA ALA B 115 12.56 21.87 12.78
C ALA B 115 12.87 22.41 11.40
N LEU B 116 13.66 21.66 10.61
CA LEU B 116 14.08 22.05 9.28
C LEU B 116 13.08 21.70 8.18
N HIS B 117 11.96 21.03 8.51
CA HIS B 117 11.00 20.55 7.51
C HIS B 117 10.05 21.67 7.08
N ASP B 118 10.36 22.37 5.99
CA ASP B 118 9.47 23.43 5.52
C ASP B 118 8.87 23.05 4.17
N PHE B 119 7.57 22.72 4.18
CA PHE B 119 6.91 22.26 2.96
C PHE B 119 6.82 23.40 1.94
N GLY B 120 6.31 24.55 2.36
CA GLY B 120 6.16 25.67 1.44
C GLY B 120 7.44 26.02 0.70
N LEU B 121 8.59 25.71 1.30
CA LEU B 121 9.88 26.02 0.69
C LEU B 121 10.51 24.83 -0.04
N PHE B 122 10.14 23.60 0.35
CA PHE B 122 10.76 22.41 -0.25
C PHE B 122 9.89 21.79 -1.33
N LEU B 123 8.58 21.73 -1.12
CA LEU B 123 7.69 21.12 -2.10
C LEU B 123 7.77 21.77 -3.47
N PRO B 124 7.79 23.11 -3.62
CA PRO B 124 8.05 23.67 -4.95
C PRO B 124 9.30 23.13 -5.60
N GLN B 125 10.34 22.80 -4.83
CA GLN B 125 11.53 22.23 -5.44
C GLN B 125 11.28 20.80 -5.89
N LEU B 126 10.51 20.03 -5.12
CA LEU B 126 10.18 18.67 -5.53
C LEU B 126 9.33 18.69 -6.81
N ARG B 127 8.47 19.70 -6.97
CA ARG B 127 7.71 19.81 -8.20
C ARG B 127 8.61 20.22 -9.36
N LYS B 128 9.53 21.17 -9.15
CA LYS B 128 10.46 21.58 -10.19
C LYS B 128 11.24 20.38 -10.73
N ILE B 129 11.79 19.56 -9.82
CA ILE B 129 12.58 18.40 -10.25
C ILE B 129 11.75 17.49 -11.15
N CYS B 130 10.52 17.19 -10.73
CA CYS B 130 9.62 16.32 -11.49
C CYS B 130 9.31 16.91 -12.86
N GLU B 131 9.05 18.22 -12.92
CA GLU B 131 8.71 18.82 -14.19
C GLU B 131 9.92 18.86 -15.12
N LYS B 132 11.13 18.89 -14.56
CA LYS B 132 12.30 18.93 -15.41
C LYS B 132 12.52 17.62 -16.13
N TYR B 133 12.19 16.50 -15.48
CA TYR B 133 12.64 15.20 -15.93
C TYR B 133 11.55 14.33 -16.55
N TYR B 134 10.28 14.59 -16.25
CA TYR B 134 9.19 13.74 -16.73
C TYR B 134 8.27 14.54 -17.63
N GLY B 135 7.46 13.81 -18.41
CA GLY B 135 6.35 14.42 -19.10
C GLY B 135 5.26 14.78 -18.13
N PRO B 136 4.23 15.48 -18.62
CA PRO B 136 3.16 15.97 -17.70
C PRO B 136 2.55 14.88 -16.83
N GLU B 137 2.15 13.76 -17.41
CA GLU B 137 1.59 12.66 -16.63
C GLU B 137 2.51 12.23 -15.50
N ASP B 138 3.70 11.73 -15.86
CA ASP B 138 4.62 11.14 -14.89
C ASP B 138 5.03 12.16 -13.84
N ALA B 139 5.18 13.42 -14.24
CA ALA B 139 5.53 14.46 -13.28
C ALA B 139 4.52 14.52 -12.14
N GLU B 140 3.22 14.56 -12.47
CA GLU B 140 2.20 14.60 -11.43
C GLU B 140 2.26 13.38 -10.53
N VAL B 141 2.52 12.20 -11.11
CA VAL B 141 2.56 10.96 -10.33
C VAL B 141 3.77 10.96 -9.42
N ALA B 142 4.93 11.29 -9.96
CA ALA B 142 6.14 11.33 -9.14
C ALA B 142 5.99 12.36 -8.02
N TYR B 143 5.33 13.49 -8.30
CA TYR B 143 5.25 14.55 -7.30
C TYR B 143 4.34 14.16 -6.15
N GLU B 144 3.18 13.59 -6.46
CA GLU B 144 2.27 13.19 -5.39
C GLU B 144 2.93 12.14 -4.51
N ALA B 145 3.74 11.25 -5.13
CA ALA B 145 4.45 10.24 -4.37
C ALA B 145 5.49 10.89 -3.45
N ALA B 146 6.29 11.83 -3.95
CA ALA B 146 7.27 12.51 -3.11
C ALA B 146 6.57 13.27 -1.98
N ARG B 147 5.54 14.04 -2.32
CA ARG B 147 4.77 14.79 -1.34
C ARG B 147 4.25 13.88 -0.24
N ALA B 148 3.59 12.78 -0.60
CA ALA B 148 3.08 11.88 0.42
C ALA B 148 4.20 11.33 1.30
N PHE B 149 5.35 11.01 0.70
CA PHE B 149 6.45 10.44 1.47
C PHE B 149 6.97 11.42 2.53
N VAL B 150 7.27 12.66 2.15
CA VAL B 150 7.81 13.57 3.14
C VAL B 150 6.71 14.02 4.10
N THR B 151 5.46 14.06 3.63
CA THR B 151 4.34 14.34 4.52
C THR B 151 4.13 13.22 5.53
N SER B 152 4.31 11.97 5.10
CA SER B 152 4.27 10.87 6.05
C SER B 152 5.45 10.92 7.00
N ASP B 153 6.65 11.12 6.47
CA ASP B 153 7.81 11.15 7.34
C ASP B 153 7.63 12.21 8.42
N HIS B 154 7.24 13.41 8.01
CA HIS B 154 7.03 14.50 8.96
C HIS B 154 5.91 14.18 9.93
N MET B 155 4.83 13.60 9.41
CA MET B 155 3.66 13.34 10.24
C MET B 155 4.00 12.44 11.41
N PHE B 156 4.86 11.44 11.20
CA PHE B 156 5.04 10.42 12.22
C PHE B 156 6.34 10.52 13.02
N ARG B 157 7.04 11.67 12.99
CA ARG B 157 8.35 11.72 13.65
C ARG B 157 8.28 11.27 15.10
N ASP B 158 7.17 11.60 15.76
CA ASP B 158 6.97 11.37 17.16
C ASP B 158 5.57 10.80 17.40
N SER B 159 5.01 10.24 16.38
CA SER B 159 3.58 9.96 16.42
C SER B 159 3.25 8.79 17.32
N PRO B 160 2.11 8.84 18.00
CA PRO B 160 1.62 7.65 18.70
C PRO B 160 1.16 6.58 17.75
N ILE B 161 0.70 6.97 16.55
CA ILE B 161 0.30 5.99 15.55
C ILE B 161 1.50 5.17 15.10
N LYS B 162 2.62 5.83 14.85
CA LYS B 162 3.84 5.08 14.51
C LYS B 162 4.19 4.09 15.62
N ALA B 163 4.07 4.52 16.89
CA ALA B 163 4.42 3.64 18.00
C ALA B 163 3.53 2.41 18.05
N ALA B 164 2.23 2.57 17.81
CA ALA B 164 1.31 1.44 17.78
C ALA B 164 1.69 0.41 16.69
N LEU B 165 1.85 0.88 15.45
CA LEU B 165 2.11 -0.04 14.33
C LEU B 165 3.49 -0.66 14.40
N CYS B 166 4.45 0.03 15.02
CA CYS B 166 5.80 -0.52 15.07
C CYS B 166 6.02 -1.47 16.23
N THR B 167 5.16 -1.47 17.25
CA THR B 167 5.36 -2.32 18.42
C THR B 167 4.37 -3.48 18.51
N THR B 168 3.29 -3.48 17.75
CA THR B 168 2.27 -4.51 17.94
C THR B 168 2.69 -5.86 17.35
N SER B 169 3.11 -5.88 16.09
CA SER B 169 3.37 -7.14 15.40
C SER B 169 4.15 -6.84 14.11
N PRO B 170 4.73 -7.86 13.50
CA PRO B 170 5.39 -7.64 12.20
C PRO B 170 4.42 -7.14 11.14
N GLU B 171 3.22 -7.71 11.06
CA GLU B 171 2.24 -7.29 10.08
C GLU B 171 2.00 -5.79 10.16
N GLN B 172 1.72 -5.28 11.38
CA GLN B 172 1.46 -3.86 11.53
C GLN B 172 2.67 -3.04 11.14
N TYR B 173 3.87 -3.52 11.49
CA TYR B 173 5.07 -2.75 11.19
C TYR B 173 5.33 -2.66 9.69
N PHE B 174 5.31 -3.79 9.00
CA PHE B 174 5.56 -3.76 7.56
C PHE B 174 4.45 -2.99 6.83
N ARG B 175 3.22 -2.99 7.38
CA ARG B 175 2.16 -2.20 6.77
C ARG B 175 2.50 -0.71 6.80
N PHE B 176 3.07 -0.24 7.92
CA PHE B 176 3.52 1.13 8.01
C PHE B 176 4.67 1.40 7.04
N ARG B 177 5.55 0.42 6.86
CA ARG B 177 6.79 0.63 6.09
C ARG B 177 6.56 0.76 4.57
N VAL B 178 5.46 0.19 4.03
CA VAL B 178 5.15 0.34 2.60
C VAL B 178 5.30 1.80 2.17
N THR B 179 4.78 2.71 2.98
CA THR B 179 4.94 4.13 2.72
C THR B 179 6.23 4.66 3.33
N ASP B 180 6.46 4.36 4.61
CA ASP B 180 7.45 5.11 5.37
C ASP B 180 8.88 4.85 4.86
N ILE B 181 9.22 3.60 4.54
CA ILE B 181 10.59 3.37 4.03
C ILE B 181 10.79 4.04 2.68
N GLY B 182 9.71 4.34 1.97
CA GLY B 182 9.78 5.04 0.71
C GLY B 182 9.63 4.19 -0.54
N VAL B 183 9.30 2.92 -0.42
CA VAL B 183 9.30 2.08 -1.62
C VAL B 183 8.08 2.36 -2.51
N ASP B 184 6.93 2.75 -1.96
CA ASP B 184 5.82 3.16 -2.83
C ASP B 184 6.21 4.38 -3.65
N PHE B 185 6.82 5.36 -3.00
CA PHE B 185 7.41 6.52 -3.68
C PHE B 185 8.39 6.08 -4.76
N TRP B 186 9.26 5.11 -4.45
CA TRP B 186 10.26 4.63 -5.39
C TRP B 186 9.62 4.07 -6.66
N MET B 187 8.65 3.16 -6.51
CA MET B 187 7.99 2.57 -7.66
C MET B 187 7.32 3.63 -8.54
N LYS B 188 6.61 4.58 -7.93
CA LYS B 188 5.80 5.55 -8.67
C LYS B 188 6.66 6.60 -9.37
N MET B 189 7.92 6.77 -8.97
CA MET B 189 8.81 7.62 -9.74
C MET B 189 9.76 6.82 -10.64
N SER B 190 9.85 5.51 -10.47
CA SER B 190 10.76 4.71 -11.27
C SER B 190 10.10 4.11 -12.51
N TYR B 191 8.78 3.92 -12.52
CA TYR B 191 8.16 3.26 -13.67
C TYR B 191 8.46 3.97 -14.99
N PRO B 192 8.60 5.30 -15.09
CA PRO B 192 8.95 5.90 -16.40
C PRO B 192 10.34 5.53 -16.88
N ILE B 193 11.20 5.02 -16.01
CA ILE B 193 12.50 4.55 -16.46
C ILE B 193 12.34 3.39 -17.43
N TYR B 194 11.35 2.54 -17.18
CA TYR B 194 11.22 1.27 -17.89
C TYR B 194 10.17 1.26 -18.98
N ARG B 195 9.24 2.21 -19.00
CA ARG B 195 8.13 2.25 -19.98
C ARG B 195 7.58 0.85 -20.24
N HIS B 196 7.39 0.09 -19.17
CA HIS B 196 6.85 -1.26 -19.25
C HIS B 196 5.44 -1.26 -18.67
N PRO B 197 4.42 -1.59 -19.46
CA PRO B 197 3.03 -1.40 -18.98
C PRO B 197 2.65 -2.20 -17.74
N GLU B 198 2.93 -3.50 -17.70
CA GLU B 198 2.62 -4.27 -16.51
C GLU B 198 3.28 -3.66 -15.27
N PHE B 199 4.56 -3.28 -15.39
CA PHE B 199 5.27 -2.71 -14.25
C PHE B 199 4.66 -1.37 -13.85
N THR B 200 4.25 -0.58 -14.84
CA THR B 200 3.64 0.71 -14.54
C THR B 200 2.36 0.54 -13.75
N GLU B 201 1.56 -0.48 -14.09
CA GLU B 201 0.32 -0.69 -13.37
C GLU B 201 0.59 -1.19 -11.95
N HIS B 202 1.54 -2.11 -11.79
CA HIS B 202 1.89 -2.57 -10.45
C HIS B 202 2.43 -1.43 -9.59
N ALA B 203 3.20 -0.51 -10.18
CA ALA B 203 3.61 0.70 -9.47
C ALA B 203 2.41 1.53 -9.01
N LYS B 204 1.43 1.73 -9.91
CA LYS B 204 0.32 2.63 -9.61
C LYS B 204 -0.68 2.01 -8.63
N THR B 205 -0.78 0.68 -8.57
CA THR B 205 -1.62 0.06 -7.55
C THR B 205 -0.92 -0.08 -6.21
N SER B 206 0.39 0.16 -6.15
CA SER B 206 1.24 -0.13 -5.00
C SER B 206 1.43 -1.63 -4.78
N LEU B 207 0.95 -2.48 -5.68
CA LEU B 207 1.30 -3.89 -5.56
C LEU B 207 2.81 -4.09 -5.61
N ALA B 208 3.48 -3.32 -6.46
CA ALA B 208 4.93 -3.43 -6.55
C ALA B 208 5.60 -3.06 -5.22
N ALA B 209 5.21 -1.93 -4.64
CA ALA B 209 5.72 -1.55 -3.32
C ALA B 209 5.46 -2.63 -2.29
N ARG B 210 4.24 -3.18 -2.27
CA ARG B 210 3.88 -4.15 -1.24
C ARG B 210 4.69 -5.44 -1.38
N MET B 211 5.01 -5.84 -2.62
CA MET B 211 5.77 -7.06 -2.86
C MET B 211 7.22 -6.96 -2.37
N THR B 212 7.81 -5.77 -2.43
CA THR B 212 9.22 -5.55 -2.13
C THR B 212 9.46 -4.91 -0.77
N THR B 213 8.41 -4.56 -0.02
CA THR B 213 8.58 -3.88 1.25
C THR B 213 9.45 -4.69 2.21
N ARG B 214 9.10 -5.96 2.42
CA ARG B 214 9.77 -6.76 3.44
C ARG B 214 11.24 -7.00 3.09
N GLY B 215 11.53 -7.30 1.82
CA GLY B 215 12.91 -7.51 1.43
C GLY B 215 13.79 -6.29 1.63
N LEU B 216 13.27 -5.10 1.31
CA LEU B 216 14.01 -3.86 1.53
C LEU B 216 14.10 -3.53 3.02
N THR B 217 13.00 -3.73 3.76
CA THR B 217 12.93 -3.23 5.11
C THR B 217 13.71 -4.12 6.06
N ILE B 218 13.64 -5.44 5.86
CA ILE B 218 14.35 -6.35 6.75
C ILE B 218 15.85 -6.13 6.62
N VAL B 219 16.34 -6.01 5.40
CA VAL B 219 17.75 -5.75 5.16
C VAL B 219 18.16 -4.40 5.75
N ASN B 220 17.37 -3.36 5.48
CA ASN B 220 17.72 -2.04 5.98
C ASN B 220 17.64 -1.98 7.50
N ASP B 221 16.66 -2.64 8.10
CA ASP B 221 16.51 -2.58 9.55
C ASP B 221 17.73 -3.20 10.24
N PHE B 222 18.23 -4.33 9.74
CA PHE B 222 19.39 -4.97 10.38
C PHE B 222 20.58 -4.03 10.41
N TYR B 223 20.98 -3.53 9.26
CA TYR B 223 22.18 -2.72 9.14
C TYR B 223 22.02 -1.28 9.63
N SER B 224 20.80 -0.79 9.87
CA SER B 224 20.63 0.55 10.41
C SER B 224 20.13 0.54 11.85
N TYR B 225 19.95 -0.65 12.43
CA TYR B 225 19.47 -0.78 13.81
C TYR B 225 20.35 0.01 14.77
N ASP B 226 21.68 -0.08 14.63
CA ASP B 226 22.58 0.57 15.57
C ASP B 226 22.45 2.09 15.50
N ARG B 227 22.38 2.63 14.27
CA ARG B 227 22.23 4.08 14.11
C ARG B 227 20.91 4.55 14.68
N GLU B 228 19.83 3.79 14.47
CA GLU B 228 18.49 4.26 14.85
C GLU B 228 18.24 4.16 16.35
N VAL B 229 18.74 3.11 17.02
CA VAL B 229 18.58 3.06 18.46
C VAL B 229 19.31 4.22 19.12
N SER B 230 20.48 4.57 18.59
CA SER B 230 21.24 5.67 19.19
C SER B 230 20.48 7.00 19.03
N LEU B 231 19.80 7.20 17.91
CA LEU B 231 19.00 8.40 17.71
C LEU B 231 17.58 8.28 18.28
N GLY B 232 17.27 7.22 19.02
CA GLY B 232 15.93 7.01 19.52
C GLY B 232 14.89 6.65 18.47
N GLN B 233 15.27 6.48 17.21
CA GLN B 233 14.31 6.10 16.19
C GLN B 233 13.77 4.69 16.51
N ILE B 234 12.45 4.55 16.43
CA ILE B 234 11.79 3.30 16.80
C ILE B 234 11.25 2.53 15.60
N THR B 235 11.54 2.99 14.38
CA THR B 235 10.99 2.38 13.15
C THR B 235 11.99 1.36 12.63
N ASN B 236 11.90 0.15 13.18
CA ASN B 236 12.86 -0.90 12.91
C ASN B 236 12.34 -2.22 13.47
N CYS B 237 12.17 -3.24 12.62
CA CYS B 237 11.47 -4.45 13.07
C CYS B 237 12.24 -5.21 14.14
N PHE B 238 13.58 -5.14 14.14
CA PHE B 238 14.31 -5.83 15.20
C PHE B 238 14.09 -5.21 16.57
N ARG B 239 13.45 -4.03 16.66
CA ARG B 239 12.94 -3.54 17.93
C ARG B 239 11.75 -4.35 18.43
N LEU B 240 11.30 -5.35 17.70
CA LEU B 240 10.30 -6.28 18.22
C LEU B 240 10.92 -7.47 18.93
N CYS B 241 12.24 -7.52 19.08
CA CYS B 241 12.89 -8.60 19.84
C CYS B 241 14.04 -8.01 20.65
N ASP B 242 14.64 -8.87 21.48
CA ASP B 242 15.79 -8.48 22.31
C ASP B 242 17.05 -8.98 21.62
N VAL B 243 17.78 -8.06 20.98
CA VAL B 243 18.91 -8.45 20.16
C VAL B 243 20.09 -9.00 20.98
N SER B 244 20.24 -8.59 22.24
CA SER B 244 21.30 -9.21 23.05
C SER B 244 21.11 -10.71 23.19
N ASP B 245 19.87 -11.16 23.43
CA ASP B 245 19.54 -12.58 23.59
C ASP B 245 19.69 -13.28 22.24
N GLU B 246 20.65 -14.21 22.18
CA GLU B 246 20.94 -14.85 20.91
C GLU B 246 19.83 -15.82 20.50
N THR B 247 19.10 -16.38 21.47
CA THR B 247 17.98 -17.24 21.13
C THR B 247 16.88 -16.45 20.47
N ALA B 248 16.46 -15.37 21.13
CA ALA B 248 15.42 -14.51 20.57
C ALA B 248 15.83 -13.97 19.20
N PHE B 249 17.02 -13.38 19.11
CA PHE B 249 17.41 -12.73 17.87
C PHE B 249 17.41 -13.70 16.70
N LYS B 250 18.04 -14.87 16.86
CA LYS B 250 18.23 -15.74 15.71
C LYS B 250 16.90 -16.31 15.21
N GLU B 251 16.01 -16.66 16.14
CA GLU B 251 14.71 -17.18 15.75
C GLU B 251 13.87 -16.09 15.08
N PHE B 252 13.94 -14.87 15.60
CA PHE B 252 13.30 -13.73 14.94
C PHE B 252 13.90 -13.48 13.56
N PHE B 253 15.24 -13.43 13.48
CA PHE B 253 15.91 -13.25 12.20
C PHE B 253 15.55 -14.37 11.22
N GLN B 254 15.34 -15.58 11.73
CA GLN B 254 14.92 -16.68 10.86
C GLN B 254 13.54 -16.41 10.25
N ALA B 255 12.58 -15.98 11.07
CA ALA B 255 11.24 -15.69 10.56
C ALA B 255 11.27 -14.56 9.53
N ARG B 256 12.11 -13.55 9.73
CA ARG B 256 12.24 -12.50 8.73
C ARG B 256 12.87 -13.01 7.44
N LEU B 257 13.77 -13.98 7.53
CA LEU B 257 14.29 -14.62 6.33
C LEU B 257 13.19 -15.38 5.59
N ASP B 258 12.38 -16.16 6.33
CA ASP B 258 11.21 -16.80 5.74
C ASP B 258 10.36 -15.78 4.98
N ASP B 259 10.12 -14.61 5.59
CA ASP B 259 9.30 -13.58 4.93
C ASP B 259 9.93 -13.14 3.60
N MET B 260 11.24 -12.85 3.60
CA MET B 260 11.90 -12.48 2.35
C MET B 260 11.76 -13.57 1.30
N ILE B 261 11.95 -14.83 1.70
CA ILE B 261 11.92 -15.91 0.72
C ILE B 261 10.53 -16.07 0.14
N GLU B 262 9.49 -15.99 0.97
CA GLU B 262 8.13 -16.13 0.45
C GLU B 262 7.81 -15.02 -0.55
N ASP B 263 8.19 -13.79 -0.24
CA ASP B 263 7.99 -12.68 -1.17
C ASP B 263 8.72 -12.92 -2.49
N ILE B 264 9.99 -13.32 -2.43
CA ILE B 264 10.78 -13.49 -3.65
C ILE B 264 10.16 -14.55 -4.54
N GLU B 265 9.73 -15.67 -3.96
CA GLU B 265 9.14 -16.73 -4.74
C GLU B 265 7.79 -16.32 -5.32
N CYS B 266 7.09 -15.39 -4.68
CA CYS B 266 5.88 -14.84 -5.29
C CYS B 266 6.22 -13.86 -6.42
N ILE B 267 7.26 -13.04 -6.25
CA ILE B 267 7.71 -12.13 -7.29
C ILE B 267 8.01 -12.88 -8.59
N LYS B 268 8.40 -14.15 -8.48
CA LYS B 268 8.72 -14.92 -9.67
C LYS B 268 7.47 -15.33 -10.45
N ALA B 269 6.29 -15.10 -9.89
CA ALA B 269 5.07 -15.27 -10.66
C ALA B 269 4.75 -14.05 -11.53
N PHE B 270 5.35 -12.90 -11.26
CA PHE B 270 5.14 -11.73 -12.08
C PHE B 270 5.84 -11.88 -13.44
N ASP B 271 5.46 -11.05 -14.41
CA ASP B 271 6.06 -11.15 -15.73
C ASP B 271 7.57 -10.95 -15.64
N GLN B 272 8.26 -11.37 -16.72
CA GLN B 272 9.71 -11.53 -16.68
C GLN B 272 10.43 -10.22 -16.39
N LEU B 273 10.05 -9.14 -17.09
CA LEU B 273 10.74 -7.88 -16.86
C LEU B 273 10.44 -7.31 -15.47
N THR B 274 9.19 -7.42 -15.02
CA THR B 274 8.80 -6.85 -13.74
C THR B 274 9.53 -7.53 -12.58
N GLN B 275 9.57 -8.87 -12.59
CA GLN B 275 10.28 -9.56 -11.52
C GLN B 275 11.78 -9.25 -11.53
N ASP B 276 12.40 -9.15 -12.71
CA ASP B 276 13.80 -8.73 -12.79
C ASP B 276 13.99 -7.42 -12.02
N VAL B 277 13.08 -6.48 -12.22
CA VAL B 277 13.18 -5.17 -11.56
C VAL B 277 12.97 -5.29 -10.07
N PHE B 278 11.97 -6.09 -9.65
CA PHE B 278 11.72 -6.27 -8.22
C PHE B 278 12.94 -6.85 -7.52
N LEU B 279 13.54 -7.89 -8.12
CA LEU B 279 14.66 -8.57 -7.48
C LEU B 279 15.93 -7.72 -7.51
N ASP B 280 16.18 -6.99 -8.60
CA ASP B 280 17.30 -6.05 -8.61
C ASP B 280 17.16 -4.99 -7.53
N LEU B 281 15.94 -4.55 -7.24
CA LEU B 281 15.75 -3.59 -6.16
C LEU B 281 16.08 -4.21 -4.79
N ILE B 282 15.57 -5.40 -4.52
CA ILE B 282 15.82 -6.01 -3.22
C ILE B 282 17.30 -6.36 -3.08
N TYR B 283 17.86 -7.07 -4.05
CA TYR B 283 19.26 -7.50 -4.00
C TYR B 283 20.21 -6.33 -4.12
N GLY B 284 19.94 -5.40 -5.04
CA GLY B 284 20.77 -4.20 -5.15
C GLY B 284 20.84 -3.41 -3.86
N ASN B 285 19.69 -3.20 -3.21
CA ASN B 285 19.70 -2.47 -1.95
C ASN B 285 20.63 -3.16 -0.95
N PHE B 286 20.69 -4.49 -0.96
CA PHE B 286 21.55 -5.24 -0.06
C PHE B 286 23.04 -5.01 -0.37
N VAL B 287 23.38 -4.92 -1.66
CA VAL B 287 24.79 -4.70 -2.02
C VAL B 287 25.21 -3.29 -1.67
N TRP B 288 24.30 -2.32 -1.81
CA TRP B 288 24.61 -0.95 -1.41
C TRP B 288 24.71 -0.84 0.09
N THR B 289 23.71 -1.37 0.79
CA THR B 289 23.60 -1.16 2.23
C THR B 289 24.85 -1.63 2.97
N THR B 290 25.48 -2.70 2.49
CA THR B 290 26.58 -3.24 3.27
C THR B 290 27.94 -2.62 2.95
N SER B 291 28.16 -2.15 1.72
CA SER B 291 29.40 -1.48 1.37
C SER B 291 29.43 0.00 1.77
N ASN B 292 28.29 0.61 2.03
CA ASN B 292 28.23 2.06 2.11
C ASN B 292 28.57 2.59 3.50
N LYS B 293 29.36 3.66 3.50
CA LYS B 293 29.68 4.38 4.73
C LYS B 293 28.47 4.58 5.62
N ARG B 294 27.31 4.86 5.00
CA ARG B 294 26.12 5.20 5.78
C ARG B 294 25.79 4.14 6.81
N TYR B 295 26.00 2.86 6.49
CA TYR B 295 25.62 1.78 7.38
C TYR B 295 26.80 1.20 8.16
N LYS B 296 27.95 1.87 8.13
CA LYS B 296 29.08 1.44 8.94
C LYS B 296 28.86 1.79 10.41
N THR B 297 28.78 3.07 10.75
CA THR B 297 28.71 3.48 12.14
C THR B 297 27.42 4.22 12.43
N ALA B 298 26.99 4.12 13.70
CA ALA B 298 25.72 4.71 14.13
C ALA B 298 25.65 6.19 13.82
N VAL B 299 26.71 6.94 14.11
CA VAL B 299 26.76 8.38 13.89
C VAL B 299 28.03 8.72 13.15
N ASN B 300 27.91 9.12 11.88
CA ASN B 300 29.05 9.68 11.18
C ASN B 300 28.55 10.88 10.37
N ASP B 301 29.43 11.48 9.58
CA ASP B 301 29.11 12.72 8.89
C ASP B 301 28.30 12.52 7.61
N VAL B 302 28.00 11.29 7.22
CA VAL B 302 27.08 11.07 6.12
C VAL B 302 25.75 10.49 6.58
N ASN B 303 25.59 10.20 7.88
CA ASN B 303 24.30 9.83 8.44
C ASN B 303 23.96 10.56 9.74
N SER B 304 24.79 11.50 10.17
CA SER B 304 24.45 12.25 11.38
C SER B 304 23.14 12.98 11.17
N ARG B 305 22.39 13.11 12.26
CA ARG B 305 21.19 13.94 12.21
C ARG B 305 21.57 15.35 11.78
N ILE B 306 21.17 15.69 10.55
CA ILE B 306 21.15 17.07 10.10
C ILE B 306 20.32 17.84 11.13
N GLN B 307 20.67 19.08 11.40
CA GLN B 307 19.94 19.86 12.39
C GLN B 307 20.12 21.35 12.12
N ALA B 308 19.07 22.11 12.36
CA ALA B 308 19.17 23.57 12.50
C ALA B 308 20.27 24.04 13.49
C2 AHD C . -16.55 -6.23 -4.49
C3 AHD C . -16.74 -5.19 -5.60
C7 AHD C . -17.07 -7.57 -4.99
C8 AHD C . -16.68 -8.64 -3.97
O12 AHD C . -19.24 -9.25 -3.76
P9 AHD C . -17.95 -9.97 -4.02
O10 AHD C . -17.70 -11.04 -3.00
O11 AHD C . -17.92 -10.61 -5.39
P14 AHD C . -15.02 -9.32 -4.43
O15 AHD C . -14.90 -9.37 -5.92
O16 AHD C . -14.94 -10.68 -3.79
O17 AHD C . -14.01 -8.34 -3.88
O13 AHD C . -16.62 -8.12 -2.68
N4 AHD C . -16.39 -3.90 -5.05
MG MG D . -16.43 -10.94 -6.65
MG MG E . -14.89 -12.83 -1.80
MG MG F . -13.80 -9.15 -7.11
C2 AHD G . 15.05 5.45 3.63
C3 AHD G . 14.96 6.58 2.60
C7 AHD G . 16.00 5.81 4.80
C8 AHD G . 16.16 4.58 5.71
O12 AHD G . 18.86 4.77 5.86
P9 AHD G . 17.68 4.67 6.77
O10 AHD G . 17.68 3.41 7.61
O11 AHD G . 17.58 5.92 7.59
P14 AHD G . 14.72 4.52 6.86
O15 AHD G . 14.63 5.87 7.48
O16 AHD G . 14.91 3.47 7.92
O17 AHD G . 13.50 4.15 6.04
O13 AHD G . 16.17 3.38 5.00
N4 AHD G . 13.89 6.29 1.65
MG MG H . 16.15 6.90 8.26
MG MG I . 11.94 8.27 7.52
MG MG J . 15.77 1.42 9.22
N SER A 16 -17.41 -26.22 -2.68
CA SER A 16 -18.04 -26.76 -1.48
C SER A 16 -18.87 -25.68 -0.80
N SER A 17 -19.45 -26.04 0.35
CA SER A 17 -20.39 -25.20 1.08
C SER A 17 -19.77 -24.76 2.40
N VAL A 18 -20.33 -23.71 2.98
CA VAL A 18 -20.01 -23.28 4.33
C VAL A 18 -21.25 -23.18 5.20
N ARG A 19 -22.44 -23.45 4.64
CA ARG A 19 -23.66 -23.28 5.40
C ARG A 19 -23.70 -24.08 6.70
N PRO A 20 -22.94 -25.20 6.88
CA PRO A 20 -22.75 -25.72 8.24
C PRO A 20 -22.31 -24.62 9.19
N TYR A 21 -21.18 -24.01 8.87
CA TYR A 21 -20.57 -22.99 9.71
C TYR A 21 -21.32 -21.66 9.78
N LEU A 22 -22.34 -21.44 8.93
CA LEU A 22 -22.85 -20.09 8.73
C LEU A 22 -23.31 -19.44 10.04
N GLU A 23 -24.35 -19.99 10.66
CA GLU A 23 -24.93 -19.35 11.85
C GLU A 23 -23.88 -19.16 12.95
N GLU A 24 -23.04 -20.17 13.16
CA GLU A 24 -22.04 -20.11 14.22
C GLU A 24 -21.07 -18.96 13.96
N CYS A 25 -20.45 -18.93 12.78
CA CYS A 25 -19.46 -17.90 12.51
C CYS A 25 -20.07 -16.51 12.50
N THR A 26 -21.33 -16.38 12.04
CA THR A 26 -22.00 -15.09 12.07
C THR A 26 -22.15 -14.59 13.51
N ARG A 27 -22.56 -15.47 14.41
CA ARG A 27 -22.58 -15.13 15.83
C ARG A 27 -21.21 -14.68 16.30
N ARG A 28 -20.15 -15.34 15.81
CA ARG A 28 -18.79 -15.07 16.29
C ARG A 28 -18.30 -13.72 15.79
N PHE A 29 -18.51 -13.43 14.50
CA PHE A 29 -18.25 -12.09 13.98
C PHE A 29 -18.96 -11.03 14.82
N GLN A 30 -20.28 -11.19 14.99
CA GLN A 30 -21.08 -10.20 15.71
C GLN A 30 -20.58 -10.03 17.13
N GLU A 31 -20.32 -11.14 17.82
CA GLU A 31 -19.72 -11.05 19.15
C GLU A 31 -18.47 -10.18 19.14
N MET A 32 -17.60 -10.38 18.14
CA MET A 32 -16.35 -9.64 18.09
C MET A 32 -16.58 -8.15 17.88
N PHE A 33 -17.48 -7.79 16.96
CA PHE A 33 -17.81 -6.38 16.76
C PHE A 33 -18.46 -5.79 18.01
N ASP A 34 -19.43 -6.49 18.58
CA ASP A 34 -20.07 -5.98 19.81
C ASP A 34 -19.04 -5.75 20.93
N ARG A 35 -17.92 -6.46 20.91
CA ARG A 35 -16.96 -6.30 22.00
C ARG A 35 -15.89 -5.26 21.68
N HIS A 36 -15.37 -5.26 20.45
CA HIS A 36 -14.21 -4.45 20.10
C HIS A 36 -14.55 -3.14 19.40
N VAL A 37 -15.70 -3.04 18.74
CA VAL A 37 -16.11 -1.82 18.05
C VAL A 37 -17.26 -1.13 18.79
N VAL A 38 -18.30 -1.90 19.13
CA VAL A 38 -19.42 -1.51 19.99
C VAL A 38 -20.36 -0.57 19.26
N THR A 39 -19.89 0.63 18.89
CA THR A 39 -20.70 1.52 18.10
C THR A 39 -21.21 0.86 16.83
N ARG A 40 -22.52 0.82 16.67
CA ARG A 40 -23.12 0.16 15.52
C ARG A 40 -23.26 1.12 14.34
N PRO A 41 -23.12 0.60 13.12
CA PRO A 41 -23.35 1.44 11.93
C PRO A 41 -24.83 1.74 11.69
N THR A 42 -25.09 2.90 11.08
CA THR A 42 -26.44 3.31 10.75
C THR A 42 -26.56 3.62 9.26
N LYS A 43 -27.61 3.07 8.62
CA LYS A 43 -27.82 3.17 7.18
C LYS A 43 -28.28 4.56 6.80
N VAL A 44 -27.68 5.12 5.76
CA VAL A 44 -27.92 6.51 5.39
C VAL A 44 -29.19 6.60 4.55
N GLU A 45 -29.92 7.69 4.72
CA GLU A 45 -31.16 7.95 4.00
C GLU A 45 -30.87 8.89 2.84
N LEU A 46 -31.17 8.44 1.63
CA LEU A 46 -31.05 9.32 0.47
C LEU A 46 -32.40 9.97 0.21
N THR A 47 -32.45 11.30 0.33
CA THR A 47 -33.58 12.07 -0.14
C THR A 47 -33.85 11.77 -1.62
N ASP A 48 -35.12 11.86 -2.00
CA ASP A 48 -35.56 11.21 -3.24
C ASP A 48 -35.00 11.89 -4.49
N ALA A 49 -34.53 13.13 -4.38
CA ALA A 49 -33.74 13.73 -5.46
C ALA A 49 -32.26 13.35 -5.37
N GLU A 50 -31.77 13.08 -4.16
CA GLU A 50 -30.42 12.52 -4.04
C GLU A 50 -30.35 11.19 -4.76
N LEU A 51 -31.23 10.26 -4.40
CA LEU A 51 -31.21 8.92 -4.96
C LEU A 51 -31.34 8.95 -6.48
N ARG A 52 -32.28 9.75 -7.00
CA ARG A 52 -32.51 9.77 -8.43
C ARG A 52 -31.28 10.21 -9.20
N GLU A 53 -30.60 11.26 -8.71
CA GLU A 53 -29.29 11.63 -9.25
C GLU A 53 -28.41 10.40 -9.38
N VAL A 54 -28.22 9.66 -8.29
CA VAL A 54 -27.30 8.53 -8.25
C VAL A 54 -27.66 7.50 -9.32
N ILE A 55 -28.92 7.08 -9.38
CA ILE A 55 -29.24 5.96 -10.26
C ILE A 55 -29.19 6.38 -11.73
N ASP A 56 -29.57 7.62 -12.03
CA ASP A 56 -29.38 8.12 -13.38
C ASP A 56 -27.91 8.05 -13.79
N ASP A 57 -27.03 8.66 -13.00
CA ASP A 57 -25.60 8.60 -13.30
C ASP A 57 -25.11 7.16 -13.44
N CYS A 58 -25.55 6.26 -12.56
CA CYS A 58 -25.16 4.85 -12.65
C CYS A 58 -25.60 4.22 -13.97
N ASN A 59 -26.73 4.67 -14.52
CA ASN A 59 -27.23 4.07 -15.74
C ASN A 59 -26.50 4.61 -16.96
N ALA A 60 -26.18 5.90 -16.96
CA ALA A 60 -25.43 6.47 -18.08
C ALA A 60 -24.01 5.88 -18.17
N ALA A 61 -23.41 5.52 -17.03
CA ALA A 61 -22.01 5.09 -17.04
C ALA A 61 -21.86 3.72 -17.67
N VAL A 62 -22.82 2.82 -17.46
CA VAL A 62 -22.66 1.44 -17.90
C VAL A 62 -23.29 1.17 -19.26
N ALA A 63 -24.23 2.03 -19.68
CA ALA A 63 -24.92 1.84 -20.95
C ALA A 63 -23.98 1.68 -22.15
N PRO A 64 -22.86 2.39 -22.27
CA PRO A 64 -21.97 2.14 -23.41
C PRO A 64 -21.47 0.71 -23.49
N LEU A 65 -21.47 -0.04 -22.38
CA LEU A 65 -21.13 -1.45 -22.38
C LEU A 65 -22.30 -2.33 -22.85
N GLY A 66 -23.49 -1.78 -22.97
CA GLY A 66 -24.60 -2.51 -23.55
C GLY A 66 -25.34 -3.41 -22.59
N LYS A 67 -25.37 -3.09 -21.31
CA LYS A 67 -26.17 -3.82 -20.34
C LYS A 67 -26.92 -2.84 -19.47
N THR A 68 -28.07 -3.28 -18.98
CA THR A 68 -28.87 -2.50 -18.05
C THR A 68 -28.89 -3.22 -16.71
N VAL A 69 -28.71 -2.46 -15.66
CA VAL A 69 -28.82 -3.01 -14.31
C VAL A 69 -30.10 -2.43 -13.73
N SER A 70 -30.81 -3.23 -12.94
CA SER A 70 -32.12 -2.87 -12.44
C SER A 70 -32.01 -1.93 -11.23
N ASP A 71 -33.07 -1.15 -10.99
CA ASP A 71 -33.06 -0.28 -9.81
C ASP A 71 -32.80 -1.07 -8.53
N GLU A 72 -33.49 -2.20 -8.35
CA GLU A 72 -33.35 -2.97 -7.12
C GLU A 72 -31.94 -3.50 -6.97
N ARG A 73 -31.33 -3.90 -8.08
CA ARG A 73 -29.93 -4.29 -8.07
C ARG A 73 -29.03 -3.09 -7.74
N TRP A 74 -29.28 -1.94 -8.36
CA TRP A 74 -28.47 -0.77 -8.05
C TRP A 74 -28.55 -0.44 -6.56
N ILE A 75 -29.60 -0.89 -5.89
CA ILE A 75 -29.71 -0.61 -4.46
C ILE A 75 -29.04 -1.70 -3.63
N SER A 76 -28.96 -2.93 -4.14
CA SER A 76 -28.16 -3.96 -3.47
C SER A 76 -26.67 -3.64 -3.52
N TYR A 77 -26.25 -2.82 -4.47
CA TYR A 77 -24.84 -2.45 -4.54
C TYR A 77 -24.56 -1.20 -3.73
N VAL A 78 -25.40 -0.18 -3.91
CA VAL A 78 -25.30 1.05 -3.13
C VAL A 78 -25.51 0.81 -1.65
N GLY A 79 -26.03 -0.35 -1.25
CA GLY A 79 -26.23 -0.62 0.16
C GLY A 79 -24.94 -0.57 0.95
N VAL A 80 -23.83 -1.02 0.36
CA VAL A 80 -22.57 -0.99 1.10
C VAL A 80 -22.18 0.46 1.43
N VAL A 81 -22.45 1.41 0.54
CA VAL A 81 -22.12 2.80 0.80
C VAL A 81 -23.11 3.41 1.80
N LEU A 82 -24.37 3.03 1.71
CA LEU A 82 -25.32 3.57 2.67
C LEU A 82 -25.00 3.11 4.09
N TRP A 83 -24.47 1.88 4.24
CA TRP A 83 -24.26 1.28 5.57
C TRP A 83 -22.85 1.42 6.11
N SER A 84 -21.85 1.77 5.30
CA SER A 84 -20.47 1.64 5.73
C SER A 84 -19.69 2.93 5.68
N GLN A 85 -20.32 4.06 5.37
CA GLN A 85 -19.67 5.34 5.53
C GLN A 85 -19.85 5.73 6.99
N SER A 86 -19.69 7.00 7.31
CA SER A 86 -19.62 7.47 8.69
C SER A 86 -20.56 8.66 8.86
N PRO A 87 -21.87 8.44 8.88
CA PRO A 87 -22.82 9.58 8.82
C PRO A 87 -22.49 10.68 9.79
N ARG A 88 -22.12 10.32 11.02
CA ARG A 88 -21.54 11.25 12.00
C ARG A 88 -20.78 12.41 11.35
N HIS A 89 -19.74 12.12 10.58
CA HIS A 89 -18.81 13.16 10.13
C HIS A 89 -19.08 13.69 8.74
N ILE A 90 -20.06 13.15 8.01
CA ILE A 90 -20.21 13.49 6.59
C ILE A 90 -20.36 14.99 6.43
N LYS A 91 -19.53 15.57 5.57
CA LYS A 91 -19.57 17.01 5.33
C LYS A 91 -19.83 17.41 3.88
N ASP A 92 -19.65 16.51 2.91
CA ASP A 92 -19.91 16.83 1.50
C ASP A 92 -20.74 15.68 0.92
N MET A 93 -21.99 15.96 0.58
CA MET A 93 -22.87 14.94 0.01
C MET A 93 -22.80 14.87 -1.51
N GLU A 94 -22.16 15.84 -2.18
CA GLU A 94 -21.77 15.61 -3.57
C GLU A 94 -20.72 14.51 -3.64
N ALA A 95 -19.72 14.58 -2.76
CA ALA A 95 -18.73 13.50 -2.69
C ALA A 95 -19.40 12.18 -2.32
N PHE A 96 -20.38 12.21 -1.43
CA PHE A 96 -21.02 10.98 -0.99
C PHE A 96 -21.75 10.30 -2.13
N LYS A 97 -22.52 11.08 -2.90
CA LYS A 97 -23.21 10.52 -4.06
C LYS A 97 -22.23 10.02 -5.10
N ALA A 98 -21.10 10.69 -5.26
CA ALA A 98 -20.04 10.19 -6.14
C ALA A 98 -19.64 8.78 -5.75
N VAL A 99 -19.34 8.57 -4.47
CA VAL A 99 -18.95 7.25 -4.00
C VAL A 99 -20.07 6.25 -4.22
N CYS A 100 -21.32 6.65 -3.94
CA CYS A 100 -22.47 5.81 -4.30
C CYS A 100 -22.41 5.38 -5.76
N VAL A 101 -22.10 6.32 -6.66
CA VAL A 101 -22.08 6.04 -8.09
C VAL A 101 -20.88 5.16 -8.46
N LEU A 102 -19.68 5.59 -8.06
CA LEU A 102 -18.47 4.82 -8.36
C LEU A 102 -18.50 3.43 -7.75
N ASN A 103 -18.96 3.30 -6.50
CA ASN A 103 -19.13 1.98 -5.92
C ASN A 103 -19.99 1.10 -6.80
N CYS A 104 -21.18 1.58 -7.16
CA CYS A 104 -22.14 0.73 -7.87
C CYS A 104 -21.60 0.29 -9.23
N VAL A 105 -21.04 1.22 -10.02
CA VAL A 105 -20.69 0.85 -11.40
C VAL A 105 -19.49 -0.07 -11.41
N THR A 106 -18.55 0.10 -10.46
CA THR A 106 -17.40 -0.80 -10.47
C THR A 106 -17.78 -2.17 -9.90
N PHE A 107 -18.85 -2.24 -9.12
CA PHE A 107 -19.47 -3.53 -8.80
C PHE A 107 -19.90 -4.27 -10.06
N VAL A 108 -20.59 -3.57 -10.99
CA VAL A 108 -21.03 -4.19 -12.24
C VAL A 108 -19.83 -4.73 -13.01
N TRP A 109 -18.77 -3.93 -13.08
CA TRP A 109 -17.53 -4.36 -13.72
C TRP A 109 -16.97 -5.61 -13.05
N ASP A 110 -17.10 -5.70 -11.73
CA ASP A 110 -16.60 -6.86 -11.00
C ASP A 110 -17.38 -8.12 -11.36
N ASP A 111 -18.66 -7.97 -11.67
CA ASP A 111 -19.49 -9.14 -11.98
C ASP A 111 -19.59 -9.45 -13.46
N MET A 112 -18.83 -8.78 -14.32
CA MET A 112 -18.87 -9.00 -15.77
C MET A 112 -17.72 -9.89 -16.24
N ASP A 113 -17.97 -10.65 -17.31
CA ASP A 113 -16.89 -11.38 -17.99
C ASP A 113 -16.00 -10.37 -18.70
N PRO A 114 -14.67 -10.57 -18.70
CA PRO A 114 -13.77 -9.52 -19.24
C PRO A 114 -14.08 -9.10 -20.66
N ALA A 115 -14.58 -10.00 -21.51
CA ALA A 115 -14.92 -9.61 -22.87
C ALA A 115 -15.96 -8.49 -22.87
N LEU A 116 -16.74 -8.37 -21.81
CA LEU A 116 -17.65 -7.23 -21.73
C LEU A 116 -16.93 -5.95 -21.32
N HIS A 117 -15.77 -6.06 -20.67
CA HIS A 117 -14.92 -4.92 -20.37
C HIS A 117 -14.46 -4.25 -21.66
N ASP A 118 -14.65 -2.94 -21.75
CA ASP A 118 -13.98 -2.13 -22.76
C ASP A 118 -13.58 -0.83 -22.09
N PHE A 119 -12.28 -0.60 -21.97
CA PHE A 119 -11.79 0.60 -21.32
C PHE A 119 -12.04 1.85 -22.17
N GLY A 120 -11.97 1.70 -23.50
CA GLY A 120 -12.25 2.83 -24.37
C GLY A 120 -13.60 3.48 -24.12
N LEU A 121 -14.60 2.66 -23.81
CA LEU A 121 -15.94 3.18 -23.55
C LEU A 121 -16.22 3.44 -22.06
N PHE A 122 -15.65 2.64 -21.16
CA PHE A 122 -16.04 2.74 -19.75
C PHE A 122 -15.24 3.81 -18.99
N LEU A 123 -13.93 3.84 -19.18
CA LEU A 123 -13.10 4.88 -18.58
C LEU A 123 -13.61 6.28 -18.81
N PRO A 124 -14.05 6.68 -20.02
CA PRO A 124 -14.66 8.02 -20.15
C PRO A 124 -15.84 8.24 -19.23
N GLN A 125 -16.70 7.23 -19.03
CA GLN A 125 -17.82 7.40 -18.13
C GLN A 125 -17.35 7.53 -16.67
N LEU A 126 -16.25 6.85 -16.32
CA LEU A 126 -15.68 7.05 -14.99
C LEU A 126 -15.26 8.50 -14.80
N ARG A 127 -14.60 9.08 -15.81
CA ARG A 127 -14.15 10.46 -15.70
C ARG A 127 -15.33 11.43 -15.68
N LYS A 128 -16.43 11.11 -16.37
CA LYS A 128 -17.60 11.98 -16.36
C LYS A 128 -18.24 12.02 -14.97
N ILE A 129 -18.26 10.88 -14.28
CA ILE A 129 -18.80 10.82 -12.91
C ILE A 129 -17.94 11.63 -11.95
N CYS A 130 -16.62 11.39 -11.96
CA CYS A 130 -15.72 12.10 -11.05
C CYS A 130 -15.73 13.59 -11.32
N GLU A 131 -15.77 14.00 -12.59
CA GLU A 131 -15.84 15.43 -12.90
C GLU A 131 -17.18 16.02 -12.50
N LYS A 132 -18.23 15.21 -12.36
CA LYS A 132 -19.52 15.76 -11.98
C LYS A 132 -19.58 16.09 -10.49
N TYR A 133 -19.00 15.24 -9.64
CA TYR A 133 -19.25 15.35 -8.20
C TYR A 133 -18.07 15.91 -7.40
N TYR A 134 -16.88 16.00 -7.97
CA TYR A 134 -15.69 16.42 -7.24
C TYR A 134 -15.11 17.68 -7.87
N GLY A 135 -14.33 18.42 -7.09
CA GLY A 135 -13.46 19.44 -7.65
C GLY A 135 -12.40 18.82 -8.56
N PRO A 136 -11.64 19.64 -9.29
CA PRO A 136 -10.63 19.07 -10.20
C PRO A 136 -9.60 18.19 -9.52
N GLU A 137 -9.07 18.61 -8.37
CA GLU A 137 -7.95 17.85 -7.79
C GLU A 137 -8.42 16.50 -7.27
N ASP A 138 -9.51 16.48 -6.52
CA ASP A 138 -10.10 15.22 -6.05
C ASP A 138 -10.61 14.37 -7.21
N ALA A 139 -11.12 14.99 -8.28
CA ALA A 139 -11.62 14.20 -9.39
C ALA A 139 -10.49 13.39 -10.01
N GLU A 140 -9.28 13.95 -10.09
CA GLU A 140 -8.16 13.18 -10.60
C GLU A 140 -7.80 12.04 -9.66
N VAL A 141 -7.86 12.29 -8.35
CA VAL A 141 -7.51 11.23 -7.40
C VAL A 141 -8.54 10.13 -7.45
N ALA A 142 -9.83 10.51 -7.43
CA ALA A 142 -10.89 9.51 -7.54
C ALA A 142 -10.78 8.72 -8.85
N TYR A 143 -10.59 9.43 -9.98
CA TYR A 143 -10.58 8.75 -11.27
C TYR A 143 -9.38 7.84 -11.42
N GLU A 144 -8.18 8.29 -11.04
CA GLU A 144 -7.01 7.39 -11.08
C GLU A 144 -7.27 6.10 -10.32
N ALA A 145 -7.86 6.21 -9.11
CA ALA A 145 -8.14 5.03 -8.32
C ALA A 145 -9.22 4.16 -8.96
N ALA A 146 -10.23 4.77 -9.58
CA ALA A 146 -11.22 4.01 -10.34
C ALA A 146 -10.56 3.27 -11.49
N ARG A 147 -9.75 3.99 -12.27
CA ARG A 147 -9.01 3.37 -13.37
C ARG A 147 -8.13 2.22 -12.86
N ALA A 148 -7.41 2.46 -11.76
CA ALA A 148 -6.53 1.42 -11.21
C ALA A 148 -7.33 0.19 -10.81
N PHE A 149 -8.48 0.38 -10.17
CA PHE A 149 -9.27 -0.77 -9.74
C PHE A 149 -9.80 -1.58 -10.93
N VAL A 150 -10.31 -0.91 -11.97
CA VAL A 150 -10.90 -1.68 -13.05
C VAL A 150 -9.81 -2.34 -13.88
N THR A 151 -8.70 -1.64 -14.11
CA THR A 151 -7.55 -2.23 -14.77
C THR A 151 -7.03 -3.45 -14.00
N SER A 152 -6.91 -3.34 -12.68
CA SER A 152 -6.48 -4.47 -11.88
C SER A 152 -7.45 -5.64 -11.99
N ASP A 153 -8.75 -5.38 -11.83
CA ASP A 153 -9.74 -6.44 -11.92
C ASP A 153 -9.64 -7.15 -13.28
N HIS A 154 -9.43 -6.39 -14.36
CA HIS A 154 -9.37 -6.97 -15.70
C HIS A 154 -8.12 -7.81 -15.88
N MET A 155 -6.94 -7.25 -15.57
CA MET A 155 -5.70 -7.91 -15.95
C MET A 155 -5.38 -9.10 -15.04
N PHE A 156 -6.14 -9.29 -13.97
CA PHE A 156 -5.91 -10.45 -13.11
C PHE A 156 -6.86 -11.61 -13.36
N ARG A 157 -7.81 -11.49 -14.29
CA ARG A 157 -8.55 -12.67 -14.70
C ARG A 157 -7.57 -13.61 -15.40
N ASP A 158 -7.70 -14.92 -15.13
CA ASP A 158 -6.75 -15.97 -15.52
C ASP A 158 -5.32 -15.47 -15.51
N SER A 159 -4.93 -14.96 -14.37
CA SER A 159 -3.56 -14.52 -14.11
C SER A 159 -2.85 -15.54 -13.25
N PRO A 160 -1.66 -16.00 -13.66
CA PRO A 160 -0.81 -16.76 -12.73
C PRO A 160 -0.42 -15.97 -11.48
N ILE A 161 -0.44 -14.64 -11.55
CA ILE A 161 -0.08 -13.81 -10.40
C ILE A 161 -1.14 -13.93 -9.32
N LYS A 162 -2.41 -13.78 -9.70
CA LYS A 162 -3.49 -13.91 -8.75
C LYS A 162 -3.48 -15.29 -8.10
N ALA A 163 -3.19 -16.34 -8.89
CA ALA A 163 -3.09 -17.67 -8.32
C ALA A 163 -1.95 -17.76 -7.32
N ALA A 164 -0.80 -17.16 -7.64
CA ALA A 164 0.31 -17.18 -6.70
C ALA A 164 -0.03 -16.40 -5.42
N LEU A 165 -0.73 -15.28 -5.54
CA LEU A 165 -0.95 -14.42 -4.38
C LEU A 165 -2.08 -14.92 -3.49
N CYS A 166 -2.97 -15.77 -4.01
CA CYS A 166 -4.11 -16.25 -3.25
C CYS A 166 -3.89 -17.62 -2.64
N THR A 167 -3.00 -18.44 -3.22
CA THR A 167 -2.74 -19.78 -2.73
C THR A 167 -1.57 -19.85 -1.74
N THR A 168 -0.75 -18.81 -1.63
CA THR A 168 0.52 -19.04 -0.93
C THR A 168 0.38 -18.93 0.58
N SER A 169 -0.22 -17.85 1.08
CA SER A 169 -0.40 -17.62 2.51
C SER A 169 -1.41 -16.50 2.68
N PRO A 170 -2.03 -16.38 3.87
CA PRO A 170 -2.94 -15.26 4.10
C PRO A 170 -2.32 -13.92 3.77
N GLU A 171 -1.04 -13.76 4.10
CA GLU A 171 -0.39 -12.46 4.03
C GLU A 171 -0.05 -12.08 2.60
N GLN A 172 0.27 -13.07 1.76
CA GLN A 172 0.34 -12.77 0.34
C GLN A 172 -1.05 -12.39 -0.16
N TYR A 173 -2.06 -13.09 0.32
CA TYR A 173 -3.42 -12.91 -0.16
C TYR A 173 -3.95 -11.53 0.18
N PHE A 174 -3.86 -11.14 1.45
CA PHE A 174 -4.36 -9.82 1.83
C PHE A 174 -3.58 -8.71 1.13
N ARG A 175 -2.32 -8.96 0.80
CA ARG A 175 -1.54 -7.99 0.04
C ARG A 175 -2.18 -7.72 -1.33
N PHE A 176 -2.62 -8.79 -2.01
CA PHE A 176 -3.35 -8.62 -3.26
C PHE A 176 -4.67 -7.88 -3.02
N ARG A 177 -5.37 -8.23 -1.95
CA ARG A 177 -6.72 -7.71 -1.69
C ARG A 177 -6.76 -6.22 -1.38
N VAL A 178 -5.65 -5.63 -0.90
CA VAL A 178 -5.61 -4.19 -0.68
C VAL A 178 -6.13 -3.44 -1.92
N THR A 179 -5.63 -3.82 -3.09
CA THR A 179 -6.17 -3.26 -4.33
C THR A 179 -7.43 -4.00 -4.74
N ASP A 180 -7.40 -5.33 -4.72
CA ASP A 180 -8.38 -6.07 -5.51
C ASP A 180 -9.79 -5.98 -4.91
N ILE A 181 -9.92 -5.96 -3.58
CA ILE A 181 -11.25 -5.86 -2.99
C ILE A 181 -11.82 -4.46 -3.20
N GLY A 182 -11.00 -3.50 -3.58
CA GLY A 182 -11.47 -2.16 -3.84
C GLY A 182 -11.38 -1.19 -2.68
N VAL A 183 -10.73 -1.56 -1.57
CA VAL A 183 -10.70 -0.66 -0.41
C VAL A 183 -9.79 0.53 -0.66
N ASP A 184 -8.68 0.34 -1.41
CA ASP A 184 -7.84 1.50 -1.70
C ASP A 184 -8.60 2.51 -2.56
N PHE A 185 -9.35 2.01 -3.55
CA PHE A 185 -10.27 2.83 -4.34
C PHE A 185 -11.26 3.55 -3.43
N TRP A 186 -11.93 2.81 -2.55
CA TRP A 186 -12.90 3.37 -1.62
C TRP A 186 -12.35 4.58 -0.88
N MET A 187 -11.16 4.45 -0.31
CA MET A 187 -10.60 5.54 0.48
C MET A 187 -10.27 6.75 -0.37
N LYS A 188 -9.77 6.54 -1.57
CA LYS A 188 -9.33 7.64 -2.41
C LYS A 188 -10.49 8.37 -3.07
N MET A 189 -11.66 7.75 -3.13
CA MET A 189 -12.86 8.48 -3.54
C MET A 189 -13.65 9.05 -2.37
N SER A 190 -13.57 8.42 -1.19
CA SER A 190 -14.40 8.78 -0.03
C SER A 190 -13.83 9.91 0.82
N TYR A 191 -12.53 10.22 0.75
CA TYR A 191 -12.01 11.28 1.61
C TYR A 191 -12.63 12.65 1.33
N PRO A 192 -13.02 13.02 0.10
CA PRO A 192 -13.79 14.26 -0.06
C PRO A 192 -15.06 14.31 0.78
N ILE A 193 -15.65 13.17 1.13
CA ILE A 193 -16.87 13.14 1.94
C ILE A 193 -16.66 13.85 3.29
N TYR A 194 -15.47 13.71 3.88
CA TYR A 194 -15.21 14.18 5.23
C TYR A 194 -14.35 15.42 5.34
N ARG A 195 -13.60 15.78 4.28
CA ARG A 195 -12.70 16.92 4.31
C ARG A 195 -11.92 17.00 5.62
N HIS A 196 -11.37 15.87 6.06
CA HIS A 196 -10.59 15.80 7.28
C HIS A 196 -9.14 15.53 6.93
N PRO A 197 -8.24 16.50 7.14
CA PRO A 197 -6.86 16.37 6.66
C PRO A 197 -6.16 15.06 6.99
N GLU A 198 -6.19 14.61 8.24
CA GLU A 198 -5.50 13.37 8.58
C GLU A 198 -6.05 12.21 7.74
N PHE A 199 -7.38 12.10 7.64
CA PHE A 199 -7.97 11.02 6.85
C PHE A 199 -7.59 11.12 5.38
N THR A 200 -7.47 12.34 4.86
CA THR A 200 -7.08 12.51 3.46
C THR A 200 -5.65 12.02 3.24
N GLU A 201 -4.76 12.29 4.20
CA GLU A 201 -3.38 11.84 4.06
C GLU A 201 -3.25 10.33 4.14
N HIS A 202 -3.88 9.70 5.14
CA HIS A 202 -3.88 8.24 5.21
C HIS A 202 -4.56 7.62 4.00
N ALA A 203 -5.55 8.29 3.42
CA ALA A 203 -6.15 7.81 2.19
C ALA A 203 -5.15 7.82 1.05
N LYS A 204 -4.37 8.90 0.94
CA LYS A 204 -3.47 9.08 -0.18
C LYS A 204 -2.18 8.27 -0.06
N THR A 205 -1.71 7.97 1.17
CA THR A 205 -0.62 7.02 1.33
C THR A 205 -1.07 5.57 1.15
N SER A 206 -2.39 5.31 1.19
CA SER A 206 -3.01 4.00 1.26
C SER A 206 -2.85 3.34 2.63
N LEU A 207 -2.27 4.02 3.62
CA LEU A 207 -2.30 3.46 4.97
C LEU A 207 -3.73 3.16 5.40
N ALA A 208 -4.68 4.03 5.01
CA ALA A 208 -6.08 3.80 5.38
C ALA A 208 -6.57 2.47 4.79
N ALA A 209 -6.31 2.25 3.51
CA ALA A 209 -6.69 0.97 2.90
C ALA A 209 -6.03 -0.20 3.61
N ARG A 210 -4.73 -0.07 3.92
CA ARG A 210 -4.01 -1.18 4.50
C ARG A 210 -4.53 -1.52 5.90
N MET A 211 -4.90 -0.49 6.68
CA MET A 211 -5.44 -0.72 8.02
C MET A 211 -6.75 -1.48 7.97
N THR A 212 -7.57 -1.25 6.93
CA THR A 212 -8.91 -1.78 6.87
C THR A 212 -9.04 -3.02 5.99
N THR A 213 -7.97 -3.43 5.30
CA THR A 213 -8.11 -4.48 4.29
C THR A 213 -8.64 -5.78 4.89
N ARG A 214 -8.02 -6.24 5.98
CA ARG A 214 -8.38 -7.56 6.48
C ARG A 214 -9.78 -7.55 7.09
N GLY A 215 -10.14 -6.49 7.81
CA GLY A 215 -11.48 -6.42 8.37
C GLY A 215 -12.57 -6.52 7.31
N LEU A 216 -12.37 -5.83 6.18
CA LEU A 216 -13.32 -5.88 5.08
C LEU A 216 -13.29 -7.22 4.37
N THR A 217 -12.07 -7.72 4.09
CA THR A 217 -11.90 -8.87 3.21
C THR A 217 -12.32 -10.17 3.89
N ILE A 218 -11.99 -10.34 5.17
CA ILE A 218 -12.34 -11.57 5.85
C ILE A 218 -13.86 -11.73 5.91
N VAL A 219 -14.56 -10.64 6.24
CA VAL A 219 -16.02 -10.68 6.29
C VAL A 219 -16.59 -11.03 4.91
N ASN A 220 -16.18 -10.28 3.88
CA ASN A 220 -16.66 -10.55 2.54
C ASN A 220 -16.33 -11.96 2.08
N ASP A 221 -15.11 -12.43 2.38
CA ASP A 221 -14.73 -13.76 1.94
C ASP A 221 -15.64 -14.82 2.54
N PHE A 222 -16.00 -14.68 3.80
CA PHE A 222 -16.81 -15.74 4.41
C PHE A 222 -18.18 -15.81 3.77
N TYR A 223 -18.88 -14.69 3.67
CA TYR A 223 -20.25 -14.69 3.20
C TYR A 223 -20.36 -14.79 1.69
N SER A 224 -19.26 -14.63 0.95
CA SER A 224 -19.28 -14.78 -0.49
C SER A 224 -18.51 -16.01 -0.94
N TYR A 225 -18.06 -16.85 0.00
CA TYR A 225 -17.32 -18.07 -0.33
C TYR A 225 -18.10 -18.97 -1.28
N ASP A 226 -19.37 -19.26 -0.97
CA ASP A 226 -20.12 -20.27 -1.72
C ASP A 226 -20.33 -19.83 -3.17
N ARG A 227 -20.60 -18.55 -3.38
CA ARG A 227 -20.73 -18.02 -4.72
C ARG A 227 -19.43 -18.19 -5.51
N GLU A 228 -18.33 -17.64 -4.98
CA GLU A 228 -17.09 -17.59 -5.75
C GLU A 228 -16.55 -18.97 -6.09
N VAL A 229 -16.74 -19.95 -5.20
CA VAL A 229 -16.32 -21.32 -5.49
C VAL A 229 -17.11 -21.86 -6.68
N SER A 230 -18.41 -21.61 -6.69
CA SER A 230 -19.25 -22.07 -7.80
C SER A 230 -18.81 -21.44 -9.11
N LEU A 231 -18.24 -20.24 -9.06
CA LEU A 231 -17.92 -19.48 -10.25
C LEU A 231 -16.44 -19.51 -10.58
N GLY A 232 -15.68 -20.41 -9.96
CA GLY A 232 -14.26 -20.52 -10.22
C GLY A 232 -13.45 -19.32 -9.80
N GLN A 233 -13.96 -18.51 -8.88
CA GLN A 233 -13.22 -17.38 -8.34
C GLN A 233 -12.37 -17.86 -7.16
N ILE A 234 -11.04 -17.76 -7.31
CA ILE A 234 -10.13 -18.23 -6.27
C ILE A 234 -9.78 -17.15 -5.24
N THR A 235 -10.25 -15.91 -5.43
CA THR A 235 -9.86 -14.79 -4.57
C THR A 235 -10.71 -14.81 -3.31
N ASN A 236 -10.32 -15.69 -2.37
CA ASN A 236 -11.09 -15.90 -1.14
C ASN A 236 -10.22 -16.67 -0.16
N CYS A 237 -9.87 -16.04 0.98
CA CYS A 237 -8.90 -16.64 1.88
C CYS A 237 -9.35 -17.98 2.44
N PHE A 238 -10.65 -18.25 2.52
CA PHE A 238 -11.06 -19.52 3.07
C PHE A 238 -10.74 -20.69 2.14
N ARG A 239 -10.35 -20.44 0.89
CA ARG A 239 -9.82 -21.52 0.07
C ARG A 239 -8.43 -21.95 0.51
N LEU A 240 -7.77 -21.19 1.36
CA LEU A 240 -6.48 -21.60 1.92
C LEU A 240 -6.61 -22.71 2.95
N CYS A 241 -7.80 -22.95 3.51
CA CYS A 241 -7.98 -24.02 4.48
C CYS A 241 -8.97 -25.05 3.93
N ASP A 242 -8.98 -26.24 4.56
CA ASP A 242 -9.72 -27.39 4.07
C ASP A 242 -11.08 -27.41 4.76
N VAL A 243 -11.99 -26.56 4.29
CA VAL A 243 -13.24 -26.28 5.00
C VAL A 243 -14.10 -27.52 5.19
N SER A 244 -13.76 -28.64 4.54
CA SER A 244 -14.32 -29.92 4.95
C SER A 244 -13.84 -30.27 6.36
N ASP A 245 -12.53 -30.48 6.52
CA ASP A 245 -11.92 -30.74 7.82
C ASP A 245 -12.38 -29.69 8.83
N GLU A 246 -13.33 -30.06 9.68
CA GLU A 246 -13.99 -29.09 10.56
C GLU A 246 -13.05 -28.52 11.61
N THR A 247 -12.07 -29.29 12.07
CA THR A 247 -11.12 -28.77 13.05
C THR A 247 -10.12 -27.82 12.42
N ALA A 248 -9.75 -28.06 11.17
CA ALA A 248 -8.89 -27.11 10.47
C ALA A 248 -9.62 -25.81 10.20
N PHE A 249 -10.92 -25.88 9.87
CA PHE A 249 -11.69 -24.66 9.68
C PHE A 249 -11.78 -23.83 10.95
N LYS A 250 -11.97 -24.49 12.09
CA LYS A 250 -12.11 -23.72 13.34
C LYS A 250 -10.79 -23.03 13.70
N GLU A 251 -9.65 -23.68 13.42
CA GLU A 251 -8.37 -23.04 13.69
C GLU A 251 -8.16 -21.82 12.78
N PHE A 252 -8.37 -22.02 11.47
CA PHE A 252 -8.21 -20.94 10.50
C PHE A 252 -9.17 -19.79 10.79
N PHE A 253 -10.44 -20.10 11.08
CA PHE A 253 -11.39 -19.03 11.35
C PHE A 253 -10.97 -18.23 12.57
N GLN A 254 -10.40 -18.90 13.57
CA GLN A 254 -9.90 -18.16 14.73
C GLN A 254 -8.74 -17.25 14.35
N ALA A 255 -7.78 -17.75 13.57
CA ALA A 255 -6.65 -16.90 13.19
C ALA A 255 -7.10 -15.65 12.45
N ARG A 256 -8.08 -15.79 11.54
CA ARG A 256 -8.68 -14.62 10.87
C ARG A 256 -9.39 -13.70 11.86
N LEU A 257 -10.11 -14.28 12.81
CA LEU A 257 -10.70 -13.46 13.87
C LEU A 257 -9.63 -12.66 14.59
N ASP A 258 -8.51 -13.30 14.96
CA ASP A 258 -7.44 -12.58 15.64
C ASP A 258 -6.86 -11.49 14.74
N ASP A 259 -6.78 -11.75 13.42
CA ASP A 259 -6.33 -10.72 12.50
C ASP A 259 -7.21 -9.47 12.60
N MET A 260 -8.53 -9.66 12.49
CA MET A 260 -9.46 -8.54 12.59
C MET A 260 -9.29 -7.77 13.89
N ILE A 261 -9.13 -8.48 15.01
CA ILE A 261 -9.07 -7.82 16.31
C ILE A 261 -7.80 -6.97 16.43
N GLU A 262 -6.67 -7.49 15.94
CA GLU A 262 -5.43 -6.74 16.06
C GLU A 262 -5.48 -5.50 15.19
N ASP A 263 -6.02 -5.62 13.98
CA ASP A 263 -6.25 -4.46 13.13
C ASP A 263 -7.13 -3.43 13.84
N ILE A 264 -8.26 -3.88 14.41
CA ILE A 264 -9.21 -2.95 15.01
C ILE A 264 -8.58 -2.20 16.18
N GLU A 265 -7.85 -2.91 17.05
CA GLU A 265 -7.21 -2.23 18.18
C GLU A 265 -6.14 -1.25 17.71
N CYS A 266 -5.39 -1.56 16.64
CA CYS A 266 -4.43 -0.59 16.13
C CYS A 266 -5.13 0.60 15.47
N ILE A 267 -6.29 0.37 14.85
CA ILE A 267 -7.07 1.47 14.30
C ILE A 267 -7.43 2.47 15.38
N LYS A 268 -7.73 1.97 16.60
CA LYS A 268 -8.12 2.84 17.70
C LYS A 268 -7.01 3.80 18.11
N ALA A 269 -5.80 3.67 17.57
CA ALA A 269 -4.72 4.59 17.86
C ALA A 269 -4.70 5.77 16.89
N PHE A 270 -5.46 5.69 15.81
CA PHE A 270 -5.66 6.81 14.91
C PHE A 270 -6.52 7.87 15.57
N ASP A 271 -6.54 9.06 14.96
CA ASP A 271 -7.30 10.16 15.53
C ASP A 271 -8.80 9.84 15.48
N GLN A 272 -9.56 10.61 16.27
CA GLN A 272 -10.92 10.23 16.59
C GLN A 272 -11.80 10.10 15.35
N LEU A 273 -11.87 11.14 14.52
CA LEU A 273 -12.67 11.04 13.31
C LEU A 273 -12.17 9.90 12.42
N THR A 274 -10.86 9.84 12.18
CA THR A 274 -10.31 8.81 11.30
C THR A 274 -10.71 7.42 11.75
N GLN A 275 -10.52 7.12 13.05
CA GLN A 275 -10.87 5.78 13.55
C GLN A 275 -12.37 5.54 13.45
N ASP A 276 -13.18 6.59 13.58
CA ASP A 276 -14.62 6.43 13.39
C ASP A 276 -14.92 5.94 11.98
N VAL A 277 -14.33 6.59 10.98
CA VAL A 277 -14.61 6.19 9.60
C VAL A 277 -14.13 4.77 9.34
N PHE A 278 -12.90 4.46 9.79
CA PHE A 278 -12.37 3.10 9.60
C PHE A 278 -13.27 2.05 10.22
N LEU A 279 -13.66 2.25 11.48
CA LEU A 279 -14.48 1.24 12.15
C LEU A 279 -15.88 1.19 11.57
N ASP A 280 -16.49 2.34 11.27
CA ASP A 280 -17.78 2.34 10.59
C ASP A 280 -17.70 1.56 9.28
N LEU A 281 -16.58 1.69 8.56
CA LEU A 281 -16.41 0.96 7.31
C LEU A 281 -16.44 -0.55 7.55
N ILE A 282 -15.63 -1.04 8.50
CA ILE A 282 -15.54 -2.48 8.68
C ILE A 282 -16.85 -3.05 9.20
N TYR A 283 -17.39 -2.43 10.26
CA TYR A 283 -18.65 -2.89 10.83
C TYR A 283 -19.81 -2.67 9.86
N GLY A 284 -19.84 -1.50 9.22
CA GLY A 284 -20.87 -1.24 8.24
C GLY A 284 -20.93 -2.29 7.16
N ASN A 285 -19.76 -2.68 6.63
CA ASN A 285 -19.72 -3.73 5.61
C ASN A 285 -20.24 -5.05 6.16
N PHE A 286 -20.03 -5.32 7.45
CA PHE A 286 -20.52 -6.56 8.03
C PHE A 286 -22.05 -6.59 8.08
N VAL A 287 -22.68 -5.48 8.47
CA VAL A 287 -24.14 -5.42 8.54
C VAL A 287 -24.73 -5.52 7.15
N TRP A 288 -24.22 -4.73 6.21
CA TRP A 288 -24.69 -4.81 4.84
C TRP A 288 -24.52 -6.23 4.29
N THR A 289 -23.34 -6.83 4.49
CA THR A 289 -23.06 -8.14 3.90
C THR A 289 -24.01 -9.22 4.44
N THR A 290 -24.37 -9.14 5.73
CA THR A 290 -25.23 -10.16 6.32
C THR A 290 -26.72 -9.96 5.96
N SER A 291 -27.21 -8.72 6.05
CA SER A 291 -28.58 -8.39 5.70
C SER A 291 -28.89 -8.45 4.20
N ASN A 292 -28.21 -7.65 3.39
CA ASN A 292 -28.52 -7.45 1.97
C ASN A 292 -28.68 -8.77 1.23
N LYS A 293 -29.35 -8.69 0.07
CA LYS A 293 -29.60 -9.87 -0.75
C LYS A 293 -28.36 -10.39 -1.48
N ARG A 294 -27.33 -9.55 -1.65
CA ARG A 294 -26.20 -9.94 -2.48
C ARG A 294 -25.55 -11.26 -2.03
N TYR A 295 -25.61 -11.57 -0.73
CA TYR A 295 -24.80 -12.66 -0.18
C TYR A 295 -25.65 -13.81 0.34
N LYS A 296 -26.74 -14.14 -0.37
CA LYS A 296 -27.61 -15.22 0.04
C LYS A 296 -27.55 -16.45 -0.85
N THR A 297 -27.74 -16.30 -2.16
CA THR A 297 -27.92 -17.38 -3.13
C THR A 297 -26.85 -18.46 -2.97
N ALA A 298 -25.84 -18.38 -3.84
CA ALA A 298 -24.80 -19.37 -3.98
C ALA A 298 -23.86 -18.90 -5.08
N ILE B 13 16.77 -2.26 26.23
CA ILE B 13 17.16 -1.92 24.87
C ILE B 13 17.46 -0.41 24.84
N GLY B 14 18.43 -0.02 25.66
CA GLY B 14 18.73 1.38 25.91
C GLY B 14 20.15 1.78 25.56
N ARG B 15 20.83 0.93 24.79
CA ARG B 15 22.02 1.20 23.98
C ARG B 15 22.41 -0.04 23.21
N SER B 16 21.41 -0.73 22.65
CA SER B 16 21.55 -2.08 22.13
C SER B 16 22.10 -2.05 20.71
N SER B 17 22.38 -3.23 20.18
CA SER B 17 23.24 -3.34 19.02
C SER B 17 23.07 -4.73 18.41
N VAL B 18 23.23 -4.79 17.08
CA VAL B 18 23.31 -6.06 16.39
C VAL B 18 24.74 -6.37 15.98
N ARG B 19 25.70 -5.60 16.49
CA ARG B 19 27.11 -5.87 16.24
C ARG B 19 27.49 -7.34 16.39
N PRO B 20 27.10 -8.08 17.45
CA PRO B 20 27.55 -9.47 17.54
C PRO B 20 27.14 -10.32 16.36
N TYR B 21 25.95 -10.12 15.83
CA TYR B 21 25.47 -10.93 14.73
C TYR B 21 25.92 -10.42 13.36
N LEU B 22 26.68 -9.32 13.32
CA LEU B 22 26.88 -8.63 12.06
C LEU B 22 27.39 -9.58 10.99
N GLU B 23 28.31 -10.48 11.34
CA GLU B 23 28.97 -11.26 10.31
C GLU B 23 28.19 -12.51 9.95
N GLU B 24 27.50 -13.11 10.92
CA GLU B 24 26.69 -14.27 10.59
C GLU B 24 25.49 -13.87 9.72
N CYS B 25 24.82 -12.77 10.07
CA CYS B 25 23.61 -12.39 9.37
C CYS B 25 23.92 -11.93 7.94
N THR B 26 25.02 -11.21 7.75
CA THR B 26 25.40 -10.82 6.40
C THR B 26 25.63 -12.06 5.53
N ARG B 27 26.29 -13.07 6.09
CA ARG B 27 26.44 -14.33 5.37
C ARG B 27 25.11 -15.02 5.16
N ARG B 28 24.18 -14.92 6.12
CA ARG B 28 22.87 -15.56 5.96
C ARG B 28 22.05 -14.84 4.89
N PHE B 29 22.04 -13.50 4.91
CA PHE B 29 21.42 -12.76 3.82
C PHE B 29 22.04 -13.16 2.49
N GLN B 30 23.37 -13.13 2.42
CA GLN B 30 24.08 -13.40 1.19
C GLN B 30 23.75 -14.79 0.66
N GLU B 31 23.74 -15.79 1.54
CA GLU B 31 23.40 -17.14 1.10
C GLU B 31 21.97 -17.21 0.57
N MET B 32 21.04 -16.46 1.17
CA MET B 32 19.66 -16.46 0.70
C MET B 32 19.56 -15.87 -0.70
N PHE B 33 20.24 -14.77 -0.97
CA PHE B 33 20.21 -14.18 -2.31
C PHE B 33 20.85 -15.10 -3.36
N ASP B 34 21.92 -15.83 -2.99
CA ASP B 34 22.54 -16.76 -3.95
C ASP B 34 21.61 -17.94 -4.24
N ARG B 35 20.78 -18.32 -3.29
CA ARG B 35 19.90 -19.45 -3.53
C ARG B 35 18.62 -19.03 -4.26
N HIS B 36 18.12 -17.82 -3.99
CA HIS B 36 16.79 -17.46 -4.43
C HIS B 36 16.73 -16.39 -5.51
N VAL B 37 17.76 -15.57 -5.69
CA VAL B 37 17.76 -14.54 -6.71
C VAL B 37 18.82 -14.78 -7.77
N VAL B 38 20.04 -15.11 -7.35
CA VAL B 38 21.14 -15.56 -8.19
C VAL B 38 21.79 -14.40 -8.93
N THR B 39 21.00 -13.63 -9.68
CA THR B 39 21.55 -12.54 -10.48
C THR B 39 22.00 -11.38 -9.59
N ARG B 40 23.30 -11.04 -9.67
CA ARG B 40 23.86 -9.92 -8.92
C ARG B 40 23.48 -8.59 -9.58
N PRO B 41 23.05 -7.61 -8.79
CA PRO B 41 22.84 -6.26 -9.33
C PRO B 41 24.17 -5.64 -9.76
N THR B 42 24.09 -4.60 -10.61
CA THR B 42 25.31 -3.90 -11.03
C THR B 42 25.16 -2.38 -10.91
N LYS B 43 26.27 -1.71 -10.56
CA LYS B 43 26.26 -0.27 -10.35
C LYS B 43 26.19 0.46 -11.69
N VAL B 44 25.18 1.33 -11.83
CA VAL B 44 25.07 2.13 -13.04
C VAL B 44 26.21 3.15 -13.07
N GLU B 45 26.83 3.27 -14.23
CA GLU B 45 27.90 4.24 -14.42
C GLU B 45 27.30 5.61 -14.76
N LEU B 46 27.38 6.56 -13.85
CA LEU B 46 27.09 7.94 -14.21
C LEU B 46 28.39 8.64 -14.61
N THR B 47 28.41 9.22 -15.80
CA THR B 47 29.59 9.98 -16.19
C THR B 47 29.80 11.12 -15.22
N ASP B 48 31.03 11.64 -15.21
CA ASP B 48 31.48 12.74 -14.37
C ASP B 48 30.43 13.85 -14.28
N ALA B 49 30.00 14.35 -15.45
CA ALA B 49 29.07 15.46 -15.52
C ALA B 49 27.69 15.12 -14.96
N GLU B 50 27.21 13.90 -15.17
CA GLU B 50 25.86 13.56 -14.73
C GLU B 50 25.77 13.57 -13.20
N LEU B 51 26.82 13.07 -12.54
CA LEU B 51 26.88 13.15 -11.09
C LEU B 51 26.74 14.59 -10.62
N ARG B 52 27.51 15.51 -11.21
CA ARG B 52 27.36 16.93 -10.86
C ARG B 52 26.03 17.51 -11.30
N GLU B 53 25.39 16.97 -12.32
CA GLU B 53 24.05 17.46 -12.63
C GLU B 53 23.09 17.10 -11.52
N VAL B 54 23.07 15.83 -11.12
CA VAL B 54 22.23 15.38 -10.02
C VAL B 54 22.47 16.24 -8.78
N ILE B 55 23.73 16.31 -8.35
CA ILE B 55 24.06 16.99 -7.09
C ILE B 55 23.73 18.48 -7.17
N ASP B 56 23.92 19.11 -8.33
CA ASP B 56 23.47 20.49 -8.49
C ASP B 56 21.98 20.60 -8.23
N ASP B 57 21.17 19.79 -8.92
CA ASP B 57 19.74 19.77 -8.65
C ASP B 57 19.44 19.55 -7.18
N CYS B 58 20.18 18.65 -6.52
CA CYS B 58 19.92 18.32 -5.12
C CYS B 58 20.15 19.53 -4.22
N ASN B 59 21.29 20.20 -4.37
CA ASN B 59 21.56 21.41 -3.60
C ASN B 59 20.50 22.45 -3.82
N ALA B 60 20.10 22.65 -5.08
CA ALA B 60 19.00 23.55 -5.37
C ALA B 60 17.76 23.18 -4.57
N ALA B 61 17.44 21.89 -4.53
CA ALA B 61 16.17 21.47 -3.93
C ALA B 61 16.15 21.74 -2.45
N VAL B 62 17.20 21.37 -1.72
CA VAL B 62 17.18 21.54 -0.27
C VAL B 62 17.65 22.92 0.17
N ALA B 63 18.06 23.78 -0.75
CA ALA B 63 18.57 25.10 -0.39
C ALA B 63 17.60 25.90 0.46
N PRO B 64 16.30 25.99 0.14
CA PRO B 64 15.40 26.74 1.03
C PRO B 64 15.35 26.22 2.46
N LEU B 65 15.68 24.96 2.71
CA LEU B 65 15.59 24.41 4.06
C LEU B 65 16.74 24.88 4.95
N GLY B 66 17.69 25.62 4.41
CA GLY B 66 18.73 26.27 5.19
C GLY B 66 19.73 25.35 5.87
N LYS B 67 19.96 24.18 5.29
CA LYS B 67 20.94 23.25 5.84
C LYS B 67 21.87 22.80 4.74
N THR B 68 23.16 23.04 4.90
CA THR B 68 24.11 22.60 3.91
C THR B 68 24.31 21.09 4.02
N VAL B 69 24.40 20.43 2.88
CA VAL B 69 24.79 19.02 2.82
C VAL B 69 25.85 18.88 1.74
N SER B 70 26.85 18.05 2.02
CA SER B 70 28.04 17.97 1.21
C SER B 70 27.97 16.83 0.20
N ASP B 71 28.82 16.94 -0.82
CA ASP B 71 28.82 15.98 -1.92
C ASP B 71 28.97 14.56 -1.42
N GLU B 72 29.89 14.35 -0.47
CA GLU B 72 30.07 13.03 0.13
C GLU B 72 28.75 12.46 0.64
N ARG B 73 27.95 13.29 1.31
CA ARG B 73 26.66 12.85 1.81
C ARG B 73 25.68 12.57 0.65
N TRP B 74 25.72 13.40 -0.40
CA TRP B 74 24.88 13.15 -1.57
C TRP B 74 25.20 11.80 -2.21
N ILE B 75 26.49 11.51 -2.35
CA ILE B 75 26.94 10.31 -3.05
C ILE B 75 26.65 9.04 -2.26
N SER B 76 26.50 9.16 -0.94
CA SER B 76 26.01 8.03 -0.16
C SER B 76 24.55 7.76 -0.45
N TYR B 77 23.73 8.81 -0.42
CA TYR B 77 22.34 8.67 -0.81
C TYR B 77 22.21 8.04 -2.21
N VAL B 78 22.93 8.60 -3.19
CA VAL B 78 22.70 8.19 -4.57
C VAL B 78 23.09 6.75 -4.83
N GLY B 79 23.87 6.13 -3.93
CA GLY B 79 24.28 4.76 -4.14
C GLY B 79 23.13 3.78 -4.30
N VAL B 80 22.06 3.95 -3.55
CA VAL B 80 20.96 3.00 -3.65
C VAL B 80 20.35 3.02 -5.05
N VAL B 81 20.25 4.19 -5.68
CA VAL B 81 19.66 4.24 -7.02
C VAL B 81 20.64 3.68 -8.04
N LEU B 82 21.93 3.99 -7.89
CA LEU B 82 22.94 3.42 -8.78
C LEU B 82 22.94 1.91 -8.73
N TRP B 83 22.68 1.33 -7.54
CA TRP B 83 22.81 -0.10 -7.35
C TRP B 83 21.50 -0.88 -7.46
N SER B 84 20.34 -0.25 -7.33
CA SER B 84 19.14 -1.03 -7.10
C SER B 84 18.07 -0.88 -8.18
N GLN B 85 18.34 -0.09 -9.22
CA GLN B 85 17.51 -0.13 -10.41
C GLN B 85 17.87 -1.38 -11.21
N SER B 86 17.47 -1.44 -12.48
CA SER B 86 17.60 -2.65 -13.29
C SER B 86 18.25 -2.28 -14.63
N PRO B 87 19.58 -2.17 -14.65
CA PRO B 87 20.26 -1.70 -15.87
C PRO B 87 19.95 -2.54 -17.10
N ARG B 88 19.50 -3.78 -16.94
CA ARG B 88 19.08 -4.59 -18.07
C ARG B 88 17.98 -3.91 -18.88
N HIS B 89 17.08 -3.16 -18.22
CA HIS B 89 15.85 -2.69 -18.82
C HIS B 89 15.72 -1.18 -18.87
N ILE B 90 16.70 -0.43 -18.35
CA ILE B 90 16.59 1.02 -18.31
C ILE B 90 16.50 1.58 -19.74
N LYS B 91 15.46 2.37 -19.98
CA LYS B 91 15.34 3.23 -21.16
C LYS B 91 15.66 4.68 -20.88
N ASP B 92 14.81 5.35 -20.09
CA ASP B 92 14.77 6.80 -19.93
C ASP B 92 15.77 7.20 -18.85
N MET B 93 16.98 7.58 -19.27
CA MET B 93 18.01 8.07 -18.36
C MET B 93 17.62 9.37 -17.68
N GLU B 94 16.76 10.19 -18.31
CA GLU B 94 16.30 11.40 -17.65
C GLU B 94 15.39 11.07 -16.48
N ALA B 95 14.54 10.06 -16.64
CA ALA B 95 13.79 9.55 -15.51
C ALA B 95 14.72 8.96 -14.46
N PHE B 96 15.77 8.27 -14.90
CA PHE B 96 16.81 7.78 -13.98
C PHE B 96 17.41 8.93 -13.19
N LYS B 97 17.77 10.02 -13.88
CA LYS B 97 18.36 11.16 -13.20
C LYS B 97 17.39 11.77 -12.21
N ALA B 98 16.09 11.76 -12.55
CA ALA B 98 15.06 12.21 -11.61
C ALA B 98 15.07 11.39 -10.33
N VAL B 99 15.05 10.07 -10.44
CA VAL B 99 15.01 9.22 -9.26
C VAL B 99 16.24 9.45 -8.39
N CYS B 100 17.41 9.64 -9.01
CA CYS B 100 18.60 9.93 -8.22
C CYS B 100 18.40 11.20 -7.39
N VAL B 101 17.90 12.25 -8.02
CA VAL B 101 17.73 13.54 -7.33
C VAL B 101 16.65 13.42 -6.26
N LEU B 102 15.45 12.98 -6.65
CA LEU B 102 14.34 12.88 -5.72
C LEU B 102 14.65 11.98 -4.54
N ASN B 103 15.21 10.80 -4.80
CA ASN B 103 15.53 9.92 -3.68
C ASN B 103 16.57 10.55 -2.78
N CYS B 104 17.59 11.19 -3.37
CA CYS B 104 18.66 11.76 -2.57
C CYS B 104 18.16 12.92 -1.72
N VAL B 105 17.32 13.80 -2.27
CA VAL B 105 16.93 14.95 -1.47
C VAL B 105 15.96 14.54 -0.38
N THR B 106 15.11 13.53 -0.62
CA THR B 106 14.19 13.11 0.43
C THR B 106 14.93 12.35 1.52
N PHE B 107 16.10 11.79 1.21
CA PHE B 107 16.97 11.25 2.24
C PHE B 107 17.40 12.35 3.22
N VAL B 108 17.67 13.54 2.70
CA VAL B 108 18.01 14.68 3.56
C VAL B 108 16.84 14.99 4.48
N TRP B 109 15.64 14.99 3.92
CA TRP B 109 14.44 15.22 4.72
C TRP B 109 14.28 14.16 5.80
N ASP B 110 14.45 12.90 5.42
CA ASP B 110 14.29 11.78 6.35
C ASP B 110 15.19 11.95 7.57
N ASP B 111 16.40 12.42 7.36
CA ASP B 111 17.44 12.65 8.36
C ASP B 111 17.29 13.97 9.10
N MET B 112 16.11 14.57 9.13
CA MET B 112 15.99 15.97 9.53
C MET B 112 15.09 16.16 10.74
N ASP B 113 15.60 16.92 11.69
CA ASP B 113 14.78 17.53 12.72
C ASP B 113 13.54 18.14 12.07
N PRO B 114 12.33 17.80 12.52
CA PRO B 114 11.13 18.27 11.83
C PRO B 114 10.96 19.79 11.89
N ALA B 115 11.63 20.46 12.83
CA ALA B 115 11.60 21.91 12.87
C ALA B 115 12.21 22.52 11.60
N LEU B 116 13.02 21.75 10.88
CA LEU B 116 13.59 22.19 9.60
C LEU B 116 12.68 21.87 8.42
N HIS B 117 11.59 21.14 8.64
CA HIS B 117 10.66 20.81 7.56
C HIS B 117 9.85 22.06 7.23
N ASP B 118 10.03 22.58 6.02
CA ASP B 118 9.14 23.59 5.47
C ASP B 118 8.68 23.10 4.11
N PHE B 119 7.41 22.67 4.03
CA PHE B 119 6.86 22.25 2.76
C PHE B 119 6.80 23.43 1.79
N GLY B 120 6.36 24.60 2.27
CA GLY B 120 6.30 25.77 1.41
C GLY B 120 7.60 26.05 0.69
N LEU B 121 8.73 25.75 1.33
CA LEU B 121 10.04 25.95 0.74
C LEU B 121 10.51 24.75 -0.07
N PHE B 122 10.47 23.54 0.52
CA PHE B 122 10.97 22.34 -0.13
C PHE B 122 10.11 21.89 -1.30
N LEU B 123 8.79 21.78 -1.11
CA LEU B 123 7.90 21.23 -2.13
C LEU B 123 8.01 21.89 -3.50
N PRO B 124 8.07 23.23 -3.63
CA PRO B 124 8.32 23.80 -4.97
C PRO B 124 9.53 23.20 -5.63
N GLN B 125 10.57 22.87 -4.86
CA GLN B 125 11.78 22.30 -5.47
C GLN B 125 11.55 20.88 -5.97
N LEU B 126 10.78 20.08 -5.22
CA LEU B 126 10.42 18.75 -5.71
C LEU B 126 9.66 18.86 -7.03
N ARG B 127 8.64 19.73 -7.07
CA ARG B 127 7.87 19.90 -8.29
C ARG B 127 8.76 20.35 -9.45
N LYS B 128 9.74 21.22 -9.16
CA LYS B 128 10.69 21.65 -10.19
C LYS B 128 11.50 20.48 -10.76
N ILE B 129 11.98 19.59 -9.87
CA ILE B 129 12.71 18.41 -10.32
C ILE B 129 11.85 17.56 -11.25
N CYS B 130 10.62 17.28 -10.82
CA CYS B 130 9.73 16.39 -11.56
C CYS B 130 9.34 16.98 -12.90
N GLU B 131 9.03 18.29 -12.94
CA GLU B 131 8.68 18.92 -14.19
C GLU B 131 9.87 19.03 -15.13
N LYS B 132 11.10 18.97 -14.61
CA LYS B 132 12.26 18.97 -15.49
C LYS B 132 12.41 17.64 -16.20
N TYR B 133 12.25 16.53 -15.47
CA TYR B 133 12.68 15.22 -15.97
C TYR B 133 11.57 14.36 -16.55
N TYR B 134 10.31 14.65 -16.26
CA TYR B 134 9.19 13.83 -16.70
C TYR B 134 8.25 14.61 -17.62
N GLY B 135 7.41 13.88 -18.32
CA GLY B 135 6.32 14.48 -19.05
C GLY B 135 5.20 14.83 -18.08
N PRO B 136 4.19 15.56 -18.56
CA PRO B 136 3.16 16.09 -17.63
C PRO B 136 2.51 15.02 -16.78
N GLU B 137 2.13 13.90 -17.38
CA GLU B 137 1.47 12.83 -16.65
C GLU B 137 2.36 12.28 -15.53
N ASP B 138 3.58 11.85 -15.90
CA ASP B 138 4.47 11.20 -14.94
C ASP B 138 4.93 12.20 -13.89
N ALA B 139 5.10 13.46 -14.27
CA ALA B 139 5.53 14.47 -13.31
C ALA B 139 4.55 14.58 -12.14
N GLU B 140 3.25 14.44 -12.42
CA GLU B 140 2.27 14.55 -11.35
C GLU B 140 2.26 13.29 -10.48
N VAL B 141 2.51 12.13 -11.08
CA VAL B 141 2.57 10.90 -10.29
C VAL B 141 3.79 10.90 -9.40
N ALA B 142 4.94 11.28 -9.95
CA ALA B 142 6.16 11.36 -9.15
C ALA B 142 6.00 12.37 -8.00
N TYR B 143 5.39 13.52 -8.29
CA TYR B 143 5.32 14.58 -7.27
C TYR B 143 4.37 14.22 -6.15
N GLU B 144 3.21 13.63 -6.48
CA GLU B 144 2.29 13.21 -5.43
C GLU B 144 2.95 12.19 -4.53
N ALA B 145 3.71 11.26 -5.11
CA ALA B 145 4.39 10.25 -4.32
C ALA B 145 5.48 10.84 -3.45
N ALA B 146 6.22 11.84 -3.95
CA ALA B 146 7.21 12.51 -3.13
C ALA B 146 6.54 13.28 -1.99
N ARG B 147 5.57 14.13 -2.31
CA ARG B 147 4.83 14.87 -1.30
C ARG B 147 4.29 13.95 -0.23
N ALA B 148 3.64 12.86 -0.63
CA ALA B 148 3.12 11.93 0.36
C ALA B 148 4.24 11.39 1.25
N PHE B 149 5.40 11.06 0.67
CA PHE B 149 6.49 10.49 1.46
C PHE B 149 7.01 11.48 2.50
N VAL B 150 7.32 12.71 2.10
CA VAL B 150 7.88 13.64 3.08
C VAL B 150 6.81 14.09 4.04
N THR B 151 5.55 14.16 3.59
CA THR B 151 4.44 14.45 4.50
C THR B 151 4.23 13.32 5.50
N SER B 152 4.40 12.07 5.07
CA SER B 152 4.26 10.96 6.02
C SER B 152 5.40 10.95 7.01
N ASP B 153 6.62 11.16 6.53
CA ASP B 153 7.73 11.15 7.46
C ASP B 153 7.53 12.19 8.54
N HIS B 154 7.06 13.39 8.14
CA HIS B 154 6.76 14.45 9.08
C HIS B 154 5.56 14.08 9.94
N MET B 155 4.62 13.34 9.36
CA MET B 155 3.35 13.07 10.01
C MET B 155 3.55 12.24 11.26
N PHE B 156 4.33 11.19 11.16
CA PHE B 156 4.35 10.19 12.21
C PHE B 156 5.47 10.40 13.22
N ARG B 157 6.20 11.53 13.16
CA ARG B 157 7.31 11.76 14.09
C ARG B 157 6.89 11.58 15.54
N ASP B 158 5.67 11.97 15.89
CA ASP B 158 5.17 11.78 17.25
C ASP B 158 3.75 11.21 17.23
N SER B 159 3.52 10.22 16.41
CA SER B 159 2.15 9.71 16.42
C SER B 159 2.07 8.42 17.24
N PRO B 160 1.01 8.25 18.02
CA PRO B 160 0.79 6.96 18.66
C PRO B 160 0.46 5.89 17.65
N ILE B 161 0.17 6.29 16.40
CA ILE B 161 -0.01 5.33 15.31
C ILE B 161 1.32 4.68 14.95
N LYS B 162 2.37 5.47 14.78
CA LYS B 162 3.66 4.85 14.48
C LYS B 162 4.09 3.91 15.60
N ALA B 163 3.99 4.37 16.86
CA ALA B 163 4.41 3.53 17.99
C ALA B 163 3.59 2.26 18.08
N ALA B 164 2.27 2.34 17.89
CA ALA B 164 1.45 1.14 17.96
C ALA B 164 1.81 0.15 16.85
N LEU B 165 1.78 0.59 15.58
CA LEU B 165 2.09 -0.31 14.47
C LEU B 165 3.52 -0.84 14.54
N CYS B 166 4.44 -0.06 15.10
CA CYS B 166 5.83 -0.52 15.22
C CYS B 166 6.10 -1.29 16.50
N THR B 167 5.09 -1.58 17.34
CA THR B 167 5.34 -2.39 18.53
C THR B 167 4.40 -3.58 18.65
N THR B 168 3.37 -3.69 17.80
CA THR B 168 2.40 -4.75 17.98
C THR B 168 2.85 -6.07 17.34
N SER B 169 3.22 -6.05 16.07
CA SER B 169 3.50 -7.29 15.33
C SER B 169 4.26 -6.94 14.04
N PRO B 170 4.97 -7.90 13.47
CA PRO B 170 5.55 -7.67 12.14
C PRO B 170 4.54 -7.18 11.13
N GLU B 171 3.32 -7.71 11.16
CA GLU B 171 2.33 -7.34 10.16
C GLU B 171 2.03 -5.85 10.22
N GLN B 172 1.73 -5.33 11.42
CA GLN B 172 1.45 -3.90 11.52
C GLN B 172 2.67 -3.08 11.13
N TYR B 173 3.87 -3.54 11.49
CA TYR B 173 5.06 -2.77 11.20
C TYR B 173 5.34 -2.68 9.69
N PHE B 174 5.33 -3.81 9.01
CA PHE B 174 5.56 -3.76 7.56
C PHE B 174 4.46 -2.99 6.85
N ARG B 175 3.22 -3.03 7.36
CA ARG B 175 2.16 -2.23 6.76
C ARG B 175 2.51 -0.75 6.79
N PHE B 176 3.05 -0.28 7.93
CA PHE B 176 3.49 1.10 8.03
C PHE B 176 4.65 1.38 7.07
N ARG B 177 5.55 0.42 6.89
CA ARG B 177 6.77 0.64 6.11
C ARG B 177 6.54 0.75 4.60
N VAL B 178 5.43 0.21 4.06
CA VAL B 178 5.10 0.36 2.64
C VAL B 178 5.28 1.81 2.20
N THR B 179 4.74 2.74 3.00
CA THR B 179 4.93 4.15 2.74
C THR B 179 6.24 4.65 3.36
N ASP B 180 6.46 4.34 4.63
CA ASP B 180 7.47 5.07 5.40
C ASP B 180 8.88 4.84 4.87
N ILE B 181 9.24 3.59 4.53
CA ILE B 181 10.60 3.38 3.99
C ILE B 181 10.79 4.04 2.64
N GLY B 182 9.70 4.38 1.95
CA GLY B 182 9.77 5.07 0.69
C GLY B 182 9.63 4.23 -0.56
N VAL B 183 9.28 2.94 -0.43
CA VAL B 183 9.30 2.10 -1.63
C VAL B 183 8.07 2.37 -2.53
N ASP B 184 6.92 2.77 -1.96
CA ASP B 184 5.82 3.18 -2.82
C ASP B 184 6.20 4.39 -3.66
N PHE B 185 6.81 5.39 -3.00
CA PHE B 185 7.42 6.52 -3.68
C PHE B 185 8.39 6.07 -4.77
N TRP B 186 9.25 5.10 -4.45
CA TRP B 186 10.26 4.63 -5.39
C TRP B 186 9.63 4.07 -6.66
N MET B 187 8.66 3.17 -6.51
CA MET B 187 7.99 2.58 -7.66
C MET B 187 7.33 3.64 -8.54
N LYS B 188 6.63 4.60 -7.92
CA LYS B 188 5.82 5.55 -8.68
C LYS B 188 6.65 6.62 -9.38
N MET B 189 7.91 6.80 -8.97
CA MET B 189 8.81 7.64 -9.75
C MET B 189 9.75 6.83 -10.65
N SER B 190 9.82 5.51 -10.48
CA SER B 190 10.73 4.71 -11.28
C SER B 190 10.09 4.10 -12.53
N TYR B 191 8.77 3.89 -12.55
CA TYR B 191 8.16 3.23 -13.70
C TYR B 191 8.48 3.93 -15.03
N PRO B 192 8.61 5.26 -15.12
CA PRO B 192 8.95 5.87 -16.43
C PRO B 192 10.33 5.51 -16.93
N ILE B 193 11.22 5.04 -16.05
CA ILE B 193 12.53 4.58 -16.51
C ILE B 193 12.39 3.40 -17.45
N TYR B 194 11.34 2.60 -17.25
CA TYR B 194 11.22 1.32 -17.94
C TYR B 194 10.17 1.29 -19.03
N ARG B 195 9.17 2.18 -19.01
CA ARG B 195 8.08 2.18 -19.99
C ARG B 195 7.55 0.77 -20.23
N HIS B 196 7.46 -0.01 -19.16
CA HIS B 196 6.85 -1.33 -19.23
C HIS B 196 5.43 -1.20 -18.70
N PRO B 197 4.40 -1.47 -19.50
CA PRO B 197 3.03 -1.28 -19.02
C PRO B 197 2.69 -2.08 -17.76
N GLU B 198 3.06 -3.36 -17.71
CA GLU B 198 2.76 -4.17 -16.54
C GLU B 198 3.37 -3.57 -15.28
N PHE B 199 4.66 -3.22 -15.34
CA PHE B 199 5.31 -2.64 -14.17
C PHE B 199 4.68 -1.30 -13.82
N THR B 200 4.21 -0.57 -14.83
CA THR B 200 3.57 0.71 -14.58
C THR B 200 2.28 0.53 -13.77
N GLU B 201 1.51 -0.51 -14.09
CA GLU B 201 0.28 -0.72 -13.33
C GLU B 201 0.58 -1.20 -11.92
N HIS B 202 1.55 -2.12 -11.76
CA HIS B 202 1.90 -2.58 -10.44
C HIS B 202 2.43 -1.44 -9.58
N ALA B 203 3.20 -0.52 -10.16
CA ALA B 203 3.61 0.69 -9.43
C ALA B 203 2.41 1.53 -9.01
N LYS B 204 1.45 1.73 -9.93
CA LYS B 204 0.34 2.63 -9.66
C LYS B 204 -0.67 2.03 -8.68
N THR B 205 -0.79 0.70 -8.61
CA THR B 205 -1.64 0.10 -7.59
C THR B 205 -0.94 -0.03 -6.23
N SER B 206 0.38 0.17 -6.18
CA SER B 206 1.22 -0.12 -5.03
C SER B 206 1.42 -1.61 -4.79
N LEU B 207 0.92 -2.48 -5.69
CA LEU B 207 1.28 -3.90 -5.56
C LEU B 207 2.80 -4.08 -5.61
N ALA B 208 3.47 -3.32 -6.47
CA ALA B 208 4.92 -3.42 -6.56
C ALA B 208 5.58 -3.06 -5.22
N ALA B 209 5.21 -1.92 -4.64
CA ALA B 209 5.73 -1.54 -3.33
C ALA B 209 5.48 -2.62 -2.30
N ARG B 210 4.24 -3.16 -2.27
CA ARG B 210 3.89 -4.13 -1.24
C ARG B 210 4.70 -5.41 -1.37
N MET B 211 4.99 -5.84 -2.62
CA MET B 211 5.76 -7.07 -2.84
C MET B 211 7.21 -6.94 -2.36
N THR B 212 7.79 -5.75 -2.45
CA THR B 212 9.20 -5.52 -2.14
C THR B 212 9.44 -4.90 -0.76
N THR B 213 8.38 -4.58 -0.01
CA THR B 213 8.57 -3.89 1.27
C THR B 213 9.45 -4.69 2.22
N ARG B 214 9.10 -5.96 2.44
CA ARG B 214 9.77 -6.75 3.47
C ARG B 214 11.23 -7.00 3.11
N GLY B 215 11.52 -7.29 1.84
CA GLY B 215 12.90 -7.50 1.43
C GLY B 215 13.77 -6.29 1.64
N LEU B 216 13.26 -5.11 1.34
CA LEU B 216 14.00 -3.87 1.56
C LEU B 216 14.09 -3.54 3.04
N THR B 217 12.99 -3.70 3.77
CA THR B 217 12.91 -3.21 5.13
C THR B 217 13.70 -4.12 6.08
N ILE B 218 13.66 -5.43 5.85
CA ILE B 218 14.34 -6.34 6.75
C ILE B 218 15.85 -6.13 6.64
N VAL B 219 16.35 -6.02 5.41
CA VAL B 219 17.76 -5.74 5.18
C VAL B 219 18.15 -4.40 5.80
N ASN B 220 17.38 -3.35 5.50
CA ASN B 220 17.74 -2.04 5.97
C ASN B 220 17.66 -1.95 7.50
N ASP B 221 16.67 -2.61 8.10
CA ASP B 221 16.52 -2.53 9.55
C ASP B 221 17.73 -3.16 10.25
N PHE B 222 18.23 -4.30 9.73
CA PHE B 222 19.39 -4.92 10.37
C PHE B 222 20.58 -3.97 10.40
N TYR B 223 20.98 -3.47 9.24
CA TYR B 223 22.18 -2.66 9.14
C TYR B 223 22.02 -1.22 9.62
N SER B 224 20.80 -0.74 9.86
CA SER B 224 20.63 0.60 10.41
C SER B 224 20.11 0.59 11.84
N TYR B 225 19.91 -0.61 12.41
CA TYR B 225 19.43 -0.73 13.79
C TYR B 225 20.26 0.08 14.76
N ASP B 226 21.59 -0.01 14.66
CA ASP B 226 22.43 0.65 15.66
C ASP B 226 22.32 2.17 15.57
N ARG B 227 22.31 2.72 14.35
CA ARG B 227 22.16 4.17 14.21
C ARG B 227 20.83 4.65 14.76
N GLU B 228 19.76 3.85 14.59
CA GLU B 228 18.41 4.33 14.92
C GLU B 228 18.12 4.25 16.41
N VAL B 229 18.54 3.17 17.08
CA VAL B 229 18.46 3.19 18.54
C VAL B 229 19.34 4.32 19.07
N SER B 230 20.48 4.57 18.42
CA SER B 230 21.36 5.64 18.86
C SER B 230 20.87 7.01 18.42
N LEU B 231 19.64 7.09 17.89
CA LEU B 231 18.99 8.37 17.62
C LEU B 231 17.56 8.41 18.12
N GLY B 232 17.12 7.42 18.89
CA GLY B 232 15.74 7.38 19.36
C GLY B 232 14.71 6.93 18.32
N GLN B 233 15.13 6.66 17.10
CA GLN B 233 14.19 6.29 16.04
C GLN B 233 13.68 4.87 16.27
N ILE B 234 12.35 4.72 16.32
CA ILE B 234 11.71 3.48 16.71
C ILE B 234 11.25 2.65 15.51
N THR B 235 11.55 3.08 14.29
CA THR B 235 11.02 2.45 13.07
C THR B 235 12.03 1.42 12.56
N ASN B 236 11.91 0.20 13.08
CA ASN B 236 12.87 -0.86 12.84
C ASN B 236 12.32 -2.15 13.42
N CYS B 237 12.18 -3.21 12.61
CA CYS B 237 11.48 -4.40 13.07
C CYS B 237 12.24 -5.15 14.16
N PHE B 238 13.57 -5.08 14.17
CA PHE B 238 14.30 -5.80 15.22
C PHE B 238 14.09 -5.19 16.61
N ARG B 239 13.47 -4.01 16.70
CA ARG B 239 12.96 -3.52 17.99
C ARG B 239 11.85 -4.39 18.56
N LEU B 240 11.22 -5.24 17.76
CA LEU B 240 10.22 -6.17 18.25
C LEU B 240 10.80 -7.35 18.98
N CYS B 241 12.13 -7.40 19.15
CA CYS B 241 12.79 -8.51 19.84
C CYS B 241 13.94 -7.97 20.68
N ASP B 242 14.42 -8.83 21.58
CA ASP B 242 15.46 -8.47 22.55
C ASP B 242 16.80 -8.95 22.00
N VAL B 243 17.48 -8.07 21.25
CA VAL B 243 18.60 -8.53 20.43
C VAL B 243 19.78 -9.03 21.27
N SER B 244 19.83 -8.72 22.57
CA SER B 244 20.87 -9.35 23.37
C SER B 244 20.63 -10.83 23.58
N ASP B 245 19.38 -11.29 23.55
CA ASP B 245 19.07 -12.70 23.67
C ASP B 245 19.34 -13.36 22.32
N GLU B 246 20.43 -14.12 22.24
CA GLU B 246 20.85 -14.65 20.95
C GLU B 246 19.85 -15.64 20.37
N THR B 247 19.16 -16.40 21.22
CA THR B 247 18.23 -17.37 20.68
C THR B 247 16.93 -16.70 20.27
N ALA B 248 16.53 -15.64 20.99
CA ALA B 248 15.40 -14.83 20.55
C ALA B 248 15.74 -14.08 19.26
N PHE B 249 16.89 -13.39 19.21
CA PHE B 249 17.29 -12.74 17.98
C PHE B 249 17.32 -13.72 16.82
N LYS B 250 17.87 -14.91 17.06
CA LYS B 250 17.97 -15.92 16.00
C LYS B 250 16.59 -16.30 15.47
N GLU B 251 15.66 -16.61 16.39
CA GLU B 251 14.30 -16.96 16.02
C GLU B 251 13.69 -15.87 15.16
N PHE B 252 13.73 -14.63 15.65
CA PHE B 252 13.19 -13.50 14.91
C PHE B 252 13.85 -13.38 13.54
N PHE B 253 15.19 -13.39 13.50
CA PHE B 253 15.89 -13.23 12.23
C PHE B 253 15.50 -14.33 11.25
N GLN B 254 15.32 -15.56 11.74
CA GLN B 254 14.91 -16.64 10.85
C GLN B 254 13.52 -16.38 10.25
N ALA B 255 12.59 -15.91 11.07
CA ALA B 255 11.25 -15.62 10.57
C ALA B 255 11.27 -14.52 9.51
N ARG B 256 12.13 -13.51 9.69
CA ARG B 256 12.27 -12.47 8.68
C ARG B 256 12.92 -13.00 7.40
N LEU B 257 13.78 -14.01 7.53
CA LEU B 257 14.30 -14.69 6.34
C LEU B 257 13.18 -15.39 5.59
N ASP B 258 12.34 -16.17 6.29
CA ASP B 258 11.19 -16.80 5.64
C ASP B 258 10.33 -15.76 4.93
N ASP B 259 10.08 -14.61 5.58
CA ASP B 259 9.33 -13.53 4.93
C ASP B 259 9.93 -13.15 3.58
N MET B 260 11.24 -12.85 3.58
CA MET B 260 11.90 -12.46 2.33
C MET B 260 11.77 -13.54 1.28
N ILE B 261 11.97 -14.79 1.67
CA ILE B 261 11.96 -15.88 0.70
C ILE B 261 10.58 -16.06 0.11
N GLU B 262 9.53 -15.98 0.94
CA GLU B 262 8.18 -16.14 0.42
C GLU B 262 7.84 -15.02 -0.57
N ASP B 263 8.20 -13.78 -0.22
CA ASP B 263 8.00 -12.66 -1.14
C ASP B 263 8.73 -12.89 -2.47
N ILE B 264 10.02 -13.25 -2.41
CA ILE B 264 10.79 -13.44 -3.65
C ILE B 264 10.16 -14.52 -4.52
N GLU B 265 9.73 -15.62 -3.90
CA GLU B 265 9.16 -16.70 -4.67
C GLU B 265 7.81 -16.32 -5.28
N CYS B 266 7.06 -15.41 -4.63
CA CYS B 266 5.86 -14.89 -5.28
C CYS B 266 6.20 -13.88 -6.37
N ILE B 267 7.28 -13.11 -6.20
CA ILE B 267 7.73 -12.18 -7.23
C ILE B 267 8.03 -12.91 -8.54
N LYS B 268 8.43 -14.18 -8.44
CA LYS B 268 8.76 -14.97 -9.62
C LYS B 268 7.53 -15.39 -10.41
N ALA B 269 6.33 -15.12 -9.89
CA ALA B 269 5.12 -15.30 -10.68
C ALA B 269 4.84 -14.12 -11.60
N PHE B 270 5.37 -12.93 -11.30
CA PHE B 270 5.15 -11.77 -12.13
C PHE B 270 5.84 -11.93 -13.49
N ASP B 271 5.45 -11.09 -14.45
CA ASP B 271 6.08 -11.20 -15.76
C ASP B 271 7.58 -10.96 -15.66
N GLN B 272 8.29 -11.41 -16.71
CA GLN B 272 9.73 -11.56 -16.63
C GLN B 272 10.45 -10.24 -16.38
N LEU B 273 10.05 -9.18 -17.09
CA LEU B 273 10.71 -7.91 -16.88
C LEU B 273 10.39 -7.33 -15.48
N THR B 274 9.15 -7.49 -15.03
CA THR B 274 8.75 -6.91 -13.74
C THR B 274 9.50 -7.57 -12.59
N GLN B 275 9.54 -8.90 -12.56
CA GLN B 275 10.25 -9.57 -11.48
C GLN B 275 11.74 -9.27 -11.49
N ASP B 276 12.35 -9.13 -12.68
CA ASP B 276 13.74 -8.70 -12.77
C ASP B 276 13.95 -7.40 -12.01
N VAL B 277 13.05 -6.44 -12.20
CA VAL B 277 13.15 -5.14 -11.54
C VAL B 277 12.94 -5.29 -10.04
N PHE B 278 11.97 -6.10 -9.62
CA PHE B 278 11.71 -6.27 -8.19
C PHE B 278 12.93 -6.86 -7.49
N LEU B 279 13.52 -7.90 -8.09
CA LEU B 279 14.62 -8.59 -7.44
C LEU B 279 15.90 -7.76 -7.47
N ASP B 280 16.12 -6.99 -8.53
CA ASP B 280 17.28 -6.10 -8.54
C ASP B 280 17.16 -5.00 -7.48
N LEU B 281 15.94 -4.56 -7.19
CA LEU B 281 15.74 -3.59 -6.11
C LEU B 281 16.08 -4.21 -4.76
N ILE B 282 15.57 -5.41 -4.47
CA ILE B 282 15.84 -6.01 -3.17
C ILE B 282 17.32 -6.35 -3.04
N TYR B 283 17.87 -7.04 -4.03
CA TYR B 283 19.26 -7.47 -3.99
C TYR B 283 20.22 -6.29 -4.11
N GLY B 284 19.95 -5.36 -5.01
CA GLY B 284 20.77 -4.16 -5.11
C GLY B 284 20.85 -3.37 -3.82
N ASN B 285 19.71 -3.16 -3.17
CA ASN B 285 19.72 -2.44 -1.90
C ASN B 285 20.66 -3.11 -0.91
N PHE B 286 20.69 -4.45 -0.88
CA PHE B 286 21.54 -5.16 0.06
C PHE B 286 23.03 -4.88 -0.20
N VAL B 287 23.43 -4.88 -1.47
CA VAL B 287 24.80 -4.56 -1.82
C VAL B 287 25.17 -3.16 -1.35
N TRP B 288 24.36 -2.17 -1.70
CA TRP B 288 24.63 -0.80 -1.29
C TRP B 288 24.68 -0.69 0.22
N THR B 289 23.71 -1.30 0.90
CA THR B 289 23.63 -1.18 2.35
C THR B 289 24.88 -1.76 3.01
N THR B 290 25.38 -2.88 2.49
CA THR B 290 26.55 -3.50 3.10
C THR B 290 27.85 -3.08 2.44
N SER B 291 28.02 -1.79 2.15
CA SER B 291 29.29 -1.23 1.71
C SER B 291 29.38 0.26 2.00
N ASN B 292 28.24 0.93 2.18
CA ASN B 292 28.20 2.38 2.26
C ASN B 292 28.58 2.87 3.65
N LYS B 293 29.22 4.04 3.67
CA LYS B 293 29.57 4.67 4.93
C LYS B 293 28.36 4.83 5.84
N ARG B 294 27.18 5.08 5.24
CA ARG B 294 25.99 5.42 6.04
C ARG B 294 25.70 4.34 7.08
N TYR B 295 25.81 3.07 6.71
CA TYR B 295 25.49 1.96 7.58
C TYR B 295 26.73 1.39 8.27
N LYS B 296 27.84 2.12 8.25
CA LYS B 296 29.04 1.68 8.94
C LYS B 296 28.94 1.94 10.44
N THR B 297 28.50 3.13 10.84
CA THR B 297 28.56 3.52 12.24
C THR B 297 27.33 4.34 12.64
N ALA B 298 26.97 4.21 13.92
CA ALA B 298 25.72 4.77 14.45
C ALA B 298 25.60 6.27 14.16
N VAL B 299 26.65 7.03 14.47
CA VAL B 299 26.73 8.43 14.10
C VAL B 299 27.98 8.63 13.26
N ASN B 300 27.83 9.31 12.13
CA ASN B 300 28.96 9.81 11.35
C ASN B 300 28.49 11.06 10.62
N ASP B 301 29.39 11.67 9.84
CA ASP B 301 29.08 12.94 9.19
C ASP B 301 28.21 12.79 7.95
N VAL B 302 27.96 11.57 7.49
CA VAL B 302 27.01 11.35 6.40
C VAL B 302 25.68 10.81 6.89
N ASN B 303 25.58 10.39 8.16
CA ASN B 303 24.28 10.06 8.73
C ASN B 303 23.97 10.85 10.00
N SER B 304 24.75 11.88 10.32
CA SER B 304 24.42 12.65 11.50
C SER B 304 23.06 13.30 11.33
N ARG B 305 22.38 13.52 12.44
CA ARG B 305 21.18 14.35 12.39
C ARG B 305 21.54 15.74 11.91
N ILE B 306 20.78 16.21 10.92
CA ILE B 306 20.79 17.61 10.50
C ILE B 306 19.93 18.38 11.50
N GLN B 307 20.56 18.89 12.55
CA GLN B 307 19.91 19.44 13.74
C GLN B 307 19.36 20.83 13.43
N ALA B 308 18.11 21.05 13.82
CA ALA B 308 17.51 22.37 13.73
C ALA B 308 18.27 23.32 14.63
C2 AHD C . -15.71 -5.77 -4.00
C3 AHD C . -16.08 -4.63 -4.94
C7 AHD C . -16.89 -6.77 -4.02
C8 AHD C . -16.50 -8.18 -3.51
O12 AHD C . -19.18 -8.70 -3.59
P9 AHD C . -17.86 -9.39 -3.85
O10 AHD C . -17.76 -10.60 -2.98
O11 AHD C . -17.74 -9.88 -5.28
P14 AHD C . -14.98 -8.89 -4.28
O15 AHD C . -14.99 -8.72 -5.79
O16 AHD C . -14.94 -10.35 -3.91
O17 AHD C . -13.80 -8.14 -3.75
O13 AHD C . -16.25 -8.08 -2.15
N4 AHD C . -15.54 -3.38 -4.42
MG MG D . -16.35 -11.94 -6.29
MG MG E . -16.00 -11.62 -2.75
MG MG F . -13.24 -7.76 -6.69
C2 AHD G . 15.01 5.78 3.81
C3 AHD G . 14.96 7.03 2.91
C7 AHD G . 16.04 5.98 4.91
C8 AHD G . 16.17 4.72 5.76
O12 AHD G . 18.87 4.85 5.86
P9 AHD G . 17.71 4.76 6.79
O10 AHD G . 17.76 3.45 7.56
O11 AHD G . 17.69 5.99 7.65
P14 AHD G . 14.72 4.62 6.88
O15 AHD G . 14.60 5.97 7.50
O16 AHD G . 14.94 3.59 7.95
O17 AHD G . 13.52 4.18 6.08
O13 AHD G . 16.17 3.55 5.02
N4 AHD G . 14.55 6.64 1.57
MG MG H . 16.06 6.91 8.08
MG MG I . 12.96 7.12 7.83
MG MG J . 16.54 2.27 8.51
N SER A 16 -17.71 -26.90 -2.64
CA SER A 16 -17.49 -26.67 -1.23
C SER A 16 -18.25 -25.43 -0.78
N SER A 17 -18.64 -25.40 0.49
CA SER A 17 -19.51 -24.38 1.03
C SER A 17 -19.13 -24.13 2.49
N VAL A 18 -19.60 -23.01 3.03
CA VAL A 18 -19.42 -22.70 4.44
C VAL A 18 -20.74 -22.51 5.16
N ARG A 19 -21.87 -22.78 4.50
CA ARG A 19 -23.15 -22.57 5.17
C ARG A 19 -23.41 -23.59 6.27
N PRO A 20 -22.73 -24.75 6.33
CA PRO A 20 -22.73 -25.50 7.61
C PRO A 20 -21.91 -24.83 8.69
N TYR A 21 -21.58 -23.54 8.54
CA TYR A 21 -20.90 -22.76 9.57
C TYR A 21 -21.47 -21.37 9.76
N LEU A 22 -22.43 -20.97 8.93
CA LEU A 22 -23.00 -19.63 9.00
C LEU A 22 -23.48 -19.29 10.42
N GLU A 23 -24.24 -20.19 11.05
CA GLU A 23 -24.72 -19.93 12.42
C GLU A 23 -23.57 -19.53 13.34
N GLU A 24 -22.61 -20.41 13.55
CA GLU A 24 -21.56 -20.15 14.53
C GLU A 24 -20.81 -18.85 14.20
N CYS A 25 -20.36 -18.71 12.95
CA CYS A 25 -19.41 -17.66 12.60
C CYS A 25 -20.07 -16.28 12.54
N THR A 26 -21.35 -16.19 12.20
CA THR A 26 -22.04 -14.91 12.25
C THR A 26 -22.14 -14.42 13.68
N ARG A 27 -22.54 -15.29 14.59
CA ARG A 27 -22.54 -14.95 16.01
C ARG A 27 -21.17 -14.52 16.48
N ARG A 28 -20.12 -15.22 16.02
CA ARG A 28 -18.78 -14.96 16.53
C ARG A 28 -18.24 -13.64 15.96
N PHE A 29 -18.48 -13.38 14.67
CA PHE A 29 -18.25 -12.05 14.11
C PHE A 29 -18.95 -10.97 14.94
N GLN A 30 -20.26 -11.13 15.14
CA GLN A 30 -21.07 -10.15 15.86
C GLN A 30 -20.54 -9.93 17.27
N GLU A 31 -20.27 -11.02 17.99
CA GLU A 31 -19.66 -10.90 19.31
C GLU A 31 -18.39 -10.06 19.25
N MET A 32 -17.55 -10.32 18.25
CA MET A 32 -16.29 -9.59 18.11
C MET A 32 -16.53 -8.10 17.91
N PHE A 33 -17.48 -7.73 17.05
CA PHE A 33 -17.80 -6.32 16.86
C PHE A 33 -18.40 -5.72 18.14
N ASP A 34 -19.29 -6.44 18.81
CA ASP A 34 -19.85 -5.92 20.05
C ASP A 34 -18.76 -5.64 21.09
N ARG A 35 -17.69 -6.43 21.14
CA ARG A 35 -16.65 -6.19 22.14
C ARG A 35 -15.69 -5.08 21.72
N HIS A 36 -15.22 -5.10 20.48
CA HIS A 36 -14.10 -4.28 20.04
C HIS A 36 -14.48 -3.01 19.30
N VAL A 37 -15.65 -2.95 18.67
CA VAL A 37 -16.10 -1.76 17.98
C VAL A 37 -17.23 -1.08 18.75
N VAL A 38 -18.23 -1.86 19.17
CA VAL A 38 -19.28 -1.44 20.11
C VAL A 38 -20.28 -0.57 19.36
N THR A 39 -19.87 0.66 19.05
CA THR A 39 -20.67 1.58 18.23
C THR A 39 -21.14 0.94 16.94
N ARG A 40 -22.45 0.77 16.81
CA ARG A 40 -23.05 0.10 15.66
C ARG A 40 -23.21 1.06 14.47
N PRO A 41 -23.03 0.57 13.25
CA PRO A 41 -23.19 1.43 12.08
C PRO A 41 -24.65 1.86 11.88
N THR A 42 -24.82 3.01 11.23
CA THR A 42 -26.14 3.52 10.87
C THR A 42 -26.18 3.90 9.39
N LYS A 43 -27.30 3.58 8.73
CA LYS A 43 -27.43 3.68 7.29
C LYS A 43 -27.88 5.08 6.86
N VAL A 44 -27.12 5.70 5.95
CA VAL A 44 -27.38 7.05 5.47
C VAL A 44 -28.71 7.10 4.72
N GLU A 45 -29.45 8.19 4.89
CA GLU A 45 -30.76 8.35 4.27
C GLU A 45 -30.72 9.46 3.23
N LEU A 46 -30.87 9.09 1.97
CA LEU A 46 -30.95 10.04 0.87
C LEU A 46 -32.37 10.54 0.73
N THR A 47 -32.55 11.62 -0.03
CA THR A 47 -33.89 11.90 -0.55
C THR A 47 -34.11 11.08 -1.80
N ASP A 48 -35.38 10.86 -2.10
CA ASP A 48 -35.74 10.02 -3.24
C ASP A 48 -35.29 10.67 -4.55
N ALA A 49 -35.10 11.99 -4.55
CA ALA A 49 -34.39 12.65 -5.62
C ALA A 49 -32.95 12.12 -5.73
N GLU A 50 -32.24 12.10 -4.60
CA GLU A 50 -30.84 11.67 -4.60
C GLU A 50 -30.70 10.24 -5.09
N LEU A 51 -31.54 9.34 -4.57
CA LEU A 51 -31.44 7.95 -4.98
C LEU A 51 -31.68 7.79 -6.47
N ARG A 52 -32.50 8.67 -7.05
CA ARG A 52 -32.76 8.61 -8.49
C ARG A 52 -31.61 9.23 -9.29
N GLU A 53 -31.06 10.34 -8.82
CA GLU A 53 -29.90 10.93 -9.48
C GLU A 53 -28.73 9.95 -9.52
N VAL A 54 -28.46 9.27 -8.40
CA VAL A 54 -27.39 8.27 -8.36
C VAL A 54 -27.65 7.17 -9.39
N ILE A 55 -28.87 6.64 -9.39
CA ILE A 55 -29.21 5.56 -10.32
C ILE A 55 -29.15 6.04 -11.76
N ASP A 56 -29.54 7.28 -12.02
CA ASP A 56 -29.43 7.83 -13.36
C ASP A 56 -27.96 7.91 -13.80
N ASP A 57 -27.10 8.42 -12.93
CA ASP A 57 -25.67 8.38 -13.22
C ASP A 57 -25.17 6.96 -13.45
N CYS A 58 -25.52 6.03 -12.55
CA CYS A 58 -25.08 4.65 -12.70
C CYS A 58 -25.52 4.06 -14.04
N ASN A 59 -26.80 4.18 -14.38
CA ASN A 59 -27.28 3.58 -15.61
C ASN A 59 -26.60 4.19 -16.83
N ALA A 60 -26.32 5.49 -16.80
CA ALA A 60 -25.63 6.10 -17.93
C ALA A 60 -24.19 5.60 -18.05
N ALA A 61 -23.51 5.33 -16.92
CA ALA A 61 -22.11 4.92 -17.01
C ALA A 61 -21.98 3.53 -17.60
N VAL A 62 -22.88 2.61 -17.26
CA VAL A 62 -22.77 1.24 -17.77
C VAL A 62 -23.32 1.11 -19.19
N ALA A 63 -24.31 1.93 -19.56
CA ALA A 63 -24.97 1.83 -20.86
C ALA A 63 -24.01 1.64 -22.04
N PRO A 64 -22.92 2.40 -22.18
CA PRO A 64 -22.04 2.17 -23.33
C PRO A 64 -21.55 0.74 -23.44
N LEU A 65 -21.45 0.00 -22.33
CA LEU A 65 -21.10 -1.41 -22.36
C LEU A 65 -22.22 -2.27 -22.91
N GLY A 66 -23.46 -1.81 -22.88
CA GLY A 66 -24.56 -2.53 -23.47
C GLY A 66 -25.37 -3.33 -22.49
N LYS A 67 -25.09 -3.22 -21.19
CA LYS A 67 -25.80 -3.98 -20.18
C LYS A 67 -26.78 -3.06 -19.45
N THR A 68 -27.90 -3.65 -19.04
CA THR A 68 -28.90 -2.96 -18.25
C THR A 68 -28.85 -3.53 -16.85
N VAL A 69 -29.23 -2.71 -15.88
CA VAL A 69 -29.16 -3.10 -14.48
C VAL A 69 -30.48 -2.72 -13.83
N SER A 70 -31.15 -3.70 -13.26
CA SER A 70 -32.39 -3.46 -12.54
C SER A 70 -32.13 -2.55 -11.34
N ASP A 71 -33.16 -1.81 -10.93
CA ASP A 71 -33.00 -0.93 -9.77
C ASP A 71 -32.91 -1.72 -8.48
N GLU A 72 -33.18 -3.02 -8.53
CA GLU A 72 -32.90 -3.87 -7.39
C GLU A 72 -31.41 -4.17 -7.30
N ARG A 73 -30.80 -4.60 -8.42
CA ARG A 73 -29.38 -4.98 -8.41
C ARG A 73 -28.48 -3.77 -8.25
N TRP A 74 -28.92 -2.59 -8.71
CA TRP A 74 -28.22 -1.36 -8.33
C TRP A 74 -28.22 -1.19 -6.83
N ILE A 75 -29.38 -1.38 -6.21
CA ILE A 75 -29.53 -1.00 -4.80
C ILE A 75 -28.88 -2.04 -3.88
N SER A 76 -28.85 -3.30 -4.28
CA SER A 76 -28.05 -4.27 -3.54
C SER A 76 -26.57 -3.92 -3.61
N TYR A 77 -26.14 -3.23 -4.66
CA TYR A 77 -24.79 -2.67 -4.69
C TYR A 77 -24.68 -1.46 -3.77
N VAL A 78 -25.67 -0.57 -3.83
CA VAL A 78 -25.58 0.70 -3.12
C VAL A 78 -25.70 0.56 -1.61
N GLY A 79 -26.15 -0.60 -1.12
CA GLY A 79 -26.26 -0.78 0.31
C GLY A 79 -24.95 -0.60 1.04
N VAL A 80 -23.84 -1.03 0.41
CA VAL A 80 -22.57 -0.96 1.14
C VAL A 80 -22.16 0.49 1.41
N VAL A 81 -22.42 1.41 0.47
CA VAL A 81 -22.11 2.81 0.72
C VAL A 81 -23.09 3.41 1.72
N LEU A 82 -24.37 3.01 1.64
CA LEU A 82 -25.32 3.54 2.59
C LEU A 82 -24.96 3.16 4.03
N TRP A 83 -24.41 1.96 4.24
CA TRP A 83 -24.18 1.41 5.57
C TRP A 83 -22.78 1.63 6.12
N SER A 84 -21.80 1.99 5.30
CA SER A 84 -20.41 1.83 5.72
C SER A 84 -19.60 3.12 5.64
N GLN A 85 -20.22 4.24 5.34
CA GLN A 85 -19.57 5.52 5.58
C GLN A 85 -19.77 5.83 7.05
N SER A 86 -19.51 7.05 7.49
CA SER A 86 -19.62 7.41 8.90
C SER A 86 -20.50 8.65 9.03
N PRO A 87 -21.82 8.47 9.11
CA PRO A 87 -22.74 9.62 8.94
C PRO A 87 -22.42 10.80 9.83
N ARG A 88 -21.87 10.58 11.03
CA ARG A 88 -21.75 11.68 11.97
C ARG A 88 -20.71 12.69 11.53
N HIS A 89 -19.87 12.36 10.54
CA HIS A 89 -18.79 13.24 10.13
C HIS A 89 -18.92 13.79 8.71
N ILE A 90 -19.95 13.38 7.96
CA ILE A 90 -20.04 13.77 6.55
C ILE A 90 -20.07 15.28 6.41
N LYS A 91 -19.16 15.84 5.63
CA LYS A 91 -19.16 17.29 5.40
C LYS A 91 -19.53 17.72 3.98
N ASP A 92 -19.54 16.81 3.01
CA ASP A 92 -19.78 17.19 1.62
C ASP A 92 -20.63 16.08 0.99
N MET A 93 -21.91 16.38 0.77
CA MET A 93 -22.84 15.42 0.22
C MET A 93 -22.64 15.18 -1.27
N GLU A 94 -22.02 16.10 -2.00
CA GLU A 94 -21.72 15.84 -3.41
C GLU A 94 -20.65 14.78 -3.54
N ALA A 95 -19.60 14.88 -2.72
CA ALA A 95 -18.61 13.81 -2.67
C ALA A 95 -19.26 12.50 -2.27
N PHE A 96 -20.26 12.55 -1.38
CA PHE A 96 -20.90 11.32 -0.94
C PHE A 96 -21.60 10.62 -2.11
N LYS A 97 -22.30 11.40 -2.94
CA LYS A 97 -23.03 10.80 -4.06
C LYS A 97 -22.09 10.27 -5.12
N ALA A 98 -20.94 10.93 -5.31
CA ALA A 98 -19.91 10.40 -6.19
C ALA A 98 -19.50 9.00 -5.78
N VAL A 99 -19.21 8.80 -4.50
CA VAL A 99 -18.81 7.49 -4.02
C VAL A 99 -19.94 6.49 -4.22
N CYS A 100 -21.19 6.92 -3.94
CA CYS A 100 -22.36 6.12 -4.28
C CYS A 100 -22.34 5.66 -5.73
N VAL A 101 -22.08 6.59 -6.66
CA VAL A 101 -22.07 6.23 -8.08
C VAL A 101 -20.84 5.39 -8.42
N LEU A 102 -19.66 5.89 -8.09
CA LEU A 102 -18.43 5.18 -8.45
C LEU A 102 -18.43 3.77 -7.88
N ASN A 103 -18.79 3.60 -6.62
CA ASN A 103 -18.81 2.26 -6.05
C ASN A 103 -19.79 1.34 -6.79
N CYS A 104 -21.02 1.82 -7.03
CA CYS A 104 -22.02 0.97 -7.65
C CYS A 104 -21.58 0.47 -9.03
N VAL A 105 -20.93 1.31 -9.83
CA VAL A 105 -20.61 0.92 -11.19
C VAL A 105 -19.39 0.00 -11.24
N THR A 106 -18.47 0.12 -10.25
CA THR A 106 -17.37 -0.87 -10.15
C THR A 106 -17.91 -2.25 -9.90
N PHE A 107 -18.97 -2.33 -9.12
CA PHE A 107 -19.58 -3.62 -8.81
C PHE A 107 -20.10 -4.29 -10.07
N VAL A 108 -20.74 -3.53 -10.97
CA VAL A 108 -21.12 -4.08 -12.27
C VAL A 108 -19.90 -4.65 -12.99
N TRP A 109 -18.82 -3.86 -13.04
CA TRP A 109 -17.59 -4.29 -13.70
C TRP A 109 -17.01 -5.54 -13.07
N ASP A 110 -17.02 -5.61 -11.74
CA ASP A 110 -16.53 -6.78 -11.04
C ASP A 110 -17.27 -8.03 -11.48
N ASP A 111 -18.60 -7.93 -11.60
CA ASP A 111 -19.49 -9.03 -11.94
C ASP A 111 -19.70 -9.23 -13.43
N MET A 112 -18.90 -8.61 -14.29
CA MET A 112 -19.08 -8.74 -15.73
C MET A 112 -18.09 -9.74 -16.32
N ASP A 113 -18.53 -10.43 -17.36
CA ASP A 113 -17.71 -11.38 -18.09
C ASP A 113 -16.41 -10.73 -18.58
N PRO A 114 -15.28 -11.41 -18.46
CA PRO A 114 -13.98 -10.74 -18.73
C PRO A 114 -13.80 -10.21 -20.15
N ALA A 115 -14.56 -10.71 -21.14
CA ALA A 115 -14.46 -10.15 -22.47
C ALA A 115 -15.47 -9.02 -22.68
N LEU A 116 -16.49 -8.97 -21.84
CA LEU A 116 -17.47 -7.88 -21.89
C LEU A 116 -16.87 -6.52 -21.65
N HIS A 117 -15.73 -6.48 -20.94
CA HIS A 117 -15.08 -5.22 -20.57
C HIS A 117 -14.70 -4.44 -21.82
N ASP A 118 -14.71 -3.12 -21.72
CA ASP A 118 -14.30 -2.24 -22.80
C ASP A 118 -13.85 -0.94 -22.18
N PHE A 119 -12.55 -0.67 -22.21
CA PHE A 119 -12.00 0.48 -21.51
C PHE A 119 -12.24 1.77 -22.28
N GLY A 120 -12.35 1.69 -23.60
CA GLY A 120 -12.64 2.89 -24.37
C GLY A 120 -14.02 3.45 -24.07
N LEU A 121 -14.96 2.59 -23.72
CA LEU A 121 -16.32 3.04 -23.46
C LEU A 121 -16.64 3.23 -21.98
N PHE A 122 -15.82 2.72 -21.07
CA PHE A 122 -16.19 2.81 -19.66
C PHE A 122 -15.35 3.83 -18.91
N LEU A 123 -14.04 3.86 -19.16
CA LEU A 123 -13.18 4.88 -18.58
C LEU A 123 -13.67 6.30 -18.80
N PRO A 124 -14.14 6.71 -20.00
CA PRO A 124 -14.75 8.05 -20.10
C PRO A 124 -15.93 8.28 -19.16
N GLN A 125 -16.77 7.27 -18.96
CA GLN A 125 -17.88 7.41 -18.02
C GLN A 125 -17.37 7.63 -16.59
N LEU A 126 -16.34 6.88 -16.19
CA LEU A 126 -15.74 7.08 -14.87
C LEU A 126 -15.26 8.51 -14.71
N ARG A 127 -14.54 9.02 -15.70
CA ARG A 127 -14.07 10.40 -15.61
C ARG A 127 -15.24 11.36 -15.48
N LYS A 128 -16.30 11.16 -16.26
CA LYS A 128 -17.43 12.09 -16.19
C LYS A 128 -18.03 12.12 -14.80
N ILE A 129 -18.27 10.94 -14.20
CA ILE A 129 -18.78 10.87 -12.83
C ILE A 129 -17.91 11.70 -11.87
N CYS A 130 -16.59 11.44 -11.88
CA CYS A 130 -15.68 12.15 -10.98
C CYS A 130 -15.71 13.65 -11.25
N GLU A 131 -15.73 14.05 -12.51
CA GLU A 131 -15.81 15.47 -12.82
C GLU A 131 -17.17 16.04 -12.43
N LYS A 132 -18.21 15.21 -12.38
CA LYS A 132 -19.54 15.70 -12.04
C LYS A 132 -19.63 16.11 -10.56
N TYR A 133 -18.90 15.42 -9.68
CA TYR A 133 -19.14 15.52 -8.25
C TYR A 133 -17.98 16.10 -7.44
N TYR A 134 -16.78 16.14 -8.00
CA TYR A 134 -15.58 16.48 -7.23
C TYR A 134 -14.96 17.78 -7.73
N GLY A 135 -14.15 18.40 -6.88
CA GLY A 135 -13.25 19.44 -7.34
C GLY A 135 -12.15 18.82 -8.19
N PRO A 136 -11.50 19.64 -9.05
CA PRO A 136 -10.53 19.08 -10.01
C PRO A 136 -9.46 18.20 -9.37
N GLU A 137 -8.85 18.60 -8.26
CA GLU A 137 -7.78 17.78 -7.72
C GLU A 137 -8.32 16.44 -7.22
N ASP A 138 -9.45 16.47 -6.50
CA ASP A 138 -10.09 15.24 -6.06
C ASP A 138 -10.58 14.40 -7.23
N ALA A 139 -11.08 15.04 -8.29
CA ALA A 139 -11.59 14.29 -9.42
C ALA A 139 -10.48 13.42 -10.03
N GLU A 140 -9.26 13.98 -10.14
CA GLU A 140 -8.16 13.19 -10.66
C GLU A 140 -7.79 12.06 -9.71
N VAL A 141 -7.86 12.31 -8.39
CA VAL A 141 -7.51 11.26 -7.44
C VAL A 141 -8.54 10.15 -7.49
N ALA A 142 -9.82 10.51 -7.46
CA ALA A 142 -10.87 9.51 -7.57
C ALA A 142 -10.76 8.73 -8.88
N TYR A 143 -10.53 9.43 -9.99
CA TYR A 143 -10.54 8.77 -11.28
C TYR A 143 -9.35 7.83 -11.44
N GLU A 144 -8.15 8.27 -11.03
CA GLU A 144 -7.00 7.36 -11.07
C GLU A 144 -7.28 6.07 -10.31
N ALA A 145 -7.87 6.18 -9.12
CA ALA A 145 -8.14 4.99 -8.31
C ALA A 145 -9.23 4.12 -8.94
N ALA A 146 -10.21 4.73 -9.59
CA ALA A 146 -11.20 3.97 -10.33
C ALA A 146 -10.55 3.22 -11.49
N ARG A 147 -9.77 3.94 -12.30
CA ARG A 147 -9.03 3.33 -13.40
C ARG A 147 -8.16 2.16 -12.91
N ALA A 148 -7.43 2.37 -11.81
CA ALA A 148 -6.55 1.33 -11.29
C ALA A 148 -7.35 0.11 -10.83
N PHE A 149 -8.49 0.32 -10.19
CA PHE A 149 -9.31 -0.82 -9.75
C PHE A 149 -9.81 -1.65 -10.94
N VAL A 150 -10.41 -1.01 -11.93
CA VAL A 150 -11.01 -1.78 -13.02
C VAL A 150 -9.93 -2.43 -13.87
N THR A 151 -8.81 -1.74 -14.09
CA THR A 151 -7.68 -2.32 -14.79
C THR A 151 -7.12 -3.51 -14.03
N SER A 152 -7.08 -3.43 -12.70
CA SER A 152 -6.58 -4.54 -11.89
C SER A 152 -7.50 -5.74 -11.98
N ASP A 153 -8.80 -5.55 -11.76
CA ASP A 153 -9.74 -6.67 -11.86
C ASP A 153 -9.64 -7.33 -13.24
N HIS A 154 -9.48 -6.53 -14.29
CA HIS A 154 -9.37 -7.09 -15.64
C HIS A 154 -8.09 -7.90 -15.80
N MET A 155 -6.94 -7.30 -15.47
CA MET A 155 -5.68 -7.96 -15.82
C MET A 155 -5.37 -9.15 -14.92
N PHE A 156 -6.11 -9.33 -13.82
CA PHE A 156 -5.84 -10.46 -12.96
C PHE A 156 -6.75 -11.65 -13.18
N ARG A 157 -7.83 -11.52 -13.95
CA ARG A 157 -8.41 -12.72 -14.53
C ARG A 157 -7.32 -13.39 -15.34
N ASP A 158 -7.19 -14.70 -15.21
CA ASP A 158 -6.08 -15.46 -15.80
C ASP A 158 -4.74 -14.74 -15.59
N SER A 159 -4.39 -14.59 -14.33
CA SER A 159 -3.01 -14.24 -14.03
C SER A 159 -2.42 -15.29 -13.12
N PRO A 160 -1.24 -15.85 -13.42
CA PRO A 160 -0.55 -16.67 -12.41
C PRO A 160 -0.21 -15.86 -11.17
N ILE A 161 -0.18 -14.54 -11.28
CA ILE A 161 0.07 -13.69 -10.12
C ILE A 161 -1.04 -13.87 -9.10
N LYS A 162 -2.29 -13.80 -9.56
CA LYS A 162 -3.42 -13.96 -8.65
C LYS A 162 -3.42 -15.34 -8.01
N ALA A 163 -3.17 -16.38 -8.83
CA ALA A 163 -3.10 -17.74 -8.30
C ALA A 163 -2.01 -17.87 -7.24
N ALA A 164 -0.81 -17.37 -7.53
CA ALA A 164 0.28 -17.49 -6.56
C ALA A 164 -0.06 -16.78 -5.25
N LEU A 165 -0.41 -15.49 -5.32
CA LEU A 165 -0.69 -14.70 -4.13
C LEU A 165 -1.86 -15.27 -3.31
N CYS A 166 -2.86 -15.85 -3.98
CA CYS A 166 -4.04 -16.37 -3.30
C CYS A 166 -3.88 -17.81 -2.83
N THR A 167 -2.82 -18.51 -3.24
CA THR A 167 -2.64 -19.89 -2.81
C THR A 167 -1.38 -20.10 -1.99
N THR A 168 -0.74 -19.02 -1.51
CA THR A 168 0.52 -19.20 -0.80
C THR A 168 0.37 -19.06 0.70
N SER A 169 -0.11 -17.91 1.17
CA SER A 169 -0.33 -17.67 2.60
C SER A 169 -1.39 -16.58 2.73
N PRO A 170 -2.02 -16.45 3.90
CA PRO A 170 -2.89 -15.28 4.13
C PRO A 170 -2.19 -13.97 3.82
N GLU A 171 -0.90 -13.88 4.11
CA GLU A 171 -0.18 -12.62 4.01
C GLU A 171 0.00 -12.20 2.55
N GLN A 172 0.31 -13.14 1.66
CA GLN A 172 0.33 -12.80 0.23
C GLN A 172 -1.07 -12.43 -0.23
N TYR A 173 -2.07 -13.16 0.24
CA TYR A 173 -3.43 -12.96 -0.23
C TYR A 173 -3.95 -11.58 0.14
N PHE A 174 -3.83 -11.19 1.42
CA PHE A 174 -4.35 -9.90 1.82
C PHE A 174 -3.58 -8.76 1.13
N ARG A 175 -2.30 -8.98 0.85
CA ARG A 175 -1.54 -8.01 0.06
C ARG A 175 -2.20 -7.75 -1.30
N PHE A 176 -2.66 -8.81 -1.97
CA PHE A 176 -3.37 -8.64 -3.23
C PHE A 176 -4.69 -7.89 -3.01
N ARG A 177 -5.42 -8.23 -1.95
CA ARG A 177 -6.75 -7.69 -1.70
C ARG A 177 -6.77 -6.19 -1.39
N VAL A 178 -5.67 -5.62 -0.90
CA VAL A 178 -5.60 -4.17 -0.69
C VAL A 178 -6.12 -3.42 -1.92
N THR A 179 -5.64 -3.80 -3.10
CA THR A 179 -6.18 -3.24 -4.34
C THR A 179 -7.45 -3.97 -4.75
N ASP A 180 -7.44 -5.29 -4.73
CA ASP A 180 -8.40 -6.04 -5.55
C ASP A 180 -9.81 -5.98 -4.96
N ILE A 181 -9.95 -5.92 -3.63
CA ILE A 181 -11.29 -5.81 -3.06
C ILE A 181 -11.85 -4.41 -3.27
N GLY A 182 -11.01 -3.43 -3.58
CA GLY A 182 -11.48 -2.09 -3.84
C GLY A 182 -11.35 -1.11 -2.70
N VAL A 183 -10.73 -1.50 -1.57
CA VAL A 183 -10.69 -0.59 -0.43
C VAL A 183 -9.76 0.59 -0.69
N ASP A 184 -8.65 0.38 -1.44
CA ASP A 184 -7.80 1.52 -1.75
C ASP A 184 -8.55 2.53 -2.60
N PHE A 185 -9.34 2.04 -3.57
CA PHE A 185 -10.23 2.89 -4.35
C PHE A 185 -11.22 3.62 -3.44
N TRP A 186 -11.89 2.87 -2.55
CA TRP A 186 -12.85 3.44 -1.60
C TRP A 186 -12.29 4.66 -0.87
N MET A 187 -11.13 4.50 -0.26
CA MET A 187 -10.55 5.59 0.52
C MET A 187 -10.22 6.79 -0.34
N LYS A 188 -9.72 6.55 -1.55
CA LYS A 188 -9.28 7.64 -2.40
C LYS A 188 -10.43 8.38 -3.07
N MET A 189 -11.62 7.77 -3.12
CA MET A 189 -12.81 8.49 -3.56
C MET A 189 -13.63 9.06 -2.40
N SER A 190 -13.49 8.51 -1.19
CA SER A 190 -14.30 8.89 -0.04
C SER A 190 -13.74 10.02 0.79
N TYR A 191 -12.44 10.32 0.70
CA TYR A 191 -11.90 11.39 1.54
C TYR A 191 -12.51 12.76 1.25
N PRO A 192 -12.95 13.11 0.04
CA PRO A 192 -13.69 14.37 -0.11
C PRO A 192 -14.98 14.43 0.70
N ILE A 193 -15.58 13.30 1.04
CA ILE A 193 -16.80 13.28 1.85
C ILE A 193 -16.59 14.00 3.18
N TYR A 194 -15.41 13.82 3.79
CA TYR A 194 -15.16 14.27 5.15
C TYR A 194 -14.28 15.50 5.26
N ARG A 195 -13.50 15.83 4.22
CA ARG A 195 -12.55 16.94 4.26
C ARG A 195 -11.79 16.96 5.58
N HIS A 196 -11.42 15.79 6.07
CA HIS A 196 -10.68 15.62 7.31
C HIS A 196 -9.21 15.41 6.98
N PRO A 197 -8.34 16.39 7.27
CA PRO A 197 -6.94 16.31 6.78
C PRO A 197 -6.17 15.05 7.16
N GLU A 198 -6.45 14.45 8.31
CA GLU A 198 -5.77 13.19 8.63
C GLU A 198 -6.25 12.07 7.73
N PHE A 199 -7.58 11.95 7.55
CA PHE A 199 -8.11 10.90 6.71
C PHE A 199 -7.63 11.04 5.27
N THR A 200 -7.48 12.28 4.80
CA THR A 200 -7.03 12.51 3.44
C THR A 200 -5.61 12.02 3.25
N GLU A 201 -4.74 12.28 4.23
CA GLU A 201 -3.35 11.82 4.12
C GLU A 201 -3.26 10.29 4.18
N HIS A 202 -3.92 9.66 5.17
CA HIS A 202 -3.95 8.20 5.22
C HIS A 202 -4.57 7.60 3.96
N ALA A 203 -5.55 8.28 3.35
CA ALA A 203 -6.12 7.78 2.11
C ALA A 203 -5.11 7.83 0.99
N LYS A 204 -4.34 8.91 0.88
CA LYS A 204 -3.41 9.11 -0.21
C LYS A 204 -2.13 8.30 -0.06
N THR A 205 -1.71 7.96 1.16
CA THR A 205 -0.62 6.99 1.32
C THR A 205 -1.08 5.56 1.17
N SER A 206 -2.39 5.31 1.16
CA SER A 206 -3.03 4.01 1.24
C SER A 206 -2.86 3.34 2.60
N LEU A 207 -2.27 4.02 3.59
CA LEU A 207 -2.30 3.45 4.94
C LEU A 207 -3.73 3.14 5.37
N ALA A 208 -4.68 4.02 5.00
CA ALA A 208 -6.08 3.78 5.35
C ALA A 208 -6.57 2.46 4.79
N ALA A 209 -6.31 2.22 3.50
CA ALA A 209 -6.71 0.96 2.88
C ALA A 209 -6.04 -0.22 3.57
N ARG A 210 -4.73 -0.08 3.87
CA ARG A 210 -4.01 -1.19 4.47
C ARG A 210 -4.55 -1.52 5.85
N MET A 211 -4.91 -0.49 6.63
CA MET A 211 -5.44 -0.73 7.98
C MET A 211 -6.76 -1.50 7.93
N THR A 212 -7.57 -1.27 6.89
CA THR A 212 -8.92 -1.80 6.84
C THR A 212 -9.06 -3.05 5.97
N THR A 213 -7.99 -3.48 5.29
CA THR A 213 -8.13 -4.53 4.29
C THR A 213 -8.64 -5.83 4.91
N ARG A 214 -8.05 -6.27 6.02
CA ARG A 214 -8.40 -7.58 6.52
C ARG A 214 -9.81 -7.59 7.10
N GLY A 215 -10.20 -6.54 7.79
CA GLY A 215 -11.55 -6.49 8.33
C GLY A 215 -12.62 -6.61 7.26
N LEU A 216 -12.44 -5.87 6.16
CA LEU A 216 -13.37 -5.94 5.03
C LEU A 216 -13.29 -7.30 4.33
N THR A 217 -12.07 -7.74 4.00
CA THR A 217 -11.89 -8.91 3.15
C THR A 217 -12.30 -10.20 3.85
N ILE A 218 -11.95 -10.34 5.13
CA ILE A 218 -12.31 -11.57 5.84
C ILE A 218 -13.83 -11.72 5.91
N VAL A 219 -14.53 -10.63 6.24
CA VAL A 219 -15.99 -10.66 6.29
C VAL A 219 -16.56 -11.02 4.92
N ASN A 220 -16.18 -10.25 3.89
CA ASN A 220 -16.65 -10.53 2.54
C ASN A 220 -16.32 -11.95 2.11
N ASP A 221 -15.11 -12.40 2.36
CA ASP A 221 -14.72 -13.74 1.93
C ASP A 221 -15.64 -14.80 2.55
N PHE A 222 -15.99 -14.64 3.83
CA PHE A 222 -16.81 -15.68 4.44
C PHE A 222 -18.19 -15.74 3.79
N TYR A 223 -18.89 -14.60 3.74
CA TYR A 223 -20.26 -14.59 3.27
C TYR A 223 -20.38 -14.60 1.76
N SER A 224 -19.26 -14.54 1.03
CA SER A 224 -19.27 -14.65 -0.42
C SER A 224 -18.45 -15.83 -0.91
N TYR A 225 -17.97 -16.67 0.01
CA TYR A 225 -17.29 -17.91 -0.35
C TYR A 225 -18.16 -18.78 -1.25
N ASP A 226 -19.46 -18.83 -0.96
CA ASP A 226 -20.32 -19.81 -1.60
C ASP A 226 -20.56 -19.46 -3.06
N ARG A 227 -20.89 -18.20 -3.34
CA ARG A 227 -21.00 -17.75 -4.72
C ARG A 227 -19.69 -17.98 -5.47
N GLU A 228 -18.57 -17.52 -4.91
CA GLU A 228 -17.30 -17.53 -5.64
C GLU A 228 -16.81 -18.94 -5.92
N VAL A 229 -17.01 -19.88 -5.00
CA VAL A 229 -16.68 -21.27 -5.31
C VAL A 229 -17.58 -21.78 -6.43
N SER A 230 -18.86 -21.43 -6.40
CA SER A 230 -19.76 -21.89 -7.45
C SER A 230 -19.40 -21.27 -8.80
N LEU A 231 -18.69 -20.14 -8.78
CA LEU A 231 -18.24 -19.52 -10.01
C LEU A 231 -16.77 -19.79 -10.30
N GLY A 232 -16.15 -20.73 -9.58
CA GLY A 232 -14.75 -21.05 -9.79
C GLY A 232 -13.78 -19.92 -9.52
N GLN A 233 -14.17 -18.97 -8.67
CA GLN A 233 -13.32 -17.83 -8.35
C GLN A 233 -12.35 -18.21 -7.23
N ILE A 234 -11.08 -17.80 -7.37
CA ILE A 234 -10.05 -18.21 -6.42
C ILE A 234 -9.74 -17.14 -5.37
N THR A 235 -10.22 -15.90 -5.55
CA THR A 235 -9.82 -14.80 -4.67
C THR A 235 -10.66 -14.83 -3.40
N ASN A 236 -10.24 -15.67 -2.45
CA ASN A 236 -11.00 -15.87 -1.21
C ASN A 236 -10.12 -16.63 -0.22
N CYS A 237 -9.76 -15.98 0.90
CA CYS A 237 -8.79 -16.58 1.83
C CYS A 237 -9.25 -17.92 2.38
N PHE A 238 -10.55 -18.19 2.41
CA PHE A 238 -10.96 -19.47 2.95
C PHE A 238 -10.64 -20.63 2.03
N ARG A 239 -10.25 -20.36 0.78
CA ARG A 239 -9.69 -21.45 -0.02
C ARG A 239 -8.33 -21.90 0.49
N LEU A 240 -7.68 -21.11 1.34
CA LEU A 240 -6.44 -21.53 1.94
C LEU A 240 -6.63 -22.63 3.00
N CYS A 241 -7.81 -22.75 3.59
CA CYS A 241 -8.07 -23.81 4.55
C CYS A 241 -9.09 -24.79 3.96
N ASP A 242 -9.30 -25.90 4.66
CA ASP A 242 -10.36 -26.85 4.29
C ASP A 242 -11.63 -26.43 5.04
N VAL A 243 -12.69 -26.12 4.30
CA VAL A 243 -13.90 -25.70 4.98
C VAL A 243 -14.67 -26.90 5.49
N SER A 244 -14.57 -28.05 4.83
CA SER A 244 -15.33 -29.22 5.29
C SER A 244 -14.72 -29.80 6.55
N ASP A 245 -13.40 -29.99 6.57
CA ASP A 245 -12.70 -30.43 7.76
C ASP A 245 -12.93 -29.41 8.86
N GLU A 246 -13.76 -29.76 9.83
CA GLU A 246 -14.30 -28.76 10.74
C GLU A 246 -13.29 -28.28 11.76
N THR A 247 -12.30 -29.10 12.11
CA THR A 247 -11.26 -28.64 13.01
C THR A 247 -10.39 -27.59 12.35
N ALA A 248 -9.70 -27.97 11.27
CA ALA A 248 -8.87 -27.00 10.55
C ALA A 248 -9.64 -25.73 10.23
N PHE A 249 -10.93 -25.85 9.93
CA PHE A 249 -11.74 -24.64 9.72
C PHE A 249 -11.84 -23.83 11.01
N LYS A 250 -12.10 -24.49 12.15
CA LYS A 250 -12.14 -23.76 13.41
C LYS A 250 -10.81 -23.10 13.71
N GLU A 251 -9.70 -23.78 13.39
CA GLU A 251 -8.36 -23.22 13.58
C GLU A 251 -8.18 -21.97 12.74
N PHE A 252 -8.40 -22.11 11.42
CA PHE A 252 -8.24 -21.01 10.48
C PHE A 252 -9.19 -19.86 10.79
N PHE A 253 -10.45 -20.16 11.09
CA PHE A 253 -11.39 -19.08 11.36
C PHE A 253 -10.95 -18.28 12.58
N GLN A 254 -10.37 -18.96 13.58
CA GLN A 254 -9.85 -18.26 14.73
C GLN A 254 -8.73 -17.29 14.36
N ALA A 255 -7.76 -17.75 13.57
CA ALA A 255 -6.64 -16.87 13.21
C ALA A 255 -7.12 -15.64 12.44
N ARG A 256 -8.11 -15.80 11.54
CA ARG A 256 -8.67 -14.63 10.85
C ARG A 256 -9.39 -13.70 11.82
N LEU A 257 -10.14 -14.25 12.77
CA LEU A 257 -10.74 -13.40 13.79
C LEU A 257 -9.67 -12.62 14.55
N ASP A 258 -8.55 -13.28 14.91
CA ASP A 258 -7.48 -12.58 15.60
C ASP A 258 -6.88 -11.48 14.71
N ASP A 259 -6.77 -11.75 13.41
CA ASP A 259 -6.35 -10.72 12.46
C ASP A 259 -7.21 -9.47 12.60
N MET A 260 -8.53 -9.65 12.55
CA MET A 260 -9.44 -8.51 12.63
C MET A 260 -9.27 -7.74 13.93
N ILE A 261 -9.14 -8.46 15.06
CA ILE A 261 -9.05 -7.80 16.36
C ILE A 261 -7.78 -6.97 16.45
N GLU A 262 -6.66 -7.51 15.97
CA GLU A 262 -5.40 -6.77 16.04
C GLU A 262 -5.47 -5.49 15.21
N ASP A 263 -6.02 -5.60 13.99
CA ASP A 263 -6.24 -4.43 13.16
C ASP A 263 -7.12 -3.41 13.87
N ILE A 264 -8.24 -3.88 14.45
CA ILE A 264 -9.18 -2.95 15.07
C ILE A 264 -8.53 -2.21 16.24
N GLU A 265 -7.78 -2.92 17.08
CA GLU A 265 -7.09 -2.24 18.20
C GLU A 265 -6.06 -1.22 17.68
N CYS A 266 -5.34 -1.55 16.61
CA CYS A 266 -4.40 -0.58 16.07
C CYS A 266 -5.13 0.61 15.44
N ILE A 267 -6.28 0.38 14.82
CA ILE A 267 -7.08 1.47 14.26
C ILE A 267 -7.49 2.44 15.35
N LYS A 268 -7.82 1.93 16.54
CA LYS A 268 -8.20 2.77 17.66
C LYS A 268 -7.08 3.70 18.12
N ALA A 269 -5.87 3.55 17.55
CA ALA A 269 -4.77 4.46 17.87
C ALA A 269 -4.76 5.69 16.98
N PHE A 270 -5.44 5.62 15.84
CA PHE A 270 -5.59 6.77 14.97
C PHE A 270 -6.42 7.86 15.67
N ASP A 271 -6.57 8.99 15.00
CA ASP A 271 -7.35 10.08 15.57
C ASP A 271 -8.84 9.71 15.56
N GLN A 272 -9.60 10.46 16.36
CA GLN A 272 -10.97 10.05 16.66
C GLN A 272 -11.83 9.95 15.40
N LEU A 273 -11.87 11.01 14.59
CA LEU A 273 -12.68 10.96 13.38
C LEU A 273 -12.20 9.85 12.44
N THR A 274 -10.89 9.77 12.21
CA THR A 274 -10.35 8.73 11.33
C THR A 274 -10.78 7.34 11.77
N GLN A 275 -10.58 7.03 13.06
CA GLN A 275 -10.96 5.73 13.61
C GLN A 275 -12.45 5.45 13.43
N ASP A 276 -13.28 6.48 13.50
CA ASP A 276 -14.71 6.28 13.27
C ASP A 276 -14.97 5.81 11.85
N VAL A 277 -14.39 6.49 10.86
CA VAL A 277 -14.60 6.09 9.47
C VAL A 277 -14.16 4.65 9.26
N PHE A 278 -12.94 4.31 9.71
CA PHE A 278 -12.39 2.97 9.54
C PHE A 278 -13.30 1.90 10.14
N LEU A 279 -13.70 2.10 11.41
CA LEU A 279 -14.54 1.09 12.07
C LEU A 279 -15.94 1.03 11.48
N ASP A 280 -16.55 2.20 11.20
CA ASP A 280 -17.86 2.19 10.56
C ASP A 280 -17.81 1.46 9.23
N LEU A 281 -16.71 1.61 8.49
CA LEU A 281 -16.52 0.87 7.25
C LEU A 281 -16.51 -0.64 7.51
N ILE A 282 -15.69 -1.09 8.46
CA ILE A 282 -15.55 -2.53 8.64
C ILE A 282 -16.84 -3.13 9.17
N TYR A 283 -17.42 -2.52 10.20
CA TYR A 283 -18.67 -3.02 10.79
C TYR A 283 -19.83 -2.83 9.83
N GLY A 284 -19.92 -1.65 9.22
CA GLY A 284 -20.99 -1.41 8.26
C GLY A 284 -21.02 -2.44 7.16
N ASN A 285 -19.83 -2.82 6.66
CA ASN A 285 -19.79 -3.84 5.61
C ASN A 285 -20.31 -5.19 6.09
N PHE A 286 -20.12 -5.51 7.38
CA PHE A 286 -20.57 -6.80 7.88
C PHE A 286 -22.10 -6.90 7.93
N VAL A 287 -22.79 -5.81 8.28
CA VAL A 287 -24.25 -5.82 8.29
C VAL A 287 -24.81 -5.93 6.87
N TRP A 288 -24.26 -5.14 5.95
CA TRP A 288 -24.68 -5.22 4.55
C TRP A 288 -24.55 -6.63 4.02
N THR A 289 -23.36 -7.23 4.18
CA THR A 289 -23.08 -8.51 3.58
C THR A 289 -24.02 -9.60 4.07
N THR A 290 -24.28 -9.63 5.39
CA THR A 290 -25.15 -10.65 5.97
C THR A 290 -26.62 -10.48 5.56
N SER A 291 -27.02 -9.26 5.20
CA SER A 291 -28.39 -8.97 4.85
C SER A 291 -28.71 -9.09 3.37
N ASN A 292 -27.71 -9.23 2.51
CA ASN A 292 -27.94 -9.02 1.09
C ASN A 292 -28.02 -10.31 0.28
N LYS A 293 -29.02 -10.38 -0.60
CA LYS A 293 -29.32 -11.53 -1.45
C LYS A 293 -28.15 -11.90 -2.35
N ARG A 294 -27.30 -10.92 -2.68
CA ARG A 294 -26.06 -11.18 -3.40
C ARG A 294 -25.31 -12.38 -2.82
N TYR A 295 -25.45 -12.61 -1.52
CA TYR A 295 -24.67 -13.62 -0.81
C TYR A 295 -25.49 -14.86 -0.47
N LYS A 296 -26.83 -14.75 -0.48
CA LYS A 296 -27.66 -15.80 0.09
C LYS A 296 -27.65 -17.11 -0.71
N THR A 297 -28.15 -17.14 -1.95
CA THR A 297 -28.21 -18.40 -2.68
C THR A 297 -27.29 -18.38 -3.88
N ALA A 298 -27.88 -18.57 -5.07
CA ALA A 298 -27.20 -18.45 -6.37
C ALA A 298 -28.18 -18.01 -7.44
N ILE B 13 15.76 -0.32 24.37
CA ILE B 13 17.13 -0.27 23.83
C ILE B 13 17.92 0.69 24.69
N GLY B 14 19.26 0.61 24.67
CA GLY B 14 20.01 1.55 25.49
C GLY B 14 21.38 2.02 24.99
N ARG B 15 22.06 1.14 24.25
CA ARG B 15 23.36 1.36 23.62
C ARG B 15 23.59 0.23 22.63
N SER B 16 22.51 -0.35 22.13
CA SER B 16 22.56 -1.72 21.68
C SER B 16 22.77 -1.79 20.18
N SER B 17 22.73 -3.01 19.69
CA SER B 17 23.53 -3.33 18.53
C SER B 17 23.24 -4.75 18.11
N VAL B 18 23.43 -4.99 16.82
CA VAL B 18 23.46 -6.33 16.28
C VAL B 18 24.84 -6.66 15.74
N ARG B 19 25.84 -5.87 16.11
CA ARG B 19 27.24 -6.14 15.71
C ARG B 19 27.68 -7.59 15.93
N PRO B 20 27.35 -8.26 17.04
CA PRO B 20 27.80 -9.66 17.17
C PRO B 20 27.31 -10.53 16.03
N TYR B 21 26.10 -10.25 15.53
CA TYR B 21 25.49 -11.01 14.46
C TYR B 21 25.88 -10.51 13.08
N LEU B 22 26.71 -9.48 13.01
CA LEU B 22 27.03 -8.87 11.72
C LEU B 22 27.48 -9.92 10.71
N GLU B 23 28.34 -10.84 11.15
CA GLU B 23 29.00 -11.76 10.22
C GLU B 23 28.03 -12.83 9.72
N GLU B 24 27.47 -13.60 10.64
CA GLU B 24 26.61 -14.71 10.24
C GLU B 24 25.41 -14.20 9.45
N CYS B 25 24.88 -13.03 9.81
CA CYS B 25 23.68 -12.52 9.16
C CYS B 25 23.96 -12.05 7.74
N THR B 26 25.09 -11.38 7.53
CA THR B 26 25.47 -11.03 6.17
C THR B 26 25.63 -12.27 5.31
N ARG B 27 26.21 -13.33 5.87
CA ARG B 27 26.32 -14.60 5.16
C ARG B 27 24.97 -15.25 4.95
N ARG B 28 24.11 -15.21 5.97
CA ARG B 28 22.74 -15.72 5.83
C ARG B 28 21.99 -14.96 4.75
N PHE B 29 22.07 -13.62 4.75
CA PHE B 29 21.45 -12.84 3.68
C PHE B 29 22.03 -13.24 2.33
N GLN B 30 23.36 -13.19 2.22
CA GLN B 30 24.04 -13.45 0.95
C GLN B 30 23.70 -14.83 0.40
N GLU B 31 23.66 -15.81 1.28
CA GLU B 31 23.31 -17.15 0.86
C GLU B 31 21.87 -17.23 0.37
N MET B 32 20.97 -16.50 1.02
CA MET B 32 19.58 -16.50 0.59
C MET B 32 19.44 -15.93 -0.82
N PHE B 33 20.11 -14.82 -1.11
CA PHE B 33 20.08 -14.26 -2.46
C PHE B 33 20.67 -15.23 -3.50
N ASP B 34 21.72 -15.98 -3.15
CA ASP B 34 22.34 -16.91 -4.11
C ASP B 34 21.48 -18.13 -4.35
N ARG B 35 20.63 -18.49 -3.39
CA ARG B 35 19.71 -19.60 -3.60
C ARG B 35 18.46 -19.17 -4.35
N HIS B 36 17.95 -17.96 -4.08
CA HIS B 36 16.60 -17.61 -4.48
C HIS B 36 16.47 -16.54 -5.55
N VAL B 37 17.44 -15.64 -5.68
CA VAL B 37 17.35 -14.54 -6.64
C VAL B 37 18.22 -14.79 -7.87
N VAL B 38 19.43 -15.28 -7.65
CA VAL B 38 20.33 -15.75 -8.71
C VAL B 38 20.95 -14.57 -9.43
N THR B 39 20.15 -13.84 -10.20
CA THR B 39 20.65 -12.67 -10.93
C THR B 39 21.30 -11.65 -9.98
N ARG B 40 22.56 -11.32 -10.22
CA ARG B 40 23.13 -10.25 -9.42
C ARG B 40 22.70 -8.89 -9.96
N PRO B 41 22.56 -7.89 -9.10
CA PRO B 41 22.33 -6.51 -9.56
C PRO B 41 23.48 -6.02 -10.45
N THR B 42 23.38 -4.75 -10.86
CA THR B 42 24.43 -4.03 -11.59
C THR B 42 24.37 -2.54 -11.27
N LYS B 43 25.49 -1.99 -10.80
CA LYS B 43 25.53 -0.58 -10.41
C LYS B 43 25.62 0.32 -11.64
N VAL B 44 24.66 1.24 -11.80
CA VAL B 44 24.60 2.07 -12.98
C VAL B 44 25.81 3.00 -13.02
N GLU B 45 26.29 3.28 -14.22
CA GLU B 45 27.45 4.12 -14.42
C GLU B 45 27.02 5.53 -14.77
N LEU B 46 27.27 6.49 -13.89
CA LEU B 46 26.94 7.88 -14.17
C LEU B 46 28.19 8.64 -14.57
N THR B 47 28.17 9.20 -15.78
CA THR B 47 29.29 10.01 -16.24
C THR B 47 29.52 11.18 -15.28
N ASP B 48 30.64 11.87 -15.47
CA ASP B 48 31.04 12.95 -14.57
C ASP B 48 29.99 14.03 -14.47
N ALA B 49 29.39 14.38 -15.61
CA ALA B 49 28.42 15.45 -15.73
C ALA B 49 27.04 15.08 -15.22
N GLU B 50 26.68 13.79 -15.30
CA GLU B 50 25.41 13.37 -14.73
C GLU B 50 25.45 13.50 -13.22
N LEU B 51 26.49 12.92 -12.60
CA LEU B 51 26.71 13.10 -11.17
C LEU B 51 26.62 14.57 -10.79
N ARG B 52 27.22 15.46 -11.60
CA ARG B 52 27.14 16.91 -11.37
C ARG B 52 25.75 17.47 -11.61
N GLU B 53 25.00 16.93 -12.55
CA GLU B 53 23.62 17.41 -12.74
C GLU B 53 22.77 17.05 -11.53
N VAL B 54 22.82 15.78 -11.12
CA VAL B 54 22.04 15.31 -9.99
C VAL B 54 22.30 16.19 -8.77
N ILE B 55 23.55 16.30 -8.37
CA ILE B 55 23.89 17.05 -7.16
C ILE B 55 23.54 18.53 -7.31
N ASP B 56 23.66 19.08 -8.52
CA ASP B 56 23.22 20.45 -8.73
C ASP B 56 21.75 20.60 -8.37
N ASP B 57 20.89 19.80 -8.98
CA ASP B 57 19.47 19.83 -8.63
C ASP B 57 19.25 19.60 -7.14
N CYS B 58 20.07 18.73 -6.54
CA CYS B 58 19.89 18.41 -5.12
C CYS B 58 20.11 19.63 -4.23
N ASN B 59 21.22 20.34 -4.42
CA ASN B 59 21.50 21.53 -3.63
C ASN B 59 20.43 22.58 -3.84
N ALA B 60 19.94 22.72 -5.06
CA ALA B 60 18.87 23.68 -5.33
C ALA B 60 17.61 23.31 -4.58
N ALA B 61 17.30 22.02 -4.49
CA ALA B 61 16.01 21.63 -3.93
C ALA B 61 15.99 21.81 -2.43
N VAL B 62 17.08 21.42 -1.73
CA VAL B 62 17.12 21.57 -0.28
C VAL B 62 17.51 22.97 0.17
N ALA B 63 17.98 23.83 -0.74
CA ALA B 63 18.56 25.11 -0.32
C ALA B 63 17.59 25.97 0.49
N PRO B 64 16.33 26.19 0.08
CA PRO B 64 15.43 26.97 0.93
C PRO B 64 15.30 26.45 2.35
N LEU B 65 15.63 25.18 2.60
CA LEU B 65 15.60 24.63 3.94
C LEU B 65 16.80 25.06 4.78
N GLY B 66 17.74 25.79 4.20
CA GLY B 66 18.83 26.42 4.91
C GLY B 66 19.84 25.51 5.57
N LYS B 67 20.10 24.34 5.00
CA LYS B 67 21.11 23.43 5.53
C LYS B 67 22.02 23.00 4.40
N THR B 68 23.32 22.95 4.69
CA THR B 68 24.25 22.44 3.69
C THR B 68 24.39 20.93 3.83
N VAL B 69 24.49 20.24 2.70
CA VAL B 69 24.71 18.80 2.70
C VAL B 69 25.76 18.48 1.64
N SER B 70 26.82 17.79 2.07
CA SER B 70 28.07 17.65 1.36
C SER B 70 27.94 16.74 0.14
N ASP B 71 28.88 16.92 -0.80
CA ASP B 71 29.01 15.99 -1.93
C ASP B 71 29.11 14.56 -1.44
N GLU B 72 29.99 14.32 -0.47
CA GLU B 72 30.13 12.99 0.11
C GLU B 72 28.80 12.44 0.58
N ARG B 73 27.97 13.28 1.23
CA ARG B 73 26.70 12.79 1.73
C ARG B 73 25.69 12.58 0.60
N TRP B 74 25.77 13.39 -0.46
CA TRP B 74 24.94 13.17 -1.65
C TRP B 74 25.28 11.84 -2.29
N ILE B 75 26.57 11.58 -2.49
CA ILE B 75 27.02 10.41 -3.26
C ILE B 75 26.80 9.13 -2.48
N SER B 76 26.80 9.23 -1.15
CA SER B 76 26.34 8.11 -0.33
C SER B 76 24.90 7.78 -0.64
N TYR B 77 24.03 8.80 -0.57
CA TYR B 77 22.62 8.64 -0.91
C TYR B 77 22.43 8.01 -2.28
N VAL B 78 23.09 8.56 -3.30
CA VAL B 78 22.78 8.16 -4.67
C VAL B 78 23.12 6.70 -4.92
N GLY B 79 23.95 6.09 -4.08
CA GLY B 79 24.36 4.73 -4.33
C GLY B 79 23.21 3.75 -4.35
N VAL B 80 22.16 3.99 -3.57
CA VAL B 80 21.02 3.09 -3.58
C VAL B 80 20.36 3.08 -4.96
N VAL B 81 20.28 4.23 -5.63
CA VAL B 81 19.67 4.26 -6.96
C VAL B 81 20.63 3.67 -7.99
N LEU B 82 21.92 3.99 -7.87
CA LEU B 82 22.90 3.40 -8.76
C LEU B 82 22.87 1.88 -8.67
N TRP B 83 22.68 1.33 -7.47
CA TRP B 83 22.79 -0.10 -7.27
C TRP B 83 21.49 -0.87 -7.38
N SER B 84 20.33 -0.23 -7.26
CA SER B 84 19.12 -1.01 -7.05
C SER B 84 18.06 -0.81 -8.11
N GLN B 85 18.35 -0.07 -9.18
CA GLN B 85 17.52 -0.12 -10.38
C GLN B 85 17.88 -1.38 -11.16
N SER B 86 17.52 -1.42 -12.44
CA SER B 86 17.54 -2.66 -13.21
C SER B 86 18.09 -2.38 -14.61
N PRO B 87 19.42 -2.26 -14.72
CA PRO B 87 20.02 -1.80 -16.00
C PRO B 87 19.69 -2.66 -17.21
N ARG B 88 19.34 -3.93 -17.03
CA ARG B 88 18.98 -4.74 -18.20
C ARG B 88 17.73 -4.22 -18.90
N HIS B 89 16.91 -3.43 -18.21
CA HIS B 89 15.63 -3.03 -18.76
C HIS B 89 15.48 -1.53 -18.90
N ILE B 90 16.48 -0.75 -18.46
CA ILE B 90 16.35 0.70 -18.38
C ILE B 90 16.26 1.30 -19.78
N LYS B 91 15.31 2.23 -19.98
CA LYS B 91 15.10 2.93 -21.25
C LYS B 91 15.17 4.44 -21.15
N ASP B 92 14.80 5.04 -20.01
CA ASP B 92 14.71 6.49 -19.89
C ASP B 92 15.69 6.98 -18.85
N MET B 93 16.86 7.40 -19.30
CA MET B 93 17.87 7.93 -18.39
C MET B 93 17.43 9.22 -17.73
N GLU B 94 16.67 10.07 -18.41
CA GLU B 94 16.18 11.29 -17.78
C GLU B 94 15.31 10.96 -16.56
N ALA B 95 14.43 9.97 -16.69
CA ALA B 95 13.69 9.48 -15.53
C ALA B 95 14.62 8.88 -14.49
N PHE B 96 15.66 8.15 -14.94
CA PHE B 96 16.67 7.62 -14.02
C PHE B 96 17.29 8.74 -13.21
N LYS B 97 17.73 9.80 -13.89
CA LYS B 97 18.34 10.93 -13.18
C LYS B 97 17.35 11.58 -12.24
N ALA B 98 16.06 11.62 -12.62
CA ALA B 98 15.03 12.07 -11.69
C ALA B 98 15.03 11.27 -10.40
N VAL B 99 15.04 9.93 -10.51
CA VAL B 99 15.02 9.11 -9.30
C VAL B 99 16.25 9.36 -8.45
N CYS B 100 17.42 9.53 -9.09
CA CYS B 100 18.63 9.86 -8.33
C CYS B 100 18.41 11.11 -7.51
N VAL B 101 17.86 12.16 -8.13
CA VAL B 101 17.69 13.43 -7.45
C VAL B 101 16.64 13.32 -6.36
N LEU B 102 15.45 12.82 -6.73
CA LEU B 102 14.34 12.75 -5.78
C LEU B 102 14.69 11.87 -4.58
N ASN B 103 15.31 10.72 -4.81
CA ASN B 103 15.70 9.91 -3.68
C ASN B 103 16.74 10.64 -2.85
N CYS B 104 17.77 11.18 -3.51
CA CYS B 104 18.84 11.87 -2.78
C CYS B 104 18.31 13.00 -1.92
N VAL B 105 17.32 13.75 -2.40
CA VAL B 105 16.93 14.91 -1.62
C VAL B 105 15.98 14.53 -0.51
N THR B 106 15.15 13.51 -0.71
CA THR B 106 14.28 13.05 0.37
C THR B 106 15.06 12.30 1.44
N PHE B 107 16.22 11.74 1.09
CA PHE B 107 17.16 11.22 2.08
C PHE B 107 17.56 12.32 3.06
N VAL B 108 17.78 13.53 2.55
CA VAL B 108 18.12 14.66 3.42
C VAL B 108 16.95 14.96 4.35
N TRP B 109 15.73 14.95 3.80
CA TRP B 109 14.53 15.19 4.60
C TRP B 109 14.37 14.13 5.68
N ASP B 110 14.63 12.87 5.34
CA ASP B 110 14.54 11.78 6.30
C ASP B 110 15.53 11.98 7.44
N ASP B 111 16.61 12.69 7.18
CA ASP B 111 17.62 12.94 8.19
C ASP B 111 17.48 14.27 8.90
N MET B 112 16.29 14.87 8.95
CA MET B 112 16.15 16.23 9.43
C MET B 112 15.21 16.28 10.62
N ASP B 113 15.52 17.13 11.60
CA ASP B 113 14.56 17.40 12.64
C ASP B 113 13.32 18.03 12.00
N PRO B 114 12.12 17.75 12.50
CA PRO B 114 10.91 18.22 11.81
C PRO B 114 10.77 19.74 11.79
N ALA B 115 11.42 20.47 12.70
CA ALA B 115 11.30 21.92 12.69
C ALA B 115 12.03 22.55 11.52
N LEU B 116 12.61 21.73 10.64
CA LEU B 116 13.19 22.18 9.38
C LEU B 116 12.32 21.79 8.18
N HIS B 117 11.14 21.28 8.42
CA HIS B 117 10.31 20.67 7.38
C HIS B 117 9.29 21.67 6.87
N ASP B 118 9.73 22.69 6.14
CA ASP B 118 8.82 23.64 5.51
C ASP B 118 8.34 23.02 4.20
N PHE B 119 7.07 22.65 4.16
CA PHE B 119 6.47 22.16 2.92
C PHE B 119 6.28 23.29 1.92
N GLY B 120 5.94 24.47 2.41
CA GLY B 120 5.86 25.62 1.53
C GLY B 120 7.17 25.93 0.82
N LEU B 121 8.30 25.72 1.49
CA LEU B 121 9.59 26.00 0.89
C LEU B 121 10.13 24.84 0.06
N PHE B 122 9.70 23.62 0.37
CA PHE B 122 10.34 22.43 -0.23
C PHE B 122 9.47 21.76 -1.29
N LEU B 123 8.15 21.70 -1.09
CA LEU B 123 7.27 21.06 -2.07
C LEU B 123 7.36 21.69 -3.45
N PRO B 124 7.42 23.02 -3.62
CA PRO B 124 7.71 23.55 -4.96
C PRO B 124 8.99 23.03 -5.58
N GLN B 125 10.03 22.75 -4.79
CA GLN B 125 11.28 22.26 -5.37
C GLN B 125 11.13 20.82 -5.87
N LEU B 126 10.38 20.00 -5.13
CA LEU B 126 10.07 18.66 -5.59
C LEU B 126 9.25 18.72 -6.87
N ARG B 127 8.35 19.70 -6.98
CA ARG B 127 7.53 19.80 -8.18
C ARG B 127 8.38 20.21 -9.37
N LYS B 128 9.26 21.20 -9.19
CA LYS B 128 10.18 21.58 -10.26
C LYS B 128 10.95 20.38 -10.79
N ILE B 129 11.59 19.60 -9.89
CA ILE B 129 12.37 18.43 -10.31
C ILE B 129 11.53 17.50 -11.18
N CYS B 130 10.32 17.19 -10.73
CA CYS B 130 9.43 16.32 -11.49
C CYS B 130 9.07 16.92 -12.84
N GLU B 131 8.72 18.21 -12.86
CA GLU B 131 8.40 18.86 -14.12
C GLU B 131 9.61 18.96 -15.04
N LYS B 132 10.83 18.90 -14.50
CA LYS B 132 12.00 18.92 -15.37
C LYS B 132 12.20 17.60 -16.10
N TYR B 133 12.10 16.47 -15.38
CA TYR B 133 12.56 15.20 -15.91
C TYR B 133 11.47 14.31 -16.51
N TYR B 134 10.20 14.58 -16.23
CA TYR B 134 9.12 13.71 -16.68
C TYR B 134 8.22 14.47 -17.64
N GLY B 135 7.31 13.73 -18.26
CA GLY B 135 6.23 14.32 -19.00
C GLY B 135 5.08 14.65 -18.06
N PRO B 136 4.04 15.29 -18.59
CA PRO B 136 2.99 15.84 -17.72
C PRO B 136 2.41 14.84 -16.72
N GLU B 137 1.92 13.70 -17.20
CA GLU B 137 1.26 12.80 -16.28
C GLU B 137 2.24 12.13 -15.31
N ASP B 138 3.39 11.66 -15.82
CA ASP B 138 4.40 11.06 -14.95
C ASP B 138 4.87 12.05 -13.90
N ALA B 139 5.01 13.32 -14.29
CA ALA B 139 5.41 14.33 -13.33
C ALA B 139 4.41 14.43 -12.18
N GLU B 140 3.10 14.37 -12.49
CA GLU B 140 2.09 14.45 -11.44
C GLU B 140 2.17 13.25 -10.51
N VAL B 141 2.45 12.06 -11.06
CA VAL B 141 2.52 10.84 -10.26
C VAL B 141 3.76 10.88 -9.38
N ALA B 142 4.91 11.19 -9.98
CA ALA B 142 6.13 11.32 -9.18
C ALA B 142 5.95 12.37 -8.09
N TYR B 143 5.26 13.47 -8.38
CA TYR B 143 5.17 14.54 -7.39
C TYR B 143 4.27 14.16 -6.22
N GLU B 144 3.11 13.58 -6.50
CA GLU B 144 2.22 13.16 -5.41
C GLU B 144 2.93 12.18 -4.50
N ALA B 145 3.65 11.23 -5.08
CA ALA B 145 4.36 10.22 -4.29
C ALA B 145 5.49 10.85 -3.50
N ALA B 146 6.20 11.83 -4.07
CA ALA B 146 7.23 12.53 -3.32
C ALA B 146 6.63 13.34 -2.19
N ARG B 147 5.52 14.02 -2.48
CA ARG B 147 4.84 14.82 -1.46
C ARG B 147 4.34 13.94 -0.32
N ALA B 148 3.69 12.84 -0.66
CA ALA B 148 3.19 11.93 0.38
C ALA B 148 4.33 11.41 1.26
N PHE B 149 5.47 11.07 0.65
CA PHE B 149 6.58 10.52 1.42
C PHE B 149 7.13 11.51 2.43
N VAL B 150 7.47 12.73 1.98
CA VAL B 150 8.07 13.69 2.90
C VAL B 150 7.04 14.14 3.93
N THR B 151 5.76 14.19 3.52
CA THR B 151 4.68 14.51 4.47
C THR B 151 4.47 13.39 5.48
N SER B 152 4.54 12.14 5.05
CA SER B 152 4.46 11.03 6.02
C SER B 152 5.67 11.05 6.95
N ASP B 153 6.86 11.22 6.40
CA ASP B 153 8.05 11.24 7.23
C ASP B 153 7.94 12.30 8.31
N HIS B 154 7.65 13.54 7.93
CA HIS B 154 7.43 14.61 8.90
C HIS B 154 6.30 14.25 9.85
N MET B 155 5.23 13.65 9.33
CA MET B 155 4.00 13.48 10.10
C MET B 155 4.22 12.58 11.30
N PHE B 156 4.99 11.52 11.14
CA PHE B 156 5.09 10.51 12.19
C PHE B 156 6.33 10.65 13.06
N ARG B 157 7.03 11.80 13.05
CA ARG B 157 8.34 11.87 13.71
C ARG B 157 8.30 11.34 15.13
N ASP B 158 7.29 11.75 15.90
CA ASP B 158 7.10 11.33 17.29
C ASP B 158 5.66 10.88 17.53
N SER B 159 4.92 10.57 16.44
CA SER B 159 3.49 10.27 16.42
C SER B 159 3.15 9.01 17.22
N PRO B 160 2.00 9.00 17.90
CA PRO B 160 1.58 7.77 18.58
C PRO B 160 1.13 6.70 17.63
N ILE B 161 0.73 7.08 16.42
CA ILE B 161 0.38 6.08 15.41
C ILE B 161 1.60 5.26 15.03
N LYS B 162 2.74 5.91 14.85
CA LYS B 162 3.94 5.17 14.48
C LYS B 162 4.35 4.21 15.60
N ALA B 163 4.14 4.59 16.85
CA ALA B 163 4.44 3.72 17.99
C ALA B 163 3.56 2.48 17.99
N ALA B 164 2.26 2.67 17.73
CA ALA B 164 1.35 1.53 17.65
C ALA B 164 1.75 0.54 16.55
N LEU B 165 1.95 1.05 15.33
CA LEU B 165 2.23 0.16 14.20
C LEU B 165 3.59 -0.50 14.31
N CYS B 166 4.56 0.16 14.94
CA CYS B 166 5.89 -0.43 15.01
C CYS B 166 6.07 -1.40 16.18
N THR B 167 5.23 -1.33 17.21
CA THR B 167 5.40 -2.17 18.38
C THR B 167 4.31 -3.24 18.51
N THR B 168 3.36 -3.31 17.60
CA THR B 168 2.27 -4.26 17.76
C THR B 168 2.64 -5.66 17.27
N SER B 169 3.18 -5.77 16.06
CA SER B 169 3.46 -7.04 15.41
C SER B 169 4.17 -6.78 14.08
N PRO B 170 4.81 -7.80 13.51
CA PRO B 170 5.47 -7.59 12.21
C PRO B 170 4.53 -7.08 11.13
N GLU B 171 3.32 -7.63 11.05
CA GLU B 171 2.40 -7.22 10.00
C GLU B 171 2.06 -5.75 10.10
N GLN B 172 1.76 -5.28 11.33
CA GLN B 172 1.46 -3.86 11.48
C GLN B 172 2.68 -3.03 11.12
N TYR B 173 3.87 -3.51 11.48
CA TYR B 173 5.08 -2.75 11.18
C TYR B 173 5.34 -2.66 9.69
N PHE B 174 5.35 -3.80 9.01
CA PHE B 174 5.59 -3.76 7.57
C PHE B 174 4.48 -2.99 6.85
N ARG B 175 3.24 -3.02 7.36
CA ARG B 175 2.18 -2.23 6.74
C ARG B 175 2.52 -0.74 6.78
N PHE B 176 3.08 -0.29 7.90
CA PHE B 176 3.53 1.10 7.99
C PHE B 176 4.68 1.38 7.03
N ARG B 177 5.57 0.40 6.84
CA ARG B 177 6.80 0.62 6.06
C ARG B 177 6.56 0.74 4.55
N VAL B 178 5.47 0.18 4.01
CA VAL B 178 5.15 0.34 2.59
C VAL B 178 5.31 1.79 2.16
N THR B 179 4.77 2.71 2.96
CA THR B 179 4.96 4.14 2.71
C THR B 179 6.24 4.65 3.34
N ASP B 180 6.46 4.34 4.62
CA ASP B 180 7.47 5.08 5.37
C ASP B 180 8.89 4.83 4.85
N ILE B 181 9.23 3.58 4.52
CA ILE B 181 10.58 3.35 3.99
C ILE B 181 10.78 4.02 2.63
N GLY B 182 9.70 4.37 1.94
CA GLY B 182 9.78 5.08 0.69
C GLY B 182 9.65 4.23 -0.56
N VAL B 183 9.30 2.95 -0.44
CA VAL B 183 9.31 2.11 -1.64
C VAL B 183 8.09 2.37 -2.53
N ASP B 184 6.94 2.76 -1.96
CA ASP B 184 5.82 3.17 -2.84
C ASP B 184 6.22 4.37 -3.67
N PHE B 185 6.81 5.38 -3.02
CA PHE B 185 7.41 6.52 -3.70
C PHE B 185 8.40 6.06 -4.78
N TRP B 186 9.27 5.11 -4.44
CA TRP B 186 10.28 4.62 -5.39
C TRP B 186 9.63 4.05 -6.65
N MET B 187 8.65 3.17 -6.49
CA MET B 187 7.99 2.57 -7.65
C MET B 187 7.32 3.61 -8.54
N LYS B 188 6.65 4.59 -7.94
CA LYS B 188 5.84 5.54 -8.71
C LYS B 188 6.68 6.61 -9.38
N MET B 189 7.94 6.79 -8.97
CA MET B 189 8.85 7.60 -9.76
C MET B 189 9.78 6.76 -10.64
N SER B 190 9.80 5.45 -10.47
CA SER B 190 10.71 4.62 -11.27
C SER B 190 10.06 4.02 -12.52
N TYR B 191 8.73 3.86 -12.56
CA TYR B 191 8.14 3.20 -13.71
C TYR B 191 8.44 3.91 -15.04
N PRO B 192 8.60 5.23 -15.12
CA PRO B 192 8.95 5.83 -16.43
C PRO B 192 10.33 5.45 -16.92
N ILE B 193 11.19 4.94 -16.04
CA ILE B 193 12.50 4.48 -16.50
C ILE B 193 12.34 3.30 -17.44
N TYR B 194 11.31 2.50 -17.26
CA TYR B 194 11.19 1.22 -17.94
C TYR B 194 10.16 1.18 -19.06
N ARG B 195 9.23 2.15 -19.09
CA ARG B 195 8.12 2.14 -20.07
C ARG B 195 7.55 0.75 -20.28
N HIS B 196 7.40 0.00 -19.19
CA HIS B 196 6.84 -1.35 -19.25
C HIS B 196 5.43 -1.32 -18.69
N PRO B 197 4.42 -1.64 -19.50
CA PRO B 197 3.02 -1.50 -19.04
C PRO B 197 2.68 -2.26 -17.76
N GLU B 198 2.96 -3.56 -17.69
CA GLU B 198 2.66 -4.31 -16.47
C GLU B 198 3.29 -3.65 -15.25
N PHE B 199 4.57 -3.27 -15.37
CA PHE B 199 5.26 -2.66 -14.24
C PHE B 199 4.64 -1.33 -13.85
N THR B 200 4.23 -0.55 -14.85
CA THR B 200 3.60 0.73 -14.57
C THR B 200 2.34 0.54 -13.75
N GLU B 201 1.57 -0.50 -14.07
CA GLU B 201 0.32 -0.72 -13.36
C GLU B 201 0.58 -1.25 -11.94
N HIS B 202 1.56 -2.14 -11.78
CA HIS B 202 1.88 -2.63 -10.44
C HIS B 202 2.43 -1.50 -9.58
N ALA B 203 3.17 -0.55 -10.17
CA ALA B 203 3.59 0.63 -9.42
C ALA B 203 2.40 1.48 -8.98
N LYS B 204 1.43 1.70 -9.89
CA LYS B 204 0.32 2.59 -9.62
C LYS B 204 -0.68 2.00 -8.65
N THR B 205 -0.79 0.67 -8.58
CA THR B 205 -1.64 0.06 -7.55
C THR B 205 -0.93 -0.09 -6.21
N SER B 206 0.38 0.15 -6.17
CA SER B 206 1.24 -0.15 -5.02
C SER B 206 1.44 -1.64 -4.79
N LEU B 207 0.96 -2.50 -5.69
CA LEU B 207 1.31 -3.91 -5.56
C LEU B 207 2.82 -4.10 -5.61
N ALA B 208 3.50 -3.34 -6.47
CA ALA B 208 4.94 -3.43 -6.56
C ALA B 208 5.61 -3.06 -5.22
N ALA B 209 5.21 -1.94 -4.64
CA ALA B 209 5.76 -1.57 -3.33
C ALA B 209 5.48 -2.65 -2.29
N ARG B 210 4.25 -3.19 -2.29
CA ARG B 210 3.88 -4.16 -1.26
C ARG B 210 4.68 -5.45 -1.40
N MET B 211 5.02 -5.84 -2.64
CA MET B 211 5.78 -7.07 -2.87
C MET B 211 7.22 -6.95 -2.38
N THR B 212 7.82 -5.75 -2.47
CA THR B 212 9.23 -5.54 -2.16
C THR B 212 9.46 -4.92 -0.78
N THR B 213 8.41 -4.58 -0.04
CA THR B 213 8.58 -3.89 1.25
C THR B 213 9.44 -4.70 2.21
N ARG B 214 9.07 -5.97 2.42
CA ARG B 214 9.75 -6.76 3.44
C ARG B 214 11.22 -7.00 3.08
N GLY B 215 11.52 -7.29 1.81
CA GLY B 215 12.90 -7.51 1.42
C GLY B 215 13.78 -6.29 1.61
N LEU B 216 13.26 -5.11 1.31
CA LEU B 216 14.01 -3.88 1.53
C LEU B 216 14.10 -3.55 3.01
N THR B 217 12.99 -3.74 3.74
CA THR B 217 12.90 -3.25 5.11
C THR B 217 13.71 -4.14 6.05
N ILE B 218 13.68 -5.45 5.83
CA ILE B 218 14.35 -6.34 6.75
C ILE B 218 15.87 -6.15 6.65
N VAL B 219 16.37 -6.04 5.42
CA VAL B 219 17.78 -5.75 5.19
C VAL B 219 18.15 -4.41 5.80
N ASN B 220 17.38 -3.36 5.49
CA ASN B 220 17.75 -2.05 5.98
C ASN B 220 17.66 -1.97 7.50
N ASP B 221 16.66 -2.61 8.09
CA ASP B 221 16.52 -2.54 9.55
C ASP B 221 17.73 -3.19 10.23
N PHE B 222 18.22 -4.32 9.71
CA PHE B 222 19.36 -4.97 10.36
C PHE B 222 20.56 -4.04 10.39
N TYR B 223 20.92 -3.47 9.25
CA TYR B 223 22.13 -2.68 9.14
C TYR B 223 21.98 -1.24 9.62
N SER B 224 20.77 -0.73 9.88
CA SER B 224 20.63 0.61 10.44
C SER B 224 20.12 0.60 11.87
N TYR B 225 19.95 -0.59 12.45
CA TYR B 225 19.47 -0.73 13.82
C TYR B 225 20.32 0.08 14.80
N ASP B 226 21.65 0.02 14.64
CA ASP B 226 22.53 0.70 15.58
C ASP B 226 22.35 2.21 15.51
N ARG B 227 22.39 2.79 14.31
CA ARG B 227 22.19 4.22 14.16
C ARG B 227 20.85 4.65 14.74
N GLU B 228 19.78 3.90 14.44
CA GLU B 228 18.44 4.35 14.80
C GLU B 228 18.18 4.25 16.30
N VAL B 229 18.68 3.20 16.95
CA VAL B 229 18.52 3.16 18.41
C VAL B 229 19.35 4.27 19.04
N SER B 230 20.51 4.58 18.46
CA SER B 230 21.34 5.65 19.02
C SER B 230 20.71 7.02 18.79
N LEU B 231 19.63 7.10 18.01
CA LEU B 231 18.87 8.32 17.80
C LEU B 231 17.44 8.24 18.32
N GLY B 232 17.05 7.16 18.98
CA GLY B 232 15.68 7.01 19.42
C GLY B 232 14.64 6.77 18.33
N GLN B 233 15.05 6.39 17.13
CA GLN B 233 14.11 6.17 16.05
C GLN B 233 13.54 4.76 16.11
N ILE B 234 12.26 4.65 16.46
CA ILE B 234 11.63 3.37 16.78
C ILE B 234 11.20 2.57 15.55
N THR B 235 11.48 3.05 14.34
CA THR B 235 10.97 2.42 13.12
C THR B 235 11.98 1.38 12.64
N ASN B 236 11.91 0.18 13.21
CA ASN B 236 12.85 -0.90 12.94
C ASN B 236 12.30 -2.20 13.49
N CYS B 237 12.16 -3.24 12.65
CA CYS B 237 11.47 -4.44 13.10
C CYS B 237 12.24 -5.19 14.18
N PHE B 238 13.56 -5.05 14.23
CA PHE B 238 14.29 -5.79 15.27
C PHE B 238 14.08 -5.22 16.67
N ARG B 239 13.48 -4.05 16.79
CA ARG B 239 12.96 -3.61 18.09
C ARG B 239 11.78 -4.46 18.57
N LEU B 240 11.23 -5.34 17.73
CA LEU B 240 10.20 -6.27 18.15
C LEU B 240 10.78 -7.49 18.87
N CYS B 241 12.11 -7.58 18.98
CA CYS B 241 12.75 -8.71 19.64
C CYS B 241 13.80 -8.22 20.63
N ASP B 242 14.18 -9.13 21.53
CA ASP B 242 15.23 -8.90 22.54
C ASP B 242 16.57 -9.25 21.90
N VAL B 243 17.20 -8.26 21.26
CA VAL B 243 18.42 -8.57 20.52
C VAL B 243 19.54 -8.97 21.47
N SER B 244 19.44 -8.65 22.75
CA SER B 244 20.46 -9.14 23.68
C SER B 244 20.25 -10.61 24.04
N ASP B 245 19.15 -11.21 23.59
CA ASP B 245 18.93 -12.64 23.75
C ASP B 245 19.28 -13.32 22.43
N GLU B 246 20.40 -14.04 22.42
CA GLU B 246 20.87 -14.70 21.20
C GLU B 246 19.82 -15.63 20.63
N THR B 247 19.08 -16.34 21.49
CA THR B 247 18.09 -17.29 21.01
C THR B 247 16.91 -16.58 20.37
N ALA B 248 16.39 -15.56 21.06
CA ALA B 248 15.27 -14.79 20.50
C ALA B 248 15.68 -14.09 19.21
N PHE B 249 16.90 -13.53 19.16
CA PHE B 249 17.33 -12.86 17.94
C PHE B 249 17.31 -13.82 16.76
N LYS B 250 17.83 -15.03 16.96
CA LYS B 250 17.95 -15.96 15.82
C LYS B 250 16.58 -16.46 15.37
N GLU B 251 15.68 -16.72 16.33
CA GLU B 251 14.30 -17.04 16.01
C GLU B 251 13.68 -15.94 15.15
N PHE B 252 13.74 -14.70 15.63
CA PHE B 252 13.21 -13.56 14.90
C PHE B 252 13.86 -13.42 13.52
N PHE B 253 15.20 -13.46 13.47
CA PHE B 253 15.91 -13.31 12.21
C PHE B 253 15.54 -14.41 11.23
N GLN B 254 15.33 -15.63 11.72
CA GLN B 254 14.90 -16.70 10.82
C GLN B 254 13.53 -16.41 10.22
N ALA B 255 12.58 -15.98 11.05
CA ALA B 255 11.25 -15.68 10.54
C ALA B 255 11.27 -14.55 9.53
N ARG B 256 12.15 -13.56 9.73
CA ARG B 256 12.29 -12.50 8.74
C ARG B 256 12.90 -13.02 7.44
N LEU B 257 13.78 -14.02 7.50
CA LEU B 257 14.30 -14.63 6.28
C LEU B 257 13.20 -15.40 5.55
N ASP B 258 12.39 -16.16 6.30
CA ASP B 258 11.21 -16.80 5.71
C ASP B 258 10.34 -15.78 4.99
N ASP B 259 10.08 -14.62 5.61
CA ASP B 259 9.29 -13.57 4.95
C ASP B 259 9.91 -13.17 3.61
N MET B 260 11.21 -12.88 3.60
CA MET B 260 11.87 -12.48 2.36
C MET B 260 11.74 -13.56 1.30
N ILE B 261 11.92 -14.81 1.69
CA ILE B 261 11.92 -15.90 0.72
C ILE B 261 10.52 -16.08 0.13
N GLU B 262 9.48 -16.03 0.97
CA GLU B 262 8.13 -16.16 0.45
C GLU B 262 7.81 -15.06 -0.55
N ASP B 263 8.20 -13.82 -0.24
CA ASP B 263 7.99 -12.71 -1.15
C ASP B 263 8.72 -12.94 -2.48
N ILE B 264 10.00 -13.30 -2.43
CA ILE B 264 10.79 -13.51 -3.64
C ILE B 264 10.14 -14.58 -4.51
N GLU B 265 9.74 -15.68 -3.89
CA GLU B 265 9.14 -16.76 -4.64
C GLU B 265 7.80 -16.35 -5.27
N CYS B 266 7.05 -15.44 -4.64
CA CYS B 266 5.85 -14.94 -5.30
C CYS B 266 6.19 -13.91 -6.37
N ILE B 267 7.27 -13.16 -6.20
CA ILE B 267 7.72 -12.20 -7.21
C ILE B 267 8.00 -12.91 -8.53
N LYS B 268 8.41 -14.18 -8.48
CA LYS B 268 8.69 -14.94 -9.69
C LYS B 268 7.42 -15.31 -10.45
N ALA B 269 6.25 -15.13 -9.87
CA ALA B 269 5.02 -15.26 -10.63
C ALA B 269 4.77 -14.09 -11.57
N PHE B 270 5.40 -12.94 -11.32
CA PHE B 270 5.19 -11.77 -12.17
C PHE B 270 5.91 -11.96 -13.50
N ASP B 271 5.53 -11.13 -14.49
CA ASP B 271 6.19 -11.24 -15.79
C ASP B 271 7.69 -11.00 -15.64
N GLN B 272 8.45 -11.46 -16.65
CA GLN B 272 9.89 -11.60 -16.51
C GLN B 272 10.58 -10.25 -16.30
N LEU B 273 10.16 -9.22 -17.04
CA LEU B 273 10.78 -7.92 -16.85
C LEU B 273 10.45 -7.34 -15.47
N THR B 274 9.21 -7.47 -15.02
CA THR B 274 8.80 -6.88 -13.75
C THR B 274 9.54 -7.55 -12.59
N GLN B 275 9.61 -8.89 -12.60
CA GLN B 275 10.31 -9.57 -11.51
C GLN B 275 11.80 -9.25 -11.49
N ASP B 276 12.43 -9.13 -12.67
CA ASP B 276 13.84 -8.71 -12.70
C ASP B 276 14.01 -7.39 -11.96
N VAL B 277 13.10 -6.45 -12.20
CA VAL B 277 13.18 -5.15 -11.55
C VAL B 277 12.97 -5.27 -10.06
N PHE B 278 11.96 -6.05 -9.64
CA PHE B 278 11.72 -6.24 -8.21
C PHE B 278 12.96 -6.83 -7.52
N LEU B 279 13.56 -7.85 -8.14
CA LEU B 279 14.68 -8.54 -7.50
C LEU B 279 15.95 -7.70 -7.51
N ASP B 280 16.20 -6.98 -8.60
CA ASP B 280 17.31 -6.03 -8.60
C ASP B 280 17.16 -4.98 -7.51
N LEU B 281 15.94 -4.56 -7.21
CA LEU B 281 15.73 -3.62 -6.12
C LEU B 281 16.06 -4.26 -4.77
N ILE B 282 15.56 -5.46 -4.50
CA ILE B 282 15.83 -6.09 -3.21
C ILE B 282 17.31 -6.42 -3.08
N TYR B 283 17.86 -7.13 -4.07
CA TYR B 283 19.26 -7.56 -4.02
C TYR B 283 20.22 -6.38 -4.14
N GLY B 284 19.93 -5.42 -5.01
CA GLY B 284 20.78 -4.25 -5.13
C GLY B 284 20.85 -3.45 -3.84
N ASN B 285 19.70 -3.22 -3.21
CA ASN B 285 19.71 -2.53 -1.94
C ASN B 285 20.63 -3.23 -0.94
N PHE B 286 20.66 -4.57 -0.99
CA PHE B 286 21.55 -5.31 -0.09
C PHE B 286 23.02 -5.08 -0.43
N VAL B 287 23.35 -4.99 -1.71
CA VAL B 287 24.75 -4.80 -2.10
C VAL B 287 25.20 -3.38 -1.79
N TRP B 288 24.31 -2.41 -1.98
CA TRP B 288 24.62 -1.04 -1.56
C TRP B 288 24.74 -0.94 -0.06
N THR B 289 23.72 -1.45 0.65
CA THR B 289 23.68 -1.31 2.11
C THR B 289 24.93 -1.92 2.75
N THR B 290 25.33 -3.12 2.32
CA THR B 290 26.50 -3.74 2.95
C THR B 290 27.81 -3.39 2.25
N SER B 291 27.95 -2.19 1.72
CA SER B 291 29.23 -1.64 1.33
C SER B 291 29.36 -0.17 1.67
N ASN B 292 28.25 0.51 1.95
CA ASN B 292 28.24 1.95 2.01
C ASN B 292 28.55 2.48 3.40
N LYS B 293 29.30 3.59 3.42
CA LYS B 293 29.64 4.25 4.68
C LYS B 293 28.42 4.46 5.57
N ARG B 294 27.26 4.73 4.97
CA ARG B 294 26.08 5.08 5.76
C ARG B 294 25.76 4.02 6.80
N TYR B 295 25.97 2.74 6.47
CA TYR B 295 25.65 1.65 7.38
C TYR B 295 26.89 1.08 8.08
N LYS B 296 28.04 1.75 7.95
CA LYS B 296 29.25 1.30 8.61
C LYS B 296 29.23 1.60 10.10
N THR B 297 28.90 2.84 10.48
CA THR B 297 28.81 3.21 11.89
C THR B 297 27.55 4.03 12.14
N ALA B 298 27.05 3.88 13.37
CA ALA B 298 25.80 4.53 13.79
C ALA B 298 25.78 6.02 13.42
N VAL B 299 26.78 6.77 13.86
CA VAL B 299 26.81 8.21 13.66
C VAL B 299 28.10 8.58 12.94
N ASN B 300 27.97 9.03 11.69
CA ASN B 300 29.11 9.59 10.97
C ASN B 300 28.60 10.79 10.17
N ASP B 301 29.46 11.39 9.37
CA ASP B 301 29.13 12.65 8.70
C ASP B 301 28.30 12.48 7.45
N VAL B 302 28.04 11.25 7.01
CA VAL B 302 27.06 11.03 5.94
C VAL B 302 25.73 10.50 6.45
N ASN B 303 25.63 10.15 7.74
CA ASN B 303 24.36 9.72 8.32
C ASN B 303 23.99 10.43 9.61
N SER B 304 24.71 11.47 10.02
CA SER B 304 24.31 12.18 11.22
C SER B 304 23.01 12.94 10.98
N ARG B 305 22.12 12.85 11.97
CA ARG B 305 20.87 13.62 11.93
C ARG B 305 21.20 15.09 11.68
N ILE B 306 20.50 15.67 10.71
CA ILE B 306 20.69 17.06 10.29
C ILE B 306 19.85 17.92 11.22
N GLN B 307 20.50 18.81 11.96
CA GLN B 307 19.77 19.59 12.97
C GLN B 307 20.05 21.09 12.81
N ALA B 308 18.98 21.86 12.99
CA ALA B 308 19.06 23.32 13.07
C ALA B 308 20.25 23.82 13.90
C2 AHD C . -16.33 -6.01 -3.66
C3 AHD C . -15.55 -5.14 -4.64
C7 AHD C . -16.92 -7.21 -4.41
C8 AHD C . -16.62 -8.47 -3.61
O12 AHD C . -19.29 -8.96 -3.49
P9 AHD C . -17.99 -9.68 -3.79
O10 AHD C . -17.82 -10.89 -2.90
O11 AHD C . -17.94 -10.21 -5.20
P14 AHD C . -15.06 -9.26 -4.22
O15 AHD C . -14.99 -9.32 -5.72
O16 AHD C . -14.96 -10.61 -3.58
O17 AHD C . -14.00 -8.32 -3.72
O13 AHD C . -16.39 -8.14 -2.28
N4 AHD C . -16.43 -4.21 -5.32
MG MG D . -16.67 -10.00 -7.04
MG MG E . -15.99 -11.82 -2.70
MG MG F . -13.85 -9.27 -7.13
C2 AHD G . 15.03 5.38 3.58
C3 AHD G . 15.28 6.31 2.39
C7 AHD G . 15.98 5.75 4.73
C8 AHD G . 16.16 4.58 5.69
O12 AHD G . 18.89 4.74 5.71
P9 AHD G . 17.73 4.69 6.66
O10 AHD G . 17.76 3.47 7.52
O11 AHD G . 17.70 5.95 7.48
P14 AHD G . 14.73 4.55 6.86
O15 AHD G . 14.58 5.91 7.48
O16 AHD G . 14.87 3.52 7.93
O17 AHD G . 13.54 4.15 6.01
O13 AHD G . 16.12 3.34 5.04
N4 AHD G . 14.12 6.35 1.51
MG MG H . 15.82 7.24 8.62
MG MG I . 12.31 7.73 7.42
MG MG J . 16.47 2.27 8.62
N SER A 16 -17.58 -26.15 -2.86
CA SER A 16 -17.84 -26.29 -1.44
C SER A 16 -18.67 -25.14 -0.89
N SER A 17 -19.06 -25.24 0.38
CA SER A 17 -19.94 -24.26 0.99
C SER A 17 -19.35 -23.80 2.31
N VAL A 18 -19.93 -22.74 2.86
CA VAL A 18 -19.78 -22.40 4.26
C VAL A 18 -21.14 -22.35 4.97
N ARG A 19 -22.17 -22.97 4.39
CA ARG A 19 -23.45 -23.02 5.06
C ARG A 19 -23.41 -23.77 6.39
N PRO A 20 -22.71 -24.91 6.54
CA PRO A 20 -22.58 -25.54 7.86
C PRO A 20 -21.72 -24.73 8.83
N TYR A 21 -21.55 -23.44 8.56
CA TYR A 21 -20.80 -22.56 9.43
C TYR A 21 -21.49 -21.22 9.65
N LEU A 22 -22.51 -20.90 8.85
CA LEU A 22 -23.00 -19.52 8.78
C LEU A 22 -23.45 -19.01 10.15
N GLU A 23 -24.40 -19.71 10.78
CA GLU A 23 -24.95 -19.20 12.04
C GLU A 23 -23.85 -19.03 13.08
N GLU A 24 -23.02 -20.04 13.25
CA GLU A 24 -21.95 -19.96 14.24
C GLU A 24 -21.01 -18.80 13.94
N CYS A 25 -20.52 -18.71 12.70
CA CYS A 25 -19.56 -17.67 12.35
C CYS A 25 -20.16 -16.28 12.51
N THR A 26 -21.44 -16.10 12.10
CA THR A 26 -22.09 -14.79 12.21
C THR A 26 -22.13 -14.31 13.64
N ARG A 27 -22.50 -15.21 14.56
CA ARG A 27 -22.50 -14.86 15.98
C ARG A 27 -21.11 -14.47 16.45
N ARG A 28 -20.07 -15.14 15.91
CA ARG A 28 -18.72 -14.89 16.36
C ARG A 28 -18.22 -13.53 15.85
N PHE A 29 -18.47 -13.23 14.57
CA PHE A 29 -18.25 -11.89 14.03
C PHE A 29 -18.94 -10.83 14.89
N GLN A 30 -20.25 -10.99 15.10
CA GLN A 30 -21.04 -10.01 15.84
C GLN A 30 -20.50 -9.81 17.24
N GLU A 31 -20.26 -10.90 17.96
CA GLU A 31 -19.67 -10.82 19.29
C GLU A 31 -18.39 -10.00 19.26
N MET A 32 -17.54 -10.23 18.25
CA MET A 32 -16.28 -9.51 18.15
C MET A 32 -16.51 -8.01 17.96
N PHE A 33 -17.42 -7.64 17.07
CA PHE A 33 -17.71 -6.22 16.88
C PHE A 33 -18.30 -5.60 18.13
N ASP A 34 -19.22 -6.30 18.79
CA ASP A 34 -19.80 -5.77 20.03
C ASP A 34 -18.73 -5.48 21.08
N ARG A 35 -17.64 -6.27 21.11
CA ARG A 35 -16.64 -6.04 22.14
C ARG A 35 -15.60 -4.99 21.75
N HIS A 36 -15.14 -5.04 20.50
CA HIS A 36 -13.98 -4.25 20.09
C HIS A 36 -14.33 -2.95 19.37
N VAL A 37 -15.50 -2.86 18.75
CA VAL A 37 -15.91 -1.66 18.02
C VAL A 37 -17.00 -0.91 18.77
N VAL A 38 -18.06 -1.62 19.19
CA VAL A 38 -19.08 -1.14 20.10
C VAL A 38 -20.04 -0.23 19.35
N THR A 39 -19.59 0.99 19.04
CA THR A 39 -20.36 1.93 18.25
C THR A 39 -20.84 1.32 16.93
N ARG A 40 -22.12 1.12 16.82
CA ARG A 40 -22.71 0.48 15.65
C ARG A 40 -22.79 1.45 14.47
N PRO A 41 -22.78 0.94 13.25
CA PRO A 41 -22.99 1.80 12.09
C PRO A 41 -24.40 2.40 12.11
N THR A 42 -24.61 3.39 11.24
CA THR A 42 -25.96 3.88 10.92
C THR A 42 -26.01 4.27 9.45
N LYS A 43 -27.23 4.40 8.93
CA LYS A 43 -27.46 4.48 7.50
C LYS A 43 -27.77 5.91 7.06
N VAL A 44 -26.97 6.40 6.13
CA VAL A 44 -27.36 7.53 5.28
C VAL A 44 -28.57 7.08 4.44
N GLU A 45 -29.65 7.86 4.49
CA GLU A 45 -30.86 7.56 3.72
C GLU A 45 -30.90 8.43 2.48
N LEU A 46 -31.27 7.86 1.34
CA LEU A 46 -31.43 8.61 0.11
C LEU A 46 -32.91 8.85 -0.18
N THR A 47 -33.20 9.95 -0.87
CA THR A 47 -34.58 10.22 -1.27
C THR A 47 -35.04 9.22 -2.32
N ASP A 48 -36.32 9.27 -2.67
CA ASP A 48 -36.74 8.63 -3.91
C ASP A 48 -35.96 9.21 -5.09
N ALA A 49 -35.62 10.50 -5.00
CA ALA A 49 -34.99 11.20 -6.11
C ALA A 49 -33.50 10.89 -6.19
N GLU A 50 -32.80 10.95 -5.06
CA GLU A 50 -31.38 10.61 -5.04
C GLU A 50 -31.15 9.19 -5.54
N LEU A 51 -31.96 8.23 -5.07
CA LEU A 51 -31.85 6.86 -5.57
C LEU A 51 -31.97 6.81 -7.09
N ARG A 52 -33.04 7.40 -7.64
CA ARG A 52 -33.27 7.34 -9.08
C ARG A 52 -32.18 8.06 -9.86
N GLU A 53 -31.62 9.14 -9.30
CA GLU A 53 -30.50 9.80 -9.96
C GLU A 53 -29.25 8.92 -9.95
N VAL A 54 -29.09 8.11 -8.89
CA VAL A 54 -27.98 7.15 -8.83
C VAL A 54 -28.17 6.04 -9.85
N ILE A 55 -29.41 5.56 -10.00
CA ILE A 55 -29.68 4.49 -10.97
C ILE A 55 -29.35 4.94 -12.39
N ASP A 56 -29.74 6.15 -12.76
CA ASP A 56 -29.53 6.59 -14.14
C ASP A 56 -28.06 6.91 -14.39
N ASP A 57 -27.37 7.51 -13.42
CA ASP A 57 -25.92 7.66 -13.50
C ASP A 57 -25.26 6.30 -13.70
N CYS A 58 -25.63 5.33 -12.88
CA CYS A 58 -25.11 3.97 -13.02
C CYS A 58 -25.47 3.37 -14.38
N ASN A 59 -26.77 3.26 -14.69
CA ASN A 59 -27.19 2.59 -15.93
C ASN A 59 -26.59 3.26 -17.16
N ALA A 60 -26.35 4.57 -17.10
CA ALA A 60 -25.69 5.25 -18.22
C ALA A 60 -24.20 4.94 -18.27
N ALA A 61 -23.55 4.74 -17.12
CA ALA A 61 -22.11 4.44 -17.13
C ALA A 61 -21.84 3.06 -17.73
N VAL A 62 -22.77 2.12 -17.57
CA VAL A 62 -22.54 0.79 -18.11
C VAL A 62 -23.10 0.66 -19.53
N ALA A 63 -24.13 1.44 -19.87
CA ALA A 63 -24.83 1.34 -21.16
C ALA A 63 -23.90 1.13 -22.35
N PRO A 64 -22.84 1.91 -22.56
CA PRO A 64 -21.95 1.65 -23.71
C PRO A 64 -21.37 0.24 -23.75
N LEU A 65 -21.32 -0.46 -22.61
CA LEU A 65 -20.81 -1.81 -22.53
C LEU A 65 -21.81 -2.85 -22.99
N GLY A 66 -23.08 -2.48 -23.14
CA GLY A 66 -24.09 -3.37 -23.67
C GLY A 66 -24.98 -4.04 -22.67
N LYS A 67 -24.47 -4.47 -21.53
CA LYS A 67 -25.25 -5.16 -20.52
C LYS A 67 -26.26 -4.21 -19.88
N THR A 68 -27.42 -4.78 -19.53
CA THR A 68 -28.45 -4.11 -18.75
C THR A 68 -28.29 -4.52 -17.29
N VAL A 69 -28.66 -3.61 -16.38
CA VAL A 69 -28.53 -3.87 -14.94
C VAL A 69 -29.86 -3.57 -14.28
N SER A 70 -30.44 -4.60 -13.65
CA SER A 70 -31.70 -4.42 -12.95
C SER A 70 -31.56 -3.35 -11.87
N ASP A 71 -32.64 -2.59 -11.66
CA ASP A 71 -32.62 -1.52 -10.66
C ASP A 71 -32.49 -2.06 -9.24
N GLU A 72 -32.89 -3.33 -9.03
CA GLU A 72 -32.65 -3.97 -7.75
C GLU A 72 -31.19 -4.35 -7.59
N ARG A 73 -30.52 -4.65 -8.70
CA ARG A 73 -29.09 -4.93 -8.60
C ARG A 73 -28.31 -3.66 -8.33
N TRP A 74 -28.83 -2.50 -8.75
CA TRP A 74 -28.22 -1.25 -8.33
C TRP A 74 -28.41 -1.03 -6.83
N ILE A 75 -29.61 -1.29 -6.32
CA ILE A 75 -29.89 -1.02 -4.91
C ILE A 75 -29.05 -1.90 -4.01
N SER A 76 -28.69 -3.10 -4.47
CA SER A 76 -27.80 -3.97 -3.71
C SER A 76 -26.37 -3.41 -3.68
N TYR A 77 -25.84 -3.06 -4.86
CA TYR A 77 -24.55 -2.40 -4.91
C TYR A 77 -24.51 -1.21 -3.96
N VAL A 78 -25.58 -0.41 -3.91
CA VAL A 78 -25.53 0.82 -3.13
C VAL A 78 -25.66 0.59 -1.64
N GLY A 79 -26.12 -0.59 -1.21
CA GLY A 79 -26.24 -0.85 0.21
C GLY A 79 -24.95 -0.65 0.97
N VAL A 80 -23.82 -1.06 0.39
CA VAL A 80 -22.55 -1.01 1.11
C VAL A 80 -22.13 0.44 1.40
N VAL A 81 -22.43 1.37 0.51
CA VAL A 81 -22.10 2.78 0.75
C VAL A 81 -23.08 3.40 1.74
N LEU A 82 -24.37 3.06 1.61
CA LEU A 82 -25.33 3.59 2.56
C LEU A 82 -24.94 3.26 4.00
N TRP A 83 -24.41 2.07 4.25
CA TRP A 83 -24.16 1.58 5.60
C TRP A 83 -22.76 1.87 6.13
N SER A 84 -21.74 1.89 5.28
CA SER A 84 -20.37 1.77 5.74
C SER A 84 -19.60 3.08 5.65
N GLN A 85 -20.27 4.20 5.40
CA GLN A 85 -19.62 5.48 5.58
C GLN A 85 -19.77 5.85 7.04
N SER A 86 -19.47 7.11 7.39
CA SER A 86 -19.43 7.55 8.77
C SER A 86 -20.33 8.79 8.90
N PRO A 87 -21.63 8.59 9.01
CA PRO A 87 -22.56 9.74 8.91
C PRO A 87 -22.27 10.82 9.92
N ARG A 88 -21.65 10.46 11.04
CA ARG A 88 -21.32 11.45 12.06
C ARG A 88 -20.52 12.61 11.48
N HIS A 89 -19.61 12.34 10.55
CA HIS A 89 -18.62 13.34 10.14
C HIS A 89 -18.80 13.89 8.74
N ILE A 90 -19.79 13.41 7.98
CA ILE A 90 -19.91 13.78 6.57
C ILE A 90 -20.04 15.28 6.43
N LYS A 91 -19.11 15.90 5.68
CA LYS A 91 -19.17 17.34 5.39
C LYS A 91 -19.53 17.68 3.95
N ASP A 92 -19.49 16.73 3.01
CA ASP A 92 -19.70 17.04 1.58
C ASP A 92 -20.56 15.91 1.00
N MET A 93 -21.83 16.22 0.74
CA MET A 93 -22.77 15.24 0.23
C MET A 93 -22.71 15.06 -1.28
N GLU A 94 -22.09 15.98 -2.01
CA GLU A 94 -21.82 15.73 -3.41
C GLU A 94 -20.74 14.67 -3.56
N ALA A 95 -19.67 14.79 -2.76
CA ALA A 95 -18.68 13.73 -2.70
C ALA A 95 -19.32 12.43 -2.27
N PHE A 96 -20.27 12.49 -1.33
CA PHE A 96 -20.92 11.26 -0.87
C PHE A 96 -21.63 10.55 -2.02
N LYS A 97 -22.30 11.32 -2.88
CA LYS A 97 -23.05 10.71 -3.97
C LYS A 97 -22.13 10.21 -5.07
N ALA A 98 -20.99 10.86 -5.27
CA ALA A 98 -19.96 10.32 -6.15
C ALA A 98 -19.57 8.91 -5.74
N VAL A 99 -19.29 8.70 -4.45
CA VAL A 99 -18.90 7.39 -3.97
C VAL A 99 -20.02 6.39 -4.18
N CYS A 100 -21.27 6.81 -3.91
CA CYS A 100 -22.43 6.00 -4.28
C CYS A 100 -22.36 5.57 -5.74
N VAL A 101 -22.11 6.51 -6.64
CA VAL A 101 -22.07 6.19 -8.07
C VAL A 101 -20.86 5.33 -8.41
N LEU A 102 -19.66 5.80 -8.06
CA LEU A 102 -18.43 5.10 -8.43
C LEU A 102 -18.40 3.70 -7.86
N ASN A 103 -18.82 3.53 -6.61
CA ASN A 103 -18.79 2.18 -6.06
C ASN A 103 -19.78 1.28 -6.78
N CYS A 104 -21.00 1.78 -7.05
CA CYS A 104 -22.02 0.94 -7.67
C CYS A 104 -21.63 0.53 -9.08
N VAL A 105 -21.02 1.42 -9.87
CA VAL A 105 -20.73 1.06 -11.26
C VAL A 105 -19.51 0.18 -11.36
N THR A 106 -18.60 0.26 -10.37
CA THR A 106 -17.44 -0.63 -10.40
C THR A 106 -17.82 -2.01 -9.87
N PHE A 107 -18.88 -2.08 -9.08
CA PHE A 107 -19.53 -3.35 -8.77
C PHE A 107 -19.95 -4.08 -10.05
N VAL A 108 -20.63 -3.37 -10.98
CA VAL A 108 -21.02 -4.00 -12.25
C VAL A 108 -19.80 -4.58 -12.94
N TRP A 109 -18.73 -3.79 -13.02
CA TRP A 109 -17.51 -4.21 -13.70
C TRP A 109 -16.93 -5.46 -13.06
N ASP A 110 -16.93 -5.51 -11.72
CA ASP A 110 -16.47 -6.71 -11.03
C ASP A 110 -17.18 -7.95 -11.56
N ASP A 111 -18.49 -7.88 -11.69
CA ASP A 111 -19.35 -9.01 -12.01
C ASP A 111 -19.58 -9.21 -13.50
N MET A 112 -18.95 -8.44 -14.38
CA MET A 112 -19.06 -8.63 -15.81
C MET A 112 -17.96 -9.54 -16.31
N ASP A 113 -18.28 -10.33 -17.34
CA ASP A 113 -17.28 -11.11 -18.05
C ASP A 113 -16.30 -10.17 -18.76
N PRO A 114 -14.99 -10.48 -18.75
CA PRO A 114 -14.01 -9.50 -19.29
C PRO A 114 -14.25 -9.12 -20.74
N ALA A 115 -14.94 -9.96 -21.51
CA ALA A 115 -15.28 -9.57 -22.87
C ALA A 115 -16.15 -8.32 -22.87
N LEU A 116 -17.06 -8.21 -21.90
CA LEU A 116 -17.87 -7.01 -21.75
C LEU A 116 -17.04 -5.78 -21.34
N HIS A 117 -15.81 -5.98 -20.86
CA HIS A 117 -14.94 -4.88 -20.45
C HIS A 117 -14.45 -4.12 -21.68
N ASP A 118 -14.70 -2.82 -21.72
CA ASP A 118 -14.21 -1.96 -22.78
C ASP A 118 -13.73 -0.67 -22.13
N PHE A 119 -12.41 -0.52 -22.01
CA PHE A 119 -11.85 0.67 -21.39
C PHE A 119 -12.07 1.91 -22.25
N GLY A 120 -12.09 1.75 -23.58
CA GLY A 120 -12.32 2.89 -24.44
C GLY A 120 -13.58 3.65 -24.11
N LEU A 121 -14.64 2.93 -23.73
CA LEU A 121 -15.93 3.53 -23.41
C LEU A 121 -16.17 3.80 -21.94
N PHE A 122 -15.78 2.88 -21.06
CA PHE A 122 -16.14 3.00 -19.64
C PHE A 122 -15.27 3.99 -18.89
N LEU A 123 -13.97 4.03 -19.19
CA LEU A 123 -13.10 5.05 -18.61
C LEU A 123 -13.62 6.46 -18.81
N PRO A 124 -14.05 6.90 -20.01
CA PRO A 124 -14.69 8.22 -20.10
C PRO A 124 -15.88 8.40 -19.17
N GLN A 125 -16.71 7.37 -18.98
CA GLN A 125 -17.83 7.49 -18.05
C GLN A 125 -17.33 7.71 -16.62
N LEU A 126 -16.28 6.99 -16.22
CA LEU A 126 -15.69 7.18 -14.90
C LEU A 126 -15.25 8.63 -14.72
N ARG A 127 -14.53 9.18 -15.70
CA ARG A 127 -14.04 10.54 -15.55
C ARG A 127 -15.18 11.55 -15.55
N LYS A 128 -16.24 11.28 -16.33
CA LYS A 128 -17.43 12.12 -16.34
C LYS A 128 -18.04 12.21 -14.94
N ILE A 129 -18.24 11.07 -14.30
CA ILE A 129 -18.77 11.02 -12.93
C ILE A 129 -17.88 11.82 -11.98
N CYS A 130 -16.57 11.54 -11.98
CA CYS A 130 -15.65 12.22 -11.07
C CYS A 130 -15.66 13.72 -11.29
N GLU A 131 -15.68 14.16 -12.55
CA GLU A 131 -15.71 15.60 -12.81
C GLU A 131 -17.06 16.20 -12.47
N LYS A 132 -18.12 15.39 -12.43
CA LYS A 132 -19.44 15.90 -12.04
C LYS A 132 -19.48 16.23 -10.55
N TYR A 133 -18.84 15.41 -9.72
CA TYR A 133 -19.07 15.47 -8.28
C TYR A 133 -17.92 16.05 -7.47
N TYR A 134 -16.72 16.15 -8.02
CA TYR A 134 -15.55 16.52 -7.24
C TYR A 134 -14.91 17.79 -7.78
N GLY A 135 -14.13 18.46 -6.94
CA GLY A 135 -13.24 19.50 -7.41
C GLY A 135 -12.17 18.94 -8.33
N PRO A 136 -11.42 19.80 -9.02
CA PRO A 136 -10.41 19.30 -9.98
C PRO A 136 -9.39 18.35 -9.38
N GLU A 137 -8.81 18.69 -8.23
CA GLU A 137 -7.77 17.83 -7.67
C GLU A 137 -8.35 16.50 -7.23
N ASP A 138 -9.46 16.53 -6.49
CA ASP A 138 -10.12 15.31 -6.05
C ASP A 138 -10.60 14.46 -7.22
N ALA A 139 -11.07 15.10 -8.29
CA ALA A 139 -11.55 14.33 -9.43
C ALA A 139 -10.43 13.49 -10.01
N GLU A 140 -9.22 14.05 -10.13
CA GLU A 140 -8.07 13.29 -10.60
C GLU A 140 -7.76 12.12 -9.68
N VAL A 141 -7.88 12.32 -8.36
CA VAL A 141 -7.54 11.25 -7.42
C VAL A 141 -8.58 10.14 -7.48
N ALA A 142 -9.86 10.52 -7.45
CA ALA A 142 -10.92 9.52 -7.57
C ALA A 142 -10.79 8.75 -8.87
N TYR A 143 -10.57 9.46 -9.99
CA TYR A 143 -10.55 8.81 -11.29
C TYR A 143 -9.35 7.88 -11.44
N GLU A 144 -8.15 8.31 -11.05
CA GLU A 144 -6.99 7.42 -11.07
C GLU A 144 -7.28 6.13 -10.30
N ALA A 145 -7.87 6.24 -9.12
CA ALA A 145 -8.15 5.06 -8.31
C ALA A 145 -9.22 4.18 -8.94
N ALA A 146 -10.20 4.79 -9.61
CA ALA A 146 -11.20 4.02 -10.33
C ALA A 146 -10.57 3.27 -11.50
N ARG A 147 -9.76 3.98 -12.29
CA ARG A 147 -9.04 3.35 -13.38
C ARG A 147 -8.19 2.17 -12.89
N ALA A 148 -7.45 2.39 -11.78
CA ALA A 148 -6.58 1.35 -11.25
C ALA A 148 -7.38 0.11 -10.82
N PHE A 149 -8.52 0.30 -10.16
CA PHE A 149 -9.32 -0.84 -9.74
C PHE A 149 -9.83 -1.66 -10.93
N VAL A 150 -10.43 -1.00 -11.93
CA VAL A 150 -11.01 -1.76 -13.02
C VAL A 150 -9.92 -2.40 -13.86
N THR A 151 -8.81 -1.69 -14.08
CA THR A 151 -7.65 -2.28 -14.76
C THR A 151 -7.12 -3.50 -14.01
N SER A 152 -7.03 -3.42 -12.69
CA SER A 152 -6.52 -4.54 -11.91
C SER A 152 -7.47 -5.73 -11.99
N ASP A 153 -8.78 -5.51 -11.81
CA ASP A 153 -9.73 -6.60 -11.95
C ASP A 153 -9.56 -7.27 -13.33
N HIS A 154 -9.41 -6.47 -14.38
CA HIS A 154 -9.29 -7.00 -15.73
C HIS A 154 -8.01 -7.81 -15.91
N MET A 155 -6.86 -7.25 -15.51
CA MET A 155 -5.60 -7.89 -15.86
C MET A 155 -5.34 -9.14 -15.02
N PHE A 156 -6.07 -9.34 -13.92
CA PHE A 156 -5.82 -10.51 -13.08
C PHE A 156 -6.74 -11.69 -13.35
N ARG A 157 -7.72 -11.57 -14.25
CA ARG A 157 -8.35 -12.78 -14.75
C ARG A 157 -7.32 -13.58 -15.53
N ASP A 158 -7.16 -14.85 -15.15
CA ASP A 158 -6.19 -15.76 -15.77
C ASP A 158 -4.75 -15.41 -15.43
N SER A 159 -4.58 -14.61 -14.38
CA SER A 159 -3.19 -14.24 -14.09
C SER A 159 -2.54 -15.26 -13.18
N PRO A 160 -1.41 -15.86 -13.56
CA PRO A 160 -0.66 -16.66 -12.59
C PRO A 160 -0.24 -15.88 -11.35
N ILE A 161 -0.21 -14.54 -11.43
CA ILE A 161 0.08 -13.73 -10.26
C ILE A 161 -1.03 -13.90 -9.22
N LYS A 162 -2.28 -13.79 -9.66
CA LYS A 162 -3.38 -13.94 -8.72
C LYS A 162 -3.39 -15.32 -8.08
N ALA A 163 -3.13 -16.37 -8.89
CA ALA A 163 -3.06 -17.71 -8.34
C ALA A 163 -1.95 -17.82 -7.30
N ALA A 164 -0.78 -17.26 -7.60
CA ALA A 164 0.32 -17.32 -6.64
C ALA A 164 0.01 -16.52 -5.38
N LEU A 165 -0.64 -15.36 -5.52
CA LEU A 165 -0.86 -14.50 -4.36
C LEU A 165 -2.00 -14.99 -3.48
N CYS A 166 -2.92 -15.81 -4.01
CA CYS A 166 -4.09 -16.24 -3.27
C CYS A 166 -3.90 -17.61 -2.63
N THR A 167 -3.03 -18.45 -3.17
CA THR A 167 -2.84 -19.78 -2.64
C THR A 167 -1.59 -19.93 -1.78
N THR A 168 -0.80 -18.87 -1.62
CA THR A 168 0.50 -19.07 -0.96
C THR A 168 0.41 -18.96 0.55
N SER A 169 -0.09 -17.84 1.06
CA SER A 169 -0.29 -17.63 2.49
C SER A 169 -1.34 -16.55 2.67
N PRO A 170 -1.92 -16.41 3.86
CA PRO A 170 -2.80 -15.26 4.12
C PRO A 170 -2.14 -13.93 3.79
N GLU A 171 -0.85 -13.77 4.11
CA GLU A 171 -0.23 -12.47 3.94
C GLU A 171 -0.07 -12.09 2.48
N GLN A 172 0.32 -13.04 1.64
CA GLN A 172 0.33 -12.75 0.21
C GLN A 172 -1.08 -12.41 -0.25
N TYR A 173 -2.06 -13.12 0.28
CA TYR A 173 -3.44 -12.95 -0.17
C TYR A 173 -3.96 -11.57 0.18
N PHE A 174 -3.84 -11.16 1.44
CA PHE A 174 -4.37 -9.86 1.82
C PHE A 174 -3.59 -8.73 1.14
N ARG A 175 -2.31 -8.96 0.84
CA ARG A 175 -1.55 -7.99 0.06
C ARG A 175 -2.21 -7.72 -1.29
N PHE A 176 -2.67 -8.79 -1.96
CA PHE A 176 -3.37 -8.61 -3.23
C PHE A 176 -4.68 -7.86 -3.04
N ARG A 177 -5.40 -8.18 -1.97
CA ARG A 177 -6.75 -7.64 -1.76
C ARG A 177 -6.77 -6.15 -1.44
N VAL A 178 -5.67 -5.59 -0.91
CA VAL A 178 -5.61 -4.13 -0.69
C VAL A 178 -6.13 -3.39 -1.93
N THR A 179 -5.64 -3.77 -3.10
CA THR A 179 -6.16 -3.22 -4.34
C THR A 179 -7.43 -3.96 -4.76
N ASP A 180 -7.40 -5.29 -4.74
CA ASP A 180 -8.37 -6.01 -5.54
C ASP A 180 -9.79 -5.91 -4.96
N ILE A 181 -9.91 -5.87 -3.63
CA ILE A 181 -11.25 -5.74 -3.04
C ILE A 181 -11.82 -4.35 -3.26
N GLY A 182 -10.98 -3.37 -3.58
CA GLY A 182 -11.45 -2.02 -3.83
C GLY A 182 -11.34 -1.06 -2.67
N VAL A 183 -10.71 -1.46 -1.56
CA VAL A 183 -10.64 -0.56 -0.40
C VAL A 183 -9.71 0.62 -0.68
N ASP A 184 -8.65 0.42 -1.47
CA ASP A 184 -7.79 1.56 -1.79
C ASP A 184 -8.56 2.58 -2.63
N PHE A 185 -9.34 2.09 -3.61
CA PHE A 185 -10.27 2.93 -4.38
C PHE A 185 -11.23 3.66 -3.45
N TRP A 186 -11.88 2.92 -2.54
CA TRP A 186 -12.85 3.50 -1.61
C TRP A 186 -12.29 4.71 -0.88
N MET A 187 -11.10 4.56 -0.30
CA MET A 187 -10.53 5.64 0.50
C MET A 187 -10.20 6.85 -0.37
N LYS A 188 -9.68 6.63 -1.56
CA LYS A 188 -9.26 7.73 -2.41
C LYS A 188 -10.43 8.45 -3.06
N MET A 189 -11.61 7.84 -3.08
CA MET A 189 -12.80 8.55 -3.51
C MET A 189 -13.64 9.10 -2.35
N SER A 190 -13.39 8.65 -1.12
CA SER A 190 -14.21 9.01 0.04
C SER A 190 -13.66 10.16 0.88
N TYR A 191 -12.35 10.43 0.82
CA TYR A 191 -11.83 11.51 1.65
C TYR A 191 -12.43 12.88 1.34
N PRO A 192 -12.81 13.23 0.10
CA PRO A 192 -13.48 14.53 -0.10
C PRO A 192 -14.72 14.71 0.76
N ILE A 193 -15.38 13.62 1.15
CA ILE A 193 -16.59 13.73 1.98
C ILE A 193 -16.31 14.44 3.31
N TYR A 194 -15.14 14.20 3.90
CA TYR A 194 -14.86 14.64 5.26
C TYR A 194 -13.93 15.85 5.32
N ARG A 195 -13.16 16.12 4.27
CA ARG A 195 -12.21 17.22 4.27
C ARG A 195 -11.41 17.32 5.57
N HIS A 196 -11.05 16.18 6.16
CA HIS A 196 -10.16 16.15 7.31
C HIS A 196 -8.74 15.88 6.85
N PRO A 197 -7.79 16.80 7.10
CA PRO A 197 -6.44 16.66 6.53
C PRO A 197 -5.75 15.35 6.87
N GLU A 198 -5.72 14.96 8.14
CA GLU A 198 -5.12 13.69 8.53
C GLU A 198 -5.70 12.54 7.72
N PHE A 199 -7.04 12.45 7.66
CA PHE A 199 -7.66 11.33 6.94
C PHE A 199 -7.34 11.39 5.45
N THR A 200 -7.22 12.59 4.89
CA THR A 200 -6.87 12.71 3.49
C THR A 200 -5.49 12.13 3.22
N GLU A 201 -4.54 12.39 4.12
CA GLU A 201 -3.18 11.89 3.93
C GLU A 201 -3.13 10.37 4.06
N HIS A 202 -3.78 9.80 5.09
CA HIS A 202 -3.85 8.34 5.21
C HIS A 202 -4.51 7.72 3.98
N ALA A 203 -5.52 8.37 3.41
CA ALA A 203 -6.13 7.85 2.19
C ALA A 203 -5.13 7.86 1.03
N LYS A 204 -4.36 8.94 0.91
CA LYS A 204 -3.46 9.10 -0.22
C LYS A 204 -2.18 8.28 -0.08
N THR A 205 -1.75 7.95 1.14
CA THR A 205 -0.65 7.00 1.30
C THR A 205 -1.10 5.55 1.16
N SER A 206 -2.42 5.30 1.18
CA SER A 206 -3.05 4.00 1.27
C SER A 206 -2.88 3.33 2.63
N LEU A 207 -2.28 4.02 3.61
CA LEU A 207 -2.30 3.47 4.96
C LEU A 207 -3.73 3.17 5.39
N ALA A 208 -4.67 4.05 5.03
CA ALA A 208 -6.07 3.82 5.38
C ALA A 208 -6.55 2.48 4.80
N ALA A 209 -6.31 2.26 3.51
CA ALA A 209 -6.71 1.00 2.89
C ALA A 209 -6.04 -0.18 3.59
N ARG A 210 -4.74 -0.05 3.88
CA ARG A 210 -4.02 -1.17 4.47
C ARG A 210 -4.54 -1.50 5.86
N MET A 211 -4.89 -0.47 6.65
CA MET A 211 -5.42 -0.70 7.99
C MET A 211 -6.73 -1.46 7.95
N THR A 212 -7.54 -1.26 6.91
CA THR A 212 -8.88 -1.81 6.88
C THR A 212 -9.04 -3.04 5.99
N THR A 213 -7.97 -3.48 5.32
CA THR A 213 -8.10 -4.54 4.32
C THR A 213 -8.61 -5.83 4.92
N ARG A 214 -8.02 -6.28 6.03
CA ARG A 214 -8.39 -7.60 6.52
C ARG A 214 -9.80 -7.61 7.10
N GLY A 215 -10.22 -6.54 7.77
CA GLY A 215 -11.57 -6.49 8.30
C GLY A 215 -12.63 -6.59 7.22
N LEU A 216 -12.45 -5.85 6.13
CA LEU A 216 -13.35 -5.91 4.99
C LEU A 216 -13.28 -7.27 4.30
N THR A 217 -12.06 -7.72 3.99
CA THR A 217 -11.85 -8.90 3.16
C THR A 217 -12.28 -10.18 3.85
N ILE A 218 -11.94 -10.34 5.13
CA ILE A 218 -12.30 -11.56 5.84
C ILE A 218 -13.82 -11.70 5.90
N VAL A 219 -14.51 -10.61 6.22
CA VAL A 219 -15.98 -10.65 6.27
C VAL A 219 -16.54 -10.99 4.89
N ASN A 220 -16.14 -10.22 3.87
CA ASN A 220 -16.60 -10.51 2.51
C ASN A 220 -16.29 -11.95 2.11
N ASP A 221 -15.07 -12.41 2.38
CA ASP A 221 -14.69 -13.76 1.95
C ASP A 221 -15.60 -14.81 2.56
N PHE A 222 -15.96 -14.67 3.84
CA PHE A 222 -16.79 -15.71 4.42
C PHE A 222 -18.17 -15.72 3.79
N TYR A 223 -18.85 -14.58 3.80
CA TYR A 223 -20.24 -14.53 3.34
C TYR A 223 -20.36 -14.47 1.83
N SER A 224 -19.25 -14.50 1.09
CA SER A 224 -19.30 -14.61 -0.36
C SER A 224 -18.50 -15.80 -0.86
N TYR A 225 -18.05 -16.68 0.05
CA TYR A 225 -17.38 -17.91 -0.33
C TYR A 225 -18.25 -18.78 -1.23
N ASP A 226 -19.56 -18.84 -0.95
CA ASP A 226 -20.41 -19.79 -1.64
C ASP A 226 -20.59 -19.40 -3.10
N ARG A 227 -20.90 -18.13 -3.36
CA ARG A 227 -21.03 -17.67 -4.74
C ARG A 227 -19.73 -17.85 -5.50
N GLU A 228 -18.61 -17.48 -4.90
CA GLU A 228 -17.36 -17.45 -5.66
C GLU A 228 -16.82 -18.85 -5.95
N VAL A 229 -17.05 -19.81 -5.05
CA VAL A 229 -16.64 -21.18 -5.38
C VAL A 229 -17.42 -21.69 -6.59
N SER A 230 -18.71 -21.37 -6.66
CA SER A 230 -19.52 -21.88 -7.77
C SER A 230 -19.14 -21.20 -9.08
N LEU A 231 -18.82 -19.92 -9.04
CA LEU A 231 -18.42 -19.17 -10.23
C LEU A 231 -16.96 -19.38 -10.60
N GLY A 232 -16.23 -20.18 -9.85
CA GLY A 232 -14.82 -20.41 -10.13
C GLY A 232 -13.89 -19.29 -9.71
N GLN A 233 -14.29 -18.47 -8.75
CA GLN A 233 -13.46 -17.36 -8.31
C GLN A 233 -12.56 -17.82 -7.16
N ILE A 234 -11.24 -17.63 -7.33
CA ILE A 234 -10.27 -18.09 -6.35
C ILE A 234 -9.84 -17.01 -5.38
N THR A 235 -10.30 -15.78 -5.55
CA THR A 235 -9.88 -14.67 -4.68
C THR A 235 -10.70 -14.73 -3.39
N ASN A 236 -10.30 -15.64 -2.50
CA ASN A 236 -11.04 -15.88 -1.25
C ASN A 236 -10.15 -16.62 -0.27
N CYS A 237 -9.81 -15.98 0.86
CA CYS A 237 -8.84 -16.58 1.78
C CYS A 237 -9.31 -17.91 2.36
N PHE A 238 -10.61 -18.18 2.40
CA PHE A 238 -10.99 -19.45 3.01
C PHE A 238 -10.67 -20.64 2.11
N ARG A 239 -10.36 -20.41 0.84
CA ARG A 239 -9.82 -21.50 0.03
C ARG A 239 -8.43 -21.93 0.48
N LEU A 240 -7.79 -21.16 1.35
CA LEU A 240 -6.55 -21.58 1.97
C LEU A 240 -6.75 -22.62 3.06
N CYS A 241 -7.96 -22.74 3.60
CA CYS A 241 -8.25 -23.82 4.54
C CYS A 241 -9.18 -24.83 3.87
N ASP A 242 -9.40 -25.94 4.54
CA ASP A 242 -10.24 -27.03 4.05
C ASP A 242 -11.55 -26.95 4.82
N VAL A 243 -12.54 -26.23 4.28
CA VAL A 243 -13.77 -26.01 5.02
C VAL A 243 -14.54 -27.32 5.17
N SER A 244 -14.07 -28.42 4.57
CA SER A 244 -14.71 -29.70 4.77
C SER A 244 -14.16 -30.40 6.01
N ASP A 245 -13.48 -29.64 6.86
CA ASP A 245 -12.92 -30.15 8.11
C ASP A 245 -13.20 -29.14 9.21
N GLU A 246 -14.26 -29.39 10.00
CA GLU A 246 -14.69 -28.40 10.96
C GLU A 246 -13.60 -28.02 11.96
N THR A 247 -12.67 -28.92 12.23
CA THR A 247 -11.54 -28.59 13.09
C THR A 247 -10.61 -27.60 12.41
N ALA A 248 -9.98 -28.00 11.30
CA ALA A 248 -9.08 -27.10 10.59
C ALA A 248 -9.75 -25.78 10.26
N PHE A 249 -11.06 -25.82 9.99
CA PHE A 249 -11.81 -24.59 9.77
C PHE A 249 -11.87 -23.74 11.02
N LYS A 250 -12.21 -24.34 12.16
CA LYS A 250 -12.23 -23.58 13.41
C LYS A 250 -10.86 -22.96 13.69
N GLU A 251 -9.79 -23.70 13.39
CA GLU A 251 -8.44 -23.18 13.61
C GLU A 251 -8.20 -21.95 12.74
N PHE A 252 -8.43 -22.09 11.43
CA PHE A 252 -8.24 -21.00 10.49
C PHE A 252 -9.15 -19.82 10.83
N PHE A 253 -10.42 -20.09 11.15
CA PHE A 253 -11.36 -19.01 11.38
C PHE A 253 -10.95 -18.16 12.56
N GLN A 254 -10.44 -18.79 13.62
CA GLN A 254 -9.97 -18.01 14.76
C GLN A 254 -8.82 -17.10 14.37
N ALA A 255 -7.83 -17.63 13.64
CA ALA A 255 -6.67 -16.83 13.26
C ALA A 255 -7.09 -15.59 12.44
N ARG A 256 -8.10 -15.74 11.56
CA ARG A 256 -8.64 -14.58 10.85
C ARG A 256 -9.36 -13.63 11.80
N LEU A 257 -10.09 -14.16 12.78
CA LEU A 257 -10.68 -13.30 13.79
C LEU A 257 -9.60 -12.52 14.55
N ASP A 258 -8.48 -13.18 14.88
CA ASP A 258 -7.40 -12.48 15.56
C ASP A 258 -6.82 -11.39 14.67
N ASP A 259 -6.69 -11.66 13.37
CA ASP A 259 -6.29 -10.64 12.43
C ASP A 259 -7.17 -9.39 12.56
N MET A 260 -8.49 -9.59 12.52
CA MET A 260 -9.43 -8.46 12.63
C MET A 260 -9.26 -7.70 13.94
N ILE A 261 -9.14 -8.42 15.05
CA ILE A 261 -9.04 -7.76 16.36
C ILE A 261 -7.77 -6.91 16.45
N GLU A 262 -6.64 -7.45 15.94
CA GLU A 262 -5.39 -6.71 16.01
C GLU A 262 -5.44 -5.44 15.19
N ASP A 263 -5.98 -5.53 13.97
CA ASP A 263 -6.20 -4.35 13.14
C ASP A 263 -7.09 -3.34 13.86
N ILE A 264 -8.20 -3.81 14.42
CA ILE A 264 -9.18 -2.89 15.02
C ILE A 264 -8.57 -2.14 16.21
N GLU A 265 -7.80 -2.85 17.06
CA GLU A 265 -7.13 -2.16 18.16
C GLU A 265 -6.09 -1.16 17.67
N CYS A 266 -5.33 -1.51 16.63
CA CYS A 266 -4.34 -0.56 16.12
C CYS A 266 -5.00 0.66 15.48
N ILE A 267 -6.16 0.48 14.86
CA ILE A 267 -6.89 1.61 14.28
C ILE A 267 -7.22 2.63 15.37
N LYS A 268 -7.44 2.14 16.60
CA LYS A 268 -7.80 3.00 17.71
C LYS A 268 -6.71 4.01 18.06
N ALA A 269 -5.48 3.84 17.56
CA ALA A 269 -4.43 4.82 17.81
C ALA A 269 -4.49 5.99 16.84
N PHE A 270 -5.21 5.86 15.74
CA PHE A 270 -5.43 6.97 14.82
C PHE A 270 -6.25 8.05 15.52
N ASP A 271 -6.30 9.24 14.91
CA ASP A 271 -7.09 10.32 15.47
C ASP A 271 -8.56 9.94 15.49
N GLN A 272 -9.30 10.59 16.39
CA GLN A 272 -10.65 10.15 16.72
C GLN A 272 -11.57 10.12 15.51
N LEU A 273 -11.55 11.18 14.68
CA LEU A 273 -12.40 11.20 13.50
C LEU A 273 -12.00 10.09 12.52
N THR A 274 -10.72 10.02 12.17
CA THR A 274 -10.24 8.98 11.26
C THR A 274 -10.62 7.60 11.75
N GLN A 275 -10.34 7.33 13.03
CA GLN A 275 -10.70 6.08 13.68
C GLN A 275 -12.17 5.73 13.45
N ASP A 276 -13.05 6.72 13.54
CA ASP A 276 -14.48 6.48 13.32
C ASP A 276 -14.74 5.99 11.91
N VAL A 277 -14.20 6.67 10.92
CA VAL A 277 -14.43 6.29 9.53
C VAL A 277 -13.95 4.86 9.27
N PHE A 278 -12.74 4.54 9.73
CA PHE A 278 -12.21 3.18 9.56
C PHE A 278 -13.13 2.15 10.17
N LEU A 279 -13.55 2.35 11.42
CA LEU A 279 -14.37 1.36 12.10
C LEU A 279 -15.79 1.32 11.53
N ASP A 280 -16.37 2.49 11.21
CA ASP A 280 -17.66 2.54 10.51
C ASP A 280 -17.61 1.70 9.24
N LEU A 281 -16.52 1.82 8.47
CA LEU A 281 -16.37 1.04 7.24
C LEU A 281 -16.41 -0.45 7.53
N ILE A 282 -15.62 -0.91 8.50
CA ILE A 282 -15.49 -2.35 8.69
C ILE A 282 -16.78 -2.94 9.23
N TYR A 283 -17.34 -2.33 10.28
CA TYR A 283 -18.58 -2.82 10.85
C TYR A 283 -19.75 -2.61 9.88
N GLY A 284 -19.77 -1.45 9.22
CA GLY A 284 -20.84 -1.20 8.27
C GLY A 284 -20.87 -2.20 7.15
N ASN A 285 -19.70 -2.68 6.72
CA ASN A 285 -19.66 -3.69 5.67
C ASN A 285 -20.27 -5.00 6.13
N PHE A 286 -20.03 -5.37 7.39
CA PHE A 286 -20.53 -6.65 7.90
C PHE A 286 -22.06 -6.69 7.93
N VAL A 287 -22.71 -5.57 8.28
CA VAL A 287 -24.17 -5.54 8.34
C VAL A 287 -24.78 -5.71 6.94
N TRP A 288 -24.34 -4.90 5.98
CA TRP A 288 -24.85 -5.06 4.63
C TRP A 288 -24.63 -6.49 4.13
N THR A 289 -23.43 -7.02 4.35
CA THR A 289 -23.03 -8.28 3.73
C THR A 289 -23.95 -9.43 4.15
N THR A 290 -24.21 -9.57 5.46
CA THR A 290 -24.92 -10.73 6.01
C THR A 290 -26.38 -10.82 5.58
N SER A 291 -26.92 -9.76 5.00
CA SER A 291 -28.34 -9.70 4.70
C SER A 291 -28.62 -9.56 3.21
N ASN A 292 -27.60 -9.34 2.40
CA ASN A 292 -27.80 -9.03 1.00
C ASN A 292 -28.00 -10.29 0.16
N LYS A 293 -29.00 -10.23 -0.71
CA LYS A 293 -29.35 -11.29 -1.64
C LYS A 293 -28.13 -11.80 -2.39
N ARG A 294 -27.19 -10.90 -2.67
CA ARG A 294 -25.92 -11.30 -3.28
C ARG A 294 -25.30 -12.51 -2.60
N TYR A 295 -25.61 -12.74 -1.32
CA TYR A 295 -24.96 -13.76 -0.51
C TYR A 295 -25.97 -14.76 0.09
N LYS A 296 -27.16 -14.90 -0.52
CA LYS A 296 -28.17 -15.87 -0.11
C LYS A 296 -28.57 -16.82 -1.24
N THR A 297 -28.17 -16.50 -2.46
CA THR A 297 -28.28 -17.31 -3.67
C THR A 297 -27.11 -16.93 -4.55
N ALA A 298 -27.43 -16.38 -5.74
CA ALA A 298 -26.56 -15.70 -6.72
C ALA A 298 -27.02 -16.02 -8.15
N ILE B 13 15.26 1.05 23.19
CA ILE B 13 16.65 0.84 23.65
C ILE B 13 17.56 1.88 22.98
N GLY B 14 18.63 2.29 23.67
CA GLY B 14 19.51 3.31 23.14
C GLY B 14 20.94 2.89 22.86
N ARG B 15 21.38 1.78 23.44
CA ARG B 15 22.77 1.32 23.34
C ARG B 15 22.85 -0.17 23.00
N SER B 16 21.72 -0.77 22.63
CA SER B 16 21.69 -2.15 22.14
C SER B 16 22.16 -2.19 20.69
N SER B 17 22.47 -3.40 20.24
CA SER B 17 23.29 -3.54 19.04
C SER B 17 23.11 -4.93 18.46
N VAL B 18 23.27 -5.03 17.14
CA VAL B 18 23.29 -6.31 16.46
C VAL B 18 24.69 -6.65 15.93
N ARG B 19 25.70 -5.88 16.34
CA ARG B 19 27.09 -6.15 15.96
C ARG B 19 27.52 -7.61 16.03
N PRO B 20 27.20 -8.39 17.08
CA PRO B 20 27.72 -9.77 17.12
C PRO B 20 27.21 -10.63 15.99
N TYR B 21 26.14 -10.22 15.34
CA TYR B 21 25.51 -10.99 14.27
C TYR B 21 25.90 -10.50 12.90
N LEU B 22 26.71 -9.45 12.81
CA LEU B 22 27.02 -8.88 11.51
C LEU B 22 27.47 -9.95 10.53
N GLU B 23 28.39 -10.81 10.97
CA GLU B 23 29.04 -11.71 10.02
C GLU B 23 28.14 -12.88 9.65
N GLU B 24 27.50 -13.48 10.63
CA GLU B 24 26.62 -14.60 10.31
C GLU B 24 25.46 -14.16 9.43
N CYS B 25 24.81 -13.05 9.80
CA CYS B 25 23.60 -12.61 9.13
C CYS B 25 23.90 -12.15 7.70
N THR B 26 25.04 -11.49 7.49
CA THR B 26 25.41 -11.10 6.14
C THR B 26 25.55 -12.32 5.24
N ARG B 27 26.11 -13.41 5.78
CA ARG B 27 26.22 -14.65 5.02
C ARG B 27 24.87 -15.31 4.81
N ARG B 28 24.05 -15.41 5.86
CA ARG B 28 22.67 -15.86 5.71
C ARG B 28 21.94 -15.08 4.62
N PHE B 29 22.01 -13.75 4.67
CA PHE B 29 21.41 -12.95 3.60
C PHE B 29 21.98 -13.37 2.24
N GLN B 30 23.31 -13.50 2.15
CA GLN B 30 23.95 -13.80 0.88
C GLN B 30 23.56 -15.19 0.39
N GLU B 31 23.52 -16.17 1.28
CA GLU B 31 23.18 -17.53 0.86
C GLU B 31 21.70 -17.62 0.50
N MET B 32 20.86 -16.75 1.06
CA MET B 32 19.46 -16.72 0.65
C MET B 32 19.33 -16.18 -0.77
N PHE B 33 20.03 -15.09 -1.08
CA PHE B 33 20.03 -14.54 -2.42
C PHE B 33 20.65 -15.48 -3.45
N ASP B 34 21.69 -16.25 -3.05
CA ASP B 34 22.31 -17.22 -3.98
C ASP B 34 21.36 -18.36 -4.31
N ARG B 35 20.57 -18.79 -3.34
CA ARG B 35 19.63 -19.87 -3.62
C ARG B 35 18.40 -19.37 -4.36
N HIS B 36 17.84 -18.24 -3.94
CA HIS B 36 16.49 -17.87 -4.35
C HIS B 36 16.40 -16.80 -5.42
N VAL B 37 17.42 -15.96 -5.60
CA VAL B 37 17.38 -14.89 -6.57
C VAL B 37 18.37 -15.10 -7.71
N VAL B 38 19.58 -15.56 -7.40
CA VAL B 38 20.55 -16.03 -8.37
C VAL B 38 21.18 -14.85 -9.10
N THR B 39 20.42 -14.26 -10.02
CA THR B 39 20.89 -13.12 -10.80
C THR B 39 21.39 -12.01 -9.89
N ARG B 40 22.59 -11.57 -10.15
CA ARG B 40 23.21 -10.56 -9.32
C ARG B 40 22.76 -9.17 -9.75
N PRO B 41 22.74 -8.19 -8.84
CA PRO B 41 22.50 -6.81 -9.24
C PRO B 41 23.75 -6.19 -9.86
N THR B 42 23.54 -5.28 -10.82
CA THR B 42 24.64 -4.64 -11.54
C THR B 42 24.52 -3.13 -11.46
N LYS B 43 25.62 -2.47 -11.07
CA LYS B 43 25.60 -1.05 -10.73
C LYS B 43 25.48 -0.17 -11.97
N VAL B 44 24.52 0.75 -11.94
CA VAL B 44 24.36 1.74 -13.02
C VAL B 44 25.60 2.62 -13.08
N GLU B 45 26.16 2.76 -14.26
CA GLU B 45 27.29 3.63 -14.48
C GLU B 45 26.79 5.02 -14.87
N LEU B 46 26.88 5.98 -13.96
CA LEU B 46 26.55 7.36 -14.29
C LEU B 46 27.79 8.07 -14.81
N THR B 47 27.69 8.60 -16.02
CA THR B 47 28.79 9.38 -16.59
C THR B 47 29.11 10.56 -15.68
N ASP B 48 30.31 11.10 -15.86
CA ASP B 48 30.78 12.25 -15.10
C ASP B 48 29.72 13.34 -15.03
N ALA B 49 29.11 13.62 -16.18
CA ALA B 49 28.16 14.70 -16.36
C ALA B 49 26.83 14.44 -15.67
N GLU B 50 26.31 13.22 -15.76
CA GLU B 50 25.04 12.94 -15.12
C GLU B 50 25.17 13.06 -13.61
N LEU B 51 26.22 12.47 -13.05
CA LEU B 51 26.44 12.54 -11.61
C LEU B 51 26.62 13.99 -11.14
N ARG B 52 27.22 14.85 -11.97
CA ARG B 52 27.31 16.25 -11.55
C ARG B 52 26.02 17.01 -11.81
N GLU B 53 25.22 16.61 -12.81
CA GLU B 53 23.91 17.22 -12.97
C GLU B 53 23.02 16.90 -11.78
N VAL B 54 22.97 15.62 -11.39
CA VAL B 54 22.16 15.22 -10.25
C VAL B 54 22.50 16.05 -9.03
N ILE B 55 23.78 16.05 -8.65
CA ILE B 55 24.21 16.73 -7.44
C ILE B 55 23.95 18.23 -7.52
N ASP B 56 24.16 18.82 -8.70
CA ASP B 56 23.81 20.23 -8.89
C ASP B 56 22.35 20.46 -8.53
N ASP B 57 21.46 19.62 -9.03
CA ASP B 57 20.04 19.81 -8.73
C ASP B 57 19.73 19.59 -7.26
N CYS B 58 20.39 18.62 -6.63
CA CYS B 58 20.13 18.31 -5.23
C CYS B 58 20.39 19.52 -4.33
N ASN B 59 21.50 20.22 -4.56
CA ASN B 59 21.77 21.45 -3.82
C ASN B 59 20.65 22.45 -4.02
N ALA B 60 20.26 22.71 -5.28
CA ALA B 60 19.17 23.63 -5.54
C ALA B 60 17.94 23.26 -4.73
N ALA B 61 17.63 21.96 -4.66
CA ALA B 61 16.38 21.55 -4.05
C ALA B 61 16.40 21.78 -2.55
N VAL B 62 17.52 21.49 -1.88
CA VAL B 62 17.57 21.69 -0.43
C VAL B 62 18.08 23.07 -0.05
N ALA B 63 18.46 23.90 -1.02
CA ALA B 63 18.94 25.25 -0.72
C ALA B 63 17.94 26.07 0.09
N PRO B 64 16.63 26.01 -0.13
CA PRO B 64 15.71 26.77 0.71
C PRO B 64 15.74 26.38 2.18
N LEU B 65 16.15 25.16 2.52
CA LEU B 65 16.07 24.69 3.89
C LEU B 65 17.27 25.09 4.75
N GLY B 66 18.27 25.74 4.16
CA GLY B 66 19.36 26.35 4.89
C GLY B 66 20.22 25.38 5.68
N LYS B 67 20.78 24.41 4.98
CA LYS B 67 21.65 23.40 5.58
C LYS B 67 22.52 22.83 4.49
N THR B 68 23.83 23.01 4.60
CA THR B 68 24.73 22.45 3.60
C THR B 68 24.75 20.94 3.72
N VAL B 69 24.86 20.26 2.58
CA VAL B 69 25.11 18.83 2.57
C VAL B 69 26.17 18.53 1.51
N SER B 70 27.12 17.67 1.86
CA SER B 70 28.35 17.43 1.13
C SER B 70 28.10 16.57 -0.08
N ASP B 71 29.07 16.64 -1.01
CA ASP B 71 29.10 15.68 -2.11
C ASP B 71 29.16 14.26 -1.58
N GLU B 72 29.96 14.03 -0.53
CA GLU B 72 30.04 12.70 0.05
C GLU B 72 28.70 12.25 0.62
N ARG B 73 27.94 13.17 1.20
CA ARG B 73 26.63 12.83 1.73
C ARG B 73 25.60 12.62 0.61
N TRP B 74 25.67 13.42 -0.46
CA TRP B 74 24.83 13.20 -1.62
C TRP B 74 25.07 11.83 -2.23
N ILE B 75 26.34 11.48 -2.43
CA ILE B 75 26.71 10.30 -3.21
C ILE B 75 26.53 9.02 -2.41
N SER B 76 26.54 9.13 -1.09
CA SER B 76 26.11 8.02 -0.25
C SER B 76 24.63 7.74 -0.47
N TYR B 77 23.80 8.78 -0.43
CA TYR B 77 22.39 8.60 -0.75
C TYR B 77 22.21 7.98 -2.13
N VAL B 78 22.80 8.59 -3.17
CA VAL B 78 22.52 8.19 -4.55
C VAL B 78 22.94 6.76 -4.81
N GLY B 79 23.78 6.18 -3.95
CA GLY B 79 24.24 4.82 -4.19
C GLY B 79 23.13 3.80 -4.28
N VAL B 80 22.05 3.97 -3.50
CA VAL B 80 20.95 3.00 -3.58
C VAL B 80 20.31 3.01 -4.96
N VAL B 81 20.18 4.18 -5.59
CA VAL B 81 19.56 4.23 -6.91
C VAL B 81 20.50 3.66 -7.96
N LEU B 82 21.78 4.02 -7.88
CA LEU B 82 22.76 3.48 -8.80
C LEU B 82 22.82 1.96 -8.71
N TRP B 83 22.60 1.41 -7.52
CA TRP B 83 22.75 -0.02 -7.30
C TRP B 83 21.47 -0.83 -7.45
N SER B 84 20.30 -0.23 -7.32
CA SER B 84 19.10 -1.05 -7.11
C SER B 84 18.03 -0.85 -8.17
N GLN B 85 18.31 -0.09 -9.22
CA GLN B 85 17.47 -0.12 -10.42
C GLN B 85 17.85 -1.36 -11.23
N SER B 86 17.44 -1.41 -12.49
CA SER B 86 17.56 -2.62 -13.31
C SER B 86 18.19 -2.26 -14.65
N PRO B 87 19.53 -2.17 -14.69
CA PRO B 87 20.19 -1.69 -15.91
C PRO B 87 19.89 -2.51 -17.15
N ARG B 88 19.44 -3.75 -17.02
CA ARG B 88 19.16 -4.52 -18.22
C ARG B 88 17.87 -4.05 -18.90
N HIS B 89 17.08 -3.22 -18.22
CA HIS B 89 15.78 -2.79 -18.74
C HIS B 89 15.62 -1.28 -18.83
N ILE B 90 16.58 -0.51 -18.33
CA ILE B 90 16.43 0.94 -18.34
C ILE B 90 16.27 1.43 -19.77
N LYS B 91 15.26 2.25 -19.99
CA LYS B 91 15.10 2.93 -21.27
C LYS B 91 15.06 4.45 -21.15
N ASP B 92 14.59 5.03 -20.04
CA ASP B 92 14.52 6.49 -19.89
C ASP B 92 15.53 6.93 -18.83
N MET B 93 16.61 7.57 -19.27
CA MET B 93 17.62 8.06 -18.35
C MET B 93 17.32 9.45 -17.83
N GLU B 94 16.40 10.19 -18.45
CA GLU B 94 15.87 11.38 -17.78
C GLU B 94 15.15 10.98 -16.49
N ALA B 95 14.28 9.98 -16.58
CA ALA B 95 13.57 9.51 -15.41
C ALA B 95 14.52 8.92 -14.37
N PHE B 96 15.58 8.24 -14.82
CA PHE B 96 16.58 7.71 -13.90
C PHE B 96 17.22 8.82 -13.08
N LYS B 97 17.66 9.89 -13.76
CA LYS B 97 18.32 10.97 -13.05
C LYS B 97 17.37 11.69 -12.12
N ALA B 98 16.08 11.73 -12.48
CA ALA B 98 15.06 12.22 -11.56
C ALA B 98 15.02 11.38 -10.28
N VAL B 99 15.06 10.05 -10.42
CA VAL B 99 15.01 9.20 -9.23
C VAL B 99 16.22 9.43 -8.35
N CYS B 100 17.38 9.71 -8.96
CA CYS B 100 18.56 10.05 -8.15
C CYS B 100 18.30 11.29 -7.31
N VAL B 101 17.79 12.35 -7.95
CA VAL B 101 17.60 13.62 -7.26
C VAL B 101 16.51 13.51 -6.21
N LEU B 102 15.37 12.93 -6.58
CA LEU B 102 14.25 12.83 -5.65
C LEU B 102 14.62 11.98 -4.43
N ASN B 103 15.11 10.77 -4.66
CA ASN B 103 15.45 9.93 -3.52
C ASN B 103 16.51 10.59 -2.66
N CYS B 104 17.43 11.34 -3.29
CA CYS B 104 18.44 12.08 -2.51
C CYS B 104 17.81 13.10 -1.58
N VAL B 105 17.00 14.00 -2.14
CA VAL B 105 16.53 15.11 -1.32
C VAL B 105 15.50 14.64 -0.31
N THR B 106 14.89 13.48 -0.54
CA THR B 106 14.04 12.92 0.51
C THR B 106 14.87 12.23 1.58
N PHE B 107 16.07 11.74 1.24
CA PHE B 107 16.97 11.23 2.28
C PHE B 107 17.33 12.34 3.28
N VAL B 108 17.59 13.55 2.77
CA VAL B 108 17.92 14.67 3.65
C VAL B 108 16.73 14.99 4.57
N TRP B 109 15.52 14.89 4.02
CA TRP B 109 14.33 15.08 4.83
C TRP B 109 14.23 14.01 5.91
N ASP B 110 14.42 12.75 5.53
CA ASP B 110 14.43 11.64 6.48
C ASP B 110 15.47 11.86 7.57
N ASP B 111 16.59 12.46 7.22
CA ASP B 111 17.70 12.69 8.13
C ASP B 111 17.62 14.01 8.89
N MET B 112 16.49 14.71 8.83
CA MET B 112 16.38 16.08 9.32
C MET B 112 15.55 16.12 10.59
N ASP B 113 15.83 17.10 11.44
CA ASP B 113 14.92 17.45 12.52
C ASP B 113 13.57 17.84 11.91
N PRO B 114 12.46 17.44 12.51
CA PRO B 114 11.16 17.89 11.99
C PRO B 114 10.94 19.39 12.12
N ALA B 115 11.69 20.06 12.99
CA ALA B 115 11.59 21.51 13.11
C ALA B 115 12.04 22.21 11.84
N LEU B 116 12.67 21.47 10.93
CA LEU B 116 13.13 21.98 9.64
C LEU B 116 12.23 21.56 8.49
N HIS B 117 11.19 20.77 8.75
CA HIS B 117 10.26 20.37 7.70
C HIS B 117 9.39 21.56 7.34
N ASP B 118 9.68 22.19 6.21
CA ASP B 118 8.90 23.29 5.68
C ASP B 118 8.33 22.85 4.35
N PHE B 119 7.04 22.49 4.34
CA PHE B 119 6.41 22.04 3.10
C PHE B 119 6.16 23.22 2.18
N GLY B 120 5.83 24.38 2.75
CA GLY B 120 5.71 25.58 1.93
C GLY B 120 6.96 25.84 1.11
N LEU B 121 8.13 25.56 1.68
CA LEU B 121 9.40 25.74 1.01
C LEU B 121 9.79 24.55 0.14
N PHE B 122 9.68 23.33 0.67
CA PHE B 122 10.25 22.19 -0.04
C PHE B 122 9.35 21.64 -1.14
N LEU B 123 8.04 21.57 -0.90
CA LEU B 123 7.13 20.99 -1.90
C LEU B 123 7.25 21.62 -3.29
N PRO B 124 7.34 22.94 -3.45
CA PRO B 124 7.56 23.48 -4.81
C PRO B 124 8.86 22.99 -5.43
N GLN B 125 9.87 22.68 -4.60
CA GLN B 125 11.12 22.17 -5.16
C GLN B 125 10.96 20.73 -5.63
N LEU B 126 10.15 19.94 -4.95
CA LEU B 126 9.87 18.59 -5.39
C LEU B 126 8.99 18.60 -6.63
N ARG B 127 8.27 19.70 -6.87
CA ARG B 127 7.48 19.78 -8.09
C ARG B 127 8.36 20.19 -9.26
N LYS B 128 9.26 21.13 -9.02
CA LYS B 128 10.21 21.56 -10.05
C LYS B 128 10.99 20.37 -10.61
N ILE B 129 11.60 19.56 -9.73
CA ILE B 129 12.37 18.39 -10.18
C ILE B 129 11.50 17.50 -11.07
N CYS B 130 10.25 17.28 -10.67
CA CYS B 130 9.37 16.38 -11.41
C CYS B 130 9.04 16.93 -12.80
N GLU B 131 8.57 18.17 -12.87
CA GLU B 131 8.27 18.77 -14.18
C GLU B 131 9.52 18.91 -15.03
N LYS B 132 10.71 18.82 -14.45
CA LYS B 132 11.92 18.94 -15.26
C LYS B 132 12.22 17.64 -16.01
N TYR B 133 12.10 16.50 -15.34
CA TYR B 133 12.58 15.25 -15.93
C TYR B 133 11.50 14.36 -16.52
N TYR B 134 10.22 14.60 -16.22
CA TYR B 134 9.14 13.73 -16.66
C TYR B 134 8.22 14.49 -17.62
N GLY B 135 7.37 13.72 -18.29
CA GLY B 135 6.27 14.30 -19.03
C GLY B 135 5.12 14.65 -18.10
N PRO B 136 4.06 15.23 -18.65
CA PRO B 136 2.99 15.77 -17.80
C PRO B 136 2.40 14.80 -16.78
N GLU B 137 1.90 13.65 -17.20
CA GLU B 137 1.23 12.83 -16.20
C GLU B 137 2.24 12.07 -15.33
N ASP B 138 3.40 11.71 -15.87
CA ASP B 138 4.45 11.11 -15.04
C ASP B 138 4.90 12.07 -13.95
N ALA B 139 5.07 13.35 -14.30
CA ALA B 139 5.46 14.34 -13.32
C ALA B 139 4.46 14.41 -12.18
N GLU B 140 3.16 14.38 -12.49
CA GLU B 140 2.14 14.44 -11.44
C GLU B 140 2.21 13.22 -10.53
N VAL B 141 2.47 12.03 -11.10
CA VAL B 141 2.52 10.81 -10.30
C VAL B 141 3.74 10.84 -9.39
N ALA B 142 4.91 11.11 -9.95
CA ALA B 142 6.11 11.21 -9.14
C ALA B 142 5.96 12.27 -8.05
N TYR B 143 5.29 13.39 -8.36
CA TYR B 143 5.22 14.48 -7.39
C TYR B 143 4.32 14.10 -6.21
N GLU B 144 3.14 13.55 -6.50
CA GLU B 144 2.25 13.17 -5.42
C GLU B 144 2.92 12.14 -4.51
N ALA B 145 3.72 11.25 -5.11
CA ALA B 145 4.45 10.25 -4.34
C ALA B 145 5.54 10.90 -3.48
N ALA B 146 6.27 11.86 -4.02
CA ALA B 146 7.26 12.58 -3.22
C ALA B 146 6.59 13.35 -2.09
N ARG B 147 5.51 14.05 -2.40
CA ARG B 147 4.77 14.82 -1.41
C ARG B 147 4.29 13.92 -0.28
N ALA B 148 3.61 12.82 -0.62
CA ALA B 148 3.13 11.91 0.42
C ALA B 148 4.27 11.37 1.27
N PHE B 149 5.41 11.03 0.66
CA PHE B 149 6.52 10.48 1.42
C PHE B 149 7.05 11.47 2.45
N VAL B 150 7.33 12.71 2.05
CA VAL B 150 7.87 13.65 3.01
C VAL B 150 6.78 14.09 4.00
N THR B 151 5.52 14.11 3.55
CA THR B 151 4.41 14.36 4.46
C THR B 151 4.26 13.21 5.47
N SER B 152 4.49 11.98 5.04
CA SER B 152 4.45 10.88 5.99
C SER B 152 5.63 10.97 6.96
N ASP B 153 6.82 11.23 6.46
CA ASP B 153 7.96 11.33 7.35
C ASP B 153 7.73 12.39 8.42
N HIS B 154 7.18 13.54 8.03
CA HIS B 154 6.92 14.60 8.98
C HIS B 154 5.80 14.22 9.94
N MET B 155 4.74 13.62 9.41
CA MET B 155 3.59 13.29 10.23
C MET B 155 3.97 12.40 11.40
N PHE B 156 4.95 11.51 11.21
CA PHE B 156 5.13 10.43 12.17
C PHE B 156 6.39 10.55 13.05
N ARG B 157 7.12 11.66 13.01
CA ARG B 157 8.47 11.68 13.62
C ARG B 157 8.47 11.21 15.07
N ASP B 158 7.54 11.73 15.86
CA ASP B 158 7.39 11.29 17.24
C ASP B 158 5.96 10.82 17.45
N SER B 159 5.43 10.04 16.48
CA SER B 159 3.99 9.82 16.35
C SER B 159 3.47 8.76 17.31
N PRO B 160 2.25 8.95 17.78
CA PRO B 160 1.58 7.87 18.50
C PRO B 160 1.11 6.77 17.60
N ILE B 161 0.73 7.09 16.37
CA ILE B 161 0.35 6.05 15.41
C ILE B 161 1.56 5.20 15.04
N LYS B 162 2.69 5.84 14.78
CA LYS B 162 3.89 5.08 14.47
C LYS B 162 4.23 4.10 15.60
N ALA B 163 4.08 4.54 16.85
CA ALA B 163 4.38 3.69 18.01
C ALA B 163 3.51 2.44 18.03
N ALA B 164 2.21 2.58 17.76
CA ALA B 164 1.32 1.42 17.75
C ALA B 164 1.69 0.43 16.65
N LEU B 165 1.89 0.91 15.42
CA LEU B 165 2.15 0.02 14.30
C LEU B 165 3.53 -0.64 14.38
N CYS B 166 4.50 0.03 15.01
CA CYS B 166 5.83 -0.55 15.06
C CYS B 166 6.02 -1.50 16.22
N THR B 167 5.22 -1.39 17.29
CA THR B 167 5.42 -2.21 18.48
C THR B 167 4.32 -3.24 18.70
N THR B 168 3.46 -3.50 17.72
CA THR B 168 2.41 -4.48 17.91
C THR B 168 2.80 -5.83 17.33
N SER B 169 3.34 -5.86 16.12
CA SER B 169 3.64 -7.09 15.40
C SER B 169 4.37 -6.74 14.10
N PRO B 170 5.10 -7.69 13.53
CA PRO B 170 5.69 -7.45 12.20
C PRO B 170 4.65 -7.04 11.17
N GLU B 171 3.46 -7.66 11.23
CA GLU B 171 2.42 -7.37 10.26
C GLU B 171 2.04 -5.89 10.26
N GLN B 172 1.78 -5.32 11.44
CA GLN B 172 1.48 -3.90 11.49
C GLN B 172 2.70 -3.07 11.11
N TYR B 173 3.89 -3.54 11.48
CA TYR B 173 5.09 -2.76 11.18
C TYR B 173 5.34 -2.68 9.68
N PHE B 174 5.33 -3.81 8.99
CA PHE B 174 5.54 -3.77 7.55
C PHE B 174 4.43 -3.00 6.84
N ARG B 175 3.21 -3.03 7.37
CA ARG B 175 2.13 -2.21 6.79
C ARG B 175 2.49 -0.73 6.81
N PHE B 176 3.08 -0.28 7.93
CA PHE B 176 3.51 1.11 8.02
C PHE B 176 4.64 1.40 7.05
N ARG B 177 5.54 0.43 6.83
CA ARG B 177 6.77 0.66 6.08
C ARG B 177 6.54 0.77 4.56
N VAL B 178 5.46 0.20 4.02
CA VAL B 178 5.14 0.36 2.59
C VAL B 178 5.31 1.81 2.17
N THR B 179 4.76 2.73 2.96
CA THR B 179 4.95 4.15 2.71
C THR B 179 6.24 4.67 3.33
N ASP B 180 6.47 4.37 4.61
CA ASP B 180 7.47 5.12 5.38
C ASP B 180 8.89 4.87 4.87
N ILE B 181 9.25 3.62 4.55
CA ILE B 181 10.60 3.39 4.02
C ILE B 181 10.80 4.06 2.67
N GLY B 182 9.73 4.38 1.95
CA GLY B 182 9.81 5.08 0.70
C GLY B 182 9.64 4.23 -0.56
N VAL B 183 9.28 2.95 -0.44
CA VAL B 183 9.29 2.11 -1.63
C VAL B 183 8.07 2.38 -2.54
N ASP B 184 6.91 2.74 -1.97
CA ASP B 184 5.80 3.13 -2.85
C ASP B 184 6.17 4.34 -3.69
N PHE B 185 6.80 5.33 -3.05
CA PHE B 185 7.38 6.47 -3.73
C PHE B 185 8.38 6.03 -4.81
N TRP B 186 9.27 5.11 -4.46
CA TRP B 186 10.28 4.63 -5.39
C TRP B 186 9.65 4.06 -6.66
N MET B 187 8.67 3.16 -6.51
CA MET B 187 8.01 2.56 -7.66
C MET B 187 7.36 3.61 -8.57
N LYS B 188 6.63 4.55 -7.98
CA LYS B 188 5.82 5.49 -8.76
C LYS B 188 6.64 6.59 -9.40
N MET B 189 7.90 6.78 -8.98
CA MET B 189 8.80 7.62 -9.76
C MET B 189 9.75 6.80 -10.64
N SER B 190 9.82 5.49 -10.46
CA SER B 190 10.71 4.67 -11.26
C SER B 190 10.05 4.10 -12.51
N TYR B 191 8.72 3.93 -12.52
CA TYR B 191 8.08 3.30 -13.66
C TYR B 191 8.43 3.98 -15.00
N PRO B 192 8.60 5.30 -15.10
CA PRO B 192 8.94 5.87 -16.41
C PRO B 192 10.32 5.48 -16.92
N ILE B 193 11.19 4.97 -16.05
CA ILE B 193 12.49 4.49 -16.51
C ILE B 193 12.32 3.31 -17.46
N TYR B 194 11.28 2.51 -17.27
CA TYR B 194 11.17 1.23 -17.93
C TYR B 194 10.13 1.17 -19.03
N ARG B 195 9.14 2.06 -19.04
CA ARG B 195 8.07 2.06 -20.05
C ARG B 195 7.52 0.66 -20.27
N HIS B 196 7.44 -0.11 -19.19
CA HIS B 196 6.86 -1.43 -19.23
C HIS B 196 5.45 -1.36 -18.64
N PRO B 197 4.41 -1.54 -19.44
CA PRO B 197 3.05 -1.28 -18.93
C PRO B 197 2.65 -2.13 -17.72
N GLU B 198 2.99 -3.42 -17.72
CA GLU B 198 2.71 -4.25 -16.55
C GLU B 198 3.32 -3.64 -15.29
N PHE B 199 4.60 -3.25 -15.36
CA PHE B 199 5.26 -2.68 -14.19
C PHE B 199 4.64 -1.33 -13.84
N THR B 200 4.22 -0.57 -14.84
CA THR B 200 3.58 0.71 -14.58
C THR B 200 2.29 0.53 -13.78
N GLU B 201 1.54 -0.51 -14.10
CA GLU B 201 0.31 -0.76 -13.36
C GLU B 201 0.60 -1.22 -11.93
N HIS B 202 1.56 -2.13 -11.76
CA HIS B 202 1.90 -2.60 -10.43
C HIS B 202 2.45 -1.47 -9.58
N ALA B 203 3.19 -0.53 -10.18
CA ALA B 203 3.61 0.67 -9.45
C ALA B 203 2.41 1.52 -9.02
N LYS B 204 1.44 1.73 -9.94
CA LYS B 204 0.32 2.61 -9.66
C LYS B 204 -0.67 2.02 -8.66
N THR B 205 -0.78 0.68 -8.58
CA THR B 205 -1.64 0.10 -7.56
C THR B 205 -0.94 -0.05 -6.22
N SER B 206 0.38 0.18 -6.17
CA SER B 206 1.23 -0.11 -5.03
C SER B 206 1.43 -1.61 -4.80
N LEU B 207 0.94 -2.47 -5.70
CA LEU B 207 1.28 -3.88 -5.57
C LEU B 207 2.80 -4.08 -5.63
N ALA B 208 3.48 -3.33 -6.49
CA ALA B 208 4.93 -3.42 -6.57
C ALA B 208 5.58 -3.06 -5.24
N ALA B 209 5.20 -1.91 -4.65
CA ALA B 209 5.72 -1.54 -3.34
C ALA B 209 5.46 -2.64 -2.32
N ARG B 210 4.24 -3.18 -2.31
CA ARG B 210 3.87 -4.15 -1.28
C ARG B 210 4.67 -5.44 -1.40
N MET B 211 5.03 -5.83 -2.64
CA MET B 211 5.78 -7.07 -2.85
C MET B 211 7.23 -6.95 -2.37
N THR B 212 7.83 -5.77 -2.43
CA THR B 212 9.23 -5.55 -2.14
C THR B 212 9.49 -4.94 -0.75
N THR B 213 8.44 -4.56 -0.02
CA THR B 213 8.61 -3.87 1.26
C THR B 213 9.46 -4.68 2.22
N ARG B 214 9.09 -5.95 2.45
CA ARG B 214 9.77 -6.75 3.46
C ARG B 214 11.24 -6.97 3.10
N GLY B 215 11.53 -7.28 1.82
CA GLY B 215 12.91 -7.51 1.43
C GLY B 215 13.79 -6.30 1.61
N LEU B 216 13.28 -5.11 1.30
CA LEU B 216 14.02 -3.88 1.51
C LEU B 216 14.11 -3.53 3.00
N THR B 217 13.01 -3.71 3.73
CA THR B 217 12.93 -3.20 5.08
C THR B 217 13.69 -4.12 6.04
N ILE B 218 13.66 -5.43 5.81
CA ILE B 218 14.35 -6.34 6.71
C ILE B 218 15.86 -6.13 6.60
N VAL B 219 16.35 -6.01 5.37
CA VAL B 219 17.76 -5.74 5.14
C VAL B 219 18.15 -4.40 5.74
N ASN B 220 17.39 -3.36 5.44
CA ASN B 220 17.76 -2.03 5.94
C ASN B 220 17.68 -1.97 7.46
N ASP B 221 16.70 -2.65 8.05
CA ASP B 221 16.56 -2.57 9.50
C ASP B 221 17.76 -3.20 10.20
N PHE B 222 18.23 -4.36 9.73
CA PHE B 222 19.38 -4.98 10.38
C PHE B 222 20.57 -4.04 10.42
N TYR B 223 20.94 -3.48 9.28
CA TYR B 223 22.15 -2.69 9.16
C TYR B 223 21.99 -1.25 9.64
N SER B 224 20.78 -0.75 9.90
CA SER B 224 20.62 0.59 10.45
C SER B 224 20.11 0.57 11.89
N TYR B 225 19.91 -0.61 12.46
CA TYR B 225 19.42 -0.73 13.83
C TYR B 225 20.25 0.08 14.82
N ASP B 226 21.58 -0.03 14.72
CA ASP B 226 22.45 0.63 15.68
C ASP B 226 22.34 2.15 15.61
N ARG B 227 22.34 2.69 14.38
CA ARG B 227 22.17 4.14 14.22
C ARG B 227 20.84 4.60 14.80
N GLU B 228 19.77 3.85 14.54
CA GLU B 228 18.42 4.31 14.88
C GLU B 228 18.14 4.20 16.38
N VAL B 229 18.59 3.13 17.04
CA VAL B 229 18.44 3.10 18.49
C VAL B 229 19.23 4.24 19.11
N SER B 230 20.38 4.56 18.52
CA SER B 230 21.18 5.70 19.00
C SER B 230 20.69 7.02 18.41
N LEU B 231 19.41 7.10 18.05
CA LEU B 231 18.72 8.35 17.78
C LEU B 231 17.29 8.33 18.31
N GLY B 232 16.88 7.25 18.99
CA GLY B 232 15.49 7.13 19.39
C GLY B 232 14.51 6.85 18.27
N GLN B 233 14.98 6.42 17.11
CA GLN B 233 14.10 6.14 15.99
C GLN B 233 13.56 4.72 16.10
N ILE B 234 12.27 4.59 16.43
CA ILE B 234 11.67 3.30 16.76
C ILE B 234 11.21 2.51 15.54
N THR B 235 11.50 2.98 14.32
CA THR B 235 10.98 2.35 13.09
C THR B 235 12.00 1.32 12.61
N ASN B 236 11.91 0.12 13.17
CA ASN B 236 12.85 -0.95 12.89
C ASN B 236 12.32 -2.25 13.47
N CYS B 237 12.15 -3.28 12.63
CA CYS B 237 11.44 -4.47 13.08
C CYS B 237 12.21 -5.22 14.17
N PHE B 238 13.53 -5.13 14.19
CA PHE B 238 14.29 -5.86 15.22
C PHE B 238 14.07 -5.28 16.62
N ARG B 239 13.49 -4.09 16.74
CA ARG B 239 13.01 -3.64 18.05
C ARG B 239 11.87 -4.49 18.59
N LEU B 240 11.29 -5.37 17.77
CA LEU B 240 10.28 -6.30 18.23
C LEU B 240 10.86 -7.54 18.88
N CYS B 241 12.18 -7.61 19.04
CA CYS B 241 12.81 -8.72 19.72
C CYS B 241 13.98 -8.22 20.56
N ASP B 242 14.58 -9.14 21.32
CA ASP B 242 15.75 -8.89 22.17
C ASP B 242 16.99 -9.29 21.41
N VAL B 243 17.78 -8.30 20.98
CA VAL B 243 18.90 -8.62 20.14
C VAL B 243 20.07 -9.21 20.92
N SER B 244 20.16 -8.95 22.22
CA SER B 244 21.25 -9.58 22.96
C SER B 244 21.04 -11.08 23.15
N ASP B 245 19.78 -11.53 23.20
CA ASP B 245 19.43 -12.93 23.45
C ASP B 245 19.57 -13.70 22.15
N GLU B 246 20.66 -14.48 22.02
CA GLU B 246 20.95 -15.09 20.73
C GLU B 246 19.85 -16.05 20.29
N THR B 247 19.17 -16.72 21.23
CA THR B 247 18.10 -17.62 20.83
C THR B 247 16.92 -16.85 20.29
N ALA B 248 16.54 -15.76 20.97
CA ALA B 248 15.43 -14.95 20.50
C ALA B 248 15.79 -14.24 19.19
N PHE B 249 17.02 -13.74 19.06
CA PHE B 249 17.41 -13.08 17.83
C PHE B 249 17.46 -14.05 16.67
N LYS B 250 18.05 -15.25 16.87
CA LYS B 250 18.17 -16.20 15.77
C LYS B 250 16.80 -16.58 15.20
N GLU B 251 15.85 -16.92 16.08
CA GLU B 251 14.52 -17.32 15.65
C GLU B 251 13.79 -16.16 14.95
N PHE B 252 13.86 -14.97 15.53
CA PHE B 252 13.27 -13.79 14.90
C PHE B 252 13.90 -13.52 13.53
N PHE B 253 15.23 -13.52 13.47
CA PHE B 253 15.92 -13.32 12.20
C PHE B 253 15.54 -14.41 11.19
N GLN B 254 15.33 -15.64 11.66
CA GLN B 254 14.90 -16.70 10.75
C GLN B 254 13.52 -16.42 10.17
N ALA B 255 12.58 -15.99 11.01
CA ALA B 255 11.24 -15.69 10.52
C ALA B 255 11.27 -14.54 9.51
N ARG B 256 12.13 -13.56 9.72
CA ARG B 256 12.25 -12.49 8.74
C ARG B 256 12.86 -12.99 7.42
N LEU B 257 13.78 -13.96 7.47
CA LEU B 257 14.28 -14.53 6.23
C LEU B 257 13.20 -15.37 5.53
N ASP B 258 12.39 -16.11 6.30
CA ASP B 258 11.21 -16.75 5.70
C ASP B 258 10.32 -15.73 4.99
N ASP B 259 10.06 -14.57 5.63
CA ASP B 259 9.28 -13.52 4.97
C ASP B 259 9.89 -13.12 3.62
N MET B 260 11.20 -12.86 3.61
CA MET B 260 11.86 -12.47 2.37
C MET B 260 11.76 -13.56 1.32
N ILE B 261 11.94 -14.81 1.71
CA ILE B 261 11.92 -15.90 0.75
C ILE B 261 10.52 -16.05 0.15
N GLU B 262 9.49 -16.03 1.00
CA GLU B 262 8.12 -16.14 0.50
C GLU B 262 7.82 -15.04 -0.52
N ASP B 263 8.19 -13.80 -0.20
CA ASP B 263 8.00 -12.69 -1.13
C ASP B 263 8.72 -12.94 -2.45
N ILE B 264 10.02 -13.24 -2.38
CA ILE B 264 10.82 -13.44 -3.60
C ILE B 264 10.18 -14.53 -4.47
N GLU B 265 9.77 -15.62 -3.85
CA GLU B 265 9.26 -16.74 -4.63
C GLU B 265 7.91 -16.40 -5.28
N CYS B 266 7.06 -15.59 -4.62
CA CYS B 266 5.85 -15.17 -5.31
C CYS B 266 6.13 -14.07 -6.31
N ILE B 267 7.22 -13.31 -6.14
CA ILE B 267 7.65 -12.32 -7.12
C ILE B 267 7.98 -12.99 -8.45
N LYS B 268 8.43 -14.24 -8.41
CA LYS B 268 8.77 -14.95 -9.62
C LYS B 268 7.56 -15.30 -10.46
N ALA B 269 6.36 -15.08 -9.94
CA ALA B 269 5.16 -15.28 -10.72
C ALA B 269 4.80 -14.07 -11.59
N PHE B 270 5.39 -12.91 -11.33
CA PHE B 270 5.18 -11.73 -12.17
C PHE B 270 5.92 -11.90 -13.50
N ASP B 271 5.55 -11.09 -14.50
CA ASP B 271 6.23 -11.19 -15.79
C ASP B 271 7.73 -10.96 -15.62
N GLN B 272 8.50 -11.47 -16.58
CA GLN B 272 9.94 -11.59 -16.38
C GLN B 272 10.62 -10.23 -16.23
N LEU B 273 10.18 -9.23 -17.00
CA LEU B 273 10.78 -7.92 -16.83
C LEU B 273 10.46 -7.34 -15.44
N THR B 274 9.20 -7.46 -14.99
CA THR B 274 8.81 -6.89 -13.71
C THR B 274 9.54 -7.56 -12.57
N GLN B 275 9.62 -8.89 -12.59
CA GLN B 275 10.35 -9.60 -11.53
C GLN B 275 11.83 -9.24 -11.53
N ASP B 276 12.46 -9.08 -12.72
CA ASP B 276 13.85 -8.61 -12.77
C ASP B 276 14.01 -7.31 -11.98
N VAL B 277 13.07 -6.39 -12.15
CA VAL B 277 13.17 -5.09 -11.49
C VAL B 277 12.98 -5.23 -10.00
N PHE B 278 11.97 -6.01 -9.58
CA PHE B 278 11.72 -6.22 -8.14
C PHE B 278 12.95 -6.82 -7.46
N LEU B 279 13.55 -7.84 -8.08
CA LEU B 279 14.68 -8.54 -7.47
C LEU B 279 15.95 -7.70 -7.53
N ASP B 280 16.18 -7.00 -8.64
CA ASP B 280 17.30 -6.05 -8.69
C ASP B 280 17.17 -4.98 -7.61
N LEU B 281 15.95 -4.59 -7.25
CA LEU B 281 15.76 -3.63 -6.18
C LEU B 281 16.10 -4.25 -4.82
N ILE B 282 15.58 -5.44 -4.53
CA ILE B 282 15.84 -6.03 -3.22
C ILE B 282 17.32 -6.38 -3.08
N TYR B 283 17.88 -7.10 -4.05
CA TYR B 283 19.26 -7.53 -3.98
C TYR B 283 20.23 -6.37 -4.14
N GLY B 284 19.93 -5.43 -5.04
CA GLY B 284 20.76 -4.24 -5.17
C GLY B 284 20.87 -3.45 -3.87
N ASN B 285 19.72 -3.19 -3.22
CA ASN B 285 19.75 -2.47 -1.97
C ASN B 285 20.66 -3.16 -0.96
N PHE B 286 20.73 -4.50 -1.02
CA PHE B 286 21.58 -5.25 -0.09
C PHE B 286 23.06 -5.06 -0.42
N VAL B 287 23.40 -4.94 -1.71
CA VAL B 287 24.80 -4.69 -2.07
C VAL B 287 25.20 -3.29 -1.67
N TRP B 288 24.31 -2.33 -1.85
CA TRP B 288 24.61 -0.95 -1.43
C TRP B 288 24.72 -0.86 0.08
N THR B 289 23.76 -1.44 0.79
CA THR B 289 23.66 -1.24 2.24
C THR B 289 24.91 -1.74 2.96
N THR B 290 25.55 -2.78 2.43
CA THR B 290 26.66 -3.38 3.17
C THR B 290 28.04 -2.97 2.66
N SER B 291 28.12 -2.09 1.66
CA SER B 291 29.36 -1.43 1.31
C SER B 291 29.38 0.03 1.76
N ASN B 292 28.23 0.68 1.89
CA ASN B 292 28.20 2.13 1.99
C ASN B 292 28.58 2.63 3.37
N LYS B 293 29.28 3.78 3.37
CA LYS B 293 29.60 4.48 4.60
C LYS B 293 28.41 4.61 5.53
N ARG B 294 27.22 4.88 4.97
CA ARG B 294 26.06 5.22 5.79
C ARG B 294 25.76 4.14 6.82
N TYR B 295 25.90 2.87 6.45
CA TYR B 295 25.67 1.76 7.36
C TYR B 295 26.97 1.19 7.92
N LYS B 296 27.92 2.06 8.25
CA LYS B 296 29.16 1.61 8.86
C LYS B 296 29.17 1.87 10.36
N THR B 297 28.67 3.03 10.80
CA THR B 297 28.64 3.36 12.22
C THR B 297 27.36 4.11 12.56
N ALA B 298 27.05 4.13 13.86
CA ALA B 298 25.78 4.69 14.34
C ALA B 298 25.63 6.17 14.01
N VAL B 299 26.70 6.94 14.24
CA VAL B 299 26.70 8.39 13.98
C VAL B 299 27.93 8.74 13.17
N ASN B 300 27.77 9.55 12.12
CA ASN B 300 28.91 10.00 11.33
C ASN B 300 28.48 11.09 10.34
N ASP B 301 29.42 11.53 9.51
CA ASP B 301 29.27 12.67 8.60
C ASP B 301 28.11 12.52 7.61
N VAL B 302 27.80 11.30 7.18
CA VAL B 302 26.70 11.08 6.26
C VAL B 302 25.36 10.91 6.96
N ASN B 303 25.31 10.23 8.11
CA ASN B 303 24.04 10.01 8.80
C ASN B 303 23.86 10.83 10.08
N SER B 304 24.60 11.90 10.27
CA SER B 304 24.36 12.72 11.44
C SER B 304 22.99 13.39 11.32
N ARG B 305 22.41 13.71 12.48
CA ARG B 305 21.15 14.43 12.51
C ARG B 305 21.35 15.89 12.13
N ILE B 306 20.58 16.34 11.13
CA ILE B 306 20.71 17.69 10.57
C ILE B 306 19.87 18.64 11.43
N GLN B 307 20.55 19.46 12.23
CA GLN B 307 19.92 20.13 13.38
C GLN B 307 19.51 21.54 13.05
N ALA B 308 18.26 21.87 13.37
CA ALA B 308 17.83 23.23 13.57
C ALA B 308 18.67 23.86 14.65
C2 AHD C . -16.04 -6.65 -5.39
C3 AHD C . -16.53 -5.34 -5.98
C7 AHD C . -17.22 -7.47 -4.88
C8 AHD C . -16.69 -8.55 -3.95
O12 AHD C . -19.29 -9.23 -3.64
P9 AHD C . -17.96 -9.89 -3.92
O10 AHD C . -17.62 -10.91 -2.88
O11 AHD C . -17.91 -10.57 -5.26
P14 AHD C . -15.04 -9.23 -4.47
O15 AHD C . -14.82 -9.41 -5.95
O16 AHD C . -14.98 -10.55 -3.75
O17 AHD C . -14.00 -8.27 -3.94
O13 AHD C . -16.48 -8.04 -2.67
N4 AHD C . -16.48 -4.31 -4.96
MG MG D . -16.58 -9.91 -7.07
MG MG E . -16.14 -11.86 -2.40
MG MG F . -13.47 -8.07 -6.93
C2 AHD G . 15.14 5.48 3.60
C3 AHD G . 15.06 6.68 2.64
C7 AHD G . 16.04 5.81 4.81
C8 AHD G . 16.15 4.59 5.73
O12 AHD G . 18.82 4.86 5.99
P9 AHD G . 17.63 4.70 6.85
O10 AHD G . 17.62 3.42 7.67
O11 AHD G . 17.47 5.91 7.72
P14 AHD G . 14.66 4.52 6.81
O15 AHD G . 14.43 5.89 7.36
O16 AHD G . 14.84 3.53 7.93
O17 AHD G . 13.51 4.08 5.93
O13 AHD G . 16.15 3.39 5.02
N4 AHD G . 14.10 6.40 1.58
MG MG H . 15.92 7.06 7.82
MG MG I . 12.32 6.50 5.88
MG MG J . 15.73 1.40 9.33
N SER A 16 -17.31 -27.73 -1.45
CA SER A 16 -17.22 -26.99 -0.20
C SER A 16 -18.22 -25.84 -0.14
N SER A 17 -18.68 -25.55 1.08
CA SER A 17 -19.62 -24.49 1.37
C SER A 17 -19.51 -24.17 2.85
N VAL A 18 -19.71 -22.91 3.20
CA VAL A 18 -19.66 -22.47 4.58
C VAL A 18 -21.06 -22.30 5.17
N ARG A 19 -22.10 -22.74 4.48
CA ARG A 19 -23.45 -22.63 5.04
C ARG A 19 -23.59 -23.38 6.36
N PRO A 20 -23.07 -24.60 6.55
CA PRO A 20 -23.10 -25.20 7.88
C PRO A 20 -22.01 -24.65 8.79
N TYR A 21 -21.72 -23.35 8.65
CA TYR A 21 -20.97 -22.59 9.63
C TYR A 21 -21.56 -21.21 9.85
N LEU A 22 -22.61 -20.86 9.11
CA LEU A 22 -23.12 -19.50 9.10
C LEU A 22 -23.50 -19.05 10.50
N GLU A 23 -24.31 -19.85 11.20
CA GLU A 23 -24.86 -19.40 12.47
C GLU A 23 -23.74 -19.09 13.46
N GLU A 24 -22.79 -20.01 13.61
CA GLU A 24 -21.73 -19.80 14.58
C GLU A 24 -20.86 -18.60 14.19
N CYS A 25 -20.42 -18.57 12.93
CA CYS A 25 -19.48 -17.53 12.51
C CYS A 25 -20.11 -16.15 12.56
N THR A 26 -21.39 -16.02 12.18
CA THR A 26 -22.07 -14.72 12.26
C THR A 26 -22.11 -14.22 13.69
N ARG A 27 -22.52 -15.08 14.61
CA ARG A 27 -22.55 -14.70 16.02
C ARG A 27 -21.16 -14.33 16.51
N ARG A 28 -20.14 -15.05 16.05
CA ARG A 28 -18.79 -14.81 16.54
C ARG A 28 -18.23 -13.51 15.98
N PHE A 29 -18.49 -13.22 14.70
CA PHE A 29 -18.23 -11.88 14.16
C PHE A 29 -18.90 -10.81 14.99
N GLN A 30 -20.22 -10.94 15.19
CA GLN A 30 -20.99 -9.93 15.90
C GLN A 30 -20.48 -9.74 17.31
N GLU A 31 -20.18 -10.84 18.00
CA GLU A 31 -19.58 -10.75 19.33
C GLU A 31 -18.32 -9.89 19.28
N MET A 32 -17.45 -10.16 18.30
CA MET A 32 -16.20 -9.42 18.18
C MET A 32 -16.46 -7.93 17.96
N PHE A 33 -17.39 -7.58 17.07
CA PHE A 33 -17.73 -6.16 16.88
C PHE A 33 -18.34 -5.57 18.13
N ASP A 34 -19.24 -6.30 18.79
CA ASP A 34 -19.83 -5.80 20.03
C ASP A 34 -18.77 -5.47 21.08
N ARG A 35 -17.68 -6.22 21.13
CA ARG A 35 -16.69 -6.00 22.18
C ARG A 35 -15.63 -4.99 21.77
N HIS A 36 -15.16 -5.03 20.52
CA HIS A 36 -14.01 -4.26 20.08
C HIS A 36 -14.35 -2.96 19.35
N VAL A 37 -15.52 -2.87 18.71
CA VAL A 37 -15.95 -1.65 18.02
C VAL A 37 -17.08 -0.96 18.79
N VAL A 38 -18.13 -1.71 19.12
CA VAL A 38 -19.26 -1.34 19.99
C VAL A 38 -20.20 -0.40 19.26
N THR A 39 -19.74 0.81 18.94
CA THR A 39 -20.53 1.74 18.16
C THR A 39 -20.95 1.15 16.82
N ARG A 40 -22.24 0.93 16.66
CA ARG A 40 -22.80 0.32 15.46
C ARG A 40 -22.81 1.31 14.30
N PRO A 41 -22.79 0.81 13.06
CA PRO A 41 -22.90 1.70 11.91
C PRO A 41 -24.32 2.25 11.78
N THR A 42 -24.47 3.19 10.86
CA THR A 42 -25.75 3.81 10.54
C THR A 42 -26.00 3.71 9.04
N LYS A 43 -27.27 3.55 8.65
CA LYS A 43 -27.61 3.54 7.23
C LYS A 43 -27.90 4.98 6.79
N VAL A 44 -27.35 5.36 5.65
CA VAL A 44 -27.67 6.64 5.04
C VAL A 44 -28.99 6.51 4.28
N GLU A 45 -29.87 7.48 4.47
CA GLU A 45 -31.16 7.50 3.81
C GLU A 45 -31.10 8.46 2.64
N LEU A 46 -30.86 7.94 1.45
CA LEU A 46 -30.91 8.76 0.26
C LEU A 46 -32.35 9.22 0.04
N THR A 47 -32.58 10.52 0.13
CA THR A 47 -33.89 11.04 -0.22
C THR A 47 -34.17 10.74 -1.68
N ASP A 48 -35.45 10.60 -2.00
CA ASP A 48 -35.89 9.95 -3.23
C ASP A 48 -35.29 10.59 -4.50
N ALA A 49 -35.17 11.92 -4.53
CA ALA A 49 -34.48 12.56 -5.64
C ALA A 49 -33.06 12.01 -5.78
N GLU A 50 -32.35 11.94 -4.66
CA GLU A 50 -30.96 11.49 -4.66
C GLU A 50 -30.84 10.07 -5.17
N LEU A 51 -31.69 9.16 -4.69
CA LEU A 51 -31.65 7.79 -5.21
C LEU A 51 -31.78 7.79 -6.73
N ARG A 52 -32.60 8.68 -7.28
CA ARG A 52 -32.79 8.71 -8.72
C ARG A 52 -31.56 9.25 -9.43
N GLU A 53 -31.08 10.41 -9.01
CA GLU A 53 -29.86 10.98 -9.57
C GLU A 53 -28.74 9.94 -9.63
N VAL A 54 -28.62 9.12 -8.59
CA VAL A 54 -27.53 8.14 -8.51
C VAL A 54 -27.74 7.02 -9.54
N ILE A 55 -28.96 6.49 -9.63
CA ILE A 55 -29.17 5.33 -10.48
C ILE A 55 -29.17 5.73 -11.96
N ASP A 56 -29.53 6.97 -12.27
CA ASP A 56 -29.40 7.41 -13.66
C ASP A 56 -27.93 7.49 -14.05
N ASP A 57 -27.10 8.00 -13.15
CA ASP A 57 -25.66 8.02 -13.42
C ASP A 57 -25.11 6.61 -13.61
N CYS A 58 -25.47 5.69 -12.72
CA CYS A 58 -25.00 4.31 -12.87
C CYS A 58 -25.47 3.70 -14.19
N ASN A 59 -26.76 3.83 -14.52
CA ASN A 59 -27.26 3.26 -15.76
C ASN A 59 -26.58 3.89 -16.96
N ALA A 60 -26.28 5.18 -16.91
CA ALA A 60 -25.61 5.82 -18.03
C ALA A 60 -24.15 5.37 -18.18
N ALA A 61 -23.48 5.04 -17.07
CA ALA A 61 -22.06 4.67 -17.18
C ALA A 61 -21.89 3.24 -17.70
N VAL A 62 -22.82 2.33 -17.38
CA VAL A 62 -22.69 0.96 -17.84
C VAL A 62 -23.25 0.78 -19.25
N ALA A 63 -24.23 1.61 -19.63
CA ALA A 63 -24.93 1.46 -20.90
C ALA A 63 -24.02 1.32 -22.12
N PRO A 64 -22.97 2.14 -22.30
CA PRO A 64 -22.09 1.93 -23.46
C PRO A 64 -21.51 0.54 -23.56
N LEU A 65 -21.55 -0.25 -22.49
CA LEU A 65 -21.12 -1.65 -22.52
C LEU A 65 -22.20 -2.56 -23.07
N GLY A 66 -23.47 -2.36 -22.71
CA GLY A 66 -24.53 -3.07 -23.38
C GLY A 66 -25.40 -3.93 -22.51
N LYS A 67 -24.98 -4.24 -21.29
CA LYS A 67 -25.83 -4.93 -20.34
C LYS A 67 -26.69 -3.91 -19.61
N THR A 68 -27.92 -4.31 -19.32
CA THR A 68 -28.77 -3.53 -18.45
C THR A 68 -28.57 -4.05 -17.03
N VAL A 69 -28.93 -3.21 -16.07
CA VAL A 69 -28.86 -3.58 -14.67
C VAL A 69 -30.19 -3.19 -14.05
N SER A 70 -30.87 -4.15 -13.43
CA SER A 70 -32.14 -3.87 -12.79
C SER A 70 -31.96 -2.79 -11.72
N ASP A 71 -33.03 -1.99 -11.53
CA ASP A 71 -33.00 -0.91 -10.54
C ASP A 71 -32.62 -1.41 -9.16
N GLU A 72 -32.86 -2.69 -8.88
CA GLU A 72 -32.74 -3.19 -7.51
C GLU A 72 -31.46 -3.99 -7.33
N ARG A 73 -30.80 -4.32 -8.44
CA ARG A 73 -29.42 -4.79 -8.36
C ARG A 73 -28.46 -3.62 -8.18
N TRP A 74 -28.84 -2.44 -8.69
CA TRP A 74 -28.14 -1.23 -8.33
C TRP A 74 -28.21 -1.01 -6.82
N ILE A 75 -29.37 -1.28 -6.22
CA ILE A 75 -29.56 -0.94 -4.81
C ILE A 75 -28.87 -1.95 -3.90
N SER A 76 -28.76 -3.20 -4.36
CA SER A 76 -27.89 -4.17 -3.69
C SER A 76 -26.45 -3.67 -3.61
N TYR A 77 -26.03 -2.86 -4.58
CA TYR A 77 -24.64 -2.42 -4.60
C TYR A 77 -24.46 -1.12 -3.80
N VAL A 78 -25.48 -0.25 -3.84
CA VAL A 78 -25.39 1.01 -3.09
C VAL A 78 -25.57 0.83 -1.60
N GLY A 79 -26.06 -0.34 -1.16
CA GLY A 79 -26.21 -0.57 0.26
C GLY A 79 -24.89 -0.41 1.02
N VAL A 80 -23.79 -0.89 0.45
CA VAL A 80 -22.52 -0.85 1.17
C VAL A 80 -22.06 0.58 1.41
N VAL A 81 -22.44 1.52 0.55
CA VAL A 81 -22.09 2.92 0.77
C VAL A 81 -23.03 3.55 1.80
N LEU A 82 -24.32 3.21 1.71
CA LEU A 82 -25.26 3.74 2.68
C LEU A 82 -24.86 3.36 4.11
N TRP A 83 -24.34 2.16 4.30
CA TRP A 83 -24.09 1.60 5.63
C TRP A 83 -22.68 1.83 6.17
N SER A 84 -21.70 2.17 5.35
CA SER A 84 -20.30 2.02 5.75
C SER A 84 -19.50 3.30 5.67
N GLN A 85 -20.16 4.43 5.43
CA GLN A 85 -19.53 5.71 5.64
C GLN A 85 -19.73 6.05 7.12
N SER A 86 -19.39 7.28 7.54
CA SER A 86 -19.48 7.68 8.93
C SER A 86 -20.29 8.98 9.02
N PRO A 87 -21.62 8.87 9.13
CA PRO A 87 -22.47 10.04 8.88
C PRO A 87 -22.30 11.19 9.87
N ARG A 88 -21.88 10.94 11.11
CA ARG A 88 -21.75 12.04 12.05
C ARG A 88 -20.63 13.00 11.65
N HIS A 89 -19.85 12.65 10.63
CA HIS A 89 -18.72 13.47 10.20
C HIS A 89 -18.86 14.01 8.78
N ILE A 90 -19.91 13.63 8.06
CA ILE A 90 -20.01 13.96 6.64
C ILE A 90 -20.04 15.47 6.46
N LYS A 91 -19.10 15.99 5.65
CA LYS A 91 -19.07 17.41 5.34
C LYS A 91 -19.56 17.75 3.93
N ASP A 92 -19.37 16.87 2.94
CA ASP A 92 -19.69 17.18 1.54
C ASP A 92 -20.57 16.07 0.98
N MET A 93 -21.85 16.37 0.84
CA MET A 93 -22.81 15.42 0.28
C MET A 93 -22.63 15.16 -1.20
N GLU A 94 -22.12 16.13 -1.95
CA GLU A 94 -21.82 15.88 -3.36
C GLU A 94 -20.72 14.84 -3.50
N ALA A 95 -19.66 14.97 -2.69
CA ALA A 95 -18.66 13.92 -2.62
C ALA A 95 -19.32 12.60 -2.26
N PHE A 96 -20.28 12.64 -1.34
CA PHE A 96 -20.92 11.40 -0.89
C PHE A 96 -21.62 10.70 -2.04
N LYS A 97 -22.29 11.46 -2.90
CA LYS A 97 -23.03 10.86 -4.00
C LYS A 97 -22.10 10.31 -5.07
N ALA A 98 -20.97 10.97 -5.31
CA ALA A 98 -19.95 10.42 -6.19
C ALA A 98 -19.55 9.03 -5.76
N VAL A 99 -19.25 8.84 -4.47
CA VAL A 99 -18.85 7.53 -3.98
C VAL A 99 -19.98 6.54 -4.20
N CYS A 100 -21.23 6.94 -3.92
CA CYS A 100 -22.38 6.10 -4.30
C CYS A 100 -22.30 5.68 -5.77
N VAL A 101 -22.05 6.64 -6.66
CA VAL A 101 -22.02 6.33 -8.09
C VAL A 101 -20.81 5.45 -8.43
N LEU A 102 -19.61 5.89 -8.03
CA LEU A 102 -18.41 5.15 -8.40
C LEU A 102 -18.41 3.75 -7.81
N ASN A 103 -18.78 3.61 -6.54
CA ASN A 103 -18.88 2.28 -5.96
C ASN A 103 -19.80 1.37 -6.77
N CYS A 104 -20.98 1.88 -7.16
CA CYS A 104 -21.94 1.02 -7.83
C CYS A 104 -21.45 0.60 -9.21
N VAL A 105 -20.87 1.53 -9.99
CA VAL A 105 -20.47 1.16 -11.36
C VAL A 105 -19.32 0.16 -11.32
N THR A 106 -18.43 0.28 -10.33
CA THR A 106 -17.33 -0.67 -10.19
C THR A 106 -17.83 -2.06 -9.83
N PHE A 107 -18.89 -2.14 -9.03
CA PHE A 107 -19.53 -3.44 -8.77
C PHE A 107 -19.88 -4.13 -10.08
N VAL A 108 -20.66 -3.46 -10.94
CA VAL A 108 -21.04 -4.04 -12.23
C VAL A 108 -19.82 -4.56 -12.97
N TRP A 109 -18.75 -3.74 -13.03
CA TRP A 109 -17.52 -4.17 -13.69
C TRP A 109 -16.93 -5.41 -13.05
N ASP A 110 -16.92 -5.49 -11.72
CA ASP A 110 -16.41 -6.67 -11.04
C ASP A 110 -17.19 -7.90 -11.47
N ASP A 111 -18.51 -7.80 -11.49
CA ASP A 111 -19.42 -8.90 -11.79
C ASP A 111 -19.59 -9.18 -13.28
N MET A 112 -18.76 -8.62 -14.14
CA MET A 112 -19.00 -8.67 -15.58
C MET A 112 -17.96 -9.53 -16.29
N ASP A 113 -18.43 -10.29 -17.28
CA ASP A 113 -17.54 -11.02 -18.17
C ASP A 113 -16.52 -10.07 -18.78
N PRO A 114 -15.24 -10.44 -18.79
CA PRO A 114 -14.22 -9.52 -19.35
C PRO A 114 -14.51 -9.10 -20.78
N ALA A 115 -15.33 -9.84 -21.53
CA ALA A 115 -15.67 -9.41 -22.88
C ALA A 115 -16.57 -8.18 -22.85
N LEU A 116 -17.38 -8.06 -21.80
CA LEU A 116 -18.15 -6.84 -21.59
C LEU A 116 -17.26 -5.66 -21.18
N HIS A 117 -16.04 -5.93 -20.69
CA HIS A 117 -15.08 -4.87 -20.34
C HIS A 117 -14.64 -4.11 -21.60
N ASP A 118 -14.75 -2.79 -21.56
CA ASP A 118 -14.45 -1.93 -22.69
C ASP A 118 -13.90 -0.62 -22.12
N PHE A 119 -12.57 -0.53 -22.06
CA PHE A 119 -11.91 0.62 -21.44
C PHE A 119 -12.10 1.89 -22.26
N GLY A 120 -12.16 1.77 -23.59
CA GLY A 120 -12.39 2.94 -24.41
C GLY A 120 -13.69 3.65 -24.07
N LEU A 121 -14.70 2.90 -23.64
CA LEU A 121 -15.99 3.50 -23.34
C LEU A 121 -16.23 3.79 -21.86
N PHE A 122 -15.84 2.89 -20.96
CA PHE A 122 -16.24 3.03 -19.56
C PHE A 122 -15.34 4.02 -18.81
N LEU A 123 -14.05 4.05 -19.09
CA LEU A 123 -13.16 5.05 -18.52
C LEU A 123 -13.63 6.48 -18.76
N PRO A 124 -14.08 6.88 -19.96
CA PRO A 124 -14.70 8.22 -20.07
C PRO A 124 -15.89 8.43 -19.14
N GLN A 125 -16.75 7.44 -18.97
CA GLN A 125 -17.85 7.62 -18.05
C GLN A 125 -17.35 7.84 -16.61
N LEU A 126 -16.35 7.04 -16.20
CA LEU A 126 -15.76 7.20 -14.88
C LEU A 126 -15.25 8.61 -14.67
N ARG A 127 -14.53 9.14 -15.66
CA ARG A 127 -14.02 10.50 -15.50
C ARG A 127 -15.17 11.51 -15.44
N LYS A 128 -16.18 11.35 -16.29
CA LYS A 128 -17.34 12.24 -16.26
C LYS A 128 -17.93 12.33 -14.86
N ILE A 129 -18.23 11.18 -14.25
CA ILE A 129 -18.74 11.12 -12.88
C ILE A 129 -17.84 11.91 -11.93
N CYS A 130 -16.53 11.62 -11.94
CA CYS A 130 -15.60 12.32 -11.06
C CYS A 130 -15.64 13.83 -11.28
N GLU A 131 -15.65 14.24 -12.55
CA GLU A 131 -15.63 15.68 -12.85
C GLU A 131 -16.94 16.35 -12.45
N LYS A 132 -18.04 15.61 -12.41
CA LYS A 132 -19.31 16.20 -11.99
C LYS A 132 -19.31 16.54 -10.50
N TYR A 133 -18.90 15.58 -9.66
CA TYR A 133 -19.12 15.65 -8.22
C TYR A 133 -17.93 16.19 -7.42
N TYR A 134 -16.74 16.28 -8.01
CA TYR A 134 -15.55 16.62 -7.24
C TYR A 134 -14.92 17.90 -7.75
N GLY A 135 -14.13 18.54 -6.89
CA GLY A 135 -13.20 19.56 -7.34
C GLY A 135 -12.16 18.94 -8.28
N PRO A 136 -11.43 19.78 -9.03
CA PRO A 136 -10.50 19.23 -10.04
C PRO A 136 -9.44 18.32 -9.45
N GLU A 137 -8.90 18.67 -8.29
CA GLU A 137 -7.84 17.86 -7.73
C GLU A 137 -8.37 16.51 -7.26
N ASP A 138 -9.45 16.53 -6.47
CA ASP A 138 -10.07 15.29 -6.02
C ASP A 138 -10.62 14.46 -7.18
N ALA A 139 -11.05 15.11 -8.26
CA ALA A 139 -11.56 14.35 -9.39
C ALA A 139 -10.46 13.48 -9.98
N GLU A 140 -9.24 14.01 -10.07
CA GLU A 140 -8.11 13.23 -10.57
C GLU A 140 -7.80 12.07 -9.64
N VAL A 141 -7.87 12.30 -8.32
CA VAL A 141 -7.51 11.24 -7.38
C VAL A 141 -8.55 10.14 -7.43
N ALA A 142 -9.83 10.51 -7.42
CA ALA A 142 -10.88 9.50 -7.54
C ALA A 142 -10.77 8.76 -8.87
N TYR A 143 -10.56 9.49 -9.97
CA TYR A 143 -10.54 8.86 -11.28
C TYR A 143 -9.35 7.92 -11.42
N GLU A 144 -8.14 8.37 -11.05
CA GLU A 144 -6.98 7.48 -11.08
C GLU A 144 -7.24 6.18 -10.31
N ALA A 145 -7.85 6.29 -9.13
CA ALA A 145 -8.12 5.10 -8.33
C ALA A 145 -9.19 4.22 -8.96
N ALA A 146 -10.18 4.82 -9.63
CA ALA A 146 -11.17 4.05 -10.36
C ALA A 146 -10.52 3.31 -11.53
N ARG A 147 -9.71 4.01 -12.32
CA ARG A 147 -8.98 3.38 -13.41
C ARG A 147 -8.11 2.22 -12.90
N ALA A 148 -7.35 2.45 -11.83
CA ALA A 148 -6.50 1.41 -11.28
C ALA A 148 -7.31 0.19 -10.84
N PHE A 149 -8.47 0.40 -10.24
CA PHE A 149 -9.28 -0.73 -9.81
C PHE A 149 -9.79 -1.57 -10.99
N VAL A 150 -10.34 -0.91 -12.03
CA VAL A 150 -10.88 -1.70 -13.14
C VAL A 150 -9.75 -2.35 -13.91
N THR A 151 -8.65 -1.63 -14.16
CA THR A 151 -7.48 -2.21 -14.81
C THR A 151 -6.96 -3.42 -14.03
N SER A 152 -6.93 -3.34 -12.70
CA SER A 152 -6.45 -4.46 -11.92
C SER A 152 -7.39 -5.65 -12.02
N ASP A 153 -8.69 -5.44 -11.78
CA ASP A 153 -9.62 -6.56 -11.85
C ASP A 153 -9.57 -7.23 -13.22
N HIS A 154 -9.40 -6.45 -14.29
CA HIS A 154 -9.34 -7.02 -15.62
C HIS A 154 -8.07 -7.82 -15.82
N MET A 155 -6.90 -7.24 -15.50
CA MET A 155 -5.65 -7.89 -15.87
C MET A 155 -5.35 -9.10 -14.98
N PHE A 156 -6.09 -9.28 -13.89
CA PHE A 156 -5.84 -10.44 -13.04
C PHE A 156 -6.83 -11.58 -13.23
N ARG A 157 -7.90 -11.41 -14.00
CA ARG A 157 -8.80 -12.52 -14.24
C ARG A 157 -8.01 -13.69 -14.83
N ASP A 158 -8.10 -14.85 -14.18
CA ASP A 158 -7.34 -16.03 -14.60
C ASP A 158 -5.87 -15.71 -14.86
N SER A 159 -5.23 -14.92 -13.92
CA SER A 159 -3.80 -14.57 -14.01
C SER A 159 -2.96 -15.52 -13.19
N PRO A 160 -1.80 -15.96 -13.69
CA PRO A 160 -0.84 -16.67 -12.84
C PRO A 160 -0.44 -15.90 -11.58
N ILE A 161 -0.35 -14.57 -11.64
CA ILE A 161 -0.01 -13.79 -10.45
C ILE A 161 -1.06 -14.01 -9.37
N LYS A 162 -2.33 -13.78 -9.70
CA LYS A 162 -3.40 -13.94 -8.72
C LYS A 162 -3.37 -15.32 -8.07
N ALA A 163 -3.11 -16.35 -8.87
CA ALA A 163 -3.01 -17.70 -8.32
C ALA A 163 -1.89 -17.78 -7.30
N ALA A 164 -0.72 -17.24 -7.61
CA ALA A 164 0.38 -17.27 -6.64
C ALA A 164 0.05 -16.44 -5.40
N LEU A 165 -0.58 -15.28 -5.58
CA LEU A 165 -0.77 -14.38 -4.45
C LEU A 165 -1.92 -14.84 -3.54
N CYS A 166 -2.82 -15.68 -4.03
CA CYS A 166 -4.00 -16.08 -3.27
C CYS A 166 -3.85 -17.43 -2.60
N THR A 167 -3.04 -18.32 -3.16
CA THR A 167 -2.87 -19.65 -2.62
C THR A 167 -1.62 -19.80 -1.76
N THR A 168 -0.79 -18.78 -1.65
CA THR A 168 0.48 -18.99 -0.96
C THR A 168 0.33 -18.93 0.55
N SER A 169 -0.31 -17.90 1.06
CA SER A 169 -0.43 -17.67 2.49
C SER A 169 -1.43 -16.54 2.70
N PRO A 170 -2.00 -16.41 3.91
CA PRO A 170 -2.86 -15.25 4.19
C PRO A 170 -2.20 -13.93 3.81
N GLU A 171 -0.90 -13.80 4.07
CA GLU A 171 -0.25 -12.51 3.96
C GLU A 171 -0.02 -12.11 2.51
N GLN A 172 0.28 -13.08 1.64
CA GLN A 172 0.32 -12.74 0.23
C GLN A 172 -1.09 -12.39 -0.25
N TYR A 173 -2.09 -13.12 0.24
CA TYR A 173 -3.44 -12.92 -0.23
C TYR A 173 -3.97 -11.54 0.13
N PHE A 174 -3.86 -11.15 1.40
CA PHE A 174 -4.36 -9.85 1.80
C PHE A 174 -3.59 -8.74 1.09
N ARG A 175 -2.30 -8.94 0.81
CA ARG A 175 -1.54 -7.96 0.05
C ARG A 175 -2.18 -7.70 -1.32
N PHE A 176 -2.65 -8.75 -1.98
CA PHE A 176 -3.36 -8.59 -3.24
C PHE A 176 -4.68 -7.84 -3.04
N ARG A 177 -5.41 -8.18 -1.98
CA ARG A 177 -6.76 -7.65 -1.74
C ARG A 177 -6.79 -6.16 -1.41
N VAL A 178 -5.69 -5.59 -0.89
CA VAL A 178 -5.63 -4.14 -0.67
C VAL A 178 -6.14 -3.39 -1.90
N THR A 179 -5.63 -3.78 -3.07
CA THR A 179 -6.17 -3.24 -4.32
C THR A 179 -7.43 -3.97 -4.73
N ASP A 180 -7.39 -5.31 -4.72
CA ASP A 180 -8.35 -6.05 -5.53
C ASP A 180 -9.77 -5.98 -4.94
N ILE A 181 -9.90 -5.94 -3.61
CA ILE A 181 -11.24 -5.84 -3.04
C ILE A 181 -11.82 -4.44 -3.26
N GLY A 182 -10.99 -3.45 -3.55
CA GLY A 182 -11.47 -2.11 -3.81
C GLY A 182 -11.36 -1.14 -2.65
N VAL A 183 -10.70 -1.52 -1.54
CA VAL A 183 -10.66 -0.61 -0.40
C VAL A 183 -9.74 0.58 -0.66
N ASP A 184 -8.64 0.38 -1.43
CA ASP A 184 -7.79 1.52 -1.73
C ASP A 184 -8.52 2.55 -2.58
N PHE A 185 -9.30 2.07 -3.56
CA PHE A 185 -10.20 2.92 -4.34
C PHE A 185 -11.20 3.62 -3.42
N TRP A 186 -11.85 2.86 -2.54
CA TRP A 186 -12.85 3.41 -1.63
C TRP A 186 -12.31 4.62 -0.86
N MET A 187 -11.13 4.47 -0.27
CA MET A 187 -10.55 5.56 0.52
C MET A 187 -10.24 6.77 -0.35
N LYS A 188 -9.71 6.55 -1.54
CA LYS A 188 -9.32 7.66 -2.41
C LYS A 188 -10.51 8.34 -3.06
N MET A 189 -11.68 7.70 -3.08
CA MET A 189 -12.88 8.39 -3.53
C MET A 189 -13.73 8.94 -2.39
N SER A 190 -13.54 8.45 -1.17
CA SER A 190 -14.38 8.79 -0.03
C SER A 190 -13.84 9.94 0.82
N TYR A 191 -12.54 10.23 0.75
CA TYR A 191 -12.03 11.30 1.61
C TYR A 191 -12.64 12.67 1.32
N PRO A 192 -13.01 13.04 0.09
CA PRO A 192 -13.73 14.32 -0.08
C PRO A 192 -15.02 14.42 0.73
N ILE A 193 -15.64 13.29 1.10
CA ILE A 193 -16.84 13.32 1.92
C ILE A 193 -16.60 14.06 3.24
N TYR A 194 -15.40 13.90 3.83
CA TYR A 194 -15.13 14.35 5.18
C TYR A 194 -14.23 15.57 5.28
N ARG A 195 -13.44 15.86 4.23
CA ARG A 195 -12.50 16.96 4.23
C ARG A 195 -11.67 17.03 5.51
N HIS A 196 -11.33 15.86 6.08
CA HIS A 196 -10.51 15.82 7.28
C HIS A 196 -9.05 15.62 6.89
N PRO A 197 -8.20 16.63 7.12
CA PRO A 197 -6.79 16.55 6.68
C PRO A 197 -6.06 15.26 7.00
N GLU A 198 -6.20 14.71 8.21
CA GLU A 198 -5.49 13.46 8.54
C GLU A 198 -6.02 12.30 7.72
N PHE A 199 -7.35 12.15 7.66
CA PHE A 199 -7.93 11.02 6.94
C PHE A 199 -7.60 11.08 5.45
N THR A 200 -7.48 12.28 4.90
CA THR A 200 -7.15 12.42 3.49
C THR A 200 -5.72 11.97 3.22
N GLU A 201 -4.79 12.31 4.13
CA GLU A 201 -3.41 11.86 3.94
C GLU A 201 -3.28 10.35 4.09
N HIS A 202 -3.97 9.77 5.10
CA HIS A 202 -3.99 8.31 5.20
C HIS A 202 -4.63 7.66 3.97
N ALA A 203 -5.63 8.32 3.37
CA ALA A 203 -6.20 7.79 2.13
C ALA A 203 -5.18 7.82 1.01
N LYS A 204 -4.40 8.89 0.91
CA LYS A 204 -3.48 9.08 -0.20
C LYS A 204 -2.20 8.26 -0.07
N THR A 205 -1.76 7.93 1.16
CA THR A 205 -0.66 6.99 1.32
C THR A 205 -1.11 5.54 1.17
N SER A 206 -2.42 5.29 1.18
CA SER A 206 -3.06 3.97 1.26
C SER A 206 -2.88 3.31 2.62
N LEU A 207 -2.27 3.98 3.60
CA LEU A 207 -2.29 3.45 4.96
C LEU A 207 -3.72 3.15 5.38
N ALA A 208 -4.67 4.03 5.01
CA ALA A 208 -6.07 3.79 5.36
C ALA A 208 -6.56 2.47 4.81
N ALA A 209 -6.30 2.22 3.53
CA ALA A 209 -6.71 0.94 2.93
C ALA A 209 -6.03 -0.23 3.62
N ARG A 210 -4.74 -0.10 3.92
CA ARG A 210 -3.99 -1.21 4.50
C ARG A 210 -4.52 -1.53 5.90
N MET A 211 -4.86 -0.49 6.69
CA MET A 211 -5.41 -0.72 8.02
C MET A 211 -6.72 -1.50 7.96
N THR A 212 -7.53 -1.25 6.92
CA THR A 212 -8.88 -1.78 6.86
C THR A 212 -9.03 -3.01 5.98
N THR A 213 -7.96 -3.47 5.32
CA THR A 213 -8.11 -4.50 4.31
C THR A 213 -8.62 -5.80 4.91
N ARG A 214 -8.01 -6.26 6.01
CA ARG A 214 -8.38 -7.57 6.50
C ARG A 214 -9.79 -7.58 7.08
N GLY A 215 -10.17 -6.54 7.81
CA GLY A 215 -11.51 -6.48 8.35
C GLY A 215 -12.59 -6.56 7.27
N LEU A 216 -12.38 -5.84 6.16
CA LEU A 216 -13.30 -5.89 5.03
C LEU A 216 -13.24 -7.24 4.34
N THR A 217 -12.03 -7.72 4.05
CA THR A 217 -11.86 -8.89 3.18
C THR A 217 -12.27 -10.17 3.87
N ILE A 218 -11.94 -10.33 5.15
CA ILE A 218 -12.29 -11.56 5.86
C ILE A 218 -13.81 -11.71 5.90
N VAL A 219 -14.51 -10.63 6.26
CA VAL A 219 -15.97 -10.66 6.32
C VAL A 219 -16.54 -10.99 4.93
N ASN A 220 -16.15 -10.19 3.93
CA ASN A 220 -16.62 -10.43 2.58
C ASN A 220 -16.29 -11.83 2.10
N ASP A 221 -15.07 -12.30 2.35
CA ASP A 221 -14.70 -13.65 1.91
C ASP A 221 -15.61 -14.70 2.54
N PHE A 222 -15.97 -14.53 3.82
CA PHE A 222 -16.81 -15.53 4.44
C PHE A 222 -18.18 -15.59 3.79
N TYR A 223 -18.86 -14.43 3.70
CA TYR A 223 -20.24 -14.41 3.24
C TYR A 223 -20.38 -14.41 1.73
N SER A 224 -19.26 -14.32 1.00
CA SER A 224 -19.27 -14.45 -0.44
C SER A 224 -18.48 -15.67 -0.90
N TYR A 225 -18.07 -16.52 0.05
CA TYR A 225 -17.44 -17.79 -0.29
C TYR A 225 -18.30 -18.62 -1.22
N ASP A 226 -19.61 -18.68 -0.95
CA ASP A 226 -20.45 -19.65 -1.65
C ASP A 226 -20.68 -19.22 -3.08
N ARG A 227 -20.96 -17.93 -3.29
CA ARG A 227 -21.02 -17.37 -4.63
C ARG A 227 -19.74 -17.62 -5.40
N GLU A 228 -18.59 -17.28 -4.82
CA GLU A 228 -17.34 -17.35 -5.57
C GLU A 228 -16.91 -18.78 -5.84
N VAL A 229 -17.19 -19.71 -4.92
CA VAL A 229 -16.99 -21.11 -5.27
C VAL A 229 -18.00 -21.53 -6.34
N SER A 230 -19.24 -21.03 -6.25
CA SER A 230 -20.23 -21.36 -7.27
C SER A 230 -19.92 -20.65 -8.59
N LEU A 231 -18.84 -19.88 -8.64
CA LEU A 231 -18.39 -19.29 -9.90
C LEU A 231 -16.95 -19.64 -10.22
N GLY A 232 -16.37 -20.62 -9.52
CA GLY A 232 -14.98 -21.00 -9.77
C GLY A 232 -13.96 -19.94 -9.42
N GLN A 233 -14.30 -19.00 -8.55
CA GLN A 233 -13.42 -17.86 -8.27
C GLN A 233 -12.51 -18.18 -7.09
N ILE A 234 -11.23 -17.83 -7.23
CA ILE A 234 -10.24 -18.21 -6.22
C ILE A 234 -9.80 -17.06 -5.31
N THR A 235 -10.33 -15.85 -5.49
CA THR A 235 -9.92 -14.75 -4.63
C THR A 235 -10.73 -14.79 -3.34
N ASN A 236 -10.31 -15.67 -2.42
CA ASN A 236 -11.05 -15.90 -1.18
C ASN A 236 -10.18 -16.68 -0.20
N CYS A 237 -9.89 -16.09 0.97
CA CYS A 237 -8.92 -16.68 1.89
C CYS A 237 -9.38 -18.02 2.44
N PHE A 238 -10.68 -18.27 2.54
CA PHE A 238 -11.10 -19.55 3.09
C PHE A 238 -10.81 -20.70 2.16
N ARG A 239 -10.44 -20.43 0.91
CA ARG A 239 -9.95 -21.50 0.07
C ARG A 239 -8.56 -21.98 0.50
N LEU A 240 -7.90 -21.25 1.40
CA LEU A 240 -6.62 -21.67 1.96
C LEU A 240 -6.74 -22.77 3.01
N CYS A 241 -7.91 -23.02 3.59
CA CYS A 241 -8.03 -24.12 4.53
C CYS A 241 -9.08 -25.10 4.02
N ASP A 242 -9.28 -26.17 4.75
CA ASP A 242 -10.25 -27.21 4.39
C ASP A 242 -11.51 -26.94 5.19
N VAL A 243 -12.55 -26.44 4.52
CA VAL A 243 -13.79 -26.23 5.23
C VAL A 243 -14.58 -27.53 5.31
N SER A 244 -14.13 -28.59 4.62
CA SER A 244 -14.72 -29.91 4.80
C SER A 244 -14.11 -30.61 6.01
N ASP A 245 -13.15 -29.97 6.66
CA ASP A 245 -12.69 -30.43 7.96
C ASP A 245 -12.99 -29.35 8.99
N GLU A 246 -14.08 -29.52 9.74
CA GLU A 246 -14.54 -28.44 10.61
C GLU A 246 -13.53 -28.12 11.69
N THR A 247 -12.67 -29.07 12.06
CA THR A 247 -11.62 -28.80 13.02
C THR A 247 -10.56 -27.86 12.44
N ALA A 248 -10.09 -28.15 11.21
CA ALA A 248 -9.14 -27.26 10.57
C ALA A 248 -9.79 -25.92 10.24
N PHE A 249 -11.10 -25.92 10.01
CA PHE A 249 -11.80 -24.65 9.79
C PHE A 249 -11.86 -23.83 11.07
N LYS A 250 -12.16 -24.46 12.20
CA LYS A 250 -12.26 -23.71 13.46
C LYS A 250 -10.97 -22.97 13.77
N GLU A 251 -9.83 -23.56 13.43
CA GLU A 251 -8.56 -22.96 13.80
C GLU A 251 -8.18 -21.84 12.84
N PHE A 252 -8.43 -22.04 11.55
CA PHE A 252 -8.21 -20.99 10.57
C PHE A 252 -9.15 -19.81 10.80
N PHE A 253 -10.41 -20.09 11.08
CA PHE A 253 -11.36 -19.02 11.36
C PHE A 253 -10.94 -18.22 12.57
N GLN A 254 -10.40 -18.89 13.59
CA GLN A 254 -9.90 -18.16 14.74
C GLN A 254 -8.76 -17.23 14.38
N ALA A 255 -7.78 -17.71 13.60
CA ALA A 255 -6.65 -16.86 13.23
C ALA A 255 -7.12 -15.63 12.45
N ARG A 256 -8.08 -15.79 11.54
CA ARG A 256 -8.66 -14.63 10.84
C ARG A 256 -9.37 -13.68 11.80
N LEU A 257 -10.13 -14.22 12.75
CA LEU A 257 -10.73 -13.35 13.75
C LEU A 257 -9.65 -12.57 14.52
N ASP A 258 -8.53 -13.24 14.87
CA ASP A 258 -7.46 -12.54 15.56
C ASP A 258 -6.86 -11.43 14.68
N ASP A 259 -6.76 -11.68 13.37
CA ASP A 259 -6.31 -10.64 12.46
C ASP A 259 -7.19 -9.39 12.58
N MET A 260 -8.51 -9.59 12.54
CA MET A 260 -9.44 -8.47 12.64
C MET A 260 -9.26 -7.71 13.95
N ILE A 261 -9.12 -8.42 15.06
CA ILE A 261 -9.02 -7.76 16.38
C ILE A 261 -7.76 -6.92 16.45
N GLU A 262 -6.64 -7.44 15.95
CA GLU A 262 -5.38 -6.71 16.00
C GLU A 262 -5.44 -5.43 15.18
N ASP A 263 -5.98 -5.54 13.96
CA ASP A 263 -6.20 -4.37 13.12
C ASP A 263 -7.08 -3.35 13.84
N ILE A 264 -8.21 -3.81 14.38
CA ILE A 264 -9.18 -2.88 14.96
C ILE A 264 -8.57 -2.12 16.13
N GLU A 265 -7.85 -2.83 17.02
CA GLU A 265 -7.26 -2.13 18.16
C GLU A 265 -6.13 -1.19 17.72
N CYS A 266 -5.41 -1.52 16.65
CA CYS A 266 -4.42 -0.58 16.12
C CYS A 266 -5.10 0.63 15.47
N ILE A 267 -6.24 0.43 14.82
CA ILE A 267 -7.01 1.53 14.25
C ILE A 267 -7.35 2.56 15.33
N LYS A 268 -7.59 2.09 16.55
CA LYS A 268 -8.03 2.98 17.63
C LYS A 268 -6.95 3.95 18.08
N ALA A 269 -5.73 3.84 17.56
CA ALA A 269 -4.69 4.82 17.79
C ALA A 269 -4.72 5.94 16.77
N PHE A 270 -5.49 5.80 15.70
CA PHE A 270 -5.71 6.91 14.80
C PHE A 270 -6.62 7.94 15.47
N ASP A 271 -6.52 9.18 14.98
CA ASP A 271 -7.31 10.27 15.54
C ASP A 271 -8.79 9.95 15.47
N GLN A 272 -9.56 10.60 16.36
CA GLN A 272 -10.94 10.17 16.60
C GLN A 272 -11.77 10.12 15.33
N LEU A 273 -11.78 11.21 14.54
CA LEU A 273 -12.56 11.19 13.30
C LEU A 273 -12.09 10.08 12.36
N THR A 274 -10.80 10.04 12.07
CA THR A 274 -10.27 8.99 11.18
C THR A 274 -10.64 7.60 11.69
N GLN A 275 -10.41 7.35 12.97
CA GLN A 275 -10.78 6.09 13.60
C GLN A 275 -12.28 5.80 13.43
N ASP A 276 -13.10 6.84 13.44
CA ASP A 276 -14.54 6.65 13.22
C ASP A 276 -14.83 6.18 11.80
N VAL A 277 -14.16 6.77 10.82
CA VAL A 277 -14.40 6.37 9.43
C VAL A 277 -13.95 4.92 9.21
N PHE A 278 -12.72 4.60 9.62
CA PHE A 278 -12.21 3.23 9.49
C PHE A 278 -13.15 2.21 10.11
N LEU A 279 -13.55 2.43 11.36
CA LEU A 279 -14.33 1.41 12.07
C LEU A 279 -15.77 1.35 11.58
N ASP A 280 -16.37 2.50 11.24
CA ASP A 280 -17.69 2.46 10.59
C ASP A 280 -17.61 1.72 9.26
N LEU A 281 -16.49 1.86 8.54
CA LEU A 281 -16.32 1.11 7.29
C LEU A 281 -16.32 -0.39 7.54
N ILE A 282 -15.52 -0.86 8.50
CA ILE A 282 -15.43 -2.30 8.72
C ILE A 282 -16.75 -2.85 9.23
N TYR A 283 -17.31 -2.21 10.26
CA TYR A 283 -18.56 -2.68 10.83
C TYR A 283 -19.72 -2.48 9.86
N GLY A 284 -19.74 -1.33 9.18
CA GLY A 284 -20.77 -1.08 8.19
C GLY A 284 -20.84 -2.18 7.15
N ASN A 285 -19.69 -2.59 6.61
CA ASN A 285 -19.69 -3.64 5.60
C ASN A 285 -20.22 -4.94 6.15
N PHE A 286 -19.95 -5.23 7.42
CA PHE A 286 -20.45 -6.47 8.02
C PHE A 286 -21.98 -6.46 8.12
N VAL A 287 -22.59 -5.29 8.37
CA VAL A 287 -24.05 -5.23 8.43
C VAL A 287 -24.65 -5.36 7.03
N TRP A 288 -24.18 -4.54 6.09
CA TRP A 288 -24.62 -4.67 4.71
C TRP A 288 -24.49 -6.11 4.24
N THR A 289 -23.31 -6.71 4.42
CA THR A 289 -23.06 -8.04 3.89
C THR A 289 -23.96 -9.09 4.51
N THR A 290 -24.26 -8.95 5.81
CA THR A 290 -25.09 -9.96 6.49
C THR A 290 -26.57 -9.66 6.37
N SER A 291 -26.95 -8.67 5.58
CA SER A 291 -28.35 -8.30 5.56
C SER A 291 -28.90 -8.12 4.15
N ASN A 292 -28.03 -7.97 3.16
CA ASN A 292 -28.40 -7.68 1.79
C ASN A 292 -28.59 -8.95 0.95
N LYS A 293 -29.45 -8.83 -0.08
CA LYS A 293 -29.70 -9.85 -1.08
C LYS A 293 -28.43 -10.48 -1.67
N ARG A 294 -27.41 -9.65 -1.91
CA ARG A 294 -26.19 -10.19 -2.52
C ARG A 294 -25.65 -11.37 -1.72
N TYR A 295 -25.83 -11.36 -0.40
CA TYR A 295 -25.34 -12.42 0.47
C TYR A 295 -26.49 -13.01 1.28
N LYS A 296 -27.45 -13.61 0.58
CA LYS A 296 -28.39 -14.55 1.18
C LYS A 296 -28.35 -15.93 0.56
N THR A 297 -27.57 -16.16 -0.50
CA THR A 297 -27.55 -17.47 -1.14
C THR A 297 -26.18 -17.77 -1.73
N ALA A 298 -26.22 -18.18 -3.00
CA ALA A 298 -25.04 -18.26 -3.86
C ALA A 298 -25.15 -17.17 -4.93
N ILE B 13 16.96 -3.93 28.23
CA ILE B 13 18.18 -3.63 27.49
C ILE B 13 18.82 -2.28 27.74
N GLY B 14 19.95 -2.07 27.06
CA GLY B 14 20.56 -0.77 26.97
C GLY B 14 20.75 -0.30 25.54
N ARG B 15 21.87 0.37 25.31
CA ARG B 15 22.36 0.72 23.97
C ARG B 15 22.46 -0.50 23.08
N SER B 16 21.31 -0.98 22.62
CA SER B 16 21.22 -2.22 21.89
C SER B 16 22.08 -2.16 20.64
N SER B 17 22.41 -3.34 20.15
CA SER B 17 23.30 -3.44 19.01
C SER B 17 23.12 -4.82 18.43
N VAL B 18 23.23 -4.91 17.12
CA VAL B 18 23.28 -6.19 16.44
C VAL B 18 24.69 -6.53 16.00
N ARG B 19 25.67 -5.75 16.46
CA ARG B 19 27.08 -6.02 16.15
C ARG B 19 27.48 -7.49 16.28
N PRO B 20 27.15 -8.21 17.37
CA PRO B 20 27.63 -9.61 17.47
C PRO B 20 27.11 -10.49 16.35
N TYR B 21 25.98 -10.13 15.75
CA TYR B 21 25.44 -10.94 14.66
C TYR B 21 25.89 -10.46 13.30
N LEU B 22 26.66 -9.38 13.22
CA LEU B 22 26.91 -8.74 11.94
C LEU B 22 27.39 -9.74 10.90
N GLU B 23 28.35 -10.57 11.30
CA GLU B 23 29.01 -11.47 10.37
C GLU B 23 28.09 -12.59 9.91
N GLU B 24 27.51 -13.31 10.87
CA GLU B 24 26.65 -14.43 10.53
C GLU B 24 25.48 -13.98 9.66
N CYS B 25 24.83 -12.89 10.05
CA CYS B 25 23.62 -12.46 9.34
C CYS B 25 23.94 -12.01 7.92
N THR B 26 25.07 -11.34 7.73
CA THR B 26 25.45 -10.95 6.37
C THR B 26 25.62 -12.19 5.48
N ARG B 27 26.22 -13.24 6.03
CA ARG B 27 26.32 -14.51 5.33
C ARG B 27 24.96 -15.14 5.12
N ARG B 28 24.08 -15.07 6.13
CA ARG B 28 22.72 -15.58 5.99
C ARG B 28 21.98 -14.86 4.86
N PHE B 29 22.02 -13.53 4.86
CA PHE B 29 21.41 -12.78 3.76
C PHE B 29 22.01 -13.22 2.43
N GLN B 30 23.35 -13.27 2.38
CA GLN B 30 24.06 -13.56 1.13
C GLN B 30 23.73 -14.96 0.63
N GLU B 31 23.66 -15.92 1.52
CA GLU B 31 23.32 -17.27 1.09
C GLU B 31 21.87 -17.34 0.59
N MET B 32 20.96 -16.58 1.20
CA MET B 32 19.58 -16.54 0.73
C MET B 32 19.49 -15.97 -0.67
N PHE B 33 20.21 -14.89 -0.95
CA PHE B 33 20.19 -14.34 -2.30
C PHE B 33 20.77 -15.30 -3.33
N ASP B 34 21.82 -16.07 -2.97
CA ASP B 34 22.40 -17.03 -3.93
C ASP B 34 21.46 -18.19 -4.20
N ARG B 35 20.62 -18.54 -3.23
CA ARG B 35 19.70 -19.65 -3.44
C ARG B 35 18.44 -19.22 -4.18
N HIS B 36 17.91 -18.04 -3.89
CA HIS B 36 16.58 -17.67 -4.34
C HIS B 36 16.52 -16.58 -5.41
N VAL B 37 17.55 -15.75 -5.55
CA VAL B 37 17.57 -14.71 -6.56
C VAL B 37 18.60 -14.98 -7.64
N VAL B 38 19.84 -15.28 -7.23
CA VAL B 38 20.96 -15.67 -8.09
C VAL B 38 21.48 -14.49 -8.89
N THR B 39 20.70 -13.99 -9.84
CA THR B 39 21.08 -12.85 -10.65
C THR B 39 21.61 -11.70 -9.79
N ARG B 40 22.93 -11.43 -9.92
CA ARG B 40 23.50 -10.39 -9.08
C ARG B 40 23.19 -9.01 -9.64
N PRO B 41 22.92 -8.03 -8.76
CA PRO B 41 22.76 -6.66 -9.24
C PRO B 41 24.07 -6.14 -9.79
N THR B 42 23.97 -5.50 -10.97
CA THR B 42 25.12 -4.87 -11.63
C THR B 42 24.88 -3.36 -11.64
N LYS B 43 25.80 -2.61 -11.05
CA LYS B 43 25.60 -1.20 -10.77
C LYS B 43 25.51 -0.38 -12.06
N VAL B 44 24.66 0.66 -12.04
CA VAL B 44 24.62 1.61 -13.14
C VAL B 44 25.71 2.64 -12.93
N GLU B 45 26.59 2.79 -13.90
CA GLU B 45 27.61 3.81 -13.79
C GLU B 45 27.13 5.05 -14.50
N LEU B 46 27.19 6.18 -13.81
CA LEU B 46 26.85 7.47 -14.38
C LEU B 46 28.11 8.07 -15.01
N THR B 47 27.97 8.55 -16.24
CA THR B 47 29.07 9.26 -16.87
C THR B 47 29.38 10.52 -16.06
N ASP B 48 30.46 11.20 -16.43
CA ASP B 48 31.01 12.27 -15.61
C ASP B 48 30.01 13.38 -15.36
N ALA B 49 29.11 13.59 -16.32
CA ALA B 49 28.17 14.70 -16.30
C ALA B 49 26.80 14.30 -15.75
N GLU B 50 26.39 13.05 -15.95
CA GLU B 50 25.16 12.60 -15.33
C GLU B 50 25.23 12.79 -13.82
N LEU B 51 26.27 12.25 -13.19
CA LEU B 51 26.44 12.43 -11.76
C LEU B 51 26.59 13.91 -11.40
N ARG B 52 27.18 14.71 -12.29
CA ARG B 52 27.24 16.14 -12.02
C ARG B 52 25.88 16.82 -12.12
N GLU B 53 25.02 16.37 -13.04
CA GLU B 53 23.66 16.89 -13.11
C GLU B 53 22.90 16.56 -11.83
N VAL B 54 22.93 15.28 -11.43
CA VAL B 54 22.26 14.84 -10.22
C VAL B 54 22.58 15.76 -9.06
N ILE B 55 23.86 15.88 -8.72
CA ILE B 55 24.27 16.60 -7.52
C ILE B 55 23.89 18.08 -7.64
N ASP B 56 23.95 18.62 -8.85
CA ASP B 56 23.49 19.99 -9.06
C ASP B 56 22.01 20.12 -8.71
N ASP B 57 21.15 19.27 -9.29
CA ASP B 57 19.73 19.32 -8.95
C ASP B 57 19.52 19.19 -7.44
N CYS B 58 20.34 18.38 -6.77
CA CYS B 58 20.13 18.09 -5.34
C CYS B 58 20.38 19.32 -4.47
N ASN B 59 21.54 19.97 -4.65
CA ASN B 59 21.82 21.20 -3.89
C ASN B 59 20.72 22.22 -4.08
N ALA B 60 20.24 22.39 -5.31
CA ALA B 60 19.23 23.41 -5.55
C ALA B 60 17.98 23.12 -4.73
N ALA B 61 17.57 21.87 -4.66
CA ALA B 61 16.29 21.56 -4.04
C ALA B 61 16.39 21.66 -2.52
N VAL B 62 17.53 21.31 -1.94
CA VAL B 62 17.66 21.44 -0.48
C VAL B 62 18.17 22.81 -0.08
N ALA B 63 18.49 23.68 -1.04
CA ALA B 63 18.97 25.02 -0.70
C ALA B 63 18.00 25.80 0.18
N PRO B 64 16.71 25.92 -0.13
CA PRO B 64 15.83 26.72 0.72
C PRO B 64 15.73 26.25 2.15
N LEU B 65 16.19 25.04 2.47
CA LEU B 65 16.11 24.54 3.84
C LEU B 65 17.32 24.95 4.69
N GLY B 66 18.34 25.54 4.09
CA GLY B 66 19.42 26.18 4.83
C GLY B 66 20.35 25.24 5.54
N LYS B 67 20.92 24.29 4.80
CA LYS B 67 21.90 23.34 5.32
C LYS B 67 22.78 22.91 4.17
N THR B 68 24.09 22.95 4.36
CA THR B 68 25.00 22.40 3.37
C THR B 68 24.91 20.88 3.40
N VAL B 69 25.11 20.25 2.24
CA VAL B 69 25.27 18.81 2.20
C VAL B 69 26.29 18.47 1.13
N SER B 70 27.31 17.70 1.52
CA SER B 70 28.54 17.46 0.79
C SER B 70 28.33 16.53 -0.40
N ASP B 71 29.29 16.58 -1.34
CA ASP B 71 29.30 15.61 -2.42
C ASP B 71 29.41 14.20 -1.89
N GLU B 72 30.21 14.00 -0.84
CA GLU B 72 30.35 12.67 -0.26
C GLU B 72 29.02 12.17 0.29
N ARG B 73 28.26 13.05 0.92
CA ARG B 73 26.99 12.67 1.52
C ARG B 73 25.90 12.52 0.47
N TRP B 74 25.99 13.29 -0.61
CA TRP B 74 25.14 13.08 -1.78
C TRP B 74 25.37 11.70 -2.37
N ILE B 75 26.64 11.39 -2.70
CA ILE B 75 26.96 10.15 -3.39
C ILE B 75 26.67 8.93 -2.51
N SER B 76 26.69 9.10 -1.19
CA SER B 76 26.22 8.04 -0.31
C SER B 76 24.74 7.75 -0.54
N TYR B 77 23.93 8.81 -0.57
CA TYR B 77 22.52 8.65 -0.94
C TYR B 77 22.36 7.97 -2.30
N VAL B 78 22.95 8.56 -3.34
CA VAL B 78 22.65 8.12 -4.69
C VAL B 78 23.04 6.68 -4.94
N GLY B 79 23.89 6.11 -4.08
CA GLY B 79 24.34 4.75 -4.30
C GLY B 79 23.21 3.74 -4.38
N VAL B 80 22.15 3.91 -3.58
CA VAL B 80 21.04 2.98 -3.63
C VAL B 80 20.36 3.01 -5.00
N VAL B 81 20.26 4.19 -5.63
CA VAL B 81 19.65 4.26 -6.96
C VAL B 81 20.59 3.68 -8.01
N LEU B 82 21.88 4.01 -7.91
CA LEU B 82 22.85 3.45 -8.86
C LEU B 82 22.87 1.93 -8.80
N TRP B 83 22.64 1.36 -7.62
CA TRP B 83 22.75 -0.07 -7.42
C TRP B 83 21.42 -0.82 -7.50
N SER B 84 20.29 -0.20 -7.24
CA SER B 84 19.08 -0.99 -7.04
C SER B 84 18.04 -0.81 -8.13
N GLN B 85 18.33 -0.03 -9.17
CA GLN B 85 17.52 -0.04 -10.38
C GLN B 85 17.89 -1.28 -11.20
N SER B 86 17.49 -1.33 -12.47
CA SER B 86 17.52 -2.55 -13.26
C SER B 86 18.15 -2.25 -14.63
N PRO B 87 19.48 -2.23 -14.71
CA PRO B 87 20.14 -1.89 -15.97
C PRO B 87 19.77 -2.77 -17.14
N ARG B 88 19.37 -4.02 -16.89
CA ARG B 88 18.85 -4.88 -17.96
C ARG B 88 17.82 -4.16 -18.82
N HIS B 89 17.02 -3.26 -18.23
CA HIS B 89 15.80 -2.79 -18.87
C HIS B 89 15.66 -1.29 -18.95
N ILE B 90 16.62 -0.51 -18.46
CA ILE B 90 16.49 0.94 -18.48
C ILE B 90 16.21 1.40 -19.91
N LYS B 91 15.19 2.22 -20.06
CA LYS B 91 14.88 2.89 -21.32
C LYS B 91 15.00 4.40 -21.25
N ASP B 92 14.64 5.02 -20.13
CA ASP B 92 14.62 6.49 -20.02
C ASP B 92 15.55 6.89 -18.88
N MET B 93 16.71 7.43 -19.27
CA MET B 93 17.73 7.85 -18.33
C MET B 93 17.43 9.21 -17.71
N GLU B 94 16.64 10.05 -18.39
CA GLU B 94 16.20 11.29 -17.77
C GLU B 94 15.28 10.98 -16.60
N ALA B 95 14.40 10.00 -16.75
CA ALA B 95 13.67 9.48 -15.60
C ALA B 95 14.62 8.93 -14.55
N PHE B 96 15.65 8.20 -14.98
CA PHE B 96 16.66 7.70 -14.04
C PHE B 96 17.26 8.84 -13.24
N LYS B 97 17.72 9.89 -13.91
CA LYS B 97 18.34 11.00 -13.21
C LYS B 97 17.37 11.64 -12.23
N ALA B 98 16.08 11.68 -12.57
CA ALA B 98 15.07 12.15 -11.64
C ALA B 98 15.07 11.33 -10.36
N VAL B 99 15.03 10.01 -10.48
CA VAL B 99 15.01 9.16 -9.29
C VAL B 99 16.26 9.40 -8.44
N CYS B 100 17.40 9.62 -9.08
CA CYS B 100 18.60 9.95 -8.33
C CYS B 100 18.39 11.21 -7.51
N VAL B 101 17.84 12.26 -8.12
CA VAL B 101 17.65 13.52 -7.43
C VAL B 101 16.60 13.38 -6.34
N LEU B 102 15.40 12.91 -6.71
CA LEU B 102 14.31 12.77 -5.76
C LEU B 102 14.70 11.88 -4.59
N ASN B 103 15.41 10.78 -4.85
CA ASN B 103 15.79 9.93 -3.75
C ASN B 103 16.74 10.67 -2.82
N CYS B 104 17.80 11.26 -3.38
CA CYS B 104 18.82 11.89 -2.53
C CYS B 104 18.25 13.04 -1.72
N VAL B 105 17.31 13.80 -2.28
CA VAL B 105 16.87 14.98 -1.51
C VAL B 105 15.88 14.58 -0.44
N THR B 106 15.08 13.52 -0.66
CA THR B 106 14.18 13.11 0.41
C THR B 106 14.92 12.33 1.50
N PHE B 107 16.09 11.78 1.17
CA PHE B 107 16.98 11.25 2.20
C PHE B 107 17.41 12.36 3.18
N VAL B 108 17.66 13.56 2.65
CA VAL B 108 17.99 14.69 3.50
C VAL B 108 16.81 15.02 4.42
N TRP B 109 15.61 15.02 3.85
CA TRP B 109 14.41 15.22 4.64
C TRP B 109 14.30 14.19 5.74
N ASP B 110 14.50 12.92 5.40
CA ASP B 110 14.39 11.83 6.35
C ASP B 110 15.29 12.05 7.56
N ASP B 111 16.48 12.57 7.31
CA ASP B 111 17.52 12.79 8.30
C ASP B 111 17.38 14.12 9.03
N MET B 112 16.23 14.77 8.97
CA MET B 112 16.10 16.15 9.43
C MET B 112 15.15 16.23 10.61
N ASP B 113 15.45 17.12 11.55
CA ASP B 113 14.47 17.53 12.54
C ASP B 113 13.17 17.92 11.85
N PRO B 114 12.02 17.57 12.43
CA PRO B 114 10.76 18.09 11.89
C PRO B 114 10.67 19.61 11.97
N ALA B 115 11.41 20.22 12.89
CA ALA B 115 11.40 21.67 13.03
C ALA B 115 11.88 22.36 11.76
N LEU B 116 12.50 21.62 10.84
CA LEU B 116 12.97 22.14 9.58
C LEU B 116 12.13 21.68 8.39
N HIS B 117 10.96 21.10 8.64
CA HIS B 117 10.14 20.53 7.58
C HIS B 117 9.18 21.58 7.04
N ASP B 118 9.67 22.42 6.13
CA ASP B 118 8.84 23.45 5.52
C ASP B 118 8.34 22.92 4.19
N PHE B 119 7.06 22.51 4.16
CA PHE B 119 6.46 22.10 2.90
C PHE B 119 6.34 23.26 1.94
N GLY B 120 5.86 24.41 2.43
CA GLY B 120 5.78 25.59 1.60
C GLY B 120 7.07 25.89 0.87
N LEU B 121 8.22 25.60 1.51
CA LEU B 121 9.51 25.82 0.89
C LEU B 121 9.98 24.63 0.06
N PHE B 122 9.84 23.41 0.58
CA PHE B 122 10.42 22.25 -0.07
C PHE B 122 9.58 21.73 -1.24
N LEU B 123 8.26 21.68 -1.07
CA LEU B 123 7.39 21.12 -2.10
C LEU B 123 7.60 21.76 -3.47
N PRO B 124 7.70 23.08 -3.63
CA PRO B 124 7.99 23.62 -4.96
C PRO B 124 9.30 23.13 -5.54
N GLN B 125 10.29 22.80 -4.71
CA GLN B 125 11.54 22.28 -5.26
C GLN B 125 11.35 20.88 -5.83
N LEU B 126 10.58 20.04 -5.15
CA LEU B 126 10.26 18.73 -5.69
C LEU B 126 9.57 18.85 -7.05
N ARG B 127 8.50 19.66 -7.12
CA ARG B 127 7.78 19.84 -8.38
C ARG B 127 8.72 20.29 -9.49
N LYS B 128 9.71 21.14 -9.16
CA LYS B 128 10.69 21.60 -10.15
C LYS B 128 11.58 20.46 -10.65
N ILE B 129 11.97 19.55 -9.76
CA ILE B 129 12.73 18.38 -10.19
C ILE B 129 11.91 17.55 -11.17
N CYS B 130 10.64 17.32 -10.82
CA CYS B 130 9.79 16.42 -11.59
C CYS B 130 9.44 17.00 -12.95
N GLU B 131 9.15 18.30 -13.00
CA GLU B 131 8.86 18.92 -14.29
C GLU B 131 10.09 18.95 -15.18
N LYS B 132 11.28 18.87 -14.58
CA LYS B 132 12.50 18.89 -15.39
C LYS B 132 12.74 17.56 -16.07
N TYR B 133 12.19 16.47 -15.53
CA TYR B 133 12.64 15.16 -15.96
C TYR B 133 11.56 14.27 -16.56
N TYR B 134 10.29 14.50 -16.23
CA TYR B 134 9.20 13.66 -16.68
C TYR B 134 8.28 14.46 -17.61
N GLY B 135 7.51 13.73 -18.42
CA GLY B 135 6.42 14.33 -19.14
C GLY B 135 5.36 14.82 -18.17
N PRO B 136 4.41 15.61 -18.66
CA PRO B 136 3.44 16.26 -17.75
C PRO B 136 2.70 15.28 -16.85
N GLU B 137 2.31 14.12 -17.38
CA GLU B 137 1.52 13.19 -16.59
C GLU B 137 2.37 12.45 -15.55
N ASP B 138 3.56 11.98 -15.97
CA ASP B 138 4.46 11.32 -15.02
C ASP B 138 4.93 12.29 -13.96
N ALA B 139 5.09 13.56 -14.32
CA ALA B 139 5.52 14.57 -13.35
C ALA B 139 4.56 14.65 -12.18
N GLU B 140 3.26 14.65 -12.46
CA GLU B 140 2.27 14.76 -11.40
C GLU B 140 2.27 13.50 -10.52
N VAL B 141 2.53 12.34 -11.11
CA VAL B 141 2.55 11.09 -10.35
C VAL B 141 3.76 11.04 -9.45
N ALA B 142 4.94 11.33 -10.01
CA ALA B 142 6.14 11.42 -9.20
C ALA B 142 5.98 12.46 -8.09
N TYR B 143 5.32 13.58 -8.39
CA TYR B 143 5.22 14.64 -7.39
C TYR B 143 4.34 14.22 -6.22
N GLU B 144 3.16 13.69 -6.52
CA GLU B 144 2.28 13.24 -5.44
C GLU B 144 2.99 12.24 -4.56
N ALA B 145 3.82 11.39 -5.16
CA ALA B 145 4.56 10.39 -4.42
C ALA B 145 5.62 11.02 -3.51
N ALA B 146 6.43 11.93 -4.04
CA ALA B 146 7.38 12.67 -3.22
C ALA B 146 6.68 13.39 -2.07
N ARG B 147 5.61 14.12 -2.40
CA ARG B 147 4.88 14.89 -1.40
C ARG B 147 4.35 13.98 -0.29
N ALA B 148 3.67 12.88 -0.66
CA ALA B 148 3.16 11.97 0.34
C ALA B 148 4.29 11.42 1.21
N PHE B 149 5.44 11.09 0.60
CA PHE B 149 6.54 10.54 1.37
C PHE B 149 7.06 11.54 2.41
N VAL B 150 7.45 12.75 1.96
CA VAL B 150 8.02 13.69 2.91
C VAL B 150 6.97 14.12 3.91
N THR B 151 5.69 14.14 3.50
CA THR B 151 4.60 14.43 4.43
C THR B 151 4.44 13.30 5.46
N SER B 152 4.45 12.04 5.03
CA SER B 152 4.36 10.94 5.99
C SER B 152 5.52 10.98 6.97
N ASP B 153 6.73 11.29 6.48
CA ASP B 153 7.85 11.37 7.39
C ASP B 153 7.63 12.47 8.43
N HIS B 154 6.77 13.44 8.12
CA HIS B 154 6.53 14.57 9.01
C HIS B 154 5.42 14.26 10.00
N MET B 155 4.25 13.91 9.48
CA MET B 155 3.10 13.54 10.33
C MET B 155 3.52 12.63 11.47
N PHE B 156 4.39 11.67 11.21
CA PHE B 156 4.56 10.58 12.14
C PHE B 156 5.74 10.77 13.11
N ARG B 157 6.51 11.86 13.01
CA ARG B 157 7.69 12.01 13.89
C ARG B 157 7.34 11.88 15.37
N ASP B 158 6.22 12.47 15.80
CA ASP B 158 5.76 12.19 17.16
C ASP B 158 4.34 11.64 17.17
N SER B 159 4.06 10.62 16.36
CA SER B 159 2.72 10.10 16.38
C SER B 159 2.62 8.86 17.26
N PRO B 160 1.57 8.76 18.08
CA PRO B 160 1.27 7.49 18.72
C PRO B 160 0.86 6.43 17.73
N ILE B 161 0.39 6.83 16.56
CA ILE B 161 0.11 5.87 15.48
C ILE B 161 1.38 5.13 15.09
N LYS B 162 2.47 5.86 14.88
CA LYS B 162 3.73 5.20 14.54
C LYS B 162 4.13 4.20 15.62
N ALA B 163 3.96 4.57 16.90
CA ALA B 163 4.33 3.69 18.01
C ALA B 163 3.47 2.43 18.03
N ALA B 164 2.17 2.56 17.77
CA ALA B 164 1.30 1.39 17.76
C ALA B 164 1.68 0.40 16.67
N LEU B 165 1.76 0.87 15.42
CA LEU B 165 2.07 -0.02 14.29
C LEU B 165 3.48 -0.58 14.37
N CYS B 166 4.40 0.15 14.99
CA CYS B 166 5.77 -0.32 15.06
C CYS B 166 6.00 -1.29 16.19
N THR B 167 5.15 -1.31 17.22
CA THR B 167 5.35 -2.21 18.35
C THR B 167 4.35 -3.35 18.45
N THR B 168 3.33 -3.38 17.60
CA THR B 168 2.26 -4.37 17.75
C THR B 168 2.67 -5.75 17.24
N SER B 169 3.17 -5.83 16.02
CA SER B 169 3.47 -7.10 15.37
C SER B 169 4.23 -6.81 14.07
N PRO B 170 4.89 -7.81 13.50
CA PRO B 170 5.54 -7.59 12.19
C PRO B 170 4.59 -7.06 11.14
N GLU B 171 3.34 -7.56 11.12
CA GLU B 171 2.41 -7.19 10.06
C GLU B 171 2.06 -5.73 10.13
N GLN B 172 1.71 -5.24 11.33
CA GLN B 172 1.43 -3.82 11.46
C GLN B 172 2.64 -3.00 11.10
N TYR B 173 3.84 -3.47 11.46
CA TYR B 173 5.04 -2.70 11.18
C TYR B 173 5.32 -2.62 9.68
N PHE B 174 5.32 -3.76 9.01
CA PHE B 174 5.56 -3.73 7.57
C PHE B 174 4.46 -2.97 6.84
N ARG B 175 3.23 -2.98 7.36
CA ARG B 175 2.17 -2.18 6.76
C ARG B 175 2.52 -0.71 6.79
N PHE B 176 3.08 -0.23 7.91
CA PHE B 176 3.54 1.16 7.99
C PHE B 176 4.68 1.42 7.03
N ARG B 177 5.56 0.42 6.83
CA ARG B 177 6.78 0.62 6.05
C ARG B 177 6.54 0.73 4.54
N VAL B 178 5.43 0.19 4.01
CA VAL B 178 5.09 0.37 2.59
C VAL B 178 5.29 1.81 2.15
N THR B 179 4.79 2.74 2.97
CA THR B 179 4.98 4.16 2.71
C THR B 179 6.27 4.67 3.33
N ASP B 180 6.47 4.38 4.62
CA ASP B 180 7.48 5.12 5.38
C ASP B 180 8.89 4.88 4.85
N ILE B 181 9.23 3.64 4.50
CA ILE B 181 10.58 3.41 3.97
C ILE B 181 10.78 4.06 2.61
N GLY B 182 9.70 4.41 1.92
CA GLY B 182 9.78 5.09 0.66
C GLY B 182 9.65 4.24 -0.58
N VAL B 183 9.30 2.95 -0.44
CA VAL B 183 9.31 2.10 -1.63
C VAL B 183 8.09 2.37 -2.53
N ASP B 184 6.94 2.77 -1.97
CA ASP B 184 5.83 3.18 -2.84
C ASP B 184 6.23 4.39 -3.67
N PHE B 185 6.85 5.38 -3.01
CA PHE B 185 7.45 6.52 -3.69
C PHE B 185 8.43 6.08 -4.77
N TRP B 186 9.27 5.10 -4.45
CA TRP B 186 10.28 4.63 -5.39
C TRP B 186 9.64 4.07 -6.66
N MET B 187 8.67 3.17 -6.52
CA MET B 187 8.00 2.59 -7.67
C MET B 187 7.34 3.66 -8.55
N LYS B 188 6.61 4.59 -7.92
CA LYS B 188 5.81 5.57 -8.65
C LYS B 188 6.65 6.62 -9.35
N MET B 189 7.91 6.79 -8.96
CA MET B 189 8.83 7.61 -9.75
C MET B 189 9.74 6.79 -10.66
N SER B 190 9.80 5.47 -10.49
CA SER B 190 10.71 4.66 -11.28
C SER B 190 10.06 4.07 -12.53
N TYR B 191 8.73 3.87 -12.56
CA TYR B 191 8.13 3.22 -13.72
C TYR B 191 8.47 3.91 -15.03
N PRO B 192 8.60 5.25 -15.12
CA PRO B 192 8.96 5.85 -16.41
C PRO B 192 10.36 5.51 -16.89
N ILE B 193 11.24 5.03 -16.00
CA ILE B 193 12.54 4.57 -16.46
C ILE B 193 12.37 3.40 -17.42
N TYR B 194 11.35 2.58 -17.22
CA TYR B 194 11.23 1.32 -17.91
C TYR B 194 10.20 1.30 -19.02
N ARG B 195 9.20 2.18 -18.97
CA ARG B 195 8.11 2.19 -19.97
C ARG B 195 7.60 0.79 -20.24
N HIS B 196 7.48 0.00 -19.19
CA HIS B 196 6.90 -1.33 -19.26
C HIS B 196 5.51 -1.25 -18.66
N PRO B 197 4.44 -1.44 -19.44
CA PRO B 197 3.10 -1.17 -18.90
C PRO B 197 2.71 -2.06 -17.73
N GLU B 198 3.09 -3.34 -17.77
CA GLU B 198 2.86 -4.21 -16.63
C GLU B 198 3.45 -3.61 -15.36
N PHE B 199 4.74 -3.24 -15.40
CA PHE B 199 5.38 -2.65 -14.23
C PHE B 199 4.71 -1.34 -13.85
N THR B 200 4.26 -0.58 -14.84
CA THR B 200 3.60 0.68 -14.58
C THR B 200 2.33 0.48 -13.77
N GLU B 201 1.55 -0.54 -14.10
CA GLU B 201 0.32 -0.78 -13.36
C GLU B 201 0.62 -1.22 -11.93
N HIS B 202 1.58 -2.12 -11.74
CA HIS B 202 1.92 -2.58 -10.40
C HIS B 202 2.44 -1.41 -9.55
N ALA B 203 3.19 -0.49 -10.15
CA ALA B 203 3.61 0.72 -9.42
C ALA B 203 2.40 1.56 -8.98
N LYS B 204 1.42 1.73 -9.88
CA LYS B 204 0.29 2.61 -9.60
C LYS B 204 -0.71 2.00 -8.61
N THR B 205 -0.82 0.68 -8.55
CA THR B 205 -1.66 0.06 -7.54
C THR B 205 -0.95 -0.07 -6.19
N SER B 206 0.36 0.17 -6.15
CA SER B 206 1.23 -0.11 -5.01
C SER B 206 1.44 -1.61 -4.78
N LEU B 207 0.95 -2.47 -5.67
CA LEU B 207 1.30 -3.88 -5.56
C LEU B 207 2.81 -4.08 -5.61
N ALA B 208 3.49 -3.32 -6.46
CA ALA B 208 4.94 -3.42 -6.55
C ALA B 208 5.60 -3.05 -5.21
N ALA B 209 5.24 -1.89 -4.66
CA ALA B 209 5.75 -1.52 -3.34
C ALA B 209 5.49 -2.62 -2.32
N ARG B 210 4.27 -3.16 -2.30
CA ARG B 210 3.90 -4.13 -1.27
C ARG B 210 4.70 -5.43 -1.42
N MET B 211 5.02 -5.83 -2.66
CA MET B 211 5.77 -7.06 -2.88
C MET B 211 7.22 -6.95 -2.38
N THR B 212 7.82 -5.75 -2.46
CA THR B 212 9.22 -5.53 -2.14
C THR B 212 9.46 -4.93 -0.76
N THR B 213 8.41 -4.57 -0.02
CA THR B 213 8.59 -3.89 1.27
C THR B 213 9.46 -4.71 2.21
N ARG B 214 9.09 -5.98 2.43
CA ARG B 214 9.77 -6.78 3.45
C ARG B 214 11.24 -7.01 3.10
N GLY B 215 11.52 -7.30 1.83
CA GLY B 215 12.91 -7.52 1.43
C GLY B 215 13.78 -6.29 1.65
N LEU B 216 13.27 -5.11 1.32
CA LEU B 216 14.01 -3.87 1.53
C LEU B 216 14.10 -3.53 3.02
N THR B 217 13.00 -3.72 3.75
CA THR B 217 12.92 -3.21 5.10
C THR B 217 13.70 -4.10 6.07
N ILE B 218 13.67 -5.41 5.85
CA ILE B 218 14.35 -6.32 6.76
C ILE B 218 15.86 -6.12 6.65
N VAL B 219 16.35 -6.00 5.42
CA VAL B 219 17.77 -5.72 5.19
C VAL B 219 18.16 -4.38 5.80
N ASN B 220 17.36 -3.35 5.53
CA ASN B 220 17.73 -2.03 6.02
C ASN B 220 17.65 -1.95 7.54
N ASP B 221 16.65 -2.60 8.14
CA ASP B 221 16.52 -2.52 9.59
C ASP B 221 17.74 -3.14 10.29
N PHE B 222 18.24 -4.27 9.78
CA PHE B 222 19.40 -4.90 10.42
C PHE B 222 20.59 -3.94 10.45
N TYR B 223 20.97 -3.43 9.30
CA TYR B 223 22.17 -2.63 9.16
C TYR B 223 22.03 -1.19 9.65
N SER B 224 20.81 -0.70 9.92
CA SER B 224 20.66 0.64 10.47
C SER B 224 20.12 0.64 11.89
N TYR B 225 19.91 -0.56 12.47
CA TYR B 225 19.42 -0.68 13.84
C TYR B 225 20.27 0.12 14.82
N ASP B 226 21.60 0.03 14.68
CA ASP B 226 22.49 0.68 15.64
C ASP B 226 22.33 2.19 15.59
N ARG B 227 22.37 2.77 14.38
CA ARG B 227 22.18 4.21 14.24
C ARG B 227 20.84 4.65 14.81
N GLU B 228 19.79 3.87 14.56
CA GLU B 228 18.44 4.31 14.91
C GLU B 228 18.16 4.21 16.41
N VAL B 229 18.59 3.12 17.06
CA VAL B 229 18.44 3.10 18.52
C VAL B 229 19.22 4.25 19.13
N SER B 230 20.39 4.55 18.59
CA SER B 230 21.22 5.59 19.17
C SER B 230 20.60 6.97 18.97
N LEU B 231 19.61 7.08 18.07
CA LEU B 231 18.85 8.32 17.90
C LEU B 231 17.42 8.23 18.43
N GLY B 232 17.06 7.16 19.13
CA GLY B 232 15.68 7.00 19.56
C GLY B 232 14.67 6.73 18.45
N GLN B 233 15.09 6.28 17.27
CA GLN B 233 14.14 6.05 16.20
C GLN B 233 13.60 4.63 16.26
N ILE B 234 12.29 4.52 16.50
CA ILE B 234 11.64 3.25 16.82
C ILE B 234 11.15 2.50 15.59
N THR B 235 11.44 2.99 14.38
CA THR B 235 10.94 2.38 13.14
C THR B 235 11.96 1.35 12.67
N ASN B 236 11.87 0.16 13.25
CA ASN B 236 12.83 -0.91 12.98
C ASN B 236 12.29 -2.22 13.54
N CYS B 237 12.14 -3.25 12.69
CA CYS B 237 11.45 -4.45 13.13
C CYS B 237 12.23 -5.22 14.20
N PHE B 238 13.56 -5.12 14.21
CA PHE B 238 14.31 -5.85 15.24
C PHE B 238 14.11 -5.29 16.64
N ARG B 239 13.46 -4.12 16.77
CA ARG B 239 12.98 -3.69 18.08
C ARG B 239 11.81 -4.51 18.60
N LEU B 240 11.28 -5.44 17.81
CA LEU B 240 10.23 -6.33 18.26
C LEU B 240 10.78 -7.59 18.94
N CYS B 241 12.08 -7.68 19.16
CA CYS B 241 12.65 -8.76 19.94
C CYS B 241 13.87 -8.25 20.70
N ASP B 242 14.39 -9.09 21.60
CA ASP B 242 15.42 -8.67 22.54
C ASP B 242 16.78 -9.10 22.02
N VAL B 243 17.43 -8.19 21.27
CA VAL B 243 18.58 -8.58 20.46
C VAL B 243 19.79 -8.96 21.30
N SER B 244 19.73 -8.85 22.63
CA SER B 244 20.82 -9.40 23.42
C SER B 244 20.64 -10.89 23.70
N ASP B 245 19.42 -11.41 23.60
CA ASP B 245 19.16 -12.84 23.71
C ASP B 245 19.39 -13.46 22.34
N GLU B 246 20.51 -14.16 22.17
CA GLU B 246 20.84 -14.72 20.86
C GLU B 246 19.82 -15.76 20.40
N THR B 247 19.19 -16.48 21.34
CA THR B 247 18.16 -17.42 20.94
C THR B 247 16.95 -16.69 20.39
N ALA B 248 16.49 -15.65 21.09
CA ALA B 248 15.36 -14.87 20.59
C ALA B 248 15.71 -14.15 19.28
N PHE B 249 16.87 -13.50 19.23
CA PHE B 249 17.25 -12.79 18.01
C PHE B 249 17.31 -13.75 16.83
N LYS B 250 17.90 -14.92 17.04
CA LYS B 250 18.17 -15.80 15.91
C LYS B 250 16.88 -16.23 15.21
N GLU B 251 15.88 -16.71 15.95
CA GLU B 251 14.70 -17.18 15.24
C GLU B 251 13.82 -16.03 14.81
N PHE B 252 13.92 -14.89 15.47
CA PHE B 252 13.28 -13.71 14.90
C PHE B 252 13.90 -13.39 13.54
N PHE B 253 15.23 -13.30 13.49
CA PHE B 253 15.92 -13.14 12.22
C PHE B 253 15.53 -14.26 11.25
N GLN B 254 15.35 -15.48 11.77
CA GLN B 254 14.93 -16.59 10.93
C GLN B 254 13.57 -16.34 10.30
N ALA B 255 12.60 -15.87 11.09
CA ALA B 255 11.26 -15.66 10.56
C ALA B 255 11.26 -14.52 9.54
N ARG B 256 12.10 -13.51 9.73
CA ARG B 256 12.22 -12.45 8.74
C ARG B 256 12.87 -12.95 7.45
N LEU B 257 13.83 -13.87 7.53
CA LEU B 257 14.38 -14.49 6.33
C LEU B 257 13.28 -15.24 5.57
N ASP B 258 12.45 -16.00 6.28
CA ASP B 258 11.37 -16.73 5.65
C ASP B 258 10.37 -15.79 4.98
N ASP B 259 10.08 -14.63 5.61
CA ASP B 259 9.25 -13.63 4.93
C ASP B 259 9.87 -13.18 3.62
N MET B 260 11.18 -12.90 3.63
CA MET B 260 11.86 -12.47 2.42
C MET B 260 11.75 -13.53 1.33
N ILE B 261 11.95 -14.79 1.69
CA ILE B 261 11.94 -15.86 0.70
C ILE B 261 10.54 -16.05 0.13
N GLU B 262 9.53 -15.98 0.99
CA GLU B 262 8.16 -16.15 0.50
C GLU B 262 7.81 -15.05 -0.50
N ASP B 263 8.18 -13.80 -0.19
CA ASP B 263 7.97 -12.71 -1.13
C ASP B 263 8.70 -12.95 -2.44
N ILE B 264 9.97 -13.35 -2.38
CA ILE B 264 10.77 -13.54 -3.60
C ILE B 264 10.13 -14.61 -4.48
N GLU B 265 9.71 -15.72 -3.86
CA GLU B 265 9.12 -16.79 -4.64
C GLU B 265 7.82 -16.35 -5.30
N CYS B 266 6.99 -15.56 -4.62
CA CYS B 266 5.79 -15.07 -5.29
C CYS B 266 6.11 -14.03 -6.36
N ILE B 267 7.18 -13.26 -6.17
CA ILE B 267 7.64 -12.28 -7.15
C ILE B 267 7.99 -12.98 -8.47
N LYS B 268 8.43 -14.22 -8.40
CA LYS B 268 8.78 -14.93 -9.62
C LYS B 268 7.57 -15.33 -10.43
N ALA B 269 6.37 -15.14 -9.90
CA ALA B 269 5.16 -15.32 -10.69
C ALA B 269 4.84 -14.13 -11.58
N PHE B 270 5.41 -12.95 -11.31
CA PHE B 270 5.17 -11.78 -12.14
C PHE B 270 5.89 -11.94 -13.48
N ASP B 271 5.49 -11.10 -14.46
CA ASP B 271 6.13 -11.20 -15.78
C ASP B 271 7.64 -10.99 -15.64
N GLN B 272 8.37 -11.49 -16.65
CA GLN B 272 9.81 -11.63 -16.53
C GLN B 272 10.51 -10.29 -16.31
N LEU B 273 10.11 -9.27 -17.06
CA LEU B 273 10.75 -7.97 -16.87
C LEU B 273 10.43 -7.39 -15.47
N THR B 274 9.17 -7.51 -15.04
CA THR B 274 8.79 -6.91 -13.76
C THR B 274 9.52 -7.59 -12.60
N GLN B 275 9.56 -8.92 -12.60
CA GLN B 275 10.29 -9.62 -11.54
C GLN B 275 11.78 -9.26 -11.56
N ASP B 276 12.39 -9.16 -12.76
CA ASP B 276 13.80 -8.73 -12.84
C ASP B 276 13.99 -7.42 -12.06
N VAL B 277 13.07 -6.50 -12.24
CA VAL B 277 13.17 -5.18 -11.59
C VAL B 277 12.96 -5.31 -10.09
N PHE B 278 11.96 -6.11 -9.67
CA PHE B 278 11.71 -6.28 -8.24
C PHE B 278 12.93 -6.86 -7.53
N LEU B 279 13.57 -7.86 -8.15
CA LEU B 279 14.69 -8.53 -7.51
C LEU B 279 15.95 -7.68 -7.55
N ASP B 280 16.20 -6.98 -8.65
CA ASP B 280 17.31 -6.02 -8.68
C ASP B 280 17.18 -4.94 -7.60
N LEU B 281 15.95 -4.56 -7.26
CA LEU B 281 15.76 -3.60 -6.17
C LEU B 281 16.09 -4.23 -4.82
N ILE B 282 15.58 -5.43 -4.55
CA ILE B 282 15.82 -6.04 -3.25
C ILE B 282 17.30 -6.39 -3.09
N TYR B 283 17.86 -7.11 -4.07
CA TYR B 283 19.26 -7.54 -4.02
C TYR B 283 20.20 -6.36 -4.14
N GLY B 284 19.90 -5.41 -5.04
CA GLY B 284 20.74 -4.23 -5.16
C GLY B 284 20.83 -3.44 -3.88
N ASN B 285 19.69 -3.21 -3.21
CA ASN B 285 19.70 -2.50 -1.95
C ASN B 285 20.66 -3.19 -0.96
N PHE B 286 20.70 -4.52 -0.97
CA PHE B 286 21.54 -5.25 -0.03
C PHE B 286 23.03 -5.08 -0.36
N VAL B 287 23.36 -4.87 -1.64
CA VAL B 287 24.75 -4.68 -2.01
C VAL B 287 25.20 -3.27 -1.66
N TRP B 288 24.33 -2.29 -1.86
CA TRP B 288 24.63 -0.92 -1.44
C TRP B 288 24.73 -0.83 0.06
N THR B 289 23.75 -1.38 0.77
CA THR B 289 23.64 -1.17 2.20
C THR B 289 24.88 -1.66 2.95
N THR B 290 25.43 -2.81 2.55
CA THR B 290 26.51 -3.40 3.33
C THR B 290 27.87 -2.76 3.07
N SER B 291 28.10 -2.21 1.87
CA SER B 291 29.35 -1.52 1.56
C SER B 291 29.36 -0.05 1.93
N ASN B 292 28.21 0.59 2.08
CA ASN B 292 28.16 2.05 2.19
C ASN B 292 28.54 2.54 3.59
N LYS B 293 29.29 3.65 3.62
CA LYS B 293 29.63 4.29 4.90
C LYS B 293 28.39 4.51 5.75
N ARG B 294 27.23 4.76 5.13
CA ARG B 294 26.04 5.13 5.88
C ARG B 294 25.68 4.07 6.92
N TYR B 295 25.86 2.79 6.59
CA TYR B 295 25.49 1.73 7.50
C TYR B 295 26.69 1.14 8.24
N LYS B 296 27.78 1.91 8.35
CA LYS B 296 28.93 1.47 9.13
C LYS B 296 28.74 1.77 10.61
N THR B 297 28.54 3.04 10.97
CA THR B 297 28.54 3.41 12.38
C THR B 297 27.28 4.17 12.76
N ALA B 298 26.99 4.15 14.07
CA ALA B 298 25.74 4.69 14.60
C ALA B 298 25.57 6.16 14.24
N VAL B 299 26.62 6.97 14.45
CA VAL B 299 26.63 8.38 14.09
C VAL B 299 27.87 8.64 13.26
N ASN B 300 27.70 9.20 12.06
CA ASN B 300 28.85 9.70 11.31
C ASN B 300 28.40 10.88 10.46
N ASP B 301 29.33 11.43 9.67
CA ASP B 301 29.10 12.70 8.97
C ASP B 301 28.35 12.54 7.66
N VAL B 302 27.96 11.31 7.31
CA VAL B 302 27.06 11.10 6.18
C VAL B 302 25.73 10.51 6.61
N ASN B 303 25.57 10.15 7.89
CA ASN B 303 24.31 9.60 8.37
C ASN B 303 23.81 10.20 9.66
N SER B 304 24.52 11.18 10.23
CA SER B 304 24.05 11.79 11.46
C SER B 304 22.85 12.66 11.16
N ARG B 305 21.97 12.78 12.14
CA ARG B 305 20.78 13.60 11.96
C ARG B 305 21.19 15.04 11.68
N ILE B 306 20.63 15.59 10.60
CA ILE B 306 20.61 17.03 10.37
C ILE B 306 19.76 17.64 11.48
N GLN B 307 20.35 18.55 12.26
CA GLN B 307 19.61 19.16 13.37
C GLN B 307 19.63 20.67 13.23
N ALA B 308 18.56 21.30 13.69
CA ALA B 308 18.42 22.75 13.61
C ALA B 308 19.50 23.46 14.42
C2 AHD C . -17.10 -5.99 -4.37
C3 AHD C . -16.64 -4.82 -5.24
C7 AHD C . -16.83 -7.32 -5.08
C8 AHD C . -16.57 -8.37 -4.00
O12 AHD C . -19.23 -8.92 -3.55
P9 AHD C . -17.93 -9.62 -3.91
O10 AHD C . -17.62 -10.65 -2.87
O11 AHD C . -17.99 -10.34 -5.22
P14 AHD C . -15.02 -9.28 -4.41
O15 AHD C . -14.89 -9.52 -5.89
O16 AHD C . -15.01 -10.55 -3.61
O17 AHD C . -13.93 -8.33 -3.98
O13 AHD C . -16.38 -7.79 -2.74
N4 AHD C . -15.54 -4.17 -4.56
MG MG D . -16.28 -10.92 -6.78
MG MG E . -15.69 -11.76 -1.51
MG MG F . -13.10 -7.35 -6.36
C2 AHD G . 15.05 5.55 3.65
C3 AHD G . 14.92 6.80 2.77
C7 AHD G . 16.02 5.85 4.81
C8 AHD G . 16.15 4.64 5.73
O12 AHD G . 18.86 4.84 5.89
P9 AHD G . 17.68 4.78 6.79
O10 AHD G . 17.68 3.56 7.67
O11 AHD G . 17.57 6.04 7.59
P14 AHD G . 14.71 4.59 6.87
O15 AHD G . 14.55 5.96 7.46
O16 AHD G . 14.87 3.59 7.98
O17 AHD G . 13.53 4.16 6.03
O13 AHD G . 16.15 3.44 5.01
N4 AHD G . 14.16 6.47 1.56
MG MG H . 16.06 7.08 8.20
MG MG I . 12.83 7.16 7.73
MG MG J . 16.53 2.32 8.52
#